data_6YEW
#
_entry.id   6YEW
#
_cell.length_a   1.00
_cell.length_b   1.00
_cell.length_c   1.00
_cell.angle_alpha   90.00
_cell.angle_beta   90.00
_cell.angle_gamma   90.00
#
_symmetry.space_group_name_H-M   'P 1'
#
_entity_poly.entity_id   1
_entity_poly.type   'polypeptide(L)'
_entity_poly.pdbx_seq_one_letter_code
;MDQITRILEKLNQQRSGETTVTLADFMPMSLAEIRSQNTGRLSREEAQLLHRAAQKEKQNNILYTARMLTRANPLLKKEM
NTARYYGATPYGYDDIIPPRAEKFVAPGAVSSMFSPAGYLTELYREARGLHPKDSDRNLDKRRQDLAKLVLSQDNLDNEI
SALSLANEQLETALMAQTGKTDKNKYYETLATSRRSGVTPYNAPFEGIHNALAQRNFVLPDNILSNPAKFAILAAYDAGI
SPKLYNILTEDTESLTGSDLENSLKRNFPKVKIKDLMTLDALANYYELPADDIQALIAAEITGRLPTPDVYNDDNKLVIP
AINTGGKITFSELAKTQSDEKQADYIDLIPQGGNQFLVNFSVKKTKKDATHFSIGYNKSFNNLADKNGFVPLAGEHYSIP
VTLDAKILEKKTKIGITRKKPEPASDENHYTSATFTIHPNAEPGIWLLRLNKTLRLAKVSGMTPHETQHALIHVRNDSSE
YELRRFTETLLYRKRYGIDTETALMLCNAGISRISYDGQLSHFDRLFNNPPLNGVTYTLGGDDILMEPDAGDPRREVLKR
AFRVDNTGLWQLLVITNRENKSKTIENKTEKLRGLLFVRLLADVHNLTVAQLDALLQISPYNSMNVYALDGKTRQKMLSF
LSRITQWLNTQNITVEQLMLLLDKISPAAPTKEMQVLLDLLRNGGIDKTNTKTLYTTMAPVITAAMQLDITESGEALLRW
LDNNHPAGILTTSEARKLIIKKGQTAGDKEKLAAWCQALAQRVLVIRTFTLSNAELQTLSQGAPAGTITELYNISDFHNL
INRCGEQAGTVLDALQSGTLTVKILAQALNLSEEVITQALTLAGQKPELTTWAQLAVLPPRLDLADTLHITPKDITTLLT
VSENVRPFYTDLSALAGLLQAGLNEQQTKQLQNQSEPRRNEALSGEYRSLVMNNPVADRDDIWRNLLVDGKVSAEITTTL
LADAIAGIQLYINRTIAGDEPGADSDALERQFFKDWDACNKRYSTWAGVSQLVYYPENFVDPTLRTGQTGMMNTMLEQLS
QSELNKDTLENGFRQYLTAFEQVADLKVVSGYHDTVNINQGNTWFIGTSQTEPKKYYWRKADHSKCQNGRFAANAWSDWK
EITCAVNPYGDMVRPVIFHSRLYLLWIEKQVQKDNTGKDTASFTLKLTHVKYDGSWASPFSYDITEKNISGWKKTGLYCA
ASQEDNSLLIAWYQIEKETQPNSFGLHIQPDMSCKKEPNIAGILATVTHQLDTETTVRVNTLLNRISSFEFTLEKQEGNK
EIDLVISHGDYTVKTENSISALILNPTAYINITPYKLFSDIPDFYREKYITHLNSHSGTVYAPESKKMEPANNAISDKVN
ACAVYTYNNKPPKKHISLSIGKNYPLITPLELVGRKLESFFIKHKETSALYYTYGDATDDRLTLEEDKYTISTGEKKLGT
LSLGKMIAQVKTISSDDISMEIELNSTKFETITGSDVGLRPPLYPTVSRETLAFPFGKLSITIPAGADINNLDCTIKVRF
KNTDVLAATTTYKLVIKKTDPVQKVISLYTTPDGAQYMEWDGYRTRLNTLFTRQLIERANNGIDAILSPETQYLPEPKPG
QGTYVTLILKPYDKNTHGTNRAFTIYYSNDATGSGKFPVYSGSLSVTDNTEVKLFIPLIKPGKNAVSQSAGAQQDTLYLN
ATYQKEATKQILLFRTDNNPEGWTLDKSVNNGTFAGLAENGVTGLLQSGEPMDFSGANALYFWELFYYTPMMVATRLLQE
QNFTEANRWLSYIWQPAASGAGDWRVRPLKEDTSWNADPLDSVDPDAVAQNDPMHYKVSTLMKLLDLLIARGDKAYRMQE
RDTLNEAKMWYMQALGLLGDKPVSIFSNGWENPSLSNAADKTQAKQFHDEISRIRSGGLLPDVRTANTLTGLFRPQQNEK
LLGYWQMLEMRLFNLRNNLSIDGQPLSLPVFAAPADPAALLSAAAAASGGSKPLPSADIPAMRFPQALDSARSLTGQLMQ
FGSTLLGLIERRDAEAMSELLQNQAGELMLSSLRMQEQALTELDAEKKILEQSRAGAQSRVDSYRALYDENVSAEEKRTM
DLYLSSAILSTSIGVLDMAAAAADMAPNIFGVAVGGSRWGGIPKAIGAGMSLAASATKITADNISQSEAWRRRRQEWEIQ
KNNAESEIRQIDAQLEALAVRRTATEMQREHMEIQQAQTQAQLEFLQRKFSNKALYSWLRGRLASIYYRFYDLTAARCMM
AEKAYAWQTNDTATRYIKSGAWQSNNAGLMAGESLLLNLAEMEQAWLKRDSRSLEVTRTVSLAAVYRTDNVTLAEGIADL
LKGNGSGNIPASTGLSMTADNQLHAAFNLKALNIKDDYPEALGTTRRIKQISVTLPALVEPYQDMRAIFRYGGNSLPAGC
KAIALSHGINDDGLFRLDFNDGRWLPFEGIPVDDDNSLTLSFPDATGEKQKPLLLSLTDIIIHIRYTIC
;
_entity_poly.pdbx_strand_id   A,B,C,D,E
#
# COMPACT_ATOMS: atom_id res chain seq x y z
N VAL A 21 63.76 23.35 -35.95
CA VAL A 21 64.23 23.04 -37.29
C VAL A 21 64.72 21.62 -37.31
N THR A 22 65.92 21.41 -36.76
CA THR A 22 66.44 20.07 -36.62
C THR A 22 65.62 19.30 -35.58
N LEU A 23 65.64 19.77 -34.35
CA LEU A 23 64.93 19.09 -33.27
C LEU A 23 63.42 19.18 -33.41
N ALA A 24 62.92 19.99 -34.35
CA ALA A 24 61.48 20.05 -34.56
C ALA A 24 61.00 18.95 -35.48
N ASP A 25 61.87 18.44 -36.35
CA ASP A 25 61.46 17.37 -37.25
C ASP A 25 61.45 16.03 -36.55
N PHE A 26 62.19 15.88 -35.46
CA PHE A 26 62.28 14.63 -34.73
C PHE A 26 61.33 14.59 -33.54
N MET A 27 60.49 15.60 -33.37
CA MET A 27 59.52 15.56 -32.27
C MET A 27 58.50 14.44 -32.46
N PRO A 28 57.88 14.26 -33.63
CA PRO A 28 56.90 13.18 -33.76
C PRO A 28 57.52 11.82 -33.83
N MET A 29 58.78 11.71 -34.27
CA MET A 29 59.37 10.42 -34.50
C MET A 29 59.70 9.72 -33.19
N SER A 30 59.83 8.41 -33.26
CA SER A 30 60.20 7.62 -32.11
C SER A 30 61.70 7.32 -32.15
N LEU A 31 62.20 6.68 -31.11
CA LEU A 31 63.62 6.35 -31.09
C LEU A 31 63.96 5.39 -32.21
N ALA A 32 63.09 4.42 -32.48
CA ALA A 32 63.35 3.50 -33.58
C ALA A 32 63.30 4.20 -34.93
N GLU A 33 62.38 5.14 -35.12
CA GLU A 33 62.34 5.89 -36.37
C GLU A 33 63.62 6.70 -36.55
N ILE A 34 64.07 7.37 -35.49
CA ILE A 34 65.29 8.16 -35.58
C ILE A 34 66.47 7.26 -35.88
N ARG A 35 66.56 6.11 -35.21
CA ARG A 35 67.62 5.17 -35.45
C ARG A 35 67.55 4.59 -36.86
N SER A 36 66.36 4.53 -37.43
CA SER A 36 66.17 3.87 -38.71
C SER A 36 66.36 4.82 -39.88
N GLN A 37 66.24 6.12 -39.65
CA GLN A 37 66.45 7.10 -40.70
C GLN A 37 67.83 7.72 -40.55
N ASN A 38 68.56 7.74 -41.66
CA ASN A 38 69.99 7.99 -41.65
C ASN A 38 70.69 6.98 -40.75
N THR A 39 70.60 5.71 -41.15
CA THR A 39 71.33 4.65 -40.46
C THR A 39 72.84 4.85 -40.60
N GLY A 40 73.27 5.46 -41.69
CA GLY A 40 74.67 5.74 -41.90
C GLY A 40 75.12 7.02 -41.24
N ARG A 41 74.19 7.97 -41.05
CA ARG A 41 74.59 9.27 -40.53
C ARG A 41 74.58 9.30 -39.00
N LEU A 42 73.45 9.00 -38.39
CA LEU A 42 73.34 9.03 -36.95
C LEU A 42 73.94 7.77 -36.35
N SER A 43 74.70 7.93 -35.27
CA SER A 43 75.18 6.79 -34.52
C SER A 43 74.04 6.23 -33.69
N ARG A 44 74.31 5.20 -32.89
CA ARG A 44 73.27 4.62 -32.07
C ARG A 44 73.17 5.33 -30.72
N GLU A 45 74.15 6.17 -30.39
CA GLU A 45 74.03 7.00 -29.19
C GLU A 45 73.69 8.44 -29.55
N GLU A 46 74.22 8.93 -30.67
CA GLU A 46 73.78 10.23 -31.17
C GLU A 46 72.29 10.24 -31.41
N ALA A 47 71.74 9.15 -31.94
CA ALA A 47 70.31 9.09 -32.17
C ALA A 47 69.53 9.20 -30.87
N GLN A 48 70.01 8.55 -29.82
CA GLN A 48 69.30 8.59 -28.55
C GLN A 48 69.38 9.98 -27.93
N LEU A 49 70.56 10.61 -27.99
CA LEU A 49 70.68 11.97 -27.50
C LEU A 49 69.76 12.90 -28.27
N LEU A 50 69.67 12.73 -29.58
CA LEU A 50 68.80 13.57 -30.39
C LEU A 50 67.34 13.33 -30.04
N HIS A 51 66.96 12.09 -29.79
CA HIS A 51 65.58 11.80 -29.43
C HIS A 51 65.22 12.43 -28.10
N ARG A 52 66.10 12.30 -27.10
CA ARG A 52 65.85 12.96 -25.82
C ARG A 52 65.73 14.46 -25.99
N ALA A 53 66.63 15.06 -26.77
CA ALA A 53 66.59 16.50 -26.96
C ALA A 53 65.31 16.93 -27.65
N ALA A 54 64.84 16.15 -28.61
CA ALA A 54 63.60 16.47 -29.29
C ALA A 54 62.42 16.41 -28.34
N GLN A 55 62.34 15.35 -27.53
CA GLN A 55 61.21 15.26 -26.61
C GLN A 55 61.25 16.38 -25.59
N LYS A 56 62.43 16.72 -25.08
CA LYS A 56 62.51 17.80 -24.11
C LYS A 56 62.12 19.12 -24.72
N GLU A 57 62.54 19.39 -25.96
CA GLU A 57 62.11 20.62 -26.60
C GLU A 57 60.61 20.64 -26.84
N LYS A 58 60.03 19.50 -27.21
CA LYS A 58 58.58 19.44 -27.39
C LYS A 58 57.86 19.77 -26.10
N GLN A 59 58.32 19.18 -24.99
CA GLN A 59 57.69 19.46 -23.71
C GLN A 59 57.83 20.93 -23.34
N ASN A 60 59.00 21.50 -23.54
CA ASN A 60 59.20 22.90 -23.19
C ASN A 60 58.35 23.82 -24.06
N ASN A 61 58.19 23.50 -25.34
CA ASN A 61 57.35 24.33 -26.18
C ASN A 61 55.89 24.26 -25.76
N ILE A 62 55.40 23.05 -25.48
CA ILE A 62 54.05 22.93 -24.99
C ILE A 62 53.85 23.69 -23.68
N LEU A 63 54.82 23.63 -22.77
CA LEU A 63 54.73 24.41 -21.55
C LEU A 63 54.72 25.90 -21.86
N TYR A 64 55.51 26.34 -22.82
CA TYR A 64 55.55 27.75 -23.15
C TYR A 64 54.19 28.23 -23.63
N THR A 65 53.58 27.49 -24.54
CA THR A 65 52.28 27.91 -25.02
C THR A 65 51.23 27.87 -23.92
N ALA A 66 51.24 26.81 -23.10
CA ALA A 66 50.26 26.74 -22.04
C ALA A 66 50.43 27.87 -21.04
N ARG A 67 51.66 28.27 -20.78
CA ARG A 67 51.89 29.36 -19.84
C ARG A 67 51.43 30.68 -20.42
N MET A 68 51.67 30.90 -21.71
CA MET A 68 51.18 32.16 -22.29
C MET A 68 49.67 32.16 -22.42
N LEU A 69 49.05 31.00 -22.55
CA LEU A 69 47.60 30.95 -22.66
C LEU A 69 46.92 31.08 -21.31
N THR A 70 47.54 30.62 -20.24
CA THR A 70 46.92 30.78 -18.93
C THR A 70 47.05 32.19 -18.39
N ARG A 71 47.76 33.09 -19.08
CA ARG A 71 47.68 34.49 -18.71
C ARG A 71 46.36 35.09 -19.08
N ALA A 72 45.68 34.54 -20.08
CA ALA A 72 44.39 35.04 -20.52
C ALA A 72 43.24 34.44 -19.74
N ASN A 73 43.49 33.96 -18.55
CA ASN A 73 42.41 33.37 -17.77
C ASN A 73 41.46 34.48 -17.30
N PRO A 74 40.16 34.32 -17.50
CA PRO A 74 39.24 35.38 -17.10
C PRO A 74 39.36 35.77 -15.65
N LEU A 75 39.75 34.85 -14.79
CA LEU A 75 39.93 35.16 -13.38
C LEU A 75 41.13 36.04 -13.12
N LEU A 76 42.13 36.01 -14.00
CA LEU A 76 43.34 36.79 -13.82
C LEU A 76 43.38 38.02 -14.70
N LYS A 77 42.26 38.37 -15.33
CA LYS A 77 42.26 39.57 -16.15
C LYS A 77 42.41 40.82 -15.31
N LYS A 78 42.16 40.75 -14.01
CA LYS A 78 42.36 41.92 -13.17
C LYS A 78 43.85 42.19 -12.94
N GLU A 79 44.69 41.16 -13.03
CA GLU A 79 46.11 41.30 -12.81
C GLU A 79 46.93 41.36 -14.09
N MET A 80 46.32 41.74 -15.21
CA MET A 80 47.06 41.87 -16.44
C MET A 80 46.85 43.25 -17.05
N ARG A 100 47.99 35.50 -24.94
CA ARG A 100 47.89 36.93 -25.20
C ARG A 100 46.45 37.33 -25.48
N ALA A 101 45.53 36.48 -25.04
CA ALA A 101 44.09 36.72 -25.19
C ALA A 101 43.71 36.89 -26.65
N GLU A 102 44.27 36.03 -27.51
CA GLU A 102 44.03 36.18 -28.94
C GLU A 102 42.68 35.57 -29.35
N LYS A 103 42.54 34.25 -29.23
CA LYS A 103 41.30 33.59 -29.63
C LYS A 103 41.03 32.49 -28.63
N PHE A 104 39.87 32.51 -27.99
CA PHE A 104 39.40 31.38 -27.18
C PHE A 104 38.04 30.95 -27.68
N VAL A 105 37.91 29.67 -28.03
CA VAL A 105 36.69 29.17 -28.63
C VAL A 105 35.90 28.42 -27.57
N ALA A 106 34.59 28.44 -27.72
CA ALA A 106 33.74 27.81 -26.76
C ALA A 106 33.97 26.31 -26.76
N PRO A 107 33.63 25.64 -25.67
CA PRO A 107 33.68 24.18 -25.66
C PRO A 107 32.68 23.62 -26.65
N GLY A 108 33.05 22.53 -27.31
CA GLY A 108 32.19 21.96 -28.32
C GLY A 108 32.33 22.58 -29.68
N ALA A 109 33.11 23.64 -29.82
CA ALA A 109 33.41 24.18 -31.12
C ALA A 109 34.37 23.26 -31.84
N VAL A 110 34.20 23.16 -33.16
CA VAL A 110 35.01 22.23 -33.91
C VAL A 110 36.44 22.70 -34.02
N SER A 111 36.68 23.98 -33.86
CA SER A 111 38.03 24.51 -33.94
C SER A 111 38.78 24.40 -32.63
N SER A 112 38.13 23.93 -31.58
CA SER A 112 38.79 23.79 -30.29
C SER A 112 39.80 22.67 -30.32
N MET A 113 40.95 22.92 -29.74
CA MET A 113 42.02 21.94 -29.77
C MET A 113 41.70 20.69 -28.98
N PHE A 114 40.62 20.68 -28.22
CA PHE A 114 40.18 19.51 -27.47
C PHE A 114 38.93 18.89 -28.06
N SER A 115 38.57 19.26 -29.28
CA SER A 115 37.32 18.79 -29.84
C SER A 115 37.55 17.48 -30.58
N PRO A 116 36.47 16.76 -30.90
CA PRO A 116 36.63 15.57 -31.72
C PRO A 116 37.35 15.83 -33.02
N ALA A 117 37.32 17.06 -33.53
CA ALA A 117 38.08 17.36 -34.73
C ALA A 117 39.56 17.34 -34.46
N GLY A 118 40.00 17.90 -33.33
CA GLY A 118 41.40 17.80 -32.98
C GLY A 118 41.81 16.38 -32.68
N TYR A 119 40.94 15.63 -31.99
CA TYR A 119 41.23 14.23 -31.74
C TYR A 119 41.37 13.46 -33.03
N LEU A 120 40.49 13.71 -33.99
CA LEU A 120 40.55 13.03 -35.27
C LEU A 120 41.75 13.46 -36.08
N THR A 121 42.15 14.72 -35.98
CA THR A 121 43.37 15.13 -36.65
C THR A 121 44.57 14.41 -36.08
N GLU A 122 44.61 14.24 -34.76
CA GLU A 122 45.72 13.52 -34.16
C GLU A 122 45.71 12.06 -34.58
N LEU A 123 44.55 11.41 -34.50
CA LEU A 123 44.44 10.03 -34.92
C LEU A 123 44.90 9.87 -36.35
N TYR A 124 44.47 10.75 -37.24
CA TYR A 124 44.81 10.59 -38.65
C TYR A 124 46.27 10.83 -38.88
N ARG A 125 46.83 11.88 -38.27
CA ARG A 125 48.24 12.14 -38.47
C ARG A 125 49.08 10.99 -37.97
N GLU A 126 48.63 10.30 -36.92
CA GLU A 126 49.44 9.20 -36.40
C GLU A 126 49.17 7.88 -37.09
N ALA A 127 48.00 7.73 -37.72
CA ALA A 127 47.62 6.45 -38.29
C ALA A 127 47.86 6.36 -39.78
N ARG A 128 47.81 7.45 -40.49
CA ARG A 128 47.97 7.38 -41.93
C ARG A 128 49.29 6.88 -42.34
N GLY A 129 50.27 6.81 -41.46
CA GLY A 129 51.59 6.37 -41.84
C GLY A 129 52.01 5.07 -41.20
N LEU A 130 51.07 4.16 -40.99
CA LEU A 130 51.42 2.89 -40.37
C LEU A 130 51.76 1.84 -41.40
N HIS A 131 51.09 1.84 -42.52
CA HIS A 131 51.39 0.93 -43.60
C HIS A 131 51.91 1.70 -44.79
N PRO A 132 52.74 1.09 -45.64
CA PRO A 132 53.26 1.80 -46.80
C PRO A 132 52.14 2.17 -47.75
N LYS A 133 52.35 3.27 -48.47
CA LYS A 133 51.30 3.78 -49.35
C LYS A 133 50.92 2.78 -50.43
N ASP A 134 51.84 1.96 -50.88
CA ASP A 134 51.49 0.97 -51.90
C ASP A 134 50.80 -0.23 -51.29
N SER A 135 50.90 -0.42 -49.98
CA SER A 135 50.31 -1.59 -49.35
C SER A 135 48.79 -1.53 -49.45
N ASP A 136 48.18 -2.71 -49.47
CA ASP A 136 46.73 -2.81 -49.62
C ASP A 136 45.99 -2.58 -48.31
N ARG A 137 46.71 -2.36 -47.22
CA ARG A 137 46.08 -2.06 -45.94
C ARG A 137 46.26 -0.61 -45.54
N ASN A 138 46.84 0.21 -46.39
CA ASN A 138 47.05 1.61 -46.04
C ASN A 138 45.72 2.27 -45.73
N LEU A 139 45.74 3.17 -44.76
CA LEU A 139 44.50 3.80 -44.32
C LEU A 139 43.89 4.64 -45.42
N ASP A 140 44.69 5.48 -46.07
CA ASP A 140 44.19 6.27 -47.18
C ASP A 140 43.68 5.41 -48.32
N LYS A 141 44.43 4.39 -48.70
CA LYS A 141 44.04 3.56 -49.82
C LYS A 141 42.79 2.76 -49.54
N ARG A 142 42.58 2.35 -48.29
CA ARG A 142 41.39 1.58 -47.98
C ARG A 142 40.19 2.44 -47.61
N ARG A 143 40.40 3.71 -47.31
CA ARG A 143 39.31 4.67 -47.09
C ARG A 143 39.72 5.98 -47.74
N GLN A 144 39.36 6.15 -49.01
CA GLN A 144 39.82 7.31 -49.75
C GLN A 144 39.04 8.57 -49.41
N ASP A 145 37.94 8.46 -48.67
CA ASP A 145 37.15 9.61 -48.29
C ASP A 145 37.64 10.28 -47.03
N LEU A 146 38.64 9.73 -46.35
CA LEU A 146 39.10 10.35 -45.12
C LEU A 146 39.94 11.58 -45.40
N ALA A 147 40.91 11.49 -46.31
CA ALA A 147 41.75 12.63 -46.59
C ALA A 147 40.95 13.81 -47.12
N LYS A 148 39.81 13.54 -47.75
CA LYS A 148 38.97 14.61 -48.25
C LYS A 148 37.96 15.09 -47.23
N LEU A 149 37.98 14.57 -46.02
CA LEU A 149 36.94 14.89 -45.05
C LEU A 149 37.19 16.27 -44.47
N VAL A 150 36.16 17.10 -44.48
CA VAL A 150 36.26 18.49 -44.08
C VAL A 150 35.80 18.62 -42.65
N LEU A 151 36.67 19.14 -41.79
CA LEU A 151 36.37 19.29 -40.38
C LEU A 151 35.56 20.54 -40.15
N SER A 152 34.25 20.45 -40.32
CA SER A 152 33.39 21.61 -40.20
C SER A 152 32.44 21.38 -39.04
N GLN A 153 31.90 22.48 -38.52
CA GLN A 153 30.96 22.36 -37.42
C GLN A 153 29.75 21.55 -37.82
N ASP A 154 29.33 21.65 -39.08
CA ASP A 154 28.16 20.91 -39.51
C ASP A 154 28.46 19.42 -39.59
N ASN A 155 29.68 19.06 -40.00
CA ASN A 155 30.08 17.66 -39.93
C ASN A 155 30.12 17.16 -38.50
N LEU A 156 30.67 17.96 -37.60
CA LEU A 156 30.80 17.54 -36.21
C LEU A 156 29.46 17.40 -35.51
N ASP A 157 28.49 18.24 -35.88
CA ASP A 157 27.22 18.29 -35.17
C ASP A 157 26.12 17.47 -35.82
N ASN A 158 25.92 17.60 -37.12
CA ASN A 158 24.77 17.01 -37.79
C ASN A 158 24.78 15.49 -37.67
N GLU A 159 23.63 14.94 -37.28
CA GLU A 159 23.47 13.51 -37.13
C GLU A 159 23.00 12.89 -38.44
N ILE A 160 23.65 11.81 -38.83
CA ILE A 160 23.28 11.03 -40.00
C ILE A 160 23.08 9.60 -39.57
N SER A 161 22.45 8.81 -40.41
CA SER A 161 22.27 7.41 -40.09
C SER A 161 23.54 6.64 -40.41
N ALA A 162 23.99 5.82 -39.46
CA ALA A 162 25.22 5.07 -39.68
C ALA A 162 25.06 4.07 -40.82
N LEU A 163 23.89 3.46 -40.95
CA LEU A 163 23.69 2.50 -42.02
C LEU A 163 23.71 3.17 -43.37
N SER A 164 23.14 4.36 -43.48
CA SER A 164 23.24 5.10 -44.73
C SER A 164 24.69 5.34 -45.09
N LEU A 165 25.53 5.56 -44.09
CA LEU A 165 26.93 5.84 -44.36
C LEU A 165 27.67 4.59 -44.81
N ALA A 166 27.36 3.45 -44.20
CA ALA A 166 27.90 2.19 -44.68
C ALA A 166 27.50 1.96 -46.14
N ASN A 167 26.23 2.23 -46.46
CA ASN A 167 25.75 1.96 -47.80
C ASN A 167 26.40 2.89 -48.81
N GLU A 168 26.57 4.16 -48.45
CA GLU A 168 27.30 5.06 -49.34
C GLU A 168 28.71 4.56 -49.57
N GLN A 169 29.37 4.08 -48.51
CA GLN A 169 30.73 3.59 -48.67
C GLN A 169 30.79 2.42 -49.62
N LEU A 170 29.82 1.51 -49.55
CA LEU A 170 29.81 0.36 -50.44
C LEU A 170 29.47 0.75 -51.88
N GLU A 171 28.51 1.66 -52.05
CA GLU A 171 28.10 2.08 -53.38
C GLU A 171 29.23 2.77 -54.12
N THR A 172 29.92 3.70 -53.46
CA THR A 172 30.98 4.40 -54.17
C THR A 172 32.08 3.48 -54.66
N ALA A 173 32.20 2.28 -54.10
CA ALA A 173 33.17 1.32 -54.60
C ALA A 173 32.58 0.42 -55.67
N LEU A 174 31.34 -0.03 -55.49
CA LEU A 174 30.74 -0.92 -56.46
C LEU A 174 30.50 -0.22 -57.78
N MET A 175 30.07 1.04 -57.75
CA MET A 175 29.90 1.78 -58.99
C MET A 175 31.25 2.15 -59.60
N ALA A 176 32.28 2.34 -58.78
CA ALA A 176 33.60 2.54 -59.36
C ALA A 176 34.06 1.29 -60.10
N GLN A 177 33.76 0.12 -59.55
CA GLN A 177 34.12 -1.13 -60.22
C GLN A 177 33.34 -1.26 -61.54
N THR A 178 32.01 -1.21 -61.45
CA THR A 178 31.17 -1.35 -62.63
C THR A 178 31.43 -0.28 -63.68
N GLY A 179 31.91 0.90 -63.28
CA GLY A 179 32.08 2.00 -64.18
C GLY A 179 30.87 2.91 -64.32
N LYS A 180 29.69 2.44 -63.97
CA LYS A 180 28.50 3.26 -64.09
C LYS A 180 28.44 4.28 -62.96
N THR A 181 28.08 5.51 -63.30
CA THR A 181 27.91 6.55 -62.29
C THR A 181 26.47 6.72 -61.84
N ASP A 182 25.49 6.26 -62.61
CA ASP A 182 24.12 6.34 -62.17
C ASP A 182 23.83 5.30 -61.11
N LYS A 183 23.19 5.75 -60.03
CA LYS A 183 22.84 4.82 -58.96
C LYS A 183 21.70 3.92 -59.38
N ASN A 184 20.66 4.48 -60.00
CA ASN A 184 19.48 3.71 -60.37
C ASN A 184 19.78 2.72 -61.49
N LYS A 185 20.58 3.12 -62.48
CA LYS A 185 20.98 2.16 -63.50
C LYS A 185 21.78 1.02 -62.89
N TYR A 186 22.63 1.32 -61.91
CA TYR A 186 23.37 0.28 -61.23
C TYR A 186 22.45 -0.68 -60.50
N TYR A 187 21.49 -0.18 -59.72
CA TYR A 187 20.57 -1.08 -59.06
C TYR A 187 19.74 -1.88 -60.04
N GLU A 188 19.42 -1.29 -61.19
CA GLU A 188 18.71 -2.07 -62.21
C GLU A 188 19.56 -3.24 -62.68
N THR A 189 20.86 -3.03 -62.91
CA THR A 189 21.72 -4.17 -63.20
C THR A 189 21.85 -5.11 -62.02
N LEU A 190 21.67 -4.60 -60.81
CA LEU A 190 21.74 -5.37 -59.58
C LEU A 190 20.50 -6.21 -59.37
N ALA A 191 19.43 -5.92 -60.09
CA ALA A 191 18.14 -6.56 -59.86
C ALA A 191 18.06 -7.94 -60.49
N THR A 192 18.90 -8.21 -61.49
CA THR A 192 18.89 -9.48 -62.19
C THR A 192 20.12 -10.33 -61.94
N SER A 193 21.14 -9.78 -61.30
CA SER A 193 22.41 -10.48 -61.22
C SER A 193 22.42 -11.47 -60.06
N ARG A 194 23.13 -12.58 -60.27
CA ARG A 194 23.18 -13.68 -59.33
C ARG A 194 24.57 -13.90 -58.78
N ARG A 195 25.38 -12.86 -58.67
CA ARG A 195 26.78 -13.03 -58.31
C ARG A 195 27.03 -13.04 -56.82
N SER A 196 26.03 -13.35 -56.00
CA SER A 196 26.25 -13.75 -54.62
C SER A 196 24.94 -14.29 -54.06
N GLY A 197 25.01 -14.93 -52.91
CA GLY A 197 23.85 -15.57 -52.35
C GLY A 197 22.81 -14.64 -51.80
N VAL A 198 22.98 -13.33 -52.00
CA VAL A 198 22.02 -12.34 -51.54
C VAL A 198 21.64 -11.35 -52.61
N THR A 199 22.22 -11.46 -53.80
CA THR A 199 22.18 -10.41 -54.80
C THR A 199 20.86 -10.27 -55.56
N PRO A 200 20.21 -11.35 -56.00
CA PRO A 200 19.04 -11.17 -56.85
C PRO A 200 17.93 -10.46 -56.10
N TYR A 201 18.06 -9.15 -55.92
CA TYR A 201 17.03 -8.38 -55.23
C TYR A 201 16.68 -7.16 -56.05
N ASN A 202 15.41 -6.79 -56.02
CA ASN A 202 14.89 -5.62 -56.72
C ASN A 202 14.62 -4.55 -55.68
N ALA A 203 15.19 -3.37 -55.86
CA ALA A 203 14.69 -2.24 -55.08
C ALA A 203 13.20 -2.03 -55.31
N PRO A 204 12.68 -1.99 -56.54
CA PRO A 204 11.24 -1.81 -56.70
C PRO A 204 10.42 -2.96 -56.17
N PHE A 205 10.80 -4.20 -56.44
CA PHE A 205 9.96 -5.29 -55.96
C PHE A 205 9.97 -5.34 -54.44
N GLU A 206 11.13 -5.10 -53.83
CA GLU A 206 11.14 -5.09 -52.37
C GLU A 206 10.29 -3.97 -51.82
N GLY A 207 10.28 -2.82 -52.47
CA GLY A 207 9.35 -1.78 -52.07
C GLY A 207 7.91 -2.21 -52.19
N ILE A 208 7.56 -2.81 -53.33
CA ILE A 208 6.21 -3.32 -53.52
C ILE A 208 5.84 -4.26 -52.39
N HIS A 209 6.70 -5.23 -52.13
CA HIS A 209 6.39 -6.27 -51.17
C HIS A 209 6.26 -5.71 -49.76
N ASN A 210 7.17 -4.82 -49.36
CA ASN A 210 7.08 -4.25 -48.03
C ASN A 210 5.86 -3.37 -47.88
N ALA A 211 5.65 -2.46 -48.83
CA ALA A 211 4.49 -1.58 -48.78
C ALA A 211 3.20 -2.38 -48.78
N LEU A 212 3.18 -3.50 -49.47
CA LEU A 212 1.99 -4.29 -49.64
C LEU A 212 1.71 -5.15 -48.43
N ALA A 213 2.75 -5.70 -47.80
CA ALA A 213 2.61 -6.42 -46.55
C ALA A 213 2.39 -5.49 -45.38
N GLN A 214 2.61 -4.18 -45.56
CA GLN A 214 2.25 -3.24 -44.51
C GLN A 214 0.77 -2.91 -44.49
N ARG A 215 0.07 -3.10 -45.61
CA ARG A 215 -1.38 -3.04 -45.63
C ARG A 215 -2.01 -4.35 -45.20
N ASN A 216 -1.19 -5.34 -44.86
CA ASN A 216 -1.64 -6.69 -44.55
C ASN A 216 -2.44 -7.26 -45.71
N PHE A 217 -1.99 -6.98 -46.92
CA PHE A 217 -2.68 -7.36 -48.14
C PHE A 217 -2.07 -8.63 -48.69
N VAL A 218 -2.92 -9.60 -49.02
CA VAL A 218 -2.48 -10.92 -49.48
C VAL A 218 -2.82 -11.05 -50.95
N LEU A 219 -1.78 -11.10 -51.79
CA LEU A 219 -2.00 -11.05 -53.24
C LEU A 219 -2.82 -12.22 -53.77
N PRO A 220 -2.46 -13.48 -53.54
CA PRO A 220 -3.22 -14.58 -54.14
C PRO A 220 -4.57 -14.83 -53.50
N ASP A 221 -5.02 -13.98 -52.60
CA ASP A 221 -6.37 -14.03 -52.05
C ASP A 221 -7.19 -12.82 -52.48
N ASN A 222 -7.03 -12.40 -53.72
CA ASN A 222 -7.86 -11.37 -54.31
C ASN A 222 -9.00 -12.00 -55.10
N ILE A 223 -10.19 -11.41 -54.93
CA ILE A 223 -11.27 -11.73 -55.84
C ILE A 223 -10.92 -11.25 -57.25
N LEU A 224 -10.03 -10.28 -57.36
CA LEU A 224 -9.68 -9.63 -58.62
C LEU A 224 -8.28 -10.08 -59.01
N SER A 225 -8.20 -11.18 -59.75
CA SER A 225 -6.92 -11.66 -60.27
C SER A 225 -7.20 -12.62 -61.40
N ASN A 226 -6.13 -13.27 -61.86
CA ASN A 226 -6.28 -14.42 -62.73
C ASN A 226 -6.08 -15.67 -61.90
N PRO A 227 -7.12 -16.42 -61.58
CA PRO A 227 -6.91 -17.68 -60.85
C PRO A 227 -5.99 -18.63 -61.57
N ALA A 228 -5.69 -18.39 -62.84
CA ALA A 228 -4.70 -19.17 -63.57
C ALA A 228 -3.28 -18.72 -63.30
N LYS A 229 -3.09 -17.61 -62.59
CA LYS A 229 -1.78 -17.13 -62.20
C LYS A 229 -1.64 -17.13 -60.69
N PHE A 230 -2.08 -18.21 -60.06
CA PHE A 230 -1.98 -18.33 -58.62
C PHE A 230 -0.57 -18.67 -58.18
N ALA A 231 0.16 -19.44 -58.98
CA ALA A 231 1.52 -19.82 -58.59
C ALA A 231 2.41 -18.58 -58.45
N ILE A 232 2.49 -17.78 -59.50
CA ILE A 232 3.34 -16.60 -59.47
C ILE A 232 2.87 -15.64 -58.39
N LEU A 233 1.56 -15.56 -58.19
CA LEU A 233 1.03 -14.62 -57.21
C LEU A 233 1.39 -15.04 -55.80
N ALA A 234 1.31 -16.33 -55.50
CA ALA A 234 1.70 -16.80 -54.19
C ALA A 234 3.21 -16.74 -54.00
N ALA A 235 3.97 -16.88 -55.09
CA ALA A 235 5.42 -16.66 -54.99
C ALA A 235 5.73 -15.23 -54.59
N TYR A 236 5.15 -14.26 -55.31
CA TYR A 236 5.32 -12.87 -54.94
C TYR A 236 4.81 -12.60 -53.54
N ASP A 237 3.80 -13.35 -53.09
CA ASP A 237 3.30 -13.20 -51.73
C ASP A 237 4.34 -13.65 -50.72
N ALA A 238 4.92 -14.83 -50.93
CA ALA A 238 6.03 -15.27 -50.09
C ALA A 238 7.17 -14.26 -50.13
N GLY A 239 7.30 -13.57 -51.24
CA GLY A 239 8.27 -12.51 -51.42
C GLY A 239 9.44 -13.10 -52.17
N ILE A 240 9.41 -12.98 -53.48
CA ILE A 240 10.42 -13.61 -54.32
C ILE A 240 10.57 -12.76 -55.57
N SER A 241 11.78 -12.26 -55.79
CA SER A 241 12.02 -11.44 -56.95
C SER A 241 11.71 -12.25 -58.21
N PRO A 242 11.33 -11.59 -59.30
CA PRO A 242 11.22 -12.31 -60.57
C PRO A 242 12.49 -13.07 -60.93
N LYS A 243 13.67 -12.50 -60.68
CA LYS A 243 14.88 -13.22 -61.00
C LYS A 243 15.08 -14.42 -60.07
N LEU A 244 14.72 -14.26 -58.81
CA LEU A 244 14.81 -15.40 -57.90
C LEU A 244 13.84 -16.49 -58.31
N TYR A 245 12.70 -16.12 -58.88
CA TYR A 245 11.77 -17.10 -59.40
C TYR A 245 12.36 -17.83 -60.60
N ASN A 246 12.99 -17.08 -61.50
CA ASN A 246 13.66 -17.72 -62.62
C ASN A 246 14.74 -18.68 -62.15
N ILE A 247 15.40 -18.33 -61.05
CA ILE A 247 16.40 -19.23 -60.47
C ILE A 247 15.73 -20.50 -59.96
N LEU A 248 14.73 -20.36 -59.12
CA LEU A 248 14.15 -21.52 -58.44
C LEU A 248 13.25 -22.36 -59.32
N THR A 249 12.93 -21.92 -60.54
CA THR A 249 12.09 -22.77 -61.39
C THR A 249 12.88 -23.56 -62.41
N GLU A 250 14.18 -23.33 -62.54
CA GLU A 250 14.97 -24.15 -63.46
C GLU A 250 14.88 -25.62 -63.08
N ASP A 251 15.06 -26.49 -64.06
CA ASP A 251 15.04 -27.93 -63.83
C ASP A 251 16.47 -28.44 -63.65
N THR A 252 17.04 -28.14 -62.49
CA THR A 252 18.41 -28.55 -62.23
C THR A 252 18.51 -30.05 -62.00
N GLU A 253 17.60 -30.64 -61.25
CA GLU A 253 17.57 -32.08 -61.12
C GLU A 253 17.34 -32.71 -62.49
N SER A 254 18.10 -33.77 -62.79
CA SER A 254 18.11 -34.40 -64.11
C SER A 254 18.53 -33.39 -65.18
N LEU A 255 19.73 -32.85 -64.99
CA LEU A 255 20.35 -31.93 -65.94
C LEU A 255 21.83 -32.23 -65.96
N THR A 256 22.32 -32.76 -67.08
CA THR A 256 23.68 -33.26 -67.17
C THR A 256 24.32 -32.77 -68.47
N GLY A 257 25.59 -33.13 -68.66
CA GLY A 257 26.31 -32.74 -69.84
C GLY A 257 26.89 -31.35 -69.73
N SER A 258 27.19 -30.77 -70.90
CA SER A 258 27.61 -29.37 -70.93
C SER A 258 26.50 -28.45 -70.45
N ASP A 259 25.26 -28.92 -70.42
CA ASP A 259 24.18 -28.08 -69.88
C ASP A 259 24.37 -27.81 -68.40
N LEU A 260 24.86 -28.80 -67.64
CA LEU A 260 25.15 -28.56 -66.24
C LEU A 260 26.29 -27.57 -66.07
N GLU A 261 27.30 -27.64 -66.95
CA GLU A 261 28.35 -26.64 -66.92
C GLU A 261 27.77 -25.25 -67.17
N ASN A 262 26.92 -25.11 -68.17
CA ASN A 262 26.23 -23.86 -68.43
C ASN A 262 25.51 -23.38 -67.19
N SER A 263 24.80 -24.27 -66.51
CA SER A 263 23.97 -23.86 -65.39
C SER A 263 24.81 -23.46 -64.19
N LEU A 264 25.92 -24.15 -63.95
CA LEU A 264 26.81 -23.71 -62.88
C LEU A 264 27.47 -22.38 -63.21
N LYS A 265 27.85 -22.16 -64.47
CA LYS A 265 28.41 -20.87 -64.82
C LYS A 265 27.36 -19.76 -64.71
N ARG A 266 26.10 -20.11 -64.85
CA ARG A 266 25.05 -19.10 -64.73
C ARG A 266 24.73 -18.80 -63.27
N ASN A 267 24.59 -19.83 -62.44
CA ASN A 267 24.16 -19.63 -61.07
C ASN A 267 25.32 -19.34 -60.11
N PHE A 268 26.57 -19.47 -60.55
CA PHE A 268 27.72 -19.14 -59.71
C PHE A 268 28.75 -18.42 -60.55
N PRO A 269 28.44 -17.22 -60.99
CA PRO A 269 29.28 -16.57 -61.98
C PRO A 269 30.62 -16.12 -61.42
N LYS A 270 30.65 -15.74 -60.15
CA LYS A 270 31.83 -15.15 -59.55
C LYS A 270 32.53 -16.05 -58.54
N VAL A 271 31.82 -16.97 -57.91
CA VAL A 271 32.47 -17.85 -56.94
C VAL A 271 33.00 -19.09 -57.64
N LYS A 272 34.10 -19.63 -57.12
CA LYS A 272 34.62 -20.91 -57.54
C LYS A 272 33.98 -21.99 -56.68
N ILE A 273 33.39 -23.00 -57.32
CA ILE A 273 32.56 -23.97 -56.62
C ILE A 273 33.39 -24.72 -55.58
N LYS A 274 34.64 -25.03 -55.91
CA LYS A 274 35.47 -25.73 -54.93
C LYS A 274 35.78 -24.84 -53.74
N ASP A 275 36.02 -23.55 -53.96
CA ASP A 275 36.22 -22.63 -52.83
C ASP A 275 34.94 -22.39 -52.05
N LEU A 276 33.79 -22.65 -52.66
CA LEU A 276 32.51 -22.53 -51.97
C LEU A 276 32.15 -23.78 -51.20
N MET A 277 32.74 -24.92 -51.55
CA MET A 277 32.31 -26.20 -50.99
C MET A 277 32.23 -26.20 -49.47
N THR A 278 33.14 -25.50 -48.79
CA THR A 278 33.21 -25.66 -47.33
C THR A 278 32.01 -25.01 -46.65
N LEU A 279 31.81 -25.41 -45.39
CA LEU A 279 30.63 -25.02 -44.64
C LEU A 279 30.63 -23.54 -44.29
N ASP A 280 31.76 -23.00 -43.84
CA ASP A 280 31.82 -21.57 -43.57
C ASP A 280 31.59 -20.75 -44.83
N ALA A 281 32.14 -21.22 -45.95
CA ALA A 281 31.93 -20.51 -47.21
C ALA A 281 30.46 -20.52 -47.59
N LEU A 282 29.80 -21.66 -47.44
CA LEU A 282 28.38 -21.73 -47.71
C LEU A 282 27.58 -20.84 -46.77
N ALA A 283 28.03 -20.70 -45.53
CA ALA A 283 27.31 -19.85 -44.59
C ALA A 283 27.52 -18.38 -44.91
N ASN A 284 28.66 -18.02 -45.48
CA ASN A 284 28.91 -16.62 -45.78
C ASN A 284 28.39 -16.23 -47.15
N TYR A 285 28.30 -17.16 -48.08
CA TYR A 285 27.77 -16.84 -49.40
C TYR A 285 26.29 -16.52 -49.32
N TYR A 286 25.52 -17.37 -48.64
CA TYR A 286 24.09 -17.20 -48.52
C TYR A 286 23.68 -16.43 -47.28
N GLU A 287 24.64 -15.92 -46.51
CA GLU A 287 24.36 -15.11 -45.33
C GLU A 287 23.38 -15.81 -44.40
N LEU A 288 23.64 -17.09 -44.17
CA LEU A 288 22.86 -17.92 -43.27
C LEU A 288 23.80 -18.49 -42.21
N PRO A 289 23.26 -18.81 -41.04
CA PRO A 289 24.12 -19.32 -39.96
C PRO A 289 24.77 -20.65 -40.32
N ALA A 290 26.05 -20.75 -39.96
CA ALA A 290 26.82 -21.95 -40.23
C ALA A 290 26.21 -23.17 -39.57
N ASP A 291 25.75 -23.04 -38.33
CA ASP A 291 25.14 -24.19 -37.66
C ASP A 291 23.79 -24.54 -38.27
N ASP A 292 23.07 -23.54 -38.78
CA ASP A 292 21.79 -23.86 -39.41
C ASP A 292 21.94 -24.54 -40.75
N ILE A 293 22.90 -24.12 -41.57
CA ILE A 293 23.16 -24.88 -42.79
C ILE A 293 23.79 -26.23 -42.47
N GLN A 294 24.55 -26.33 -41.38
CA GLN A 294 25.09 -27.61 -40.96
C GLN A 294 23.98 -28.56 -40.53
N ALA A 295 22.91 -28.03 -39.93
CA ALA A 295 21.79 -28.89 -39.58
C ALA A 295 21.15 -29.48 -40.82
N LEU A 296 21.00 -28.68 -41.87
CA LEU A 296 20.51 -29.20 -43.14
C LEU A 296 21.45 -30.29 -43.67
N ILE A 297 22.75 -30.01 -43.72
CA ILE A 297 23.69 -30.97 -44.27
C ILE A 297 23.66 -32.27 -43.46
N ALA A 298 23.59 -32.17 -42.13
CA ALA A 298 23.61 -33.34 -41.28
C ALA A 298 22.34 -34.16 -41.44
N ALA A 299 21.18 -33.50 -41.45
CA ALA A 299 19.95 -34.23 -41.64
C ALA A 299 19.82 -34.78 -43.05
N GLU A 300 20.59 -34.24 -44.00
CA GLU A 300 20.60 -34.81 -45.34
C GLU A 300 21.56 -35.97 -45.45
N ILE A 301 22.59 -36.00 -44.60
CA ILE A 301 23.58 -37.07 -44.69
C ILE A 301 23.16 -38.28 -43.85
N THR A 302 22.51 -38.06 -42.71
CA THR A 302 22.07 -39.18 -41.90
C THR A 302 20.56 -39.37 -41.82
N GLY A 303 19.79 -38.29 -41.82
CA GLY A 303 18.36 -38.36 -41.59
C GLY A 303 17.59 -38.70 -42.84
N ARG A 304 16.43 -38.06 -43.00
CA ARG A 304 15.56 -38.27 -44.16
C ARG A 304 15.34 -36.93 -44.85
N LEU A 305 16.27 -36.57 -45.73
CA LEU A 305 16.25 -35.36 -46.53
C LEU A 305 16.98 -35.72 -47.82
N PRO A 306 16.45 -35.31 -48.99
CA PRO A 306 15.26 -34.48 -49.19
C PRO A 306 13.95 -35.23 -49.01
N THR A 307 13.01 -34.59 -48.33
CA THR A 307 11.71 -35.21 -48.08
C THR A 307 10.88 -35.25 -49.36
N PRO A 308 10.20 -36.38 -49.62
CA PRO A 308 10.27 -37.61 -48.81
C PRO A 308 11.22 -38.67 -49.39
N ASP A 309 11.51 -38.57 -50.68
CA ASP A 309 12.27 -39.58 -51.40
C ASP A 309 13.54 -38.96 -51.99
N VAL A 310 14.42 -39.83 -52.51
CA VAL A 310 15.71 -39.38 -53.03
C VAL A 310 16.01 -40.30 -54.21
N TYR A 311 17.19 -40.16 -54.82
CA TYR A 311 17.76 -41.07 -55.80
C TYR A 311 17.16 -40.90 -57.18
N ASN A 312 16.37 -39.86 -57.41
CA ASN A 312 15.56 -39.73 -58.63
C ASN A 312 16.30 -39.00 -59.73
N ASP A 313 17.61 -39.21 -59.81
CA ASP A 313 18.45 -38.56 -60.82
C ASP A 313 19.20 -39.63 -61.61
N ASP A 314 18.52 -40.20 -62.61
CA ASP A 314 19.13 -41.14 -63.55
C ASP A 314 19.80 -42.31 -62.81
N ASN A 315 19.11 -42.81 -61.79
CA ASN A 315 19.54 -44.00 -61.05
C ASN A 315 20.93 -43.82 -60.46
N LYS A 316 21.17 -42.65 -59.89
CA LYS A 316 22.40 -42.34 -59.17
C LYS A 316 22.01 -41.77 -57.81
N LEU A 317 23.02 -41.32 -57.08
CA LEU A 317 22.81 -40.60 -55.83
C LEU A 317 24.13 -39.99 -55.41
N VAL A 318 24.12 -38.70 -55.13
CA VAL A 318 25.31 -37.99 -54.69
C VAL A 318 25.06 -37.42 -53.30
N ILE A 319 25.86 -37.87 -52.35
CA ILE A 319 25.67 -37.47 -50.96
C ILE A 319 26.98 -36.86 -50.46
N PRO A 320 26.95 -35.72 -49.79
CA PRO A 320 28.20 -35.09 -49.36
C PRO A 320 28.85 -35.85 -48.22
N ALA A 321 29.96 -35.30 -47.75
CA ALA A 321 30.66 -35.87 -46.60
C ALA A 321 31.57 -34.78 -46.04
N ILE A 322 31.25 -34.28 -44.86
CA ILE A 322 32.01 -33.20 -44.27
C ILE A 322 33.05 -33.78 -43.32
N ASN A 323 34.16 -33.05 -43.18
CA ASN A 323 35.28 -33.55 -42.41
C ASN A 323 36.20 -32.39 -42.10
N THR A 324 36.98 -32.55 -41.03
CA THR A 324 37.88 -31.53 -40.47
C THR A 324 37.24 -30.14 -40.42
N GLY A 325 35.91 -30.09 -40.32
CA GLY A 325 35.20 -28.83 -40.20
C GLY A 325 35.33 -27.88 -41.34
N GLY A 326 36.17 -28.16 -42.33
CA GLY A 326 36.50 -27.15 -43.32
C GLY A 326 36.46 -27.64 -44.75
N LYS A 327 35.65 -28.67 -45.01
CA LYS A 327 35.53 -29.18 -46.36
C LYS A 327 34.27 -30.01 -46.46
N ILE A 328 33.79 -30.18 -47.68
CA ILE A 328 32.63 -31.03 -47.98
C ILE A 328 32.96 -31.80 -49.25
N THR A 329 33.12 -33.11 -49.13
CA THR A 329 33.47 -33.95 -50.26
C THR A 329 32.26 -34.77 -50.69
N PHE A 330 32.36 -35.34 -51.88
CA PHE A 330 31.24 -36.01 -52.52
C PHE A 330 31.58 -37.45 -52.89
N SER A 331 30.55 -38.29 -52.91
CA SER A 331 30.70 -39.71 -53.18
C SER A 331 29.35 -40.24 -53.63
N GLU A 332 29.31 -40.77 -54.84
CA GLU A 332 28.05 -41.09 -55.49
C GLU A 332 27.80 -42.59 -55.51
N LEU A 333 26.55 -42.95 -55.83
CA LEU A 333 26.10 -44.34 -55.91
C LEU A 333 25.51 -44.59 -57.29
N ALA A 334 25.34 -45.87 -57.63
CA ALA A 334 24.71 -46.24 -58.90
C ALA A 334 23.93 -47.54 -58.69
N LYS A 335 23.32 -48.02 -59.77
CA LYS A 335 22.49 -49.22 -59.69
C LYS A 335 22.26 -49.77 -61.10
N THR A 336 21.74 -51.00 -61.15
CA THR A 336 21.41 -51.66 -62.40
C THR A 336 19.95 -51.43 -62.80
N GLN A 337 19.61 -51.95 -63.99
CA GLN A 337 18.27 -51.83 -64.56
C GLN A 337 17.51 -53.10 -64.23
N SER A 338 17.06 -53.19 -62.98
CA SER A 338 16.20 -54.26 -62.51
C SER A 338 14.75 -53.90 -62.82
N ASP A 339 13.80 -54.55 -62.14
CA ASP A 339 12.37 -54.27 -62.25
C ASP A 339 11.88 -54.52 -63.68
N GLU A 340 11.95 -55.81 -64.04
CA GLU A 340 11.67 -56.30 -65.39
C GLU A 340 10.33 -55.82 -65.95
N LYS A 341 9.22 -56.21 -65.34
CA LYS A 341 7.92 -55.64 -65.72
C LYS A 341 7.54 -54.53 -64.74
N GLN A 342 7.28 -54.90 -63.49
CA GLN A 342 7.10 -53.93 -62.42
C GLN A 342 7.19 -54.67 -61.10
N ALA A 343 8.21 -54.35 -60.29
CA ALA A 343 8.35 -54.97 -58.98
C ALA A 343 8.35 -53.95 -57.84
N ASP A 344 9.24 -52.97 -57.87
CA ASP A 344 9.44 -52.04 -56.77
C ASP A 344 10.56 -51.07 -57.13
N TYR A 345 10.85 -50.16 -56.21
CA TYR A 345 12.08 -49.37 -56.24
C TYR A 345 12.85 -49.57 -54.93
N ILE A 346 14.15 -49.80 -55.04
CA ILE A 346 15.00 -50.03 -53.89
C ILE A 346 16.06 -48.94 -53.85
N ASP A 347 16.38 -48.47 -52.64
CA ASP A 347 17.32 -47.38 -52.44
C ASP A 347 18.20 -47.67 -51.23
N LEU A 348 19.49 -47.45 -51.39
CA LEU A 348 20.43 -47.53 -50.28
C LEU A 348 20.66 -46.14 -49.71
N ILE A 349 20.24 -45.92 -48.47
CA ILE A 349 20.34 -44.61 -47.85
C ILE A 349 21.50 -44.61 -46.88
N PRO A 350 22.65 -44.07 -47.24
CA PRO A 350 23.83 -44.17 -46.37
C PRO A 350 23.70 -43.22 -45.20
N GLN A 351 23.41 -43.78 -44.02
CA GLN A 351 23.43 -42.98 -42.81
C GLN A 351 24.83 -42.47 -42.51
N GLY A 352 25.84 -43.30 -42.79
CA GLY A 352 27.21 -42.93 -42.50
C GLY A 352 28.17 -44.09 -42.65
N GLY A 353 29.14 -44.17 -41.76
CA GLY A 353 30.08 -45.27 -41.77
C GLY A 353 29.43 -46.52 -41.26
N ASN A 354 29.35 -47.56 -42.10
CA ASN A 354 28.84 -48.87 -41.70
C ASN A 354 27.40 -48.79 -41.18
N GLN A 355 26.67 -47.72 -41.53
CA GLN A 355 25.25 -47.59 -41.24
C GLN A 355 24.54 -47.32 -42.56
N PHE A 356 23.45 -48.03 -42.82
CA PHE A 356 22.71 -47.86 -44.06
C PHE A 356 21.22 -48.03 -43.81
N LEU A 357 20.46 -47.94 -44.91
CA LEU A 357 19.02 -48.03 -44.89
C LEU A 357 18.55 -48.53 -46.24
N VAL A 358 17.45 -49.27 -46.24
CA VAL A 358 16.84 -49.75 -47.46
C VAL A 358 15.38 -49.32 -47.46
N ASN A 359 15.00 -48.51 -48.45
CA ASN A 359 13.63 -48.11 -48.67
C ASN A 359 13.11 -48.80 -49.91
N PHE A 360 11.83 -49.13 -49.90
CA PHE A 360 11.26 -49.91 -51.00
C PHE A 360 9.75 -49.83 -50.94
N SER A 361 9.13 -50.12 -52.07
CA SER A 361 7.68 -50.20 -52.17
C SER A 361 7.37 -51.29 -53.19
N VAL A 362 7.15 -52.50 -52.72
CA VAL A 362 6.84 -53.62 -53.61
C VAL A 362 5.44 -53.43 -54.18
N LYS A 363 5.32 -53.61 -55.50
CA LYS A 363 4.10 -53.22 -56.19
C LYS A 363 2.95 -54.18 -55.86
N LYS A 364 3.07 -55.44 -56.27
CA LYS A 364 2.05 -56.44 -56.03
C LYS A 364 2.43 -57.20 -54.76
N THR A 365 1.55 -57.17 -53.77
CA THR A 365 1.87 -57.72 -52.46
C THR A 365 0.82 -58.70 -52.00
N LYS A 366 0.31 -59.53 -52.92
CA LYS A 366 -0.85 -60.35 -52.66
C LYS A 366 -0.62 -61.84 -52.82
N LYS A 367 0.56 -62.28 -53.30
CA LYS A 367 0.74 -63.70 -53.58
C LYS A 367 1.06 -64.51 -52.32
N ASP A 368 2.28 -64.38 -51.80
CA ASP A 368 2.78 -65.17 -50.68
C ASP A 368 3.85 -64.34 -50.00
N ALA A 369 3.75 -64.19 -48.68
CA ALA A 369 4.71 -63.35 -47.96
C ALA A 369 4.71 -63.73 -46.49
N THR A 370 5.81 -64.29 -46.00
CA THR A 370 5.97 -64.65 -44.60
C THR A 370 7.44 -64.48 -44.23
N HIS A 371 7.75 -63.44 -43.46
CA HIS A 371 9.11 -63.16 -43.01
C HIS A 371 10.05 -63.00 -44.22
N PHE A 372 9.79 -61.94 -44.97
CA PHE A 372 10.54 -61.66 -46.18
C PHE A 372 12.03 -61.47 -45.87
N SER A 373 12.85 -61.60 -46.91
CA SER A 373 14.29 -61.68 -46.76
C SER A 373 14.97 -60.56 -47.54
N ILE A 374 16.24 -60.31 -47.19
CA ILE A 374 17.08 -59.34 -47.88
C ILE A 374 18.33 -60.06 -48.36
N GLY A 375 18.56 -60.04 -49.68
CA GLY A 375 19.69 -60.74 -50.26
C GLY A 375 20.88 -59.83 -50.52
N TYR A 376 22.02 -60.44 -50.78
CA TYR A 376 23.29 -59.72 -50.89
C TYR A 376 24.18 -60.39 -51.92
N ASN A 377 24.81 -59.59 -52.77
CA ASN A 377 25.63 -60.08 -53.88
C ASN A 377 24.84 -61.03 -54.79
N LYS A 378 23.51 -60.90 -54.74
CA LYS A 378 22.57 -61.64 -55.59
C LYS A 378 22.50 -63.11 -55.22
N SER A 379 23.42 -63.58 -54.37
CA SER A 379 23.42 -64.99 -54.04
C SER A 379 23.78 -65.32 -52.58
N PHE A 380 23.98 -64.33 -51.72
CA PHE A 380 24.52 -64.64 -50.40
C PHE A 380 23.86 -63.76 -49.35
N ASN A 381 24.23 -64.03 -48.09
CA ASN A 381 24.12 -63.07 -46.98
C ASN A 381 22.69 -62.57 -46.82
N ASN A 382 21.80 -63.48 -46.42
CA ASN A 382 20.49 -63.02 -45.98
C ASN A 382 20.68 -62.01 -44.84
N LEU A 383 20.48 -60.73 -45.14
CA LEU A 383 20.92 -59.67 -44.23
C LEU A 383 20.04 -59.56 -43.00
N ALA A 384 18.73 -59.44 -43.18
CA ALA A 384 17.80 -59.30 -42.08
C ALA A 384 16.53 -60.07 -42.42
N ASP A 385 16.26 -61.13 -41.66
CA ASP A 385 15.02 -61.89 -41.74
C ASP A 385 14.39 -61.83 -40.36
N LYS A 386 13.67 -60.74 -40.08
CA LYS A 386 13.15 -60.48 -38.75
C LYS A 386 11.74 -59.92 -38.75
N ASN A 387 11.24 -59.42 -39.88
CA ASN A 387 9.94 -58.79 -39.94
C ASN A 387 8.87 -59.84 -40.20
N GLY A 388 7.87 -59.89 -39.30
CA GLY A 388 6.79 -60.84 -39.46
C GLY A 388 5.60 -60.22 -40.14
N PHE A 389 5.83 -59.11 -40.83
CA PHE A 389 4.78 -58.36 -41.51
C PHE A 389 4.94 -58.55 -43.01
N VAL A 390 3.88 -58.27 -43.75
CA VAL A 390 3.90 -58.27 -45.21
C VAL A 390 4.01 -56.83 -45.69
N PRO A 391 4.96 -56.51 -46.57
CA PRO A 391 4.96 -55.19 -47.20
C PRO A 391 3.73 -55.01 -48.07
N LEU A 392 3.30 -53.76 -48.19
CA LEU A 392 2.06 -53.45 -48.90
C LEU A 392 2.35 -52.71 -50.20
N ALA A 393 1.30 -52.59 -51.00
CA ALA A 393 1.42 -52.00 -52.33
C ALA A 393 1.69 -50.50 -52.24
N GLY A 394 2.64 -50.04 -53.04
CA GLY A 394 2.95 -48.62 -53.12
C GLY A 394 3.22 -47.97 -51.79
N GLU A 395 3.75 -48.72 -50.83
CA GLU A 395 3.94 -48.24 -49.47
C GLU A 395 5.42 -48.04 -49.21
N HIS A 396 5.75 -46.92 -48.59
CA HIS A 396 7.15 -46.60 -48.33
C HIS A 396 7.60 -47.24 -47.02
N TYR A 397 8.55 -48.15 -47.12
CA TYR A 397 9.13 -48.84 -45.98
C TYR A 397 10.58 -48.41 -45.80
N SER A 398 11.17 -48.78 -44.68
CA SER A 398 12.56 -48.43 -44.42
C SER A 398 13.11 -49.36 -43.35
N ILE A 399 14.13 -50.14 -43.72
CA ILE A 399 14.70 -51.11 -42.80
C ILE A 399 16.17 -50.79 -42.60
N PRO A 400 16.61 -50.51 -41.38
CA PRO A 400 18.03 -50.24 -41.13
C PRO A 400 18.86 -51.50 -41.29
N VAL A 401 20.02 -51.32 -41.91
CA VAL A 401 20.94 -52.42 -42.21
C VAL A 401 22.36 -51.90 -42.07
N THR A 402 23.25 -52.76 -41.60
CA THR A 402 24.66 -52.42 -41.42
C THR A 402 25.50 -53.12 -42.49
N LEU A 403 26.17 -52.33 -43.32
CA LEU A 403 27.04 -52.87 -44.35
C LEU A 403 28.46 -52.35 -44.15
N ASP A 404 29.35 -52.63 -45.10
CA ASP A 404 30.71 -52.10 -45.09
C ASP A 404 30.98 -51.40 -46.40
N ALA A 405 31.62 -50.23 -46.33
CA ALA A 405 31.89 -49.49 -47.55
C ALA A 405 32.85 -50.21 -48.49
N LYS A 406 33.62 -51.17 -47.97
CA LYS A 406 34.55 -51.92 -48.81
C LYS A 406 33.82 -52.63 -49.93
N ILE A 407 32.85 -53.47 -49.61
CA ILE A 407 32.15 -54.20 -50.65
C ILE A 407 31.36 -53.24 -51.53
N LEU A 408 30.90 -52.12 -50.98
CA LEU A 408 30.22 -51.13 -51.79
C LEU A 408 31.14 -50.49 -52.82
N GLU A 409 32.45 -50.45 -52.53
CA GLU A 409 33.38 -49.89 -53.51
C GLU A 409 33.27 -50.61 -54.85
N LYS A 410 32.92 -51.89 -54.85
CA LYS A 410 32.66 -52.57 -56.10
C LYS A 410 31.18 -52.89 -56.25
N LYS A 411 30.82 -53.36 -57.45
CA LYS A 411 29.44 -53.62 -57.81
C LYS A 411 28.89 -54.72 -56.91
N THR A 412 27.88 -54.38 -56.10
CA THR A 412 27.33 -55.30 -55.11
C THR A 412 25.81 -55.32 -55.25
N LYS A 413 25.27 -56.45 -55.74
CA LYS A 413 23.84 -56.59 -55.98
C LYS A 413 23.16 -57.02 -54.69
N ILE A 414 22.48 -56.08 -54.04
CA ILE A 414 21.66 -56.36 -52.86
C ILE A 414 20.23 -56.60 -53.31
N GLY A 415 19.59 -57.63 -52.76
CA GLY A 415 18.24 -58.00 -53.13
C GLY A 415 17.33 -58.15 -51.93
N ILE A 416 16.05 -58.25 -52.23
CA ILE A 416 15.00 -58.48 -51.23
C ILE A 416 14.15 -59.65 -51.70
N THR A 417 13.87 -60.58 -50.79
CA THR A 417 13.14 -61.80 -51.11
C THR A 417 11.92 -61.89 -50.22
N ARG A 418 10.75 -61.58 -50.78
CA ARG A 418 9.50 -61.82 -50.09
C ARG A 418 9.32 -63.34 -49.96
N LYS A 419 9.46 -63.85 -48.75
CA LYS A 419 9.68 -65.27 -48.52
C LYS A 419 8.42 -66.07 -48.80
N LYS A 420 8.51 -67.00 -49.76
CA LYS A 420 7.49 -68.03 -49.90
C LYS A 420 7.45 -68.86 -48.62
N PRO A 421 6.29 -69.41 -48.24
CA PRO A 421 6.10 -69.83 -46.84
C PRO A 421 7.12 -70.82 -46.30
N GLU A 422 7.20 -72.05 -46.84
CA GLU A 422 8.26 -72.92 -46.37
C GLU A 422 9.57 -72.73 -47.15
N PRO A 423 9.61 -72.90 -48.49
CA PRO A 423 10.85 -72.67 -49.23
C PRO A 423 10.94 -71.30 -49.88
N ALA A 424 12.08 -70.62 -49.77
CA ALA A 424 12.25 -69.34 -50.48
C ALA A 424 13.73 -69.02 -50.61
N SER A 425 14.31 -69.23 -51.80
CA SER A 425 15.67 -68.75 -52.09
C SER A 425 15.68 -67.77 -53.25
N ASP A 426 15.11 -68.12 -54.40
CA ASP A 426 15.01 -67.16 -55.49
C ASP A 426 13.71 -67.34 -56.27
N GLU A 427 12.93 -68.36 -55.93
CA GLU A 427 11.84 -68.81 -56.78
C GLU A 427 10.56 -68.03 -56.55
N ASN A 428 10.58 -67.05 -55.66
CA ASN A 428 9.49 -66.10 -55.54
C ASN A 428 9.63 -65.09 -56.67
N HIS A 429 8.81 -64.05 -56.67
CA HIS A 429 9.06 -62.94 -57.58
C HIS A 429 10.20 -62.10 -57.01
N TYR A 430 11.43 -62.45 -57.36
CA TYR A 430 12.61 -61.89 -56.72
C TYR A 430 12.97 -60.54 -57.33
N THR A 431 13.56 -59.67 -56.50
CA THR A 431 14.00 -58.35 -56.92
C THR A 431 15.36 -58.07 -56.28
N SER A 432 16.21 -57.36 -57.01
CA SER A 432 17.54 -57.05 -56.53
C SER A 432 18.00 -55.75 -57.18
N ALA A 433 19.15 -55.25 -56.76
CA ALA A 433 19.73 -54.02 -57.30
C ALA A 433 21.15 -53.91 -56.78
N THR A 434 22.01 -53.29 -57.57
CA THR A 434 23.40 -53.11 -57.19
C THR A 434 23.64 -51.70 -56.70
N PHE A 435 24.76 -51.51 -56.00
CA PHE A 435 25.14 -50.20 -55.50
C PHE A 435 26.64 -50.09 -55.46
N THR A 436 27.19 -49.29 -56.38
CA THR A 436 28.62 -49.05 -56.48
C THR A 436 28.89 -47.60 -56.08
N ILE A 437 29.95 -47.40 -55.28
CA ILE A 437 30.34 -46.08 -54.81
C ILE A 437 31.70 -45.73 -55.41
N HIS A 438 31.85 -44.48 -55.83
CA HIS A 438 33.16 -44.01 -56.25
C HIS A 438 33.28 -42.52 -55.99
N PRO A 439 34.03 -42.13 -54.96
CA PRO A 439 34.01 -40.74 -54.51
C PRO A 439 34.67 -39.80 -55.49
N ASN A 440 34.61 -38.51 -55.14
CA ASN A 440 35.19 -37.42 -55.91
C ASN A 440 34.62 -37.42 -57.34
N ALA A 441 33.32 -37.18 -57.41
CA ALA A 441 32.65 -37.11 -58.69
C ALA A 441 31.34 -36.36 -58.54
N GLU A 442 30.97 -35.65 -59.59
CA GLU A 442 29.67 -35.06 -59.79
C GLU A 442 29.30 -34.11 -58.64
N PRO A 443 29.97 -32.96 -58.55
CA PRO A 443 29.68 -32.02 -57.45
C PRO A 443 28.55 -31.05 -57.75
N GLY A 444 28.17 -30.88 -59.02
CA GLY A 444 27.36 -29.76 -59.42
C GLY A 444 25.88 -29.84 -59.16
N ILE A 445 25.25 -30.97 -59.48
CA ILE A 445 23.80 -31.00 -59.45
C ILE A 445 23.26 -30.99 -58.03
N TRP A 446 24.02 -31.48 -57.06
CA TRP A 446 23.57 -31.39 -55.68
C TRP A 446 23.76 -29.99 -55.13
N LEU A 447 24.87 -29.37 -55.47
CA LEU A 447 25.08 -27.99 -55.06
C LEU A 447 24.11 -27.03 -55.72
N LEU A 448 23.59 -27.36 -56.90
CA LEU A 448 22.56 -26.51 -57.49
C LEU A 448 21.26 -26.57 -56.71
N ARG A 449 20.81 -27.78 -56.36
CA ARG A 449 19.64 -27.90 -55.50
C ARG A 449 19.88 -27.23 -54.17
N LEU A 450 21.12 -27.28 -53.67
CA LEU A 450 21.43 -26.59 -52.43
C LEU A 450 21.33 -25.08 -52.61
N ASN A 451 21.81 -24.56 -53.75
CA ASN A 451 21.65 -23.15 -54.06
C ASN A 451 20.18 -22.76 -53.99
N LYS A 452 19.33 -23.56 -54.62
CA LYS A 452 17.91 -23.27 -54.60
C LYS A 452 17.36 -23.27 -53.18
N THR A 453 17.66 -24.31 -52.41
CA THR A 453 17.04 -24.42 -51.10
C THR A 453 17.59 -23.39 -50.12
N LEU A 454 18.85 -22.97 -50.30
CA LEU A 454 19.40 -21.95 -49.41
C LEU A 454 18.86 -20.59 -49.75
N ARG A 455 18.78 -20.23 -51.03
CA ARG A 455 18.09 -19.01 -51.42
C ARG A 455 16.68 -18.99 -50.84
N LEU A 456 15.97 -20.11 -50.95
CA LEU A 456 14.59 -20.17 -50.48
C LEU A 456 14.50 -20.02 -48.97
N ALA A 457 15.38 -20.68 -48.22
CA ALA A 457 15.34 -20.55 -46.77
C ALA A 457 15.64 -19.12 -46.34
N LYS A 458 16.69 -18.54 -46.89
CA LYS A 458 17.04 -17.16 -46.57
C LYS A 458 15.90 -16.21 -46.88
N VAL A 459 15.18 -16.45 -47.97
CA VAL A 459 14.14 -15.50 -48.38
C VAL A 459 12.86 -15.70 -47.59
N SER A 460 12.43 -16.96 -47.43
CA SER A 460 11.21 -17.23 -46.71
C SER A 460 11.37 -17.22 -45.21
N GLY A 461 12.57 -16.97 -44.70
CA GLY A 461 12.76 -16.78 -43.28
C GLY A 461 12.80 -18.03 -42.45
N MET A 462 12.38 -19.17 -42.99
CA MET A 462 12.47 -20.41 -42.26
C MET A 462 13.89 -20.99 -42.37
N THR A 463 14.23 -21.84 -41.40
CA THR A 463 15.57 -22.40 -41.34
C THR A 463 15.81 -23.33 -42.52
N PRO A 464 17.08 -23.51 -42.94
CA PRO A 464 17.35 -24.37 -44.10
C PRO A 464 16.94 -25.81 -43.90
N HIS A 465 16.94 -26.31 -42.67
CA HIS A 465 16.46 -27.67 -42.44
C HIS A 465 14.94 -27.74 -42.57
N GLU A 466 14.26 -26.72 -42.05
CA GLU A 466 12.82 -26.62 -42.24
C GLU A 466 12.43 -26.49 -43.70
N THR A 467 13.15 -25.68 -44.49
CA THR A 467 12.77 -25.45 -45.87
C THR A 467 13.00 -26.69 -46.72
N GLN A 468 13.91 -27.56 -46.30
CA GLN A 468 14.12 -28.79 -47.05
C GLN A 468 13.15 -29.87 -46.62
N HIS A 469 12.92 -30.00 -45.31
CA HIS A 469 11.90 -30.94 -44.83
C HIS A 469 10.52 -30.58 -45.32
N ALA A 470 10.26 -29.29 -45.59
CA ALA A 470 8.97 -28.83 -46.08
C ALA A 470 8.96 -28.73 -47.60
N LEU A 471 9.98 -29.27 -48.25
CA LEU A 471 9.98 -29.39 -49.70
C LEU A 471 9.58 -30.80 -50.07
N ILE A 472 8.57 -30.91 -50.94
CA ILE A 472 7.97 -32.18 -51.33
C ILE A 472 8.54 -32.58 -52.67
N HIS A 473 9.18 -33.75 -52.73
CA HIS A 473 9.92 -34.19 -53.90
C HIS A 473 9.35 -35.51 -54.41
N VAL A 474 9.05 -35.56 -55.70
CA VAL A 474 8.62 -36.79 -56.35
C VAL A 474 9.53 -37.04 -57.56
N ARG A 475 9.61 -38.31 -57.96
CA ARG A 475 10.46 -38.68 -59.09
C ARG A 475 10.10 -37.92 -60.36
N ASN A 476 8.84 -37.54 -60.51
CA ASN A 476 8.40 -36.73 -61.65
C ASN A 476 8.09 -35.30 -61.23
N ASP A 477 8.32 -34.95 -59.97
CA ASP A 477 7.99 -33.62 -59.49
C ASP A 477 8.88 -32.58 -60.17
N SER A 478 8.29 -31.74 -61.00
CA SER A 478 9.02 -30.65 -61.61
C SER A 478 9.37 -29.61 -60.55
N SER A 479 10.42 -28.84 -60.82
CA SER A 479 10.80 -27.78 -59.90
C SER A 479 9.73 -26.71 -59.79
N GLU A 480 9.00 -26.43 -60.87
CA GLU A 480 7.94 -25.45 -60.80
C GLU A 480 6.85 -25.90 -59.84
N TYR A 481 6.43 -27.15 -59.95
CA TYR A 481 5.41 -27.66 -59.03
C TYR A 481 5.96 -27.77 -57.61
N GLU A 482 7.25 -28.05 -57.48
CA GLU A 482 7.85 -28.10 -56.15
C GLU A 482 7.80 -26.74 -55.48
N LEU A 483 8.24 -25.70 -56.18
CA LEU A 483 8.16 -24.36 -55.61
C LEU A 483 6.72 -23.95 -55.40
N ARG A 484 5.82 -24.37 -56.28
CA ARG A 484 4.41 -24.05 -56.10
C ARG A 484 3.89 -24.65 -54.81
N ARG A 485 4.27 -25.90 -54.53
CA ARG A 485 3.87 -26.53 -53.28
C ARG A 485 4.45 -25.79 -52.08
N PHE A 486 5.70 -25.34 -52.19
CA PHE A 486 6.29 -24.61 -51.08
C PHE A 486 5.57 -23.29 -50.83
N THR A 487 5.32 -22.53 -51.88
CA THR A 487 4.64 -21.25 -51.74
C THR A 487 3.20 -21.42 -51.29
N GLU A 488 2.52 -22.45 -51.78
CA GLU A 488 1.19 -22.76 -51.27
C GLU A 488 1.24 -23.05 -49.79
N THR A 489 2.25 -23.80 -49.35
CA THR A 489 2.39 -24.08 -47.93
C THR A 489 2.56 -22.80 -47.13
N LEU A 490 3.40 -21.89 -47.61
CA LEU A 490 3.59 -20.62 -46.93
C LEU A 490 2.29 -19.82 -46.88
N LEU A 491 1.50 -19.88 -47.96
CA LEU A 491 0.25 -19.14 -47.99
C LEU A 491 -0.76 -19.72 -47.02
N TYR A 492 -0.95 -21.04 -47.05
CA TYR A 492 -1.88 -21.69 -46.14
C TYR A 492 -1.39 -21.62 -44.70
N ARG A 493 -0.13 -21.28 -44.49
CA ARG A 493 0.33 -20.98 -43.14
C ARG A 493 0.04 -19.54 -42.76
N LYS A 494 0.12 -18.62 -43.72
CA LYS A 494 -0.27 -17.24 -43.46
C LYS A 494 -1.74 -17.17 -43.09
N ARG A 495 -2.62 -17.48 -44.03
CA ARG A 495 -4.01 -17.58 -43.63
C ARG A 495 -4.22 -18.91 -42.92
N TYR A 496 -5.26 -18.95 -42.08
CA TYR A 496 -5.58 -20.04 -41.16
C TYR A 496 -4.62 -20.10 -39.98
N GLY A 497 -3.51 -19.37 -40.05
CA GLY A 497 -2.51 -19.37 -39.00
C GLY A 497 -2.20 -20.73 -38.42
N ILE A 498 -1.65 -21.66 -39.20
CA ILE A 498 -1.47 -23.02 -38.76
C ILE A 498 0.01 -23.34 -38.69
N ASP A 499 0.31 -24.58 -38.30
CA ASP A 499 1.68 -25.06 -38.25
C ASP A 499 2.19 -25.34 -39.66
N THR A 500 3.50 -25.45 -39.80
CA THR A 500 4.06 -25.85 -41.07
C THR A 500 3.65 -27.28 -41.41
N GLU A 501 3.51 -28.15 -40.41
CA GLU A 501 3.07 -29.51 -40.69
C GLU A 501 1.62 -29.54 -41.12
N THR A 502 0.74 -28.77 -40.48
CA THR A 502 -0.64 -28.73 -40.91
C THR A 502 -0.76 -28.12 -42.30
N ALA A 503 0.00 -27.08 -42.58
CA ALA A 503 0.00 -26.51 -43.91
C ALA A 503 0.49 -27.52 -44.94
N LEU A 504 1.50 -28.30 -44.60
CA LEU A 504 1.98 -29.32 -45.52
C LEU A 504 0.90 -30.36 -45.78
N MET A 505 0.23 -30.82 -44.73
CA MET A 505 -0.85 -31.78 -44.93
C MET A 505 -1.96 -31.18 -45.79
N LEU A 506 -2.22 -29.87 -45.64
CA LEU A 506 -3.13 -29.18 -46.54
C LEU A 506 -2.60 -29.10 -47.96
N CYS A 507 -1.28 -29.16 -48.14
CA CYS A 507 -0.67 -29.11 -49.47
C CYS A 507 -0.53 -30.49 -50.09
N ASN A 508 -1.39 -31.43 -49.74
CA ASN A 508 -1.35 -32.78 -50.28
C ASN A 508 -0.01 -33.42 -49.97
N ALA A 509 0.24 -33.64 -48.69
CA ALA A 509 1.41 -34.38 -48.22
C ALA A 509 0.95 -35.61 -47.45
N GLY A 510 1.66 -36.71 -47.65
CA GLY A 510 1.30 -37.95 -46.99
C GLY A 510 1.60 -37.91 -45.51
N ILE A 511 1.08 -38.91 -44.80
CA ILE A 511 1.40 -39.08 -43.38
C ILE A 511 2.79 -39.70 -43.27
N SER A 512 3.64 -39.09 -42.45
CA SER A 512 5.01 -39.54 -42.30
C SER A 512 5.11 -40.51 -41.13
N ARG A 513 5.44 -41.76 -41.43
CA ARG A 513 5.63 -42.75 -40.39
C ARG A 513 6.89 -42.52 -39.58
N ILE A 514 7.88 -41.85 -40.13
CA ILE A 514 9.19 -41.73 -39.51
C ILE A 514 9.18 -40.62 -38.47
N SER A 515 9.79 -40.90 -37.32
CA SER A 515 9.87 -39.91 -36.25
C SER A 515 10.78 -38.77 -36.67
N TYR A 516 10.22 -37.57 -36.71
CA TYR A 516 10.92 -36.38 -37.19
C TYR A 516 11.40 -35.57 -36.00
N ASP A 517 12.64 -35.09 -36.08
CA ASP A 517 13.17 -34.10 -35.13
C ASP A 517 13.20 -34.63 -33.71
N GLY A 518 13.51 -35.91 -33.53
CA GLY A 518 13.53 -36.51 -32.22
C GLY A 518 12.19 -36.41 -31.51
N GLN A 519 11.11 -36.36 -32.26
CA GLN A 519 9.77 -36.25 -31.68
C GLN A 519 8.90 -37.40 -32.13
N LEU A 520 7.62 -37.37 -31.78
CA LEU A 520 6.70 -38.40 -32.20
C LEU A 520 6.34 -38.19 -33.67
N SER A 521 6.34 -39.27 -34.44
CA SER A 521 5.97 -39.15 -35.85
C SER A 521 4.52 -38.70 -35.98
N HIS A 522 4.17 -38.22 -37.16
CA HIS A 522 2.78 -37.82 -37.38
C HIS A 522 1.85 -39.01 -37.25
N PHE A 523 2.20 -40.13 -37.88
CA PHE A 523 1.40 -41.34 -37.79
C PHE A 523 1.17 -41.74 -36.35
N ASP A 524 2.21 -41.64 -35.52
CA ASP A 524 2.08 -42.12 -34.15
C ASP A 524 1.35 -41.14 -33.25
N ARG A 525 1.70 -39.86 -33.33
CA ARG A 525 0.94 -38.86 -32.56
C ARG A 525 -0.48 -38.72 -33.06
N LEU A 526 -0.80 -39.34 -34.20
CA LEU A 526 -2.13 -39.37 -34.76
C LEU A 526 -2.93 -40.57 -34.27
N PHE A 527 -2.37 -41.77 -34.38
CA PHE A 527 -3.10 -42.99 -34.09
C PHE A 527 -2.70 -43.66 -32.78
N ASN A 528 -1.41 -43.68 -32.46
CA ASN A 528 -0.89 -44.47 -31.35
C ASN A 528 -0.39 -43.61 -30.20
N ASN A 529 -1.10 -42.54 -29.86
CA ASN A 529 -0.69 -41.63 -28.79
C ASN A 529 -1.87 -41.34 -27.87
N PRO A 530 -2.12 -42.20 -26.87
CA PRO A 530 -1.53 -43.52 -26.67
C PRO A 530 -2.30 -44.57 -27.44
N PRO A 531 -1.67 -45.67 -27.80
CA PRO A 531 -2.35 -46.67 -28.64
C PRO A 531 -3.62 -47.15 -27.97
N LEU A 532 -4.71 -47.09 -28.70
CA LEU A 532 -6.02 -47.42 -28.14
C LEU A 532 -5.99 -48.85 -27.62
N ASN A 533 -6.23 -49.01 -26.32
CA ASN A 533 -6.25 -50.32 -25.69
C ASN A 533 -4.87 -50.98 -25.76
N GLY A 534 -3.83 -50.17 -25.89
CA GLY A 534 -2.49 -50.70 -26.04
C GLY A 534 -2.24 -51.45 -27.33
N VAL A 535 -3.18 -51.42 -28.26
CA VAL A 535 -3.05 -52.10 -29.54
C VAL A 535 -2.48 -51.10 -30.53
N THR A 536 -1.20 -51.25 -30.85
CA THR A 536 -0.55 -50.34 -31.79
C THR A 536 -1.19 -50.51 -33.17
N TYR A 537 -1.83 -49.44 -33.64
CA TYR A 537 -2.53 -49.46 -34.92
C TYR A 537 -1.52 -49.62 -36.03
N THR A 538 -1.40 -50.82 -36.58
CA THR A 538 -0.59 -51.03 -37.76
C THR A 538 -1.44 -50.84 -39.02
N LEU A 539 -0.77 -50.77 -40.16
CA LEU A 539 -1.46 -50.69 -41.44
C LEU A 539 -1.67 -52.10 -41.98
N GLY A 540 -2.47 -52.86 -41.24
CA GLY A 540 -2.64 -54.27 -41.56
C GLY A 540 -3.24 -54.50 -42.94
N GLY A 541 -4.28 -53.76 -43.28
CA GLY A 541 -4.84 -53.85 -44.61
C GLY A 541 -6.06 -54.75 -44.64
N ASP A 542 -6.91 -54.48 -45.64
CA ASP A 542 -8.03 -55.32 -46.03
C ASP A 542 -9.20 -55.30 -45.05
N ASP A 543 -9.06 -54.59 -43.93
CA ASP A 543 -10.11 -54.63 -42.90
C ASP A 543 -10.31 -53.29 -42.21
N ILE A 544 -11.13 -52.43 -42.82
CA ILE A 544 -11.73 -51.28 -42.15
C ILE A 544 -13.12 -51.09 -42.75
N LEU A 545 -14.12 -50.90 -41.90
CA LEU A 545 -15.49 -50.73 -42.35
C LEU A 545 -15.97 -49.36 -41.87
N MET A 546 -16.67 -48.63 -42.73
CA MET A 546 -17.02 -47.25 -42.44
C MET A 546 -18.50 -47.03 -42.16
N GLU A 547 -19.38 -47.88 -42.66
CA GLU A 547 -20.80 -47.76 -42.30
C GLU A 547 -20.95 -47.94 -40.79
N PRO A 548 -21.68 -47.05 -40.11
CA PRO A 548 -21.67 -47.09 -38.64
C PRO A 548 -22.07 -48.42 -38.04
N ASP A 549 -23.11 -49.06 -38.59
CA ASP A 549 -23.63 -50.30 -38.01
C ASP A 549 -22.71 -51.48 -38.33
N ALA A 550 -21.46 -51.34 -37.91
CA ALA A 550 -20.48 -52.41 -38.06
C ALA A 550 -19.43 -52.28 -36.97
N GLY A 551 -18.87 -53.42 -36.57
CA GLY A 551 -17.90 -53.46 -35.50
C GLY A 551 -16.50 -53.81 -35.94
N ASP A 552 -15.54 -52.93 -35.62
CA ASP A 552 -14.16 -53.09 -36.05
C ASP A 552 -13.26 -52.23 -35.15
N PRO A 553 -12.32 -52.84 -34.42
CA PRO A 553 -11.54 -52.07 -33.43
C PRO A 553 -10.66 -51.02 -34.06
N ARG A 554 -10.43 -51.07 -35.37
CA ARG A 554 -9.64 -50.05 -36.04
C ARG A 554 -10.42 -48.76 -36.25
N ARG A 555 -11.69 -48.85 -36.63
CA ARG A 555 -12.49 -47.66 -36.82
C ARG A 555 -12.45 -46.76 -35.59
N GLU A 556 -12.25 -47.33 -34.42
CA GLU A 556 -12.22 -46.55 -33.18
C GLU A 556 -10.97 -45.68 -33.09
N VAL A 557 -9.83 -46.21 -33.54
CA VAL A 557 -8.62 -45.41 -33.61
C VAL A 557 -8.78 -44.29 -34.62
N LEU A 558 -9.41 -44.57 -35.76
CA LEU A 558 -9.65 -43.52 -36.75
C LEU A 558 -10.58 -42.44 -36.20
N LYS A 559 -11.62 -42.85 -35.48
CA LYS A 559 -12.50 -41.88 -34.86
C LYS A 559 -11.77 -41.01 -33.87
N ARG A 560 -10.88 -41.58 -33.06
CA ARG A 560 -10.14 -40.75 -32.13
C ARG A 560 -9.16 -39.83 -32.85
N ALA A 561 -8.52 -40.33 -33.91
CA ALA A 561 -7.52 -39.54 -34.61
C ALA A 561 -8.15 -38.36 -35.32
N PHE A 562 -9.18 -38.61 -36.13
CA PHE A 562 -9.77 -37.57 -36.96
C PHE A 562 -10.74 -36.70 -36.18
N ARG A 563 -10.90 -36.93 -34.89
CA ARG A 563 -11.78 -36.13 -34.05
C ARG A 563 -13.19 -36.08 -34.62
N VAL A 564 -13.58 -37.15 -35.30
CA VAL A 564 -14.91 -37.27 -35.85
C VAL A 564 -15.63 -38.40 -35.13
N ASP A 565 -16.94 -38.28 -35.05
CA ASP A 565 -17.77 -39.27 -34.40
C ASP A 565 -18.12 -40.38 -35.39
N ASN A 566 -19.03 -41.27 -35.01
CA ASN A 566 -19.28 -42.43 -35.84
C ASN A 566 -19.89 -42.06 -37.18
N THR A 567 -20.89 -41.18 -37.19
CA THR A 567 -21.41 -40.71 -38.47
C THR A 567 -20.41 -39.79 -39.17
N GLY A 568 -19.60 -39.08 -38.39
CA GLY A 568 -18.61 -38.20 -38.99
C GLY A 568 -17.57 -38.97 -39.78
N LEU A 569 -17.24 -40.18 -39.37
CA LEU A 569 -16.26 -40.96 -40.12
C LEU A 569 -16.83 -41.37 -41.47
N TRP A 570 -18.06 -41.86 -41.49
CA TRP A 570 -18.69 -42.18 -42.76
C TRP A 570 -18.82 -40.94 -43.63
N GLN A 571 -19.05 -39.79 -43.02
CA GLN A 571 -19.19 -38.57 -43.80
C GLN A 571 -17.85 -38.13 -44.39
N LEU A 572 -16.76 -38.30 -43.64
CA LEU A 572 -15.43 -38.15 -44.20
C LEU A 572 -15.23 -39.05 -45.41
N LEU A 573 -15.63 -40.31 -45.28
CA LEU A 573 -15.49 -41.21 -46.41
C LEU A 573 -16.29 -40.74 -47.61
N VAL A 574 -17.49 -40.22 -47.39
CA VAL A 574 -18.31 -39.75 -48.50
C VAL A 574 -17.68 -38.53 -49.15
N ILE A 575 -17.23 -37.58 -48.34
CA ILE A 575 -16.58 -36.39 -48.89
C ILE A 575 -15.35 -36.79 -49.68
N THR A 576 -14.64 -37.83 -49.25
CA THR A 576 -13.41 -38.22 -49.93
C THR A 576 -13.67 -38.52 -51.40
N ASN A 577 -14.78 -39.19 -51.69
CA ASN A 577 -15.16 -39.43 -53.07
C ASN A 577 -16.67 -39.67 -53.11
N ARG A 578 -17.41 -38.70 -53.62
CA ARG A 578 -18.84 -38.88 -53.78
C ARG A 578 -19.20 -39.72 -55.00
N GLU A 579 -18.22 -40.06 -55.84
CA GLU A 579 -18.46 -40.98 -56.94
C GLU A 579 -18.21 -42.43 -56.55
N ASN A 580 -17.37 -42.67 -55.55
CA ASN A 580 -17.11 -44.00 -55.03
C ASN A 580 -18.10 -44.28 -53.91
N LYS A 581 -18.97 -45.28 -54.10
CA LYS A 581 -19.98 -45.63 -53.12
C LYS A 581 -19.61 -46.89 -52.34
N SER A 582 -18.32 -47.22 -52.29
CA SER A 582 -17.88 -48.37 -51.51
C SER A 582 -18.08 -48.09 -50.03
N LYS A 583 -18.31 -49.15 -49.26
CA LYS A 583 -18.55 -49.00 -47.84
C LYS A 583 -17.26 -49.12 -47.04
N THR A 584 -16.32 -49.93 -47.49
CA THR A 584 -15.09 -50.16 -46.77
C THR A 584 -13.94 -49.38 -47.39
N ILE A 585 -12.85 -49.26 -46.65
CA ILE A 585 -11.64 -48.62 -47.17
C ILE A 585 -10.46 -49.54 -46.99
N GLU A 586 -9.37 -49.24 -47.67
CA GLU A 586 -8.12 -49.93 -47.45
C GLU A 586 -7.38 -49.28 -46.28
N ASN A 587 -6.50 -50.05 -45.66
CA ASN A 587 -5.70 -49.55 -44.56
C ASN A 587 -4.35 -49.04 -45.02
N LYS A 588 -4.23 -48.62 -46.27
CA LYS A 588 -3.01 -48.01 -46.77
C LYS A 588 -2.82 -46.64 -46.11
N THR A 589 -1.72 -45.98 -46.48
CA THR A 589 -1.48 -44.65 -45.94
C THR A 589 -2.09 -43.55 -46.79
N GLU A 590 -2.28 -43.77 -48.09
CA GLU A 590 -2.90 -42.74 -48.91
C GLU A 590 -4.35 -42.52 -48.57
N LYS A 591 -5.08 -43.58 -48.21
CA LYS A 591 -6.47 -43.40 -47.82
C LYS A 591 -6.58 -42.61 -46.52
N LEU A 592 -5.74 -42.93 -45.54
CA LEU A 592 -5.73 -42.15 -44.32
C LEU A 592 -5.24 -40.73 -44.57
N ARG A 593 -4.38 -40.53 -45.56
CA ARG A 593 -3.99 -39.18 -45.95
C ARG A 593 -5.19 -38.40 -46.48
N GLY A 594 -5.99 -39.04 -47.34
CA GLY A 594 -7.18 -38.39 -47.83
C GLY A 594 -8.16 -38.05 -46.74
N LEU A 595 -8.38 -38.98 -45.82
CA LEU A 595 -9.27 -38.71 -44.70
C LEU A 595 -8.75 -37.59 -43.81
N LEU A 596 -7.45 -37.57 -43.55
CA LEU A 596 -6.88 -36.51 -42.72
C LEU A 596 -6.98 -35.17 -43.41
N PHE A 597 -6.71 -35.12 -44.71
CA PHE A 597 -6.84 -33.87 -45.45
C PHE A 597 -8.28 -33.38 -45.41
N VAL A 598 -9.24 -34.27 -45.61
CA VAL A 598 -10.64 -33.87 -45.62
C VAL A 598 -11.06 -33.37 -44.25
N ARG A 599 -10.57 -33.99 -43.17
CA ARG A 599 -10.89 -33.51 -41.83
C ARG A 599 -10.23 -32.16 -41.56
N LEU A 600 -9.00 -31.97 -42.03
CA LEU A 600 -8.34 -30.68 -41.89
C LEU A 600 -9.07 -29.59 -42.66
N LEU A 601 -9.69 -29.94 -43.77
CA LEU A 601 -10.46 -28.94 -44.52
C LEU A 601 -11.51 -28.29 -43.62
N ALA A 602 -12.15 -29.08 -42.78
CA ALA A 602 -13.12 -28.54 -41.83
C ALA A 602 -12.45 -27.90 -40.63
N ASP A 603 -11.35 -28.48 -40.16
CA ASP A 603 -10.71 -27.96 -38.96
C ASP A 603 -10.08 -26.60 -39.21
N VAL A 604 -9.66 -26.33 -40.43
CA VAL A 604 -8.88 -25.13 -40.70
C VAL A 604 -9.78 -23.95 -41.03
N HIS A 605 -11.01 -24.22 -41.46
CA HIS A 605 -11.97 -23.19 -41.80
C HIS A 605 -12.99 -22.95 -40.70
N ASN A 606 -12.77 -23.49 -39.51
CA ASN A 606 -13.72 -23.41 -38.40
C ASN A 606 -15.08 -23.95 -38.83
N LEU A 607 -15.05 -25.12 -39.44
CA LEU A 607 -16.25 -25.81 -39.89
C LEU A 607 -16.32 -27.18 -39.24
N THR A 608 -17.53 -27.69 -39.14
CA THR A 608 -17.73 -29.10 -38.81
C THR A 608 -17.63 -29.92 -40.08
N VAL A 609 -17.55 -31.24 -39.94
CA VAL A 609 -17.57 -32.08 -41.13
C VAL A 609 -18.93 -32.08 -41.78
N ALA A 610 -20.00 -32.03 -41.00
CA ALA A 610 -21.32 -31.85 -41.58
C ALA A 610 -21.36 -30.56 -42.40
N GLN A 611 -20.81 -29.48 -41.87
CA GLN A 611 -20.84 -28.21 -42.59
C GLN A 611 -19.97 -28.25 -43.82
N LEU A 612 -18.84 -28.93 -43.77
CA LEU A 612 -18.01 -29.08 -44.97
C LEU A 612 -18.72 -29.89 -46.03
N ASP A 613 -19.37 -30.98 -45.64
CA ASP A 613 -20.13 -31.77 -46.61
C ASP A 613 -21.25 -30.94 -47.21
N ALA A 614 -21.97 -30.18 -46.38
CA ALA A 614 -23.05 -29.37 -46.89
C ALA A 614 -22.54 -28.25 -47.79
N LEU A 615 -21.32 -27.76 -47.52
CA LEU A 615 -20.75 -26.65 -48.26
C LEU A 615 -20.10 -27.06 -49.55
N LEU A 616 -19.69 -28.32 -49.68
CA LEU A 616 -19.10 -28.80 -50.92
C LEU A 616 -20.15 -29.18 -51.95
N GLN A 617 -21.41 -29.31 -51.55
CA GLN A 617 -22.46 -29.60 -52.52
C GLN A 617 -22.86 -28.37 -53.31
N ILE A 618 -22.96 -27.21 -52.66
CA ILE A 618 -23.22 -25.97 -53.38
C ILE A 618 -22.03 -25.56 -54.21
N SER A 619 -20.89 -26.21 -54.02
CA SER A 619 -19.67 -25.87 -54.71
C SER A 619 -19.61 -26.53 -56.07
N PRO A 620 -18.70 -26.09 -56.95
CA PRO A 620 -18.39 -26.87 -58.14
C PRO A 620 -17.66 -28.17 -57.83
N TYR A 621 -17.23 -28.37 -56.58
CA TYR A 621 -16.50 -29.58 -56.20
C TYR A 621 -17.41 -30.63 -55.59
N ASN A 622 -18.49 -30.96 -56.28
CA ASN A 622 -19.30 -32.10 -55.88
C ASN A 622 -18.57 -33.41 -56.20
N SER A 623 -18.36 -33.66 -57.48
CA SER A 623 -17.66 -34.86 -57.94
C SER A 623 -16.17 -34.58 -57.81
N MET A 624 -15.63 -34.76 -56.61
CA MET A 624 -14.22 -34.56 -56.38
C MET A 624 -13.61 -35.86 -55.89
N ASN A 625 -12.36 -36.08 -56.28
CA ASN A 625 -11.61 -37.25 -55.85
C ASN A 625 -10.31 -36.78 -55.25
N VAL A 626 -10.17 -36.91 -53.94
CA VAL A 626 -8.96 -36.47 -53.28
C VAL A 626 -7.74 -37.25 -53.74
N TYR A 627 -7.92 -38.48 -54.17
CA TYR A 627 -6.81 -39.28 -54.68
C TYR A 627 -6.51 -39.01 -56.14
N ALA A 628 -7.33 -38.20 -56.81
CA ALA A 628 -7.01 -37.62 -58.10
C ALA A 628 -7.10 -36.11 -58.07
N LEU A 629 -6.85 -35.51 -56.91
CA LEU A 629 -6.97 -34.06 -56.71
C LEU A 629 -5.61 -33.44 -57.01
N ASP A 630 -5.46 -32.93 -58.23
CA ASP A 630 -4.19 -32.31 -58.63
C ASP A 630 -4.01 -30.98 -57.91
N GLY A 631 -2.81 -30.42 -58.01
CA GLY A 631 -2.49 -29.23 -57.25
C GLY A 631 -3.30 -28.02 -57.63
N LYS A 632 -3.88 -28.01 -58.83
CA LYS A 632 -4.62 -26.84 -59.28
C LYS A 632 -6.03 -26.81 -58.70
N THR A 633 -6.79 -27.88 -58.86
CA THR A 633 -8.13 -27.90 -58.28
C THR A 633 -8.10 -27.93 -56.76
N ARG A 634 -7.05 -28.46 -56.15
CA ARG A 634 -6.97 -28.44 -54.70
C ARG A 634 -6.87 -27.01 -54.19
N GLN A 635 -5.99 -26.21 -54.78
CA GLN A 635 -5.87 -24.83 -54.34
C GLN A 635 -7.11 -24.03 -54.71
N LYS A 636 -7.75 -24.37 -55.84
CA LYS A 636 -8.98 -23.69 -56.18
C LYS A 636 -10.08 -23.99 -55.18
N MET A 637 -10.17 -25.24 -54.73
CA MET A 637 -11.15 -25.61 -53.72
C MET A 637 -10.87 -24.94 -52.39
N LEU A 638 -9.60 -24.87 -52.01
CA LEU A 638 -9.26 -24.21 -50.76
C LEU A 638 -9.59 -22.73 -50.83
N SER A 639 -9.32 -22.09 -51.96
CA SER A 639 -9.68 -20.69 -52.13
C SER A 639 -11.19 -20.52 -52.08
N PHE A 640 -11.92 -21.43 -52.70
CA PHE A 640 -13.38 -21.36 -52.65
C PHE A 640 -13.87 -21.44 -51.20
N LEU A 641 -13.35 -22.41 -50.45
CA LEU A 641 -13.78 -22.58 -49.08
C LEU A 641 -13.45 -21.36 -48.23
N SER A 642 -12.23 -20.84 -48.36
CA SER A 642 -11.86 -19.66 -47.59
C SER A 642 -12.74 -18.48 -47.97
N ARG A 643 -12.97 -18.28 -49.27
CA ARG A 643 -13.78 -17.16 -49.72
C ARG A 643 -15.20 -17.26 -49.18
N ILE A 644 -15.83 -18.42 -49.31
CA ILE A 644 -17.20 -18.53 -48.86
C ILE A 644 -17.28 -18.46 -47.35
N THR A 645 -16.26 -18.94 -46.64
CA THR A 645 -16.36 -18.91 -45.19
C THR A 645 -16.16 -17.51 -44.65
N GLN A 646 -15.22 -16.75 -45.21
CA GLN A 646 -15.10 -15.36 -44.80
C GLN A 646 -16.32 -14.55 -45.24
N TRP A 647 -16.92 -14.90 -46.37
CA TRP A 647 -18.14 -14.21 -46.78
C TRP A 647 -19.29 -14.51 -45.83
N LEU A 648 -19.44 -15.77 -45.42
CA LEU A 648 -20.47 -16.11 -44.44
C LEU A 648 -20.22 -15.42 -43.11
N ASN A 649 -18.95 -15.24 -42.74
CA ASN A 649 -18.67 -14.55 -41.49
C ASN A 649 -18.95 -13.06 -41.60
N THR A 650 -18.76 -12.49 -42.79
CA THR A 650 -19.08 -11.09 -42.98
C THR A 650 -20.58 -10.86 -42.98
N GLN A 651 -21.32 -11.66 -43.75
CA GLN A 651 -22.76 -11.50 -43.86
C GLN A 651 -23.51 -11.99 -42.64
N ASN A 652 -22.80 -12.51 -41.63
CA ASN A 652 -23.40 -12.96 -40.39
C ASN A 652 -24.49 -14.00 -40.61
N ILE A 653 -24.35 -14.83 -41.64
CA ILE A 653 -25.23 -15.97 -41.84
C ILE A 653 -24.41 -17.24 -41.73
N THR A 654 -25.04 -18.29 -41.22
CA THR A 654 -24.32 -19.52 -40.97
C THR A 654 -24.58 -20.54 -42.08
N VAL A 655 -23.84 -21.64 -42.02
CA VAL A 655 -23.89 -22.63 -43.09
C VAL A 655 -25.28 -23.24 -43.21
N GLU A 656 -25.99 -23.35 -42.09
CA GLU A 656 -27.33 -23.91 -42.14
C GLU A 656 -28.28 -22.98 -42.90
N GLN A 657 -28.21 -21.69 -42.65
CA GLN A 657 -29.04 -20.76 -43.40
C GLN A 657 -28.64 -20.74 -44.86
N LEU A 658 -27.35 -20.86 -45.15
CA LEU A 658 -26.93 -20.92 -46.55
C LEU A 658 -27.50 -22.15 -47.24
N MET A 659 -27.53 -23.27 -46.54
CA MET A 659 -28.09 -24.49 -47.11
C MET A 659 -29.59 -24.35 -47.29
N LEU A 660 -30.25 -23.61 -46.40
CA LEU A 660 -31.66 -23.33 -46.61
C LEU A 660 -31.88 -22.47 -47.85
N LEU A 661 -30.99 -21.51 -48.09
CA LEU A 661 -31.13 -20.66 -49.27
C LEU A 661 -30.80 -21.41 -50.55
N LEU A 662 -29.92 -22.40 -50.48
CA LEU A 662 -29.44 -23.10 -51.66
C LEU A 662 -30.15 -24.42 -51.91
N ASP A 663 -31.00 -24.85 -50.98
CA ASP A 663 -31.53 -26.20 -51.06
C ASP A 663 -32.58 -26.29 -52.17
N LYS A 664 -32.68 -27.47 -52.79
CA LYS A 664 -33.72 -27.70 -53.76
C LYS A 664 -35.04 -27.97 -53.07
N ILE A 665 -36.10 -28.09 -53.86
CA ILE A 665 -37.44 -28.21 -53.31
C ILE A 665 -37.73 -29.65 -52.90
N SER A 666 -37.75 -30.56 -53.88
CA SER A 666 -38.12 -31.96 -53.67
C SER A 666 -39.47 -32.02 -52.97
N PRO A 667 -40.56 -31.78 -53.69
CA PRO A 667 -41.84 -31.44 -53.03
C PRO A 667 -42.40 -32.59 -52.21
N ALA A 668 -43.43 -32.25 -51.44
CA ALA A 668 -44.07 -33.18 -50.51
C ALA A 668 -45.54 -32.77 -50.40
N ALA A 669 -46.21 -33.24 -49.35
CA ALA A 669 -47.59 -32.86 -49.11
C ALA A 669 -47.65 -31.43 -48.59
N PRO A 670 -48.63 -30.63 -49.02
CA PRO A 670 -48.79 -29.27 -48.47
C PRO A 670 -49.21 -29.32 -47.02
N THR A 671 -49.16 -28.15 -46.38
CA THR A 671 -49.35 -28.05 -44.94
C THR A 671 -50.75 -27.55 -44.61
N LYS A 672 -51.03 -27.42 -43.31
CA LYS A 672 -52.33 -26.90 -42.87
C LYS A 672 -52.42 -25.38 -43.07
N GLU A 673 -51.38 -24.65 -42.69
CA GLU A 673 -51.28 -23.25 -43.08
C GLU A 673 -51.38 -23.12 -44.60
N MET A 674 -50.85 -24.10 -45.33
CA MET A 674 -50.99 -24.07 -46.78
C MET A 674 -52.44 -24.21 -47.19
N GLN A 675 -53.18 -25.11 -46.54
CA GLN A 675 -54.60 -25.23 -46.84
C GLN A 675 -55.33 -23.93 -46.55
N VAL A 676 -54.91 -23.23 -45.49
CA VAL A 676 -55.52 -21.94 -45.17
C VAL A 676 -55.26 -20.94 -46.29
N LEU A 677 -54.01 -20.84 -46.72
CA LEU A 677 -53.66 -19.92 -47.80
C LEU A 677 -54.42 -20.26 -49.08
N LEU A 678 -54.43 -21.53 -49.46
CA LEU A 678 -55.21 -21.96 -50.61
C LEU A 678 -56.67 -21.59 -50.47
N ASP A 679 -57.26 -21.73 -49.28
CA ASP A 679 -58.68 -21.40 -49.15
C ASP A 679 -58.90 -19.91 -49.32
N LEU A 680 -58.03 -19.09 -48.73
CA LEU A 680 -58.20 -17.64 -48.84
C LEU A 680 -58.00 -17.16 -50.27
N LEU A 681 -57.19 -17.87 -51.06
CA LEU A 681 -57.05 -17.49 -52.47
C LEU A 681 -58.18 -18.07 -53.32
N ARG A 682 -58.66 -19.26 -52.97
CA ARG A 682 -59.70 -19.89 -53.76
C ARG A 682 -61.00 -19.12 -53.66
N ASN A 683 -61.42 -18.80 -52.44
CA ASN A 683 -62.59 -17.95 -52.29
C ASN A 683 -62.17 -16.51 -52.52
N GLY A 684 -63.04 -15.58 -52.18
CA GLY A 684 -62.72 -14.19 -52.41
C GLY A 684 -62.77 -13.86 -53.90
N GLY A 685 -62.22 -12.69 -54.21
CA GLY A 685 -62.24 -12.21 -55.57
C GLY A 685 -61.30 -13.01 -56.45
N ILE A 686 -61.84 -13.49 -57.58
CA ILE A 686 -61.04 -14.24 -58.53
C ILE A 686 -59.92 -13.37 -59.05
N ASP A 687 -58.69 -13.79 -58.80
CA ASP A 687 -57.53 -13.01 -59.19
C ASP A 687 -57.53 -12.80 -60.70
N LYS A 688 -57.49 -11.54 -61.12
CA LYS A 688 -57.77 -11.20 -62.51
C LYS A 688 -56.71 -11.76 -63.44
N THR A 689 -57.14 -12.18 -64.62
CA THR A 689 -56.28 -12.85 -65.59
C THR A 689 -55.22 -11.93 -66.17
N ASN A 690 -55.52 -10.64 -66.35
CA ASN A 690 -54.56 -9.70 -66.91
C ASN A 690 -53.39 -9.50 -65.97
N THR A 691 -52.20 -9.38 -66.54
CA THR A 691 -50.99 -9.24 -65.74
C THR A 691 -50.98 -7.91 -65.00
N LYS A 692 -50.01 -7.78 -64.08
CA LYS A 692 -49.78 -6.59 -63.27
C LYS A 692 -50.95 -6.35 -62.32
N THR A 693 -51.98 -7.16 -62.46
CA THR A 693 -53.10 -7.20 -61.52
C THR A 693 -53.14 -8.53 -60.79
N LEU A 694 -52.63 -9.59 -61.42
CA LEU A 694 -52.47 -10.86 -60.71
C LEU A 694 -51.58 -10.68 -59.48
N TYR A 695 -50.46 -9.98 -59.64
CA TYR A 695 -49.60 -9.71 -58.51
C TYR A 695 -50.32 -8.90 -57.45
N THR A 696 -50.97 -7.80 -57.85
CA THR A 696 -51.58 -6.91 -56.87
C THR A 696 -52.78 -7.53 -56.18
N THR A 697 -53.42 -8.52 -56.79
CA THR A 697 -54.56 -9.18 -56.17
C THR A 697 -54.13 -10.41 -55.39
N MET A 698 -52.97 -10.99 -55.68
CA MET A 698 -52.51 -12.13 -54.91
C MET A 698 -51.58 -11.75 -53.78
N ALA A 699 -51.01 -10.55 -53.84
CA ALA A 699 -49.90 -10.20 -52.96
C ALA A 699 -50.29 -9.90 -51.53
N PRO A 700 -51.41 -9.24 -51.22
CA PRO A 700 -51.71 -9.00 -49.80
C PRO A 700 -51.78 -10.27 -48.98
N VAL A 701 -52.49 -11.29 -49.45
CA VAL A 701 -52.60 -12.52 -48.68
C VAL A 701 -51.30 -13.32 -48.75
N ILE A 702 -50.57 -13.24 -49.87
CA ILE A 702 -49.26 -13.89 -49.93
C ILE A 702 -48.32 -13.30 -48.89
N THR A 703 -48.27 -11.98 -48.79
CA THR A 703 -47.51 -11.30 -47.76
C THR A 703 -47.98 -11.66 -46.36
N ALA A 704 -49.29 -11.73 -46.14
CA ALA A 704 -49.78 -12.17 -44.84
C ALA A 704 -49.28 -13.57 -44.51
N ALA A 705 -49.19 -14.44 -45.50
CA ALA A 705 -48.69 -15.79 -45.24
C ALA A 705 -47.17 -15.83 -45.11
N MET A 706 -46.45 -14.87 -45.69
CA MET A 706 -45.01 -14.80 -45.56
C MET A 706 -44.56 -13.76 -44.55
N GLN A 707 -45.49 -13.03 -43.95
CA GLN A 707 -45.17 -12.02 -42.94
C GLN A 707 -44.12 -11.04 -43.45
N LEU A 708 -44.21 -10.68 -44.72
CA LEU A 708 -43.39 -9.63 -45.28
C LEU A 708 -43.79 -8.29 -44.66
N ASP A 709 -43.03 -7.25 -44.99
CA ASP A 709 -43.33 -5.92 -44.45
C ASP A 709 -44.49 -5.28 -45.20
N ILE A 710 -44.34 -5.13 -46.51
CA ILE A 710 -45.28 -4.35 -47.31
C ILE A 710 -45.98 -5.26 -48.31
N THR A 711 -47.26 -4.99 -48.52
CA THR A 711 -47.97 -5.62 -49.63
C THR A 711 -47.28 -5.34 -50.96
N GLU A 712 -46.59 -4.21 -51.06
CA GLU A 712 -45.86 -3.92 -52.30
C GLU A 712 -44.61 -4.76 -52.41
N SER A 713 -43.95 -5.04 -51.29
CA SER A 713 -42.86 -6.02 -51.31
C SER A 713 -43.39 -7.39 -51.69
N GLY A 714 -44.60 -7.72 -51.26
CA GLY A 714 -45.22 -8.95 -51.73
C GLY A 714 -45.50 -8.95 -53.21
N GLU A 715 -45.98 -7.83 -53.75
CA GLU A 715 -46.18 -7.71 -55.18
C GLU A 715 -44.89 -7.93 -55.93
N ALA A 716 -43.78 -7.43 -55.39
CA ALA A 716 -42.51 -7.55 -56.08
C ALA A 716 -41.87 -8.92 -55.90
N LEU A 717 -42.14 -9.61 -54.81
CA LEU A 717 -41.56 -10.93 -54.61
C LEU A 717 -42.11 -11.92 -55.61
N LEU A 718 -43.41 -11.86 -55.88
CA LEU A 718 -43.98 -12.73 -56.89
C LEU A 718 -43.38 -12.46 -58.26
N ARG A 719 -43.17 -11.19 -58.58
CA ARG A 719 -42.54 -10.85 -59.85
C ARG A 719 -41.12 -11.41 -59.92
N TRP A 720 -40.37 -11.30 -58.83
CA TRP A 720 -39.02 -11.84 -58.79
C TRP A 720 -39.03 -13.35 -58.99
N LEU A 721 -39.82 -14.08 -58.22
CA LEU A 721 -39.85 -15.52 -58.39
C LEU A 721 -40.41 -15.93 -59.74
N ASP A 722 -41.24 -15.09 -60.35
CA ASP A 722 -41.69 -15.35 -61.71
C ASP A 722 -40.55 -15.24 -62.69
N ASN A 723 -39.70 -14.22 -62.53
CA ASN A 723 -38.72 -13.91 -63.55
C ASN A 723 -37.59 -14.94 -63.57
N ASN A 724 -37.30 -15.56 -62.44
CA ASN A 724 -36.25 -16.58 -62.40
C ASN A 724 -36.51 -17.52 -61.23
N HIS A 725 -36.56 -18.80 -61.54
CA HIS A 725 -37.04 -19.81 -60.61
C HIS A 725 -36.46 -21.17 -60.98
N PRO A 726 -36.32 -22.08 -60.03
CA PRO A 726 -35.91 -23.44 -60.38
C PRO A 726 -36.92 -24.09 -61.30
N ALA A 727 -36.41 -24.99 -62.15
CA ALA A 727 -37.24 -25.58 -63.20
C ALA A 727 -38.35 -26.43 -62.58
N GLY A 728 -39.49 -26.42 -63.24
CA GLY A 728 -40.65 -27.17 -62.80
C GLY A 728 -41.52 -26.46 -61.79
N ILE A 729 -41.16 -25.25 -61.39
CA ILE A 729 -41.94 -24.49 -60.43
C ILE A 729 -42.84 -23.52 -61.18
N LEU A 730 -44.04 -23.33 -60.66
CA LEU A 730 -45.11 -22.71 -61.43
C LEU A 730 -44.94 -21.21 -61.54
N THR A 731 -45.10 -20.69 -62.76
CA THR A 731 -45.32 -19.28 -62.95
C THR A 731 -46.55 -18.86 -62.16
N THR A 732 -46.62 -17.58 -61.79
CA THR A 732 -47.77 -17.11 -61.02
C THR A 732 -49.08 -17.29 -61.78
N SER A 733 -49.03 -17.17 -63.11
CA SER A 733 -50.23 -17.45 -63.90
C SER A 733 -50.68 -18.89 -63.72
N GLU A 734 -49.73 -19.83 -63.80
CA GLU A 734 -50.08 -21.23 -63.59
C GLU A 734 -50.54 -21.48 -62.17
N ALA A 735 -49.96 -20.78 -61.20
CA ALA A 735 -50.38 -20.94 -59.82
C ALA A 735 -51.82 -20.49 -59.63
N ARG A 736 -52.21 -19.40 -60.30
CA ARG A 736 -53.61 -18.98 -60.24
C ARG A 736 -54.51 -20.00 -60.93
N LYS A 737 -54.15 -20.41 -62.14
CA LYS A 737 -54.96 -21.39 -62.86
C LYS A 737 -55.04 -22.71 -62.11
N LEU A 738 -54.09 -22.96 -61.21
CA LEU A 738 -54.08 -24.23 -60.48
C LEU A 738 -54.81 -24.12 -59.14
N ILE A 739 -54.76 -22.96 -58.49
CA ILE A 739 -55.57 -22.74 -57.30
C ILE A 739 -57.04 -22.64 -57.63
N ILE A 740 -57.39 -22.03 -58.76
CA ILE A 740 -58.78 -22.01 -59.19
C ILE A 740 -59.00 -23.20 -60.10
N LYS A 741 -59.32 -24.34 -59.51
CA LYS A 741 -59.60 -25.56 -60.26
C LYS A 741 -60.82 -26.22 -59.66
N LYS A 742 -61.51 -27.00 -60.48
CA LYS A 742 -62.72 -27.68 -60.03
C LYS A 742 -62.44 -28.55 -58.82
N GLY A 743 -61.61 -29.57 -59.01
CA GLY A 743 -61.15 -30.38 -57.90
C GLY A 743 -59.64 -30.55 -57.96
N GLN A 744 -58.94 -30.00 -56.98
CA GLN A 744 -57.49 -30.08 -56.99
C GLN A 744 -57.05 -31.51 -56.75
N THR A 745 -56.44 -32.11 -57.77
CA THR A 745 -56.11 -33.53 -57.76
C THR A 745 -55.07 -33.82 -56.67
N ALA A 746 -54.79 -35.10 -56.48
CA ALA A 746 -53.68 -35.48 -55.61
C ALA A 746 -52.38 -34.88 -56.13
N GLY A 747 -52.11 -35.03 -57.42
CA GLY A 747 -51.08 -34.26 -58.07
C GLY A 747 -51.53 -32.84 -58.30
N ASP A 748 -50.59 -32.02 -58.78
CA ASP A 748 -50.85 -30.60 -59.00
C ASP A 748 -51.35 -29.93 -57.73
N LYS A 749 -51.07 -30.54 -56.59
CA LYS A 749 -51.17 -29.89 -55.29
C LYS A 749 -49.83 -29.86 -54.57
N GLU A 750 -49.05 -30.93 -54.67
CA GLU A 750 -47.65 -30.85 -54.30
C GLU A 750 -46.86 -29.93 -55.21
N LYS A 751 -47.30 -29.76 -56.46
CA LYS A 751 -46.70 -28.76 -57.32
C LYS A 751 -46.91 -27.36 -56.75
N LEU A 752 -48.11 -27.13 -56.21
CA LEU A 752 -48.39 -25.84 -55.60
C LEU A 752 -47.67 -25.68 -54.28
N ALA A 753 -47.53 -26.78 -53.52
CA ALA A 753 -46.70 -26.74 -52.32
C ALA A 753 -45.26 -26.40 -52.65
N ALA A 754 -44.73 -26.96 -53.74
CA ALA A 754 -43.39 -26.61 -54.19
C ALA A 754 -43.29 -25.15 -54.60
N TRP A 755 -44.33 -24.63 -55.24
CA TRP A 755 -44.32 -23.21 -55.59
C TRP A 755 -44.27 -22.34 -54.34
N CYS A 756 -45.08 -22.68 -53.33
CA CYS A 756 -45.05 -21.87 -52.12
C CYS A 756 -43.75 -22.06 -51.35
N GLN A 757 -43.13 -23.23 -51.46
CA GLN A 757 -41.83 -23.42 -50.84
C GLN A 757 -40.77 -22.57 -51.53
N ALA A 758 -40.84 -22.46 -52.85
CA ALA A 758 -39.94 -21.55 -53.54
C ALA A 758 -40.18 -20.12 -53.09
N LEU A 759 -41.44 -19.75 -52.91
CA LEU A 759 -41.75 -18.43 -52.36
C LEU A 759 -41.07 -18.23 -51.02
N ALA A 760 -41.18 -19.21 -50.12
CA ALA A 760 -40.57 -19.10 -48.80
C ALA A 760 -39.06 -19.02 -48.89
N GLN A 761 -38.45 -19.77 -49.81
CA GLN A 761 -37.00 -19.69 -49.98
C GLN A 761 -36.60 -18.30 -50.45
N ARG A 762 -37.37 -17.70 -51.34
CA ARG A 762 -37.06 -16.35 -51.78
C ARG A 762 -37.23 -15.35 -50.64
N VAL A 763 -38.27 -15.51 -49.83
CA VAL A 763 -38.42 -14.66 -48.66
C VAL A 763 -37.21 -14.80 -47.76
N LEU A 764 -36.67 -16.02 -47.66
CA LEU A 764 -35.47 -16.24 -46.86
C LEU A 764 -34.28 -15.50 -47.45
N VAL A 765 -34.13 -15.53 -48.78
CA VAL A 765 -33.06 -14.77 -49.42
C VAL A 765 -33.21 -13.29 -49.12
N ILE A 766 -34.44 -12.81 -49.06
CA ILE A 766 -34.68 -11.41 -48.76
C ILE A 766 -34.36 -11.11 -47.30
N ARG A 767 -34.69 -12.03 -46.40
CA ARG A 767 -34.55 -11.80 -44.97
C ARG A 767 -33.14 -11.99 -44.46
N THR A 768 -32.33 -12.83 -45.12
CA THR A 768 -30.95 -13.00 -44.72
C THR A 768 -30.05 -11.87 -45.19
N PHE A 769 -30.47 -11.11 -46.20
CA PHE A 769 -29.75 -9.92 -46.61
C PHE A 769 -30.40 -8.65 -46.12
N THR A 770 -31.61 -8.73 -45.57
CA THR A 770 -32.36 -7.58 -45.09
C THR A 770 -32.40 -6.48 -46.14
N LEU A 771 -32.68 -6.87 -47.37
CA LEU A 771 -32.75 -5.91 -48.46
C LEU A 771 -34.09 -5.20 -48.44
N SER A 772 -34.05 -3.90 -48.70
CA SER A 772 -35.20 -3.04 -48.51
C SER A 772 -36.21 -3.26 -49.62
N ASN A 773 -37.35 -2.57 -49.55
CA ASN A 773 -38.37 -2.71 -50.58
C ASN A 773 -37.85 -2.21 -51.92
N ALA A 774 -37.03 -1.17 -51.92
CA ALA A 774 -36.54 -0.63 -53.19
C ALA A 774 -35.48 -1.55 -53.80
N GLU A 775 -34.58 -2.08 -52.98
CA GLU A 775 -33.63 -3.07 -53.49
C GLU A 775 -34.38 -4.27 -54.03
N LEU A 776 -35.42 -4.71 -53.31
CA LEU A 776 -36.22 -5.83 -53.75
C LEU A 776 -36.85 -5.56 -55.11
N GLN A 777 -37.42 -4.37 -55.27
CA GLN A 777 -38.06 -4.01 -56.52
C GLN A 777 -37.05 -3.90 -57.65
N THR A 778 -35.81 -3.51 -57.36
CA THR A 778 -34.78 -3.49 -58.40
C THR A 778 -34.41 -4.90 -58.83
N LEU A 779 -34.20 -5.79 -57.86
CA LEU A 779 -33.84 -7.17 -58.17
C LEU A 779 -35.00 -7.96 -58.75
N SER A 780 -36.22 -7.46 -58.64
CA SER A 780 -37.36 -8.24 -59.11
C SER A 780 -37.32 -8.49 -60.60
N GLN A 781 -36.75 -7.58 -61.37
CA GLN A 781 -36.74 -7.72 -62.83
C GLN A 781 -35.52 -8.53 -63.28
N GLY A 782 -35.38 -9.71 -62.71
CA GLY A 782 -34.39 -10.64 -63.20
C GLY A 782 -33.05 -10.62 -62.49
N ALA A 783 -33.06 -10.79 -61.18
CA ALA A 783 -31.82 -11.03 -60.45
C ALA A 783 -31.67 -12.52 -60.19
N PRO A 784 -30.82 -13.22 -60.91
CA PRO A 784 -30.71 -14.68 -60.71
C PRO A 784 -30.22 -14.99 -59.31
N ALA A 785 -30.91 -15.90 -58.65
CA ALA A 785 -30.56 -16.33 -57.32
C ALA A 785 -30.79 -17.82 -57.21
N GLY A 786 -29.90 -18.52 -56.53
CA GLY A 786 -30.05 -19.95 -56.39
C GLY A 786 -28.75 -20.71 -56.44
N THR A 787 -27.64 -20.01 -56.70
CA THR A 787 -26.31 -20.57 -56.51
C THR A 787 -25.44 -19.52 -55.85
N ILE A 788 -24.31 -19.97 -55.32
CA ILE A 788 -23.47 -19.09 -54.52
C ILE A 788 -22.82 -18.02 -55.40
N THR A 789 -22.51 -18.36 -56.65
CA THR A 789 -21.96 -17.37 -57.57
C THR A 789 -22.92 -16.21 -57.77
N GLU A 790 -24.20 -16.39 -57.49
CA GLU A 790 -25.19 -15.33 -57.67
C GLU A 790 -25.61 -14.70 -56.36
N LEU A 791 -25.67 -15.47 -55.27
CA LEU A 791 -25.85 -14.86 -53.96
C LEU A 791 -24.71 -13.90 -53.66
N TYR A 792 -23.52 -14.17 -54.19
CA TYR A 792 -22.42 -13.21 -54.05
C TYR A 792 -22.81 -11.87 -54.65
N ASN A 793 -23.24 -11.86 -55.90
CA ASN A 793 -23.53 -10.59 -56.56
C ASN A 793 -24.73 -9.91 -55.92
N ILE A 794 -25.68 -10.68 -55.42
CA ILE A 794 -26.77 -10.07 -54.65
C ILE A 794 -26.22 -9.35 -53.43
N SER A 795 -25.30 -9.98 -52.71
CA SER A 795 -24.74 -9.33 -51.54
C SER A 795 -23.92 -8.12 -51.91
N ASP A 796 -23.20 -8.17 -53.03
CA ASP A 796 -22.41 -7.02 -53.47
C ASP A 796 -23.30 -5.84 -53.83
N PHE A 797 -24.38 -6.11 -54.57
CA PHE A 797 -25.35 -5.06 -54.87
C PHE A 797 -25.93 -4.48 -53.59
N HIS A 798 -26.34 -5.35 -52.67
CA HIS A 798 -26.89 -4.90 -51.41
C HIS A 798 -25.90 -4.04 -50.65
N ASN A 799 -24.62 -4.40 -50.70
CA ASN A 799 -23.59 -3.61 -50.06
C ASN A 799 -23.50 -2.22 -50.67
N LEU A 800 -23.48 -2.14 -52.00
CA LEU A 800 -23.39 -0.83 -52.65
C LEU A 800 -24.60 0.02 -52.30
N ILE A 801 -25.78 -0.59 -52.22
CA ILE A 801 -26.98 0.17 -51.92
C ILE A 801 -26.94 0.69 -50.48
N ASN A 802 -26.51 -0.13 -49.53
CA ASN A 802 -26.35 0.35 -48.17
C ASN A 802 -25.32 1.46 -48.10
N ARG A 803 -24.30 1.43 -48.94
CA ARG A 803 -23.38 2.56 -49.01
C ARG A 803 -24.10 3.81 -49.48
N CYS A 804 -24.92 3.69 -50.53
CA CYS A 804 -25.69 4.84 -50.99
C CYS A 804 -26.51 5.44 -49.86
N GLY A 805 -27.13 4.58 -49.05
CA GLY A 805 -27.73 5.03 -47.81
C GLY A 805 -28.99 5.85 -47.95
N GLU A 806 -28.99 7.06 -47.40
CA GLU A 806 -30.20 7.87 -47.41
C GLU A 806 -30.59 8.30 -48.82
N GLN A 807 -29.66 8.18 -49.77
CA GLN A 807 -29.91 8.53 -51.16
C GLN A 807 -30.06 7.31 -52.05
N ALA A 808 -30.28 6.13 -51.47
CA ALA A 808 -30.46 4.93 -52.27
C ALA A 808 -31.77 4.94 -53.03
N GLY A 809 -32.77 5.65 -52.54
CA GLY A 809 -34.01 5.77 -53.29
C GLY A 809 -33.78 6.37 -54.68
N THR A 810 -33.00 7.44 -54.74
CA THR A 810 -32.71 8.05 -56.03
C THR A 810 -31.86 7.15 -56.91
N VAL A 811 -30.87 6.48 -56.35
CA VAL A 811 -30.04 5.57 -57.13
C VAL A 811 -30.90 4.48 -57.75
N LEU A 812 -31.72 3.83 -56.95
CA LEU A 812 -32.55 2.75 -57.46
C LEU A 812 -33.63 3.25 -58.39
N ASP A 813 -34.12 4.48 -58.21
CA ASP A 813 -35.11 5.02 -59.14
C ASP A 813 -34.48 5.30 -60.50
N ALA A 814 -33.35 6.01 -60.53
CA ALA A 814 -32.69 6.28 -61.79
C ALA A 814 -32.18 5.00 -62.44
N LEU A 815 -31.98 3.94 -61.65
CA LEU A 815 -31.65 2.66 -62.24
C LEU A 815 -32.89 1.98 -62.81
N GLN A 816 -34.04 2.16 -62.16
CA GLN A 816 -35.28 1.62 -62.70
C GLN A 816 -35.65 2.28 -64.02
N SER A 817 -35.44 3.57 -64.13
CA SER A 817 -35.48 4.24 -65.42
C SER A 817 -34.13 4.01 -66.11
N GLY A 818 -33.86 4.77 -67.17
CA GLY A 818 -32.60 4.57 -67.85
C GLY A 818 -31.64 5.74 -67.71
N THR A 819 -31.65 6.40 -66.54
CA THR A 819 -30.87 7.62 -66.39
C THR A 819 -29.95 7.59 -65.18
N LEU A 820 -29.50 6.42 -64.75
CA LEU A 820 -28.49 6.36 -63.70
C LEU A 820 -27.16 6.79 -64.28
N THR A 821 -26.69 7.95 -63.88
CA THR A 821 -25.43 8.50 -64.35
C THR A 821 -24.40 8.53 -63.23
N VAL A 822 -23.12 8.52 -63.65
CA VAL A 822 -22.05 8.48 -62.68
C VAL A 822 -22.07 9.72 -61.80
N LYS A 823 -22.59 10.84 -62.30
CA LYS A 823 -22.66 12.04 -61.47
C LYS A 823 -23.56 11.82 -60.26
N ILE A 824 -24.77 11.32 -60.47
CA ILE A 824 -25.66 11.10 -59.34
C ILE A 824 -25.19 9.94 -58.49
N LEU A 825 -24.59 8.91 -59.10
CA LEU A 825 -24.07 7.81 -58.30
C LEU A 825 -22.94 8.26 -57.40
N ALA A 826 -22.04 9.11 -57.91
CA ALA A 826 -20.96 9.63 -57.09
C ALA A 826 -21.48 10.56 -56.02
N GLN A 827 -22.43 11.44 -56.36
CA GLN A 827 -23.00 12.32 -55.37
C GLN A 827 -23.73 11.53 -54.29
N ALA A 828 -24.22 10.34 -54.62
CA ALA A 828 -24.92 9.52 -53.64
C ALA A 828 -23.95 8.74 -52.77
N LEU A 829 -22.86 8.27 -53.37
CA LEU A 829 -21.86 7.52 -52.62
C LEU A 829 -20.89 8.39 -51.86
N ASN A 830 -20.89 9.71 -52.12
CA ASN A 830 -19.96 10.65 -51.50
C ASN A 830 -18.51 10.33 -51.88
N LEU A 831 -18.33 9.86 -53.11
CA LEU A 831 -17.02 9.77 -53.73
C LEU A 831 -17.00 10.64 -54.97
N SER A 832 -15.88 10.60 -55.70
CA SER A 832 -15.77 11.39 -56.92
C SER A 832 -16.15 10.57 -58.14
N GLU A 833 -16.58 11.28 -59.18
CA GLU A 833 -16.76 10.67 -60.48
C GLU A 833 -15.48 10.04 -60.99
N GLU A 834 -14.35 10.65 -60.68
CA GLU A 834 -13.08 10.20 -61.21
C GLU A 834 -12.54 8.99 -60.45
N VAL A 835 -13.29 8.44 -59.49
CA VAL A 835 -13.01 7.13 -58.92
C VAL A 835 -13.97 6.09 -59.45
N ILE A 836 -15.21 6.48 -59.71
CA ILE A 836 -16.19 5.49 -60.14
C ILE A 836 -16.05 5.20 -61.63
N THR A 837 -15.81 6.22 -62.44
CA THR A 837 -15.54 5.92 -63.85
C THR A 837 -14.31 5.05 -64.04
N GLN A 838 -13.42 5.02 -63.06
CA GLN A 838 -12.25 4.15 -63.10
C GLN A 838 -12.56 2.77 -62.55
N ALA A 839 -13.37 2.69 -61.49
CA ALA A 839 -13.79 1.39 -60.99
C ALA A 839 -14.67 0.65 -61.97
N LEU A 840 -15.35 1.37 -62.86
CA LEU A 840 -16.12 0.70 -63.90
C LEU A 840 -15.21 0.08 -64.95
N THR A 841 -14.08 0.73 -65.24
CA THR A 841 -13.22 0.28 -66.34
C THR A 841 -12.68 -1.12 -66.11
N LEU A 842 -12.42 -1.50 -64.86
CA LEU A 842 -12.07 -2.88 -64.57
C LEU A 842 -13.28 -3.75 -64.82
N ALA A 843 -13.18 -4.62 -65.83
CA ALA A 843 -14.32 -5.30 -66.43
C ALA A 843 -15.33 -4.27 -66.96
N GLY A 844 -14.82 -3.45 -67.86
CA GLY A 844 -15.44 -2.20 -68.29
C GLY A 844 -16.85 -2.23 -68.85
N GLN A 845 -17.74 -1.47 -68.21
CA GLN A 845 -19.03 -1.09 -68.78
C GLN A 845 -19.27 0.40 -68.60
N LYS A 846 -18.25 1.22 -68.87
CA LYS A 846 -18.16 2.56 -68.31
C LYS A 846 -19.38 3.44 -68.55
N PRO A 847 -19.79 3.72 -69.79
CA PRO A 847 -20.76 4.81 -69.98
C PRO A 847 -22.22 4.45 -69.74
N GLU A 848 -22.61 3.20 -69.93
CA GLU A 848 -24.01 2.80 -69.78
C GLU A 848 -24.21 1.99 -68.50
N LEU A 849 -24.61 2.71 -67.45
CA LEU A 849 -25.01 2.08 -66.19
C LEU A 849 -26.50 1.76 -66.28
N THR A 850 -26.82 0.56 -66.75
CA THR A 850 -28.20 0.20 -67.05
C THR A 850 -28.80 -0.83 -66.11
N THR A 851 -28.00 -1.77 -65.62
CA THR A 851 -28.52 -2.88 -64.84
C THR A 851 -27.87 -2.88 -63.47
N TRP A 852 -28.57 -3.50 -62.51
CA TRP A 852 -28.01 -3.63 -61.18
C TRP A 852 -26.76 -4.49 -61.16
N ALA A 853 -26.61 -5.40 -62.12
CA ALA A 853 -25.40 -6.22 -62.18
C ALA A 853 -24.15 -5.38 -62.33
N GLN A 854 -24.24 -4.23 -62.99
CA GLN A 854 -23.10 -3.33 -63.11
C GLN A 854 -22.73 -2.67 -61.80
N LEU A 855 -23.66 -2.57 -60.86
CA LEU A 855 -23.38 -1.97 -59.57
C LEU A 855 -22.76 -2.94 -58.59
N ALA A 856 -23.03 -4.23 -58.71
CA ALA A 856 -22.40 -5.21 -57.84
C ALA A 856 -20.92 -5.39 -58.18
N VAL A 857 -20.44 -4.79 -59.27
CA VAL A 857 -19.01 -4.83 -59.58
C VAL A 857 -18.27 -3.81 -58.72
N LEU A 858 -18.93 -2.71 -58.34
CA LEU A 858 -18.24 -1.65 -57.61
C LEU A 858 -17.67 -2.11 -56.27
N PRO A 859 -18.44 -2.66 -55.34
CA PRO A 859 -17.96 -2.80 -53.95
C PRO A 859 -16.62 -3.52 -53.84
N PRO A 860 -16.36 -4.59 -54.59
CA PRO A 860 -15.02 -5.19 -54.50
C PRO A 860 -13.91 -4.25 -54.92
N ARG A 861 -14.08 -3.57 -56.05
CA ARG A 861 -13.05 -2.65 -56.51
C ARG A 861 -12.87 -1.48 -55.56
N LEU A 862 -13.97 -0.96 -55.03
CA LEU A 862 -13.87 0.14 -54.08
C LEU A 862 -13.19 -0.29 -52.80
N ASP A 863 -13.52 -1.48 -52.29
CA ASP A 863 -12.86 -1.95 -51.08
C ASP A 863 -11.38 -2.20 -51.32
N LEU A 864 -11.01 -2.70 -52.49
CA LEU A 864 -9.60 -2.87 -52.79
C LEU A 864 -8.86 -1.53 -52.87
N ALA A 865 -9.39 -0.58 -53.63
CA ALA A 865 -8.78 0.73 -53.72
C ALA A 865 -8.88 1.52 -52.44
N ASP A 866 -9.63 1.04 -51.45
CA ASP A 866 -9.59 1.65 -50.13
C ASP A 866 -8.57 1.00 -49.24
N THR A 867 -8.41 -0.33 -49.35
CA THR A 867 -7.44 -1.02 -48.50
C THR A 867 -6.01 -0.80 -49.00
N LEU A 868 -5.84 -0.46 -50.28
CA LEU A 868 -4.59 0.12 -50.75
C LEU A 868 -4.90 1.55 -51.15
N HIS A 869 -4.24 2.50 -50.51
CA HIS A 869 -4.63 3.89 -50.72
C HIS A 869 -4.27 4.34 -52.11
N ILE A 870 -4.97 3.81 -53.10
CA ILE A 870 -4.76 4.14 -54.50
C ILE A 870 -6.12 4.21 -55.18
N THR A 871 -6.15 4.76 -56.36
CA THR A 871 -7.37 4.78 -57.13
C THR A 871 -7.52 3.52 -57.95
N PRO A 872 -8.74 3.12 -58.29
CA PRO A 872 -8.92 1.88 -59.07
C PRO A 872 -8.21 1.89 -60.40
N LYS A 873 -7.95 3.06 -60.97
CA LYS A 873 -7.09 3.11 -62.14
C LYS A 873 -5.69 2.63 -61.80
N ASP A 874 -5.26 2.79 -60.55
CA ASP A 874 -3.97 2.32 -60.10
C ASP A 874 -4.00 0.86 -59.68
N ILE A 875 -5.19 0.26 -59.63
CA ILE A 875 -5.30 -1.18 -59.37
C ILE A 875 -5.03 -2.02 -60.59
N THR A 876 -5.33 -1.54 -61.80
CA THR A 876 -5.03 -2.32 -62.98
C THR A 876 -3.53 -2.52 -63.14
N THR A 877 -2.73 -1.54 -62.72
CA THR A 877 -1.28 -1.71 -62.78
C THR A 877 -0.82 -2.77 -61.81
N LEU A 878 -1.33 -2.74 -60.58
CA LEU A 878 -1.01 -3.79 -59.63
C LEU A 878 -1.35 -5.16 -60.19
N LEU A 879 -2.49 -5.27 -60.87
CA LEU A 879 -2.87 -6.58 -61.41
C LEU A 879 -2.03 -7.00 -62.60
N THR A 880 -1.72 -6.10 -63.54
CA THR A 880 -0.97 -6.56 -64.69
C THR A 880 0.47 -6.85 -64.35
N VAL A 881 1.06 -6.08 -63.43
CA VAL A 881 2.45 -6.31 -63.10
C VAL A 881 2.60 -7.45 -62.11
N SER A 882 1.75 -7.51 -61.08
CA SER A 882 1.89 -8.54 -60.06
C SER A 882 1.58 -9.93 -60.58
N GLU A 883 0.95 -10.04 -61.74
CA GLU A 883 0.66 -11.31 -62.38
C GLU A 883 1.60 -11.61 -63.52
N ASN A 884 2.33 -10.61 -64.00
CA ASN A 884 3.31 -10.85 -65.02
C ASN A 884 4.44 -11.68 -64.45
N VAL A 885 5.11 -12.43 -65.31
CA VAL A 885 6.17 -13.31 -64.84
C VAL A 885 7.54 -12.67 -64.96
N ARG A 886 7.80 -11.92 -66.04
CA ARG A 886 9.05 -11.19 -66.22
C ARG A 886 8.71 -9.71 -66.33
N PRO A 887 8.31 -9.08 -65.23
CA PRO A 887 7.91 -7.67 -65.30
C PRO A 887 9.10 -6.78 -65.61
N PHE A 888 8.85 -5.72 -66.36
CA PHE A 888 9.90 -4.77 -66.63
C PHE A 888 10.28 -4.05 -65.34
N TYR A 889 11.56 -3.68 -65.25
CA TYR A 889 12.01 -2.95 -64.08
C TYR A 889 11.33 -1.60 -63.97
N THR A 890 11.08 -0.94 -65.10
CA THR A 890 10.40 0.35 -65.05
C THR A 890 8.98 0.20 -64.54
N ASP A 891 8.25 -0.80 -65.05
CA ASP A 891 6.90 -1.07 -64.57
C ASP A 891 6.91 -1.38 -63.08
N LEU A 892 7.86 -2.20 -62.65
CA LEU A 892 7.93 -2.58 -61.24
C LEU A 892 8.22 -1.38 -60.35
N SER A 893 9.09 -0.47 -60.82
CA SER A 893 9.38 0.73 -60.06
C SER A 893 8.18 1.65 -60.00
N ALA A 894 7.46 1.78 -61.12
CA ALA A 894 6.26 2.59 -61.14
C ALA A 894 5.16 2.04 -60.25
N LEU A 895 5.09 0.72 -60.09
CA LEU A 895 4.14 0.17 -59.14
C LEU A 895 4.60 0.37 -57.71
N ALA A 896 5.90 0.22 -57.45
CA ALA A 896 6.41 0.40 -56.10
C ALA A 896 6.17 1.81 -55.62
N GLY A 897 6.56 2.80 -56.41
CA GLY A 897 6.31 4.17 -56.02
C GLY A 897 4.83 4.45 -55.87
N LEU A 898 4.01 3.83 -56.69
CA LEU A 898 2.56 3.99 -56.54
C LEU A 898 2.09 3.53 -55.18
N LEU A 899 2.45 2.31 -54.80
CA LEU A 899 2.03 1.79 -53.51
C LEU A 899 2.65 2.55 -52.35
N GLN A 900 3.81 3.15 -52.55
CA GLN A 900 4.49 3.82 -51.46
C GLN A 900 4.05 5.26 -51.28
N ALA A 901 3.53 5.90 -52.33
CA ALA A 901 3.05 7.25 -52.18
C ALA A 901 1.87 7.31 -51.21
N GLY A 902 1.04 6.29 -51.18
CA GLY A 902 -0.12 6.31 -50.32
C GLY A 902 0.13 5.89 -48.90
N LEU A 903 1.38 5.80 -48.49
CA LEU A 903 1.67 5.32 -47.15
C LEU A 903 1.68 6.47 -46.15
N ASN A 904 1.45 6.12 -44.89
CA ASN A 904 1.57 7.04 -43.77
C ASN A 904 3.02 7.51 -43.66
N GLU A 905 3.25 8.57 -42.91
CA GLU A 905 4.62 9.04 -42.73
C GLU A 905 5.44 8.08 -41.88
N GLN A 906 4.92 7.69 -40.72
CA GLN A 906 5.65 6.73 -39.93
C GLN A 906 5.71 5.39 -40.66
N GLN A 907 4.74 5.14 -41.54
CA GLN A 907 4.76 3.92 -42.32
C GLN A 907 5.91 3.91 -43.31
N THR A 908 6.10 5.00 -44.05
CA THR A 908 7.25 5.00 -44.95
C THR A 908 8.55 5.00 -44.17
N LYS A 909 8.57 5.57 -42.97
CA LYS A 909 9.78 5.46 -42.17
C LYS A 909 10.06 4.01 -41.76
N GLN A 910 9.03 3.28 -41.37
CA GLN A 910 9.23 1.87 -41.02
C GLN A 910 9.64 1.05 -42.23
N LEU A 911 9.05 1.34 -43.38
CA LEU A 911 9.45 0.68 -44.62
C LEU A 911 10.92 0.92 -44.91
N GLN A 912 11.39 2.15 -44.72
CA GLN A 912 12.80 2.44 -44.96
C GLN A 912 13.69 1.75 -43.94
N ASN A 913 13.26 1.71 -42.68
CA ASN A 913 14.01 1.00 -41.66
C ASN A 913 14.13 -0.47 -41.98
N GLN A 914 13.16 -1.01 -42.70
CA GLN A 914 13.22 -2.40 -43.13
C GLN A 914 14.03 -2.58 -44.40
N SER A 915 14.05 -1.59 -45.29
CA SER A 915 14.69 -1.78 -46.58
C SER A 915 16.18 -1.51 -46.53
N GLU A 916 16.61 -0.56 -45.70
CA GLU A 916 18.02 -0.19 -45.69
C GLU A 916 18.93 -1.35 -45.30
N PRO A 917 18.60 -2.13 -44.26
CA PRO A 917 19.43 -3.31 -43.96
C PRO A 917 19.48 -4.31 -45.09
N ARG A 918 18.37 -4.51 -45.80
CA ARG A 918 18.37 -5.47 -46.89
C ARG A 918 19.29 -5.02 -48.01
N ARG A 919 19.23 -3.75 -48.40
CA ARG A 919 20.13 -3.31 -49.45
C ARG A 919 21.56 -3.24 -48.99
N ASN A 920 21.81 -3.02 -47.71
CA ASN A 920 23.19 -3.17 -47.24
C ASN A 920 23.65 -4.60 -47.37
N GLU A 921 22.79 -5.54 -47.02
CA GLU A 921 23.14 -6.95 -47.14
C GLU A 921 23.49 -7.29 -48.57
N ALA A 922 22.66 -6.86 -49.52
CA ALA A 922 22.93 -7.16 -50.91
C ALA A 922 24.19 -6.46 -51.40
N LEU A 923 24.35 -5.19 -51.07
CA LEU A 923 25.55 -4.47 -51.45
C LEU A 923 26.79 -5.12 -50.88
N SER A 924 26.72 -5.61 -49.65
CA SER A 924 27.87 -6.25 -49.03
C SER A 924 28.22 -7.55 -49.71
N GLY A 925 27.21 -8.36 -50.02
CA GLY A 925 27.47 -9.57 -50.77
C GLY A 925 28.17 -9.26 -52.09
N GLU A 926 27.61 -8.32 -52.85
CA GLU A 926 28.21 -8.02 -54.14
C GLU A 926 29.57 -7.36 -54.00
N TYR A 927 29.81 -6.61 -52.92
CA TYR A 927 31.08 -5.96 -52.69
C TYR A 927 32.17 -7.00 -52.55
N ARG A 928 32.00 -7.93 -51.62
CA ARG A 928 33.04 -8.91 -51.45
C ARG A 928 33.08 -9.90 -52.60
N SER A 929 32.03 -9.97 -53.43
CA SER A 929 32.14 -10.79 -54.63
C SER A 929 32.96 -10.12 -55.71
N LEU A 930 32.79 -8.82 -55.91
CA LEU A 930 33.41 -8.10 -57.01
C LEU A 930 34.69 -7.40 -56.63
N VAL A 931 34.65 -6.51 -55.64
CA VAL A 931 35.83 -5.77 -55.23
C VAL A 931 36.81 -6.68 -54.50
N MET A 932 36.38 -7.25 -53.37
CA MET A 932 37.30 -8.06 -52.57
C MET A 932 37.68 -9.37 -53.27
N ASN A 933 37.01 -9.71 -54.36
CA ASN A 933 37.32 -10.92 -55.13
C ASN A 933 37.33 -12.16 -54.26
N ASN A 934 36.53 -12.17 -53.21
CA ASN A 934 36.49 -13.29 -52.27
C ASN A 934 35.06 -13.50 -51.81
N PRO A 935 34.21 -14.07 -52.67
CA PRO A 935 32.78 -14.18 -52.35
C PRO A 935 32.49 -14.98 -51.09
N VAL A 936 33.41 -15.82 -50.64
CA VAL A 936 33.15 -16.65 -49.49
C VAL A 936 33.45 -15.90 -48.20
N ALA A 937 33.96 -14.68 -48.31
CA ALA A 937 34.35 -13.93 -47.13
C ALA A 937 33.17 -13.67 -46.21
N ASP A 938 33.46 -13.50 -44.94
CA ASP A 938 32.43 -13.12 -44.00
C ASP A 938 32.09 -11.65 -44.18
N ARG A 939 30.91 -11.26 -43.71
CA ARG A 939 30.53 -9.86 -43.86
C ARG A 939 31.28 -8.98 -42.88
N ASP A 940 31.75 -9.54 -41.77
CA ASP A 940 32.62 -8.77 -40.89
C ASP A 940 33.94 -8.45 -41.54
N ASP A 941 34.38 -9.20 -42.55
CA ASP A 941 35.60 -8.82 -43.22
C ASP A 941 35.43 -7.52 -43.97
N ILE A 942 34.22 -7.20 -44.41
CA ILE A 942 33.96 -5.86 -44.90
C ILE A 942 34.13 -4.84 -43.80
N TRP A 943 33.67 -5.13 -42.59
CA TRP A 943 33.88 -4.21 -41.47
C TRP A 943 35.35 -3.99 -41.20
N ARG A 944 36.13 -5.07 -41.16
CA ARG A 944 37.54 -4.94 -40.85
C ARG A 944 38.32 -4.30 -41.99
N ASN A 945 37.87 -4.47 -43.22
CA ASN A 945 38.59 -3.96 -44.37
C ASN A 945 38.20 -2.54 -44.72
N LEU A 946 37.00 -2.13 -44.34
CA LEU A 946 36.47 -0.85 -44.74
C LEU A 946 36.18 0.06 -43.57
N LEU A 947 36.43 -0.40 -42.35
CA LEU A 947 36.32 0.40 -41.14
C LEU A 947 34.94 0.96 -40.92
N VAL A 948 33.90 0.26 -41.36
CA VAL A 948 32.52 0.69 -41.14
C VAL A 948 31.68 -0.55 -40.90
N ASP A 949 30.76 -0.46 -39.95
CA ASP A 949 29.89 -1.58 -39.66
C ASP A 949 28.62 -1.48 -40.48
N GLY A 950 28.29 -2.55 -41.20
CA GLY A 950 27.12 -2.54 -42.04
C GLY A 950 25.95 -3.25 -41.39
N LYS A 951 26.22 -4.06 -40.38
CA LYS A 951 25.16 -4.83 -39.76
C LYS A 951 24.35 -4.02 -38.76
N VAL A 952 24.56 -2.71 -38.71
CA VAL A 952 23.79 -1.88 -37.78
C VAL A 952 22.34 -1.80 -38.26
N SER A 953 21.43 -1.48 -37.34
CA SER A 953 20.07 -1.23 -37.73
C SER A 953 19.96 0.17 -38.30
N ALA A 954 18.80 0.47 -38.88
CA ALA A 954 18.63 1.76 -39.53
C ALA A 954 18.43 2.90 -38.55
N GLU A 955 18.35 2.62 -37.26
CA GLU A 955 18.14 3.66 -36.27
C GLU A 955 19.43 4.15 -35.63
N ILE A 956 20.52 3.42 -35.76
CA ILE A 956 21.78 3.83 -35.16
C ILE A 956 22.29 5.06 -35.91
N THR A 957 22.20 6.22 -35.28
CA THR A 957 22.66 7.46 -35.88
C THR A 957 23.93 7.94 -35.19
N THR A 958 24.88 8.40 -35.99
CA THR A 958 26.12 8.97 -35.49
C THR A 958 26.45 10.18 -36.34
N THR A 959 27.31 11.04 -35.83
CA THR A 959 27.78 12.12 -36.68
C THR A 959 28.75 11.56 -37.71
N LEU A 960 29.38 12.47 -38.44
CA LEU A 960 30.26 12.04 -39.51
C LEU A 960 31.71 12.04 -39.07
N LEU A 961 32.11 13.07 -38.34
CA LEU A 961 33.39 13.02 -37.65
C LEU A 961 33.47 11.84 -36.70
N ALA A 962 32.39 11.56 -35.98
CA ALA A 962 32.43 10.45 -35.04
C ALA A 962 32.59 9.13 -35.75
N ASP A 963 32.03 8.98 -36.95
CA ASP A 963 32.24 7.74 -37.68
C ASP A 963 33.66 7.66 -38.21
N ALA A 964 34.22 8.77 -38.67
CA ALA A 964 35.63 8.74 -39.06
C ALA A 964 36.51 8.36 -37.88
N ILE A 965 36.19 8.88 -36.70
CA ILE A 965 36.98 8.59 -35.51
C ILE A 965 36.88 7.12 -35.16
N ALA A 966 35.66 6.58 -35.14
CA ALA A 966 35.53 5.16 -34.84
C ALA A 966 36.24 4.29 -35.87
N GLY A 967 36.24 4.71 -37.12
CA GLY A 967 36.96 3.94 -38.13
C GLY A 967 38.46 3.95 -37.89
N ILE A 968 39.04 5.12 -37.67
CA ILE A 968 40.49 5.15 -37.48
C ILE A 968 40.86 4.48 -36.18
N GLN A 969 39.98 4.50 -35.18
CA GLN A 969 40.28 3.79 -33.95
C GLN A 969 40.29 2.29 -34.15
N LEU A 970 39.30 1.76 -34.86
CA LEU A 970 39.31 0.34 -35.18
C LEU A 970 40.56 -0.02 -35.98
N TYR A 971 40.95 0.86 -36.90
CA TYR A 971 42.13 0.59 -37.69
C TYR A 971 43.37 0.52 -36.82
N ILE A 972 43.50 1.46 -35.88
CA ILE A 972 44.69 1.48 -35.05
C ILE A 972 44.72 0.29 -34.11
N ASN A 973 43.57 -0.09 -33.56
CA ASN A 973 43.53 -1.27 -32.72
C ASN A 973 43.93 -2.51 -33.50
N ARG A 974 43.38 -2.68 -34.69
CA ARG A 974 43.69 -3.89 -35.43
C ARG A 974 45.13 -3.90 -35.89
N THR A 975 45.71 -2.76 -36.23
CA THR A 975 47.11 -2.76 -36.62
C THR A 975 48.06 -2.82 -35.44
N ILE A 976 47.59 -2.51 -34.24
CA ILE A 976 48.44 -2.61 -33.07
C ILE A 976 48.32 -3.98 -32.42
N ALA A 977 47.28 -4.73 -32.73
CA ALA A 977 47.12 -6.11 -32.30
C ALA A 977 47.57 -7.09 -33.35
N GLY A 978 48.20 -6.62 -34.42
CA GLY A 978 48.78 -7.49 -35.41
C GLY A 978 47.83 -8.00 -36.46
N ASP A 979 46.56 -7.69 -36.38
CA ASP A 979 45.61 -8.16 -37.38
C ASP A 979 45.80 -7.48 -38.73
N GLU A 980 46.55 -6.39 -38.79
CA GLU A 980 46.86 -5.72 -40.05
C GLU A 980 48.36 -5.84 -40.26
N PRO A 981 48.85 -6.95 -40.80
CA PRO A 981 50.29 -7.15 -40.89
C PRO A 981 50.95 -6.18 -41.85
N GLY A 982 52.24 -5.97 -41.65
CA GLY A 982 52.99 -5.06 -42.46
C GLY A 982 53.10 -3.66 -41.89
N ALA A 983 52.64 -3.44 -40.68
CA ALA A 983 52.67 -2.11 -40.09
C ALA A 983 54.09 -1.66 -39.89
N ASP A 984 54.27 -0.35 -39.72
CA ASP A 984 55.57 0.19 -39.38
C ASP A 984 55.80 0.00 -37.89
N SER A 985 56.60 -1.00 -37.53
CA SER A 985 56.86 -1.25 -36.13
C SER A 985 57.54 -0.06 -35.47
N ASP A 986 58.38 0.65 -36.21
CA ASP A 986 59.03 1.83 -35.65
C ASP A 986 58.01 2.89 -35.30
N ALA A 987 57.01 3.07 -36.15
CA ALA A 987 55.94 4.01 -35.84
C ALA A 987 55.06 3.52 -34.71
N LEU A 988 54.83 2.22 -34.61
CA LEU A 988 54.05 1.71 -33.49
C LEU A 988 54.79 1.84 -32.17
N GLU A 989 56.11 1.95 -32.21
CA GLU A 989 56.89 2.16 -30.99
C GLU A 989 57.07 3.65 -30.72
N ARG A 990 55.99 4.39 -30.76
CA ARG A 990 56.02 5.84 -30.69
C ARG A 990 55.08 6.28 -29.58
N GLN A 991 55.43 7.38 -28.91
CA GLN A 991 54.73 7.76 -27.70
C GLN A 991 53.21 7.78 -27.85
N PHE A 992 52.70 8.22 -28.99
CA PHE A 992 51.25 8.24 -29.16
C PHE A 992 50.65 6.85 -28.99
N PHE A 993 51.25 5.83 -29.61
CA PHE A 993 50.76 4.47 -29.49
C PHE A 993 51.25 3.77 -28.24
N LYS A 994 52.33 4.24 -27.64
CA LYS A 994 52.78 3.67 -26.39
C LYS A 994 51.83 4.03 -25.27
N ASP A 995 51.29 5.24 -25.32
CA ASP A 995 50.25 5.69 -24.41
C ASP A 995 48.87 5.45 -25.02
N TRP A 996 48.76 4.43 -25.86
CA TRP A 996 47.51 4.23 -26.61
C TRP A 996 46.38 3.86 -25.68
N ASP A 997 46.49 2.72 -25.01
CA ASP A 997 45.37 2.25 -24.21
C ASP A 997 45.09 3.16 -23.04
N ALA A 998 46.14 3.69 -22.41
CA ALA A 998 45.93 4.50 -21.23
C ALA A 998 45.26 5.82 -21.56
N CYS A 999 45.76 6.54 -22.55
CA CYS A 999 45.31 7.89 -22.82
C CYS A 999 44.66 8.06 -24.19
N ASN A 1000 45.34 7.74 -25.28
CA ASN A 1000 44.89 8.16 -26.60
C ASN A 1000 43.86 7.25 -27.23
N LYS A 1001 43.50 6.15 -26.59
CA LYS A 1001 42.60 5.20 -27.22
C LYS A 1001 41.19 5.74 -27.34
N ARG A 1002 40.70 6.45 -26.34
CA ARG A 1002 39.34 6.96 -26.36
C ARG A 1002 39.37 8.47 -26.29
N TYR A 1003 38.40 9.10 -26.95
CA TYR A 1003 38.36 10.55 -26.96
C TYR A 1003 38.26 11.10 -25.57
N SER A 1004 37.53 10.40 -24.69
CA SER A 1004 37.39 10.86 -23.32
C SER A 1004 38.74 11.10 -22.68
N THR A 1005 39.59 10.09 -22.66
CA THR A 1005 40.87 10.21 -21.98
C THR A 1005 41.89 10.97 -22.80
N TRP A 1006 41.74 11.07 -24.11
CA TRP A 1006 42.63 11.95 -24.84
C TRP A 1006 42.36 13.41 -24.49
N ALA A 1007 41.09 13.79 -24.48
CA ALA A 1007 40.76 15.17 -24.12
C ALA A 1007 41.11 15.46 -22.68
N GLY A 1008 40.79 14.54 -21.77
CA GLY A 1008 41.10 14.77 -20.37
C GLY A 1008 42.58 14.89 -20.08
N VAL A 1009 43.41 14.19 -20.84
CA VAL A 1009 44.84 14.26 -20.64
C VAL A 1009 45.42 15.49 -21.31
N SER A 1010 44.89 15.87 -22.47
CA SER A 1010 45.39 17.07 -23.13
C SER A 1010 45.02 18.32 -22.35
N GLN A 1011 43.86 18.34 -21.71
CA GLN A 1011 43.51 19.51 -20.93
C GLN A 1011 44.37 19.69 -19.71
N LEU A 1012 45.13 18.68 -19.34
CA LEU A 1012 45.84 18.73 -18.07
C LEU A 1012 47.06 19.63 -18.14
N VAL A 1013 47.56 19.94 -19.31
CA VAL A 1013 48.66 20.89 -19.41
C VAL A 1013 48.15 22.30 -19.35
N TYR A 1014 46.92 22.54 -19.76
CA TYR A 1014 46.41 23.89 -19.88
C TYR A 1014 45.56 24.30 -18.70
N TYR A 1015 44.76 23.39 -18.16
CA TYR A 1015 43.90 23.69 -17.02
C TYR A 1015 44.16 22.66 -15.94
N PRO A 1016 45.32 22.70 -15.30
CA PRO A 1016 45.56 21.79 -14.19
C PRO A 1016 44.67 22.07 -13.02
N GLU A 1017 44.24 23.31 -12.83
CA GLU A 1017 43.33 23.64 -11.75
C GLU A 1017 42.05 22.83 -11.80
N ASN A 1018 41.68 22.32 -12.97
CA ASN A 1018 40.52 21.45 -13.06
C ASN A 1018 40.75 20.14 -12.34
N PHE A 1019 42.00 19.71 -12.23
CA PHE A 1019 42.33 18.42 -11.65
C PHE A 1019 43.11 18.53 -10.35
N VAL A 1020 43.66 19.68 -10.04
CA VAL A 1020 44.35 19.86 -8.78
C VAL A 1020 43.38 19.64 -7.64
N ASP A 1021 43.72 18.76 -6.75
CA ASP A 1021 42.95 18.56 -5.53
C ASP A 1021 43.77 19.11 -4.39
N PRO A 1022 43.27 20.11 -3.67
CA PRO A 1022 44.06 20.76 -2.63
C PRO A 1022 44.44 19.85 -1.50
N THR A 1023 43.86 18.66 -1.40
CA THR A 1023 44.12 17.78 -0.28
C THR A 1023 45.14 16.72 -0.65
N LEU A 1024 44.94 16.06 -1.77
CA LEU A 1024 45.80 14.98 -2.25
C LEU A 1024 46.73 15.53 -3.31
N ARG A 1025 48.03 15.45 -3.05
CA ARG A 1025 49.03 15.94 -3.97
C ARG A 1025 50.19 14.95 -3.99
N THR A 1026 50.79 14.77 -5.16
CA THR A 1026 51.95 13.90 -5.24
C THR A 1026 53.14 14.56 -4.56
N GLY A 1027 53.93 13.74 -3.87
CA GLY A 1027 55.06 14.31 -3.17
C GLY A 1027 54.69 15.04 -1.89
N GLN A 1028 53.47 14.87 -1.42
CA GLN A 1028 53.05 15.47 -0.17
C GLN A 1028 53.85 14.89 0.97
N THR A 1029 54.42 15.78 1.80
CA THR A 1029 55.27 15.33 2.88
C THR A 1029 54.46 14.56 3.92
N GLY A 1030 55.17 13.80 4.75
CA GLY A 1030 54.52 13.11 5.83
C GLY A 1030 53.87 14.04 6.82
N MET A 1031 54.44 15.23 7.01
CA MET A 1031 53.83 16.21 7.88
C MET A 1031 52.45 16.59 7.39
N MET A 1032 52.35 16.95 6.12
CA MET A 1032 51.06 17.33 5.57
C MET A 1032 50.12 16.16 5.58
N ASN A 1033 50.63 14.96 5.36
CA ASN A 1033 49.79 13.78 5.44
C ASN A 1033 49.16 13.63 6.82
N THR A 1034 49.97 13.72 7.87
CA THR A 1034 49.42 13.57 9.21
C THR A 1034 48.53 14.73 9.60
N MET A 1035 48.73 15.90 9.01
CA MET A 1035 47.80 16.98 9.34
C MET A 1035 46.45 16.77 8.67
N LEU A 1036 46.45 16.35 7.41
CA LEU A 1036 45.21 16.02 6.73
C LEU A 1036 44.49 14.88 7.41
N GLU A 1037 45.23 13.90 7.88
CA GLU A 1037 44.68 12.84 8.72
C GLU A 1037 43.90 13.41 9.89
N GLN A 1038 44.45 14.43 10.54
CA GLN A 1038 43.83 14.92 11.75
C GLN A 1038 42.75 15.95 11.49
N LEU A 1039 42.67 16.47 10.28
CA LEU A 1039 41.56 17.31 9.88
C LEU A 1039 40.48 16.53 9.15
N SER A 1040 40.59 15.20 9.10
CA SER A 1040 39.65 14.41 8.31
C SER A 1040 38.40 14.03 9.08
N GLN A 1041 38.20 14.56 10.27
CA GLN A 1041 36.94 14.34 10.96
C GLN A 1041 35.93 15.40 10.52
N SER A 1042 34.77 15.40 11.15
CA SER A 1042 33.72 16.32 10.77
C SER A 1042 33.67 17.56 11.63
N GLU A 1043 34.09 17.46 12.89
CA GLU A 1043 34.06 18.61 13.79
C GLU A 1043 35.39 19.31 13.73
N LEU A 1044 35.51 20.30 12.85
CA LEU A 1044 36.71 21.12 12.76
C LEU A 1044 36.44 22.44 13.45
N ASN A 1045 36.55 22.46 14.76
CA ASN A 1045 36.42 23.73 15.46
C ASN A 1045 37.81 24.34 15.58
N LYS A 1046 37.88 25.58 16.06
CA LYS A 1046 39.15 26.27 16.08
C LYS A 1046 40.16 25.53 16.93
N ASP A 1047 39.71 24.81 17.94
CA ASP A 1047 40.64 24.10 18.81
C ASP A 1047 41.36 22.99 18.07
N THR A 1048 40.64 22.12 17.36
CA THR A 1048 41.33 21.07 16.61
C THR A 1048 42.08 21.67 15.44
N LEU A 1049 41.55 22.73 14.86
CA LEU A 1049 42.17 23.36 13.70
C LEU A 1049 43.47 24.05 14.05
N GLU A 1050 43.63 24.44 15.30
CA GLU A 1050 44.88 25.02 15.79
C GLU A 1050 45.81 23.97 16.35
N ASN A 1051 45.28 22.93 16.99
CA ASN A 1051 46.14 21.86 17.46
C ASN A 1051 46.81 21.17 16.29
N GLY A 1052 46.06 20.89 15.24
CA GLY A 1052 46.67 20.32 14.04
C GLY A 1052 47.77 21.19 13.50
N PHE A 1053 47.59 22.50 13.52
CA PHE A 1053 48.60 23.36 12.93
C PHE A 1053 49.81 23.48 13.82
N ARG A 1054 49.63 23.49 15.14
CA ARG A 1054 50.78 23.47 16.03
C ARG A 1054 51.58 22.21 15.88
N GLN A 1055 50.91 21.08 15.66
CA GLN A 1055 51.64 19.84 15.48
C GLN A 1055 52.36 19.80 14.14
N TYR A 1056 51.68 20.22 13.08
CA TYR A 1056 52.35 20.38 11.81
C TYR A 1056 53.56 21.27 11.95
N LEU A 1057 53.44 22.34 12.74
CA LEU A 1057 54.51 23.28 12.84
C LEU A 1057 55.67 22.73 13.65
N THR A 1058 55.39 21.88 14.63
CA THR A 1058 56.48 21.20 15.32
C THR A 1058 57.26 20.32 14.36
N ALA A 1059 56.56 19.51 13.58
CA ALA A 1059 57.27 18.65 12.62
C ALA A 1059 58.02 19.48 11.60
N PHE A 1060 57.42 20.58 11.14
CA PHE A 1060 58.07 21.45 10.19
C PHE A 1060 59.33 22.06 10.78
N GLU A 1061 59.26 22.52 12.03
CA GLU A 1061 60.44 23.06 12.67
C GLU A 1061 61.55 22.04 12.71
N GLN A 1062 61.21 20.80 13.02
CA GLN A 1062 62.25 19.79 13.10
C GLN A 1062 62.89 19.54 11.75
N VAL A 1063 62.09 19.44 10.68
CA VAL A 1063 62.68 19.19 9.37
C VAL A 1063 63.35 20.43 8.80
N ALA A 1064 63.09 21.60 9.34
CA ALA A 1064 63.81 22.78 8.89
C ALA A 1064 65.11 23.00 9.64
N ASP A 1065 65.25 22.46 10.84
CA ASP A 1065 66.49 22.63 11.58
C ASP A 1065 67.61 21.70 11.12
N LEU A 1066 67.36 20.82 10.17
CA LEU A 1066 68.33 19.78 9.84
C LEU A 1066 69.60 20.42 9.31
N LYS A 1067 70.73 20.07 9.89
CA LYS A 1067 72.02 20.47 9.37
C LYS A 1067 72.66 19.29 8.69
N VAL A 1068 73.32 19.55 7.57
CA VAL A 1068 73.90 18.49 6.75
C VAL A 1068 75.20 18.05 7.40
N VAL A 1069 75.35 16.75 7.60
CA VAL A 1069 76.57 16.22 8.20
C VAL A 1069 77.58 15.89 7.12
N SER A 1070 77.20 15.07 6.15
CA SER A 1070 78.13 14.57 5.18
C SER A 1070 77.38 14.22 3.91
N GLY A 1071 78.11 14.09 2.83
CA GLY A 1071 77.50 13.78 1.55
C GLY A 1071 78.33 12.77 0.81
N TYR A 1072 77.80 12.32 -0.32
CA TYR A 1072 78.51 11.42 -1.20
C TYR A 1072 77.97 11.63 -2.59
N HIS A 1073 78.83 11.89 -3.53
CA HIS A 1073 78.38 12.16 -4.88
C HIS A 1073 78.40 10.91 -5.73
N ASP A 1074 77.29 10.69 -6.42
CA ASP A 1074 77.04 9.45 -7.14
C ASP A 1074 78.06 9.17 -8.22
N THR A 1075 78.16 10.03 -9.21
CA THR A 1075 79.08 9.83 -10.32
C THR A 1075 80.44 10.45 -10.00
N VAL A 1076 81.33 10.44 -10.98
CA VAL A 1076 82.68 10.94 -10.80
C VAL A 1076 82.82 12.37 -11.32
N ASN A 1077 81.98 12.74 -12.29
CA ASN A 1077 81.90 14.13 -12.72
C ASN A 1077 80.84 14.83 -11.90
N ILE A 1078 81.24 15.80 -11.06
CA ILE A 1078 80.31 16.40 -10.12
C ILE A 1078 79.23 17.24 -10.76
N ASN A 1079 79.17 17.30 -12.09
CA ASN A 1079 78.08 18.00 -12.75
C ASN A 1079 76.94 17.08 -13.14
N GLN A 1080 77.04 15.80 -12.82
CA GLN A 1080 76.04 14.82 -13.19
C GLN A 1080 75.72 13.94 -11.99
N GLY A 1081 74.76 13.05 -12.16
CA GLY A 1081 74.44 12.12 -11.10
C GLY A 1081 73.77 12.80 -9.93
N ASN A 1082 73.74 12.15 -8.78
CA ASN A 1082 73.07 12.69 -7.61
C ASN A 1082 74.07 12.87 -6.50
N THR A 1083 73.69 13.70 -5.53
CA THR A 1083 74.50 13.90 -4.32
C THR A 1083 73.62 13.52 -3.15
N TRP A 1084 73.95 12.44 -2.47
CA TRP A 1084 73.24 12.06 -1.28
C TRP A 1084 73.77 12.81 -0.08
N PHE A 1085 72.86 13.35 0.72
CA PHE A 1085 73.26 14.07 1.91
C PHE A 1085 72.76 13.33 3.13
N ILE A 1086 73.46 13.49 4.23
CA ILE A 1086 73.04 12.97 5.52
C ILE A 1086 72.89 14.17 6.42
N GLY A 1087 71.69 14.42 6.89
CA GLY A 1087 71.41 15.54 7.77
C GLY A 1087 71.08 14.99 9.14
N THR A 1088 71.46 15.74 10.17
CA THR A 1088 71.12 15.39 11.54
C THR A 1088 70.23 16.46 12.13
N SER A 1089 69.54 16.11 13.20
CA SER A 1089 68.61 17.03 13.80
C SER A 1089 69.24 17.70 15.01
N GLN A 1090 68.71 18.86 15.36
CA GLN A 1090 69.16 19.58 16.54
C GLN A 1090 68.40 19.11 17.77
N THR A 1091 68.52 17.82 18.05
CA THR A 1091 67.91 17.25 19.24
C THR A 1091 68.95 16.44 20.00
N GLU A 1092 68.51 15.70 21.01
CA GLU A 1092 69.40 14.79 21.71
C GLU A 1092 68.61 13.61 22.26
N PRO A 1093 68.78 12.40 21.72
CA PRO A 1093 69.74 12.00 20.69
C PRO A 1093 69.42 12.58 19.34
N LYS A 1094 70.35 12.47 18.40
CA LYS A 1094 70.16 13.04 17.08
C LYS A 1094 69.42 12.05 16.21
N LYS A 1095 68.64 12.57 15.28
CA LYS A 1095 67.91 11.77 14.31
C LYS A 1095 68.52 12.08 12.96
N TYR A 1096 68.88 11.06 12.21
CA TYR A 1096 69.59 11.25 10.96
C TYR A 1096 68.63 11.10 9.79
N TYR A 1097 68.77 11.97 8.81
CA TYR A 1097 67.91 12.02 7.65
C TYR A 1097 68.75 11.94 6.40
N TRP A 1098 68.12 11.71 5.27
CA TRP A 1098 68.87 11.73 4.02
C TRP A 1098 68.05 12.37 2.91
N ARG A 1099 68.73 13.10 2.04
CA ARG A 1099 68.17 13.69 0.84
C ARG A 1099 68.92 13.18 -0.36
N LYS A 1100 68.70 13.86 -1.47
CA LYS A 1100 69.34 13.55 -2.72
C LYS A 1100 69.16 14.77 -3.60
N ALA A 1101 70.24 15.25 -4.20
CA ALA A 1101 70.19 16.38 -5.11
C ALA A 1101 70.52 15.88 -6.50
N ASP A 1102 69.53 15.86 -7.37
CA ASP A 1102 69.69 15.38 -8.74
C ASP A 1102 70.38 16.45 -9.55
N HIS A 1103 71.62 16.21 -9.95
CA HIS A 1103 72.34 17.19 -10.74
C HIS A 1103 71.89 17.25 -12.17
N SER A 1104 71.11 16.28 -12.63
CA SER A 1104 70.58 16.36 -13.98
C SER A 1104 69.51 17.42 -14.11
N LYS A 1105 69.14 18.07 -13.01
CA LYS A 1105 68.28 19.23 -13.03
C LYS A 1105 68.99 20.45 -12.47
N CYS A 1106 70.21 20.69 -12.90
CA CYS A 1106 71.08 21.71 -12.34
C CYS A 1106 71.87 22.35 -13.48
N GLN A 1107 71.37 23.47 -13.97
CA GLN A 1107 72.11 24.27 -14.92
C GLN A 1107 72.56 25.56 -14.26
N ASN A 1108 73.71 26.07 -14.68
CA ASN A 1108 74.24 27.33 -14.16
C ASN A 1108 74.38 27.32 -12.65
N GLY A 1109 74.73 26.17 -12.09
CA GLY A 1109 74.88 26.06 -10.65
C GLY A 1109 73.62 26.29 -9.87
N ARG A 1110 72.48 26.20 -10.51
CA ARG A 1110 71.19 26.49 -9.89
C ARG A 1110 70.36 25.23 -9.96
N PHE A 1111 70.16 24.60 -8.83
CA PHE A 1111 69.32 23.42 -8.76
C PHE A 1111 67.86 23.81 -8.98
N ALA A 1112 67.19 23.11 -9.88
CA ALA A 1112 65.75 23.22 -9.91
C ALA A 1112 65.19 22.79 -8.56
N ALA A 1113 64.08 23.39 -8.17
CA ALA A 1113 63.54 23.10 -6.85
C ALA A 1113 63.12 21.66 -6.73
N ASN A 1114 62.86 20.99 -7.83
CA ASN A 1114 62.45 19.59 -7.84
C ASN A 1114 63.62 18.65 -8.03
N ALA A 1115 64.85 19.16 -8.08
CA ALA A 1115 66.02 18.31 -8.08
C ALA A 1115 66.33 17.78 -6.72
N TRP A 1116 65.60 18.20 -5.70
CA TRP A 1116 65.87 17.83 -4.32
C TRP A 1116 64.79 16.87 -3.87
N SER A 1117 65.18 15.84 -3.16
CA SER A 1117 64.17 14.98 -2.59
C SER A 1117 63.73 15.53 -1.25
N ASP A 1118 62.81 14.83 -0.62
CA ASP A 1118 62.39 15.14 0.73
C ASP A 1118 63.39 14.61 1.73
N TRP A 1119 63.55 15.32 2.84
CA TRP A 1119 64.32 14.74 3.94
C TRP A 1119 63.60 13.50 4.43
N LYS A 1120 64.29 12.38 4.40
CA LYS A 1120 63.67 11.12 4.81
C LYS A 1120 64.44 10.56 5.97
N GLU A 1121 63.75 10.09 6.99
CA GLU A 1121 64.43 9.70 8.21
C GLU A 1121 65.12 8.36 8.09
N ILE A 1122 66.27 8.23 8.74
CA ILE A 1122 66.98 6.95 8.86
C ILE A 1122 66.54 6.33 10.18
N THR A 1123 65.72 5.29 10.11
CA THR A 1123 65.14 4.72 11.32
C THR A 1123 66.11 3.87 12.10
N CYS A 1124 67.21 3.43 11.51
CA CYS A 1124 68.14 2.66 12.30
C CYS A 1124 68.74 3.53 13.40
N ALA A 1125 69.24 2.88 14.43
CA ALA A 1125 69.86 3.59 15.54
C ALA A 1125 71.31 3.83 15.20
N VAL A 1126 71.60 4.99 14.64
CA VAL A 1126 72.95 5.36 14.25
C VAL A 1126 73.49 6.30 15.30
N ASN A 1127 74.60 5.92 15.92
CA ASN A 1127 75.20 6.65 17.03
C ASN A 1127 76.67 6.82 16.73
N PRO A 1128 77.01 7.73 15.82
CA PRO A 1128 78.37 7.84 15.33
C PRO A 1128 79.30 8.36 16.41
N TYR A 1129 80.58 8.41 16.07
CA TYR A 1129 81.58 8.90 17.00
C TYR A 1129 82.33 10.01 16.30
N GLY A 1130 82.37 11.17 16.93
CA GLY A 1130 83.02 12.29 16.29
C GLY A 1130 82.44 12.66 14.96
N ASP A 1131 81.13 12.48 14.78
CA ASP A 1131 80.43 12.95 13.60
C ASP A 1131 80.96 12.29 12.33
N MET A 1132 81.12 10.98 12.39
CA MET A 1132 81.59 10.19 11.25
C MET A 1132 80.41 9.37 10.77
N VAL A 1133 79.66 9.92 9.82
CA VAL A 1133 78.63 9.17 9.13
C VAL A 1133 78.86 9.40 7.65
N ARG A 1134 78.65 8.38 6.85
CA ARG A 1134 78.87 8.53 5.43
C ARG A 1134 77.78 7.79 4.66
N PRO A 1135 77.07 8.45 3.78
CA PRO A 1135 76.29 7.71 2.79
C PRO A 1135 77.22 7.21 1.71
N VAL A 1136 76.77 6.15 1.03
CA VAL A 1136 77.48 5.65 -0.12
C VAL A 1136 76.52 4.83 -0.94
N ILE A 1137 76.60 4.96 -2.24
CA ILE A 1137 75.76 4.23 -3.17
C ILE A 1137 76.54 3.03 -3.65
N PHE A 1138 76.14 1.85 -3.20
CA PHE A 1138 76.83 0.62 -3.52
C PHE A 1138 75.85 -0.29 -4.25
N HIS A 1139 76.05 -0.44 -5.55
CA HIS A 1139 75.11 -1.14 -6.42
C HIS A 1139 73.74 -0.46 -6.39
N SER A 1140 73.76 0.82 -6.70
CA SER A 1140 72.56 1.62 -6.88
C SER A 1140 71.71 1.69 -5.62
N ARG A 1141 72.23 1.24 -4.49
CA ARG A 1141 71.48 1.20 -3.26
C ARG A 1141 72.17 2.04 -2.20
N LEU A 1142 71.42 2.90 -1.54
CA LEU A 1142 72.01 3.76 -0.52
C LEU A 1142 72.44 2.94 0.66
N TYR A 1143 73.70 3.08 1.06
CA TYR A 1143 74.24 2.48 2.27
C TYR A 1143 74.60 3.60 3.22
N LEU A 1144 74.33 3.41 4.49
CA LEU A 1144 74.82 4.32 5.51
C LEU A 1144 75.99 3.66 6.21
N LEU A 1145 76.78 4.45 6.92
CA LEU A 1145 78.06 3.96 7.40
C LEU A 1145 78.58 4.91 8.45
N TRP A 1146 78.92 4.38 9.61
CA TRP A 1146 79.40 5.21 10.69
C TRP A 1146 80.34 4.41 11.56
N ILE A 1147 81.08 5.11 12.41
CA ILE A 1147 82.04 4.49 13.30
C ILE A 1147 81.56 4.73 14.72
N GLU A 1148 81.50 3.66 15.50
CA GLU A 1148 80.91 3.69 16.83
C GLU A 1148 81.98 3.42 17.87
N LYS A 1149 82.18 4.37 18.77
CA LYS A 1149 83.16 4.23 19.84
C LYS A 1149 82.48 3.84 21.13
N GLN A 1150 83.04 2.84 21.81
CA GLN A 1150 82.43 2.27 23.00
C GLN A 1150 83.52 2.11 24.05
N VAL A 1151 83.29 2.68 25.23
CA VAL A 1151 84.30 2.72 26.29
C VAL A 1151 84.28 1.42 27.07
N GLN A 1152 85.45 0.86 27.32
CA GLN A 1152 85.57 -0.41 28.03
C GLN A 1152 86.60 -0.33 29.15
N LYS A 1153 86.98 -1.49 29.69
CA LYS A 1153 88.03 -1.57 30.68
C LYS A 1153 88.67 -2.96 30.61
N ASP A 1154 89.99 -2.99 30.63
CA ASP A 1154 90.71 -4.27 30.59
C ASP A 1154 90.43 -5.06 31.86
N ASN A 1155 90.92 -6.30 31.89
CA ASN A 1155 90.94 -7.04 33.15
C ASN A 1155 91.77 -6.29 34.17
N THR A 1156 92.89 -5.73 33.75
CA THR A 1156 93.71 -4.87 34.60
C THR A 1156 93.02 -3.52 34.77
N GLY A 1157 93.64 -2.59 35.49
CA GLY A 1157 92.99 -1.33 35.75
C GLY A 1157 92.81 -0.45 34.53
N LYS A 1158 93.60 -0.65 33.49
CA LYS A 1158 93.59 0.21 32.32
C LYS A 1158 92.23 0.15 31.63
N ASP A 1159 91.79 1.30 31.15
CA ASP A 1159 90.46 1.45 30.59
C ASP A 1159 90.58 1.86 29.13
N THR A 1160 90.28 0.93 28.23
CA THR A 1160 90.39 1.15 26.81
C THR A 1160 89.08 1.66 26.24
N ALA A 1161 88.98 1.60 24.92
CA ALA A 1161 87.84 2.08 24.16
C ALA A 1161 87.84 1.34 22.85
N SER A 1162 86.77 0.60 22.57
CA SER A 1162 86.70 -0.22 21.38
C SER A 1162 85.92 0.49 20.29
N PHE A 1163 86.37 0.34 19.05
CA PHE A 1163 85.76 0.99 17.91
C PHE A 1163 85.12 -0.03 16.99
N THR A 1164 83.99 0.33 16.41
CA THR A 1164 83.26 -0.59 15.56
C THR A 1164 82.80 0.18 14.33
N LEU A 1165 82.97 -0.42 13.17
CA LEU A 1165 82.41 0.13 11.96
C LEU A 1165 81.07 -0.53 11.69
N LYS A 1166 80.04 0.29 11.49
CA LYS A 1166 78.71 -0.21 11.28
C LYS A 1166 78.23 0.19 9.90
N LEU A 1167 77.42 -0.65 9.29
CA LEU A 1167 77.07 -0.48 7.89
C LEU A 1167 75.68 -1.03 7.65
N THR A 1168 74.80 -0.20 7.12
CA THR A 1168 73.43 -0.60 6.87
C THR A 1168 72.98 -0.05 5.53
N HIS A 1169 71.77 -0.41 5.10
CA HIS A 1169 71.26 0.05 3.82
C HIS A 1169 69.75 0.08 3.84
N VAL A 1170 69.17 0.81 2.90
CA VAL A 1170 67.72 0.81 2.72
C VAL A 1170 67.30 -0.46 2.00
N LYS A 1171 66.26 -1.09 2.52
CA LYS A 1171 65.61 -2.17 1.83
C LYS A 1171 64.61 -1.58 0.84
N TYR A 1172 64.02 -2.42 0.00
CA TYR A 1172 63.15 -1.90 -1.04
C TYR A 1172 61.94 -1.19 -0.44
N ASP A 1173 61.46 -1.62 0.72
CA ASP A 1173 60.32 -0.98 1.35
C ASP A 1173 60.73 0.17 2.22
N GLY A 1174 61.89 0.75 2.00
CA GLY A 1174 62.28 1.97 2.68
C GLY A 1174 62.69 1.80 4.11
N SER A 1175 62.61 0.60 4.66
CA SER A 1175 63.17 0.36 5.98
C SER A 1175 64.65 0.15 5.86
N TRP A 1176 65.33 0.18 7.00
CA TRP A 1176 66.78 0.10 7.03
C TRP A 1176 67.19 -1.25 7.58
N ALA A 1177 68.17 -1.86 6.94
CA ALA A 1177 68.58 -3.17 7.38
C ALA A 1177 69.30 -3.07 8.71
N SER A 1178 69.32 -4.18 9.43
CA SER A 1178 70.06 -4.25 10.67
C SER A 1178 71.54 -4.15 10.38
N PRO A 1179 72.27 -3.30 11.08
CA PRO A 1179 73.62 -2.96 10.63
C PRO A 1179 74.61 -4.07 10.88
N PHE A 1180 75.45 -4.31 9.89
CA PHE A 1180 76.59 -5.19 10.08
C PHE A 1180 77.58 -4.48 10.96
N SER A 1181 78.56 -5.20 11.48
CA SER A 1181 79.55 -4.54 12.30
C SER A 1181 80.91 -5.18 12.05
N TYR A 1182 81.94 -4.37 12.12
CA TYR A 1182 83.30 -4.82 11.92
C TYR A 1182 84.16 -4.21 13.00
N ASP A 1183 84.87 -5.04 13.75
CA ASP A 1183 85.74 -4.51 14.77
C ASP A 1183 86.93 -3.83 14.13
N ILE A 1184 87.19 -2.61 14.56
CA ILE A 1184 88.12 -1.71 13.89
C ILE A 1184 89.31 -1.40 14.77
N THR A 1185 89.11 -1.35 16.08
CA THR A 1185 90.15 -0.92 16.99
C THR A 1185 91.40 -1.78 16.83
N GLU A 1186 92.45 -1.19 16.28
CA GLU A 1186 93.76 -1.81 16.27
C GLU A 1186 94.80 -0.77 16.66
N LYS A 1187 94.93 -0.52 17.96
CA LYS A 1187 96.12 0.09 18.55
C LYS A 1187 96.47 1.46 17.97
N ASN A 1188 95.69 1.94 17.02
CA ASN A 1188 96.11 3.16 16.35
C ASN A 1188 94.99 4.17 16.18
N ILE A 1189 93.78 3.72 15.80
CA ILE A 1189 92.65 4.62 15.79
C ILE A 1189 92.28 5.04 17.20
N SER A 1190 92.51 4.17 18.18
CA SER A 1190 92.41 4.60 19.56
C SER A 1190 93.38 5.73 19.83
N GLY A 1191 94.52 5.76 19.14
CA GLY A 1191 95.54 6.74 19.35
C GLY A 1191 95.40 8.00 18.55
N TRP A 1192 94.60 8.00 17.49
CA TRP A 1192 94.42 9.21 16.71
C TRP A 1192 93.63 10.22 17.53
N LYS A 1193 93.40 11.37 16.91
CA LYS A 1193 92.58 12.41 17.50
C LYS A 1193 92.06 13.22 16.34
N LYS A 1194 90.77 13.53 16.36
CA LYS A 1194 90.14 14.11 15.19
C LYS A 1194 90.31 13.22 13.97
N THR A 1195 89.69 12.05 13.96
CA THR A 1195 89.74 11.23 12.76
C THR A 1195 88.52 11.51 11.87
N GLY A 1196 88.54 10.93 10.68
CA GLY A 1196 87.43 11.02 9.76
C GLY A 1196 87.45 9.83 8.83
N LEU A 1197 86.26 9.41 8.39
CA LEU A 1197 86.18 8.21 7.59
C LEU A 1197 85.82 8.56 6.15
N TYR A 1198 86.21 7.67 5.25
CA TYR A 1198 86.03 7.86 3.82
C TYR A 1198 85.30 6.64 3.31
N CYS A 1199 84.45 6.82 2.31
CA CYS A 1199 83.73 5.69 1.73
C CYS A 1199 83.36 6.01 0.31
N ALA A 1200 83.64 5.07 -0.58
CA ALA A 1200 83.34 5.26 -1.99
C ALA A 1200 83.21 3.91 -2.65
N ALA A 1201 82.28 3.82 -3.59
CA ALA A 1201 82.15 2.61 -4.37
C ALA A 1201 83.24 2.56 -5.42
N SER A 1202 83.33 1.43 -6.13
CA SER A 1202 84.36 1.24 -7.14
C SER A 1202 83.70 0.79 -8.43
N GLN A 1203 84.06 1.44 -9.53
CA GLN A 1203 83.55 1.00 -10.83
C GLN A 1203 84.21 -0.28 -11.30
N GLU A 1204 85.39 -0.60 -10.79
CA GLU A 1204 86.07 -1.86 -11.03
C GLU A 1204 86.02 -2.66 -9.74
N ASP A 1205 85.80 -3.98 -9.87
CA ASP A 1205 85.76 -4.86 -8.70
C ASP A 1205 84.74 -4.35 -7.68
N ASN A 1206 83.49 -4.45 -8.07
CA ASN A 1206 82.41 -3.88 -7.28
C ASN A 1206 82.57 -4.23 -5.82
N SER A 1207 82.91 -3.23 -5.03
CA SER A 1207 83.17 -3.37 -3.62
C SER A 1207 83.05 -2.00 -3.00
N LEU A 1208 83.34 -1.90 -1.71
CA LEU A 1208 83.28 -0.64 -0.99
C LEU A 1208 84.65 -0.38 -0.42
N LEU A 1209 85.28 0.69 -0.84
CA LEU A 1209 86.51 1.11 -0.19
C LEU A 1209 86.14 1.99 0.98
N ILE A 1210 86.33 1.48 2.18
CA ILE A 1210 86.17 2.27 3.39
C ILE A 1210 87.55 2.56 3.95
N ALA A 1211 87.69 3.71 4.58
CA ALA A 1211 89.00 4.12 5.07
C ALA A 1211 88.82 5.18 6.13
N TRP A 1212 89.27 4.90 7.33
CA TRP A 1212 89.36 5.91 8.37
C TRP A 1212 90.80 6.40 8.40
N TYR A 1213 90.97 7.69 8.55
CA TYR A 1213 92.30 8.28 8.47
C TYR A 1213 92.43 9.33 9.57
N GLN A 1214 93.65 9.57 9.98
CA GLN A 1214 93.89 10.63 10.94
C GLN A 1214 93.77 11.99 10.27
N ILE A 1215 93.36 12.97 11.03
CA ILE A 1215 93.31 14.34 10.55
C ILE A 1215 94.38 15.14 11.28
N GLU A 1216 95.05 16.00 10.53
CA GLU A 1216 95.89 17.05 11.08
C GLU A 1216 95.59 18.29 10.26
N LYS A 1217 96.45 19.29 10.30
CA LYS A 1217 96.35 20.35 9.31
C LYS A 1217 96.24 19.75 7.91
N GLU A 1218 97.07 18.77 7.61
CA GLU A 1218 97.01 18.00 6.38
C GLU A 1218 96.20 16.74 6.61
N THR A 1219 95.74 16.15 5.51
CA THR A 1219 94.93 14.96 5.60
C THR A 1219 95.81 13.74 5.74
N GLN A 1220 95.31 12.76 6.47
CA GLN A 1220 95.78 11.39 6.37
C GLN A 1220 97.27 11.23 6.64
N PRO A 1221 97.79 11.68 7.78
CA PRO A 1221 99.10 11.17 8.18
C PRO A 1221 99.10 9.66 8.26
N ASN A 1222 98.08 9.06 8.86
CA ASN A 1222 97.92 7.62 8.89
C ASN A 1222 96.50 7.29 8.48
N SER A 1223 96.34 6.14 7.84
CA SER A 1223 95.04 5.75 7.32
C SER A 1223 94.97 4.25 7.21
N PHE A 1224 93.86 3.70 7.67
CA PHE A 1224 93.60 2.28 7.57
C PHE A 1224 92.41 2.08 6.64
N GLY A 1225 92.50 1.08 5.77
CA GLY A 1225 91.48 0.83 4.78
C GLY A 1225 90.72 -0.46 5.06
N LEU A 1226 89.83 -0.78 4.15
CA LEU A 1226 88.95 -1.92 4.27
C LEU A 1226 88.19 -2.05 2.97
N HIS A 1227 88.05 -3.27 2.48
CA HIS A 1227 87.22 -3.53 1.32
C HIS A 1227 86.07 -4.42 1.73
N ILE A 1228 84.93 -4.23 1.09
CA ILE A 1228 83.73 -4.96 1.47
C ILE A 1228 83.06 -5.50 0.21
N GLN A 1229 82.99 -6.81 0.10
CA GLN A 1229 82.33 -7.44 -1.02
C GLN A 1229 80.83 -7.39 -0.79
N PRO A 1230 80.04 -7.52 -1.85
CA PRO A 1230 78.58 -7.44 -1.69
C PRO A 1230 78.02 -8.47 -0.72
N ASP A 1231 78.73 -9.56 -0.45
CA ASP A 1231 78.34 -10.45 0.62
C ASP A 1231 78.65 -9.85 1.98
N MET A 1232 79.10 -8.60 2.01
CA MET A 1232 79.44 -7.90 3.24
C MET A 1232 80.44 -8.69 4.07
N SER A 1233 81.60 -8.93 3.48
CA SER A 1233 82.71 -9.60 4.15
C SER A 1233 83.95 -8.72 4.11
N CYS A 1234 84.51 -8.49 5.29
CA CYS A 1234 85.72 -7.69 5.44
C CYS A 1234 86.85 -8.27 4.59
N LYS A 1235 87.63 -7.38 4.00
CA LYS A 1235 88.86 -7.78 3.31
C LYS A 1235 89.81 -6.59 3.40
N LYS A 1236 90.73 -6.65 4.36
CA LYS A 1236 91.56 -5.52 4.69
C LYS A 1236 92.38 -5.09 3.48
N GLU A 1237 92.19 -3.85 3.05
CA GLU A 1237 93.06 -3.28 2.04
C GLU A 1237 94.41 -2.97 2.68
N PRO A 1238 95.49 -3.63 2.26
CA PRO A 1238 96.75 -3.50 2.98
C PRO A 1238 97.46 -2.19 2.72
N ASN A 1239 97.32 -1.63 1.53
CA ASN A 1239 98.02 -0.41 1.16
C ASN A 1239 96.99 0.59 0.67
N ILE A 1240 96.37 1.30 1.60
CA ILE A 1240 95.37 2.30 1.23
C ILE A 1240 95.91 3.70 1.27
N ALA A 1241 96.95 3.98 2.07
CA ALA A 1241 97.58 5.29 2.00
C ALA A 1241 97.99 5.63 0.58
N GLY A 1242 98.14 4.62 -0.27
CA GLY A 1242 98.34 4.85 -1.69
C GLY A 1242 97.06 5.13 -2.45
N ILE A 1243 95.93 4.61 -2.00
CA ILE A 1243 94.67 4.88 -2.68
C ILE A 1243 94.10 6.20 -2.21
N LEU A 1244 94.15 6.47 -0.90
CA LEU A 1244 93.78 7.78 -0.40
C LEU A 1244 94.68 8.86 -0.96
N ALA A 1245 95.87 8.50 -1.44
CA ALA A 1245 96.76 9.50 -2.00
C ALA A 1245 96.20 10.13 -3.26
N THR A 1246 95.48 9.37 -4.07
CA THR A 1246 94.91 9.91 -5.30
C THR A 1246 93.66 10.75 -5.05
N VAL A 1247 92.88 10.40 -4.04
CA VAL A 1247 91.64 11.12 -3.77
C VAL A 1247 91.75 12.02 -2.55
N THR A 1248 92.93 12.54 -2.26
CA THR A 1248 93.08 13.41 -1.10
C THR A 1248 92.32 14.71 -1.23
N HIS A 1249 91.80 15.03 -2.40
CA HIS A 1249 90.99 16.24 -2.50
C HIS A 1249 89.61 16.05 -1.94
N GLN A 1250 89.17 14.82 -1.73
CA GLN A 1250 87.87 14.53 -1.18
C GLN A 1250 87.90 14.24 0.30
N LEU A 1251 89.06 14.31 0.93
CA LEU A 1251 89.19 13.91 2.31
C LEU A 1251 89.07 15.11 3.23
N ASP A 1252 88.54 14.88 4.42
CA ASP A 1252 88.37 15.97 5.37
C ASP A 1252 89.72 16.47 5.83
N THR A 1253 89.74 17.70 6.32
CA THR A 1253 90.85 18.27 7.04
C THR A 1253 90.33 18.75 8.38
N GLU A 1254 91.19 19.42 9.14
CA GLU A 1254 90.75 19.90 10.44
C GLU A 1254 89.68 20.97 10.33
N THR A 1255 89.51 21.57 9.15
CA THR A 1255 88.63 22.72 9.00
C THR A 1255 87.63 22.60 7.85
N THR A 1256 87.76 21.63 6.97
CA THR A 1256 86.84 21.50 5.87
C THR A 1256 86.16 20.14 5.89
N VAL A 1257 85.02 20.08 5.21
CA VAL A 1257 84.25 18.84 5.06
C VAL A 1257 83.93 18.70 3.60
N ARG A 1258 84.35 17.60 2.99
CA ARG A 1258 84.24 17.42 1.56
C ARG A 1258 83.47 16.14 1.28
N VAL A 1259 82.61 16.17 0.26
CA VAL A 1259 81.84 14.98 -0.05
C VAL A 1259 82.67 14.11 -0.98
N ASN A 1260 82.48 12.81 -0.87
CA ASN A 1260 83.24 11.88 -1.69
C ASN A 1260 82.48 11.57 -2.96
N THR A 1261 83.20 11.23 -4.00
CA THR A 1261 82.62 10.75 -5.24
C THR A 1261 83.08 9.33 -5.43
N LEU A 1262 82.45 8.62 -6.36
CA LEU A 1262 82.86 7.24 -6.55
C LEU A 1262 84.28 7.18 -7.08
N LEU A 1263 84.88 6.00 -6.98
CA LEU A 1263 86.26 5.85 -7.37
C LEU A 1263 86.36 5.81 -8.89
N ASN A 1264 87.33 6.56 -9.42
CA ASN A 1264 87.60 6.55 -10.83
C ASN A 1264 88.05 5.16 -11.29
N ARG A 1265 87.69 4.83 -12.51
CA ARG A 1265 88.35 3.72 -13.17
C ARG A 1265 89.81 4.07 -13.39
N ILE A 1266 90.68 3.07 -13.32
CA ILE A 1266 92.08 3.34 -13.60
C ILE A 1266 92.31 3.61 -15.08
N SER A 1267 91.46 3.06 -15.94
CA SER A 1267 91.64 3.15 -17.38
C SER A 1267 90.30 3.38 -18.06
N SER A 1268 90.17 4.51 -18.73
CA SER A 1268 88.93 4.89 -19.41
C SER A 1268 88.91 4.33 -20.82
N PHE A 1269 87.84 3.62 -21.16
CA PHE A 1269 87.73 2.99 -22.46
C PHE A 1269 87.06 3.93 -23.43
N GLU A 1270 87.47 3.85 -24.69
CA GLU A 1270 86.87 4.64 -25.75
C GLU A 1270 86.72 3.76 -26.98
N PHE A 1271 85.62 3.94 -27.71
CA PHE A 1271 85.28 3.07 -28.82
C PHE A 1271 84.97 3.93 -30.05
N THR A 1272 85.91 3.99 -30.98
CA THR A 1272 85.65 4.63 -32.25
C THR A 1272 84.52 3.90 -32.95
N LEU A 1273 83.54 4.67 -33.44
CA LEU A 1273 82.28 4.08 -33.87
C LEU A 1273 82.42 3.15 -35.07
N GLU A 1274 83.49 3.28 -35.84
CA GLU A 1274 83.63 2.45 -37.03
C GLU A 1274 84.99 2.71 -37.66
N LYS A 1275 85.47 1.72 -38.40
CA LYS A 1275 86.52 1.93 -39.38
C LYS A 1275 86.00 1.68 -40.80
N GLN A 1276 85.37 0.54 -41.03
CA GLN A 1276 84.70 0.24 -42.30
C GLN A 1276 83.46 -0.57 -41.98
N GLU A 1277 82.45 -0.51 -42.84
CA GLU A 1277 81.21 -1.23 -42.54
C GLU A 1277 80.81 -2.26 -43.59
N GLY A 1278 81.54 -2.37 -44.69
CA GLY A 1278 81.22 -3.37 -45.69
C GLY A 1278 79.90 -3.16 -46.40
N ASN A 1279 79.05 -4.18 -46.40
CA ASN A 1279 77.75 -4.13 -47.08
C ASN A 1279 76.86 -3.09 -46.41
N LYS A 1280 76.57 -2.02 -47.16
CA LYS A 1280 75.82 -0.88 -46.61
C LYS A 1280 74.33 -1.11 -46.80
N GLU A 1281 73.88 -2.27 -46.39
CA GLU A 1281 72.45 -2.54 -46.33
C GLU A 1281 72.01 -2.91 -44.93
N ILE A 1282 72.82 -3.69 -44.22
CA ILE A 1282 72.61 -4.00 -42.82
C ILE A 1282 73.52 -3.11 -42.00
N ASP A 1283 72.93 -2.32 -41.12
CA ASP A 1283 73.70 -1.33 -40.37
C ASP A 1283 74.81 -1.99 -39.55
N LEU A 1284 74.52 -3.14 -38.95
CA LEU A 1284 75.51 -3.99 -38.28
C LEU A 1284 76.39 -3.20 -37.31
N VAL A 1285 75.73 -2.59 -36.34
CA VAL A 1285 76.40 -1.83 -35.30
C VAL A 1285 76.39 -2.66 -34.03
N ILE A 1286 77.47 -2.57 -33.26
CA ILE A 1286 77.59 -3.28 -32.00
C ILE A 1286 77.43 -2.28 -30.87
N SER A 1287 77.31 -2.79 -29.65
CA SER A 1287 77.34 -1.92 -28.48
C SER A 1287 77.97 -2.67 -27.32
N HIS A 1288 79.04 -2.12 -26.78
CA HIS A 1288 79.76 -2.73 -25.68
C HIS A 1288 79.01 -2.45 -24.39
N GLY A 1289 78.25 -3.42 -23.91
CA GLY A 1289 77.47 -3.20 -22.69
C GLY A 1289 78.35 -2.83 -21.51
N ASP A 1290 79.07 -3.81 -20.97
CA ASP A 1290 79.99 -3.58 -19.86
C ASP A 1290 81.41 -3.77 -20.36
N TYR A 1291 82.35 -3.12 -19.70
CA TYR A 1291 83.75 -3.34 -20.05
C TYR A 1291 84.61 -2.99 -18.84
N THR A 1292 85.64 -3.80 -18.61
CA THR A 1292 86.59 -3.57 -17.54
C THR A 1292 87.79 -4.46 -17.80
N VAL A 1293 88.79 -4.36 -16.93
CA VAL A 1293 89.95 -5.23 -17.00
C VAL A 1293 90.15 -5.86 -15.64
N LYS A 1294 90.34 -7.17 -15.63
CA LYS A 1294 90.58 -7.92 -14.41
C LYS A 1294 92.05 -7.72 -14.03
N THR A 1295 92.58 -8.61 -13.18
CA THR A 1295 94.00 -8.53 -12.84
C THR A 1295 94.90 -8.64 -14.07
N GLU A 1296 94.51 -9.46 -15.05
CA GLU A 1296 95.37 -9.74 -16.19
C GLU A 1296 94.65 -9.77 -17.54
N ASN A 1297 93.33 -9.62 -17.59
CA ASN A 1297 92.61 -9.76 -18.83
C ASN A 1297 91.42 -8.82 -18.87
N SER A 1298 91.05 -8.42 -20.08
CA SER A 1298 89.98 -7.46 -20.31
C SER A 1298 88.73 -8.23 -20.70
N ILE A 1299 87.67 -8.07 -19.92
CA ILE A 1299 86.40 -8.69 -20.22
C ILE A 1299 85.49 -7.63 -20.83
N SER A 1300 84.49 -8.11 -21.58
CA SER A 1300 83.58 -7.22 -22.26
C SER A 1300 82.27 -7.95 -22.50
N ALA A 1301 81.23 -7.17 -22.77
CA ALA A 1301 79.91 -7.71 -23.07
C ALA A 1301 79.42 -7.02 -24.32
N LEU A 1302 79.02 -7.80 -25.31
CA LEU A 1302 78.74 -7.28 -26.64
C LEU A 1302 77.34 -7.68 -27.10
N ILE A 1303 76.69 -6.76 -27.80
CA ILE A 1303 75.39 -7.02 -28.43
C ILE A 1303 75.43 -6.46 -29.85
N LEU A 1304 74.86 -7.23 -30.77
CA LEU A 1304 74.97 -6.94 -32.20
C LEU A 1304 73.58 -6.79 -32.80
N ASN A 1305 73.38 -5.72 -33.56
CA ASN A 1305 72.06 -5.37 -34.06
C ASN A 1305 72.08 -5.17 -35.57
N PRO A 1306 71.49 -6.06 -36.36
CA PRO A 1306 71.36 -5.84 -37.80
C PRO A 1306 70.03 -5.18 -38.15
N THR A 1307 69.87 -4.89 -39.44
CA THR A 1307 68.61 -4.32 -39.93
C THR A 1307 67.55 -5.39 -40.17
N ALA A 1308 67.76 -6.25 -41.18
CA ALA A 1308 66.84 -7.34 -41.53
C ALA A 1308 65.43 -6.82 -41.81
N TYR A 1309 65.33 -6.07 -42.89
CA TYR A 1309 64.06 -5.46 -43.31
C TYR A 1309 63.65 -6.00 -44.69
N ILE A 1310 62.64 -5.35 -45.27
CA ILE A 1310 62.00 -5.80 -46.50
C ILE A 1310 62.99 -5.66 -47.66
N ASN A 1311 62.60 -6.18 -48.83
CA ASN A 1311 63.30 -6.06 -50.11
C ASN A 1311 64.49 -7.00 -50.22
N ILE A 1312 64.51 -8.07 -49.43
CA ILE A 1312 65.45 -9.16 -49.68
C ILE A 1312 64.98 -9.88 -50.93
N THR A 1313 65.63 -9.62 -52.07
CA THR A 1313 65.42 -10.03 -53.45
C THR A 1313 66.05 -11.40 -53.70
N PRO A 1314 65.35 -12.33 -54.39
CA PRO A 1314 64.02 -12.15 -54.98
C PRO A 1314 62.90 -12.27 -53.96
N TYR A 1315 61.67 -12.30 -54.45
CA TYR A 1315 60.50 -12.41 -53.61
C TYR A 1315 59.82 -13.74 -53.83
N LYS A 1316 59.05 -14.16 -52.82
CA LYS A 1316 58.11 -15.27 -53.00
C LYS A 1316 56.66 -14.80 -52.88
N LEU A 1317 56.25 -14.15 -51.77
CA LEU A 1317 57.01 -13.91 -50.54
C LEU A 1317 56.31 -14.64 -49.40
N PHE A 1318 55.72 -15.78 -49.73
CA PHE A 1318 54.66 -16.35 -48.91
C PHE A 1318 55.14 -16.62 -47.48
N SER A 1319 56.09 -17.54 -47.33
CA SER A 1319 56.38 -18.08 -46.01
C SER A 1319 57.88 -17.99 -45.73
N ASP A 1320 58.19 -17.73 -44.46
CA ASP A 1320 59.54 -17.79 -43.95
C ASP A 1320 59.63 -18.92 -42.94
N ILE A 1321 60.45 -19.90 -43.25
CA ILE A 1321 60.74 -21.00 -42.33
C ILE A 1321 61.99 -20.62 -41.55
N PRO A 1322 61.90 -20.44 -40.23
CA PRO A 1322 63.04 -20.06 -39.40
C PRO A 1322 63.66 -21.27 -38.72
N ILE A 1447 67.02 -18.79 -57.78
CA ILE A 1447 68.19 -18.99 -56.95
C ILE A 1447 68.29 -17.83 -55.95
N ALA A 1448 68.51 -18.15 -54.68
CA ALA A 1448 68.46 -17.13 -53.64
C ALA A 1448 69.34 -17.53 -52.46
N GLN A 1449 69.14 -16.87 -51.34
CA GLN A 1449 69.97 -16.97 -50.16
C GLN A 1449 69.39 -17.95 -49.14
N VAL A 1450 69.87 -17.88 -47.90
CA VAL A 1450 69.45 -18.77 -46.82
C VAL A 1450 68.21 -18.18 -46.16
N LYS A 1451 67.05 -18.78 -46.48
CA LYS A 1451 65.83 -18.48 -45.74
C LYS A 1451 65.68 -19.35 -44.50
N THR A 1452 66.52 -20.37 -44.37
CA THR A 1452 66.52 -21.32 -43.26
C THR A 1452 67.49 -20.91 -42.15
N ILE A 1453 67.81 -21.86 -41.27
CA ILE A 1453 68.59 -21.70 -40.06
C ILE A 1453 69.77 -20.74 -40.20
N SER A 1454 69.99 -19.93 -39.16
CA SER A 1454 71.06 -18.92 -39.13
C SER A 1454 72.10 -19.24 -38.06
N SER A 1455 72.57 -20.48 -38.02
CA SER A 1455 73.50 -20.95 -37.00
C SER A 1455 74.89 -20.36 -37.17
N ASP A 1456 75.48 -19.93 -36.05
CA ASP A 1456 76.87 -19.47 -36.00
C ASP A 1456 77.14 -18.37 -37.03
N ASP A 1457 76.12 -17.59 -37.35
CA ASP A 1457 76.24 -16.63 -38.44
C ASP A 1457 77.02 -15.39 -38.03
N ILE A 1458 77.00 -15.04 -36.74
CA ILE A 1458 77.65 -13.83 -36.28
C ILE A 1458 78.85 -14.24 -35.43
N SER A 1459 79.85 -13.37 -35.37
CA SER A 1459 81.09 -13.74 -34.71
C SER A 1459 81.92 -12.49 -34.46
N MET A 1460 82.51 -12.39 -33.28
CA MET A 1460 83.44 -11.31 -32.97
C MET A 1460 84.86 -11.84 -33.05
N GLU A 1461 85.76 -11.02 -33.59
CA GLU A 1461 87.16 -11.40 -33.74
C GLU A 1461 88.01 -10.22 -33.24
N ILE A 1462 88.30 -10.22 -31.95
CA ILE A 1462 89.14 -9.16 -31.40
C ILE A 1462 90.56 -9.33 -31.87
N GLU A 1463 91.19 -8.23 -32.29
CA GLU A 1463 92.58 -8.24 -32.71
C GLU A 1463 93.43 -7.66 -31.60
N LEU A 1464 94.29 -8.50 -31.02
CA LEU A 1464 95.17 -8.06 -29.95
C LEU A 1464 96.38 -7.36 -30.54
N ASN A 1465 97.37 -7.04 -29.72
CA ASN A 1465 98.52 -6.29 -30.21
C ASN A 1465 99.14 -6.95 -31.43
N SER A 1466 99.29 -8.27 -31.42
CA SER A 1466 99.83 -8.97 -32.57
C SER A 1466 98.95 -10.16 -32.92
N THR A 1467 98.22 -10.68 -31.94
CA THR A 1467 97.43 -11.88 -32.09
C THR A 1467 95.96 -11.51 -32.30
N LYS A 1468 95.13 -12.53 -32.35
CA LYS A 1468 93.70 -12.31 -32.49
C LYS A 1468 92.98 -13.54 -31.96
N PHE A 1469 91.76 -13.34 -31.49
CA PHE A 1469 91.02 -14.43 -30.89
C PHE A 1469 89.57 -14.33 -31.32
N GLU A 1470 89.13 -15.37 -32.03
CA GLU A 1470 87.93 -15.35 -32.86
C GLU A 1470 86.87 -16.23 -32.22
N THR A 1471 85.82 -15.62 -31.68
CA THR A 1471 84.73 -16.35 -31.08
C THR A 1471 83.47 -16.17 -31.90
N ILE A 1472 82.72 -17.27 -32.08
CA ILE A 1472 81.53 -17.24 -32.91
C ILE A 1472 80.37 -17.53 -32.00
N THR A 1473 79.19 -17.03 -32.38
CA THR A 1473 78.04 -17.15 -31.50
C THR A 1473 77.55 -18.59 -31.39
N GLY A 1474 77.83 -19.43 -32.38
CA GLY A 1474 77.51 -20.84 -32.23
C GLY A 1474 78.22 -21.47 -31.06
N SER A 1475 79.25 -20.80 -30.55
CA SER A 1475 79.95 -21.18 -29.34
C SER A 1475 79.44 -20.46 -28.11
N ASP A 1476 78.43 -19.59 -28.23
CA ASP A 1476 77.88 -18.91 -27.08
C ASP A 1476 76.40 -19.23 -26.87
N VAL A 1477 75.54 -18.98 -27.85
CA VAL A 1477 74.10 -18.88 -27.62
C VAL A 1477 73.40 -20.02 -28.32
N GLY A 1478 72.40 -20.58 -27.66
CA GLY A 1478 71.41 -21.44 -28.30
C GLY A 1478 70.20 -20.69 -28.77
N LEU A 1479 70.09 -19.42 -28.36
CA LEU A 1479 69.01 -18.56 -28.79
C LEU A 1479 69.39 -17.92 -30.12
N ARG A 1480 68.50 -18.03 -31.09
CA ARG A 1480 68.74 -17.49 -32.43
C ARG A 1480 67.61 -16.54 -32.75
N PRO A 1481 67.90 -15.29 -33.10
CA PRO A 1481 66.85 -14.37 -33.53
C PRO A 1481 66.39 -14.74 -34.93
N PRO A 1482 65.13 -15.11 -35.09
CA PRO A 1482 64.66 -15.55 -36.41
C PRO A 1482 64.41 -14.38 -37.36
N LEU A 1483 64.61 -14.66 -38.65
CA LEU A 1483 64.33 -13.65 -39.65
C LEU A 1483 62.85 -13.28 -39.64
N TYR A 1484 61.99 -14.25 -39.35
CA TYR A 1484 60.61 -13.98 -38.93
C TYR A 1484 60.71 -13.27 -37.59
N PRO A 1485 59.97 -12.17 -37.35
CA PRO A 1485 58.81 -11.53 -38.01
C PRO A 1485 59.11 -10.85 -39.33
N THR A 1486 58.94 -11.57 -40.44
CA THR A 1486 59.25 -11.08 -41.78
C THR A 1486 58.77 -9.67 -42.06
N VAL A 1487 57.75 -9.20 -41.32
CA VAL A 1487 57.31 -7.81 -41.42
C VAL A 1487 58.51 -6.89 -41.30
N SER A 1488 58.50 -5.81 -42.07
CA SER A 1488 59.73 -5.09 -42.39
C SER A 1488 60.32 -4.39 -41.17
N ARG A 1489 61.60 -4.02 -41.31
CA ARG A 1489 62.33 -3.10 -40.45
C ARG A 1489 62.42 -3.61 -39.01
N GLU A 1490 62.06 -4.85 -38.76
CA GLU A 1490 62.37 -5.49 -37.49
C GLU A 1490 63.86 -5.81 -37.41
N THR A 1491 64.54 -5.27 -36.40
CA THR A 1491 65.94 -5.55 -36.15
C THR A 1491 66.08 -6.64 -35.09
N LEU A 1492 67.24 -7.28 -35.09
CA LEU A 1492 67.49 -8.41 -34.21
C LEU A 1492 68.65 -8.08 -33.27
N ALA A 1493 68.84 -8.93 -32.27
CA ALA A 1493 69.87 -8.73 -31.28
C ALA A 1493 70.62 -10.04 -31.08
N PHE A 1494 71.95 -9.94 -31.00
CA PHE A 1494 72.81 -11.08 -30.75
C PHE A 1494 73.59 -10.77 -29.49
N PRO A 1495 73.14 -11.27 -28.35
CA PRO A 1495 73.87 -11.01 -27.10
C PRO A 1495 75.00 -11.99 -26.87
N PHE A 1496 76.13 -11.46 -26.43
CA PHE A 1496 77.33 -12.23 -26.11
C PHE A 1496 77.54 -12.22 -24.60
N GLY A 1497 77.88 -13.37 -24.03
CA GLY A 1497 77.96 -13.45 -22.59
C GLY A 1497 79.32 -13.26 -21.95
N LYS A 1498 79.61 -12.03 -21.53
CA LYS A 1498 80.77 -11.74 -20.68
C LYS A 1498 82.06 -12.30 -21.28
N LEU A 1499 82.41 -11.78 -22.45
CA LEU A 1499 83.56 -12.29 -23.20
C LEU A 1499 84.84 -11.96 -22.47
N SER A 1500 85.29 -12.87 -21.61
CA SER A 1500 86.56 -12.69 -20.92
C SER A 1500 87.67 -12.92 -21.93
N ILE A 1501 88.04 -11.86 -22.63
CA ILE A 1501 88.95 -11.94 -23.77
C ILE A 1501 90.36 -12.01 -23.21
N THR A 1502 91.00 -13.16 -23.41
CA THR A 1502 92.34 -13.43 -22.93
C THR A 1502 93.29 -13.55 -24.12
N ILE A 1503 94.49 -12.99 -23.99
CA ILE A 1503 94.88 -12.24 -22.80
C ILE A 1503 95.85 -11.16 -23.25
N PRO A 1504 95.72 -9.98 -22.68
CA PRO A 1504 96.79 -8.98 -22.86
C PRO A 1504 98.04 -9.41 -22.12
N ALA A 1505 99.08 -9.80 -22.86
CA ALA A 1505 100.35 -10.21 -22.29
C ALA A 1505 101.46 -9.44 -22.99
N GLY A 1506 102.60 -9.29 -22.32
CA GLY A 1506 103.73 -8.61 -22.91
C GLY A 1506 103.46 -7.17 -23.26
N ALA A 1507 102.32 -6.63 -22.87
CA ALA A 1507 101.94 -5.26 -23.12
C ALA A 1507 102.05 -4.47 -21.83
N ASP A 1508 102.46 -3.21 -21.95
CA ASP A 1508 102.54 -2.31 -20.80
C ASP A 1508 101.13 -1.96 -20.35
N ILE A 1509 100.79 -2.37 -19.13
CA ILE A 1509 99.45 -2.19 -18.57
C ILE A 1509 99.51 -1.11 -17.52
N ASN A 1510 98.99 0.07 -17.83
CA ASN A 1510 98.41 0.36 -19.15
C ASN A 1510 99.06 1.60 -19.73
N ASN A 1511 100.16 1.43 -20.44
CA ASN A 1511 100.90 2.55 -21.02
C ASN A 1511 100.73 2.65 -22.53
N LEU A 1512 100.87 1.52 -23.24
CA LEU A 1512 100.64 1.44 -24.68
C LEU A 1512 99.63 0.35 -24.95
N ASP A 1513 98.52 0.41 -24.22
CA ASP A 1513 97.48 -0.61 -24.18
C ASP A 1513 96.40 -0.40 -25.23
N CYS A 1514 96.60 0.51 -26.17
CA CYS A 1514 95.61 0.75 -27.22
C CYS A 1514 95.69 -0.41 -28.21
N THR A 1515 94.87 -1.43 -27.99
CA THR A 1515 94.76 -2.54 -28.93
C THR A 1515 94.35 -1.96 -30.27
N ILE A 1516 94.80 -2.60 -31.35
CA ILE A 1516 94.55 -2.05 -32.68
C ILE A 1516 93.06 -1.88 -32.91
N LYS A 1517 92.29 -2.96 -32.83
CA LYS A 1517 90.86 -2.87 -33.08
C LYS A 1517 90.14 -4.12 -32.60
N VAL A 1518 88.81 -4.01 -32.57
CA VAL A 1518 87.89 -5.11 -32.29
C VAL A 1518 86.95 -5.21 -33.47
N ARG A 1519 87.00 -6.33 -34.18
CA ARG A 1519 86.30 -6.48 -35.45
C ARG A 1519 85.38 -7.70 -35.38
N PHE A 1520 84.16 -7.55 -35.88
CA PHE A 1520 83.26 -8.68 -35.97
C PHE A 1520 82.62 -8.75 -37.34
N LYS A 1521 82.00 -9.91 -37.63
CA LYS A 1521 81.57 -10.24 -38.99
C LYS A 1521 80.27 -11.03 -38.91
N ASN A 1522 79.16 -10.43 -39.35
CA ASN A 1522 77.96 -11.21 -39.60
C ASN A 1522 78.16 -11.95 -40.90
N THR A 1523 78.92 -13.04 -40.88
CA THR A 1523 79.23 -13.77 -42.10
C THR A 1523 78.00 -14.59 -42.45
N ASP A 1524 77.40 -14.23 -43.57
CA ASP A 1524 76.27 -14.92 -44.14
C ASP A 1524 76.15 -14.44 -45.58
N VAL A 1525 75.40 -15.17 -46.40
CA VAL A 1525 75.24 -14.76 -47.78
C VAL A 1525 74.53 -13.41 -47.81
N LEU A 1526 75.14 -12.44 -48.47
CA LEU A 1526 74.70 -11.03 -48.43
C LEU A 1526 74.69 -10.51 -46.99
N ALA A 1527 75.89 -10.44 -46.41
CA ALA A 1527 76.06 -9.93 -45.05
C ALA A 1527 77.50 -9.51 -44.88
N ALA A 1528 77.77 -8.73 -43.83
CA ALA A 1528 78.96 -7.90 -43.82
C ALA A 1528 79.65 -7.94 -42.47
N THR A 1529 80.59 -7.00 -42.31
CA THR A 1529 81.42 -6.85 -41.13
C THR A 1529 81.54 -5.37 -40.79
N THR A 1530 81.82 -5.08 -39.52
CA THR A 1530 82.23 -3.77 -39.07
C THR A 1530 83.29 -3.96 -38.00
N THR A 1531 84.05 -2.90 -37.74
CA THR A 1531 85.13 -2.98 -36.78
C THR A 1531 85.20 -1.72 -35.93
N TYR A 1532 85.64 -1.91 -34.68
CA TYR A 1532 85.77 -0.84 -33.72
C TYR A 1532 87.15 -0.89 -33.10
N LYS A 1533 87.63 0.27 -32.66
CA LYS A 1533 88.96 0.40 -32.09
C LYS A 1533 88.87 0.64 -30.60
N LEU A 1534 89.64 -0.12 -29.83
CA LEU A 1534 89.66 0.02 -28.38
C LEU A 1534 90.80 0.94 -27.95
N VAL A 1535 90.44 2.00 -27.25
CA VAL A 1535 91.34 3.14 -27.07
C VAL A 1535 91.56 3.35 -25.57
N ILE A 1536 91.61 2.26 -24.81
CA ILE A 1536 91.85 2.35 -23.37
C ILE A 1536 93.03 3.26 -23.08
N LYS A 1537 92.87 4.12 -22.07
CA LYS A 1537 93.90 5.09 -21.75
C LYS A 1537 93.73 5.55 -20.31
N LYS A 1538 94.80 5.47 -19.53
CA LYS A 1538 94.74 5.84 -18.12
C LYS A 1538 94.62 7.34 -17.98
N THR A 1539 93.63 7.78 -17.21
CA THR A 1539 93.29 9.18 -17.05
C THR A 1539 93.27 9.53 -15.57
N ASP A 1540 93.17 10.82 -15.28
CA ASP A 1540 93.12 11.26 -13.89
C ASP A 1540 92.51 12.66 -13.75
N PRO A 1541 91.20 12.77 -13.70
CA PRO A 1541 90.57 14.07 -13.41
C PRO A 1541 90.83 14.50 -11.97
N VAL A 1542 91.62 15.55 -11.80
CA VAL A 1542 92.19 15.88 -10.50
C VAL A 1542 91.44 17.05 -9.88
N GLN A 1543 91.26 16.99 -8.56
CA GLN A 1543 90.87 18.13 -7.74
C GLN A 1543 89.59 18.79 -8.24
N LYS A 1544 88.59 17.96 -8.50
CA LYS A 1544 87.22 18.43 -8.70
C LYS A 1544 86.51 18.28 -7.37
N VAL A 1545 86.78 19.21 -6.47
CA VAL A 1545 86.40 19.06 -5.07
C VAL A 1545 85.05 19.71 -4.83
N ILE A 1546 84.23 19.06 -4.02
CA ILE A 1546 82.90 19.52 -3.66
C ILE A 1546 82.76 19.41 -2.16
N SER A 1547 82.57 20.56 -1.49
CA SER A 1547 82.75 20.60 -0.06
C SER A 1547 81.53 21.23 0.58
N LEU A 1548 81.41 21.02 1.88
CA LEU A 1548 80.29 21.56 2.67
C LEU A 1548 80.83 22.55 3.67
N TYR A 1549 80.11 23.66 3.85
CA TYR A 1549 80.54 24.69 4.77
C TYR A 1549 79.39 25.09 5.66
N THR A 1550 79.71 25.83 6.72
CA THR A 1550 78.72 26.38 7.62
C THR A 1550 79.19 27.74 8.08
N THR A 1551 78.50 28.78 7.66
CA THR A 1551 78.95 30.12 8.01
C THR A 1551 78.83 30.30 9.51
N PRO A 1552 79.62 31.21 10.09
CA PRO A 1552 79.55 31.42 11.54
C PRO A 1552 78.18 31.82 12.03
N ASP A 1553 77.32 32.36 11.17
CA ASP A 1553 75.99 32.79 11.57
C ASP A 1553 74.91 31.78 11.19
N GLY A 1554 75.29 30.56 10.83
CA GLY A 1554 74.32 29.50 10.75
C GLY A 1554 74.12 28.86 9.39
N ALA A 1555 74.34 29.62 8.33
CA ALA A 1555 74.04 29.11 7.01
C ALA A 1555 75.00 28.00 6.62
N GLN A 1556 74.45 26.95 6.03
CA GLN A 1556 75.26 25.93 5.39
C GLN A 1556 75.16 26.08 3.90
N TYR A 1557 76.12 25.53 3.19
CA TYR A 1557 76.06 25.51 1.75
C TYR A 1557 77.03 24.48 1.22
N MET A 1558 76.64 23.79 0.17
CA MET A 1558 77.53 22.92 -0.56
C MET A 1558 78.21 23.75 -1.62
N GLU A 1559 79.52 23.82 -1.57
CA GLU A 1559 80.28 24.62 -2.51
C GLU A 1559 80.95 23.68 -3.49
N TRP A 1560 80.45 23.66 -4.71
CA TRP A 1560 81.03 22.83 -5.74
C TRP A 1560 81.56 23.74 -6.84
N ASP A 1561 82.01 23.16 -7.95
CA ASP A 1561 83.14 23.71 -8.71
C ASP A 1561 83.29 25.22 -8.61
N GLY A 1562 82.25 25.96 -8.96
CA GLY A 1562 82.38 27.40 -8.91
C GLY A 1562 81.14 28.07 -8.38
N TYR A 1563 80.24 27.29 -7.80
CA TYR A 1563 78.98 27.80 -7.31
C TYR A 1563 78.81 27.41 -5.85
N ARG A 1564 77.76 27.92 -5.24
CA ARG A 1564 77.38 27.56 -3.90
C ARG A 1564 75.88 27.31 -3.85
N THR A 1565 75.50 26.22 -3.22
CA THR A 1565 74.10 25.88 -3.06
C THR A 1565 73.78 25.85 -1.58
N ARG A 1566 72.85 26.68 -1.17
CA ARG A 1566 72.47 26.70 0.23
C ARG A 1566 71.73 25.44 0.60
N LEU A 1567 72.17 24.77 1.66
CA LEU A 1567 71.59 23.49 2.03
C LEU A 1567 70.46 23.64 3.03
N ASN A 1568 70.69 24.37 4.11
CA ASN A 1568 69.70 24.48 5.16
C ASN A 1568 68.99 25.83 5.06
N THR A 1569 68.18 26.15 6.07
CA THR A 1569 67.58 27.49 6.17
C THR A 1569 67.49 27.90 7.63
N LEU A 1570 67.68 29.19 7.88
CA LEU A 1570 67.53 29.74 9.21
C LEU A 1570 66.13 30.30 9.45
N PHE A 1571 65.13 29.76 8.76
CA PHE A 1571 63.80 30.29 8.91
C PHE A 1571 63.24 29.98 10.28
N THR A 1572 63.59 28.85 10.86
CA THR A 1572 62.96 28.45 12.09
C THR A 1572 63.50 29.20 13.30
N ARG A 1573 64.67 29.79 13.19
CA ARG A 1573 65.19 30.59 14.26
C ARG A 1573 64.50 31.93 14.37
N GLN A 1574 63.73 32.31 13.36
CA GLN A 1574 62.99 33.56 13.37
C GLN A 1574 61.49 33.34 13.37
N LEU A 1575 61.00 32.24 12.83
CA LEU A 1575 59.61 31.86 12.96
C LEU A 1575 59.19 31.73 14.41
N ILE A 1576 60.15 31.49 15.31
CA ILE A 1576 59.81 31.12 16.67
C ILE A 1576 59.15 32.27 17.40
N GLU A 1577 59.47 33.50 16.99
CA GLU A 1577 58.93 34.70 17.61
C GLU A 1577 57.61 35.10 17.00
N ARG A 1578 57.46 34.91 15.69
CA ARG A 1578 56.17 35.11 15.07
C ARG A 1578 55.14 34.13 15.61
N ALA A 1579 55.54 32.90 15.89
CA ALA A 1579 54.61 31.83 16.21
C ALA A 1579 53.85 32.06 17.50
N ASN A 1580 54.28 32.99 18.34
CA ASN A 1580 53.54 33.22 19.57
C ASN A 1580 52.34 34.09 19.34
N ASN A 1581 52.32 34.85 18.25
CA ASN A 1581 51.18 35.66 17.96
C ASN A 1581 50.06 34.89 17.29
N GLY A 1582 50.33 33.69 16.78
CA GLY A 1582 49.31 32.81 16.28
C GLY A 1582 49.49 32.50 14.81
N ILE A 1583 48.54 31.73 14.29
CA ILE A 1583 48.57 31.38 12.87
C ILE A 1583 48.51 32.61 12.01
N ASP A 1584 47.77 33.63 12.43
CA ASP A 1584 47.62 34.82 11.62
C ASP A 1584 48.96 35.51 11.43
N ALA A 1585 49.85 35.41 12.41
CA ALA A 1585 51.18 35.99 12.29
C ALA A 1585 52.18 35.06 11.65
N ILE A 1586 51.99 33.76 11.78
CA ILE A 1586 52.89 32.82 11.12
C ILE A 1586 52.69 32.87 9.62
N LEU A 1587 51.46 33.03 9.16
CA LEU A 1587 51.13 32.92 7.76
C LEU A 1587 51.07 34.26 7.04
N SER A 1588 51.43 35.33 7.69
CA SER A 1588 51.36 36.63 7.05
C SER A 1588 52.62 36.88 6.22
N PRO A 1589 52.52 37.67 5.15
CA PRO A 1589 53.65 37.79 4.21
C PRO A 1589 54.94 38.29 4.85
N GLU A 1590 54.85 38.98 5.98
CA GLU A 1590 56.07 39.39 6.65
C GLU A 1590 56.87 38.19 7.11
N THR A 1591 56.21 37.07 7.39
CA THR A 1591 56.95 35.86 7.68
C THR A 1591 57.64 35.33 6.46
N GLN A 1592 57.08 35.57 5.28
CA GLN A 1592 57.63 35.01 4.06
C GLN A 1592 58.75 35.84 3.50
N TYR A 1593 58.91 37.08 3.96
CA TYR A 1593 60.03 37.90 3.51
C TYR A 1593 61.21 37.83 4.44
N LEU A 1594 61.29 36.82 5.28
CA LEU A 1594 62.29 36.82 6.32
C LEU A 1594 63.69 36.66 5.73
N PRO A 1595 64.66 37.40 6.22
CA PRO A 1595 65.99 37.37 5.59
C PRO A 1595 66.75 36.10 5.86
N GLU A 1596 67.91 35.97 5.26
CA GLU A 1596 68.72 34.77 5.34
C GLU A 1596 70.18 35.11 5.10
N PRO A 1597 71.10 34.65 5.93
CA PRO A 1597 72.50 35.04 5.79
C PRO A 1597 73.03 34.62 4.44
N LYS A 1598 74.03 35.32 3.97
CA LYS A 1598 74.43 34.94 2.64
C LYS A 1598 75.39 33.77 2.69
N PRO A 1599 75.35 32.89 1.71
CA PRO A 1599 76.15 31.68 1.78
C PRO A 1599 77.63 31.95 1.64
N GLY A 1600 78.33 31.96 2.75
CA GLY A 1600 79.76 32.13 2.67
C GLY A 1600 80.16 33.55 2.35
N GLN A 1601 81.33 33.66 1.71
CA GLN A 1601 81.87 34.96 1.36
C GLN A 1601 81.61 35.27 -0.10
N GLY A 1602 81.09 36.45 -0.36
CA GLY A 1602 80.73 36.85 -1.70
C GLY A 1602 79.81 38.02 -1.62
N THR A 1603 79.40 38.49 -2.80
CA THR A 1603 78.57 39.67 -2.87
C THR A 1603 77.32 39.38 -3.67
N TYR A 1604 76.23 40.00 -3.29
CA TYR A 1604 75.05 40.10 -4.13
C TYR A 1604 75.32 41.17 -5.15
N VAL A 1605 74.84 40.97 -6.37
CA VAL A 1605 75.02 41.94 -7.43
C VAL A 1605 73.73 42.01 -8.23
N THR A 1606 73.14 43.19 -8.32
CA THR A 1606 71.92 43.38 -9.08
C THR A 1606 72.26 44.06 -10.39
N LEU A 1607 72.44 43.26 -11.44
CA LEU A 1607 72.76 43.78 -12.76
C LEU A 1607 71.47 44.21 -13.43
N ILE A 1608 71.40 45.47 -13.82
CA ILE A 1608 70.31 45.97 -14.66
C ILE A 1608 70.82 46.07 -16.09
N LEU A 1609 69.99 45.68 -17.04
CA LEU A 1609 70.39 45.61 -18.43
C LEU A 1609 69.39 46.37 -19.30
N LYS A 1610 69.90 46.94 -20.38
CA LYS A 1610 69.07 47.72 -21.28
C LYS A 1610 68.19 46.79 -22.13
N PRO A 1611 67.14 47.33 -22.74
CA PRO A 1611 66.34 46.52 -23.66
C PRO A 1611 67.15 46.04 -24.84
N TYR A 1612 66.51 45.23 -25.68
CA TYR A 1612 67.21 44.64 -26.81
C TYR A 1612 67.49 45.68 -27.89
N ASP A 1613 68.77 45.84 -28.23
CA ASP A 1613 69.20 46.60 -29.39
C ASP A 1613 69.93 45.67 -30.33
N LYS A 1614 69.54 45.71 -31.61
CA LYS A 1614 70.05 44.73 -32.56
C LYS A 1614 71.55 44.89 -32.78
N ASN A 1615 72.12 46.01 -32.38
CA ASN A 1615 73.53 46.26 -32.67
C ASN A 1615 74.42 45.69 -31.57
N THR A 1616 74.10 45.98 -30.32
CA THR A 1616 74.90 45.55 -29.20
C THR A 1616 74.67 44.10 -28.80
N HIS A 1617 73.50 43.54 -29.11
CA HIS A 1617 73.16 42.19 -28.69
C HIS A 1617 73.26 41.17 -29.80
N GLY A 1618 73.60 41.58 -31.00
CA GLY A 1618 73.47 40.63 -32.08
C GLY A 1618 72.01 40.42 -32.41
N THR A 1619 71.73 39.26 -33.01
CA THR A 1619 70.39 38.95 -33.46
C THR A 1619 69.55 38.23 -32.41
N ASN A 1620 70.13 37.30 -31.67
CA ASN A 1620 69.39 36.52 -30.69
C ASN A 1620 69.15 37.34 -29.44
N ARG A 1621 67.96 37.21 -28.86
CA ARG A 1621 67.59 38.04 -27.72
C ARG A 1621 68.00 37.44 -26.39
N ALA A 1622 68.63 36.26 -26.39
CA ALA A 1622 69.03 35.61 -25.17
C ALA A 1622 70.40 36.10 -24.71
N PHE A 1623 70.64 36.02 -23.41
CA PHE A 1623 71.88 36.48 -22.82
C PHE A 1623 72.19 35.63 -21.60
N THR A 1624 73.47 35.39 -21.39
CA THR A 1624 73.96 34.71 -20.21
C THR A 1624 75.13 35.48 -19.66
N ILE A 1625 75.15 35.70 -18.34
CA ILE A 1625 76.17 36.54 -17.75
C ILE A 1625 77.06 35.67 -16.87
N TYR A 1626 78.37 35.82 -17.02
CA TYR A 1626 79.33 34.97 -16.33
C TYR A 1626 80.00 35.74 -15.21
N TYR A 1627 80.86 35.05 -14.50
CA TYR A 1627 81.76 35.71 -13.58
C TYR A 1627 83.07 34.92 -13.57
N SER A 1628 84.12 35.56 -13.10
CA SER A 1628 85.40 34.88 -12.98
C SER A 1628 86.20 35.58 -11.88
N ASN A 1629 87.43 35.13 -11.66
CA ASN A 1629 88.13 35.45 -10.42
C ASN A 1629 89.00 36.71 -10.46
N ASP A 1630 89.89 36.89 -11.43
CA ASP A 1630 90.03 36.17 -12.68
C ASP A 1630 91.46 36.20 -13.17
N ALA A 1631 92.12 35.05 -13.15
CA ALA A 1631 93.39 34.92 -13.85
C ALA A 1631 93.08 34.63 -15.32
N THR A 1632 92.84 35.68 -16.09
CA THR A 1632 92.11 35.58 -17.34
C THR A 1632 92.65 34.46 -18.21
N GLY A 1633 91.80 33.48 -18.49
CA GLY A 1633 92.22 32.16 -18.89
C GLY A 1633 92.00 31.11 -17.83
N SER A 1634 91.47 31.49 -16.67
CA SER A 1634 91.19 30.56 -15.58
C SER A 1634 89.77 30.04 -15.61
N GLY A 1635 89.06 30.22 -16.71
CA GLY A 1635 87.71 29.72 -16.82
C GLY A 1635 86.73 30.57 -16.04
N LYS A 1636 85.55 30.78 -16.62
CA LYS A 1636 84.53 31.58 -15.95
C LYS A 1636 83.27 30.76 -15.88
N PHE A 1637 82.50 31.00 -14.86
CA PHE A 1637 81.37 30.14 -14.59
C PHE A 1637 80.08 30.84 -14.95
N PRO A 1638 79.23 30.22 -15.77
CA PRO A 1638 77.93 30.84 -16.09
C PRO A 1638 77.08 30.93 -14.84
N VAL A 1639 76.67 32.14 -14.49
CA VAL A 1639 75.94 32.33 -13.26
C VAL A 1639 74.48 32.71 -13.49
N TYR A 1640 74.08 32.95 -14.72
CA TYR A 1640 72.71 33.32 -15.01
C TYR A 1640 72.50 33.27 -16.50
N SER A 1641 71.34 32.78 -16.90
CA SER A 1641 70.96 32.79 -18.29
C SER A 1641 69.57 33.39 -18.35
N GLY A 1642 69.23 34.01 -19.46
CA GLY A 1642 67.90 34.58 -19.56
C GLY A 1642 67.65 35.16 -20.94
N SER A 1643 66.44 35.63 -21.13
CA SER A 1643 66.03 36.27 -22.37
C SER A 1643 65.91 37.76 -22.12
N LEU A 1644 66.79 38.53 -22.74
CA LEU A 1644 66.82 39.95 -22.53
C LEU A 1644 65.55 40.57 -23.13
N SER A 1645 65.03 41.58 -22.44
CA SER A 1645 63.71 42.10 -22.74
C SER A 1645 63.76 43.17 -23.82
N VAL A 1646 62.59 43.47 -24.35
CA VAL A 1646 62.45 44.54 -25.33
C VAL A 1646 61.59 45.65 -24.74
N THR A 1647 61.99 46.88 -25.02
CA THR A 1647 61.32 48.07 -24.50
C THR A 1647 61.18 48.02 -22.98
N ASP A 1648 62.21 47.50 -22.31
CA ASP A 1648 62.19 47.46 -20.85
C ASP A 1648 63.57 47.06 -20.34
N ASN A 1649 63.97 47.65 -19.22
CA ASN A 1649 65.15 47.18 -18.52
C ASN A 1649 64.87 45.84 -17.87
N THR A 1650 65.81 44.91 -18.00
CA THR A 1650 65.75 43.65 -17.28
C THR A 1650 66.77 43.72 -16.16
N GLU A 1651 66.38 43.23 -14.99
CA GLU A 1651 67.18 43.33 -13.78
C GLU A 1651 67.45 41.93 -13.27
N VAL A 1652 68.70 41.50 -13.34
CA VAL A 1652 69.10 40.17 -12.89
C VAL A 1652 69.96 40.32 -11.63
N LYS A 1653 69.55 39.66 -10.56
CA LYS A 1653 70.25 39.70 -9.30
C LYS A 1653 70.91 38.36 -9.01
N LEU A 1654 72.13 38.41 -8.50
CA LEU A 1654 72.92 37.21 -8.32
C LEU A 1654 73.57 37.23 -6.95
N PHE A 1655 74.29 36.15 -6.67
CA PHE A 1655 75.24 36.08 -5.57
C PHE A 1655 76.50 35.51 -6.16
N ILE A 1656 77.56 36.31 -6.21
CA ILE A 1656 78.83 35.90 -6.80
C ILE A 1656 79.72 35.40 -5.67
N PRO A 1657 80.02 34.11 -5.61
CA PRO A 1657 80.77 33.58 -4.48
C PRO A 1657 82.26 33.88 -4.62
N LEU A 1658 82.92 33.87 -3.47
CA LEU A 1658 84.37 34.09 -3.39
C LEU A 1658 85.01 32.76 -3.05
N ILE A 1659 85.59 32.09 -4.04
CA ILE A 1659 86.00 30.70 -3.86
C ILE A 1659 87.52 30.57 -3.91
N LYS A 1660 88.17 31.52 -4.56
CA LYS A 1660 89.59 31.52 -4.89
C LYS A 1660 90.49 30.95 -3.79
N PRO A 1661 90.22 31.21 -2.50
CA PRO A 1661 90.99 30.47 -1.50
C PRO A 1661 90.90 28.95 -1.67
N GLN A 1674 92.95 42.34 -2.14
CA GLN A 1674 91.96 42.72 -3.14
C GLN A 1674 91.31 41.49 -3.75
N ASP A 1675 90.21 41.04 -3.15
CA ASP A 1675 89.51 39.87 -3.65
C ASP A 1675 88.76 40.21 -4.92
N THR A 1676 89.36 39.92 -6.06
CA THR A 1676 88.79 40.35 -7.33
C THR A 1676 87.63 39.44 -7.73
N LEU A 1677 86.73 40.00 -8.54
CA LEU A 1677 85.67 39.26 -9.20
C LEU A 1677 85.34 39.98 -10.50
N TYR A 1678 85.05 39.21 -11.55
CA TYR A 1678 84.92 39.80 -12.86
C TYR A 1678 83.70 39.26 -13.57
N LEU A 1679 82.74 40.13 -13.83
CA LEU A 1679 81.48 39.76 -14.44
C LEU A 1679 81.49 40.09 -15.92
N ASN A 1680 80.91 39.22 -16.72
CA ASN A 1680 80.84 39.34 -18.16
C ASN A 1680 79.39 39.37 -18.59
N ALA A 1681 79.20 39.16 -19.88
CA ALA A 1681 77.90 38.83 -20.45
C ALA A 1681 78.17 38.20 -21.80
N THR A 1682 77.24 37.41 -22.30
CA THR A 1682 77.40 36.79 -23.60
C THR A 1682 76.08 36.91 -24.36
N TYR A 1683 76.13 37.51 -25.53
CA TYR A 1683 74.98 37.72 -26.38
C TYR A 1683 75.16 36.94 -27.67
N GLN A 1684 74.26 37.16 -28.62
CA GLN A 1684 74.50 36.61 -29.95
C GLN A 1684 75.67 37.28 -30.65
N LYS A 1685 75.92 38.56 -30.34
CA LYS A 1685 77.00 39.28 -30.99
C LYS A 1685 78.35 38.75 -30.52
N GLU A 1686 78.68 38.95 -29.26
CA GLU A 1686 79.97 38.53 -28.73
C GLU A 1686 79.92 38.63 -27.20
N ALA A 1687 80.96 38.12 -26.55
CA ALA A 1687 81.10 38.19 -25.11
C ALA A 1687 81.77 39.49 -24.71
N THR A 1688 81.08 40.28 -23.89
CA THR A 1688 81.54 41.61 -23.56
C THR A 1688 82.77 41.55 -22.67
N LYS A 1689 83.19 42.72 -22.20
CA LYS A 1689 84.39 42.82 -21.40
C LYS A 1689 84.07 42.67 -19.91
N GLN A 1690 85.05 42.22 -19.15
CA GLN A 1690 84.87 41.97 -17.73
C GLN A 1690 84.57 43.26 -16.99
N ILE A 1691 84.26 43.11 -15.70
CA ILE A 1691 83.99 44.21 -14.79
C ILE A 1691 84.59 43.84 -13.45
N LEU A 1692 85.57 44.60 -12.99
CA LEU A 1692 86.16 44.28 -11.71
C LEU A 1692 85.18 44.58 -10.59
N LEU A 1693 85.14 43.67 -9.61
CA LEU A 1693 84.50 43.90 -8.33
C LEU A 1693 85.52 43.40 -7.31
N PHE A 1694 85.96 44.29 -6.45
CA PHE A 1694 86.99 43.95 -5.49
C PHE A 1694 86.66 44.60 -4.15
N ARG A 1695 87.52 44.37 -3.17
CA ARG A 1695 87.38 45.05 -1.91
C ARG A 1695 88.76 45.27 -1.31
N THR A 1696 88.85 46.31 -0.49
CA THR A 1696 90.09 46.63 0.20
C THR A 1696 90.17 46.05 1.59
N ASP A 1697 89.06 45.98 2.31
CA ASP A 1697 89.04 45.53 3.68
C ASP A 1697 88.47 44.13 3.75
N ASN A 1698 88.36 43.62 4.97
CA ASN A 1698 87.67 42.37 5.23
C ASN A 1698 86.20 42.57 5.56
N ASN A 1699 85.60 43.64 5.07
CA ASN A 1699 84.17 43.83 5.27
C ASN A 1699 83.42 42.73 4.54
N PRO A 1700 82.40 42.14 5.16
CA PRO A 1700 81.67 41.07 4.46
C PRO A 1700 80.80 41.59 3.35
N GLU A 1701 80.14 42.73 3.54
CA GLU A 1701 79.30 43.29 2.49
C GLU A 1701 80.05 44.31 1.64
N GLY A 1702 81.26 44.66 2.03
CA GLY A 1702 82.01 45.63 1.27
C GLY A 1702 82.63 45.07 0.02
N TRP A 1703 82.06 45.39 -1.13
CA TRP A 1703 82.66 45.02 -2.42
C TRP A 1703 82.56 46.26 -3.28
N THR A 1704 83.72 46.77 -3.71
CA THR A 1704 83.81 48.07 -4.35
C THR A 1704 82.89 48.20 -5.55
N LEU A 1705 81.96 49.12 -5.45
CA LEU A 1705 81.20 49.62 -6.59
C LEU A 1705 82.17 50.29 -7.56
N ASP A 1706 81.93 50.13 -8.86
CA ASP A 1706 82.62 50.93 -9.87
C ASP A 1706 84.13 50.84 -9.69
N LYS A 1707 84.65 49.65 -9.93
CA LYS A 1707 86.04 49.35 -9.66
C LYS A 1707 86.92 50.12 -10.64
N SER A 1708 88.17 49.72 -10.71
CA SER A 1708 89.25 50.57 -11.21
C SER A 1708 89.15 50.81 -12.70
N VAL A 1709 90.26 51.27 -13.29
CA VAL A 1709 90.31 51.99 -14.56
C VAL A 1709 89.34 51.46 -15.61
N ASN A 1710 89.02 50.17 -15.57
CA ASN A 1710 88.02 49.64 -16.49
C ASN A 1710 86.73 50.44 -16.41
N ASN A 1711 86.02 50.52 -17.54
CA ASN A 1711 84.91 51.44 -17.66
C ASN A 1711 83.81 51.16 -16.66
N GLY A 1712 83.63 49.91 -16.26
CA GLY A 1712 82.54 49.55 -15.39
C GLY A 1712 81.22 49.38 -16.08
N THR A 1713 81.20 48.74 -17.25
CA THR A 1713 79.98 48.54 -18.03
C THR A 1713 80.27 47.53 -19.13
N PHE A 1714 79.32 46.63 -19.39
CA PHE A 1714 79.44 45.71 -20.51
C PHE A 1714 79.11 46.37 -21.84
N ALA A 1715 78.47 47.54 -21.80
CA ALA A 1715 77.76 48.16 -22.91
C ALA A 1715 76.38 47.54 -23.07
N GLY A 1716 75.98 46.64 -22.18
CA GLY A 1716 74.64 46.10 -22.23
C GLY A 1716 73.80 46.63 -21.09
N LEU A 1717 74.46 47.20 -20.09
CA LEU A 1717 73.78 47.80 -18.95
C LEU A 1717 73.72 49.31 -19.04
N ALA A 1718 74.83 49.91 -19.50
CA ALA A 1718 74.95 51.32 -19.92
C ALA A 1718 74.11 52.26 -19.08
N GLU A 1719 74.07 52.02 -17.78
CA GLU A 1719 73.32 52.89 -16.87
C GLU A 1719 74.09 52.99 -15.56
N ASN A 1720 73.66 53.93 -14.73
CA ASN A 1720 74.22 54.05 -13.40
C ASN A 1720 73.71 52.99 -12.45
N GLY A 1721 72.95 52.01 -12.93
CA GLY A 1721 72.38 50.98 -12.09
C GLY A 1721 73.08 49.65 -12.24
N VAL A 1722 73.96 49.35 -11.29
CA VAL A 1722 74.63 48.06 -11.20
C VAL A 1722 74.53 47.54 -9.78
N THR A 1723 74.32 48.45 -8.83
CA THR A 1723 74.89 48.24 -7.52
C THR A 1723 74.39 47.01 -6.76
N GLY A 1724 73.21 47.08 -6.15
CA GLY A 1724 72.78 46.04 -5.24
C GLY A 1724 73.87 45.38 -4.41
N LEU A 1725 74.89 46.13 -4.00
CA LEU A 1725 76.13 45.48 -3.55
C LEU A 1725 76.14 45.23 -2.06
N LEU A 1726 75.32 45.96 -1.32
CA LEU A 1726 75.17 45.75 0.12
C LEU A 1726 74.21 44.60 0.37
N GLN A 1727 73.53 44.60 1.52
CA GLN A 1727 72.54 43.59 1.92
C GLN A 1727 73.17 42.20 2.11
N SER A 1728 73.86 42.07 3.24
CA SER A 1728 74.40 40.77 3.61
C SER A 1728 73.31 39.69 3.66
N GLY A 1729 72.05 40.07 3.61
CA GLY A 1729 70.98 39.08 3.62
C GLY A 1729 70.07 39.03 2.41
N GLU A 1730 69.71 37.84 1.95
CA GLU A 1730 68.68 37.69 0.93
C GLU A 1730 67.39 37.13 1.54
N PRO A 1731 66.26 37.31 0.87
CA PRO A 1731 65.00 36.78 1.40
C PRO A 1731 64.97 35.26 1.36
N MET A 1732 63.96 34.73 2.02
CA MET A 1732 63.74 33.28 2.05
C MET A 1732 63.44 32.77 0.66
N ASP A 1733 64.04 31.63 0.32
CA ASP A 1733 63.99 31.12 -1.05
C ASP A 1733 62.88 30.11 -1.20
N PHE A 1734 62.03 30.31 -2.20
CA PHE A 1734 60.88 29.47 -2.46
C PHE A 1734 61.10 28.55 -3.64
N SER A 1735 62.31 28.51 -4.18
CA SER A 1735 62.65 27.60 -5.25
C SER A 1735 64.00 26.94 -5.02
N GLY A 1736 64.50 26.96 -3.80
CA GLY A 1736 65.74 26.32 -3.46
C GLY A 1736 65.51 24.96 -2.86
N ALA A 1737 66.47 24.54 -2.03
CA ALA A 1737 66.44 23.20 -1.49
C ALA A 1737 65.20 22.95 -0.66
N ASN A 1738 64.86 23.88 0.23
CA ASN A 1738 63.71 23.71 1.10
C ASN A 1738 62.45 24.29 0.50
N ALA A 1739 62.37 24.39 -0.81
CA ALA A 1739 61.18 24.97 -1.41
C ALA A 1739 59.94 24.22 -0.99
N LEU A 1740 60.03 22.90 -0.91
CA LEU A 1740 58.84 22.11 -0.65
C LEU A 1740 58.26 22.44 0.71
N TYR A 1741 59.09 22.63 1.71
CA TYR A 1741 58.57 22.87 3.04
C TYR A 1741 57.96 24.26 3.15
N PHE A 1742 58.58 25.25 2.53
CA PHE A 1742 58.01 26.58 2.54
C PHE A 1742 56.71 26.62 1.79
N TRP A 1743 56.66 25.98 0.63
CA TRP A 1743 55.44 25.97 -0.15
C TRP A 1743 54.33 25.27 0.60
N GLU A 1744 54.62 24.14 1.23
CA GLU A 1744 53.61 23.50 2.05
C GLU A 1744 53.12 24.44 3.12
N LEU A 1745 54.01 24.91 3.97
CA LEU A 1745 53.61 25.74 5.10
C LEU A 1745 52.80 26.95 4.67
N PHE A 1746 53.17 27.59 3.56
CA PHE A 1746 52.59 28.88 3.25
C PHE A 1746 51.48 28.83 2.23
N TYR A 1747 51.42 27.81 1.39
CA TYR A 1747 50.32 27.67 0.47
C TYR A 1747 49.55 26.37 0.66
N TYR A 1748 50.24 25.23 0.70
CA TYR A 1748 49.50 24.00 0.59
C TYR A 1748 48.76 23.70 1.87
N THR A 1749 49.20 24.27 2.98
CA THR A 1749 48.52 24.01 4.22
C THR A 1749 47.25 24.84 4.31
N PRO A 1750 47.28 26.15 4.08
CA PRO A 1750 46.02 26.88 4.07
C PRO A 1750 45.06 26.41 3.01
N MET A 1751 45.52 26.04 1.82
CA MET A 1751 44.58 25.53 0.82
C MET A 1751 43.95 24.23 1.27
N MET A 1752 44.72 23.37 1.91
CA MET A 1752 44.17 22.13 2.40
C MET A 1752 43.17 22.38 3.52
N VAL A 1753 43.48 23.25 4.45
CA VAL A 1753 42.55 23.49 5.55
C VAL A 1753 41.32 24.20 5.03
N ALA A 1754 41.46 25.04 4.02
CA ALA A 1754 40.31 25.74 3.48
C ALA A 1754 39.42 24.80 2.70
N THR A 1755 39.99 23.94 1.86
CA THR A 1755 39.16 22.97 1.18
C THR A 1755 38.59 21.94 2.13
N ARG A 1756 39.21 21.77 3.28
CA ARG A 1756 38.77 20.80 4.26
C ARG A 1756 37.69 21.36 5.17
N LEU A 1757 37.63 22.67 5.31
CA LEU A 1757 36.53 23.34 5.98
C LEU A 1757 35.39 23.66 5.05
N LEU A 1758 35.66 23.90 3.78
CA LEU A 1758 34.58 24.06 2.82
C LEU A 1758 33.72 22.81 2.76
N GLN A 1759 34.32 21.66 2.47
CA GLN A 1759 33.69 20.41 2.85
C GLN A 1759 33.46 20.45 4.34
N GLU A 1760 32.37 19.85 4.79
CA GLU A 1760 31.87 19.97 6.16
C GLU A 1760 31.32 21.36 6.44
N GLN A 1761 31.23 22.21 5.43
CA GLN A 1761 30.42 23.43 5.46
C GLN A 1761 30.73 24.31 6.66
N ASN A 1762 32.00 24.68 6.80
CA ASN A 1762 32.39 25.73 7.73
C ASN A 1762 32.82 26.92 6.90
N PHE A 1763 31.85 27.72 6.47
CA PHE A 1763 32.16 28.75 5.50
C PHE A 1763 32.87 29.93 6.13
N THR A 1764 32.44 30.37 7.30
CA THR A 1764 33.06 31.53 7.87
C THR A 1764 34.50 31.29 8.28
N GLU A 1765 34.92 30.04 8.36
CA GLU A 1765 36.30 29.70 8.66
C GLU A 1765 37.09 29.28 7.45
N ALA A 1766 36.43 28.64 6.48
CA ALA A 1766 37.06 28.45 5.18
C ALA A 1766 37.43 29.78 4.57
N ASN A 1767 36.61 30.80 4.76
CA ASN A 1767 36.97 32.11 4.24
C ASN A 1767 38.15 32.69 4.99
N ARG A 1768 38.19 32.50 6.30
CA ARG A 1768 39.32 33.00 7.06
C ARG A 1768 40.61 32.34 6.60
N TRP A 1769 40.54 31.07 6.22
CA TRP A 1769 41.77 30.37 5.83
C TRP A 1769 42.16 30.64 4.40
N LEU A 1770 41.19 30.91 3.53
CA LEU A 1770 41.58 31.35 2.20
C LEU A 1770 42.15 32.75 2.23
N SER A 1771 41.67 33.59 3.15
CA SER A 1771 42.23 34.92 3.27
C SER A 1771 43.63 34.93 3.81
N TYR A 1772 44.23 33.77 4.04
CA TYR A 1772 45.66 33.72 4.29
C TYR A 1772 46.43 33.68 2.99
N ILE A 1773 45.75 33.38 1.90
CA ILE A 1773 46.39 33.28 0.60
C ILE A 1773 46.04 34.50 -0.22
N TRP A 1774 44.77 34.70 -0.49
CA TRP A 1774 44.33 35.80 -1.32
C TRP A 1774 43.37 36.66 -0.53
N GLN A 1775 43.44 37.96 -0.78
CA GLN A 1775 42.65 38.83 -0.03
C GLN A 1775 42.39 39.99 -0.97
N PRO A 1776 41.15 40.42 -1.13
CA PRO A 1776 40.86 41.43 -2.15
C PRO A 1776 41.45 42.78 -1.76
N ALA A 1777 42.01 43.46 -2.74
CA ALA A 1777 42.65 44.73 -2.51
C ALA A 1777 41.72 45.86 -2.90
N ALA A 1778 41.90 47.00 -2.24
CA ALA A 1778 41.11 48.19 -2.59
C ALA A 1778 41.37 48.63 -4.02
N SER A 1779 42.60 48.47 -4.51
CA SER A 1779 42.87 48.68 -5.92
C SER A 1779 42.21 47.59 -6.74
N GLY A 1780 42.43 47.65 -8.05
CA GLY A 1780 41.79 46.67 -8.91
C GLY A 1780 42.18 45.25 -8.61
N ALA A 1781 43.47 44.92 -8.71
CA ALA A 1781 43.89 43.54 -8.61
C ALA A 1781 43.83 43.06 -7.17
N GLY A 1782 43.74 41.74 -7.01
CA GLY A 1782 43.73 41.17 -5.69
C GLY A 1782 45.10 41.22 -5.03
N ASP A 1783 45.09 41.03 -3.72
CA ASP A 1783 46.29 41.04 -2.92
C ASP A 1783 46.66 39.61 -2.57
N TRP A 1784 47.62 39.05 -3.30
CA TRP A 1784 48.08 37.70 -3.03
C TRP A 1784 49.00 37.73 -1.82
N ARG A 1785 48.65 36.98 -0.80
CA ARG A 1785 49.42 36.99 0.42
C ARG A 1785 50.38 35.82 0.52
N VAL A 1786 50.61 35.11 -0.55
CA VAL A 1786 51.65 34.09 -0.59
C VAL A 1786 52.75 34.62 -1.50
N ARG A 1787 53.95 34.75 -0.97
CA ARG A 1787 55.03 35.41 -1.71
C ARG A 1787 55.33 34.78 -3.06
N PRO A 1788 55.49 33.47 -3.20
CA PRO A 1788 55.83 32.90 -4.50
C PRO A 1788 54.73 33.01 -5.53
N LEU A 1789 53.49 33.19 -5.10
CA LEU A 1789 52.43 33.54 -6.03
C LEU A 1789 52.46 35.01 -6.38
N LYS A 1790 52.70 35.88 -5.40
CA LYS A 1790 52.78 37.30 -5.68
C LYS A 1790 53.87 37.60 -6.69
N GLU A 1791 54.99 36.90 -6.62
CA GLU A 1791 56.07 37.04 -7.59
C GLU A 1791 56.28 35.66 -8.21
N ASP A 1792 55.69 35.45 -9.39
CA ASP A 1792 55.49 34.10 -9.89
C ASP A 1792 56.78 33.31 -9.88
N THR A 1793 56.87 32.31 -9.00
CA THR A 1793 58.10 31.58 -8.76
C THR A 1793 57.93 30.16 -9.24
N SER A 1794 58.51 29.85 -10.38
CA SER A 1794 58.49 28.48 -10.87
C SER A 1794 59.39 27.62 -10.01
N TRP A 1795 58.87 26.48 -9.57
CA TRP A 1795 59.68 25.59 -8.77
C TRP A 1795 59.49 24.14 -9.18
N ASN A 1796 59.37 23.90 -10.47
CA ASN A 1796 59.39 22.54 -10.99
C ASN A 1796 59.80 22.66 -12.46
N ALA A 1797 61.06 22.40 -12.76
CA ALA A 1797 61.56 22.66 -14.10
C ALA A 1797 61.10 21.60 -15.09
N ASP A 1798 60.75 20.40 -14.64
CA ASP A 1798 60.44 19.28 -15.51
C ASP A 1798 59.05 18.73 -15.17
N PRO A 1799 57.99 19.40 -15.56
CA PRO A 1799 56.66 19.02 -15.08
C PRO A 1799 55.92 18.04 -15.97
N LEU A 1800 56.36 17.83 -17.20
CA LEU A 1800 55.63 16.97 -18.12
C LEU A 1800 56.19 15.56 -18.15
N ASP A 1801 57.07 15.20 -17.24
CA ASP A 1801 57.52 13.83 -17.12
C ASP A 1801 56.56 12.97 -16.32
N SER A 1802 55.37 13.46 -16.04
CA SER A 1802 54.37 12.70 -15.32
C SER A 1802 53.02 13.32 -15.56
N VAL A 1803 51.98 12.51 -15.46
CA VAL A 1803 50.61 12.97 -15.65
C VAL A 1803 50.13 13.37 -14.26
N ASP A 1804 50.47 14.59 -13.85
CA ASP A 1804 49.96 15.11 -12.60
C ASP A 1804 49.78 16.60 -12.73
N PRO A 1805 48.69 17.16 -12.23
CA PRO A 1805 48.47 18.60 -12.38
C PRO A 1805 49.33 19.43 -11.47
N ASP A 1806 49.77 18.88 -10.35
CA ASP A 1806 50.52 19.68 -9.40
C ASP A 1806 51.89 20.03 -9.95
N ALA A 1807 52.50 19.14 -10.70
CA ALA A 1807 53.78 19.51 -11.30
C ALA A 1807 53.62 20.68 -12.26
N VAL A 1808 52.58 20.66 -13.08
CA VAL A 1808 52.35 21.76 -14.00
C VAL A 1808 52.09 23.05 -13.24
N ALA A 1809 51.27 22.98 -12.19
CA ALA A 1809 50.94 24.19 -11.47
C ALA A 1809 52.10 24.69 -10.64
N GLN A 1810 53.03 23.82 -10.28
CA GLN A 1810 54.25 24.24 -9.61
C GLN A 1810 55.19 24.88 -10.58
N ASN A 1811 55.27 24.34 -11.80
CA ASN A 1811 56.08 24.97 -12.83
C ASN A 1811 55.55 26.35 -13.16
N ASP A 1812 54.24 26.54 -13.06
CA ASP A 1812 53.62 27.82 -13.37
C ASP A 1812 52.59 28.18 -12.31
N PRO A 1813 52.96 28.92 -11.27
CA PRO A 1813 52.04 29.15 -10.15
C PRO A 1813 50.84 30.01 -10.50
N MET A 1814 50.73 30.54 -11.71
CA MET A 1814 49.47 31.16 -12.07
C MET A 1814 48.35 30.16 -12.00
N HIS A 1815 48.64 28.89 -12.21
CA HIS A 1815 47.62 27.88 -12.01
C HIS A 1815 47.24 27.74 -10.54
N TYR A 1816 48.15 28.00 -9.62
CA TYR A 1816 47.74 27.99 -8.23
C TYR A 1816 46.90 29.20 -7.90
N LYS A 1817 47.19 30.32 -8.54
CA LYS A 1817 46.30 31.47 -8.41
C LYS A 1817 44.89 31.11 -8.87
N VAL A 1818 44.77 30.50 -10.05
CA VAL A 1818 43.46 30.17 -10.58
C VAL A 1818 42.78 29.11 -9.73
N SER A 1819 43.53 28.15 -9.21
CA SER A 1819 42.95 27.16 -8.31
C SER A 1819 42.42 27.80 -7.04
N THR A 1820 43.16 28.75 -6.48
CA THR A 1820 42.70 29.43 -5.29
C THR A 1820 41.44 30.21 -5.55
N LEU A 1821 41.39 30.93 -6.67
CA LEU A 1821 40.17 31.66 -6.97
C LEU A 1821 39.02 30.73 -7.27
N MET A 1822 39.29 29.55 -7.82
CA MET A 1822 38.21 28.61 -8.02
C MET A 1822 37.70 28.05 -6.70
N LYS A 1823 38.58 27.83 -5.73
CA LYS A 1823 38.11 27.45 -4.41
C LYS A 1823 37.29 28.55 -3.78
N LEU A 1824 37.68 29.79 -4.01
CA LEU A 1824 36.90 30.90 -3.48
C LEU A 1824 35.54 30.99 -4.13
N LEU A 1825 35.47 30.76 -5.44
CA LEU A 1825 34.18 30.70 -6.12
C LEU A 1825 33.34 29.59 -5.56
N ASP A 1826 33.92 28.40 -5.37
CA ASP A 1826 33.22 27.32 -4.67
C ASP A 1826 32.64 27.80 -3.37
N LEU A 1827 33.45 28.47 -2.55
CA LEU A 1827 33.02 28.88 -1.22
C LEU A 1827 31.87 29.86 -1.30
N LEU A 1828 31.98 30.85 -2.19
CA LEU A 1828 30.93 31.86 -2.28
C LEU A 1828 29.65 31.26 -2.78
N ILE A 1829 29.73 30.36 -3.77
CA ILE A 1829 28.53 29.73 -4.26
C ILE A 1829 27.92 28.83 -3.20
N ALA A 1830 28.73 28.21 -2.36
CA ALA A 1830 28.16 27.35 -1.32
C ALA A 1830 27.50 28.19 -0.23
N ARG A 1831 28.10 29.30 0.15
CA ARG A 1831 27.43 30.18 1.10
C ARG A 1831 26.14 30.70 0.52
N GLY A 1832 26.15 31.07 -0.77
CA GLY A 1832 24.93 31.49 -1.41
C GLY A 1832 23.86 30.43 -1.38
N ASP A 1833 24.22 29.19 -1.71
CA ASP A 1833 23.24 28.12 -1.70
C ASP A 1833 22.72 27.84 -0.30
N LYS A 1834 23.59 27.86 0.70
CA LYS A 1834 23.11 27.64 2.06
C LYS A 1834 22.12 28.71 2.46
N ALA A 1835 22.42 29.97 2.18
CA ALA A 1835 21.49 31.02 2.54
C ALA A 1835 20.24 31.02 1.67
N TYR A 1836 20.34 30.42 0.49
CA TYR A 1836 19.23 30.40 -0.44
C TYR A 1836 18.26 29.27 -0.14
N ARG A 1837 18.73 28.22 0.52
CA ARG A 1837 17.81 27.17 0.95
C ARG A 1837 17.04 27.54 2.20
N MET A 1838 17.61 28.34 3.10
CA MET A 1838 16.79 28.97 4.14
C MET A 1838 15.96 30.02 3.44
N GLN A 1839 14.74 29.66 3.05
CA GLN A 1839 14.03 30.42 2.03
C GLN A 1839 13.40 31.70 2.53
N GLU A 1840 13.74 32.22 3.70
CA GLU A 1840 13.10 33.46 4.11
C GLU A 1840 13.74 34.66 3.41
N ARG A 1841 13.11 35.82 3.57
CA ARG A 1841 13.34 36.99 2.72
C ARG A 1841 14.75 37.54 2.89
N ASP A 1842 15.16 37.81 4.13
CA ASP A 1842 16.50 38.34 4.35
C ASP A 1842 17.58 37.36 3.92
N THR A 1843 17.36 36.06 4.11
CA THR A 1843 18.35 35.11 3.64
C THR A 1843 18.41 35.07 2.14
N LEU A 1844 17.28 35.32 1.46
CA LEU A 1844 17.33 35.39 0.01
C LEU A 1844 18.14 36.60 -0.45
N ASN A 1845 17.97 37.73 0.23
CA ASN A 1845 18.83 38.87 -0.09
C ASN A 1845 20.30 38.54 0.15
N GLU A 1846 20.60 37.84 1.23
CA GLU A 1846 21.97 37.44 1.50
C GLU A 1846 22.50 36.50 0.42
N ALA A 1847 21.67 35.58 -0.05
CA ALA A 1847 22.10 34.68 -1.09
C ALA A 1847 22.41 35.43 -2.37
N LYS A 1848 21.55 36.39 -2.72
CA LYS A 1848 21.84 37.22 -3.89
C LYS A 1848 23.14 37.98 -3.68
N MET A 1849 23.42 38.35 -2.44
CA MET A 1849 24.69 38.99 -2.12
C MET A 1849 25.87 38.10 -2.45
N TRP A 1850 25.84 36.85 -1.97
CA TRP A 1850 26.96 35.95 -2.21
C TRP A 1850 27.14 35.65 -3.69
N TYR A 1851 26.04 35.45 -4.40
CA TYR A 1851 26.15 35.23 -5.83
C TYR A 1851 26.69 36.45 -6.55
N MET A 1852 26.28 37.64 -6.14
CA MET A 1852 26.82 38.83 -6.77
C MET A 1852 28.30 38.97 -6.49
N GLN A 1853 28.74 38.57 -5.30
CA GLN A 1853 30.17 38.61 -5.02
C GLN A 1853 30.93 37.65 -5.92
N ALA A 1854 30.41 36.44 -6.09
CA ALA A 1854 31.09 35.50 -6.98
C ALA A 1854 31.10 36.01 -8.41
N LEU A 1855 30.03 36.67 -8.84
CA LEU A 1855 30.02 37.23 -10.19
C LEU A 1855 31.05 38.33 -10.34
N GLY A 1856 31.14 39.23 -9.37
CA GLY A 1856 32.16 40.26 -9.43
C GLY A 1856 33.56 39.69 -9.43
N LEU A 1857 33.75 38.55 -8.77
CA LEU A 1857 35.05 37.89 -8.80
C LEU A 1857 35.35 37.34 -10.18
N LEU A 1858 34.36 36.71 -10.81
CA LEU A 1858 34.57 36.10 -12.11
C LEU A 1858 34.82 37.16 -13.17
N GLY A 1859 34.09 38.26 -13.12
CA GLY A 1859 34.29 39.33 -14.06
C GLY A 1859 33.22 39.42 -15.10
N ASP A 1860 33.61 39.58 -16.36
CA ASP A 1860 32.69 39.70 -17.48
C ASP A 1860 32.76 38.43 -18.30
N LYS A 1861 31.59 37.86 -18.59
CA LYS A 1861 31.55 36.59 -19.29
C LYS A 1861 32.23 36.71 -20.64
N PRO A 1862 33.21 35.87 -20.95
CA PRO A 1862 33.90 35.98 -22.24
C PRO A 1862 32.98 35.58 -23.37
N VAL A 1863 32.82 36.48 -24.34
CA VAL A 1863 31.98 36.18 -25.49
C VAL A 1863 32.71 35.17 -26.36
N SER A 1864 31.97 34.20 -26.89
CA SER A 1864 32.56 33.12 -27.66
C SER A 1864 32.45 33.40 -29.15
N ILE A 1865 33.59 33.67 -29.79
CA ILE A 1865 33.55 33.99 -31.22
C ILE A 1865 33.22 32.74 -32.02
N PHE A 1866 32.39 32.92 -33.03
CA PHE A 1866 32.08 31.87 -34.01
C PHE A 1866 32.46 32.27 -35.43
N SER A 1867 32.26 33.53 -35.79
CA SER A 1867 32.83 34.05 -37.03
C SER A 1867 34.31 34.32 -36.81
N ASN A 1868 35.13 33.27 -36.97
CA ASN A 1868 36.55 33.38 -36.70
C ASN A 1868 37.31 32.85 -37.89
N GLY A 1869 38.63 33.02 -37.84
CA GLY A 1869 39.50 32.60 -38.91
C GLY A 1869 39.49 31.12 -39.20
N TRP A 1870 38.63 30.35 -38.54
CA TRP A 1870 38.59 28.91 -38.76
C TRP A 1870 37.91 28.62 -40.09
N GLU A 1871 38.71 28.37 -41.12
CA GLU A 1871 38.17 27.77 -42.31
C GLU A 1871 37.74 26.34 -41.98
N ASN A 1872 37.25 25.64 -42.98
CA ASN A 1872 36.89 24.26 -42.70
C ASN A 1872 37.84 23.35 -43.43
N PRO A 1873 39.04 23.12 -42.92
CA PRO A 1873 40.06 22.41 -43.69
C PRO A 1873 39.73 20.93 -43.78
N SER A 1874 40.30 20.30 -44.80
CA SER A 1874 40.16 18.87 -44.94
C SER A 1874 40.98 18.18 -43.88
N LEU A 1875 40.70 16.90 -43.65
CA LEU A 1875 41.48 16.16 -42.68
C LEU A 1875 42.95 16.09 -43.07
N SER A 1876 43.24 15.87 -44.35
CA SER A 1876 44.62 15.78 -44.76
C SER A 1876 45.32 17.12 -44.67
N ASN A 1877 44.59 18.22 -44.90
CA ASN A 1877 45.21 19.52 -44.78
C ASN A 1877 45.31 19.96 -43.32
N ALA A 1878 44.60 19.27 -42.44
CA ALA A 1878 44.67 19.60 -41.02
C ALA A 1878 45.68 18.73 -40.30
N ALA A 1879 46.04 17.59 -40.87
CA ALA A 1879 46.91 16.63 -40.23
C ALA A 1879 48.25 16.54 -40.95
N ASP A 1880 48.84 17.68 -41.28
CA ASP A 1880 50.14 17.67 -41.91
C ASP A 1880 51.26 17.64 -40.90
N LYS A 1881 52.36 17.02 -41.29
CA LYS A 1881 53.57 17.06 -40.48
C LYS A 1881 54.29 18.39 -40.61
N THR A 1882 54.24 18.99 -41.80
CA THR A 1882 54.75 20.35 -41.94
C THR A 1882 53.97 21.30 -41.05
N GLN A 1883 52.68 21.05 -40.86
CA GLN A 1883 51.85 21.89 -40.01
C GLN A 1883 52.29 21.86 -38.56
N ALA A 1884 52.75 20.71 -38.07
CA ALA A 1884 53.28 20.63 -36.71
C ALA A 1884 54.71 21.11 -36.61
N LYS A 1885 55.52 20.83 -37.63
CA LYS A 1885 56.92 21.27 -37.59
C LYS A 1885 57.02 22.78 -37.62
N GLN A 1886 56.26 23.43 -38.49
CA GLN A 1886 56.31 24.89 -38.56
C GLN A 1886 55.90 25.51 -37.23
N PHE A 1887 54.85 24.97 -36.63
CA PHE A 1887 54.38 25.45 -35.34
C PHE A 1887 55.46 25.35 -34.28
N HIS A 1888 55.95 24.13 -34.05
CA HIS A 1888 56.97 23.93 -33.02
C HIS A 1888 58.26 24.65 -33.34
N ASP A 1889 58.57 24.86 -34.61
CA ASP A 1889 59.78 25.56 -34.97
C ASP A 1889 59.68 27.03 -34.62
N GLU A 1890 58.55 27.64 -34.92
CA GLU A 1890 58.37 29.04 -34.55
C GLU A 1890 58.36 29.20 -33.05
N ILE A 1891 57.75 28.26 -32.33
CA ILE A 1891 57.76 28.35 -30.87
C ILE A 1891 59.18 28.24 -30.34
N SER A 1892 59.93 27.24 -30.80
CA SER A 1892 61.28 27.08 -30.30
C SER A 1892 62.18 28.23 -30.70
N ARG A 1893 61.85 28.92 -31.79
CA ARG A 1893 62.58 30.12 -32.14
C ARG A 1893 62.26 31.26 -31.17
N ILE A 1894 60.97 31.53 -30.99
CA ILE A 1894 60.53 32.62 -30.13
C ILE A 1894 60.80 32.34 -28.66
N ARG A 1895 61.11 31.10 -28.31
CA ARG A 1895 61.35 30.72 -26.93
C ARG A 1895 62.79 30.94 -26.54
N SER A 1896 63.72 30.58 -27.42
CA SER A 1896 65.12 30.94 -27.27
C SER A 1896 65.37 32.39 -27.64
N GLY A 1897 64.32 33.16 -27.92
CA GLY A 1897 64.45 34.55 -28.27
C GLY A 1897 65.31 34.81 -29.48
N GLY A 1898 65.26 33.92 -30.48
CA GLY A 1898 66.11 34.07 -31.65
C GLY A 1898 66.01 35.44 -32.28
N LEU A 1899 64.79 35.98 -32.34
CA LEU A 1899 64.51 37.38 -32.59
C LEU A 1899 63.14 37.67 -31.98
N LEU A 1900 62.65 38.89 -32.21
CA LEU A 1900 61.32 39.22 -31.79
C LEU A 1900 60.31 38.50 -32.69
N PRO A 1901 59.06 38.39 -32.26
CA PRO A 1901 58.05 37.73 -33.11
C PRO A 1901 57.80 38.49 -34.40
N ASP A 1902 56.95 37.90 -35.24
CA ASP A 1902 56.65 38.52 -36.52
C ASP A 1902 55.90 39.83 -36.38
N VAL A 1903 55.06 39.97 -35.35
CA VAL A 1903 54.18 41.12 -35.12
C VAL A 1903 53.69 41.80 -36.41
N ALA A 1906 52.65 37.57 -34.63
CA ALA A 1906 51.86 37.80 -33.42
C ALA A 1906 50.44 37.31 -33.64
N ASN A 1907 50.25 36.48 -34.66
CA ASN A 1907 48.93 36.02 -35.08
C ASN A 1907 48.52 34.72 -34.41
N THR A 1908 49.32 33.67 -34.53
CA THR A 1908 48.93 32.33 -34.09
C THR A 1908 49.93 31.82 -33.04
N LEU A 1909 49.39 31.40 -31.90
CA LEU A 1909 50.19 30.89 -30.80
C LEU A 1909 50.10 29.37 -30.66
N THR A 1910 48.97 28.77 -31.03
CA THR A 1910 48.73 27.35 -30.81
C THR A 1910 48.50 26.55 -32.08
N GLY A 1911 48.80 27.09 -33.24
CA GLY A 1911 48.75 26.34 -34.48
C GLY A 1911 47.40 26.45 -35.16
N LEU A 1912 46.86 25.32 -35.59
CA LEU A 1912 45.64 25.32 -36.38
C LEU A 1912 44.39 25.39 -35.52
N PHE A 1913 44.36 24.67 -34.41
CA PHE A 1913 43.19 24.59 -33.56
C PHE A 1913 43.27 25.64 -32.47
N ARG A 1914 42.14 26.27 -32.17
CA ARG A 1914 42.14 27.38 -31.24
C ARG A 1914 42.13 26.87 -29.80
N PRO A 1915 42.59 27.68 -28.86
CA PRO A 1915 42.46 27.31 -27.45
C PRO A 1915 41.02 27.39 -27.00
N GLN A 1916 40.69 26.54 -26.04
CA GLN A 1916 39.33 26.42 -25.56
C GLN A 1916 39.20 27.09 -24.21
N GLN A 1917 37.99 27.58 -23.91
CA GLN A 1917 37.71 28.15 -22.62
C GLN A 1917 37.51 27.05 -21.57
N ASN A 1918 37.86 27.37 -20.34
CA ASN A 1918 37.74 26.39 -19.26
C ASN A 1918 36.28 26.07 -19.01
N GLU A 1919 35.88 24.84 -19.35
CA GLU A 1919 34.50 24.45 -19.14
C GLU A 1919 34.12 24.51 -17.67
N LYS A 1920 35.09 24.46 -16.77
CA LYS A 1920 34.76 24.62 -15.36
C LYS A 1920 34.38 26.06 -15.04
N LEU A 1921 35.12 27.02 -15.60
CA LEU A 1921 34.71 28.41 -15.46
C LEU A 1921 33.36 28.66 -16.08
N LEU A 1922 33.09 28.05 -17.22
CA LEU A 1922 31.79 28.25 -17.82
C LEU A 1922 30.71 27.61 -16.98
N GLY A 1923 31.02 26.54 -16.28
CA GLY A 1923 30.08 26.00 -15.32
C GLY A 1923 29.79 26.99 -14.20
N TYR A 1924 30.81 27.68 -13.72
CA TYR A 1924 30.58 28.70 -12.71
C TYR A 1924 29.70 29.81 -13.26
N TRP A 1925 30.00 30.29 -14.46
CA TRP A 1925 29.20 31.33 -15.08
C TRP A 1925 27.74 30.89 -15.18
N GLN A 1926 27.50 29.71 -15.71
CA GLN A 1926 26.14 29.23 -15.89
C GLN A 1926 25.44 29.01 -14.57
N MET A 1927 26.13 28.52 -13.55
CA MET A 1927 25.49 28.32 -12.26
C MET A 1927 25.09 29.65 -11.66
N LEU A 1928 25.96 30.66 -11.76
CA LEU A 1928 25.62 31.95 -11.21
C LEU A 1928 24.46 32.58 -11.96
N GLU A 1929 24.45 32.48 -13.28
CA GLU A 1929 23.32 33.02 -14.03
C GLU A 1929 22.03 32.31 -13.69
N MET A 1930 22.07 30.99 -13.55
CA MET A 1930 20.87 30.25 -13.19
C MET A 1930 20.36 30.66 -11.82
N ARG A 1931 21.24 30.67 -10.81
CA ARG A 1931 20.80 31.01 -9.46
C ARG A 1931 20.32 32.44 -9.39
N LEU A 1932 20.93 33.33 -10.14
CA LEU A 1932 20.51 34.71 -10.10
C LEU A 1932 19.19 34.91 -10.80
N PHE A 1933 18.95 34.14 -11.86
CA PHE A 1933 17.64 34.13 -12.49
C PHE A 1933 16.57 33.68 -11.52
N ASN A 1934 16.80 32.56 -10.84
CA ASN A 1934 15.80 32.09 -9.88
C ASN A 1934 15.59 33.06 -8.75
N LEU A 1935 16.63 33.78 -8.33
CA LEU A 1935 16.46 34.77 -7.27
C LEU A 1935 15.67 35.97 -7.76
N ARG A 1936 15.95 36.45 -8.96
CA ARG A 1936 15.25 37.61 -9.46
C ARG A 1936 13.80 37.32 -9.73
N ASN A 1937 13.51 36.22 -10.42
CA ASN A 1937 12.15 35.71 -10.41
C ASN A 1937 11.89 35.17 -9.02
N ASN A 1938 10.70 34.65 -8.77
CA ASN A 1938 10.38 34.29 -7.39
C ASN A 1938 10.45 32.80 -7.20
N LEU A 1939 11.41 32.15 -7.85
CA LEU A 1939 11.54 30.72 -7.84
C LEU A 1939 12.40 30.26 -6.66
N SER A 1940 12.49 28.95 -6.50
CA SER A 1940 13.31 28.35 -5.46
C SER A 1940 14.69 28.05 -6.03
N ILE A 1941 15.51 27.33 -5.26
CA ILE A 1941 16.83 26.95 -5.76
C ILE A 1941 16.73 25.93 -6.88
N ASP A 1942 15.63 25.19 -6.97
CA ASP A 1942 15.42 24.21 -8.02
C ASP A 1942 14.59 24.73 -9.17
N GLY A 1943 14.26 26.02 -9.17
CA GLY A 1943 13.44 26.58 -10.22
C GLY A 1943 11.96 26.36 -10.06
N GLN A 1944 11.52 25.73 -8.99
CA GLN A 1944 10.10 25.56 -8.74
C GLN A 1944 9.52 26.84 -8.17
N PRO A 1945 8.31 27.22 -8.60
CA PRO A 1945 7.76 28.53 -8.22
C PRO A 1945 7.35 28.56 -6.75
N LEU A 1946 7.72 29.64 -6.07
CA LEU A 1946 7.33 29.84 -4.68
C LEU A 1946 5.97 30.48 -4.54
N SER A 1947 5.36 30.92 -5.64
CA SER A 1947 4.04 31.52 -5.57
C SER A 1947 2.97 30.49 -5.90
N LEU A 1948 1.74 30.83 -5.53
CA LEU A 1948 0.62 29.95 -5.86
C LEU A 1948 0.19 30.20 -7.31
N PRO A 1949 -0.16 29.15 -8.04
CA PRO A 1949 -0.48 29.32 -9.46
C PRO A 1949 -1.75 30.13 -9.68
N VAL A 1950 -1.85 30.67 -10.89
CA VAL A 1950 -3.03 31.43 -11.31
C VAL A 1950 -4.17 30.44 -11.50
N PHE A 1951 -5.08 30.40 -10.54
CA PHE A 1951 -6.29 29.62 -10.75
C PHE A 1951 -7.34 30.51 -11.43
N ALA A 1952 -8.24 29.85 -12.15
CA ALA A 1952 -9.27 30.57 -12.89
C ALA A 1952 -10.55 29.74 -12.80
N ALA A 1953 -11.55 30.28 -12.14
CA ALA A 1953 -12.85 29.61 -12.07
C ALA A 1953 -13.38 29.39 -13.49
N PRO A 1954 -13.68 28.17 -13.87
CA PRO A 1954 -14.22 27.92 -15.21
C PRO A 1954 -15.62 28.48 -15.35
N ALA A 1955 -16.06 28.58 -16.60
CA ALA A 1955 -17.39 29.12 -16.88
C ALA A 1955 -18.47 28.08 -16.69
N ASP A 1956 -19.55 28.49 -16.05
CA ASP A 1956 -20.72 27.64 -15.92
C ASP A 1956 -21.33 27.41 -17.30
N PRO A 1957 -21.56 26.16 -17.69
CA PRO A 1957 -22.12 25.88 -19.02
C PRO A 1957 -23.47 26.55 -19.19
N ALA A 1958 -23.65 27.23 -20.32
CA ALA A 1958 -24.83 28.04 -20.53
C ALA A 1958 -26.08 27.18 -20.61
N ALA A 1959 -27.20 27.72 -20.13
CA ALA A 1959 -28.49 27.05 -20.29
C ALA A 1959 -29.01 27.28 -21.70
N LEU A 1960 -29.28 26.20 -22.41
CA LEU A 1960 -29.78 26.32 -23.77
C LEU A 1960 -31.18 26.92 -23.78
N LEU A 1961 -31.46 27.73 -24.79
CA LEU A 1961 -32.73 28.40 -24.90
C LEU A 1961 -33.10 28.56 -26.37
N SER A 1962 -34.28 28.09 -26.74
CA SER A 1962 -34.73 28.14 -28.12
C SER A 1962 -35.98 29.01 -28.22
N ALA A 1963 -36.34 29.34 -29.45
CA ALA A 1963 -37.49 30.19 -29.70
C ALA A 1963 -38.77 29.37 -29.68
N ALA A 1964 -39.77 29.88 -28.96
CA ALA A 1964 -41.10 29.27 -28.91
C ALA A 1964 -42.12 30.36 -29.17
N ALA A 1965 -42.93 30.19 -30.21
CA ALA A 1965 -43.88 31.21 -30.64
C ALA A 1965 -45.26 30.60 -30.82
N ALA A 1966 -46.28 31.40 -30.55
CA ALA A 1966 -47.65 30.95 -30.75
C ALA A 1966 -47.97 30.91 -32.24
N ALA A 1967 -48.77 29.93 -32.64
CA ALA A 1967 -49.23 29.86 -34.01
C ALA A 1967 -50.26 30.96 -34.26
N SER A 1968 -50.13 31.62 -35.40
CA SER A 1968 -51.00 32.73 -35.74
C SER A 1968 -51.72 32.44 -37.05
N GLY A 1969 -52.98 32.86 -37.12
CA GLY A 1969 -53.78 32.64 -38.32
C GLY A 1969 -55.16 33.25 -38.21
N GLY A 1970 -55.65 33.80 -39.30
CA GLY A 1970 -56.97 34.39 -39.28
C GLY A 1970 -58.06 33.38 -39.61
N SER A 1971 -59.29 33.73 -39.23
CA SER A 1971 -60.43 32.89 -39.53
C SER A 1971 -60.73 32.94 -41.03
N LYS A 1972 -61.81 32.30 -41.40
CA LYS A 1972 -62.20 32.31 -42.80
C LYS A 1972 -63.57 32.94 -42.95
N PRO A 1973 -63.78 33.82 -43.92
CA PRO A 1973 -65.07 34.46 -44.07
C PRO A 1973 -66.11 33.51 -44.66
N LEU A 1974 -67.35 33.74 -44.28
CA LEU A 1974 -68.42 32.85 -44.71
C LEU A 1974 -68.69 33.03 -46.20
N PRO A 1975 -69.18 32.01 -46.89
CA PRO A 1975 -69.48 32.15 -48.31
C PRO A 1975 -70.76 32.92 -48.53
N SER A 1976 -70.98 33.30 -49.79
CA SER A 1976 -72.20 34.00 -50.15
C SER A 1976 -73.41 33.09 -49.96
N ALA A 1977 -74.52 33.71 -49.62
CA ALA A 1977 -75.73 33.01 -49.27
C ALA A 1977 -76.71 33.00 -50.44
N ASP A 1978 -77.60 32.03 -50.44
CA ASP A 1978 -78.59 31.88 -51.49
C ASP A 1978 -79.73 31.04 -50.96
N ILE A 1979 -80.94 31.34 -51.40
CA ILE A 1979 -82.08 30.56 -50.95
C ILE A 1979 -82.08 29.22 -51.71
N PRO A 1980 -82.05 28.10 -51.01
CA PRO A 1980 -81.94 26.82 -51.68
C PRO A 1980 -83.24 26.41 -52.35
N ALA A 1981 -83.29 25.18 -52.85
CA ALA A 1981 -84.52 24.63 -53.41
C ALA A 1981 -85.44 24.07 -52.35
N MET A 1982 -84.89 23.60 -51.24
CA MET A 1982 -85.68 22.92 -50.21
C MET A 1982 -86.09 23.88 -49.12
N ARG A 1983 -87.19 23.54 -48.45
CA ARG A 1983 -87.62 24.32 -47.30
C ARG A 1983 -86.60 24.19 -46.18
N PHE A 1984 -86.83 24.92 -45.09
CA PHE A 1984 -85.84 24.92 -44.02
C PHE A 1984 -85.70 23.59 -43.31
N PRO A 1985 -86.77 22.89 -42.92
CA PRO A 1985 -86.58 21.62 -42.20
C PRO A 1985 -85.79 20.59 -42.99
N GLN A 1986 -85.65 20.77 -44.30
CA GLN A 1986 -84.89 19.83 -45.11
C GLN A 1986 -83.52 20.36 -45.50
N ALA A 1987 -83.41 21.66 -45.76
CA ALA A 1987 -82.08 22.25 -45.93
C ALA A 1987 -81.26 22.08 -44.65
N LEU A 1988 -81.91 22.21 -43.49
CA LEU A 1988 -81.22 22.01 -42.23
C LEU A 1988 -80.71 20.60 -42.11
N ASP A 1989 -81.51 19.62 -42.50
CA ASP A 1989 -81.05 18.24 -42.40
C ASP A 1989 -79.90 17.98 -43.37
N SER A 1990 -79.99 18.53 -44.57
CA SER A 1990 -78.90 18.36 -45.52
C SER A 1990 -77.60 18.97 -45.01
N ALA A 1991 -77.68 20.13 -44.37
CA ALA A 1991 -76.48 20.73 -43.81
C ALA A 1991 -75.99 20.00 -42.58
N ARG A 1992 -76.91 19.46 -41.77
CA ARG A 1992 -76.52 18.72 -40.58
C ARG A 1992 -75.79 17.44 -40.96
N SER A 1993 -76.19 16.79 -42.05
CA SER A 1993 -75.48 15.61 -42.51
C SER A 1993 -74.05 15.96 -42.92
N LEU A 1994 -73.89 17.02 -43.71
CA LEU A 1994 -72.54 17.42 -44.10
C LEU A 1994 -71.70 17.86 -42.91
N THR A 1995 -72.32 18.48 -41.91
CA THR A 1995 -71.56 18.87 -40.74
C THR A 1995 -71.13 17.66 -39.93
N GLY A 1996 -71.96 16.62 -39.87
CA GLY A 1996 -71.52 15.38 -39.27
C GLY A 1996 -70.34 14.78 -40.00
N GLN A 1997 -70.38 14.81 -41.33
CA GLN A 1997 -69.24 14.30 -42.09
C GLN A 1997 -68.00 15.15 -41.88
N LEU A 1998 -68.18 16.46 -41.75
CA LEU A 1998 -67.05 17.33 -41.47
C LEU A 1998 -66.46 17.03 -40.10
N MET A 1999 -67.30 16.73 -39.12
CA MET A 1999 -66.78 16.32 -37.81
C MET A 1999 -65.99 15.04 -37.92
N GLN A 2000 -66.46 14.09 -38.73
CA GLN A 2000 -65.70 12.86 -38.89
C GLN A 2000 -64.34 13.15 -39.52
N PHE A 2001 -64.30 14.00 -40.54
CA PHE A 2001 -63.01 14.40 -41.09
C PHE A 2001 -62.13 15.06 -40.05
N GLY A 2002 -62.72 15.90 -39.19
CA GLY A 2002 -61.91 16.57 -38.19
C GLY A 2002 -61.33 15.62 -37.17
N SER A 2003 -62.13 14.66 -36.72
CA SER A 2003 -61.62 13.65 -35.81
C SER A 2003 -60.48 12.86 -36.45
N THR A 2004 -60.70 12.39 -37.68
CA THR A 2004 -59.66 11.61 -38.34
C THR A 2004 -58.42 12.45 -38.59
N LEU A 2005 -58.60 13.74 -38.86
CA LEU A 2005 -57.44 14.58 -39.13
C LEU A 2005 -56.64 14.83 -37.87
N LEU A 2006 -57.30 15.09 -36.76
CA LEU A 2006 -56.56 15.24 -35.50
C LEU A 2006 -55.84 13.95 -35.15
N GLY A 2007 -56.50 12.81 -35.35
CA GLY A 2007 -55.83 11.55 -35.13
C GLY A 2007 -54.57 11.41 -35.97
N LEU A 2008 -54.67 11.71 -37.27
CA LEU A 2008 -53.52 11.57 -38.15
C LEU A 2008 -52.42 12.55 -37.81
N ILE A 2009 -52.78 13.76 -37.43
CA ILE A 2009 -51.77 14.75 -37.06
C ILE A 2009 -50.98 14.26 -35.87
N GLU A 2010 -51.69 13.91 -34.80
CA GLU A 2010 -50.99 13.49 -33.58
C GLU A 2010 -50.25 12.18 -33.80
N ARG A 2011 -50.75 11.32 -34.68
CA ARG A 2011 -50.07 10.06 -34.96
C ARG A 2011 -48.80 10.28 -35.78
N ARG A 2012 -48.84 11.20 -36.74
CA ARG A 2012 -47.62 11.54 -37.47
C ARG A 2012 -46.59 12.14 -36.56
N ASP A 2013 -47.02 13.01 -35.64
CA ASP A 2013 -46.10 13.58 -34.70
C ASP A 2013 -45.55 12.54 -33.73
N ALA A 2014 -46.31 11.48 -33.47
CA ALA A 2014 -45.78 10.38 -32.68
C ALA A 2014 -44.72 9.61 -33.45
N GLU A 2015 -44.95 9.34 -34.73
CA GLU A 2015 -43.93 8.64 -35.50
C GLU A 2015 -42.67 9.48 -35.66
N ALA A 2016 -42.83 10.78 -35.86
CA ALA A 2016 -41.66 11.64 -35.99
C ALA A 2016 -40.84 11.65 -34.70
N MET A 2017 -41.50 11.71 -33.56
CA MET A 2017 -40.75 11.63 -32.31
C MET A 2017 -40.10 10.29 -32.12
N SER A 2018 -40.81 9.20 -32.42
CA SER A 2018 -40.23 7.88 -32.24
C SER A 2018 -39.02 7.69 -33.13
N GLU A 2019 -38.99 8.34 -34.29
CA GLU A 2019 -37.82 8.25 -35.14
C GLU A 2019 -36.70 9.16 -34.66
N LEU A 2020 -37.04 10.35 -34.15
CA LEU A 2020 -36.03 11.22 -33.56
C LEU A 2020 -35.31 10.53 -32.43
N LEU A 2021 -36.07 9.86 -31.55
CA LEU A 2021 -35.46 9.15 -30.44
C LEU A 2021 -34.48 8.08 -30.92
N GLN A 2022 -34.83 7.37 -32.00
CA GLN A 2022 -33.93 6.35 -32.49
C GLN A 2022 -32.68 6.93 -33.13
N ASN A 2023 -32.81 8.00 -33.91
CA ASN A 2023 -31.63 8.65 -34.46
C ASN A 2023 -30.70 9.10 -33.34
N GLN A 2024 -31.27 9.65 -32.28
CA GLN A 2024 -30.46 10.05 -31.15
C GLN A 2024 -29.80 8.86 -30.48
N ALA A 2025 -30.53 7.77 -30.31
CA ALA A 2025 -29.93 6.58 -29.69
C ALA A 2025 -28.78 6.06 -30.53
N GLY A 2026 -28.88 6.18 -31.84
CA GLY A 2026 -27.78 5.74 -32.69
C GLY A 2026 -26.55 6.62 -32.53
N GLU A 2027 -26.73 7.93 -32.67
CA GLU A 2027 -25.57 8.80 -32.51
C GLU A 2027 -25.10 8.89 -31.07
N LEU A 2028 -25.79 8.23 -30.14
CA LEU A 2028 -25.32 8.12 -28.77
C LEU A 2028 -24.58 6.81 -28.54
N MET A 2029 -25.06 5.71 -29.11
CA MET A 2029 -24.28 4.48 -29.08
C MET A 2029 -22.96 4.63 -29.82
N LEU A 2030 -22.89 5.55 -30.79
CA LEU A 2030 -21.58 5.83 -31.38
C LEU A 2030 -20.58 6.26 -30.32
N SER A 2031 -20.94 7.25 -29.49
CA SER A 2031 -20.02 7.69 -28.46
C SER A 2031 -19.81 6.61 -27.42
N SER A 2032 -20.83 5.81 -27.13
CA SER A 2032 -20.64 4.72 -26.17
C SER A 2032 -19.57 3.76 -26.64
N LEU A 2033 -19.67 3.29 -27.90
CA LEU A 2033 -18.63 2.44 -28.45
C LEU A 2033 -17.28 3.15 -28.45
N ARG A 2034 -17.27 4.42 -28.84
CA ARG A 2034 -16.04 5.19 -28.88
C ARG A 2034 -15.38 5.27 -27.51
N MET A 2035 -16.19 5.23 -26.45
CA MET A 2035 -15.66 5.28 -25.09
C MET A 2035 -15.24 3.91 -24.59
N GLN A 2036 -15.82 2.86 -25.18
CA GLN A 2036 -15.37 1.52 -24.80
C GLN A 2036 -13.90 1.30 -25.19
N GLU A 2037 -13.47 1.76 -26.35
CA GLU A 2037 -12.07 1.62 -26.71
C GLU A 2037 -11.15 2.34 -25.74
N GLN A 2038 -11.56 3.51 -25.24
CA GLN A 2038 -10.73 4.15 -24.22
C GLN A 2038 -10.71 3.32 -22.95
N ALA A 2039 -11.87 2.83 -22.52
CA ALA A 2039 -11.91 1.98 -21.35
C ALA A 2039 -11.08 0.73 -21.52
N LEU A 2040 -10.76 0.37 -22.75
CA LEU A 2040 -9.98 -0.84 -23.01
C LEU A 2040 -8.50 -0.56 -23.23
N THR A 2041 -8.12 0.63 -23.69
CA THR A 2041 -6.71 0.97 -23.64
C THR A 2041 -6.27 1.33 -22.23
N GLU A 2042 -7.19 1.74 -21.37
CA GLU A 2042 -6.81 1.92 -19.98
C GLU A 2042 -6.29 0.62 -19.37
N LEU A 2043 -6.78 -0.52 -19.85
CA LEU A 2043 -6.24 -1.79 -19.35
C LEU A 2043 -4.85 -2.05 -19.90
N ASP A 2044 -4.58 -1.69 -21.14
CA ASP A 2044 -3.22 -1.80 -21.64
C ASP A 2044 -2.28 -0.86 -20.91
N ALA A 2045 -2.80 0.18 -20.27
CA ALA A 2045 -1.97 1.01 -19.40
C ALA A 2045 -1.78 0.39 -18.02
N GLU A 2046 -2.83 -0.19 -17.45
CA GLU A 2046 -2.68 -0.90 -16.19
C GLU A 2046 -1.68 -2.03 -16.31
N LYS A 2047 -1.65 -2.70 -17.45
CA LYS A 2047 -0.67 -3.77 -17.65
C LYS A 2047 0.74 -3.21 -17.63
N LYS A 2048 0.93 -2.01 -18.14
CA LYS A 2048 2.27 -1.43 -18.10
C LYS A 2048 2.67 -1.08 -16.67
N ILE A 2049 1.73 -0.55 -15.89
CA ILE A 2049 2.02 -0.33 -14.47
C ILE A 2049 2.47 -1.63 -13.81
N LEU A 2050 1.69 -2.69 -13.99
CA LEU A 2050 2.00 -3.94 -13.34
C LEU A 2050 3.28 -4.55 -13.88
N GLU A 2051 3.62 -4.28 -15.13
CA GLU A 2051 4.87 -4.81 -15.66
C GLU A 2051 6.07 -4.08 -15.09
N GLN A 2052 5.95 -2.78 -14.84
CA GLN A 2052 7.02 -2.11 -14.13
C GLN A 2052 7.17 -2.63 -12.71
N SER A 2053 6.05 -2.90 -12.03
CA SER A 2053 6.15 -3.55 -10.72
C SER A 2053 6.87 -4.88 -10.83
N ARG A 2054 6.50 -5.69 -11.82
CA ARG A 2054 7.12 -6.98 -12.01
C ARG A 2054 8.61 -6.85 -12.25
N ALA A 2055 9.01 -5.88 -13.06
CA ALA A 2055 10.42 -5.73 -13.37
C ALA A 2055 11.20 -5.26 -12.15
N GLY A 2056 10.62 -4.36 -11.36
CA GLY A 2056 11.28 -3.96 -10.13
C GLY A 2056 11.47 -5.13 -9.18
N ALA A 2057 10.42 -5.91 -8.97
CA ALA A 2057 10.57 -7.05 -8.06
C ALA A 2057 11.53 -8.08 -8.61
N GLN A 2058 11.57 -8.27 -9.92
CA GLN A 2058 12.51 -9.23 -10.48
C GLN A 2058 13.94 -8.74 -10.34
N SER A 2059 14.17 -7.45 -10.46
CA SER A 2059 15.50 -6.93 -10.19
C SER A 2059 15.88 -7.14 -8.74
N ARG A 2060 14.94 -6.98 -7.82
CA ARG A 2060 15.27 -7.22 -6.41
C ARG A 2060 15.60 -8.67 -6.16
N VAL A 2061 14.84 -9.59 -6.75
CA VAL A 2061 15.16 -11.00 -6.59
C VAL A 2061 16.53 -11.29 -7.16
N ASP A 2062 16.84 -10.75 -8.33
CA ASP A 2062 18.15 -10.97 -8.92
C ASP A 2062 19.26 -10.46 -8.03
N SER A 2063 19.06 -9.32 -7.35
CA SER A 2063 20.09 -8.77 -6.49
C SER A 2063 20.27 -9.60 -5.24
N TYR A 2064 19.18 -9.92 -4.56
CA TYR A 2064 19.29 -10.67 -3.34
C TYR A 2064 19.70 -12.11 -3.56
N ARG A 2065 19.36 -12.71 -4.70
CA ARG A 2065 19.88 -14.04 -4.97
C ARG A 2065 21.38 -14.02 -5.11
N ALA A 2066 21.92 -13.01 -5.80
CA ALA A 2066 23.36 -12.92 -5.91
C ALA A 2066 24.00 -12.73 -4.57
N LEU A 2067 23.43 -11.85 -3.74
CA LEU A 2067 23.96 -11.66 -2.40
C LEU A 2067 23.93 -12.95 -1.59
N TYR A 2068 22.78 -13.60 -1.54
CA TYR A 2068 22.64 -14.80 -0.74
C TYR A 2068 23.45 -15.96 -1.28
N ASP A 2069 23.74 -15.96 -2.58
CA ASP A 2069 24.51 -17.06 -3.16
C ASP A 2069 25.99 -16.89 -2.91
N GLU A 2070 26.52 -15.71 -3.22
CA GLU A 2070 27.89 -15.42 -2.81
C GLU A 2070 27.80 -15.16 -1.31
N ASN A 2071 27.90 -16.21 -0.52
CA ASN A 2071 27.59 -16.09 0.89
C ASN A 2071 28.54 -15.13 1.56
N VAL A 2072 29.80 -15.49 1.67
CA VAL A 2072 30.84 -14.58 2.12
C VAL A 2072 31.80 -14.39 0.98
N SER A 2073 32.26 -13.16 0.82
CA SER A 2073 33.13 -12.83 -0.29
C SER A 2073 34.40 -13.65 -0.21
N ALA A 2074 35.21 -13.56 -1.25
CA ALA A 2074 36.52 -14.19 -1.19
C ALA A 2074 37.40 -13.55 -0.15
N GLU A 2075 37.10 -12.29 0.20
CA GLU A 2075 37.90 -11.54 1.15
C GLU A 2075 37.38 -11.61 2.55
N GLU A 2076 36.08 -11.78 2.74
CA GLU A 2076 35.59 -12.07 4.06
C GLU A 2076 36.11 -13.40 4.56
N LYS A 2077 36.36 -14.37 3.69
CA LYS A 2077 37.05 -15.57 4.14
C LYS A 2077 38.49 -15.28 4.46
N ARG A 2078 39.09 -14.36 3.73
CA ARG A 2078 40.48 -13.99 4.00
C ARG A 2078 40.59 -13.36 5.37
N THR A 2079 39.60 -12.58 5.77
CA THR A 2079 39.61 -12.01 7.10
C THR A 2079 39.54 -13.08 8.18
N MET A 2080 38.74 -14.12 7.97
CA MET A 2080 38.65 -15.15 8.98
C MET A 2080 39.93 -15.95 9.07
N ASP A 2081 40.55 -16.26 7.92
CA ASP A 2081 41.86 -16.88 7.97
C ASP A 2081 42.88 -15.99 8.66
N LEU A 2082 42.73 -14.67 8.53
CA LEU A 2082 43.71 -13.79 9.16
C LEU A 2082 43.53 -13.74 10.67
N TYR A 2083 42.31 -13.68 11.15
CA TYR A 2083 42.09 -13.73 12.58
C TYR A 2083 42.58 -15.05 13.15
N LEU A 2084 42.38 -16.15 12.43
CA LEU A 2084 42.86 -17.43 12.91
C LEU A 2084 44.38 -17.48 12.96
N SER A 2085 45.03 -17.01 11.91
CA SER A 2085 46.48 -16.96 11.90
C SER A 2085 47.01 -16.06 13.01
N SER A 2086 46.30 -14.98 13.32
CA SER A 2086 46.73 -14.09 14.38
C SER A 2086 46.64 -14.78 15.73
N ALA A 2087 45.54 -15.48 15.99
CA ALA A 2087 45.41 -16.18 17.26
C ALA A 2087 46.46 -17.27 17.40
N ILE A 2088 46.77 -17.95 16.31
CA ILE A 2088 47.77 -19.02 16.38
C ILE A 2088 49.15 -18.43 16.62
N LEU A 2089 49.48 -17.33 15.96
CA LEU A 2089 50.75 -16.66 16.25
C LEU A 2089 50.81 -16.22 17.69
N SER A 2090 49.70 -15.74 18.24
CA SER A 2090 49.71 -15.23 19.59
C SER A 2090 49.84 -16.32 20.64
N THR A 2091 49.44 -17.54 20.33
CA THR A 2091 49.71 -18.61 21.28
C THR A 2091 51.00 -19.38 21.00
N SER A 2092 51.61 -19.20 19.84
CA SER A 2092 52.85 -19.92 19.54
C SER A 2092 54.08 -19.14 19.96
N ILE A 2093 53.93 -18.21 20.89
CA ILE A 2093 55.05 -17.39 21.34
C ILE A 2093 55.36 -17.58 22.81
N GLY A 2094 54.49 -18.21 23.59
CA GLY A 2094 54.84 -18.56 24.93
C GLY A 2094 56.06 -19.44 25.02
N VAL A 2095 56.28 -20.31 24.03
CA VAL A 2095 57.46 -21.16 24.05
C VAL A 2095 58.71 -20.31 24.02
N LEU A 2096 58.74 -19.31 23.14
CA LEU A 2096 59.90 -18.43 23.05
C LEU A 2096 60.06 -17.60 24.29
N ASP A 2097 58.94 -17.10 24.82
CA ASP A 2097 59.01 -16.25 25.99
C ASP A 2097 59.47 -17.01 27.22
N MET A 2098 59.23 -18.31 27.26
CA MET A 2098 59.70 -19.11 28.38
C MET A 2098 61.12 -19.59 28.17
N ALA A 2099 61.50 -19.88 26.92
CA ALA A 2099 62.90 -20.18 26.66
C ALA A 2099 63.77 -18.99 26.98
N ALA A 2100 63.28 -17.77 26.74
CA ALA A 2100 64.03 -16.58 27.10
C ALA A 2100 64.25 -16.50 28.59
N ALA A 2101 63.22 -16.77 29.39
CA ALA A 2101 63.38 -16.73 30.83
C ALA A 2101 64.30 -17.83 31.33
N ALA A 2102 64.19 -19.03 30.78
CA ALA A 2102 65.07 -20.11 31.17
C ALA A 2102 66.52 -19.79 30.84
N ALA A 2103 66.75 -19.12 29.72
CA ALA A 2103 68.09 -18.68 29.39
C ALA A 2103 68.55 -17.57 30.32
N ASP A 2104 67.64 -16.73 30.76
CA ASP A 2104 68.00 -15.66 31.68
C ASP A 2104 68.28 -16.16 33.08
N MET A 2105 67.81 -17.36 33.43
CA MET A 2105 68.09 -17.86 34.77
C MET A 2105 69.55 -18.19 34.98
N ALA A 2106 70.35 -18.25 33.92
CA ALA A 2106 71.76 -18.58 34.07
C ALA A 2106 72.56 -17.31 34.37
N PRO A 2107 73.55 -17.38 35.24
CA PRO A 2107 74.30 -16.18 35.61
C PRO A 2107 75.05 -15.61 34.44
N ASN A 2108 75.05 -14.28 34.34
CA ASN A 2108 75.77 -13.61 33.28
C ASN A 2108 76.87 -12.68 33.75
N ILE A 2109 77.05 -12.51 35.05
CA ILE A 2109 78.18 -11.75 35.58
C ILE A 2109 79.16 -12.74 36.17
N PHE A 2110 80.38 -12.75 35.67
CA PHE A 2110 81.42 -13.65 36.13
C PHE A 2110 82.58 -12.85 36.70
N GLY A 2111 83.50 -13.54 37.35
CA GLY A 2111 84.62 -12.89 37.96
C GLY A 2111 84.60 -12.95 39.47
N VAL A 2112 85.10 -11.92 40.13
CA VAL A 2112 85.12 -11.90 41.59
C VAL A 2112 83.71 -11.78 42.14
N ALA A 2113 82.85 -11.04 41.45
CA ALA A 2113 81.43 -11.05 41.75
C ALA A 2113 80.71 -11.89 40.72
N VAL A 2114 80.04 -12.95 41.15
CA VAL A 2114 79.32 -13.82 40.25
C VAL A 2114 77.84 -13.59 40.47
N GLY A 2115 77.03 -13.84 39.45
CA GLY A 2115 75.61 -13.72 39.60
C GLY A 2115 74.93 -13.23 38.36
N GLY A 2116 73.84 -12.51 38.52
CA GLY A 2116 73.12 -11.95 37.40
C GLY A 2116 71.92 -12.72 36.94
N SER A 2117 71.57 -13.83 37.60
CA SER A 2117 70.38 -14.54 37.22
C SER A 2117 69.17 -13.65 37.43
N ARG A 2118 68.08 -13.99 36.78
CA ARG A 2118 66.82 -13.28 36.90
C ARG A 2118 65.86 -14.23 37.60
N TRP A 2119 65.67 -14.02 38.89
CA TRP A 2119 64.86 -14.94 39.67
C TRP A 2119 63.40 -14.94 39.26
N GLY A 2120 62.87 -13.80 38.83
CA GLY A 2120 61.46 -13.74 38.54
C GLY A 2120 61.18 -13.95 37.08
N GLY A 2121 62.20 -14.35 36.34
CA GLY A 2121 62.03 -14.52 34.90
C GLY A 2121 60.97 -15.54 34.56
N ILE A 2122 60.96 -16.66 35.26
CA ILE A 2122 60.06 -17.76 34.91
C ILE A 2122 58.62 -17.46 35.32
N PRO A 2123 58.34 -16.93 36.51
CA PRO A 2123 56.98 -16.50 36.77
C PRO A 2123 56.52 -15.42 35.83
N LYS A 2124 57.38 -14.44 35.54
CA LYS A 2124 57.01 -13.40 34.60
C LYS A 2124 56.69 -13.97 33.24
N ALA A 2125 57.43 -14.99 32.80
CA ALA A 2125 57.19 -15.54 31.47
C ALA A 2125 55.93 -16.39 31.45
N ILE A 2126 55.64 -17.10 32.54
CA ILE A 2126 54.36 -17.78 32.61
C ILE A 2126 53.23 -16.78 32.53
N GLY A 2127 53.36 -15.66 33.23
CA GLY A 2127 52.33 -14.64 33.12
C GLY A 2127 52.20 -14.08 31.72
N ALA A 2128 53.33 -13.85 31.04
CA ALA A 2128 53.27 -13.33 29.69
C ALA A 2128 52.62 -14.32 28.74
N GLY A 2129 52.87 -15.60 28.94
CA GLY A 2129 52.17 -16.62 28.17
C GLY A 2129 50.69 -16.64 28.46
N MET A 2130 50.30 -16.42 29.71
CA MET A 2130 48.89 -16.32 30.04
C MET A 2130 48.24 -15.14 29.34
N SER A 2131 48.93 -14.01 29.32
CA SER A 2131 48.37 -12.83 28.68
C SER A 2131 48.25 -13.03 27.18
N LEU A 2132 49.19 -13.76 26.59
CA LEU A 2132 49.05 -14.08 25.18
C LEU A 2132 47.90 -15.03 24.92
N ALA A 2133 47.69 -16.00 25.81
CA ALA A 2133 46.53 -16.87 25.64
C ALA A 2133 45.23 -16.09 25.77
N ALA A 2134 45.19 -15.13 26.69
CA ALA A 2134 43.98 -14.31 26.83
C ALA A 2134 43.76 -13.45 25.60
N SER A 2135 44.83 -12.89 25.05
CA SER A 2135 44.71 -12.11 23.84
C SER A 2135 44.23 -12.96 22.67
N ALA A 2136 44.80 -14.14 22.50
CA ALA A 2136 44.40 -14.98 21.38
C ALA A 2136 43.00 -15.53 21.57
N THR A 2137 42.59 -15.72 22.81
CA THR A 2137 41.21 -16.10 23.07
C THR A 2137 40.25 -15.00 22.70
N LYS A 2138 40.55 -13.75 23.01
CA LYS A 2138 39.69 -12.68 22.55
C LYS A 2138 39.72 -12.55 21.04
N ILE A 2139 40.85 -12.82 20.41
CA ILE A 2139 40.92 -12.73 18.96
C ILE A 2139 40.04 -13.80 18.32
N THR A 2140 40.10 -15.03 18.81
CA THR A 2140 39.24 -16.05 18.24
C THR A 2140 37.78 -15.83 18.59
N ALA A 2141 37.48 -15.21 19.73
CA ALA A 2141 36.11 -14.82 19.99
C ALA A 2141 35.62 -13.80 18.98
N ASP A 2142 36.45 -12.83 18.65
CA ASP A 2142 36.09 -11.85 17.63
C ASP A 2142 35.92 -12.49 16.28
N ASN A 2143 36.73 -13.50 15.97
CA ASN A 2143 36.57 -14.22 14.71
C ASN A 2143 35.22 -14.91 14.65
N ILE A 2144 34.85 -15.63 15.70
CA ILE A 2144 33.55 -16.29 15.73
C ILE A 2144 32.43 -15.27 15.64
N SER A 2145 32.56 -14.15 16.35
CA SER A 2145 31.52 -13.13 16.31
C SER A 2145 31.37 -12.56 14.92
N GLN A 2146 32.47 -12.35 14.22
CA GLN A 2146 32.42 -11.88 12.85
C GLN A 2146 31.69 -12.85 11.96
N SER A 2147 32.08 -14.10 12.00
CA SER A 2147 31.43 -15.07 11.12
C SER A 2147 29.95 -15.20 11.45
N GLU A 2148 29.58 -15.05 12.72
CA GLU A 2148 28.18 -15.13 13.07
C GLU A 2148 27.41 -13.91 12.60
N ALA A 2149 28.03 -12.74 12.64
CA ALA A 2149 27.40 -11.57 12.07
C ALA A 2149 27.15 -11.77 10.59
N TRP A 2150 28.10 -12.37 9.89
CA TRP A 2150 27.90 -12.63 8.47
C TRP A 2150 26.81 -13.66 8.24
N ARG A 2151 26.70 -14.65 9.11
CA ARG A 2151 25.63 -15.63 8.94
C ARG A 2151 24.27 -15.01 9.17
N ARG A 2152 24.14 -14.17 10.18
CA ARG A 2152 22.88 -13.46 10.37
C ARG A 2152 22.59 -12.52 9.22
N ARG A 2153 23.62 -11.94 8.63
CA ARG A 2153 23.43 -11.15 7.44
C ARG A 2153 22.86 -11.98 6.32
N ARG A 2154 23.41 -13.16 6.10
CA ARG A 2154 22.90 -14.01 5.03
C ARG A 2154 21.48 -14.46 5.32
N GLN A 2155 21.12 -14.60 6.58
CA GLN A 2155 19.74 -14.96 6.88
C GLN A 2155 18.80 -13.82 6.60
N GLU A 2156 19.18 -12.60 6.95
CA GLU A 2156 18.38 -11.45 6.52
C GLU A 2156 18.24 -11.42 5.01
N TRP A 2157 19.32 -11.71 4.30
CA TRP A 2157 19.27 -11.67 2.85
C TRP A 2157 18.34 -12.74 2.32
N GLU A 2158 18.36 -13.94 2.91
CA GLU A 2158 17.43 -14.96 2.47
C GLU A 2158 16.00 -14.53 2.70
N ILE A 2159 15.73 -13.86 3.82
CA ILE A 2159 14.39 -13.38 4.06
C ILE A 2159 14.01 -12.33 3.03
N GLN A 2160 14.92 -11.43 2.69
CA GLN A 2160 14.61 -10.42 1.69
C GLN A 2160 14.40 -11.05 0.32
N LYS A 2161 15.19 -12.07 0.00
CA LYS A 2161 15.06 -12.72 -1.29
C LYS A 2161 13.73 -13.43 -1.39
N ASN A 2162 13.27 -14.03 -0.29
CA ASN A 2162 11.96 -14.64 -0.29
C ASN A 2162 10.84 -13.61 -0.37
N ASN A 2163 11.01 -12.48 0.31
CA ASN A 2163 10.04 -11.39 0.15
C ASN A 2163 9.88 -11.04 -1.31
N ALA A 2164 10.98 -10.74 -1.99
CA ALA A 2164 10.88 -10.31 -3.37
C ALA A 2164 10.43 -11.44 -4.28
N GLU A 2165 10.82 -12.66 -3.98
CA GLU A 2165 10.43 -13.81 -4.78
C GLU A 2165 8.94 -14.10 -4.67
N SER A 2166 8.34 -13.85 -3.51
CA SER A 2166 6.91 -14.00 -3.38
C SER A 2166 6.16 -12.82 -3.94
N GLU A 2167 6.76 -11.63 -3.85
CA GLU A 2167 6.16 -10.47 -4.49
C GLU A 2167 6.10 -10.65 -6.00
N ILE A 2168 7.07 -11.34 -6.59
CA ILE A 2168 6.99 -11.66 -8.00
C ILE A 2168 5.79 -12.54 -8.30
N ARG A 2169 5.60 -13.59 -7.50
CA ARG A 2169 4.45 -14.46 -7.73
C ARG A 2169 3.15 -13.70 -7.57
N GLN A 2170 3.09 -12.81 -6.58
CA GLN A 2170 1.90 -12.01 -6.38
C GLN A 2170 1.66 -11.10 -7.57
N ILE A 2171 2.70 -10.51 -8.13
CA ILE A 2171 2.52 -9.61 -9.26
C ILE A 2171 2.16 -10.38 -10.51
N ASP A 2172 2.61 -11.62 -10.63
CA ASP A 2172 2.20 -12.42 -11.78
C ASP A 2172 0.75 -12.83 -11.66
N ALA A 2173 0.30 -13.25 -10.48
CA ALA A 2173 -1.12 -13.50 -10.30
C ALA A 2173 -1.93 -12.25 -10.54
N GLN A 2174 -1.37 -11.09 -10.22
CA GLN A 2174 -2.04 -9.83 -10.48
C GLN A 2174 -2.16 -9.55 -11.96
N LEU A 2175 -1.11 -9.87 -12.73
CA LEU A 2175 -1.18 -9.73 -14.17
C LEU A 2175 -2.18 -10.70 -14.77
N GLU A 2176 -2.34 -11.88 -14.18
CA GLU A 2176 -3.35 -12.81 -14.68
C GLU A 2176 -4.75 -12.31 -14.39
N ALA A 2177 -4.97 -11.77 -13.19
CA ALA A 2177 -6.25 -11.14 -12.92
C ALA A 2177 -6.52 -10.00 -13.88
N LEU A 2178 -5.50 -9.25 -14.24
CA LEU A 2178 -5.70 -8.18 -15.21
C LEU A 2178 -6.03 -8.72 -16.60
N ALA A 2179 -5.40 -9.83 -17.00
CA ALA A 2179 -5.73 -10.39 -18.30
C ALA A 2179 -7.17 -10.90 -18.33
N VAL A 2180 -7.65 -11.46 -17.22
CA VAL A 2180 -9.05 -11.83 -17.14
C VAL A 2180 -9.94 -10.60 -17.20
N ARG A 2181 -9.59 -9.54 -16.48
CA ARG A 2181 -10.40 -8.34 -16.55
C ARG A 2181 -10.39 -7.76 -17.95
N ARG A 2182 -9.31 -7.96 -18.70
CA ARG A 2182 -9.28 -7.45 -20.06
C ARG A 2182 -10.13 -8.29 -20.98
N THR A 2183 -10.11 -9.61 -20.84
CA THR A 2183 -11.02 -10.38 -21.66
C THR A 2183 -12.47 -10.15 -21.26
N ALA A 2184 -12.73 -9.61 -20.08
CA ALA A 2184 -14.09 -9.24 -19.72
C ALA A 2184 -14.47 -7.87 -20.28
N THR A 2185 -13.52 -6.96 -20.35
CA THR A 2185 -13.79 -5.68 -21.00
C THR A 2185 -13.94 -5.83 -22.50
N GLU A 2186 -13.23 -6.76 -23.13
CA GLU A 2186 -13.47 -7.00 -24.54
C GLU A 2186 -14.87 -7.56 -24.76
N MET A 2187 -15.36 -8.37 -23.82
CA MET A 2187 -16.71 -8.86 -23.94
C MET A 2187 -17.73 -7.76 -23.68
N GLN A 2188 -17.44 -6.84 -22.77
CA GLN A 2188 -18.29 -5.66 -22.65
C GLN A 2188 -18.31 -4.87 -23.94
N ARG A 2189 -17.18 -4.81 -24.64
CA ARG A 2189 -17.14 -4.11 -25.91
C ARG A 2189 -17.97 -4.80 -26.98
N GLU A 2190 -17.90 -6.13 -27.04
CA GLU A 2190 -18.73 -6.82 -28.02
C GLU A 2190 -20.21 -6.72 -27.65
N HIS A 2191 -20.52 -6.68 -26.36
CA HIS A 2191 -21.89 -6.43 -25.94
C HIS A 2191 -22.37 -5.07 -26.41
N MET A 2192 -21.55 -4.03 -26.23
CA MET A 2192 -21.93 -2.72 -26.69
C MET A 2192 -22.06 -2.67 -28.20
N GLU A 2193 -21.22 -3.42 -28.92
CA GLU A 2193 -21.34 -3.47 -30.37
C GLU A 2193 -22.63 -4.16 -30.80
N ILE A 2194 -23.04 -5.21 -30.09
CA ILE A 2194 -24.29 -5.85 -30.42
C ILE A 2194 -25.46 -4.93 -30.09
N GLN A 2195 -25.33 -4.11 -29.06
CA GLN A 2195 -26.35 -3.10 -28.79
C GLN A 2195 -26.42 -2.07 -29.90
N GLN A 2196 -25.29 -1.68 -30.45
CA GLN A 2196 -25.30 -0.74 -31.56
C GLN A 2196 -25.97 -1.35 -32.78
N ALA A 2197 -25.64 -2.61 -33.08
CA ALA A 2197 -26.29 -3.28 -34.19
C ALA A 2197 -27.78 -3.38 -33.97
N GLN A 2198 -28.22 -3.55 -32.73
CA GLN A 2198 -29.64 -3.68 -32.47
C GLN A 2198 -30.35 -2.34 -32.57
N THR A 2199 -29.72 -1.26 -32.12
CA THR A 2199 -30.29 0.05 -32.36
C THR A 2199 -30.42 0.33 -33.85
N GLN A 2200 -29.42 -0.12 -34.63
CA GLN A 2200 -29.55 0.01 -36.07
C GLN A 2200 -30.71 -0.81 -36.60
N ALA A 2201 -30.91 -2.02 -36.07
CA ALA A 2201 -32.03 -2.82 -36.54
C ALA A 2201 -33.36 -2.18 -36.19
N GLN A 2202 -33.45 -1.54 -35.03
CA GLN A 2202 -34.69 -0.85 -34.67
C GLN A 2202 -34.94 0.35 -35.57
N LEU A 2203 -33.91 1.11 -35.89
CA LEU A 2203 -34.08 2.22 -36.82
C LEU A 2203 -34.50 1.71 -38.19
N GLU A 2204 -33.85 0.65 -38.66
CA GLU A 2204 -34.24 0.05 -39.93
C GLU A 2204 -35.70 -0.38 -39.89
N PHE A 2205 -36.14 -0.95 -38.79
CA PHE A 2205 -37.52 -1.37 -38.70
C PHE A 2205 -38.47 -0.18 -38.74
N LEU A 2206 -38.17 0.86 -37.97
CA LEU A 2206 -39.02 2.05 -37.99
C LEU A 2206 -39.05 2.72 -39.35
N GLN A 2207 -38.01 2.52 -40.16
CA GLN A 2207 -38.01 3.19 -41.46
C GLN A 2207 -38.61 2.32 -42.55
N ARG A 2208 -38.53 1.01 -42.42
CA ARG A 2208 -39.12 0.13 -43.41
C ARG A 2208 -40.59 -0.16 -43.15
N LYS A 2209 -41.01 -0.09 -41.89
CA LYS A 2209 -42.37 -0.47 -41.53
C LYS A 2209 -43.35 0.38 -42.30
N PHE A 2210 -44.54 -0.17 -42.52
CA PHE A 2210 -45.49 0.54 -43.37
C PHE A 2210 -45.92 1.86 -42.76
N SER A 2211 -46.35 1.83 -41.51
CA SER A 2211 -46.94 3.01 -40.88
C SER A 2211 -45.86 3.94 -40.35
N ASN A 2212 -44.96 4.33 -41.24
CA ASN A 2212 -43.84 5.18 -40.85
C ASN A 2212 -44.24 6.63 -40.96
N LYS A 2213 -43.29 7.52 -40.66
CA LYS A 2213 -43.59 8.95 -40.66
C LYS A 2213 -44.03 9.41 -42.04
N ALA A 2214 -43.49 8.80 -43.09
CA ALA A 2214 -43.84 9.22 -44.45
C ALA A 2214 -45.30 8.95 -44.75
N LEU A 2215 -45.79 7.76 -44.37
CA LEU A 2215 -47.19 7.43 -44.59
C LEU A 2215 -48.09 8.45 -43.93
N TYR A 2216 -47.90 8.69 -42.64
CA TYR A 2216 -48.76 9.60 -41.91
C TYR A 2216 -48.60 11.02 -42.41
N SER A 2217 -47.44 11.41 -42.91
CA SER A 2217 -47.31 12.74 -43.48
C SER A 2217 -48.14 12.87 -44.73
N TRP A 2218 -48.07 11.86 -45.61
CA TRP A 2218 -48.89 11.89 -46.81
C TRP A 2218 -50.37 11.93 -46.47
N LEU A 2219 -50.80 11.08 -45.56
CA LEU A 2219 -52.21 11.05 -45.19
C LEU A 2219 -52.63 12.36 -44.55
N ARG A 2220 -51.76 12.97 -43.75
CA ARG A 2220 -52.12 14.23 -43.11
C ARG A 2220 -52.27 15.33 -44.14
N GLY A 2221 -51.33 15.44 -45.08
CA GLY A 2221 -51.46 16.47 -46.10
C GLY A 2221 -52.66 16.24 -46.99
N ARG A 2222 -52.88 15.00 -47.40
CA ARG A 2222 -54.00 14.67 -48.27
C ARG A 2222 -55.33 14.96 -47.58
N LEU A 2223 -55.51 14.48 -46.36
CA LEU A 2223 -56.73 14.75 -45.62
C LEU A 2223 -56.86 16.22 -45.27
N ALA A 2224 -55.76 16.93 -45.09
CA ALA A 2224 -55.88 18.35 -44.79
C ALA A 2224 -56.40 19.10 -46.00
N SER A 2225 -55.96 18.72 -47.19
CA SER A 2225 -56.53 19.32 -48.40
C SER A 2225 -58.03 19.01 -48.51
N ILE A 2226 -58.39 17.74 -48.34
CA ILE A 2226 -59.79 17.36 -48.41
C ILE A 2226 -60.61 18.12 -47.37
N TYR A 2227 -60.12 18.20 -46.15
CA TYR A 2227 -60.84 18.86 -45.07
C TYR A 2227 -61.01 20.33 -45.35
N TYR A 2228 -59.97 20.99 -45.86
CA TYR A 2228 -60.07 22.41 -46.14
C TYR A 2228 -61.09 22.68 -47.21
N ARG A 2229 -61.07 21.91 -48.29
CA ARG A 2229 -62.02 22.18 -49.36
C ARG A 2229 -63.35 21.48 -49.16
N PHE A 2230 -63.53 20.78 -48.05
CA PHE A 2230 -64.82 20.26 -47.62
C PHE A 2230 -65.53 21.22 -46.69
N TYR A 2231 -64.78 21.92 -45.84
CA TYR A 2231 -65.38 22.98 -45.04
C TYR A 2231 -66.00 24.04 -45.92
N ASP A 2232 -65.45 24.23 -47.12
CA ASP A 2232 -66.06 25.15 -48.07
C ASP A 2232 -67.47 24.74 -48.45
N LEU A 2233 -67.71 23.45 -48.66
CA LEU A 2233 -69.07 23.00 -48.94
C LEU A 2233 -69.93 23.08 -47.71
N THR A 2234 -69.38 22.73 -46.55
CA THR A 2234 -70.19 22.74 -45.34
C THR A 2234 -70.67 24.12 -44.97
N ALA A 2235 -69.82 25.14 -45.07
CA ALA A 2235 -70.26 26.49 -44.76
C ALA A 2235 -71.32 26.97 -45.75
N ALA A 2236 -71.17 26.61 -47.02
CA ALA A 2236 -72.20 26.95 -47.99
C ALA A 2236 -73.52 26.26 -47.69
N ARG A 2237 -73.50 25.01 -47.22
CA ARG A 2237 -74.75 24.35 -46.84
C ARG A 2237 -75.38 25.04 -45.65
N CYS A 2238 -74.58 25.39 -44.64
CA CYS A 2238 -75.14 26.07 -43.49
C CYS A 2238 -75.72 27.42 -43.89
N MET A 2239 -75.10 28.08 -44.87
CA MET A 2239 -75.66 29.34 -45.34
C MET A 2239 -76.94 29.13 -46.13
N MET A 2240 -77.00 28.08 -46.95
CA MET A 2240 -78.25 27.71 -47.59
C MET A 2240 -79.34 27.47 -46.56
N ALA A 2241 -79.02 26.76 -45.50
CA ALA A 2241 -80.01 26.49 -44.48
C ALA A 2241 -80.45 27.77 -43.79
N GLU A 2242 -79.52 28.68 -43.55
CA GLU A 2242 -79.90 29.96 -42.94
C GLU A 2242 -80.81 30.74 -43.87
N LYS A 2243 -80.55 30.71 -45.17
CA LYS A 2243 -81.42 31.42 -46.10
C LYS A 2243 -82.80 30.78 -46.17
N ALA A 2244 -82.87 29.45 -46.19
CA ALA A 2244 -84.16 28.80 -46.18
C ALA A 2244 -84.91 29.13 -44.90
N TYR A 2245 -84.18 29.28 -43.80
CA TYR A 2245 -84.80 29.73 -42.55
C TYR A 2245 -85.35 31.13 -42.69
N ALA A 2246 -84.57 32.04 -43.28
CA ALA A 2246 -85.03 33.41 -43.44
C ALA A 2246 -86.21 33.52 -44.39
N TRP A 2247 -86.32 32.60 -45.34
CA TRP A 2247 -87.44 32.68 -46.28
C TRP A 2247 -88.68 31.99 -45.75
N GLN A 2248 -88.50 30.94 -44.93
CA GLN A 2248 -89.65 30.28 -44.35
C GLN A 2248 -90.21 31.05 -43.17
N THR A 2249 -89.36 31.76 -42.45
CA THR A 2249 -89.80 32.69 -41.41
C THR A 2249 -89.23 34.06 -41.75
N ASN A 2250 -90.11 35.04 -41.94
CA ASN A 2250 -89.64 36.35 -42.39
C ASN A 2250 -88.89 37.07 -41.28
N ASP A 2251 -87.75 36.50 -40.86
CA ASP A 2251 -86.87 37.11 -39.85
C ASP A 2251 -85.46 37.10 -40.46
N THR A 2252 -85.16 38.13 -41.25
CA THR A 2252 -83.87 38.22 -41.91
C THR A 2252 -82.86 39.03 -41.11
N ALA A 2253 -83.31 39.85 -40.18
CA ALA A 2253 -82.38 40.60 -39.34
C ALA A 2253 -81.54 39.67 -38.49
N THR A 2254 -82.13 38.57 -38.01
CA THR A 2254 -81.39 37.62 -37.21
C THR A 2254 -80.54 36.71 -38.10
N ARG A 2255 -79.42 36.27 -37.55
CA ARG A 2255 -78.53 35.37 -38.26
C ARG A 2255 -77.86 34.44 -37.26
N TYR A 2256 -77.70 33.19 -37.65
CA TYR A 2256 -77.22 32.16 -36.75
C TYR A 2256 -75.91 31.53 -37.19
N ILE A 2257 -75.75 31.24 -38.48
CA ILE A 2257 -74.48 30.72 -38.98
C ILE A 2257 -73.50 31.87 -38.99
N LYS A 2258 -72.62 31.92 -37.99
CA LYS A 2258 -71.66 33.00 -37.86
C LYS A 2258 -70.25 32.53 -38.18
N SER A 2259 -69.38 33.51 -38.44
CA SER A 2259 -68.02 33.24 -38.89
C SER A 2259 -67.16 32.80 -37.72
N GLY A 2260 -65.88 32.57 -37.97
CA GLY A 2260 -65.02 32.05 -36.94
C GLY A 2260 -65.16 30.57 -36.69
N ALA A 2261 -65.91 29.86 -37.53
CA ALA A 2261 -65.98 28.41 -37.40
C ALA A 2261 -64.67 27.76 -37.79
N TRP A 2262 -63.96 28.37 -38.73
CA TRP A 2262 -62.66 27.87 -39.15
C TRP A 2262 -61.58 28.80 -38.60
N GLN A 2263 -60.65 28.21 -37.83
CA GLN A 2263 -59.53 28.96 -37.29
C GLN A 2263 -58.26 28.37 -37.85
N SER A 2264 -57.42 29.20 -38.47
CA SER A 2264 -56.19 28.69 -39.02
C SER A 2264 -55.16 28.34 -37.97
N ASN A 2265 -55.29 28.88 -36.75
CA ASN A 2265 -54.42 28.42 -35.67
C ASN A 2265 -54.53 26.91 -35.49
N ASN A 2266 -55.72 26.37 -35.62
CA ASN A 2266 -55.97 24.95 -35.40
C ASN A 2266 -56.10 24.19 -36.69
N ALA A 2267 -55.60 24.71 -37.80
CA ALA A 2267 -55.76 24.10 -39.12
C ALA A 2267 -57.21 23.74 -39.40
N GLY A 2268 -58.12 24.56 -38.87
CA GLY A 2268 -59.53 24.37 -39.10
C GLY A 2268 -60.16 23.24 -38.33
N LEU A 2269 -59.46 22.67 -37.36
CA LEU A 2269 -60.03 21.62 -36.56
C LEU A 2269 -61.20 22.16 -35.74
N MET A 2270 -62.18 21.31 -35.50
CA MET A 2270 -63.40 21.67 -34.79
C MET A 2270 -64.14 22.83 -35.46
N ALA A 2271 -64.14 22.83 -36.79
CA ALA A 2271 -65.06 23.66 -37.54
C ALA A 2271 -66.46 23.04 -37.54
N GLY A 2272 -66.52 21.71 -37.63
CA GLY A 2272 -67.80 21.04 -37.62
C GLY A 2272 -68.57 21.27 -36.34
N GLU A 2273 -67.87 21.31 -35.21
CA GLU A 2273 -68.54 21.55 -33.94
C GLU A 2273 -69.19 22.93 -33.90
N SER A 2274 -68.46 23.96 -34.32
CA SER A 2274 -69.04 25.30 -34.32
C SER A 2274 -70.21 25.40 -35.29
N LEU A 2275 -70.03 24.89 -36.51
CA LEU A 2275 -71.10 24.97 -37.49
C LEU A 2275 -72.34 24.23 -37.02
N LEU A 2276 -72.15 23.10 -36.35
CA LEU A 2276 -73.31 22.33 -35.95
C LEU A 2276 -73.97 22.93 -34.72
N LEU A 2277 -73.20 23.57 -33.83
CA LEU A 2277 -73.82 24.34 -32.78
C LEU A 2277 -74.68 25.45 -33.37
N ASN A 2278 -74.18 26.12 -34.40
CA ASN A 2278 -74.99 27.14 -35.05
C ASN A 2278 -76.25 26.55 -35.68
N LEU A 2279 -76.13 25.41 -36.36
CA LEU A 2279 -77.30 24.77 -36.95
C LEU A 2279 -78.30 24.39 -35.88
N ALA A 2280 -77.85 23.96 -34.71
CA ALA A 2280 -78.79 23.61 -33.66
C ALA A 2280 -79.44 24.85 -33.07
N GLU A 2281 -78.68 25.94 -32.93
CA GLU A 2281 -79.28 27.20 -32.51
C GLU A 2281 -80.40 27.60 -33.45
N MET A 2282 -80.14 27.51 -34.75
CA MET A 2282 -81.15 27.88 -35.73
C MET A 2282 -82.33 26.93 -35.73
N GLU A 2283 -82.08 25.63 -35.56
CA GLU A 2283 -83.18 24.68 -35.51
C GLU A 2283 -84.06 24.93 -34.30
N GLN A 2284 -83.49 25.30 -33.17
CA GLN A 2284 -84.34 25.50 -32.01
C GLN A 2284 -85.08 26.83 -32.10
N ALA A 2285 -84.46 27.85 -32.68
CA ALA A 2285 -85.22 29.05 -33.00
C ALA A 2285 -86.41 28.69 -33.88
N TRP A 2286 -86.22 27.83 -34.86
CA TRP A 2286 -87.30 27.41 -35.73
C TRP A 2286 -88.36 26.64 -34.96
N LEU A 2287 -87.95 25.76 -34.05
CA LEU A 2287 -88.91 24.97 -33.30
C LEU A 2287 -89.73 25.82 -32.36
N LYS A 2288 -89.20 26.96 -31.92
CA LYS A 2288 -89.99 27.85 -31.09
C LYS A 2288 -90.90 28.73 -31.94
N ARG A 2289 -90.43 29.16 -33.12
CA ARG A 2289 -91.26 30.02 -33.96
C ARG A 2289 -92.28 29.23 -34.76
N ASP A 2290 -92.15 27.92 -34.81
CA ASP A 2290 -93.06 27.10 -35.60
C ASP A 2290 -94.32 26.81 -34.79
N SER A 2291 -95.46 26.77 -35.47
CA SER A 2291 -96.73 26.47 -34.84
C SER A 2291 -97.73 26.16 -35.95
N ARG A 2292 -99.00 26.03 -35.56
CA ARG A 2292 -100.05 26.05 -36.56
C ARG A 2292 -100.10 27.42 -37.22
N SER A 2293 -100.90 27.51 -38.28
CA SER A 2293 -101.11 28.80 -38.92
C SER A 2293 -102.47 28.80 -39.58
N LEU A 2294 -103.16 29.92 -39.49
CA LEU A 2294 -104.37 30.10 -40.26
C LEU A 2294 -104.04 30.15 -41.73
N GLU A 2295 -104.79 29.42 -42.53
CA GLU A 2295 -104.57 29.38 -43.96
C GLU A 2295 -105.91 29.52 -44.68
N VAL A 2296 -105.94 30.38 -45.69
CA VAL A 2296 -107.16 30.77 -46.37
C VAL A 2296 -106.95 30.66 -47.87
N THR A 2297 -108.02 30.33 -48.58
CA THR A 2297 -108.08 30.47 -50.02
C THR A 2297 -108.87 31.73 -50.36
N ARG A 2298 -108.46 32.41 -51.42
CA ARG A 2298 -109.24 33.53 -51.93
C ARG A 2298 -109.50 33.32 -53.40
N THR A 2299 -110.76 33.09 -53.74
CA THR A 2299 -111.18 32.93 -55.13
C THR A 2299 -111.35 34.30 -55.74
N VAL A 2300 -110.49 34.65 -56.68
CA VAL A 2300 -110.48 35.97 -57.28
C VAL A 2300 -111.01 35.85 -58.71
N SER A 2301 -112.31 36.06 -58.88
CA SER A 2301 -112.91 36.13 -60.21
C SER A 2301 -112.46 37.44 -60.84
N LEU A 2302 -111.48 37.35 -61.75
CA LEU A 2302 -110.88 38.55 -62.31
C LEU A 2302 -111.87 39.40 -63.09
N ALA A 2303 -113.00 38.84 -63.51
CA ALA A 2303 -114.03 39.66 -64.12
C ALA A 2303 -114.47 40.77 -63.19
N ALA A 2304 -114.46 40.52 -61.87
CA ALA A 2304 -114.83 41.56 -60.92
C ALA A 2304 -113.83 42.69 -60.87
N VAL A 2305 -112.56 42.38 -60.64
CA VAL A 2305 -111.54 43.42 -60.61
C VAL A 2305 -111.40 44.09 -61.97
N TYR A 2306 -111.85 43.45 -63.04
CA TYR A 2306 -111.94 44.14 -64.32
C TYR A 2306 -113.15 45.07 -64.39
N ARG A 2307 -114.27 44.67 -63.79
CA ARG A 2307 -115.41 45.57 -63.65
C ARG A 2307 -115.05 46.81 -62.86
N THR A 2308 -114.13 46.70 -61.90
CA THR A 2308 -113.61 47.90 -61.25
C THR A 2308 -113.00 48.87 -62.25
N ASP A 2309 -112.52 48.34 -63.38
CA ASP A 2309 -112.03 49.18 -64.46
C ASP A 2309 -113.07 49.47 -65.53
N ASN A 2310 -114.28 48.94 -65.39
CA ASN A 2310 -115.40 49.20 -66.29
C ASN A 2310 -115.11 48.73 -67.72
N VAL A 2311 -114.01 47.99 -67.89
CA VAL A 2311 -113.52 47.56 -69.19
C VAL A 2311 -113.50 46.03 -69.17
N THR A 2312 -114.50 45.45 -68.51
CA THR A 2312 -114.50 44.08 -68.02
C THR A 2312 -114.08 43.07 -69.08
N LEU A 2313 -113.59 41.91 -68.63
CA LEU A 2313 -112.90 40.97 -69.51
C LEU A 2313 -113.75 40.57 -70.70
N ALA A 2314 -115.04 40.31 -70.47
CA ALA A 2314 -115.91 39.78 -71.51
C ALA A 2314 -115.78 40.54 -72.82
N GLU A 2315 -115.80 41.88 -72.77
CA GLU A 2315 -115.62 42.69 -73.96
C GLU A 2315 -114.24 43.33 -74.04
N GLY A 2316 -113.39 43.11 -73.04
CA GLY A 2316 -112.03 43.61 -73.13
C GLY A 2316 -111.11 42.62 -73.82
N ILE A 2317 -111.57 41.38 -73.99
CA ILE A 2317 -110.74 40.36 -74.60
C ILE A 2317 -111.05 40.23 -76.09
N ALA A 2318 -112.34 40.22 -76.45
CA ALA A 2318 -112.72 40.00 -77.84
C ALA A 2318 -112.29 41.15 -78.74
N ASP A 2319 -112.44 42.38 -78.25
CA ASP A 2319 -112.07 43.55 -79.05
C ASP A 2319 -110.58 43.59 -79.34
N LEU A 2320 -109.76 42.95 -78.50
CA LEU A 2320 -108.33 42.94 -78.74
C LEU A 2320 -108.04 42.05 -79.94
N LEU A 2321 -107.94 42.66 -81.12
CA LEU A 2321 -107.72 41.93 -82.36
C LEU A 2321 -106.81 42.79 -83.23
N LYS A 2322 -105.51 42.54 -83.11
CA LYS A 2322 -104.51 43.28 -83.87
C LYS A 2322 -103.16 42.60 -83.67
N GLY A 2323 -102.29 42.77 -84.65
CA GLY A 2323 -100.96 42.22 -84.57
C GLY A 2323 -99.97 43.22 -84.02
N ASN A 2324 -100.40 44.00 -83.03
CA ASN A 2324 -99.55 45.04 -82.46
C ASN A 2324 -98.47 44.43 -81.59
N GLY A 2325 -97.28 45.03 -81.65
CA GLY A 2325 -96.16 44.60 -80.84
C GLY A 2325 -95.75 45.62 -79.80
N SER A 2326 -95.64 45.20 -78.54
CA SER A 2326 -95.30 46.12 -77.47
C SER A 2326 -94.79 45.32 -76.28
N GLY A 2327 -93.51 45.51 -75.94
CA GLY A 2327 -92.98 44.96 -74.71
C GLY A 2327 -93.35 45.81 -73.50
N ASN A 2328 -92.94 45.35 -72.32
CA ASN A 2328 -93.24 46.02 -71.05
C ASN A 2328 -94.76 46.17 -70.89
N ILE A 2329 -95.40 45.02 -70.73
CA ILE A 2329 -96.85 44.89 -70.88
C ILE A 2329 -97.63 45.67 -69.82
N PRO A 2330 -97.34 45.53 -68.51
CA PRO A 2330 -98.17 46.32 -67.59
C PRO A 2330 -97.71 47.77 -67.49
N THR A 2338 -102.31 40.63 -76.33
CA THR A 2338 -101.74 41.00 -77.62
C THR A 2338 -100.69 42.10 -77.45
N ALA A 2339 -99.83 41.93 -76.46
CA ALA A 2339 -98.73 42.88 -76.23
C ALA A 2339 -97.81 42.91 -77.45
N ASP A 2340 -97.14 41.79 -77.74
CA ASP A 2340 -96.38 41.64 -78.96
C ASP A 2340 -96.98 40.59 -79.88
N ASN A 2341 -97.09 39.34 -79.42
CA ASN A 2341 -97.87 38.33 -80.10
C ASN A 2341 -98.61 37.46 -79.11
N GLN A 2342 -98.67 37.87 -77.85
CA GLN A 2342 -99.22 37.06 -76.77
C GLN A 2342 -100.03 37.96 -75.85
N LEU A 2343 -100.94 37.35 -75.11
CA LEU A 2343 -101.78 38.08 -74.19
C LEU A 2343 -101.14 38.07 -72.81
N HIS A 2344 -101.46 39.09 -72.02
CA HIS A 2344 -100.84 39.24 -70.71
C HIS A 2344 -101.74 40.05 -69.79
N ALA A 2345 -102.09 39.46 -68.66
CA ALA A 2345 -102.80 40.14 -67.60
C ALA A 2345 -101.81 40.56 -66.53
N ALA A 2346 -102.20 41.53 -65.70
CA ALA A 2346 -101.32 42.06 -64.68
C ALA A 2346 -102.16 42.69 -63.59
N PHE A 2347 -101.93 42.27 -62.34
CA PHE A 2347 -102.74 42.77 -61.25
C PHE A 2347 -101.90 42.88 -59.99
N ASN A 2348 -102.02 44.04 -59.33
CA ASN A 2348 -101.26 44.33 -58.13
C ASN A 2348 -102.04 43.84 -56.94
N LEU A 2349 -101.43 42.94 -56.16
CA LEU A 2349 -102.10 42.38 -55.00
C LEU A 2349 -102.44 43.43 -53.95
N LYS A 2350 -101.78 44.58 -53.97
CA LYS A 2350 -102.24 45.68 -53.15
C LYS A 2350 -103.64 46.10 -53.52
N ALA A 2351 -103.97 46.09 -54.81
CA ALA A 2351 -105.32 46.36 -55.26
C ALA A 2351 -106.28 45.20 -54.98
N LEU A 2352 -105.78 44.08 -54.48
CA LEU A 2352 -106.65 42.95 -54.20
C LEU A 2352 -107.18 42.94 -52.77
N ASN A 2353 -106.67 43.82 -51.92
CA ASN A 2353 -107.24 44.07 -50.59
C ASN A 2353 -107.33 42.78 -49.78
N ILE A 2354 -106.19 42.09 -49.67
CA ILE A 2354 -106.20 40.81 -48.97
C ILE A 2354 -106.18 41.02 -47.47
N LYS A 2355 -105.46 42.03 -46.98
CA LYS A 2355 -105.43 42.30 -45.56
C LYS A 2355 -106.81 42.64 -45.02
N ASP A 2356 -107.67 43.23 -45.85
CA ASP A 2356 -109.01 43.58 -45.42
C ASP A 2356 -109.94 42.38 -45.35
N ASP A 2357 -109.49 41.22 -45.80
CA ASP A 2357 -110.36 40.05 -45.77
C ASP A 2357 -110.52 39.51 -44.35
N TYR A 2358 -109.51 39.69 -43.51
CA TYR A 2358 -109.51 39.16 -42.16
C TYR A 2358 -109.03 40.22 -41.18
N PRO A 2359 -109.43 40.12 -39.91
CA PRO A 2359 -109.00 41.13 -38.94
C PRO A 2359 -107.50 41.08 -38.71
N GLU A 2360 -106.96 42.20 -38.24
CA GLU A 2360 -105.54 42.27 -37.95
C GLU A 2360 -105.18 41.57 -36.64
N ALA A 2361 -106.14 41.39 -35.74
CA ALA A 2361 -105.84 40.70 -34.49
C ALA A 2361 -105.53 39.23 -34.69
N LEU A 2362 -105.85 38.67 -35.87
CA LEU A 2362 -105.50 37.29 -36.15
C LEU A 2362 -104.00 37.13 -36.33
N GLY A 2363 -103.44 37.87 -37.27
CA GLY A 2363 -102.02 37.80 -37.55
C GLY A 2363 -101.52 39.02 -38.30
N THR A 2364 -100.27 39.40 -38.07
CA THR A 2364 -99.73 40.58 -38.72
C THR A 2364 -99.12 40.30 -40.08
N THR A 2365 -98.78 39.04 -40.38
CA THR A 2365 -98.15 38.69 -41.64
C THR A 2365 -99.02 37.72 -42.40
N ARG A 2366 -99.00 37.85 -43.73
CA ARG A 2366 -99.77 36.98 -44.62
C ARG A 2366 -98.94 36.73 -45.88
N ARG A 2367 -98.69 35.48 -46.18
CA ARG A 2367 -97.80 35.12 -47.27
C ARG A 2367 -98.46 34.05 -48.14
N ILE A 2368 -98.23 34.15 -49.45
CA ILE A 2368 -98.79 33.18 -50.39
C ILE A 2368 -98.22 31.79 -50.08
N LYS A 2369 -99.04 30.77 -50.32
CA LYS A 2369 -98.61 29.38 -50.16
C LYS A 2369 -98.66 28.62 -51.47
N GLN A 2370 -99.75 28.76 -52.22
CA GLN A 2370 -99.96 28.05 -53.47
C GLN A 2370 -101.02 28.79 -54.25
N ILE A 2371 -100.93 28.73 -55.58
CA ILE A 2371 -101.85 29.46 -56.45
C ILE A 2371 -102.37 28.50 -57.51
N SER A 2372 -103.69 28.37 -57.59
CA SER A 2372 -104.34 27.56 -58.62
C SER A 2372 -105.24 28.45 -59.45
N VAL A 2373 -105.31 28.17 -60.76
CA VAL A 2373 -106.03 28.99 -61.71
C VAL A 2373 -107.09 28.14 -62.40
N THR A 2374 -108.21 28.77 -62.72
CA THR A 2374 -109.31 28.11 -63.42
C THR A 2374 -109.72 28.96 -64.62
N LEU A 2375 -109.65 28.38 -65.81
CA LEU A 2375 -110.01 29.07 -67.05
C LEU A 2375 -111.16 28.32 -67.71
N PRO A 2376 -112.40 28.65 -67.37
CA PRO A 2376 -113.57 27.94 -67.92
C PRO A 2376 -113.96 28.42 -69.31
N ALA A 2377 -113.28 27.88 -70.32
CA ALA A 2377 -113.46 28.30 -71.70
C ALA A 2377 -113.99 27.17 -72.56
N LEU A 2378 -114.55 27.55 -73.71
CA LEU A 2378 -114.91 26.58 -74.74
C LEU A 2378 -113.63 26.03 -75.36
N VAL A 2379 -113.25 24.82 -74.96
CA VAL A 2379 -112.02 24.20 -75.44
C VAL A 2379 -112.38 23.14 -76.46
N GLU A 2380 -111.52 22.99 -77.47
CA GLU A 2380 -111.69 21.89 -78.41
C GLU A 2380 -111.22 20.58 -77.76
N PRO A 2381 -111.79 19.45 -78.13
CA PRO A 2381 -111.40 18.18 -77.50
C PRO A 2381 -109.94 17.86 -77.74
N TYR A 2382 -109.30 17.29 -76.72
CA TYR A 2382 -107.90 16.86 -76.76
C TYR A 2382 -106.99 18.02 -77.16
N GLN A 2383 -107.13 19.12 -76.44
CA GLN A 2383 -106.36 20.32 -76.72
C GLN A 2383 -105.87 20.93 -75.42
N ASP A 2384 -104.57 21.16 -75.33
CA ASP A 2384 -103.99 21.85 -74.19
C ASP A 2384 -104.19 23.36 -74.36
N MET A 2385 -103.69 24.12 -73.40
CA MET A 2385 -103.76 25.58 -73.47
C MET A 2385 -102.51 26.17 -72.85
N ARG A 2386 -101.67 26.75 -73.69
CA ARG A 2386 -100.40 27.32 -73.25
C ARG A 2386 -100.68 28.60 -72.47
N ALA A 2387 -100.29 28.62 -71.20
CA ALA A 2387 -100.50 29.79 -70.37
C ALA A 2387 -99.43 29.84 -69.30
N ILE A 2388 -98.79 30.99 -69.17
CA ILE A 2388 -97.73 31.21 -68.19
C ILE A 2388 -98.24 32.19 -67.14
N PHE A 2389 -98.09 31.81 -65.88
CA PHE A 2389 -98.48 32.65 -64.76
C PHE A 2389 -97.22 32.96 -63.98
N ARG A 2390 -96.92 34.24 -63.82
CA ARG A 2390 -95.57 34.65 -63.45
C ARG A 2390 -95.60 35.77 -62.43
N TYR A 2391 -94.56 35.83 -61.61
CA TYR A 2391 -94.43 36.82 -60.55
C TYR A 2391 -93.63 38.02 -61.03
N GLY A 2392 -94.15 39.21 -60.76
CA GLY A 2392 -93.50 40.42 -61.21
C GLY A 2392 -92.23 40.73 -60.46
N GLY A 2393 -92.29 40.70 -59.13
CA GLY A 2393 -91.13 40.98 -58.31
C GLY A 2393 -90.09 39.89 -58.42
N ASN A 2394 -89.00 40.07 -57.67
CA ASN A 2394 -87.90 39.10 -57.68
C ASN A 2394 -87.39 38.93 -56.25
N SER A 2395 -88.05 38.06 -55.50
CA SER A 2395 -87.65 37.74 -54.14
C SER A 2395 -87.73 36.26 -53.84
N LEU A 2396 -88.03 35.43 -54.82
CA LEU A 2396 -88.25 34.01 -54.63
C LEU A 2396 -86.99 33.23 -54.98
N PRO A 2397 -87.02 31.91 -54.83
CA PRO A 2397 -85.98 31.09 -55.47
C PRO A 2397 -86.04 31.18 -56.99
N ALA A 2398 -85.17 30.42 -57.66
CA ALA A 2398 -84.98 30.57 -59.10
C ALA A 2398 -86.29 30.39 -59.86
N GLY A 2399 -86.88 29.20 -59.77
CA GLY A 2399 -88.05 28.89 -60.55
C GLY A 2399 -89.38 29.12 -59.87
N CYS A 2400 -89.39 29.48 -58.59
CA CYS A 2400 -90.65 29.70 -57.88
C CYS A 2400 -91.43 30.86 -58.46
N LYS A 2401 -90.78 31.74 -59.22
CA LYS A 2401 -91.42 32.97 -59.68
C LYS A 2401 -92.29 32.75 -60.91
N ALA A 2402 -92.22 31.58 -61.55
CA ALA A 2402 -92.98 31.32 -62.76
C ALA A 2402 -93.69 29.98 -62.64
N ILE A 2403 -94.82 29.85 -63.32
CA ILE A 2403 -95.59 28.61 -63.35
C ILE A 2403 -96.21 28.47 -64.73
N ALA A 2404 -96.56 27.25 -65.08
CA ALA A 2404 -97.22 26.97 -66.34
C ALA A 2404 -98.65 26.52 -66.07
N LEU A 2405 -99.41 26.26 -67.13
CA LEU A 2405 -100.77 25.77 -67.00
C LEU A 2405 -101.06 24.82 -68.17
N SER A 2406 -102.00 23.91 -67.96
CA SER A 2406 -102.28 22.88 -68.95
C SER A 2406 -103.68 23.02 -69.57
N HIS A 2407 -104.74 22.97 -68.78
CA HIS A 2407 -106.07 22.88 -69.39
C HIS A 2407 -107.03 23.97 -68.93
N GLY A 2408 -106.91 24.42 -67.68
CA GLY A 2408 -107.70 25.53 -67.21
C GLY A 2408 -108.78 25.22 -66.20
N ILE A 2409 -108.68 24.10 -65.49
CA ILE A 2409 -109.63 23.83 -64.40
C ILE A 2409 -108.88 23.35 -63.16
N ASN A 2410 -108.73 24.24 -62.19
CA ASN A 2410 -108.14 23.93 -60.89
C ASN A 2410 -106.81 23.22 -61.06
N ASP A 2411 -106.08 23.59 -62.12
CA ASP A 2411 -104.83 22.92 -62.46
C ASP A 2411 -103.67 23.83 -62.09
N ASP A 2412 -102.97 23.44 -61.04
CA ASP A 2412 -101.70 24.07 -60.72
C ASP A 2412 -100.68 23.75 -61.80
N GLY A 2413 -99.61 24.55 -61.84
CA GLY A 2413 -98.56 24.31 -62.82
C GLY A 2413 -97.82 23.01 -62.61
N LEU A 2414 -98.11 22.30 -61.54
CA LEU A 2414 -97.47 21.02 -61.26
C LEU A 2414 -98.25 19.87 -61.89
N PHE A 2415 -97.68 18.67 -61.81
CA PHE A 2415 -98.40 17.44 -62.12
C PHE A 2415 -98.96 16.76 -60.89
N ARG A 2416 -98.12 16.50 -59.90
CA ARG A 2416 -98.56 16.06 -58.59
C ARG A 2416 -98.55 17.25 -57.64
N LEU A 2417 -99.58 17.35 -56.81
CA LEU A 2417 -99.71 18.46 -55.86
C LEU A 2417 -99.51 17.91 -54.47
N ASP A 2418 -98.28 17.98 -53.98
CA ASP A 2418 -97.89 17.41 -52.71
C ASP A 2418 -97.11 18.45 -51.93
N PHE A 2419 -97.60 18.80 -50.74
CA PHE A 2419 -96.93 19.77 -49.89
C PHE A 2419 -95.72 19.17 -49.18
N ASN A 2420 -95.71 17.86 -48.98
CA ASN A 2420 -94.65 17.17 -48.25
C ASN A 2420 -93.31 17.19 -48.96
N ASP A 2421 -93.30 17.48 -50.26
CA ASP A 2421 -92.02 17.62 -50.97
C ASP A 2421 -91.22 18.73 -50.31
N GLY A 2422 -89.92 18.50 -50.15
CA GLY A 2422 -89.07 19.51 -49.53
C GLY A 2422 -89.02 20.80 -50.30
N ARG A 2423 -89.10 20.74 -51.62
CA ARG A 2423 -89.04 21.94 -52.43
C ARG A 2423 -90.22 22.85 -52.12
N TRP A 2424 -90.03 24.15 -52.30
CA TRP A 2424 -91.13 25.09 -52.15
C TRP A 2424 -92.14 24.94 -53.28
N LEU A 2425 -93.35 25.41 -53.02
CA LEU A 2425 -94.35 25.51 -54.05
C LEU A 2425 -94.14 26.80 -54.85
N PRO A 2426 -94.57 26.83 -56.11
CA PRO A 2426 -94.46 28.07 -56.87
C PRO A 2426 -95.25 29.19 -56.23
N PHE A 2427 -94.66 30.38 -56.20
CA PHE A 2427 -95.25 31.55 -55.56
C PHE A 2427 -95.51 31.26 -54.09
N GLU A 2428 -94.49 30.83 -53.38
CA GLU A 2428 -94.56 30.58 -51.94
C GLU A 2428 -93.83 31.69 -51.20
N GLY A 2429 -94.32 32.04 -50.03
CA GLY A 2429 -93.67 33.03 -49.20
C GLY A 2429 -93.92 34.47 -49.61
N ILE A 2430 -94.55 34.69 -50.76
CA ILE A 2430 -94.84 36.04 -51.25
C ILE A 2430 -95.78 36.73 -50.28
N PRO A 2431 -95.42 37.88 -49.73
CA PRO A 2431 -96.36 38.62 -48.90
C PRO A 2431 -97.42 39.22 -49.79
N VAL A 2432 -98.62 39.35 -49.23
CA VAL A 2432 -99.79 39.70 -50.03
C VAL A 2432 -99.89 41.21 -50.21
N ASP A 2433 -98.83 41.93 -49.85
CA ASP A 2433 -98.94 43.39 -49.76
C ASP A 2433 -98.85 44.05 -51.13
N ASP A 2434 -97.75 43.86 -51.84
CA ASP A 2434 -97.52 44.62 -53.07
C ASP A 2434 -96.44 43.93 -53.90
N ASP A 2435 -95.90 44.66 -54.87
CA ASP A 2435 -94.70 44.28 -55.62
C ASP A 2435 -94.97 43.08 -56.53
N ASN A 2436 -96.08 43.11 -57.26
CA ASN A 2436 -96.31 42.10 -58.28
C ASN A 2436 -97.37 42.60 -59.23
N SER A 2437 -97.02 42.70 -60.50
CA SER A 2437 -98.00 42.74 -61.56
C SER A 2437 -98.32 41.29 -61.92
N LEU A 2438 -99.53 40.85 -61.63
CA LEU A 2438 -99.88 39.44 -61.71
C LEU A 2438 -99.86 38.97 -63.15
N THR A 2439 -98.71 38.50 -63.62
CA THR A 2439 -98.55 38.15 -65.02
C THR A 2439 -99.23 36.82 -65.27
N LEU A 2440 -100.20 36.81 -66.18
CA LEU A 2440 -100.84 35.59 -66.66
C LEU A 2440 -100.74 35.62 -68.17
N SER A 2441 -99.62 35.17 -68.70
CA SER A 2441 -99.34 35.27 -70.12
C SER A 2441 -100.09 34.19 -70.91
N PHE A 2442 -100.33 34.50 -72.18
CA PHE A 2442 -100.99 33.58 -73.11
C PHE A 2442 -100.26 33.64 -74.43
N PRO A 2443 -99.32 32.72 -74.66
CA PRO A 2443 -98.53 32.77 -75.89
C PRO A 2443 -99.40 32.51 -77.12
N ASP A 2444 -99.12 33.26 -78.18
CA ASP A 2444 -99.81 33.15 -79.46
C ASP A 2444 -101.32 33.38 -79.30
N ALA A 2445 -101.64 34.60 -78.88
CA ALA A 2445 -103.02 35.05 -78.85
C ALA A 2445 -103.51 35.54 -80.22
N THR A 2446 -102.82 35.17 -81.29
CA THR A 2446 -103.20 35.60 -82.64
C THR A 2446 -104.22 34.62 -83.22
N GLY A 2447 -104.58 34.83 -84.48
CA GLY A 2447 -105.55 33.98 -85.15
C GLY A 2447 -105.05 32.57 -85.38
N GLU A 2448 -105.59 31.63 -84.62
CA GLU A 2448 -105.23 30.21 -84.70
C GLU A 2448 -106.30 29.46 -83.90
N LYS A 2449 -106.02 28.18 -83.62
CA LYS A 2449 -106.91 27.41 -82.75
C LYS A 2449 -107.06 28.04 -81.37
N GLN A 2450 -106.07 28.82 -80.92
CA GLN A 2450 -106.13 29.47 -79.62
C GLN A 2450 -107.07 30.67 -79.59
N LYS A 2451 -107.27 31.33 -80.73
CA LYS A 2451 -108.08 32.53 -80.73
C LYS A 2451 -109.52 32.24 -80.29
N PRO A 2452 -110.19 31.21 -80.83
CA PRO A 2452 -111.55 30.92 -80.33
C PRO A 2452 -111.57 30.61 -78.86
N LEU A 2453 -110.56 29.91 -78.35
CA LEU A 2453 -110.50 29.62 -76.92
C LEU A 2453 -110.42 30.91 -76.11
N LEU A 2454 -109.48 31.77 -76.44
CA LEU A 2454 -109.30 33.00 -75.68
C LEU A 2454 -110.49 33.94 -75.83
N LEU A 2455 -111.21 33.88 -76.94
CA LEU A 2455 -112.41 34.69 -77.06
C LEU A 2455 -113.55 34.10 -76.24
N SER A 2456 -113.65 32.77 -76.19
CA SER A 2456 -114.69 32.10 -75.43
C SER A 2456 -114.42 32.08 -73.94
N LEU A 2457 -113.22 32.44 -73.51
CA LEU A 2457 -112.93 32.52 -72.08
C LEU A 2457 -113.69 33.68 -71.48
N THR A 2458 -114.81 33.39 -70.82
CA THR A 2458 -115.64 34.45 -70.27
C THR A 2458 -115.08 35.06 -69.00
N ASP A 2459 -114.19 34.35 -68.31
CA ASP A 2459 -113.64 34.86 -67.05
C ASP A 2459 -112.41 34.04 -66.69
N ILE A 2460 -111.52 34.67 -65.93
CA ILE A 2460 -110.38 34.00 -65.33
C ILE A 2460 -110.59 33.98 -63.82
N ILE A 2461 -110.64 32.78 -63.25
CA ILE A 2461 -110.87 32.59 -61.83
C ILE A 2461 -109.63 31.95 -61.23
N ILE A 2462 -109.09 32.59 -60.20
CA ILE A 2462 -107.85 32.15 -59.59
C ILE A 2462 -108.06 31.92 -58.09
N HIS A 2463 -107.37 30.92 -57.56
CA HIS A 2463 -107.50 30.53 -56.16
C HIS A 2463 -106.15 30.68 -55.50
N ILE A 2464 -105.99 31.73 -54.71
CA ILE A 2464 -104.74 32.03 -54.02
C ILE A 2464 -104.84 31.49 -52.61
N ARG A 2465 -104.03 30.48 -52.32
CA ARG A 2465 -103.93 29.95 -50.97
C ARG A 2465 -102.79 30.66 -50.25
N TYR A 2466 -103.12 31.35 -49.17
CA TYR A 2466 -102.09 32.01 -48.38
C TYR A 2466 -102.23 31.59 -46.93
N THR A 2467 -101.33 32.10 -46.10
CA THR A 2467 -101.21 31.67 -44.71
C THR A 2467 -101.10 32.89 -43.82
N ILE A 2468 -101.81 32.88 -42.71
CA ILE A 2468 -101.80 33.97 -41.74
C ILE A 2468 -101.17 33.45 -40.46
N CYS A 2469 -99.89 33.77 -40.25
CA CYS A 2469 -99.16 33.26 -39.09
C CYS A 2469 -99.39 34.10 -37.85
N VAL B 21 51.48 -52.22 -22.97
CA VAL B 21 51.31 -53.65 -23.19
C VAL B 21 51.17 -54.34 -21.85
N THR B 22 52.32 -54.51 -21.19
CA THR B 22 52.30 -55.05 -19.84
C THR B 22 51.66 -54.06 -18.88
N LEU B 23 52.27 -52.89 -18.73
CA LEU B 23 51.77 -51.89 -17.81
C LEU B 23 50.47 -51.27 -18.28
N ALA B 24 50.02 -51.55 -19.50
CA ALA B 24 48.74 -51.05 -19.95
C ALA B 24 47.59 -51.93 -19.50
N ASP B 25 47.85 -53.21 -19.26
CA ASP B 25 46.78 -54.10 -18.82
C ASP B 25 46.49 -53.92 -17.34
N PHE B 26 47.45 -53.42 -16.58
CA PHE B 26 47.30 -53.23 -15.14
C PHE B 26 46.86 -51.83 -14.77
N MET B 27 46.59 -50.98 -15.75
CA MET B 27 46.11 -49.64 -15.43
C MET B 27 44.75 -49.66 -14.76
N PRO B 28 43.75 -50.39 -15.26
CA PRO B 28 42.45 -50.37 -14.57
C PRO B 28 42.44 -51.15 -13.28
N MET B 29 43.33 -52.13 -13.12
CA MET B 29 43.27 -53.01 -11.97
C MET B 29 43.73 -52.28 -10.73
N SER B 30 43.32 -52.81 -9.58
CA SER B 30 43.73 -52.28 -8.31
C SER B 30 44.89 -53.11 -7.76
N LEU B 31 45.43 -52.67 -6.62
CA LEU B 31 46.53 -53.42 -6.03
C LEU B 31 46.07 -54.81 -5.62
N ALA B 32 44.86 -54.93 -5.08
CA ALA B 32 44.37 -56.24 -4.72
C ALA B 32 44.14 -57.12 -5.94
N GLU B 33 43.63 -56.56 -7.03
CA GLU B 33 43.46 -57.35 -8.25
C GLU B 33 44.80 -57.84 -8.76
N ILE B 34 45.80 -56.96 -8.78
CA ILE B 34 47.12 -57.36 -9.25
C ILE B 34 47.70 -58.44 -8.36
N ARG B 35 47.56 -58.27 -7.04
CA ARG B 35 48.04 -59.27 -6.10
C ARG B 35 47.28 -60.58 -6.24
N SER B 36 46.02 -60.52 -6.70
CA SER B 36 45.18 -61.70 -6.73
C SER B 36 45.30 -62.46 -8.04
N GLN B 37 45.78 -61.80 -9.09
CA GLN B 37 45.98 -62.47 -10.36
C GLN B 37 47.44 -62.80 -10.54
N ASN B 38 47.71 -64.05 -10.91
CA ASN B 38 49.03 -64.63 -10.82
C ASN B 38 49.56 -64.53 -9.40
N THR B 39 48.86 -65.22 -8.49
CA THR B 39 49.32 -65.31 -7.10
C THR B 39 50.64 -66.05 -7.02
N GLY B 40 50.87 -66.97 -7.95
CA GLY B 40 52.11 -67.71 -7.98
C GLY B 40 53.21 -66.97 -8.72
N ARG B 41 52.84 -66.10 -9.65
CA ARG B 41 53.86 -65.44 -10.47
C ARG B 41 54.38 -64.18 -9.81
N LEU B 42 53.50 -63.23 -9.53
CA LEU B 42 53.91 -61.98 -8.92
C LEU B 42 54.15 -62.15 -7.43
N SER B 43 55.23 -61.56 -6.94
CA SER B 43 55.48 -61.51 -5.52
C SER B 43 54.55 -60.47 -4.89
N ARG B 44 54.67 -60.27 -3.59
CA ARG B 44 53.83 -59.27 -2.93
C ARG B 44 54.47 -57.89 -2.97
N GLU B 45 55.75 -57.81 -3.35
CA GLU B 45 56.37 -56.51 -3.56
C GLU B 45 56.50 -56.20 -5.05
N GLU B 46 56.76 -57.21 -5.86
CA GLU B 46 56.72 -57.02 -7.30
C GLU B 46 55.36 -56.53 -7.73
N ALA B 47 54.29 -57.04 -7.13
CA ALA B 47 52.96 -56.58 -7.49
C ALA B 47 52.77 -55.12 -7.17
N GLN B 48 53.29 -54.67 -6.03
CA GLN B 48 53.13 -53.27 -5.66
C GLN B 48 53.94 -52.36 -6.57
N LEU B 49 55.17 -52.77 -6.89
CA LEU B 49 55.96 -52.01 -7.85
C LEU B 49 55.26 -51.91 -9.19
N LEU B 50 54.68 -53.01 -9.64
CA LEU B 50 53.98 -53.01 -10.91
C LEU B 50 52.74 -52.11 -10.86
N HIS B 51 52.03 -52.12 -9.74
CA HIS B 51 50.86 -51.27 -9.62
C HIS B 51 51.25 -49.79 -9.66
N ARG B 52 52.29 -49.42 -8.92
CA ARG B 52 52.76 -48.05 -8.96
C ARG B 52 53.17 -47.66 -10.37
N ALA B 53 53.92 -48.54 -11.06
CA ALA B 53 54.37 -48.23 -12.40
C ALA B 53 53.19 -48.07 -13.35
N ALA B 54 52.16 -48.90 -13.19
CA ALA B 54 50.99 -48.79 -14.05
C ALA B 54 50.27 -47.46 -13.81
N GLN B 55 50.07 -47.09 -12.55
CA GLN B 55 49.38 -45.82 -12.30
C GLN B 55 50.19 -44.65 -12.81
N LYS B 56 51.51 -44.68 -12.63
CA LYS B 56 52.32 -43.57 -13.12
C LYS B 56 52.29 -43.48 -14.64
N GLU B 57 52.32 -44.62 -15.32
CA GLU B 57 52.20 -44.56 -16.77
C GLU B 57 50.84 -44.06 -17.21
N LYS B 58 49.78 -44.45 -16.50
CA LYS B 58 48.45 -43.94 -16.84
C LYS B 58 48.40 -42.43 -16.70
N GLN B 59 48.95 -41.91 -15.60
CA GLN B 59 48.95 -40.47 -15.41
C GLN B 59 49.75 -39.76 -16.48
N ASN B 60 50.91 -40.31 -16.83
CA ASN B 60 51.73 -39.68 -17.85
C ASN B 60 51.06 -39.71 -19.21
N ASN B 61 50.36 -40.79 -19.53
CA ASN B 61 49.67 -40.84 -20.82
C ASN B 61 48.53 -39.84 -20.87
N ILE B 62 47.74 -39.76 -19.79
CA ILE B 62 46.70 -38.75 -19.76
C ILE B 62 47.27 -37.34 -19.88
N LEU B 63 48.38 -37.06 -19.21
CA LEU B 63 49.02 -35.75 -19.38
C LEU B 63 49.48 -35.55 -20.81
N TYR B 64 50.01 -36.58 -21.45
CA TYR B 64 50.47 -36.43 -22.82
C TYR B 64 49.32 -36.04 -23.74
N THR B 65 48.19 -36.74 -23.63
CA THR B 65 47.07 -36.40 -24.49
C THR B 65 46.53 -35.03 -24.17
N ALA B 66 46.42 -34.67 -22.90
CA ALA B 66 45.90 -33.35 -22.56
C ALA B 66 46.82 -32.26 -23.06
N ARG B 67 48.13 -32.49 -23.04
CA ARG B 67 49.06 -31.49 -23.52
C ARG B 67 48.97 -31.34 -25.03
N MET B 68 48.82 -32.45 -25.75
CA MET B 68 48.68 -32.32 -27.19
C MET B 68 47.33 -31.72 -27.57
N LEU B 69 46.31 -31.90 -26.74
CA LEU B 69 45.02 -31.32 -27.05
C LEU B 69 44.94 -29.85 -26.71
N THR B 70 45.66 -29.39 -25.70
CA THR B 70 45.64 -27.98 -25.39
C THR B 70 46.48 -27.15 -26.35
N ARG B 71 47.18 -27.76 -27.29
CA ARG B 71 47.78 -26.99 -28.36
C ARG B 71 46.75 -26.49 -29.34
N ALA B 72 45.62 -27.18 -29.44
CA ALA B 72 44.55 -26.79 -30.34
C ALA B 72 43.60 -25.78 -29.71
N ASN B 73 44.02 -25.07 -28.70
CA ASN B 73 43.15 -24.10 -28.08
C ASN B 73 42.92 -22.94 -29.03
N PRO B 74 41.67 -22.53 -29.26
CA PRO B 74 41.42 -21.44 -30.20
C PRO B 74 42.16 -20.17 -29.87
N LEU B 75 42.45 -19.93 -28.59
CA LEU B 75 43.19 -18.76 -28.21
C LEU B 75 44.65 -18.83 -28.60
N LEU B 76 45.19 -20.03 -28.76
CA LEU B 76 46.60 -20.20 -29.09
C LEU B 76 46.79 -20.57 -30.56
N LYS B 77 45.75 -20.46 -31.37
CA LYS B 77 45.93 -20.76 -32.79
C LYS B 77 46.83 -19.75 -33.47
N LYS B 78 47.04 -18.58 -32.87
CA LYS B 78 47.93 -17.62 -33.49
C LYS B 78 49.39 -18.03 -33.31
N GLU B 79 49.69 -18.83 -32.28
CA GLU B 79 51.05 -19.26 -31.99
C GLU B 79 51.33 -20.68 -32.44
N MET B 80 50.58 -21.19 -33.40
CA MET B 80 50.83 -22.53 -33.91
C MET B 80 50.98 -22.51 -35.43
N ARG B 100 46.32 -31.98 -31.95
CA ARG B 100 46.69 -31.71 -33.32
C ARG B 100 45.51 -31.14 -34.10
N ALA B 101 44.53 -30.60 -33.36
CA ALA B 101 43.33 -29.99 -33.94
C ALA B 101 42.58 -30.97 -34.82
N GLU B 102 42.44 -32.21 -34.34
CA GLU B 102 41.80 -33.23 -35.15
C GLU B 102 40.28 -33.13 -35.09
N LYS B 103 39.69 -33.39 -33.93
CA LYS B 103 38.24 -33.34 -33.77
C LYS B 103 37.92 -32.72 -32.44
N PHE B 104 37.15 -31.65 -32.40
CA PHE B 104 36.60 -31.12 -31.17
C PHE B 104 35.09 -31.02 -31.30
N VAL B 105 34.37 -31.66 -30.37
CA VAL B 105 32.93 -31.74 -30.46
C VAL B 105 32.33 -30.72 -29.50
N ALA B 106 31.16 -30.24 -29.85
CA ALA B 106 30.51 -29.23 -29.07
C ALA B 106 30.14 -29.80 -27.71
N PRO B 107 29.96 -28.96 -26.71
CA PRO B 107 29.45 -29.42 -25.42
C PRO B 107 28.04 -29.96 -25.59
N GLY B 108 27.72 -31.01 -24.86
CA GLY B 108 26.42 -31.61 -24.99
C GLY B 108 26.31 -32.61 -26.10
N ALA B 109 27.34 -32.76 -26.92
CA ALA B 109 27.35 -33.82 -27.91
C ALA B 109 27.59 -35.15 -27.23
N VAL B 110 26.96 -36.19 -27.76
CA VAL B 110 27.04 -37.49 -27.11
C VAL B 110 28.40 -38.11 -27.28
N SER B 111 29.17 -37.68 -28.27
CA SER B 111 30.50 -38.20 -28.49
C SER B 111 31.54 -37.51 -27.64
N SER B 112 31.17 -36.48 -26.91
CA SER B 112 32.11 -35.75 -26.07
C SER B 112 32.54 -36.61 -24.90
N MET B 113 33.84 -36.59 -24.61
CA MET B 113 34.37 -37.42 -23.54
C MET B 113 33.89 -37.00 -22.18
N PHE B 114 33.21 -35.87 -22.05
CA PHE B 114 32.65 -35.41 -20.79
C PHE B 114 31.13 -35.50 -20.78
N SER B 115 30.54 -36.23 -21.71
CA SER B 115 29.11 -36.26 -21.82
C SER B 115 28.55 -37.39 -20.97
N PRO B 116 27.24 -37.37 -20.71
CA PRO B 116 26.64 -38.50 -20.00
C PRO B 116 26.92 -39.82 -20.66
N ALA B 117 27.18 -39.84 -21.95
CA ALA B 117 27.54 -41.11 -22.60
C ALA B 117 28.90 -41.58 -22.15
N GLY B 118 29.87 -40.68 -22.03
CA GLY B 118 31.16 -41.07 -21.50
C GLY B 118 31.08 -41.44 -20.04
N TYR B 119 30.28 -40.72 -19.27
CA TYR B 119 30.08 -41.07 -17.87
C TYR B 119 29.46 -42.45 -17.75
N LEU B 120 28.48 -42.75 -18.59
CA LEU B 120 27.83 -44.05 -18.55
C LEU B 120 28.76 -45.14 -19.03
N THR B 121 29.60 -44.86 -20.00
CA THR B 121 30.59 -45.85 -20.40
C THR B 121 31.53 -46.17 -19.26
N GLU B 122 31.96 -45.15 -18.53
CA GLU B 122 32.84 -45.39 -17.39
C GLU B 122 32.13 -46.19 -16.32
N LEU B 123 30.91 -45.77 -15.97
CA LEU B 123 30.14 -46.51 -14.97
C LEU B 123 29.99 -47.96 -15.36
N TYR B 124 29.65 -48.22 -16.62
CA TYR B 124 29.41 -49.60 -17.03
C TYR B 124 30.69 -50.40 -17.04
N ARG B 125 31.77 -49.82 -17.56
CA ARG B 125 33.01 -50.57 -17.58
C ARG B 125 33.47 -50.90 -16.18
N GLU B 126 33.17 -50.04 -15.21
CA GLU B 126 33.62 -50.32 -13.86
C GLU B 126 32.65 -51.18 -13.08
N ALA B 127 31.38 -51.21 -13.46
CA ALA B 127 30.36 -51.90 -12.68
C ALA B 127 30.02 -53.27 -13.21
N ARG B 128 30.16 -53.50 -14.50
CA ARG B 128 29.78 -54.78 -15.04
C ARG B 128 30.59 -55.89 -14.51
N GLY B 129 31.71 -55.64 -13.85
CA GLY B 129 32.54 -56.71 -13.36
C GLY B 129 32.62 -56.78 -11.86
N LEU B 130 31.54 -56.45 -11.17
CA LEU B 130 31.57 -56.49 -9.72
C LEU B 130 31.11 -57.83 -9.17
N HIS B 131 30.14 -58.45 -9.82
CA HIS B 131 29.70 -59.77 -9.45
C HIS B 131 30.02 -60.76 -10.54
N PRO B 132 30.21 -62.03 -10.21
CA PRO B 132 30.55 -63.02 -11.23
C PRO B 132 29.40 -63.17 -12.22
N LYS B 133 29.75 -63.53 -13.45
CA LYS B 133 28.74 -63.60 -14.50
C LYS B 133 27.66 -64.62 -14.20
N ASP B 134 27.99 -65.70 -13.49
CA ASP B 134 26.97 -66.67 -13.16
C ASP B 134 26.11 -66.22 -11.98
N SER B 135 26.59 -65.25 -11.21
CA SER B 135 25.84 -64.81 -10.04
C SER B 135 24.52 -64.16 -10.45
N ASP B 136 23.55 -64.26 -9.57
CA ASP B 136 22.22 -63.74 -9.85
C ASP B 136 22.10 -62.25 -9.62
N ARG B 137 23.18 -61.60 -9.18
CA ARG B 137 23.19 -60.16 -9.00
C ARG B 137 24.04 -59.46 -10.05
N ASN B 138 24.56 -60.18 -11.02
CA ASN B 138 25.38 -59.56 -12.03
C ASN B 138 24.60 -58.47 -12.75
N LEU B 139 25.30 -57.39 -13.10
CA LEU B 139 24.61 -56.26 -13.71
C LEU B 139 24.04 -56.63 -15.06
N ASP B 140 24.83 -57.28 -15.91
CA ASP B 140 24.32 -57.71 -17.20
C ASP B 140 23.17 -58.68 -17.06
N LYS B 141 23.29 -59.67 -16.19
CA LYS B 141 22.25 -60.68 -16.04
C LYS B 141 20.98 -60.10 -15.48
N ARG B 142 21.06 -59.10 -14.62
CA ARG B 142 19.86 -58.54 -14.05
C ARG B 142 19.28 -57.40 -14.89
N ARG B 143 20.05 -56.85 -15.83
CA ARG B 143 19.55 -55.86 -16.79
C ARG B 143 20.18 -56.19 -18.14
N GLN B 144 19.51 -57.01 -18.92
CA GLN B 144 20.08 -57.48 -20.17
C GLN B 144 20.01 -56.44 -21.29
N ASP B 145 19.28 -55.35 -21.07
CA ASP B 145 19.17 -54.31 -22.08
C ASP B 145 20.28 -53.29 -22.01
N LEU B 146 21.15 -53.37 -21.00
CA LEU B 146 22.21 -52.37 -20.90
C LEU B 146 23.31 -52.60 -21.92
N ALA B 147 23.78 -53.84 -22.04
CA ALA B 147 24.85 -54.12 -22.99
C ALA B 147 24.43 -53.81 -24.41
N LYS B 148 23.14 -53.88 -24.71
CA LYS B 148 22.65 -53.57 -26.03
C LYS B 148 22.32 -52.11 -26.21
N LEU B 149 22.55 -51.28 -25.21
CA LEU B 149 22.11 -49.90 -25.28
C LEU B 149 23.04 -49.09 -26.16
N VAL B 150 22.46 -48.38 -27.12
CA VAL B 150 23.22 -47.65 -28.12
C VAL B 150 23.36 -46.21 -27.70
N LEU B 151 24.60 -45.74 -27.60
CA LEU B 151 24.89 -44.39 -27.14
C LEU B 151 24.75 -43.42 -28.31
N SER B 152 23.52 -43.00 -28.58
CA SER B 152 23.28 -42.12 -29.71
C SER B 152 22.76 -40.80 -29.20
N GLN B 153 22.90 -39.77 -30.04
CA GLN B 153 22.41 -38.46 -29.64
C GLN B 153 20.92 -38.48 -29.36
N ASP B 154 20.17 -39.28 -30.11
CA ASP B 154 18.74 -39.33 -29.90
C ASP B 154 18.41 -40.01 -28.58
N ASN B 155 19.18 -41.02 -28.19
CA ASN B 155 19.00 -41.59 -26.85
C ASN B 155 19.34 -40.58 -25.77
N LEU B 156 20.43 -39.83 -25.96
CA LEU B 156 20.85 -38.88 -24.94
C LEU B 156 19.88 -37.72 -24.80
N ASP B 157 19.24 -37.31 -25.89
CA ASP B 157 18.42 -36.12 -25.89
C ASP B 157 16.94 -36.40 -25.68
N ASN B 158 16.37 -37.35 -26.41
CA ASN B 158 14.93 -37.55 -26.44
C ASN B 158 14.39 -37.92 -25.07
N GLU B 159 13.34 -37.23 -24.66
CA GLU B 159 12.70 -37.49 -23.38
C GLU B 159 11.61 -38.55 -23.52
N ILE B 160 11.62 -39.50 -22.61
CA ILE B 160 10.61 -40.55 -22.55
C ILE B 160 10.05 -40.53 -21.14
N SER B 161 8.91 -41.18 -20.96
CA SER B 161 8.33 -41.27 -19.63
C SER B 161 9.02 -42.36 -18.84
N ALA B 162 9.41 -42.05 -17.61
CA ALA B 162 10.11 -43.03 -16.79
C ALA B 162 9.21 -44.21 -16.47
N LEU B 163 7.93 -43.95 -16.24
CA LEU B 163 7.02 -45.05 -15.92
C LEU B 163 6.84 -45.98 -17.10
N SER B 164 6.76 -45.43 -18.31
CA SER B 164 6.71 -46.29 -19.48
C SER B 164 7.92 -47.18 -19.55
N LEU B 165 9.06 -46.68 -19.12
CA LEU B 165 10.29 -47.46 -19.19
C LEU B 165 10.28 -48.57 -18.16
N ALA B 166 9.81 -48.27 -16.95
CA ALA B 166 9.61 -49.32 -15.96
C ALA B 166 8.69 -50.41 -16.50
N ASN B 167 7.59 -50.00 -17.14
CA ASN B 167 6.62 -50.97 -17.61
C ASN B 167 7.18 -51.81 -18.73
N GLU B 168 7.95 -51.21 -19.63
CA GLU B 168 8.61 -52.00 -20.65
C GLU B 168 9.55 -53.01 -20.02
N GLN B 169 10.30 -52.58 -19.01
CA GLN B 169 11.23 -53.51 -18.36
C GLN B 169 10.50 -54.69 -17.75
N LEU B 170 9.35 -54.45 -17.13
CA LEU B 170 8.59 -55.55 -16.52
C LEU B 170 7.96 -56.45 -17.57
N GLU B 171 7.43 -55.86 -18.64
CA GLU B 171 6.79 -56.64 -19.69
C GLU B 171 7.76 -57.58 -20.38
N THR B 172 8.94 -57.07 -20.74
CA THR B 172 9.88 -57.93 -21.46
C THR B 172 10.30 -59.13 -20.63
N ALA B 173 10.13 -59.10 -19.32
CA ALA B 173 10.44 -60.26 -18.51
C ALA B 173 9.23 -61.15 -18.33
N LEU B 174 8.05 -60.56 -18.11
CA LEU B 174 6.85 -61.36 -17.89
C LEU B 174 6.48 -62.14 -19.14
N MET B 175 6.60 -61.51 -20.31
CA MET B 175 6.31 -62.23 -21.55
C MET B 175 7.39 -63.24 -21.86
N ALA B 176 8.63 -62.99 -21.44
CA ALA B 176 9.65 -64.03 -21.59
C ALA B 176 9.32 -65.23 -20.73
N GLN B 177 8.80 -65.01 -19.53
CA GLN B 177 8.39 -66.12 -18.68
C GLN B 177 7.23 -66.88 -19.31
N THR B 178 6.15 -66.18 -19.60
CA THR B 178 4.96 -66.81 -20.17
C THR B 178 5.23 -67.46 -21.52
N GLY B 179 6.24 -66.99 -22.26
CA GLY B 179 6.50 -67.48 -23.60
C GLY B 179 5.77 -66.75 -24.70
N LYS B 180 4.68 -66.05 -24.38
CA LYS B 180 3.93 -65.33 -25.39
C LYS B 180 4.65 -64.06 -25.79
N THR B 181 4.69 -63.78 -27.09
CA THR B 181 5.29 -62.56 -27.58
C THR B 181 4.27 -61.44 -27.83
N ASP B 182 3.00 -61.78 -27.98
CA ASP B 182 1.99 -60.74 -28.14
C ASP B 182 1.71 -60.05 -26.83
N LYS B 183 1.70 -58.73 -26.86
CA LYS B 183 1.41 -57.96 -25.66
C LYS B 183 -0.07 -58.07 -25.30
N ASN B 184 -0.94 -57.91 -26.29
CA ASN B 184 -2.37 -57.91 -26.03
C ASN B 184 -2.87 -59.28 -25.60
N LYS B 185 -2.39 -60.35 -26.22
CA LYS B 185 -2.74 -61.69 -25.76
C LYS B 185 -2.29 -61.91 -24.32
N TYR B 186 -1.11 -61.40 -23.97
CA TYR B 186 -0.64 -61.50 -22.61
C TYR B 186 -1.55 -60.77 -21.64
N TYR B 187 -1.91 -59.52 -21.93
CA TYR B 187 -2.83 -58.83 -21.04
C TYR B 187 -4.18 -59.50 -20.97
N GLU B 188 -4.63 -60.13 -22.05
CA GLU B 188 -5.87 -60.87 -21.98
C GLU B 188 -5.76 -62.02 -20.99
N THR B 189 -4.64 -62.75 -21.01
CA THR B 189 -4.43 -63.75 -19.96
C THR B 189 -4.26 -63.12 -18.59
N LEU B 190 -3.81 -61.89 -18.54
CA LEU B 190 -3.64 -61.14 -17.30
C LEU B 190 -4.96 -60.64 -16.73
N ALA B 191 -6.01 -60.65 -17.53
CA ALA B 191 -7.28 -60.06 -17.15
C ALA B 191 -8.09 -60.97 -16.24
N THR B 192 -7.82 -62.28 -16.27
CA THR B 192 -8.54 -63.24 -15.47
C THR B 192 -7.72 -63.88 -14.37
N SER B 193 -6.42 -63.65 -14.34
CA SER B 193 -5.56 -64.39 -13.44
C SER B 193 -5.54 -63.75 -12.06
N ARG B 194 -5.41 -64.60 -11.04
CA ARG B 194 -5.47 -64.18 -9.65
C ARG B 194 -4.18 -64.45 -8.91
N ARG B 195 -3.05 -64.40 -9.60
CA ARG B 195 -1.78 -64.82 -9.01
C ARG B 195 -1.06 -63.70 -8.28
N SER B 196 -1.77 -62.65 -7.85
CA SER B 196 -1.26 -61.73 -6.84
C SER B 196 -2.41 -60.83 -6.41
N GLY B 197 -2.20 -60.12 -5.32
CA GLY B 197 -3.24 -59.30 -4.76
C GLY B 197 -3.60 -58.08 -5.55
N VAL B 198 -3.03 -57.91 -6.73
CA VAL B 198 -3.32 -56.77 -7.59
C VAL B 198 -3.62 -57.18 -9.01
N THR B 199 -3.58 -58.46 -9.33
CA THR B 199 -3.55 -58.95 -10.70
C THR B 199 -4.88 -58.93 -11.43
N PRO B 200 -6.01 -59.33 -10.81
CA PRO B 200 -7.24 -59.41 -11.60
C PRO B 200 -7.67 -58.06 -12.12
N TYR B 201 -7.00 -57.57 -13.16
CA TYR B 201 -7.34 -56.28 -13.72
C TYR B 201 -7.46 -56.41 -15.23
N ASN B 202 -8.40 -55.67 -15.81
CA ASN B 202 -8.64 -55.65 -17.25
C ASN B 202 -8.11 -54.33 -17.77
N ALA B 203 -7.23 -54.38 -18.76
CA ALA B 203 -6.97 -53.15 -19.50
C ALA B 203 -8.24 -52.57 -20.09
N PRO B 204 -9.10 -53.34 -20.78
CA PRO B 204 -10.32 -52.75 -21.31
C PRO B 204 -11.28 -52.28 -20.25
N PHE B 205 -11.52 -53.07 -19.22
CA PHE B 205 -12.49 -52.62 -18.23
C PHE B 205 -11.99 -51.38 -17.50
N GLU B 206 -10.70 -51.33 -17.20
CA GLU B 206 -10.18 -50.14 -16.56
C GLU B 206 -10.30 -48.93 -17.46
N GLY B 207 -10.09 -49.11 -18.76
CA GLY B 207 -10.34 -48.03 -19.69
C GLY B 207 -11.80 -47.59 -19.67
N ILE B 208 -12.72 -48.55 -19.73
CA ILE B 208 -14.14 -48.23 -19.65
C ILE B 208 -14.42 -47.42 -18.41
N HIS B 209 -13.97 -47.91 -17.26
CA HIS B 209 -14.31 -47.29 -15.99
C HIS B 209 -13.72 -45.90 -15.89
N ASN B 210 -12.47 -45.70 -16.29
CA ASN B 210 -11.86 -44.38 -16.20
C ASN B 210 -12.53 -43.42 -17.17
N ALA B 211 -12.69 -43.83 -18.42
CA ALA B 211 -13.34 -42.97 -19.41
C ALA B 211 -14.75 -42.61 -18.98
N LEU B 212 -15.43 -43.53 -18.33
CA LEU B 212 -16.81 -43.36 -17.96
C LEU B 212 -16.96 -42.50 -16.73
N ALA B 213 -16.07 -42.64 -15.75
CA ALA B 213 -16.05 -41.75 -14.61
C ALA B 213 -15.46 -40.39 -14.94
N GLN B 214 -14.85 -40.24 -16.10
CA GLN B 214 -14.44 -38.91 -16.54
C GLN B 214 -15.58 -38.10 -17.13
N ARG B 215 -16.63 -38.75 -17.60
CA ARG B 215 -17.86 -38.09 -17.98
C ARG B 215 -18.76 -37.84 -16.78
N ASN B 216 -18.31 -38.24 -15.59
CA ASN B 216 -19.12 -38.19 -14.37
C ASN B 216 -20.42 -38.96 -14.55
N PHE B 217 -20.32 -40.08 -15.25
CA PHE B 217 -21.48 -40.89 -15.59
C PHE B 217 -21.63 -42.03 -14.60
N VAL B 218 -22.84 -42.21 -14.09
CA VAL B 218 -23.13 -43.20 -13.06
C VAL B 218 -23.97 -44.31 -13.67
N LEU B 219 -23.39 -45.50 -13.78
CA LEU B 219 -24.05 -46.59 -14.51
C LEU B 219 -25.38 -46.99 -13.90
N PRO B 220 -25.46 -47.37 -12.62
CA PRO B 220 -26.75 -47.85 -12.10
C PRO B 220 -27.79 -46.78 -11.87
N ASP B 221 -27.54 -45.55 -12.32
CA ASP B 221 -28.54 -44.49 -12.31
C ASP B 221 -28.92 -44.08 -13.73
N ASN B 222 -29.04 -45.05 -14.61
CA ASN B 222 -29.57 -44.84 -15.95
C ASN B 222 -31.05 -45.15 -15.99
N ILE B 223 -31.79 -44.28 -16.68
CA ILE B 223 -33.15 -44.63 -17.04
C ILE B 223 -33.16 -45.80 -18.00
N LEU B 224 -32.05 -46.01 -18.71
CA LEU B 224 -31.93 -47.01 -19.76
C LEU B 224 -31.04 -48.13 -19.24
N SER B 225 -31.64 -49.12 -18.61
CA SER B 225 -30.90 -50.29 -18.15
C SER B 225 -31.89 -51.41 -17.87
N ASN B 226 -31.38 -52.49 -17.29
CA ASN B 226 -32.24 -53.49 -16.71
C ASN B 226 -32.25 -53.28 -15.21
N PRO B 227 -33.33 -52.78 -14.62
CA PRO B 227 -33.38 -52.65 -13.16
C PRO B 227 -33.20 -53.98 -12.46
N ALA B 228 -33.28 -55.09 -13.18
CA ALA B 228 -32.98 -56.40 -12.61
C ALA B 228 -31.50 -56.71 -12.59
N LYS B 229 -30.67 -55.86 -13.19
CA LYS B 229 -29.22 -56.00 -13.17
C LYS B 229 -28.60 -54.81 -12.47
N PHE B 230 -29.17 -54.42 -11.33
CA PHE B 230 -28.63 -53.31 -10.57
C PHE B 230 -27.40 -53.70 -9.78
N ALA B 231 -27.34 -54.94 -9.31
CA ALA B 231 -26.18 -55.38 -8.53
C ALA B 231 -24.90 -55.29 -9.35
N ILE B 232 -24.88 -55.95 -10.50
CA ILE B 232 -23.69 -55.95 -11.34
C ILE B 232 -23.36 -54.55 -11.79
N LEU B 233 -24.39 -53.74 -12.05
CA LEU B 233 -24.16 -52.39 -12.54
C LEU B 233 -23.52 -51.52 -11.46
N ALA B 234 -23.99 -51.63 -10.23
CA ALA B 234 -23.37 -50.88 -9.15
C ALA B 234 -21.99 -51.41 -8.81
N ALA B 235 -21.75 -52.71 -9.01
CA ALA B 235 -20.41 -53.23 -8.85
C ALA B 235 -19.45 -52.60 -9.86
N TYR B 236 -19.83 -52.64 -11.13
CA TYR B 236 -19.02 -51.96 -12.16
C TYR B 236 -18.89 -50.48 -11.87
N ASP B 237 -19.89 -49.88 -11.24
CA ASP B 237 -19.78 -48.47 -10.87
C ASP B 237 -18.73 -48.26 -9.80
N ALA B 238 -18.75 -49.07 -8.75
CA ALA B 238 -17.67 -49.03 -7.75
C ALA B 238 -16.32 -49.28 -8.41
N GLY B 239 -16.33 -50.05 -9.48
CA GLY B 239 -15.15 -50.31 -10.27
C GLY B 239 -14.63 -51.66 -9.86
N ILE B 240 -15.05 -52.70 -10.55
CA ILE B 240 -14.72 -54.06 -10.16
C ILE B 240 -14.69 -54.90 -11.41
N SER B 241 -13.54 -55.49 -11.70
CA SER B 241 -13.41 -56.31 -12.89
C SER B 241 -14.41 -57.45 -12.80
N PRO B 242 -14.85 -57.98 -13.94
CA PRO B 242 -15.66 -59.21 -13.91
C PRO B 242 -14.98 -60.34 -13.15
N LYS B 243 -13.67 -60.50 -13.28
CA LYS B 243 -13.01 -61.56 -12.53
C LYS B 243 -12.97 -61.26 -11.05
N LEU B 244 -12.80 -59.99 -10.69
CA LEU B 244 -12.85 -59.63 -9.28
C LEU B 244 -14.23 -59.86 -8.71
N TYR B 245 -15.27 -59.68 -9.53
CA TYR B 245 -16.62 -59.98 -9.09
C TYR B 245 -16.80 -61.48 -8.88
N ASN B 246 -16.28 -62.29 -9.80
CA ASN B 246 -16.32 -63.74 -9.60
C ASN B 246 -15.60 -64.13 -8.33
N ILE B 247 -14.52 -63.43 -7.99
CA ILE B 247 -13.81 -63.69 -6.74
C ILE B 247 -14.69 -63.36 -5.56
N LEU B 248 -15.23 -62.14 -5.51
CA LEU B 248 -15.92 -61.68 -4.32
C LEU B 248 -17.32 -62.25 -4.18
N THR B 249 -17.84 -62.97 -5.16
CA THR B 249 -19.17 -63.54 -4.98
C THR B 249 -19.16 -65.01 -4.59
N GLU B 250 -17.99 -65.65 -4.56
CA GLU B 250 -17.94 -67.03 -4.10
C GLU B 250 -18.45 -67.13 -2.66
N ASP B 251 -18.96 -68.31 -2.31
CA ASP B 251 -19.44 -68.54 -0.96
C ASP B 251 -18.35 -69.22 -0.13
N THR B 252 -17.36 -68.44 0.24
CA THR B 252 -16.24 -68.98 1.00
C THR B 252 -16.65 -69.31 2.43
N GLU B 253 -17.41 -68.44 3.08
CA GLU B 253 -17.93 -68.78 4.40
C GLU B 253 -18.83 -69.99 4.28
N SER B 254 -18.68 -70.92 5.23
CA SER B 254 -19.37 -72.21 5.20
C SER B 254 -18.99 -72.98 3.93
N LEU B 255 -17.68 -73.23 3.80
CA LEU B 255 -17.13 -74.01 2.70
C LEU B 255 -15.98 -74.81 3.27
N THR B 256 -16.15 -76.14 3.33
CA THR B 256 -15.19 -77.00 4.01
C THR B 256 -14.90 -78.22 3.14
N GLY B 257 -14.01 -79.08 3.63
CA GLY B 257 -13.64 -80.28 2.92
C GLY B 257 -12.57 -80.03 1.88
N SER B 258 -12.49 -80.95 0.92
CA SER B 258 -11.62 -80.73 -0.22
C SER B 258 -12.05 -79.54 -1.05
N ASP B 259 -13.28 -79.07 -0.88
CA ASP B 259 -13.71 -77.87 -1.60
C ASP B 259 -12.94 -76.64 -1.13
N LEU B 260 -12.64 -76.55 0.16
CA LEU B 260 -11.82 -75.44 0.64
C LEU B 260 -10.41 -75.53 0.10
N GLU B 261 -9.87 -76.74 -0.02
CA GLU B 261 -8.57 -76.91 -0.67
C GLU B 261 -8.61 -76.42 -2.11
N ASN B 262 -9.64 -76.80 -2.84
CA ASN B 262 -9.83 -76.31 -4.20
C ASN B 262 -9.85 -74.79 -4.22
N SER B 263 -10.57 -74.18 -3.28
CA SER B 263 -10.75 -72.73 -3.31
C SER B 263 -9.46 -72.00 -2.95
N LEU B 264 -8.68 -72.54 -2.02
CA LEU B 264 -7.40 -71.93 -1.73
C LEU B 264 -6.43 -72.10 -2.90
N LYS B 265 -6.46 -73.25 -3.57
CA LYS B 265 -5.60 -73.40 -4.73
C LYS B 265 -6.03 -72.49 -5.87
N ARG B 266 -7.31 -72.11 -5.90
CA ARG B 266 -7.78 -71.21 -6.94
C ARG B 266 -7.44 -69.76 -6.62
N ASN B 267 -7.68 -69.33 -5.39
CA ASN B 267 -7.49 -67.93 -5.04
C ASN B 267 -6.08 -67.59 -4.62
N PHE B 268 -5.19 -68.58 -4.44
CA PHE B 268 -3.79 -68.31 -4.10
C PHE B 268 -2.92 -69.27 -4.89
N PRO B 269 -2.88 -69.11 -6.19
CA PRO B 269 -2.24 -70.12 -7.03
C PRO B 269 -0.73 -70.14 -6.90
N LYS B 270 -0.13 -68.99 -6.65
CA LYS B 270 1.32 -68.85 -6.65
C LYS B 270 1.92 -68.62 -5.27
N VAL B 271 1.17 -68.07 -4.33
CA VAL B 271 1.72 -67.83 -3.01
C VAL B 271 1.47 -69.05 -2.13
N LYS B 272 2.39 -69.30 -1.20
CA LYS B 272 2.19 -70.29 -0.15
C LYS B 272 1.53 -69.61 1.04
N ILE B 273 0.43 -70.19 1.50
CA ILE B 273 -0.42 -69.51 2.48
C ILE B 273 0.36 -69.27 3.78
N LYS B 274 1.20 -70.22 4.17
CA LYS B 274 1.99 -70.02 5.38
C LYS B 274 3.00 -68.91 5.20
N ASP B 275 3.62 -68.79 4.03
CA ASP B 275 4.52 -67.67 3.78
C ASP B 275 3.78 -66.35 3.64
N LEU B 276 2.49 -66.39 3.36
CA LEU B 276 1.68 -65.19 3.29
C LEU B 276 1.14 -64.77 4.64
N MET B 277 1.09 -65.69 5.60
CA MET B 277 0.44 -65.42 6.88
C MET B 277 0.88 -64.13 7.54
N THR B 278 2.16 -63.77 7.43
CA THR B 278 2.65 -62.65 8.22
C THR B 278 2.10 -61.31 7.71
N LEU B 279 2.21 -60.31 8.57
CA LEU B 279 1.60 -59.01 8.33
C LEU B 279 2.28 -58.26 7.19
N ASP B 280 3.61 -58.25 7.15
CA ASP B 280 4.31 -57.61 6.05
C ASP B 280 3.99 -58.30 4.73
N ALA B 281 3.91 -59.63 4.74
CA ALA B 281 3.56 -60.35 3.53
C ALA B 281 2.16 -59.98 3.06
N LEU B 282 1.21 -59.91 3.98
CA LEU B 282 -0.13 -59.48 3.61
C LEU B 282 -0.15 -58.06 3.10
N ALA B 283 0.71 -57.19 3.62
CA ALA B 283 0.74 -55.82 3.15
C ALA B 283 1.37 -55.72 1.77
N ASN B 284 2.29 -56.61 1.45
CA ASN B 284 2.93 -56.55 0.14
C ASN B 284 2.18 -57.31 -0.93
N TYR B 285 1.42 -58.34 -0.55
CA TYR B 285 0.64 -59.08 -1.52
C TYR B 285 -0.48 -58.22 -2.07
N TYR B 286 -1.23 -57.57 -1.20
CA TYR B 286 -2.36 -56.75 -1.59
C TYR B 286 -2.00 -55.29 -1.79
N GLU B 287 -0.72 -54.95 -1.69
CA GLU B 287 -0.25 -53.59 -1.93
C GLU B 287 -1.03 -52.58 -1.11
N LEU B 288 -1.22 -52.90 0.16
CA LEU B 288 -1.90 -52.05 1.12
C LEU B 288 -0.96 -51.78 2.28
N PRO B 289 -1.13 -50.67 2.98
CA PRO B 289 -0.23 -50.33 4.07
C PRO B 289 -0.29 -51.35 5.21
N ALA B 290 0.89 -51.68 5.72
CA ALA B 290 1.00 -52.64 6.82
C ALA B 290 0.24 -52.18 8.04
N ASP B 291 0.31 -50.89 8.39
CA ASP B 291 -0.42 -50.42 9.55
C ASP B 291 -1.92 -50.39 9.29
N ASP B 292 -2.34 -50.18 8.06
CA ASP B 292 -3.78 -50.19 7.79
C ASP B 292 -4.36 -51.60 7.81
N ILE B 293 -3.66 -52.59 7.29
CA ILE B 293 -4.13 -53.96 7.46
C ILE B 293 -3.99 -54.40 8.91
N GLN B 294 -3.00 -53.89 9.64
CA GLN B 294 -2.90 -54.20 11.06
C GLN B 294 -4.06 -53.61 11.84
N ALA B 295 -4.57 -52.46 11.42
CA ALA B 295 -5.74 -51.90 12.08
C ALA B 295 -6.94 -52.82 11.92
N LEU B 296 -7.13 -53.38 10.72
CA LEU B 296 -8.18 -54.36 10.52
C LEU B 296 -7.98 -55.58 11.41
N ILE B 297 -6.76 -56.12 11.42
CA ILE B 297 -6.51 -57.32 12.22
C ILE B 297 -6.75 -57.04 13.70
N ALA B 298 -6.32 -55.88 14.18
CA ALA B 298 -6.46 -55.55 15.59
C ALA B 298 -7.93 -55.34 15.96
N ALA B 299 -8.67 -54.60 15.14
CA ALA B 299 -10.08 -54.41 15.43
C ALA B 299 -10.87 -55.69 15.27
N GLU B 300 -10.34 -56.66 14.53
CA GLU B 300 -10.99 -57.95 14.43
C GLU B 300 -10.65 -58.86 15.60
N ILE B 301 -9.49 -58.65 16.22
CA ILE B 301 -9.07 -59.51 17.32
C ILE B 301 -9.61 -59.00 18.64
N THR B 302 -9.70 -57.69 18.82
CA THR B 302 -10.22 -57.15 20.08
C THR B 302 -11.57 -56.45 19.95
N GLY B 303 -11.81 -55.75 18.85
CA GLY B 303 -13.00 -54.92 18.72
C GLY B 303 -14.22 -55.71 18.30
N ARG B 304 -15.02 -55.10 17.42
CA ARG B 304 -16.25 -55.71 16.90
C ARG B 304 -16.16 -55.77 15.38
N LEU B 305 -15.51 -56.81 14.88
CA LEU B 305 -15.35 -57.10 13.46
C LEU B 305 -15.29 -58.61 13.36
N PRO B 306 -15.99 -59.21 12.38
CA PRO B 306 -16.76 -58.57 11.31
C PRO B 306 -18.12 -58.04 11.76
N THR B 307 -18.46 -56.83 11.31
CA THR B 307 -19.72 -56.21 11.69
C THR B 307 -20.88 -56.89 10.99
N PRO B 308 -21.99 -57.14 11.71
CA PRO B 308 -22.12 -56.89 13.14
C PRO B 308 -21.90 -58.14 14.01
N ASP B 309 -22.06 -59.31 13.42
CA ASP B 309 -22.03 -60.59 14.13
C ASP B 309 -20.91 -61.47 13.61
N VAL B 310 -20.66 -62.58 14.31
CA VAL B 310 -19.56 -63.47 13.97
C VAL B 310 -20.06 -64.88 14.29
N TYR B 311 -19.19 -65.89 14.14
CA TYR B 311 -19.39 -67.25 14.63
C TYR B 311 -20.31 -68.06 13.74
N ASN B 312 -20.67 -67.56 12.56
CA ASN B 312 -21.73 -68.14 11.75
C ASN B 312 -21.19 -69.18 10.78
N ASP B 313 -20.16 -69.92 11.18
CA ASP B 313 -19.55 -70.95 10.36
C ASP B 313 -19.57 -72.29 11.10
N ASP B 314 -20.71 -72.97 11.01
CA ASP B 314 -20.87 -74.32 11.53
C ASP B 314 -20.49 -74.39 13.01
N ASN B 315 -20.92 -73.38 13.76
CA ASN B 315 -20.76 -73.34 15.22
C ASN B 315 -19.29 -73.44 15.61
N LYS B 316 -18.44 -72.71 14.90
CA LYS B 316 -17.03 -72.60 15.20
C LYS B 316 -16.68 -71.11 15.23
N LEU B 317 -15.39 -70.84 15.38
CA LEU B 317 -14.87 -69.48 15.27
C LEU B 317 -13.36 -69.56 15.20
N VAL B 318 -12.78 -68.91 14.20
CA VAL B 318 -11.35 -68.90 14.02
C VAL B 318 -10.87 -67.45 14.10
N ILE B 319 -10.03 -67.17 15.08
CA ILE B 319 -9.56 -65.80 15.31
C ILE B 319 -8.03 -65.82 15.27
N PRO B 320 -7.40 -64.89 14.59
CA PRO B 320 -5.94 -64.92 14.47
C PRO B 320 -5.29 -64.51 15.78
N ALA B 321 -3.96 -64.48 15.75
CA ALA B 321 -3.18 -64.02 16.91
C ALA B 321 -1.79 -63.65 16.39
N ILE B 322 -1.48 -62.36 16.42
CA ILE B 322 -0.21 -61.89 15.90
C ILE B 322 0.79 -61.77 17.04
N ASN B 323 2.06 -61.95 16.70
CA ASN B 323 3.10 -61.99 17.71
C ASN B 323 4.44 -61.80 17.03
N THR B 324 5.42 -61.32 17.82
CA THR B 324 6.77 -60.97 17.37
C THR B 324 6.76 -60.20 16.05
N GLY B 325 5.68 -59.47 15.77
CA GLY B 325 5.58 -58.65 14.59
C GLY B 325 5.68 -59.37 13.26
N GLY B 326 5.95 -60.66 13.25
CA GLY B 326 6.28 -61.32 11.99
C GLY B 326 5.56 -62.64 11.79
N LYS B 327 4.40 -62.80 12.40
CA LYS B 327 3.63 -64.02 12.21
C LYS B 327 2.20 -63.76 12.63
N ILE B 328 1.31 -64.62 12.13
CA ILE B 328 -0.10 -64.59 12.48
C ILE B 328 -0.56 -66.03 12.65
N THR B 329 -0.87 -66.41 13.89
CA THR B 329 -1.28 -67.77 14.19
C THR B 329 -2.78 -67.82 14.46
N PHE B 330 -3.31 -69.03 14.45
CA PHE B 330 -4.75 -69.24 14.52
C PHE B 330 -5.13 -70.16 15.67
N SER B 331 -6.34 -69.95 16.18
CA SER B 331 -6.85 -70.69 17.32
C SER B 331 -8.36 -70.60 17.30
N GLU B 332 -9.03 -71.74 17.21
CA GLU B 332 -10.44 -71.80 16.95
C GLU B 332 -11.24 -72.16 18.19
N LEU B 333 -12.56 -71.95 18.10
CA LEU B 333 -13.50 -72.25 19.17
C LEU B 333 -14.58 -73.19 18.66
N ALA B 334 -15.32 -73.80 19.58
CA ALA B 334 -16.44 -74.66 19.22
C ALA B 334 -17.53 -74.52 20.26
N LYS B 335 -18.61 -75.29 20.08
CA LYS B 335 -19.75 -75.22 20.99
C LYS B 335 -20.64 -76.43 20.80
N THR B 336 -21.57 -76.62 21.72
CA THR B 336 -22.54 -77.71 21.67
C THR B 336 -23.84 -77.30 21.00
N GLN B 337 -24.73 -78.28 20.85
CA GLN B 337 -26.03 -78.09 20.20
C GLN B 337 -27.06 -77.84 21.30
N SER B 338 -27.05 -76.63 21.83
CA SER B 338 -28.04 -76.17 22.80
C SER B 338 -29.26 -75.65 22.04
N ASP B 339 -30.09 -74.85 22.71
CA ASP B 339 -31.24 -74.17 22.11
C ASP B 339 -32.25 -75.21 21.60
N GLU B 340 -32.81 -75.95 22.57
CA GLU B 340 -33.70 -77.09 22.34
C GLU B 340 -34.84 -76.78 21.39
N LYS B 341 -35.75 -75.87 21.77
CA LYS B 341 -36.78 -75.41 20.83
C LYS B 341 -36.35 -74.08 20.23
N GLN B 342 -36.29 -73.04 21.04
CA GLN B 342 -35.70 -71.76 20.64
C GLN B 342 -35.46 -70.93 21.89
N ALA B 343 -34.19 -70.64 22.18
CA ALA B 343 -33.85 -69.81 23.33
C ALA B 343 -33.09 -68.55 22.96
N ASP B 344 -31.95 -68.69 22.27
CA ASP B 344 -31.04 -67.58 22.00
C ASP B 344 -29.83 -68.10 21.23
N TYR B 345 -28.93 -67.19 20.90
CA TYR B 345 -27.57 -67.54 20.47
C TYR B 345 -26.55 -66.88 21.38
N ILE B 346 -25.56 -67.66 21.81
CA ILE B 346 -24.51 -67.17 22.70
C ILE B 346 -23.18 -67.28 21.99
N ASP B 347 -22.31 -66.29 22.19
CA ASP B 347 -21.02 -66.22 21.52
C ASP B 347 -19.97 -65.72 22.49
N LEU B 348 -18.82 -66.39 22.51
CA LEU B 348 -17.68 -65.93 23.27
C LEU B 348 -16.75 -65.13 22.36
N ILE B 349 -16.61 -63.84 22.63
CA ILE B 349 -15.80 -62.97 21.78
C ILE B 349 -14.48 -62.70 22.46
N PRO B 350 -13.41 -63.37 22.08
CA PRO B 350 -12.14 -63.23 22.80
C PRO B 350 -11.49 -61.90 22.46
N GLN B 351 -11.55 -60.97 23.41
CA GLN B 351 -10.81 -59.72 23.26
C GLN B 351 -9.31 -59.98 23.24
N GLY B 352 -8.86 -60.93 24.05
CA GLY B 352 -7.45 -61.22 24.14
C GLY B 352 -7.11 -62.15 25.29
N GLY B 353 -6.00 -61.89 25.97
CA GLY B 353 -5.62 -62.68 27.11
C GLY B 353 -6.49 -62.35 28.30
N ASN B 354 -7.23 -63.32 28.81
CA ASN B 354 -8.03 -63.16 30.01
C ASN B 354 -9.06 -62.03 29.87
N GLN B 355 -9.40 -61.65 28.63
CA GLN B 355 -10.48 -60.71 28.35
C GLN B 355 -11.43 -61.39 27.38
N PHE B 356 -12.73 -61.31 27.67
CA PHE B 356 -13.72 -61.94 26.81
C PHE B 356 -14.98 -61.11 26.75
N LEU B 357 -15.97 -61.63 26.02
CA LEU B 357 -17.24 -60.96 25.80
C LEU B 357 -18.30 -62.02 25.55
N VAL B 358 -19.52 -61.73 25.95
CA VAL B 358 -20.65 -62.62 25.70
C VAL B 358 -21.73 -61.80 25.02
N ASN B 359 -22.08 -62.19 23.79
CA ASN B 359 -23.19 -61.61 23.06
C ASN B 359 -24.32 -62.61 23.00
N PHE B 360 -25.55 -62.11 23.03
CA PHE B 360 -26.70 -62.99 23.11
C PHE B 360 -27.96 -62.21 22.74
N SER B 361 -28.99 -62.95 22.35
CA SER B 361 -30.30 -62.38 22.08
C SER B 361 -31.33 -63.42 22.50
N VAL B 362 -31.81 -63.31 23.73
CA VAL B 362 -32.80 -64.25 24.23
C VAL B 362 -34.14 -64.01 23.52
N LYS B 363 -34.75 -65.10 23.06
CA LYS B 363 -35.90 -64.97 22.17
C LYS B 363 -37.12 -64.47 22.91
N LYS B 364 -37.64 -65.26 23.84
CA LYS B 364 -38.83 -64.88 24.61
C LYS B 364 -38.35 -64.25 25.92
N THR B 365 -38.76 -63.01 26.14
CA THR B 365 -38.25 -62.25 27.27
C THR B 365 -39.38 -61.68 28.11
N LYS B 366 -40.43 -62.46 28.31
CA LYS B 366 -41.66 -61.97 28.90
C LYS B 366 -42.09 -62.67 30.18
N LYS B 367 -41.40 -63.74 30.59
CA LYS B 367 -41.88 -64.50 31.74
C LYS B 367 -41.48 -63.87 33.07
N ASP B 368 -40.21 -63.96 33.45
CA ASP B 368 -39.70 -63.52 34.74
C ASP B 368 -38.24 -63.19 34.55
N ALA B 369 -37.81 -62.01 34.99
CA ALA B 369 -36.42 -61.60 34.77
C ALA B 369 -36.07 -60.49 35.75
N THR B 370 -35.17 -60.78 36.70
CA THR B 370 -34.69 -59.81 37.67
C THR B 370 -33.24 -60.13 37.99
N HIS B 371 -32.31 -59.31 37.49
CA HIS B 371 -30.88 -59.49 37.73
C HIS B 371 -30.42 -60.88 37.26
N PHE B 372 -30.51 -61.05 35.94
CA PHE B 372 -30.16 -62.32 35.32
C PHE B 372 -28.71 -62.69 35.61
N SER B 373 -28.41 -63.98 35.43
CA SER B 373 -27.14 -64.55 35.87
C SER B 373 -26.39 -65.17 34.70
N ILE B 374 -25.10 -65.39 34.89
CA ILE B 374 -24.24 -66.05 33.92
C ILE B 374 -23.60 -67.26 34.59
N GLY B 375 -23.85 -68.45 34.04
CA GLY B 375 -23.34 -69.67 34.62
C GLY B 375 -22.06 -70.15 33.96
N TYR B 376 -21.40 -71.10 34.63
CA TYR B 376 -20.07 -71.55 34.21
C TYR B 376 -19.91 -73.03 34.52
N ASN B 377 -19.35 -73.79 33.57
CA ASN B 377 -19.22 -75.25 33.68
C ASN B 377 -20.56 -75.91 33.93
N LYS B 378 -21.65 -75.23 33.58
CA LYS B 378 -23.02 -75.72 33.64
C LYS B 378 -23.52 -75.82 35.08
N SER B 379 -22.62 -75.69 36.05
CA SER B 379 -23.04 -75.86 37.43
C SER B 379 -22.36 -74.93 38.43
N PHE B 380 -21.51 -74.00 38.00
CA PHE B 380 -20.72 -73.25 38.98
C PHE B 380 -20.59 -71.81 38.54
N ASN B 381 -19.96 -71.02 39.41
CA ASN B 381 -19.31 -69.75 39.04
C ASN B 381 -20.29 -68.79 38.37
N ASN B 382 -21.25 -68.32 39.16
CA ASN B 382 -22.05 -67.21 38.68
C ASN B 382 -21.13 -66.04 38.35
N LEU B 383 -20.91 -65.79 37.05
CA LEU B 383 -19.82 -64.92 36.63
C LEU B 383 -20.11 -63.46 36.90
N ALA B 384 -21.25 -62.96 36.43
CA ALA B 384 -21.63 -61.57 36.62
C ALA B 384 -23.13 -61.50 36.87
N ASP B 385 -23.51 -61.08 38.07
CA ASP B 385 -24.89 -60.80 38.43
C ASP B 385 -24.94 -59.33 38.86
N LYS B 386 -25.04 -58.44 37.88
CA LYS B 386 -24.93 -57.02 38.15
C LYS B 386 -25.94 -56.18 37.36
N ASN B 387 -26.55 -56.72 36.32
CA ASN B 387 -27.47 -55.98 35.47
C ASN B 387 -28.87 -56.01 36.05
N GLY B 388 -29.44 -54.84 36.29
CA GLY B 388 -30.79 -54.74 36.81
C GLY B 388 -31.81 -54.56 35.71
N PHE B 389 -31.42 -54.90 34.48
CA PHE B 389 -32.25 -54.74 33.31
C PHE B 389 -32.71 -56.11 32.84
N VAL B 390 -33.77 -56.14 32.04
CA VAL B 390 -34.25 -57.36 31.40
C VAL B 390 -33.76 -57.37 29.96
N PRO B 391 -33.13 -58.43 29.49
CA PRO B 391 -32.83 -58.54 28.06
C PRO B 391 -34.13 -58.63 27.25
N LEU B 392 -34.06 -58.15 26.02
CA LEU B 392 -35.24 -58.06 25.17
C LEU B 392 -35.16 -59.04 24.01
N ALA B 393 -36.29 -59.18 23.33
CA ALA B 393 -36.42 -60.15 22.25
C ALA B 393 -35.57 -59.74 21.05
N GLY B 394 -34.86 -60.71 20.49
CA GLY B 394 -34.07 -60.48 19.28
C GLY B 394 -33.14 -59.30 19.37
N GLU B 395 -32.64 -58.98 20.55
CA GLU B 395 -31.84 -57.80 20.79
C GLU B 395 -30.40 -58.20 21.04
N HIS B 396 -29.47 -57.49 20.40
CA HIS B 396 -28.07 -57.84 20.54
C HIS B 396 -27.47 -57.16 21.77
N TYR B 397 -27.04 -57.97 22.72
CA TYR B 397 -26.42 -57.50 23.96
C TYR B 397 -24.96 -57.90 23.95
N SER B 398 -24.21 -57.36 24.91
CA SER B 398 -22.78 -57.68 25.01
C SER B 398 -22.31 -57.35 26.41
N ILE B 399 -21.84 -58.36 27.13
CA ILE B 399 -21.42 -58.17 28.51
C ILE B 399 -19.95 -58.60 28.63
N PRO B 400 -19.06 -57.70 29.02
CA PRO B 400 -17.65 -58.08 29.20
C PRO B 400 -17.47 -58.99 30.40
N VAL B 401 -16.61 -59.98 30.21
CA VAL B 401 -16.36 -61.00 31.22
C VAL B 401 -14.88 -61.40 31.13
N THR B 402 -14.28 -61.68 32.28
CA THR B 402 -12.88 -62.09 32.35
C THR B 402 -12.80 -63.58 32.67
N LEU B 403 -12.20 -64.34 31.75
CA LEU B 403 -12.01 -65.76 31.94
C LEU B 403 -10.53 -66.09 31.88
N ASP B 404 -10.18 -67.37 31.89
CA ASP B 404 -8.82 -67.84 31.71
C ASP B 404 -8.77 -68.84 30.58
N ALA B 405 -7.75 -68.72 29.72
CA ALA B 405 -7.63 -69.62 28.59
C ALA B 405 -7.41 -71.07 29.01
N LYS B 406 -6.94 -71.30 30.24
CA LYS B 406 -6.71 -72.65 30.71
C LYS B 406 -7.98 -73.48 30.67
N ILE B 407 -9.04 -73.00 31.34
CA ILE B 407 -10.28 -73.77 31.37
C ILE B 407 -10.88 -73.84 29.98
N LEU B 408 -10.66 -72.82 29.16
CA LEU B 408 -11.16 -72.86 27.79
C LEU B 408 -10.46 -73.94 26.97
N GLU B 409 -9.22 -74.31 27.33
CA GLU B 409 -8.55 -75.38 26.61
C GLU B 409 -9.37 -76.67 26.62
N LYS B 410 -10.15 -76.89 27.66
CA LYS B 410 -11.07 -78.01 27.64
C LYS B 410 -12.52 -77.56 27.54
N LYS B 411 -13.41 -78.52 27.33
CA LYS B 411 -14.83 -78.26 27.11
C LYS B 411 -15.40 -77.59 28.35
N THR B 412 -15.86 -76.35 28.21
CA THR B 412 -16.35 -75.55 29.33
C THR B 412 -17.72 -74.98 28.97
N LYS B 413 -18.77 -75.48 29.62
CA LYS B 413 -20.14 -75.06 29.34
C LYS B 413 -20.45 -73.80 30.14
N ILE B 414 -20.45 -72.66 29.47
CA ILE B 414 -20.86 -71.40 30.08
C ILE B 414 -22.33 -71.17 29.77
N GLY B 415 -23.09 -70.74 30.78
CA GLY B 415 -24.51 -70.53 30.65
C GLY B 415 -24.94 -69.15 31.13
N ILE B 416 -26.20 -68.83 30.82
CA ILE B 416 -26.84 -67.59 31.24
C ILE B 416 -28.17 -67.94 31.87
N THR B 417 -28.46 -67.35 33.02
CA THR B 417 -29.66 -67.66 33.80
C THR B 417 -30.44 -66.37 34.00
N ARG B 418 -31.52 -66.20 33.24
CA ARG B 418 -32.45 -65.11 33.51
C ARG B 418 -33.14 -65.40 34.83
N LYS B 419 -32.80 -64.62 35.85
CA LYS B 419 -33.07 -64.98 37.24
C LYS B 419 -34.56 -64.87 37.55
N LYS B 420 -35.16 -65.99 37.94
CA LYS B 420 -36.48 -65.96 38.57
C LYS B 420 -36.40 -65.13 39.86
N PRO B 421 -37.48 -64.44 40.26
CA PRO B 421 -37.31 -63.34 41.20
C PRO B 421 -36.63 -63.67 42.53
N GLU B 422 -37.22 -64.53 43.37
CA GLU B 422 -36.48 -64.92 44.56
C GLU B 422 -35.54 -66.11 44.32
N PRO B 423 -36.05 -67.29 43.88
CA PRO B 423 -35.13 -68.41 43.62
C PRO B 423 -34.76 -68.56 42.15
N ALA B 424 -33.48 -68.79 41.84
CA ALA B 424 -33.08 -69.07 40.46
C ALA B 424 -31.73 -69.76 40.43
N SER B 425 -31.72 -71.07 40.20
CA SER B 425 -30.48 -71.79 39.94
C SER B 425 -30.48 -72.47 38.57
N ASP B 426 -31.50 -73.27 38.25
CA ASP B 426 -31.59 -73.82 36.89
C ASP B 426 -33.04 -73.91 36.44
N GLU B 427 -33.98 -73.59 37.32
CA GLU B 427 -35.38 -73.93 37.10
C GLU B 427 -36.11 -72.89 36.26
N ASN B 428 -35.41 -71.86 35.80
CA ASN B 428 -35.95 -70.97 34.80
C ASN B 428 -35.82 -71.65 33.44
N HIS B 429 -36.13 -70.93 32.37
CA HIS B 429 -35.81 -71.47 31.06
C HIS B 429 -34.32 -71.27 30.81
N TYR B 430 -33.51 -72.23 31.22
CA TYR B 430 -32.06 -72.07 31.26
C TYR B 430 -31.45 -72.34 29.89
N THR B 431 -30.33 -71.65 29.63
CA THR B 431 -29.58 -71.80 28.39
C THR B 431 -28.10 -71.81 28.71
N SER B 432 -27.35 -72.59 27.95
CA SER B 432 -25.91 -72.72 28.16
C SER B 432 -25.25 -73.06 26.83
N ALA B 433 -23.92 -73.10 26.84
CA ALA B 433 -23.14 -73.42 25.65
C ALA B 433 -21.70 -73.63 26.08
N THR B 434 -20.99 -74.49 25.36
CA THR B 434 -19.60 -74.78 25.69
C THR B 434 -18.69 -74.03 24.71
N PHE B 435 -17.42 -73.93 25.10
CA PHE B 435 -16.43 -73.27 24.26
C PHE B 435 -15.07 -73.92 24.50
N THR B 436 -14.62 -74.68 23.50
CA THR B 436 -13.32 -75.35 23.55
C THR B 436 -12.40 -74.71 22.52
N ILE B 437 -11.15 -74.47 22.92
CA ILE B 437 -10.14 -73.85 22.06
C ILE B 437 -9.05 -74.87 21.78
N HIS B 438 -8.59 -74.91 20.54
CA HIS B 438 -7.43 -75.72 20.22
C HIS B 438 -6.66 -75.09 19.07
N PRO B 439 -5.53 -74.47 19.34
CA PRO B 439 -4.86 -73.65 18.33
C PRO B 439 -4.26 -74.49 17.20
N ASN B 440 -3.70 -73.76 16.24
CA ASN B 440 -3.05 -74.34 15.06
C ASN B 440 -4.02 -75.25 14.31
N ALA B 441 -5.08 -74.63 13.80
CA ALA B 441 -6.07 -75.36 13.02
C ALA B 441 -6.85 -74.39 12.16
N GLU B 442 -7.26 -74.87 11.00
CA GLU B 442 -8.22 -74.23 10.12
C GLU B 442 -7.78 -72.81 9.74
N PRO B 443 -6.73 -72.69 8.91
CA PRO B 443 -6.26 -71.37 8.53
C PRO B 443 -6.96 -70.78 7.31
N GLY B 444 -7.65 -71.59 6.52
CA GLY B 444 -8.05 -71.21 5.19
C GLY B 444 -9.26 -70.32 5.06
N ILE B 445 -10.35 -70.65 5.77
CA ILE B 445 -11.59 -69.96 5.50
C ILE B 445 -11.57 -68.53 6.01
N TRP B 446 -10.78 -68.23 7.04
CA TRP B 446 -10.65 -66.85 7.48
C TRP B 446 -9.77 -66.05 6.54
N LEU B 447 -8.69 -66.65 6.08
CA LEU B 447 -7.85 -65.98 5.11
C LEU B 447 -8.54 -65.78 3.78
N LEU B 448 -9.52 -66.61 3.43
CA LEU B 448 -10.28 -66.36 2.21
C LEU B 448 -11.16 -65.12 2.34
N ARG B 449 -11.89 -65.00 3.44
CA ARG B 449 -12.64 -63.79 3.69
C ARG B 449 -11.72 -62.58 3.75
N LEU B 450 -10.52 -62.76 4.27
CA LEU B 450 -9.56 -61.66 4.28
C LEU B 450 -9.13 -61.31 2.87
N ASN B 451 -8.90 -62.31 2.02
CA ASN B 451 -8.61 -62.05 0.62
C ASN B 451 -9.70 -61.18 0.01
N LYS B 452 -10.96 -61.56 0.24
CA LYS B 452 -12.06 -60.79 -0.30
C LYS B 452 -12.04 -59.36 0.21
N THR B 453 -11.92 -59.18 1.52
CA THR B 453 -12.05 -57.83 2.08
C THR B 453 -10.85 -56.98 1.73
N LEU B 454 -9.67 -57.56 1.55
CA LEU B 454 -8.50 -56.78 1.17
C LEU B 454 -8.57 -56.38 -0.29
N ARG B 455 -8.94 -57.29 -1.17
CA ARG B 455 -9.19 -56.91 -2.56
C ARG B 455 -10.20 -55.77 -2.61
N LEU B 456 -11.28 -55.88 -1.83
CA LEU B 456 -12.32 -54.86 -1.86
C LEU B 456 -11.83 -53.53 -1.35
N ALA B 457 -11.07 -53.52 -0.25
CA ALA B 457 -10.57 -52.26 0.27
C ALA B 457 -9.62 -51.60 -0.72
N LYS B 458 -8.67 -52.37 -1.25
CA LYS B 458 -7.73 -51.84 -2.22
C LYS B 458 -8.46 -51.27 -3.43
N VAL B 459 -9.54 -51.90 -3.86
CA VAL B 459 -10.21 -51.46 -5.09
C VAL B 459 -11.12 -50.28 -4.83
N SER B 460 -11.90 -50.33 -3.76
CA SER B 460 -12.83 -49.26 -3.46
C SER B 460 -12.17 -48.07 -2.76
N GLY B 461 -10.87 -48.14 -2.50
CA GLY B 461 -10.15 -46.99 -2.00
C GLY B 461 -10.31 -46.71 -0.53
N MET B 462 -11.29 -47.32 0.13
CA MET B 462 -11.44 -47.15 1.57
C MET B 462 -10.48 -48.07 2.31
N THR B 463 -10.17 -47.70 3.55
CA THR B 463 -9.22 -48.45 4.35
C THR B 463 -9.77 -49.83 4.68
N PRO B 464 -8.89 -50.81 4.93
CA PRO B 464 -9.39 -52.16 5.21
C PRO B 464 -10.22 -52.27 6.47
N HIS B 465 -9.99 -51.41 7.45
CA HIS B 465 -10.84 -51.41 8.64
C HIS B 465 -12.21 -50.83 8.32
N GLU B 466 -12.24 -49.77 7.52
CA GLU B 466 -13.50 -49.23 7.05
C GLU B 466 -14.28 -50.21 6.20
N THR B 467 -13.62 -50.94 5.30
CA THR B 467 -14.34 -51.84 4.40
C THR B 467 -14.90 -53.04 5.15
N GLN B 468 -14.31 -53.39 6.28
CA GLN B 468 -14.85 -54.49 7.06
C GLN B 468 -15.95 -54.00 7.99
N HIS B 469 -15.75 -52.87 8.64
CA HIS B 469 -16.81 -52.29 9.46
C HIS B 469 -18.04 -51.93 8.63
N ALA B 470 -17.86 -51.63 7.36
CA ALA B 470 -18.95 -51.30 6.45
C ALA B 470 -19.45 -52.51 5.69
N LEU B 471 -19.00 -53.69 6.07
CA LEU B 471 -19.54 -54.93 5.54
C LEU B 471 -20.55 -55.49 6.52
N ILE B 472 -21.75 -55.78 6.02
CA ILE B 472 -22.88 -56.21 6.83
C ILE B 472 -23.00 -57.72 6.70
N HIS B 473 -22.93 -58.42 7.82
CA HIS B 473 -22.85 -59.88 7.84
C HIS B 473 -24.01 -60.44 8.64
N VAL B 474 -24.73 -61.40 8.05
CA VAL B 474 -25.80 -62.11 8.74
C VAL B 474 -25.52 -63.61 8.60
N ARG B 475 -26.06 -64.38 9.55
CA ARG B 475 -25.86 -65.83 9.55
C ARG B 475 -26.32 -66.47 8.25
N ASN B 476 -27.31 -65.89 7.58
CA ASN B 476 -27.76 -66.37 6.28
C ASN B 476 -27.33 -65.44 5.15
N ASP B 477 -26.57 -64.40 5.46
CA ASP B 477 -26.19 -63.43 4.44
C ASP B 477 -25.26 -64.09 3.44
N SER B 478 -25.74 -64.24 2.21
CA SER B 478 -24.89 -64.75 1.14
C SER B 478 -23.85 -63.71 0.78
N SER B 479 -22.73 -64.19 0.20
CA SER B 479 -21.70 -63.27 -0.23
C SER B 479 -22.17 -62.34 -1.34
N GLU B 480 -23.06 -62.82 -2.21
CA GLU B 480 -23.57 -61.94 -3.26
C GLU B 480 -24.34 -60.79 -2.66
N TYR B 481 -25.23 -61.07 -1.71
CA TYR B 481 -25.99 -60.00 -1.07
C TYR B 481 -25.07 -59.12 -0.23
N GLU B 482 -24.02 -59.69 0.34
CA GLU B 482 -23.07 -58.89 1.10
C GLU B 482 -22.37 -57.87 0.20
N LEU B 483 -21.82 -58.34 -0.91
CA LEU B 483 -21.19 -57.42 -1.86
C LEU B 483 -22.20 -56.44 -2.41
N ARG B 484 -23.44 -56.89 -2.63
CA ARG B 484 -24.47 -55.98 -3.13
C ARG B 484 -24.71 -54.86 -2.14
N ARG B 485 -24.75 -55.19 -0.84
CA ARG B 485 -24.92 -54.16 0.17
C ARG B 485 -23.73 -53.21 0.18
N PHE B 486 -22.52 -53.74 0.01
CA PHE B 486 -21.35 -52.87 0.00
C PHE B 486 -21.38 -51.92 -1.20
N THR B 487 -21.66 -52.44 -2.39
CA THR B 487 -21.71 -51.61 -3.59
C THR B 487 -22.86 -50.62 -3.53
N GLU B 488 -24.01 -51.02 -3.00
CA GLU B 488 -25.09 -50.07 -2.78
C GLU B 488 -24.66 -48.96 -1.85
N THR B 489 -23.92 -49.30 -0.79
CA THR B 489 -23.43 -48.28 0.11
C THR B 489 -22.52 -47.30 -0.62
N LEU B 490 -21.61 -47.81 -1.44
CA LEU B 490 -20.74 -46.93 -2.21
C LEU B 490 -21.53 -46.05 -3.15
N LEU B 491 -22.60 -46.59 -3.74
CA LEU B 491 -23.40 -45.80 -4.66
C LEU B 491 -24.17 -44.70 -3.93
N TYR B 492 -24.85 -45.05 -2.84
CA TYR B 492 -25.57 -44.06 -2.07
C TYR B 492 -24.64 -43.08 -1.39
N ARG B 493 -23.35 -43.39 -1.33
CA ARG B 493 -22.39 -42.39 -0.90
C ARG B 493 -21.95 -41.50 -2.04
N LYS B 494 -21.86 -42.05 -3.25
CA LYS B 494 -21.58 -41.21 -4.41
C LYS B 494 -22.69 -40.20 -4.62
N ARG B 495 -23.88 -40.66 -4.94
CA ARG B 495 -24.99 -39.71 -4.97
C ARG B 495 -25.44 -39.43 -3.55
N TYR B 496 -26.06 -38.27 -3.36
CA TYR B 496 -26.43 -37.70 -2.07
C TYR B 496 -25.23 -37.20 -1.29
N GLY B 497 -24.02 -37.53 -1.72
CA GLY B 497 -22.81 -37.15 -1.04
C GLY B 497 -22.86 -37.22 0.47
N ILE B 498 -23.01 -38.41 1.03
CA ILE B 498 -23.22 -38.56 2.45
C ILE B 498 -22.04 -39.29 3.09
N ASP B 499 -22.12 -39.49 4.40
CA ASP B 499 -21.12 -40.24 5.13
C ASP B 499 -21.27 -41.73 4.84
N THR B 500 -20.22 -42.48 5.16
CA THR B 500 -20.34 -43.93 5.06
C THR B 500 -21.34 -44.47 6.06
N GLU B 501 -21.45 -43.84 7.24
CA GLU B 501 -22.45 -44.28 8.20
C GLU B 501 -23.87 -43.98 7.73
N THR B 502 -24.10 -42.80 7.17
CA THR B 502 -25.41 -42.49 6.65
C THR B 502 -25.76 -43.40 5.48
N ALA B 503 -24.80 -43.67 4.60
CA ALA B 503 -25.04 -44.60 3.51
C ALA B 503 -25.35 -45.99 4.03
N LEU B 504 -24.67 -46.41 5.09
CA LEU B 504 -24.96 -47.72 5.66
C LEU B 504 -26.37 -47.76 6.22
N MET B 505 -26.77 -46.72 6.95
CA MET B 505 -28.13 -46.68 7.46
C MET B 505 -29.14 -46.69 6.33
N LEU B 506 -28.83 -46.05 5.21
CA LEU B 506 -29.65 -46.14 4.01
C LEU B 506 -29.64 -47.54 3.42
N CYS B 507 -28.59 -48.33 3.67
CA CYS B 507 -28.51 -49.69 3.17
C CYS B 507 -29.11 -50.70 4.12
N ASN B 508 -30.10 -50.29 4.91
CA ASN B 508 -30.77 -51.18 5.86
C ASN B 508 -29.75 -51.76 6.84
N ALA B 509 -29.19 -50.88 7.65
CA ALA B 509 -28.31 -51.26 8.74
C ALA B 509 -28.90 -50.79 10.06
N GLY B 510 -28.79 -51.63 11.08
CA GLY B 510 -29.34 -51.30 12.37
C GLY B 510 -28.56 -50.21 13.07
N ILE B 511 -29.14 -49.69 14.14
CA ILE B 511 -28.45 -48.72 14.99
C ILE B 511 -27.45 -49.46 15.86
N SER B 512 -26.22 -48.99 15.88
CA SER B 512 -25.16 -49.65 16.62
C SER B 512 -25.04 -49.03 18.01
N ARG B 513 -25.33 -49.82 19.03
CA ARG B 513 -25.20 -49.35 20.40
C ARG B 513 -23.75 -49.19 20.83
N ILE B 514 -22.83 -49.90 20.20
CA ILE B 514 -21.45 -49.97 20.66
C ILE B 514 -20.68 -48.76 20.15
N SER B 515 -19.87 -48.17 21.02
CA SER B 515 -19.06 -47.02 20.66
C SER B 515 -17.98 -47.43 19.67
N TYR B 516 -18.02 -46.83 18.49
CA TYR B 516 -17.13 -47.19 17.40
C TYR B 516 -16.01 -46.17 17.31
N ASP B 517 -14.78 -46.66 17.12
CA ASP B 517 -13.64 -45.82 16.79
C ASP B 517 -13.32 -44.82 17.90
N GLY B 518 -13.48 -45.23 19.16
CA GLY B 518 -13.25 -44.33 20.27
C GLY B 518 -14.11 -43.09 20.22
N GLN B 519 -15.29 -43.19 19.61
CA GLN B 519 -16.20 -42.06 19.49
C GLN B 519 -17.54 -42.38 20.10
N LEU B 520 -18.50 -41.47 19.97
CA LEU B 520 -19.84 -41.72 20.48
C LEU B 520 -20.56 -42.70 19.57
N SER B 521 -21.24 -43.67 20.16
CA SER B 521 -21.98 -44.63 19.36
C SER B 521 -23.09 -43.92 18.60
N HIS B 522 -23.62 -44.59 17.59
CA HIS B 522 -24.73 -44.00 16.85
C HIS B 522 -25.94 -43.82 17.75
N PHE B 523 -26.28 -44.86 18.51
CA PHE B 523 -27.41 -44.79 19.44
C PHE B 523 -27.27 -43.61 20.39
N ASP B 524 -26.06 -43.36 20.88
CA ASP B 524 -25.88 -42.34 21.89
C ASP B 524 -25.83 -40.94 21.27
N ARG B 525 -25.07 -40.77 20.20
CA ARG B 525 -25.08 -39.48 19.52
C ARG B 525 -26.42 -39.18 18.88
N LEU B 526 -27.31 -40.17 18.83
CA LEU B 526 -28.66 -40.02 18.33
C LEU B 526 -29.64 -39.62 19.43
N PHE B 527 -29.66 -40.34 20.54
CA PHE B 527 -30.65 -40.13 21.58
C PHE B 527 -30.11 -39.45 22.82
N ASN B 528 -28.90 -39.78 23.27
CA ASN B 528 -28.38 -39.36 24.55
C ASN B 528 -27.23 -38.37 24.42
N ASN B 529 -27.32 -37.43 23.49
CA ASN B 529 -26.26 -36.44 23.27
C ASN B 529 -26.85 -35.04 23.17
N PRO B 530 -27.04 -34.36 24.31
CA PRO B 530 -26.97 -34.89 25.68
C PRO B 530 -28.31 -35.49 26.08
N PRO B 531 -28.30 -36.43 27.02
CA PRO B 531 -29.55 -37.12 27.37
C PRO B 531 -30.59 -36.12 27.82
N LEU B 532 -31.77 -36.18 27.20
CA LEU B 532 -32.82 -35.22 27.48
C LEU B 532 -33.15 -35.25 28.96
N ASN B 533 -32.99 -34.11 29.62
CA ASN B 533 -33.28 -33.99 31.05
C ASN B 533 -32.37 -34.90 31.87
N GLY B 534 -31.22 -35.24 31.32
CA GLY B 534 -30.33 -36.15 32.00
C GLY B 534 -30.83 -37.56 32.14
N VAL B 535 -31.95 -37.89 31.49
CA VAL B 535 -32.52 -39.23 31.54
C VAL B 535 -31.99 -40.00 30.36
N THR B 536 -31.06 -40.91 30.61
CA THR B 536 -30.48 -41.71 29.54
C THR B 536 -31.56 -42.60 28.93
N TYR B 537 -31.87 -42.36 27.66
CA TYR B 537 -32.91 -43.10 26.97
C TYR B 537 -32.48 -44.56 26.81
N THR B 538 -33.02 -45.43 27.64
CA THR B 538 -32.81 -46.86 27.48
C THR B 538 -33.89 -47.44 26.57
N LEU B 539 -33.68 -48.67 26.14
CA LEU B 539 -34.68 -49.37 25.36
C LEU B 539 -35.58 -50.18 26.30
N GLY B 540 -36.32 -49.42 27.12
CA GLY B 540 -37.10 -50.05 28.17
C GLY B 540 -38.17 -50.98 27.63
N GLY B 541 -38.90 -50.54 26.62
CA GLY B 541 -39.87 -51.41 25.99
C GLY B 541 -41.28 -51.15 26.49
N ASP B 542 -42.24 -51.49 25.65
CA ASP B 542 -43.66 -51.56 25.97
C ASP B 542 -44.31 -50.20 26.14
N ASP B 543 -43.54 -49.11 26.04
CA ASP B 543 -44.11 -47.79 26.33
C ASP B 543 -43.54 -46.70 25.41
N ILE B 544 -44.13 -46.56 24.22
CA ILE B 544 -43.98 -45.38 23.39
C ILE B 544 -45.29 -45.17 22.67
N LEU B 545 -45.80 -43.93 22.68
CA LEU B 545 -47.05 -43.60 22.04
C LEU B 545 -46.79 -42.55 20.97
N MET B 546 -47.40 -42.73 19.80
CA MET B 546 -47.09 -41.89 18.65
C MET B 546 -48.17 -40.90 18.27
N GLU B 547 -49.43 -41.15 18.61
CA GLU B 547 -50.47 -40.17 18.37
C GLU B 547 -50.16 -38.90 19.16
N PRO B 548 -50.22 -37.73 18.54
CA PRO B 548 -49.71 -36.52 19.23
C PRO B 548 -50.37 -36.25 20.57
N ASP B 549 -51.69 -36.41 20.66
CA ASP B 549 -52.41 -36.08 21.89
C ASP B 549 -52.19 -37.14 22.96
N ALA B 550 -50.91 -37.34 23.30
CA ALA B 550 -50.53 -38.25 24.37
C ALA B 550 -49.20 -37.79 24.96
N GLY B 551 -49.02 -38.08 26.25
CA GLY B 551 -47.84 -37.65 26.96
C GLY B 551 -46.92 -38.78 27.36
N ASP B 552 -45.65 -38.70 26.95
CA ASP B 552 -44.67 -39.74 27.17
C ASP B 552 -43.27 -39.15 27.03
N PRO B 553 -42.44 -39.18 28.07
CA PRO B 553 -41.16 -38.48 28.01
C PRO B 553 -40.19 -39.08 27.00
N ARG B 554 -40.46 -40.29 26.50
CA ARG B 554 -39.62 -40.89 25.48
C ARG B 554 -39.87 -40.30 24.11
N ARG B 555 -41.12 -40.06 23.76
CA ARG B 555 -41.43 -39.47 22.46
C ARG B 555 -40.63 -38.20 22.22
N GLU B 556 -40.28 -37.49 23.29
CA GLU B 556 -39.53 -36.25 23.18
C GLU B 556 -38.10 -36.49 22.72
N VAL B 557 -37.47 -37.54 23.22
CA VAL B 557 -36.15 -37.92 22.75
C VAL B 557 -36.20 -38.34 21.28
N LEU B 558 -37.24 -39.07 20.89
CA LEU B 558 -37.38 -39.45 19.48
C LEU B 558 -37.59 -38.23 18.60
N LYS B 559 -38.39 -37.27 19.05
CA LYS B 559 -38.57 -36.05 18.30
C LYS B 559 -37.26 -35.30 18.13
N ARG B 560 -36.45 -35.22 19.18
CA ARG B 560 -35.17 -34.54 19.02
C ARG B 560 -34.23 -35.31 18.11
N ALA B 561 -34.23 -36.64 18.21
CA ALA B 561 -33.31 -37.43 17.42
C ALA B 561 -33.64 -37.36 15.94
N PHE B 562 -34.89 -37.63 15.58
CA PHE B 562 -35.29 -37.71 14.19
C PHE B 562 -35.52 -36.35 13.57
N ARG B 563 -35.31 -35.28 14.32
CA ARG B 563 -35.48 -33.92 13.81
C ARG B 563 -36.86 -33.72 13.22
N VAL B 564 -37.83 -34.45 13.76
CA VAL B 564 -39.22 -34.31 13.34
C VAL B 564 -40.02 -33.73 14.49
N ASP B 565 -41.07 -33.02 14.15
CA ASP B 565 -41.94 -32.39 15.12
C ASP B 565 -43.00 -33.40 15.57
N ASN B 566 -43.99 -32.93 16.33
CA ASN B 566 -44.94 -33.88 16.92
C ASN B 566 -45.77 -34.58 15.87
N THR B 567 -46.30 -33.85 14.89
CA THR B 567 -47.00 -34.52 13.80
C THR B 567 -46.04 -35.28 12.91
N GLY B 568 -44.80 -34.79 12.79
CA GLY B 568 -43.82 -35.48 11.98
C GLY B 568 -43.48 -36.85 12.50
N LEU B 569 -43.52 -37.04 13.81
CA LEU B 569 -43.24 -38.36 14.36
C LEU B 569 -44.33 -39.34 14.01
N TRP B 570 -45.59 -38.94 14.16
CA TRP B 570 -46.69 -39.79 13.74
C TRP B 570 -46.62 -40.08 12.26
N GLN B 571 -46.17 -39.11 11.47
CA GLN B 571 -46.10 -39.30 10.03
C GLN B 571 -44.98 -40.27 9.67
N LEU B 572 -43.86 -40.22 10.38
CA LEU B 572 -42.84 -41.25 10.28
C LEU B 572 -43.43 -42.63 10.57
N LEU B 573 -44.21 -42.74 11.63
CA LEU B 573 -44.81 -44.01 11.95
C LEU B 573 -45.73 -44.49 10.83
N VAL B 574 -46.50 -43.58 10.23
CA VAL B 574 -47.40 -43.97 9.16
C VAL B 574 -46.61 -44.43 7.94
N ILE B 575 -45.58 -43.67 7.56
CA ILE B 575 -44.75 -44.06 6.43
C ILE B 575 -44.12 -45.41 6.67
N THR B 576 -43.76 -45.71 7.92
CA THR B 576 -43.08 -46.96 8.21
C THR B 576 -43.92 -48.16 7.77
N ASN B 577 -45.23 -48.09 7.98
CA ASN B 577 -46.12 -49.13 7.50
C ASN B 577 -47.52 -48.53 7.38
N ARG B 578 -47.96 -48.31 6.15
CA ARG B 578 -49.32 -47.83 5.93
C ARG B 578 -50.36 -48.94 6.05
N GLU B 579 -49.93 -50.19 6.17
CA GLU B 579 -50.87 -51.28 6.44
C GLU B 579 -51.07 -51.52 7.93
N ASN B 580 -50.10 -51.16 8.75
CA ASN B 580 -50.20 -51.27 10.20
C ASN B 580 -50.78 -49.95 10.73
N LYS B 581 -51.97 -50.03 11.33
CA LYS B 581 -52.64 -48.85 11.87
C LYS B 581 -52.54 -48.78 13.38
N SER B 582 -51.54 -49.43 13.97
CA SER B 582 -51.34 -49.34 15.41
C SER B 582 -50.90 -47.93 15.79
N LYS B 583 -51.25 -47.53 17.00
CA LYS B 583 -50.90 -46.19 17.45
C LYS B 583 -49.57 -46.16 18.18
N THR B 584 -49.23 -47.23 18.88
CA THR B 584 -48.00 -47.28 19.66
C THR B 584 -46.93 -48.09 18.94
N ILE B 585 -45.69 -47.95 19.40
CA ILE B 585 -44.59 -48.73 18.85
C ILE B 585 -43.86 -49.42 19.99
N GLU B 586 -43.04 -50.41 19.66
CA GLU B 586 -42.14 -51.02 20.62
C GLU B 586 -40.88 -50.20 20.73
N ASN B 587 -40.20 -50.33 21.87
CA ASN B 587 -38.95 -49.63 22.08
C ASN B 587 -37.74 -50.48 21.72
N LYS B 588 -37.92 -51.46 20.83
CA LYS B 588 -36.80 -52.23 20.32
C LYS B 588 -35.89 -51.36 19.47
N THR B 589 -34.82 -51.97 18.96
CA THR B 589 -33.93 -51.22 18.09
C THR B 589 -34.32 -51.31 16.63
N GLU B 590 -35.01 -52.36 16.21
CA GLU B 590 -35.43 -52.44 14.82
C GLU B 590 -36.48 -51.40 14.47
N LYS B 591 -37.38 -51.09 15.40
CA LYS B 591 -38.38 -50.07 15.12
C LYS B 591 -37.73 -48.70 14.99
N LEU B 592 -36.79 -48.38 15.88
CA LEU B 592 -36.07 -47.13 15.74
C LEU B 592 -35.21 -47.12 14.50
N ARG B 593 -34.71 -48.28 14.06
CA ARG B 593 -33.99 -48.36 12.80
C ARG B 593 -34.91 -48.00 11.64
N GLY B 594 -36.13 -48.53 11.64
CA GLY B 594 -37.07 -48.19 10.60
C GLY B 594 -37.42 -46.72 10.59
N LEU B 595 -37.64 -46.14 11.76
CA LEU B 595 -37.94 -44.72 11.84
C LEU B 595 -36.75 -43.87 11.37
N LEU B 596 -35.54 -44.26 11.74
CA LEU B 596 -34.37 -43.51 11.32
C LEU B 596 -34.16 -43.61 9.81
N PHE B 597 -34.37 -44.80 9.25
CA PHE B 597 -34.25 -44.96 7.81
C PHE B 597 -35.28 -44.10 7.08
N VAL B 598 -36.52 -44.10 7.57
CA VAL B 598 -37.58 -43.33 6.93
C VAL B 598 -37.28 -41.84 7.01
N ARG B 599 -36.73 -41.39 8.13
CA ARG B 599 -36.37 -39.98 8.24
C ARG B 599 -35.19 -39.63 7.34
N LEU B 600 -34.22 -40.55 7.22
CA LEU B 600 -33.12 -40.33 6.29
C LEU B 600 -33.58 -40.28 4.85
N LEU B 601 -34.63 -41.02 4.52
CA LEU B 601 -35.17 -40.97 3.16
C LEU B 601 -35.52 -39.54 2.77
N ALA B 602 -36.07 -38.78 3.70
CA ALA B 602 -36.39 -37.39 3.45
C ALA B 602 -35.15 -36.51 3.57
N ASP B 603 -34.27 -36.81 4.51
CA ASP B 603 -33.11 -35.94 4.73
C ASP B 603 -32.13 -36.02 3.56
N VAL B 604 -32.09 -37.15 2.87
CA VAL B 604 -31.05 -37.37 1.88
C VAL B 604 -31.49 -36.85 0.52
N HIS B 605 -32.80 -36.72 0.30
CA HIS B 605 -33.34 -36.22 -0.96
C HIS B 605 -33.75 -34.77 -0.88
N ASN B 606 -33.36 -34.06 0.17
CA ASN B 606 -33.77 -32.67 0.39
C ASN B 606 -35.29 -32.56 0.38
N LEU B 607 -35.93 -33.43 1.14
CA LEU B 607 -37.36 -33.47 1.28
C LEU B 607 -37.73 -33.33 2.75
N THR B 608 -38.94 -32.84 2.99
CA THR B 608 -39.54 -32.90 4.31
C THR B 608 -40.19 -34.27 4.49
N VAL B 609 -40.58 -34.59 5.72
CA VAL B 609 -41.31 -35.83 5.92
C VAL B 609 -42.71 -35.74 5.33
N ALA B 610 -43.33 -34.57 5.42
CA ALA B 610 -44.60 -34.39 4.71
C ALA B 610 -44.43 -34.64 3.23
N GLN B 611 -43.36 -34.13 2.64
CA GLN B 611 -43.15 -34.30 1.21
C GLN B 611 -42.84 -35.75 0.87
N LEU B 612 -42.10 -36.45 1.74
CA LEU B 612 -41.86 -37.86 1.50
C LEU B 612 -43.15 -38.67 1.58
N ASP B 613 -43.99 -38.39 2.57
CA ASP B 613 -45.26 -39.08 2.67
C ASP B 613 -46.12 -38.79 1.44
N ALA B 614 -46.16 -37.54 0.99
CA ALA B 614 -46.96 -37.20 -0.17
C ALA B 614 -46.39 -37.83 -1.42
N LEU B 615 -45.08 -38.04 -1.48
CA LEU B 615 -44.41 -38.56 -2.66
C LEU B 615 -44.44 -40.08 -2.73
N LEU B 616 -44.62 -40.75 -1.61
CA LEU B 616 -44.72 -42.21 -1.61
C LEU B 616 -46.11 -42.69 -1.97
N GLN B 617 -47.11 -41.81 -1.95
CA GLN B 617 -48.45 -42.22 -2.34
C GLN B 617 -48.60 -42.30 -3.86
N ILE B 618 -48.02 -41.36 -4.59
CA ILE B 618 -48.02 -41.44 -6.04
C ILE B 618 -47.11 -42.55 -6.52
N SER B 619 -46.32 -43.13 -5.63
CA SER B 619 -45.38 -44.16 -5.98
C SER B 619 -46.05 -45.53 -6.00
N PRO B 620 -45.39 -46.53 -6.59
CA PRO B 620 -45.83 -47.91 -6.36
C PRO B 620 -45.60 -48.40 -4.95
N TYR B 621 -44.88 -47.63 -4.13
CA TYR B 621 -44.58 -48.03 -2.75
C TYR B 621 -45.56 -47.43 -1.75
N ASN B 622 -46.85 -47.61 -2.00
CA ASN B 622 -47.84 -47.25 -0.99
C ASN B 622 -47.81 -48.26 0.15
N SER B 623 -48.18 -49.50 -0.15
CA SER B 623 -48.18 -50.57 0.83
C SER B 623 -46.75 -51.06 0.95
N MET B 624 -45.95 -50.38 1.76
CA MET B 624 -44.57 -50.79 1.99
C MET B 624 -44.38 -51.08 3.47
N ASN B 625 -43.52 -52.05 3.75
CA ASN B 625 -43.19 -52.40 5.11
C ASN B 625 -41.68 -52.37 5.24
N VAL B 626 -41.16 -51.39 5.97
CA VAL B 626 -39.72 -51.27 6.13
C VAL B 626 -39.13 -52.46 6.85
N TYR B 627 -39.90 -53.12 7.71
CA TYR B 627 -39.43 -54.30 8.42
C TYR B 627 -39.57 -55.57 7.59
N ALA B 628 -40.19 -55.48 6.41
CA ALA B 628 -40.14 -56.53 5.40
C ALA B 628 -39.62 -55.99 4.08
N LEU B 629 -38.79 -54.96 4.13
CA LEU B 629 -38.27 -54.30 2.94
C LEU B 629 -36.98 -54.98 2.53
N ASP B 630 -37.06 -55.90 1.58
CA ASP B 630 -35.87 -56.62 1.15
C ASP B 630 -34.96 -55.70 0.34
N GLY B 631 -33.75 -56.18 0.06
CA GLY B 631 -32.76 -55.33 -0.58
C GLY B 631 -33.13 -54.90 -1.98
N LYS B 632 -34.03 -55.61 -2.64
CA LYS B 632 -34.37 -55.27 -4.00
C LYS B 632 -35.37 -54.12 -4.07
N THR B 633 -36.49 -54.23 -3.37
CA THR B 633 -37.45 -53.13 -3.38
C THR B 633 -36.92 -51.90 -2.67
N ARG B 634 -36.01 -52.05 -1.70
CA ARG B 634 -35.43 -50.88 -1.07
C ARG B 634 -34.64 -50.05 -2.07
N GLN B 635 -33.77 -50.71 -2.85
CA GLN B 635 -33.00 -49.98 -3.83
C GLN B 635 -33.89 -49.45 -4.94
N LYS B 636 -34.95 -50.20 -5.28
CA LYS B 636 -35.87 -49.69 -6.29
C LYS B 636 -36.58 -48.44 -5.81
N MET B 637 -36.99 -48.42 -4.54
CA MET B 637 -37.63 -47.24 -3.97
C MET B 637 -36.67 -46.07 -3.92
N LEU B 638 -35.43 -46.32 -3.54
CA LEU B 638 -34.45 -45.23 -3.48
C LEU B 638 -34.19 -44.68 -4.87
N SER B 639 -34.11 -45.55 -5.87
CA SER B 639 -33.94 -45.07 -7.24
C SER B 639 -35.15 -44.29 -7.69
N PHE B 640 -36.35 -44.73 -7.33
CA PHE B 640 -37.55 -43.98 -7.67
C PHE B 640 -37.51 -42.60 -7.06
N LEU B 641 -37.18 -42.51 -5.77
CA LEU B 641 -37.14 -41.22 -5.10
C LEU B 641 -36.11 -40.30 -5.72
N SER B 642 -34.90 -40.81 -5.97
CA SER B 642 -33.88 -39.98 -6.58
C SER B 642 -34.30 -39.52 -7.96
N ARG B 643 -34.87 -40.43 -8.76
CA ARG B 643 -35.29 -40.07 -10.11
C ARG B 643 -36.36 -38.99 -10.08
N ILE B 644 -37.39 -39.18 -9.25
CA ILE B 644 -38.46 -38.19 -9.25
C ILE B 644 -38.00 -36.88 -8.65
N THR B 645 -37.06 -36.91 -7.71
CA THR B 645 -36.64 -35.66 -7.11
C THR B 645 -35.74 -34.87 -8.05
N GLN B 646 -34.83 -35.53 -8.75
CA GLN B 646 -34.07 -34.82 -9.76
C GLN B 646 -34.95 -34.37 -10.91
N TRP B 647 -36.00 -35.13 -11.24
CA TRP B 647 -36.92 -34.68 -12.28
C TRP B 647 -37.70 -33.45 -11.84
N LEU B 648 -38.16 -33.44 -10.59
CA LEU B 648 -38.84 -32.26 -10.08
C LEU B 648 -37.91 -31.06 -10.03
N ASN B 649 -36.63 -31.27 -9.75
CA ASN B 649 -35.70 -30.16 -9.74
C ASN B 649 -35.42 -29.66 -11.15
N THR B 650 -35.43 -30.57 -12.13
CA THR B 650 -35.24 -30.14 -13.51
C THR B 650 -36.44 -29.36 -14.02
N GLN B 651 -37.64 -29.90 -13.82
CA GLN B 651 -38.86 -29.27 -14.31
C GLN B 651 -39.28 -28.07 -13.50
N ASN B 652 -38.53 -27.72 -12.45
CA ASN B 652 -38.79 -26.55 -11.63
C ASN B 652 -40.19 -26.55 -11.04
N ILE B 653 -40.74 -27.72 -10.75
CA ILE B 653 -42.00 -27.84 -10.04
C ILE B 653 -41.74 -28.52 -8.72
N THR B 654 -42.51 -28.13 -7.71
CA THR B 654 -42.28 -28.65 -6.37
C THR B 654 -43.27 -29.75 -6.03
N VAL B 655 -43.04 -30.39 -4.90
CA VAL B 655 -43.82 -31.57 -4.52
C VAL B 655 -45.28 -31.20 -4.33
N GLU B 656 -45.55 -29.98 -3.88
CA GLU B 656 -46.94 -29.57 -3.71
C GLU B 656 -47.66 -29.48 -5.04
N GLN B 657 -47.01 -28.88 -6.04
CA GLN B 657 -47.63 -28.84 -7.36
C GLN B 657 -47.77 -30.23 -7.95
N LEU B 658 -46.81 -31.11 -7.70
CA LEU B 658 -46.95 -32.49 -8.18
C LEU B 658 -48.14 -33.17 -7.54
N MET B 659 -48.36 -32.92 -6.25
CA MET B 659 -49.50 -33.51 -5.57
C MET B 659 -50.80 -32.93 -6.07
N LEU B 660 -50.78 -31.65 -6.47
CA LEU B 660 -51.96 -31.08 -7.11
C LEU B 660 -52.24 -31.74 -8.44
N LEU B 661 -51.19 -32.06 -9.20
CA LEU B 661 -51.38 -32.70 -10.50
C LEU B 661 -51.83 -34.14 -10.35
N LEU B 662 -51.43 -34.80 -9.26
CA LEU B 662 -51.68 -36.22 -9.09
C LEU B 662 -52.87 -36.50 -8.19
N ASP B 663 -53.46 -35.48 -7.58
CA ASP B 663 -54.46 -35.72 -6.56
C ASP B 663 -55.76 -36.17 -7.18
N LYS B 664 -56.51 -37.00 -6.46
CA LYS B 664 -57.83 -37.40 -6.92
C LYS B 664 -58.83 -36.29 -6.65
N ILE B 665 -60.06 -36.49 -7.12
CA ILE B 665 -61.06 -35.44 -7.05
C ILE B 665 -61.73 -35.42 -5.68
N SER B 666 -62.42 -36.51 -5.33
CA SER B 666 -63.19 -36.59 -4.09
C SER B 666 -64.15 -35.40 -4.01
N PRO B 667 -65.24 -35.41 -4.77
CA PRO B 667 -65.98 -34.18 -5.04
C PRO B 667 -66.62 -33.59 -3.79
N ALA B 668 -67.12 -32.36 -3.96
CA ALA B 668 -67.71 -31.58 -2.89
C ALA B 668 -68.77 -30.68 -3.49
N ALA B 669 -69.17 -29.65 -2.75
CA ALA B 669 -70.13 -28.69 -3.27
C ALA B 669 -69.46 -27.77 -4.30
N PRO B 670 -70.15 -27.43 -5.39
CA PRO B 670 -69.58 -26.49 -6.35
C PRO B 670 -69.47 -25.09 -5.76
N THR B 671 -68.75 -24.23 -6.48
CA THR B 671 -68.39 -22.91 -5.97
C THR B 671 -69.29 -21.83 -6.55
N LYS B 672 -69.05 -20.58 -6.14
CA LYS B 672 -69.80 -19.45 -6.68
C LYS B 672 -69.37 -19.11 -8.10
N GLU B 673 -68.06 -19.05 -8.35
CA GLU B 673 -67.59 -18.98 -9.72
C GLU B 673 -68.13 -20.15 -10.53
N MET B 674 -68.31 -21.31 -9.90
CA MET B 674 -68.90 -22.44 -10.60
C MET B 674 -70.35 -22.14 -10.96
N GLN B 675 -71.10 -21.54 -10.04
CA GLN B 675 -72.47 -21.16 -10.37
C GLN B 675 -72.50 -20.17 -11.53
N VAL B 676 -71.51 -19.28 -11.58
CA VAL B 676 -71.43 -18.33 -12.68
C VAL B 676 -71.21 -19.05 -14.00
N LEU B 677 -70.25 -19.98 -14.01
CA LEU B 677 -69.96 -20.75 -15.22
C LEU B 677 -71.18 -21.56 -15.66
N LEU B 678 -71.81 -22.26 -14.72
CA LEU B 678 -73.04 -22.98 -15.02
C LEU B 678 -74.11 -22.07 -15.59
N ASP B 679 -74.26 -20.87 -15.06
CA ASP B 679 -75.30 -19.99 -15.59
C ASP B 679 -74.98 -19.55 -17.01
N LEU B 680 -73.73 -19.21 -17.27
CA LEU B 680 -73.36 -18.78 -18.62
C LEU B 680 -73.47 -19.91 -19.63
N LEU B 681 -73.33 -21.17 -19.20
CA LEU B 681 -73.55 -22.28 -20.12
C LEU B 681 -75.02 -22.62 -20.24
N ARG B 682 -75.78 -22.50 -19.15
CA ARG B 682 -77.18 -22.86 -19.16
C ARG B 682 -77.96 -21.93 -20.07
N ASN B 683 -77.79 -20.63 -19.89
CA ASN B 683 -78.42 -19.69 -20.81
C ASN B 683 -77.59 -19.63 -22.08
N GLY B 684 -77.87 -18.65 -22.92
CA GLY B 684 -77.14 -18.56 -24.15
C GLY B 684 -77.56 -19.66 -25.12
N GLY B 685 -76.75 -19.81 -26.16
CA GLY B 685 -77.05 -20.79 -27.19
C GLY B 685 -76.85 -22.20 -26.69
N ILE B 686 -77.88 -23.03 -26.89
CA ILE B 686 -77.80 -24.42 -26.48
C ILE B 686 -76.68 -25.10 -27.25
N ASP B 687 -75.69 -25.60 -26.51
CA ASP B 687 -74.54 -26.23 -27.13
C ASP B 687 -74.97 -27.41 -27.97
N LYS B 688 -74.59 -27.39 -29.25
CA LYS B 688 -75.18 -28.30 -30.22
C LYS B 688 -74.80 -29.74 -29.92
N THR B 689 -75.74 -30.65 -30.17
CA THR B 689 -75.58 -32.06 -29.84
C THR B 689 -74.51 -32.75 -30.67
N ASN B 690 -74.35 -32.36 -31.95
CA ASN B 690 -73.36 -32.97 -32.81
C ASN B 690 -71.95 -32.67 -32.32
N THR B 691 -71.08 -33.67 -32.42
CA THR B 691 -69.71 -33.53 -31.94
C THR B 691 -68.94 -32.51 -32.77
N LYS B 692 -67.74 -32.16 -32.26
CA LYS B 692 -66.82 -31.23 -32.90
C LYS B 692 -67.41 -29.83 -32.94
N THR B 693 -68.65 -29.70 -32.50
CA THR B 693 -69.31 -28.41 -32.28
C THR B 693 -69.60 -28.20 -30.81
N LEU B 694 -69.78 -29.29 -30.05
CA LEU B 694 -69.89 -29.17 -28.61
C LEU B 694 -68.64 -28.52 -28.03
N TYR B 695 -67.46 -28.96 -28.47
CA TYR B 695 -66.23 -28.34 -28.02
C TYR B 695 -66.18 -26.87 -28.41
N THR B 696 -66.45 -26.56 -29.67
CA THR B 696 -66.31 -25.19 -30.15
C THR B 696 -67.34 -24.25 -29.55
N THR B 697 -68.47 -24.76 -29.10
CA THR B 697 -69.49 -23.92 -28.48
C THR B 697 -69.33 -23.85 -26.96
N MET B 698 -68.66 -24.82 -26.36
CA MET B 698 -68.44 -24.76 -24.93
C MET B 698 -67.10 -24.12 -24.57
N ALA B 699 -66.17 -24.07 -25.52
CA ALA B 699 -64.78 -23.76 -25.18
C ALA B 699 -64.51 -22.29 -24.89
N PRO B 700 -65.13 -21.30 -25.56
CA PRO B 700 -64.81 -19.92 -25.20
C PRO B 700 -65.07 -19.59 -23.75
N VAL B 701 -66.23 -19.97 -23.22
CA VAL B 701 -66.53 -19.67 -21.83
C VAL B 701 -65.75 -20.58 -20.89
N ILE B 702 -65.47 -21.82 -21.31
CA ILE B 702 -64.62 -22.68 -20.50
C ILE B 702 -63.22 -22.08 -20.35
N THR B 703 -62.65 -21.61 -21.45
CA THR B 703 -61.37 -20.89 -21.42
C THR B 703 -61.44 -19.64 -20.57
N ALA B 704 -62.52 -18.86 -20.70
CA ALA B 704 -62.66 -17.69 -19.85
C ALA B 704 -62.66 -18.08 -18.37
N ALA B 705 -63.25 -19.22 -18.03
CA ALA B 705 -63.25 -19.66 -16.64
C ALA B 705 -61.92 -20.27 -16.22
N MET B 706 -61.13 -20.78 -17.16
CA MET B 706 -59.82 -21.33 -16.87
C MET B 706 -58.69 -20.38 -17.22
N GLN B 707 -59.01 -19.22 -17.78
CA GLN B 707 -58.00 -18.22 -18.15
C GLN B 707 -56.89 -18.83 -19.01
N LEU B 708 -57.28 -19.73 -19.90
CA LEU B 708 -56.36 -20.25 -20.90
C LEU B 708 -55.98 -19.13 -21.87
N ASP B 709 -55.04 -19.43 -22.77
CA ASP B 709 -54.61 -18.44 -23.75
C ASP B 709 -55.62 -18.32 -24.88
N ILE B 710 -55.88 -19.42 -25.57
CA ILE B 710 -56.66 -19.40 -26.79
C ILE B 710 -57.94 -20.19 -26.59
N THR B 711 -59.02 -19.68 -27.20
CA THR B 711 -60.25 -20.46 -27.28
C THR B 711 -60.00 -21.79 -27.98
N GLU B 712 -59.01 -21.86 -28.87
CA GLU B 712 -58.70 -23.13 -29.52
C GLU B 712 -57.97 -24.08 -28.57
N SER B 713 -57.13 -23.54 -27.68
CA SER B 713 -56.58 -24.37 -26.62
C SER B 713 -57.69 -24.87 -25.71
N GLY B 714 -58.70 -24.04 -25.48
CA GLY B 714 -59.86 -24.53 -24.74
C GLY B 714 -60.62 -25.63 -25.47
N GLU B 715 -60.79 -25.49 -26.78
CA GLU B 715 -61.40 -26.55 -27.56
C GLU B 715 -60.62 -27.85 -27.43
N ALA B 716 -59.30 -27.76 -27.40
CA ALA B 716 -58.49 -28.96 -27.33
C ALA B 716 -58.40 -29.54 -25.93
N LEU B 717 -58.52 -28.71 -24.89
CA LEU B 717 -58.45 -29.23 -23.53
C LEU B 717 -59.65 -30.12 -23.23
N LEU B 718 -60.84 -29.71 -23.68
CA LEU B 718 -62.01 -30.56 -23.49
C LEU B 718 -61.85 -31.88 -24.21
N ARG B 719 -61.29 -31.85 -25.41
CA ARG B 719 -61.05 -33.08 -26.14
C ARG B 719 -60.08 -33.98 -25.39
N TRP B 720 -59.02 -33.40 -24.84
CA TRP B 720 -58.05 -34.16 -24.07
C TRP B 720 -58.69 -34.79 -22.85
N LEU B 721 -59.39 -34.01 -22.04
CA LEU B 721 -60.02 -34.59 -20.86
C LEU B 721 -61.12 -35.57 -21.22
N ASP B 722 -61.72 -35.43 -22.39
CA ASP B 722 -62.68 -36.42 -22.88
C ASP B 722 -61.99 -37.73 -23.17
N ASN B 723 -60.82 -37.67 -23.81
CA ASN B 723 -60.20 -38.89 -24.32
C ASN B 723 -59.62 -39.75 -23.21
N ASN B 724 -59.24 -39.15 -22.09
CA ASN B 724 -58.71 -39.91 -20.97
C ASN B 724 -58.88 -39.13 -19.69
N HIS B 725 -59.54 -39.75 -18.72
CA HIS B 725 -60.00 -39.07 -17.52
C HIS B 725 -60.16 -40.07 -16.39
N PRO B 726 -60.06 -39.64 -15.14
CA PRO B 726 -60.34 -40.54 -14.02
C PRO B 726 -61.77 -41.03 -14.08
N ALA B 727 -61.96 -42.25 -13.58
CA ALA B 727 -63.26 -42.91 -13.69
C ALA B 727 -64.33 -42.16 -12.91
N GLY B 728 -65.54 -42.16 -13.46
CA GLY B 728 -66.66 -41.48 -12.85
C GLY B 728 -66.79 -40.03 -13.20
N ILE B 729 -65.88 -39.49 -14.00
CA ILE B 729 -65.94 -38.08 -14.40
C ILE B 729 -66.60 -38.00 -15.77
N LEU B 730 -67.38 -36.94 -15.96
CA LEU B 730 -68.34 -36.90 -17.06
C LEU B 730 -67.65 -36.59 -18.39
N THR B 731 -68.01 -37.37 -19.40
CA THR B 731 -67.72 -36.98 -20.77
C THR B 731 -68.33 -35.62 -21.04
N THR B 732 -67.79 -34.88 -22.00
CA THR B 732 -68.33 -33.56 -22.31
C THR B 732 -69.79 -33.65 -22.77
N SER B 733 -70.16 -34.73 -23.45
CA SER B 733 -71.55 -34.91 -23.81
C SER B 733 -72.43 -35.00 -22.56
N GLU B 734 -72.01 -35.80 -21.59
CA GLU B 734 -72.77 -35.90 -20.35
C GLU B 734 -72.77 -34.60 -19.60
N ALA B 735 -71.68 -33.83 -19.66
CA ALA B 735 -71.63 -32.54 -19.00
C ALA B 735 -72.64 -31.58 -19.60
N ARG B 736 -72.78 -31.61 -20.93
CA ARG B 736 -73.80 -30.78 -21.57
C ARG B 736 -75.21 -31.24 -21.18
N LYS B 737 -75.46 -32.55 -21.28
CA LYS B 737 -76.78 -33.07 -20.92
C LYS B 737 -77.09 -32.82 -19.45
N LEU B 738 -76.07 -32.59 -18.63
CA LEU B 738 -76.29 -32.38 -17.20
C LEU B 738 -76.42 -30.91 -16.85
N ILE B 739 -75.71 -30.03 -17.56
CA ILE B 739 -75.91 -28.59 -17.40
C ILE B 739 -77.26 -28.15 -17.94
N ILE B 740 -77.71 -28.74 -19.04
CA ILE B 740 -79.04 -28.43 -19.55
C ILE B 740 -80.00 -29.46 -18.97
N LYS B 741 -80.50 -29.18 -17.77
CA LYS B 741 -81.46 -30.04 -17.11
C LYS B 741 -82.56 -29.18 -16.52
N LYS B 742 -83.74 -29.79 -16.34
CA LYS B 742 -84.88 -29.05 -15.82
C LYS B 742 -84.56 -28.47 -14.45
N GLY B 743 -84.31 -29.32 -13.48
CA GLY B 743 -83.83 -28.87 -12.19
C GLY B 743 -82.63 -29.67 -11.74
N GLN B 744 -81.48 -29.03 -11.65
CA GLN B 744 -80.26 -29.73 -11.27
C GLN B 744 -80.35 -30.18 -9.82
N THR B 745 -80.40 -31.49 -9.63
CA THR B 745 -80.65 -32.08 -8.32
C THR B 745 -79.50 -31.75 -7.36
N ALA B 746 -79.68 -32.12 -6.10
CA ALA B 746 -78.58 -32.05 -5.16
C ALA B 746 -77.40 -32.89 -5.64
N GLY B 747 -77.67 -34.14 -6.03
CA GLY B 747 -76.72 -34.92 -6.76
C GLY B 747 -76.64 -34.45 -8.20
N ASP B 748 -75.68 -35.03 -8.93
CA ASP B 748 -75.44 -34.65 -10.32
C ASP B 748 -75.18 -33.15 -10.44
N LYS B 749 -74.79 -32.54 -9.35
CA LYS B 749 -74.18 -31.22 -9.35
C LYS B 749 -72.77 -31.24 -8.78
N GLU B 750 -72.54 -32.01 -7.73
CA GLU B 750 -71.18 -32.32 -7.33
C GLU B 750 -70.46 -33.15 -8.38
N LYS B 751 -71.21 -33.95 -9.17
CA LYS B 751 -70.60 -34.63 -10.31
C LYS B 751 -70.06 -33.62 -11.31
N LEU B 752 -70.81 -32.54 -11.53
CA LEU B 752 -70.35 -31.50 -12.43
C LEU B 752 -69.23 -30.69 -11.82
N ALA B 753 -69.26 -30.47 -10.51
CA ALA B 753 -68.13 -29.85 -9.83
C ALA B 753 -66.87 -30.69 -9.97
N ALA B 754 -67.00 -32.01 -9.87
CA ALA B 754 -65.86 -32.90 -10.08
C ALA B 754 -65.37 -32.84 -11.51
N TRP B 755 -66.28 -32.73 -12.48
CA TRP B 755 -65.85 -32.58 -13.87
C TRP B 755 -65.05 -31.29 -14.05
N CYS B 756 -65.53 -30.19 -13.47
CA CYS B 756 -64.79 -28.94 -13.64
C CYS B 756 -63.48 -28.97 -12.86
N GLN B 757 -63.43 -29.72 -11.76
CA GLN B 757 -62.17 -29.87 -11.04
C GLN B 757 -61.17 -30.67 -11.86
N ALA B 758 -61.64 -31.70 -12.57
CA ALA B 758 -60.76 -32.41 -13.47
C ALA B 758 -60.25 -31.48 -14.57
N LEU B 759 -61.14 -30.62 -15.08
CA LEU B 759 -60.72 -29.62 -16.04
C LEU B 759 -59.60 -28.76 -15.48
N ALA B 760 -59.76 -28.27 -14.25
CA ALA B 760 -58.74 -27.42 -13.64
C ALA B 760 -57.44 -28.17 -13.42
N GLN B 761 -57.52 -29.45 -13.06
CA GLN B 761 -56.32 -30.25 -12.90
C GLN B 761 -55.59 -30.40 -14.22
N ARG B 762 -56.33 -30.59 -15.31
CA ARG B 762 -55.69 -30.68 -16.61
C ARG B 762 -55.08 -29.34 -17.02
N VAL B 763 -55.76 -28.23 -16.73
CA VAL B 763 -55.15 -26.92 -16.98
C VAL B 763 -53.86 -26.79 -16.20
N LEU B 764 -53.83 -27.33 -14.99
CA LEU B 764 -52.61 -27.31 -14.19
C LEU B 764 -51.52 -28.12 -14.84
N VAL B 765 -51.84 -29.29 -15.38
CA VAL B 765 -50.86 -30.09 -16.11
C VAL B 765 -50.31 -29.31 -17.29
N ILE B 766 -51.18 -28.54 -17.94
CA ILE B 766 -50.74 -27.74 -19.07
C ILE B 766 -49.85 -26.60 -18.61
N ARG B 767 -50.19 -25.98 -17.48
CA ARG B 767 -49.49 -24.79 -17.02
C ARG B 767 -48.17 -25.09 -16.32
N THR B 768 -48.02 -26.27 -15.73
CA THR B 768 -46.76 -26.64 -15.10
C THR B 768 -45.72 -27.09 -16.11
N PHE B 769 -46.14 -27.49 -17.30
CA PHE B 769 -45.20 -27.81 -18.37
C PHE B 769 -45.11 -26.70 -19.40
N THR B 770 -46.00 -25.70 -19.34
CA THR B 770 -46.03 -24.59 -20.29
C THR B 770 -46.01 -25.10 -21.73
N LEU B 771 -46.82 -26.12 -21.98
CA LEU B 771 -46.88 -26.68 -23.32
C LEU B 771 -47.77 -25.82 -24.21
N SER B 772 -47.31 -25.65 -25.45
CA SER B 772 -47.91 -24.69 -26.37
C SER B 772 -49.25 -25.21 -26.88
N ASN B 773 -49.93 -24.40 -27.67
CA ASN B 773 -51.21 -24.82 -28.23
C ASN B 773 -51.04 -26.02 -29.16
N ALA B 774 -49.93 -26.08 -29.89
CA ALA B 774 -49.73 -27.19 -30.81
C ALA B 774 -49.39 -28.48 -30.07
N GLU B 775 -48.52 -28.39 -29.06
CA GLU B 775 -48.27 -29.55 -28.22
C GLU B 775 -49.55 -30.03 -27.57
N LEU B 776 -50.37 -29.09 -27.10
CA LEU B 776 -51.63 -29.42 -26.47
C LEU B 776 -52.53 -30.17 -27.44
N GLN B 777 -52.62 -29.67 -28.68
CA GLN B 777 -53.45 -30.30 -29.67
C GLN B 777 -52.94 -31.67 -30.06
N THR B 778 -51.61 -31.88 -30.02
CA THR B 778 -51.08 -33.22 -30.27
C THR B 778 -51.46 -34.19 -29.16
N LEU B 779 -51.28 -33.76 -27.91
CA LEU B 779 -51.61 -34.61 -26.77
C LEU B 779 -53.09 -34.80 -26.59
N SER B 780 -53.93 -33.99 -27.24
CA SER B 780 -55.36 -34.07 -27.00
C SER B 780 -55.93 -35.41 -27.44
N GLN B 781 -55.35 -36.03 -28.46
CA GLN B 781 -55.89 -37.28 -28.98
C GLN B 781 -55.30 -38.48 -28.23
N GLY B 782 -55.45 -38.44 -26.91
CA GLY B 782 -55.11 -39.60 -26.11
C GLY B 782 -53.71 -39.63 -25.53
N ALA B 783 -53.34 -38.59 -24.79
CA ALA B 783 -52.12 -38.64 -24.01
C ALA B 783 -52.48 -38.95 -22.56
N PRO B 784 -52.25 -40.18 -22.08
CA PRO B 784 -52.65 -40.51 -20.71
C PRO B 784 -51.86 -39.68 -19.71
N ALA B 785 -52.58 -39.09 -18.77
CA ALA B 785 -51.98 -38.28 -17.73
C ALA B 785 -52.73 -38.55 -16.43
N GLY B 786 -51.98 -38.62 -15.33
CA GLY B 786 -52.61 -38.88 -14.06
C GLY B 786 -51.80 -39.77 -13.14
N THR B 787 -50.68 -40.28 -13.63
CA THR B 787 -49.68 -40.92 -12.79
C THR B 787 -48.31 -40.44 -13.22
N ILE B 788 -47.32 -40.68 -12.36
CA ILE B 788 -46.00 -40.13 -12.61
C ILE B 788 -45.33 -40.83 -13.77
N THR B 789 -45.63 -42.11 -13.98
CA THR B 789 -45.09 -42.82 -15.12
C THR B 789 -45.52 -42.18 -16.43
N GLU B 790 -46.61 -41.41 -16.42
CA GLU B 790 -47.11 -40.77 -17.62
C GLU B 790 -46.78 -39.28 -17.68
N LEU B 791 -46.76 -38.60 -16.53
CA LEU B 791 -46.23 -37.24 -16.52
C LEU B 791 -44.79 -37.23 -16.99
N TYR B 792 -44.04 -38.31 -16.74
CA TYR B 792 -42.69 -38.39 -17.28
C TYR B 792 -42.71 -38.30 -18.79
N ASN B 793 -43.51 -39.13 -19.45
CA ASN B 793 -43.51 -39.14 -20.91
C ASN B 793 -44.05 -37.85 -21.48
N ILE B 794 -45.00 -37.22 -20.78
CA ILE B 794 -45.44 -35.90 -21.19
C ILE B 794 -44.28 -34.93 -21.17
N SER B 795 -43.48 -34.94 -20.10
CA SER B 795 -42.34 -34.03 -20.02
C SER B 795 -41.29 -34.35 -21.09
N ASP B 796 -41.10 -35.63 -21.38
CA ASP B 796 -40.13 -36.00 -22.41
C ASP B 796 -40.58 -35.52 -23.78
N PHE B 797 -41.85 -35.71 -24.11
CA PHE B 797 -42.37 -35.18 -25.36
C PHE B 797 -42.22 -33.68 -25.42
N HIS B 798 -42.60 -32.99 -24.34
CA HIS B 798 -42.47 -31.54 -24.27
C HIS B 798 -41.02 -31.11 -24.49
N ASN B 799 -40.08 -31.86 -23.93
CA ASN B 799 -38.67 -31.56 -24.12
C ASN B 799 -38.26 -31.68 -25.57
N LEU B 800 -38.68 -32.77 -26.22
CA LEU B 800 -38.33 -32.94 -27.63
C LEU B 800 -38.93 -31.82 -28.48
N ILE B 801 -40.14 -31.40 -28.16
CA ILE B 801 -40.78 -30.35 -28.94
C ILE B 801 -40.06 -29.02 -28.75
N ASN B 802 -39.68 -28.69 -27.51
CA ASN B 802 -38.90 -27.49 -27.30
C ASN B 802 -37.56 -27.56 -28.03
N ARG B 803 -36.99 -28.75 -28.14
CA ARG B 803 -35.79 -28.87 -28.97
C ARG B 803 -36.09 -28.54 -30.42
N CYS B 804 -37.20 -29.06 -30.96
CA CYS B 804 -37.58 -28.73 -32.32
C CYS B 804 -37.66 -27.22 -32.51
N GLY B 805 -38.24 -26.53 -31.54
CA GLY B 805 -38.18 -25.09 -31.50
C GLY B 805 -39.00 -24.36 -32.54
N GLU B 806 -38.34 -23.53 -33.35
CA GLU B 806 -39.08 -22.72 -34.32
C GLU B 806 -39.73 -23.58 -35.40
N GLN B 807 -39.30 -24.83 -35.52
CA GLN B 807 -39.85 -25.76 -36.50
C GLN B 807 -40.75 -26.81 -35.85
N ALA B 808 -41.19 -26.59 -34.62
CA ALA B 808 -42.07 -27.55 -33.97
C ALA B 808 -43.46 -27.56 -34.59
N GLY B 809 -43.88 -26.46 -35.22
CA GLY B 809 -45.15 -26.47 -35.90
C GLY B 809 -45.20 -27.53 -36.99
N THR B 810 -44.14 -27.62 -37.80
CA THR B 810 -44.09 -28.64 -38.83
C THR B 810 -44.02 -30.04 -38.27
N VAL B 811 -43.21 -30.24 -37.22
CA VAL B 811 -43.13 -31.57 -36.61
C VAL B 811 -44.49 -32.02 -36.12
N LEU B 812 -45.17 -31.16 -35.36
CA LEU B 812 -46.47 -31.54 -34.83
C LEU B 812 -47.53 -31.65 -35.91
N ASP B 813 -47.42 -30.89 -37.00
CA ASP B 813 -48.38 -31.04 -38.08
C ASP B 813 -48.20 -32.38 -38.79
N ALA B 814 -46.97 -32.69 -39.19
CA ALA B 814 -46.73 -33.97 -39.85
C ALA B 814 -46.99 -35.13 -38.92
N LEU B 815 -46.94 -34.91 -37.61
CA LEU B 815 -47.37 -35.95 -36.68
C LEU B 815 -48.88 -36.04 -36.61
N GLN B 816 -49.58 -34.92 -36.72
CA GLN B 816 -51.04 -34.96 -36.75
C GLN B 816 -51.55 -35.67 -37.98
N SER B 817 -50.91 -35.47 -39.11
CA SER B 817 -51.13 -36.30 -40.28
C SER B 817 -50.30 -37.57 -40.11
N GLY B 818 -50.14 -38.34 -41.17
CA GLY B 818 -49.36 -39.56 -41.05
C GLY B 818 -48.05 -39.52 -41.79
N THR B 819 -47.41 -38.35 -41.86
CA THR B 819 -46.21 -38.21 -42.68
C THR B 819 -45.02 -37.64 -41.93
N LEU B 820 -44.93 -37.86 -40.62
CA LEU B 820 -43.73 -37.49 -39.88
C LEU B 820 -42.62 -38.46 -40.24
N THR B 821 -41.63 -37.97 -40.98
CA THR B 821 -40.51 -38.78 -41.40
C THR B 821 -39.23 -38.33 -40.71
N VAL B 822 -38.28 -39.26 -40.62
CA VAL B 822 -37.04 -38.98 -39.93
C VAL B 822 -36.29 -37.85 -40.62
N LYS B 823 -36.48 -37.68 -41.92
CA LYS B 823 -35.79 -36.58 -42.62
C LYS B 823 -36.23 -35.23 -42.07
N ILE B 824 -37.54 -35.00 -41.98
CA ILE B 824 -38.01 -33.71 -41.48
C ILE B 824 -37.76 -33.59 -39.99
N LEU B 825 -37.85 -34.70 -39.25
CA LEU B 825 -37.55 -34.62 -37.82
C LEU B 825 -36.08 -34.26 -37.58
N ALA B 826 -35.16 -34.84 -38.35
CA ALA B 826 -33.76 -34.50 -38.21
C ALA B 826 -33.48 -33.08 -38.66
N GLN B 827 -34.08 -32.65 -39.77
CA GLN B 827 -33.90 -31.28 -40.23
C GLN B 827 -34.46 -30.29 -39.21
N ALA B 828 -35.45 -30.72 -38.42
CA ALA B 828 -36.03 -29.83 -37.42
C ALA B 828 -35.20 -29.81 -36.15
N LEU B 829 -34.65 -30.95 -35.77
CA LEU B 829 -33.82 -31.04 -34.57
C LEU B 829 -32.39 -30.59 -34.80
N ASN B 830 -31.97 -30.39 -36.05
CA ASN B 830 -30.61 -30.03 -36.40
C ASN B 830 -29.62 -31.11 -35.98
N LEU B 831 -30.05 -32.35 -36.10
CA LEU B 831 -29.18 -33.52 -36.01
C LEU B 831 -29.25 -34.28 -37.32
N SER B 832 -28.55 -35.41 -37.38
CA SER B 832 -28.57 -36.22 -38.58
C SER B 832 -29.62 -37.31 -38.49
N GLU B 833 -30.08 -37.76 -39.67
CA GLU B 833 -30.91 -38.94 -39.75
C GLU B 833 -30.22 -40.16 -39.15
N GLU B 834 -28.91 -40.24 -39.31
CA GLU B 834 -28.18 -41.41 -38.88
C GLU B 834 -27.91 -41.41 -37.38
N VAL B 835 -28.43 -40.44 -36.65
CA VAL B 835 -28.51 -40.49 -35.18
C VAL B 835 -29.91 -40.82 -34.72
N ILE B 836 -30.92 -40.33 -35.42
CA ILE B 836 -32.29 -40.53 -34.98
C ILE B 836 -32.77 -41.93 -35.35
N THR B 837 -32.46 -42.41 -36.55
CA THR B 837 -32.82 -43.78 -36.86
C THR B 837 -32.17 -44.78 -35.92
N GLN B 838 -31.07 -44.39 -35.27
CA GLN B 838 -30.41 -45.24 -34.29
C GLN B 838 -31.02 -45.07 -32.91
N ALA B 839 -31.39 -43.85 -32.54
CA ALA B 839 -32.07 -43.63 -31.27
C ALA B 839 -33.43 -44.27 -31.25
N LEU B 840 -34.06 -44.46 -32.42
CA LEU B 840 -35.33 -45.19 -32.46
C LEU B 840 -35.14 -46.67 -32.19
N THR B 841 -34.02 -47.23 -32.65
CA THR B 841 -33.82 -48.68 -32.57
C THR B 841 -33.82 -49.17 -31.13
N LEU B 842 -33.30 -48.38 -30.20
CA LEU B 842 -33.44 -48.73 -28.79
C LEU B 842 -34.91 -48.64 -28.39
N ALA B 843 -35.49 -49.80 -28.06
CA ALA B 843 -36.94 -49.97 -27.99
C ALA B 843 -37.58 -49.62 -29.32
N GLY B 844 -37.15 -50.35 -30.34
CA GLY B 844 -37.34 -50.02 -31.74
C GLY B 844 -38.75 -49.84 -32.26
N GLN B 845 -39.01 -48.66 -32.83
CA GLN B 845 -40.17 -48.42 -33.68
C GLN B 845 -39.75 -47.69 -34.96
N LYS B 846 -38.65 -48.14 -35.56
CA LYS B 846 -37.87 -47.28 -36.46
C LYS B 846 -38.67 -46.65 -37.58
N PRO B 847 -39.33 -47.40 -38.48
CA PRO B 847 -39.81 -46.77 -39.71
C PRO B 847 -41.13 -46.01 -39.60
N GLU B 848 -42.00 -46.37 -38.67
CA GLU B 848 -43.31 -45.71 -38.56
C GLU B 848 -43.36 -44.81 -37.33
N LEU B 849 -43.06 -43.53 -37.56
CA LEU B 849 -43.23 -42.50 -36.54
C LEU B 849 -44.66 -41.97 -36.62
N THR B 850 -45.55 -42.58 -35.85
CA THR B 850 -46.96 -42.30 -35.96
C THR B 850 -47.54 -41.57 -34.77
N THR B 851 -47.07 -41.83 -33.57
CA THR B 851 -47.66 -41.28 -32.36
C THR B 851 -46.64 -40.45 -31.61
N TRP B 852 -47.15 -39.52 -30.80
CA TRP B 852 -46.27 -38.72 -29.97
C TRP B 852 -45.52 -39.56 -28.96
N ALA B 853 -46.07 -40.71 -28.56
CA ALA B 853 -45.36 -41.57 -27.62
C ALA B 853 -44.02 -42.02 -28.15
N GLN B 854 -43.88 -42.17 -29.46
CA GLN B 854 -42.60 -42.52 -30.06
C GLN B 854 -41.58 -41.40 -29.97
N LEU B 855 -42.03 -40.16 -29.83
CA LEU B 855 -41.10 -39.03 -29.73
C LEU B 855 -40.60 -38.80 -28.32
N ALA B 856 -41.38 -39.18 -27.31
CA ALA B 856 -40.91 -39.07 -25.93
C ALA B 856 -39.83 -40.09 -25.61
N VAL B 857 -39.56 -41.03 -26.52
CA VAL B 857 -38.45 -41.96 -26.32
C VAL B 857 -37.13 -41.30 -26.68
N LEU B 858 -37.15 -40.32 -27.60
CA LEU B 858 -35.90 -39.71 -28.05
C LEU B 858 -35.13 -39.01 -26.94
N PRO B 859 -35.68 -38.05 -26.20
CA PRO B 859 -34.86 -37.17 -25.37
C PRO B 859 -33.94 -37.92 -24.41
N PRO B 860 -34.38 -39.00 -23.75
CA PRO B 860 -33.43 -39.73 -22.91
C PRO B 860 -32.25 -40.31 -23.69
N ARG B 861 -32.52 -40.95 -24.82
CA ARG B 861 -31.44 -41.54 -25.61
C ARG B 861 -30.52 -40.46 -26.16
N LEU B 862 -31.09 -39.34 -26.60
CA LEU B 862 -30.27 -38.26 -27.13
C LEU B 862 -29.41 -37.66 -26.04
N ASP B 863 -29.96 -37.45 -24.84
CA ASP B 863 -29.16 -36.90 -23.76
C ASP B 863 -28.07 -37.86 -23.34
N LEU B 864 -28.35 -39.17 -23.35
CA LEU B 864 -27.30 -40.13 -23.04
C LEU B 864 -26.19 -40.12 -24.07
N ALA B 865 -26.54 -40.21 -25.35
CA ALA B 865 -25.54 -40.16 -26.41
C ALA B 865 -24.88 -38.81 -26.55
N ASP B 866 -25.38 -37.78 -25.85
CA ASP B 866 -24.67 -36.52 -25.78
C ASP B 866 -23.72 -36.46 -24.60
N THR B 867 -24.13 -37.04 -23.46
CA THR B 867 -23.27 -37.00 -22.29
C THR B 867 -22.14 -38.01 -22.40
N LEU B 868 -22.29 -39.04 -23.22
CA LEU B 868 -21.17 -39.85 -23.68
C LEU B 868 -21.01 -39.58 -25.17
N HIS B 869 -19.86 -39.07 -25.57
CA HIS B 869 -19.75 -38.62 -26.94
C HIS B 869 -19.74 -39.81 -27.89
N ILE B 870 -20.88 -40.47 -28.02
CA ILE B 870 -21.05 -41.62 -28.89
C ILE B 870 -22.43 -41.52 -29.53
N THR B 871 -22.64 -42.33 -30.54
CA THR B 871 -23.95 -42.38 -31.17
C THR B 871 -24.83 -43.38 -30.45
N PRO B 872 -26.15 -43.22 -30.52
CA PRO B 872 -27.04 -44.16 -29.82
C PRO B 872 -26.88 -45.59 -30.27
N LYS B 873 -26.41 -45.82 -31.50
CA LYS B 873 -26.05 -47.18 -31.87
C LYS B 873 -24.91 -47.69 -31.01
N ASP B 874 -24.06 -46.81 -30.51
CA ASP B 874 -22.98 -47.18 -29.62
C ASP B 874 -23.42 -47.28 -28.17
N ILE B 875 -24.65 -46.88 -27.87
CA ILE B 875 -25.20 -47.04 -26.52
C ILE B 875 -25.71 -48.45 -26.28
N THR B 876 -26.19 -49.16 -27.30
CA THR B 876 -26.63 -50.53 -27.08
C THR B 876 -25.47 -51.42 -26.67
N THR B 877 -24.27 -51.13 -27.17
CA THR B 877 -23.11 -51.90 -26.74
C THR B 877 -22.80 -51.66 -25.28
N LEU B 878 -22.79 -50.38 -24.88
CA LEU B 878 -22.61 -50.08 -23.47
C LEU B 878 -23.61 -50.81 -22.61
N LEU B 879 -24.87 -50.87 -23.05
CA LEU B 879 -25.86 -51.55 -22.23
C LEU B 879 -25.71 -53.06 -22.22
N THR B 880 -25.42 -53.70 -23.35
CA THR B 880 -25.35 -55.15 -23.30
C THR B 880 -24.10 -55.64 -22.61
N VAL B 881 -22.99 -54.90 -22.73
CA VAL B 881 -21.77 -55.34 -22.09
C VAL B 881 -21.74 -54.94 -20.63
N SER B 882 -22.15 -53.73 -20.30
CA SER B 882 -22.07 -53.26 -18.92
C SER B 882 -23.04 -53.97 -18.01
N GLU B 883 -24.02 -54.68 -18.56
CA GLU B 883 -24.97 -55.47 -17.80
C GLU B 883 -24.67 -56.95 -17.85
N ASN B 884 -23.82 -57.37 -18.77
CA ASN B 884 -23.42 -58.76 -18.82
C ASN B 884 -22.56 -59.06 -17.60
N VAL B 885 -22.56 -60.32 -17.19
CA VAL B 885 -21.84 -60.71 -15.99
C VAL B 885 -20.45 -61.24 -16.31
N ARG B 886 -20.31 -62.01 -17.40
CA ARG B 886 -19.03 -62.53 -17.86
C ARG B 886 -18.79 -62.01 -19.26
N PRO B 887 -18.51 -60.71 -19.40
CA PRO B 887 -18.34 -60.14 -20.74
C PRO B 887 -17.08 -60.67 -21.39
N PHE B 888 -17.16 -60.85 -22.71
CA PHE B 888 -15.98 -61.26 -23.44
C PHE B 888 -14.94 -60.15 -23.42
N TYR B 889 -13.67 -60.56 -23.43
CA TYR B 889 -12.61 -59.57 -23.45
C TYR B 889 -12.64 -58.75 -24.73
N THR B 890 -12.98 -59.36 -25.85
CA THR B 890 -13.06 -58.61 -27.10
C THR B 890 -14.17 -57.56 -27.03
N ASP B 891 -15.34 -57.95 -26.54
CA ASP B 891 -16.44 -57.01 -26.37
C ASP B 891 -16.06 -55.88 -25.44
N LEU B 892 -15.40 -56.21 -24.34
CA LEU B 892 -15.00 -55.20 -23.37
C LEU B 892 -13.99 -54.24 -23.96
N SER B 893 -13.07 -54.74 -24.77
CA SER B 893 -12.09 -53.87 -25.41
C SER B 893 -12.75 -52.98 -26.45
N ALA B 894 -13.71 -53.54 -27.20
CA ALA B 894 -14.44 -52.73 -28.17
C ALA B 894 -15.28 -51.65 -27.52
N LEU B 895 -15.79 -51.90 -26.33
CA LEU B 895 -16.50 -50.84 -25.62
C LEU B 895 -15.54 -49.81 -25.06
N ALA B 896 -14.39 -50.25 -24.54
CA ALA B 896 -13.42 -49.31 -23.99
C ALA B 896 -12.93 -48.35 -25.06
N GLY B 897 -12.48 -48.89 -26.19
CA GLY B 897 -12.05 -48.03 -27.26
C GLY B 897 -13.15 -47.12 -27.75
N LEU B 898 -14.39 -47.61 -27.75
CA LEU B 898 -15.51 -46.77 -28.13
C LEU B 898 -15.63 -45.56 -27.21
N LEU B 899 -15.66 -45.79 -25.91
CA LEU B 899 -15.78 -44.70 -24.96
C LEU B 899 -14.56 -43.78 -24.99
N GLN B 900 -13.40 -44.31 -25.36
CA GLN B 900 -12.18 -43.52 -25.31
C GLN B 900 -11.96 -42.70 -26.56
N ALA B 901 -12.51 -43.14 -27.70
CA ALA B 901 -12.36 -42.36 -28.92
C ALA B 901 -13.02 -41.00 -28.78
N GLY B 902 -14.12 -40.91 -28.06
CA GLY B 902 -14.81 -39.64 -27.94
C GLY B 902 -14.27 -38.72 -26.88
N LEU B 903 -13.09 -38.98 -26.36
CA LEU B 903 -12.56 -38.16 -25.29
C LEU B 903 -11.78 -36.97 -25.84
N ASN B 904 -11.69 -35.93 -25.03
CA ASN B 904 -10.85 -34.78 -25.29
C ASN B 904 -9.39 -35.22 -25.35
N GLU B 905 -8.53 -34.37 -25.89
CA GLU B 905 -7.12 -34.71 -25.94
C GLU B 905 -6.48 -34.69 -24.56
N GLN B 906 -6.68 -33.62 -23.81
CA GLN B 906 -6.15 -33.61 -22.46
C GLN B 906 -6.86 -34.64 -21.61
N GLN B 907 -8.08 -35.00 -22.00
CA GLN B 907 -8.80 -36.03 -21.26
C GLN B 907 -8.16 -37.40 -21.46
N THR B 908 -7.83 -37.77 -22.69
CA THR B 908 -7.15 -39.04 -22.85
C THR B 908 -5.77 -39.00 -22.24
N LYS B 909 -5.12 -37.84 -22.19
CA LYS B 909 -3.84 -37.78 -21.48
C LYS B 909 -4.01 -38.01 -19.99
N GLN B 910 -5.06 -37.44 -19.39
CA GLN B 910 -5.30 -37.68 -17.97
C GLN B 910 -5.68 -39.13 -17.71
N LEU B 911 -6.46 -39.72 -18.61
CA LEU B 911 -6.79 -41.13 -18.48
C LEU B 911 -5.54 -41.99 -18.52
N GLN B 912 -4.60 -41.66 -19.41
CA GLN B 912 -3.36 -42.43 -19.47
C GLN B 912 -2.51 -42.21 -18.23
N ASN B 913 -2.48 -40.98 -17.72
CA ASN B 913 -1.74 -40.71 -16.49
C ASN B 913 -2.32 -41.48 -15.33
N GLN B 914 -3.60 -41.80 -15.38
CA GLN B 914 -4.22 -42.62 -14.36
C GLN B 914 -4.03 -44.11 -14.59
N SER B 915 -3.94 -44.54 -15.83
CA SER B 915 -3.90 -45.97 -16.12
C SER B 915 -2.49 -46.53 -16.02
N GLU B 916 -1.48 -45.76 -16.38
CA GLU B 916 -0.13 -46.29 -16.41
C GLU B 916 0.35 -46.75 -15.03
N PRO B 917 0.13 -45.98 -13.96
CA PRO B 917 0.49 -46.49 -12.63
C PRO B 917 -0.24 -47.75 -12.25
N ARG B 918 -1.51 -47.88 -12.62
CA ARG B 918 -2.25 -49.09 -12.27
C ARG B 918 -1.67 -50.31 -12.98
N ARG B 919 -1.37 -50.20 -14.26
CA ARG B 919 -0.79 -51.36 -14.92
C ARG B 919 0.62 -51.62 -14.48
N ASN B 920 1.37 -50.61 -14.04
CA ASN B 920 2.65 -50.91 -13.42
C ASN B 920 2.46 -51.67 -12.13
N GLU B 921 1.48 -51.28 -11.34
CA GLU B 921 1.21 -51.98 -10.09
C GLU B 921 0.89 -53.44 -10.35
N ALA B 922 0.01 -53.70 -11.32
CA ALA B 922 -0.35 -55.07 -11.64
C ALA B 922 0.84 -55.85 -12.19
N LEU B 923 1.58 -55.25 -13.12
CA LEU B 923 2.75 -55.90 -13.66
C LEU B 923 3.76 -56.21 -12.59
N SER B 924 3.93 -55.31 -11.61
CA SER B 924 4.89 -55.52 -10.55
C SER B 924 4.47 -56.67 -9.65
N GLY B 925 3.19 -56.70 -9.29
CA GLY B 925 2.69 -57.82 -8.52
C GLY B 925 2.95 -59.13 -9.23
N GLU B 926 2.58 -59.21 -10.49
CA GLU B 926 2.77 -60.46 -11.21
C GLU B 926 4.24 -60.77 -11.44
N TYR B 927 5.09 -59.76 -11.55
CA TYR B 927 6.50 -59.97 -11.75
C TYR B 927 7.10 -60.68 -10.56
N ARG B 928 6.92 -60.12 -9.38
CA ARG B 928 7.49 -60.77 -8.22
C ARG B 928 6.75 -62.05 -7.86
N SER B 929 5.56 -62.28 -8.39
CA SER B 929 4.92 -63.57 -8.18
C SER B 929 5.51 -64.64 -9.09
N LEU B 930 5.80 -64.32 -10.34
CA LEU B 930 6.22 -65.30 -11.33
C LEU B 930 7.73 -65.35 -11.49
N VAL B 931 8.36 -64.24 -11.85
CA VAL B 931 9.81 -64.23 -12.05
C VAL B 931 10.54 -64.36 -10.73
N MET B 932 10.35 -63.41 -9.82
CA MET B 932 11.09 -63.42 -8.57
C MET B 932 10.69 -64.57 -7.66
N ASN B 933 9.61 -65.29 -7.98
CA ASN B 933 9.16 -66.44 -7.22
C ASN B 933 8.98 -66.12 -5.74
N ASN B 934 8.64 -64.88 -5.44
CA ASN B 934 8.51 -64.43 -4.05
C ASN B 934 7.35 -63.44 -3.96
N PRO B 935 6.12 -63.94 -4.03
CA PRO B 935 4.96 -63.03 -4.09
C PRO B 935 4.83 -62.11 -2.90
N VAL B 936 5.45 -62.42 -1.78
CA VAL B 936 5.30 -61.60 -0.59
C VAL B 936 6.29 -60.44 -0.61
N ALA B 937 7.16 -60.39 -1.62
CA ALA B 937 8.19 -59.37 -1.66
C ALA B 937 7.58 -57.97 -1.72
N ASP B 938 8.33 -57.00 -1.24
CA ASP B 938 7.91 -55.62 -1.37
C ASP B 938 8.10 -55.16 -2.81
N ARG B 939 7.40 -54.09 -3.18
CA ARG B 939 7.56 -53.61 -4.54
C ARG B 939 8.87 -52.88 -4.72
N ASP B 940 9.44 -52.35 -3.64
CA ASP B 940 10.78 -51.79 -3.74
C ASP B 940 11.83 -52.84 -4.03
N ASP B 941 11.57 -54.11 -3.73
CA ASP B 941 12.54 -55.12 -4.10
C ASP B 941 12.63 -55.25 -5.61
N ILE B 942 11.56 -54.96 -6.33
CA ILE B 942 11.68 -54.83 -7.77
C ILE B 942 12.59 -53.68 -8.14
N TRP B 943 12.50 -52.55 -7.45
CA TRP B 943 13.41 -51.44 -7.69
C TRP B 943 14.85 -51.83 -7.45
N ARG B 944 15.13 -52.49 -6.35
CA ARG B 944 16.50 -52.86 -6.02
C ARG B 944 17.02 -53.96 -6.92
N ASN B 945 16.14 -54.83 -7.41
CA ASN B 945 16.57 -55.95 -8.21
C ASN B 945 16.65 -55.62 -9.69
N LEU B 946 15.90 -54.62 -10.13
CA LEU B 946 15.80 -54.31 -11.53
C LEU B 946 16.30 -52.92 -11.87
N LEU B 947 16.76 -52.16 -10.87
CA LEU B 947 17.38 -50.86 -11.04
C LEU B 947 16.48 -49.87 -11.74
N VAL B 948 15.17 -49.96 -11.55
CA VAL B 948 14.23 -49.00 -12.10
C VAL B 948 13.11 -48.80 -11.09
N ASP B 949 12.68 -47.55 -10.94
CA ASP B 949 11.60 -47.26 -10.01
C ASP B 949 10.27 -47.31 -10.75
N GLY B 950 9.34 -48.10 -10.20
CA GLY B 950 8.05 -48.24 -10.82
C GLY B 950 6.99 -47.37 -10.17
N LYS B 951 7.25 -46.92 -8.95
CA LYS B 951 6.26 -46.14 -8.23
C LYS B 951 6.22 -44.69 -8.66
N VAL B 952 6.91 -44.33 -9.73
CA VAL B 952 6.87 -42.95 -10.21
C VAL B 952 5.51 -42.65 -10.79
N SER B 953 5.16 -41.36 -10.84
CA SER B 953 3.95 -40.98 -11.53
C SER B 953 4.19 -40.96 -13.03
N ALA B 954 3.13 -40.81 -13.79
CA ALA B 954 3.24 -40.86 -15.24
C ALA B 954 3.83 -39.60 -15.84
N GLU B 955 4.11 -38.58 -15.03
CA GLU B 955 4.66 -37.34 -15.54
C GLU B 955 6.16 -37.25 -15.42
N ILE B 956 6.78 -38.11 -14.61
CA ILE B 956 8.23 -38.07 -14.43
C ILE B 956 8.87 -38.55 -15.72
N THR B 957 9.46 -37.63 -16.47
CA THR B 957 10.13 -37.95 -17.72
C THR B 957 11.63 -37.82 -17.57
N THR B 958 12.35 -38.78 -18.12
CA THR B 958 13.80 -38.77 -18.15
C THR B 958 14.26 -39.25 -19.51
N THR B 959 15.51 -38.96 -19.85
CA THR B 959 16.02 -39.55 -21.07
C THR B 959 16.30 -41.02 -20.84
N LEU B 960 16.94 -41.64 -21.83
CA LEU B 960 17.16 -43.08 -21.73
C LEU B 960 18.55 -43.39 -21.23
N LEU B 961 19.55 -42.64 -21.72
CA LEU B 961 20.87 -42.69 -21.11
C LEU B 961 20.80 -42.30 -19.64
N ALA B 962 20.01 -41.29 -19.30
CA ALA B 962 19.94 -40.87 -17.90
C ALA B 962 19.34 -41.96 -17.03
N ASP B 963 18.40 -42.73 -17.56
CA ASP B 963 17.85 -43.82 -16.77
C ASP B 963 18.85 -44.94 -16.62
N ALA B 964 19.61 -45.24 -17.68
CA ALA B 964 20.67 -46.22 -17.54
C ALA B 964 21.68 -45.78 -16.50
N ILE B 965 22.01 -44.50 -16.49
CA ILE B 965 22.98 -43.96 -15.54
C ILE B 965 22.46 -44.09 -14.13
N ALA B 966 21.21 -43.68 -13.90
CA ALA B 966 20.66 -43.80 -12.56
C ALA B 966 20.59 -45.26 -12.11
N GLY B 967 20.32 -46.17 -13.04
CA GLY B 967 20.31 -47.57 -12.66
C GLY B 967 21.67 -48.07 -12.25
N ILE B 968 22.70 -47.79 -13.05
CA ILE B 968 24.01 -48.31 -12.69
C ILE B 968 24.53 -47.61 -11.44
N GLN B 969 24.11 -46.37 -11.19
CA GLN B 969 24.53 -45.70 -9.97
C GLN B 969 23.89 -46.34 -8.76
N LEU B 970 22.59 -46.62 -8.82
CA LEU B 970 21.96 -47.34 -7.72
C LEU B 970 22.61 -48.69 -7.51
N TYR B 971 22.97 -49.37 -8.59
CA TYR B 971 23.62 -50.66 -8.46
C TYR B 971 24.95 -50.54 -7.76
N ILE B 972 25.75 -49.54 -8.12
CA ILE B 972 27.06 -49.39 -7.52
C ILE B 972 26.95 -49.00 -6.07
N ASN B 973 26.00 -48.12 -5.74
CA ASN B 973 25.81 -47.78 -4.34
C ASN B 973 25.41 -49.00 -3.53
N ARG B 974 24.46 -49.78 -4.02
CA ARG B 974 24.02 -50.92 -3.24
C ARG B 974 25.10 -51.97 -3.12
N THR B 975 25.92 -52.16 -4.14
CA THR B 975 26.98 -53.14 -4.02
C THR B 975 28.17 -52.63 -3.24
N ILE B 976 28.30 -51.32 -3.08
CA ILE B 976 29.40 -50.76 -2.29
C ILE B 976 29.00 -50.61 -0.84
N ALA B 977 27.70 -50.60 -0.55
CA ALA B 977 27.19 -50.60 0.81
C ALA B 977 26.84 -51.99 1.30
N GLY B 978 27.20 -53.02 0.54
CA GLY B 978 27.04 -54.38 0.97
C GLY B 978 25.66 -54.98 0.76
N ASP B 979 24.71 -54.21 0.25
CA ASP B 979 23.38 -54.74 0.02
C ASP B 979 23.34 -55.74 -1.12
N GLU B 980 24.38 -55.81 -1.94
CA GLU B 980 24.48 -56.79 -3.02
C GLU B 980 25.65 -57.69 -2.70
N PRO B 981 25.47 -58.71 -1.87
CA PRO B 981 26.59 -59.53 -1.44
C PRO B 981 27.19 -60.32 -2.57
N GLY B 982 28.45 -60.69 -2.39
CA GLY B 982 29.17 -61.43 -3.39
C GLY B 982 29.99 -60.59 -4.33
N ALA B 983 30.09 -59.29 -4.08
CA ALA B 983 30.82 -58.41 -4.97
C ALA B 983 32.30 -58.76 -4.96
N ASP B 984 32.99 -58.29 -6.00
CA ASP B 984 34.44 -58.45 -6.05
C ASP B 984 35.07 -57.38 -5.18
N SER B 985 35.50 -57.77 -3.97
CA SER B 985 36.11 -56.80 -3.07
C SER B 985 37.37 -56.21 -3.68
N ASP B 986 38.11 -57.00 -4.45
CA ASP B 986 39.31 -56.46 -5.07
C ASP B 986 38.96 -55.37 -6.07
N ALA B 987 37.87 -55.55 -6.81
CA ALA B 987 37.42 -54.51 -7.72
C ALA B 987 36.85 -53.31 -6.98
N LEU B 988 36.20 -53.52 -5.85
CA LEU B 988 35.72 -52.40 -5.07
C LEU B 988 36.86 -51.61 -4.44
N GLU B 989 38.02 -52.22 -4.27
CA GLU B 989 39.18 -51.51 -3.75
C GLU B 989 40.00 -50.90 -4.89
N ARG B 990 39.33 -50.20 -5.78
CA ARG B 990 39.94 -49.70 -7.00
C ARG B 990 39.68 -48.21 -7.10
N GLN B 991 40.62 -47.49 -7.68
CA GLN B 991 40.58 -46.03 -7.62
C GLN B 991 39.23 -45.45 -8.01
N PHE B 992 38.57 -46.01 -9.01
CA PHE B 992 37.27 -45.47 -9.41
C PHE B 992 36.29 -45.48 -8.25
N PHE B 993 36.21 -46.59 -7.52
CA PHE B 993 35.31 -46.69 -6.38
C PHE B 993 35.88 -46.09 -5.11
N LYS B 994 37.20 -45.96 -5.03
CA LYS B 994 37.80 -45.31 -3.88
C LYS B 994 37.49 -43.83 -3.90
N ASP B 995 37.48 -43.25 -5.09
CA ASP B 995 37.06 -41.86 -5.29
C ASP B 995 35.58 -41.80 -5.63
N TRP B 996 34.80 -42.76 -5.16
CA TRP B 996 33.40 -42.87 -5.57
C TRP B 996 32.61 -41.68 -5.07
N ASP B 997 32.50 -41.53 -3.76
CA ASP B 997 31.62 -40.49 -3.23
C ASP B 997 32.14 -39.10 -3.56
N ALA B 998 33.44 -38.91 -3.53
CA ALA B 998 33.99 -37.59 -3.74
C ALA B 998 33.79 -37.13 -5.18
N CYS B 999 34.16 -37.97 -6.14
CA CYS B 999 34.19 -37.56 -7.53
C CYS B 999 33.23 -38.34 -8.43
N ASN B 1000 33.33 -39.66 -8.49
CA ASN B 1000 32.65 -40.41 -9.54
C ASN B 1000 31.20 -40.74 -9.24
N LYS B 1001 30.70 -40.37 -8.07
CA LYS B 1001 29.35 -40.78 -7.72
C LYS B 1001 28.31 -40.05 -8.54
N ARG B 1002 28.49 -38.78 -8.82
CA ARG B 1002 27.52 -38.00 -9.56
C ARG B 1002 28.13 -37.48 -10.83
N TYR B 1003 27.31 -37.38 -11.88
CA TYR B 1003 27.83 -36.93 -13.15
C TYR B 1003 28.42 -35.54 -13.03
N SER B 1004 27.83 -34.71 -12.19
CA SER B 1004 28.36 -33.36 -12.00
C SER B 1004 29.83 -33.39 -11.66
N THR B 1005 30.18 -34.07 -10.59
CA THR B 1005 31.55 -34.07 -10.12
C THR B 1005 32.45 -34.99 -10.92
N TRP B 1006 31.91 -35.97 -11.63
CA TRP B 1006 32.76 -36.72 -12.54
C TRP B 1006 33.20 -35.85 -13.70
N ALA B 1007 32.26 -35.13 -14.30
CA ALA B 1007 32.62 -34.26 -15.41
C ALA B 1007 33.52 -33.13 -14.94
N GLY B 1008 33.21 -32.52 -13.81
CA GLY B 1008 34.04 -31.43 -13.32
C GLY B 1008 35.45 -31.84 -12.99
N VAL B 1009 35.64 -33.07 -12.54
CA VAL B 1009 36.97 -33.56 -12.22
C VAL B 1009 37.71 -34.00 -13.46
N SER B 1010 37.00 -34.59 -14.42
CA SER B 1010 37.66 -34.99 -15.65
C SER B 1010 38.09 -33.79 -16.48
N GLN B 1011 37.33 -32.72 -16.44
CA GLN B 1011 37.73 -31.54 -17.19
C GLN B 1011 38.94 -30.88 -16.61
N LEU B 1012 39.35 -31.24 -15.42
CA LEU B 1012 40.41 -30.50 -14.75
C LEU B 1012 41.78 -30.84 -15.30
N VAL B 1013 41.93 -31.95 -16.00
CA VAL B 1013 43.20 -32.26 -16.62
C VAL B 1013 43.33 -31.52 -17.94
N TYR B 1014 42.21 -31.22 -18.59
CA TYR B 1014 42.25 -30.66 -19.92
C TYR B 1014 42.08 -29.17 -19.93
N TYR B 1015 41.22 -28.63 -19.08
CA TYR B 1015 40.98 -27.19 -19.00
C TYR B 1015 41.19 -26.73 -17.57
N PRO B 1016 42.42 -26.73 -17.08
CA PRO B 1016 42.64 -26.21 -15.74
C PRO B 1016 42.39 -24.73 -15.65
N GLU B 1017 42.56 -23.98 -16.74
CA GLU B 1017 42.27 -22.57 -16.73
C GLU B 1017 40.84 -22.27 -16.32
N ASN B 1018 39.94 -23.23 -16.47
CA ASN B 1018 38.57 -23.03 -16.00
C ASN B 1018 38.52 -22.95 -14.49
N PHE B 1019 39.47 -23.57 -13.80
CA PHE B 1019 39.46 -23.65 -12.36
C PHE B 1019 40.61 -22.90 -11.71
N VAL B 1020 41.64 -22.54 -12.47
CA VAL B 1020 42.72 -21.77 -11.91
C VAL B 1020 42.19 -20.43 -11.42
N ASP B 1021 42.45 -20.13 -10.17
CA ASP B 1021 42.13 -18.83 -9.62
C ASP B 1021 43.44 -18.08 -9.43
N PRO B 1022 43.62 -16.94 -10.08
CA PRO B 1022 44.91 -16.26 -10.01
C PRO B 1022 45.27 -15.77 -8.64
N THR B 1023 44.36 -15.80 -7.68
CA THR B 1023 44.64 -15.26 -6.36
C THR B 1023 44.98 -16.38 -5.39
N LEU B 1024 44.17 -17.41 -5.36
CA LEU B 1024 44.33 -18.54 -4.46
C LEU B 1024 44.98 -19.69 -5.20
N ARG B 1025 46.16 -20.11 -4.75
CA ARG B 1025 46.90 -21.18 -5.37
C ARG B 1025 47.50 -22.05 -4.28
N THR B 1026 47.55 -23.35 -4.52
CA THR B 1026 48.19 -24.22 -3.56
C THR B 1026 49.69 -24.01 -3.57
N GLY B 1027 50.30 -24.06 -2.39
CA GLY B 1027 51.72 -23.83 -2.33
C GLY B 1027 52.11 -22.38 -2.47
N GLN B 1028 51.16 -21.47 -2.37
CA GLN B 1028 51.46 -20.05 -2.43
C GLN B 1028 52.32 -19.65 -1.26
N THR B 1029 53.42 -18.97 -1.53
CA THR B 1029 54.35 -18.60 -0.49
C THR B 1029 53.71 -17.60 0.48
N GLY B 1030 54.32 -17.48 1.65
CA GLY B 1030 53.87 -16.49 2.60
C GLY B 1030 53.99 -15.09 2.10
N MET B 1031 55.01 -14.84 1.27
CA MET B 1031 55.16 -13.51 0.68
C MET B 1031 53.95 -13.16 -0.17
N MET B 1032 53.57 -14.06 -1.06
CA MET B 1032 52.42 -13.78 -1.91
C MET B 1032 51.15 -13.71 -1.08
N ASN B 1033 51.07 -14.49 -0.02
CA ASN B 1033 49.92 -14.41 0.85
C ASN B 1033 49.80 -13.02 1.46
N THR B 1034 50.88 -12.49 2.03
CA THR B 1034 50.81 -11.18 2.64
C THR B 1034 50.63 -10.08 1.61
N MET B 1035 51.03 -10.29 0.38
CA MET B 1035 50.76 -9.26 -0.62
C MET B 1035 49.30 -9.25 -1.01
N LEU B 1036 48.70 -10.42 -1.21
CA LEU B 1036 47.28 -10.51 -1.49
C LEU B 1036 46.44 -9.97 -0.34
N GLU B 1037 46.88 -10.23 0.88
CA GLU B 1037 46.29 -9.61 2.05
C GLU B 1037 46.24 -8.10 1.92
N GLN B 1038 47.32 -7.50 1.44
CA GLN B 1038 47.39 -6.04 1.42
C GLN B 1038 46.77 -5.44 0.18
N LEU B 1039 46.48 -6.25 -0.83
CA LEU B 1039 45.70 -5.80 -1.97
C LEU B 1039 44.24 -6.15 -1.84
N SER B 1040 43.80 -6.65 -0.70
CA SER B 1040 42.43 -7.11 -0.55
C SER B 1040 41.47 -6.01 -0.14
N GLN B 1041 41.90 -4.76 -0.11
CA GLN B 1041 40.98 -3.67 0.12
C GLN B 1041 40.36 -3.24 -1.21
N SER B 1042 39.58 -2.17 -1.17
CA SER B 1042 38.89 -1.72 -2.36
C SER B 1042 39.62 -0.59 -3.07
N GLU B 1043 40.37 0.22 -2.33
CA GLU B 1043 41.09 1.35 -2.94
C GLU B 1043 42.48 0.89 -3.29
N LEU B 1044 42.67 0.42 -4.52
CA LEU B 1044 43.97 0.02 -5.03
C LEU B 1044 44.48 1.14 -5.93
N ASN B 1045 45.04 2.18 -5.33
CA ASN B 1045 45.64 3.21 -6.15
C ASN B 1045 47.11 2.86 -6.34
N LYS B 1046 47.80 3.60 -7.19
CA LYS B 1046 49.17 3.24 -7.52
C LYS B 1046 50.04 3.25 -6.29
N ASP B 1047 49.73 4.07 -5.30
CA ASP B 1047 50.55 4.14 -4.11
C ASP B 1047 50.49 2.84 -3.31
N THR B 1048 49.30 2.32 -3.02
CA THR B 1048 49.24 1.05 -2.30
C THR B 1048 49.72 -0.09 -3.19
N LEU B 1049 49.46 0.02 -4.48
CA LEU B 1049 49.84 -1.04 -5.40
C LEU B 1049 51.33 -1.14 -5.58
N GLU B 1050 52.06 -0.06 -5.32
CA GLU B 1050 53.51 -0.07 -5.35
C GLU B 1050 54.10 -0.36 -4.00
N ASN B 1051 53.48 0.11 -2.92
CA ASN B 1051 53.96 -0.25 -1.60
C ASN B 1051 53.88 -1.74 -1.37
N GLY B 1052 52.76 -2.35 -1.76
CA GLY B 1052 52.66 -3.79 -1.67
C GLY B 1052 53.76 -4.50 -2.43
N PHE B 1053 54.11 -3.98 -3.61
CA PHE B 1053 55.11 -4.68 -4.40
C PHE B 1053 56.50 -4.46 -3.86
N ARG B 1054 56.79 -3.29 -3.31
CA ARG B 1054 58.08 -3.09 -2.67
C ARG B 1054 58.22 -3.98 -1.46
N GLN B 1055 57.14 -4.20 -0.72
CA GLN B 1055 57.25 -5.08 0.44
C GLN B 1055 57.39 -6.53 0.03
N TYR B 1056 56.61 -6.96 -0.95
CA TYR B 1056 56.81 -8.28 -1.51
C TYR B 1056 58.24 -8.45 -1.98
N LEU B 1057 58.80 -7.41 -2.58
CA LEU B 1057 60.13 -7.53 -3.14
C LEU B 1057 61.19 -7.56 -2.05
N THR B 1058 60.96 -6.89 -0.93
CA THR B 1058 61.87 -7.04 0.19
C THR B 1058 61.88 -8.47 0.70
N ALA B 1059 60.70 -9.05 0.91
CA ALA B 1059 60.66 -10.43 1.37
C ALA B 1059 61.27 -11.38 0.36
N PHE B 1060 61.01 -11.13 -0.92
CA PHE B 1060 61.58 -11.95 -1.97
C PHE B 1060 63.10 -11.86 -1.97
N GLU B 1061 63.64 -10.65 -1.84
CA GLU B 1061 65.08 -10.51 -1.78
C GLU B 1061 65.66 -11.30 -0.63
N GLN B 1062 65.00 -11.27 0.52
CA GLN B 1062 65.53 -12.02 1.66
C GLN B 1062 65.52 -13.51 1.40
N VAL B 1063 64.44 -14.04 0.85
CA VAL B 1063 64.40 -15.48 0.60
C VAL B 1063 65.26 -15.89 -0.60
N ALA B 1064 65.67 -14.95 -1.43
CA ALA B 1064 66.58 -15.29 -2.50
C ALA B 1064 68.04 -15.20 -2.08
N ASP B 1065 68.36 -14.44 -1.06
CA ASP B 1065 69.75 -14.36 -0.61
C ASP B 1065 70.19 -15.55 0.22
N LEU B 1066 69.31 -16.49 0.53
CA LEU B 1066 69.65 -17.54 1.48
C LEU B 1066 70.80 -18.38 0.96
N LYS B 1067 71.84 -18.53 1.76
CA LYS B 1067 72.92 -19.44 1.45
C LYS B 1067 72.78 -20.67 2.31
N VAL B 1068 73.07 -21.82 1.72
CA VAL B 1068 72.88 -23.10 2.41
C VAL B 1068 74.06 -23.31 3.34
N VAL B 1069 73.77 -23.60 4.60
CA VAL B 1069 74.80 -23.86 5.59
C VAL B 1069 75.18 -25.32 5.60
N SER B 1070 74.20 -26.20 5.81
CA SER B 1070 74.49 -27.61 6.01
C SER B 1070 73.28 -28.40 5.58
N GLY B 1071 73.48 -29.68 5.36
CA GLY B 1071 72.42 -30.55 4.94
C GLY B 1071 72.49 -31.87 5.67
N TYR B 1072 71.47 -32.69 5.44
CA TYR B 1072 71.44 -34.04 5.99
C TYR B 1072 70.58 -34.87 5.08
N HIS B 1073 71.10 -35.98 4.61
CA HIS B 1073 70.36 -36.80 3.67
C HIS B 1073 69.60 -37.89 4.39
N ASP B 1074 68.33 -38.02 4.04
CA ASP B 1074 67.40 -38.88 4.74
C ASP B 1074 67.80 -40.34 4.73
N THR B 1075 67.89 -40.94 3.55
CA THR B 1075 68.23 -42.35 3.43
C THR B 1075 69.72 -42.52 3.32
N VAL B 1076 70.16 -43.75 3.09
CA VAL B 1076 71.57 -44.08 3.01
C VAL B 1076 72.06 -44.13 1.56
N ASN B 1077 71.15 -44.43 0.63
CA ASN B 1077 71.47 -44.32 -0.79
C ASN B 1077 71.09 -42.92 -1.26
N ILE B 1078 72.09 -42.12 -1.65
CA ILE B 1078 71.85 -40.71 -1.94
C ILE B 1078 71.01 -40.49 -3.19
N ASN B 1079 70.54 -41.53 -3.84
CA ASN B 1079 69.65 -41.37 -4.97
C ASN B 1079 68.19 -41.44 -4.58
N GLN B 1080 67.89 -41.61 -3.30
CA GLN B 1080 66.53 -41.74 -2.83
C GLN B 1080 66.33 -40.89 -1.59
N GLY B 1081 65.10 -40.86 -1.10
CA GLY B 1081 64.84 -40.12 0.12
C GLY B 1081 64.93 -38.64 -0.09
N ASN B 1082 65.04 -37.86 0.97
CA ASN B 1082 65.06 -36.42 0.88
C ASN B 1082 66.37 -35.90 1.43
N THR B 1083 66.70 -34.66 1.06
CA THR B 1083 67.87 -33.98 1.60
C THR B 1083 67.38 -32.71 2.26
N TRP B 1084 67.48 -32.64 3.58
CA TRP B 1084 67.12 -31.44 4.29
C TRP B 1084 68.27 -30.47 4.27
N PHE B 1085 67.98 -29.21 3.98
CA PHE B 1085 68.99 -28.19 3.95
C PHE B 1085 68.70 -27.17 5.05
N ILE B 1086 69.75 -26.54 5.54
CA ILE B 1086 69.62 -25.44 6.48
C ILE B 1086 70.27 -24.25 5.80
N GLY B 1087 69.48 -23.22 5.53
CA GLY B 1087 69.96 -22.01 4.90
C GLY B 1087 69.95 -20.89 5.92
N THR B 1088 70.90 -19.99 5.80
CA THR B 1088 70.94 -18.81 6.64
C THR B 1088 70.79 -17.57 5.79
N SER B 1089 70.44 -16.47 6.43
CA SER B 1089 70.19 -15.25 5.70
C SER B 1089 71.39 -14.33 5.79
N GLN B 1090 71.50 -13.44 4.82
CA GLN B 1090 72.56 -12.45 4.81
C GLN B 1090 72.15 -11.21 5.61
N THR B 1091 71.86 -11.44 6.89
CA THR B 1091 71.52 -10.35 7.78
C THR B 1091 72.36 -10.46 9.04
N GLU B 1092 72.05 -9.65 10.04
CA GLU B 1092 72.70 -9.77 11.34
C GLU B 1092 71.76 -9.31 12.44
N PRO B 1093 71.26 -10.21 13.28
CA PRO B 1093 71.58 -11.64 13.38
C PRO B 1093 71.07 -12.43 12.21
N LYS B 1094 71.51 -13.67 12.08
CA LYS B 1094 71.10 -14.49 10.96
C LYS B 1094 69.80 -15.18 11.27
N LYS B 1095 69.01 -15.43 10.25
CA LYS B 1095 67.76 -16.15 10.35
C LYS B 1095 67.93 -17.45 9.61
N TYR B 1096 67.60 -18.56 10.25
CA TYR B 1096 67.85 -19.86 9.68
C TYR B 1096 66.57 -20.43 9.08
N TYR B 1097 66.69 -21.03 7.92
CA TYR B 1097 65.57 -21.57 7.18
C TYR B 1097 65.85 -23.02 6.86
N TRP B 1098 64.83 -23.75 6.42
CA TRP B 1098 65.05 -25.12 6.01
C TRP B 1098 64.23 -25.46 4.79
N ARG B 1099 64.78 -26.27 3.92
CA ARG B 1099 64.11 -26.81 2.74
C ARG B 1099 64.16 -28.32 2.81
N LYS B 1100 63.85 -28.92 1.69
CA LYS B 1100 63.86 -30.36 1.52
C LYS B 1100 63.87 -30.62 0.03
N ALA B 1101 64.77 -31.47 -0.42
CA ALA B 1101 64.85 -31.85 -1.82
C ALA B 1101 64.47 -33.31 -1.94
N ASP B 1102 63.31 -33.57 -2.51
CA ASP B 1102 62.80 -34.93 -2.67
C ASP B 1102 63.53 -35.60 -3.83
N HIS B 1103 64.37 -36.58 -3.52
CA HIS B 1103 65.10 -37.26 -4.58
C HIS B 1103 64.24 -38.23 -5.36
N SER B 1104 63.05 -38.55 -4.89
CA SER B 1104 62.15 -39.39 -5.67
C SER B 1104 61.59 -38.67 -6.87
N LYS B 1105 61.90 -37.38 -7.02
CA LYS B 1105 61.60 -36.64 -8.24
C LYS B 1105 62.87 -36.12 -8.89
N CYS B 1106 63.86 -36.98 -9.03
CA CYS B 1106 65.19 -36.60 -9.49
C CYS B 1106 65.72 -37.71 -10.38
N GLN B 1107 65.56 -37.54 -11.68
CA GLN B 1107 66.18 -38.43 -12.66
C GLN B 1107 67.27 -37.68 -13.40
N ASN B 1108 68.32 -38.40 -13.78
CA ASN B 1108 69.42 -37.83 -14.53
C ASN B 1108 70.06 -36.65 -13.82
N GLY B 1109 70.12 -36.71 -12.49
CA GLY B 1109 70.69 -35.62 -11.72
C GLY B 1109 69.96 -34.31 -11.85
N ARG B 1110 68.72 -34.34 -12.30
CA ARG B 1110 67.94 -33.14 -12.55
C ARG B 1110 66.72 -33.20 -11.66
N PHE B 1111 66.70 -32.36 -10.63
CA PHE B 1111 65.54 -32.28 -9.76
C PHE B 1111 64.37 -31.67 -10.49
N ALA B 1112 63.22 -32.31 -10.43
CA ALA B 1112 62.01 -31.63 -10.84
C ALA B 1112 61.82 -30.39 -9.99
N ALA B 1113 61.23 -29.36 -10.57
CA ALA B 1113 61.10 -28.11 -9.84
C ALA B 1113 60.24 -28.25 -8.62
N ASN B 1114 59.38 -29.25 -8.58
CA ASN B 1114 58.50 -29.51 -7.45
C ASN B 1114 59.08 -30.50 -6.47
N ALA B 1115 60.30 -30.94 -6.68
CA ALA B 1115 60.99 -31.77 -5.70
C ALA B 1115 61.52 -30.95 -4.56
N TRP B 1116 61.40 -29.63 -4.63
CA TRP B 1116 61.95 -28.74 -3.64
C TRP B 1116 60.82 -28.15 -2.83
N SER B 1117 61.00 -28.06 -1.54
CA SER B 1117 60.00 -27.39 -0.75
C SER B 1117 60.30 -25.90 -0.72
N ASP B 1118 59.44 -25.17 -0.01
CA ASP B 1118 59.66 -23.76 0.22
C ASP B 1118 60.67 -23.56 1.34
N TRP B 1119 61.45 -22.50 1.25
CA TRP B 1119 62.26 -22.13 2.40
C TRP B 1119 61.34 -21.77 3.55
N LYS B 1120 61.50 -22.47 4.66
CA LYS B 1120 60.62 -22.23 5.80
C LYS B 1120 61.47 -21.81 6.97
N GLU B 1121 61.04 -20.79 7.69
CA GLU B 1121 61.90 -20.21 8.71
C GLU B 1121 61.93 -21.05 9.97
N ILE B 1122 63.09 -21.09 10.62
CA ILE B 1122 63.25 -21.71 11.94
C ILE B 1122 63.09 -20.61 12.97
N THR B 1123 61.96 -20.60 13.67
CA THR B 1123 61.66 -19.51 14.57
C THR B 1123 62.44 -19.59 15.87
N CYS B 1124 63.00 -20.73 16.22
CA CYS B 1124 63.79 -20.74 17.44
C CYS B 1124 65.00 -19.84 17.29
N ALA B 1125 65.53 -19.42 18.43
CA ALA B 1125 66.72 -18.57 18.44
C ALA B 1125 67.95 -19.46 18.39
N VAL B 1126 68.45 -19.70 17.18
CA VAL B 1126 69.62 -20.53 16.97
C VAL B 1126 70.80 -19.62 16.74
N ASN B 1127 71.82 -19.75 17.57
CA ASN B 1127 72.99 -18.88 17.56
C ASN B 1127 74.22 -19.76 17.58
N PRO B 1128 74.54 -20.39 16.46
CA PRO B 1128 75.59 -21.40 16.43
C PRO B 1128 76.95 -20.78 16.65
N TYR B 1129 77.95 -21.63 16.73
CA TYR B 1129 79.32 -21.18 16.92
C TYR B 1129 80.15 -21.76 15.79
N GLY B 1130 80.84 -20.89 15.08
CA GLY B 1130 81.61 -21.38 13.95
C GLY B 1130 80.79 -22.10 12.92
N ASP B 1131 79.55 -21.70 12.72
CA ASP B 1131 78.72 -22.21 11.63
C ASP B 1131 78.49 -23.70 11.77
N MET B 1132 78.15 -24.14 12.97
CA MET B 1132 77.86 -25.53 13.24
C MET B 1132 76.37 -25.65 13.49
N VAL B 1133 75.61 -25.92 12.43
CA VAL B 1133 74.20 -26.23 12.56
C VAL B 1133 73.98 -27.49 11.75
N ARG B 1134 73.14 -28.39 12.24
CA ARG B 1134 72.91 -29.61 11.53
C ARG B 1134 71.43 -29.96 11.61
N PRO B 1135 70.76 -30.17 10.49
CA PRO B 1135 69.48 -30.85 10.52
C PRO B 1135 69.71 -32.33 10.67
N VAL B 1136 68.70 -33.01 11.20
CA VAL B 1136 68.72 -34.46 11.26
C VAL B 1136 67.30 -34.93 11.42
N ILE B 1137 66.98 -36.02 10.74
CA ILE B 1137 65.66 -36.62 10.80
C ILE B 1137 65.71 -37.75 11.78
N PHE B 1138 65.08 -37.56 12.93
CA PHE B 1138 65.09 -38.53 14.00
C PHE B 1138 63.66 -38.95 14.26
N HIS B 1139 63.32 -40.17 13.85
CA HIS B 1139 61.95 -40.68 13.89
C HIS B 1139 61.05 -39.81 13.02
N SER B 1140 61.45 -39.67 11.77
CA SER B 1140 60.66 -39.01 10.74
C SER B 1140 60.38 -37.56 11.06
N ARG B 1141 61.05 -37.00 12.05
CA ARG B 1141 60.80 -35.63 12.49
C ARG B 1141 62.08 -34.82 12.37
N LEU B 1142 61.99 -33.66 11.76
CA LEU B 1142 63.16 -32.83 11.58
C LEU B 1142 63.63 -32.29 12.93
N TYR B 1143 64.89 -32.51 13.24
CA TYR B 1143 65.55 -31.95 14.41
C TYR B 1143 66.61 -30.99 13.93
N LEU B 1144 66.74 -29.86 14.62
CA LEU B 1144 67.86 -28.96 14.38
C LEU B 1144 68.85 -29.14 15.52
N LEU B 1145 70.05 -28.67 15.30
CA LEU B 1145 71.13 -29.02 16.20
C LEU B 1145 72.31 -28.10 15.96
N TRP B 1146 72.80 -27.46 17.02
CA TRP B 1146 73.89 -26.53 16.86
C TRP B 1146 74.68 -26.49 18.15
N ILE B 1147 75.87 -25.93 18.07
CA ILE B 1147 76.77 -25.82 19.21
C ILE B 1147 76.93 -24.35 19.54
N GLU B 1148 76.74 -24.01 20.81
CA GLU B 1148 76.70 -22.63 21.25
C GLU B 1148 77.86 -22.35 22.16
N LYS B 1149 78.71 -21.40 21.78
CA LYS B 1149 79.86 -21.02 22.59
C LYS B 1149 79.56 -19.75 23.36
N GLN B 1150 79.89 -19.76 24.64
CA GLN B 1150 79.57 -18.67 25.54
C GLN B 1150 80.80 -18.35 26.39
N VAL B 1151 81.22 -17.09 26.36
CA VAL B 1151 82.47 -16.68 27.01
C VAL B 1151 82.22 -16.42 28.48
N GLN B 1152 83.10 -16.94 29.33
CA GLN B 1152 82.96 -16.80 30.77
C GLN B 1152 84.25 -16.32 31.42
N LYS B 1153 84.32 -16.41 32.74
CA LYS B 1153 85.53 -16.11 33.48
C LYS B 1153 85.53 -16.89 34.79
N ASP B 1154 86.66 -17.51 35.12
CA ASP B 1154 86.77 -18.26 36.34
C ASP B 1154 86.67 -17.34 37.55
N ASN B 1155 86.61 -17.93 38.75
CA ASN B 1155 86.78 -17.13 39.95
C ASN B 1155 88.13 -16.43 39.93
N THR B 1156 89.17 -17.13 39.48
CA THR B 1156 90.49 -16.54 39.28
C THR B 1156 90.46 -15.65 38.05
N GLY B 1157 91.60 -15.07 37.69
CA GLY B 1157 91.61 -14.15 36.57
C GLY B 1157 91.37 -14.80 35.23
N LYS B 1158 91.63 -16.10 35.10
CA LYS B 1158 91.55 -16.79 33.83
C LYS B 1158 90.12 -16.75 33.29
N ASP B 1159 90.01 -16.58 31.97
CA ASP B 1159 88.73 -16.38 31.32
C ASP B 1159 88.49 -17.52 30.34
N THR B 1160 87.59 -18.41 30.69
CA THR B 1160 87.28 -19.58 29.89
C THR B 1160 86.16 -19.27 28.91
N ALA B 1161 85.59 -20.34 28.36
CA ALA B 1161 84.55 -20.29 27.36
C ALA B 1161 83.81 -21.60 27.42
N SER B 1162 82.52 -21.57 27.72
CA SER B 1162 81.73 -22.77 27.90
C SER B 1162 80.97 -23.09 26.62
N PHE B 1163 80.86 -24.37 26.29
CA PHE B 1163 80.21 -24.84 25.09
C PHE B 1163 78.95 -25.62 25.44
N THR B 1164 77.92 -25.46 24.63
CA THR B 1164 76.65 -26.10 24.90
C THR B 1164 76.14 -26.67 23.59
N LEU B 1165 75.66 -27.91 23.62
CA LEU B 1165 74.96 -28.46 22.48
C LEU B 1165 73.47 -28.26 22.66
N LYS B 1166 72.84 -27.70 21.64
CA LYS B 1166 71.42 -27.41 21.71
C LYS B 1166 70.71 -28.20 20.64
N LEU B 1167 69.47 -28.58 20.93
CA LEU B 1167 68.77 -29.55 20.09
C LEU B 1167 67.28 -29.25 20.17
N THR B 1168 66.65 -29.03 19.03
CA THR B 1168 65.24 -28.72 18.97
C THR B 1168 64.60 -29.45 17.80
N HIS B 1169 63.28 -29.35 17.67
CA HIS B 1169 62.59 -30.03 16.60
C HIS B 1169 61.30 -29.30 16.26
N VAL B 1170 60.76 -29.58 15.09
CA VAL B 1170 59.45 -29.06 14.71
C VAL B 1170 58.37 -29.85 15.41
N LYS B 1171 57.41 -29.14 15.95
CA LYS B 1171 56.19 -29.73 16.46
C LYS B 1171 55.24 -29.90 15.29
N TYR B 1172 54.12 -30.59 15.53
CA TYR B 1172 53.22 -30.87 14.43
C TYR B 1172 52.66 -29.60 13.82
N ASP B 1173 52.47 -28.56 14.61
CA ASP B 1173 51.95 -27.31 14.09
C ASP B 1173 53.04 -26.40 13.57
N GLY B 1174 54.18 -26.96 13.20
CA GLY B 1174 55.20 -26.19 12.53
C GLY B 1174 55.99 -25.26 13.41
N SER B 1175 55.65 -25.13 14.67
CA SER B 1175 56.49 -24.37 15.58
C SER B 1175 57.64 -25.23 16.04
N TRP B 1176 58.63 -24.59 16.65
CA TRP B 1176 59.85 -25.27 17.04
C TRP B 1176 59.87 -25.43 18.53
N ALA B 1177 60.26 -26.60 19.00
CA ALA B 1177 60.28 -26.84 20.42
C ALA B 1177 61.38 -26.03 21.08
N SER B 1178 61.21 -25.80 22.36
CA SER B 1178 62.25 -25.14 23.14
C SER B 1178 63.47 -26.05 23.24
N PRO B 1179 64.66 -25.53 22.95
CA PRO B 1179 65.79 -26.42 22.74
C PRO B 1179 66.29 -27.03 24.03
N PHE B 1180 66.59 -28.31 23.97
CA PHE B 1180 67.29 -28.96 25.07
C PHE B 1180 68.72 -28.48 25.04
N SER B 1181 69.47 -28.72 26.11
CA SER B 1181 70.85 -28.30 26.10
C SER B 1181 71.68 -29.33 26.84
N TYR B 1182 72.90 -29.51 26.38
CA TYR B 1182 73.83 -30.45 26.97
C TYR B 1182 75.17 -29.77 27.10
N ASP B 1183 75.71 -29.74 28.30
CA ASP B 1183 77.01 -29.12 28.48
C ASP B 1183 78.08 -30.00 27.84
N ILE B 1184 78.93 -29.39 27.04
CA ILE B 1184 79.83 -30.10 26.15
C ILE B 1184 81.27 -29.83 26.51
N THR B 1185 81.56 -28.63 27.02
CA THR B 1185 82.93 -28.23 27.27
C THR B 1185 83.62 -29.22 28.21
N GLU B 1186 84.56 -29.98 27.66
CA GLU B 1186 85.45 -30.80 28.48
C GLU B 1186 86.88 -30.63 27.97
N LYS B 1187 87.52 -29.54 28.35
CA LYS B 1187 88.98 -29.41 28.33
C LYS B 1187 89.60 -29.63 26.96
N ASN B 1188 88.81 -29.91 25.95
CA ASN B 1188 89.39 -30.28 24.68
C ASN B 1188 88.75 -29.58 23.49
N ILE B 1189 87.43 -29.47 23.46
CA ILE B 1189 86.79 -28.67 22.43
C ILE B 1189 87.11 -27.20 22.62
N SER B 1190 87.31 -26.77 23.86
CA SER B 1190 87.86 -25.44 24.07
C SER B 1190 89.22 -25.31 23.41
N GLY B 1191 89.96 -26.41 23.33
CA GLY B 1191 91.29 -26.40 22.77
C GLY B 1191 91.38 -26.61 21.29
N TRP B 1192 90.33 -27.13 20.66
CA TRP B 1192 90.38 -27.30 19.22
C TRP B 1192 90.35 -25.95 18.54
N LYS B 1193 90.38 -25.99 17.21
CA LYS B 1193 90.28 -24.80 16.40
C LYS B 1193 89.74 -25.26 15.06
N LYS B 1194 88.77 -24.55 14.53
CA LYS B 1194 88.04 -25.05 13.37
C LYS B 1194 87.44 -26.42 13.65
N THR B 1195 86.45 -26.51 14.53
CA THR B 1195 85.77 -27.77 14.72
C THR B 1195 84.53 -27.85 13.83
N GLY B 1196 83.93 -29.03 13.81
CA GLY B 1196 82.68 -29.24 13.08
C GLY B 1196 81.93 -30.38 13.71
N LEU B 1197 80.61 -30.33 13.63
CA LEU B 1197 79.80 -31.34 14.30
C LEU B 1197 79.13 -32.24 13.28
N TYR B 1198 78.82 -33.45 13.74
CA TYR B 1198 78.26 -34.49 12.90
C TYR B 1198 76.99 -34.96 13.58
N CYS B 1199 75.99 -35.33 12.80
CA CYS B 1199 74.75 -35.82 13.37
C CYS B 1199 74.06 -36.74 12.38
N ALA B 1200 73.64 -37.89 12.86
CA ALA B 1200 72.98 -38.86 12.01
C ALA B 1200 72.11 -39.77 12.86
N ALA B 1201 70.98 -40.14 12.32
CA ALA B 1201 70.13 -41.10 13.01
C ALA B 1201 70.69 -42.50 12.82
N SER B 1202 70.10 -43.47 13.50
CA SER B 1202 70.56 -44.84 13.43
C SER B 1202 69.39 -45.75 13.11
N GLN B 1203 69.56 -46.62 12.13
CA GLN B 1203 68.52 -47.60 11.83
C GLN B 1203 68.44 -48.69 12.87
N GLU B 1204 69.51 -48.92 13.63
CA GLU B 1204 69.53 -49.82 14.75
C GLU B 1204 69.61 -48.99 16.03
N ASP B 1205 68.88 -49.39 17.06
CA ASP B 1205 68.91 -48.69 18.34
C ASP B 1205 68.58 -47.21 18.14
N ASN B 1206 67.32 -46.99 17.79
CA ASN B 1206 66.87 -45.65 17.42
C ASN B 1206 67.38 -44.61 18.41
N SER B 1207 68.33 -43.81 17.95
CA SER B 1207 68.99 -42.81 18.77
C SER B 1207 69.61 -41.81 17.82
N LEU B 1208 70.34 -40.85 18.36
CA LEU B 1208 71.01 -39.83 17.57
C LEU B 1208 72.49 -39.92 17.90
N LEU B 1209 73.29 -40.23 16.90
CA LEU B 1209 74.73 -40.14 17.09
C LEU B 1209 75.15 -38.72 16.77
N ILE B 1210 75.52 -37.98 17.78
CA ILE B 1210 76.09 -36.65 17.61
C ILE B 1210 77.58 -36.73 17.89
N ALA B 1211 78.36 -35.93 17.19
CA ALA B 1211 79.81 -36.00 17.34
C ALA B 1211 80.42 -34.72 16.85
N TRP B 1212 81.11 -34.00 17.72
CA TRP B 1212 81.93 -32.89 17.32
C TRP B 1212 83.36 -33.38 17.21
N TYR B 1213 84.05 -32.93 16.18
CA TYR B 1213 85.38 -33.43 15.91
C TYR B 1213 86.26 -32.26 15.52
N GLN B 1214 87.56 -32.41 15.75
CA GLN B 1214 88.50 -31.40 15.30
C GLN B 1214 88.67 -31.47 13.80
N ILE B 1215 88.96 -30.34 13.20
CA ILE B 1215 89.28 -30.31 11.78
C ILE B 1215 90.74 -29.94 11.62
N GLU B 1216 91.40 -30.61 10.69
CA GLU B 1216 92.71 -30.22 10.20
C GLU B 1216 92.64 -30.36 8.68
N LYS B 1217 93.78 -30.43 8.02
CA LYS B 1217 93.77 -30.88 6.63
C LYS B 1217 92.95 -32.16 6.51
N GLU B 1218 93.20 -33.11 7.40
CA GLU B 1218 92.43 -34.34 7.51
C GLU B 1218 91.34 -34.17 8.54
N THR B 1219 90.34 -35.04 8.47
CA THR B 1219 89.21 -34.96 9.38
C THR B 1219 89.56 -35.63 10.69
N GLN B 1220 89.00 -35.10 11.76
CA GLN B 1220 88.85 -35.83 13.01
C GLN B 1220 90.16 -36.36 13.58
N PRO B 1221 91.17 -35.52 13.80
CA PRO B 1221 92.23 -35.94 14.71
C PRO B 1221 91.69 -36.35 16.05
N ASN B 1222 90.78 -35.56 16.63
CA ASN B 1222 90.11 -35.91 17.86
C ASN B 1222 88.62 -35.70 17.66
N SER B 1223 87.83 -36.51 18.35
CA SER B 1223 86.39 -36.44 18.18
C SER B 1223 85.71 -36.98 19.43
N PHE B 1224 84.70 -36.24 19.88
CA PHE B 1224 83.90 -36.65 21.02
C PHE B 1224 82.49 -36.93 20.52
N GLY B 1225 81.89 -38.00 21.02
CA GLY B 1225 80.58 -38.42 20.59
C GLY B 1225 79.55 -38.24 21.68
N LEU B 1226 78.34 -38.68 21.37
CA LEU B 1226 77.18 -38.52 22.22
C LEU B 1226 76.04 -39.29 21.60
N HIS B 1227 75.29 -40.00 22.42
CA HIS B 1227 74.09 -40.66 21.96
C HIS B 1227 72.90 -40.06 22.67
N ILE B 1228 71.77 -39.99 21.98
CA ILE B 1228 70.59 -39.35 22.52
C ILE B 1228 69.39 -40.25 22.30
N GLN B 1229 68.78 -40.72 23.37
CA GLN B 1229 67.60 -41.53 23.29
C GLN B 1229 66.40 -40.63 23.02
N PRO B 1230 65.30 -41.19 22.51
CA PRO B 1230 64.14 -40.34 22.21
C PRO B 1230 63.60 -39.60 23.41
N ASP B 1231 63.88 -40.05 24.63
CA ASP B 1231 63.58 -39.25 25.80
C ASP B 1231 64.53 -38.08 25.95
N MET B 1232 65.41 -37.87 24.97
CA MET B 1232 66.38 -36.79 24.98
C MET B 1232 67.23 -36.82 26.24
N SER B 1233 67.93 -37.93 26.44
CA SER B 1233 68.86 -38.10 27.53
C SER B 1233 70.24 -38.44 27.02
N CYS B 1234 71.22 -37.64 27.46
CA CYS B 1234 72.61 -37.84 27.09
C CYS B 1234 73.07 -39.25 27.46
N LYS B 1235 73.88 -39.83 26.58
CA LYS B 1235 74.55 -41.09 26.87
C LYS B 1235 75.86 -41.09 26.09
N LYS B 1236 76.94 -40.75 26.76
CA LYS B 1236 78.20 -40.51 26.09
C LYS B 1236 78.66 -41.76 25.35
N GLU B 1237 78.82 -41.64 24.05
CA GLU B 1237 79.45 -42.70 23.28
C GLU B 1237 80.93 -42.71 23.57
N PRO B 1238 81.46 -43.77 24.19
CA PRO B 1238 82.86 -43.71 24.66
C PRO B 1238 83.87 -43.86 23.55
N ASN B 1239 83.55 -44.60 22.50
CA ASN B 1239 84.51 -44.86 21.43
C ASN B 1239 83.83 -44.47 20.13
N ILE B 1240 83.88 -43.19 19.78
CA ILE B 1240 83.28 -42.71 18.54
C ILE B 1240 84.30 -42.50 17.45
N ALA B 1241 85.56 -42.23 17.78
CA ALA B 1241 86.58 -42.18 16.76
C ALA B 1241 86.58 -43.44 15.91
N GLY B 1242 86.03 -44.54 16.44
CA GLY B 1242 85.81 -45.72 15.64
C GLY B 1242 84.56 -45.68 14.80
N ILE B 1243 83.55 -44.95 15.22
CA ILE B 1243 82.33 -44.82 14.42
C ILE B 1243 82.51 -43.76 13.35
N LEU B 1244 83.10 -42.62 13.72
CA LEU B 1244 83.44 -41.63 12.71
C LEU B 1244 84.45 -42.16 11.71
N ALA B 1245 85.17 -43.22 12.06
CA ALA B 1245 86.12 -43.81 11.13
C ALA B 1245 85.45 -44.38 9.91
N THR B 1246 84.25 -44.96 10.05
CA THR B 1246 83.57 -45.54 8.92
C THR B 1246 82.90 -44.50 8.04
N VAL B 1247 82.43 -43.40 8.61
CA VAL B 1247 81.74 -42.38 7.86
C VAL B 1247 82.58 -41.15 7.64
N THR B 1248 83.91 -41.29 7.56
CA THR B 1248 84.76 -40.12 7.36
C THR B 1248 84.56 -39.47 6.00
N HIS B 1249 83.83 -40.10 5.09
CA HIS B 1249 83.57 -39.44 3.83
C HIS B 1249 82.49 -38.38 3.95
N GLN B 1250 81.72 -38.38 5.03
CA GLN B 1250 80.67 -37.41 5.26
C GLN B 1250 81.10 -36.29 6.17
N LEU B 1251 82.33 -36.29 6.63
CA LEU B 1251 82.77 -35.33 7.62
C LEU B 1251 83.44 -34.14 6.96
N ASP B 1252 83.29 -32.99 7.58
CA ASP B 1252 83.89 -31.78 7.02
C ASP B 1252 85.40 -31.87 7.07
N THR B 1253 86.04 -31.09 6.22
CA THR B 1253 87.47 -30.84 6.29
C THR B 1253 87.66 -29.33 6.34
N GLU B 1254 88.91 -28.90 6.29
CA GLU B 1254 89.15 -27.47 6.36
C GLU B 1254 88.60 -26.74 5.14
N THR B 1255 88.29 -27.44 4.07
CA THR B 1255 87.92 -26.80 2.82
C THR B 1255 86.63 -27.31 2.20
N THR B 1256 86.07 -28.41 2.68
CA THR B 1256 84.84 -28.93 2.10
C THR B 1256 83.76 -29.02 3.15
N VAL B 1257 82.52 -29.07 2.67
CA VAL B 1257 81.35 -29.22 3.52
C VAL B 1257 80.51 -30.32 2.92
N ARG B 1258 80.25 -31.37 3.70
CA ARG B 1258 79.59 -32.56 3.19
C ARG B 1258 78.35 -32.83 4.02
N VAL B 1259 77.28 -33.26 3.36
CA VAL B 1259 76.05 -33.53 4.09
C VAL B 1259 76.12 -34.95 4.61
N ASN B 1260 75.50 -35.19 5.75
CA ASN B 1260 75.52 -36.51 6.36
C ASN B 1260 74.31 -37.29 5.89
N THR B 1261 74.46 -38.60 5.89
CA THR B 1261 73.35 -39.49 5.64
C THR B 1261 73.12 -40.32 6.88
N LEU B 1262 72.00 -41.02 6.95
CA LEU B 1262 71.76 -41.79 8.16
C LEU B 1262 72.78 -42.92 8.27
N LEU B 1263 72.87 -43.47 9.47
CA LEU B 1263 73.87 -44.49 9.71
C LEU B 1263 73.43 -45.81 9.09
N ASN B 1264 74.37 -46.46 8.42
CA ASN B 1264 74.11 -47.77 7.84
C ASN B 1264 73.81 -48.78 8.94
N ARG B 1265 72.96 -49.74 8.61
CA ARG B 1265 72.88 -50.93 9.43
C ARG B 1265 74.20 -51.68 9.33
N ILE B 1266 74.59 -52.34 10.41
CA ILE B 1266 75.81 -53.14 10.35
C ILE B 1266 75.60 -54.39 9.50
N SER B 1267 74.36 -54.88 9.42
CA SER B 1267 74.06 -56.13 8.75
C SER B 1267 72.77 -56.00 7.96
N SER B 1268 72.85 -56.13 6.65
CA SER B 1268 71.71 -56.00 5.76
C SER B 1268 70.99 -57.33 5.61
N PHE B 1269 69.68 -57.34 5.85
CA PHE B 1269 68.92 -58.57 5.80
C PHE B 1269 68.36 -58.76 4.40
N GLU B 1270 68.25 -60.03 3.99
CA GLU B 1270 67.68 -60.38 2.71
C GLU B 1270 66.79 -61.60 2.90
N PHE B 1271 65.67 -61.63 2.20
CA PHE B 1271 64.68 -62.67 2.38
C PHE B 1271 64.32 -63.26 1.03
N THR B 1272 64.82 -64.47 0.76
CA THR B 1272 64.41 -65.20 -0.43
C THR B 1272 62.93 -65.47 -0.34
N LEU B 1273 62.21 -65.18 -1.42
CA LEU B 1273 60.76 -65.14 -1.38
C LEU B 1273 60.12 -66.48 -1.07
N GLU B 1274 60.82 -67.59 -1.30
CA GLU B 1274 60.22 -68.90 -1.08
C GLU B 1274 61.27 -69.96 -1.29
N LYS B 1275 61.05 -71.11 -0.66
CA LYS B 1275 61.70 -72.35 -1.06
C LYS B 1275 60.67 -73.35 -1.59
N GLN B 1276 59.61 -73.61 -0.82
CA GLN B 1276 58.50 -74.44 -1.28
C GLN B 1276 57.24 -73.84 -0.69
N GLU B 1277 56.09 -74.07 -1.32
CA GLU B 1277 54.86 -73.46 -0.83
C GLU B 1277 53.77 -74.47 -0.48
N GLY B 1278 53.97 -75.75 -0.73
CA GLY B 1278 52.98 -76.74 -0.36
C GLY B 1278 51.68 -76.65 -1.14
N ASN B 1279 50.56 -76.57 -0.43
CA ASN B 1279 49.23 -76.51 -1.05
C ASN B 1279 49.09 -75.23 -1.86
N LYS B 1280 49.00 -75.36 -3.17
CA LYS B 1280 48.97 -74.21 -4.08
C LYS B 1280 47.53 -73.74 -4.28
N GLU B 1281 46.84 -73.56 -3.19
CA GLU B 1281 45.53 -72.93 -3.22
C GLU B 1281 45.49 -71.68 -2.36
N ILE B 1282 46.13 -71.71 -1.21
CA ILE B 1282 46.31 -70.55 -0.35
C ILE B 1282 47.71 -70.02 -0.56
N ASP B 1283 47.81 -68.76 -0.99
CA ASP B 1283 49.10 -68.20 -1.36
C ASP B 1283 50.09 -68.25 -0.19
N LEU B 1284 49.60 -67.97 1.02
CA LEU B 1284 50.35 -68.14 2.27
C LEU B 1284 51.74 -67.50 2.19
N VAL B 1285 51.75 -66.20 1.96
CA VAL B 1285 52.96 -65.41 1.90
C VAL B 1285 53.07 -64.61 3.18
N ILE B 1286 54.29 -64.46 3.68
CA ILE B 1286 54.55 -63.69 4.88
C ILE B 1286 55.19 -62.37 4.48
N SER B 1287 55.30 -61.45 5.44
CA SER B 1287 56.05 -60.23 5.21
C SER B 1287 56.70 -59.79 6.52
N HIS B 1288 58.02 -59.68 6.50
CA HIS B 1288 58.79 -59.28 7.68
C HIS B 1288 58.68 -57.78 7.84
N GLY B 1289 57.83 -57.33 8.75
CA GLY B 1289 57.66 -55.90 8.93
C GLY B 1289 58.94 -55.21 9.33
N ASP B 1290 59.38 -55.41 10.56
CA ASP B 1290 60.63 -54.85 11.05
C ASP B 1290 61.60 -55.98 11.29
N TYR B 1291 62.90 -55.67 11.22
CA TYR B 1291 63.90 -56.68 11.54
C TYR B 1291 65.18 -55.98 11.96
N THR B 1292 65.84 -56.51 12.99
CA THR B 1292 67.11 -55.99 13.46
C THR B 1292 67.71 -57.04 14.38
N VAL B 1293 68.90 -56.76 14.88
CA VAL B 1293 69.54 -57.63 15.84
C VAL B 1293 69.93 -56.79 17.05
N LYS B 1294 69.60 -57.29 18.23
CA LYS B 1294 69.94 -56.62 19.47
C LYS B 1294 71.40 -56.92 19.79
N THR B 1295 71.81 -56.74 21.04
CA THR B 1295 73.18 -57.10 21.43
C THR B 1295 73.48 -58.56 21.16
N GLU B 1296 72.51 -59.46 21.35
CA GLU B 1296 72.75 -60.89 21.27
C GLU B 1296 71.66 -61.68 20.55
N ASN B 1297 70.57 -61.05 20.12
CA ASN B 1297 69.47 -61.81 19.54
C ASN B 1297 68.80 -60.99 18.45
N SER B 1298 68.21 -61.69 17.49
CA SER B 1298 67.59 -61.08 16.33
C SER B 1298 66.09 -61.06 16.56
N ILE B 1299 65.50 -59.87 16.54
CA ILE B 1299 64.08 -59.71 16.68
C ILE B 1299 63.49 -59.47 15.30
N SER B 1300 62.19 -59.77 15.17
CA SER B 1300 61.52 -59.63 13.90
C SER B 1300 60.04 -59.45 14.16
N ALA B 1301 59.34 -58.95 13.14
CA ALA B 1301 57.90 -58.75 13.20
C ALA B 1301 57.32 -59.35 11.94
N LEU B 1302 56.33 -60.22 12.10
CA LEU B 1302 55.84 -61.02 10.99
C LEU B 1302 54.33 -60.87 10.85
N ILE B 1303 53.88 -60.87 9.59
CA ILE B 1303 52.46 -60.87 9.26
C ILE B 1303 52.22 -61.88 8.15
N LEU B 1304 51.11 -62.62 8.29
CA LEU B 1304 50.84 -63.76 7.43
C LEU B 1304 49.50 -63.57 6.74
N ASN B 1305 49.48 -63.77 5.43
CA ASN B 1305 48.30 -63.46 4.62
C ASN B 1305 47.88 -64.66 3.78
N PRO B 1306 46.76 -65.32 4.08
CA PRO B 1306 46.25 -66.38 3.22
C PRO B 1306 45.24 -65.84 2.21
N THR B 1307 44.76 -66.74 1.35
CA THR B 1307 43.73 -66.38 0.37
C THR B 1307 42.33 -66.43 0.98
N ALA B 1308 41.84 -67.63 1.31
CA ALA B 1308 40.53 -67.83 1.92
C ALA B 1308 39.42 -67.24 1.05
N TYR B 1309 39.24 -67.86 -0.11
CA TYR B 1309 38.24 -67.43 -1.10
C TYR B 1309 37.21 -68.54 -1.32
N ILE B 1310 36.39 -68.35 -2.36
CA ILE B 1310 35.25 -69.21 -2.65
C ILE B 1310 35.76 -70.59 -3.08
N ASN B 1311 34.83 -71.53 -3.23
CA ASN B 1311 35.04 -72.88 -3.76
C ASN B 1311 35.67 -73.83 -2.74
N ILE B 1312 35.55 -73.51 -1.45
CA ILE B 1312 35.86 -74.50 -0.43
C ILE B 1312 34.74 -75.54 -0.44
N THR B 1313 35.03 -76.70 -1.03
CA THR B 1313 34.21 -77.88 -1.34
C THR B 1313 34.15 -78.80 -0.12
N PRO B 1314 32.96 -79.34 0.23
CA PRO B 1314 31.69 -79.14 -0.47
C PRO B 1314 31.02 -77.81 -0.14
N TYR B 1315 29.78 -77.66 -0.59
CA TYR B 1315 29.02 -76.44 -0.38
C TYR B 1315 27.85 -76.73 0.55
N LYS B 1316 27.38 -75.67 1.20
CA LYS B 1316 26.09 -75.71 1.89
C LYS B 1316 25.06 -74.80 1.22
N LEU B 1317 25.33 -73.50 1.06
CA LEU B 1317 26.49 -72.75 1.57
C LEU B 1317 26.01 -71.70 2.56
N PHE B 1318 24.95 -72.06 3.28
CA PHE B 1318 24.10 -71.06 3.92
C PHE B 1318 24.89 -70.19 4.89
N SER B 1319 25.41 -70.79 5.96
CA SER B 1319 25.92 -70.01 7.07
C SER B 1319 27.32 -70.43 7.44
N ASP B 1320 28.12 -69.45 7.84
CA ASP B 1320 29.44 -69.68 8.41
C ASP B 1320 29.42 -69.24 9.86
N ILE B 1321 29.65 -70.19 10.76
CA ILE B 1321 29.80 -69.89 12.18
C ILE B 1321 31.28 -69.71 12.45
N PRO B 1322 31.72 -68.52 12.86
CA PRO B 1322 33.13 -68.25 13.14
C PRO B 1322 33.44 -68.35 14.63
N ILE B 1447 30.77 -84.93 4.69
CA ILE B 1447 31.99 -84.84 5.48
C ILE B 1447 32.85 -83.71 4.94
N ALA B 1448 33.35 -82.85 5.83
CA ALA B 1448 34.06 -81.65 5.39
C ALA B 1448 35.06 -81.22 6.46
N GLN B 1449 35.52 -79.98 6.34
CA GLN B 1449 36.60 -79.43 7.12
C GLN B 1449 36.06 -78.62 8.30
N VAL B 1450 36.94 -77.80 8.90
CA VAL B 1450 36.61 -76.98 10.06
C VAL B 1450 35.97 -75.68 9.59
N LYS B 1451 34.65 -75.58 9.71
CA LYS B 1451 33.97 -74.31 9.53
C LYS B 1451 33.94 -73.49 10.81
N THR B 1452 34.31 -74.09 11.93
CA THR B 1452 34.32 -73.46 13.26
C THR B 1452 35.69 -72.87 13.59
N ILE B 1453 35.90 -72.58 14.88
CA ILE B 1453 37.05 -71.88 15.45
C ILE B 1453 38.38 -72.26 14.79
N SER B 1454 39.24 -71.25 14.59
CA SER B 1454 40.54 -71.41 13.96
C SER B 1454 41.68 -71.10 14.93
N SER B 1455 41.62 -71.69 16.13
CA SER B 1455 42.60 -71.40 17.18
C SER B 1455 43.96 -72.02 16.89
N ASP B 1456 45.01 -71.23 17.13
CA ASP B 1456 46.39 -71.70 17.05
C ASP B 1456 46.70 -72.33 15.69
N ASP B 1457 46.01 -71.88 14.65
CA ASP B 1457 46.11 -72.53 13.36
C ASP B 1457 47.39 -72.17 12.63
N ILE B 1458 47.94 -71.00 12.89
CA ILE B 1458 49.13 -70.53 12.18
C ILE B 1458 50.29 -70.52 13.16
N SER B 1459 51.49 -70.66 12.64
CA SER B 1459 52.65 -70.81 13.51
C SER B 1459 53.92 -70.61 12.71
N MET B 1460 54.87 -69.87 13.28
CA MET B 1460 56.18 -69.72 12.67
C MET B 1460 57.18 -70.60 13.40
N GLU B 1461 58.07 -71.22 12.63
CA GLU B 1461 59.09 -72.11 13.19
C GLU B 1461 60.43 -71.73 12.56
N ILE B 1462 61.13 -70.79 13.19
CA ILE B 1462 62.44 -70.39 12.69
C ILE B 1462 63.44 -71.52 12.93
N GLU B 1463 64.25 -71.80 11.93
CA GLU B 1463 65.30 -72.80 12.03
C GLU B 1463 66.63 -72.11 12.20
N LEU B 1464 67.25 -72.29 13.37
CA LEU B 1464 68.53 -71.67 13.65
C LEU B 1464 69.64 -72.51 13.03
N ASN B 1465 70.90 -72.19 13.32
CA ASN B 1465 72.00 -72.90 12.69
C ASN B 1465 71.87 -74.41 12.86
N SER B 1466 71.50 -74.87 14.03
CA SER B 1466 71.31 -76.29 14.26
C SER B 1466 69.97 -76.55 14.94
N THR B 1467 69.49 -75.56 15.68
CA THR B 1467 68.29 -75.68 16.49
C THR B 1467 67.10 -75.06 15.77
N LYS B 1468 65.97 -75.03 16.46
CA LYS B 1468 64.78 -74.40 15.91
C LYS B 1468 63.88 -74.03 17.06
N PHE B 1469 63.07 -72.99 16.84
CA PHE B 1469 62.22 -72.50 17.91
C PHE B 1469 60.87 -72.14 17.32
N GLU B 1470 59.85 -72.86 17.82
CA GLU B 1470 58.54 -72.97 17.18
C GLU B 1470 57.52 -72.22 18.01
N THR B 1471 57.03 -71.10 17.49
CA THR B 1471 56.01 -70.31 18.17
C THR B 1471 54.71 -70.36 17.38
N ILE B 1472 53.60 -70.50 18.10
CA ILE B 1472 52.31 -70.62 17.46
C ILE B 1472 51.50 -69.40 17.88
N THR B 1473 50.56 -69.01 17.03
CA THR B 1473 49.81 -67.79 17.28
C THR B 1473 48.89 -67.92 18.48
N GLY B 1474 48.47 -69.13 18.83
CA GLY B 1474 47.70 -69.30 20.05
C GLY B 1474 48.47 -68.86 21.27
N SER B 1475 49.79 -68.70 21.12
CA SER B 1475 50.66 -68.14 22.15
C SER B 1475 50.92 -66.66 21.96
N ASP B 1476 50.35 -66.03 20.94
CA ASP B 1476 50.52 -64.60 20.74
C ASP B 1476 49.20 -63.84 20.80
N VAL B 1477 48.22 -64.16 19.96
CA VAL B 1477 47.10 -63.28 19.68
C VAL B 1477 45.82 -63.90 20.22
N GLY B 1478 44.97 -63.05 20.79
CA GLY B 1478 43.59 -63.39 21.04
C GLY B 1478 42.66 -62.97 19.92
N LEU B 1479 43.19 -62.19 18.98
CA LEU B 1479 42.45 -61.78 17.81
C LEU B 1479 42.57 -62.85 16.75
N ARG B 1480 41.43 -63.28 16.22
CA ARG B 1480 41.37 -64.33 15.21
C ARG B 1480 40.66 -63.78 13.99
N PRO B 1481 41.28 -63.81 12.81
CA PRO B 1481 40.58 -63.39 11.61
C PRO B 1481 39.56 -64.44 11.19
N PRO B 1482 38.27 -64.11 11.19
CA PRO B 1482 37.25 -65.11 10.89
C PRO B 1482 37.17 -65.43 9.41
N LEU B 1483 36.80 -66.68 9.11
CA LEU B 1483 36.59 -67.06 7.72
C LEU B 1483 35.46 -66.25 7.10
N TYR B 1484 34.45 -65.90 7.89
CA TYR B 1484 33.53 -64.83 7.55
C TYR B 1484 34.33 -63.54 7.54
N PRO B 1485 34.19 -62.67 6.54
CA PRO B 1485 33.22 -62.47 5.45
C PRO B 1485 33.28 -63.50 4.32
N THR B 1486 32.48 -64.56 4.43
CA THR B 1486 32.49 -65.66 3.48
C THR B 1486 32.51 -65.22 2.01
N VAL B 1487 32.08 -63.99 1.73
CA VAL B 1487 32.18 -63.44 0.39
C VAL B 1487 33.61 -63.61 -0.12
N SER B 1488 33.76 -63.92 -1.40
CA SER B 1488 34.98 -64.52 -1.92
C SER B 1488 36.17 -63.57 -1.85
N ARG B 1489 37.35 -64.16 -1.97
CA ARG B 1489 38.63 -63.51 -2.23
C ARG B 1489 39.00 -62.51 -1.13
N GLU B 1490 38.31 -62.53 -0.02
CA GLU B 1490 38.76 -61.81 1.17
C GLU B 1490 39.94 -62.55 1.80
N THR B 1491 41.08 -61.86 1.92
CA THR B 1491 42.26 -62.39 2.57
C THR B 1491 42.33 -61.92 4.02
N LEU B 1492 43.07 -62.66 4.82
CA LEU B 1492 43.18 -62.40 6.24
C LEU B 1492 44.61 -62.06 6.61
N ALA B 1493 44.78 -61.59 7.84
CA ALA B 1493 46.10 -61.19 8.33
C ALA B 1493 46.30 -61.77 9.71
N PHE B 1494 47.51 -62.30 9.93
CA PHE B 1494 47.90 -62.86 11.23
C PHE B 1494 49.12 -62.08 11.68
N PRO B 1495 48.94 -61.07 12.52
CA PRO B 1495 50.08 -60.30 13.00
C PRO B 1495 50.75 -60.94 14.21
N PHE B 1496 52.08 -60.93 14.18
CA PHE B 1496 52.92 -61.47 15.24
C PHE B 1496 53.62 -60.31 15.95
N GLY B 1497 53.67 -60.36 17.27
CA GLY B 1497 54.20 -59.22 18.00
C GLY B 1497 55.65 -59.28 18.40
N LYS B 1498 56.53 -58.67 17.58
CA LYS B 1498 57.92 -58.42 17.95
C LYS B 1498 58.61 -59.70 18.44
N LEU B 1499 58.71 -60.67 17.54
CA LEU B 1499 59.24 -61.98 17.90
C LEU B 1499 60.72 -61.86 18.21
N SER B 1500 61.05 -61.66 19.48
CA SER B 1500 62.45 -61.62 19.90
C SER B 1500 62.97 -63.04 19.87
N ILE B 1501 63.45 -63.47 18.72
CA ILE B 1501 63.82 -64.85 18.48
C ILE B 1501 65.20 -65.08 19.08
N THR B 1502 65.23 -65.89 20.12
CA THR B 1502 66.45 -66.21 20.85
C THR B 1502 66.80 -67.68 20.62
N ILE B 1503 68.10 -67.95 20.45
CA ILE B 1503 69.12 -66.92 20.41
C ILE B 1503 70.22 -67.41 19.47
N PRO B 1504 70.76 -66.51 18.67
CA PRO B 1504 71.99 -66.84 17.94
C PRO B 1504 73.16 -66.95 18.92
N ALA B 1505 73.64 -68.16 19.14
CA ALA B 1505 74.78 -68.42 20.02
C ALA B 1505 75.78 -69.26 19.27
N GLY B 1506 77.05 -69.20 19.68
CA GLY B 1506 78.08 -69.99 19.06
C GLY B 1506 78.28 -69.71 17.59
N ALA B 1507 77.64 -68.69 17.06
CA ALA B 1507 77.76 -68.30 15.67
C ALA B 1507 78.59 -67.03 15.58
N ASP B 1508 79.38 -66.93 14.52
CA ASP B 1508 80.18 -65.74 14.26
C ASP B 1508 79.25 -64.60 13.86
N ILE B 1509 79.22 -63.56 14.69
CA ILE B 1509 78.33 -62.43 14.50
C ILE B 1509 79.16 -61.24 14.05
N ASN B 1510 79.05 -60.89 12.76
CA ASN B 1510 78.21 -61.62 11.81
C ASN B 1510 79.05 -62.01 10.60
N ASN B 1511 79.68 -63.17 10.67
CA ASN B 1511 80.55 -63.65 9.59
C ASN B 1511 79.91 -64.79 8.80
N LEU B 1512 79.37 -65.79 9.48
CA LEU B 1512 78.66 -66.90 8.87
C LEU B 1512 77.27 -66.99 9.49
N ASP B 1513 76.60 -65.85 9.53
CA ASP B 1513 75.32 -65.65 10.21
C ASP B 1513 74.12 -65.95 9.34
N CYS B 1514 74.32 -66.54 8.16
CA CYS B 1514 73.20 -66.88 7.28
C CYS B 1514 72.49 -68.10 7.87
N THR B 1515 71.47 -67.85 8.69
CA THR B 1515 70.64 -68.92 9.21
C THR B 1515 70.04 -69.66 8.03
N ILE B 1516 69.82 -70.96 8.19
CA ILE B 1516 69.36 -71.77 7.08
C ILE B 1516 68.07 -71.21 6.50
N LYS B 1517 67.02 -71.13 7.32
CA LYS B 1517 65.75 -70.63 6.83
C LYS B 1517 64.81 -70.30 7.99
N VAL B 1518 63.72 -69.62 7.62
CA VAL B 1518 62.61 -69.30 8.51
C VAL B 1518 61.35 -69.87 7.87
N ARG B 1519 60.73 -70.82 8.54
CA ARG B 1519 59.64 -71.60 7.96
C ARG B 1519 58.41 -71.49 8.85
N PHE B 1520 57.25 -71.30 8.25
CA PHE B 1520 56.01 -71.28 9.00
C PHE B 1520 54.96 -72.16 8.32
N LYS B 1521 53.89 -72.46 9.07
CA LYS B 1521 52.94 -73.49 8.68
C LYS B 1521 51.55 -73.06 9.11
N ASN B 1522 50.68 -72.72 8.17
CA ASN B 1522 49.26 -72.62 8.48
C ASN B 1522 48.70 -74.03 8.59
N THR B 1523 48.94 -74.69 9.71
CA THR B 1523 48.53 -76.08 9.88
C THR B 1523 47.03 -76.04 10.16
N ASP B 1524 46.28 -76.58 9.23
CA ASP B 1524 44.83 -76.74 9.34
C ASP B 1524 44.44 -77.72 8.25
N VAL B 1525 43.24 -78.28 8.37
CA VAL B 1525 42.77 -79.23 7.36
C VAL B 1525 42.68 -78.50 6.03
N LEU B 1526 43.35 -79.03 5.01
CA LEU B 1526 43.52 -78.36 3.71
C LEU B 1526 44.19 -77.00 3.90
N ALA B 1527 45.45 -77.04 4.34
CA ALA B 1527 46.25 -75.85 4.54
C ALA B 1527 47.72 -76.25 4.56
N ALA B 1528 48.59 -75.26 4.40
CA ALA B 1528 49.95 -75.56 3.93
C ALA B 1528 50.98 -74.77 4.71
N THR B 1529 52.20 -74.78 4.17
CA THR B 1529 53.37 -74.14 4.74
C THR B 1529 54.15 -73.46 3.62
N THR B 1530 54.93 -72.45 4.00
CA THR B 1530 55.95 -71.86 3.15
C THR B 1530 57.15 -71.52 4.00
N THR B 1531 58.29 -71.33 3.36
CA THR B 1531 59.52 -71.07 4.08
C THR B 1531 60.35 -70.01 3.37
N TYR B 1532 61.08 -69.24 4.18
CA TYR B 1532 61.93 -68.16 3.71
C TYR B 1532 63.30 -68.31 4.31
N LYS B 1533 64.30 -67.81 3.61
CA LYS B 1533 65.70 -67.92 4.03
C LYS B 1533 66.22 -66.56 4.46
N LEU B 1534 66.85 -66.52 5.63
CA LEU B 1534 67.41 -65.29 6.17
C LEU B 1534 68.88 -65.18 5.79
N VAL B 1535 69.23 -64.10 5.09
CA VAL B 1535 70.50 -64.01 4.38
C VAL B 1535 71.28 -62.81 4.90
N ILE B 1536 71.16 -62.54 6.20
CA ILE B 1536 71.90 -61.44 6.82
C ILE B 1536 73.36 -61.45 6.40
N LYS B 1537 73.89 -60.29 6.06
CA LYS B 1537 75.25 -60.20 5.59
C LYS B 1537 75.77 -58.78 5.79
N LYS B 1538 76.92 -58.67 6.43
CA LYS B 1538 77.50 -57.37 6.72
C LYS B 1538 78.01 -56.71 5.45
N THR B 1539 77.58 -55.48 5.21
CA THR B 1539 77.89 -54.75 3.99
C THR B 1539 78.50 -53.40 4.34
N ASP B 1540 79.02 -52.71 3.32
CA ASP B 1540 79.62 -51.41 3.53
C ASP B 1540 79.68 -50.57 2.26
N PRO B 1541 78.59 -49.88 1.92
CA PRO B 1541 78.65 -48.94 0.77
C PRO B 1541 79.53 -47.74 1.10
N VAL B 1542 80.67 -47.63 0.42
CA VAL B 1542 81.73 -46.73 0.84
C VAL B 1542 81.75 -45.50 -0.06
N GLN B 1543 82.01 -44.35 0.53
CA GLN B 1543 82.40 -43.13 -0.17
C GLN B 1543 81.37 -42.75 -1.24
N LYS B 1544 80.11 -42.75 -0.84
CA LYS B 1544 79.04 -42.14 -1.63
C LYS B 1544 78.83 -40.75 -1.05
N VAL B 1545 79.72 -39.84 -1.41
CA VAL B 1545 79.82 -38.55 -0.74
C VAL B 1545 78.98 -37.51 -1.47
N ILE B 1546 78.30 -36.67 -0.72
CA ILE B 1546 77.47 -35.60 -1.24
C ILE B 1546 77.82 -34.32 -0.51
N SER B 1547 78.32 -33.34 -1.25
CA SER B 1547 78.98 -32.21 -0.61
C SER B 1547 78.39 -30.92 -1.13
N LEU B 1548 78.65 -29.84 -0.40
CA LEU B 1548 78.16 -28.52 -0.74
C LEU B 1548 79.34 -27.62 -1.06
N TYR B 1549 79.20 -26.80 -2.09
CA TYR B 1549 80.28 -25.91 -2.48
C TYR B 1549 79.75 -24.52 -2.67
N THR B 1550 80.66 -23.56 -2.78
CA THR B 1550 80.33 -22.18 -3.07
C THR B 1550 81.41 -21.60 -3.95
N THR B 1551 81.08 -21.30 -5.20
CA THR B 1551 82.08 -20.80 -6.11
C THR B 1551 82.57 -19.44 -5.63
N PRO B 1552 83.79 -19.04 -5.99
CA PRO B 1552 84.30 -17.75 -5.54
C PRO B 1552 83.44 -16.58 -5.96
N ASP B 1553 82.62 -16.72 -6.99
CA ASP B 1553 81.77 -15.64 -7.46
C ASP B 1553 80.34 -15.76 -6.98
N GLY B 1554 80.07 -16.63 -6.00
CA GLY B 1554 78.80 -16.56 -5.31
C GLY B 1554 77.93 -17.79 -5.41
N ALA B 1555 78.04 -18.54 -6.49
CA ALA B 1555 77.14 -19.66 -6.71
C ALA B 1555 77.41 -20.77 -5.71
N GLN B 1556 76.35 -21.33 -5.17
CA GLN B 1556 76.42 -22.55 -4.39
C GLN B 1556 75.89 -23.69 -5.22
N TYR B 1557 76.26 -24.90 -4.84
CA TYR B 1557 75.71 -26.07 -5.49
C TYR B 1557 75.98 -27.27 -4.61
N MET B 1558 75.01 -28.17 -4.57
CA MET B 1558 75.19 -29.47 -3.95
C MET B 1558 75.74 -30.41 -5.00
N GLU B 1559 76.91 -30.96 -4.76
CA GLU B 1559 77.56 -31.85 -5.71
C GLU B 1559 77.43 -33.26 -5.21
N TRP B 1560 76.58 -34.04 -5.83
CA TRP B 1560 76.41 -35.43 -5.44
C TRP B 1560 76.83 -36.30 -6.60
N ASP B 1561 76.63 -37.60 -6.50
CA ASP B 1561 77.55 -38.59 -7.08
C ASP B 1561 78.28 -38.11 -8.33
N GLY B 1562 77.56 -37.68 -9.34
CA GLY B 1562 78.24 -37.25 -10.54
C GLY B 1562 77.61 -36.03 -11.15
N TYR B 1563 76.73 -35.38 -10.40
CA TYR B 1563 76.01 -34.22 -10.89
C TYR B 1563 76.23 -33.06 -9.94
N ARG B 1564 75.71 -31.90 -10.34
CA ARG B 1564 75.71 -30.73 -9.50
C ARG B 1564 74.34 -30.07 -9.58
N THR B 1565 73.81 -29.70 -8.44
CA THR B 1565 72.53 -29.03 -8.36
C THR B 1565 72.75 -27.66 -7.74
N ARG B 1566 72.41 -26.62 -8.47
CA ARG B 1566 72.57 -25.27 -7.96
C ARG B 1566 71.57 -25.03 -6.84
N LEU B 1567 72.06 -24.56 -5.70
CA LEU B 1567 71.20 -24.39 -4.54
C LEU B 1567 70.63 -22.98 -4.47
N ASN B 1568 71.47 -21.97 -4.56
CA ASN B 1568 71.01 -20.60 -4.41
C ASN B 1568 70.89 -19.93 -5.77
N THR B 1569 70.66 -18.62 -5.78
CA THR B 1569 70.69 -17.83 -7.01
C THR B 1569 71.27 -16.47 -6.74
N LEU B 1570 72.01 -15.95 -7.71
CA LEU B 1570 72.53 -14.59 -7.64
C LEU B 1570 71.63 -13.58 -8.31
N PHE B 1571 70.34 -13.85 -8.36
CA PHE B 1571 69.43 -12.94 -9.03
C PHE B 1571 69.31 -11.64 -8.28
N THR B 1572 69.38 -11.68 -6.96
CA THR B 1572 69.10 -10.48 -6.19
C THR B 1572 70.26 -9.50 -6.19
N ARG B 1573 71.46 -9.96 -6.51
CA ARG B 1573 72.58 -9.06 -6.62
C ARG B 1573 72.53 -8.22 -7.88
N GLN B 1574 71.66 -8.58 -8.82
CA GLN B 1574 71.51 -7.85 -10.06
C GLN B 1574 70.15 -7.22 -10.19
N LEU B 1575 69.12 -7.78 -9.58
CA LEU B 1575 67.82 -7.14 -9.47
C LEU B 1575 67.91 -5.78 -8.81
N ILE B 1576 68.93 -5.56 -8.00
CA ILE B 1576 68.97 -4.39 -7.14
C ILE B 1576 69.09 -3.12 -7.96
N GLU B 1577 69.70 -3.22 -9.13
CA GLU B 1577 69.91 -2.09 -10.02
C GLU B 1577 68.71 -1.85 -10.91
N ARG B 1578 68.07 -2.93 -11.36
CA ARG B 1578 66.82 -2.78 -12.09
C ARG B 1578 65.75 -2.17 -11.22
N ALA B 1579 65.72 -2.51 -9.94
CA ALA B 1579 64.62 -2.13 -9.05
C ALA B 1579 64.49 -0.64 -8.83
N ASN B 1580 65.50 0.15 -9.18
CA ASN B 1580 65.38 1.58 -8.98
C ASN B 1580 64.60 2.23 -10.11
N ASN B 1581 64.50 1.56 -11.24
CA ASN B 1581 63.72 2.12 -12.33
C ASN B 1581 62.24 1.84 -12.19
N GLY B 1582 61.85 0.92 -11.32
CA GLY B 1582 60.46 0.71 -10.99
C GLY B 1582 60.00 -0.69 -11.34
N ILE B 1583 58.71 -0.92 -11.10
CA ILE B 1583 58.11 -2.21 -11.42
C ILE B 1583 58.25 -2.51 -12.89
N ASP B 1584 58.13 -1.51 -13.74
CA ASP B 1584 58.20 -1.74 -15.17
C ASP B 1584 59.53 -2.32 -15.58
N ALA B 1585 60.60 -1.95 -14.87
CA ALA B 1585 61.92 -2.47 -15.15
C ALA B 1585 62.21 -3.76 -14.40
N ILE B 1586 61.59 -3.98 -13.25
CA ILE B 1586 61.78 -5.24 -12.55
C ILE B 1586 61.12 -6.37 -13.30
N LEU B 1587 59.97 -6.12 -13.90
CA LEU B 1587 59.16 -7.17 -14.49
C LEU B 1587 59.37 -7.31 -15.99
N SER B 1588 60.32 -6.61 -16.56
CA SER B 1588 60.53 -6.71 -17.99
C SER B 1588 61.43 -7.90 -18.32
N PRO B 1589 61.28 -8.50 -19.50
CA PRO B 1589 61.99 -9.76 -19.78
C PRO B 1589 63.49 -9.68 -19.66
N GLU B 1590 64.07 -8.50 -19.78
CA GLU B 1590 65.50 -8.37 -19.57
C GLU B 1590 65.89 -8.74 -18.16
N THR B 1591 64.98 -8.55 -17.20
CA THR B 1591 65.26 -9.02 -15.86
C THR B 1591 65.23 -10.53 -15.80
N GLN B 1592 64.45 -11.17 -16.66
CA GLN B 1592 64.30 -12.60 -16.59
C GLN B 1592 65.37 -13.34 -17.34
N TYR B 1593 66.14 -12.65 -18.18
CA TYR B 1593 67.26 -13.28 -18.86
C TYR B 1593 68.57 -13.09 -18.12
N LEU B 1594 68.54 -12.74 -16.87
CA LEU B 1594 69.76 -12.34 -16.18
C LEU B 1594 70.68 -13.54 -16.02
N PRO B 1595 71.98 -13.36 -16.23
CA PRO B 1595 72.89 -14.51 -16.22
C PRO B 1595 73.15 -15.03 -14.82
N GLU B 1596 73.90 -16.11 -14.73
CA GLU B 1596 74.16 -16.78 -13.48
C GLU B 1596 75.46 -17.57 -13.58
N PRO B 1597 76.36 -17.45 -12.62
CA PRO B 1597 77.66 -18.10 -12.73
C PRO B 1597 77.49 -19.60 -12.85
N LYS B 1598 78.47 -20.23 -13.46
CA LYS B 1598 78.21 -21.65 -13.64
C LYS B 1598 78.61 -22.41 -12.39
N PRO B 1599 77.91 -23.48 -12.09
CA PRO B 1599 78.15 -24.17 -10.82
C PRO B 1599 79.48 -24.89 -10.81
N GLY B 1600 80.47 -24.30 -10.18
CA GLY B 1600 81.73 -24.97 -10.06
C GLY B 1600 82.52 -24.98 -11.36
N GLN B 1601 83.34 -26.01 -11.49
CA GLN B 1601 84.18 -26.16 -12.66
C GLN B 1601 83.58 -27.15 -13.64
N GLY B 1602 83.49 -26.76 -14.89
CA GLY B 1602 82.89 -27.58 -15.91
C GLY B 1602 82.56 -26.72 -17.10
N THR B 1603 81.99 -27.35 -18.10
CA THR B 1603 81.70 -26.66 -19.33
C THR B 1603 80.24 -26.85 -19.71
N TYR B 1604 79.67 -25.80 -20.31
CA TYR B 1604 78.41 -25.94 -21.01
C TYR B 1604 78.71 -26.57 -22.35
N VAL B 1605 77.80 -27.42 -22.82
CA VAL B 1605 77.96 -28.08 -24.10
C VAL B 1605 76.60 -28.11 -24.77
N THR B 1606 76.51 -27.55 -25.96
CA THR B 1606 75.28 -27.55 -26.73
C THR B 1606 75.38 -28.59 -27.83
N LEU B 1607 74.88 -29.78 -27.57
CA LEU B 1607 74.90 -30.87 -28.54
C LEU B 1607 73.73 -30.68 -29.49
N ILE B 1608 74.02 -30.59 -30.78
CA ILE B 1608 72.99 -30.62 -31.80
C ILE B 1608 72.97 -32.00 -32.42
N LEU B 1609 71.79 -32.53 -32.67
CA LEU B 1609 71.64 -33.89 -33.16
C LEU B 1609 70.77 -33.91 -34.40
N LYS B 1610 71.06 -34.86 -35.28
CA LYS B 1610 70.33 -34.98 -36.53
C LYS B 1610 68.94 -35.55 -36.29
N PRO B 1611 68.03 -35.41 -37.25
CA PRO B 1611 66.72 -36.04 -37.12
C PRO B 1611 66.83 -37.56 -37.06
N TYR B 1612 65.69 -38.20 -36.87
CA TYR B 1612 65.67 -39.65 -36.71
C TYR B 1612 65.94 -40.35 -38.03
N ASP B 1613 66.99 -41.17 -38.06
CA ASP B 1613 67.26 -42.11 -39.14
C ASP B 1613 67.21 -43.51 -38.60
N LYS B 1614 66.45 -44.38 -39.27
CA LYS B 1614 66.19 -45.71 -38.76
C LYS B 1614 67.46 -46.55 -38.67
N ASN B 1615 68.52 -46.13 -39.35
CA ASN B 1615 69.73 -46.95 -39.39
C ASN B 1615 70.65 -46.63 -38.22
N THR B 1616 70.90 -45.36 -37.99
CA THR B 1616 71.82 -44.93 -36.94
C THR B 1616 71.21 -44.94 -35.55
N HIS B 1617 69.88 -44.82 -35.45
CA HIS B 1617 69.23 -44.74 -34.16
C HIS B 1617 68.53 -46.02 -33.75
N GLY B 1618 68.57 -47.05 -34.57
CA GLY B 1618 67.73 -48.18 -34.24
C GLY B 1618 66.28 -47.84 -34.51
N THR B 1619 65.40 -48.57 -33.83
CA THR B 1619 63.97 -48.41 -34.03
C THR B 1619 63.34 -47.36 -33.12
N ASN B 1620 63.73 -47.32 -31.86
CA ASN B 1620 63.12 -46.41 -30.90
C ASN B 1620 63.67 -45.00 -31.11
N ARG B 1621 62.78 -44.00 -31.00
CA ARG B 1621 63.17 -42.64 -31.28
C ARG B 1621 63.75 -41.91 -30.08
N ALA B 1622 63.85 -42.57 -28.93
CA ALA B 1622 64.36 -41.94 -27.73
C ALA B 1622 65.88 -42.05 -27.67
N PHE B 1623 66.50 -41.10 -26.96
CA PHE B 1623 67.94 -41.06 -26.85
C PHE B 1623 68.29 -40.46 -25.51
N THR B 1624 69.38 -40.97 -24.93
CA THR B 1624 69.94 -40.42 -23.70
C THR B 1624 71.43 -40.26 -23.89
N ILE B 1625 71.97 -39.12 -23.48
CA ILE B 1625 73.37 -38.84 -23.74
C ILE B 1625 74.10 -38.80 -22.41
N TYR B 1626 75.24 -39.49 -22.33
CA TYR B 1626 75.97 -39.63 -21.09
C TYR B 1626 77.21 -38.77 -21.12
N TYR B 1627 77.95 -38.80 -20.01
CA TYR B 1627 79.29 -38.25 -19.98
C TYR B 1627 80.10 -39.10 -19.03
N SER B 1628 81.42 -39.01 -19.15
CA SER B 1628 82.30 -39.71 -18.23
C SER B 1628 83.62 -38.96 -18.19
N ASN B 1629 84.59 -39.48 -17.44
CA ASN B 1629 85.74 -38.69 -17.03
C ASN B 1629 86.95 -38.73 -17.95
N ASP B 1630 87.45 -39.90 -18.35
CA ASP B 1630 86.88 -41.22 -18.25
C ASP B 1630 87.95 -42.28 -18.20
N ALA B 1631 88.08 -42.93 -17.05
CA ALA B 1631 88.88 -44.15 -16.97
C ALA B 1631 88.01 -45.31 -17.43
N THR B 1632 87.94 -45.51 -18.76
CA THR B 1632 86.83 -46.24 -19.37
C THR B 1632 86.58 -47.56 -18.67
N GLY B 1633 85.38 -47.70 -18.13
CA GLY B 1633 85.11 -48.64 -17.07
C GLY B 1633 84.88 -47.98 -15.73
N SER B 1634 84.96 -46.65 -15.65
CA SER B 1634 84.75 -45.91 -14.42
C SER B 1634 83.31 -45.44 -14.27
N GLY B 1635 82.40 -45.96 -15.07
CA GLY B 1635 81.01 -45.57 -14.97
C GLY B 1635 80.75 -44.21 -15.57
N LYS B 1636 79.63 -44.06 -16.25
CA LYS B 1636 79.28 -42.80 -16.87
C LYS B 1636 77.91 -42.40 -16.38
N PHE B 1637 77.68 -41.13 -16.30
CA PHE B 1637 76.48 -40.63 -15.67
C PHE B 1637 75.51 -40.12 -16.71
N PRO B 1638 74.27 -40.59 -16.72
CA PRO B 1638 73.28 -40.07 -17.67
C PRO B 1638 73.02 -38.60 -17.38
N VAL B 1639 73.24 -37.75 -18.36
CA VAL B 1639 73.10 -36.31 -18.13
C VAL B 1639 71.92 -35.72 -18.87
N TYR B 1640 71.24 -36.49 -19.71
CA TYR B 1640 70.11 -35.95 -20.44
C TYR B 1640 69.39 -37.12 -21.11
N SER B 1641 68.08 -37.06 -21.10
CA SER B 1641 67.28 -38.03 -21.82
C SER B 1641 66.29 -37.24 -22.65
N GLY B 1642 65.86 -37.81 -23.76
CA GLY B 1642 64.90 -37.10 -24.58
C GLY B 1642 64.44 -37.94 -25.75
N SER B 1643 63.51 -37.38 -26.50
CA SER B 1643 62.98 -38.03 -27.69
C SER B 1643 63.53 -37.30 -28.90
N LEU B 1644 64.37 -37.98 -29.65
CA LEU B 1644 65.01 -37.38 -30.81
C LEU B 1644 63.96 -37.09 -31.87
N SER B 1645 64.13 -35.97 -32.55
CA SER B 1645 63.08 -35.44 -33.42
C SER B 1645 63.17 -36.02 -34.82
N VAL B 1646 62.10 -35.82 -35.56
CA VAL B 1646 62.05 -36.24 -36.96
C VAL B 1646 61.93 -35.01 -37.84
N THR B 1647 62.66 -35.03 -38.96
CA THR B 1647 62.71 -33.91 -39.90
C THR B 1647 63.10 -32.62 -39.21
N ASP B 1648 64.01 -32.70 -38.24
CA ASP B 1648 64.48 -31.50 -37.56
C ASP B 1648 65.68 -31.84 -36.69
N ASN B 1649 66.62 -30.92 -36.62
CA ASN B 1649 67.70 -31.04 -35.66
C ASN B 1649 67.17 -30.78 -34.26
N THR B 1650 67.58 -31.61 -33.31
CA THR B 1650 67.29 -31.38 -31.91
C THR B 1650 68.58 -30.91 -31.26
N GLU B 1651 68.45 -29.91 -30.39
CA GLU B 1651 69.59 -29.25 -29.77
C GLU B 1651 69.45 -29.39 -28.27
N VAL B 1652 70.35 -30.16 -27.66
CA VAL B 1652 70.34 -30.38 -26.22
C VAL B 1652 71.56 -29.70 -25.61
N LYS B 1653 71.32 -28.83 -24.65
CA LYS B 1653 72.38 -28.10 -23.98
C LYS B 1653 72.53 -28.59 -22.54
N LEU B 1654 73.77 -28.71 -22.10
CA LEU B 1654 74.05 -29.31 -20.81
C LEU B 1654 75.08 -28.48 -20.08
N PHE B 1655 75.38 -28.90 -18.87
CA PHE B 1655 76.55 -28.46 -18.12
C PHE B 1655 77.22 -29.72 -17.62
N ILE B 1656 78.41 -30.00 -18.11
CA ILE B 1656 79.14 -31.21 -17.75
C ILE B 1656 80.10 -30.85 -16.63
N PRO B 1657 79.90 -31.33 -15.42
CA PRO B 1657 80.72 -30.92 -14.29
C PRO B 1657 82.07 -31.63 -14.29
N LEU B 1658 83.02 -31.00 -13.64
CA LEU B 1658 84.37 -31.54 -13.49
C LEU B 1658 84.54 -31.96 -12.04
N ILE B 1659 84.44 -33.26 -11.78
CA ILE B 1659 84.33 -33.73 -10.40
C ILE B 1659 85.56 -34.52 -10.01
N LYS B 1660 86.27 -35.07 -10.99
CA LYS B 1660 87.38 -36.00 -10.83
C LYS B 1660 88.31 -35.70 -9.66
N PRO B 1661 88.61 -34.41 -9.36
CA PRO B 1661 89.32 -34.18 -8.11
C PRO B 1661 88.61 -34.74 -6.88
N GLN B 1674 95.32 -31.94 -18.32
CA GLN B 1674 94.28 -32.19 -19.31
C GLN B 1674 93.04 -32.76 -18.65
N ASP B 1675 92.13 -31.90 -18.22
CA ASP B 1675 90.91 -32.34 -17.57
C ASP B 1675 89.96 -32.95 -18.59
N THR B 1676 89.98 -34.26 -18.71
CA THR B 1676 89.22 -34.91 -19.76
C THR B 1676 87.75 -34.98 -19.41
N LEU B 1677 86.91 -35.06 -20.44
CA LEU B 1677 85.49 -35.35 -20.31
C LEU B 1677 85.04 -36.05 -21.58
N TYR B 1678 84.13 -37.01 -21.43
CA TYR B 1678 83.80 -37.86 -22.57
C TYR B 1678 82.30 -38.05 -22.66
N LEU B 1679 81.72 -37.54 -23.74
CA LEU B 1679 80.29 -37.57 -23.96
C LEU B 1679 79.93 -38.69 -24.90
N ASN B 1680 78.82 -39.36 -24.61
CA ASN B 1680 78.32 -40.49 -25.39
C ASN B 1680 76.93 -40.16 -25.90
N ALA B 1681 76.25 -41.21 -26.33
CA ALA B 1681 74.81 -41.17 -26.57
C ALA B 1681 74.36 -42.62 -26.56
N THR B 1682 73.08 -42.85 -26.30
CA THR B 1682 72.53 -44.19 -26.31
C THR B 1682 71.19 -44.16 -27.02
N TYR B 1683 71.07 -44.96 -28.05
CA TYR B 1683 69.86 -45.06 -28.86
C TYR B 1683 69.28 -46.46 -28.71
N GLN B 1684 68.26 -46.77 -29.52
CA GLN B 1684 67.81 -48.15 -29.58
C GLN B 1684 68.82 -49.06 -30.23
N LYS B 1685 69.63 -48.52 -31.16
CA LYS B 1685 70.62 -49.35 -31.84
C LYS B 1685 71.74 -49.76 -30.89
N GLU B 1686 72.53 -48.80 -30.44
CA GLU B 1686 73.66 -49.08 -29.56
C GLU B 1686 74.18 -47.77 -28.99
N ALA B 1687 75.10 -47.88 -28.03
CA ALA B 1687 75.73 -46.72 -27.43
C ALA B 1687 76.94 -46.30 -28.24
N THR B 1688 76.92 -45.05 -28.69
CA THR B 1688 77.94 -44.58 -29.61
C THR B 1688 79.29 -44.44 -28.90
N LYS B 1689 80.25 -43.87 -29.62
CA LYS B 1689 81.60 -43.74 -29.09
C LYS B 1689 81.76 -42.41 -28.38
N GLN B 1690 82.69 -42.37 -27.44
CA GLN B 1690 82.93 -41.19 -26.64
C GLN B 1690 83.41 -40.03 -27.49
N ILE B 1691 83.53 -38.87 -26.85
CA ILE B 1691 84.03 -37.66 -27.46
C ILE B 1691 84.86 -36.94 -26.40
N LEU B 1692 86.14 -36.78 -26.66
CA LEU B 1692 86.96 -36.09 -25.69
C LEU B 1692 86.63 -34.61 -25.66
N LEU B 1693 86.57 -34.07 -24.45
CA LEU B 1693 86.55 -32.63 -24.19
C LEU B 1693 87.58 -32.42 -23.10
N PHE B 1694 88.60 -31.64 -23.39
CA PHE B 1694 89.68 -31.43 -22.46
C PHE B 1694 90.10 -29.97 -22.51
N ARG B 1695 91.08 -29.63 -21.68
CA ARG B 1695 91.65 -28.31 -21.75
C ARG B 1695 93.12 -28.38 -21.37
N THR B 1696 93.88 -27.43 -21.91
CA THR B 1696 95.31 -27.34 -21.62
C THR B 1696 95.62 -26.40 -20.47
N ASP B 1697 94.89 -25.30 -20.33
CA ASP B 1697 95.17 -24.29 -19.33
C ASP B 1697 94.17 -24.41 -18.19
N ASN B 1698 94.28 -23.50 -17.23
CA ASN B 1698 93.31 -23.36 -16.16
C ASN B 1698 92.24 -22.35 -16.51
N ASN B 1699 91.96 -22.13 -17.79
CA ASN B 1699 90.88 -21.24 -18.16
C ASN B 1699 89.55 -21.83 -17.69
N PRO B 1700 88.67 -21.03 -17.11
CA PRO B 1700 87.40 -21.60 -16.64
C PRO B 1700 86.46 -21.95 -17.77
N GLU B 1701 86.41 -21.14 -18.82
CA GLU B 1701 85.54 -21.44 -19.95
C GLU B 1701 86.27 -22.17 -21.06
N GLY B 1702 87.58 -22.31 -20.94
CA GLY B 1702 88.33 -22.98 -21.98
C GLY B 1702 88.23 -24.49 -21.90
N TRP B 1703 87.47 -25.08 -22.81
CA TRP B 1703 87.41 -26.53 -22.93
C TRP B 1703 87.49 -26.82 -24.43
N THR B 1704 88.54 -27.55 -24.81
CA THR B 1704 88.91 -27.72 -26.21
C THR B 1704 87.75 -28.25 -27.05
N LEU B 1705 87.34 -27.44 -28.00
CA LEU B 1705 86.49 -27.88 -29.11
C LEU B 1705 87.25 -28.92 -29.91
N ASP B 1706 86.54 -29.94 -30.39
CA ASP B 1706 87.08 -30.85 -31.40
C ASP B 1706 88.42 -31.43 -30.93
N LYS B 1707 88.32 -32.24 -29.89
CA LYS B 1707 89.50 -32.76 -29.22
C LYS B 1707 90.20 -33.74 -30.14
N SER B 1708 91.12 -34.51 -29.55
CA SER B 1708 92.19 -35.16 -30.29
C SER B 1708 91.69 -36.28 -31.19
N VAL B 1709 92.62 -37.14 -31.62
CA VAL B 1709 92.50 -37.98 -32.81
C VAL B 1709 91.12 -38.56 -33.01
N ASN B 1710 90.36 -38.78 -31.94
CA ASN B 1710 88.99 -39.25 -32.09
C ASN B 1710 88.21 -38.34 -33.03
N ASN B 1711 87.24 -38.92 -33.75
CA ASN B 1711 86.60 -38.22 -34.84
C ASN B 1711 85.89 -36.95 -34.38
N GLY B 1712 85.39 -36.94 -33.14
CA GLY B 1712 84.62 -35.81 -32.68
C GLY B 1712 83.18 -35.82 -33.12
N THR B 1713 82.52 -36.98 -33.08
CA THR B 1713 81.14 -37.12 -33.51
C THR B 1713 80.62 -38.49 -33.07
N PHE B 1714 79.37 -38.53 -32.59
CA PHE B 1714 78.74 -39.80 -32.27
C PHE B 1714 78.26 -40.53 -33.50
N ALA B 1715 78.16 -39.85 -34.62
CA ALA B 1715 77.42 -40.25 -35.80
C ALA B 1715 75.94 -39.92 -35.64
N GLY B 1716 75.56 -39.28 -34.54
CA GLY B 1716 74.17 -38.87 -34.38
C GLY B 1716 74.05 -37.36 -34.51
N LEU B 1717 75.18 -36.67 -34.41
CA LEU B 1717 75.20 -35.22 -34.58
C LEU B 1717 75.71 -34.79 -35.94
N ALA B 1718 76.73 -35.51 -36.44
CA ALA B 1718 77.21 -35.47 -37.83
C ALA B 1718 77.14 -34.09 -38.46
N GLU B 1719 77.46 -33.06 -37.67
CA GLU B 1719 77.46 -31.70 -38.17
C GLU B 1719 78.60 -30.94 -37.53
N ASN B 1720 78.87 -29.76 -38.06
CA ASN B 1720 79.86 -28.89 -37.46
C ASN B 1720 79.33 -28.19 -36.21
N GLY B 1721 78.14 -28.54 -35.74
CA GLY B 1721 77.55 -27.90 -34.60
C GLY B 1721 77.59 -28.76 -33.35
N VAL B 1722 78.56 -28.47 -32.48
CA VAL B 1722 78.67 -29.11 -31.18
C VAL B 1722 78.87 -28.05 -30.11
N THR B 1723 79.36 -26.89 -30.52
CA THR B 1723 80.22 -26.13 -29.63
C THR B 1723 79.58 -25.66 -28.33
N GLY B 1724 78.80 -24.57 -28.38
CA GLY B 1724 78.34 -23.94 -27.15
C GLY B 1724 79.31 -23.97 -25.99
N LEU B 1725 80.62 -23.88 -26.23
CA LEU B 1725 81.59 -24.29 -25.22
C LEU B 1725 82.01 -23.12 -24.33
N LEU B 1726 81.84 -21.91 -24.80
CA LEU B 1726 82.11 -20.71 -24.01
C LEU B 1726 80.93 -20.41 -23.10
N GLN B 1727 80.75 -19.15 -22.73
CA GLN B 1727 79.64 -18.66 -21.88
C GLN B 1727 79.73 -19.23 -20.47
N SER B 1728 80.64 -18.66 -19.70
CA SER B 1728 80.74 -19.01 -18.29
C SER B 1728 79.41 -18.80 -17.55
N GLY B 1729 78.45 -18.13 -18.17
CA GLY B 1729 77.16 -17.94 -17.53
C GLY B 1729 75.95 -18.53 -18.22
N GLU B 1730 75.03 -19.11 -17.46
CA GLU B 1730 73.74 -19.52 -17.99
C GLU B 1730 72.63 -18.58 -17.51
N PRO B 1731 71.49 -18.56 -18.19
CA PRO B 1731 70.39 -17.70 -17.77
C PRO B 1731 69.77 -18.19 -16.47
N MET B 1732 68.92 -17.34 -15.92
CA MET B 1732 68.20 -17.65 -14.71
C MET B 1732 67.28 -18.83 -14.93
N ASP B 1733 67.23 -19.75 -13.98
CA ASP B 1733 66.52 -21.02 -14.15
C ASP B 1733 65.13 -20.93 -13.56
N PHE B 1734 64.15 -21.31 -14.37
CA PHE B 1734 62.74 -21.24 -13.99
C PHE B 1734 62.18 -22.61 -13.68
N SER B 1735 63.03 -23.63 -13.63
CA SER B 1735 62.60 -24.96 -13.24
C SER B 1735 63.58 -25.60 -12.27
N GLY B 1736 64.44 -24.82 -11.64
CA GLY B 1736 65.38 -25.31 -10.67
C GLY B 1736 64.87 -25.14 -9.26
N ALA B 1737 65.82 -25.03 -8.33
CA ALA B 1737 65.47 -24.99 -6.93
C ALA B 1737 64.58 -23.79 -6.61
N ASN B 1738 64.94 -22.62 -7.09
CA ASN B 1738 64.19 -21.41 -6.79
C ASN B 1738 63.12 -21.13 -7.83
N ALA B 1739 62.65 -22.15 -8.53
CA ALA B 1739 61.65 -21.91 -9.55
C ALA B 1739 60.43 -21.23 -8.97
N LEU B 1740 60.04 -21.60 -7.76
CA LEU B 1740 58.80 -21.09 -7.20
C LEU B 1740 58.88 -19.58 -7.01
N TYR B 1741 60.02 -19.08 -6.55
CA TYR B 1741 60.12 -17.66 -6.28
C TYR B 1741 60.15 -16.86 -7.57
N PHE B 1742 60.86 -17.35 -8.58
CA PHE B 1742 60.88 -16.66 -9.86
C PHE B 1742 59.52 -16.67 -10.50
N TRP B 1743 58.84 -17.81 -10.47
CA TRP B 1743 57.53 -17.87 -11.06
C TRP B 1743 56.56 -16.97 -10.35
N GLU B 1744 56.59 -16.93 -9.03
CA GLU B 1744 55.75 -15.99 -8.31
C GLU B 1744 56.05 -14.57 -8.76
N LEU B 1745 57.29 -14.13 -8.60
CA LEU B 1745 57.65 -12.75 -8.91
C LEU B 1745 57.26 -12.36 -10.33
N PHE B 1746 57.46 -13.24 -11.29
CA PHE B 1746 57.35 -12.83 -12.67
C PHE B 1746 56.03 -13.18 -13.32
N TYR B 1747 55.30 -14.16 -12.82
CA TYR B 1747 53.98 -14.45 -13.34
C TYR B 1747 52.90 -14.34 -12.28
N TYR B 1748 53.06 -14.98 -11.14
CA TYR B 1748 51.92 -15.11 -10.26
C TYR B 1748 51.61 -13.81 -9.58
N THR B 1749 52.57 -12.92 -9.50
CA THR B 1749 52.31 -11.65 -8.86
C THR B 1749 51.57 -10.73 -9.81
N PRO B 1750 52.03 -10.53 -11.05
CA PRO B 1750 51.21 -9.71 -11.95
C PRO B 1750 49.85 -10.30 -12.21
N MET B 1751 49.69 -11.60 -12.32
CA MET B 1751 48.36 -12.16 -12.53
C MET B 1751 47.47 -11.89 -11.33
N MET B 1752 48.02 -11.99 -10.13
CA MET B 1752 47.24 -11.71 -8.94
C MET B 1752 46.85 -10.25 -8.88
N VAL B 1753 47.79 -9.34 -9.15
CA VAL B 1753 47.44 -7.93 -9.08
C VAL B 1753 46.48 -7.55 -10.18
N ALA B 1754 46.58 -8.20 -11.33
CA ALA B 1754 45.67 -7.90 -12.42
C ALA B 1754 44.28 -8.42 -12.14
N THR B 1755 44.16 -9.65 -11.64
CA THR B 1755 42.85 -10.13 -11.27
C THR B 1755 42.29 -9.40 -10.08
N ARG B 1756 43.14 -8.78 -9.29
CA ARG B 1756 42.72 -8.07 -8.10
C ARG B 1756 42.33 -6.64 -8.41
N LEU B 1757 42.82 -6.09 -9.50
CA LEU B 1757 42.36 -4.81 -10.02
C LEU B 1757 41.18 -4.94 -10.95
N LEU B 1758 41.06 -6.06 -11.66
CA LEU B 1758 39.87 -6.30 -12.45
C LEU B 1758 38.64 -6.34 -11.57
N GLN B 1759 38.63 -7.21 -10.58
CA GLN B 1759 37.74 -6.99 -9.46
C GLN B 1759 38.06 -5.63 -8.87
N GLU B 1760 37.05 -4.95 -8.37
CA GLU B 1760 37.13 -3.54 -7.99
C GLU B 1760 37.27 -2.61 -9.17
N GLN B 1761 37.18 -3.15 -10.38
CA GLN B 1761 36.97 -2.36 -11.59
C GLN B 1761 37.98 -1.24 -11.77
N ASN B 1762 39.25 -1.60 -11.77
CA ASN B 1762 40.32 -0.69 -12.19
C ASN B 1762 40.85 -1.20 -13.50
N PHE B 1763 40.18 -0.85 -14.58
CA PHE B 1763 40.51 -1.49 -15.85
C PHE B 1763 41.77 -0.93 -16.46
N THR B 1764 41.97 0.37 -16.40
CA THR B 1764 43.15 0.92 -17.03
C THR B 1764 44.43 0.51 -16.33
N GLU B 1765 44.34 -0.01 -15.12
CA GLU B 1765 45.50 -0.50 -14.40
C GLU B 1765 45.60 -2.01 -14.42
N ALA B 1766 44.47 -2.70 -14.42
CA ALA B 1766 44.48 -4.12 -14.70
C ALA B 1766 45.11 -4.40 -16.05
N ASN B 1767 44.86 -3.54 -17.03
CA ASN B 1767 45.49 -3.73 -18.33
C ASN B 1767 46.98 -3.48 -18.26
N ARG B 1768 47.39 -2.47 -17.50
CA ARG B 1768 48.80 -2.21 -17.35
C ARG B 1768 49.51 -3.40 -16.72
N TRP B 1769 48.84 -4.08 -15.80
CA TRP B 1769 49.49 -5.19 -15.10
C TRP B 1769 49.44 -6.47 -15.89
N LEU B 1770 48.42 -6.66 -16.72
CA LEU B 1770 48.47 -7.81 -17.61
C LEU B 1770 49.49 -7.60 -18.69
N SER B 1771 49.73 -6.37 -19.12
CA SER B 1771 50.75 -6.11 -20.11
C SER B 1771 52.14 -6.31 -19.57
N TYR B 1772 52.30 -6.76 -18.33
CA TYR B 1772 53.59 -7.24 -17.88
C TYR B 1772 53.79 -8.69 -18.26
N ILE B 1773 52.72 -9.36 -18.64
CA ILE B 1773 52.78 -10.77 -18.99
C ILE B 1773 52.68 -10.91 -20.49
N TRP B 1774 51.57 -10.48 -21.05
CA TRP B 1774 51.32 -10.62 -22.47
C TRP B 1774 51.10 -9.26 -23.08
N GLN B 1775 51.56 -9.08 -24.30
CA GLN B 1775 51.47 -7.82 -24.88
C GLN B 1775 51.38 -8.12 -26.36
N PRO B 1776 50.43 -7.54 -27.07
CA PRO B 1776 50.22 -7.94 -28.47
C PRO B 1776 51.36 -7.47 -29.35
N ALA B 1777 51.78 -8.34 -30.25
CA ALA B 1777 52.89 -8.04 -31.13
C ALA B 1777 52.38 -7.58 -32.49
N ALA B 1778 53.20 -6.77 -33.15
CA ALA B 1778 52.85 -6.32 -34.49
C ALA B 1778 52.76 -7.49 -35.46
N SER B 1779 53.58 -8.51 -35.28
CA SER B 1779 53.41 -9.74 -36.04
C SER B 1779 52.15 -10.46 -35.59
N GLY B 1780 51.91 -11.62 -36.17
CA GLY B 1780 50.70 -12.35 -35.85
C GLY B 1780 50.60 -12.72 -34.39
N ALA B 1781 51.54 -13.50 -33.88
CA ALA B 1781 51.42 -14.05 -32.54
C ALA B 1781 51.67 -12.97 -31.49
N GLY B 1782 51.15 -13.21 -30.29
CA GLY B 1782 51.38 -12.29 -29.21
C GLY B 1782 52.79 -12.36 -28.68
N ASP B 1783 53.15 -11.34 -27.93
CA ASP B 1783 54.47 -11.23 -27.33
C ASP B 1783 54.36 -11.56 -25.85
N TRP B 1784 54.72 -12.77 -25.49
CA TRP B 1784 54.70 -13.20 -24.09
C TRP B 1784 55.90 -12.62 -23.39
N ARG B 1785 55.66 -11.83 -22.36
CA ARG B 1785 56.75 -11.17 -21.65
C ARG B 1785 57.16 -11.90 -20.40
N VAL B 1786 56.73 -13.13 -20.21
CA VAL B 1786 57.22 -13.96 -19.13
C VAL B 1786 58.04 -15.06 -19.76
N ARG B 1787 59.32 -15.14 -19.38
CA ARG B 1787 60.24 -16.05 -20.05
C ARG B 1787 59.79 -17.50 -20.04
N PRO B 1788 59.39 -18.10 -18.93
CA PRO B 1788 59.02 -19.52 -18.95
C PRO B 1788 57.77 -19.82 -19.73
N LEU B 1789 56.91 -18.84 -19.96
CA LEU B 1789 55.82 -19.00 -20.90
C LEU B 1789 56.30 -18.85 -22.33
N LYS B 1790 57.16 -17.88 -22.59
CA LYS B 1790 57.68 -17.70 -23.94
C LYS B 1790 58.38 -18.95 -24.43
N GLU B 1791 59.10 -19.64 -23.55
CA GLU B 1791 59.75 -20.91 -23.87
C GLU B 1791 59.20 -21.94 -22.91
N ASP B 1792 58.21 -22.72 -23.37
CA ASP B 1792 57.35 -23.46 -22.46
C ASP B 1792 58.16 -24.30 -21.49
N THR B 1793 58.15 -23.91 -20.22
CA THR B 1793 59.03 -24.51 -19.22
C THR B 1793 58.16 -25.27 -18.23
N SER B 1794 58.16 -26.59 -18.34
CA SER B 1794 57.45 -27.41 -17.39
C SER B 1794 58.19 -27.37 -16.05
N TRP B 1795 57.47 -27.12 -14.98
CA TRP B 1795 58.09 -27.12 -13.67
C TRP B 1795 57.24 -27.82 -12.63
N ASN B 1796 56.59 -28.91 -13.02
CA ASN B 1796 55.92 -29.78 -12.07
C ASN B 1796 55.82 -31.14 -12.74
N ALA B 1797 56.70 -32.06 -12.38
CA ALA B 1797 56.77 -33.32 -13.10
C ALA B 1797 55.63 -34.27 -12.72
N ASP B 1798 55.02 -34.09 -11.54
CA ASP B 1798 54.03 -35.02 -11.02
C ASP B 1798 52.76 -34.26 -10.67
N PRO B 1799 51.96 -33.88 -11.66
CA PRO B 1799 50.83 -32.98 -11.39
C PRO B 1799 49.52 -33.68 -11.09
N LEU B 1800 49.40 -34.96 -11.37
CA LEU B 1800 48.14 -35.66 -11.17
C LEU B 1800 48.06 -36.39 -9.85
N ASP B 1801 48.99 -36.15 -8.95
CA ASP B 1801 48.91 -36.69 -7.60
C ASP B 1801 48.03 -35.85 -6.70
N SER B 1802 47.29 -34.90 -7.26
CA SER B 1802 46.37 -34.08 -6.48
C SER B 1802 45.37 -33.45 -7.41
N VAL B 1803 44.20 -33.14 -6.88
CA VAL B 1803 43.14 -32.52 -7.66
C VAL B 1803 43.35 -31.01 -7.48
N ASP B 1804 44.24 -30.45 -8.29
CA ASP B 1804 44.42 -29.01 -8.29
C ASP B 1804 44.81 -28.57 -9.69
N PRO B 1805 44.24 -27.48 -10.19
CA PRO B 1805 44.56 -27.06 -11.55
C PRO B 1805 45.92 -26.44 -11.69
N ASP B 1806 46.48 -25.90 -10.62
CA ASP B 1806 47.74 -25.21 -10.73
C ASP B 1806 48.87 -26.18 -10.99
N ALA B 1807 48.80 -27.37 -10.43
CA ALA B 1807 49.83 -28.36 -10.74
C ALA B 1807 49.81 -28.71 -12.22
N VAL B 1808 48.63 -28.91 -12.80
CA VAL B 1808 48.55 -29.22 -14.21
C VAL B 1808 49.07 -28.07 -15.04
N ALA B 1809 48.70 -26.84 -14.69
CA ALA B 1809 49.12 -25.71 -15.50
C ALA B 1809 50.60 -25.42 -15.32
N GLN B 1810 51.18 -25.82 -14.19
CA GLN B 1810 52.61 -25.71 -14.01
C GLN B 1810 53.34 -26.76 -14.81
N ASN B 1811 52.79 -27.95 -14.86
CA ASN B 1811 53.38 -28.99 -15.70
C ASN B 1811 53.33 -28.60 -17.16
N ASP B 1812 52.31 -27.84 -17.56
CA ASP B 1812 52.16 -27.40 -18.94
C ASP B 1812 51.77 -25.94 -19.00
N PRO B 1813 52.73 -25.02 -19.08
CA PRO B 1813 52.41 -23.59 -18.99
C PRO B 1813 51.59 -23.05 -20.14
N MET B 1814 51.29 -23.84 -21.17
CA MET B 1814 50.32 -23.36 -22.13
C MET B 1814 48.99 -23.08 -21.47
N HIS B 1815 48.68 -23.79 -20.40
CA HIS B 1815 47.49 -23.46 -19.64
C HIS B 1815 47.60 -22.12 -18.95
N TYR B 1816 48.80 -21.70 -18.57
CA TYR B 1816 48.93 -20.36 -18.02
C TYR B 1816 48.77 -19.32 -19.10
N LYS B 1817 49.23 -19.64 -20.32
CA LYS B 1817 48.95 -18.77 -21.44
C LYS B 1817 47.45 -18.59 -21.64
N VAL B 1818 46.72 -19.70 -21.65
CA VAL B 1818 45.28 -19.63 -21.87
C VAL B 1818 44.58 -18.94 -20.72
N SER B 1819 45.03 -19.15 -19.49
CA SER B 1819 44.46 -18.45 -18.35
C SER B 1819 44.69 -16.95 -18.46
N THR B 1820 45.88 -16.55 -18.87
CA THR B 1820 46.15 -15.13 -19.03
C THR B 1820 45.27 -14.52 -20.09
N LEU B 1821 45.12 -15.19 -21.23
CA LEU B 1821 44.25 -14.65 -22.26
C LEU B 1821 42.80 -14.65 -21.82
N MET B 1822 42.40 -15.59 -20.99
CA MET B 1822 41.05 -15.54 -20.48
C MET B 1822 40.84 -14.39 -19.52
N LYS B 1823 41.84 -14.06 -18.71
CA LYS B 1823 41.73 -12.87 -17.88
C LYS B 1823 41.68 -11.62 -18.74
N LEU B 1824 42.41 -11.61 -19.84
CA LEU B 1824 42.34 -10.46 -20.73
C LEU B 1824 40.98 -10.35 -21.39
N LEU B 1825 40.39 -11.47 -21.79
CA LEU B 1825 39.03 -11.45 -22.30
C LEU B 1825 38.06 -10.93 -21.25
N ASP B 1826 38.17 -11.42 -20.01
CA ASP B 1826 37.40 -10.85 -18.92
C ASP B 1826 37.54 -9.35 -18.87
N LEU B 1827 38.76 -8.85 -18.93
CA LEU B 1827 39.00 -7.42 -18.77
C LEU B 1827 38.36 -6.64 -19.91
N LEU B 1828 38.53 -7.12 -21.13
CA LEU B 1828 37.98 -6.39 -22.27
C LEU B 1828 36.47 -6.40 -22.25
N ILE B 1829 35.87 -7.53 -21.89
CA ILE B 1829 34.43 -7.57 -21.81
C ILE B 1829 33.92 -6.69 -20.69
N ALA B 1830 34.67 -6.56 -19.60
CA ALA B 1830 34.21 -5.71 -18.52
C ALA B 1830 34.33 -4.24 -18.89
N ARG B 1831 35.41 -3.85 -19.56
CA ARG B 1831 35.49 -2.48 -20.05
C ARG B 1831 34.37 -2.19 -21.04
N GLY B 1832 34.09 -3.15 -21.92
CA GLY B 1832 32.98 -2.98 -22.84
C GLY B 1832 31.67 -2.79 -22.12
N ASP B 1833 31.39 -3.61 -21.11
CA ASP B 1833 30.15 -3.48 -20.39
C ASP B 1833 30.07 -2.18 -19.62
N LYS B 1834 31.16 -1.74 -19.01
CA LYS B 1834 31.13 -0.47 -18.32
C LYS B 1834 30.82 0.67 -19.27
N ALA B 1835 31.46 0.68 -20.44
CA ALA B 1835 31.19 1.76 -21.39
C ALA B 1835 29.83 1.60 -22.03
N TYR B 1836 29.28 0.39 -22.02
CA TYR B 1836 27.99 0.13 -22.65
C TYR B 1836 26.83 0.48 -21.74
N ARG B 1837 27.06 0.49 -20.43
CA ARG B 1837 26.02 0.95 -19.52
C ARG B 1837 25.92 2.45 -19.44
N MET B 1838 27.02 3.18 -19.62
CA MET B 1838 26.92 4.61 -19.87
C MET B 1838 26.37 4.75 -21.28
N GLN B 1839 25.05 4.89 -21.40
CA GLN B 1839 24.38 4.61 -22.66
C GLN B 1839 24.51 5.72 -23.68
N GLU B 1840 25.38 6.70 -23.54
CA GLU B 1840 25.44 7.70 -24.58
C GLU B 1840 26.21 7.20 -25.80
N ARG B 1841 26.17 7.99 -26.86
CA ARG B 1841 26.53 7.56 -28.21
C ARG B 1841 28.00 7.20 -28.32
N ASP B 1842 28.88 8.12 -27.92
CA ASP B 1842 30.31 7.85 -28.00
C ASP B 1842 30.72 6.68 -27.12
N THR B 1843 30.10 6.54 -25.95
CA THR B 1843 30.43 5.39 -25.11
C THR B 1843 29.94 4.10 -25.73
N LEU B 1844 28.85 4.15 -26.50
CA LEU B 1844 28.42 2.95 -27.20
C LEU B 1844 29.41 2.56 -28.27
N ASN B 1845 29.94 3.55 -28.99
CA ASN B 1845 31.00 3.25 -29.94
C ASN B 1845 32.22 2.66 -29.25
N GLU B 1846 32.57 3.20 -28.09
CA GLU B 1846 33.69 2.65 -27.34
C GLU B 1846 33.42 1.22 -26.88
N ALA B 1847 32.19 0.94 -26.47
CA ALA B 1847 31.86 -0.41 -26.06
C ALA B 1847 31.99 -1.38 -27.22
N LYS B 1848 31.50 -0.98 -28.39
CA LYS B 1848 31.67 -1.81 -29.56
C LYS B 1848 33.13 -2.01 -29.86
N MET B 1849 33.95 -1.00 -29.57
CA MET B 1849 35.40 -1.13 -29.72
C MET B 1849 35.96 -2.23 -28.85
N TRP B 1850 35.61 -2.22 -27.56
CA TRP B 1850 36.16 -3.20 -26.64
C TRP B 1850 35.70 -4.60 -27.00
N TYR B 1851 34.42 -4.75 -27.37
CA TYR B 1851 33.95 -6.06 -27.80
C TYR B 1851 34.63 -6.52 -29.07
N MET B 1852 34.88 -5.62 -30.01
CA MET B 1852 35.58 -6.03 -31.21
C MET B 1852 37.00 -6.44 -30.89
N GLN B 1853 37.64 -5.78 -29.93
CA GLN B 1853 38.97 -6.20 -29.53
C GLN B 1853 38.95 -7.61 -28.94
N ALA B 1854 37.98 -7.89 -28.08
CA ALA B 1854 37.90 -9.23 -27.51
C ALA B 1854 37.63 -10.26 -28.59
N LEU B 1855 36.80 -9.92 -29.58
CA LEU B 1855 36.56 -10.85 -30.67
C LEU B 1855 37.81 -11.11 -31.48
N GLY B 1856 38.57 -10.07 -31.80
CA GLY B 1856 39.81 -10.28 -32.51
C GLY B 1856 40.79 -11.11 -31.73
N LEU B 1857 40.75 -11.00 -30.40
CA LEU B 1857 41.59 -11.83 -29.57
C LEU B 1857 41.17 -13.29 -29.65
N LEU B 1858 39.87 -13.54 -29.58
CA LEU B 1858 39.38 -14.91 -29.59
C LEU B 1858 39.64 -15.58 -30.93
N GLY B 1859 39.43 -14.86 -32.01
CA GLY B 1859 39.71 -15.39 -33.32
C GLY B 1859 38.46 -15.73 -34.09
N ASP B 1860 38.43 -16.90 -34.71
CA ASP B 1860 37.31 -17.36 -35.50
C ASP B 1860 36.59 -18.47 -34.74
N LYS B 1861 35.29 -18.35 -34.62
CA LYS B 1861 34.52 -19.29 -33.83
C LYS B 1861 34.70 -20.70 -34.40
N PRO B 1862 35.11 -21.68 -33.60
CA PRO B 1862 35.31 -23.02 -34.12
C PRO B 1862 33.98 -23.66 -34.47
N VAL B 1863 33.85 -24.10 -35.72
CA VAL B 1863 32.63 -24.76 -36.15
C VAL B 1863 32.57 -26.13 -35.51
N SER B 1864 31.38 -26.53 -35.06
CA SER B 1864 31.22 -27.78 -34.32
C SER B 1864 30.72 -28.88 -35.26
N ILE B 1865 31.58 -29.85 -35.54
CA ILE B 1865 31.19 -30.92 -36.45
C ILE B 1865 30.16 -31.82 -35.80
N PHE B 1866 29.16 -32.22 -36.58
CA PHE B 1866 28.17 -33.20 -36.16
C PHE B 1866 28.17 -34.43 -37.07
N SER B 1867 28.35 -34.24 -38.37
CA SER B 1867 28.61 -35.38 -39.24
C SER B 1867 30.06 -35.80 -39.07
N ASN B 1868 30.31 -36.64 -38.08
CA ASN B 1868 31.66 -37.04 -37.74
C ASN B 1868 31.71 -38.55 -37.64
N GLY B 1869 32.94 -39.07 -37.50
CA GLY B 1869 33.15 -40.50 -37.43
C GLY B 1869 32.48 -41.19 -36.27
N TRP B 1870 31.67 -40.48 -35.49
CA TRP B 1870 31.01 -41.09 -34.34
C TRP B 1870 29.87 -41.97 -34.83
N GLU B 1871 30.10 -43.26 -34.89
CA GLU B 1871 29.01 -44.19 -35.01
C GLU B 1871 28.21 -44.16 -33.72
N ASN B 1872 27.18 -44.98 -33.64
CA ASN B 1872 26.43 -45.01 -32.40
C ASN B 1872 26.65 -46.35 -31.73
N PRO B 1873 27.78 -46.55 -31.06
CA PRO B 1873 28.12 -47.88 -30.57
C PRO B 1873 27.24 -48.27 -29.39
N SER B 1874 27.13 -49.57 -29.18
CA SER B 1874 26.42 -50.06 -28.01
C SER B 1874 27.24 -49.79 -26.77
N LEU B 1875 26.57 -49.85 -25.62
CA LEU B 1875 27.30 -49.64 -24.37
C LEU B 1875 28.39 -50.68 -24.17
N SER B 1876 28.13 -51.94 -24.50
CA SER B 1876 29.14 -52.96 -24.31
C SER B 1876 30.29 -52.78 -25.29
N ASN B 1877 30.00 -52.30 -26.50
CA ASN B 1877 31.07 -52.08 -27.45
C ASN B 1877 31.81 -50.79 -27.17
N ALA B 1878 31.24 -49.93 -26.32
CA ALA B 1878 31.91 -48.69 -25.96
C ALA B 1878 32.71 -48.84 -24.68
N ALA B 1879 32.38 -49.84 -23.86
CA ALA B 1879 32.98 -50.01 -22.55
C ALA B 1879 33.85 -51.25 -22.52
N ASP B 1880 34.68 -51.45 -23.53
CA ASP B 1880 35.57 -52.59 -23.53
C ASP B 1880 36.88 -52.27 -22.82
N LYS B 1881 37.45 -53.31 -22.22
CA LYS B 1881 38.79 -53.18 -21.64
C LYS B 1881 39.86 -53.22 -22.70
N THR B 1882 39.64 -53.99 -23.77
CA THR B 1882 40.55 -53.92 -24.90
C THR B 1882 40.56 -52.52 -25.51
N GLN B 1883 39.41 -51.85 -25.47
CA GLN B 1883 39.31 -50.50 -25.99
C GLN B 1883 40.17 -49.50 -25.24
N ALA B 1884 40.30 -49.67 -23.92
CA ALA B 1884 41.17 -48.82 -23.13
C ALA B 1884 42.62 -49.25 -23.21
N LYS B 1885 42.87 -50.55 -23.24
CA LYS B 1885 44.24 -51.05 -23.32
C LYS B 1885 44.90 -50.65 -24.62
N GLN B 1886 44.20 -50.81 -25.74
CA GLN B 1886 44.78 -50.44 -27.02
C GLN B 1886 45.12 -48.96 -27.06
N PHE B 1887 44.22 -48.13 -26.55
CA PHE B 1887 44.42 -46.70 -26.49
C PHE B 1887 45.68 -46.35 -25.70
N HIS B 1888 45.72 -46.77 -24.43
CA HIS B 1888 46.86 -46.47 -23.59
C HIS B 1888 48.14 -47.09 -24.09
N ASP B 1889 48.04 -48.23 -24.77
CA ASP B 1889 49.24 -48.87 -25.28
C ASP B 1889 49.83 -48.08 -26.42
N GLU B 1890 48.98 -47.61 -27.35
CA GLU B 1890 49.50 -46.80 -28.43
C GLU B 1890 50.06 -45.49 -27.90
N ILE B 1891 49.42 -44.90 -26.88
CA ILE B 1891 49.96 -43.67 -26.32
C ILE B 1891 51.31 -43.92 -25.67
N SER B 1892 51.42 -44.97 -24.86
CA SER B 1892 52.70 -45.23 -24.21
C SER B 1892 53.77 -45.62 -25.21
N ARG B 1893 53.38 -46.15 -26.36
CA ARG B 1893 54.35 -46.42 -27.42
C ARG B 1893 54.83 -45.12 -28.03
N ILE B 1894 53.89 -44.28 -28.47
CA ILE B 1894 54.23 -43.02 -29.13
C ILE B 1894 54.84 -42.01 -28.16
N ARG B 1895 54.76 -42.26 -26.86
CA ARG B 1895 55.30 -41.35 -25.87
C ARG B 1895 56.75 -41.63 -25.59
N SER B 1896 57.10 -42.90 -25.47
CA SER B 1896 58.51 -43.30 -25.42
C SER B 1896 59.15 -43.29 -26.80
N GLY B 1897 58.45 -42.79 -27.81
CA GLY B 1897 58.96 -42.71 -29.16
C GLY B 1897 59.38 -44.04 -29.73
N GLY B 1898 58.66 -45.11 -29.41
CA GLY B 1898 59.05 -46.43 -29.89
C GLY B 1898 59.28 -46.48 -31.38
N LEU B 1899 58.41 -45.79 -32.13
CA LEU B 1899 58.62 -45.43 -33.53
C LEU B 1899 57.76 -44.20 -33.80
N LEU B 1900 57.73 -43.79 -35.05
CA LEU B 1900 56.84 -42.71 -35.44
C LEU B 1900 55.41 -43.21 -35.42
N PRO B 1901 54.43 -42.31 -35.40
CA PRO B 1901 53.03 -42.74 -35.43
C PRO B 1901 52.67 -43.46 -36.71
N ASP B 1902 51.42 -43.94 -36.75
CA ASP B 1902 50.95 -44.67 -37.92
C ASP B 1902 50.86 -43.80 -39.16
N VAL B 1903 50.54 -42.50 -38.99
CA VAL B 1903 50.30 -41.55 -40.08
C VAL B 1903 49.71 -42.18 -41.34
N ALA B 1906 47.80 -41.53 -37.07
CA ALA B 1906 47.62 -40.10 -36.91
C ALA B 1906 46.14 -39.76 -36.89
N ASN B 1907 45.32 -40.78 -36.65
CA ASN B 1907 43.86 -40.66 -36.72
C ASN B 1907 43.24 -40.32 -35.38
N THR B 1908 43.49 -41.11 -34.34
CA THR B 1908 42.80 -40.99 -33.06
C THR B 1908 43.81 -40.74 -31.94
N LEU B 1909 43.59 -39.67 -31.19
CA LEU B 1909 44.44 -39.30 -30.07
C LEU B 1909 43.83 -39.61 -28.72
N THR B 1910 42.51 -39.58 -28.59
CA THR B 1910 41.84 -39.72 -27.32
C THR B 1910 40.90 -40.92 -27.23
N GLY B 1911 40.97 -41.84 -28.16
CA GLY B 1911 40.22 -43.08 -28.05
C GLY B 1911 38.88 -42.98 -28.75
N LEU B 1912 37.83 -43.45 -28.07
CA LEU B 1912 36.51 -43.52 -28.67
C LEU B 1912 35.76 -42.21 -28.61
N PHE B 1913 35.84 -41.50 -27.50
CA PHE B 1913 35.09 -40.28 -27.30
C PHE B 1913 35.93 -39.07 -27.71
N ARG B 1914 35.30 -38.12 -28.36
CA ARG B 1914 36.03 -36.99 -28.91
C ARG B 1914 36.32 -35.95 -27.83
N PRO B 1915 37.35 -35.14 -28.01
CA PRO B 1915 37.59 -34.03 -27.10
C PRO B 1915 36.53 -32.95 -27.27
N GLN B 1916 36.24 -32.26 -26.18
CA GLN B 1916 35.19 -31.27 -26.15
C GLN B 1916 35.80 -29.89 -26.15
N GLN B 1917 35.05 -28.93 -26.70
CA GLN B 1917 35.47 -27.54 -26.67
C GLN B 1917 35.23 -26.93 -25.30
N ASN B 1918 36.07 -25.96 -24.95
CA ASN B 1918 35.96 -25.33 -23.65
C ASN B 1918 34.67 -24.54 -23.56
N GLU B 1919 33.74 -25.02 -22.74
CA GLU B 1919 32.48 -24.32 -22.59
C GLU B 1919 32.67 -22.91 -22.07
N LYS B 1920 33.79 -22.63 -21.41
CA LYS B 1920 34.06 -21.26 -20.99
C LYS B 1920 34.39 -20.38 -22.19
N LEU B 1921 35.19 -20.88 -23.12
CA LEU B 1921 35.43 -20.13 -24.34
C LEU B 1921 34.15 -19.94 -25.12
N LEU B 1922 33.30 -20.96 -25.15
CA LEU B 1922 32.05 -20.78 -25.87
C LEU B 1922 31.16 -19.78 -25.17
N GLY B 1923 31.26 -19.68 -23.85
CA GLY B 1923 30.57 -18.61 -23.17
C GLY B 1923 31.08 -17.24 -23.58
N TYR B 1924 32.38 -17.11 -23.75
CA TYR B 1924 32.92 -15.85 -24.25
C TYR B 1924 32.40 -15.54 -25.64
N TRP B 1925 32.44 -16.53 -26.53
CA TRP B 1925 31.93 -16.35 -27.88
C TRP B 1925 30.48 -15.88 -27.85
N GLN B 1926 29.64 -16.58 -27.10
CA GLN B 1926 28.23 -16.25 -27.05
C GLN B 1926 27.99 -14.89 -26.44
N MET B 1927 28.74 -14.54 -25.40
CA MET B 1927 28.56 -13.22 -24.79
C MET B 1927 28.93 -12.12 -25.75
N LEU B 1928 30.01 -12.30 -26.50
CA LEU B 1928 30.40 -11.28 -27.45
C LEU B 1928 29.39 -11.17 -28.57
N GLU B 1929 28.89 -12.29 -29.07
CA GLU B 1929 27.88 -12.22 -30.12
C GLU B 1929 26.62 -11.55 -29.61
N MET B 1930 26.20 -11.86 -28.40
CA MET B 1930 25.01 -11.24 -27.85
C MET B 1930 25.19 -9.74 -27.69
N ARG B 1931 26.29 -9.31 -27.07
CA ARG B 1931 26.51 -7.88 -26.86
C ARG B 1931 26.66 -7.15 -28.18
N LEU B 1932 27.28 -7.78 -29.15
CA LEU B 1932 27.46 -7.11 -30.42
C LEU B 1932 26.15 -7.02 -31.19
N PHE B 1933 25.29 -8.03 -31.05
CA PHE B 1933 23.95 -7.95 -31.59
C PHE B 1933 23.19 -6.78 -30.98
N ASN B 1934 23.18 -6.66 -29.66
CA ASN B 1934 22.47 -5.56 -29.04
C ASN B 1934 23.05 -4.22 -29.43
N LEU B 1935 24.36 -4.13 -29.65
CA LEU B 1935 24.96 -2.88 -30.08
C LEU B 1935 24.56 -2.53 -31.50
N ARG B 1936 24.58 -3.51 -32.40
CA ARG B 1936 24.26 -3.24 -33.78
C ARG B 1936 22.80 -2.87 -33.94
N ASN B 1937 21.90 -3.65 -33.36
CA ASN B 1937 20.55 -3.17 -33.20
C ASN B 1937 20.59 -2.07 -32.17
N ASN B 1938 19.45 -1.47 -31.84
CA ASN B 1938 19.50 -0.29 -31.00
C ASN B 1938 19.05 -0.62 -29.59
N LEU B 1939 19.42 -1.81 -29.11
CA LEU B 1939 18.99 -2.31 -27.82
C LEU B 1939 19.95 -1.88 -26.72
N SER B 1940 19.58 -2.19 -25.49
CA SER B 1940 20.42 -1.90 -24.34
C SER B 1940 21.29 -3.10 -24.05
N ILE B 1941 21.98 -3.08 -22.91
CA ILE B 1941 22.80 -4.22 -22.51
C ILE B 1941 21.95 -5.42 -22.15
N ASP B 1942 20.70 -5.22 -21.77
CA ASP B 1942 19.78 -6.29 -21.42
C ASP B 1942 18.88 -6.70 -22.58
N GLY B 1943 19.09 -6.14 -23.76
CA GLY B 1943 18.24 -6.46 -24.89
C GLY B 1943 16.93 -5.70 -24.94
N GLN B 1944 16.68 -4.80 -24.00
CA GLN B 1944 15.47 -3.99 -24.05
C GLN B 1944 15.65 -2.84 -25.04
N PRO B 1945 14.62 -2.51 -25.81
CA PRO B 1945 14.78 -1.54 -26.89
C PRO B 1945 14.93 -0.13 -26.35
N LEU B 1946 15.90 0.60 -26.90
CA LEU B 1946 16.12 1.99 -26.55
C LEU B 1946 15.24 2.95 -27.33
N SER B 1947 14.51 2.46 -28.32
CA SER B 1947 13.62 3.31 -29.11
C SER B 1947 12.20 3.22 -28.58
N LEU B 1948 11.39 4.21 -28.95
CA LEU B 1948 9.99 4.19 -28.58
C LEU B 1948 9.22 3.26 -29.53
N PRO B 1949 8.27 2.49 -29.01
CA PRO B 1949 7.58 1.52 -29.86
C PRO B 1949 6.71 2.18 -30.92
N VAL B 1950 6.42 1.40 -31.96
CA VAL B 1950 5.55 1.83 -33.05
C VAL B 1950 4.14 1.91 -32.51
N PHE B 1951 3.66 3.11 -32.25
CA PHE B 1951 2.25 3.26 -31.92
C PHE B 1951 1.47 3.45 -33.21
N ALA B 1952 0.19 3.07 -33.15
CA ALA B 1952 -0.68 3.17 -34.32
C ALA B 1952 -2.06 3.58 -33.83
N ALA B 1953 -2.49 4.77 -34.22
CA ALA B 1953 -3.83 5.21 -33.88
C ALA B 1953 -4.85 4.22 -34.43
N PRO B 1954 -5.71 3.66 -33.59
CA PRO B 1954 -6.72 2.72 -34.08
C PRO B 1954 -7.77 3.44 -34.93
N ALA B 1955 -8.54 2.64 -35.67
CA ALA B 1955 -9.56 3.19 -36.55
C ALA B 1955 -10.82 3.53 -35.77
N ASP B 1956 -11.38 4.70 -36.08
CA ASP B 1956 -12.67 5.08 -35.53
C ASP B 1956 -13.75 4.15 -36.07
N PRO B 1957 -14.55 3.54 -35.19
CA PRO B 1957 -15.59 2.62 -35.67
C PRO B 1957 -16.56 3.32 -36.60
N ALA B 1958 -16.83 2.69 -37.73
CA ALA B 1958 -17.61 3.32 -38.79
C ALA B 1958 -19.04 3.56 -38.33
N ALA B 1959 -19.63 4.65 -38.82
CA ALA B 1959 -21.05 4.91 -38.59
C ALA B 1959 -21.89 4.06 -39.52
N LEU B 1960 -22.77 3.25 -38.95
CA LEU B 1960 -23.62 2.39 -39.77
C LEU B 1960 -24.59 3.24 -40.59
N LEU B 1961 -24.87 2.77 -41.80
CA LEU B 1961 -25.76 3.49 -42.70
C LEU B 1961 -26.50 2.49 -43.57
N SER B 1962 -27.82 2.59 -43.57
CA SER B 1962 -28.66 1.67 -44.33
C SER B 1962 -29.44 2.43 -45.39
N ALA B 1963 -30.05 1.68 -46.31
CA ALA B 1963 -30.79 2.28 -47.39
C ALA B 1963 -32.20 2.65 -46.94
N ALA B 1964 -32.62 3.86 -47.27
CA ALA B 1964 -33.98 4.34 -47.00
C ALA B 1964 -34.53 4.94 -48.28
N ALA B 1965 -35.64 4.40 -48.77
CA ALA B 1965 -36.21 4.80 -50.05
C ALA B 1965 -37.69 5.10 -49.89
N ALA B 1966 -38.18 6.06 -50.68
CA ALA B 1966 -39.60 6.38 -50.66
C ALA B 1966 -40.39 5.30 -51.35
N ALA B 1967 -41.59 5.03 -50.83
CA ALA B 1967 -42.48 4.09 -51.49
C ALA B 1967 -43.04 4.70 -52.76
N SER B 1968 -43.06 3.91 -53.83
CA SER B 1968 -43.50 4.37 -55.14
C SER B 1968 -44.67 3.53 -55.61
N GLY B 1969 -45.62 4.18 -56.27
CA GLY B 1969 -46.79 3.50 -56.78
C GLY B 1969 -47.70 4.43 -57.55
N GLY B 1970 -48.30 3.92 -58.62
CA GLY B 1970 -49.20 4.74 -59.41
C GLY B 1970 -50.63 4.67 -58.91
N SER B 1971 -51.42 5.66 -59.30
CA SER B 1971 -52.83 5.67 -58.94
C SER B 1971 -53.58 4.59 -59.71
N LYS B 1972 -54.87 4.59 -59.55
CA LYS B 1972 -55.68 3.61 -60.26
C LYS B 1972 -56.67 4.33 -61.16
N PRO B 1973 -56.84 3.89 -62.40
CA PRO B 1973 -57.77 4.57 -63.31
C PRO B 1973 -59.21 4.26 -62.95
N LEU B 1974 -60.07 5.23 -63.24
CA LEU B 1974 -61.47 5.10 -62.89
C LEU B 1974 -62.14 4.05 -63.77
N PRO B 1975 -63.19 3.40 -63.28
CA PRO B 1975 -63.87 2.39 -64.10
C PRO B 1975 -64.76 3.04 -65.14
N SER B 1976 -65.23 2.22 -66.07
CA SER B 1976 -66.13 2.71 -67.10
C SER B 1976 -67.45 3.16 -66.48
N ALA B 1977 -68.05 4.15 -67.10
CA ALA B 1977 -69.25 4.79 -66.58
C ALA B 1977 -70.49 4.26 -67.30
N ASP B 1978 -71.62 4.38 -66.64
CA ASP B 1978 -72.89 3.92 -67.20
C ASP B 1978 -74.01 4.64 -66.46
N ILE B 1979 -75.08 4.92 -67.17
CA ILE B 1979 -76.22 5.59 -66.54
C ILE B 1979 -76.97 4.55 -65.71
N PRO B 1980 -77.14 4.77 -64.42
CA PRO B 1980 -77.77 3.76 -63.57
C PRO B 1980 -79.27 3.68 -63.78
N ALA B 1981 -79.96 2.90 -62.96
CA ALA B 1981 -81.41 2.84 -62.98
C ALA B 1981 -82.06 3.98 -62.21
N MET B 1982 -81.38 4.51 -61.20
CA MET B 1982 -81.96 5.50 -60.31
C MET B 1982 -81.58 6.91 -60.74
N ARG B 1983 -82.43 7.86 -60.38
CA ARG B 1983 -82.10 9.26 -60.64
C ARG B 1983 -80.90 9.67 -59.82
N PHE B 1984 -80.45 10.90 -60.02
CA PHE B 1984 -79.23 11.33 -59.34
C PHE B 1984 -79.38 11.45 -57.83
N PRO B 1985 -80.44 12.04 -57.27
CA PRO B 1985 -80.50 12.15 -55.81
C PRO B 1985 -80.49 10.82 -55.10
N GLN B 1986 -80.75 9.72 -55.79
CA GLN B 1986 -80.73 8.39 -55.19
C GLN B 1986 -79.48 7.61 -55.54
N ALA B 1987 -78.98 7.73 -56.76
CA ALA B 1987 -77.66 7.17 -57.06
C ALA B 1987 -76.60 7.79 -56.18
N LEU B 1988 -76.71 9.09 -55.92
CA LEU B 1988 -75.76 9.76 -55.04
C LEU B 1988 -75.82 9.19 -53.64
N ASP B 1989 -77.02 8.92 -53.13
CA ASP B 1989 -77.11 8.36 -51.79
C ASP B 1989 -76.56 6.95 -51.75
N SER B 1990 -76.82 6.16 -52.79
CA SER B 1990 -76.28 4.80 -52.83
C SER B 1990 -74.77 4.81 -52.87
N ALA B 1991 -74.17 5.75 -53.60
CA ALA B 1991 -72.71 5.83 -53.63
C ALA B 1991 -72.15 6.40 -52.33
N ARG B 1992 -72.87 7.32 -51.70
CA ARG B 1992 -72.41 7.90 -50.45
C ARG B 1992 -72.41 6.85 -49.35
N SER B 1993 -73.37 5.95 -49.36
CA SER B 1993 -73.36 4.86 -48.38
C SER B 1993 -72.15 3.96 -48.57
N LEU B 1994 -71.86 3.56 -49.81
CA LEU B 1994 -70.69 2.73 -50.04
C LEU B 1994 -69.40 3.46 -49.72
N THR B 1995 -69.35 4.77 -49.95
CA THR B 1995 -68.14 5.51 -49.60
C THR B 1995 -67.97 5.59 -48.09
N GLY B 1996 -69.06 5.72 -47.34
CA GLY B 1996 -68.95 5.62 -45.90
C GLY B 1996 -68.41 4.28 -45.46
N GLN B 1997 -68.89 3.21 -46.09
CA GLN B 1997 -68.37 1.89 -45.74
C GLN B 1997 -66.91 1.75 -46.13
N LEU B 1998 -66.51 2.33 -47.25
CA LEU B 1998 -65.11 2.32 -47.65
C LEU B 1998 -64.24 3.08 -46.65
N MET B 1999 -64.76 4.19 -46.13
CA MET B 1999 -64.02 4.91 -45.09
C MET B 1999 -63.87 4.05 -43.85
N GLN B 2000 -64.91 3.31 -43.48
CA GLN B 2000 -64.77 2.44 -42.32
C GLN B 2000 -63.71 1.38 -42.56
N PHE B 2001 -63.70 0.77 -43.74
CA PHE B 2001 -62.63 -0.16 -44.08
C PHE B 2001 -61.26 0.50 -44.00
N GLY B 2002 -61.16 1.74 -44.47
CA GLY B 2002 -59.87 2.40 -44.45
C GLY B 2002 -59.39 2.68 -43.04
N SER B 2003 -60.28 3.13 -42.17
CA SER B 2003 -59.91 3.33 -40.78
C SER B 2003 -59.47 2.03 -40.14
N THR B 2004 -60.24 0.96 -40.32
CA THR B 2004 -59.87 -0.30 -39.72
C THR B 2004 -58.56 -0.83 -40.30
N LEU B 2005 -58.32 -0.57 -41.58
CA LEU B 2005 -57.10 -1.07 -42.19
C LEU B 2005 -55.89 -0.33 -41.68
N LEU B 2006 -55.98 0.98 -41.55
CA LEU B 2006 -54.86 1.72 -40.97
C LEU B 2006 -54.62 1.28 -39.54
N GLY B 2007 -55.68 1.07 -38.77
CA GLY B 2007 -55.51 0.53 -37.43
C GLY B 2007 -54.78 -0.79 -37.43
N LEU B 2008 -55.18 -1.72 -38.29
CA LEU B 2008 -54.55 -3.03 -38.31
C LEU B 2008 -53.12 -2.96 -38.78
N ILE B 2009 -52.83 -2.10 -39.75
CA ILE B 2009 -51.46 -1.96 -40.23
C ILE B 2009 -50.56 -1.48 -39.11
N GLU B 2010 -50.94 -0.38 -38.47
CA GLU B 2010 -50.09 0.17 -37.42
C GLU B 2010 -50.03 -0.76 -36.21
N ARG B 2011 -51.08 -1.53 -35.97
CA ARG B 2011 -51.07 -2.46 -34.86
C ARG B 2011 -50.18 -3.67 -35.14
N ARG B 2012 -50.18 -4.15 -36.37
CA ARG B 2012 -49.26 -5.22 -36.74
C ARG B 2012 -47.83 -4.76 -36.65
N ASP B 2013 -47.56 -3.54 -37.08
CA ASP B 2013 -46.22 -3.00 -36.97
C ASP B 2013 -45.83 -2.79 -35.51
N ALA B 2014 -46.79 -2.54 -34.64
CA ALA B 2014 -46.49 -2.48 -33.21
C ALA B 2014 -46.13 -3.85 -32.66
N GLU B 2015 -46.87 -4.88 -33.04
CA GLU B 2015 -46.52 -6.21 -32.56
C GLU B 2015 -45.18 -6.67 -33.10
N ALA B 2016 -44.87 -6.37 -34.36
CA ALA B 2016 -43.59 -6.75 -34.93
C ALA B 2016 -42.45 -6.06 -34.19
N MET B 2017 -42.60 -4.79 -33.86
CA MET B 2017 -41.56 -4.12 -33.09
C MET B 2017 -41.45 -4.70 -31.69
N SER B 2018 -42.57 -4.95 -31.03
CA SER B 2018 -42.52 -5.48 -29.68
C SER B 2018 -41.86 -6.84 -29.66
N GLU B 2019 -41.98 -7.60 -30.73
CA GLU B 2019 -41.29 -8.89 -30.78
C GLU B 2019 -39.81 -8.72 -31.13
N LEU B 2020 -39.49 -7.78 -32.01
CA LEU B 2020 -38.09 -7.50 -32.29
C LEU B 2020 -37.35 -7.10 -31.03
N LEU B 2021 -37.96 -6.23 -30.22
CA LEU B 2021 -37.32 -5.82 -28.98
C LEU B 2021 -37.06 -7.00 -28.06
N GLN B 2022 -37.98 -7.95 -28.00
CA GLN B 2022 -37.78 -9.10 -27.14
C GLN B 2022 -36.71 -10.04 -27.66
N ASN B 2023 -36.67 -10.28 -28.98
CA ASN B 2023 -35.60 -11.09 -29.53
C ASN B 2023 -34.24 -10.45 -29.23
N GLN B 2024 -34.17 -9.14 -29.35
CA GLN B 2024 -32.92 -8.45 -29.03
C GLN B 2024 -32.58 -8.58 -27.56
N ALA B 2025 -33.57 -8.43 -26.68
CA ALA B 2025 -33.30 -8.57 -25.26
C ALA B 2025 -32.80 -9.97 -24.93
N GLY B 2026 -33.28 -10.97 -25.64
CA GLY B 2026 -32.79 -12.33 -25.40
C GLY B 2026 -31.35 -12.50 -25.84
N GLU B 2027 -31.05 -12.11 -27.08
CA GLU B 2027 -29.66 -12.26 -27.52
C GLU B 2027 -28.73 -11.25 -26.85
N LEU B 2028 -29.27 -10.36 -26.03
CA LEU B 2028 -28.44 -9.48 -25.22
C LEU B 2028 -28.22 -10.04 -23.82
N MET B 2029 -29.24 -10.64 -23.21
CA MET B 2029 -29.03 -11.36 -21.97
C MET B 2029 -28.09 -12.54 -22.15
N LEU B 2030 -28.01 -13.08 -23.36
CA LEU B 2030 -26.99 -14.10 -23.59
C LEU B 2030 -25.60 -13.55 -23.30
N SER B 2031 -25.26 -12.39 -23.85
CA SER B 2031 -23.93 -11.83 -23.58
C SER B 2031 -23.81 -11.40 -22.14
N SER B 2032 -24.90 -10.93 -21.53
CA SER B 2032 -24.83 -10.57 -20.12
C SER B 2032 -24.43 -11.76 -19.26
N LEU B 2033 -25.12 -12.89 -19.43
CA LEU B 2033 -24.74 -14.10 -18.71
C LEU B 2033 -23.31 -14.52 -19.06
N ARG B 2034 -22.95 -14.45 -20.34
CA ARG B 2034 -21.61 -14.81 -20.76
C ARG B 2034 -20.56 -13.96 -20.09
N MET B 2035 -20.90 -12.72 -19.74
CA MET B 2035 -19.96 -11.83 -19.08
C MET B 2035 -19.96 -12.03 -17.57
N GLN B 2036 -21.04 -12.57 -17.04
CA GLN B 2036 -21.04 -12.89 -15.61
C GLN B 2036 -20.00 -13.95 -15.28
N GLU B 2037 -19.85 -14.98 -16.12
CA GLU B 2037 -18.83 -15.97 -15.86
C GLU B 2037 -17.43 -15.37 -15.87
N GLN B 2038 -17.16 -14.40 -16.74
CA GLN B 2038 -15.86 -13.74 -16.66
C GLN B 2038 -15.72 -12.97 -15.37
N ALA B 2039 -16.77 -12.23 -15.00
CA ALA B 2039 -16.73 -11.49 -13.76
C ALA B 2039 -16.55 -12.41 -12.56
N LEU B 2040 -16.83 -13.70 -12.73
CA LEU B 2040 -16.71 -14.64 -11.63
C LEU B 2040 -15.41 -15.43 -11.66
N THR B 2041 -14.78 -15.62 -12.82
CA THR B 2041 -13.42 -16.13 -12.79
C THR B 2041 -12.42 -15.07 -12.38
N GLU B 2042 -12.77 -13.79 -12.55
CA GLU B 2042 -11.89 -12.76 -12.01
C GLU B 2042 -11.75 -12.90 -10.51
N LEU B 2043 -12.76 -13.42 -9.83
CA LEU B 2043 -12.61 -13.65 -8.40
C LEU B 2043 -11.70 -14.83 -8.11
N ASP B 2044 -11.76 -15.88 -8.93
CA ASP B 2044 -10.79 -16.96 -8.76
C ASP B 2044 -9.38 -16.51 -9.06
N ALA B 2045 -9.22 -15.40 -9.78
CA ALA B 2045 -7.89 -14.82 -9.95
C ALA B 2045 -7.49 -13.96 -8.75
N GLU B 2046 -8.42 -13.18 -8.22
CA GLU B 2046 -8.13 -12.43 -7.01
C GLU B 2046 -7.74 -13.34 -5.86
N LYS B 2047 -8.37 -14.51 -5.79
CA LYS B 2047 -8.00 -15.46 -4.75
C LYS B 2047 -6.57 -15.93 -4.92
N LYS B 2048 -6.11 -16.08 -6.15
CA LYS B 2048 -4.73 -16.48 -6.36
C LYS B 2048 -3.78 -15.38 -5.95
N ILE B 2049 -4.10 -14.13 -6.24
CA ILE B 2049 -3.29 -13.02 -5.75
C ILE B 2049 -3.17 -13.08 -4.24
N LEU B 2050 -4.32 -13.19 -3.56
CA LEU B 2050 -4.29 -13.20 -2.10
C LEU B 2050 -3.61 -14.44 -1.55
N GLU B 2051 -3.64 -15.54 -2.27
CA GLU B 2051 -2.96 -16.73 -1.78
C GLU B 2051 -1.46 -16.59 -1.92
N GLN B 2052 -0.98 -15.91 -2.95
CA GLN B 2052 0.45 -15.63 -2.99
C GLN B 2052 0.85 -14.67 -1.89
N SER B 2053 0.02 -13.67 -1.58
CA SER B 2053 0.31 -12.84 -0.42
C SER B 2053 0.38 -13.68 0.85
N ARG B 2054 -0.58 -14.57 1.02
CA ARG B 2054 -0.61 -15.42 2.21
C ARG B 2054 0.63 -16.28 2.30
N ALA B 2055 1.09 -16.83 1.17
CA ALA B 2055 2.25 -17.69 1.20
C ALA B 2055 3.51 -16.90 1.49
N GLY B 2056 3.62 -15.70 0.95
CA GLY B 2056 4.75 -14.86 1.29
C GLY B 2056 4.80 -14.54 2.76
N ALA B 2057 3.68 -14.11 3.33
CA ALA B 2057 3.67 -13.78 4.74
C ALA B 2057 3.92 -15.00 5.61
N GLN B 2058 3.43 -16.17 5.18
CA GLN B 2058 3.69 -17.37 5.97
C GLN B 2058 5.15 -17.75 5.92
N SER B 2059 5.80 -17.57 4.78
CA SER B 2059 7.23 -17.80 4.73
C SER B 2059 7.98 -16.85 5.64
N ARG B 2060 7.54 -15.59 5.70
CA ARG B 2060 8.21 -14.66 6.61
C ARG B 2060 8.02 -15.06 8.06
N VAL B 2061 6.82 -15.48 8.43
CA VAL B 2061 6.61 -15.94 9.80
C VAL B 2061 7.48 -17.14 10.09
N ASP B 2062 7.56 -18.08 9.16
CA ASP B 2062 8.40 -19.24 9.36
C ASP B 2062 9.86 -18.86 9.55
N SER B 2063 10.34 -17.86 8.83
CA SER B 2063 11.74 -17.46 8.94
C SER B 2063 12.00 -16.77 10.26
N TYR B 2064 11.17 -15.78 10.61
CA TYR B 2064 11.40 -15.06 11.84
C TYR B 2064 11.12 -15.88 13.08
N ARG B 2065 10.22 -16.85 13.02
CA ARG B 2065 10.06 -17.74 14.15
C ARG B 2065 11.32 -18.54 14.38
N ALA B 2066 11.93 -19.05 13.32
CA ALA B 2066 13.16 -19.79 13.50
C ALA B 2066 14.25 -18.91 14.06
N LEU B 2067 14.37 -17.69 13.56
CA LEU B 2067 15.35 -16.77 14.09
C LEU B 2067 15.11 -16.49 15.57
N TYR B 2068 13.89 -16.11 15.91
CA TYR B 2068 13.59 -15.75 17.28
C TYR B 2068 13.66 -16.94 18.22
N ASP B 2069 13.47 -18.15 17.71
CA ASP B 2069 13.50 -19.32 18.57
C ASP B 2069 14.92 -19.77 18.83
N GLU B 2070 15.74 -19.89 17.80
CA GLU B 2070 17.16 -20.10 18.00
C GLU B 2070 17.68 -18.74 18.43
N ASN B 2071 17.63 -18.46 19.71
CA ASN B 2071 17.90 -17.11 20.18
C ASN B 2071 19.31 -16.70 19.83
N VAL B 2072 20.30 -17.32 20.46
CA VAL B 2072 21.68 -17.14 20.09
C VAL B 2072 22.21 -18.48 19.61
N SER B 2073 23.02 -18.44 18.57
CA SER B 2073 23.51 -19.66 17.97
C SER B 2073 24.32 -20.44 18.99
N ALA B 2074 24.69 -21.66 18.63
CA ALA B 2074 25.60 -22.42 19.47
C ALA B 2074 26.94 -21.76 19.55
N GLU B 2075 27.29 -20.94 18.56
CA GLU B 2075 28.58 -20.29 18.49
C GLU B 2075 28.59 -18.91 19.06
N GLU B 2076 27.48 -18.20 19.02
CA GLU B 2076 27.38 -16.97 19.76
C GLU B 2076 27.49 -17.20 21.25
N LYS B 2077 27.05 -18.35 21.76
CA LYS B 2077 27.33 -18.67 23.15
C LYS B 2077 28.80 -18.99 23.35
N ARG B 2078 29.42 -19.59 22.35
CA ARG B 2078 30.83 -19.89 22.43
C ARG B 2078 31.65 -18.62 22.52
N THR B 2079 31.22 -17.59 21.81
CA THR B 2079 31.90 -16.30 21.91
C THR B 2079 31.81 -15.71 23.31
N MET B 2080 30.66 -15.84 23.95
CA MET B 2080 30.52 -15.28 25.28
C MET B 2080 31.35 -16.06 26.28
N ASP B 2081 31.37 -17.37 26.17
CA ASP B 2081 32.28 -18.15 27.01
C ASP B 2081 33.72 -17.79 26.75
N LEU B 2082 34.06 -17.41 25.53
CA LEU B 2082 35.45 -17.07 25.23
C LEU B 2082 35.84 -15.72 25.82
N TYR B 2083 34.97 -14.73 25.73
CA TYR B 2083 35.24 -13.46 26.37
C TYR B 2083 35.36 -13.62 27.87
N LEU B 2084 34.52 -14.47 28.47
CA LEU B 2084 34.61 -14.69 29.90
C LEU B 2084 35.91 -15.38 30.27
N SER B 2085 36.29 -16.42 29.53
CA SER B 2085 37.56 -17.07 29.79
C SER B 2085 38.73 -16.12 29.61
N SER B 2086 38.64 -15.20 28.66
CA SER B 2086 39.71 -14.24 28.46
C SER B 2086 39.84 -13.30 29.63
N ALA B 2087 38.71 -12.80 30.13
CA ALA B 2087 38.77 -11.89 31.28
C ALA B 2087 39.29 -12.61 32.51
N ILE B 2088 38.93 -13.87 32.69
CA ILE B 2088 39.40 -14.60 33.84
C ILE B 2088 40.90 -14.86 33.74
N LEU B 2089 41.38 -15.23 32.55
CA LEU B 2089 42.82 -15.37 32.36
C LEU B 2089 43.53 -14.06 32.64
N SER B 2090 42.94 -12.95 32.22
CA SER B 2090 43.61 -11.67 32.39
C SER B 2090 43.66 -11.21 33.83
N THR B 2091 42.75 -11.65 34.68
CA THR B 2091 42.90 -11.33 36.09
C THR B 2091 43.62 -12.39 36.90
N SER B 2092 43.82 -13.59 36.36
CA SER B 2092 44.50 -14.64 37.11
C SER B 2092 46.00 -14.62 36.87
N ILE B 2093 46.54 -13.49 36.45
CA ILE B 2093 47.97 -13.38 36.18
C ILE B 2093 48.67 -12.37 37.05
N GLY B 2094 47.94 -11.51 37.76
CA GLY B 2094 48.57 -10.67 38.75
C GLY B 2094 49.31 -11.45 39.81
N VAL B 2095 48.83 -12.63 40.17
CA VAL B 2095 49.53 -13.44 41.16
C VAL B 2095 50.91 -13.78 40.67
N LEU B 2096 51.02 -14.21 39.42
CA LEU B 2096 52.32 -14.56 38.86
C LEU B 2096 53.19 -13.34 38.71
N ASP B 2097 52.62 -12.22 38.29
CA ASP B 2097 53.39 -11.01 38.08
C ASP B 2097 53.92 -10.46 39.38
N MET B 2098 53.23 -10.71 40.49
CA MET B 2098 53.71 -10.26 41.78
C MET B 2098 54.67 -11.25 42.39
N ALA B 2099 54.47 -12.54 42.17
CA ALA B 2099 55.47 -13.50 42.62
C ALA B 2099 56.78 -13.27 41.90
N ALA B 2100 56.74 -12.87 40.64
CA ALA B 2100 57.96 -12.55 39.91
C ALA B 2100 58.69 -11.39 40.55
N ALA B 2101 57.97 -10.35 40.92
CA ALA B 2101 58.61 -9.21 41.56
C ALA B 2101 59.15 -9.55 42.93
N ALA B 2102 58.41 -10.34 43.72
CA ALA B 2102 58.90 -10.76 45.02
C ALA B 2102 60.14 -11.62 44.89
N ALA B 2103 60.21 -12.44 43.86
CA ALA B 2103 61.43 -13.20 43.61
C ALA B 2103 62.57 -12.31 43.16
N ASP B 2104 62.25 -11.25 42.44
CA ASP B 2104 63.28 -10.33 41.98
C ASP B 2104 63.81 -9.45 43.10
N MET B 2105 63.07 -9.31 44.19
CA MET B 2105 63.57 -8.50 45.29
C MET B 2105 64.78 -9.10 45.98
N ALA B 2106 65.08 -10.37 45.73
CA ALA B 2106 66.22 -10.99 46.38
C ALA B 2106 67.48 -10.73 45.57
N PRO B 2107 68.61 -10.50 46.23
CA PRO B 2107 69.83 -10.17 45.50
C PRO B 2107 70.31 -11.31 44.65
N ASN B 2108 70.77 -10.98 43.45
CA ASN B 2108 71.29 -11.98 42.54
C ASN B 2108 72.74 -11.82 42.19
N ILE B 2109 73.42 -10.77 42.63
CA ILE B 2109 74.85 -10.63 42.45
C ILE B 2109 75.52 -10.90 43.79
N PHE B 2110 76.39 -11.87 43.82
CA PHE B 2110 77.10 -12.27 45.04
C PHE B 2110 78.59 -12.09 44.84
N GLY B 2111 79.33 -12.20 45.92
CA GLY B 2111 80.77 -12.01 45.85
C GLY B 2111 81.24 -10.77 46.58
N VAL B 2112 82.29 -10.13 46.08
CA VAL B 2112 82.80 -8.93 46.72
C VAL B 2112 81.83 -7.78 46.56
N ALA B 2113 81.14 -7.73 45.43
CA ALA B 2113 80.01 -6.81 45.28
C ALA B 2113 78.72 -7.59 45.40
N VAL B 2114 77.89 -7.25 46.36
CA VAL B 2114 76.63 -7.93 46.58
C VAL B 2114 75.52 -6.98 46.16
N GLY B 2115 74.39 -7.53 45.76
CA GLY B 2115 73.26 -6.70 45.42
C GLY B 2115 72.43 -7.27 44.30
N GLY B 2116 71.83 -6.40 43.51
CA GLY B 2116 71.04 -6.82 42.37
C GLY B 2116 69.56 -6.88 42.59
N SER B 2117 69.08 -6.52 43.77
CA SER B 2117 67.64 -6.49 43.97
C SER B 2117 67.01 -5.48 43.04
N ARG B 2118 65.73 -5.63 42.81
CA ARG B 2118 64.95 -4.71 41.99
C ARG B 2118 64.00 -3.97 42.93
N TRP B 2119 64.36 -2.75 43.28
CA TRP B 2119 63.58 -2.02 44.25
C TRP B 2119 62.19 -1.67 43.77
N GLY B 2120 62.02 -1.42 42.47
CA GLY B 2120 60.73 -0.99 42.00
C GLY B 2120 59.90 -2.14 41.46
N GLY B 2121 60.37 -3.35 41.71
CA GLY B 2121 59.69 -4.50 41.17
C GLY B 2121 58.27 -4.62 41.68
N ILE B 2122 58.07 -4.38 42.97
CA ILE B 2122 56.76 -4.59 43.57
C ILE B 2122 55.78 -3.49 43.20
N PRO B 2123 56.14 -2.21 43.22
CA PRO B 2123 55.22 -1.22 42.66
C PRO B 2123 54.93 -1.45 41.21
N LYS B 2124 55.94 -1.79 40.41
CA LYS B 2124 55.70 -2.08 39.01
C LYS B 2124 54.74 -3.24 38.83
N ALA B 2125 54.83 -4.26 39.68
CA ALA B 2125 53.96 -5.41 39.52
C ALA B 2125 52.55 -5.12 39.99
N ILE B 2126 52.40 -4.30 41.02
CA ILE B 2126 51.07 -3.86 41.38
C ILE B 2126 50.45 -3.09 40.24
N GLY B 2127 51.22 -2.22 39.59
CA GLY B 2127 50.69 -1.51 38.44
C GLY B 2127 50.32 -2.44 37.31
N ALA B 2128 51.15 -3.44 37.05
CA ALA B 2128 50.84 -4.38 35.98
C ALA B 2128 49.57 -5.16 36.28
N GLY B 2129 49.37 -5.52 37.54
CA GLY B 2129 48.11 -6.14 37.93
C GLY B 2129 46.93 -5.22 37.77
N MET B 2130 47.11 -3.94 38.05
CA MET B 2130 46.05 -2.97 37.82
C MET B 2130 45.71 -2.88 36.34
N SER B 2131 46.72 -2.87 35.50
CA SER B 2131 46.47 -2.77 34.07
C SER B 2131 45.79 -4.02 33.55
N LEU B 2132 46.10 -5.17 34.12
CA LEU B 2132 45.38 -6.37 33.73
C LEU B 2132 43.95 -6.35 34.22
N ALA B 2133 43.69 -5.82 35.41
CA ALA B 2133 42.31 -5.69 35.84
C ALA B 2133 41.54 -4.72 34.95
N ALA B 2134 42.18 -3.65 34.52
CA ALA B 2134 41.51 -2.72 33.60
C ALA B 2134 41.23 -3.37 32.26
N SER B 2135 42.17 -4.15 31.76
CA SER B 2135 41.95 -4.86 30.50
C SER B 2135 40.81 -5.85 30.63
N ALA B 2136 40.80 -6.65 31.70
CA ALA B 2136 39.76 -7.64 31.86
C ALA B 2136 38.41 -7.00 32.12
N THR B 2137 38.39 -5.85 32.75
CA THR B 2137 37.15 -5.10 32.91
C THR B 2137 36.62 -4.62 31.58
N LYS B 2138 37.47 -4.11 30.71
CA LYS B 2138 36.98 -3.75 29.39
C LYS B 2138 36.54 -4.99 28.60
N ILE B 2139 37.20 -6.12 28.80
CA ILE B 2139 36.79 -7.32 28.09
C ILE B 2139 35.42 -7.77 28.55
N THR B 2140 35.17 -7.77 29.86
CA THR B 2140 33.85 -8.17 30.31
C THR B 2140 32.79 -7.13 29.96
N ALA B 2141 33.16 -5.85 29.87
CA ALA B 2141 32.21 -4.87 29.35
C ALA B 2141 31.84 -5.17 27.92
N ASP B 2142 32.82 -5.52 27.09
CA ASP B 2142 32.52 -5.88 25.72
C ASP B 2142 31.67 -7.14 25.63
N ASN B 2143 31.88 -8.09 26.54
CA ASN B 2143 31.05 -9.27 26.58
C ASN B 2143 29.59 -8.91 26.86
N ILE B 2144 29.37 -8.09 27.89
CA ILE B 2144 28.00 -7.66 28.20
C ILE B 2144 27.40 -6.90 27.04
N SER B 2145 28.18 -6.02 26.41
CA SER B 2145 27.66 -5.25 25.28
C SER B 2145 27.27 -6.16 24.13
N GLN B 2146 28.07 -7.18 23.87
CA GLN B 2146 27.74 -8.15 22.84
C GLN B 2146 26.43 -8.84 23.14
N SER B 2147 26.30 -9.39 24.33
CA SER B 2147 25.07 -10.10 24.65
C SER B 2147 23.87 -9.19 24.59
N GLU B 2148 24.05 -7.92 24.95
CA GLU B 2148 22.92 -6.99 24.88
C GLU B 2148 22.57 -6.66 23.45
N ALA B 2149 23.57 -6.54 22.58
CA ALA B 2149 23.27 -6.37 21.17
C ALA B 2149 22.48 -7.54 20.64
N TRP B 2150 22.83 -8.74 21.06
CA TRP B 2150 22.07 -9.90 20.60
C TRP B 2150 20.67 -9.91 21.16
N ARG B 2151 20.48 -9.43 22.39
CA ARG B 2151 19.14 -9.40 22.95
C ARG B 2151 18.28 -8.37 22.22
N ARG B 2152 18.83 -7.21 21.91
CA ARG B 2152 18.09 -6.25 21.12
C ARG B 2152 17.80 -6.78 19.73
N ARG B 2153 18.71 -7.56 19.18
CA ARG B 2153 18.44 -8.21 17.90
C ARG B 2153 17.24 -9.14 18.02
N ARG B 2154 17.21 -9.95 19.06
CA ARG B 2154 16.08 -10.85 19.22
C ARG B 2154 14.79 -10.09 19.44
N GLN B 2155 14.85 -8.92 20.05
CA GLN B 2155 13.64 -8.14 20.21
C GLN B 2155 13.15 -7.57 18.88
N GLU B 2156 14.07 -7.10 18.06
CA GLU B 2156 13.68 -6.72 16.71
C GLU B 2156 13.06 -7.89 15.98
N TRP B 2157 13.64 -9.07 16.14
CA TRP B 2157 13.10 -10.24 15.46
C TRP B 2157 11.72 -10.58 15.95
N GLU B 2158 11.48 -10.47 17.25
CA GLU B 2158 10.14 -10.72 17.76
C GLU B 2158 9.16 -9.73 17.19
N ILE B 2159 9.56 -8.47 17.06
CA ILE B 2159 8.67 -7.49 16.45
C ILE B 2159 8.38 -7.85 15.00
N GLN B 2160 9.41 -8.27 14.26
CA GLN B 2160 9.18 -8.64 12.86
C GLN B 2160 8.30 -9.86 12.77
N LYS B 2161 8.49 -10.82 13.66
CA LYS B 2161 7.67 -12.03 13.64
C LYS B 2161 6.23 -11.71 13.93
N ASN B 2162 5.98 -10.77 14.84
CA ASN B 2162 4.62 -10.36 15.10
C ASN B 2162 4.03 -9.58 13.93
N ASN B 2163 4.83 -8.74 13.28
CA ASN B 2163 4.35 -8.09 12.06
C ASN B 2163 3.85 -9.11 11.07
N ALA B 2164 4.68 -10.09 10.75
CA ALA B 2164 4.30 -11.06 9.74
C ALA B 2164 3.16 -11.95 10.21
N GLU B 2165 3.14 -12.25 11.50
CA GLU B 2165 2.10 -13.10 12.06
C GLU B 2165 0.74 -12.41 12.05
N SER B 2166 0.72 -11.09 12.22
CA SER B 2166 -0.53 -10.37 12.11
C SER B 2166 -0.90 -10.10 10.67
N GLU B 2167 0.08 -9.95 9.80
CA GLU B 2167 -0.21 -9.84 8.39
C GLU B 2167 -0.84 -11.10 7.86
N ILE B 2168 -0.47 -12.26 8.40
CA ILE B 2168 -1.14 -13.50 8.02
C ILE B 2168 -2.61 -13.46 8.42
N ARG B 2169 -2.90 -13.03 9.64
CA ARG B 2169 -4.30 -12.96 10.05
C ARG B 2169 -5.07 -11.98 9.19
N GLN B 2170 -4.44 -10.86 8.85
CA GLN B 2170 -5.09 -9.89 7.99
C GLN B 2170 -5.36 -10.47 6.62
N ILE B 2171 -4.42 -11.25 6.07
CA ILE B 2171 -4.63 -11.81 4.75
C ILE B 2171 -5.66 -12.93 4.79
N ASP B 2172 -5.78 -13.62 5.92
CA ASP B 2172 -6.82 -14.62 6.01
C ASP B 2172 -8.20 -13.98 6.11
N ALA B 2173 -8.33 -12.92 6.91
CA ALA B 2173 -9.60 -12.19 6.92
C ALA B 2173 -9.90 -11.62 5.55
N GLN B 2174 -8.86 -11.27 4.80
CA GLN B 2174 -9.05 -10.77 3.44
C GLN B 2174 -9.55 -11.86 2.52
N LEU B 2175 -9.03 -13.08 2.67
CA LEU B 2175 -9.53 -14.20 1.89
C LEU B 2175 -10.97 -14.53 2.26
N GLU B 2176 -11.35 -14.33 3.52
CA GLU B 2176 -12.73 -14.56 3.90
C GLU B 2176 -13.65 -13.52 3.29
N ALA B 2177 -13.23 -12.26 3.30
CA ALA B 2177 -13.99 -11.22 2.61
C ALA B 2177 -14.12 -11.54 1.14
N LEU B 2178 -13.08 -12.09 0.54
CA LEU B 2178 -13.18 -12.46 -0.87
C LEU B 2178 -14.13 -13.63 -1.09
N ALA B 2179 -14.15 -14.60 -0.18
CA ALA B 2179 -15.09 -15.70 -0.32
C ALA B 2179 -16.53 -15.21 -0.20
N VAL B 2180 -16.77 -14.25 0.68
CA VAL B 2180 -18.10 -13.64 0.74
C VAL B 2180 -18.42 -12.89 -0.54
N ARG B 2181 -17.47 -12.13 -1.06
CA ARG B 2181 -17.73 -11.44 -2.32
C ARG B 2181 -17.98 -12.42 -3.44
N ARG B 2182 -17.38 -13.61 -3.37
CA ARG B 2182 -17.62 -14.59 -4.41
C ARG B 2182 -18.99 -15.22 -4.28
N THR B 2183 -19.43 -15.51 -3.06
CA THR B 2183 -20.79 -16.01 -2.95
C THR B 2183 -21.81 -14.93 -3.27
N ALA B 2184 -21.41 -13.67 -3.26
CA ALA B 2184 -22.33 -12.61 -3.71
C ALA B 2184 -22.32 -12.48 -5.23
N THR B 2185 -21.17 -12.69 -5.86
CA THR B 2185 -21.14 -12.71 -7.31
C THR B 2185 -21.84 -13.93 -7.90
N GLU B 2186 -21.80 -15.07 -7.21
CA GLU B 2186 -22.58 -16.20 -7.68
C GLU B 2186 -24.07 -15.91 -7.58
N MET B 2187 -24.47 -15.17 -6.56
CA MET B 2187 -25.87 -14.77 -6.48
C MET B 2187 -26.24 -13.75 -7.54
N GLN B 2188 -25.33 -12.84 -7.87
CA GLN B 2188 -25.57 -11.97 -9.01
C GLN B 2188 -25.72 -12.79 -10.29
N ARG B 2189 -24.97 -13.89 -10.41
CA ARG B 2189 -25.09 -14.73 -11.58
C ARG B 2189 -26.44 -15.43 -11.62
N GLU B 2190 -26.91 -15.94 -10.49
CA GLU B 2190 -28.22 -16.57 -10.48
C GLU B 2190 -29.32 -15.55 -10.73
N HIS B 2191 -29.14 -14.33 -10.25
CA HIS B 2191 -30.08 -13.26 -10.57
C HIS B 2191 -30.13 -13.00 -12.06
N MET B 2192 -28.96 -12.92 -12.70
CA MET B 2192 -28.95 -12.71 -14.15
C MET B 2192 -29.56 -13.89 -14.89
N GLU B 2193 -29.37 -15.10 -14.37
CA GLU B 2193 -29.99 -16.26 -15.00
C GLU B 2193 -31.50 -16.23 -14.86
N ILE B 2194 -32.01 -15.78 -13.71
CA ILE B 2194 -33.45 -15.67 -13.57
C ILE B 2194 -33.98 -14.57 -14.47
N GLN B 2195 -33.20 -13.51 -14.69
CA GLN B 2195 -33.60 -12.50 -15.66
C GLN B 2195 -33.66 -13.07 -17.07
N GLN B 2196 -32.71 -13.93 -17.42
CA GLN B 2196 -32.76 -14.55 -18.73
C GLN B 2196 -33.97 -15.45 -18.88
N ALA B 2197 -34.27 -16.23 -17.85
CA ALA B 2197 -35.46 -17.06 -17.90
C ALA B 2197 -36.72 -16.21 -18.03
N GLN B 2198 -36.72 -15.04 -17.41
CA GLN B 2198 -37.91 -14.19 -17.49
C GLN B 2198 -38.05 -13.53 -18.86
N THR B 2199 -36.93 -13.12 -19.45
CA THR B 2199 -37.02 -12.64 -20.83
C THR B 2199 -37.51 -13.74 -21.75
N GLN B 2200 -37.10 -14.98 -21.51
CA GLN B 2200 -37.65 -16.07 -22.29
C GLN B 2200 -39.14 -16.23 -22.06
N ALA B 2201 -39.59 -16.09 -20.81
CA ALA B 2201 -41.02 -16.19 -20.55
C ALA B 2201 -41.80 -15.08 -21.24
N GLN B 2202 -41.24 -13.88 -21.31
CA GLN B 2202 -41.92 -12.79 -22.00
C GLN B 2202 -41.99 -13.05 -23.49
N LEU B 2203 -40.91 -13.56 -24.08
CA LEU B 2203 -40.96 -13.89 -25.49
C LEU B 2203 -41.98 -14.99 -25.76
N GLU B 2204 -41.99 -16.02 -24.91
CA GLU B 2204 -42.98 -17.07 -25.03
C GLU B 2204 -44.38 -16.50 -24.95
N PHE B 2205 -44.61 -15.56 -24.05
CA PHE B 2205 -45.93 -14.97 -23.93
C PHE B 2205 -46.30 -14.19 -25.18
N LEU B 2206 -45.38 -13.37 -25.68
CA LEU B 2206 -45.67 -12.62 -26.90
C LEU B 2206 -45.89 -13.52 -28.09
N GLN B 2207 -45.37 -14.74 -28.07
CA GLN B 2207 -45.54 -15.60 -29.23
C GLN B 2207 -46.76 -16.50 -29.09
N ARG B 2208 -47.15 -16.84 -27.87
CA ARG B 2208 -48.33 -17.66 -27.67
C ARG B 2208 -49.61 -16.84 -27.61
N LYS B 2209 -49.52 -15.58 -27.19
CA LYS B 2209 -50.71 -14.78 -27.00
C LYS B 2209 -51.49 -14.68 -28.29
N PHE B 2210 -52.80 -14.48 -28.15
CA PHE B 2210 -53.63 -14.53 -29.34
C PHE B 2210 -53.29 -13.41 -30.31
N SER B 2211 -53.24 -12.18 -29.82
CA SER B 2211 -53.09 -11.02 -30.69
C SER B 2211 -51.62 -10.79 -31.04
N ASN B 2212 -51.00 -11.82 -31.59
CA ASN B 2212 -49.59 -11.77 -31.91
C ASN B 2212 -49.41 -11.22 -33.32
N LYS B 2213 -48.16 -11.13 -33.75
CA LYS B 2213 -47.87 -10.56 -35.06
C LYS B 2213 -48.55 -11.35 -36.17
N ALA B 2214 -48.67 -12.67 -35.99
CA ALA B 2214 -49.27 -13.49 -37.03
C ALA B 2214 -50.73 -13.15 -37.24
N LEU B 2215 -51.48 -12.97 -36.14
CA LEU B 2215 -52.88 -12.59 -36.25
C LEU B 2215 -53.05 -11.32 -37.03
N TYR B 2216 -52.34 -10.26 -36.61
CA TYR B 2216 -52.49 -8.99 -37.27
C TYR B 2216 -51.99 -9.02 -38.70
N SER B 2217 -51.00 -9.85 -39.01
CA SER B 2217 -50.57 -9.97 -40.40
C SER B 2217 -51.67 -10.59 -41.25
N TRP B 2218 -52.30 -11.65 -40.74
CA TRP B 2218 -53.41 -12.26 -41.47
C TRP B 2218 -54.54 -11.28 -41.66
N LEU B 2219 -54.92 -10.58 -40.61
CA LEU B 2219 -56.01 -9.63 -40.72
C LEU B 2219 -55.66 -8.50 -41.66
N ARG B 2220 -54.41 -8.05 -41.65
CA ARG B 2220 -54.02 -6.97 -42.54
C ARG B 2220 -54.07 -7.40 -43.99
N GLY B 2221 -53.55 -8.58 -44.30
CA GLY B 2221 -53.62 -9.05 -45.67
C GLY B 2221 -55.04 -9.30 -46.14
N ARG B 2222 -55.84 -9.92 -45.28
CA ARG B 2222 -57.22 -10.22 -45.61
C ARG B 2222 -58.03 -8.94 -45.84
N LEU B 2223 -57.94 -7.99 -44.90
CA LEU B 2223 -58.63 -6.73 -45.07
C LEU B 2223 -58.07 -5.92 -46.22
N ALA B 2224 -56.79 -6.06 -46.55
CA ALA B 2224 -56.25 -5.33 -47.67
C ALA B 2224 -56.83 -5.84 -48.97
N SER B 2225 -57.00 -7.16 -49.08
CA SER B 2225 -57.68 -7.70 -50.25
C SER B 2225 -59.11 -7.20 -50.34
N ILE B 2226 -59.85 -7.27 -49.24
CA ILE B 2226 -61.23 -6.79 -49.24
C ILE B 2226 -61.29 -5.32 -49.60
N TYR B 2227 -60.41 -4.51 -49.02
CA TYR B 2227 -60.42 -3.09 -49.28
C TYR B 2227 -60.10 -2.77 -50.72
N TYR B 2228 -59.12 -3.48 -51.30
CA TYR B 2228 -58.75 -3.22 -52.67
C TYR B 2228 -59.91 -3.55 -53.60
N ARG B 2229 -60.55 -4.69 -53.41
CA ARG B 2229 -61.62 -5.06 -54.32
C ARG B 2229 -62.97 -4.49 -53.90
N PHE B 2230 -63.01 -3.70 -52.84
CA PHE B 2230 -64.17 -2.90 -52.46
C PHE B 2230 -64.10 -1.50 -53.03
N TYR B 2231 -62.89 -0.93 -53.12
CA TYR B 2231 -62.73 0.34 -53.80
C TYR B 2231 -63.16 0.23 -55.25
N ASP B 2232 -63.03 -0.96 -55.83
CA ASP B 2232 -63.52 -1.19 -57.19
C ASP B 2232 -65.02 -0.97 -57.29
N LEU B 2233 -65.79 -1.42 -56.30
CA LEU B 2233 -67.23 -1.17 -56.32
C LEU B 2233 -67.52 0.29 -56.03
N THR B 2234 -66.78 0.88 -55.11
CA THR B 2234 -67.07 2.26 -54.74
C THR B 2234 -66.83 3.23 -55.88
N ALA B 2235 -65.74 3.06 -56.63
CA ALA B 2235 -65.49 3.94 -57.76
C ALA B 2235 -66.55 3.77 -58.83
N ALA B 2236 -67.00 2.54 -59.06
CA ALA B 2236 -68.09 2.31 -60.00
C ALA B 2236 -69.38 2.97 -59.54
N ARG B 2237 -69.68 2.95 -58.24
CA ARG B 2237 -70.87 3.64 -57.77
C ARG B 2237 -70.75 5.14 -57.96
N CYS B 2238 -69.59 5.70 -57.65
CA CYS B 2238 -69.41 7.14 -57.86
C CYS B 2238 -69.54 7.50 -59.32
N MET B 2239 -69.09 6.61 -60.20
CA MET B 2239 -69.24 6.86 -61.63
C MET B 2239 -70.70 6.74 -62.07
N MET B 2240 -71.43 5.76 -61.52
CA MET B 2240 -72.86 5.70 -61.76
C MET B 2240 -73.54 6.98 -61.33
N ALA B 2241 -73.17 7.50 -60.16
CA ALA B 2241 -73.77 8.72 -59.67
C ALA B 2241 -73.43 9.90 -60.57
N GLU B 2242 -72.20 9.94 -61.08
CA GLU B 2242 -71.84 11.02 -61.99
C GLU B 2242 -72.64 10.93 -63.28
N LYS B 2243 -72.87 9.71 -63.78
CA LYS B 2243 -73.66 9.57 -64.99
C LYS B 2243 -75.12 9.95 -64.76
N ALA B 2244 -75.69 9.55 -63.62
CA ALA B 2244 -77.04 9.96 -63.32
C ALA B 2244 -77.13 11.48 -63.19
N TYR B 2245 -76.06 12.10 -62.68
CA TYR B 2245 -76.02 13.56 -62.64
C TYR B 2245 -75.98 14.14 -64.05
N ALA B 2246 -75.18 13.56 -64.93
CA ALA B 2246 -75.09 14.08 -66.29
C ALA B 2246 -76.40 13.86 -67.06
N TRP B 2247 -77.17 12.85 -66.71
CA TRP B 2247 -78.41 12.61 -67.42
C TRP B 2247 -79.57 13.41 -66.84
N GLN B 2248 -79.53 13.69 -65.54
CA GLN B 2248 -80.58 14.50 -64.95
C GLN B 2248 -80.36 15.98 -65.20
N THR B 2249 -79.11 16.41 -65.32
CA THR B 2249 -78.79 17.75 -65.77
C THR B 2249 -77.89 17.64 -66.99
N ASN B 2250 -78.33 18.19 -68.11
CA ASN B 2250 -77.59 18.00 -69.35
C ASN B 2250 -76.29 18.79 -69.32
N ASP B 2251 -75.38 18.44 -68.40
CA ASP B 2251 -74.05 19.04 -68.31
C ASP B 2251 -73.05 17.89 -68.28
N THR B 2252 -72.67 17.42 -69.45
CA THR B 2252 -71.74 16.29 -69.56
C THR B 2252 -70.30 16.73 -69.70
N ALA B 2253 -70.06 17.98 -70.09
CA ALA B 2253 -68.69 18.47 -70.18
C ALA B 2253 -68.03 18.49 -68.80
N THR B 2254 -68.79 18.82 -67.77
CA THR B 2254 -68.24 18.84 -66.42
C THR B 2254 -68.16 17.43 -65.85
N ARG B 2255 -67.18 17.22 -64.98
CA ARG B 2255 -67.01 15.93 -64.34
C ARG B 2255 -66.44 16.17 -62.94
N TYR B 2256 -66.91 15.37 -61.99
CA TYR B 2256 -66.59 15.58 -60.59
C TYR B 2256 -65.85 14.41 -59.97
N ILE B 2257 -66.26 13.18 -60.25
CA ILE B 2257 -65.54 12.02 -59.75
C ILE B 2257 -64.25 11.91 -60.56
N LYS B 2258 -63.15 12.33 -59.97
CA LYS B 2258 -61.87 12.33 -60.65
C LYS B 2258 -60.95 11.26 -60.08
N SER B 2259 -59.91 10.95 -60.86
CA SER B 2259 -59.00 9.85 -60.56
C SER B 2259 -58.03 10.30 -59.47
N GLY B 2260 -57.10 9.42 -59.11
CA GLY B 2260 -56.21 9.70 -58.01
C GLY B 2260 -56.81 9.51 -56.64
N ALA B 2261 -58.01 8.95 -56.56
CA ALA B 2261 -58.59 8.64 -55.25
C ALA B 2261 -57.84 7.50 -54.59
N TRP B 2262 -57.30 6.58 -55.38
CA TRP B 2262 -56.52 5.48 -54.86
C TRP B 2262 -55.05 5.71 -55.20
N GLN B 2263 -54.23 5.74 -54.16
CA GLN B 2263 -52.79 5.90 -54.34
C GLN B 2263 -52.11 4.66 -53.80
N SER B 2264 -51.28 4.01 -54.62
CA SER B 2264 -50.62 2.81 -54.16
C SER B 2264 -49.50 3.10 -53.18
N ASN B 2265 -48.99 4.34 -53.12
CA ASN B 2265 -48.06 4.69 -52.06
C ASN B 2265 -48.65 4.41 -50.69
N ASN B 2266 -49.94 4.69 -50.53
CA ASN B 2266 -50.61 4.55 -49.25
C ASN B 2266 -51.46 3.30 -49.19
N ALA B 2267 -51.21 2.32 -50.05
CA ALA B 2267 -52.02 1.11 -50.11
C ALA B 2267 -53.51 1.44 -50.23
N GLY B 2268 -53.79 2.56 -50.91
CA GLY B 2268 -55.16 2.96 -51.13
C GLY B 2268 -55.86 3.55 -49.94
N LEU B 2269 -55.14 3.84 -48.87
CA LEU B 2269 -55.78 4.45 -47.71
C LEU B 2269 -56.29 5.84 -48.08
N MET B 2270 -57.38 6.23 -47.44
CA MET B 2270 -58.04 7.50 -47.69
C MET B 2270 -58.46 7.66 -49.14
N ALA B 2271 -58.91 6.55 -49.73
CA ALA B 2271 -59.65 6.61 -50.98
C ALA B 2271 -61.07 7.08 -50.74
N GLY B 2272 -61.68 6.61 -49.65
CA GLY B 2272 -63.03 7.01 -49.32
C GLY B 2272 -63.16 8.51 -49.12
N GLU B 2273 -62.17 9.13 -48.50
CA GLU B 2273 -62.21 10.57 -48.28
C GLU B 2273 -62.23 11.33 -49.60
N SER B 2274 -61.36 10.96 -50.53
CA SER B 2274 -61.35 11.65 -51.82
C SER B 2274 -62.64 11.42 -52.59
N LEU B 2275 -63.10 10.17 -52.65
CA LEU B 2275 -64.31 9.87 -53.37
C LEU B 2275 -65.51 10.62 -52.78
N LEU B 2276 -65.55 10.73 -51.47
CA LEU B 2276 -66.70 11.36 -50.85
C LEU B 2276 -66.62 12.88 -50.96
N LEU B 2277 -65.42 13.45 -50.97
CA LEU B 2277 -65.29 14.86 -51.30
C LEU B 2277 -65.81 15.12 -52.71
N ASN B 2278 -65.49 14.22 -53.65
CA ASN B 2278 -66.01 14.39 -55.00
C ASN B 2278 -67.52 14.28 -55.04
N LEU B 2279 -68.08 13.31 -54.32
CA LEU B 2279 -69.53 13.16 -54.26
C LEU B 2279 -70.18 14.40 -53.67
N ALA B 2280 -69.55 15.02 -52.68
CA ALA B 2280 -70.14 16.22 -52.10
C ALA B 2280 -70.03 17.40 -53.05
N GLU B 2281 -68.91 17.49 -53.78
CA GLU B 2281 -68.81 18.52 -54.82
C GLU B 2281 -69.94 18.38 -55.82
N MET B 2282 -70.20 17.15 -56.26
CA MET B 2282 -71.24 16.92 -57.24
C MET B 2282 -72.62 17.17 -56.65
N GLU B 2283 -72.84 16.81 -55.40
CA GLU B 2283 -74.14 17.07 -54.78
C GLU B 2283 -74.39 18.55 -54.65
N GLN B 2284 -73.37 19.34 -54.33
CA GLN B 2284 -73.62 20.76 -54.18
C GLN B 2284 -73.79 21.44 -55.53
N ALA B 2285 -73.06 21.00 -56.55
CA ALA B 2285 -73.37 21.44 -57.90
C ALA B 2285 -74.83 21.17 -58.23
N TRP B 2286 -75.33 20.00 -57.87
CA TRP B 2286 -76.72 19.66 -58.12
C TRP B 2286 -77.66 20.54 -57.32
N LEU B 2287 -77.32 20.83 -56.07
CA LEU B 2287 -78.20 21.65 -55.25
C LEU B 2287 -78.25 23.08 -55.74
N LYS B 2288 -77.22 23.55 -56.43
CA LYS B 2288 -77.27 24.89 -57.00
C LYS B 2288 -78.01 24.88 -58.33
N ARG B 2289 -77.85 23.82 -59.14
CA ARG B 2289 -78.52 23.77 -60.43
C ARG B 2289 -79.96 23.34 -60.31
N ASP B 2290 -80.38 22.83 -59.16
CA ASP B 2290 -81.74 22.35 -59.00
C ASP B 2290 -82.65 23.51 -58.65
N SER B 2291 -83.88 23.47 -59.16
CA SER B 2291 -84.87 24.49 -58.87
C SER B 2291 -86.23 23.95 -59.32
N ARG B 2292 -87.23 24.81 -59.30
CA ARG B 2292 -88.47 24.48 -59.98
C ARG B 2292 -88.22 24.39 -61.47
N SER B 2293 -89.22 23.90 -62.19
CA SER B 2293 -89.13 23.88 -63.64
C SER B 2293 -90.53 23.97 -64.22
N LEU B 2294 -90.66 24.72 -65.31
CA LEU B 2294 -91.90 24.70 -66.07
C LEU B 2294 -92.10 23.34 -66.69
N GLU B 2295 -93.30 22.80 -66.56
CA GLU B 2295 -93.61 21.50 -67.12
C GLU B 2295 -94.95 21.57 -67.85
N VAL B 2296 -94.99 21.01 -69.04
CA VAL B 2296 -96.12 21.14 -69.95
C VAL B 2296 -96.50 19.76 -70.48
N THR B 2297 -97.78 19.58 -70.72
CA THR B 2297 -98.27 18.45 -71.50
C THR B 2297 -98.58 18.94 -72.91
N ARG B 2298 -98.33 18.07 -73.89
CA ARG B 2298 -98.75 18.37 -75.25
C ARG B 2298 -99.56 17.21 -75.78
N THR B 2299 -100.84 17.44 -76.01
CA THR B 2299 -101.74 16.44 -76.56
C THR B 2299 -101.57 16.44 -78.08
N VAL B 2300 -101.01 15.37 -78.61
CA VAL B 2300 -100.72 15.27 -80.04
C VAL B 2300 -101.70 14.30 -80.68
N SER B 2301 -102.79 14.83 -81.21
CA SER B 2301 -103.74 14.03 -81.98
C SER B 2301 -103.06 13.70 -83.31
N LEU B 2302 -102.57 12.47 -83.43
CA LEU B 2302 -101.78 12.09 -84.60
C LEU B 2302 -102.58 12.16 -85.89
N ALA B 2303 -103.91 12.18 -85.82
CA ALA B 2303 -104.68 12.41 -87.03
C ALA B 2303 -104.32 13.73 -87.67
N ALA B 2304 -103.96 14.74 -86.87
CA ALA B 2304 -103.56 16.03 -87.42
C ALA B 2304 -102.25 15.95 -88.18
N VAL B 2305 -101.19 15.45 -87.54
CA VAL B 2305 -99.91 15.32 -88.22
C VAL B 2305 -99.99 14.34 -89.38
N TYR B 2306 -100.99 13.47 -89.40
CA TYR B 2306 -101.24 12.66 -90.58
C TYR B 2306 -101.95 13.46 -91.67
N ARG B 2307 -102.86 14.36 -91.29
CA ARG B 2307 -103.45 15.28 -92.26
C ARG B 2307 -102.40 16.16 -92.91
N THR B 2308 -101.32 16.48 -92.19
CA THR B 2308 -100.20 17.16 -92.83
C THR B 2308 -99.64 16.34 -93.98
N ASP B 2309 -99.82 15.02 -93.94
CA ASP B 2309 -99.44 14.14 -95.04
C ASP B 2309 -100.59 13.84 -95.99
N ASN B 2310 -101.79 14.37 -95.73
CA ASN B 2310 -102.96 14.22 -96.60
C ASN B 2310 -103.38 12.75 -96.74
N VAL B 2311 -102.78 11.87 -95.95
CA VAL B 2311 -102.96 10.42 -96.05
C VAL B 2311 -103.51 9.95 -94.71
N THR B 2312 -104.37 10.79 -94.12
CA THR B 2312 -104.73 10.77 -92.71
C THR B 2312 -105.11 9.38 -92.21
N LEU B 2313 -104.97 9.16 -90.90
CA LEU B 2313 -105.04 7.82 -90.33
C LEU B 2313 -106.34 7.11 -90.69
N ALA B 2314 -107.46 7.83 -90.64
CA ALA B 2314 -108.77 7.20 -90.81
C ALA B 2314 -108.81 6.29 -92.04
N GLU B 2315 -108.31 6.76 -93.17
CA GLU B 2315 -108.24 5.94 -94.37
C GLU B 2315 -106.84 5.43 -94.68
N GLY B 2316 -105.85 5.79 -93.87
CA GLY B 2316 -104.52 5.24 -94.05
C GLY B 2316 -104.34 3.94 -93.31
N ILE B 2317 -105.27 3.63 -92.40
CA ILE B 2317 -105.16 2.41 -91.61
C ILE B 2317 -105.98 1.28 -92.22
N ALA B 2318 -107.21 1.58 -92.66
CA ALA B 2318 -108.11 0.54 -93.15
C ALA B 2318 -107.60 -0.04 -94.46
N ASP B 2319 -107.09 0.81 -95.35
CA ASP B 2319 -106.60 0.34 -96.64
C ASP B 2319 -105.40 -0.58 -96.50
N LEU B 2320 -104.66 -0.47 -95.40
CA LEU B 2320 -103.51 -1.33 -95.19
C LEU B 2320 -104.01 -2.74 -94.89
N LEU B 2321 -104.10 -3.57 -95.92
CA LEU B 2321 -104.62 -4.93 -95.79
C LEU B 2321 -103.79 -5.81 -96.74
N LYS B 2322 -102.73 -6.39 -96.20
CA LYS B 2322 -101.85 -7.26 -96.97
C LYS B 2322 -100.88 -7.93 -96.00
N GLY B 2323 -100.40 -9.10 -96.41
CA GLY B 2323 -99.43 -9.83 -95.61
C GLY B 2323 -98.02 -9.52 -96.03
N ASN B 2324 -97.76 -8.26 -96.36
CA ASN B 2324 -96.44 -7.86 -96.83
C ASN B 2324 -95.44 -7.84 -95.69
N GLY B 2325 -94.22 -8.25 -95.99
CA GLY B 2325 -93.14 -8.24 -95.02
C GLY B 2325 -92.04 -7.25 -95.36
N SER B 2326 -91.68 -6.39 -94.41
CA SER B 2326 -90.67 -5.37 -94.66
C SER B 2326 -90.13 -4.87 -93.32
N GLY B 2327 -88.84 -5.13 -93.07
CA GLY B 2327 -88.17 -4.53 -91.94
C GLY B 2327 -87.76 -3.10 -92.22
N ASN B 2328 -87.18 -2.45 -91.20
CA ASN B 2328 -86.76 -1.05 -91.28
C ASN B 2328 -87.94 -0.15 -91.66
N ILE B 2329 -88.88 -0.07 -90.73
CA ILE B 2329 -90.22 0.43 -90.99
C ILE B 2329 -90.24 1.91 -91.35
N PRO B 2330 -89.59 2.82 -90.59
CA PRO B 2330 -89.69 4.20 -91.04
C PRO B 2330 -88.71 4.52 -92.16
N THR B 2338 -98.40 -2.87 -90.85
CA THR B 2338 -98.20 -4.09 -91.62
C THR B 2338 -96.83 -4.10 -92.28
N ALA B 2339 -95.81 -3.73 -91.51
CA ALA B 2339 -94.44 -3.76 -92.01
C ALA B 2339 -94.04 -5.18 -92.38
N ASP B 2340 -94.00 -6.07 -91.40
CA ASP B 2340 -93.81 -7.50 -91.65
C ASP B 2340 -95.04 -8.30 -91.27
N ASN B 2341 -95.46 -8.25 -90.01
CA ASN B 2341 -96.75 -8.77 -89.59
C ASN B 2341 -97.38 -7.88 -88.55
N GLN B 2342 -96.85 -6.68 -88.35
CA GLN B 2342 -97.25 -5.78 -87.29
C GLN B 2342 -97.29 -4.36 -87.83
N LEU B 2343 -98.06 -3.51 -87.16
CA LEU B 2343 -98.19 -2.13 -87.55
C LEU B 2343 -97.18 -1.29 -86.80
N HIS B 2344 -96.78 -0.17 -87.40
CA HIS B 2344 -95.75 0.66 -86.83
C HIS B 2344 -95.91 2.10 -87.31
N ALA B 2345 -96.04 3.02 -86.37
CA ALA B 2345 -96.04 4.44 -86.65
C ALA B 2345 -94.66 5.00 -86.32
N ALA B 2346 -94.34 6.16 -86.89
CA ALA B 2346 -93.03 6.77 -86.70
C ALA B 2346 -93.15 8.26 -86.93
N PHE B 2347 -92.68 9.05 -85.97
CA PHE B 2347 -92.82 10.49 -86.08
C PHE B 2347 -91.63 11.18 -85.46
N ASN B 2348 -91.06 12.13 -86.19
CA ASN B 2348 -89.89 12.87 -85.76
C ASN B 2348 -90.33 14.07 -84.95
N LEU B 2349 -89.89 14.14 -83.70
CA LEU B 2349 -90.29 15.24 -82.83
C LEU B 2349 -89.82 16.59 -83.35
N LYS B 2350 -88.82 16.63 -84.23
CA LYS B 2350 -88.51 17.87 -84.92
C LYS B 2350 -89.69 18.35 -85.74
N ALA B 2351 -90.41 17.43 -86.36
CA ALA B 2351 -91.62 17.78 -87.09
C ALA B 2351 -92.79 18.08 -86.16
N LEU B 2352 -92.62 17.92 -84.85
CA LEU B 2352 -93.71 18.20 -83.92
C LEU B 2352 -93.68 19.63 -83.39
N ASN B 2353 -92.61 20.37 -83.67
CA ASN B 2353 -92.56 21.81 -83.41
C ASN B 2353 -92.85 22.13 -81.94
N ILE B 2354 -92.09 21.47 -81.07
CA ILE B 2354 -92.35 21.65 -79.64
C ILE B 2354 -91.75 22.96 -79.15
N LYS B 2355 -90.58 23.34 -79.66
CA LYS B 2355 -89.97 24.59 -79.26
C LYS B 2355 -90.84 25.79 -79.60
N ASP B 2356 -91.63 25.69 -80.68
CA ASP B 2356 -92.50 26.78 -81.07
C ASP B 2356 -93.74 26.90 -80.19
N ASP B 2357 -93.96 25.95 -79.27
CA ASP B 2357 -95.13 26.02 -78.42
C ASP B 2357 -94.99 27.09 -77.36
N TYR B 2358 -93.77 27.38 -76.93
CA TYR B 2358 -93.51 28.34 -75.87
C TYR B 2358 -92.36 29.25 -76.26
N PRO B 2359 -92.30 30.46 -75.69
CA PRO B 2359 -91.22 31.38 -76.04
C PRO B 2359 -89.87 30.86 -75.58
N GLU B 2360 -88.82 31.33 -76.24
CA GLU B 2360 -87.47 30.93 -75.87
C GLU B 2360 -86.99 31.62 -74.60
N ALA B 2361 -87.57 32.77 -74.25
CA ALA B 2361 -87.16 33.46 -73.03
C ALA B 2361 -87.52 32.69 -71.77
N LEU B 2362 -88.40 31.68 -71.88
CA LEU B 2362 -88.73 30.86 -70.72
C LEU B 2362 -87.56 29.96 -70.35
N GLY B 2363 -87.11 29.14 -71.30
CA GLY B 2363 -86.01 28.24 -71.06
C GLY B 2363 -85.38 27.77 -72.35
N THR B 2364 -84.08 27.48 -72.32
CA THR B 2364 -83.38 27.06 -73.52
C THR B 2364 -83.43 25.56 -73.75
N THR B 2365 -83.72 24.77 -72.73
CA THR B 2365 -83.74 23.32 -72.85
C THR B 2365 -85.13 22.79 -72.53
N ARG B 2366 -85.51 21.72 -73.21
CA ARG B 2366 -86.81 21.08 -73.02
C ARG B 2366 -86.61 19.58 -73.20
N ARG B 2367 -86.98 18.81 -72.17
CA ARG B 2367 -86.74 17.38 -72.17
C ARG B 2367 -87.99 16.63 -71.77
N ILE B 2368 -88.22 15.47 -72.38
CA ILE B 2368 -89.38 14.67 -72.07
C ILE B 2368 -89.32 14.22 -70.62
N LYS B 2369 -90.48 14.09 -70.00
CA LYS B 2369 -90.59 13.59 -68.63
C LYS B 2369 -91.38 12.29 -68.55
N GLN B 2370 -92.51 12.23 -69.25
CA GLN B 2370 -93.38 11.07 -69.22
C GLN B 2370 -94.29 11.14 -70.44
N ILE B 2371 -94.68 9.98 -70.97
CA ILE B 2371 -95.50 9.91 -72.17
C ILE B 2371 -96.66 8.97 -71.93
N SER B 2372 -97.87 9.48 -72.12
CA SER B 2372 -99.09 8.68 -72.01
C SER B 2372 -99.82 8.69 -73.35
N VAL B 2373 -100.42 7.56 -73.69
CA VAL B 2373 -101.05 7.36 -74.99
C VAL B 2373 -102.52 7.02 -74.78
N THR B 2374 -103.36 7.47 -75.71
CA THR B 2374 -104.79 7.20 -75.67
C THR B 2374 -105.22 6.67 -77.03
N LEU B 2375 -105.80 5.46 -77.04
CA LEU B 2375 -106.27 4.82 -78.27
C LEU B 2375 -107.76 4.58 -78.14
N PRO B 2376 -108.58 5.53 -78.56
CA PRO B 2376 -110.05 5.40 -78.41
C PRO B 2376 -110.68 4.58 -79.53
N ALA B 2377 -110.64 3.26 -79.37
CA ALA B 2377 -111.10 2.33 -80.40
C ALA B 2377 -112.28 1.51 -79.90
N LEU B 2378 -113.00 0.94 -80.86
CA LEU B 2378 -114.04 -0.03 -80.55
C LEU B 2378 -113.37 -1.32 -80.08
N VAL B 2379 -113.36 -1.55 -78.77
CA VAL B 2379 -112.70 -2.71 -78.19
C VAL B 2379 -113.77 -3.72 -77.79
N GLU B 2380 -113.44 -5.00 -77.92
CA GLU B 2380 -114.32 -6.04 -77.42
C GLU B 2380 -114.18 -6.14 -75.90
N PRO B 2381 -115.25 -6.53 -75.20
CA PRO B 2381 -115.18 -6.57 -73.73
C PRO B 2381 -114.12 -7.56 -73.25
N TYR B 2382 -113.44 -7.18 -72.17
CA TYR B 2382 -112.42 -8.01 -71.52
C TYR B 2382 -111.32 -8.40 -72.51
N GLN B 2383 -110.78 -7.39 -73.18
CA GLN B 2383 -109.75 -7.61 -74.19
C GLN B 2383 -108.66 -6.57 -74.03
N ASP B 2384 -107.42 -7.03 -73.92
CA ASP B 2384 -106.28 -6.15 -73.90
C ASP B 2384 -105.94 -5.73 -75.32
N MET B 2385 -104.88 -4.93 -75.46
CA MET B 2385 -104.42 -4.50 -76.77
C MET B 2385 -102.91 -4.38 -76.75
N ARG B 2386 -102.24 -5.29 -77.45
CA ARG B 2386 -100.78 -5.35 -77.48
C ARG B 2386 -100.27 -4.17 -78.32
N ALA B 2387 -99.50 -3.30 -77.69
CA ALA B 2387 -98.95 -2.14 -78.38
C ALA B 2387 -97.65 -1.74 -77.72
N ILE B 2388 -96.61 -1.57 -78.52
CA ILE B 2388 -95.29 -1.18 -78.05
C ILE B 2388 -94.99 0.22 -78.55
N PHE B 2389 -94.59 1.08 -77.63
CA PHE B 2389 -94.21 2.45 -77.94
C PHE B 2389 -92.74 2.60 -77.61
N ARG B 2390 -91.94 2.99 -78.59
CA ARG B 2390 -90.50 2.80 -78.50
C ARG B 2390 -89.75 4.01 -79.02
N TYR B 2391 -88.55 4.22 -78.49
CA TYR B 2391 -87.71 5.35 -78.85
C TYR B 2391 -86.72 4.95 -79.94
N GLY B 2392 -86.63 5.78 -80.97
CA GLY B 2392 -85.76 5.48 -82.08
C GLY B 2392 -84.29 5.61 -81.75
N GLY B 2393 -83.90 6.73 -81.14
CA GLY B 2393 -82.53 6.96 -80.78
C GLY B 2393 -82.08 6.04 -79.66
N ASN B 2394 -80.82 6.20 -79.26
CA ASN B 2394 -80.25 5.38 -78.19
C ASN B 2394 -79.39 6.28 -77.30
N SER B 2395 -80.04 6.93 -76.35
CA SER B 2395 -79.34 7.78 -75.39
C SER B 2395 -79.88 7.61 -73.97
N LEU B 2396 -80.79 6.68 -73.74
CA LEU B 2396 -81.46 6.48 -72.48
C LEU B 2396 -80.79 5.37 -71.69
N PRO B 2397 -81.26 5.09 -70.48
CA PRO B 2397 -80.90 3.83 -69.82
C PRO B 2397 -81.43 2.63 -70.59
N ALA B 2398 -81.20 1.42 -70.05
CA ALA B 2398 -81.48 0.20 -70.79
C ALA B 2398 -82.93 0.12 -71.23
N GLY B 2399 -83.85 0.10 -70.29
CA GLY B 2399 -85.25 -0.09 -70.61
C GLY B 2399 -86.08 1.16 -70.79
N CYS B 2400 -85.51 2.34 -70.53
CA CYS B 2400 -86.27 3.58 -70.67
C CYS B 2400 -86.69 3.83 -72.10
N LYS B 2401 -86.06 3.16 -73.07
CA LYS B 2401 -86.29 3.46 -74.48
C LYS B 2401 -87.54 2.78 -75.02
N ALA B 2402 -88.15 1.86 -74.27
CA ALA B 2402 -89.31 1.14 -74.74
C ALA B 2402 -90.39 1.14 -73.67
N ILE B 2403 -91.64 1.06 -74.10
CA ILE B 2403 -92.78 1.01 -73.20
C ILE B 2403 -93.84 0.12 -73.81
N ALA B 2404 -94.73 -0.39 -72.98
CA ALA B 2404 -95.84 -1.22 -73.43
C ALA B 2404 -97.14 -0.46 -73.23
N LEU B 2405 -98.25 -1.08 -73.63
CA LEU B 2405 -99.57 -0.49 -73.43
C LEU B 2405 -100.57 -1.60 -73.19
N SER B 2406 -101.67 -1.27 -72.50
CA SER B 2406 -102.64 -2.29 -72.10
C SER B 2406 -103.99 -2.12 -72.78
N HIS B 2407 -104.66 -0.97 -72.62
CA HIS B 2407 -106.04 -0.89 -73.09
C HIS B 2407 -106.28 0.28 -74.04
N GLY B 2408 -105.59 1.39 -73.85
CA GLY B 2408 -105.68 2.51 -74.77
C GLY B 2408 -106.38 3.75 -74.28
N ILE B 2409 -106.49 3.96 -72.97
CA ILE B 2409 -107.03 5.21 -72.45
C ILE B 2409 -106.15 5.73 -71.32
N ASN B 2410 -105.35 6.76 -71.63
CA ASN B 2410 -104.51 7.45 -70.66
C ASN B 2410 -103.70 6.45 -69.84
N ASP B 2411 -103.31 5.36 -70.47
CA ASP B 2411 -102.60 4.29 -69.79
C ASP B 2411 -101.13 4.34 -70.17
N ASP B 2412 -100.31 4.76 -69.22
CA ASP B 2412 -98.87 4.63 -69.35
C ASP B 2412 -98.49 3.16 -69.34
N GLY B 2413 -97.28 2.87 -69.82
CA GLY B 2413 -96.80 1.51 -69.83
C GLY B 2413 -96.59 0.91 -68.46
N LEU B 2414 -96.74 1.72 -67.42
CA LEU B 2414 -96.58 1.26 -66.05
C LEU B 2414 -97.91 0.76 -65.49
N PHE B 2415 -97.85 0.18 -64.30
CA PHE B 2415 -99.04 -0.13 -63.52
C PHE B 2415 -99.36 0.94 -62.49
N ARG B 2416 -98.41 1.29 -61.65
CA ARG B 2416 -98.51 2.44 -60.77
C ARG B 2416 -97.72 3.59 -61.39
N LEU B 2417 -98.28 4.79 -61.32
CA LEU B 2417 -97.65 5.98 -61.89
C LEU B 2417 -97.22 6.87 -60.74
N ASP B 2418 -95.97 6.71 -60.33
CA ASP B 2418 -95.41 7.42 -59.19
C ASP B 2418 -94.08 8.03 -59.60
N PHE B 2419 -93.97 9.35 -59.46
CA PHE B 2419 -92.73 10.04 -59.79
C PHE B 2419 -91.68 9.87 -58.70
N ASN B 2420 -92.10 9.62 -57.46
CA ASN B 2420 -91.20 9.53 -56.32
C ASN B 2420 -90.28 8.33 -56.37
N ASP B 2421 -90.60 7.32 -57.19
CA ASP B 2421 -89.70 6.19 -57.37
C ASP B 2421 -88.36 6.71 -57.87
N GLY B 2422 -87.27 6.17 -57.33
CA GLY B 2422 -85.96 6.60 -57.75
C GLY B 2422 -85.67 6.33 -59.21
N ARG B 2423 -86.22 5.25 -59.75
CA ARG B 2423 -85.99 4.93 -61.16
C ARG B 2423 -86.54 6.02 -62.05
N TRP B 2424 -85.94 6.18 -63.23
CA TRP B 2424 -86.48 7.11 -64.20
C TRP B 2424 -87.79 6.61 -64.79
N LEU B 2425 -88.56 7.54 -65.34
CA LEU B 2425 -89.74 7.17 -66.10
C LEU B 2425 -89.35 6.82 -67.53
N PRO B 2426 -90.13 5.99 -68.21
CA PRO B 2426 -89.81 5.67 -69.60
C PRO B 2426 -89.85 6.94 -70.45
N PHE B 2427 -88.88 7.04 -71.36
CA PHE B 2427 -88.73 8.22 -72.21
C PHE B 2427 -88.56 9.48 -71.37
N GLU B 2428 -87.59 9.45 -70.45
CA GLU B 2428 -87.27 10.59 -69.62
C GLU B 2428 -85.96 11.20 -70.10
N GLY B 2429 -85.85 12.52 -69.99
CA GLY B 2429 -84.63 13.22 -70.34
C GLY B 2429 -84.44 13.44 -71.82
N ILE B 2430 -85.28 12.86 -72.66
CA ILE B 2430 -85.19 13.00 -74.11
C ILE B 2430 -85.41 14.46 -74.48
N PRO B 2431 -84.46 15.09 -75.17
CA PRO B 2431 -84.71 16.45 -75.64
C PRO B 2431 -85.69 16.41 -76.79
N VAL B 2432 -86.49 17.46 -76.90
CA VAL B 2432 -87.63 17.45 -77.80
C VAL B 2432 -87.20 17.81 -79.21
N ASP B 2433 -85.89 17.85 -79.46
CA ASP B 2433 -85.40 18.42 -80.72
C ASP B 2433 -85.53 17.45 -81.88
N ASP B 2434 -84.90 16.29 -81.79
CA ASP B 2434 -84.84 15.41 -82.96
C ASP B 2434 -84.46 14.01 -82.50
N ASP B 2435 -84.05 13.17 -83.46
CA ASP B 2435 -83.42 11.87 -83.21
C ASP B 2435 -84.41 10.87 -82.62
N ASN B 2436 -85.60 10.80 -83.21
CA ASN B 2436 -86.53 9.74 -82.83
C ASN B 2436 -87.58 9.60 -83.91
N SER B 2437 -87.68 8.42 -84.49
CA SER B 2437 -88.87 8.01 -85.21
C SER B 2437 -89.81 7.41 -84.17
N LEU B 2438 -90.92 8.08 -83.92
CA LEU B 2438 -91.78 7.75 -82.79
C LEU B 2438 -92.43 6.39 -83.02
N THR B 2439 -91.79 5.33 -82.57
CA THR B 2439 -92.27 3.98 -82.85
C THR B 2439 -93.44 3.68 -81.95
N LEU B 2440 -94.59 3.38 -82.56
CA LEU B 2440 -95.76 2.89 -81.85
C LEU B 2440 -96.19 1.60 -82.53
N SER B 2441 -95.56 0.50 -82.13
CA SER B 2441 -95.78 -0.77 -82.79
C SER B 2441 -97.10 -1.41 -82.37
N PHE B 2442 -97.62 -2.27 -83.25
CA PHE B 2442 -98.86 -3.00 -82.99
C PHE B 2442 -98.65 -4.43 -83.49
N PRO B 2443 -98.27 -5.34 -82.59
CA PRO B 2443 -98.00 -6.71 -83.01
C PRO B 2443 -99.26 -7.40 -83.51
N ASP B 2444 -99.10 -8.17 -84.59
CA ASP B 2444 -100.17 -8.95 -85.20
C ASP B 2444 -101.33 -8.05 -85.64
N ALA B 2445 -100.99 -7.17 -86.58
CA ALA B 2445 -101.99 -6.36 -87.26
C ALA B 2445 -102.69 -7.11 -88.40
N THR B 2446 -102.61 -8.44 -88.41
CA THR B 2446 -103.24 -9.24 -89.46
C THR B 2446 -104.67 -9.55 -89.07
N GLY B 2447 -105.34 -10.36 -89.90
CA GLY B 2447 -106.72 -10.73 -89.66
C GLY B 2447 -106.90 -11.58 -88.42
N GLU B 2448 -107.48 -11.00 -87.38
CA GLU B 2448 -107.74 -11.67 -86.12
C GLU B 2448 -108.66 -10.75 -85.33
N LYS B 2449 -108.82 -11.04 -84.03
CA LYS B 2449 -109.58 -10.14 -83.16
C LYS B 2449 -109.00 -8.74 -83.12
N GLN B 2450 -107.70 -8.59 -83.39
CA GLN B 2450 -107.06 -7.27 -83.39
C GLN B 2450 -107.40 -6.44 -84.62
N LYS B 2451 -107.70 -7.08 -85.74
CA LYS B 2451 -107.95 -6.34 -86.97
C LYS B 2451 -109.14 -5.40 -86.82
N PRO B 2452 -110.30 -5.84 -86.30
CA PRO B 2452 -111.40 -4.89 -86.12
C PRO B 2452 -111.05 -3.76 -85.19
N LEU B 2453 -110.27 -4.02 -84.15
CA LEU B 2453 -109.83 -2.96 -83.24
C LEU B 2453 -109.01 -1.92 -83.98
N LEU B 2454 -107.97 -2.38 -84.68
CA LEU B 2454 -107.10 -1.44 -85.38
C LEU B 2454 -107.80 -0.72 -86.51
N LEU B 2455 -108.83 -1.32 -87.11
CA LEU B 2455 -109.60 -0.60 -88.12
C LEU B 2455 -110.52 0.43 -87.48
N SER B 2456 -111.09 0.09 -86.32
CA SER B 2456 -111.99 1.00 -85.62
C SER B 2456 -111.26 2.11 -84.87
N LEU B 2457 -109.94 2.02 -84.75
CA LEU B 2457 -109.17 3.09 -84.12
C LEU B 2457 -109.17 4.30 -85.03
N THR B 2458 -110.02 5.28 -84.72
CA THR B 2458 -110.16 6.45 -85.57
C THR B 2458 -109.00 7.43 -85.41
N ASP B 2459 -108.27 7.37 -84.30
CA ASP B 2459 -107.18 8.31 -84.07
C ASP B 2459 -106.30 7.78 -82.94
N ILE B 2460 -105.05 8.20 -82.97
CA ILE B 2460 -104.11 7.96 -81.88
C ILE B 2460 -103.78 9.28 -81.22
N ILE B 2461 -104.09 9.41 -79.94
CA ILE B 2461 -103.89 10.64 -79.19
C ILE B 2461 -102.86 10.36 -78.11
N ILE B 2462 -101.80 11.16 -78.09
CA ILE B 2462 -100.69 10.95 -77.18
C ILE B 2462 -100.45 12.22 -76.36
N HIS B 2463 -100.05 12.02 -75.11
CA HIS B 2463 -99.84 13.12 -74.17
C HIS B 2463 -98.39 13.09 -73.71
N ILE B 2464 -97.59 13.99 -74.25
CA ILE B 2464 -96.17 14.06 -73.95
C ILE B 2464 -95.98 15.12 -72.86
N ARG B 2465 -95.57 14.67 -71.69
CA ARG B 2465 -95.23 15.56 -70.60
C ARG B 2465 -93.73 15.86 -70.65
N TYR B 2466 -93.39 17.13 -70.86
CA TYR B 2466 -91.99 17.50 -70.86
C TYR B 2466 -91.77 18.63 -69.87
N THR B 2467 -90.52 19.06 -69.76
CA THR B 2467 -90.11 20.02 -68.74
C THR B 2467 -89.23 21.08 -69.38
N ILE B 2468 -89.48 22.34 -69.03
CA ILE B 2468 -88.71 23.47 -69.55
C ILE B 2468 -87.94 24.08 -68.39
N CYS B 2469 -86.65 23.76 -68.31
CA CYS B 2469 -85.83 24.21 -67.19
C CYS B 2469 -85.27 25.62 -67.43
N VAL C 21 16.56 -59.31 45.88
CA VAL C 21 15.80 -59.86 46.99
C VAL C 21 15.88 -58.91 48.16
N THR C 22 17.02 -58.94 48.84
CA THR C 22 17.25 -57.99 49.92
C THR C 22 17.41 -56.58 49.35
N LEU C 23 18.43 -56.38 48.52
CA LEU C 23 18.69 -55.07 47.96
C LEU C 23 17.65 -54.65 46.94
N ALA C 24 16.74 -55.55 46.55
CA ALA C 24 15.68 -55.16 45.64
C ALA C 24 14.50 -54.53 46.36
N ASP C 25 14.32 -54.85 47.64
CA ASP C 25 13.22 -54.27 48.40
C ASP C 25 13.54 -52.87 48.85
N PHE C 26 14.82 -52.51 48.95
CA PHE C 26 15.24 -51.20 49.39
C PHE C 26 15.53 -50.25 48.26
N MET C 27 15.28 -50.66 47.02
CA MET C 27 15.50 -49.76 45.89
C MET C 27 14.54 -48.58 45.93
N PRO C 28 13.23 -48.75 46.14
CA PRO C 28 12.35 -47.58 46.16
C PRO C 28 12.48 -46.75 47.42
N MET C 29 12.93 -47.35 48.52
CA MET C 29 12.93 -46.65 49.78
C MET C 29 14.03 -45.59 49.82
N SER C 30 13.85 -44.62 50.70
CA SER C 30 14.85 -43.59 50.91
C SER C 30 15.72 -43.94 52.10
N LEU C 31 16.73 -43.11 52.34
CA LEU C 31 17.59 -43.36 53.49
C LEU C 31 16.81 -43.26 54.79
N ALA C 32 15.90 -42.28 54.88
CA ALA C 32 15.10 -42.17 56.09
C ALA C 32 14.15 -43.34 56.25
N GLU C 33 13.56 -43.84 55.17
CA GLU C 33 12.70 -45.01 55.27
C GLU C 33 13.49 -46.22 55.74
N ILE C 34 14.69 -46.43 55.19
CA ILE C 34 15.51 -47.55 55.60
C ILE C 34 15.90 -47.42 57.06
N ARG C 35 16.28 -46.22 57.47
CA ARG C 35 16.64 -45.97 58.86
C ARG C 35 15.44 -46.15 59.78
N SER C 36 14.23 -45.92 59.26
CA SER C 36 13.04 -45.93 60.09
C SER C 36 12.41 -47.31 60.18
N GLN C 37 12.72 -48.20 59.25
CA GLN C 37 12.19 -49.55 59.31
C GLN C 37 13.28 -50.49 59.81
N ASN C 38 12.90 -51.31 60.78
CA ASN C 38 13.85 -52.03 61.61
C ASN C 38 14.83 -51.06 62.26
N THR C 39 14.27 -50.21 63.13
CA THR C 39 15.10 -49.32 63.92
C THR C 39 15.98 -50.09 64.88
N GLY C 40 15.52 -51.25 65.31
CA GLY C 40 16.29 -52.09 66.20
C GLY C 40 17.27 -52.97 65.46
N ARG C 41 16.97 -53.30 64.20
CA ARG C 41 17.81 -54.24 63.48
C ARG C 41 18.97 -53.55 62.78
N LEU C 42 18.67 -52.60 61.90
CA LEU C 42 19.71 -51.90 61.17
C LEU C 42 20.34 -50.83 62.04
N SER C 43 21.66 -50.75 61.97
CA SER C 43 22.38 -49.66 62.62
C SER C 43 22.19 -48.39 61.80
N ARG C 44 22.82 -47.29 62.24
CA ARG C 44 22.70 -46.06 61.48
C ARG C 44 23.76 -45.95 60.40
N GLU C 45 24.76 -46.82 60.42
CA GLU C 45 25.72 -46.88 59.32
C GLU C 45 25.45 -48.07 58.41
N GLU C 46 25.01 -49.19 58.99
CA GLU C 46 24.56 -50.30 58.17
C GLU C 46 23.42 -49.87 57.26
N ALA C 47 22.51 -49.03 57.76
CA ALA C 47 21.42 -48.57 56.92
C ALA C 47 21.93 -47.75 55.75
N GLN C 48 22.93 -46.91 55.98
CA GLN C 48 23.46 -46.08 54.91
C GLN C 48 24.19 -46.93 53.87
N LEU C 49 24.98 -47.90 54.34
CA LEU C 49 25.63 -48.81 53.41
C LEU C 49 24.61 -49.57 52.58
N LEU C 50 23.54 -50.01 53.22
CA LEU C 50 22.50 -50.74 52.49
C LEU C 50 21.81 -49.84 51.48
N HIS C 51 21.56 -48.58 51.84
CA HIS C 51 20.92 -47.68 50.90
C HIS C 51 21.80 -47.42 49.70
N ARG C 52 23.09 -47.18 49.92
CA ARG C 52 24.01 -47.00 48.80
C ARG C 52 24.02 -48.24 47.92
N ALA C 53 24.10 -49.42 48.54
CA ALA C 53 24.15 -50.65 47.74
C ALA C 53 22.88 -50.84 46.93
N ALA C 54 21.73 -50.49 47.52
CA ALA C 54 20.47 -50.61 46.79
C ALA C 54 20.45 -49.66 45.60
N GLN C 55 20.84 -48.41 45.79
CA GLN C 55 20.81 -47.49 44.67
C GLN C 55 21.78 -47.91 43.58
N LYS C 56 22.96 -48.39 43.96
CA LYS C 56 23.92 -48.81 42.95
C LYS C 56 23.41 -50.03 42.19
N GLU C 57 22.77 -50.97 42.87
CA GLU C 57 22.21 -52.09 42.16
C GLU C 57 21.08 -51.67 41.24
N LYS C 58 20.26 -50.71 41.67
CA LYS C 58 19.20 -50.21 40.81
C LYS C 58 19.77 -49.59 39.54
N GLN C 59 20.81 -48.78 39.70
CA GLN C 59 21.42 -48.16 38.53
C GLN C 59 22.02 -49.20 37.61
N ASN C 60 22.71 -50.21 38.16
CA ASN C 60 23.30 -51.23 37.33
C ASN C 60 22.24 -52.06 36.60
N ASN C 61 21.12 -52.33 37.25
CA ASN C 61 20.07 -53.09 36.57
C ASN C 61 19.45 -52.29 35.45
N ILE C 62 19.17 -51.02 35.69
CA ILE C 62 18.68 -50.18 34.62
C ILE C 62 19.66 -50.10 33.45
N LEU C 63 20.95 -49.97 33.75
CA LEU C 63 21.94 -49.99 32.66
C LEU C 63 21.93 -51.33 31.93
N TYR C 64 21.77 -52.43 32.66
CA TYR C 64 21.76 -53.72 32.00
C TYR C 64 20.61 -53.83 31.03
N THR C 65 19.41 -53.44 31.45
CA THR C 65 18.28 -53.51 30.53
C THR C 65 18.45 -52.56 29.37
N ALA C 66 18.93 -51.35 29.61
CA ALA C 66 19.09 -50.41 28.50
C ALA C 66 20.13 -50.91 27.52
N ARG C 67 21.18 -51.57 28.01
CA ARG C 67 22.20 -52.09 27.11
C ARG C 67 21.67 -53.26 26.29
N MET C 68 20.87 -54.12 26.90
CA MET C 68 20.31 -55.21 26.10
C MET C 68 19.25 -54.71 25.13
N LEU C 69 18.59 -53.61 25.45
CA LEU C 69 17.58 -53.08 24.54
C LEU C 69 18.19 -52.30 23.39
N THR C 70 19.34 -51.65 23.60
CA THR C 70 19.96 -50.94 22.51
C THR C 70 20.67 -51.86 21.53
N ARG C 71 20.73 -53.16 21.80
CA ARG C 71 21.17 -54.08 20.76
C ARG C 71 20.13 -54.25 19.68
N ALA C 72 18.86 -54.03 19.99
CA ALA C 72 17.79 -54.14 19.02
C ALA C 72 17.57 -52.87 18.24
N ASN C 73 18.56 -52.01 18.16
CA ASN C 73 18.38 -50.78 17.41
C ASN C 73 18.30 -51.09 15.92
N PRO C 74 17.30 -50.57 15.21
CA PRO C 74 17.18 -50.89 13.79
C PRO C 74 18.42 -50.55 13.00
N LEU C 75 19.19 -49.56 13.41
CA LEU C 75 20.40 -49.21 12.72
C LEU C 75 21.50 -50.25 12.91
N LEU C 76 21.46 -51.01 14.00
CA LEU C 76 22.49 -51.99 14.28
C LEU C 76 22.02 -53.40 13.99
N LYS C 77 20.89 -53.56 13.30
CA LYS C 77 20.45 -54.91 12.98
C LYS C 77 21.38 -55.58 11.98
N LYS C 78 22.19 -54.81 11.27
CA LYS C 78 23.13 -55.43 10.35
C LYS C 78 24.29 -56.08 11.10
N GLU C 79 24.59 -55.62 12.30
CA GLU C 79 25.69 -56.16 13.09
C GLU C 79 25.24 -57.12 14.17
N MET C 80 24.07 -57.72 14.04
CA MET C 80 23.61 -58.68 15.03
C MET C 80 23.23 -59.99 14.35
N ARG C 100 16.79 -57.94 23.19
CA ARG C 100 16.75 -59.17 22.40
C ARG C 100 15.69 -59.08 21.32
N ALA C 101 15.30 -57.85 20.98
CA ALA C 101 14.31 -57.57 19.94
C ALA C 101 12.99 -58.25 20.24
N GLU C 102 12.56 -58.18 21.50
CA GLU C 102 11.35 -58.88 21.90
C GLU C 102 10.10 -58.09 21.52
N LYS C 103 9.88 -56.93 22.15
CA LYS C 103 8.71 -56.12 21.87
C LYS C 103 9.12 -54.67 21.87
N PHE C 104 8.88 -53.95 20.78
CA PHE C 104 9.03 -52.50 20.76
C PHE C 104 7.72 -51.88 20.31
N VAL C 105 7.18 -50.98 21.13
CA VAL C 105 5.87 -50.40 20.85
C VAL C 105 6.07 -49.02 20.28
N ALA C 106 5.13 -48.61 19.46
CA ALA C 106 5.22 -47.33 18.80
C ALA C 106 5.15 -46.22 19.84
N PRO C 107 5.65 -45.04 19.50
CA PRO C 107 5.46 -43.89 20.39
C PRO C 107 3.99 -43.54 20.47
N GLY C 108 3.57 -43.12 21.65
CA GLY C 108 2.17 -42.81 21.85
C GLY C 108 1.32 -44.00 22.19
N ALA C 109 1.87 -45.19 22.18
CA ALA C 109 1.15 -46.36 22.65
C ALA C 109 1.07 -46.32 24.16
N VAL C 110 -0.05 -46.80 24.70
CA VAL C 110 -0.26 -46.71 26.13
C VAL C 110 0.64 -47.68 26.88
N SER C 111 1.11 -48.72 26.22
CA SER C 111 1.99 -49.68 26.85
C SER C 111 3.44 -49.25 26.84
N SER C 112 3.75 -48.14 26.20
CA SER C 112 5.13 -47.66 26.15
C SER C 112 5.58 -47.15 27.51
N MET C 113 6.78 -47.52 27.88
CA MET C 113 7.29 -47.15 29.19
C MET C 113 7.50 -45.65 29.35
N PHE C 114 7.38 -44.89 28.28
CA PHE C 114 7.50 -43.44 28.32
C PHE C 114 6.16 -42.75 28.09
N SER C 115 5.07 -43.48 28.19
CA SER C 115 3.79 -42.91 27.86
C SER C 115 3.17 -42.30 29.11
N PRO C 116 2.14 -41.47 28.95
CA PRO C 116 1.44 -40.96 30.11
C PRO C 116 0.94 -42.05 31.03
N ALA C 117 0.72 -43.26 30.53
CA ALA C 117 0.33 -44.35 31.41
C ALA C 117 1.47 -44.76 32.30
N GLY C 118 2.69 -44.83 31.77
CA GLY C 118 3.83 -45.12 32.61
C GLY C 118 4.11 -43.99 33.58
N TYR C 119 3.96 -42.75 33.12
CA TYR C 119 4.12 -41.61 34.02
C TYR C 119 3.11 -41.67 35.15
N LEU C 120 1.87 -41.99 34.83
CA LEU C 120 0.83 -42.06 35.84
C LEU C 120 1.05 -43.24 36.77
N THR C 121 1.55 -44.35 36.26
CA THR C 121 1.89 -45.45 37.15
C THR C 121 2.97 -45.04 38.13
N GLU C 122 3.97 -44.31 37.66
CA GLU C 122 5.02 -43.86 38.56
C GLU C 122 4.47 -42.90 39.59
N LEU C 123 3.70 -41.91 39.14
CA LEU C 123 3.10 -40.95 40.06
C LEU C 123 2.29 -41.67 41.11
N TYR C 124 1.46 -42.63 40.71
CA TYR C 124 0.59 -43.29 41.67
C TYR C 124 1.38 -44.15 42.63
N ARG C 125 2.35 -44.91 42.12
CA ARG C 125 3.14 -45.73 43.01
C ARG C 125 3.87 -44.88 44.03
N GLU C 126 4.27 -43.68 43.66
CA GLU C 126 5.01 -42.86 44.60
C GLU C 126 4.11 -42.03 45.50
N ALA C 127 2.88 -41.77 45.08
CA ALA C 127 2.01 -40.87 45.82
C ALA C 127 1.01 -41.58 46.71
N ARG C 128 0.61 -42.78 46.36
CA ARG C 128 -0.39 -43.46 47.15
C ARG C 128 0.06 -43.74 48.52
N GLY C 129 1.34 -43.64 48.82
CA GLY C 129 1.81 -43.96 50.15
C GLY C 129 2.37 -42.78 50.91
N LEU C 130 1.79 -41.60 50.71
CA LEU C 130 2.31 -40.42 51.40
C LEU C 130 1.57 -40.19 52.70
N HIS C 131 0.29 -40.47 52.74
CA HIS C 131 -0.47 -40.36 53.97
C HIS C 131 -0.93 -41.74 54.41
N PRO C 132 -1.14 -41.95 55.70
CA PRO C 132 -1.58 -43.27 56.17
C PRO C 132 -2.96 -43.59 55.63
N LYS C 133 -3.21 -44.89 55.45
CA LYS C 133 -4.46 -45.31 54.84
C LYS C 133 -5.67 -44.88 55.64
N ASP C 134 -5.56 -44.78 56.96
CA ASP C 134 -6.70 -44.34 57.75
C ASP C 134 -6.87 -42.83 57.70
N SER C 135 -5.82 -42.11 57.29
CA SER C 135 -5.90 -40.66 57.28
C SER C 135 -6.93 -40.18 56.27
N ASP C 136 -7.51 -39.02 56.54
CA ASP C 136 -8.55 -38.47 55.69
C ASP C 136 -8.00 -37.76 54.48
N ARG C 137 -6.69 -37.69 54.32
CA ARG C 137 -6.06 -37.10 53.16
C ARG C 137 -5.42 -38.13 52.25
N ASN C 138 -5.58 -39.41 52.56
CA ASN C 138 -4.97 -40.43 51.73
C ASN C 138 -5.48 -40.32 50.31
N LEU C 139 -4.58 -40.59 49.35
CA LEU C 139 -4.94 -40.42 47.95
C LEU C 139 -6.04 -41.39 47.55
N ASP C 140 -5.90 -42.66 47.89
CA ASP C 140 -6.94 -43.62 47.58
C ASP C 140 -8.25 -43.28 48.25
N LYS C 141 -8.22 -42.93 49.53
CA LYS C 141 -9.45 -42.66 50.26
C LYS C 141 -10.15 -41.40 49.74
N ARG C 142 -9.39 -40.41 49.28
CA ARG C 142 -10.03 -39.20 48.79
C ARG C 142 -10.37 -39.28 47.30
N ARG C 143 -9.82 -40.24 46.56
CA ARG C 143 -10.19 -40.48 45.17
C ARG C 143 -10.24 -41.99 44.98
N GLN C 144 -11.38 -42.60 45.21
CA GLN C 144 -11.50 -44.04 45.17
C GLN C 144 -11.54 -44.60 43.76
N ASP C 145 -11.68 -43.75 42.75
CA ASP C 145 -11.72 -44.20 41.37
C ASP C 145 -10.36 -44.32 40.75
N LEU C 146 -9.29 -43.93 41.44
CA LEU C 146 -7.97 -44.02 40.85
C LEU C 146 -7.47 -45.45 40.83
N ALA C 147 -7.57 -46.16 41.95
CA ALA C 147 -7.07 -47.53 41.97
C ALA C 147 -7.80 -48.42 40.98
N LYS C 148 -9.04 -48.07 40.65
CA LYS C 148 -9.79 -48.85 39.68
C LYS C 148 -9.58 -48.38 38.25
N LEU C 149 -8.72 -47.40 38.03
CA LEU C 149 -8.60 -46.81 36.71
C LEU C 149 -7.79 -47.73 35.80
N VAL C 150 -8.33 -48.02 34.64
CA VAL C 150 -7.75 -48.98 33.72
C VAL C 150 -6.94 -48.24 32.68
N LEU C 151 -5.66 -48.58 32.58
CA LEU C 151 -4.74 -47.91 31.67
C LEU C 151 -4.89 -48.50 30.28
N SER C 152 -5.87 -48.02 29.53
CA SER C 152 -6.14 -48.58 28.21
C SER C 152 -5.90 -47.49 27.18
N GLN C 153 -5.68 -47.93 25.94
CA GLN C 153 -5.45 -46.95 24.88
C GLN C 153 -6.66 -46.04 24.71
N ASP C 154 -7.86 -46.56 24.92
CA ASP C 154 -9.04 -45.73 24.76
C ASP C 154 -9.14 -44.70 25.87
N ASN C 155 -8.73 -45.05 27.08
CA ASN C 155 -8.64 -44.05 28.14
C ASN C 155 -7.61 -43.00 27.81
N LEU C 156 -6.45 -43.41 27.31
CA LEU C 156 -5.38 -42.48 27.03
C LEU C 156 -5.72 -41.54 25.88
N ASP C 157 -6.49 -42.01 24.91
CA ASP C 157 -6.73 -41.25 23.69
C ASP C 157 -8.04 -40.48 23.73
N ASN C 158 -9.14 -41.13 24.09
CA ASN C 158 -10.47 -40.53 23.96
C ASN C 158 -10.61 -39.27 24.79
N GLU C 159 -11.12 -38.23 24.15
CA GLU C 159 -11.33 -36.95 24.81
C GLU C 159 -12.70 -36.91 25.45
N ILE C 160 -12.76 -36.45 26.69
CA ILE C 160 -14.00 -36.25 27.41
C ILE C 160 -14.00 -34.82 27.92
N SER C 161 -15.18 -34.35 28.33
CA SER C 161 -15.26 -33.01 28.88
C SER C 161 -14.81 -33.02 30.33
N ALA C 162 -13.93 -32.09 30.69
CA ALA C 162 -13.43 -32.06 32.05
C ALA C 162 -14.54 -31.74 33.04
N LEU C 163 -15.48 -30.87 32.65
CA LEU C 163 -16.56 -30.53 33.56
C LEU C 163 -17.47 -31.72 33.79
N SER C 164 -17.74 -32.50 32.75
CA SER C 164 -18.51 -33.71 32.96
C SER C 164 -17.83 -34.62 33.97
N LEU C 165 -16.50 -34.64 33.96
CA LEU C 165 -15.78 -35.52 34.88
C LEU C 165 -15.85 -35.01 36.29
N ALA C 166 -15.74 -33.69 36.47
CA ALA C 166 -15.98 -33.11 37.79
C ALA C 166 -17.37 -33.46 38.30
N ASN C 167 -18.36 -33.36 37.44
CA ASN C 167 -19.73 -33.59 37.87
C ASN C 167 -19.95 -35.05 38.22
N GLU C 168 -19.37 -35.97 37.44
CA GLU C 168 -19.45 -37.36 37.81
C GLU C 168 -18.81 -37.60 39.16
N GLN C 169 -17.66 -36.97 39.41
CA GLN C 169 -17.00 -37.17 40.69
C GLN C 169 -17.86 -36.69 41.84
N LEU C 170 -18.55 -35.58 41.67
CA LEU C 170 -19.41 -35.07 42.74
C LEU C 170 -20.65 -35.93 42.92
N GLU C 171 -21.25 -36.38 41.82
CA GLU C 171 -22.46 -37.19 41.90
C GLU C 171 -22.20 -38.51 42.59
N THR C 172 -21.12 -39.20 42.23
CA THR C 172 -20.89 -40.50 42.86
C THR C 172 -20.70 -40.40 44.37
N ALA C 173 -20.39 -39.22 44.89
CA ALA C 173 -20.30 -39.05 46.33
C ALA C 173 -21.61 -38.61 46.93
N LEU C 174 -22.32 -37.70 46.28
CA LEU C 174 -23.58 -37.22 46.82
C LEU C 174 -24.64 -38.33 46.84
N MET C 175 -24.68 -39.15 45.80
CA MET C 175 -25.62 -40.26 45.82
C MET C 175 -25.19 -41.35 46.79
N ALA C 176 -23.89 -41.51 47.01
CA ALA C 176 -23.45 -42.43 48.05
C ALA C 176 -23.90 -41.95 49.42
N GLN C 177 -23.85 -40.64 49.65
CA GLN C 177 -24.34 -40.10 50.92
C GLN C 177 -25.84 -40.31 51.06
N THR C 178 -26.61 -39.83 50.09
CA THR C 178 -28.06 -39.95 50.13
C THR C 178 -28.53 -41.39 50.16
N GLY C 179 -27.74 -42.33 49.62
CA GLY C 179 -28.16 -43.71 49.49
C GLY C 179 -28.88 -44.04 48.22
N LYS C 180 -29.44 -43.05 47.52
CA LYS C 180 -30.16 -43.32 46.29
C LYS C 180 -29.19 -43.58 45.16
N THR C 181 -29.48 -44.59 44.34
CA THR C 181 -28.67 -44.89 43.17
C THR C 181 -29.21 -44.28 41.89
N ASP C 182 -30.49 -43.91 41.86
CA ASP C 182 -31.01 -43.25 40.67
C ASP C 182 -30.54 -41.81 40.60
N LYS C 183 -30.05 -41.42 39.42
CA LYS C 183 -29.61 -40.05 39.24
C LYS C 183 -30.80 -39.09 39.19
N ASN C 184 -31.82 -39.46 38.43
CA ASN C 184 -32.98 -38.58 38.25
C ASN C 184 -33.78 -38.41 39.53
N LYS C 185 -33.97 -39.49 40.28
CA LYS C 185 -34.63 -39.37 41.57
C LYS C 185 -33.84 -38.46 42.50
N TYR C 186 -32.52 -38.57 42.46
CA TYR C 186 -31.69 -37.68 43.26
C TYR C 186 -31.85 -36.23 42.87
N TYR C 187 -31.80 -35.90 41.58
CA TYR C 187 -32.02 -34.53 41.18
C TYR C 187 -33.42 -34.05 41.51
N GLU C 188 -34.40 -34.93 41.49
CA GLU C 188 -35.74 -34.53 41.91
C GLU C 188 -35.73 -34.12 43.37
N THR C 189 -35.06 -34.89 44.24
CA THR C 189 -34.90 -34.44 45.62
C THR C 189 -34.06 -33.19 45.72
N LEU C 190 -33.19 -32.96 44.77
CA LEU C 190 -32.33 -31.78 44.71
C LEU C 190 -33.08 -30.54 44.26
N ALA C 191 -34.27 -30.72 43.69
CA ALA C 191 -35.00 -29.62 43.08
C ALA C 191 -35.74 -28.78 44.11
N THR C 192 -36.01 -29.36 45.28
CA THR C 192 -36.74 -28.65 46.34
C THR C 192 -35.89 -28.32 47.55
N SER C 193 -34.67 -28.84 47.63
CA SER C 193 -33.91 -28.72 48.87
C SER C 193 -33.18 -27.39 48.93
N ARG C 194 -33.05 -26.87 50.16
CA ARG C 194 -32.48 -25.55 50.40
C ARG C 194 -31.21 -25.64 51.23
N ARG C 195 -30.45 -26.72 51.12
CA ARG C 195 -29.33 -26.95 52.00
C ARG C 195 -28.04 -26.33 51.50
N SER C 196 -28.09 -25.32 50.65
CA SER C 196 -26.97 -24.43 50.41
C SER C 196 -27.46 -23.25 49.58
N GLY C 197 -26.63 -22.22 49.49
CA GLY C 197 -27.05 -21.01 48.82
C GLY C 197 -27.14 -21.11 47.32
N VAL C 198 -26.99 -22.31 46.77
CA VAL C 198 -27.10 -22.52 45.33
C VAL C 198 -28.00 -23.68 44.98
N THR C 199 -28.56 -24.37 45.96
CA THR C 199 -29.18 -25.67 45.78
C THR C 199 -30.57 -25.64 45.16
N PRO C 200 -31.48 -24.75 45.54
CA PRO C 200 -32.84 -24.86 45.01
C PRO C 200 -32.86 -24.65 43.52
N TYR C 201 -32.45 -25.66 42.76
CA TYR C 201 -32.45 -25.56 41.31
C TYR C 201 -33.12 -26.81 40.72
N ASN C 202 -33.85 -26.60 39.63
CA ASN C 202 -34.52 -27.68 38.92
C ASN C 202 -33.74 -27.94 37.64
N ALA C 203 -33.34 -29.18 37.42
CA ALA C 203 -32.90 -29.53 36.08
C ALA C 203 -33.97 -29.24 35.05
N PRO C 204 -35.24 -29.67 35.23
CA PRO C 204 -36.24 -29.35 34.22
C PRO C 204 -36.54 -27.88 34.09
N PHE C 205 -36.69 -27.15 35.19
CA PHE C 205 -37.01 -25.74 35.03
C PHE C 205 -35.86 -24.99 34.40
N GLU C 206 -34.63 -25.32 34.76
CA GLU C 206 -33.51 -24.65 34.12
C GLU C 206 -33.47 -24.96 32.64
N GLY C 207 -33.80 -26.19 32.26
CA GLY C 207 -33.91 -26.50 30.84
C GLY C 207 -34.99 -25.67 30.17
N ILE C 208 -36.17 -25.59 30.79
CA ILE C 208 -37.25 -24.77 30.25
C ILE C 208 -36.76 -23.35 30.04
N HIS C 209 -36.16 -22.76 31.08
CA HIS C 209 -35.79 -21.37 31.03
C HIS C 209 -34.72 -21.11 29.99
N ASN C 210 -33.71 -21.97 29.91
CA ASN C 210 -32.65 -21.77 28.92
C ASN C 210 -33.19 -21.94 27.51
N ALA C 211 -33.91 -23.04 27.27
CA ALA C 211 -34.47 -23.28 25.95
C ALA C 211 -35.40 -22.15 25.53
N LEU C 212 -36.12 -21.59 26.49
CA LEU C 212 -37.11 -20.58 26.22
C LEU C 212 -36.50 -19.22 25.99
N ALA C 213 -35.45 -18.88 26.73
CA ALA C 213 -34.71 -17.67 26.48
C ALA C 213 -33.80 -17.78 25.27
N GLN C 214 -33.61 -18.98 24.74
CA GLN C 214 -32.90 -19.11 23.48
C GLN C 214 -33.77 -18.81 22.27
N ARG C 215 -35.08 -18.93 22.41
CA ARG C 215 -36.02 -18.45 21.40
C ARG C 215 -36.29 -16.96 21.54
N ASN C 216 -35.65 -16.31 22.52
CA ASN C 216 -35.91 -14.91 22.86
C ASN C 216 -37.39 -14.70 23.17
N PHE C 217 -37.97 -15.68 23.86
CA PHE C 217 -39.39 -15.68 24.16
C PHE C 217 -39.63 -15.16 25.56
N VAL C 218 -40.55 -14.22 25.70
CA VAL C 218 -40.83 -13.54 26.96
C VAL C 218 -42.18 -14.01 27.47
N LEU C 219 -42.17 -14.75 28.59
CA LEU C 219 -43.40 -15.39 29.06
C LEU C 219 -44.49 -14.40 29.41
N PRO C 220 -44.29 -13.41 30.29
CA PRO C 220 -45.39 -12.54 30.68
C PRO C 220 -45.79 -11.53 29.63
N ASP C 221 -45.26 -11.63 28.42
CA ASP C 221 -45.72 -10.82 27.29
C ASP C 221 -46.36 -11.68 26.22
N ASN C 222 -47.15 -12.66 26.64
CA ASN C 222 -47.97 -13.45 25.75
C ASN C 222 -49.39 -12.90 25.69
N ILE C 223 -49.92 -12.84 24.47
CA ILE C 223 -51.34 -12.62 24.33
C ILE C 223 -52.12 -13.78 24.92
N LEU C 224 -51.49 -14.96 25.01
CA LEU C 224 -52.13 -16.19 25.44
C LEU C 224 -51.60 -16.54 26.83
N SER C 225 -52.29 -16.04 27.85
CA SER C 225 -51.93 -16.38 29.23
C SER C 225 -53.12 -16.04 30.11
N ASN C 226 -52.89 -16.14 31.41
CA ASN C 226 -53.82 -15.57 32.38
C ASN C 226 -53.25 -14.25 32.87
N PRO C 227 -53.78 -13.10 32.46
CA PRO C 227 -53.28 -11.84 33.00
C PRO C 227 -53.39 -11.77 34.50
N ALA C 228 -54.13 -12.67 35.14
CA ALA C 228 -54.18 -12.76 36.59
C ALA C 228 -53.01 -13.52 37.17
N LYS C 229 -52.19 -14.14 36.33
CA LYS C 229 -50.98 -14.83 36.77
C LYS C 229 -49.75 -14.18 36.18
N PHE C 230 -49.72 -12.85 36.23
CA PHE C 230 -48.57 -12.11 35.72
C PHE C 230 -47.40 -12.17 36.67
N ALA C 231 -47.65 -12.20 37.98
CA ALA C 231 -46.56 -12.22 38.94
C ALA C 231 -45.71 -13.47 38.76
N ILE C 232 -46.33 -14.64 38.83
CA ILE C 232 -45.58 -15.88 38.70
C ILE C 232 -44.92 -15.98 37.34
N LEU C 233 -45.58 -15.45 36.31
CA LEU C 233 -45.04 -15.54 34.97
C LEU C 233 -43.80 -14.68 34.83
N ALA C 234 -43.82 -13.47 35.39
CA ALA C 234 -42.64 -12.61 35.34
C ALA C 234 -41.54 -13.15 36.25
N ALA C 235 -41.90 -13.84 37.32
CA ALA C 235 -40.88 -14.50 38.13
C ALA C 235 -40.16 -15.57 37.34
N TYR C 236 -40.93 -16.47 36.71
CA TYR C 236 -40.32 -17.47 35.84
C TYR C 236 -39.55 -16.84 34.70
N ASP C 237 -39.97 -15.66 34.26
CA ASP C 237 -39.22 -14.96 33.23
C ASP C 237 -37.86 -14.50 33.73
N ALA C 238 -37.83 -13.86 34.91
CA ALA C 238 -36.56 -13.54 35.54
C ALA C 238 -35.72 -14.78 35.75
N GLY C 239 -36.37 -15.92 35.93
CA GLY C 239 -35.73 -17.20 36.06
C GLY C 239 -35.65 -17.52 37.52
N ILE C 240 -36.65 -18.23 38.03
CA ILE C 240 -36.75 -18.49 39.45
C ILE C 240 -37.47 -19.81 39.62
N SER C 241 -36.80 -20.77 40.24
CA SER C 241 -37.40 -22.06 40.45
C SER C 241 -38.68 -21.89 41.28
N PRO C 242 -39.64 -22.79 41.13
CA PRO C 242 -40.78 -22.78 42.05
C PRO C 242 -40.38 -22.82 43.51
N LYS C 243 -39.35 -23.59 43.87
CA LYS C 243 -38.94 -23.62 45.26
C LYS C 243 -38.29 -22.30 45.67
N LEU C 244 -37.53 -21.69 44.77
CA LEU C 244 -36.96 -20.38 45.08
C LEU C 244 -38.05 -19.35 45.24
N TYR C 245 -39.14 -19.49 44.51
CA TYR C 245 -40.28 -18.59 44.68
C TYR C 245 -40.93 -18.81 46.04
N ASN C 246 -41.10 -20.06 46.44
CA ASN C 246 -41.62 -20.33 47.78
C ASN C 246 -40.72 -19.74 48.85
N ILE C 247 -39.41 -19.74 48.60
CA ILE C 247 -38.48 -19.12 49.54
C ILE C 247 -38.71 -17.62 49.61
N LEU C 248 -38.69 -16.96 48.46
CA LEU C 248 -38.70 -15.50 48.44
C LEU C 248 -40.08 -14.91 48.71
N THR C 249 -41.13 -15.72 48.79
CA THR C 249 -42.44 -15.13 49.09
C THR C 249 -42.85 -15.27 50.55
N GLU C 250 -42.08 -15.99 51.36
CA GLU C 250 -42.41 -16.07 52.77
C GLU C 250 -42.39 -14.69 53.40
N ASP C 251 -43.16 -14.52 54.47
CA ASP C 251 -43.20 -13.24 55.18
C ASP C 251 -42.26 -13.29 56.38
N THR C 252 -40.96 -13.20 56.06
CA THR C 252 -39.96 -13.25 57.11
C THR C 252 -39.95 -11.98 57.96
N GLU C 253 -40.05 -10.83 57.33
CA GLU C 253 -40.18 -9.59 58.11
C GLU C 253 -41.47 -9.66 58.92
N SER C 254 -41.37 -9.23 60.19
CA SER C 254 -42.46 -9.35 61.16
C SER C 254 -42.85 -10.83 61.33
N LEU C 255 -41.87 -11.61 61.76
CA LEU C 255 -42.06 -13.03 62.06
C LEU C 255 -41.19 -13.35 63.26
N THR C 256 -41.81 -13.63 64.39
CA THR C 256 -41.09 -13.78 65.65
C THR C 256 -41.60 -15.03 66.38
N GLY C 257 -40.99 -15.30 67.53
CA GLY C 257 -41.38 -16.44 68.34
C GLY C 257 -40.71 -17.72 67.87
N SER C 258 -41.32 -18.84 68.26
CA SER C 258 -40.87 -20.13 67.75
C SER C 258 -41.07 -20.24 66.24
N ASP C 259 -41.90 -19.38 65.65
CA ASP C 259 -42.05 -19.39 64.20
C ASP C 259 -40.76 -18.97 63.50
N LEU C 260 -40.02 -18.01 64.06
CA LEU C 260 -38.73 -17.65 63.49
C LEU C 260 -37.73 -18.79 63.62
N GLU C 261 -37.78 -19.51 64.73
CA GLU C 261 -36.94 -20.71 64.85
C GLU C 261 -37.28 -21.72 63.77
N ASN C 262 -38.56 -21.98 63.56
CA ASN C 262 -39.00 -22.86 62.48
C ASN C 262 -38.44 -22.38 61.14
N SER C 263 -38.51 -21.08 60.88
CA SER C 263 -38.12 -20.57 59.57
C SER C 263 -36.62 -20.63 59.37
N LEU C 264 -35.83 -20.39 60.42
CA LEU C 264 -34.39 -20.57 60.29
C LEU C 264 -34.02 -22.03 60.11
N LYS C 265 -34.72 -22.94 60.80
CA LYS C 265 -34.44 -24.35 60.60
C LYS C 265 -34.85 -24.80 59.20
N ARG C 266 -35.81 -24.11 58.59
CA ARG C 266 -36.22 -24.47 57.25
C ARG C 266 -35.26 -23.91 56.20
N ASN C 267 -34.89 -22.64 56.33
CA ASN C 267 -34.08 -21.99 55.31
C ASN C 267 -32.58 -22.20 55.50
N PHE C 268 -32.14 -22.76 56.61
CA PHE C 268 -30.72 -23.06 56.83
C PHE C 268 -30.61 -24.42 57.48
N PRO C 269 -30.95 -25.47 56.77
CA PRO C 269 -31.07 -26.78 57.41
C PRO C 269 -29.73 -27.37 57.80
N LYS C 270 -28.69 -27.08 57.02
CA LYS C 270 -27.39 -27.71 57.22
C LYS C 270 -26.32 -26.79 57.75
N VAL C 271 -26.43 -25.48 57.54
CA VAL C 271 -25.43 -24.56 58.06
C VAL C 271 -25.81 -24.11 59.45
N LYS C 272 -24.79 -23.84 60.26
CA LYS C 272 -24.99 -23.20 61.56
C LYS C 272 -24.90 -21.70 61.37
N ILE C 273 -25.91 -20.99 61.84
CA ILE C 273 -26.04 -19.56 61.53
C ILE C 273 -24.85 -18.78 62.07
N LYS C 274 -24.36 -19.15 63.24
CA LYS C 274 -23.19 -18.45 63.77
C LYS C 274 -21.95 -18.71 62.93
N ASP C 275 -21.77 -19.94 62.43
CA ASP C 275 -20.65 -20.21 61.53
C ASP C 275 -20.83 -19.56 60.18
N LEU C 276 -22.06 -19.21 59.81
CA LEU C 276 -22.32 -18.51 58.56
C LEU C 276 -22.17 -17.01 58.70
N MET C 277 -22.24 -16.48 59.92
CA MET C 277 -22.27 -15.03 60.12
C MET C 277 -21.16 -14.29 59.39
N THR C 278 -19.96 -14.86 59.30
CA THR C 278 -18.84 -14.08 58.78
C THR C 278 -18.98 -13.82 57.27
N LEU C 279 -18.22 -12.84 56.81
CA LEU C 279 -18.33 -12.36 55.44
C LEU C 279 -17.85 -13.38 54.42
N ASP C 280 -16.71 -14.02 54.68
CA ASP C 280 -16.25 -15.05 53.76
C ASP C 280 -17.22 -16.22 53.71
N ALA C 281 -17.79 -16.58 54.85
CA ALA C 281 -18.78 -17.65 54.86
C ALA C 281 -20.00 -17.27 54.04
N LEU C 282 -20.47 -16.05 54.19
CA LEU C 282 -21.60 -15.60 53.38
C LEU C 282 -21.25 -15.57 51.91
N ALA C 283 -20.00 -15.26 51.58
CA ALA C 283 -19.61 -15.23 50.17
C ALA C 283 -19.50 -16.63 49.59
N ASN C 284 -19.16 -17.61 50.42
CA ASN C 284 -19.02 -18.97 49.91
C ASN C 284 -20.32 -19.74 49.94
N TYR C 285 -21.24 -19.40 50.85
CA TYR C 285 -22.52 -20.07 50.89
C TYR C 285 -23.35 -19.74 49.66
N TYR C 286 -23.44 -18.46 49.33
CA TYR C 286 -24.23 -18.00 48.21
C TYR C 286 -23.44 -17.87 46.92
N GLU C 287 -22.18 -18.28 46.94
CA GLU C 287 -21.33 -18.27 45.75
C GLU C 287 -21.35 -16.91 45.07
N LEU C 288 -21.20 -15.87 45.88
CA LEU C 288 -21.13 -14.49 45.44
C LEU C 288 -19.83 -13.88 45.92
N PRO C 289 -19.32 -12.87 45.22
CA PRO C 289 -18.04 -12.28 45.62
C PRO C 289 -18.10 -11.64 46.99
N ALA C 290 -17.04 -11.87 47.76
CA ALA C 290 -16.93 -11.31 49.10
C ALA C 290 -16.99 -9.80 49.10
N ASP C 291 -16.33 -9.14 48.14
CA ASP C 291 -16.38 -7.69 48.10
C ASP C 291 -17.75 -7.19 47.65
N ASP C 292 -18.45 -7.96 46.83
CA ASP C 292 -19.78 -7.52 46.42
C ASP C 292 -20.81 -7.66 47.53
N ILE C 293 -20.76 -8.75 48.30
CA ILE C 293 -21.63 -8.81 49.47
C ILE C 293 -21.19 -7.82 50.54
N GLN C 294 -19.90 -7.51 50.62
CA GLN C 294 -19.44 -6.48 51.54
C GLN C 294 -19.95 -5.11 51.15
N ALA C 295 -20.09 -4.86 49.85
CA ALA C 295 -20.67 -3.58 49.42
C ALA C 295 -22.10 -3.45 49.90
N LEU C 296 -22.88 -4.54 49.80
CA LEU C 296 -24.23 -4.52 50.35
C LEU C 296 -24.21 -4.26 51.84
N ILE C 297 -23.37 -4.99 52.58
CA ILE C 297 -23.34 -4.83 54.03
C ILE C 297 -22.95 -3.41 54.40
N ALA C 298 -21.96 -2.84 53.70
CA ALA C 298 -21.49 -1.50 54.02
C ALA C 298 -22.54 -0.45 53.70
N ALA C 299 -23.17 -0.55 52.53
CA ALA C 299 -24.21 0.41 52.21
C ALA C 299 -25.44 0.23 53.07
N GLU C 300 -25.60 -0.93 53.70
CA GLU C 300 -26.70 -1.12 54.64
C GLU C 300 -26.34 -0.59 56.03
N ILE C 301 -25.06 -0.56 56.36
CA ILE C 301 -24.65 -0.12 57.69
C ILE C 301 -24.48 1.39 57.74
N THR C 302 -23.99 2.01 56.64
CA THR C 302 -23.81 3.46 56.64
C THR C 302 -24.75 4.19 55.70
N GLY C 303 -25.06 3.62 54.54
CA GLY C 303 -25.81 4.32 53.51
C GLY C 303 -27.30 4.30 53.76
N ARG C 304 -28.05 4.13 52.67
CA ARG C 304 -29.51 4.09 52.71
C ARG C 304 -29.98 2.77 52.10
N LEU C 305 -30.00 1.72 52.91
CA LEU C 305 -30.44 0.39 52.56
C LEU C 305 -31.01 -0.21 53.84
N PRO C 306 -32.16 -0.89 53.77
CA PRO C 306 -32.95 -1.20 52.58
C PRO C 306 -33.76 -0.03 52.03
N THR C 307 -33.74 0.13 50.71
CA THR C 307 -34.46 1.22 50.08
C THR C 307 -35.97 0.97 50.12
N PRO C 308 -36.77 2.01 50.43
CA PRO C 308 -36.30 3.34 50.83
C PRO C 308 -36.29 3.56 52.34
N ASP C 309 -37.08 2.76 53.07
CA ASP C 309 -37.29 2.94 54.51
C ASP C 309 -36.84 1.71 55.26
N VAL C 310 -36.80 1.82 56.60
CA VAL C 310 -36.32 0.74 57.45
C VAL C 310 -37.17 0.80 58.72
N TYR C 311 -36.87 -0.04 59.71
CA TYR C 311 -37.38 0.03 61.07
C TYR C 311 -38.79 -0.55 61.19
N ASN C 312 -39.30 -1.19 60.14
CA ASN C 312 -40.71 -1.55 60.06
C ASN C 312 -40.98 -2.94 60.64
N ASP C 313 -40.24 -3.30 61.69
CA ASP C 313 -40.38 -4.61 62.33
C ASP C 313 -40.67 -4.40 63.81
N ASP C 314 -41.94 -4.17 64.14
CA ASP C 314 -42.42 -4.08 65.52
C ASP C 314 -41.60 -3.06 66.32
N ASN C 315 -41.34 -1.91 65.68
CA ASN C 315 -40.70 -0.77 66.34
C ASN C 315 -39.33 -1.16 66.91
N LYS C 316 -38.57 -1.92 66.14
CA LYS C 316 -37.20 -2.28 66.46
C LYS C 316 -36.33 -1.96 65.26
N LEU C 317 -35.06 -2.34 65.35
CA LEU C 317 -34.14 -2.25 64.24
C LEU C 317 -32.89 -3.03 64.58
N VAL C 318 -32.48 -3.93 63.69
CA VAL C 318 -31.30 -4.74 63.89
C VAL C 318 -30.32 -4.45 62.77
N ILE C 319 -29.16 -3.93 63.14
CA ILE C 319 -28.15 -3.53 62.15
C ILE C 319 -26.86 -4.27 62.48
N PRO C 320 -26.19 -4.85 61.49
CA PRO C 320 -24.98 -5.62 61.77
C PRO C 320 -23.83 -4.72 62.15
N ALA C 321 -22.67 -5.36 62.38
CA ALA C 321 -21.45 -4.62 62.65
C ALA C 321 -20.28 -5.57 62.39
N ILE C 322 -19.52 -5.29 61.35
CA ILE C 322 -18.42 -6.16 60.97
C ILE C 322 -17.12 -5.64 61.59
N ASN C 323 -16.21 -6.58 61.85
CA ASN C 323 -14.99 -6.23 62.56
C ASN C 323 -13.99 -7.36 62.38
N THR C 324 -12.71 -7.02 62.51
CA THR C 324 -11.57 -7.90 62.28
C THR C 324 -11.73 -8.74 61.01
N GLY C 325 -12.48 -8.24 60.03
CA GLY C 325 -12.65 -8.92 58.77
C GLY C 325 -13.29 -10.28 58.81
N GLY C 326 -13.55 -10.83 59.99
CA GLY C 326 -13.95 -12.22 60.07
C GLY C 326 -15.12 -12.49 60.97
N LYS C 327 -15.98 -11.49 61.15
CA LYS C 327 -17.17 -11.67 61.96
C LYS C 327 -18.17 -10.58 61.63
N ILE C 328 -19.43 -10.84 61.97
CA ILE C 328 -20.51 -9.88 61.80
C ILE C 328 -21.39 -9.99 63.04
N THR C 329 -21.39 -8.95 63.86
CA THR C 329 -22.16 -8.92 65.09
C THR C 329 -23.37 -8.02 64.94
N PHE C 330 -24.30 -8.15 65.88
CA PHE C 330 -25.59 -7.51 65.79
C PHE C 330 -25.88 -6.66 67.03
N SER C 331 -26.67 -5.62 66.82
CA SER C 331 -27.01 -4.66 67.87
C SER C 331 -28.27 -3.95 67.47
N GLU C 332 -29.31 -4.07 68.29
CA GLU C 332 -30.65 -3.66 67.91
C GLU C 332 -31.04 -2.37 68.64
N LEU C 333 -32.12 -1.77 68.13
CA LEU C 333 -32.68 -0.54 68.67
C LEU C 333 -34.15 -0.76 69.04
N ALA C 334 -34.70 0.16 69.82
CA ALA C 334 -36.12 0.10 70.18
C ALA C 334 -36.66 1.52 70.30
N LYS C 335 -37.93 1.63 70.67
CA LYS C 335 -38.58 2.93 70.77
C LYS C 335 -39.88 2.80 71.55
N THR C 336 -40.44 3.95 71.94
CA THR C 336 -41.69 4.01 72.66
C THR C 336 -42.89 4.20 71.73
N GLN C 337 -44.08 4.17 72.32
CA GLN C 337 -45.35 4.30 71.61
C GLN C 337 -45.77 5.76 71.68
N SER C 338 -45.12 6.59 70.86
CA SER C 338 -45.46 7.99 70.69
C SER C 338 -46.57 8.10 69.64
N ASP C 339 -46.75 9.29 69.07
CA ASP C 339 -47.69 9.54 67.98
C ASP C 339 -49.13 9.26 68.44
N GLU C 340 -49.55 10.10 69.40
CA GLU C 340 -50.83 9.95 70.09
C GLU C 340 -52.03 9.81 69.17
N LYS C 341 -52.33 10.83 68.36
CA LYS C 341 -53.36 10.67 67.32
C LYS C 341 -52.68 10.39 65.98
N GLN C 342 -51.96 11.37 65.46
CA GLN C 342 -51.12 11.17 64.28
C GLN C 342 -50.15 12.35 64.18
N ALA C 343 -48.86 12.09 64.33
CA ALA C 343 -47.87 13.15 64.19
C ALA C 343 -46.85 12.87 63.09
N ASP C 344 -46.15 11.74 63.14
CA ASP C 344 -45.04 11.44 62.23
C ASP C 344 -44.46 10.08 62.60
N TYR C 345 -43.45 9.67 61.84
CA TYR C 345 -42.56 8.57 62.24
C TYR C 345 -41.13 9.06 62.29
N ILE C 346 -40.42 8.71 63.36
CA ILE C 346 -39.03 9.11 63.55
C ILE C 346 -38.17 7.86 63.61
N ASP C 347 -36.99 7.94 63.02
CA ASP C 347 -36.07 6.81 62.92
C ASP C 347 -34.65 7.28 63.15
N LEU C 348 -33.90 6.54 63.97
CA LEU C 348 -32.49 6.79 64.15
C LEU C 348 -31.69 5.86 63.25
N ILE C 349 -30.99 6.43 62.27
CA ILE C 349 -30.25 5.62 61.30
C ILE C 349 -28.78 5.66 61.65
N PRO C 350 -28.25 4.62 62.28
CA PRO C 350 -26.85 4.67 62.75
C PRO C 350 -25.90 4.52 61.58
N GLN C 351 -25.29 5.62 61.18
CA GLN C 351 -24.22 5.54 60.18
C GLN C 351 -23.03 4.76 60.71
N GLY C 352 -22.73 4.91 61.99
CA GLY C 352 -21.59 4.23 62.58
C GLY C 352 -21.27 4.74 63.97
N GLY C 353 -19.99 4.86 64.28
CA GLY C 353 -19.58 5.38 65.56
C GLY C 353 -19.80 6.88 65.61
N ASN C 354 -20.63 7.33 66.54
CA ASN C 354 -20.86 8.76 66.77
C ASN C 354 -21.35 9.47 65.52
N GLN C 355 -21.92 8.72 64.57
CA GLN C 355 -22.58 9.29 63.40
C GLN C 355 -23.99 8.72 63.35
N PHE C 356 -24.98 9.57 63.14
CA PHE C 356 -26.36 9.13 63.10
C PHE C 356 -27.15 9.94 62.09
N LEU C 357 -28.45 9.63 62.00
CA LEU C 357 -29.36 10.25 61.06
C LEU C 357 -30.77 10.19 61.64
N VAL C 358 -31.57 11.19 61.32
CA VAL C 358 -32.97 11.23 61.74
C VAL C 358 -33.82 11.43 60.49
N ASN C 359 -34.68 10.45 60.22
CA ASN C 359 -35.66 10.54 59.15
C ASN C 359 -37.04 10.70 59.76
N PHE C 360 -37.88 11.47 59.09
CA PHE C 360 -39.19 11.78 59.64
C PHE C 360 -40.09 12.31 58.54
N SER C 361 -41.39 12.23 58.80
CA SER C 361 -42.40 12.79 57.90
C SER C 361 -43.53 13.29 58.79
N VAL C 362 -43.50 14.57 59.14
CA VAL C 362 -44.54 15.16 59.97
C VAL C 362 -45.82 15.27 59.17
N LYS C 363 -46.93 14.83 59.78
CA LYS C 363 -48.17 14.66 59.04
C LYS C 363 -48.79 16.00 58.67
N LYS C 364 -49.22 16.76 59.67
CA LYS C 364 -49.83 18.06 59.44
C LYS C 364 -48.74 19.12 59.58
N THR C 365 -48.54 19.90 58.52
CA THR C 365 -47.43 20.84 58.47
C THR C 365 -47.90 22.24 58.11
N LYS C 366 -49.04 22.64 58.67
CA LYS C 366 -49.71 23.86 58.24
C LYS C 366 -49.90 24.89 59.34
N LYS C 367 -49.58 24.57 60.60
CA LYS C 367 -49.90 25.51 61.68
C LYS C 367 -48.87 26.64 61.80
N ASP C 368 -47.68 26.32 62.32
CA ASP C 368 -46.63 27.29 62.61
C ASP C 368 -45.32 26.54 62.55
N ALA C 369 -44.35 27.08 61.81
CA ALA C 369 -43.07 26.40 61.64
C ALA C 369 -42.01 27.38 61.20
N THR C 370 -41.03 27.66 62.07
CA THR C 370 -39.92 28.55 61.75
C THR C 370 -38.68 28.04 62.48
N HIS C 371 -37.74 27.45 61.73
CA HIS C 371 -36.50 26.93 62.30
C HIS C 371 -36.79 25.89 63.39
N PHE C 372 -37.37 24.78 62.93
CA PHE C 372 -37.78 23.70 63.82
C PHE C 372 -36.56 23.14 64.57
N SER C 373 -36.85 22.46 65.68
CA SER C 373 -35.84 22.05 66.63
C SER C 373 -35.84 20.53 66.80
N ILE C 374 -34.73 20.02 67.35
CA ILE C 374 -34.57 18.61 67.66
C ILE C 374 -34.26 18.48 69.15
N GLY C 375 -35.12 17.77 69.89
CA GLY C 375 -34.95 17.63 71.32
C GLY C 375 -34.24 16.33 71.71
N TYR C 376 -33.81 16.28 72.97
CA TYR C 376 -32.98 15.18 73.45
C TYR C 376 -33.31 14.90 74.90
N ASN C 377 -33.43 13.61 75.25
CA ASN C 377 -33.84 13.18 76.60
C ASN C 377 -35.16 13.80 77.01
N LYS C 378 -35.95 14.23 76.03
CA LYS C 378 -37.30 14.76 76.19
C LYS C 378 -37.28 16.15 76.84
N SER C 379 -36.13 16.58 77.35
CA SER C 379 -36.08 17.86 78.03
C SER C 379 -34.81 18.66 77.80
N PHE C 380 -33.87 18.21 76.97
CA PHE C 380 -32.58 18.88 76.93
C PHE C 380 -32.06 18.92 75.51
N ASN C 381 -30.92 19.59 75.34
CA ASN C 381 -30.00 19.39 74.21
C ASN C 381 -30.70 19.59 72.87
N ASN C 382 -31.09 20.84 72.62
CA ASN C 382 -31.53 21.16 71.27
C ASN C 382 -30.39 20.83 70.30
N LEU C 383 -30.55 19.73 69.55
CA LEU C 383 -29.43 19.15 68.83
C LEU C 383 -29.02 19.97 67.61
N ALA C 384 -29.98 20.27 66.74
CA ALA C 384 -29.70 21.04 65.53
C ALA C 384 -30.89 21.97 65.27
N ASP C 385 -30.65 23.27 65.36
CA ASP C 385 -31.61 24.31 65.00
C ASP C 385 -30.94 25.15 63.91
N LYS C 386 -31.02 24.66 62.67
CA LYS C 386 -30.30 25.29 61.57
C LYS C 386 -31.11 25.37 60.28
N ASN C 387 -32.20 24.63 60.16
CA ASN C 387 -32.98 24.57 58.93
C ASN C 387 -34.01 25.70 58.93
N GLY C 388 -33.97 26.52 57.90
CA GLY C 388 -34.91 27.61 57.78
C GLY C 388 -36.10 27.24 56.91
N PHE C 389 -36.30 25.94 56.73
CA PHE C 389 -37.37 25.41 55.89
C PHE C 389 -38.44 24.80 56.79
N VAL C 390 -39.63 24.63 56.23
CA VAL C 390 -40.73 23.94 56.91
C VAL C 390 -40.80 22.51 56.37
N PRO C 391 -40.82 21.49 57.22
CA PRO C 391 -41.09 20.14 56.73
C PRO C 391 -42.51 20.04 56.17
N LEU C 392 -42.68 19.14 55.22
CA LEU C 392 -43.96 19.03 54.51
C LEU C 392 -44.65 17.71 54.85
N ALA C 393 -45.91 17.63 54.43
CA ALA C 393 -46.75 16.49 54.78
C ALA C 393 -46.28 15.24 54.06
N GLY C 394 -46.22 14.13 54.79
CA GLY C 394 -45.87 12.84 54.21
C GLY C 394 -44.59 12.84 53.43
N GLU C 395 -43.63 13.70 53.79
CA GLU C 395 -42.42 13.89 53.02
C GLU C 395 -41.25 13.30 53.79
N HIS C 396 -40.40 12.57 53.08
CA HIS C 396 -39.27 11.92 53.73
C HIS C 396 -38.09 12.87 53.81
N TYR C 397 -37.69 13.21 55.04
CA TYR C 397 -36.57 14.08 55.32
C TYR C 397 -35.46 13.27 55.97
N SER C 398 -34.28 13.88 56.09
CA SER C 398 -33.15 13.20 56.70
C SER C 398 -32.14 14.25 57.14
N ILE C 399 -31.89 14.31 58.44
CA ILE C 399 -30.97 15.30 58.98
C ILE C 399 -29.84 14.60 59.71
N PRO C 400 -28.60 14.79 59.29
CA PRO C 400 -27.47 14.16 59.99
C PRO C 400 -27.25 14.78 61.36
N VAL C 401 -26.96 13.91 62.32
CA VAL C 401 -26.77 14.31 63.71
C VAL C 401 -25.70 13.43 64.31
N THR C 402 -24.90 14.00 65.20
CA THR C 402 -23.82 13.28 65.88
C THR C 402 -24.21 13.03 67.33
N LEU C 403 -24.29 11.76 67.71
CA LEU C 403 -24.61 11.38 69.08
C LEU C 403 -23.49 10.52 69.64
N ASP C 404 -23.68 9.97 70.83
CA ASP C 404 -22.73 9.04 71.44
C ASP C 404 -23.46 7.76 71.82
N ALA C 405 -22.82 6.62 71.54
CA ALA C 405 -23.45 5.35 71.84
C ALA C 405 -23.66 5.13 73.33
N LYS C 406 -22.93 5.87 74.18
CA LYS C 406 -23.09 5.72 75.62
C LYS C 406 -24.51 6.02 76.05
N ILE C 407 -25.02 7.22 75.72
CA ILE C 407 -26.37 7.56 76.14
C ILE C 407 -27.39 6.67 75.46
N LEU C 408 -27.08 6.22 74.24
CA LEU C 408 -27.99 5.30 73.56
C LEU C 408 -28.08 3.96 74.27
N GLU C 409 -27.03 3.57 75.01
CA GLU C 409 -27.11 2.32 75.77
C GLU C 409 -28.29 2.30 76.71
N LYS C 410 -28.70 3.47 77.21
CA LYS C 410 -29.93 3.51 77.99
C LYS C 410 -31.03 4.25 77.24
N LYS C 411 -32.23 4.19 77.81
CA LYS C 411 -33.43 4.75 77.19
C LYS C 411 -33.25 6.25 77.05
N THR C 412 -33.21 6.74 75.81
CA THR C 412 -32.96 8.15 75.52
C THR C 412 -34.03 8.67 74.56
N LYS C 413 -34.92 9.54 75.07
CA LYS C 413 -36.03 10.07 74.29
C LYS C 413 -35.54 11.28 73.50
N ILE C 414 -35.34 11.08 72.20
CA ILE C 414 -35.00 12.17 71.30
C ILE C 414 -36.28 12.67 70.65
N GLY C 415 -36.43 14.00 70.57
CA GLY C 415 -37.62 14.62 70.03
C GLY C 415 -37.31 15.66 68.96
N ILE C 416 -38.37 16.08 68.28
CA ILE C 416 -38.30 17.11 67.26
C ILE C 416 -39.37 18.15 67.58
N THR C 417 -39.00 19.43 67.51
CA THR C 417 -39.89 20.52 67.89
C THR C 417 -40.00 21.47 66.69
N ARG C 418 -41.12 21.39 65.98
CA ARG C 418 -41.42 22.39 64.96
C ARG C 418 -41.67 23.72 65.66
N LYS C 419 -40.73 24.64 65.51
CA LYS C 419 -40.64 25.81 66.39
C LYS C 419 -41.77 26.78 66.12
N LYS C 420 -42.59 27.05 67.15
CA LYS C 420 -43.49 28.18 67.12
C LYS C 420 -42.67 29.46 67.00
N PRO C 421 -43.20 30.52 66.36
CA PRO C 421 -42.32 31.58 65.85
C PRO C 421 -41.42 32.24 66.89
N GLU C 422 -41.96 32.94 67.89
CA GLU C 422 -41.07 33.47 68.92
C GLU C 422 -40.79 32.45 70.03
N PRO C 423 -41.83 31.95 70.76
CA PRO C 423 -41.55 30.96 71.80
C PRO C 423 -41.78 29.52 71.35
N ALA C 424 -40.89 28.60 71.68
CA ALA C 424 -41.12 27.18 71.39
C ALA C 424 -40.23 26.31 72.26
N SER C 425 -40.80 25.71 73.30
CA SER C 425 -40.08 24.68 74.06
C SER C 425 -40.81 23.34 74.05
N ASP C 426 -42.11 23.29 74.37
CA ASP C 426 -42.85 22.05 74.23
C ASP C 426 -44.28 22.31 73.80
N GLU C 427 -44.67 23.58 73.72
CA GLU C 427 -46.08 23.94 73.62
C GLU C 427 -46.59 23.91 72.19
N ASN C 428 -45.75 23.54 71.24
CA ASN C 428 -46.22 23.24 69.90
C ASN C 428 -46.83 21.84 69.91
N HIS C 429 -47.19 21.32 68.75
CA HIS C 429 -47.56 19.92 68.69
C HIS C 429 -46.28 19.08 68.71
N TYR C 430 -45.82 18.74 69.90
CA TYR C 430 -44.50 18.15 70.09
C TYR C 430 -44.53 16.65 69.83
N THR C 431 -43.40 16.13 69.35
CA THR C 431 -43.23 14.71 69.08
C THR C 431 -41.85 14.28 69.54
N SER C 432 -41.76 13.05 70.02
CA SER C 432 -40.50 12.53 70.54
C SER C 432 -40.51 11.01 70.37
N ALA C 433 -39.38 10.38 70.68
CA ALA C 433 -39.24 8.94 70.59
C ALA C 433 -37.93 8.56 71.27
N THR C 434 -37.89 7.37 71.84
CA THR C 434 -36.69 6.89 72.52
C THR C 434 -35.95 5.89 71.64
N PHE C 435 -34.69 5.66 71.98
CA PHE C 435 -33.87 4.71 71.24
C PHE C 435 -32.87 4.07 72.19
N THR C 436 -33.10 2.79 72.50
CA THR C 436 -32.23 2.02 73.37
C THR C 436 -31.54 0.95 72.55
N ILE C 437 -30.25 0.77 72.78
CA ILE C 437 -29.44 -0.21 72.06
C ILE C 437 -28.98 -1.27 73.05
N HIS C 438 -29.01 -2.53 72.62
CA HIS C 438 -28.43 -3.59 73.43
C HIS C 438 -27.93 -4.70 72.52
N PRO C 439 -26.62 -4.81 72.34
CA PRO C 439 -26.07 -5.70 71.31
C PRO C 439 -26.25 -7.16 71.65
N ASN C 440 -25.82 -8.00 70.70
CA ASN C 440 -25.88 -9.45 70.82
C ASN C 440 -27.32 -9.92 71.07
N ALA C 441 -28.17 -9.66 70.08
CA ALA C 441 -29.56 -10.07 70.16
C ALA C 441 -30.16 -10.11 68.78
N GLU C 442 -31.08 -11.02 68.58
CA GLU C 442 -31.97 -11.10 67.43
C GLU C 442 -31.19 -11.19 66.12
N PRO C 443 -30.51 -12.31 65.86
CA PRO C 443 -29.73 -12.43 64.63
C PRO C 443 -30.52 -12.93 63.43
N GLY C 444 -31.69 -13.52 63.65
CA GLY C 444 -32.34 -14.31 62.63
C GLY C 444 -33.09 -13.57 61.55
N ILE C 445 -33.90 -12.58 61.92
CA ILE C 445 -34.81 -12.00 60.94
C ILE C 445 -34.08 -11.14 59.94
N TRP C 446 -32.93 -10.57 60.31
CA TRP C 446 -32.15 -9.82 59.32
C TRP C 446 -31.41 -10.76 58.40
N LEU C 447 -30.86 -11.84 58.93
CA LEU C 447 -30.21 -12.82 58.09
C LEU C 447 -31.18 -13.53 57.17
N LEU C 448 -32.44 -13.63 57.54
CA LEU C 448 -33.42 -14.20 56.61
C LEU C 448 -33.67 -13.29 55.41
N ARG C 449 -33.87 -12.01 55.66
CA ARG C 449 -33.97 -11.06 54.56
C ARG C 449 -32.70 -11.07 53.72
N LEU C 450 -31.55 -11.25 54.37
CA LEU C 450 -30.31 -11.35 53.62
C LEU C 450 -30.28 -12.61 52.76
N ASN C 451 -30.77 -13.72 53.29
CA ASN C 451 -30.89 -14.93 52.50
C ASN C 451 -31.70 -14.66 51.25
N LYS C 452 -32.84 -14.00 51.41
CA LYS C 452 -33.69 -13.70 50.28
C LYS C 452 -32.95 -12.83 49.26
N THR C 453 -32.33 -11.74 49.73
CA THR C 453 -31.74 -10.81 48.79
C THR C 453 -30.50 -11.37 48.12
N LEU C 454 -29.76 -12.26 48.80
CA LEU C 454 -28.59 -12.87 48.20
C LEU C 454 -28.99 -13.91 47.17
N ARG C 455 -29.96 -14.77 47.50
CA ARG C 455 -30.51 -15.67 46.48
C ARG C 455 -30.96 -14.88 45.26
N LEU C 456 -31.66 -13.78 45.49
CA LEU C 456 -32.19 -13.00 44.38
C LEU C 456 -31.07 -12.37 43.55
N ALA C 457 -30.05 -11.82 44.19
CA ALA C 457 -28.95 -11.23 43.43
C ALA C 457 -28.22 -12.28 42.62
N LYS C 458 -27.88 -13.40 43.24
CA LYS C 458 -27.21 -14.47 42.53
C LYS C 458 -28.02 -14.95 41.34
N VAL C 459 -29.34 -15.01 41.47
CA VAL C 459 -30.16 -15.57 40.42
C VAL C 459 -30.41 -14.56 39.30
N SER C 460 -30.74 -13.32 39.67
CA SER C 460 -31.02 -12.31 38.68
C SER C 460 -29.77 -11.67 38.10
N GLY C 461 -28.58 -12.08 38.54
CA GLY C 461 -27.36 -11.63 37.92
C GLY C 461 -26.90 -10.25 38.30
N MET C 462 -27.74 -9.45 38.93
CA MET C 462 -27.31 -8.14 39.39
C MET C 462 -26.59 -8.26 40.73
N THR C 463 -25.77 -7.25 41.02
CA THR C 463 -24.96 -7.28 42.23
C THR C 463 -25.84 -7.19 43.46
N PRO C 464 -25.39 -7.70 44.61
CA PRO C 464 -26.23 -7.67 45.82
C PRO C 464 -26.55 -6.27 46.29
N HIS C 465 -25.70 -5.29 46.03
CA HIS C 465 -26.03 -3.91 46.39
C HIS C 465 -27.09 -3.36 45.46
N GLU C 466 -26.99 -3.67 44.17
CA GLU C 466 -28.03 -3.30 43.22
C GLU C 466 -29.36 -3.96 43.54
N THR C 467 -29.37 -5.23 43.90
CA THR C 467 -30.64 -5.93 44.14
C THR C 467 -31.33 -5.42 45.39
N GLN C 468 -30.57 -4.87 46.33
CA GLN C 468 -31.19 -4.32 47.52
C GLN C 468 -31.64 -2.89 47.30
N HIS C 469 -30.81 -2.08 46.64
CA HIS C 469 -31.23 -0.73 46.27
C HIS C 469 -32.43 -0.73 45.34
N ALA C 470 -32.59 -1.78 44.54
CA ALA C 470 -33.71 -1.91 43.63
C ALA C 470 -34.85 -2.69 44.23
N LEU C 471 -34.80 -2.95 45.53
CA LEU C 471 -35.91 -3.54 46.25
C LEU C 471 -36.66 -2.44 46.98
N ILE C 472 -37.97 -2.38 46.75
CA ILE C 472 -38.83 -1.32 47.24
C ILE C 472 -39.56 -1.85 48.48
N HIS C 473 -39.38 -1.18 49.60
CA HIS C 473 -39.86 -1.65 50.89
C HIS C 473 -40.81 -0.63 51.50
N VAL C 474 -41.99 -1.08 51.92
CA VAL C 474 -42.94 -0.25 52.62
C VAL C 474 -43.32 -0.95 53.93
N ARG C 475 -43.77 -0.16 54.90
CA ARG C 475 -44.14 -0.71 56.21
C ARG C 475 -45.22 -1.78 56.08
N ASN C 476 -46.07 -1.69 55.07
CA ASN C 476 -47.08 -2.70 54.82
C ASN C 476 -46.74 -3.55 53.59
N ASP C 477 -45.60 -3.32 52.97
CA ASP C 477 -45.24 -4.03 51.76
C ASP C 477 -45.03 -5.50 52.07
N SER C 478 -45.92 -6.34 51.55
CA SER C 478 -45.75 -7.78 51.69
C SER C 478 -44.56 -8.24 50.85
N SER C 479 -43.99 -9.38 51.23
CA SER C 479 -42.89 -9.94 50.46
C SER C 479 -43.32 -10.34 49.06
N GLU C 480 -44.56 -10.79 48.90
CA GLU C 480 -45.03 -11.15 47.56
C GLU C 480 -45.05 -9.94 46.66
N TYR C 481 -45.60 -8.82 47.14
CA TYR C 481 -45.61 -7.61 46.34
C TYR C 481 -44.22 -7.05 46.15
N GLU C 482 -43.34 -7.25 47.12
CA GLU C 482 -41.95 -6.81 46.96
C GLU C 482 -41.27 -7.57 45.83
N LEU C 483 -41.36 -8.89 45.84
CA LEU C 483 -40.79 -9.66 44.75
C LEU C 483 -41.47 -9.34 43.44
N ARG C 484 -42.78 -9.10 43.47
CA ARG C 484 -43.48 -8.74 42.25
C ARG C 484 -42.92 -7.45 41.67
N ARG C 485 -42.65 -6.47 42.52
CA ARG C 485 -42.06 -5.23 42.05
C ARG C 485 -40.68 -5.47 41.48
N PHE C 486 -39.89 -6.34 42.11
CA PHE C 486 -38.56 -6.63 41.59
C PHE C 486 -38.62 -7.30 40.23
N THR C 487 -39.47 -8.32 40.09
CA THR C 487 -39.61 -9.02 38.82
C THR C 487 -40.19 -8.13 37.74
N GLU C 488 -41.15 -7.27 38.09
CA GLU C 488 -41.65 -6.30 37.13
C GLU C 488 -40.55 -5.39 36.68
N THR C 489 -39.67 -4.96 37.60
CA THR C 489 -38.56 -4.12 37.22
C THR C 489 -37.65 -4.83 36.24
N LEU C 490 -37.34 -6.10 36.50
CA LEU C 490 -36.52 -6.87 35.57
C LEU C 490 -37.18 -6.98 34.21
N LEU C 491 -38.50 -7.15 34.20
CA LEU C 491 -39.21 -7.30 32.93
C LEU C 491 -39.20 -5.99 32.15
N TYR C 492 -39.55 -4.88 32.80
CA TYR C 492 -39.53 -3.59 32.13
C TYR C 492 -38.13 -3.15 31.79
N ARG C 493 -37.11 -3.80 32.34
CA ARG C 493 -35.76 -3.57 31.87
C ARG C 493 -35.43 -4.44 30.68
N LYS C 494 -35.97 -5.65 30.63
CA LYS C 494 -35.81 -6.48 29.43
C LYS C 494 -36.45 -5.82 28.23
N ARG C 495 -37.76 -5.68 28.24
CA ARG C 495 -38.36 -4.89 27.17
C ARG C 495 -38.16 -3.42 27.47
N TYR C 496 -38.18 -2.61 26.41
CA TYR C 496 -37.85 -1.18 26.43
C TYR C 496 -36.36 -0.94 26.58
N GLY C 497 -35.59 -1.97 26.94
CA GLY C 497 -34.17 -1.85 27.16
C GLY C 497 -33.74 -0.59 27.90
N ILE C 498 -34.13 -0.44 29.15
CA ILE C 498 -33.89 0.79 29.87
C ILE C 498 -32.94 0.53 31.03
N ASP C 499 -32.64 1.60 31.78
CA ASP C 499 -31.82 1.49 32.97
C ASP C 499 -32.60 0.86 34.10
N THR C 500 -31.89 0.39 35.12
CA THR C 500 -32.57 -0.09 36.31
C THR C 500 -33.30 1.04 37.01
N GLU C 501 -32.75 2.25 36.98
CA GLU C 501 -33.45 3.38 37.59
C GLU C 501 -34.72 3.75 36.82
N THR C 502 -34.66 3.75 35.49
CA THR C 502 -35.85 4.04 34.72
C THR C 502 -36.90 2.94 34.90
N ALA C 503 -36.46 1.69 34.94
CA ALA C 503 -37.39 0.61 35.21
C ALA C 503 -38.02 0.74 36.59
N LEU C 504 -37.24 1.17 37.57
CA LEU C 504 -37.79 1.37 38.91
C LEU C 504 -38.82 2.47 38.91
N MET C 505 -38.52 3.59 38.24
CA MET C 505 -39.51 4.66 38.16
C MET C 505 -40.77 4.19 37.44
N LEU C 506 -40.62 3.32 36.45
CA LEU C 506 -41.77 2.68 35.83
C LEU C 506 -42.51 1.75 36.77
N CYS C 507 -41.82 1.22 37.79
CA CYS C 507 -42.44 0.32 38.76
C CYS C 507 -43.02 1.08 39.95
N ASN C 508 -43.45 2.32 39.74
CA ASN C 508 -44.04 3.14 40.80
C ASN C 508 -43.05 3.29 41.95
N ALA C 509 -41.94 3.98 41.67
CA ALA C 509 -40.97 4.36 42.68
C ALA C 509 -40.85 5.86 42.74
N GLY C 510 -40.73 6.39 43.96
CA GLY C 510 -40.64 7.82 44.12
C GLY C 510 -39.32 8.38 43.65
N ILE C 511 -39.26 9.70 43.56
CA ILE C 511 -38.02 10.38 43.24
C ILE C 511 -37.15 10.41 44.48
N SER C 512 -35.90 10.00 44.34
CA SER C 512 -34.97 9.91 45.46
C SER C 512 -34.16 11.19 45.57
N ARG C 513 -34.37 11.94 46.66
CA ARG C 513 -33.61 13.15 46.90
C ARG C 513 -32.16 12.89 47.24
N ILE C 514 -31.85 11.71 47.77
CA ILE C 514 -30.54 11.42 48.32
C ILE C 514 -29.58 11.02 47.21
N SER C 515 -28.37 11.56 47.25
CA SER C 515 -27.37 11.24 46.26
C SER C 515 -26.94 9.79 46.40
N TYR C 516 -27.13 9.02 45.34
CA TYR C 516 -26.87 7.59 45.35
C TYR C 516 -25.55 7.32 44.66
N ASP C 517 -24.74 6.44 45.25
CA ASP C 517 -23.54 5.90 44.61
C ASP C 517 -22.52 6.99 44.30
N GLY C 518 -22.39 7.96 45.18
CA GLY C 518 -21.47 9.06 44.95
C GLY C 518 -21.75 9.81 43.67
N GLN C 519 -23.01 9.83 43.24
CA GLN C 519 -23.40 10.50 42.01
C GLN C 519 -24.47 11.55 42.29
N LEU C 520 -25.00 12.16 41.24
CA LEU C 520 -26.07 13.13 41.41
C LEU C 520 -27.38 12.40 41.70
N SER C 521 -28.13 12.90 42.68
CA SER C 521 -29.41 12.28 42.99
C SER C 521 -30.35 12.40 41.80
N HIS C 522 -31.41 11.59 41.82
CA HIS C 522 -32.39 11.69 40.74
C HIS C 522 -33.06 13.06 40.74
N PHE C 523 -33.47 13.51 41.92
CA PHE C 523 -34.10 14.82 42.03
C PHE C 523 -33.21 15.91 41.46
N ASP C 524 -31.92 15.83 41.73
CA ASP C 524 -31.02 16.91 41.31
C ASP C 524 -30.66 16.81 39.84
N ARG C 525 -30.31 15.63 39.36
CA ARG C 525 -30.05 15.48 37.94
C ARG C 525 -31.31 15.66 37.11
N LEU C 526 -32.46 15.73 37.77
CA LEU C 526 -33.75 16.00 37.13
C LEU C 526 -34.06 17.48 37.07
N PHE C 527 -33.96 18.18 38.20
CA PHE C 527 -34.40 19.57 38.27
C PHE C 527 -33.25 20.55 38.35
N ASN C 528 -32.19 20.26 39.09
CA ASN C 528 -31.14 21.22 39.41
C ASN C 528 -29.82 20.89 38.73
N ASN C 529 -29.85 20.45 37.47
CA ASN C 529 -28.64 20.07 36.74
C ASN C 529 -28.65 20.72 35.36
N PRO C 530 -28.18 21.97 35.23
CA PRO C 530 -27.85 22.90 36.31
C PRO C 530 -29.08 23.67 36.75
N PRO C 531 -29.12 24.14 37.99
CA PRO C 531 -30.33 24.79 38.48
C PRO C 531 -30.70 25.97 37.60
N LEU C 532 -31.94 25.98 37.14
CA LEU C 532 -32.39 27.00 36.20
C LEU C 532 -32.19 28.38 36.82
N ASN C 533 -31.39 29.21 36.15
CA ASN C 533 -31.11 30.56 36.63
C ASN C 533 -30.40 30.53 37.98
N GLY C 534 -29.72 29.44 38.27
CA GLY C 534 -29.07 29.30 39.56
C GLY C 534 -30.00 29.19 40.74
N VAL C 535 -31.30 29.08 40.50
CA VAL C 535 -32.29 28.97 41.56
C VAL C 535 -32.52 27.49 41.82
N THR C 536 -31.99 26.98 42.92
CA THR C 536 -32.16 25.58 43.25
C THR C 536 -33.62 25.29 43.53
N TYR C 537 -34.23 24.46 42.69
CA TYR C 537 -35.65 24.15 42.81
C TYR C 537 -35.88 23.35 44.08
N THR C 538 -36.39 24.02 45.10
CA THR C 538 -36.82 23.33 46.31
C THR C 538 -38.27 22.91 46.18
N LEU C 539 -38.71 22.06 47.11
CA LEU C 539 -40.11 21.65 47.17
C LEU C 539 -40.86 22.60 48.09
N GLY C 540 -40.93 23.85 47.66
CA GLY C 540 -41.50 24.90 48.51
C GLY C 540 -42.95 24.65 48.86
N GLY C 541 -43.75 24.29 47.87
CA GLY C 541 -45.13 23.95 48.13
C GLY C 541 -46.07 25.10 47.85
N ASP C 542 -47.32 24.74 47.56
CA ASP C 542 -48.45 25.65 47.47
C ASP C 542 -48.43 26.52 46.22
N ASP C 543 -47.40 26.43 45.39
CA ASP C 543 -47.28 27.34 44.25
C ASP C 543 -46.68 26.67 43.02
N ILE C 544 -47.54 26.00 42.25
CA ILE C 544 -47.24 25.62 40.87
C ILE C 544 -48.55 25.70 40.09
N LEU C 545 -48.50 26.33 38.92
CA LEU C 545 -49.68 26.48 38.08
C LEU C 545 -49.41 25.81 36.75
N MET C 546 -50.40 25.07 36.24
CA MET C 546 -50.19 24.23 35.06
C MET C 546 -50.88 24.75 33.81
N GLU C 547 -51.95 25.52 33.92
CA GLU C 547 -52.55 26.12 32.74
C GLU C 547 -51.53 27.03 32.07
N PRO C 548 -51.34 26.92 30.75
CA PRO C 548 -50.22 27.63 30.11
C PRO C 548 -50.23 29.13 30.35
N ASP C 549 -51.39 29.77 30.26
CA ASP C 549 -51.47 31.22 30.36
C ASP C 549 -51.31 31.68 31.81
N ALA C 550 -50.17 31.30 32.40
CA ALA C 550 -49.83 31.72 33.75
C ALA C 550 -48.33 31.73 33.90
N GLY C 551 -47.84 32.62 34.76
CA GLY C 551 -46.42 32.81 34.96
C GLY C 551 -45.92 32.35 36.32
N ASP C 552 -44.94 31.44 36.31
CA ASP C 552 -44.41 30.85 37.52
C ASP C 552 -43.04 30.25 37.24
N PRO C 553 -41.98 30.73 37.91
CA PRO C 553 -40.62 30.29 37.55
C PRO C 553 -40.37 28.81 37.80
N ARG C 554 -41.23 28.16 38.58
CA ARG C 554 -41.09 26.74 38.82
C ARG C 554 -41.54 25.89 37.64
N ARG C 555 -42.65 26.27 37.00
CA ARG C 555 -43.12 25.52 35.84
C ARG C 555 -42.03 25.36 34.80
N GLU C 556 -41.10 26.30 34.74
CA GLU C 556 -40.02 26.24 33.76
C GLU C 556 -39.03 25.13 34.06
N VAL C 557 -38.73 24.91 35.34
CA VAL C 557 -37.89 23.79 35.72
C VAL C 557 -38.59 22.48 35.43
N LEU C 558 -39.89 22.40 35.67
CA LEU C 558 -40.64 21.18 35.33
C LEU C 558 -40.65 20.93 33.84
N LYS C 559 -40.82 21.98 33.04
CA LYS C 559 -40.76 21.82 31.60
C LYS C 559 -39.42 21.33 31.14
N ARG C 560 -38.33 21.83 31.73
CA ARG C 560 -37.02 21.33 31.32
C ARG C 560 -36.82 19.89 31.77
N ALA C 561 -37.29 19.56 32.97
CA ALA C 561 -37.06 18.22 33.50
C ALA C 561 -37.83 17.17 32.72
N PHE C 562 -39.13 17.37 32.53
CA PHE C 562 -39.97 16.38 31.88
C PHE C 562 -39.86 16.40 30.37
N ARG C 563 -39.01 17.27 29.82
CA ARG C 563 -38.81 17.35 28.38
C ARG C 563 -40.13 17.56 27.66
N VAL C 564 -41.06 18.24 28.33
CA VAL C 564 -42.34 18.58 27.73
C VAL C 564 -42.42 20.09 27.58
N ASP C 565 -43.18 20.52 26.59
CA ASP C 565 -43.35 21.92 26.30
C ASP C 565 -44.49 22.47 27.16
N ASN C 566 -44.90 23.70 26.88
CA ASN C 566 -45.88 24.34 27.76
C ASN C 566 -47.23 23.64 27.74
N THR C 567 -47.73 23.30 26.56
CA THR C 567 -48.97 22.52 26.51
C THR C 567 -48.72 21.09 26.96
N GLY C 568 -47.51 20.58 26.74
CA GLY C 568 -47.20 19.23 27.17
C GLY C 568 -47.26 19.06 28.68
N LEU C 569 -46.92 20.11 29.42
CA LEU C 569 -47.00 20.02 30.88
C LEU C 569 -48.44 19.92 31.35
N TRP C 570 -49.31 20.76 30.80
CA TRP C 570 -50.72 20.66 31.12
C TRP C 570 -51.27 19.31 30.72
N GLN C 571 -50.78 18.75 29.61
CA GLN C 571 -51.29 17.47 29.16
C GLN C 571 -50.81 16.34 30.07
N LEU C 572 -49.58 16.43 30.57
CA LEU C 572 -49.14 15.53 31.64
C LEU C 572 -50.06 15.62 32.84
N LEU C 573 -50.42 16.83 33.24
CA LEU C 573 -51.32 16.98 34.38
C LEU C 573 -52.67 16.33 34.11
N VAL C 574 -53.18 16.47 32.88
CA VAL C 574 -54.47 15.88 32.55
C VAL C 574 -54.38 14.36 32.56
N ILE C 575 -53.34 13.81 31.95
CA ILE C 575 -53.16 12.37 31.95
C ILE C 575 -53.05 11.84 33.37
N THR C 576 -52.43 12.61 34.26
CA THR C 576 -52.22 12.14 35.63
C THR C 576 -53.55 11.79 36.30
N ASN C 577 -54.57 12.59 36.06
CA ASN C 577 -55.90 12.28 36.56
C ASN C 577 -56.91 13.02 35.69
N ARG C 578 -57.63 12.29 34.84
CA ARG C 578 -58.69 12.88 34.06
C ARG C 578 -59.96 13.12 34.86
N GLU C 579 -60.04 12.62 36.09
CA GLU C 579 -61.16 12.94 36.96
C GLU C 579 -60.93 14.19 37.79
N ASN C 580 -59.67 14.53 38.06
CA ASN C 580 -59.31 15.75 38.78
C ASN C 580 -59.14 16.87 37.76
N LYS C 581 -59.98 17.89 37.84
CA LYS C 581 -59.93 19.02 36.91
C LYS C 581 -59.30 20.25 37.55
N SER C 582 -58.49 20.07 38.59
CA SER C 582 -57.79 21.18 39.20
C SER C 582 -56.75 21.74 38.24
N LYS C 583 -56.48 23.04 38.36
CA LYS C 583 -55.52 23.66 37.46
C LYS C 583 -54.12 23.66 38.05
N THR C 584 -53.99 23.74 39.36
CA THR C 584 -52.69 23.81 40.01
C THR C 584 -52.33 22.45 40.61
N ILE C 585 -51.05 22.30 40.96
CA ILE C 585 -50.59 21.10 41.62
C ILE C 585 -49.84 21.48 42.89
N GLU C 586 -49.62 20.51 43.76
CA GLU C 586 -48.76 20.70 44.92
C GLU C 586 -47.32 20.45 44.50
N ASN C 587 -46.40 21.03 45.27
CA ASN C 587 -44.98 20.85 45.03
C ASN C 587 -44.40 19.71 45.86
N LYS C 588 -45.22 18.76 46.26
CA LYS C 588 -44.72 17.58 46.96
C LYS C 588 -43.89 16.72 46.00
N THR C 589 -43.38 15.61 46.52
CA THR C 589 -42.62 14.72 45.66
C THR C 589 -43.48 13.65 45.00
N GLU C 590 -44.63 13.30 45.58
CA GLU C 590 -45.49 12.32 44.94
C GLU C 590 -46.11 12.84 43.66
N LYS C 591 -46.46 14.13 43.62
CA LYS C 591 -47.01 14.69 42.40
C LYS C 591 -45.98 14.70 41.28
N LEU C 592 -44.76 15.10 41.60
CA LEU C 592 -43.69 15.06 40.61
C LEU C 592 -43.37 13.62 40.22
N ARG C 593 -43.53 12.68 41.13
CA ARG C 593 -43.38 11.27 40.79
C ARG C 593 -44.43 10.85 39.77
N GLY C 594 -45.68 11.24 39.98
CA GLY C 594 -46.71 10.93 39.02
C GLY C 594 -46.45 11.54 37.65
N LEU C 595 -46.03 12.81 37.64
CA LEU C 595 -45.71 13.46 36.37
C LEU C 595 -44.54 12.78 35.67
N LEU C 596 -43.51 12.41 36.43
CA LEU C 596 -42.36 11.74 35.84
C LEU C 596 -42.73 10.38 35.29
N PHE C 597 -43.55 9.62 36.03
CA PHE C 597 -44.00 8.33 35.54
C PHE C 597 -44.80 8.48 34.26
N VAL C 598 -45.71 9.46 34.22
CA VAL C 598 -46.53 9.66 33.04
C VAL C 598 -45.69 10.07 31.85
N ARG C 599 -44.65 10.88 32.06
CA ARG C 599 -43.77 11.25 30.96
C ARG C 599 -42.93 10.06 30.50
N LEU C 600 -42.49 9.23 31.44
CA LEU C 600 -41.77 8.02 31.07
C LEU C 600 -42.64 7.06 30.29
N LEU C 601 -43.95 7.02 30.56
CA LEU C 601 -44.84 6.18 29.80
C LEU C 601 -44.74 6.46 28.31
N ALA C 602 -44.60 7.73 27.95
CA ALA C 602 -44.43 8.12 26.56
C ALA C 602 -42.99 7.92 26.10
N ASP C 603 -42.03 8.19 26.97
CA ASP C 603 -40.63 8.10 26.56
C ASP C 603 -40.21 6.66 26.30
N VAL C 604 -40.84 5.70 26.98
CA VAL C 604 -40.36 4.33 26.94
C VAL C 604 -41.00 3.58 25.80
N HIS C 605 -42.15 4.04 25.31
CA HIS C 605 -42.85 3.42 24.20
C HIS C 605 -42.63 4.12 22.88
N ASN C 606 -41.67 5.04 22.82
CA ASN C 606 -41.43 5.85 21.63
C ASN C 606 -42.69 6.58 21.21
N LEU C 607 -43.32 7.24 22.18
CA LEU C 607 -44.51 8.01 21.98
C LEU C 607 -44.27 9.44 22.43
N THR C 608 -45.05 10.35 21.87
CA THR C 608 -45.14 11.70 22.39
C THR C 608 -46.16 11.73 23.52
N VAL C 609 -46.19 12.82 24.28
CA VAL C 609 -47.24 12.94 25.29
C VAL C 609 -48.60 13.13 24.65
N ALA C 610 -48.67 13.86 23.54
CA ALA C 610 -49.92 13.93 22.81
C ALA C 610 -50.38 12.54 22.39
N GLN C 611 -49.46 11.71 21.91
CA GLN C 611 -49.83 10.38 21.47
C GLN C 611 -50.23 9.50 22.64
N LEU C 612 -49.57 9.65 23.79
CA LEU C 612 -49.98 8.89 24.96
C LEU C 612 -51.37 9.30 25.42
N ASP C 613 -51.65 10.60 25.45
CA ASP C 613 -52.98 11.06 25.82
C ASP C 613 -54.02 10.54 24.85
N ALA C 614 -53.73 10.58 23.56
CA ALA C 614 -54.68 10.09 22.57
C ALA C 614 -54.86 8.59 22.68
N LEU C 615 -53.82 7.87 23.10
CA LEU C 615 -53.84 6.43 23.17
C LEU C 615 -54.48 5.90 24.44
N LEU C 616 -54.51 6.70 25.50
CA LEU C 616 -55.15 6.28 26.74
C LEU C 616 -56.65 6.48 26.71
N GLN C 617 -57.17 7.24 25.75
CA GLN C 617 -58.61 7.42 25.64
C GLN C 617 -59.29 6.21 25.01
N ILE C 618 -58.67 5.62 23.98
CA ILE C 618 -59.20 4.40 23.40
C ILE C 618 -59.01 3.23 24.34
N SER C 619 -58.25 3.41 25.41
CA SER C 619 -57.94 2.36 26.36
C SER C 619 -59.05 2.22 27.39
N PRO C 620 -59.06 1.12 28.13
CA PRO C 620 -59.89 1.07 29.34
C PRO C 620 -59.38 1.98 30.44
N TYR C 621 -58.21 2.56 30.29
CA TYR C 621 -57.64 3.43 31.33
C TYR C 621 -57.91 4.91 31.04
N ASN C 622 -59.17 5.26 30.82
CA ASN C 622 -59.54 6.66 30.76
C ASN C 622 -59.52 7.27 32.15
N SER C 623 -60.40 6.79 33.01
CA SER C 623 -60.48 7.27 34.38
C SER C 623 -59.40 6.55 35.18
N MET C 624 -58.18 7.06 35.10
CA MET C 624 -57.07 6.48 35.85
C MET C 624 -56.52 7.53 36.80
N ASN C 625 -56.05 7.05 37.95
CA ASN C 625 -55.44 7.91 38.94
C ASN C 625 -54.08 7.32 39.28
N VAL C 626 -53.02 8.00 38.86
CA VAL C 626 -51.68 7.50 39.13
C VAL C 626 -51.38 7.46 40.62
N TYR C 627 -52.00 8.30 41.42
CA TYR C 627 -51.80 8.29 42.85
C TYR C 627 -52.69 7.28 43.56
N ALA C 628 -53.59 6.62 42.82
CA ALA C 628 -54.28 5.43 43.29
C ALA C 628 -54.09 4.27 42.34
N LEU C 629 -52.95 4.25 41.63
CA LEU C 629 -52.67 3.23 40.63
C LEU C 629 -51.94 2.07 41.31
N ASP C 630 -52.69 1.04 41.68
CA ASP C 630 -52.10 -0.11 42.35
C ASP C 630 -51.23 -0.90 41.38
N GLY C 631 -50.46 -1.84 41.91
CA GLY C 631 -49.51 -2.58 41.10
C GLY C 631 -50.13 -3.42 40.01
N LYS C 632 -51.40 -3.76 40.15
CA LYS C 632 -52.03 -4.64 39.17
C LYS C 632 -52.47 -3.86 37.94
N THR C 633 -53.24 -2.79 38.12
CA THR C 633 -53.65 -2.00 36.96
C THR C 633 -52.48 -1.27 36.32
N ARG C 634 -51.44 -0.96 37.07
CA ARG C 634 -50.28 -0.33 36.45
C ARG C 634 -49.62 -1.26 35.45
N GLN C 635 -49.39 -2.51 35.86
CA GLN C 635 -48.77 -3.46 34.94
C GLN C 635 -49.72 -3.80 33.81
N LYS C 636 -51.03 -3.82 34.08
CA LYS C 636 -51.97 -4.07 32.99
C LYS C 636 -51.94 -2.94 31.97
N MET C 637 -51.86 -1.70 32.44
CA MET C 637 -51.77 -0.56 31.53
C MET C 637 -50.47 -0.58 30.74
N LEU C 638 -49.37 -0.93 31.39
CA LEU C 638 -48.11 -1.00 30.67
C LEU C 638 -48.14 -2.09 29.62
N SER C 639 -48.73 -3.23 29.94
CA SER C 639 -48.87 -4.29 28.95
C SER C 639 -49.77 -3.85 27.81
N PHE C 640 -50.84 -3.13 28.12
CA PHE C 640 -51.71 -2.63 27.06
C PHE C 640 -50.95 -1.70 26.14
N LEU C 641 -50.19 -0.77 26.71
CA LEU C 641 -49.44 0.18 25.89
C LEU C 641 -48.40 -0.52 25.04
N SER C 642 -47.65 -1.44 25.62
CA SER C 642 -46.66 -2.17 24.83
C SER C 642 -47.31 -2.97 23.72
N ARG C 643 -48.41 -3.65 24.03
CA ARG C 643 -49.10 -4.45 23.04
C ARG C 643 -49.60 -3.60 21.89
N ILE C 644 -50.28 -2.49 22.21
CA ILE C 644 -50.82 -1.68 21.13
C ILE C 644 -49.72 -0.99 20.35
N THR C 645 -48.60 -0.66 21.00
CA THR C 645 -47.56 0.05 20.27
C THR C 645 -46.81 -0.90 19.34
N GLN C 646 -46.53 -2.12 19.80
CA GLN C 646 -45.93 -3.08 18.88
C GLN C 646 -46.92 -3.48 17.79
N TRP C 647 -48.21 -3.51 18.09
CA TRP C 647 -49.19 -3.80 17.04
C TRP C 647 -49.24 -2.68 16.01
N LEU C 648 -49.21 -1.43 16.46
CA LEU C 648 -49.17 -0.32 15.52
C LEU C 648 -47.90 -0.33 14.69
N ASN C 649 -46.78 -0.77 15.27
CA ASN C 649 -45.55 -0.83 14.50
C ASN C 649 -45.60 -1.98 13.49
N THR C 650 -46.29 -3.06 13.83
CA THR C 650 -46.42 -4.16 12.88
C THR C 650 -47.34 -3.77 11.73
N GLN C 651 -48.51 -3.23 12.05
CA GLN C 651 -49.48 -2.87 11.02
C GLN C 651 -49.10 -1.61 10.26
N ASN C 652 -47.97 -1.00 10.58
CA ASN C 652 -47.47 0.18 9.87
C ASN C 652 -48.49 1.31 9.85
N ILE C 653 -49.30 1.44 10.89
CA ILE C 653 -50.19 2.58 11.04
C ILE C 653 -49.78 3.34 12.29
N THR C 654 -49.94 4.66 12.24
CA THR C 654 -49.49 5.49 13.32
C THR C 654 -50.66 5.88 14.23
N VAL C 655 -50.31 6.51 15.35
CA VAL C 655 -51.31 6.81 16.37
C VAL C 655 -52.35 7.76 15.84
N GLU C 656 -51.97 8.65 14.92
CA GLU C 656 -52.96 9.57 14.36
C GLU C 656 -53.98 8.83 13.53
N GLN C 657 -53.55 7.89 12.71
CA GLN C 657 -54.50 7.10 11.94
C GLN C 657 -55.36 6.24 12.86
N LEU C 658 -54.79 5.73 13.94
CA LEU C 658 -55.59 4.96 14.88
C LEU C 658 -56.66 5.83 15.52
N MET C 659 -56.31 7.06 15.84
CA MET C 659 -57.29 7.97 16.42
C MET C 659 -58.36 8.35 15.41
N LEU C 660 -57.99 8.41 14.14
CA LEU C 660 -58.99 8.62 13.10
C LEU C 660 -59.94 7.44 13.01
N LEU C 661 -59.42 6.22 13.17
CA LEU C 661 -60.27 5.03 13.10
C LEU C 661 -61.15 4.91 14.34
N LEU C 662 -60.69 5.41 15.48
CA LEU C 662 -61.38 5.22 16.74
C LEU C 662 -62.21 6.43 17.13
N ASP C 663 -62.12 7.54 16.40
CA ASP C 663 -62.73 8.78 16.85
C ASP C 663 -64.24 8.72 16.70
N LYS C 664 -64.95 9.40 17.59
CA LYS C 664 -66.40 9.51 17.46
C LYS C 664 -66.74 10.56 16.41
N ILE C 665 -68.03 10.67 16.11
CA ILE C 665 -68.47 11.53 15.02
C ILE C 665 -68.57 12.97 15.48
N SER C 666 -69.46 13.25 16.44
CA SER C 666 -69.75 14.60 16.91
C SER C 666 -70.08 15.49 15.72
N PRO C 667 -71.29 15.37 15.15
CA PRO C 667 -71.54 15.88 13.81
C PRO C 667 -71.45 17.39 13.72
N ALA C 668 -71.46 17.87 12.48
CA ALA C 668 -71.30 19.28 12.16
C ALA C 668 -72.09 19.57 10.88
N ALA C 669 -71.79 20.68 10.23
CA ALA C 669 -72.42 21.00 8.96
C ALA C 669 -71.84 20.13 7.85
N PRO C 670 -72.68 19.66 6.91
CA PRO C 670 -72.16 18.89 5.78
C PRO C 670 -71.33 19.76 4.86
N THR C 671 -70.63 19.12 3.93
CA THR C 671 -69.64 19.78 3.10
C THR C 671 -70.20 20.07 1.71
N LYS C 672 -69.37 20.68 0.85
CA LYS C 672 -69.78 20.95 -0.53
C LYS C 672 -69.76 19.68 -1.37
N GLU C 673 -68.70 18.89 -1.27
CA GLU C 673 -68.73 17.54 -1.83
C GLU C 673 -69.92 16.76 -1.30
N MET C 674 -70.29 16.99 -0.05
CA MET C 674 -71.47 16.34 0.49
C MET C 674 -72.73 16.80 -0.23
N GLN C 675 -72.83 18.11 -0.49
CA GLN C 675 -73.97 18.59 -1.25
C GLN C 675 -74.01 17.97 -2.63
N VAL C 676 -72.85 17.74 -3.23
CA VAL C 676 -72.79 17.10 -4.54
C VAL C 676 -73.33 15.67 -4.45
N LEU C 677 -72.85 14.91 -3.46
CA LEU C 677 -73.31 13.54 -3.27
C LEU C 677 -74.81 13.49 -3.01
N LEU C 678 -75.30 14.35 -2.12
CA LEU C 678 -76.73 14.43 -1.88
C LEU C 678 -77.49 14.75 -3.14
N ASP C 679 -76.99 15.65 -3.99
CA ASP C 679 -77.73 15.97 -5.20
C ASP C 679 -77.77 14.78 -6.14
N LEU C 680 -76.66 14.08 -6.31
CA LEU C 680 -76.62 12.94 -7.20
C LEU C 680 -77.51 11.80 -6.71
N LEU C 681 -77.70 11.69 -5.39
CA LEU C 681 -78.63 10.68 -4.89
C LEU C 681 -80.07 11.16 -4.94
N ARG C 682 -80.30 12.45 -4.71
CA ARG C 682 -81.66 12.98 -4.70
C ARG C 682 -82.28 12.89 -6.08
N ASN C 683 -81.58 13.36 -7.09
CA ASN C 683 -82.07 13.20 -8.45
C ASN C 683 -81.76 11.78 -8.91
N GLY C 684 -81.91 11.51 -10.18
CA GLY C 684 -81.68 10.18 -10.66
C GLY C 684 -82.78 9.23 -10.24
N GLY C 685 -82.48 7.95 -10.40
CA GLY C 685 -83.47 6.93 -10.08
C GLY C 685 -83.66 6.81 -8.58
N ILE C 686 -84.93 6.85 -8.17
CA ILE C 686 -85.26 6.72 -6.75
C ILE C 686 -84.82 5.35 -6.27
N ASP C 687 -83.91 5.35 -5.30
CA ASP C 687 -83.35 4.10 -4.79
C ASP C 687 -84.46 3.22 -4.24
N LYS C 688 -84.56 2.00 -4.76
CA LYS C 688 -85.74 1.18 -4.53
C LYS C 688 -85.87 0.80 -3.05
N THR C 689 -87.11 0.74 -2.58
CA THR C 689 -87.39 0.50 -1.17
C THR C 689 -87.02 -0.91 -0.72
N ASN C 690 -87.16 -1.91 -1.60
CA ASN C 690 -86.84 -3.28 -1.24
C ASN C 690 -85.35 -3.44 -0.98
N THR C 691 -85.01 -4.25 0.01
CA THR C 691 -83.62 -4.43 0.39
C THR C 691 -82.84 -5.16 -0.70
N LYS C 692 -81.52 -5.18 -0.54
CA LYS C 692 -80.57 -5.84 -1.44
C LYS C 692 -80.56 -5.16 -2.80
N THR C 693 -81.44 -4.18 -2.97
CA THR C 693 -81.44 -3.29 -4.11
C THR C 693 -81.11 -1.87 -3.70
N LEU C 694 -81.42 -1.50 -2.46
CA LEU C 694 -80.98 -0.22 -1.93
C LEU C 694 -79.47 -0.13 -1.99
N TYR C 695 -78.77 -1.17 -1.55
CA TYR C 695 -77.32 -1.17 -1.63
C TYR C 695 -76.84 -1.06 -3.08
N THR C 696 -77.39 -1.87 -3.97
CA THR C 696 -76.91 -1.91 -5.35
C THR C 696 -77.23 -0.63 -6.12
N THR C 697 -78.26 0.11 -5.70
CA THR C 697 -78.61 1.36 -6.36
C THR C 697 -77.93 2.56 -5.71
N MET C 698 -77.50 2.44 -4.45
CA MET C 698 -76.80 3.55 -3.81
C MET C 698 -75.29 3.42 -3.92
N ALA C 699 -74.79 2.22 -4.21
CA ALA C 699 -73.37 1.95 -4.05
C ALA C 699 -72.48 2.52 -5.14
N PRO C 700 -72.86 2.56 -6.42
CA PRO C 700 -71.94 3.16 -7.40
C PRO C 700 -71.55 4.58 -7.08
N VAL C 701 -72.51 5.44 -6.76
CA VAL C 701 -72.18 6.82 -6.46
C VAL C 701 -71.54 6.94 -5.08
N ILE C 702 -71.90 6.08 -4.13
CA ILE C 702 -71.22 6.08 -2.84
C ILE C 702 -69.75 5.75 -3.01
N THR C 703 -69.45 4.72 -3.80
CA THR C 703 -68.08 4.38 -4.13
C THR C 703 -67.36 5.50 -4.87
N ALA C 704 -68.03 6.15 -5.81
CA ALA C 704 -67.43 7.29 -6.48
C ALA C 704 -67.07 8.38 -5.47
N ALA C 705 -67.90 8.57 -4.46
CA ALA C 705 -67.60 9.59 -3.45
C ALA C 705 -66.54 9.13 -2.46
N MET C 706 -66.37 7.83 -2.27
CA MET C 706 -65.36 7.28 -1.38
C MET C 706 -64.15 6.75 -2.13
N GLN C 707 -64.16 6.81 -3.46
CA GLN C 707 -63.04 6.35 -4.29
C GLN C 707 -62.61 4.94 -3.92
N LEU C 708 -63.59 4.09 -3.61
CA LEU C 708 -63.33 2.67 -3.42
C LEU C 708 -62.92 2.05 -4.75
N ASP C 709 -62.53 0.77 -4.70
CA ASP C 709 -62.11 0.08 -5.91
C ASP C 709 -63.31 -0.35 -6.74
N ILE C 710 -64.19 -1.15 -6.13
CA ILE C 710 -65.26 -1.80 -6.86
C ILE C 710 -66.60 -1.27 -6.36
N THR C 711 -67.54 -1.12 -7.29
CA THR C 711 -68.92 -0.87 -6.91
C THR C 711 -69.45 -1.98 -6.01
N GLU C 712 -68.92 -3.19 -6.15
CA GLU C 712 -69.36 -4.27 -5.27
C GLU C 712 -68.78 -4.12 -3.87
N SER C 713 -67.55 -3.62 -3.76
CA SER C 713 -67.03 -3.25 -2.45
C SER C 713 -67.87 -2.13 -1.84
N GLY C 714 -68.35 -1.22 -2.67
CA GLY C 714 -69.27 -0.23 -2.15
C GLY C 714 -70.59 -0.82 -1.68
N GLU C 715 -71.13 -1.78 -2.43
CA GLU C 715 -72.33 -2.48 -1.98
C GLU C 715 -72.11 -3.13 -0.63
N ALA C 716 -70.92 -3.70 -0.42
CA ALA C 716 -70.66 -4.40 0.82
C ALA C 716 -70.33 -3.47 1.97
N LEU C 717 -69.77 -2.29 1.69
CA LEU C 717 -69.45 -1.36 2.77
C LEU C 717 -70.71 -0.83 3.42
N LEU C 718 -71.73 -0.53 2.63
CA LEU C 718 -72.99 -0.09 3.20
C LEU C 718 -73.61 -1.17 4.06
N ARG C 719 -73.53 -2.42 3.61
CA ARG C 719 -74.03 -3.53 4.41
C ARG C 719 -73.29 -3.64 5.73
N TRP C 720 -71.96 -3.50 5.68
CA TRP C 720 -71.17 -3.55 6.90
C TRP C 720 -71.54 -2.44 7.87
N LEU C 721 -71.57 -1.19 7.40
CA LEU C 721 -71.93 -0.11 8.30
C LEU C 721 -73.38 -0.22 8.76
N ASP C 722 -74.24 -0.86 7.98
CA ASP C 722 -75.60 -1.12 8.44
C ASP C 722 -75.60 -2.10 9.59
N ASN C 723 -74.79 -3.15 9.49
CA ASN C 723 -74.90 -4.25 10.45
C ASN C 723 -74.35 -3.86 11.82
N ASN C 724 -73.41 -2.93 11.87
CA ASN C 724 -72.87 -2.49 13.15
C ASN C 724 -72.29 -1.10 13.00
N HIS C 725 -72.75 -0.19 13.85
CA HIS C 725 -72.50 1.23 13.69
C HIS C 725 -72.62 1.91 15.04
N PRO C 726 -71.95 3.04 15.24
CA PRO C 726 -72.16 3.81 16.47
C PRO C 726 -73.60 4.28 16.58
N ALA C 727 -74.06 4.39 17.82
CA ALA C 727 -75.46 4.69 18.08
C ALA C 727 -75.83 6.08 17.54
N GLY C 728 -77.05 6.18 17.06
CA GLY C 728 -77.55 7.42 16.51
C GLY C 728 -77.24 7.65 15.05
N ILE C 729 -76.52 6.74 14.41
CA ILE C 729 -76.16 6.87 13.01
C ILE C 729 -77.15 6.09 12.17
N LEU C 730 -77.50 6.62 11.02
CA LEU C 730 -78.67 6.17 10.28
C LEU C 730 -78.41 4.85 9.57
N THR C 731 -79.36 3.94 9.71
CA THR C 731 -79.43 2.79 8.82
C THR C 731 -79.54 3.29 7.38
N THR C 732 -79.11 2.46 6.42
CA THR C 732 -79.19 2.88 5.03
C THR C 732 -80.62 3.15 4.59
N SER C 733 -81.58 2.41 5.15
CA SER C 733 -82.98 2.71 4.86
C SER C 733 -83.35 4.12 5.31
N GLU C 734 -82.95 4.48 6.53
CA GLU C 734 -83.23 5.83 7.02
C GLU C 734 -82.48 6.87 6.22
N ALA C 735 -81.28 6.54 5.76
CA ALA C 735 -80.52 7.48 4.94
C ALA C 735 -81.22 7.75 3.63
N ARG C 736 -81.80 6.71 3.03
CA ARG C 736 -82.58 6.92 1.81
C ARG C 736 -83.82 7.74 2.09
N LYS C 737 -84.58 7.37 3.13
CA LYS C 737 -85.79 8.12 3.46
C LYS C 737 -85.47 9.55 3.85
N LEU C 738 -84.22 9.84 4.23
CA LEU C 738 -83.85 11.18 4.64
C LEU C 738 -83.29 12.00 3.48
N ILE C 739 -82.57 11.36 2.55
CA ILE C 739 -82.15 12.04 1.34
C ILE C 739 -83.32 12.36 0.44
N ILE C 740 -84.30 11.47 0.36
CA ILE C 740 -85.51 11.75 -0.41
C ILE C 740 -86.53 12.37 0.54
N LYS C 741 -86.44 13.69 0.73
CA LYS C 741 -87.37 14.40 1.58
C LYS C 741 -87.79 15.67 0.86
N LYS C 742 -88.98 16.17 1.22
CA LYS C 742 -89.50 17.38 0.58
C LYS C 742 -88.53 18.53 0.75
N GLY C 743 -88.31 18.96 1.99
CA GLY C 743 -87.30 19.94 2.27
C GLY C 743 -86.43 19.50 3.41
N GLN C 744 -85.15 19.25 3.14
CA GLN C 744 -84.24 18.77 4.17
C GLN C 744 -84.01 19.87 5.19
N THR C 745 -84.48 19.64 6.41
CA THR C 745 -84.48 20.65 7.45
C THR C 745 -83.04 21.00 7.84
N ALA C 746 -82.91 22.02 8.69
CA ALA C 746 -81.61 22.31 9.28
C ALA C 746 -81.09 21.10 10.04
N GLY C 747 -81.93 20.51 10.89
CA GLY C 747 -81.64 19.21 11.44
C GLY C 747 -81.90 18.13 10.41
N ASP C 748 -81.54 16.91 10.78
CA ASP C 748 -81.65 15.76 9.88
C ASP C 748 -80.90 16.01 8.57
N LYS C 749 -79.94 16.93 8.61
CA LYS C 749 -78.92 17.06 7.59
C LYS C 749 -77.54 16.87 8.15
N GLU C 750 -77.26 17.39 9.35
CA GLU C 750 -76.08 16.98 10.08
C GLU C 750 -76.15 15.52 10.48
N LYS C 751 -77.35 14.97 10.67
CA LYS C 751 -77.47 13.53 10.87
C LYS C 751 -76.97 12.76 9.65
N LEU C 752 -77.27 13.27 8.47
CA LEU C 752 -76.79 12.64 7.24
C LEU C 752 -75.30 12.87 7.05
N ALA C 753 -74.81 14.04 7.45
CA ALA C 753 -73.37 14.28 7.44
C ALA C 753 -72.65 13.30 8.37
N ALA C 754 -73.23 13.04 9.55
CA ALA C 754 -72.66 12.05 10.46
C ALA C 754 -72.70 10.65 9.86
N TRP C 755 -73.77 10.32 9.15
CA TRP C 755 -73.81 9.03 8.47
C TRP C 755 -72.70 8.90 7.45
N CYS C 756 -72.49 9.94 6.64
CA CYS C 756 -71.43 9.85 5.64
C CYS C 756 -70.05 9.89 6.28
N GLN C 757 -69.93 10.54 7.44
CA GLN C 757 -68.65 10.49 8.16
C GLN C 757 -68.38 9.10 8.70
N ALA C 758 -69.41 8.42 9.18
CA ALA C 758 -69.23 7.03 9.56
C ALA C 758 -68.82 6.18 8.37
N LEU C 759 -69.43 6.44 7.21
CA LEU C 759 -69.00 5.77 5.99
C LEU C 759 -67.52 5.98 5.74
N ALA C 760 -67.06 7.23 5.83
CA ALA C 760 -65.66 7.53 5.58
C ALA C 760 -64.75 6.86 6.60
N GLN C 761 -65.18 6.80 7.85
CA GLN C 761 -64.39 6.12 8.88
C GLN C 761 -64.27 4.63 8.56
N ARG C 762 -65.35 4.03 8.07
CA ARG C 762 -65.27 2.62 7.71
C ARG C 762 -64.38 2.42 6.49
N VAL C 763 -64.44 3.32 5.52
CA VAL C 763 -63.51 3.24 4.39
C VAL C 763 -62.09 3.33 4.89
N LEU C 764 -61.85 4.16 5.91
CA LEU C 764 -60.52 4.24 6.50
C LEU C 764 -60.11 2.94 7.15
N VAL C 765 -61.03 2.28 7.86
CA VAL C 765 -60.72 0.98 8.44
C VAL C 765 -60.36 -0.01 7.34
N ILE C 766 -61.03 0.10 6.19
CA ILE C 766 -60.73 -0.80 5.08
C ILE C 766 -59.37 -0.47 4.48
N ARG C 767 -59.05 0.82 4.38
CA ARG C 767 -57.83 1.25 3.70
C ARG C 767 -56.58 1.12 4.55
N THR C 768 -56.69 1.18 5.87
CA THR C 768 -55.55 0.99 6.73
C THR C 768 -55.17 -0.48 6.89
N PHE C 769 -56.08 -1.39 6.62
CA PHE C 769 -55.76 -2.81 6.61
C PHE C 769 -55.60 -3.35 5.20
N THR C 770 -55.97 -2.57 4.18
CA THR C 770 -55.90 -3.00 2.78
C THR C 770 -56.55 -4.35 2.58
N LEU C 771 -57.73 -4.51 3.18
CA LEU C 771 -58.45 -5.77 3.06
C LEU C 771 -59.18 -5.83 1.73
N SER C 772 -59.16 -7.01 1.12
CA SER C 772 -59.60 -7.17 -0.25
C SER C 772 -61.13 -7.14 -0.30
N ASN C 773 -61.68 -7.23 -1.51
CA ASN C 773 -63.13 -7.23 -1.66
C ASN C 773 -63.74 -8.45 -1.00
N ALA C 774 -63.07 -9.59 -1.04
CA ALA C 774 -63.64 -10.80 -0.45
C ALA C 774 -63.58 -10.75 1.07
N GLU C 775 -62.45 -10.28 1.63
CA GLU C 775 -62.40 -10.07 3.07
C GLU C 775 -63.47 -9.09 3.50
N LEU C 776 -63.64 -8.02 2.74
CA LEU C 776 -64.65 -7.02 3.04
C LEU C 776 -66.04 -7.65 3.06
N GLN C 777 -66.34 -8.46 2.06
CA GLN C 777 -67.64 -9.11 1.98
C GLN C 777 -67.84 -10.10 3.10
N THR C 778 -66.77 -10.73 3.59
CA THR C 778 -66.92 -11.63 4.74
C THR C 778 -67.22 -10.83 6.01
N LEU C 779 -66.48 -9.75 6.23
CA LEU C 779 -66.70 -8.93 7.42
C LEU C 779 -67.99 -8.14 7.35
N SER C 780 -68.62 -8.04 6.18
CA SER C 780 -69.80 -7.19 6.07
C SER C 780 -70.95 -7.72 6.92
N GLN C 781 -71.04 -9.03 7.12
CA GLN C 781 -72.16 -9.60 7.86
C GLN C 781 -71.86 -9.62 9.36
N GLY C 782 -71.51 -8.45 9.88
CA GLY C 782 -71.39 -8.32 11.32
C GLY C 782 -70.01 -8.50 11.90
N ALA C 783 -69.04 -7.74 11.41
CA ALA C 783 -67.74 -7.67 12.05
C ALA C 783 -67.67 -6.41 12.90
N PRO C 784 -67.79 -6.50 14.23
CA PRO C 784 -67.80 -5.30 15.05
C PRO C 784 -66.47 -4.57 14.94
N ALA C 785 -66.54 -3.27 14.70
CA ALA C 785 -65.36 -2.42 14.59
C ALA C 785 -65.67 -1.10 15.25
N GLY C 786 -64.68 -0.55 15.96
CA GLY C 786 -64.89 0.71 16.62
C GLY C 786 -64.21 0.81 17.98
N THR C 787 -63.62 -0.28 18.43
CA THR C 787 -62.71 -0.24 19.57
C THR C 787 -61.50 -1.09 19.25
N ILE C 788 -60.45 -0.91 20.05
CA ILE C 788 -59.18 -1.56 19.73
C ILE C 788 -59.26 -3.06 19.96
N THR C 789 -60.08 -3.49 20.92
CA THR C 789 -60.27 -4.92 21.13
C THR C 789 -60.85 -5.59 19.90
N GLU C 790 -61.48 -4.83 19.01
CA GLU C 790 -62.08 -5.40 17.81
C GLU C 790 -61.25 -5.12 16.56
N LEU C 791 -60.58 -3.98 16.49
CA LEU C 791 -59.61 -3.79 15.43
C LEU C 791 -58.52 -4.83 15.50
N TYR C 792 -58.20 -5.31 16.71
CA TYR C 792 -57.26 -6.41 16.82
C TYR C 792 -57.75 -7.63 16.05
N ASN C 793 -58.98 -8.07 16.31
CA ASN C 793 -59.48 -9.28 15.68
C ASN C 793 -59.64 -9.09 14.18
N ILE C 794 -59.98 -7.87 13.76
CA ILE C 794 -59.99 -7.60 12.33
C ILE C 794 -58.61 -7.81 11.73
N SER C 795 -57.58 -7.29 12.39
CA SER C 795 -56.23 -7.47 11.87
C SER C 795 -55.81 -8.93 11.89
N ASP C 796 -56.22 -9.68 12.91
CA ASP C 796 -55.88 -11.10 12.98
C ASP C 796 -56.54 -11.87 11.85
N PHE C 797 -57.82 -11.61 11.60
CA PHE C 797 -58.49 -12.24 10.47
C PHE C 797 -57.81 -11.88 9.16
N HIS C 798 -57.51 -10.59 8.98
CA HIS C 798 -56.83 -10.15 7.77
C HIS C 798 -55.50 -10.85 7.60
N ASN C 799 -54.78 -11.07 8.70
CA ASN C 799 -53.51 -11.78 8.66
C ASN C 799 -53.71 -13.22 8.19
N LEU C 800 -54.70 -13.91 8.76
CA LEU C 800 -54.93 -15.28 8.34
C LEU C 800 -55.31 -15.36 6.87
N ILE C 801 -56.08 -14.39 6.39
CA ILE C 801 -56.50 -14.41 5.00
C ILE C 801 -55.30 -14.17 4.08
N ASN C 802 -54.44 -13.21 4.42
CA ASN C 802 -53.24 -13.03 3.63
C ASN C 802 -52.36 -14.27 3.65
N ARG C 803 -52.36 -15.02 4.75
CA ARG C 803 -51.65 -16.29 4.73
C ARG C 803 -52.28 -17.25 3.73
N CYS C 804 -53.61 -17.35 3.72
CA CYS C 804 -54.27 -18.19 2.73
C CYS C 804 -53.84 -17.83 1.32
N GLY C 805 -53.75 -16.53 1.04
CA GLY C 805 -53.12 -16.08 -0.18
C GLY C 805 -53.91 -16.33 -1.46
N GLU C 806 -53.30 -17.04 -2.41
CA GLU C 806 -53.95 -17.24 -3.70
C GLU C 806 -55.21 -18.09 -3.57
N GLN C 807 -55.35 -18.80 -2.45
CA GLN C 807 -56.52 -19.64 -2.20
C GLN C 807 -57.47 -19.02 -1.18
N ALA C 808 -57.34 -17.73 -0.92
CA ALA C 808 -58.25 -17.08 0.03
C ALA C 808 -59.66 -16.96 -0.52
N GLY C 809 -59.80 -16.93 -1.84
CA GLY C 809 -61.14 -16.91 -2.41
C GLY C 809 -61.96 -18.12 -1.99
N THR C 810 -61.36 -19.30 -2.05
CA THR C 810 -62.05 -20.51 -1.62
C THR C 810 -62.33 -20.52 -0.13
N VAL C 811 -61.37 -20.09 0.69
CA VAL C 811 -61.57 -20.04 2.12
C VAL C 811 -62.76 -19.15 2.45
N LEU C 812 -62.76 -17.93 1.91
CA LEU C 812 -63.84 -17.01 2.20
C LEU C 812 -65.16 -17.44 1.59
N ASP C 813 -65.15 -18.15 0.46
CA ASP C 813 -66.39 -18.65 -0.09
C ASP C 813 -66.99 -19.75 0.79
N ALA C 814 -66.18 -20.75 1.14
CA ALA C 814 -66.69 -21.81 2.02
C ALA C 814 -67.05 -21.28 3.38
N LEU C 815 -66.48 -20.14 3.78
CA LEU C 815 -66.91 -19.52 5.02
C LEU C 815 -68.24 -18.78 4.82
N GLN C 816 -68.44 -18.19 3.65
CA GLN C 816 -69.72 -17.54 3.36
C GLN C 816 -70.85 -18.55 3.32
N SER C 817 -70.61 -19.73 2.76
CA SER C 817 -71.52 -20.85 2.92
C SER C 817 -71.22 -21.50 4.28
N GLY C 818 -71.74 -22.70 4.50
CA GLY C 818 -71.50 -23.34 5.78
C GLY C 818 -70.60 -24.55 5.69
N THR C 819 -69.62 -24.54 4.77
CA THR C 819 -68.82 -25.73 4.53
C THR C 819 -67.32 -25.47 4.62
N LEU C 820 -66.89 -24.51 5.42
CA LEU C 820 -65.46 -24.35 5.67
C LEU C 820 -65.00 -25.46 6.59
N THR C 821 -64.21 -26.37 6.04
CA THR C 821 -63.70 -27.51 6.79
C THR C 821 -62.19 -27.39 6.98
N VAL C 822 -61.70 -28.05 8.02
CA VAL C 822 -60.29 -27.96 8.34
C VAL C 822 -59.45 -28.54 7.21
N LYS C 823 -59.99 -29.47 6.43
CA LYS C 823 -59.22 -30.01 5.31
C LYS C 823 -58.90 -28.93 4.30
N ILE C 824 -59.90 -28.17 3.86
CA ILE C 824 -59.65 -27.13 2.87
C ILE C 824 -58.88 -25.98 3.49
N LEU C 825 -59.13 -25.67 4.76
CA LEU C 825 -58.35 -24.61 5.39
C LEU C 825 -56.87 -24.98 5.49
N ALA C 826 -56.56 -26.22 5.85
CA ALA C 826 -55.18 -26.66 5.90
C ALA C 826 -54.56 -26.70 4.52
N GLN C 827 -55.28 -27.21 3.54
CA GLN C 827 -54.76 -27.24 2.17
C GLN C 827 -54.52 -25.83 1.66
N ALA C 828 -55.27 -24.84 2.17
CA ALA C 828 -55.08 -23.47 1.72
C ALA C 828 -53.93 -22.80 2.45
N LEU C 829 -53.77 -23.10 3.74
CA LEU C 829 -52.69 -22.52 4.52
C LEU C 829 -51.35 -23.23 4.31
N ASN C 830 -51.35 -24.39 3.67
CA ASN C 830 -50.15 -25.21 3.48
C ASN C 830 -49.57 -25.67 4.81
N LEU C 831 -50.46 -25.95 5.76
CA LEU C 831 -50.12 -26.66 6.99
C LEU C 831 -50.92 -27.94 7.05
N SER C 832 -50.77 -28.67 8.15
CA SER C 832 -51.50 -29.92 8.32
C SER C 832 -52.79 -29.71 9.08
N GLU C 833 -53.75 -30.60 8.84
CA GLU C 833 -54.95 -30.65 9.67
C GLU C 833 -54.61 -30.87 11.13
N GLU C 834 -53.57 -31.63 11.40
CA GLU C 834 -53.23 -31.98 12.77
C GLU C 834 -52.50 -30.88 13.50
N VAL C 835 -52.33 -29.71 12.88
CA VAL C 835 -51.92 -28.49 13.56
C VAL C 835 -53.09 -27.55 13.77
N ILE C 836 -54.01 -27.51 12.81
CA ILE C 836 -55.12 -26.57 12.91
C ILE C 836 -56.19 -27.09 13.85
N THR C 837 -56.51 -28.38 13.79
CA THR C 837 -57.45 -28.90 14.77
C THR C 837 -56.95 -28.75 16.19
N GLN C 838 -55.63 -28.60 16.38
CA GLN C 838 -55.06 -28.35 17.70
C GLN C 838 -55.05 -26.87 18.04
N ALA C 839 -54.78 -26.01 17.06
CA ALA C 839 -54.85 -24.58 17.30
C ALA C 839 -56.27 -24.13 17.59
N LEU C 840 -57.27 -24.87 17.10
CA LEU C 840 -58.65 -24.54 17.44
C LEU C 840 -58.96 -24.87 18.89
N THR C 841 -58.38 -25.95 19.41
CA THR C 841 -58.72 -26.43 20.74
C THR C 841 -58.42 -25.40 21.82
N LEU C 842 -57.37 -24.62 21.66
CA LEU C 842 -57.13 -23.50 22.56
C LEU C 842 -58.22 -22.46 22.36
N ALA C 843 -59.06 -22.29 23.39
CA ALA C 843 -60.34 -21.60 23.28
C ALA C 843 -61.22 -22.29 22.24
N GLY C 844 -61.46 -23.57 22.51
CA GLY C 844 -61.98 -24.53 21.56
C GLY C 844 -63.30 -24.25 20.86
N GLN C 845 -63.27 -24.22 19.53
CA GLN C 845 -64.46 -24.32 18.70
C GLN C 845 -64.25 -25.33 17.58
N LYS C 846 -63.68 -26.49 17.93
CA LYS C 846 -62.99 -27.33 16.95
C LYS C 846 -63.82 -27.69 15.73
N PRO C 847 -64.98 -28.34 15.83
CA PRO C 847 -65.57 -28.95 14.64
C PRO C 847 -66.37 -28.00 13.75
N GLU C 848 -66.95 -26.94 14.30
CA GLU C 848 -67.79 -26.03 13.50
C GLU C 848 -67.06 -24.71 13.26
N LEU C 849 -66.40 -24.63 12.10
CA LEU C 849 -65.81 -23.38 11.63
C LEU C 849 -66.86 -22.63 10.85
N THR C 850 -67.60 -21.77 11.54
CA THR C 850 -68.75 -21.11 10.94
C THR C 850 -68.57 -19.62 10.72
N THR C 851 -67.84 -18.93 11.59
CA THR C 851 -67.74 -17.49 11.53
C THR C 851 -66.29 -17.08 11.35
N TRP C 852 -66.11 -15.88 10.81
CA TRP C 852 -64.76 -15.35 10.66
C TRP C 852 -64.09 -15.12 12.01
N ALA C 853 -64.86 -14.90 13.07
CA ALA C 853 -64.26 -14.73 14.39
C ALA C 853 -63.46 -15.94 14.82
N GLN C 854 -63.84 -17.13 14.38
CA GLN C 854 -63.08 -18.33 14.69
C GLN C 854 -61.75 -18.38 13.97
N LEU C 855 -61.61 -17.66 12.86
CA LEU C 855 -60.35 -17.65 12.12
C LEU C 855 -59.36 -16.64 12.66
N ALA C 856 -59.83 -15.56 13.28
CA ALA C 856 -58.91 -14.62 13.90
C ALA C 856 -58.26 -15.17 15.16
N VAL C 857 -58.70 -16.35 15.62
CA VAL C 857 -58.03 -17.00 16.74
C VAL C 857 -56.76 -17.70 16.27
N LEU C 858 -56.72 -18.14 15.02
CA LEU C 858 -55.57 -18.90 14.54
C LEU C 858 -54.26 -18.12 14.59
N PRO C 859 -54.12 -16.95 13.97
CA PRO C 859 -52.79 -16.37 13.75
C PRO C 859 -51.96 -16.23 15.03
N PRO C 860 -52.53 -15.83 16.17
CA PRO C 860 -51.70 -15.80 17.38
C PRO C 860 -51.18 -17.17 17.78
N ARG C 861 -52.04 -18.19 17.77
CA ARG C 861 -51.60 -19.53 18.15
C ARG C 861 -50.59 -20.07 17.16
N LEU C 862 -50.80 -19.83 15.87
CA LEU C 862 -49.86 -20.30 14.87
C LEU C 862 -48.52 -19.61 15.01
N ASP C 863 -48.51 -18.30 15.25
CA ASP C 863 -47.25 -17.60 15.43
C ASP C 863 -46.53 -18.06 16.68
N LEU C 864 -47.26 -18.35 17.75
CA LEU C 864 -46.63 -18.89 18.94
C LEU C 864 -46.02 -20.25 18.71
N ALA C 865 -46.78 -21.18 18.14
CA ALA C 865 -46.26 -22.51 17.83
C ALA C 865 -45.22 -22.49 16.72
N ASP C 866 -45.03 -21.36 16.05
CA ASP C 866 -43.92 -21.25 15.12
C ASP C 866 -42.69 -20.68 15.80
N THR C 867 -42.87 -19.74 16.72
CA THR C 867 -41.72 -19.15 17.41
C THR C 867 -41.16 -20.09 18.46
N LEU C 868 -41.97 -21.02 18.96
CA LEU C 868 -41.46 -22.19 19.69
C LEU C 868 -41.74 -23.40 18.82
N HIS C 869 -40.68 -24.10 18.43
CA HIS C 869 -40.87 -25.16 17.45
C HIS C 869 -41.64 -26.32 18.06
N ILE C 870 -42.93 -26.10 18.34
CA ILE C 870 -43.80 -27.10 18.92
C ILE C 870 -45.17 -26.95 18.25
N THR C 871 -46.00 -27.95 18.46
CA THR C 871 -47.36 -27.88 17.96
C THR C 871 -48.25 -27.19 18.96
N PRO C 872 -49.35 -26.57 18.52
CA PRO C 872 -50.23 -25.89 19.47
C PRO C 872 -50.80 -26.79 20.54
N LYS C 873 -50.90 -28.09 20.29
CA LYS C 873 -51.22 -29.00 21.37
C LYS C 873 -50.16 -28.98 22.45
N ASP C 874 -48.91 -28.68 22.07
CA ASP C 874 -47.82 -28.57 23.02
C ASP C 874 -47.75 -27.20 23.67
N ILE C 875 -48.55 -26.24 23.20
CA ILE C 875 -48.64 -24.94 23.83
C ILE C 875 -49.53 -24.93 25.05
N THR C 876 -50.56 -25.77 25.11
CA THR C 876 -51.38 -25.83 26.31
C THR C 876 -50.58 -26.30 27.50
N THR C 877 -49.61 -27.19 27.29
CA THR C 877 -48.76 -27.62 28.39
C THR C 877 -47.91 -26.48 28.90
N LEU C 878 -47.29 -25.74 27.97
CA LEU C 878 -46.52 -24.57 28.37
C LEU C 878 -47.37 -23.62 29.19
N LEU C 879 -48.63 -23.42 28.79
CA LEU C 879 -49.46 -22.49 29.54
C LEU C 879 -49.91 -23.03 30.89
N THR C 880 -50.28 -24.30 30.99
CA THR C 880 -50.76 -24.75 32.29
C THR C 880 -49.63 -24.91 33.28
N VAL C 881 -48.45 -25.31 32.83
CA VAL C 881 -47.34 -25.48 33.74
C VAL C 881 -46.67 -24.15 34.07
N SER C 882 -46.44 -23.32 33.06
CA SER C 882 -45.74 -22.07 33.29
C SER C 882 -46.54 -21.08 34.13
N GLU C 883 -47.83 -21.31 34.28
CA GLU C 883 -48.70 -20.48 35.11
C GLU C 883 -49.02 -21.14 36.44
N ASN C 884 -48.76 -22.42 36.57
CA ASN C 884 -48.95 -23.09 37.84
C ASN C 884 -47.92 -22.57 38.82
N VAL C 885 -48.27 -22.63 40.10
CA VAL C 885 -47.38 -22.10 41.13
C VAL C 885 -46.50 -23.18 41.73
N ARG C 886 -47.04 -24.38 41.95
CA ARG C 886 -46.28 -25.52 42.46
C ARG C 886 -46.36 -26.63 41.43
N PRO C 887 -45.67 -26.47 40.29
CA PRO C 887 -45.77 -27.47 39.24
C PRO C 887 -45.11 -28.77 39.67
N PHE C 888 -45.68 -29.87 39.21
CA PHE C 888 -45.07 -31.16 39.49
C PHE C 888 -43.75 -31.28 38.75
N TYR C 889 -42.82 -32.00 39.36
CA TYR C 889 -41.53 -32.21 38.72
C TYR C 889 -41.68 -32.98 37.42
N THR C 890 -42.59 -33.94 37.37
CA THR C 890 -42.79 -34.70 36.15
C THR C 890 -43.33 -33.81 35.03
N ASP C 891 -44.32 -32.98 35.35
CA ASP C 891 -44.85 -32.03 34.38
C ASP C 891 -43.77 -31.08 33.89
N LEU C 892 -42.95 -30.57 34.82
CA LEU C 892 -41.90 -29.63 34.46
C LEU C 892 -40.86 -30.29 33.56
N SER C 893 -40.54 -31.55 33.83
CA SER C 893 -39.58 -32.26 32.98
C SER C 893 -40.17 -32.54 31.62
N ALA C 894 -41.45 -32.89 31.55
CA ALA C 894 -42.11 -33.10 30.28
C ALA C 894 -42.20 -31.83 29.46
N LEU C 895 -42.32 -30.67 30.10
CA LEU C 895 -42.29 -29.43 29.35
C LEU C 895 -40.88 -29.09 28.90
N ALA C 896 -39.88 -29.33 29.75
CA ALA C 896 -38.51 -29.03 29.39
C ALA C 896 -38.08 -29.84 28.18
N GLY C 897 -38.28 -31.15 28.23
CA GLY C 897 -37.95 -31.97 27.09
C GLY C 897 -38.71 -31.56 25.85
N LEU C 898 -39.96 -31.15 26.02
CA LEU C 898 -40.74 -30.68 24.89
C LEU C 898 -40.07 -29.49 24.22
N LEU C 899 -39.74 -28.47 25.00
CA LEU C 899 -39.10 -27.28 24.45
C LEU C 899 -37.72 -27.58 23.90
N GLN C 900 -37.04 -28.58 24.44
CA GLN C 900 -35.68 -28.86 24.02
C GLN C 900 -35.61 -29.76 22.79
N ALA C 901 -36.63 -30.57 22.55
CA ALA C 901 -36.62 -31.41 21.35
C ALA C 901 -36.62 -30.56 20.09
N GLY C 902 -37.28 -29.42 20.11
CA GLY C 902 -37.36 -28.60 18.93
C GLY C 902 -36.18 -27.68 18.70
N LEU C 903 -35.09 -27.89 19.42
CA LEU C 903 -33.96 -26.98 19.29
C LEU C 903 -33.02 -27.43 18.18
N ASN C 904 -32.27 -26.47 17.66
CA ASN C 904 -31.20 -26.72 16.71
C ASN C 904 -30.13 -27.58 17.38
N GLU C 905 -29.25 -28.17 16.57
CA GLU C 905 -28.18 -28.97 17.14
C GLU C 905 -27.16 -28.11 17.87
N GLN C 906 -26.67 -27.07 17.23
CA GLN C 906 -25.75 -26.19 17.93
C GLN C 906 -26.47 -25.49 19.07
N GLN C 907 -27.79 -25.35 18.95
CA GLN C 907 -28.55 -24.74 20.03
C GLN C 907 -28.58 -25.63 21.26
N THR C 908 -28.86 -26.91 21.10
CA THR C 908 -28.82 -27.76 22.27
C THR C 908 -27.40 -27.88 22.81
N LYS C 909 -26.38 -27.78 21.95
CA LYS C 909 -25.02 -27.77 22.47
C LYS C 909 -24.77 -26.54 23.32
N GLN C 910 -25.24 -25.37 22.88
CA GLN C 910 -25.06 -24.16 23.67
C GLN C 910 -25.84 -24.23 24.97
N LEU C 911 -27.04 -24.79 24.92
CA LEU C 911 -27.82 -24.97 26.13
C LEU C 911 -27.08 -25.87 27.12
N GLN C 912 -26.45 -26.94 26.63
CA GLN C 912 -25.70 -27.80 27.53
C GLN C 912 -24.47 -27.09 28.07
N ASN C 913 -23.79 -26.31 27.24
CA ASN C 913 -22.64 -25.55 27.71
C ASN C 913 -23.04 -24.57 28.78
N GLN C 914 -24.28 -24.11 28.76
CA GLN C 914 -24.78 -23.23 29.81
C GLN C 914 -25.25 -23.98 31.04
N SER C 915 -25.77 -25.19 30.87
CA SER C 915 -26.37 -25.91 31.99
C SER C 915 -25.35 -26.65 32.82
N GLU C 916 -24.31 -27.17 32.20
CA GLU C 916 -23.35 -27.99 32.93
C GLU C 916 -22.65 -27.22 34.05
N PRO C 917 -22.19 -25.99 33.82
CA PRO C 917 -21.62 -25.22 34.92
C PRO C 917 -22.60 -24.96 36.05
N ARG C 918 -23.86 -24.71 35.73
CA ARG C 918 -24.84 -24.47 36.77
C ARG C 918 -25.04 -25.70 37.64
N ARG C 919 -25.18 -26.88 37.04
CA ARG C 919 -25.35 -28.05 37.86
C ARG C 919 -24.08 -28.43 38.59
N ASN C 920 -22.90 -28.10 38.05
CA ASN C 920 -21.71 -28.27 38.87
C ASN C 920 -21.72 -27.36 40.07
N GLU C 921 -22.16 -26.12 39.87
CA GLU C 921 -22.24 -25.19 40.99
C GLU C 921 -23.15 -25.72 42.07
N ALA C 922 -24.33 -26.18 41.68
CA ALA C 922 -25.27 -26.71 42.66
C ALA C 922 -24.73 -27.97 43.33
N LEU C 923 -24.18 -28.89 42.54
CA LEU C 923 -23.60 -30.09 43.11
C LEU C 923 -22.49 -29.77 44.07
N SER C 924 -21.67 -28.76 43.77
CA SER C 924 -20.56 -28.40 44.63
C SER C 924 -21.07 -27.82 45.93
N GLY C 925 -22.05 -26.93 45.86
CA GLY C 925 -22.64 -26.42 47.08
C GLY C 925 -23.16 -27.55 47.96
N GLU C 926 -23.94 -28.44 47.38
CA GLU C 926 -24.49 -29.52 48.19
C GLU C 926 -23.43 -30.49 48.66
N TYR C 927 -22.35 -30.65 47.90
CA TYR C 927 -21.28 -31.54 48.29
C TYR C 927 -20.63 -31.06 49.56
N ARG C 928 -20.17 -29.82 49.57
CA ARG C 928 -19.54 -29.34 50.78
C ARG C 928 -20.54 -29.11 51.89
N SER C 929 -21.83 -29.06 51.60
CA SER C 929 -22.80 -29.00 52.69
C SER C 929 -23.01 -30.36 53.33
N LEU C 930 -23.06 -31.42 52.55
CA LEU C 930 -23.41 -32.75 53.06
C LEU C 930 -22.19 -33.60 53.34
N VAL C 931 -21.33 -33.84 52.35
CA VAL C 931 -20.16 -34.68 52.54
C VAL C 931 -19.13 -33.97 53.41
N MET C 932 -18.63 -32.83 52.94
CA MET C 932 -17.57 -32.14 53.68
C MET C 932 -18.05 -31.57 55.00
N ASN C 933 -19.35 -31.55 55.24
CA ASN C 933 -19.92 -31.07 56.50
C ASN C 933 -19.45 -29.67 56.84
N ASN C 934 -19.17 -28.86 55.83
CA ASN C 934 -18.65 -27.51 56.03
C ASN C 934 -19.23 -26.59 54.98
N PRO C 935 -20.50 -26.23 55.12
CA PRO C 935 -21.17 -25.45 54.07
C PRO C 935 -20.53 -24.12 53.77
N VAL C 936 -19.73 -23.58 54.68
CA VAL C 936 -19.15 -22.27 54.46
C VAL C 936 -17.86 -22.39 53.66
N ALA C 937 -17.44 -23.59 53.33
CA ALA C 937 -16.18 -23.79 52.64
C ALA C 937 -16.20 -23.12 51.27
N ASP C 938 -15.02 -22.76 50.81
CA ASP C 938 -14.90 -22.24 49.46
C ASP C 938 -15.04 -23.37 48.46
N ARG C 939 -15.36 -23.01 47.21
CA ARG C 939 -15.50 -24.07 46.21
C ARG C 939 -14.15 -24.59 45.78
N ASP C 940 -13.10 -23.80 45.92
CA ASP C 940 -11.76 -24.32 45.66
C ASP C 940 -11.36 -25.39 46.67
N ASP C 941 -11.97 -25.42 47.85
CA ASP C 941 -11.65 -26.49 48.76
C ASP C 941 -12.13 -27.83 48.23
N ILE C 942 -13.19 -27.83 47.42
CA ILE C 942 -13.52 -29.04 46.69
C ILE C 942 -12.42 -29.41 45.71
N TRP C 943 -11.83 -28.43 45.02
CA TRP C 943 -10.73 -28.71 44.14
C TRP C 943 -9.54 -29.30 44.87
N ARG C 944 -9.18 -28.73 46.01
CA ARG C 944 -8.03 -29.20 46.76
C ARG C 944 -8.31 -30.54 47.43
N ASN C 945 -9.56 -30.81 47.77
CA ASN C 945 -9.89 -32.04 48.48
C ASN C 945 -10.20 -33.18 47.54
N LEU C 946 -10.59 -32.89 46.32
CA LEU C 946 -11.05 -33.90 45.40
C LEU C 946 -10.21 -33.97 44.15
N LEU C 947 -9.19 -33.12 44.03
CA LEU C 947 -8.22 -33.14 42.96
C LEU C 947 -8.84 -32.99 41.59
N VAL C 948 -9.94 -32.25 41.48
CA VAL C 948 -10.58 -31.97 40.21
C VAL C 948 -11.11 -30.55 40.25
N ASP C 949 -10.96 -29.83 39.15
CA ASP C 949 -11.47 -28.47 39.08
C ASP C 949 -12.88 -28.47 38.53
N GLY C 950 -13.79 -27.83 39.26
CA GLY C 950 -15.17 -27.79 38.83
C GLY C 950 -15.53 -26.49 38.16
N LYS C 951 -14.72 -25.46 38.35
CA LYS C 951 -15.02 -24.16 37.80
C LYS C 951 -14.66 -24.03 36.34
N VAL C 952 -14.29 -25.13 35.68
CA VAL C 952 -13.95 -25.07 34.27
C VAL C 952 -15.21 -24.82 33.46
N SER C 953 -15.04 -24.30 32.26
CA SER C 953 -16.17 -24.18 31.36
C SER C 953 -16.46 -25.53 30.71
N ALA C 954 -17.58 -25.61 30.02
CA ALA C 954 -17.99 -26.88 29.44
C ALA C 954 -17.21 -27.25 28.20
N GLU C 955 -16.30 -26.39 27.74
CA GLU C 955 -15.53 -26.67 26.53
C GLU C 955 -14.16 -27.25 26.83
N ILE C 956 -13.68 -27.14 28.07
CA ILE C 956 -12.36 -27.65 28.40
C ILE C 956 -12.42 -29.17 28.38
N THR C 957 -11.82 -29.77 27.37
CA THR C 957 -11.79 -31.22 27.22
C THR C 957 -10.40 -31.75 27.49
N THR C 958 -10.34 -32.85 28.23
CA THR C 958 -9.09 -33.54 28.51
C THR C 958 -9.35 -35.03 28.42
N THR C 959 -8.28 -35.80 28.26
CA THR C 959 -8.47 -37.23 28.34
C THR C 959 -8.71 -37.64 29.78
N LEU C 960 -8.73 -38.94 30.01
CA LEU C 960 -9.05 -39.43 31.34
C LEU C 960 -7.80 -39.75 32.13
N LEU C 961 -6.83 -40.39 31.47
CA LEU C 961 -5.51 -40.51 32.07
C LEU C 961 -4.92 -39.15 32.38
N ALA C 962 -5.09 -38.17 31.48
CA ALA C 962 -4.53 -36.86 31.73
C ALA C 962 -5.16 -36.20 32.94
N ASP C 963 -6.44 -36.45 33.18
CA ASP C 963 -7.06 -35.87 34.36
C ASP C 963 -6.58 -36.58 35.62
N ALA C 964 -6.40 -37.89 35.55
CA ALA C 964 -5.81 -38.58 36.69
C ALA C 964 -4.42 -38.07 36.99
N ILE C 965 -3.65 -37.80 35.94
CA ILE C 965 -2.29 -37.29 36.10
C ILE C 965 -2.31 -35.92 36.74
N ALA C 966 -3.14 -35.02 36.23
CA ALA C 966 -3.22 -33.70 36.82
C ALA C 966 -3.67 -33.75 38.27
N GLY C 967 -4.57 -34.68 38.60
CA GLY C 967 -4.99 -34.81 39.98
C GLY C 967 -3.87 -35.26 40.88
N ILE C 968 -3.15 -36.31 40.49
CA ILE C 968 -2.08 -36.78 41.38
C ILE C 968 -0.96 -35.77 41.44
N GLN C 969 -0.75 -34.99 40.38
CA GLN C 969 0.26 -33.96 40.44
C GLN C 969 -0.12 -32.86 41.41
N LEU C 970 -1.36 -32.39 41.36
CA LEU C 970 -1.80 -31.42 42.34
C LEU C 970 -1.68 -31.97 43.74
N TYR C 971 -2.01 -33.24 43.92
CA TYR C 971 -1.89 -33.85 45.24
C TYR C 971 -0.46 -33.85 45.72
N ILE C 972 0.48 -34.20 44.86
CA ILE C 972 1.87 -34.28 45.27
C ILE C 972 2.42 -32.89 45.55
N ASN C 973 2.05 -31.90 44.74
CA ASN C 973 2.49 -30.55 45.04
C ASN C 973 1.96 -30.07 46.37
N ARG C 974 0.68 -30.29 46.64
CA ARG C 974 0.13 -29.80 47.88
C ARG C 974 0.69 -30.53 49.08
N THR C 975 0.98 -31.82 48.96
CA THR C 975 1.56 -32.53 50.08
C THR C 975 3.04 -32.28 50.23
N ILE C 976 3.71 -31.78 49.20
CA ILE C 976 5.12 -31.47 49.29
C ILE C 976 5.34 -30.03 49.73
N ALA C 977 4.32 -29.18 49.58
CA ALA C 977 4.34 -27.83 50.09
C ALA C 977 3.68 -27.70 51.44
N GLY C 978 3.33 -28.81 52.07
CA GLY C 978 2.83 -28.80 53.42
C GLY C 978 1.35 -28.54 53.55
N ASP C 979 0.65 -28.27 52.46
CA ASP C 979 -0.78 -28.02 52.54
C ASP C 979 -1.58 -29.25 52.88
N GLU C 980 -0.99 -30.44 52.79
CA GLU C 980 -1.65 -31.68 53.18
C GLU C 980 -0.88 -32.25 54.35
N PRO C 981 -1.15 -31.80 55.57
CA PRO C 981 -0.33 -32.21 56.71
C PRO C 981 -0.50 -33.69 57.02
N GLY C 982 0.50 -34.24 57.68
CA GLY C 982 0.50 -35.64 58.03
C GLY C 982 1.21 -36.52 57.04
N ALA C 983 1.87 -35.95 56.05
CA ALA C 983 2.53 -36.76 55.04
C ALA C 983 3.67 -37.55 55.65
N ASP C 984 4.11 -38.59 54.93
CA ASP C 984 5.27 -39.36 55.34
C ASP C 984 6.52 -38.58 54.94
N SER C 985 7.14 -37.91 55.91
CA SER C 985 8.34 -37.14 55.59
C SER C 985 9.45 -38.03 55.07
N ASP C 986 9.53 -39.27 55.56
CA ASP C 986 10.54 -40.18 55.06
C ASP C 986 10.32 -40.49 53.59
N ALA C 987 9.06 -40.66 53.18
CA ALA C 987 8.76 -40.87 51.78
C ALA C 987 8.99 -39.62 50.96
N LEU C 988 8.72 -38.45 51.51
CA LEU C 988 9.01 -37.22 50.78
C LEU C 988 10.49 -36.98 50.62
N GLU C 989 11.31 -37.58 51.47
CA GLU C 989 12.76 -37.46 51.33
C GLU C 989 13.32 -38.60 50.46
N ARG C 990 12.71 -38.79 49.31
CA ARG C 990 13.01 -39.93 48.45
C ARG C 990 13.33 -39.42 47.06
N GLN C 991 14.22 -40.11 46.36
CA GLN C 991 14.76 -39.58 45.12
C GLN C 991 13.68 -39.10 44.16
N PHE C 992 12.55 -39.79 44.06
CA PHE C 992 11.52 -39.35 43.14
C PHE C 992 11.05 -37.94 43.46
N PHE C 993 10.81 -37.64 44.73
CA PHE C 993 10.38 -36.32 45.14
C PHE C 993 11.53 -35.35 45.31
N LYS C 994 12.74 -35.85 45.52
CA LYS C 994 13.89 -34.97 45.59
C LYS C 994 14.19 -34.38 44.24
N ASP C 995 14.00 -35.16 43.18
CA ASP C 995 14.10 -34.70 41.81
C ASP C 995 12.73 -34.27 41.29
N TRP C 996 11.85 -33.82 42.18
CA TRP C 996 10.48 -33.56 41.79
C TRP C 996 10.41 -32.39 40.82
N ASP C 997 10.82 -31.21 41.26
CA ASP C 997 10.64 -30.04 40.41
C ASP C 997 11.49 -30.11 39.17
N ALA C 998 12.71 -30.64 39.28
CA ALA C 998 13.60 -30.64 38.13
C ALA C 998 13.13 -31.60 37.06
N CYS C 999 12.79 -32.83 37.44
CA CYS C 999 12.51 -33.87 36.47
C CYS C 999 11.09 -34.40 36.54
N ASN C 1000 10.64 -34.92 37.68
CA ASN C 1000 9.42 -35.71 37.72
C ASN C 1000 8.16 -34.89 37.84
N LYS C 1001 8.25 -33.58 37.95
CA LYS C 1001 7.05 -32.78 38.17
C LYS C 1001 6.15 -32.75 36.96
N ARG C 1002 6.70 -32.67 35.76
CA ARG C 1002 5.91 -32.57 34.54
C ARG C 1002 6.21 -33.75 33.66
N TYR C 1003 5.18 -34.20 32.93
CA TYR C 1003 5.37 -35.35 32.07
C TYR C 1003 6.45 -35.10 31.05
N SER C 1004 6.55 -33.86 30.57
CA SER C 1004 7.57 -33.52 29.59
C SER C 1004 8.95 -33.93 30.08
N THR C 1005 9.36 -33.42 31.23
CA THR C 1005 10.69 -33.68 31.72
C THR C 1005 10.84 -35.05 32.34
N TRP C 1006 9.76 -35.68 32.78
CA TRP C 1006 9.90 -37.08 33.20
C TRP C 1006 10.21 -37.97 32.01
N ALA C 1007 9.48 -37.80 30.91
CA ALA C 1007 9.74 -38.60 29.73
C ALA C 1007 11.11 -38.28 29.16
N GLY C 1008 11.46 -37.00 29.06
CA GLY C 1008 12.75 -36.65 28.50
C GLY C 1008 13.92 -37.16 29.31
N VAL C 1009 13.77 -37.27 30.61
CA VAL C 1009 14.84 -37.77 31.47
C VAL C 1009 14.88 -39.28 31.44
N SER C 1010 13.73 -39.93 31.38
CA SER C 1010 13.72 -41.38 31.31
C SER C 1010 14.26 -41.89 29.99
N GLN C 1011 14.03 -41.16 28.90
CA GLN C 1011 14.57 -41.61 27.63
C GLN C 1011 16.07 -41.48 27.58
N LEU C 1012 16.68 -40.79 28.51
CA LEU C 1012 18.10 -40.51 28.39
C LEU C 1012 18.97 -41.70 28.72
N VAL C 1013 18.43 -42.69 29.41
CA VAL C 1013 19.19 -43.90 29.65
C VAL C 1013 19.13 -44.82 28.45
N TYR C 1014 18.08 -44.73 27.66
CA TYR C 1014 17.87 -45.69 26.59
C TYR C 1014 18.29 -45.14 25.24
N TYR C 1015 18.05 -43.86 24.98
CA TYR C 1015 18.42 -43.24 23.72
C TYR C 1015 19.25 -42.01 24.00
N PRO C 1016 20.47 -42.17 24.48
CA PRO C 1016 21.33 -41.01 24.68
C PRO C 1016 21.70 -40.35 23.38
N GLU C 1017 21.75 -41.09 22.28
CA GLU C 1017 22.06 -40.50 20.99
C GLU C 1017 21.08 -39.40 20.63
N ASN C 1018 19.87 -39.42 21.19
CA ASN C 1018 18.95 -38.33 20.94
C ASN C 1018 19.44 -37.02 21.54
N PHE C 1019 20.25 -37.09 22.59
CA PHE C 1019 20.70 -35.92 23.30
C PHE C 1019 22.19 -35.68 23.19
N VAL C 1020 22.96 -36.67 22.75
CA VAL C 1020 24.38 -36.46 22.55
C VAL C 1020 24.60 -35.40 21.50
N ASP C 1021 25.36 -34.39 21.85
CA ASP C 1021 25.77 -33.38 20.90
C ASP C 1021 27.24 -33.59 20.62
N PRO C 1022 27.61 -33.87 19.36
CA PRO C 1022 29.00 -34.18 19.07
C PRO C 1022 29.97 -33.06 19.34
N THR C 1023 29.49 -31.85 19.61
CA THR C 1023 30.39 -30.72 19.78
C THR C 1023 30.59 -30.43 21.26
N LEU C 1024 29.49 -30.35 22.01
CA LEU C 1024 29.52 -30.03 23.43
C LEU C 1024 29.39 -31.32 24.22
N ARG C 1025 30.38 -31.62 25.03
CA ARG C 1025 30.40 -32.83 25.84
C ARG C 1025 30.97 -32.48 27.21
N THR C 1026 30.43 -33.11 28.25
CA THR C 1026 30.98 -32.87 29.57
C THR C 1026 32.35 -33.53 29.69
N GLY C 1027 33.24 -32.85 30.40
CA GLY C 1027 34.58 -33.39 30.51
C GLY C 1027 35.42 -33.22 29.27
N GLN C 1028 34.99 -32.41 28.32
CA GLN C 1028 35.75 -32.16 27.12
C GLN C 1028 37.05 -31.46 27.49
N THR C 1029 38.17 -31.99 27.00
CA THR C 1029 39.46 -31.44 27.34
C THR C 1029 39.62 -30.03 26.78
N GLY C 1030 40.59 -29.30 27.33
CA GLY C 1030 40.89 -27.99 26.80
C GLY C 1030 41.37 -28.02 25.37
N MET C 1031 42.05 -29.10 24.99
CA MET C 1031 42.48 -29.25 23.61
C MET C 1031 41.29 -29.27 22.68
N MET C 1032 40.31 -30.12 22.97
CA MET C 1032 39.14 -30.20 22.12
C MET C 1032 38.37 -28.90 22.16
N ASN C 1033 38.36 -28.23 23.30
CA ASN C 1033 37.69 -26.94 23.38
C ASN C 1033 38.32 -25.94 22.42
N THR C 1034 39.65 -25.82 22.45
CA THR C 1034 40.30 -24.87 21.56
C THR C 1034 40.22 -25.28 20.11
N MET C 1035 40.06 -26.56 19.82
CA MET C 1035 39.88 -26.93 18.42
C MET C 1035 38.49 -26.57 17.93
N LEU C 1036 37.47 -26.83 18.74
CA LEU C 1036 36.11 -26.42 18.39
C LEU C 1036 36.00 -24.92 18.26
N GLU C 1037 36.68 -24.19 19.13
CA GLU C 1037 36.81 -22.75 18.99
C GLU C 1037 37.30 -22.37 17.60
N GLN C 1038 38.29 -23.07 17.10
CA GLN C 1038 38.89 -22.65 15.83
C GLN C 1038 38.17 -23.20 14.63
N LEU C 1039 37.27 -24.16 14.82
CA LEU C 1039 36.40 -24.60 13.75
C LEU C 1039 35.04 -23.93 13.81
N SER C 1040 34.86 -22.93 14.66
CA SER C 1040 33.56 -22.31 14.85
C SER C 1040 33.28 -21.19 13.87
N GLN C 1041 34.15 -20.96 12.90
CA GLN C 1041 33.84 -20.01 11.86
C GLN C 1041 33.03 -20.67 10.76
N SER C 1042 32.78 -19.94 9.68
CA SER C 1042 31.95 -20.47 8.61
C SER C 1042 32.78 -21.04 7.46
N GLU C 1043 33.98 -20.53 7.25
CA GLU C 1043 34.81 -21.00 6.15
C GLU C 1043 35.72 -22.09 6.68
N LEU C 1044 35.28 -23.33 6.57
CA LEU C 1044 36.08 -24.48 6.96
C LEU C 1044 36.64 -25.12 5.69
N ASN C 1045 37.72 -24.55 5.16
CA ASN C 1045 38.35 -25.18 4.02
C ASN C 1045 39.41 -26.14 4.56
N LYS C 1046 40.01 -26.93 3.67
CA LYS C 1046 40.94 -27.95 4.12
C LYS C 1046 42.12 -27.34 4.85
N ASP C 1047 42.48 -26.11 4.51
CA ASP C 1047 43.62 -25.49 5.17
C ASP C 1047 43.35 -25.21 6.63
N THR C 1048 42.22 -24.58 6.98
CA THR C 1048 41.93 -24.36 8.38
C THR C 1048 41.61 -25.67 9.07
N LEU C 1049 40.99 -26.59 8.35
CA LEU C 1049 40.60 -27.87 8.93
C LEU C 1049 41.79 -28.74 9.26
N GLU C 1050 42.91 -28.52 8.58
CA GLU C 1050 44.14 -29.23 8.87
C GLU C 1050 45.01 -28.47 9.86
N ASN C 1051 45.00 -27.14 9.81
CA ASN C 1051 45.74 -26.39 10.81
C ASN C 1051 45.17 -26.62 12.20
N GLY C 1052 43.86 -26.63 12.32
CA GLY C 1052 43.24 -26.96 13.59
C GLY C 1052 43.66 -28.32 14.09
N PHE C 1053 43.76 -29.29 13.19
CA PHE C 1053 44.09 -30.63 13.64
C PHE C 1053 45.56 -30.76 13.99
N ARG C 1054 46.43 -30.08 13.27
CA ARG C 1054 47.84 -30.08 13.66
C ARG C 1054 48.03 -29.42 15.01
N GLN C 1055 47.27 -28.39 15.31
CA GLN C 1055 47.41 -27.75 16.60
C GLN C 1055 46.85 -28.62 17.71
N TYR C 1056 45.67 -29.20 17.48
CA TYR C 1056 45.16 -30.17 18.42
C TYR C 1056 46.16 -31.27 18.65
N LEU C 1057 46.84 -31.70 17.61
CA LEU C 1057 47.75 -32.82 17.73
C LEU C 1057 49.02 -32.43 18.48
N THR C 1058 49.46 -31.19 18.34
CA THR C 1058 50.56 -30.73 19.16
C THR C 1058 50.20 -30.77 20.64
N ALA C 1059 49.04 -30.23 20.99
CA ALA C 1059 48.62 -30.25 22.38
C ALA C 1059 48.45 -31.68 22.88
N PHE C 1060 47.89 -32.54 22.04
CA PHE C 1060 47.71 -33.94 22.40
C PHE C 1060 49.05 -34.61 22.64
N GLU C 1061 50.02 -34.37 21.77
CA GLU C 1061 51.34 -34.94 21.96
C GLU C 1061 51.92 -34.51 23.29
N GLN C 1062 51.75 -33.24 23.65
CA GLN C 1062 52.31 -32.79 24.90
C GLN C 1062 51.65 -33.47 26.09
N VAL C 1063 50.32 -33.59 26.08
CA VAL C 1063 49.67 -34.24 27.21
C VAL C 1063 49.83 -35.74 27.20
N ALA C 1064 50.27 -36.33 26.11
CA ALA C 1064 50.56 -37.75 26.11
C ALA C 1064 51.98 -38.06 26.53
N ASP C 1065 52.90 -37.11 26.39
CA ASP C 1065 54.28 -37.37 26.80
C ASP C 1065 54.49 -37.25 28.30
N LEU C 1066 53.48 -36.90 29.08
CA LEU C 1066 53.69 -36.60 30.49
C LEU C 1066 54.19 -37.83 31.22
N LYS C 1067 55.29 -37.69 31.93
CA LYS C 1067 55.77 -38.74 32.80
C LYS C 1067 55.47 -38.37 34.24
N VAL C 1068 55.09 -39.35 35.03
CA VAL C 1068 54.68 -39.10 36.41
C VAL C 1068 55.92 -38.92 37.25
N VAL C 1069 55.98 -37.85 38.02
CA VAL C 1069 57.11 -37.59 38.89
C VAL C 1069 56.89 -38.22 40.26
N SER C 1070 55.79 -37.87 40.90
CA SER C 1070 55.55 -38.28 42.27
C SER C 1070 54.06 -38.33 42.51
N GLY C 1071 53.68 -38.99 43.58
CA GLY C 1071 52.29 -39.13 43.93
C GLY C 1071 52.09 -38.98 45.41
N TYR C 1072 50.83 -38.94 45.81
CA TYR C 1072 50.48 -38.91 47.22
C TYR C 1072 49.11 -39.52 47.36
N HIS C 1073 48.98 -40.51 48.22
CA HIS C 1073 47.72 -41.19 48.35
C HIS C 1073 46.88 -40.59 49.47
N ASP C 1074 45.64 -40.32 49.16
CA ASP C 1074 44.74 -39.59 50.04
C ASP C 1074 44.52 -40.24 51.38
N THR C 1075 43.96 -41.45 51.39
CA THR C 1075 43.67 -42.15 52.63
C THR C 1075 44.87 -43.00 53.04
N VAL C 1076 44.69 -43.78 54.10
CA VAL C 1076 45.75 -44.61 54.63
C VAL C 1076 45.65 -46.04 54.14
N ASN C 1077 44.46 -46.49 53.79
CA ASN C 1077 44.29 -47.76 53.12
C ASN C 1077 44.34 -47.54 51.62
N ILE C 1078 45.37 -48.07 50.95
CA ILE C 1078 45.60 -47.77 49.55
C ILE C 1078 44.54 -48.33 48.62
N ASN C 1079 43.52 -48.98 49.14
CA ASN C 1079 42.43 -49.45 48.30
C ASN C 1079 41.28 -48.47 48.22
N GLN C 1080 41.39 -47.33 48.89
CA GLN C 1080 40.32 -46.34 48.94
C GLN C 1080 40.90 -44.96 48.72
N GLY C 1081 40.03 -43.97 48.64
CA GLY C 1081 40.50 -42.61 48.50
C GLY C 1081 41.06 -42.36 47.12
N ASN C 1082 41.81 -41.28 46.96
CA ASN C 1082 42.36 -40.92 45.67
C ASN C 1082 43.86 -40.90 45.74
N THR C 1083 44.49 -40.97 44.58
CA THR C 1083 45.93 -40.86 44.46
C THR C 1083 46.23 -39.68 43.56
N TRP C 1084 46.78 -38.62 44.11
CA TRP C 1084 47.17 -37.49 43.29
C TRP C 1084 48.53 -37.73 42.69
N PHE C 1085 48.65 -37.44 41.41
CA PHE C 1085 49.91 -37.60 40.71
C PHE C 1085 50.42 -36.24 40.27
N ILE C 1086 51.73 -36.12 40.15
CA ILE C 1086 52.35 -34.94 39.58
C ILE C 1086 53.12 -35.43 38.38
N GLY C 1087 52.75 -34.96 37.20
CA GLY C 1087 53.42 -35.32 35.97
C GLY C 1087 54.17 -34.12 35.45
N THR C 1088 55.30 -34.37 34.82
CA THR C 1088 56.07 -33.33 34.18
C THR C 1088 56.13 -33.57 32.68
N SER C 1089 56.44 -32.54 31.94
CA SER C 1089 56.45 -32.64 30.49
C SER C 1089 57.87 -32.83 30.00
N GLN C 1090 57.97 -33.40 28.81
CA GLN C 1090 59.27 -33.59 28.16
C GLN C 1090 59.64 -32.35 27.36
N THR C 1091 59.75 -31.23 28.07
CA THR C 1091 60.17 -29.99 27.46
C THR C 1091 61.28 -29.37 28.29
N GLU C 1092 61.66 -28.14 27.97
CA GLU C 1092 62.61 -27.42 28.79
C GLU C 1092 62.35 -25.92 28.70
N PRO C 1093 61.87 -25.27 29.75
CA PRO C 1093 61.63 -25.79 31.10
C PRO C 1093 60.49 -26.77 31.16
N LYS C 1094 60.35 -27.48 32.27
CA LYS C 1094 59.31 -28.47 32.40
C LYS C 1094 58.03 -27.82 32.86
N LYS C 1095 56.91 -28.39 32.45
CA LYS C 1095 55.60 -27.94 32.86
C LYS C 1095 55.01 -29.04 33.70
N TYR C 1096 54.51 -28.71 34.88
CA TYR C 1096 54.04 -29.72 35.81
C TYR C 1096 52.53 -29.80 35.76
N TYR C 1097 52.00 -31.00 35.79
CA TYR C 1097 50.58 -31.26 35.70
C TYR C 1097 50.15 -32.11 36.88
N TRP C 1098 48.85 -32.22 37.10
CA TRP C 1098 48.38 -33.10 38.16
C TRP C 1098 47.12 -33.83 37.73
N ARG C 1099 47.00 -35.08 38.15
CA ARG C 1099 45.82 -35.90 37.96
C ARG C 1099 45.32 -36.35 39.31
N LYS C 1100 44.43 -37.32 39.27
CA LYS C 1100 43.84 -37.91 40.45
C LYS C 1100 43.24 -39.23 40.01
N ALA C 1101 43.54 -40.29 40.72
CA ALA C 1101 42.99 -41.61 40.44
C ALA C 1101 42.07 -41.99 41.59
N ASP C 1102 40.78 -42.01 41.31
CA ASP C 1102 39.78 -42.33 42.32
C ASP C 1102 39.75 -43.83 42.52
N HIS C 1103 40.21 -44.29 43.69
CA HIS C 1103 40.21 -45.71 43.96
C HIS C 1103 38.84 -46.26 44.28
N SER C 1104 37.85 -45.42 44.51
CA SER C 1104 36.50 -45.91 44.70
C SER C 1104 35.88 -46.41 43.42
N LYS C 1105 36.58 -46.29 42.31
CA LYS C 1105 36.21 -46.91 41.06
C LYS C 1105 37.27 -47.87 40.57
N CYS C 1106 37.75 -48.74 41.46
CA CYS C 1106 38.88 -49.61 41.21
C CYS C 1106 38.61 -50.94 41.88
N GLN C 1107 38.09 -51.89 41.11
CA GLN C 1107 37.96 -53.26 41.57
C GLN C 1107 38.93 -54.15 40.82
N ASN C 1108 39.43 -55.17 41.50
CA ASN C 1108 40.35 -56.13 40.89
C ASN C 1108 41.58 -55.46 40.32
N GLY C 1109 42.06 -54.42 40.97
CA GLY C 1109 43.22 -53.70 40.49
C GLY C 1109 43.06 -53.05 39.15
N ARG C 1110 41.82 -52.86 38.71
CA ARG C 1110 41.54 -52.32 37.40
C ARG C 1110 40.76 -51.03 37.59
N PHE C 1111 41.41 -49.91 37.32
CA PHE C 1111 40.74 -48.63 37.40
C PHE C 1111 39.71 -48.49 36.29
N ALA C 1112 38.50 -48.12 36.64
CA ALA C 1112 37.58 -47.68 35.61
C ALA C 1112 38.18 -46.49 34.88
N ALA C 1113 37.87 -46.38 33.59
CA ALA C 1113 38.48 -45.31 32.81
C ALA C 1113 38.09 -43.94 33.30
N ASN C 1114 36.98 -43.83 34.02
CA ASN C 1114 36.52 -42.57 34.56
C ASN C 1114 36.96 -42.34 35.98
N ALA C 1115 37.78 -43.22 36.54
CA ALA C 1115 38.38 -42.99 37.83
C ALA C 1115 39.55 -42.04 37.74
N TRP C 1116 39.92 -41.63 36.55
CA TRP C 1116 41.07 -40.78 36.33
C TRP C 1116 40.59 -39.41 35.94
N SER C 1117 41.21 -38.38 36.48
CA SER C 1117 40.88 -37.06 36.04
C SER C 1117 41.72 -36.69 34.82
N ASP C 1118 41.50 -35.49 34.33
CA ASP C 1118 42.30 -34.96 33.24
C ASP C 1118 43.62 -34.44 33.79
N TRP C 1119 44.67 -34.53 32.99
CA TRP C 1119 45.90 -33.85 33.35
C TRP C 1119 45.64 -32.35 33.36
N LYS C 1120 45.88 -31.73 34.50
CA LYS C 1120 45.60 -30.30 34.62
C LYS C 1120 46.88 -29.59 34.96
N GLU C 1121 47.15 -28.48 34.30
CA GLU C 1121 48.46 -27.85 34.43
C GLU C 1121 48.59 -27.09 35.75
N ILE C 1122 49.79 -27.11 36.31
CA ILE C 1122 50.14 -26.30 37.47
C ILE C 1122 50.77 -25.01 36.95
N THR C 1123 50.04 -23.91 37.02
CA THR C 1123 50.50 -22.68 36.42
C THR C 1123 51.58 -21.98 37.23
N CYS C 1124 51.76 -22.32 38.49
CA CYS C 1124 52.84 -21.68 39.22
C CYS C 1124 54.17 -22.08 38.62
N ALA C 1125 55.18 -21.26 38.87
CA ALA C 1125 56.52 -21.54 38.38
C ALA C 1125 57.22 -22.43 39.38
N VAL C 1126 57.15 -23.73 39.15
CA VAL C 1126 57.77 -24.71 40.03
C VAL C 1126 59.06 -25.17 39.37
N ASN C 1127 60.17 -25.00 40.08
CA ASN C 1127 61.50 -25.28 39.56
C ASN C 1127 62.23 -26.11 40.59
N PRO C 1128 61.89 -27.37 40.70
CA PRO C 1128 62.39 -28.21 41.78
C PRO C 1128 63.88 -28.48 41.62
N TYR C 1129 64.44 -29.14 42.61
CA TYR C 1129 65.84 -29.48 42.60
C TYR C 1129 65.97 -30.97 42.77
N GLY C 1130 66.64 -31.62 41.83
CA GLY C 1130 66.74 -33.05 41.91
C GLY C 1130 65.42 -33.77 41.90
N ASP C 1131 64.44 -33.22 41.20
CA ASP C 1131 63.16 -33.89 40.98
C ASP C 1131 62.44 -34.15 42.30
N MET C 1132 62.39 -33.13 43.15
CA MET C 1132 61.70 -33.21 44.42
C MET C 1132 60.45 -32.35 44.33
N VAL C 1133 59.34 -32.96 43.92
CA VAL C 1133 58.05 -32.29 43.96
C VAL C 1133 57.11 -33.26 44.65
N ARG C 1134 56.21 -32.75 45.46
CA ARG C 1134 55.30 -33.62 46.17
C ARG C 1134 53.92 -32.97 46.20
N PRO C 1135 52.89 -33.65 45.73
CA PRO C 1135 51.54 -33.24 46.08
C PRO C 1135 51.22 -33.68 47.48
N VAL C 1136 50.28 -32.99 48.09
CA VAL C 1136 49.76 -33.42 49.39
C VAL C 1136 48.41 -32.77 49.57
N ILE C 1137 47.49 -33.53 50.15
CA ILE C 1137 46.15 -33.06 50.42
C ILE C 1137 46.09 -32.62 51.86
N PHE C 1138 46.01 -31.32 52.07
CA PHE C 1138 46.02 -30.74 53.40
C PHE C 1138 44.71 -29.99 53.58
N HIS C 1139 43.82 -30.55 54.38
CA HIS C 1139 42.46 -30.05 54.56
C HIS C 1139 41.72 -30.08 53.23
N SER C 1140 41.69 -31.25 52.63
CA SER C 1140 40.92 -31.53 51.44
C SER C 1140 41.34 -30.68 50.25
N ARG C 1141 42.46 -29.98 50.36
CA ARG C 1141 42.92 -29.08 49.32
C ARG C 1141 44.29 -29.51 48.82
N LEU C 1142 44.44 -29.62 47.51
CA LEU C 1142 45.72 -30.04 46.96
C LEU C 1142 46.77 -28.99 47.19
N TYR C 1143 47.88 -29.39 47.79
CA TYR C 1143 49.05 -28.54 47.96
C TYR C 1143 50.18 -29.12 47.13
N LEU C 1144 50.94 -28.28 46.48
CA LEU C 1144 52.17 -28.69 45.83
C LEU C 1144 53.34 -28.27 46.70
N LEU C 1145 54.49 -28.87 46.45
CA LEU C 1145 55.58 -28.73 47.38
C LEU C 1145 56.86 -29.19 46.71
N TRP C 1146 57.88 -28.34 46.74
CA TRP C 1146 59.13 -28.68 46.09
C TRP C 1146 60.26 -27.98 46.80
N ILE C 1147 61.47 -28.41 46.51
CA ILE C 1147 62.67 -27.85 47.12
C ILE C 1147 63.48 -27.20 46.03
N GLU C 1148 63.87 -25.96 46.26
CA GLU C 1148 64.50 -25.14 45.24
C GLU C 1148 65.93 -24.84 45.66
N LYS C 1149 66.89 -25.24 44.84
CA LYS C 1149 68.30 -24.99 45.11
C LYS C 1149 68.79 -23.81 44.28
N GLN C 1150 69.51 -22.91 44.94
CA GLN C 1150 69.95 -21.67 44.33
C GLN C 1150 71.41 -21.44 44.68
N VAL C 1151 72.25 -21.26 43.66
CA VAL C 1151 73.69 -21.18 43.86
C VAL C 1151 74.08 -19.76 44.24
N GLN C 1152 74.93 -19.63 45.26
CA GLN C 1152 75.35 -18.33 45.76
C GLN C 1152 76.85 -18.23 45.90
N LYS C 1153 77.33 -17.21 46.59
CA LYS C 1153 78.74 -17.07 46.91
C LYS C 1153 78.88 -16.22 48.17
N ASP C 1154 79.73 -16.68 49.09
CA ASP C 1154 79.95 -15.96 50.32
C ASP C 1154 80.64 -14.62 50.04
N ASN C 1155 80.76 -13.80 51.08
CA ASN C 1155 81.62 -12.63 50.95
C ASN C 1155 83.04 -13.04 50.62
N THR C 1156 83.52 -14.12 51.23
CA THR C 1156 84.81 -14.71 50.92
C THR C 1156 84.70 -15.44 49.58
N GLY C 1157 85.78 -16.08 49.15
CA GLY C 1157 85.76 -16.72 47.85
C GLY C 1157 84.85 -17.93 47.77
N LYS C 1158 84.54 -18.56 48.88
CA LYS C 1158 83.77 -19.79 48.90
C LYS C 1158 82.38 -19.57 48.34
N ASP C 1159 81.91 -20.55 47.57
CA ASP C 1159 80.65 -20.44 46.84
C ASP C 1159 79.69 -21.49 47.35
N THR C 1160 78.68 -21.06 48.08
CA THR C 1160 77.71 -21.94 48.67
C THR C 1160 76.52 -22.15 47.73
N ALA C 1161 75.45 -22.66 48.30
CA ALA C 1161 74.22 -22.99 47.58
C ALA C 1161 73.10 -23.01 48.61
N SER C 1162 72.11 -22.15 48.43
CA SER C 1162 71.04 -22.03 49.41
C SER C 1162 69.83 -22.82 48.94
N PHE C 1163 69.15 -23.45 49.89
CA PHE C 1163 67.98 -24.29 49.62
C PHE C 1163 66.73 -23.66 50.20
N THR C 1164 65.64 -23.79 49.48
CA THR C 1164 64.39 -23.20 49.89
C THR C 1164 63.29 -24.22 49.69
N LEU C 1165 62.41 -24.35 50.68
CA LEU C 1165 61.22 -25.14 50.51
C LEU C 1165 60.07 -24.25 50.10
N LYS C 1166 59.40 -24.61 49.03
CA LYS C 1166 58.31 -23.80 48.51
C LYS C 1166 57.03 -24.61 48.56
N LEU C 1167 55.92 -23.91 48.77
CA LEU C 1167 54.67 -24.58 49.09
C LEU C 1167 53.52 -23.74 48.56
N THR C 1168 52.68 -24.31 47.72
CA THR C 1168 51.56 -23.61 47.13
C THR C 1168 50.34 -24.51 47.10
N HIS C 1169 49.20 -23.97 46.69
CA HIS C 1169 47.98 -24.75 46.66
C HIS C 1169 47.04 -24.19 45.60
N VAL C 1170 46.06 -25.01 45.21
CA VAL C 1170 45.01 -24.55 44.32
C VAL C 1170 44.01 -23.71 45.09
N LYS C 1171 43.65 -22.58 44.51
CA LYS C 1171 42.55 -21.80 45.00
C LYS C 1171 41.26 -22.37 44.43
N TYR C 1172 40.12 -21.86 44.89
CA TYR C 1172 38.87 -22.45 44.46
C TYR C 1172 38.66 -22.30 42.97
N ASP C 1173 39.16 -21.22 42.38
CA ASP C 1173 39.02 -21.01 40.95
C ASP C 1173 40.12 -21.68 40.15
N GLY C 1174 40.77 -22.68 40.71
CA GLY C 1174 41.71 -23.46 39.96
C GLY C 1174 43.04 -22.81 39.70
N SER C 1175 43.23 -21.56 40.09
CA SER C 1175 44.53 -20.97 40.01
C SER C 1175 45.36 -21.40 41.20
N TRP C 1176 46.66 -21.15 41.13
CA TRP C 1176 47.59 -21.61 42.14
C TRP C 1176 48.05 -20.42 42.96
N ALA C 1177 48.10 -20.60 44.26
CA ALA C 1177 48.50 -19.50 45.11
C ALA C 1177 49.98 -19.22 44.95
N SER C 1178 50.37 -18.01 45.28
CA SER C 1178 51.76 -17.64 45.26
C SER C 1178 52.50 -18.41 46.36
N PRO C 1179 53.62 -19.04 46.03
CA PRO C 1179 54.19 -20.02 46.95
C PRO C 1179 54.82 -19.38 48.15
N PHE C 1180 54.58 -19.96 49.31
CA PHE C 1180 55.30 -19.60 50.51
C PHE C 1180 56.71 -20.13 50.38
N SER C 1181 57.61 -19.68 51.22
CA SER C 1181 58.97 -20.18 51.14
C SER C 1181 59.53 -20.30 52.53
N TYR C 1182 60.37 -21.30 52.74
CA TYR C 1182 61.00 -21.54 54.01
C TYR C 1182 62.46 -21.84 53.75
N ASP C 1183 63.35 -21.09 54.39
CA ASP C 1183 64.77 -21.35 54.20
C ASP C 1183 65.13 -22.65 54.90
N ILE C 1184 65.81 -23.52 54.18
CA ILE C 1184 66.03 -24.89 54.58
C ILE C 1184 67.49 -25.18 54.82
N THR C 1185 68.36 -24.51 54.07
CA THR C 1185 69.79 -24.82 54.11
C THR C 1185 70.32 -24.68 55.53
N GLU C 1186 70.65 -25.80 56.15
CA GLU C 1186 71.38 -25.79 57.41
C GLU C 1186 72.50 -26.83 57.34
N LYS C 1187 73.60 -26.48 56.69
CA LYS C 1187 74.90 -27.13 56.87
C LYS C 1187 74.88 -28.63 56.57
N ASN C 1188 73.75 -29.17 56.20
CA ASN C 1188 73.69 -30.61 56.08
C ASN C 1188 73.00 -31.08 54.80
N ILE C 1189 71.89 -30.45 54.42
CA ILE C 1189 71.29 -30.76 53.12
C ILE C 1189 72.20 -30.29 52.01
N SER C 1190 72.94 -29.22 52.22
CA SER C 1190 74.00 -28.88 51.29
C SER C 1190 74.99 -30.02 51.16
N GLY C 1191 75.19 -30.78 52.23
CA GLY C 1191 76.14 -31.85 52.25
C GLY C 1191 75.64 -33.19 51.78
N TRP C 1192 74.33 -33.39 51.73
CA TRP C 1192 73.82 -34.65 51.25
C TRP C 1192 74.08 -34.78 49.76
N LYS C 1193 73.64 -35.90 49.21
CA LYS C 1193 73.73 -36.15 47.78
C LYS C 1193 72.64 -37.15 47.48
N LYS C 1194 71.89 -36.91 46.42
CA LYS C 1194 70.68 -37.68 46.18
C LYS C 1194 69.75 -37.61 47.36
N THR C 1195 69.16 -36.45 47.63
CA THR C 1195 68.15 -36.37 48.67
C THR C 1195 66.75 -36.56 48.09
N GLY C 1196 65.77 -36.67 48.98
CA GLY C 1196 64.38 -36.76 48.58
C GLY C 1196 63.51 -36.25 49.69
N LEU C 1197 62.37 -35.69 49.33
CA LEU C 1197 61.52 -35.07 50.35
C LEU C 1197 60.25 -35.88 50.54
N TYR C 1198 59.68 -35.75 51.72
CA TYR C 1198 58.51 -36.50 52.13
C TYR C 1198 57.46 -35.50 52.58
N CYS C 1199 56.20 -35.80 52.34
CA CYS C 1199 55.15 -34.90 52.76
C CYS C 1199 53.87 -35.68 52.98
N ALA C 1200 53.23 -35.46 54.11
CA ALA C 1200 52.00 -36.16 54.44
C ALA C 1200 51.21 -35.34 55.42
N ALA C 1201 49.90 -35.37 55.27
CA ALA C 1201 49.03 -34.72 56.24
C ALA C 1201 48.92 -35.58 57.49
N SER C 1202 48.28 -35.05 58.50
CA SER C 1202 48.13 -35.75 59.77
C SER C 1202 46.66 -35.76 60.17
N GLN C 1203 46.15 -36.93 60.53
CA GLN C 1203 44.77 -37.00 61.02
C GLN C 1203 44.64 -36.43 62.43
N GLU C 1204 45.74 -36.38 63.18
CA GLU C 1204 45.79 -35.75 64.48
C GLU C 1204 46.61 -34.47 64.34
N ASP C 1205 46.17 -33.40 65.01
CA ASP C 1205 46.91 -32.14 64.97
C ASP C 1205 47.11 -31.69 63.53
N ASN C 1206 46.00 -31.32 62.90
CA ASN C 1206 46.00 -30.99 61.49
C ASN C 1206 47.16 -30.08 61.15
N SER C 1207 48.13 -30.65 60.44
CA SER C 1207 49.34 -29.96 60.07
C SER C 1207 49.95 -30.73 58.90
N LEU C 1208 51.12 -30.31 58.46
CA LEU C 1208 51.83 -30.95 57.37
C LEU C 1208 53.17 -31.40 57.89
N LEU C 1209 53.41 -32.69 57.88
CA LEU C 1209 54.74 -33.18 58.19
C LEU C 1209 55.53 -33.19 56.90
N ILE C 1210 56.49 -32.30 56.78
CA ILE C 1210 57.43 -32.28 55.67
C ILE C 1210 58.76 -32.78 56.17
N ALA C 1211 59.51 -33.46 55.33
CA ALA C 1211 60.77 -34.04 55.77
C ALA C 1211 61.62 -34.32 54.55
N TRP C 1212 62.78 -33.69 54.47
CA TRP C 1212 63.78 -34.05 53.49
C TRP C 1212 64.79 -34.97 54.16
N TYR C 1213 65.20 -36.00 53.46
CA TYR C 1213 66.06 -36.99 54.05
C TYR C 1213 67.13 -37.36 53.04
N GLN C 1214 68.27 -37.83 53.54
CA GLN C 1214 69.31 -38.31 52.66
C GLN C 1214 68.93 -39.66 52.08
N ILE C 1215 69.40 -39.93 50.88
CA ILE C 1215 69.20 -41.24 50.29
C ILE C 1215 70.56 -41.94 50.21
N GLU C 1216 70.54 -43.22 50.51
CA GLU C 1216 71.65 -44.12 50.21
C GLU C 1216 71.03 -45.38 49.65
N LYS C 1217 71.76 -46.49 49.64
CA LYS C 1217 71.10 -47.76 49.41
C LYS C 1217 69.88 -47.90 50.30
N GLU C 1218 70.03 -47.56 51.58
CA GLU C 1218 68.94 -47.51 52.54
C GLU C 1218 68.40 -46.09 52.61
N THR C 1219 67.20 -45.97 53.14
CA THR C 1219 66.56 -44.67 53.24
C THR C 1219 67.06 -43.95 54.48
N GLN C 1220 67.14 -42.64 54.39
CA GLN C 1220 67.15 -41.77 55.55
C GLN C 1220 68.27 -42.07 56.53
N PRO C 1221 69.53 -42.09 56.12
CA PRO C 1221 70.59 -41.98 57.11
C PRO C 1221 70.42 -40.73 57.96
N ASN C 1222 70.14 -39.59 57.34
CA ASN C 1222 69.85 -38.36 58.06
C ASN C 1222 68.58 -37.77 57.47
N SER C 1223 67.82 -37.09 58.32
CA SER C 1223 66.55 -36.54 57.88
C SER C 1223 66.19 -35.36 58.77
N PHE C 1224 65.75 -34.29 58.13
CA PHE C 1224 65.29 -33.10 58.83
C PHE C 1224 63.81 -32.94 58.56
N GLY C 1225 63.06 -32.58 59.59
CA GLY C 1225 61.62 -32.47 59.49
C GLY C 1225 61.16 -31.03 59.60
N LEU C 1226 59.85 -30.87 59.59
CA LEU C 1226 59.21 -29.57 59.60
C LEU C 1226 57.73 -29.79 59.74
N HIS C 1227 57.08 -28.99 60.57
CA HIS C 1227 55.64 -29.03 60.69
C HIS C 1227 55.09 -27.69 60.23
N ILE C 1228 53.90 -27.72 59.64
CA ILE C 1228 53.32 -26.51 59.08
C ILE C 1228 51.87 -26.43 59.50
N GLN C 1229 51.54 -25.40 60.27
CA GLN C 1229 50.17 -25.17 60.70
C GLN C 1229 49.40 -24.56 59.54
N PRO C 1230 48.07 -24.64 59.56
CA PRO C 1230 47.30 -24.09 58.45
C PRO C 1230 47.51 -22.60 58.24
N ASP C 1231 48.00 -21.87 59.24
CA ASP C 1231 48.44 -20.51 59.00
C ASP C 1231 49.76 -20.46 58.25
N MET C 1232 50.25 -21.62 57.82
CA MET C 1232 51.50 -21.72 57.08
C MET C 1232 52.65 -21.08 57.84
N SER C 1233 52.90 -21.59 59.04
CA SER C 1233 54.01 -21.16 59.88
C SER C 1233 54.90 -22.34 60.23
N CYS C 1234 56.18 -22.19 59.95
CA CYS C 1234 57.18 -23.20 60.24
C CYS C 1234 57.16 -23.55 61.72
N LYS C 1235 57.34 -24.84 62.00
CA LYS C 1235 57.54 -25.31 63.37
C LYS C 1235 58.40 -26.56 63.29
N LYS C 1236 59.69 -26.40 63.51
CA LYS C 1236 60.64 -27.48 63.27
C LYS C 1236 60.31 -28.69 64.12
N GLU C 1237 60.05 -29.81 63.47
CA GLU C 1237 59.92 -31.07 64.18
C GLU C 1237 61.30 -31.52 64.63
N PRO C 1238 61.56 -31.59 65.94
CA PRO C 1238 62.94 -31.83 66.38
C PRO C 1238 63.38 -33.26 66.23
N ASN C 1239 62.47 -34.22 66.33
CA ASN C 1239 62.82 -35.63 66.27
C ASN C 1239 61.95 -36.27 65.21
N ILE C 1240 62.36 -36.18 63.95
CA ILE C 1240 61.61 -36.77 62.86
C ILE C 1240 62.20 -38.08 62.40
N ALA C 1241 63.49 -38.31 62.57
CA ALA C 1241 64.04 -39.61 62.28
C ALA C 1241 63.27 -40.72 63.00
N GLY C 1242 62.57 -40.36 64.07
CA GLY C 1242 61.66 -41.29 64.70
C GLY C 1242 60.31 -41.41 64.02
N ILE C 1243 59.86 -40.34 63.36
CA ILE C 1243 58.59 -40.40 62.64
C ILE C 1243 58.79 -41.03 61.27
N LEU C 1244 59.85 -40.64 60.57
CA LEU C 1244 60.19 -41.33 59.34
C LEU C 1244 60.51 -42.78 59.56
N ALA C 1245 60.84 -43.17 60.79
CA ALA C 1245 61.13 -44.56 61.07
C ALA C 1245 59.91 -45.45 60.89
N THR C 1246 58.72 -44.96 61.20
CA THR C 1246 57.51 -45.74 61.06
C THR C 1246 57.05 -45.84 59.62
N VAL C 1247 57.25 -44.80 58.83
CA VAL C 1247 56.79 -44.78 57.45
C VAL C 1247 57.92 -44.97 56.46
N THR C 1248 58.97 -45.69 56.82
CA THR C 1248 60.08 -45.89 55.90
C THR C 1248 59.69 -46.72 54.68
N HIS C 1249 58.52 -47.33 54.67
CA HIS C 1249 58.11 -48.04 53.46
C HIS C 1249 57.64 -47.11 52.38
N GLN C 1250 57.33 -45.86 52.72
CA GLN C 1250 56.88 -44.87 51.75
C GLN C 1250 57.99 -43.96 51.27
N LEU C 1251 59.20 -44.17 51.73
CA LEU C 1251 60.27 -43.24 51.44
C LEU C 1251 61.08 -43.72 50.24
N ASP C 1252 61.62 -42.77 49.49
CA ASP C 1252 62.39 -43.13 48.31
C ASP C 1252 63.68 -43.83 48.72
N THR C 1253 64.24 -44.58 47.80
CA THR C 1253 65.59 -45.11 47.91
C THR C 1253 66.34 -44.67 46.67
N GLU C 1254 67.57 -45.17 46.52
CA GLU C 1254 68.34 -44.77 45.36
C GLU C 1254 67.74 -45.29 44.06
N THR C 1255 66.83 -46.25 44.13
CA THR C 1255 66.34 -46.92 42.94
C THR C 1255 64.82 -46.99 42.83
N THR C 1256 64.09 -46.67 43.89
CA THR C 1256 62.64 -46.75 43.82
C THR C 1256 62.03 -45.40 44.14
N VAL C 1257 60.78 -45.24 43.72
CA VAL C 1257 59.99 -44.04 43.98
C VAL C 1257 58.65 -44.49 44.51
N ARG C 1258 58.30 -44.05 45.71
CA ARG C 1258 57.11 -44.54 46.38
C ARG C 1258 56.22 -43.38 46.73
N VAL C 1259 54.90 -43.55 46.57
CA VAL C 1259 54.00 -42.46 46.89
C VAL C 1259 53.68 -42.51 48.37
N ASN C 1260 53.45 -41.35 48.96
CA ASN C 1260 53.17 -41.27 50.38
C ASN C 1260 51.68 -41.34 50.61
N THR C 1261 51.29 -41.83 51.77
CA THR C 1261 49.92 -41.81 52.20
C THR C 1261 49.84 -40.94 53.44
N LEU C 1262 48.62 -40.57 53.84
CA LEU C 1262 48.54 -39.71 55.00
C LEU C 1262 49.02 -40.44 56.24
N LEU C 1263 49.30 -39.67 57.28
CA LEU C 1263 49.84 -40.26 58.49
C LEU C 1263 48.76 -40.99 59.25
N ASN C 1264 49.09 -42.18 59.72
CA ASN C 1264 48.18 -42.95 60.55
C ASN C 1264 47.91 -42.22 61.85
N ARG C 1265 46.70 -42.40 62.36
CA ARG C 1265 46.44 -42.07 63.75
C ARG C 1265 47.26 -42.99 64.63
N ILE C 1266 47.71 -42.48 65.77
CA ILE C 1266 48.43 -43.37 66.69
C ILE C 1266 47.48 -44.35 67.35
N SER C 1267 46.21 -44.01 67.49
CA SER C 1267 45.25 -44.82 68.20
C SER C 1267 43.91 -44.82 67.47
N SER C 1268 43.49 -46.00 67.01
CA SER C 1268 42.26 -46.15 66.27
C SER C 1268 41.09 -46.36 67.21
N PHE C 1269 40.05 -45.56 67.05
CA PHE C 1269 38.89 -45.62 67.93
C PHE C 1269 37.87 -46.59 67.36
N GLU C 1270 37.16 -47.27 68.25
CA GLU C 1270 36.10 -48.18 67.86
C GLU C 1270 34.94 -47.99 68.83
N PHE C 1271 33.73 -48.06 68.30
CA PHE C 1271 32.53 -47.78 69.08
C PHE C 1271 31.53 -48.92 68.91
N THR C 1272 31.43 -49.75 69.94
CA THR C 1272 30.39 -50.78 69.96
C THR C 1272 29.03 -50.10 69.93
N LEU C 1273 28.16 -50.56 69.04
CA LEU C 1273 26.95 -49.84 68.72
C LEU C 1273 25.99 -49.72 69.89
N GLU C 1274 26.09 -50.58 70.90
CA GLU C 1274 25.16 -50.52 72.01
C GLU C 1274 25.57 -51.54 73.06
N LYS C 1275 25.16 -51.28 74.29
CA LYS C 1275 25.12 -52.30 75.32
C LYS C 1275 23.68 -52.57 75.74
N GLN C 1276 22.93 -51.52 76.09
CA GLN C 1276 21.50 -51.64 76.38
C GLN C 1276 20.83 -50.37 75.87
N GLU C 1277 19.55 -50.44 75.53
CA GLU C 1277 18.88 -49.27 74.98
C GLU C 1277 17.68 -48.79 75.78
N GLY C 1278 17.28 -49.50 76.82
CA GLY C 1278 16.17 -49.04 77.65
C GLY C 1278 14.82 -49.06 76.95
N ASN C 1279 14.13 -47.92 76.97
CA ASN C 1279 12.81 -47.79 76.35
C ASN C 1279 12.90 -47.98 74.85
N LYS C 1280 12.32 -49.07 74.36
CA LYS C 1280 12.44 -49.46 72.94
C LYS C 1280 11.31 -48.81 72.14
N GLU C 1281 11.15 -47.52 72.34
CA GLU C 1281 10.26 -46.74 71.50
C GLU C 1281 10.99 -45.62 70.79
N ILE C 1282 11.92 -44.97 71.47
CA ILE C 1282 12.80 -43.97 70.89
C ILE C 1282 14.14 -44.64 70.61
N ASP C 1283 14.56 -44.64 69.36
CA ASP C 1283 15.76 -45.37 68.97
C ASP C 1283 16.98 -44.87 69.74
N LEU C 1284 17.08 -43.56 69.94
CA LEU C 1284 18.09 -42.94 70.81
C LEU C 1284 19.49 -43.43 70.50
N VAL C 1285 19.91 -43.22 69.27
CA VAL C 1285 21.24 -43.59 68.81
C VAL C 1285 22.07 -42.32 68.71
N ILE C 1286 23.35 -42.43 69.05
CA ILE C 1286 24.28 -41.32 68.99
C ILE C 1286 25.19 -41.52 67.78
N SER C 1287 25.96 -40.50 67.45
CA SER C 1287 27.00 -40.65 66.43
C SER C 1287 28.16 -39.73 66.78
N HIS C 1288 29.34 -40.33 66.94
CA HIS C 1288 30.55 -39.59 67.29
C HIS C 1288 31.08 -38.93 66.03
N GLY C 1289 30.83 -37.64 65.87
CA GLY C 1289 31.29 -36.96 64.67
C GLY C 1289 32.79 -37.01 64.52
N ASP C 1290 33.51 -36.26 65.33
CA ASP C 1290 34.96 -36.26 65.32
C ASP C 1290 35.45 -36.88 66.62
N TYR C 1291 36.66 -37.44 66.59
CA TYR C 1291 37.25 -37.95 67.83
C TYR C 1291 38.75 -37.98 67.67
N THR C 1292 39.47 -37.60 68.72
CA THR C 1292 40.91 -37.64 68.76
C THR C 1292 41.35 -37.50 70.20
N VAL C 1293 42.65 -37.54 70.44
CA VAL C 1293 43.20 -37.31 71.75
C VAL C 1293 44.25 -36.24 71.64
N LYS C 1294 44.18 -35.26 72.53
CA LYS C 1294 45.15 -34.18 72.58
C LYS C 1294 46.41 -34.70 73.29
N THR C 1295 47.25 -33.79 73.79
CA THR C 1295 48.42 -34.23 74.55
C THR C 1295 48.03 -35.04 75.77
N GLU C 1296 46.92 -34.72 76.43
CA GLU C 1296 46.55 -35.35 77.68
C GLU C 1296 45.07 -35.69 77.83
N ASN C 1297 44.22 -35.34 76.86
CA ASN C 1297 42.79 -35.55 77.02
C ASN C 1297 42.16 -35.87 75.68
N SER C 1298 41.06 -36.62 75.75
CA SER C 1298 40.37 -37.09 74.55
C SER C 1298 39.16 -36.20 74.33
N ILE C 1299 39.11 -35.57 73.17
CA ILE C 1299 37.98 -34.74 72.80
C ILE C 1299 37.10 -35.53 71.86
N SER C 1300 35.83 -35.14 71.79
CA SER C 1300 34.87 -35.83 70.96
C SER C 1300 33.75 -34.86 70.60
N ALA C 1301 33.00 -35.22 69.56
CA ALA C 1301 31.86 -34.44 69.12
C ALA C 1301 30.70 -35.40 68.95
N LEU C 1302 29.58 -35.09 69.57
CA LEU C 1302 28.47 -36.02 69.68
C LEU C 1302 27.18 -35.40 69.16
N ILE C 1303 26.37 -36.23 68.50
CA ILE C 1303 25.04 -35.83 68.06
C ILE C 1303 24.06 -36.96 68.39
N LEU C 1304 22.89 -36.56 68.86
CA LEU C 1304 21.93 -37.51 69.41
C LEU C 1304 20.61 -37.40 68.66
N ASN C 1305 20.07 -38.54 68.24
CA ASN C 1305 18.89 -38.55 67.37
C ASN C 1305 17.79 -39.43 67.95
N PRO C 1306 16.69 -38.86 68.41
CA PRO C 1306 15.56 -39.68 68.84
C PRO C 1306 14.54 -39.88 67.71
N THR C 1307 13.49 -40.66 68.02
CA THR C 1307 12.42 -40.87 67.05
C THR C 1307 11.40 -39.72 67.07
N ALA C 1308 10.64 -39.60 68.15
CA ALA C 1308 9.64 -38.55 68.33
C ALA C 1308 8.60 -38.57 67.19
N TYR C 1309 7.82 -39.64 67.17
CA TYR C 1309 6.80 -39.86 66.16
C TYR C 1309 5.41 -39.92 66.80
N ILE C 1310 4.43 -40.33 66.01
CA ILE C 1310 3.02 -40.31 66.39
C ILE C 1310 2.79 -41.34 67.49
N ASN C 1311 1.58 -41.33 68.06
CA ASN C 1311 1.06 -42.29 69.03
C ASN C 1311 1.59 -42.03 70.44
N ILE C 1312 2.05 -40.81 70.72
CA ILE C 1312 2.28 -40.41 72.11
C ILE C 1312 0.92 -40.25 72.77
N THR C 1313 0.52 -41.23 73.58
CA THR C 1313 -0.73 -41.48 74.29
C THR C 1313 -0.73 -40.74 75.63
N PRO C 1314 -1.83 -40.06 76.00
CA PRO C 1314 -3.09 -39.98 75.25
C PRO C 1314 -3.05 -38.99 74.10
N TYR C 1315 -4.21 -38.73 73.51
CA TYR C 1315 -4.33 -37.81 72.40
C TYR C 1315 -5.12 -36.59 72.81
N LYS C 1316 -4.91 -35.50 72.09
CA LYS C 1316 -5.81 -34.35 72.17
C LYS C 1316 -6.56 -34.12 70.87
N LEU C 1317 -5.89 -33.98 69.71
CA LEU C 1317 -4.43 -33.86 69.52
C LEU C 1317 -4.12 -32.49 68.97
N PHE C 1318 -4.92 -31.51 69.38
CA PHE C 1318 -5.05 -30.27 68.62
C PHE C 1318 -3.71 -29.57 68.46
N SER C 1319 -3.13 -29.11 69.56
CA SER C 1319 -2.02 -28.18 69.50
C SER C 1319 -0.85 -28.67 70.33
N ASP C 1320 0.34 -28.40 69.82
CA ASP C 1320 1.59 -28.61 70.55
C ASP C 1320 2.24 -27.26 70.81
N ILE C 1321 2.38 -26.92 72.08
CA ILE C 1321 3.10 -25.72 72.49
C ILE C 1321 4.53 -26.13 72.77
N PRO C 1322 5.50 -25.62 72.01
CA PRO C 1322 6.91 -25.96 72.20
C PRO C 1322 7.64 -24.90 73.01
N ILE C 1447 -4.35 -37.11 82.41
CA ILE C 1447 -2.99 -37.00 82.94
C ILE C 1447 -2.00 -37.49 81.90
N ALA C 1448 -0.94 -36.72 81.65
CA ALA C 1448 -0.03 -37.03 80.55
C ALA C 1448 1.36 -36.48 80.87
N GLN C 1449 2.18 -36.40 79.83
CA GLN C 1449 3.60 -36.08 79.93
C GLN C 1449 3.85 -34.60 79.64
N VAL C 1450 5.11 -34.25 79.38
CA VAL C 1450 5.53 -32.88 79.13
C VAL C 1450 5.32 -32.57 77.65
N LYS C 1451 4.26 -31.81 77.35
CA LYS C 1451 4.10 -31.25 76.01
C LYS C 1451 4.82 -29.92 75.86
N THR C 1452 5.29 -29.35 76.97
CA THR C 1452 5.99 -28.06 77.01
C THR C 1452 7.51 -28.23 76.95
N ILE C 1453 8.23 -27.18 77.31
CA ILE C 1453 9.68 -27.02 77.21
C ILE C 1453 10.45 -28.30 77.50
N SER C 1454 11.51 -28.55 76.73
CA SER C 1454 12.36 -29.73 76.85
C SER C 1454 13.79 -29.36 77.26
N SER C 1455 13.92 -28.53 78.29
CA SER C 1455 15.21 -28.02 78.72
C SER C 1455 16.06 -29.09 79.41
N ASP C 1456 17.35 -29.13 79.05
CA ASP C 1456 18.32 -29.99 79.70
C ASP C 1456 17.89 -31.45 79.71
N ASP C 1457 17.12 -31.86 78.70
CA ASP C 1457 16.52 -33.18 78.72
C ASP C 1457 17.51 -34.26 78.34
N ILE C 1458 18.52 -33.92 77.55
CA ILE C 1458 19.48 -34.91 77.08
C ILE C 1458 20.81 -34.64 77.75
N SER C 1459 21.62 -35.68 77.89
CA SER C 1459 22.86 -35.55 78.65
C SER C 1459 23.75 -36.73 78.37
N MET C 1460 25.04 -36.48 78.19
CA MET C 1460 26.03 -37.54 78.05
C MET C 1460 26.80 -37.69 79.36
N GLU C 1461 27.07 -38.92 79.74
CA GLU C 1461 27.79 -39.21 80.98
C GLU C 1461 28.88 -40.24 80.65
N ILE C 1462 30.04 -39.75 80.25
CA ILE C 1462 31.15 -40.64 79.95
C ILE C 1462 31.67 -41.26 81.25
N GLU C 1463 31.92 -42.57 81.21
CA GLU C 1463 32.47 -43.29 82.35
C GLU C 1463 33.95 -43.54 82.09
N LEU C 1464 34.80 -42.93 82.91
CA LEU C 1464 36.23 -43.09 82.75
C LEU C 1464 36.66 -44.39 83.44
N ASN C 1465 37.97 -44.62 83.55
CA ASN C 1465 38.42 -45.89 84.12
C ASN C 1465 37.80 -46.17 85.47
N SER C 1466 37.70 -45.16 86.33
CA SER C 1466 37.06 -45.34 87.63
C SER C 1466 36.05 -44.23 87.87
N THR C 1467 36.26 -43.08 87.25
CA THR C 1467 35.47 -41.89 87.48
C THR C 1467 34.43 -41.74 86.37
N LYS C 1468 33.70 -40.63 86.40
CA LYS C 1468 32.73 -40.35 85.37
C LYS C 1468 32.50 -38.85 85.37
N PHE C 1469 32.12 -38.33 84.21
CA PHE C 1469 31.93 -36.89 84.08
C PHE C 1469 30.70 -36.64 83.23
N GLU C 1470 29.72 -35.98 83.86
CA GLU C 1470 28.34 -35.94 83.40
C GLU C 1470 28.03 -34.53 82.90
N THR C 1471 27.86 -34.39 81.60
CA THR C 1471 27.52 -33.10 81.01
C THR C 1471 26.12 -33.16 80.41
N ILE C 1472 25.35 -32.09 80.63
CA ILE C 1472 23.97 -32.06 80.18
C ILE C 1472 23.87 -30.96 79.14
N THR C 1473 22.93 -31.10 78.23
CA THR C 1473 22.84 -30.16 77.13
C THR C 1473 22.41 -28.77 77.57
N GLY C 1474 21.69 -28.67 78.70
CA GLY C 1474 21.39 -27.36 79.24
C GLY C 1474 22.64 -26.57 79.56
N SER C 1475 23.78 -27.25 79.64
CA SER C 1475 25.08 -26.63 79.80
C SER C 1475 25.80 -26.43 78.47
N ASP C 1476 25.20 -26.83 77.35
CA ASP C 1476 25.83 -26.61 76.05
C ASP C 1476 25.01 -25.71 75.15
N VAL C 1477 23.76 -26.05 74.85
CA VAL C 1477 23.04 -25.49 73.72
C VAL C 1477 21.88 -24.64 74.22
N GLY C 1478 21.66 -23.50 73.57
CA GLY C 1478 20.43 -22.76 73.69
C GLY C 1478 19.42 -23.13 72.64
N LEU C 1479 19.85 -23.90 71.64
CA LEU C 1479 18.97 -24.39 70.60
C LEU C 1479 18.31 -25.67 71.08
N ARG C 1480 16.99 -25.71 70.98
CA ARG C 1480 16.20 -26.84 71.44
C ARG C 1480 15.38 -27.34 70.25
N PRO C 1481 15.50 -28.61 69.89
CA PRO C 1481 14.64 -29.16 68.83
C PRO C 1481 13.23 -29.36 69.35
N PRO C 1482 12.26 -28.66 68.80
CA PRO C 1482 10.89 -28.76 69.32
C PRO C 1482 10.20 -30.04 68.91
N LEU C 1483 9.30 -30.50 69.78
CA LEU C 1483 8.50 -31.68 69.45
C LEU C 1483 7.63 -31.41 68.22
N TYR C 1484 7.17 -30.18 68.07
CA TYR C 1484 6.65 -29.69 66.80
C TYR C 1484 7.84 -29.66 65.85
N PRO C 1485 7.71 -30.16 64.60
CA PRO C 1485 6.59 -30.54 63.75
C PRO C 1485 5.87 -31.83 64.14
N THR C 1486 4.81 -31.70 64.95
CA THR C 1486 4.07 -32.83 65.48
C THR C 1486 3.77 -33.92 64.44
N VAL C 1487 3.76 -33.56 63.15
CA VAL C 1487 3.61 -34.55 62.09
C VAL C 1487 4.60 -35.68 62.31
N SER C 1488 4.17 -36.92 62.03
CA SER C 1488 4.81 -38.09 62.58
C SER C 1488 6.22 -38.29 62.04
N ARG C 1489 6.98 -39.13 62.75
CA ARG C 1489 8.24 -39.74 62.31
C ARG C 1489 9.31 -38.69 62.03
N GLU C 1490 9.09 -37.44 62.40
CA GLU C 1490 10.15 -36.45 62.41
C GLU C 1490 11.10 -36.72 63.57
N THR C 1491 12.37 -36.93 63.26
CA THR C 1491 13.42 -37.10 64.26
C THR C 1491 14.14 -35.79 64.52
N LEU C 1492 14.78 -35.71 65.68
CA LEU C 1492 15.44 -34.49 66.11
C LEU C 1492 16.93 -34.74 66.27
N ALA C 1493 17.68 -33.67 66.45
CA ALA C 1493 19.12 -33.75 66.60
C ALA C 1493 19.55 -32.88 67.76
N PHE C 1494 20.46 -33.42 68.57
CA PHE C 1494 21.03 -32.72 69.72
C PHE C 1494 22.52 -32.66 69.50
N PRO C 1495 23.03 -31.56 68.96
CA PRO C 1495 24.48 -31.45 68.75
C PRO C 1495 25.22 -30.98 69.99
N PHE C 1496 26.35 -31.61 70.24
CA PHE C 1496 27.23 -31.29 71.37
C PHE C 1496 28.51 -30.67 70.81
N GLY C 1497 28.99 -29.62 71.47
CA GLY C 1497 30.11 -28.90 70.92
C GLY C 1497 31.49 -29.26 71.45
N LYS C 1498 32.19 -30.14 70.73
CA LYS C 1498 33.60 -30.42 70.96
C LYS C 1498 33.87 -30.73 72.44
N LEU C 1499 33.30 -31.83 72.90
CA LEU C 1499 33.37 -32.20 74.31
C LEU C 1499 34.79 -32.59 74.66
N SER C 1500 35.59 -31.64 75.11
CA SER C 1500 36.95 -31.92 75.57
C SER C 1500 36.84 -32.63 76.90
N ILE C 1501 36.70 -33.95 76.84
CA ILE C 1501 36.42 -34.76 78.03
C ILE C 1501 37.72 -34.97 78.77
N THR C 1502 37.79 -34.38 79.96
CA THR C 1502 38.96 -34.44 80.81
C THR C 1502 38.63 -35.26 82.06
N ILE C 1503 39.59 -36.08 82.49
CA ILE C 1503 40.85 -36.28 81.79
C ILE C 1503 41.29 -37.72 82.02
N PRO C 1504 41.82 -38.35 80.98
CA PRO C 1504 42.51 -39.62 81.21
C PRO C 1504 43.80 -39.40 81.98
N ALA C 1505 43.83 -39.82 83.24
CA ALA C 1505 45.01 -39.70 84.09
C ALA C 1505 45.30 -41.06 84.71
N GLY C 1506 46.55 -41.28 85.08
CA GLY C 1506 46.92 -42.54 85.71
C GLY C 1506 46.70 -43.76 84.86
N ALA C 1507 46.35 -43.57 83.60
CA ALA C 1507 46.14 -44.65 82.66
C ALA C 1507 47.31 -44.72 81.70
N ASP C 1508 47.67 -45.92 81.29
CA ASP C 1508 48.72 -46.13 80.30
C ASP C 1508 48.22 -45.67 78.94
N ILE C 1509 48.88 -44.65 78.40
CA ILE C 1509 48.47 -44.02 77.15
C ILE C 1509 49.48 -44.42 76.08
N ASN C 1510 49.09 -45.32 75.18
CA ASN C 1510 47.77 -45.95 75.21
C ASN C 1510 47.93 -47.46 75.19
N ASN C 1511 48.05 -48.07 76.36
CA ASN C 1511 48.25 -49.51 76.47
C ASN C 1511 47.01 -50.24 76.98
N LEU C 1512 46.39 -49.73 78.03
CA LEU C 1512 45.15 -50.25 78.58
C LEU C 1512 44.12 -49.13 78.66
N ASP C 1513 44.00 -48.42 77.53
CA ASP C 1513 43.20 -47.20 77.40
C ASP C 1513 41.76 -47.45 77.02
N CYS C 1514 41.31 -48.70 77.04
CA CYS C 1514 39.92 -49.01 76.72
C CYS C 1514 39.05 -48.59 77.88
N THR C 1515 38.54 -47.36 77.83
CA THR C 1515 37.59 -46.88 78.82
C THR C 1515 36.40 -47.82 78.80
N ILE C 1516 35.77 -47.98 79.96
CA ILE C 1516 34.68 -48.95 80.08
C ILE C 1516 33.59 -48.65 79.06
N LYS C 1517 33.00 -47.45 79.14
CA LYS C 1517 31.92 -47.11 78.22
C LYS C 1517 31.63 -45.62 78.25
N VAL C 1518 30.84 -45.19 77.28
CA VAL C 1518 30.30 -43.84 77.17
C VAL C 1518 28.79 -43.96 77.10
N ARG C 1519 28.12 -43.42 78.11
CA ARG C 1519 26.68 -43.63 78.30
C ARG C 1519 25.98 -42.29 78.35
N PHE C 1520 24.85 -42.18 77.67
CA PHE C 1520 24.03 -40.99 77.74
C PHE C 1520 22.56 -41.34 77.97
N LYS C 1521 21.80 -40.32 78.34
CA LYS C 1521 20.45 -40.53 78.86
C LYS C 1521 19.55 -39.38 78.40
N ASN C 1522 18.62 -39.65 77.50
CA ASN C 1522 17.55 -38.70 77.25
C ASN C 1522 16.57 -38.79 78.41
N THR C 1523 16.90 -38.19 79.54
CA THR C 1523 16.07 -38.30 80.73
C THR C 1523 14.90 -37.35 80.53
N ASP C 1524 13.72 -37.94 80.42
CA ASP C 1524 12.46 -37.23 80.31
C ASP C 1524 11.37 -38.25 80.59
N VAL C 1525 10.16 -37.77 80.87
CA VAL C 1525 9.07 -38.69 81.15
C VAL C 1525 8.80 -39.52 79.90
N LEU C 1526 8.83 -40.85 80.04
CA LEU C 1526 8.81 -41.78 78.91
C LEU C 1526 9.97 -41.51 77.95
N ALA C 1527 11.17 -41.75 78.46
CA ALA C 1527 12.39 -41.58 77.67
C ALA C 1527 13.50 -42.36 78.33
N ALA C 1528 14.58 -42.60 77.59
CA ALA C 1528 15.48 -43.70 77.91
C ALA C 1528 16.93 -43.29 77.79
N THR C 1529 17.79 -44.31 77.81
CA THR C 1529 19.23 -44.19 77.75
C THR C 1529 19.79 -45.26 76.83
N THR C 1530 20.97 -44.99 76.28
CA THR C 1530 21.78 -45.98 75.59
C THR C 1530 23.23 -45.73 75.93
N THR C 1531 24.07 -46.74 75.72
CA THR C 1531 25.47 -46.63 76.07
C THR C 1531 26.35 -47.26 75.00
N TYR C 1532 27.54 -46.69 74.85
CA TYR C 1532 28.52 -47.13 73.87
C TYR C 1532 29.86 -47.32 74.56
N LYS C 1533 30.67 -48.21 74.01
CA LYS C 1533 31.96 -48.55 74.60
C LYS C 1533 33.07 -48.00 73.72
N LEU C 1534 34.04 -47.32 74.34
CA LEU C 1534 35.16 -46.75 73.63
C LEU C 1534 36.35 -47.71 73.67
N VAL C 1535 36.82 -48.10 72.49
CA VAL C 1535 37.70 -49.26 72.35
C VAL C 1535 39.01 -48.81 71.71
N ILE C 1536 39.46 -47.60 72.03
CA ILE C 1536 40.71 -47.07 71.51
C ILE C 1536 41.82 -48.12 71.64
N LYS C 1537 42.61 -48.27 70.58
CA LYS C 1537 43.65 -49.27 70.57
C LYS C 1537 44.70 -48.89 69.54
N LYS C 1538 45.96 -48.86 69.96
CA LYS C 1538 47.05 -48.48 69.08
C LYS C 1538 47.31 -49.57 68.05
N THR C 1539 47.33 -49.18 66.78
CA THR C 1539 47.46 -50.09 65.66
C THR C 1539 48.61 -49.67 64.79
N ASP C 1540 48.98 -50.54 63.83
CA ASP C 1540 50.06 -50.22 62.92
C ASP C 1540 50.00 -51.04 61.63
N PRO C 1541 49.21 -50.60 60.65
CA PRO C 1541 49.25 -51.27 59.34
C PRO C 1541 50.56 -51.04 58.62
N VAL C 1542 51.35 -52.10 58.46
CA VAL C 1542 52.74 -51.96 58.09
C VAL C 1542 52.92 -52.33 56.62
N GLN C 1543 53.80 -51.58 55.94
CA GLN C 1543 54.36 -51.95 54.64
C GLN C 1543 53.26 -52.26 53.61
N LYS C 1544 52.30 -51.34 53.53
CA LYS C 1544 51.35 -51.30 52.43
C LYS C 1544 51.90 -50.28 51.43
N VAL C 1545 52.89 -50.70 50.67
CA VAL C 1545 53.69 -49.78 49.87
C VAL C 1545 53.11 -49.68 48.47
N ILE C 1546 53.11 -48.48 47.93
CA ILE C 1546 52.62 -48.18 46.59
C ILE C 1546 53.65 -47.33 45.88
N SER C 1547 54.21 -47.86 44.80
CA SER C 1547 55.42 -47.30 44.24
C SER C 1547 55.24 -47.04 42.76
N LEU C 1548 56.11 -46.22 42.21
CA LEU C 1548 56.08 -45.86 40.80
C LEU C 1548 57.33 -46.38 40.12
N TYR C 1549 57.18 -46.91 38.92
CA TYR C 1549 58.30 -47.46 38.19
C TYR C 1549 58.32 -46.93 36.79
N THR C 1550 59.43 -47.14 36.10
CA THR C 1550 59.57 -46.79 34.71
C THR C 1550 60.42 -47.84 34.03
N THR C 1551 59.83 -48.62 33.14
CA THR C 1551 60.58 -49.68 32.51
C THR C 1551 61.68 -49.09 31.64
N PRO C 1552 62.75 -49.83 31.39
CA PRO C 1552 63.84 -49.29 30.57
C PRO C 1552 63.40 -48.85 29.18
N ASP C 1553 62.30 -49.38 28.67
CA ASP C 1553 61.82 -49.03 27.35
C ASP C 1553 60.70 -48.01 27.37
N GLY C 1554 60.48 -47.34 28.50
CA GLY C 1554 59.64 -46.17 28.50
C GLY C 1554 58.39 -46.23 29.34
N ALA C 1555 57.83 -47.41 29.53
CA ALA C 1555 56.56 -47.52 30.21
C ALA C 1555 56.70 -47.17 31.68
N GLN C 1556 55.75 -46.41 32.19
CA GLN C 1556 55.62 -46.19 33.62
C GLN C 1556 54.45 -46.98 34.12
N TYR C 1557 54.44 -47.23 35.42
CA TYR C 1557 53.30 -47.87 36.04
C TYR C 1557 53.36 -47.65 37.53
N MET C 1558 52.20 -47.45 38.14
CA MET C 1558 52.08 -47.43 39.58
C MET C 1558 51.83 -48.85 40.03
N GLU C 1559 52.71 -49.37 40.86
CA GLU C 1559 52.61 -50.73 41.34
C GLU C 1559 52.14 -50.70 42.78
N TRP C 1560 50.88 -51.07 43.00
CA TRP C 1560 50.35 -51.11 44.33
C TRP C 1560 49.99 -52.55 44.65
N ASP C 1561 49.35 -52.78 45.80
CA ASP C 1561 49.57 -53.99 46.58
C ASP C 1561 49.96 -55.21 45.76
N GLY C 1562 49.16 -55.58 44.78
CA GLY C 1562 49.50 -56.76 44.01
C GLY C 1562 49.21 -56.58 42.55
N TYR C 1563 48.97 -55.34 42.13
CA TYR C 1563 48.62 -55.05 40.76
C TYR C 1563 49.57 -53.99 40.22
N ARG C 1564 49.43 -53.73 38.94
CA ARG C 1564 50.16 -52.66 38.28
C ARG C 1564 49.21 -51.88 37.39
N THR C 1565 49.28 -50.57 37.48
CA THR C 1565 48.46 -49.69 36.66
C THR C 1565 49.38 -48.87 35.79
N ARG C 1566 49.23 -48.97 34.49
CA ARG C 1566 50.06 -48.20 33.59
C ARG C 1566 49.68 -46.74 33.66
N LEU C 1567 50.66 -45.87 33.88
CA LEU C 1567 50.38 -44.45 34.06
C LEU C 1567 50.44 -43.69 32.76
N ASN C 1568 51.53 -43.84 32.00
CA ASN C 1568 51.71 -43.07 30.79
C ASN C 1568 51.40 -43.93 29.57
N THR C 1569 51.70 -43.41 28.38
CA THR C 1569 51.59 -44.20 27.16
C THR C 1569 52.71 -43.80 26.20
N LEU C 1570 53.21 -44.80 25.46
CA LEU C 1570 54.21 -44.55 24.43
C LEU C 1570 53.58 -44.37 23.06
N PHE C 1571 52.35 -43.88 23.01
CA PHE C 1571 51.70 -43.74 21.73
C PHE C 1571 52.33 -42.64 20.90
N THR C 1572 52.83 -41.60 21.55
CA THR C 1572 53.31 -40.45 20.80
C THR C 1572 54.67 -40.70 20.18
N ARG C 1573 55.42 -41.65 20.68
CA ARG C 1573 56.70 -41.98 20.09
C ARG C 1573 56.54 -42.74 18.79
N GLN C 1574 55.35 -43.23 18.50
CA GLN C 1574 55.06 -43.95 17.28
C GLN C 1574 54.10 -43.22 16.38
N LEU C 1575 53.21 -42.41 16.94
CA LEU C 1575 52.37 -41.52 16.15
C LEU C 1575 53.18 -40.58 15.29
N ILE C 1576 54.43 -40.32 15.68
CA ILE C 1576 55.20 -39.26 15.05
C ILE C 1576 55.50 -39.59 13.61
N GLU C 1577 55.59 -40.88 13.29
CA GLU C 1577 55.90 -41.35 11.95
C GLU C 1577 54.66 -41.45 11.10
N ARG C 1578 53.54 -41.87 11.70
CA ARG C 1578 52.27 -41.85 10.99
C ARG C 1578 51.89 -40.43 10.61
N ALA C 1579 52.17 -39.46 11.47
CA ALA C 1579 51.67 -38.11 11.31
C ALA C 1579 52.20 -37.40 10.09
N ASN C 1580 53.25 -37.90 9.47
CA ASN C 1580 53.76 -37.23 8.28
C ASN C 1580 52.94 -37.59 7.05
N ASN C 1581 52.23 -38.70 7.10
CA ASN C 1581 51.40 -39.06 5.97
C ASN C 1581 50.06 -38.34 5.97
N GLY C 1582 49.67 -37.73 7.08
CA GLY C 1582 48.51 -36.87 7.11
C GLY C 1582 47.46 -37.39 8.08
N ILE C 1583 46.34 -36.66 8.12
CA ILE C 1583 45.24 -37.06 8.98
C ILE C 1583 44.74 -38.44 8.62
N ASP C 1584 44.73 -38.76 7.32
CA ASP C 1584 44.21 -40.05 6.90
C ASP C 1584 45.02 -41.19 7.49
N ALA C 1585 46.31 -40.98 7.72
CA ALA C 1585 47.15 -41.99 8.33
C ALA C 1585 47.15 -41.92 9.84
N ILE C 1586 46.93 -40.75 10.41
CA ILE C 1586 46.85 -40.65 11.86
C ILE C 1586 45.60 -41.32 12.37
N LEU C 1587 44.50 -41.20 11.64
CA LEU C 1587 43.21 -41.66 12.13
C LEU C 1587 42.83 -43.04 11.63
N SER C 1588 43.71 -43.73 10.96
CA SER C 1588 43.38 -45.03 10.44
C SER C 1588 43.59 -46.10 11.52
N PRO C 1589 42.83 -47.20 11.47
CA PRO C 1589 42.86 -48.16 12.59
C PRO C 1589 44.22 -48.72 12.89
N GLU C 1590 45.13 -48.73 11.92
CA GLU C 1590 46.48 -49.18 12.20
C GLU C 1590 47.15 -48.31 13.24
N THR C 1591 46.77 -47.04 13.31
CA THR C 1591 47.28 -46.21 14.40
C THR C 1591 46.70 -46.63 15.72
N GLN C 1592 45.50 -47.17 15.73
CA GLN C 1592 44.84 -47.50 16.98
C GLN C 1592 45.24 -48.85 17.50
N TYR C 1593 45.87 -49.67 16.69
CA TYR C 1593 46.37 -50.95 17.17
C TYR C 1593 47.82 -50.90 17.60
N LEU C 1594 48.34 -49.73 17.86
CA LEU C 1594 49.78 -49.62 18.07
C LEU C 1594 50.17 -50.29 19.37
N PRO C 1595 51.29 -51.01 19.39
CA PRO C 1595 51.64 -51.78 20.58
C PRO C 1595 52.14 -50.92 21.72
N GLU C 1596 52.40 -51.53 22.85
CA GLU C 1596 52.79 -50.83 24.06
C GLU C 1596 53.58 -51.77 24.96
N PRO C 1597 54.72 -51.35 25.47
CA PRO C 1597 55.55 -52.26 26.26
C PRO C 1597 54.80 -52.75 27.47
N LYS C 1598 55.20 -53.90 27.95
CA LYS C 1598 54.38 -54.39 29.05
C LYS C 1598 54.85 -53.77 30.36
N PRO C 1599 53.93 -53.53 31.28
CA PRO C 1599 54.32 -52.81 32.50
C PRO C 1599 55.19 -53.65 33.42
N GLY C 1600 56.48 -53.39 33.38
CA GLY C 1600 57.34 -54.11 34.28
C GLY C 1600 57.57 -55.55 33.87
N GLN C 1601 57.84 -56.37 34.88
CA GLN C 1601 58.12 -57.78 34.66
C GLN C 1601 56.89 -58.61 34.96
N GLY C 1602 56.55 -59.48 34.03
CA GLY C 1602 55.37 -60.29 34.16
C GLY C 1602 55.01 -60.87 32.82
N THR C 1603 53.94 -61.63 32.80
CA THR C 1603 53.53 -62.30 31.58
C THR C 1603 52.08 -61.98 31.26
N TYR C 1604 51.79 -61.89 29.98
CA TYR C 1604 50.41 -61.92 29.52
C TYR C 1604 49.97 -63.36 29.54
N VAL C 1605 48.71 -63.59 29.86
CA VAL C 1605 48.16 -64.94 29.90
C VAL C 1605 46.75 -64.87 29.34
N THR C 1606 46.49 -65.65 28.31
CA THR C 1606 45.17 -65.70 27.70
C THR C 1606 44.49 -67.00 28.13
N LEU C 1607 43.69 -66.91 29.19
CA LEU C 1607 42.96 -68.06 29.69
C LEU C 1607 41.71 -68.25 28.87
N ILE C 1608 41.56 -69.42 28.27
CA ILE C 1608 40.31 -69.79 27.61
C ILE C 1608 39.56 -70.75 28.54
N LEU C 1609 38.25 -70.56 28.64
CA LEU C 1609 37.44 -71.32 29.57
C LEU C 1609 36.27 -71.96 28.85
N LYS C 1610 35.85 -73.12 29.34
CA LYS C 1610 34.76 -73.85 28.72
C LYS C 1610 33.42 -73.18 29.05
N PRO C 1611 32.37 -73.50 28.30
CA PRO C 1611 31.04 -72.99 28.64
C PRO C 1611 30.58 -73.47 30.01
N TYR C 1612 29.42 -72.98 30.41
CA TYR C 1612 28.91 -73.31 31.74
C TYR C 1612 28.43 -74.75 31.81
N ASP C 1613 29.01 -75.50 32.73
CA ASP C 1613 28.51 -76.83 33.11
C ASP C 1613 28.12 -76.81 34.58
N LYS C 1614 26.92 -77.29 34.86
CA LYS C 1614 26.36 -77.15 36.20
C LYS C 1614 27.16 -77.93 37.23
N ASN C 1615 28.00 -78.86 36.79
CA ASN C 1615 28.71 -79.71 37.72
C ASN C 1615 30.01 -79.07 38.17
N THR C 1616 30.81 -78.60 37.21
CA THR C 1616 32.11 -78.02 37.51
C THR C 1616 32.05 -76.59 38.01
N HIS C 1617 30.99 -75.85 37.68
CA HIS C 1617 30.89 -74.45 38.04
C HIS C 1617 29.95 -74.19 39.21
N GLY C 1618 29.31 -75.22 39.74
CA GLY C 1618 28.27 -74.92 40.69
C GLY C 1618 27.06 -74.36 39.97
N THR C 1619 26.26 -73.61 40.72
CA THR C 1619 25.02 -73.07 40.20
C THR C 1619 25.18 -71.69 39.57
N ASN C 1620 25.96 -70.81 40.18
CA ASN C 1620 26.11 -69.45 39.69
C ASN C 1620 27.05 -69.43 38.49
N ARG C 1621 26.71 -68.61 37.49
CA ARG C 1621 27.46 -68.59 36.25
C ARG C 1621 28.65 -67.64 36.28
N ALA C 1622 28.87 -66.94 37.39
CA ALA C 1622 29.95 -65.99 37.49
C ALA C 1622 31.24 -66.68 37.93
N PHE C 1623 32.36 -66.09 37.55
CA PHE C 1623 33.66 -66.65 37.86
C PHE C 1623 34.66 -65.51 38.02
N THR C 1624 35.60 -65.70 38.94
CA THR C 1624 36.69 -64.78 39.13
C THR C 1624 37.98 -65.57 39.22
N ILE C 1625 39.01 -65.12 38.52
CA ILE C 1625 40.25 -65.90 38.46
C ILE C 1625 41.34 -65.13 39.18
N TYR C 1626 42.07 -65.82 40.04
CA TYR C 1626 43.07 -65.17 40.88
C TYR C 1626 44.46 -65.51 40.38
N TYR C 1627 45.45 -64.94 41.05
CA TYR C 1627 46.82 -65.37 40.86
C TYR C 1627 47.53 -65.22 42.20
N SER C 1628 48.65 -65.91 42.33
CA SER C 1628 49.45 -65.77 43.54
C SER C 1628 50.89 -66.12 43.19
N ASN C 1629 51.77 -66.11 44.18
CA ASN C 1629 53.21 -66.05 43.92
C ASN C 1629 53.93 -67.41 43.78
N ASP C 1630 53.78 -68.33 44.73
CA ASP C 1630 52.80 -68.40 45.79
C ASP C 1630 53.34 -69.19 46.97
N ALA C 1631 53.61 -68.51 48.07
CA ALA C 1631 53.85 -69.19 49.34
C ALA C 1631 52.51 -69.54 49.96
N THR C 1632 51.92 -70.66 49.52
CA THR C 1632 50.48 -70.90 49.65
C THR C 1632 50.00 -70.62 51.06
N GLY C 1633 49.10 -69.65 51.17
CA GLY C 1633 48.87 -68.94 52.41
C GLY C 1633 49.37 -67.51 52.40
N SER C 1634 49.98 -67.08 51.29
CA SER C 1634 50.49 -65.72 51.15
C SER C 1634 49.48 -64.78 50.51
N GLY C 1635 48.22 -65.19 50.42
CA GLY C 1635 47.21 -64.33 49.83
C GLY C 1635 47.31 -64.27 48.32
N LYS C 1636 46.16 -64.28 47.66
CA LYS C 1636 46.14 -64.22 46.21
C LYS C 1636 45.28 -63.05 45.80
N PHE C 1637 45.60 -62.48 44.68
CA PHE C 1637 44.96 -61.24 44.29
C PHE C 1637 43.97 -61.49 43.17
N PRO C 1638 42.72 -61.07 43.32
CA PRO C 1638 41.75 -61.23 42.23
C PRO C 1638 42.18 -60.40 41.04
N VAL C 1639 42.36 -61.04 39.89
CA VAL C 1639 42.87 -60.34 38.72
C VAL C 1639 41.82 -60.21 37.62
N TYR C 1640 40.67 -60.83 37.77
CA TYR C 1640 39.65 -60.75 36.76
C TYR C 1640 38.36 -61.34 37.31
N SER C 1641 37.26 -60.69 36.99
CA SER C 1641 35.96 -61.22 37.34
C SER C 1641 35.12 -61.20 36.08
N GLY C 1642 34.15 -62.11 35.99
CA GLY C 1642 33.32 -62.11 34.80
C GLY C 1642 32.22 -63.12 34.92
N SER C 1643 31.38 -63.13 33.90
CA SER C 1643 30.27 -64.08 33.82
C SER C 1643 30.61 -65.11 32.75
N LEU C 1644 30.82 -66.34 33.19
CA LEU C 1644 31.21 -67.39 32.28
C LEU C 1644 30.05 -67.70 31.33
N SER C 1645 30.38 -67.99 30.08
CA SER C 1645 29.40 -68.05 29.02
C SER C 1645 28.79 -69.43 28.91
N VAL C 1646 27.68 -69.48 28.19
CA VAL C 1646 27.01 -70.75 27.91
C VAL C 1646 27.09 -71.04 26.41
N THR C 1647 27.32 -72.30 26.09
CA THR C 1647 27.47 -72.76 24.71
C THR C 1647 28.53 -71.95 23.97
N ASP C 1648 29.61 -71.60 24.67
CA ASP C 1648 30.70 -70.88 24.02
C ASP C 1648 31.89 -70.83 24.96
N ASN C 1649 33.08 -70.92 24.38
CA ASN C 1649 34.29 -70.66 25.15
C ASN C 1649 34.41 -69.18 25.44
N THR C 1650 34.77 -68.85 26.67
CA THR C 1650 35.08 -67.48 27.04
C THR C 1650 36.59 -67.38 27.19
N GLU C 1651 37.15 -66.30 26.69
CA GLU C 1651 38.58 -66.11 26.64
C GLU C 1651 38.93 -64.85 27.40
N VAL C 1652 39.62 -65.00 28.53
CA VAL C 1652 40.01 -63.88 29.37
C VAL C 1652 41.52 -63.73 29.30
N LYS C 1653 41.98 -62.54 28.93
CA LYS C 1653 43.40 -62.26 28.81
C LYS C 1653 43.82 -61.29 29.91
N LEU C 1654 44.99 -61.54 30.48
CA LEU C 1654 45.44 -60.80 31.63
C LEU C 1654 46.90 -60.41 31.45
N PHE C 1655 47.40 -59.67 32.43
CA PHE C 1655 48.82 -59.46 32.62
C PHE C 1655 49.10 -59.75 34.08
N ILE C 1656 49.85 -60.81 34.35
CA ILE C 1656 50.14 -61.24 35.71
C ILE C 1656 51.48 -60.63 36.11
N PRO C 1657 51.53 -59.68 37.02
CA PRO C 1657 52.78 -59.02 37.34
C PRO C 1657 53.66 -59.86 38.24
N LEU C 1658 54.95 -59.57 38.18
CA LEU C 1658 55.96 -60.24 39.00
C LEU C 1658 56.43 -59.26 40.05
N ILE C 1659 55.94 -59.41 41.27
CA ILE C 1659 56.12 -58.37 42.28
C ILE C 1659 57.03 -58.85 43.40
N LYS C 1660 57.09 -60.17 43.59
CA LYS C 1660 57.74 -60.86 44.70
C LYS C 1660 59.06 -60.22 45.15
N PRO C 1661 59.90 -59.71 44.24
CA PRO C 1661 61.03 -58.94 44.75
C PRO C 1661 60.61 -57.77 45.63
N GLN C 1674 63.58 -69.45 39.46
CA GLN C 1674 62.26 -69.87 39.01
C GLN C 1674 61.20 -68.93 39.56
N ASP C 1675 60.90 -67.87 38.81
CA ASP C 1675 59.90 -66.90 39.23
C ASP C 1675 58.50 -67.51 39.10
N THR C 1676 57.97 -68.03 40.20
CA THR C 1676 56.72 -68.75 40.13
C THR C 1676 55.53 -67.79 40.04
N LEU C 1677 54.44 -68.28 39.47
CA LEU C 1677 53.15 -67.60 39.48
C LEU C 1677 52.07 -68.67 39.43
N TYR C 1678 50.97 -68.43 40.15
CA TYR C 1678 49.99 -69.48 40.30
C TYR C 1678 48.59 -68.92 40.10
N LEU C 1679 47.92 -69.38 39.07
CA LEU C 1679 46.60 -68.90 38.70
C LEU C 1679 45.54 -69.88 39.18
N ASN C 1680 44.43 -69.32 39.65
CA ASN C 1680 43.31 -70.08 40.19
C ASN C 1680 42.06 -69.77 39.38
N ALA C 1681 40.93 -70.13 39.95
CA ALA C 1681 39.63 -69.65 39.52
C ALA C 1681 38.69 -69.89 40.68
N THR C 1682 37.59 -69.14 40.73
CA THR C 1682 36.61 -69.32 41.77
C THR C 1682 35.22 -69.28 41.15
N TYR C 1683 34.46 -70.34 41.36
CA TYR C 1683 33.11 -70.48 40.84
C TYR C 1683 32.13 -70.51 42.01
N GLN C 1684 30.86 -70.81 41.70
CA GLN C 1684 29.92 -71.08 42.77
C GLN C 1684 30.23 -72.39 43.48
N LYS C 1685 30.82 -73.35 42.77
CA LYS C 1685 31.13 -74.64 43.38
C LYS C 1685 32.25 -74.50 44.40
N GLU C 1686 33.46 -74.20 43.92
CA GLU C 1686 34.61 -74.08 44.81
C GLU C 1686 35.75 -73.44 44.04
N ALA C 1687 36.83 -73.10 44.75
CA ALA C 1687 38.01 -72.53 44.14
C ALA C 1687 38.94 -73.64 43.67
N THR C 1688 39.25 -73.61 42.38
CA THR C 1688 39.99 -74.70 41.76
C THR C 1688 41.44 -74.69 42.23
N LYS C 1689 42.24 -75.55 41.63
CA LYS C 1689 43.63 -75.72 42.03
C LYS C 1689 44.52 -74.77 41.23
N GLN C 1690 45.65 -74.42 41.81
CA GLN C 1690 46.58 -73.48 41.20
C GLN C 1690 47.15 -74.05 39.90
N ILE C 1691 47.91 -73.21 39.21
CA ILE C 1691 48.60 -73.57 37.98
C ILE C 1691 49.93 -72.86 38.00
N LEU C 1692 51.02 -73.61 38.01
CA LEU C 1692 52.33 -72.98 38.03
C LEU C 1692 52.60 -72.32 36.68
N LEU C 1693 53.17 -71.12 36.74
CA LEU C 1693 53.79 -70.46 35.61
C LEU C 1693 55.13 -69.97 36.13
N PHE C 1694 56.19 -70.43 35.52
CA PHE C 1694 57.52 -70.10 35.98
C PHE C 1694 58.43 -69.87 34.78
N ARG C 1695 59.68 -69.54 35.07
CA ARG C 1695 60.65 -69.44 34.00
C ARG C 1695 62.02 -69.83 34.53
N THR C 1696 62.85 -70.33 33.63
CA THR C 1696 64.20 -70.73 33.97
C THR C 1696 65.23 -69.63 33.74
N ASP C 1697 65.06 -68.82 32.70
CA ASP C 1697 66.02 -67.81 32.33
C ASP C 1697 65.50 -66.44 32.73
N ASN C 1698 66.28 -65.42 32.40
CA ASN C 1698 65.85 -64.03 32.55
C ASN C 1698 65.20 -63.49 31.29
N ASN C 1699 64.61 -64.35 30.48
CA ASN C 1699 63.89 -63.88 29.30
C ASN C 1699 62.69 -63.07 29.76
N PRO C 1700 62.42 -61.92 29.14
CA PRO C 1700 61.27 -61.12 29.57
C PRO C 1700 59.95 -61.73 29.18
N GLU C 1701 59.86 -62.32 27.99
CA GLU C 1701 58.61 -62.93 27.56
C GLU C 1701 58.59 -64.42 27.86
N GLY C 1702 59.70 -64.99 28.30
CA GLY C 1702 59.74 -66.40 28.58
C GLY C 1702 59.11 -66.77 29.90
N TRP C 1703 57.92 -67.35 29.84
CA TRP C 1703 57.28 -67.89 31.04
C TRP C 1703 56.74 -69.25 30.64
N THR C 1704 57.22 -70.29 31.32
CA THR C 1704 56.99 -71.66 30.91
C THR C 1704 55.52 -72.00 30.75
N LEU C 1705 55.14 -72.34 29.54
CA LEU C 1705 53.88 -72.99 29.25
C LEU C 1705 53.87 -74.33 29.96
N ASP C 1706 52.70 -74.73 30.49
CA ASP C 1706 52.48 -76.11 30.93
C ASP C 1706 53.57 -76.52 31.92
N LYS C 1707 53.53 -75.86 33.07
CA LYS C 1707 54.57 -76.02 34.08
C LYS C 1707 54.50 -77.42 34.66
N SER C 1708 55.18 -77.61 35.77
CA SER C 1708 55.62 -78.92 36.24
C SER C 1708 54.44 -79.79 36.71
N VAL C 1709 54.77 -80.84 37.45
CA VAL C 1709 53.95 -82.03 37.63
C VAL C 1709 52.46 -81.74 37.75
N ASN C 1710 52.10 -80.57 38.27
CA ASN C 1710 50.68 -80.21 38.32
C ASN C 1710 50.05 -80.33 36.94
N ASN C 1711 48.75 -80.66 36.92
CA ASN C 1711 48.10 -81.04 35.69
C ASN C 1711 48.11 -79.93 34.65
N GLY C 1712 48.11 -78.68 35.09
CA GLY C 1712 48.04 -77.57 34.16
C GLY C 1712 46.65 -77.27 33.66
N THR C 1713 45.65 -77.31 34.55
CA THR C 1713 44.26 -77.06 34.20
C THR C 1713 43.44 -76.87 35.47
N PHE C 1714 42.51 -75.92 35.46
CA PHE C 1714 41.60 -75.75 36.58
C PHE C 1714 40.49 -76.79 36.57
N ALA C 1715 40.28 -77.46 35.44
CA ALA C 1715 39.09 -78.22 35.11
C ALA C 1715 38.01 -77.28 34.60
N GLY C 1716 38.28 -75.99 34.45
CA GLY C 1716 37.31 -75.09 33.87
C GLY C 1716 37.73 -74.67 32.49
N LEU C 1717 39.00 -74.89 32.15
CA LEU C 1717 39.52 -74.57 30.83
C LEU C 1717 39.65 -75.81 29.95
N ALA C 1718 40.09 -76.92 30.56
CA ALA C 1718 40.06 -78.28 30.01
C ALA C 1718 40.31 -78.32 28.51
N GLU C 1719 41.24 -77.51 28.04
CA GLU C 1719 41.58 -77.49 26.63
C GLU C 1719 43.07 -77.24 26.50
N ASN C 1720 43.57 -77.45 25.29
CA ASN C 1720 44.96 -77.13 24.99
C ASN C 1720 45.20 -75.64 24.84
N GLY C 1721 44.20 -74.81 25.11
CA GLY C 1721 44.32 -73.38 24.95
C GLY C 1721 44.45 -72.63 26.26
N VAL C 1722 45.69 -72.27 26.60
CA VAL C 1722 45.99 -71.45 27.77
C VAL C 1722 46.92 -70.33 27.37
N THR C 1723 47.65 -70.53 26.27
CA THR C 1723 48.98 -69.96 26.19
C THR C 1723 49.04 -68.44 26.23
N GLY C 1724 48.77 -67.76 25.11
CA GLY C 1724 49.03 -66.34 25.02
C GLY C 1724 50.26 -65.84 25.77
N LEU C 1725 51.32 -66.62 25.85
CA LEU C 1725 52.35 -66.36 26.86
C LEU C 1725 53.45 -65.46 26.34
N LEU C 1726 53.61 -65.37 25.02
CA LEU C 1726 54.57 -64.48 24.39
C LEU C 1726 53.97 -63.08 24.30
N GLN C 1727 54.42 -62.29 23.33
CA GLN C 1727 53.94 -60.92 23.06
C GLN C 1727 54.28 -59.97 24.21
N SER C 1728 55.55 -59.58 24.25
CA SER C 1728 55.97 -58.56 25.20
C SER C 1728 55.16 -57.27 25.08
N GLY C 1729 54.38 -57.13 24.02
CA GLY C 1729 53.56 -55.93 23.87
C GLY C 1729 52.06 -56.14 23.82
N GLU C 1730 51.30 -55.26 24.48
CA GLU C 1730 49.85 -55.23 24.32
C GLU C 1730 49.43 -54.02 23.50
N PRO C 1731 48.22 -54.05 22.92
CA PRO C 1731 47.76 -52.91 22.14
C PRO C 1731 47.47 -51.71 23.02
N MET C 1732 47.24 -50.58 22.35
CA MET C 1732 46.91 -49.34 23.02
C MET C 1732 45.59 -49.48 23.75
N ASP C 1733 45.53 -48.96 24.97
CA ASP C 1733 44.38 -49.16 25.84
C ASP C 1733 43.41 -48.01 25.75
N PHE C 1734 42.14 -48.33 25.51
CA PHE C 1734 41.10 -47.35 25.33
C PHE C 1734 40.20 -47.25 26.54
N SER C 1735 40.55 -47.93 27.63
CA SER C 1735 39.81 -47.83 28.87
C SER C 1735 40.74 -47.70 30.06
N GLY C 1736 41.99 -47.33 29.84
CA GLY C 1736 42.94 -47.11 30.90
C GLY C 1736 43.05 -45.66 31.28
N ALA C 1737 44.21 -45.30 31.79
CA ALA C 1737 44.40 -43.96 32.31
C ALA C 1737 44.21 -42.90 31.24
N ASN C 1738 44.81 -43.09 30.08
CA ASN C 1738 44.72 -42.12 29.00
C ASN C 1738 43.56 -42.39 28.08
N ALA C 1739 42.52 -43.07 28.55
CA ALA C 1739 41.41 -43.37 27.68
C ALA C 1739 40.81 -42.11 27.09
N LEU C 1740 40.75 -41.04 27.88
CA LEU C 1740 40.07 -39.85 27.41
C LEU C 1740 40.78 -39.25 26.21
N TYR C 1741 42.09 -39.25 26.23
CA TYR C 1741 42.81 -38.62 25.13
C TYR C 1741 42.72 -39.45 23.86
N PHE C 1742 42.79 -40.77 23.99
CA PHE C 1742 42.65 -41.61 22.82
C PHE C 1742 41.25 -41.52 22.24
N TRP C 1743 40.25 -41.53 23.11
CA TRP C 1743 38.88 -41.43 22.62
C TRP C 1743 38.64 -40.10 21.95
N GLU C 1744 39.14 -39.02 22.54
CA GLU C 1744 39.02 -37.74 21.85
C GLU C 1744 39.65 -37.80 20.49
N LEU C 1745 40.94 -38.11 20.43
CA LEU C 1745 41.67 -38.09 19.16
C LEU C 1745 41.01 -38.96 18.11
N PHE C 1746 40.51 -40.13 18.48
CA PHE C 1746 40.10 -41.09 17.48
C PHE C 1746 38.61 -41.13 17.23
N TYR C 1747 37.79 -40.67 18.14
CA TYR C 1747 36.36 -40.59 17.91
C TYR C 1747 35.83 -39.18 18.04
N TYR C 1748 36.12 -38.50 19.14
CA TYR C 1748 35.38 -37.29 19.42
C TYR C 1748 35.85 -36.16 18.53
N THR C 1749 37.04 -36.27 17.99
CA THR C 1749 37.52 -35.22 17.13
C THR C 1749 36.91 -35.37 15.74
N PRO C 1750 36.96 -36.54 15.10
CA PRO C 1750 36.26 -36.65 13.83
C PRO C 1750 34.78 -36.41 13.92
N MET C 1751 34.10 -36.85 14.98
CA MET C 1751 32.68 -36.57 15.09
C MET C 1751 32.42 -35.09 15.21
N MET C 1752 33.27 -34.38 15.95
CA MET C 1752 33.10 -32.95 16.08
C MET C 1752 33.35 -32.25 14.76
N VAL C 1753 34.40 -32.62 14.04
CA VAL C 1753 34.67 -31.95 12.78
C VAL C 1753 33.61 -32.30 11.76
N ALA C 1754 33.06 -33.51 11.82
CA ALA C 1754 32.02 -33.89 10.88
C ALA C 1754 30.72 -33.17 11.17
N THR C 1755 30.32 -33.10 12.43
CA THR C 1755 29.13 -32.33 12.74
C THR C 1755 29.34 -30.85 12.53
N ARG C 1756 30.57 -30.40 12.52
CA ARG C 1756 30.89 -29.00 12.36
C ARG C 1756 30.98 -28.62 10.89
N LEU C 1757 31.25 -29.58 10.02
CA LEU C 1757 31.17 -29.39 8.59
C LEU C 1757 29.78 -29.65 8.04
N LEU C 1758 29.02 -30.54 8.66
CA LEU C 1758 27.64 -30.72 8.26
C LEU C 1758 26.85 -29.43 8.44
N GLN C 1759 26.84 -28.87 9.64
CA GLN C 1759 26.54 -27.46 9.77
C GLN C 1759 27.54 -26.70 8.93
N GLU C 1760 27.10 -25.59 8.33
CA GLU C 1760 27.84 -24.87 7.31
C GLU C 1760 27.92 -25.64 6.00
N GLN C 1761 27.22 -26.76 5.90
CA GLN C 1761 26.92 -27.41 4.63
C GLN C 1761 28.16 -27.67 3.79
N ASN C 1762 29.13 -28.38 4.37
CA ASN C 1762 30.24 -28.93 3.61
C ASN C 1762 30.05 -30.43 3.58
N PHE C 1763 29.25 -30.90 2.64
CA PHE C 1763 28.85 -32.30 2.69
C PHE C 1763 29.95 -33.22 2.21
N THR C 1764 30.64 -32.86 1.14
CA THR C 1764 31.65 -33.75 0.63
C THR C 1764 32.84 -33.90 1.56
N GLU C 1765 32.97 -33.02 2.53
CA GLU C 1765 34.03 -33.12 3.53
C GLU C 1765 33.53 -33.65 4.85
N ALA C 1766 32.29 -33.35 5.22
CA ALA C 1766 31.66 -34.03 6.34
C ALA C 1766 31.64 -35.53 6.09
N ASN C 1767 31.42 -35.95 4.86
CA ASN C 1767 31.45 -37.37 4.57
C ASN C 1767 32.86 -37.93 4.69
N ARG C 1768 33.85 -37.18 4.24
CA ARG C 1768 35.21 -37.63 4.38
C ARG C 1768 35.58 -37.80 5.84
N TRP C 1769 35.06 -36.95 6.71
CA TRP C 1769 35.44 -37.02 8.11
C TRP C 1769 34.63 -38.06 8.86
N LEU C 1770 33.41 -38.33 8.45
CA LEU C 1770 32.71 -39.45 9.05
C LEU C 1770 33.30 -40.77 8.60
N SER C 1771 33.82 -40.82 7.39
CA SER C 1771 34.47 -42.05 6.94
C SER C 1771 35.78 -42.32 7.63
N TYR C 1772 36.16 -41.50 8.62
CA TYR C 1772 37.24 -41.89 9.51
C TYR C 1772 36.74 -42.76 10.63
N ILE C 1773 35.43 -42.77 10.83
CA ILE C 1773 34.83 -43.54 11.91
C ILE C 1773 34.18 -44.78 11.33
N TRP C 1774 33.18 -44.59 10.49
CA TRP C 1774 32.44 -45.69 9.92
C TRP C 1774 32.57 -45.66 8.41
N GLN C 1775 32.62 -46.83 7.80
CA GLN C 1775 32.82 -46.88 6.43
C GLN C 1775 32.13 -48.15 6.01
N PRO C 1776 31.29 -48.11 4.99
CA PRO C 1776 30.48 -49.29 4.66
C PRO C 1776 31.34 -50.40 4.10
N ALA C 1777 31.06 -51.62 4.53
CA ALA C 1777 31.85 -52.77 4.11
C ALA C 1777 31.12 -53.50 3.00
N ALA C 1778 31.91 -54.18 2.17
CA ALA C 1778 31.33 -54.99 1.10
C ALA C 1778 30.48 -56.11 1.67
N SER C 1779 30.85 -56.66 2.81
CA SER C 1779 29.98 -57.60 3.50
C SER C 1779 28.78 -56.87 4.06
N GLY C 1780 27.93 -57.62 4.77
CA GLY C 1780 26.72 -57.01 5.28
C GLY C 1780 26.99 -55.87 6.24
N ALA C 1781 27.67 -56.14 7.34
CA ALA C 1781 27.82 -55.15 8.39
C ALA C 1781 28.80 -54.06 7.99
N GLY C 1782 28.65 -52.90 8.62
CA GLY C 1782 29.58 -51.82 8.35
C GLY C 1782 30.94 -52.06 8.94
N ASP C 1783 31.90 -51.28 8.47
CA ASP C 1783 33.27 -51.37 8.92
C ASP C 1783 33.55 -50.19 9.84
N TRP C 1784 33.52 -50.45 11.14
CA TRP C 1784 33.82 -49.42 12.12
C TRP C 1784 35.31 -49.22 12.19
N ARG C 1785 35.76 -48.00 11.93
CA ARG C 1785 37.17 -47.72 11.89
C ARG C 1785 37.69 -47.09 13.17
N VAL C 1786 36.91 -47.13 14.24
CA VAL C 1786 37.37 -46.72 15.54
C VAL C 1786 37.45 -47.98 16.39
N ARG C 1787 38.65 -48.29 16.90
CA ARG C 1787 38.87 -49.56 17.58
C ARG C 1787 37.93 -49.80 18.75
N PRO C 1788 37.73 -48.87 19.69
CA PRO C 1788 36.87 -49.17 20.82
C PRO C 1788 35.41 -49.33 20.47
N LEU C 1789 34.98 -48.80 19.34
CA LEU C 1789 33.66 -49.13 18.83
C LEU C 1789 33.64 -50.49 18.17
N LYS C 1790 34.67 -50.80 17.39
CA LYS C 1790 34.71 -52.10 16.73
C LYS C 1790 34.68 -53.23 17.75
N GLU C 1791 35.33 -53.05 18.89
CA GLU C 1791 35.31 -54.03 19.98
C GLU C 1791 34.76 -53.29 21.19
N ASP C 1792 33.46 -53.46 21.45
CA ASP C 1792 32.74 -52.54 22.34
C ASP C 1792 33.45 -52.38 23.66
N THR C 1793 34.03 -51.21 23.90
CA THR C 1793 34.88 -50.97 25.05
C THR C 1793 34.19 -49.99 25.97
N SER C 1794 33.64 -50.50 27.06
CA SER C 1794 33.05 -49.63 28.07
C SER C 1794 34.14 -48.87 28.79
N TRP C 1795 33.98 -47.56 28.90
CA TRP C 1795 34.96 -46.77 29.62
C TRP C 1795 34.31 -45.74 30.50
N ASN C 1796 33.21 -46.10 31.14
CA ASN C 1796 32.63 -45.27 32.19
C ASN C 1796 31.79 -46.21 33.05
N ALA C 1797 32.33 -46.62 34.18
CA ALA C 1797 31.66 -47.64 34.98
C ALA C 1797 30.45 -47.09 35.73
N ASP C 1798 30.39 -45.79 35.98
CA ASP C 1798 29.36 -45.18 36.82
C ASP C 1798 28.67 -44.06 36.05
N PRO C 1799 27.80 -44.39 35.11
CA PRO C 1799 27.26 -43.36 34.22
C PRO C 1799 25.96 -42.71 34.68
N LEU C 1800 25.28 -43.30 35.65
CA LEU C 1800 23.99 -42.76 36.07
C LEU C 1800 24.10 -41.86 37.29
N ASP C 1801 25.31 -41.47 37.68
CA ASP C 1801 25.47 -40.50 38.73
C ASP C 1801 25.34 -39.07 38.23
N SER C 1802 24.88 -38.89 37.00
CA SER C 1802 24.68 -37.56 36.45
C SER C 1802 23.73 -37.67 35.27
N VAL C 1803 23.02 -36.59 35.01
CA VAL C 1803 22.09 -36.54 33.89
C VAL C 1803 22.89 -36.02 32.70
N ASP C 1804 23.60 -36.93 32.03
CA ASP C 1804 24.31 -36.56 30.83
C ASP C 1804 24.33 -37.76 29.89
N PRO C 1805 24.10 -37.56 28.61
CA PRO C 1805 24.07 -38.70 27.70
C PRO C 1805 25.43 -39.26 27.38
N ASP C 1806 26.47 -38.46 27.50
CA ASP C 1806 27.78 -38.92 27.11
C ASP C 1806 28.29 -39.97 28.07
N ALA C 1807 27.97 -39.85 29.35
CA ALA C 1807 28.38 -40.89 30.27
C ALA C 1807 27.73 -42.22 29.93
N VAL C 1808 26.45 -42.21 29.59
CA VAL C 1808 25.77 -43.44 29.22
C VAL C 1808 26.38 -44.01 27.94
N ALA C 1809 26.64 -43.16 26.96
CA ALA C 1809 27.16 -43.66 25.70
C ALA C 1809 28.61 -44.11 25.83
N GLN C 1810 29.33 -43.58 26.81
CA GLN C 1810 30.68 -44.05 27.09
C GLN C 1810 30.62 -45.39 27.80
N ASN C 1811 29.69 -45.55 28.70
CA ASN C 1811 29.51 -46.84 29.35
C ASN C 1811 29.12 -47.91 28.34
N ASP C 1812 28.40 -47.52 27.29
CA ASP C 1812 27.97 -48.46 26.26
C ASP C 1812 28.17 -47.85 24.88
N PRO C 1813 29.32 -48.09 24.24
CA PRO C 1813 29.62 -47.41 22.97
C PRO C 1813 28.73 -47.81 21.82
N MET C 1814 27.82 -48.77 21.98
CA MET C 1814 26.84 -48.96 20.93
C MET C 1814 26.03 -47.70 20.71
N HIS C 1815 25.86 -46.90 21.74
CA HIS C 1815 25.21 -45.62 21.54
C HIS C 1815 26.06 -44.68 20.71
N TYR C 1816 27.38 -44.79 20.77
CA TYR C 1816 28.18 -43.97 19.87
C TYR C 1816 28.08 -44.47 18.46
N LYS C 1817 27.94 -45.77 18.29
CA LYS C 1817 27.65 -46.30 16.96
C LYS C 1817 26.36 -45.71 16.41
N VAL C 1818 25.31 -45.73 17.22
CA VAL C 1818 24.02 -45.22 16.75
C VAL C 1818 24.07 -43.73 16.53
N SER C 1819 24.80 -42.99 17.36
CA SER C 1819 24.96 -41.56 17.14
C SER C 1819 25.69 -41.29 15.84
N THR C 1820 26.73 -42.05 15.55
CA THR C 1820 27.44 -41.86 14.30
C THR C 1820 26.55 -42.13 13.10
N LEU C 1821 25.80 -43.21 13.15
CA LEU C 1821 24.90 -43.50 12.04
C LEU C 1821 23.81 -42.47 11.93
N MET C 1822 23.38 -41.88 13.04
CA MET C 1822 22.40 -40.81 12.94
C MET C 1822 22.99 -39.56 12.34
N LYS C 1823 24.26 -39.25 12.63
CA LYS C 1823 24.90 -38.14 11.93
C LYS C 1823 25.04 -38.44 10.45
N LEU C 1824 25.30 -39.68 10.10
CA LEU C 1824 25.37 -40.02 8.69
C LEU C 1824 24.01 -39.89 8.01
N LEU C 1825 22.95 -40.30 8.69
CA LEU C 1825 21.61 -40.09 8.15
C LEU C 1825 21.33 -38.61 7.98
N ASP C 1826 21.67 -37.79 8.97
CA ASP C 1826 21.58 -36.35 8.81
C ASP C 1826 22.29 -35.90 7.55
N LEU C 1827 23.51 -36.36 7.35
CA LEU C 1827 24.31 -35.89 6.23
C LEU C 1827 23.67 -36.28 4.91
N LEU C 1828 23.22 -37.53 4.80
CA LEU C 1828 22.65 -37.99 3.55
C LEU C 1828 21.35 -37.27 3.25
N ILE C 1829 20.54 -37.04 4.27
CA ILE C 1829 19.29 -36.33 4.04
C ILE C 1829 19.58 -34.89 3.68
N ALA C 1830 20.63 -34.29 4.21
CA ALA C 1830 20.94 -32.91 3.86
C ALA C 1830 21.48 -32.81 2.44
N ARG C 1831 22.32 -33.75 2.03
CA ARG C 1831 22.74 -33.75 0.63
C ARG C 1831 21.55 -33.96 -0.30
N GLY C 1832 20.65 -34.86 0.08
CA GLY C 1832 19.45 -35.04 -0.70
C GLY C 1832 18.64 -33.78 -0.82
N ASP C 1833 18.43 -33.08 0.29
CA ASP C 1833 17.64 -31.85 0.24
C ASP C 1833 18.33 -30.78 -0.57
N LYS C 1834 19.65 -30.64 -0.45
CA LYS C 1834 20.35 -29.66 -1.25
C LYS C 1834 20.19 -29.95 -2.73
N ALA C 1835 20.35 -31.20 -3.13
CA ALA C 1835 20.20 -31.53 -4.55
C ALA C 1835 18.75 -31.47 -4.99
N TYR C 1836 17.83 -31.58 -4.04
CA TYR C 1836 16.41 -31.59 -4.37
C TYR C 1836 15.86 -30.18 -4.50
N ARG C 1837 16.49 -29.21 -3.87
CA ARG C 1837 16.08 -27.83 -4.07
C ARG C 1837 16.60 -27.24 -5.38
N MET C 1838 17.75 -27.67 -5.86
CA MET C 1838 18.13 -27.37 -7.24
C MET C 1838 17.22 -28.23 -8.10
N GLN C 1839 16.11 -27.68 -8.55
CA GLN C 1839 15.01 -28.50 -9.02
C GLN C 1839 15.18 -29.05 -10.41
N GLU C 1840 16.36 -29.04 -11.01
CA GLU C 1840 16.45 -29.62 -12.35
C GLU C 1840 16.51 -31.14 -12.30
N ARG C 1841 16.40 -31.74 -13.48
CA ARG C 1841 16.09 -33.17 -13.62
C ARG C 1841 17.19 -34.05 -13.05
N ASP C 1842 18.43 -33.85 -13.49
CA ASP C 1842 19.53 -34.66 -12.99
C ASP C 1842 19.74 -34.49 -11.49
N THR C 1843 19.55 -33.28 -10.97
CA THR C 1843 19.67 -33.10 -9.54
C THR C 1843 18.56 -33.79 -8.80
N LEU C 1844 17.38 -33.90 -9.40
CA LEU C 1844 16.31 -34.66 -8.76
C LEU C 1844 16.66 -36.13 -8.71
N ASN C 1845 17.24 -36.66 -9.78
CA ASN C 1845 17.71 -38.04 -9.73
C ASN C 1845 18.76 -38.22 -8.65
N GLU C 1846 19.67 -37.26 -8.52
CA GLU C 1846 20.69 -37.32 -7.47
C GLU C 1846 20.07 -37.27 -6.08
N ALA C 1847 19.03 -36.46 -5.91
CA ALA C 1847 18.38 -36.39 -4.61
C ALA C 1847 17.73 -37.70 -4.27
N LYS C 1848 17.06 -38.31 -5.25
CA LYS C 1848 16.49 -39.63 -5.01
C LYS C 1848 17.57 -40.62 -4.67
N MET C 1849 18.76 -40.45 -5.25
CA MET C 1849 19.89 -41.29 -4.90
C MET C 1849 20.27 -41.17 -3.44
N TRP C 1850 20.41 -39.95 -2.94
CA TRP C 1850 20.81 -39.74 -1.56
C TRP C 1850 19.75 -40.26 -0.61
N TYR C 1851 18.49 -40.03 -0.91
CA TYR C 1851 17.43 -40.57 -0.06
C TYR C 1851 17.41 -42.09 -0.08
N MET C 1852 17.64 -42.69 -1.24
CA MET C 1852 17.68 -44.14 -1.28
C MET C 1852 18.86 -44.67 -0.48
N GLN C 1853 19.97 -43.97 -0.48
CA GLN C 1853 21.11 -44.39 0.33
C GLN C 1853 20.76 -44.34 1.81
N ALA C 1854 20.11 -43.26 2.25
CA ALA C 1854 19.72 -43.17 3.65
C ALA C 1854 18.73 -44.26 4.00
N LEU C 1855 17.82 -44.60 3.09
CA LEU C 1855 16.88 -45.67 3.36
C LEU C 1855 17.59 -47.00 3.49
N GLY C 1856 18.52 -47.30 2.59
CA GLY C 1856 19.27 -48.54 2.71
C GLY C 1856 20.06 -48.60 3.99
N LEU C 1857 20.52 -47.45 4.49
CA LEU C 1857 21.21 -47.41 5.76
C LEU C 1857 20.26 -47.75 6.90
N LEU C 1858 19.08 -47.17 6.88
CA LEU C 1858 18.13 -47.37 7.96
C LEU C 1858 17.64 -48.81 7.99
N GLY C 1859 17.38 -49.38 6.83
CA GLY C 1859 16.96 -50.77 6.78
C GLY C 1859 15.50 -50.93 6.46
N ASP C 1860 14.82 -51.80 7.20
CA ASP C 1860 13.41 -52.07 7.01
C ASP C 1860 12.62 -51.46 8.16
N LYS C 1861 11.59 -50.72 7.84
CA LYS C 1861 10.84 -50.01 8.86
C LYS C 1861 10.26 -51.00 9.86
N PRO C 1862 10.52 -50.84 11.15
CA PRO C 1862 10.00 -51.79 12.13
C PRO C 1862 8.49 -51.66 12.25
N VAL C 1863 7.79 -52.77 12.05
CA VAL C 1863 6.34 -52.76 12.17
C VAL C 1863 5.98 -52.64 13.64
N SER C 1864 4.97 -51.84 13.94
CA SER C 1864 4.60 -51.56 15.32
C SER C 1864 3.44 -52.44 15.76
N ILE C 1865 3.70 -53.39 16.66
CA ILE C 1865 2.66 -54.30 17.09
C ILE C 1865 1.64 -53.55 17.95
N PHE C 1866 0.38 -53.86 17.74
CA PHE C 1866 -0.71 -53.37 18.58
C PHE C 1866 -1.49 -54.50 19.23
N SER C 1867 -1.70 -55.61 18.53
CA SER C 1867 -2.20 -56.81 19.18
C SER C 1867 -1.06 -57.47 19.92
N ASN C 1868 -0.82 -57.02 21.15
CA ASN C 1868 0.30 -57.50 21.94
C ASN C 1868 -0.20 -57.93 23.31
N GLY C 1869 0.70 -58.54 24.07
CA GLY C 1869 0.36 -59.03 25.38
C GLY C 1869 -0.08 -57.97 26.37
N TRP C 1870 -0.24 -56.73 25.94
CA TRP C 1870 -0.66 -55.66 26.84
C TRP C 1870 -2.13 -55.81 27.15
N GLU C 1871 -2.45 -56.39 28.30
CA GLU C 1871 -3.79 -56.27 28.81
C GLU C 1871 -4.03 -54.83 29.21
N ASN C 1872 -5.20 -54.54 29.74
CA ASN C 1872 -5.43 -53.17 30.17
C ASN C 1872 -5.52 -53.15 31.68
N PRO C 1873 -4.41 -53.18 32.40
CA PRO C 1873 -4.45 -53.35 33.84
C PRO C 1873 -4.96 -52.08 34.52
N SER C 1874 -5.47 -52.27 35.73
CA SER C 1874 -5.88 -51.14 36.53
C SER C 1874 -4.66 -50.40 37.01
N LEU C 1875 -4.85 -49.16 37.46
CA LEU C 1875 -3.73 -48.40 37.98
C LEU C 1875 -3.11 -49.07 39.20
N SER C 1876 -3.93 -49.61 40.08
CA SER C 1876 -3.39 -50.24 41.27
C SER C 1876 -2.67 -51.54 40.91
N ASN C 1877 -3.14 -52.25 39.90
CA ASN C 1877 -2.45 -53.47 39.50
C ASN C 1877 -1.23 -53.17 38.66
N ALA C 1878 -1.11 -51.94 38.17
CA ALA C 1878 0.07 -51.56 37.40
C ALA C 1878 1.12 -50.91 38.27
N ALA C 1879 0.74 -50.40 39.42
CA ALA C 1879 1.63 -49.65 40.29
C ALA C 1879 1.92 -50.42 41.56
N ASP C 1880 2.22 -51.70 41.46
CA ASP C 1880 2.55 -52.48 42.63
C ASP C 1880 4.03 -52.40 42.95
N LYS C 1881 4.34 -52.50 44.24
CA LYS C 1881 5.73 -52.59 44.67
C LYS C 1881 6.28 -53.99 44.44
N THR C 1882 5.44 -55.01 44.59
CA THR C 1882 5.87 -56.36 44.21
C THR C 1882 6.20 -56.41 42.73
N GLN C 1883 5.48 -55.64 41.92
CA GLN C 1883 5.73 -55.60 40.49
C GLN C 1883 7.11 -55.05 40.15
N ALA C 1884 7.60 -54.08 40.91
CA ALA C 1884 8.94 -53.56 40.71
C ALA C 1884 10.00 -54.45 41.34
N LYS C 1885 9.70 -55.00 42.52
CA LYS C 1885 10.67 -55.85 43.20
C LYS C 1885 10.94 -57.11 42.40
N GLN C 1886 9.90 -57.76 41.90
CA GLN C 1886 10.11 -58.97 41.12
C GLN C 1886 10.95 -58.69 39.88
N PHE C 1887 10.66 -57.59 39.21
CA PHE C 1887 11.41 -57.19 38.02
C PHE C 1887 12.89 -57.01 38.34
N HIS C 1888 13.19 -56.11 39.29
CA HIS C 1888 14.58 -55.85 39.64
C HIS C 1888 15.26 -57.06 40.23
N ASP C 1889 14.52 -57.93 40.88
CA ASP C 1889 15.13 -59.12 41.46
C ASP C 1889 15.56 -60.08 40.38
N GLU C 1890 14.69 -60.30 39.39
CA GLU C 1890 15.08 -61.18 38.30
C GLU C 1890 16.24 -60.59 37.52
N ILE C 1891 16.26 -59.28 37.33
CA ILE C 1891 17.38 -58.66 36.63
C ILE C 1891 18.67 -58.85 37.42
N SER C 1892 18.64 -58.56 38.71
CA SER C 1892 19.86 -58.70 39.50
C SER C 1892 20.29 -60.13 39.62
N ARG C 1893 19.37 -61.08 39.48
CA ARG C 1893 19.74 -62.48 39.44
C ARG C 1893 20.44 -62.80 38.13
N ILE C 1894 19.80 -62.47 37.00
CA ILE C 1894 20.36 -62.77 35.69
C ILE C 1894 21.60 -61.95 35.38
N ARG C 1895 21.86 -60.90 36.15
CA ARG C 1895 23.01 -60.05 35.92
C ARG C 1895 24.25 -60.58 36.60
N SER C 1896 24.12 -61.05 37.83
CA SER C 1896 25.17 -61.78 38.49
C SER C 1896 25.27 -63.21 37.99
N GLY C 1897 24.51 -63.57 36.96
CA GLY C 1897 24.53 -64.90 36.39
C GLY C 1897 24.20 -65.99 37.37
N GLY C 1898 23.27 -65.73 38.30
CA GLY C 1898 22.94 -66.73 39.32
C GLY C 1898 22.61 -68.08 38.72
N LEU C 1899 21.88 -68.08 37.63
CA LEU C 1899 21.72 -69.21 36.73
C LEU C 1899 21.35 -68.65 35.36
N LEU C 1900 21.07 -69.54 34.43
CA LEU C 1900 20.58 -69.10 33.14
C LEU C 1900 19.15 -68.59 33.27
N PRO C 1901 18.67 -67.83 32.29
CA PRO C 1901 17.29 -67.33 32.37
C PRO C 1901 16.27 -68.45 32.35
N ASP C 1902 15.01 -68.05 32.48
CA ASP C 1902 13.92 -69.04 32.50
C ASP C 1902 13.76 -69.74 31.16
N VAL C 1903 14.03 -69.05 30.06
CA VAL C 1903 13.82 -69.54 28.68
C VAL C 1903 12.64 -70.50 28.54
N ALA C 1906 12.70 -65.89 29.50
CA ALA C 1906 13.14 -65.21 28.29
C ALA C 1906 12.00 -64.40 27.69
N ASN C 1907 10.99 -64.15 28.51
CA ASN C 1907 9.77 -63.49 28.07
C ASN C 1907 9.81 -61.98 28.25
N THR C 1908 10.08 -61.49 29.46
CA THR C 1908 9.96 -60.07 29.78
C THR C 1908 11.30 -59.54 30.28
N LEU C 1909 11.77 -58.47 29.64
CA LEU C 1909 13.03 -57.83 30.00
C LEU C 1909 12.85 -56.52 30.75
N THR C 1910 11.76 -55.79 30.49
CA THR C 1910 11.56 -54.47 31.06
C THR C 1910 10.34 -54.34 31.94
N GLY C 1911 9.72 -55.44 32.34
CA GLY C 1911 8.64 -55.39 33.31
C GLY C 1911 7.28 -55.30 32.63
N LEU C 1912 6.44 -54.40 33.12
CA LEU C 1912 5.07 -54.30 32.65
C LEU C 1912 4.94 -53.50 31.38
N PHE C 1913 5.66 -52.39 31.27
CA PHE C 1913 5.54 -51.49 30.14
C PHE C 1913 6.59 -51.83 29.09
N ARG C 1914 6.19 -51.79 27.83
CA ARG C 1914 7.07 -52.23 26.76
C ARG C 1914 8.08 -51.14 26.40
N PRO C 1915 9.21 -51.51 25.82
CA PRO C 1915 10.14 -50.52 25.32
C PRO C 1915 9.59 -49.82 24.09
N GLN C 1916 9.97 -48.57 23.93
CA GLN C 1916 9.46 -47.73 22.86
C GLN C 1916 10.51 -47.59 21.77
N GLN C 1917 10.04 -47.39 20.54
CA GLN C 1917 10.93 -47.13 19.44
C GLN C 1917 11.43 -45.68 19.48
N ASN C 1918 12.64 -45.48 18.96
CA ASN C 1918 13.23 -44.15 18.98
C ASN C 1918 12.45 -43.23 18.06
N GLU C 1919 11.75 -42.28 18.65
CA GLU C 1919 10.98 -41.34 17.84
C GLU C 1919 11.86 -40.56 16.89
N LYS C 1920 13.15 -40.45 17.18
CA LYS C 1920 14.04 -39.79 16.23
C LYS C 1920 14.26 -40.66 15.00
N LEU C 1921 14.44 -41.96 15.19
CA LEU C 1921 14.51 -42.85 14.04
C LEU C 1921 13.22 -42.84 13.25
N LEU C 1922 12.10 -42.78 13.94
CA LEU C 1922 10.85 -42.74 13.20
C LEU C 1922 10.70 -41.43 12.46
N GLY C 1923 11.27 -40.36 12.99
CA GLY C 1923 11.31 -39.13 12.22
C GLY C 1923 12.12 -39.28 10.96
N TYR C 1924 13.25 -39.98 11.04
CA TYR C 1924 14.03 -40.25 9.83
C TYR C 1924 13.22 -41.06 8.83
N TRP C 1925 12.57 -42.12 9.31
CA TRP C 1925 11.73 -42.95 8.43
C TRP C 1925 10.69 -42.10 7.74
N GLN C 1926 9.95 -41.32 8.51
CA GLN C 1926 8.89 -40.51 7.94
C GLN C 1926 9.40 -39.46 7.00
N MET C 1927 10.55 -38.83 7.30
CA MET C 1927 11.09 -37.84 6.40
C MET C 1927 11.49 -38.46 5.08
N LEU C 1928 12.11 -39.64 5.14
CA LEU C 1928 12.52 -40.28 3.90
C LEU C 1928 11.31 -40.70 3.09
N GLU C 1929 10.28 -41.24 3.74
CA GLU C 1929 9.08 -41.62 3.00
C GLU C 1929 8.42 -40.40 2.37
N MET C 1930 8.35 -39.30 3.11
CA MET C 1930 7.75 -38.09 2.56
C MET C 1930 8.53 -37.57 1.37
N ARG C 1931 9.85 -37.44 1.49
CA ARG C 1931 10.65 -36.91 0.40
C ARG C 1931 10.61 -37.84 -0.80
N LEU C 1932 10.57 -39.13 -0.56
CA LEU C 1932 10.55 -40.06 -1.67
C LEU C 1932 9.20 -40.05 -2.36
N PHE C 1933 8.12 -39.86 -1.60
CA PHE C 1933 6.82 -39.66 -2.19
C PHE C 1933 6.82 -38.43 -3.10
N ASN C 1934 7.31 -37.30 -2.61
CA ASN C 1934 7.32 -36.11 -3.43
C ASN C 1934 8.20 -36.27 -4.66
N LEU C 1935 9.29 -37.03 -4.55
CA LEU C 1935 10.13 -37.27 -5.72
C LEU C 1935 9.44 -38.15 -6.73
N ARG C 1936 8.79 -39.21 -6.28
CA ARG C 1936 8.14 -40.12 -7.21
C ARG C 1936 6.96 -39.47 -7.90
N ASN C 1937 6.10 -38.80 -7.15
CA ASN C 1937 5.17 -37.89 -7.78
C ASN C 1937 5.97 -36.71 -8.27
N ASN C 1938 5.34 -35.73 -8.89
CA ASN C 1938 6.12 -34.67 -9.52
C ASN C 1938 6.08 -33.40 -8.68
N LEU C 1939 6.10 -33.55 -7.37
CA LEU C 1939 5.98 -32.45 -6.44
C LEU C 1939 7.35 -31.86 -6.12
N SER C 1940 7.32 -30.76 -5.38
CA SER C 1940 8.54 -30.11 -4.94
C SER C 1940 8.93 -30.65 -3.57
N ILE C 1941 9.93 -30.03 -2.94
CA ILE C 1941 10.32 -30.43 -1.60
C ILE C 1941 9.27 -30.11 -0.56
N ASP C 1942 8.39 -29.15 -0.85
CA ASP C 1942 7.31 -28.78 0.05
C ASP C 1942 5.99 -29.44 -0.29
N GLY C 1943 5.97 -30.34 -1.27
CA GLY C 1943 4.75 -30.98 -1.68
C GLY C 1943 3.89 -30.18 -2.62
N GLN C 1944 4.34 -29.00 -3.04
CA GLN C 1944 3.59 -28.22 -4.01
C GLN C 1944 3.85 -28.76 -5.42
N PRO C 1945 2.83 -28.82 -6.26
CA PRO C 1945 2.96 -29.47 -7.57
C PRO C 1945 3.82 -28.66 -8.51
N LEU C 1946 4.73 -29.34 -9.20
CA LEU C 1946 5.57 -28.70 -10.20
C LEU C 1946 4.92 -28.64 -11.57
N SER C 1947 3.77 -29.27 -11.74
CA SER C 1947 3.07 -29.24 -13.02
C SER C 1947 1.99 -28.17 -13.00
N LEU C 1948 1.54 -27.79 -14.19
CA LEU C 1948 0.45 -26.83 -14.30
C LEU C 1948 -0.88 -27.55 -14.09
N PRO C 1949 -1.82 -26.93 -13.38
CA PRO C 1949 -3.08 -27.61 -13.06
C PRO C 1949 -3.92 -27.89 -14.29
N VAL C 1950 -4.82 -28.85 -14.13
CA VAL C 1950 -5.77 -29.22 -15.18
C VAL C 1950 -6.79 -28.09 -15.30
N PHE C 1951 -6.63 -27.26 -16.33
CA PHE C 1951 -7.68 -26.30 -16.60
C PHE C 1951 -8.73 -26.93 -17.51
N ALA C 1952 -9.95 -26.41 -17.42
CA ALA C 1952 -11.05 -26.94 -18.20
C ALA C 1952 -11.91 -25.76 -18.63
N ALA C 1953 -11.96 -25.51 -19.92
CA ALA C 1953 -12.84 -24.46 -20.44
C ALA C 1953 -14.28 -24.76 -20.04
N PRO C 1954 -14.95 -23.84 -19.36
CA PRO C 1954 -16.35 -24.07 -18.98
C PRO C 1954 -17.26 -24.06 -20.19
N ALA C 1955 -18.47 -24.57 -19.98
CA ALA C 1955 -19.43 -24.64 -21.08
C ALA C 1955 -20.13 -23.30 -21.29
N ASP C 1956 -20.28 -22.94 -22.56
CA ASP C 1956 -21.04 -21.76 -22.91
C ASP C 1956 -22.52 -22.00 -22.57
N PRO C 1957 -23.14 -21.09 -21.81
CA PRO C 1957 -24.55 -21.29 -21.43
C PRO C 1957 -25.44 -21.39 -22.67
N ALA C 1958 -26.29 -22.41 -22.68
CA ALA C 1958 -27.08 -22.71 -23.86
C ALA C 1958 -28.06 -21.58 -24.17
N ALA C 1959 -28.32 -21.38 -25.46
CA ALA C 1959 -29.36 -20.44 -25.86
C ALA C 1959 -30.73 -21.09 -25.72
N LEU C 1960 -31.61 -20.47 -24.95
CA LEU C 1960 -32.94 -21.02 -24.75
C LEU C 1960 -33.73 -20.98 -26.06
N LEU C 1961 -34.56 -21.99 -26.25
CA LEU C 1961 -35.35 -22.11 -27.47
C LEU C 1961 -36.66 -22.80 -27.14
N SER C 1962 -37.76 -22.15 -27.50
CA SER C 1962 -39.10 -22.67 -27.22
C SER C 1962 -39.83 -22.94 -28.53
N ALA C 1963 -40.94 -23.65 -28.40
CA ALA C 1963 -41.73 -24.01 -29.57
C ALA C 1963 -42.65 -22.87 -29.97
N ALA C 1964 -42.66 -22.57 -31.27
CA ALA C 1964 -43.56 -21.56 -31.84
C ALA C 1964 -44.23 -22.18 -33.05
N ALA C 1965 -45.57 -22.24 -33.03
CA ALA C 1965 -46.33 -22.90 -34.08
C ALA C 1965 -47.44 -21.98 -34.57
N ALA C 1966 -47.76 -22.11 -35.85
CA ALA C 1966 -48.85 -21.33 -36.43
C ALA C 1966 -50.18 -21.88 -35.96
N ALA C 1967 -51.14 -20.98 -35.75
CA ALA C 1967 -52.49 -21.41 -35.41
C ALA C 1967 -53.16 -22.01 -36.62
N SER C 1968 -53.84 -23.13 -36.42
CA SER C 1968 -54.48 -23.85 -37.51
C SER C 1968 -55.98 -23.96 -37.23
N GLY C 1969 -56.77 -23.87 -38.29
CA GLY C 1969 -58.21 -23.95 -38.17
C GLY C 1969 -58.91 -23.87 -39.51
N GLY C 1970 -59.97 -24.65 -39.67
CA GLY C 1970 -60.70 -24.61 -40.93
C GLY C 1970 -61.79 -23.56 -40.93
N SER C 1971 -62.22 -23.20 -42.13
CA SER C 1971 -63.30 -22.25 -42.28
C SER C 1971 -64.62 -22.88 -41.84
N LYS C 1972 -65.69 -22.14 -42.05
CA LYS C 1972 -66.99 -22.66 -41.67
C LYS C 1972 -67.88 -22.72 -42.90
N PRO C 1973 -68.61 -23.81 -43.12
CA PRO C 1973 -69.45 -23.90 -44.31
C PRO C 1973 -70.70 -23.04 -44.18
N LEU C 1974 -71.16 -22.57 -45.33
CA LEU C 1974 -72.30 -21.67 -45.35
C LEU C 1974 -73.58 -22.42 -44.98
N PRO C 1975 -74.56 -21.73 -44.41
CA PRO C 1975 -75.81 -22.41 -44.04
C PRO C 1975 -76.68 -22.64 -45.27
N SER C 1976 -77.70 -23.46 -45.07
CA SER C 1976 -78.65 -23.74 -46.14
C SER C 1976 -79.40 -22.47 -46.52
N ALA C 1977 -79.76 -22.39 -47.79
CA ALA C 1977 -80.37 -21.21 -48.36
C ALA C 1977 -81.87 -21.40 -48.48
N ASP C 1978 -82.59 -20.28 -48.53
CA ASP C 1978 -84.03 -20.29 -48.65
C ASP C 1978 -84.48 -18.94 -49.16
N ILE C 1979 -85.53 -18.93 -49.96
CA ILE C 1979 -86.04 -17.66 -50.48
C ILE C 1979 -86.81 -16.96 -49.36
N PRO C 1980 -86.43 -15.75 -49.02
CA PRO C 1980 -87.07 -15.07 -47.88
C PRO C 1980 -88.46 -14.57 -48.23
N ALA C 1981 -89.06 -13.81 -47.32
CA ALA C 1981 -90.34 -13.18 -47.58
C ALA C 1981 -90.21 -11.88 -48.36
N MET C 1982 -89.08 -11.20 -48.22
CA MET C 1982 -88.91 -9.88 -48.81
C MET C 1982 -88.19 -9.97 -50.14
N ARG C 1983 -88.43 -8.99 -50.99
CA ARG C 1983 -87.71 -8.90 -52.25
C ARG C 1983 -86.23 -8.65 -51.98
N PHE C 1984 -85.45 -8.63 -53.06
CA PHE C 1984 -84.01 -8.50 -52.87
C PHE C 1984 -83.58 -7.15 -52.33
N PRO C 1985 -84.07 -6.01 -52.80
CA PRO C 1985 -83.59 -4.74 -52.26
C PRO C 1985 -83.85 -4.58 -50.79
N GLN C 1986 -84.72 -5.38 -50.19
CA GLN C 1986 -85.00 -5.30 -48.77
C GLN C 1986 -84.35 -6.42 -47.98
N ALA C 1987 -84.28 -7.63 -48.53
CA ALA C 1987 -83.47 -8.66 -47.91
C ALA C 1987 -82.03 -8.24 -47.83
N LEU C 1988 -81.52 -7.56 -48.86
CA LEU C 1988 -80.16 -7.06 -48.86
C LEU C 1988 -79.95 -6.06 -47.73
N ASP C 1989 -80.92 -5.16 -47.53
CA ASP C 1989 -80.76 -4.19 -46.46
C ASP C 1989 -80.80 -4.86 -45.10
N SER C 1990 -81.68 -5.84 -44.93
CA SER C 1990 -81.74 -6.55 -43.67
C SER C 1990 -80.44 -7.29 -43.38
N ALA C 1991 -79.83 -7.88 -44.39
CA ALA C 1991 -78.55 -8.55 -44.17
C ALA C 1991 -77.43 -7.56 -43.97
N ARG C 1992 -77.47 -6.41 -44.65
CA ARG C 1992 -76.43 -5.41 -44.48
C ARG C 1992 -76.45 -4.82 -43.07
N SER C 1993 -77.64 -4.69 -42.49
CA SER C 1993 -77.71 -4.22 -41.11
C SER C 1993 -77.06 -5.22 -40.16
N LEU C 1994 -77.40 -6.51 -40.31
CA LEU C 1994 -76.79 -7.51 -39.45
C LEU C 1994 -75.28 -7.61 -39.67
N THR C 1995 -74.82 -7.40 -40.90
CA THR C 1995 -73.39 -7.45 -41.13
C THR C 1995 -72.69 -6.26 -40.50
N GLY C 1996 -73.34 -5.09 -40.49
CA GLY C 1996 -72.78 -3.97 -39.74
C GLY C 1996 -72.68 -4.29 -38.26
N GLN C 1997 -73.71 -4.93 -37.71
CA GLN C 1997 -73.65 -5.30 -36.30
C GLN C 1997 -72.57 -6.34 -36.05
N LEU C 1998 -72.39 -7.27 -36.98
CA LEU C 1998 -71.32 -8.25 -36.86
C LEU C 1998 -69.96 -7.58 -36.89
N MET C 1999 -69.79 -6.57 -37.72
CA MET C 1999 -68.54 -5.82 -37.73
C MET C 1999 -68.30 -5.14 -36.39
N GLN C 2000 -69.36 -4.59 -35.81
CA GLN C 2000 -69.18 -3.97 -34.50
C GLN C 2000 -68.76 -4.99 -33.46
N PHE C 2001 -69.39 -6.17 -33.47
CA PHE C 2001 -68.93 -7.23 -32.58
C PHE C 2001 -67.48 -7.60 -32.84
N GLY C 2002 -67.07 -7.64 -34.11
CA GLY C 2002 -65.70 -8.02 -34.41
C GLY C 2002 -64.70 -6.99 -33.91
N SER C 2003 -65.01 -5.72 -34.10
CA SER C 2003 -64.14 -4.67 -33.57
C SER C 2003 -64.04 -4.76 -32.06
N THR C 2004 -65.18 -4.89 -31.38
CA THR C 2004 -65.13 -4.96 -29.93
C THR C 2004 -64.41 -6.21 -29.46
N LEU C 2005 -64.53 -7.31 -30.20
CA LEU C 2005 -63.89 -8.54 -29.80
C LEU C 2005 -62.39 -8.44 -29.95
N LEU C 2006 -61.91 -7.88 -31.06
CA LEU C 2006 -60.49 -7.69 -31.20
C LEU C 2006 -59.95 -6.76 -30.13
N GLY C 2007 -60.68 -5.69 -29.82
CA GLY C 2007 -60.29 -4.83 -28.72
C GLY C 2007 -60.16 -5.59 -27.42
N LEU C 2008 -61.15 -6.41 -27.09
CA LEU C 2008 -61.13 -7.13 -25.81
C LEU C 2008 -60.01 -8.16 -25.80
N ILE C 2009 -59.77 -8.83 -26.91
CA ILE C 2009 -58.71 -9.81 -26.97
C ILE C 2009 -57.37 -9.15 -26.70
N GLU C 2010 -57.05 -8.10 -27.44
CA GLU C 2010 -55.75 -7.46 -27.27
C GLU C 2010 -55.65 -6.78 -25.91
N ARG C 2011 -56.77 -6.34 -25.35
CA ARG C 2011 -56.74 -5.71 -24.04
C ARG C 2011 -56.52 -6.74 -22.93
N ARG C 2012 -57.13 -7.92 -23.06
CA ARG C 2012 -56.88 -8.99 -22.11
C ARG C 2012 -55.44 -9.43 -22.18
N ASP C 2013 -54.89 -9.52 -23.38
CA ASP C 2013 -53.48 -9.89 -23.51
C ASP C 2013 -52.57 -8.80 -22.96
N ALA C 2014 -53.00 -7.54 -22.98
CA ALA C 2014 -52.25 -6.49 -22.34
C ALA C 2014 -52.27 -6.64 -20.82
N GLU C 2015 -53.43 -6.93 -20.24
CA GLU C 2015 -53.48 -7.12 -18.81
C GLU C 2015 -52.68 -8.34 -18.37
N ALA C 2016 -52.73 -9.41 -19.14
CA ALA C 2016 -51.95 -10.60 -18.79
C ALA C 2016 -50.46 -10.32 -18.81
N MET C 2017 -50.00 -9.57 -19.81
CA MET C 2017 -48.59 -9.20 -19.82
C MET C 2017 -48.24 -8.27 -18.67
N SER C 2018 -49.08 -7.29 -18.40
CA SER C 2018 -48.77 -6.37 -17.32
C SER C 2018 -48.72 -7.08 -15.98
N GLU C 2019 -49.48 -8.16 -15.83
CA GLU C 2019 -49.39 -8.93 -14.60
C GLU C 2019 -48.18 -9.85 -14.58
N LEU C 2020 -47.83 -10.42 -15.73
CA LEU C 2020 -46.62 -11.22 -15.81
C LEU C 2020 -45.40 -10.40 -15.43
N LEU C 2021 -45.32 -9.17 -15.95
CA LEU C 2021 -44.19 -8.31 -15.62
C LEU C 2021 -44.11 -8.05 -14.13
N GLN C 2022 -45.24 -7.86 -13.47
CA GLN C 2022 -45.22 -7.61 -12.04
C GLN C 2022 -44.82 -8.84 -11.23
N ASN C 2023 -45.33 -10.01 -11.60
CA ASN C 2023 -44.90 -11.23 -10.93
C ASN C 2023 -43.40 -11.42 -11.07
N GLN C 2024 -42.87 -11.13 -12.25
CA GLN C 2024 -41.43 -11.23 -12.44
C GLN C 2024 -40.69 -10.22 -11.60
N ALA C 2025 -41.19 -8.98 -11.53
CA ALA C 2025 -40.52 -7.97 -10.73
C ALA C 2025 -40.51 -8.38 -9.26
N GLY C 2026 -41.56 -9.05 -8.81
CA GLY C 2026 -41.56 -9.51 -7.43
C GLY C 2026 -40.54 -10.60 -7.17
N GLU C 2027 -40.55 -11.65 -8.00
CA GLU C 2027 -39.56 -12.70 -7.78
C GLU C 2027 -38.16 -12.26 -8.16
N LEU C 2028 -37.99 -11.05 -8.67
CA LEU C 2028 -36.67 -10.48 -8.90
C LEU C 2028 -36.22 -9.61 -7.74
N MET C 2029 -37.13 -8.83 -7.17
CA MET C 2029 -36.80 -8.11 -5.94
C MET C 2029 -36.50 -9.08 -4.80
N LEU C 2030 -37.05 -10.29 -4.85
CA LEU C 2030 -36.64 -11.28 -3.86
C LEU C 2030 -35.13 -11.50 -3.91
N SER C 2031 -34.58 -11.76 -5.10
CA SER C 2031 -33.14 -11.97 -5.20
C SER C 2031 -32.38 -10.70 -4.89
N SER C 2032 -32.93 -9.55 -5.25
CA SER C 2032 -32.25 -8.29 -4.92
C SER C 2032 -32.08 -8.14 -3.42
N LEU C 2033 -33.15 -8.32 -2.66
CA LEU C 2033 -33.05 -8.29 -1.20
C LEU C 2033 -32.10 -9.37 -0.70
N ARG C 2034 -32.19 -10.56 -1.25
CA ARG C 2034 -31.32 -11.67 -0.86
C ARG C 2034 -29.85 -11.32 -1.07
N MET C 2035 -29.57 -10.50 -2.06
CA MET C 2035 -28.19 -10.10 -2.35
C MET C 2035 -27.77 -8.92 -1.49
N GLN C 2036 -28.72 -8.13 -1.01
CA GLN C 2036 -28.35 -7.07 -0.09
C GLN C 2036 -27.76 -7.60 1.20
N GLU C 2037 -28.30 -8.69 1.74
CA GLU C 2037 -27.71 -9.27 2.94
C GLU C 2037 -26.28 -9.73 2.71
N GLN C 2038 -25.97 -10.28 1.52
CA GLN C 2038 -24.58 -10.61 1.26
C GLN C 2038 -23.73 -9.36 1.19
N ALA C 2039 -24.22 -8.34 0.50
CA ALA C 2039 -23.48 -7.09 0.42
C ALA C 2039 -23.27 -6.48 1.80
N LEU C 2040 -24.06 -6.89 2.78
CA LEU C 2040 -23.95 -6.34 4.12
C LEU C 2040 -23.14 -7.22 5.07
N THR C 2041 -23.07 -8.53 4.84
CA THR C 2041 -22.08 -9.30 5.57
C THR C 2041 -20.68 -9.09 5.04
N GLU C 2042 -20.54 -8.67 3.78
CA GLU C 2042 -19.21 -8.30 3.31
C GLU C 2042 -18.63 -7.17 4.14
N LEU C 2043 -19.47 -6.30 4.69
CA LEU C 2043 -18.95 -5.26 5.56
C LEU C 2043 -18.52 -5.82 6.91
N ASP C 2044 -19.24 -6.80 7.43
CA ASP C 2044 -18.77 -7.46 8.65
C ASP C 2044 -17.48 -8.21 8.42
N ALA C 2045 -17.17 -8.53 7.17
CA ALA C 2045 -15.85 -9.10 6.86
C ALA C 2045 -14.78 -8.03 6.74
N GLU C 2046 -15.10 -6.91 6.10
CA GLU C 2046 -14.15 -5.81 6.05
C GLU C 2046 -13.78 -5.34 7.44
N LYS C 2047 -14.74 -5.35 8.36
CA LYS C 2047 -14.43 -4.95 9.73
C LYS C 2047 -13.44 -5.91 10.36
N LYS C 2048 -13.52 -7.19 10.02
CA LYS C 2048 -12.55 -8.14 10.57
C LYS C 2048 -11.16 -7.88 10.01
N ILE C 2049 -11.08 -7.59 8.71
CA ILE C 2049 -9.78 -7.21 8.13
C ILE C 2049 -9.20 -6.02 8.89
N LEU C 2050 -10.00 -4.98 9.06
CA LEU C 2050 -9.49 -3.79 9.72
C LEU C 2050 -9.19 -4.03 11.18
N GLU C 2051 -9.87 -4.96 11.82
CA GLU C 2051 -9.57 -5.25 13.21
C GLU C 2051 -8.27 -6.02 13.34
N GLN C 2052 -7.95 -6.88 12.39
CA GLN C 2052 -6.63 -7.49 12.41
C GLN C 2052 -5.54 -6.45 12.17
N SER C 2053 -5.78 -5.51 11.26
CA SER C 2053 -4.82 -4.42 11.12
C SER C 2053 -4.64 -3.67 12.43
N ARG C 2054 -5.76 -3.36 13.09
CA ARG C 2054 -5.70 -2.64 14.35
C ARG C 2054 -4.93 -3.41 15.39
N ALA C 2055 -5.13 -4.72 15.47
CA ALA C 2055 -4.45 -5.51 16.47
C ALA C 2055 -2.97 -5.60 16.18
N GLY C 2056 -2.59 -5.74 14.91
CA GLY C 2056 -1.19 -5.71 14.57
C GLY C 2056 -0.52 -4.41 14.96
N ALA C 2057 -1.14 -3.29 14.61
CA ALA C 2057 -0.54 -2.01 14.95
C ALA C 2057 -0.50 -1.80 16.46
N GLN C 2058 -1.49 -2.28 17.18
CA GLN C 2058 -1.47 -2.13 18.63
C GLN C 2058 -0.38 -2.98 19.24
N SER C 2059 -0.13 -4.17 18.71
CA SER C 2059 0.99 -4.95 19.19
C SER C 2059 2.30 -4.23 18.92
N ARG C 2060 2.44 -3.59 17.76
CA ARG C 2060 3.66 -2.86 17.49
C ARG C 2060 3.85 -1.70 18.47
N VAL C 2061 2.78 -0.96 18.74
CA VAL C 2061 2.89 0.13 19.71
C VAL C 2061 3.28 -0.42 21.06
N ASP C 2062 2.67 -1.52 21.48
CA ASP C 2062 3.02 -2.11 22.76
C ASP C 2062 4.47 -2.52 22.82
N SER C 2063 5.03 -3.03 21.72
CA SER C 2063 6.42 -3.45 21.72
C SER C 2063 7.37 -2.26 21.75
N TYR C 2064 7.14 -1.29 20.89
CA TYR C 2064 8.03 -0.14 20.86
C TYR C 2064 7.89 0.75 22.07
N ARG C 2065 6.73 0.81 22.70
CA ARG C 2065 6.64 1.55 23.96
C ARG C 2065 7.49 0.90 25.01
N ALA C 2066 7.46 -0.42 25.11
CA ALA C 2066 8.30 -1.09 26.08
C ALA C 2066 9.76 -0.85 25.80
N LEU C 2067 10.16 -0.94 24.54
CA LEU C 2067 11.55 -0.65 24.18
C LEU C 2067 11.94 0.76 24.54
N TYR C 2068 11.15 1.74 24.13
CA TYR C 2068 11.50 3.12 24.36
C TYR C 2068 11.42 3.49 25.82
N ASP C 2069 10.62 2.78 26.61
CA ASP C 2069 10.49 3.10 28.03
C ASP C 2069 11.64 2.52 28.83
N GLU C 2070 11.93 1.24 28.64
CA GLU C 2070 13.15 0.69 29.21
C GLU C 2070 14.27 1.22 28.31
N ASN C 2071 14.76 2.40 28.65
CA ASN C 2071 15.66 3.08 27.74
C ASN C 2071 16.92 2.27 27.52
N VAL C 2072 17.74 2.14 28.55
CA VAL C 2072 18.89 1.24 28.51
C VAL C 2072 18.66 0.18 29.57
N SER C 2073 19.01 -1.04 29.23
CA SER C 2073 18.77 -2.15 30.13
C SER C 2073 19.51 -1.94 31.43
N ALA C 2074 19.24 -2.80 32.40
CA ALA C 2074 20.02 -2.76 33.63
C ALA C 2074 21.47 -3.11 33.38
N GLU C 2075 21.74 -3.83 32.29
CA GLU C 2075 23.08 -4.29 31.96
C GLU C 2075 23.81 -3.38 31.03
N GLU C 2076 23.10 -2.68 30.16
CA GLU C 2076 23.74 -1.62 29.40
C GLU C 2076 24.26 -0.52 30.30
N LYS C 2077 23.60 -0.26 31.43
CA LYS C 2077 24.19 0.66 32.38
C LYS C 2077 25.40 0.04 33.06
N ARG C 2078 25.36 -1.27 33.26
CA ARG C 2078 26.50 -1.95 33.86
C ARG C 2078 27.71 -1.85 32.95
N THR C 2079 27.51 -1.92 31.65
CA THR C 2079 28.60 -1.75 30.72
C THR C 2079 29.22 -0.36 30.81
N MET C 2080 28.41 0.67 30.97
CA MET C 2080 28.95 2.01 31.06
C MET C 2080 29.71 2.21 32.35
N ASP C 2081 29.18 1.69 33.46
CA ASP C 2081 29.95 1.72 34.69
C ASP C 2081 31.25 0.94 34.57
N LEU C 2082 31.27 -0.10 33.75
CA LEU C 2082 32.49 -0.89 33.61
C LEU C 2082 33.54 -0.15 32.79
N TYR C 2083 33.13 0.48 31.71
CA TYR C 2083 34.08 1.29 30.95
C TYR C 2083 34.62 2.43 31.79
N LEU C 2084 33.78 3.03 32.61
CA LEU C 2084 34.26 4.11 33.47
C LEU C 2084 35.25 3.60 34.51
N SER C 2085 34.93 2.48 35.16
CA SER C 2085 35.85 1.90 36.10
C SER C 2085 37.16 1.51 35.45
N SER C 2086 37.11 1.05 34.20
CA SER C 2086 38.33 0.68 33.49
C SER C 2086 39.19 1.90 33.23
N ALA C 2087 38.58 3.00 32.78
CA ALA C 2087 39.37 4.19 32.52
C ALA C 2087 39.97 4.75 33.81
N ILE C 2088 39.24 4.67 34.90
CA ILE C 2088 39.76 5.18 36.16
C ILE C 2088 40.90 4.31 36.65
N LEU C 2089 40.77 2.99 36.54
CA LEU C 2089 41.89 2.12 36.88
C LEU C 2089 43.10 2.43 36.01
N SER C 2090 42.88 2.70 34.73
CA SER C 2090 44.00 2.94 33.83
C SER C 2090 44.70 4.24 34.10
N THR C 2091 44.04 5.23 34.67
CA THR C 2091 44.77 6.42 35.05
C THR C 2091 45.25 6.43 36.48
N SER C 2092 44.79 5.52 37.33
CA SER C 2092 45.24 5.49 38.72
C SER C 2092 46.45 4.60 38.92
N ILE C 2093 47.20 4.35 37.86
CA ILE C 2093 48.38 3.49 37.93
C ILE C 2093 49.66 4.22 37.60
N GLY C 2094 49.60 5.41 37.01
CA GLY C 2094 50.79 6.21 36.86
C GLY C 2094 51.50 6.49 38.16
N VAL C 2095 50.75 6.63 39.25
CA VAL C 2095 51.38 6.88 40.54
C VAL C 2095 52.28 5.72 40.91
N LEU C 2096 51.79 4.50 40.74
CA LEU C 2096 52.58 3.32 41.06
C LEU C 2096 53.75 3.18 40.12
N ASP C 2097 53.53 3.45 38.84
CA ASP C 2097 54.58 3.30 37.86
C ASP C 2097 55.69 4.31 38.07
N MET C 2098 55.38 5.46 38.65
CA MET C 2098 56.40 6.44 38.93
C MET C 2098 57.07 6.20 40.26
N ALA C 2099 56.32 5.70 41.24
CA ALA C 2099 56.96 5.29 42.48
C ALA C 2099 57.94 4.16 42.24
N ALA C 2100 57.62 3.27 41.31
CA ALA C 2100 58.55 2.20 40.97
C ALA C 2100 59.84 2.76 40.40
N ALA C 2101 59.75 3.73 39.50
CA ALA C 2101 60.95 4.32 38.93
C ALA C 2101 61.75 5.09 39.97
N ALA C 2102 61.08 5.83 40.84
CA ALA C 2102 61.78 6.56 41.89
C ALA C 2102 62.48 5.60 42.84
N ALA C 2103 61.88 4.45 43.11
CA ALA C 2103 62.55 3.45 43.91
C ALA C 2103 63.71 2.82 43.16
N ASP C 2104 63.60 2.69 41.86
CA ASP C 2104 64.68 2.14 41.06
C ASP C 2104 65.85 3.10 40.92
N MET C 2105 65.64 4.39 41.14
CA MET C 2105 66.74 5.32 41.02
C MET C 2105 67.79 5.13 42.11
N ALA C 2106 67.48 4.39 43.15
CA ALA C 2106 68.44 4.20 44.22
C ALA C 2106 69.36 3.03 43.90
N PRO C 2107 70.65 3.12 44.24
CA PRO C 2107 71.57 2.06 43.87
C PRO C 2107 71.24 0.76 44.58
N ASN C 2108 71.38 -0.34 43.85
CA ASN C 2108 71.13 -1.65 44.42
C ASN C 2108 72.32 -2.57 44.42
N ILE C 2109 73.45 -2.18 43.85
CA ILE C 2109 74.68 -2.95 43.94
C ILE C 2109 75.61 -2.25 44.91
N PHE C 2110 75.99 -2.94 45.97
CA PHE C 2110 76.86 -2.38 47.00
C PHE C 2110 78.15 -3.18 47.06
N GLY C 2111 79.10 -2.67 47.80
CA GLY C 2111 80.39 -3.33 47.90
C GLY C 2111 81.52 -2.55 47.25
N VAL C 2112 82.50 -3.26 46.69
CA VAL C 2112 83.61 -2.59 46.04
C VAL C 2112 83.16 -1.90 44.76
N ALA C 2113 82.21 -2.50 44.06
CA ALA C 2113 81.53 -1.81 42.97
C ALA C 2113 80.16 -1.36 43.43
N VAL C 2114 79.90 -0.06 43.40
CA VAL C 2114 78.63 0.49 43.82
C VAL C 2114 77.90 0.96 42.58
N GLY C 2115 76.58 0.97 42.64
CA GLY C 2115 75.81 1.48 41.53
C GLY C 2115 74.51 0.76 41.35
N GLY C 2116 74.04 0.66 40.11
CA GLY C 2116 72.83 -0.04 39.81
C GLY C 2116 71.60 0.81 39.65
N SER C 2117 71.71 2.12 39.77
CA SER C 2117 70.56 2.96 39.53
C SER C 2117 70.09 2.80 38.10
N ARG C 2118 68.85 3.18 37.87
CA ARG C 2118 68.26 3.14 36.54
C ARG C 2118 68.04 4.59 36.11
N TRP C 2119 68.93 5.09 35.28
CA TRP C 2119 68.87 6.50 34.91
C TRP C 2119 67.64 6.85 34.12
N GLY C 2120 67.16 5.95 33.29
CA GLY C 2120 66.04 6.28 32.43
C GLY C 2120 64.72 5.87 33.02
N GLY C 2121 64.74 5.46 34.28
CA GLY C 2121 63.53 4.98 34.90
C GLY C 2121 62.44 6.03 34.93
N ILE C 2122 62.79 7.26 35.25
CA ILE C 2122 61.79 8.31 35.44
C ILE C 2122 61.24 8.79 34.11
N PRO C 2123 62.05 9.04 33.08
CA PRO C 2123 61.45 9.33 31.78
C PRO C 2123 60.61 8.18 31.27
N LYS C 2124 61.08 6.95 31.41
CA LYS C 2124 60.29 5.81 30.98
C LYS C 2124 58.96 5.75 31.72
N ALA C 2125 58.94 6.08 33.00
CA ALA C 2125 57.70 6.00 33.76
C ALA C 2125 56.76 7.12 33.40
N ILE C 2126 57.29 8.31 33.13
CA ILE C 2126 56.43 9.37 32.63
C ILE C 2126 55.80 8.95 31.31
N GLY C 2127 56.59 8.33 30.44
CA GLY C 2127 56.01 7.85 29.20
C GLY C 2127 54.95 6.79 29.41
N ALA C 2128 55.19 5.88 30.34
CA ALA C 2128 54.20 4.83 30.61
C ALA C 2128 52.92 5.43 31.16
N GLY C 2129 53.04 6.45 32.00
CA GLY C 2129 51.85 7.16 32.46
C GLY C 2129 51.13 7.87 31.33
N MET C 2130 51.88 8.43 30.39
CA MET C 2130 51.25 9.04 29.23
C MET C 2130 50.49 8.00 28.42
N SER C 2131 51.07 6.83 28.23
CA SER C 2131 50.42 5.80 27.46
C SER C 2131 49.17 5.30 28.16
N LEU C 2132 49.20 5.25 29.48
CA LEU C 2132 48.00 4.89 30.20
C LEU C 2132 46.93 5.96 30.11
N ALA C 2133 47.32 7.23 30.13
CA ALA C 2133 46.33 8.28 29.92
C ALA C 2133 45.73 8.21 28.53
N ALA C 2134 46.54 7.89 27.52
CA ALA C 2134 46.00 7.75 26.16
C ALA C 2134 45.06 6.56 26.07
N SER C 2135 45.41 5.45 26.72
CA SER C 2135 44.52 4.30 26.73
C SER C 2135 43.21 4.62 27.42
N ALA C 2136 43.26 5.27 28.57
CA ALA C 2136 42.03 5.56 29.30
C ALA C 2136 41.20 6.61 28.57
N THR C 2137 41.85 7.50 27.85
CA THR C 2137 41.12 8.44 27.02
C THR C 2137 40.39 7.75 25.89
N LYS C 2138 41.02 6.78 25.24
CA LYS C 2138 40.28 6.03 24.22
C LYS C 2138 39.17 5.21 24.86
N ILE C 2139 39.37 4.70 26.06
CA ILE C 2139 38.33 3.93 26.71
C ILE C 2139 37.12 4.81 27.02
N THR C 2140 37.35 6.00 27.55
CA THR C 2140 36.22 6.86 27.82
C THR C 2140 35.59 7.40 26.54
N ALA C 2141 36.36 7.54 25.47
CA ALA C 2141 35.74 7.87 24.20
C ALA C 2141 34.83 6.77 23.72
N ASP C 2142 35.25 5.52 23.87
CA ASP C 2142 34.40 4.40 23.51
C ASP C 2142 33.16 4.34 24.38
N ASN C 2143 33.29 4.68 25.65
CA ASN C 2143 32.13 4.74 26.53
C ASN C 2143 31.12 5.76 26.05
N ILE C 2144 31.58 6.97 25.74
CA ILE C 2144 30.68 8.00 25.23
C ILE C 2144 30.05 7.56 23.92
N SER C 2145 30.84 6.95 23.03
CA SER C 2145 30.31 6.50 21.76
C SER C 2145 29.24 5.45 21.94
N GLN C 2146 29.45 4.54 22.88
CA GLN C 2146 28.45 3.53 23.19
C GLN C 2146 27.16 4.17 23.65
N SER C 2147 27.24 5.05 24.64
CA SER C 2147 26.02 5.65 25.15
C SER C 2147 25.32 6.46 24.08
N GLU C 2148 26.07 7.07 23.17
CA GLU C 2148 25.44 7.83 22.10
C GLU C 2148 24.77 6.91 21.09
N ALA C 2149 25.38 5.77 20.81
CA ALA C 2149 24.71 4.80 19.96
C ALA C 2149 23.41 4.35 20.57
N TRP C 2150 23.38 4.16 21.88
CA TRP C 2150 22.14 3.76 22.52
C TRP C 2150 21.12 4.88 22.50
N ARG C 2151 21.56 6.13 22.60
CA ARG C 2151 20.62 7.22 22.53
C ARG C 2151 20.01 7.36 21.14
N ARG C 2152 20.83 7.20 20.10
CA ARG C 2152 20.28 7.20 18.76
C ARG C 2152 19.36 6.03 18.53
N ARG C 2153 19.67 4.89 19.16
CA ARG C 2153 18.74 3.76 19.10
C ARG C 2153 17.41 4.12 19.70
N ARG C 2154 17.43 4.75 20.86
CA ARG C 2154 16.17 5.11 21.49
C ARG C 2154 15.41 6.13 20.67
N GLN C 2155 16.11 6.98 19.93
CA GLN C 2155 15.42 7.93 19.07
C GLN C 2155 14.78 7.23 17.88
N GLU C 2156 15.47 6.27 17.28
CA GLU C 2156 14.82 5.46 16.26
C GLU C 2156 13.59 4.77 16.83
N TRP C 2157 13.70 4.26 18.04
CA TRP C 2157 12.56 3.57 18.65
C TRP C 2157 11.40 4.53 18.88
N GLU C 2158 11.68 5.74 19.32
CA GLU C 2158 10.61 6.71 19.48
C GLU C 2158 9.94 7.02 18.16
N ILE C 2159 10.73 7.11 17.09
CA ILE C 2159 10.14 7.33 15.78
C ILE C 2159 9.26 6.15 15.38
N GLN C 2160 9.72 4.93 15.62
CA GLN C 2160 8.91 3.77 15.27
C GLN C 2160 7.66 3.70 16.11
N LYS C 2161 7.75 4.06 17.39
CA LYS C 2161 6.59 4.04 18.26
C LYS C 2161 5.57 5.06 17.81
N ASN C 2162 6.02 6.22 17.35
CA ASN C 2162 5.09 7.20 16.82
C ASN C 2162 4.49 6.75 15.50
N ASN C 2163 5.27 6.10 14.64
CA ASN C 2163 4.70 5.53 13.43
C ASN C 2163 3.54 4.62 13.77
N ALA C 2164 3.78 3.65 14.66
CA ALA C 2164 2.73 2.69 14.96
C ALA C 2164 1.59 3.33 15.72
N GLU C 2165 1.87 4.30 16.55
CA GLU C 2165 0.85 4.99 17.32
C GLU C 2165 -0.06 5.82 16.43
N SER C 2166 0.48 6.40 15.36
CA SER C 2166 -0.35 7.11 14.42
C SER C 2166 -1.06 6.19 13.47
N GLU C 2167 -0.45 5.06 13.15
CA GLU C 2167 -1.14 4.05 12.36
C GLU C 2167 -2.34 3.51 13.09
N ILE C 2168 -2.28 3.42 14.41
CA ILE C 2168 -3.46 3.04 15.18
C ILE C 2168 -4.57 4.06 15.02
N ARG C 2169 -4.25 5.34 15.15
CA ARG C 2169 -5.28 6.35 14.96
C ARG C 2169 -5.86 6.30 13.57
N GLN C 2170 -5.01 6.08 12.58
CA GLN C 2170 -5.49 5.98 11.21
C GLN C 2170 -6.41 4.78 11.05
N ILE C 2171 -6.08 3.66 11.67
CA ILE C 2171 -6.93 2.48 11.52
C ILE C 2171 -8.21 2.63 12.30
N ASP C 2172 -8.21 3.41 13.37
CA ASP C 2172 -9.46 3.66 14.07
C ASP C 2172 -10.36 4.59 13.28
N ALA C 2173 -9.80 5.64 12.68
CA ALA C 2173 -10.61 6.46 11.79
C ALA C 2173 -11.11 5.65 10.61
N GLN C 2174 -10.34 4.67 10.19
CA GLN C 2174 -10.78 3.79 9.11
C GLN C 2174 -11.93 2.90 9.54
N LEU C 2175 -11.90 2.41 10.77
CA LEU C 2175 -13.02 1.65 11.30
C LEU C 2175 -14.26 2.52 11.44
N GLU C 2176 -14.07 3.78 11.76
CA GLU C 2176 -15.23 4.68 11.84
C GLU C 2176 -15.83 4.93 10.47
N ALA C 2177 -14.98 5.15 9.47
CA ALA C 2177 -15.48 5.26 8.10
C ALA C 2177 -16.22 3.99 7.69
N LEU C 2178 -15.73 2.83 8.11
CA LEU C 2178 -16.44 1.61 7.79
C LEU C 2178 -17.77 1.50 8.51
N ALA C 2179 -17.85 1.96 9.75
CA ALA C 2179 -19.13 1.93 10.45
C ALA C 2179 -20.14 2.85 9.78
N VAL C 2180 -19.68 4.00 9.28
CA VAL C 2180 -20.57 4.87 8.51
C VAL C 2180 -20.99 4.18 7.22
N ARG C 2181 -20.05 3.55 6.52
CA ARG C 2181 -20.44 2.85 5.30
C ARG C 2181 -21.42 1.72 5.60
N ARG C 2182 -21.33 1.13 6.78
CA ARG C 2182 -22.27 0.07 7.12
C ARG C 2182 -23.64 0.62 7.43
N THR C 2183 -23.71 1.74 8.16
CA THR C 2183 -25.03 2.31 8.35
C THR C 2183 -25.62 2.86 7.07
N ALA C 2184 -24.79 3.08 6.04
CA ALA C 2184 -25.33 3.46 4.74
C ALA C 2184 -25.78 2.25 3.95
N THR C 2185 -25.09 1.12 4.08
CA THR C 2185 -25.56 -0.09 3.45
C THR C 2185 -26.82 -0.64 4.11
N GLU C 2186 -26.99 -0.45 5.42
CA GLU C 2186 -28.25 -0.83 6.03
C GLU C 2186 -29.38 0.04 5.51
N MET C 2187 -29.11 1.31 5.22
CA MET C 2187 -30.13 2.14 4.64
C MET C 2187 -30.41 1.77 3.20
N GLN C 2188 -29.40 1.36 2.45
CA GLN C 2188 -29.67 0.79 1.12
C GLN C 2188 -30.54 -0.44 1.23
N ARG C 2189 -30.35 -1.24 2.29
CA ARG C 2189 -31.17 -2.42 2.47
C ARG C 2189 -32.61 -2.06 2.79
N GLU C 2190 -32.82 -1.05 3.63
CA GLU C 2190 -34.19 -0.64 3.91
C GLU C 2190 -34.84 -0.01 2.69
N HIS C 2191 -34.05 0.69 1.88
CA HIS C 2191 -34.56 1.20 0.61
C HIS C 2191 -35.01 0.07 -0.29
N MET C 2192 -34.20 -0.98 -0.42
CA MET C 2192 -34.59 -2.12 -1.24
C MET C 2192 -35.82 -2.81 -0.67
N GLU C 2193 -35.94 -2.86 0.65
CA GLU C 2193 -37.13 -3.45 1.25
C GLU C 2193 -38.37 -2.63 0.97
N ILE C 2194 -38.24 -1.31 0.99
CA ILE C 2194 -39.39 -0.48 0.66
C ILE C 2194 -39.74 -0.63 -0.82
N GLN C 2195 -38.75 -0.84 -1.67
CA GLN C 2195 -39.04 -1.14 -3.07
C GLN C 2195 -39.77 -2.45 -3.21
N GLN C 2196 -39.40 -3.45 -2.43
CA GLN C 2196 -40.12 -4.72 -2.49
C GLN C 2196 -41.56 -4.56 -2.03
N ALA C 2197 -41.76 -3.82 -0.94
CA ALA C 2197 -43.13 -3.57 -0.49
C ALA C 2197 -43.93 -2.81 -1.55
N GLN C 2198 -43.28 -1.94 -2.30
CA GLN C 2198 -44.00 -1.18 -3.31
C GLN C 2198 -44.33 -2.04 -4.53
N THR C 2199 -43.42 -2.92 -4.93
CA THR C 2199 -43.77 -3.87 -5.97
C THR C 2199 -44.93 -4.74 -5.54
N GLN C 2200 -44.96 -5.13 -4.26
CA GLN C 2200 -46.11 -5.86 -3.77
C GLN C 2200 -47.38 -5.02 -3.84
N ALA C 2201 -47.30 -3.74 -3.51
CA ALA C 2201 -48.47 -2.89 -3.60
C ALA C 2201 -48.95 -2.76 -5.03
N GLN C 2202 -48.04 -2.68 -5.99
CA GLN C 2202 -48.44 -2.60 -7.39
C GLN C 2202 -49.11 -3.89 -7.86
N LEU C 2203 -48.57 -5.04 -7.45
CA LEU C 2203 -49.22 -6.28 -7.80
C LEU C 2203 -50.61 -6.37 -7.17
N GLU C 2204 -50.72 -6.00 -5.89
CA GLU C 2204 -52.02 -5.96 -5.25
C GLU C 2204 -52.97 -5.06 -6.00
N PHE C 2205 -52.50 -3.91 -6.46
CA PHE C 2205 -53.38 -3.01 -7.20
C PHE C 2205 -53.82 -3.63 -8.51
N LEU C 2206 -52.89 -4.21 -9.26
CA LEU C 2206 -53.26 -4.86 -10.52
C LEU C 2206 -54.21 -6.02 -10.32
N GLN C 2207 -54.20 -6.63 -9.13
CA GLN C 2207 -55.08 -7.78 -8.95
C GLN C 2207 -56.42 -7.38 -8.36
N ARG C 2208 -56.46 -6.30 -7.59
CA ARG C 2208 -57.74 -5.84 -7.03
C ARG C 2208 -58.49 -4.94 -7.99
N LYS C 2209 -57.80 -4.23 -8.87
CA LYS C 2209 -58.45 -3.27 -9.73
C LYS C 2209 -59.53 -3.94 -10.56
N PHE C 2210 -60.53 -3.16 -10.94
CA PHE C 2210 -61.67 -3.78 -11.61
C PHE C 2210 -61.28 -4.37 -12.95
N SER C 2211 -60.60 -3.60 -13.78
CA SER C 2211 -60.32 -4.03 -15.15
C SER C 2211 -59.09 -4.93 -15.20
N ASN C 2212 -59.14 -6.00 -14.41
CA ASN C 2212 -58.01 -6.90 -14.32
C ASN C 2212 -58.12 -7.98 -15.39
N LYS C 2213 -57.16 -8.89 -15.40
CA LYS C 2213 -57.14 -9.93 -16.44
C LYS C 2213 -58.39 -10.78 -16.38
N ALA C 2214 -58.94 -11.00 -15.18
CA ALA C 2214 -60.12 -11.83 -15.05
C ALA C 2214 -61.33 -11.21 -15.75
N LEU C 2215 -61.52 -9.91 -15.56
CA LEU C 2215 -62.63 -9.22 -16.22
C LEU C 2215 -62.54 -9.39 -17.73
N TYR C 2216 -61.41 -9.04 -18.31
CA TYR C 2216 -61.26 -9.12 -19.75
C TYR C 2216 -61.32 -10.54 -20.25
N SER C 2217 -60.91 -11.52 -19.47
CA SER C 2217 -61.05 -12.90 -19.90
C SER C 2217 -62.51 -13.28 -19.97
N TRP C 2218 -63.29 -12.92 -18.95
CA TRP C 2218 -64.72 -13.19 -18.98
C TRP C 2218 -65.39 -12.52 -20.16
N LEU C 2219 -65.09 -11.24 -20.36
CA LEU C 2219 -65.71 -10.52 -21.47
C LEU C 2219 -65.29 -11.10 -22.80
N ARG C 2220 -64.04 -11.54 -22.92
CA ARG C 2220 -63.59 -12.12 -24.18
C ARG C 2220 -64.29 -13.43 -24.47
N GLY C 2221 -64.40 -14.30 -23.47
CA GLY C 2221 -65.10 -15.56 -23.70
C GLY C 2221 -66.58 -15.35 -23.99
N ARG C 2222 -67.21 -14.47 -23.23
CA ARG C 2222 -68.63 -14.19 -23.40
C ARG C 2222 -68.91 -13.60 -24.79
N LEU C 2223 -68.17 -12.57 -25.17
CA LEU C 2223 -68.34 -11.99 -26.49
C LEU C 2223 -67.93 -12.95 -27.58
N ALA C 2224 -66.99 -13.85 -27.34
CA ALA C 2224 -66.62 -14.80 -28.38
C ALA C 2224 -67.76 -15.77 -28.63
N SER C 2225 -68.45 -16.19 -27.57
CA SER C 2225 -69.64 -17.03 -27.76
C SER C 2225 -70.70 -16.27 -28.55
N ILE C 2226 -70.99 -15.04 -28.14
CA ILE C 2226 -72.00 -14.26 -28.84
C ILE C 2226 -71.61 -14.06 -30.30
N TYR C 2227 -70.36 -13.73 -30.56
CA TYR C 2227 -69.90 -13.48 -31.91
C TYR C 2227 -70.00 -14.73 -32.76
N TYR C 2228 -69.61 -15.88 -32.21
CA TYR C 2228 -69.67 -17.11 -32.98
C TYR C 2228 -71.11 -17.45 -33.35
N ARG C 2229 -72.02 -17.34 -32.40
CA ARG C 2229 -73.39 -17.71 -32.71
C ARG C 2229 -74.19 -16.56 -33.31
N PHE C 2230 -73.57 -15.42 -33.52
CA PHE C 2230 -74.14 -14.32 -34.29
C PHE C 2230 -73.74 -14.38 -35.74
N TYR C 2231 -72.52 -14.83 -36.02
CA TYR C 2231 -72.12 -15.07 -37.40
C TYR C 2231 -73.03 -16.10 -38.04
N ASP C 2232 -73.56 -17.02 -37.24
CA ASP C 2232 -74.53 -17.97 -37.76
C ASP C 2232 -75.77 -17.31 -38.31
N LEU C 2233 -76.27 -16.27 -37.63
CA LEU C 2233 -77.42 -15.55 -38.16
C LEU C 2233 -77.01 -14.70 -39.36
N THR C 2234 -75.84 -14.09 -39.30
CA THR C 2234 -75.43 -13.22 -40.40
C THR C 2234 -75.25 -13.98 -41.70
N ALA C 2235 -74.63 -15.15 -41.66
CA ALA C 2235 -74.47 -15.92 -42.88
C ALA C 2235 -75.81 -16.37 -43.43
N ALA C 2236 -76.74 -16.75 -42.56
CA ALA C 2236 -78.08 -17.08 -43.01
C ALA C 2236 -78.79 -15.90 -43.64
N ARG C 2237 -78.61 -14.69 -43.11
CA ARG C 2237 -79.21 -13.52 -43.75
C ARG C 2237 -78.60 -13.26 -45.11
N CYS C 2238 -77.29 -13.37 -45.21
CA CYS C 2238 -76.65 -13.17 -46.52
C CYS C 2238 -77.12 -14.21 -47.52
N MET C 2239 -77.37 -15.43 -47.05
CA MET C 2239 -77.89 -16.46 -47.93
C MET C 2239 -79.34 -16.18 -48.33
N MET C 2240 -80.15 -15.70 -47.39
CA MET C 2240 -81.49 -15.25 -47.74
C MET C 2240 -81.44 -14.18 -48.80
N ALA C 2241 -80.53 -13.22 -48.65
CA ALA C 2241 -80.42 -12.14 -49.62
C ALA C 2241 -79.98 -12.68 -50.97
N GLU C 2242 -79.08 -13.66 -50.98
CA GLU C 2242 -78.67 -14.23 -52.25
C GLU C 2242 -79.83 -14.97 -52.91
N LYS C 2243 -80.65 -15.64 -52.13
CA LYS C 2243 -81.80 -16.32 -52.71
C LYS C 2243 -82.82 -15.34 -53.24
N ALA C 2244 -83.09 -14.26 -52.51
CA ALA C 2244 -83.99 -13.24 -53.02
C ALA C 2244 -83.44 -12.62 -54.29
N TYR C 2245 -82.12 -12.50 -54.38
CA TYR C 2245 -81.51 -12.04 -55.62
C TYR C 2245 -81.74 -13.03 -56.74
N ALA C 2246 -81.56 -14.31 -56.47
CA ALA C 2246 -81.76 -15.31 -57.51
C ALA C 2246 -83.22 -15.41 -57.95
N TRP C 2247 -84.15 -15.07 -57.06
CA TRP C 2247 -85.55 -15.17 -57.44
C TRP C 2247 -86.04 -13.90 -58.12
N GLN C 2248 -85.47 -12.75 -57.76
CA GLN C 2248 -85.86 -11.52 -58.42
C GLN C 2248 -85.20 -11.36 -59.78
N THR C 2249 -84.00 -11.91 -59.94
CA THR C 2249 -83.36 -12.00 -61.24
C THR C 2249 -83.04 -13.47 -61.50
N ASN C 2250 -83.59 -14.02 -62.58
CA ASN C 2250 -83.43 -15.45 -62.82
C ASN C 2250 -82.01 -15.79 -63.22
N ASP C 2251 -81.06 -15.55 -62.32
CA ASP C 2251 -79.65 -15.90 -62.52
C ASP C 2251 -79.22 -16.70 -61.30
N THR C 2252 -79.46 -18.01 -61.33
CA THR C 2252 -79.14 -18.88 -60.21
C THR C 2252 -77.77 -19.52 -60.35
N ALA C 2253 -77.22 -19.57 -61.56
CA ALA C 2253 -75.88 -20.12 -61.74
C ALA C 2253 -74.84 -19.29 -61.00
N THR C 2254 -75.02 -17.97 -61.00
CA THR C 2254 -74.09 -17.11 -60.29
C THR C 2254 -74.37 -17.13 -58.79
N ARG C 2255 -73.31 -16.93 -58.01
CA ARG C 2255 -73.42 -16.87 -56.57
C ARG C 2255 -72.38 -15.91 -56.04
N TYR C 2256 -72.76 -15.16 -55.02
CA TYR C 2256 -71.93 -14.08 -54.50
C TYR C 2256 -71.53 -14.28 -53.05
N ILE C 2257 -72.45 -14.71 -52.19
CA ILE C 2257 -72.10 -15.00 -50.79
C ILE C 2257 -71.31 -16.30 -50.80
N LYS C 2258 -70.00 -16.20 -50.68
CA LYS C 2258 -69.12 -17.35 -50.71
C LYS C 2258 -68.55 -17.66 -49.34
N SER C 2259 -68.05 -18.88 -49.20
CA SER C 2259 -67.57 -19.39 -47.93
C SER C 2259 -66.20 -18.80 -47.61
N GLY C 2260 -65.61 -19.22 -46.50
CA GLY C 2260 -64.37 -18.63 -46.07
C GLY C 2260 -64.49 -17.28 -45.41
N ALA C 2261 -65.71 -16.83 -45.14
CA ALA C 2261 -65.88 -15.58 -44.40
C ALA C 2261 -65.45 -15.74 -42.96
N TRP C 2262 -65.61 -16.93 -42.40
CA TRP C 2262 -65.18 -17.22 -41.05
C TRP C 2262 -63.95 -18.10 -41.09
N GLN C 2263 -62.87 -17.62 -40.48
CA GLN C 2263 -61.63 -18.39 -40.40
C GLN C 2263 -61.34 -18.65 -38.93
N SER C 2264 -61.15 -19.91 -38.58
CA SER C 2264 -60.87 -20.23 -37.19
C SER C 2264 -59.47 -19.84 -36.76
N ASN C 2265 -58.55 -19.64 -37.71
CA ASN C 2265 -57.25 -19.08 -37.35
C ASN C 2265 -57.40 -17.77 -36.62
N ASN C 2266 -58.34 -16.94 -37.06
CA ASN C 2266 -58.54 -15.62 -36.50
C ASN C 2266 -59.73 -15.56 -35.56
N ALA C 2267 -60.18 -16.70 -35.03
CA ALA C 2267 -61.37 -16.76 -34.18
C ALA C 2267 -62.55 -16.06 -34.84
N GLY C 2268 -62.60 -16.14 -36.16
CA GLY C 2268 -63.70 -15.56 -36.91
C GLY C 2268 -63.68 -14.06 -37.03
N LEU C 2269 -62.59 -13.42 -36.65
CA LEU C 2269 -62.51 -11.98 -36.79
C LEU C 2269 -62.55 -11.61 -38.27
N MET C 2270 -63.11 -10.44 -38.55
CA MET C 2270 -63.29 -9.94 -39.90
C MET C 2270 -64.08 -10.90 -40.78
N ALA C 2271 -65.09 -11.53 -40.17
CA ALA C 2271 -66.13 -12.19 -40.95
C ALA C 2271 -67.10 -11.18 -41.54
N GLY C 2272 -67.42 -10.14 -40.76
CA GLY C 2272 -68.31 -9.12 -41.26
C GLY C 2272 -67.79 -8.42 -42.48
N GLU C 2273 -66.49 -8.17 -42.54
CA GLU C 2273 -65.91 -7.52 -43.71
C GLU C 2273 -66.09 -8.36 -44.96
N SER C 2274 -65.79 -9.65 -44.89
CA SER C 2274 -65.94 -10.51 -46.06
C SER C 2274 -67.41 -10.62 -46.46
N LEU C 2275 -68.30 -10.84 -45.50
CA LEU C 2275 -69.71 -10.97 -45.84
C LEU C 2275 -70.24 -9.70 -46.45
N LEU C 2276 -69.80 -8.55 -45.97
CA LEU C 2276 -70.33 -7.31 -46.49
C LEU C 2276 -69.72 -6.95 -47.83
N LEU C 2277 -68.48 -7.34 -48.07
CA LEU C 2277 -67.95 -7.23 -49.43
C LEU C 2277 -68.77 -8.08 -50.39
N ASN C 2278 -69.15 -9.28 -49.97
CA ASN C 2278 -69.99 -10.10 -50.83
C ASN C 2278 -71.35 -9.46 -51.06
N LEU C 2279 -71.95 -8.91 -50.01
CA LEU C 2279 -73.24 -8.24 -50.16
C LEU C 2279 -73.14 -7.05 -51.10
N ALA C 2280 -72.02 -6.33 -51.08
CA ALA C 2280 -71.87 -5.20 -51.99
C ALA C 2280 -71.64 -5.68 -53.41
N GLU C 2281 -70.90 -6.77 -53.59
CA GLU C 2281 -70.77 -7.35 -54.92
C GLU C 2281 -72.13 -7.70 -55.49
N MET C 2282 -72.97 -8.32 -54.67
CA MET C 2282 -74.29 -8.72 -55.13
C MET C 2282 -75.19 -7.52 -55.37
N GLU C 2283 -75.09 -6.49 -54.53
CA GLU C 2283 -75.89 -5.29 -54.75
C GLU C 2283 -75.50 -4.59 -56.04
N GLN C 2284 -74.22 -4.57 -56.36
CA GLN C 2284 -73.84 -3.87 -57.59
C GLN C 2284 -74.18 -4.70 -58.82
N ALA C 2285 -74.06 -6.03 -58.73
CA ALA C 2285 -74.63 -6.84 -59.80
C ALA C 2285 -76.10 -6.53 -60.01
N TRP C 2286 -76.84 -6.37 -58.92
CA TRP C 2286 -78.25 -6.03 -59.03
C TRP C 2286 -78.46 -4.66 -59.64
N LEU C 2287 -77.64 -3.69 -59.27
CA LEU C 2287 -77.80 -2.35 -59.79
C LEU C 2287 -77.47 -2.27 -61.27
N LYS C 2288 -76.63 -3.18 -61.76
CA LYS C 2288 -76.37 -3.21 -63.20
C LYS C 2288 -77.45 -3.97 -63.94
N ARG C 2289 -77.98 -5.04 -63.34
CA ARG C 2289 -79.02 -5.81 -64.02
C ARG C 2289 -80.39 -5.18 -63.90
N ASP C 2290 -80.55 -4.20 -63.02
CA ASP C 2290 -81.85 -3.58 -62.81
C ASP C 2290 -82.07 -2.50 -63.87
N SER C 2291 -83.32 -2.36 -64.31
CA SER C 2291 -83.69 -1.35 -65.27
C SER C 2291 -85.21 -1.25 -65.29
N ARG C 2292 -85.74 -0.49 -66.24
CA ARG C 2292 -87.16 -0.59 -66.51
C ARG C 2292 -87.49 -1.98 -67.05
N SER C 2293 -88.78 -2.25 -67.16
CA SER C 2293 -89.20 -3.50 -67.77
C SER C 2293 -90.57 -3.30 -68.40
N LEU C 2294 -90.76 -3.91 -69.55
CA LEU C 2294 -92.09 -3.95 -70.14
C LEU C 2294 -92.99 -4.81 -69.27
N GLU C 2295 -94.19 -4.31 -69.01
CA GLU C 2295 -95.15 -5.04 -68.19
C GLU C 2295 -96.51 -4.99 -68.86
N VAL C 2296 -97.17 -6.14 -68.92
CA VAL C 2296 -98.39 -6.33 -69.68
C VAL C 2296 -99.41 -7.02 -68.79
N THR C 2297 -100.68 -6.68 -69.00
CA THR C 2297 -101.79 -7.46 -68.48
C THR C 2297 -102.36 -8.32 -69.60
N ARG C 2298 -102.79 -9.53 -69.24
CA ARG C 2298 -103.50 -10.36 -70.19
C ARG C 2298 -104.83 -10.79 -69.58
N THR C 2299 -105.93 -10.30 -70.15
CA THR C 2299 -107.26 -10.67 -69.72
C THR C 2299 -107.63 -11.99 -70.36
N VAL C 2300 -107.74 -13.04 -69.56
CA VAL C 2300 -107.99 -14.38 -70.06
C VAL C 2300 -109.43 -14.75 -69.70
N SER C 2301 -110.35 -14.52 -70.64
CA SER C 2301 -111.73 -14.97 -70.47
C SER C 2301 -111.73 -16.49 -70.64
N LEU C 2302 -111.81 -17.21 -69.52
CA LEU C 2302 -111.67 -18.66 -69.55
C LEU C 2302 -112.76 -19.34 -70.37
N ALA C 2303 -113.88 -18.65 -70.62
CA ALA C 2303 -114.87 -19.22 -71.53
C ALA C 2303 -114.27 -19.50 -72.90
N ALA C 2304 -113.31 -18.69 -73.33
CA ALA C 2304 -112.66 -18.92 -74.62
C ALA C 2304 -111.81 -20.19 -74.62
N VAL C 2305 -110.88 -20.30 -73.67
CA VAL C 2305 -110.07 -21.51 -73.61
C VAL C 2305 -110.89 -22.74 -73.28
N TYR C 2306 -112.10 -22.56 -72.73
CA TYR C 2306 -113.02 -23.68 -72.63
C TYR C 2306 -113.70 -24.00 -73.95
N ARG C 2307 -114.01 -22.98 -74.76
CA ARG C 2307 -114.49 -23.20 -76.12
C ARG C 2307 -113.47 -23.96 -76.95
N THR C 2308 -112.18 -23.77 -76.68
CA THR C 2308 -111.17 -24.61 -77.32
C THR C 2308 -111.40 -26.08 -77.01
N ASP C 2309 -112.04 -26.38 -75.89
CA ASP C 2309 -112.42 -27.74 -75.54
C ASP C 2309 -113.84 -28.09 -75.95
N ASN C 2310 -114.59 -27.14 -76.53
CA ASN C 2310 -115.95 -27.36 -77.03
C ASN C 2310 -116.91 -27.76 -75.92
N VAL C 2311 -116.47 -27.66 -74.67
CA VAL C 2311 -117.20 -28.12 -73.49
C VAL C 2311 -117.41 -26.89 -72.60
N THR C 2312 -117.63 -25.74 -73.24
CA THR C 2312 -117.46 -24.41 -72.66
C THR C 2312 -118.15 -24.26 -71.31
N LEU C 2313 -117.67 -23.31 -70.50
CA LEU C 2313 -118.05 -23.23 -69.09
C LEU C 2313 -119.55 -23.15 -68.91
N ALA C 2314 -120.23 -22.35 -69.75
CA ALA C 2314 -121.65 -22.09 -69.55
C ALA C 2314 -122.45 -23.37 -69.32
N GLU C 2315 -122.23 -24.40 -70.13
CA GLU C 2315 -122.89 -25.68 -69.94
C GLU C 2315 -121.98 -26.74 -69.34
N GLY C 2316 -120.71 -26.42 -69.09
CA GLY C 2316 -119.84 -27.37 -68.41
C GLY C 2316 -119.93 -27.25 -66.91
N ILE C 2317 -120.54 -26.17 -66.43
CA ILE C 2317 -120.64 -25.94 -65.00
C ILE C 2317 -121.98 -26.42 -64.46
N ALA C 2318 -123.08 -26.11 -65.16
CA ALA C 2318 -124.41 -26.45 -64.67
C ALA C 2318 -124.64 -27.94 -64.65
N ASP C 2319 -124.18 -28.65 -65.69
CA ASP C 2319 -124.37 -30.09 -65.76
C ASP C 2319 -123.65 -30.81 -64.64
N LEU C 2320 -122.59 -30.23 -64.09
CA LEU C 2320 -121.86 -30.85 -63.00
C LEU C 2320 -122.73 -30.81 -61.75
N LEU C 2321 -123.47 -31.89 -61.51
CA LEU C 2321 -124.39 -31.97 -60.37
C LEU C 2321 -124.33 -33.41 -59.86
N LYS C 2322 -123.46 -33.65 -58.89
CA LYS C 2322 -123.29 -34.96 -58.30
C LYS C 2322 -122.39 -34.83 -57.08
N GLY C 2323 -122.56 -35.76 -56.16
CA GLY C 2323 -121.73 -35.78 -54.96
C GLY C 2323 -120.55 -36.69 -55.12
N ASN C 2324 -119.95 -36.68 -56.32
CA ASN C 2324 -118.83 -37.56 -56.59
C ASN C 2324 -117.56 -37.08 -55.90
N GLY C 2325 -116.77 -38.02 -55.42
CA GLY C 2325 -115.51 -37.71 -54.76
C GLY C 2325 -114.31 -38.19 -55.55
N SER C 2326 -113.34 -37.31 -55.80
CA SER C 2326 -112.17 -37.66 -56.59
C SER C 2326 -111.07 -36.65 -56.30
N GLY C 2327 -109.97 -37.12 -55.70
CA GLY C 2327 -108.78 -36.31 -55.58
C GLY C 2327 -107.98 -36.28 -56.87
N ASN C 2328 -106.89 -35.50 -56.85
CA ASN C 2328 -106.02 -35.32 -58.01
C ASN C 2328 -106.83 -34.81 -59.21
N ILE C 2329 -107.28 -33.57 -59.05
CA ILE C 2329 -108.34 -33.00 -59.88
C ILE C 2329 -107.91 -32.83 -61.34
N PRO C 2330 -106.75 -32.22 -61.65
CA PRO C 2330 -106.45 -32.10 -63.08
C PRO C 2330 -105.88 -33.38 -63.65
N THR C 2338 -116.58 -30.12 -58.65
CA THR C 2338 -117.14 -31.24 -57.91
C THR C 2338 -116.18 -32.43 -57.90
N ALA C 2339 -114.90 -32.15 -57.67
CA ALA C 2339 -113.91 -33.21 -57.58
C ALA C 2339 -114.23 -34.15 -56.42
N ASP C 2340 -114.21 -33.64 -55.20
CA ASP C 2340 -114.67 -34.39 -54.04
C ASP C 2340 -115.90 -33.75 -53.43
N ASN C 2341 -115.81 -32.49 -52.98
CA ASN C 2341 -116.98 -31.72 -52.60
C ASN C 2341 -116.82 -30.27 -53.06
N GLN C 2342 -115.85 -29.99 -53.90
CA GLN C 2342 -115.49 -28.63 -54.30
C GLN C 2342 -115.18 -28.61 -55.78
N LEU C 2343 -115.28 -27.43 -56.37
CA LEU C 2343 -115.00 -27.27 -57.78
C LEU C 2343 -113.56 -26.85 -57.97
N HIS C 2344 -112.99 -27.18 -59.12
CA HIS C 2344 -111.59 -26.91 -59.37
C HIS C 2344 -111.35 -26.79 -60.87
N ALA C 2345 -110.79 -25.66 -61.27
CA ALA C 2345 -110.33 -25.44 -62.63
C ALA C 2345 -108.83 -25.64 -62.69
N ALA C 2346 -108.31 -25.88 -63.88
CA ALA C 2346 -106.89 -26.15 -64.05
C ALA C 2346 -106.49 -25.82 -65.48
N PHE C 2347 -105.46 -24.99 -65.64
CA PHE C 2347 -105.07 -24.57 -66.97
C PHE C 2347 -103.58 -24.38 -67.04
N ASN C 2348 -102.98 -24.95 -68.07
CA ASN C 2348 -101.53 -24.90 -68.27
C ASN C 2348 -101.19 -23.65 -69.05
N LEU C 2349 -100.36 -22.80 -68.46
CA LEU C 2349 -99.98 -21.55 -69.11
C LEU C 2349 -99.24 -21.77 -70.42
N LYS C 2350 -98.66 -22.96 -70.64
CA LYS C 2350 -98.16 -23.27 -71.96
C LYS C 2350 -99.27 -23.26 -73.00
N ALA C 2351 -100.46 -23.73 -72.62
CA ALA C 2351 -101.61 -23.66 -73.50
C ALA C 2351 -102.19 -22.25 -73.59
N LEU C 2352 -101.65 -21.29 -72.83
CA LEU C 2352 -102.18 -19.94 -72.89
C LEU C 2352 -101.43 -19.06 -73.88
N ASN C 2353 -100.32 -19.54 -74.44
CA ASN C 2353 -99.63 -18.91 -75.56
C ASN C 2353 -99.27 -17.46 -75.24
N ILE C 2354 -98.57 -17.28 -74.12
CA ILE C 2354 -98.24 -15.93 -73.69
C ILE C 2354 -97.05 -15.40 -74.47
N LYS C 2355 -96.08 -16.25 -74.79
CA LYS C 2355 -94.93 -15.80 -75.57
C LYS C 2355 -95.36 -15.29 -76.94
N ASP C 2356 -96.42 -15.84 -77.50
CA ASP C 2356 -96.90 -15.43 -78.81
C ASP C 2356 -97.62 -14.09 -78.78
N ASP C 2357 -97.86 -13.53 -77.59
CA ASP C 2357 -98.55 -12.26 -77.50
C ASP C 2357 -97.67 -11.10 -77.94
N TYR C 2358 -96.36 -11.23 -77.74
CA TYR C 2358 -95.41 -10.17 -78.04
C TYR C 2358 -94.21 -10.74 -78.78
N PRO C 2359 -93.50 -9.92 -79.55
CA PRO C 2359 -92.35 -10.41 -80.28
C PRO C 2359 -91.23 -10.83 -79.34
N GLU C 2360 -90.36 -11.71 -79.84
CA GLU C 2360 -89.23 -12.15 -79.04
C GLU C 2360 -88.12 -11.12 -78.97
N ALA C 2361 -88.06 -10.19 -79.92
CA ALA C 2361 -87.03 -9.16 -79.89
C ALA C 2361 -87.21 -8.19 -78.73
N LEU C 2362 -88.39 -8.19 -78.10
CA LEU C 2362 -88.59 -7.33 -76.93
C LEU C 2362 -87.80 -7.86 -75.73
N GLY C 2363 -88.05 -9.11 -75.36
CA GLY C 2363 -87.37 -9.71 -74.23
C GLY C 2363 -87.44 -11.22 -74.28
N THR C 2364 -86.43 -11.88 -73.74
CA THR C 2364 -86.39 -13.34 -73.77
C THR C 2364 -87.08 -13.98 -72.58
N THR C 2365 -87.29 -13.24 -71.49
CA THR C 2365 -87.90 -13.79 -70.29
C THR C 2365 -89.18 -13.05 -69.98
N ARG C 2366 -90.15 -13.77 -69.43
CA ARG C 2366 -91.45 -13.22 -69.06
C ARG C 2366 -91.91 -13.93 -67.79
N ARG C 2367 -92.17 -13.16 -66.75
CA ARG C 2367 -92.51 -13.71 -65.45
C ARG C 2367 -93.74 -13.03 -64.88
N ILE C 2368 -94.57 -13.81 -64.20
CA ILE C 2368 -95.78 -13.26 -63.60
C ILE C 2368 -95.40 -12.23 -62.54
N LYS C 2369 -96.25 -11.22 -62.39
CA LYS C 2369 -96.07 -10.19 -61.37
C LYS C 2369 -97.21 -10.17 -60.37
N GLN C 2370 -98.45 -10.24 -60.86
CA GLN C 2370 -99.64 -10.18 -60.03
C GLN C 2370 -100.80 -10.74 -60.81
N ILE C 2371 -101.75 -11.36 -60.13
CA ILE C 2371 -102.88 -12.00 -60.78
C ILE C 2371 -104.16 -11.55 -60.10
N SER C 2372 -105.09 -10.98 -60.88
CA SER C 2372 -106.39 -10.58 -60.39
C SER C 2372 -107.47 -11.35 -61.15
N VAL C 2373 -108.53 -11.70 -60.44
CA VAL C 2373 -109.59 -12.55 -60.98
C VAL C 2373 -110.91 -11.80 -60.90
N THR C 2374 -111.79 -12.03 -61.88
CA THR C 2374 -113.10 -11.42 -61.93
C THR C 2374 -114.14 -12.51 -62.16
N LEU C 2375 -115.10 -12.63 -61.24
CA LEU C 2375 -116.15 -13.63 -61.33
C LEU C 2375 -117.49 -12.91 -61.38
N PRO C 2376 -117.97 -12.57 -62.56
CA PRO C 2376 -119.24 -11.82 -62.69
C PRO C 2376 -120.47 -12.71 -62.61
N ALA C 2377 -120.89 -13.00 -61.38
CA ALA C 2377 -121.98 -13.93 -61.12
C ALA C 2377 -123.15 -13.23 -60.44
N LEU C 2378 -124.31 -13.86 -60.53
CA LEU C 2378 -125.47 -13.43 -59.75
C LEU C 2378 -125.22 -13.77 -58.29
N VAL C 2379 -124.85 -12.76 -57.50
CA VAL C 2379 -124.53 -12.94 -56.09
C VAL C 2379 -125.70 -12.44 -55.25
N GLU C 2380 -125.95 -13.12 -54.13
CA GLU C 2380 -126.94 -12.61 -53.20
C GLU C 2380 -126.34 -11.45 -52.39
N PRO C 2381 -127.16 -10.50 -51.96
CA PRO C 2381 -126.62 -9.33 -51.25
C PRO C 2381 -125.93 -9.74 -49.96
N TYR C 2382 -124.83 -9.04 -49.65
CA TYR C 2382 -124.05 -9.24 -48.43
C TYR C 2382 -123.59 -10.69 -48.31
N GLN C 2383 -122.96 -11.19 -49.37
CA GLN C 2383 -122.51 -12.56 -49.42
C GLN C 2383 -121.12 -12.62 -50.03
N ASP C 2384 -120.19 -13.24 -49.32
CA ASP C 2384 -118.86 -13.48 -49.84
C ASP C 2384 -118.88 -14.68 -50.77
N MET C 2385 -117.73 -15.04 -51.31
CA MET C 2385 -117.61 -16.20 -52.17
C MET C 2385 -116.25 -16.85 -51.95
N ARG C 2386 -116.26 -18.02 -51.33
CA ARG C 2386 -115.05 -18.75 -51.01
C ARG C 2386 -114.44 -19.29 -52.29
N ALA C 2387 -113.22 -18.86 -52.61
CA ALA C 2387 -112.55 -19.33 -53.81
C ALA C 2387 -111.05 -19.26 -53.59
N ILE C 2388 -110.38 -20.36 -53.88
CA ILE C 2388 -108.92 -20.47 -53.73
C ILE C 2388 -108.31 -20.57 -55.12
N PHE C 2389 -107.32 -19.72 -55.37
CA PHE C 2389 -106.58 -19.72 -56.62
C PHE C 2389 -105.14 -20.07 -56.29
N ARG C 2390 -104.63 -21.14 -56.91
CA ARG C 2390 -103.44 -21.80 -56.39
C ARG C 2390 -102.52 -22.20 -57.54
N TYR C 2391 -101.22 -22.24 -57.22
CA TYR C 2391 -100.18 -22.59 -58.19
C TYR C 2391 -99.86 -24.06 -58.12
N GLY C 2392 -99.81 -24.70 -59.29
CA GLY C 2392 -99.55 -26.12 -59.35
C GLY C 2392 -98.12 -26.49 -59.01
N GLY C 2393 -97.16 -25.82 -59.63
CA GLY C 2393 -95.77 -26.09 -59.38
C GLY C 2393 -95.36 -25.65 -57.98
N ASN C 2394 -94.07 -25.85 -57.69
CA ASN C 2394 -93.53 -25.49 -56.37
C ASN C 2394 -92.15 -24.88 -56.57
N SER C 2395 -92.13 -23.59 -56.85
CA SER C 2395 -90.89 -22.84 -57.01
C SER C 2395 -90.94 -21.48 -56.34
N LEU C 2396 -91.99 -21.16 -55.61
CA LEU C 2396 -92.21 -19.86 -55.02
C LEU C 2396 -91.80 -19.87 -53.56
N PRO C 2397 -91.90 -18.73 -52.88
CA PRO C 2397 -91.86 -18.77 -51.40
C PRO C 2397 -93.02 -19.54 -50.81
N ALA C 2398 -93.09 -19.57 -49.48
CA ALA C 2398 -94.05 -20.44 -48.80
C ALA C 2398 -95.48 -20.16 -49.24
N GLY C 2399 -95.97 -18.95 -48.98
CA GLY C 2399 -97.35 -18.63 -49.25
C GLY C 2399 -97.65 -18.00 -50.59
N CYS C 2400 -96.61 -17.68 -51.38
CA CYS C 2400 -96.85 -17.04 -52.68
C CYS C 2400 -97.61 -17.96 -53.63
N LYS C 2401 -97.64 -19.27 -53.35
CA LYS C 2401 -98.21 -20.22 -54.29
C LYS C 2401 -99.73 -20.30 -54.21
N ALA C 2402 -100.34 -19.69 -53.19
CA ALA C 2402 -101.77 -19.77 -53.02
C ALA C 2402 -102.34 -18.37 -52.77
N ILE C 2403 -103.60 -18.18 -53.15
CA ILE C 2403 -104.28 -16.91 -52.93
C ILE C 2403 -105.75 -17.22 -52.67
N ALA C 2404 -106.42 -16.28 -52.03
CA ALA C 2404 -107.84 -16.40 -51.74
C ALA C 2404 -108.61 -15.38 -52.58
N LEU C 2405 -109.94 -15.39 -52.46
CA LEU C 2405 -110.78 -14.42 -53.15
C LEU C 2405 -111.99 -14.12 -52.29
N SER C 2406 -112.57 -12.93 -52.49
CA SER C 2406 -113.66 -12.47 -51.63
C SER C 2406 -114.98 -12.35 -52.37
N HIS C 2407 -115.06 -11.54 -53.43
CA HIS C 2407 -116.38 -11.26 -54.00
C HIS C 2407 -116.46 -11.56 -55.50
N GLY C 2408 -115.38 -11.38 -56.24
CA GLY C 2408 -115.35 -11.74 -57.63
C GLY C 2408 -115.31 -10.62 -58.64
N ILE C 2409 -114.89 -9.42 -58.25
CA ILE C 2409 -114.69 -8.34 -59.21
C ILE C 2409 -113.35 -7.65 -58.98
N ASN C 2410 -112.39 -7.96 -59.84
CA ASN C 2410 -111.07 -7.32 -59.84
C ASN C 2410 -110.46 -7.34 -58.43
N ASP C 2411 -110.76 -8.39 -57.69
CA ASP C 2411 -110.33 -8.50 -56.30
C ASP C 2411 -109.17 -9.48 -56.21
N ASP C 2412 -107.98 -8.94 -55.98
CA ASP C 2412 -106.84 -9.76 -55.63
C ASP C 2412 -107.07 -10.40 -54.26
N GLY C 2413 -106.31 -11.45 -53.98
CA GLY C 2413 -106.42 -12.11 -52.69
C GLY C 2413 -106.00 -11.26 -51.52
N LEU C 2414 -105.47 -10.07 -51.79
CA LEU C 2414 -105.05 -9.16 -50.74
C LEU C 2414 -106.19 -8.24 -50.33
N PHE C 2415 -105.95 -7.46 -49.28
CA PHE C 2415 -106.82 -6.36 -48.90
C PHE C 2415 -106.35 -5.03 -49.44
N ARG C 2416 -105.11 -4.66 -49.16
CA ARG C 2416 -104.46 -3.53 -49.79
C ARG C 2416 -103.56 -4.04 -50.90
N LEU C 2417 -103.55 -3.35 -52.04
CA LEU C 2417 -102.75 -3.73 -53.19
C LEU C 2417 -101.65 -2.70 -53.36
N ASP C 2418 -100.49 -3.00 -52.78
CA ASP C 2418 -99.36 -2.09 -52.77
C ASP C 2418 -98.13 -2.84 -53.21
N PHE C 2419 -97.48 -2.38 -54.27
CA PHE C 2419 -96.26 -3.00 -54.75
C PHE C 2419 -95.05 -2.64 -53.91
N ASN C 2420 -95.09 -1.50 -53.23
CA ASN C 2420 -93.96 -1.00 -52.44
C ASN C 2420 -93.65 -1.87 -51.23
N ASP C 2421 -94.58 -2.71 -50.79
CA ASP C 2421 -94.30 -3.63 -49.70
C ASP C 2421 -93.12 -4.50 -50.10
N GLY C 2422 -92.21 -4.73 -49.15
CA GLY C 2422 -91.06 -5.55 -49.44
C GLY C 2422 -91.41 -6.98 -49.80
N ARG C 2423 -92.47 -7.52 -49.23
CA ARG C 2423 -92.87 -8.89 -49.53
C ARG C 2423 -93.24 -9.03 -51.00
N TRP C 2424 -93.06 -10.22 -51.54
CA TRP C 2424 -93.49 -10.48 -52.90
C TRP C 2424 -95.02 -10.52 -52.99
N LEU C 2425 -95.51 -10.32 -54.21
CA LEU C 2425 -96.92 -10.51 -54.48
C LEU C 2425 -97.20 -12.00 -54.73
N PRO C 2426 -98.42 -12.45 -54.47
CA PRO C 2426 -98.74 -13.85 -54.77
C PRO C 2426 -98.58 -14.14 -56.25
N PHE C 2427 -98.02 -15.31 -56.55
CA PHE C 2427 -97.72 -15.71 -57.92
C PHE C 2427 -96.81 -14.70 -58.60
N GLU C 2428 -95.68 -14.40 -57.96
CA GLU C 2428 -94.69 -13.50 -58.52
C GLU C 2428 -93.49 -14.31 -58.99
N GLY C 2429 -92.85 -13.85 -60.07
CA GLY C 2429 -91.67 -14.50 -60.57
C GLY C 2429 -91.91 -15.74 -61.39
N ILE C 2430 -93.15 -16.23 -61.43
CA ILE C 2430 -93.50 -17.42 -62.19
C ILE C 2430 -93.26 -17.17 -63.67
N PRO C 2431 -92.43 -17.97 -64.33
CA PRO C 2431 -92.29 -17.82 -65.77
C PRO C 2431 -93.55 -18.32 -66.46
N VAL C 2432 -93.86 -17.71 -67.59
CA VAL C 2432 -95.16 -17.94 -68.22
C VAL C 2432 -95.12 -19.19 -69.09
N ASP C 2433 -94.07 -19.99 -68.95
CA ASP C 2433 -93.85 -21.08 -69.91
C ASP C 2433 -94.74 -22.29 -69.62
N ASP C 2434 -94.60 -22.88 -68.44
CA ASP C 2434 -95.29 -24.15 -68.18
C ASP C 2434 -95.33 -24.39 -66.68
N ASP C 2435 -95.62 -25.63 -66.30
CA ASP C 2435 -95.49 -26.13 -64.92
C ASP C 2435 -96.52 -25.50 -63.99
N ASN C 2436 -97.77 -25.45 -64.44
CA ASN C 2436 -98.85 -25.03 -63.55
C ASN C 2436 -100.17 -25.49 -64.14
N SER C 2437 -100.90 -26.30 -63.38
CA SER C 2437 -102.33 -26.46 -63.60
C SER C 2437 -103.01 -25.36 -62.80
N LEU C 2438 -103.63 -24.42 -63.51
CA LEU C 2438 -104.11 -23.19 -62.89
C LEU C 2438 -105.27 -23.51 -61.95
N THR C 2439 -104.96 -23.77 -60.69
CA THR C 2439 -105.98 -24.21 -59.75
C THR C 2439 -106.82 -23.00 -59.33
N LEU C 2440 -108.12 -23.07 -59.57
CA LEU C 2440 -109.07 -22.09 -59.07
C LEU C 2440 -110.15 -22.86 -58.35
N SER C 2441 -109.90 -23.17 -57.08
CA SER C 2441 -110.80 -24.02 -56.31
C SER C 2441 -112.04 -23.25 -55.85
N PHE C 2442 -113.10 -24.01 -55.61
CA PHE C 2442 -114.36 -23.47 -55.11
C PHE C 2442 -114.90 -24.40 -54.05
N PRO C 2443 -114.61 -24.13 -52.78
CA PRO C 2443 -115.05 -25.04 -51.72
C PRO C 2443 -116.56 -25.08 -51.61
N ASP C 2444 -117.08 -26.30 -51.39
CA ASP C 2444 -118.51 -26.55 -51.21
C ASP C 2444 -119.31 -26.09 -52.43
N ALA C 2445 -119.01 -26.75 -53.54
CA ALA C 2445 -119.79 -26.58 -54.76
C ALA C 2445 -121.05 -27.43 -54.76
N THR C 2446 -121.50 -27.91 -53.60
CA THR C 2446 -122.68 -28.73 -53.51
C THR C 2446 -123.92 -27.85 -53.36
N GLY C 2447 -125.08 -28.47 -53.16
CA GLY C 2447 -126.33 -27.75 -53.02
C GLY C 2447 -126.40 -26.91 -51.76
N GLU C 2448 -126.31 -25.60 -51.92
CA GLU C 2448 -126.36 -24.64 -50.83
C GLU C 2448 -126.54 -23.26 -51.46
N LYS C 2449 -126.35 -22.22 -50.67
CA LYS C 2449 -126.36 -20.86 -51.21
C LYS C 2449 -125.31 -20.66 -52.29
N GLN C 2450 -124.23 -21.43 -52.28
CA GLN C 2450 -123.19 -21.32 -53.28
C GLN C 2450 -123.57 -21.92 -54.62
N LYS C 2451 -124.46 -22.91 -54.64
CA LYS C 2451 -124.80 -23.57 -55.88
C LYS C 2451 -125.42 -22.59 -56.88
N PRO C 2452 -126.40 -21.77 -56.51
CA PRO C 2452 -126.93 -20.80 -57.48
C PRO C 2452 -125.88 -19.83 -57.98
N LEU C 2453 -124.96 -19.42 -57.11
CA LEU C 2453 -123.88 -18.54 -57.54
C LEU C 2453 -123.02 -19.21 -58.60
N LEU C 2454 -122.53 -20.42 -58.31
CA LEU C 2454 -121.67 -21.11 -59.25
C LEU C 2454 -122.38 -21.49 -60.54
N LEU C 2455 -123.69 -21.69 -60.50
CA LEU C 2455 -124.43 -21.94 -61.73
C LEU C 2455 -124.61 -20.66 -62.52
N SER C 2456 -124.83 -19.54 -61.84
CA SER C 2456 -125.02 -18.26 -62.50
C SER C 2456 -123.72 -17.64 -62.97
N LEU C 2457 -122.57 -18.17 -62.57
CA LEU C 2457 -121.29 -17.66 -63.06
C LEU C 2457 -121.14 -18.04 -64.52
N THR C 2458 -121.40 -17.08 -65.40
CA THR C 2458 -121.35 -17.34 -66.84
C THR C 2458 -119.94 -17.45 -67.37
N ASP C 2459 -118.96 -16.90 -66.67
CA ASP C 2459 -117.59 -16.91 -67.15
C ASP C 2459 -116.65 -16.55 -66.02
N ILE C 2460 -115.41 -17.03 -66.12
CA ILE C 2460 -114.33 -16.63 -65.23
C ILE C 2460 -113.32 -15.82 -66.02
N ILE C 2461 -113.11 -14.58 -65.62
CA ILE C 2461 -112.20 -13.67 -66.30
C ILE C 2461 -111.06 -13.35 -65.37
N ILE C 2462 -109.84 -13.56 -65.83
CA ILE C 2462 -108.65 -13.39 -65.00
C ILE C 2462 -107.69 -12.43 -65.69
N HIS C 2463 -107.00 -11.64 -64.87
CA HIS C 2463 -106.08 -10.61 -65.36
C HIS C 2463 -104.70 -10.92 -64.84
N ILE C 2464 -103.84 -11.45 -65.70
CA ILE C 2464 -102.48 -11.84 -65.33
C ILE C 2464 -101.55 -10.71 -65.71
N ARG C 2465 -100.97 -10.05 -64.71
CA ARG C 2465 -99.97 -9.03 -64.93
C ARG C 2465 -98.59 -9.68 -64.91
N TYR C 2466 -97.87 -9.62 -66.02
CA TYR C 2466 -96.53 -10.16 -66.06
C TYR C 2466 -95.58 -9.08 -66.56
N THR C 2467 -94.30 -9.43 -66.62
CA THR C 2467 -93.23 -8.48 -66.90
C THR C 2467 -92.30 -9.09 -67.94
N ILE C 2468 -91.91 -8.28 -68.92
CA ILE C 2468 -91.00 -8.71 -69.98
C ILE C 2468 -89.71 -7.91 -69.82
N CYS C 2469 -88.70 -8.55 -69.24
CA CYS C 2469 -87.44 -7.87 -68.97
C CYS C 2469 -86.51 -7.88 -70.18
N VAL D 21 7.23 11.71 75.54
CA VAL D 21 6.75 12.82 76.36
C VAL D 21 7.59 14.04 76.06
N THR D 22 8.78 14.06 76.64
CA THR D 22 9.71 15.14 76.33
C THR D 22 10.19 15.03 74.89
N LEU D 23 10.86 13.93 74.56
CA LEU D 23 11.39 13.75 73.22
C LEU D 23 10.30 13.52 72.19
N ALA D 24 9.05 13.36 72.61
CA ALA D 24 7.97 13.22 71.64
C ALA D 24 7.45 14.56 71.17
N ASP D 25 7.61 15.61 71.98
CA ASP D 25 7.15 16.92 71.58
C ASP D 25 8.11 17.58 70.62
N PHE D 26 9.38 17.18 70.63
CA PHE D 26 10.39 17.76 69.77
C PHE D 26 10.62 16.97 68.50
N MET D 27 9.82 15.94 68.26
CA MET D 27 9.96 15.20 67.01
C MET D 27 9.61 16.04 65.79
N PRO D 28 8.49 16.76 65.76
CA PRO D 28 8.19 17.56 64.57
C PRO D 28 9.05 18.80 64.43
N MET D 29 9.58 19.31 65.53
CA MET D 29 10.29 20.57 65.49
C MET D 29 11.64 20.41 64.82
N SER D 30 12.17 21.52 64.33
CA SER D 30 13.48 21.55 63.73
C SER D 30 14.51 22.02 64.74
N LEU D 31 15.78 22.01 64.35
CA LEU D 31 16.81 22.47 65.26
C LEU D 31 16.63 23.94 65.58
N ALA D 32 16.25 24.74 64.59
CA ALA D 32 16.02 26.16 64.86
C ALA D 32 14.81 26.37 65.76
N GLU D 33 13.75 25.59 65.57
CA GLU D 33 12.60 25.72 66.47
C GLU D 33 12.99 25.37 67.88
N ILE D 34 13.73 24.28 68.07
CA ILE D 34 14.15 23.89 69.41
C ILE D 34 15.04 24.96 70.01
N ARG D 35 15.96 25.48 69.23
CA ARG D 35 16.84 26.55 69.71
C ARG D 35 16.06 27.82 70.03
N SER D 36 14.94 28.02 69.35
CA SER D 36 14.20 29.27 69.48
C SER D 36 13.16 29.22 70.59
N GLN D 37 12.76 28.02 71.01
CA GLN D 37 11.82 27.89 72.10
C GLN D 37 12.57 27.51 73.37
N ASN D 38 12.27 28.23 74.44
CA ASN D 38 13.09 28.25 75.64
C ASN D 38 14.52 28.64 75.29
N THR D 39 14.66 29.88 74.81
CA THR D 39 15.99 30.43 74.55
C THR D 39 16.77 30.56 75.85
N GLY D 40 16.08 30.78 76.96
CA GLY D 40 16.73 30.88 78.24
C GLY D 40 16.98 29.54 78.88
N ARG D 41 16.17 28.54 78.55
CA ARG D 41 16.29 27.25 79.22
C ARG D 41 17.31 26.35 78.54
N LEU D 42 17.10 26.06 77.26
CA LEU D 42 18.01 25.18 76.55
C LEU D 42 19.27 25.93 76.14
N SER D 43 20.41 25.28 76.30
CA SER D 43 21.65 25.82 75.80
C SER D 43 21.70 25.63 74.29
N ARG D 44 22.80 26.03 73.66
CA ARG D 44 22.92 25.85 72.22
C ARG D 44 23.49 24.49 71.87
N GLU D 45 24.02 23.77 72.86
CA GLU D 45 24.45 22.39 72.61
C GLU D 45 23.45 21.40 73.19
N GLU D 46 22.84 21.73 74.33
CA GLU D 46 21.75 20.92 74.84
C GLU D 46 20.63 20.83 73.82
N ALA D 47 20.33 21.93 73.12
CA ALA D 47 19.29 21.90 72.12
C ALA D 47 19.64 20.95 70.99
N GLN D 48 20.91 20.93 70.57
CA GLN D 48 21.29 20.04 69.48
C GLN D 48 21.24 18.58 69.91
N LEU D 49 21.71 18.30 71.12
CA LEU D 49 21.61 16.94 71.64
C LEU D 49 20.15 16.50 71.72
N LEU D 50 19.28 17.39 72.18
CA LEU D 50 17.86 17.05 72.26
C LEU D 50 17.27 16.82 70.89
N HIS D 51 17.66 17.62 69.90
CA HIS D 51 17.13 17.44 68.56
C HIS D 51 17.57 16.10 67.98
N ARG D 52 18.85 15.75 68.14
CA ARG D 52 19.31 14.46 67.68
C ARG D 52 18.57 13.33 68.37
N ALA D 53 18.38 13.43 69.68
CA ALA D 53 17.69 12.38 70.41
C ALA D 53 16.25 12.25 69.95
N ALA D 54 15.59 13.38 69.67
CA ALA D 54 14.22 13.33 69.19
C ALA D 54 14.14 12.65 67.83
N GLN D 55 15.03 13.02 66.91
CA GLN D 55 14.97 12.39 65.59
C GLN D 55 15.27 10.90 65.68
N LYS D 56 16.24 10.51 66.51
CA LYS D 56 16.54 9.10 66.64
C LYS D 56 15.38 8.33 67.25
N GLU D 57 14.71 8.90 68.25
CA GLU D 57 13.55 8.22 68.79
C GLU D 57 12.43 8.13 67.77
N LYS D 58 12.24 9.16 66.96
CA LYS D 58 11.22 9.10 65.92
C LYS D 58 11.51 7.99 64.94
N GLN D 59 12.76 7.87 64.51
CA GLN D 59 13.13 6.81 63.59
C GLN D 59 12.92 5.44 64.21
N ASN D 60 13.32 5.28 65.46
CA ASN D 60 13.16 3.98 66.11
C ASN D 60 11.69 3.63 66.29
N ASN D 61 10.84 4.60 66.59
CA ASN D 61 9.41 4.31 66.72
C ASN D 61 8.81 3.91 65.39
N ILE D 62 9.13 4.63 64.33
CA ILE D 62 8.66 4.24 63.02
C ILE D 62 9.13 2.84 62.64
N LEU D 63 10.39 2.51 62.93
CA LEU D 63 10.85 1.15 62.68
C LEU D 63 10.09 0.14 63.51
N TYR D 64 9.79 0.48 64.76
CA TYR D 64 9.05 -0.46 65.60
C TYR D 64 7.69 -0.77 65.01
N THR D 65 6.95 0.27 64.61
CA THR D 65 5.64 0.02 64.03
C THR D 65 5.75 -0.74 62.72
N ALA D 66 6.69 -0.38 61.86
CA ALA D 66 6.83 -1.09 60.59
C ALA D 66 7.19 -2.54 60.80
N ARG D 67 8.00 -2.83 61.81
CA ARG D 67 8.37 -4.21 62.08
C ARG D 67 7.19 -5.01 62.62
N MET D 68 6.38 -4.40 63.48
CA MET D 68 5.22 -5.14 63.95
C MET D 68 4.16 -5.29 62.87
N LEU D 69 4.12 -4.36 61.92
CA LEU D 69 3.15 -4.48 60.84
C LEU D 69 3.58 -5.47 59.77
N THR D 70 4.87 -5.64 59.54
CA THR D 70 5.30 -6.62 58.57
C THR D 70 5.22 -8.04 59.08
N ARG D 71 4.87 -8.25 60.34
CA ARG D 71 4.55 -9.60 60.78
C ARG D 71 3.22 -10.07 60.22
N ALA D 72 2.32 -9.14 59.90
CA ALA D 72 1.02 -9.47 59.36
C ALA D 72 1.05 -9.62 57.85
N ASN D 73 2.19 -9.89 57.27
CA ASN D 73 2.26 -10.04 55.83
C ASN D 73 1.56 -11.32 55.42
N PRO D 74 0.66 -11.28 54.44
CA PRO D 74 -0.05 -12.50 54.06
C PRO D 74 0.86 -13.64 53.68
N LEU D 75 2.04 -13.34 53.15
CA LEU D 75 2.98 -14.39 52.80
C LEU D 75 3.59 -15.06 54.01
N LEU D 76 3.64 -14.38 55.15
CA LEU D 76 4.24 -14.93 56.35
C LEU D 76 3.20 -15.39 57.36
N LYS D 77 1.94 -15.47 56.96
CA LYS D 77 0.93 -15.96 57.88
C LYS D 77 1.13 -17.42 58.22
N LYS D 78 1.89 -18.15 57.40
CA LYS D 78 2.14 -19.55 57.73
C LYS D 78 3.13 -19.67 58.87
N GLU D 79 3.98 -18.68 59.07
CA GLU D 79 4.99 -18.71 60.12
C GLU D 79 4.62 -17.89 61.35
N MET D 80 3.34 -17.65 61.57
CA MET D 80 2.92 -16.92 62.75
C MET D 80 1.85 -17.70 63.50
N ARG D 100 0.15 -6.73 64.30
CA ARG D 100 -0.62 -7.74 65.02
C ARG D 100 -1.88 -8.11 64.24
N ALA D 101 -1.85 -7.83 62.94
CA ALA D 101 -2.95 -8.15 62.02
C ALA D 101 -4.26 -7.48 62.48
N GLU D 102 -4.15 -6.21 62.88
CA GLU D 102 -5.33 -5.53 63.42
C GLU D 102 -6.23 -5.02 62.29
N LYS D 103 -5.75 -4.05 61.52
CA LYS D 103 -6.55 -3.47 60.44
C LYS D 103 -5.64 -3.21 59.26
N PHE D 104 -5.94 -3.78 58.10
CA PHE D 104 -5.27 -3.41 56.86
C PHE D 104 -6.32 -2.98 55.86
N VAL D 105 -6.15 -1.77 55.31
CA VAL D 105 -7.14 -1.21 54.42
C VAL D 105 -6.64 -1.34 53.00
N ALA D 106 -7.59 -1.46 52.09
CA ALA D 106 -7.25 -1.64 50.70
C ALA D 106 -6.53 -0.41 50.17
N PRO D 107 -5.76 -0.56 49.11
CA PRO D 107 -5.18 0.61 48.45
C PRO D 107 -6.28 1.49 47.88
N GLY D 108 -6.08 2.79 47.95
CA GLY D 108 -7.08 3.70 47.48
C GLY D 108 -8.15 4.02 48.49
N ALA D 109 -8.14 3.37 49.64
CA ALA D 109 -9.05 3.74 50.72
C ALA D 109 -8.58 5.04 51.34
N VAL D 110 -9.53 5.87 51.75
CA VAL D 110 -9.18 7.17 52.27
C VAL D 110 -8.53 7.07 53.63
N SER D 111 -8.75 5.98 54.35
CA SER D 111 -8.14 5.80 55.65
C SER D 111 -6.74 5.25 55.58
N SER D 112 -6.26 4.92 54.39
CA SER D 112 -4.92 4.37 54.23
C SER D 112 -3.88 5.44 54.49
N MET D 113 -2.85 5.07 55.22
CA MET D 113 -1.82 6.03 55.59
C MET D 113 -1.03 6.53 54.41
N PHE D 114 -1.20 5.93 53.23
CA PHE D 114 -0.53 6.37 52.02
C PHE D 114 -1.49 7.02 51.04
N SER D 115 -2.68 7.38 51.49
CA SER D 115 -3.67 7.90 50.58
C SER D 115 -3.54 9.41 50.47
N PRO D 116 -4.17 10.00 49.46
CA PRO D 116 -4.17 11.47 49.39
C PRO D 116 -4.70 12.11 50.65
N ALA D 117 -5.53 11.43 51.42
CA ALA D 117 -5.97 11.99 52.68
C ALA D 117 -4.84 12.07 53.68
N GLY D 118 -4.01 11.04 53.76
CA GLY D 118 -2.85 11.11 54.62
C GLY D 118 -1.84 12.14 54.13
N TYR D 119 -1.65 12.21 52.82
CA TYR D 119 -0.77 13.23 52.26
C TYR D 119 -1.27 14.61 52.59
N LEU D 120 -2.57 14.84 52.47
CA LEU D 120 -3.14 16.13 52.78
C LEU D 120 -3.09 16.44 54.25
N THR D 121 -3.25 15.44 55.10
CA THR D 121 -3.08 15.67 56.53
C THR D 121 -1.66 16.11 56.84
N GLU D 122 -0.68 15.47 56.20
CA GLU D 122 0.70 15.87 56.42
C GLU D 122 0.95 17.28 55.93
N LEU D 123 0.51 17.57 54.70
CA LEU D 123 0.68 18.91 54.16
C LEU D 123 0.06 19.94 55.08
N TYR D 124 -1.14 19.69 55.56
CA TYR D 124 -1.81 20.68 56.39
C TYR D 124 -1.13 20.84 57.72
N ARG D 125 -0.76 19.73 58.35
CA ARG D 125 -0.10 19.85 59.64
C ARG D 125 1.20 20.61 59.51
N GLU D 126 1.88 20.49 58.38
CA GLU D 126 3.16 21.17 58.24
C GLU D 126 3.00 22.59 57.72
N ALA D 127 1.91 22.91 57.05
CA ALA D 127 1.76 24.21 56.42
C ALA D 127 0.93 25.18 57.23
N ARG D 128 0.01 24.71 58.02
CA ARG D 128 -0.83 25.64 58.76
C ARG D 128 -0.08 26.46 59.71
N GLY D 129 1.16 26.15 60.03
CA GLY D 129 1.89 26.93 60.99
C GLY D 129 3.09 27.66 60.42
N LEU D 130 2.97 28.12 59.18
CA LEU D 130 4.09 28.82 58.57
C LEU D 130 4.01 30.31 58.80
N HIS D 131 2.81 30.87 58.80
CA HIS D 131 2.62 32.27 59.08
C HIS D 131 1.85 32.42 60.39
N PRO D 132 2.04 33.52 61.10
CA PRO D 132 1.32 33.71 62.36
C PRO D 132 -0.17 33.80 62.12
N LYS D 133 -0.94 33.38 63.12
CA LYS D 133 -2.39 33.33 62.95
C LYS D 133 -2.99 34.69 62.67
N ASP D 134 -2.40 35.75 63.21
CA ASP D 134 -2.95 37.08 62.93
C ASP D 134 -2.52 37.59 61.56
N SER D 135 -1.49 36.99 60.97
CA SER D 135 -1.01 37.46 59.68
C SER D 135 -2.06 37.25 58.61
N ASP D 136 -2.02 38.11 57.59
CA ASP D 136 -3.00 38.07 56.52
C ASP D 136 -2.68 37.03 55.47
N ARG D 137 -1.57 36.31 55.63
CA ARG D 137 -1.21 35.23 54.72
C ARG D 137 -1.37 33.86 55.34
N ASN D 138 -1.88 33.79 56.56
CA ASN D 138 -2.03 32.51 57.21
C ASN D 138 -2.91 31.59 56.37
N LEU D 139 -2.58 30.31 56.37
CA LEU D 139 -3.31 29.37 55.53
C LEU D 139 -4.77 29.25 55.96
N ASP D 140 -5.00 29.07 57.25
CA ASP D 140 -6.37 29.01 57.74
C ASP D 140 -7.13 30.29 57.46
N LYS D 141 -6.53 31.44 57.73
CA LYS D 141 -7.24 32.70 57.56
C LYS D 141 -7.53 32.99 56.09
N ARG D 142 -6.67 32.56 55.19
CA ARG D 142 -6.92 32.82 53.77
C ARG D 142 -7.75 31.74 53.10
N ARG D 143 -7.90 30.57 53.72
CA ARG D 143 -8.79 29.51 53.25
C ARG D 143 -9.47 28.90 54.47
N GLN D 144 -10.61 29.45 54.85
CA GLN D 144 -11.28 29.02 56.08
C GLN D 144 -12.00 27.70 55.92
N ASP D 145 -12.15 27.21 54.70
CA ASP D 145 -12.83 25.94 54.47
C ASP D 145 -11.92 24.74 54.59
N LEU D 146 -10.62 24.94 54.78
CA LEU D 146 -9.72 23.80 54.87
C LEU D 146 -9.84 23.10 56.20
N ALA D 147 -9.81 23.85 57.30
CA ALA D 147 -9.90 23.22 58.61
C ALA D 147 -11.20 22.47 58.80
N LYS D 148 -12.25 22.87 58.09
CA LYS D 148 -13.53 22.19 58.18
C LYS D 148 -13.65 21.06 57.18
N LEU D 149 -12.62 20.78 56.40
CA LEU D 149 -12.75 19.81 55.33
C LEU D 149 -12.71 18.39 55.89
N VAL D 150 -13.68 17.60 55.51
CA VAL D 150 -13.88 16.26 56.06
C VAL D 150 -13.25 15.25 55.12
N LEU D 151 -12.31 14.47 55.64
CA LEU D 151 -11.59 13.48 54.85
C LEU D 151 -12.42 12.22 54.71
N SER D 152 -13.34 12.21 53.76
CA SER D 152 -14.23 11.08 53.59
C SER D 152 -13.97 10.45 52.24
N GLN D 153 -14.36 9.19 52.12
CA GLN D 153 -14.17 8.51 50.84
C GLN D 153 -14.92 9.21 49.73
N ASP D 154 -16.07 9.79 50.02
CA ASP D 154 -16.82 10.47 48.98
C ASP D 154 -16.13 11.75 48.56
N ASN D 155 -15.50 12.45 49.49
CA ASN D 155 -14.68 13.60 49.10
C ASN D 155 -13.50 13.16 48.25
N LEU D 156 -12.84 12.08 48.63
CA LEU D 156 -11.65 11.63 47.92
C LEU D 156 -11.99 11.14 46.52
N ASP D 157 -13.16 10.54 46.34
CA ASP D 157 -13.50 9.89 45.09
C ASP D 157 -14.32 10.78 44.15
N ASN D 158 -15.38 11.40 44.65
CA ASN D 158 -16.34 12.08 43.80
C ASN D 158 -15.69 13.22 43.03
N GLU D 159 -15.95 13.27 41.73
CA GLU D 159 -15.41 14.31 40.87
C GLU D 159 -16.37 15.49 40.82
N ILE D 160 -15.81 16.69 40.98
CA ILE D 160 -16.55 17.93 40.87
C ILE D 160 -15.83 18.79 39.84
N SER D 161 -16.52 19.82 39.37
CA SER D 161 -15.89 20.73 38.43
C SER D 161 -15.01 21.72 39.18
N ALA D 162 -13.78 21.89 38.71
CA ALA D 162 -12.87 22.80 39.39
C ALA D 162 -13.36 24.24 39.32
N LEU D 163 -13.96 24.62 38.20
CA LEU D 163 -14.45 25.99 38.08
C LEU D 163 -15.60 26.23 39.03
N SER D 164 -16.49 25.26 39.19
CA SER D 164 -17.54 25.42 40.18
C SER D 164 -16.96 25.65 41.56
N LEU D 165 -15.83 25.02 41.85
CA LEU D 165 -15.23 25.15 43.17
C LEU D 165 -14.61 26.53 43.34
N ALA D 166 -13.95 27.03 42.30
CA ALA D 166 -13.48 28.41 42.34
C ALA D 166 -14.63 29.37 42.58
N ASN D 167 -15.74 29.16 41.89
CA ASN D 167 -16.86 30.08 42.01
C ASN D 167 -17.49 30.02 43.39
N GLU D 168 -17.60 28.83 43.95
CA GLU D 168 -18.08 28.73 45.32
C GLU D 168 -17.15 29.47 46.26
N GLN D 169 -15.84 29.34 46.07
CA GLN D 169 -14.90 30.02 46.94
C GLN D 169 -15.07 31.53 46.86
N LEU D 170 -15.30 32.06 45.67
CA LEU D 170 -15.47 33.50 45.53
C LEU D 170 -16.81 33.97 46.10
N GLU D 171 -17.87 33.20 45.88
CA GLU D 171 -19.19 33.58 46.36
C GLU D 171 -19.24 33.63 47.88
N THR D 172 -18.69 32.61 48.54
CA THR D 172 -18.76 32.62 50.00
C THR D 172 -18.06 33.81 50.62
N ALA D 173 -17.16 34.45 49.89
CA ALA D 173 -16.52 35.65 50.40
C ALA D 173 -17.27 36.91 50.02
N LEU D 174 -17.76 36.98 48.78
CA LEU D 174 -18.48 38.17 48.34
C LEU D 174 -19.78 38.34 49.10
N MET D 175 -20.50 37.24 49.34
CA MET D 175 -21.73 37.35 50.12
C MET D 175 -21.43 37.61 51.59
N ALA D 176 -20.30 37.13 52.10
CA ALA D 176 -19.92 37.52 53.45
C ALA D 176 -19.65 39.00 53.55
N GLN D 177 -19.03 39.58 52.52
CA GLN D 177 -18.81 41.03 52.52
C GLN D 177 -20.13 41.78 52.45
N THR D 178 -20.94 41.48 51.44
CA THR D 178 -22.21 42.16 51.26
C THR D 178 -23.16 41.96 52.43
N GLY D 179 -23.03 40.86 53.16
CA GLY D 179 -23.95 40.52 54.22
C GLY D 179 -25.14 39.69 53.80
N LYS D 180 -25.48 39.69 52.52
CA LYS D 180 -26.63 38.92 52.05
C LYS D 180 -26.28 37.45 51.97
N THR D 181 -27.20 36.61 52.43
CA THR D 181 -27.01 35.17 52.33
C THR D 181 -27.68 34.55 51.12
N ASP D 182 -28.65 35.23 50.51
CA ASP D 182 -29.26 34.69 49.30
C ASP D 182 -28.33 34.88 48.12
N LYS D 183 -28.17 33.80 47.36
CA LYS D 183 -27.33 33.85 46.17
C LYS D 183 -28.00 34.67 45.07
N ASN D 184 -29.28 34.40 44.83
CA ASN D 184 -29.99 35.07 43.74
C ASN D 184 -30.18 36.55 44.01
N LYS D 185 -30.50 36.93 45.24
CA LYS D 185 -30.57 38.34 45.57
C LYS D 185 -29.24 39.03 45.36
N TYR D 186 -28.15 38.34 45.71
CA TYR D 186 -26.83 38.89 45.47
C TYR D 186 -26.55 39.09 44.00
N TYR D 187 -26.83 38.10 43.15
CA TYR D 187 -26.62 38.30 41.72
C TYR D 187 -27.51 39.38 41.16
N GLU D 188 -28.72 39.54 41.71
CA GLU D 188 -29.56 40.64 41.28
C GLU D 188 -28.90 41.98 41.58
N THR D 189 -28.32 42.14 42.77
CA THR D 189 -27.54 43.34 43.02
C THR D 189 -26.30 43.42 42.15
N LEU D 190 -25.79 42.30 41.71
CA LEU D 190 -24.64 42.21 40.84
C LEU D 190 -24.95 42.58 39.40
N ALA D 191 -26.24 42.60 39.06
CA ALA D 191 -26.65 42.79 37.68
C ALA D 191 -26.62 44.24 37.25
N THR D 192 -26.66 45.16 38.22
CA THR D 192 -26.66 46.59 37.93
C THR D 192 -25.39 47.31 38.35
N SER D 193 -24.52 46.64 39.09
CA SER D 193 -23.39 47.34 39.70
C SER D 193 -22.23 47.46 38.72
N ARG D 194 -21.50 48.58 38.83
CA ARG D 194 -20.43 48.92 37.92
C ARG D 194 -19.08 48.98 38.63
N ARG D 195 -18.89 48.20 39.68
CA ARG D 195 -17.71 48.34 40.50
C ARG D 195 -16.53 47.52 40.01
N SER D 196 -16.49 47.14 38.74
CA SER D 196 -15.26 46.69 38.09
C SER D 196 -15.52 46.59 36.60
N GLY D 197 -14.45 46.46 35.83
CA GLY D 197 -14.57 46.46 34.39
C GLY D 197 -15.21 45.25 33.79
N VAL D 198 -15.73 44.35 34.62
CA VAL D 198 -16.39 43.15 34.15
C VAL D 198 -17.73 42.92 34.81
N THR D 199 -18.13 43.78 35.73
CA THR D 199 -19.23 43.52 36.66
C THR D 199 -20.63 43.66 36.07
N PRO D 200 -20.93 44.68 35.26
CA PRO D 200 -22.32 44.85 34.84
C PRO D 200 -22.78 43.68 33.99
N TYR D 201 -23.07 42.55 34.61
CA TYR D 201 -23.53 41.39 33.88
C TYR D 201 -24.77 40.83 34.57
N ASN D 202 -25.70 40.32 33.76
CA ASN D 202 -26.93 39.72 34.24
C ASN D 202 -26.81 38.23 34.05
N ALA D 203 -27.01 37.48 35.13
CA ALA D 203 -27.22 36.04 34.92
C ALA D 203 -28.39 35.78 33.99
N PRO D 204 -29.58 36.39 34.17
CA PRO D 204 -30.67 36.13 33.24
C PRO D 204 -30.39 36.61 31.84
N PHE D 205 -29.87 37.83 31.67
CA PHE D 205 -29.67 38.29 30.30
C PHE D 205 -28.61 37.45 29.60
N GLU D 206 -27.56 37.07 30.30
CA GLU D 206 -26.57 36.22 29.67
C GLU D 206 -27.16 34.87 29.29
N GLY D 207 -28.04 34.33 30.13
CA GLY D 207 -28.74 33.13 29.74
C GLY D 207 -29.58 33.33 28.50
N ILE D 208 -30.35 34.42 28.45
CA ILE D 208 -31.15 34.74 27.27
C ILE D 208 -30.26 34.78 26.04
N HIS D 209 -29.17 35.53 26.13
CA HIS D 209 -28.32 35.75 24.97
C HIS D 209 -27.67 34.47 24.50
N ASN D 210 -27.16 33.66 25.42
CA ASN D 210 -26.51 32.42 25.02
C ASN D 210 -27.52 31.45 24.44
N ALA D 211 -28.65 31.24 25.14
CA ALA D 211 -29.67 30.33 24.64
C ALA D 211 -30.19 30.78 23.29
N LEU D 212 -30.25 32.08 23.08
CA LEU D 212 -30.82 32.63 21.86
C LEU D 212 -29.86 32.57 20.70
N ALA D 213 -28.57 32.81 20.95
CA ALA D 213 -27.55 32.62 19.94
C ALA D 213 -27.24 31.17 19.68
N GLN D 214 -27.71 30.26 20.54
CA GLN D 214 -27.58 28.85 20.24
C GLN D 214 -28.63 28.35 19.26
N ARG D 215 -29.76 29.04 19.15
CA ARG D 215 -30.73 28.80 18.09
C ARG D 215 -30.33 29.51 16.80
N ASN D 216 -29.21 30.21 16.80
CA ASN D 216 -28.79 31.05 15.68
C ASN D 216 -29.86 32.07 15.33
N PHE D 217 -30.50 32.60 16.35
CA PHE D 217 -31.61 33.52 16.20
C PHE D 217 -31.13 34.95 16.32
N VAL D 218 -31.52 35.80 15.37
CA VAL D 218 -31.06 37.18 15.29
C VAL D 218 -32.23 38.09 15.64
N LEU D 219 -32.12 38.77 16.78
CA LEU D 219 -33.25 39.55 17.30
C LEU D 219 -33.69 40.65 16.36
N PRO D 220 -32.83 41.59 15.93
CA PRO D 220 -33.31 42.70 15.11
C PRO D 220 -33.64 42.34 13.67
N ASP D 221 -33.64 41.05 13.33
CA ASP D 221 -34.11 40.60 12.04
C ASP D 221 -35.36 39.74 12.17
N ASN D 222 -36.26 40.15 13.06
CA ASN D 222 -37.58 39.55 13.18
C ASN D 222 -38.59 40.34 12.37
N ILE D 223 -39.46 39.60 11.67
CA ILE D 223 -40.64 40.22 11.11
C ILE D 223 -41.56 40.71 12.24
N LEU D 224 -41.42 40.13 13.42
CA LEU D 224 -42.29 40.40 14.56
C LEU D 224 -41.50 41.19 15.58
N SER D 225 -41.55 42.51 15.47
CA SER D 225 -40.90 43.37 16.44
C SER D 225 -41.48 44.78 16.30
N ASN D 226 -40.87 45.71 17.01
CA ASN D 226 -41.13 47.12 16.75
C ASN D 226 -39.97 47.66 15.94
N PRO D 227 -40.13 47.93 14.65
CA PRO D 227 -39.03 48.54 13.89
C PRO D 227 -38.58 49.86 14.47
N ALA D 228 -39.34 50.45 15.38
CA ALA D 228 -38.92 51.65 16.10
C ALA D 228 -38.00 51.34 17.27
N LYS D 229 -37.82 50.06 17.61
CA LYS D 229 -36.90 49.65 18.66
C LYS D 229 -35.79 48.79 18.08
N PHE D 230 -35.24 49.23 16.95
CA PHE D 230 -34.16 48.49 16.32
C PHE D 230 -32.84 48.72 17.04
N ALA D 231 -32.63 49.90 17.59
CA ALA D 231 -31.36 50.18 18.26
C ALA D 231 -31.17 49.25 19.45
N ILE D 232 -32.12 49.23 20.37
CA ILE D 232 -32.00 48.39 21.56
C ILE D 232 -31.93 46.92 21.16
N LEU D 233 -32.66 46.55 20.12
CA LEU D 233 -32.69 45.15 19.71
C LEU D 233 -31.33 44.72 19.15
N ALA D 234 -30.71 45.57 18.34
CA ALA D 234 -29.39 45.25 17.83
C ALA D 234 -28.33 45.31 18.91
N ALA D 235 -28.54 46.16 19.93
CA ALA D 235 -27.63 46.14 21.07
C ALA D 235 -27.71 44.82 21.81
N TYR D 236 -28.91 44.38 22.15
CA TYR D 236 -29.09 43.07 22.76
C TYR D 236 -28.55 41.96 21.86
N ASP D 237 -28.62 42.16 20.55
CA ASP D 237 -28.07 41.17 19.63
C ASP D 237 -26.56 41.09 19.75
N ALA D 238 -25.89 42.24 19.73
CA ALA D 238 -24.46 42.26 19.99
C ALA D 238 -24.14 41.66 21.34
N GLY D 239 -25.07 41.77 22.27
CA GLY D 239 -24.96 41.17 23.58
C GLY D 239 -24.51 42.24 24.53
N ILE D 240 -25.46 42.92 25.16
CA ILE D 240 -25.15 44.06 26.00
C ILE D 240 -26.21 44.13 27.08
N SER D 241 -25.79 44.03 28.33
CA SER D 241 -26.74 44.09 29.42
C SER D 241 -27.48 45.42 29.38
N PRO D 242 -28.70 45.47 29.89
CA PRO D 242 -29.36 46.77 30.05
C PRO D 242 -28.52 47.77 30.82
N LYS D 243 -27.82 47.35 31.86
CA LYS D 243 -26.99 48.30 32.59
C LYS D 243 -25.79 48.74 31.77
N LEU D 244 -25.22 47.82 30.99
CA LEU D 244 -24.12 48.22 30.11
C LEU D 244 -24.60 49.19 29.05
N TYR D 245 -25.85 49.05 28.62
CA TYR D 245 -26.42 50.01 27.68
C TYR D 245 -26.60 51.36 28.34
N ASN D 246 -27.09 51.39 29.57
CA ASN D 246 -27.18 52.66 30.29
C ASN D 246 -25.81 53.30 30.45
N ILE D 247 -24.78 52.49 30.61
CA ILE D 247 -23.42 53.01 30.69
C ILE D 247 -23.02 53.64 29.36
N LEU D 248 -23.14 52.88 28.27
CA LEU D 248 -22.61 53.33 27.00
C LEU D 248 -23.47 54.38 26.31
N THR D 249 -24.65 54.69 26.82
CA THR D 249 -25.45 55.74 26.17
C THR D 249 -25.35 57.08 26.86
N GLU D 250 -24.69 57.17 28.01
CA GLU D 250 -24.51 58.48 28.64
C GLU D 250 -23.76 59.41 27.71
N ASP D 251 -23.98 60.72 27.88
CA ASP D 251 -23.30 61.72 27.08
C ASP D 251 -22.08 62.25 27.85
N THR D 252 -21.05 61.41 27.91
CA THR D 252 -19.84 61.80 28.63
C THR D 252 -19.06 62.88 27.91
N GLU D 253 -18.92 62.77 26.60
CA GLU D 253 -18.31 63.85 25.83
C GLU D 253 -19.14 65.12 25.99
N SER D 254 -18.47 66.25 26.20
CA SER D 254 -19.12 67.52 26.51
C SER D 254 -19.95 67.40 27.79
N LEU D 255 -19.26 67.04 28.86
CA LEU D 255 -19.87 66.93 30.19
C LEU D 255 -18.82 67.42 31.19
N THR D 256 -19.07 68.57 31.82
CA THR D 256 -18.08 69.21 32.65
C THR D 256 -18.74 69.68 33.95
N GLY D 257 -17.94 70.25 34.83
CA GLY D 257 -18.42 70.75 36.10
C GLY D 257 -18.50 69.66 37.14
N SER D 258 -19.31 69.91 38.17
CA SER D 258 -19.60 68.88 39.16
C SER D 258 -20.32 67.70 38.53
N ASP D 259 -20.91 67.86 37.35
CA ASP D 259 -21.54 66.72 36.70
C ASP D 259 -20.51 65.68 36.29
N LEU D 260 -19.32 66.10 35.86
CA LEU D 260 -18.28 65.13 35.55
C LEU D 260 -17.81 64.41 36.81
N GLU D 261 -17.74 65.12 37.93
CA GLU D 261 -17.44 64.47 39.19
C GLU D 261 -18.49 63.41 39.53
N ASN D 262 -19.76 63.77 39.39
CA ASN D 262 -20.84 62.80 39.57
C ASN D 262 -20.64 61.58 38.69
N SER D 263 -20.30 61.81 37.42
CA SER D 263 -20.22 60.70 36.48
C SER D 263 -19.02 59.81 36.77
N LEU D 264 -17.89 60.38 37.17
CA LEU D 264 -16.77 59.54 37.58
C LEU D 264 -17.07 58.77 38.85
N LYS D 265 -17.77 59.38 39.79
CA LYS D 265 -18.14 58.64 41.00
C LYS D 265 -19.14 57.54 40.68
N ARG D 266 -19.92 57.70 39.60
CA ARG D 266 -20.87 56.67 39.23
C ARG D 266 -20.19 55.54 38.48
N ASN D 267 -19.34 55.86 37.51
CA ASN D 267 -18.75 54.84 36.66
C ASN D 267 -17.48 54.22 37.24
N PHE D 268 -16.94 54.76 38.32
CA PHE D 268 -15.76 54.18 38.97
C PHE D 268 -15.95 54.25 40.46
N PRO D 269 -16.89 53.50 40.99
CA PRO D 269 -17.28 53.68 42.40
C PRO D 269 -16.22 53.19 43.37
N LYS D 270 -15.48 52.15 42.98
CA LYS D 270 -14.54 51.51 43.90
C LYS D 270 -13.08 51.74 43.55
N VAL D 271 -12.75 52.01 42.30
CA VAL D 271 -11.37 52.25 41.94
C VAL D 271 -11.04 53.73 42.07
N LYS D 272 -9.78 54.01 42.42
CA LYS D 272 -9.26 55.36 42.40
C LYS D 272 -8.68 55.63 41.02
N ILE D 273 -9.11 56.72 40.39
CA ILE D 273 -8.79 56.96 38.99
C ILE D 273 -7.29 57.08 38.79
N LYS D 274 -6.60 57.71 39.75
CA LYS D 274 -5.15 57.82 39.61
C LYS D 274 -4.47 56.47 39.74
N ASP D 275 -4.95 55.59 40.61
CA ASP D 275 -4.41 54.24 40.69
C ASP D 275 -4.79 53.40 39.48
N LEU D 276 -5.83 53.78 38.75
CA LEU D 276 -6.22 53.10 37.53
C LEU D 276 -5.47 53.60 36.31
N MET D 277 -4.90 54.80 36.39
CA MET D 277 -4.31 55.44 35.21
C MET D 277 -3.32 54.54 34.48
N THR D 278 -2.55 53.72 35.17
CA THR D 278 -1.47 53.01 34.50
C THR D 278 -2.02 51.92 33.58
N LEU D 279 -1.14 51.47 32.67
CA LEU D 279 -1.52 50.54 31.62
C LEU D 279 -1.84 49.15 32.15
N ASP D 280 -1.02 48.64 33.06
CA ASP D 280 -1.33 47.34 33.66
C ASP D 280 -2.63 47.39 34.45
N ALA D 281 -2.87 48.50 35.15
CA ALA D 281 -4.13 48.62 35.88
C ALA D 281 -5.31 48.65 34.93
N LEU D 282 -5.20 49.38 33.83
CA LEU D 282 -6.26 49.37 32.85
C LEU D 282 -6.46 48.00 32.24
N ALA D 283 -5.39 47.22 32.08
CA ALA D 283 -5.52 45.89 31.51
C ALA D 283 -6.16 44.93 32.50
N ASN D 284 -5.96 45.15 33.79
CA ASN D 284 -6.53 44.24 34.77
C ASN D 284 -7.94 44.64 35.18
N TYR D 285 -8.27 45.92 35.11
CA TYR D 285 -9.62 46.35 35.44
C TYR D 285 -10.62 45.83 34.44
N TYR D 286 -10.33 46.00 33.15
CA TYR D 286 -11.23 45.57 32.08
C TYR D 286 -10.93 44.19 31.57
N GLU D 287 -10.00 43.47 32.19
CA GLU D 287 -9.68 42.10 31.83
C GLU D 287 -9.40 41.98 30.34
N LEU D 288 -8.60 42.89 29.83
CA LEU D 288 -8.18 42.92 28.44
C LEU D 288 -6.66 42.90 28.40
N PRO D 289 -6.08 42.40 27.32
CA PRO D 289 -4.61 42.30 27.24
C PRO D 289 -3.94 43.67 27.28
N ALA D 290 -2.85 43.73 28.05
CA ALA D 290 -2.10 44.96 28.18
C ALA D 290 -1.58 45.45 26.84
N ASP D 291 -1.08 44.57 26.00
CA ASP D 291 -0.59 45.01 24.70
C ASP D 291 -1.72 45.43 23.78
N ASP D 292 -2.91 44.84 23.93
CA ASP D 292 -4.01 45.27 23.09
C ASP D 292 -4.57 46.62 23.50
N ILE D 293 -4.68 46.90 24.79
CA ILE D 293 -5.06 48.25 25.19
C ILE D 293 -3.93 49.24 24.89
N GLN D 294 -2.67 48.80 24.93
CA GLN D 294 -1.57 49.66 24.54
C GLN D 294 -1.63 50.00 23.07
N ALA D 295 -2.10 49.08 22.23
CA ALA D 295 -2.25 49.38 20.82
C ALA D 295 -3.27 50.49 20.62
N LEU D 296 -4.38 50.43 21.35
CA LEU D 296 -5.35 51.52 21.30
C LEU D 296 -4.71 52.84 21.74
N ILE D 297 -4.02 52.82 22.88
CA ILE D 297 -3.44 54.05 23.39
C ILE D 297 -2.42 54.62 22.40
N ALA D 298 -1.61 53.76 21.80
CA ALA D 298 -0.58 54.22 20.88
C ALA D 298 -1.18 54.77 19.60
N ALA D 299 -2.17 54.07 19.04
CA ALA D 299 -2.80 54.58 17.83
C ALA D 299 -3.64 55.82 18.13
N GLU D 300 -4.00 56.06 19.39
CA GLU D 300 -4.68 57.29 19.73
C GLU D 300 -3.71 58.43 19.96
N ILE D 301 -2.48 58.11 20.35
CA ILE D 301 -1.50 59.17 20.64
C ILE D 301 -0.76 59.59 19.38
N THR D 302 -0.49 58.65 18.47
CA THR D 302 0.22 59.01 17.24
C THR D 302 -0.63 58.89 15.98
N GLY D 303 -1.51 57.91 15.90
CA GLY D 303 -2.24 57.62 14.68
C GLY D 303 -3.44 58.52 14.50
N ARG D 304 -4.53 57.92 13.99
CA ARG D 304 -5.78 58.63 13.75
C ARG D 304 -6.90 57.93 14.52
N LEU D 305 -7.03 58.30 15.80
CA LEU D 305 -8.04 57.79 16.71
C LEU D 305 -8.32 58.93 17.68
N PRO D 306 -9.59 59.21 18.00
CA PRO D 306 -10.80 58.48 17.58
C PRO D 306 -11.23 58.78 16.15
N THR D 307 -11.61 57.74 15.42
CA THR D 307 -12.02 57.89 14.04
C THR D 307 -13.39 58.55 13.96
N PRO D 308 -13.58 59.50 13.03
CA PRO D 308 -12.54 60.03 12.14
C PRO D 308 -11.93 61.35 12.63
N ASP D 309 -12.65 62.07 13.49
CA ASP D 309 -12.28 63.40 13.92
C ASP D 309 -12.10 63.44 15.43
N VAL D 310 -11.58 64.56 15.93
CA VAL D 310 -11.27 64.71 17.34
C VAL D 310 -11.54 66.17 17.68
N TYR D 311 -11.27 66.58 18.91
CA TYR D 311 -11.21 67.97 19.36
C TYR D 311 -12.60 68.55 19.62
N ASN D 312 -13.64 67.73 19.60
CA ASN D 312 -15.02 68.22 19.59
C ASN D 312 -15.57 68.38 21.00
N ASP D 313 -14.72 68.79 21.94
CA ASP D 313 -15.11 68.99 23.33
C ASP D 313 -14.77 70.41 23.76
N ASP D 314 -15.66 71.34 23.43
CA ASP D 314 -15.56 72.74 23.86
C ASP D 314 -14.20 73.34 23.50
N ASN D 315 -13.75 73.05 22.27
CA ASN D 315 -12.54 73.63 21.71
C ASN D 315 -11.33 73.35 22.58
N LYS D 316 -11.23 72.12 23.06
CA LYS D 316 -10.08 71.63 23.81
C LYS D 316 -9.62 70.33 23.18
N LEU D 317 -8.66 69.68 23.81
CA LEU D 317 -8.21 68.36 23.43
C LEU D 317 -7.32 67.83 24.53
N VAL D 318 -7.61 66.62 25.00
CA VAL D 318 -6.84 65.98 26.04
C VAL D 318 -6.27 64.69 25.49
N ILE D 319 -4.95 64.60 25.45
CA ILE D 319 -4.28 63.44 24.87
C ILE D 319 -3.34 62.86 25.93
N PRO D 320 -3.32 61.56 26.13
CA PRO D 320 -2.49 60.99 27.19
C PRO D 320 -1.02 61.03 26.81
N ALA D 321 -0.19 60.49 27.70
CA ALA D 321 1.24 60.36 27.43
C ALA D 321 1.79 59.30 28.40
N ILE D 322 2.20 58.18 27.85
CA ILE D 322 2.67 57.08 28.67
C ILE D 322 4.19 57.14 28.77
N ASN D 323 4.71 56.64 29.88
CA ASN D 323 6.13 56.76 30.14
C ASN D 323 6.49 55.79 31.25
N THR D 324 7.77 55.41 31.28
CA THR D 324 8.34 54.41 32.20
C THR D 324 7.44 53.18 32.34
N GLY D 325 6.66 52.87 31.30
CA GLY D 325 5.81 51.70 31.29
C GLY D 325 4.75 51.61 32.37
N GLY D 326 4.73 52.53 33.32
CA GLY D 326 3.89 52.35 34.48
C GLY D 326 3.08 53.57 34.87
N LYS D 327 2.79 54.42 33.89
CA LYS D 327 1.98 55.60 34.17
C LYS D 327 1.43 56.14 32.86
N ILE D 328 0.36 56.92 32.97
CA ILE D 328 -0.26 57.59 31.84
C ILE D 328 -0.63 59.00 32.30
N THR D 329 0.05 60.00 31.76
CA THR D 329 -0.18 61.38 32.13
C THR D 329 -0.92 62.11 31.02
N PHE D 330 -1.45 63.28 31.36
CA PHE D 330 -2.34 64.02 30.48
C PHE D 330 -1.84 65.43 30.24
N SER D 331 -2.19 65.96 29.07
CA SER D 331 -1.76 67.27 28.65
C SER D 331 -2.72 67.76 27.58
N GLU D 332 -3.36 68.89 27.83
CA GLU D 332 -4.48 69.34 27.02
C GLU D 332 -4.08 70.51 26.14
N LEU D 333 -4.96 70.79 25.17
CA LEU D 333 -4.78 71.88 24.22
C LEU D 333 -5.99 72.80 24.26
N ALA D 334 -5.85 74.00 23.69
CA ALA D 334 -6.96 74.94 23.61
C ALA D 334 -6.85 75.73 22.32
N LYS D 335 -7.77 76.67 22.12
CA LYS D 335 -7.80 77.46 20.90
C LYS D 335 -8.69 78.67 21.09
N THR D 336 -8.60 79.61 20.13
CA THR D 336 -9.41 80.82 20.15
C THR D 336 -10.68 80.66 19.33
N GLN D 337 -11.51 81.71 19.36
CA GLN D 337 -12.79 81.74 18.67
C GLN D 337 -12.57 82.45 17.33
N SER D 338 -11.99 81.73 16.39
CA SER D 338 -11.80 82.19 15.02
C SER D 338 -13.07 81.87 14.22
N ASP D 339 -12.96 81.84 12.90
CA ASP D 339 -14.05 81.47 12.00
C ASP D 339 -15.23 82.43 12.15
N GLU D 340 -14.96 83.69 11.75
CA GLU D 340 -15.86 84.83 11.93
C GLU D 340 -17.26 84.57 11.39
N LYS D 341 -17.42 84.36 10.08
CA LYS D 341 -18.70 83.94 9.53
C LYS D 341 -18.70 82.43 9.32
N GLN D 342 -17.88 81.95 8.39
CA GLN D 342 -17.64 80.53 8.23
C GLN D 342 -16.41 80.36 7.35
N ALA D 343 -15.34 79.78 7.92
CA ALA D 343 -14.12 79.54 7.13
C ALA D 343 -13.74 78.06 7.10
N ASP D 344 -13.56 77.42 8.25
CA ASP D 344 -13.04 76.06 8.34
C ASP D 344 -12.93 75.67 9.81
N TYR D 345 -12.47 74.45 10.05
CA TYR D 345 -12.00 74.02 11.35
C TYR D 345 -10.55 73.54 11.25
N ILE D 346 -9.72 73.98 12.18
CA ILE D 346 -8.31 73.62 12.21
C ILE D 346 -8.03 72.87 13.50
N ASP D 347 -7.17 71.85 13.43
CA ASP D 347 -6.86 70.99 14.55
C ASP D 347 -5.38 70.65 14.54
N LEU D 348 -4.74 70.76 15.70
CA LEU D 348 -3.37 70.32 15.87
C LEU D 348 -3.36 68.92 16.44
N ILE D 349 -2.87 67.96 15.66
CA ILE D 349 -2.88 66.56 16.08
C ILE D 349 -1.48 66.16 16.51
N PRO D 350 -1.20 66.12 17.81
CA PRO D 350 0.17 65.86 18.27
C PRO D 350 0.53 64.40 18.07
N GLN D 351 1.35 64.12 17.06
CA GLN D 351 1.88 62.78 16.91
C GLN D 351 2.78 62.41 18.08
N GLY D 352 3.54 63.38 18.58
CA GLY D 352 4.46 63.11 19.66
C GLY D 352 5.40 64.28 19.91
N GLY D 353 6.66 63.97 20.21
CA GLY D 353 7.65 65.00 20.42
C GLY D 353 8.06 65.61 19.09
N ASN D 354 7.83 66.90 18.94
CA ASN D 354 8.27 67.64 17.75
C ASN D 354 7.67 67.06 16.46
N GLN D 355 6.58 66.31 16.57
CA GLN D 355 5.82 65.83 15.42
C GLN D 355 4.38 66.27 15.60
N PHE D 356 3.78 66.83 14.56
CA PHE D 356 2.41 67.30 14.64
C PHE D 356 1.69 67.08 13.31
N LEU D 357 0.44 67.52 13.28
CA LEU D 357 -0.43 67.38 12.13
C LEU D 357 -1.45 68.50 12.15
N VAL D 358 -1.87 68.91 10.97
CA VAL D 358 -2.91 69.92 10.83
C VAL D 358 -4.01 69.36 9.93
N ASN D 359 -5.21 69.23 10.47
CA ASN D 359 -6.37 68.84 9.71
C ASN D 359 -7.28 70.04 9.55
N PHE D 360 -7.97 70.11 8.41
CA PHE D 360 -8.77 71.27 8.11
C PHE D 360 -9.72 70.95 6.97
N SER D 361 -10.78 71.76 6.88
CA SER D 361 -11.73 71.66 5.79
C SER D 361 -12.22 73.08 5.50
N VAL D 362 -11.57 73.75 4.56
CA VAL D 362 -11.95 75.11 4.20
C VAL D 362 -13.30 75.09 3.49
N LYS D 363 -14.20 75.98 3.91
CA LYS D 363 -15.59 75.88 3.46
C LYS D 363 -15.73 76.29 2.00
N LYS D 364 -15.47 77.55 1.69
CA LYS D 364 -15.57 78.05 0.33
C LYS D 364 -14.19 77.98 -0.31
N THR D 365 -14.09 77.25 -1.42
CA THR D 365 -12.79 76.98 -2.02
C THR D 365 -12.79 77.34 -3.49
N LYS D 366 -13.41 78.46 -3.84
CA LYS D 366 -13.67 78.81 -5.22
C LYS D 366 -13.07 80.12 -5.68
N LYS D 367 -12.48 80.91 -4.78
CA LYS D 367 -12.02 82.25 -5.17
C LYS D 367 -10.67 82.21 -5.88
N ASP D 368 -9.59 81.99 -5.13
CA ASP D 368 -8.22 82.04 -5.62
C ASP D 368 -7.39 81.15 -4.73
N ALA D 369 -6.61 80.23 -5.33
CA ALA D 369 -5.84 79.29 -4.54
C ALA D 369 -4.70 78.73 -5.37
N THR D 370 -3.46 79.07 -5.02
CA THR D 370 -2.27 78.56 -5.71
C THR D 370 -1.16 78.43 -4.67
N HIS D 371 -0.83 77.19 -4.30
CA HIS D 371 0.23 76.91 -3.33
C HIS D 371 -0.05 77.62 -2.01
N PHE D 372 -1.12 77.18 -1.36
CA PHE D 372 -1.57 77.77 -0.12
C PHE D 372 -0.48 77.66 0.96
N SER D 373 -0.62 78.49 1.99
CA SER D 373 0.42 78.68 2.98
C SER D 373 -0.09 78.34 4.38
N ILE D 374 0.85 78.13 5.29
CA ILE D 374 0.56 77.87 6.70
C ILE D 374 1.29 78.91 7.54
N GLY D 375 0.53 79.70 8.31
CA GLY D 375 1.12 80.76 9.11
C GLY D 375 1.35 80.35 10.55
N TYR D 376 2.14 81.17 11.24
CA TYR D 376 2.60 80.84 12.59
C TYR D 376 2.71 82.11 13.42
N ASN D 377 2.23 82.06 14.67
CA ASN D 377 2.19 83.23 15.56
C ASN D 377 1.43 84.39 14.92
N LYS D 378 0.57 84.07 13.95
CA LYS D 378 -0.32 85.01 13.28
C LYS D 378 0.44 85.96 12.35
N SER D 379 1.77 85.97 12.45
CA SER D 379 2.54 86.91 11.64
C SER D 379 3.86 86.38 11.12
N PHE D 380 4.21 85.11 11.33
CA PHE D 380 5.55 84.68 11.00
C PHE D 380 5.52 83.27 10.44
N ASN D 381 6.70 82.80 10.02
CA ASN D 381 7.02 81.38 9.89
C ASN D 381 6.03 80.66 8.97
N ASN D 382 6.10 81.02 7.69
CA ASN D 382 5.38 80.22 6.71
C ASN D 382 5.89 78.78 6.81
N LEU D 383 5.08 77.89 7.39
CA LEU D 383 5.57 76.58 7.82
C LEU D 383 5.82 75.65 6.65
N ALA D 384 4.81 75.46 5.79
CA ALA D 384 4.92 74.57 4.64
C ALA D 384 4.17 75.19 3.48
N ASP D 385 4.91 75.56 2.44
CA ASP D 385 4.36 76.04 1.17
C ASP D 385 4.87 75.09 0.09
N LYS D 386 4.19 73.95 -0.05
CA LYS D 386 4.67 72.89 -0.93
C LYS D 386 3.57 72.24 -1.75
N ASN D 387 2.30 72.42 -1.38
CA ASN D 387 1.19 71.75 -2.04
C ASN D 387 0.74 72.58 -3.24
N GLY D 388 0.73 71.97 -4.41
CA GLY D 388 0.29 72.64 -5.62
C GLY D 388 -1.16 72.36 -5.92
N PHE D 389 -1.90 71.91 -4.91
CA PHE D 389 -3.30 71.56 -5.05
C PHE D 389 -4.14 72.61 -4.34
N VAL D 390 -5.43 72.65 -4.68
CA VAL D 390 -6.39 73.51 -4.01
C VAL D 390 -7.18 72.65 -3.03
N PRO D 391 -7.30 73.05 -1.76
CA PRO D 391 -8.22 72.35 -0.86
C PRO D 391 -9.66 72.53 -1.32
N LEU D 392 -10.48 71.54 -1.00
CA LEU D 392 -11.86 71.52 -1.47
C LEU D 392 -12.83 71.73 -0.32
N ALA D 393 -14.10 71.94 -0.70
CA ALA D 393 -15.14 72.27 0.27
C ALA D 393 -15.46 71.06 1.13
N GLY D 394 -15.58 71.30 2.43
CA GLY D 394 -15.97 70.25 3.37
C GLY D 394 -15.13 69.00 3.29
N GLU D 395 -13.86 69.12 2.91
CA GLU D 395 -13.01 67.98 2.66
C GLU D 395 -11.97 67.88 3.75
N HIS D 396 -11.76 66.66 4.26
CA HIS D 396 -10.82 66.47 5.35
C HIS D 396 -9.41 66.29 4.80
N TYR D 397 -8.53 67.22 5.14
CA TYR D 397 -7.12 67.19 4.73
C TYR D 397 -6.27 66.96 5.96
N SER D 398 -4.98 66.68 5.72
CA SER D 398 -4.06 66.46 6.83
C SER D 398 -2.64 66.68 6.32
N ILE D 399 -1.95 67.65 6.90
CA ILE D 399 -0.60 67.98 6.46
C ILE D 399 0.35 67.83 7.64
N PRO D 400 1.35 66.95 7.55
CA PRO D 400 2.31 66.81 8.64
C PRO D 400 3.21 68.04 8.76
N VAL D 401 3.46 68.42 10.01
CA VAL D 401 4.24 69.61 10.32
C VAL D 401 5.04 69.33 11.58
N THR D 402 6.26 69.87 11.64
CA THR D 402 7.14 69.70 12.79
C THR D 402 7.21 71.01 13.57
N LEU D 403 6.79 70.96 14.84
CA LEU D 403 6.84 72.13 15.70
C LEU D 403 7.66 71.79 16.93
N ASP D 404 7.70 72.71 17.91
CA ASP D 404 8.37 72.47 19.17
C ASP D 404 7.38 72.72 20.31
N ALA D 405 7.41 71.84 21.31
CA ALA D 405 6.48 72.00 22.43
C ALA D 405 6.72 73.26 23.24
N LYS D 406 7.92 73.84 23.13
CA LYS D 406 8.22 75.06 23.86
C LYS D 406 7.26 76.19 23.49
N ILE D 407 7.18 76.52 22.20
CA ILE D 407 6.30 77.61 21.80
C ILE D 407 4.85 77.24 22.06
N LEU D 408 4.52 75.95 21.97
CA LEU D 408 3.16 75.53 22.29
C LEU D 408 2.81 75.75 23.75
N GLU D 409 3.82 75.75 24.64
CA GLU D 409 3.54 76.01 26.05
C GLU D 409 2.83 77.35 26.24
N LYS D 410 3.10 78.32 25.36
CA LYS D 410 2.34 79.56 25.42
C LYS D 410 1.42 79.68 24.20
N LYS D 411 0.55 80.69 24.25
CA LYS D 411 -0.48 80.91 23.25
C LYS D 411 0.19 81.18 21.90
N THR D 412 -0.01 80.29 20.94
CA THR D 412 0.65 80.36 19.63
C THR D 412 -0.41 80.24 18.54
N LYS D 413 -0.65 81.34 17.82
CA LYS D 413 -1.67 81.39 16.78
C LYS D 413 -1.07 80.87 15.48
N ILE D 414 -1.42 79.65 15.11
CA ILE D 414 -1.02 79.07 13.83
C ILE D 414 -2.16 79.30 12.83
N GLY D 415 -1.80 79.72 11.62
CA GLY D 415 -2.76 80.02 10.59
C GLY D 415 -2.47 79.31 9.28
N ILE D 416 -3.45 79.37 8.38
CA ILE D 416 -3.36 78.82 7.04
C ILE D 416 -3.77 79.91 6.06
N THR D 417 -2.99 80.08 5.00
CA THR D 417 -3.20 81.14 4.03
C THR D 417 -3.35 80.50 2.64
N ARG D 418 -4.58 80.41 2.16
CA ARG D 418 -4.82 80.02 0.78
C ARG D 418 -4.28 81.13 -0.13
N LYS D 419 -3.18 80.85 -0.81
CA LYS D 419 -2.35 81.89 -1.40
C LYS D 419 -3.03 82.50 -2.61
N LYS D 420 -3.28 83.82 -2.55
CA LYS D 420 -3.64 84.56 -3.74
C LYS D 420 -2.49 84.49 -4.74
N PRO D 421 -2.76 84.53 -6.05
CA PRO D 421 -1.77 84.02 -7.02
C PRO D 421 -0.38 84.66 -6.95
N GLU D 422 -0.24 85.96 -7.23
CA GLU D 422 1.08 86.56 -7.04
C GLU D 422 1.30 87.04 -5.60
N PRO D 423 0.49 87.97 -5.06
CA PRO D 423 0.70 88.39 -3.66
C PRO D 423 -0.21 87.68 -2.67
N ALA D 424 0.33 87.24 -1.54
CA ALA D 424 -0.51 86.67 -0.48
C ALA D 424 0.22 86.70 0.85
N SER D 425 -0.14 87.65 1.73
CA SER D 425 0.34 87.63 3.10
C SER D 425 -0.80 87.54 4.12
N ASP D 426 -1.82 88.40 4.04
CA ASP D 426 -2.98 88.24 4.90
C ASP D 426 -4.26 88.64 4.18
N GLU D 427 -4.14 89.16 2.95
CA GLU D 427 -5.24 89.84 2.29
C GLU D 427 -6.18 88.90 1.59
N ASN D 428 -5.94 87.60 1.66
CA ASN D 428 -6.91 86.62 1.23
C ASN D 428 -7.96 86.48 2.33
N HIS D 429 -8.87 85.52 2.18
CA HIS D 429 -9.74 85.21 3.30
C HIS D 429 -8.95 84.37 4.31
N TYR D 430 -8.27 85.03 5.24
CA TYR D 430 -7.31 84.38 6.10
C TYR D 430 -7.99 83.72 7.28
N THR D 431 -7.39 82.63 7.76
CA THR D 431 -7.88 81.89 8.91
C THR D 431 -6.69 81.49 9.78
N SER D 432 -6.92 81.47 11.09
CA SER D 432 -5.86 81.15 12.04
C SER D 432 -6.51 80.54 13.28
N ALA D 433 -5.67 80.07 14.20
CA ALA D 433 -6.13 79.48 15.45
C ALA D 433 -4.92 79.30 16.35
N THR D 434 -5.14 79.39 17.66
CA THR D 434 -4.07 79.24 18.62
C THR D 434 -4.12 77.86 19.25
N PHE D 435 -3.00 77.48 19.87
CA PHE D 435 -2.92 76.19 20.54
C PHE D 435 -1.98 76.31 21.72
N THR D 436 -2.55 76.28 22.93
CA THR D 436 -1.80 76.34 24.17
C THR D 436 -1.90 75.00 24.89
N ILE D 437 -0.77 74.54 25.41
CA ILE D 437 -0.70 73.27 26.12
C ILE D 437 -0.38 73.53 27.58
N HIS D 438 -1.03 72.81 28.47
CA HIS D 438 -0.66 72.88 29.88
C HIS D 438 -0.96 71.54 30.55
N PRO D 439 0.05 70.74 30.84
CA PRO D 439 -0.17 69.36 31.27
C PRO D 439 -0.77 69.27 32.66
N ASN D 440 -1.04 68.03 33.05
CA ASN D 440 -1.60 67.70 34.36
C ASN D 440 -2.93 68.44 34.57
N ALA D 441 -3.89 68.10 33.73
CA ALA D 441 -5.22 68.70 33.83
C ALA D 441 -6.22 67.81 33.12
N GLU D 442 -7.44 67.81 33.64
CA GLU D 442 -8.61 67.25 33.02
C GLU D 442 -8.43 65.77 32.66
N PRO D 443 -8.37 64.90 33.67
CA PRO D 443 -8.17 63.46 33.40
C PRO D 443 -9.45 62.69 33.13
N GLY D 444 -10.61 63.23 33.49
CA GLY D 444 -11.82 62.46 33.60
C GLY D 444 -12.55 62.14 32.32
N ILE D 445 -12.74 63.14 31.45
CA ILE D 445 -13.64 62.93 30.32
C ILE D 445 -13.02 62.02 29.27
N TRP D 446 -11.70 61.97 29.18
CA TRP D 446 -11.07 61.02 28.26
C TRP D 446 -11.12 59.61 28.81
N LEU D 447 -10.87 59.47 30.11
CA LEU D 447 -10.98 58.16 30.73
C LEU D 447 -12.39 57.64 30.73
N LEU D 448 -13.40 58.51 30.72
CA LEU D 448 -14.78 58.02 30.60
C LEU D 448 -15.04 57.42 29.22
N ARG D 449 -14.64 58.12 28.17
CA ARG D 449 -14.76 57.54 26.84
C ARG D 449 -13.96 56.26 26.73
N LEU D 450 -12.81 56.20 27.42
CA LEU D 450 -12.04 54.97 27.43
C LEU D 450 -12.79 53.86 28.15
N ASN D 451 -13.45 54.18 29.25
CA ASN D 451 -14.29 53.20 29.93
C ASN D 451 -15.31 52.63 28.97
N LYS D 452 -15.98 53.51 28.23
CA LYS D 452 -16.99 53.05 27.28
C LYS D 452 -16.37 52.14 26.23
N THR D 453 -15.26 52.58 25.62
CA THR D 453 -14.72 51.80 24.50
C THR D 453 -14.10 50.50 24.97
N LEU D 454 -13.58 50.45 26.20
CA LEU D 454 -13.01 49.20 26.69
C LEU D 454 -14.10 48.22 27.07
N ARG D 455 -15.16 48.68 27.76
CA ARG D 455 -16.31 47.82 27.98
C ARG D 455 -16.81 47.27 26.66
N LEU D 456 -16.92 48.12 25.65
CA LEU D 456 -17.45 47.69 24.37
C LEU D 456 -16.55 46.68 23.68
N ALA D 457 -15.24 46.90 23.70
CA ALA D 457 -14.33 45.95 23.08
C ALA D 457 -14.39 44.60 23.78
N LYS D 458 -14.31 44.60 25.11
CA LYS D 458 -14.38 43.37 25.88
C LYS D 458 -15.67 42.62 25.58
N VAL D 459 -16.77 43.33 25.41
CA VAL D 459 -18.06 42.67 25.27
C VAL D 459 -18.26 42.19 23.84
N SER D 460 -17.95 43.02 22.86
CA SER D 460 -18.15 42.65 21.47
C SER D 460 -17.04 41.78 20.92
N GLY D 461 -16.02 41.46 21.71
CA GLY D 461 -15.02 40.51 21.32
C GLY D 461 -13.96 41.05 20.38
N MET D 462 -14.17 42.20 19.77
CA MET D 462 -13.14 42.79 18.93
C MET D 462 -12.10 43.52 19.77
N THR D 463 -10.92 43.68 19.21
CA THR D 463 -9.82 44.30 19.93
C THR D 463 -10.12 45.77 20.22
N PRO D 464 -9.52 46.34 21.27
CA PRO D 464 -9.82 47.74 21.60
C PRO D 464 -9.40 48.73 20.53
N HIS D 465 -8.38 48.41 19.74
CA HIS D 465 -8.02 49.29 18.63
C HIS D 465 -9.04 49.19 17.51
N GLU D 466 -9.52 47.98 17.23
CA GLU D 466 -10.58 47.80 16.27
C GLU D 466 -11.88 48.48 16.71
N THR D 467 -12.25 48.39 17.98
CA THR D 467 -13.52 48.97 18.42
C THR D 467 -13.48 50.48 18.39
N GLN D 468 -12.29 51.07 18.49
CA GLN D 468 -12.21 52.51 18.41
C GLN D 468 -12.12 52.98 16.97
N HIS D 469 -11.34 52.30 16.14
CA HIS D 469 -11.31 52.62 14.72
C HIS D 469 -12.65 52.41 14.06
N ALA D 470 -13.46 51.50 14.58
CA ALA D 470 -14.80 51.22 14.04
C ALA D 470 -15.87 52.01 14.76
N LEU D 471 -15.47 52.98 15.59
CA LEU D 471 -16.40 53.92 16.18
C LEU D 471 -16.38 55.22 15.38
N ILE D 472 -17.56 55.65 14.96
CA ILE D 472 -17.72 56.80 14.08
C ILE D 472 -18.13 58.00 14.94
N HIS D 473 -17.32 59.06 14.89
CA HIS D 473 -17.48 60.20 15.78
C HIS D 473 -17.69 61.46 14.96
N VAL D 474 -18.74 62.22 15.29
CA VAL D 474 -18.99 63.51 14.68
C VAL D 474 -19.13 64.54 15.79
N ARG D 475 -18.88 65.81 15.46
CA ARG D 475 -18.96 66.89 16.43
C ARG D 475 -20.34 66.97 17.08
N ASN D 476 -21.38 66.55 16.37
CA ASN D 476 -22.72 66.51 16.94
C ASN D 476 -23.19 65.07 17.19
N ASP D 477 -22.31 64.10 16.95
CA ASP D 477 -22.70 62.70 17.11
C ASP D 477 -22.98 62.41 18.58
N SER D 478 -24.24 62.14 18.89
CA SER D 478 -24.59 61.72 20.24
C SER D 478 -24.04 60.32 20.52
N SER D 479 -23.85 60.03 21.80
CA SER D 479 -23.39 58.69 22.17
C SER D 479 -24.39 57.62 21.81
N GLU D 480 -25.68 57.92 21.87
CA GLU D 480 -26.68 56.92 21.49
C GLU D 480 -26.55 56.56 20.02
N TYR D 481 -26.43 57.57 19.16
CA TYR D 481 -26.26 57.29 17.74
C TYR D 481 -24.91 56.64 17.47
N GLU D 482 -23.88 56.97 18.25
CA GLU D 482 -22.59 56.34 18.09
C GLU D 482 -22.68 54.85 18.38
N LEU D 483 -23.26 54.48 19.52
CA LEU D 483 -23.43 53.07 19.83
C LEU D 483 -24.35 52.41 18.82
N ARG D 484 -25.38 53.12 18.36
CA ARG D 484 -26.25 52.54 17.35
C ARG D 484 -25.49 52.20 16.09
N ARG D 485 -24.59 53.09 15.67
CA ARG D 485 -23.77 52.81 14.50
C ARG D 485 -22.86 51.61 14.75
N PHE D 486 -22.31 51.50 15.95
CA PHE D 486 -21.46 50.35 16.25
C PHE D 486 -22.24 49.04 16.21
N THR D 487 -23.40 49.01 16.85
CA THR D 487 -24.22 47.81 16.88
C THR D 487 -24.75 47.47 15.49
N GLU D 488 -25.14 48.47 14.71
CA GLU D 488 -25.52 48.22 13.33
C GLU D 488 -24.37 47.60 12.56
N THR D 489 -23.15 48.10 12.78
CA THR D 489 -21.99 47.52 12.12
C THR D 489 -21.83 46.05 12.48
N LEU D 490 -21.96 45.74 13.78
CA LEU D 490 -21.86 44.35 14.20
C LEU D 490 -22.95 43.50 13.56
N LEU D 491 -24.15 44.05 13.43
CA LEU D 491 -25.24 43.29 12.84
C LEU D 491 -25.01 43.04 11.35
N TYR D 492 -24.66 44.09 10.61
CA TYR D 492 -24.39 43.94 9.19
C TYR D 492 -23.13 43.12 8.94
N ARG D 493 -22.32 42.91 9.97
CA ARG D 493 -21.23 41.95 9.85
C ARG D 493 -21.69 40.54 10.14
N LYS D 494 -22.63 40.37 11.06
CA LYS D 494 -23.22 39.06 11.29
C LYS D 494 -23.93 38.56 10.04
N ARG D 495 -25.00 39.23 9.65
CA ARG D 495 -25.58 38.87 8.37
C ARG D 495 -24.74 39.49 7.26
N TYR D 496 -24.82 38.87 6.08
CA TYR D 496 -23.99 39.17 4.91
C TYR D 496 -22.56 38.67 5.08
N GLY D 497 -22.18 38.29 6.28
CA GLY D 497 -20.82 37.84 6.58
C GLY D 497 -19.72 38.63 5.90
N ILE D 498 -19.57 39.91 6.24
CA ILE D 498 -18.64 40.76 5.54
C ILE D 498 -17.52 41.21 6.49
N ASP D 499 -16.60 42.01 5.95
CA ASP D 499 -15.53 42.57 6.75
C ASP D 499 -16.05 43.69 7.63
N THR D 500 -15.28 44.04 8.64
CA THR D 500 -15.64 45.20 9.45
C THR D 500 -15.59 46.48 8.64
N GLU D 501 -14.67 46.57 7.67
CA GLU D 501 -14.64 47.74 6.81
C GLU D 501 -15.84 47.82 5.89
N THR D 502 -16.24 46.69 5.31
CA THR D 502 -17.43 46.71 4.46
C THR D 502 -18.67 47.01 5.29
N ALA D 503 -18.76 46.45 6.49
CA ALA D 503 -19.89 46.77 7.35
C ALA D 503 -19.90 48.25 7.71
N LEU D 504 -18.73 48.83 7.95
CA LEU D 504 -18.67 50.25 8.26
C LEU D 504 -19.14 51.08 7.07
N MET D 505 -18.68 50.73 5.87
CA MET D 505 -19.15 51.46 4.69
C MET D 505 -20.65 51.31 4.52
N LEU D 506 -21.20 50.15 4.87
CA LEU D 506 -22.64 49.98 4.91
C LEU D 506 -23.30 50.81 5.99
N CYS D 507 -22.56 51.18 7.04
CA CYS D 507 -23.11 51.99 8.12
C CYS D 507 -22.91 53.47 7.87
N ASN D 508 -22.88 53.89 6.61
CA ASN D 508 -22.70 55.29 6.24
C ASN D 508 -21.39 55.83 6.84
N ALA D 509 -20.29 55.29 6.34
CA ALA D 509 -18.96 55.79 6.66
C ALA D 509 -18.27 56.25 5.40
N GLY D 510 -17.54 57.35 5.50
CA GLY D 510 -16.86 57.90 4.35
C GLY D 510 -15.67 57.06 3.94
N ILE D 511 -15.16 57.37 2.75
CA ILE D 511 -13.93 56.73 2.28
C ILE D 511 -12.74 57.36 2.99
N SER D 512 -11.88 56.52 3.55
CA SER D 512 -10.74 57.00 4.31
C SER D 512 -9.52 57.11 3.40
N ARG D 513 -9.04 58.34 3.21
CA ARG D 513 -7.85 58.55 2.41
C ARG D 513 -6.58 58.08 3.10
N ILE D 514 -6.59 58.01 4.43
CA ILE D 514 -5.38 57.75 5.20
C ILE D 514 -5.09 56.25 5.25
N SER D 515 -3.83 55.90 5.06
CA SER D 515 -3.43 54.50 5.10
C SER D 515 -3.56 53.96 6.51
N TYR D 516 -4.39 52.94 6.67
CA TYR D 516 -4.71 52.38 7.97
C TYR D 516 -3.92 51.11 8.18
N ASP D 517 -3.36 50.95 9.38
CA ASP D 517 -2.76 49.69 9.81
C ASP D 517 -1.56 49.29 8.95
N GLY D 518 -0.78 50.27 8.51
CA GLY D 518 0.35 49.98 7.65
C GLY D 518 -0.05 49.29 6.37
N GLN D 519 -1.28 49.52 5.90
CA GLN D 519 -1.77 48.90 4.68
C GLN D 519 -2.20 49.96 3.67
N LEU D 520 -2.78 49.52 2.56
CA LEU D 520 -3.26 50.47 1.57
C LEU D 520 -4.56 51.10 2.06
N SER D 521 -4.68 52.41 1.90
CA SER D 521 -5.90 53.07 2.32
C SER D 521 -7.08 52.58 1.48
N HIS D 522 -8.30 52.83 1.97
CA HIS D 522 -9.47 52.43 1.21
C HIS D 522 -9.52 53.16 -0.12
N PHE D 523 -9.30 54.48 -0.09
CA PHE D 523 -9.30 55.28 -1.30
C PHE D 523 -8.32 54.72 -2.32
N ASP D 524 -7.13 54.31 -1.87
CA ASP D 524 -6.10 53.89 -2.81
C ASP D 524 -6.34 52.46 -3.30
N ARG D 525 -6.64 51.54 -2.41
CA ARG D 525 -6.97 50.20 -2.86
C ARG D 525 -8.27 50.15 -3.64
N LEU D 526 -9.01 51.26 -3.66
CA LEU D 526 -10.22 51.42 -4.44
C LEU D 526 -9.95 51.98 -5.83
N PHE D 527 -9.22 53.08 -5.91
CA PHE D 527 -9.03 53.78 -7.18
C PHE D 527 -7.64 53.60 -7.76
N ASN D 528 -6.60 53.64 -6.95
CA ASN D 528 -5.22 53.71 -7.42
C ASN D 528 -4.45 52.41 -7.16
N ASN D 529 -5.07 51.25 -7.35
CA ASN D 529 -4.43 49.96 -7.11
C ASN D 529 -4.67 49.02 -8.28
N PRO D 530 -3.82 49.10 -9.32
CA PRO D 530 -2.81 50.12 -9.58
C PRO D 530 -3.43 51.29 -10.31
N PRO D 531 -2.86 52.49 -10.19
CA PRO D 531 -3.48 53.66 -10.78
C PRO D 531 -3.66 53.47 -12.28
N LEU D 532 -4.87 53.67 -12.75
CA LEU D 532 -5.19 53.43 -14.15
C LEU D 532 -4.28 54.27 -15.03
N ASN D 533 -3.50 53.61 -15.88
CA ASN D 533 -2.59 54.28 -16.80
C ASN D 533 -1.53 55.06 -16.02
N GLY D 534 -1.26 54.64 -14.79
CA GLY D 534 -0.31 55.35 -13.97
C GLY D 534 -0.74 56.74 -13.55
N VAL D 535 -1.99 57.12 -13.82
CA VAL D 535 -2.50 58.43 -13.46
C VAL D 535 -3.19 58.29 -12.11
N THR D 536 -2.54 58.79 -11.06
CA THR D 536 -3.11 58.70 -9.73
C THR D 536 -4.38 59.53 -9.66
N TYR D 537 -5.51 58.87 -9.44
CA TYR D 537 -6.81 59.53 -9.41
C TYR D 537 -6.86 60.45 -8.20
N THR D 538 -6.71 61.75 -8.43
CA THR D 538 -6.91 62.72 -7.39
C THR D 538 -8.37 63.17 -7.38
N LEU D 539 -8.74 63.88 -6.31
CA LEU D 539 -10.08 64.45 -6.23
C LEU D 539 -10.05 65.87 -6.80
N GLY D 540 -9.78 65.93 -8.10
CA GLY D 540 -9.57 67.21 -8.74
C GLY D 540 -10.80 68.12 -8.68
N GLY D 541 -11.96 67.56 -8.97
CA GLY D 541 -13.18 68.33 -8.84
C GLY D 541 -13.64 68.88 -10.18
N ASP D 542 -14.96 69.13 -10.24
CA ASP D 542 -15.61 69.86 -11.31
C ASP D 542 -15.70 69.10 -12.62
N ASP D 543 -15.13 67.89 -12.69
CA ASP D 543 -15.07 67.18 -13.98
C ASP D 543 -15.23 65.67 -13.82
N ILE D 544 -16.50 65.22 -13.75
CA ILE D 544 -16.86 63.82 -13.97
C ILE D 544 -18.21 63.81 -14.65
N LEU D 545 -18.33 63.02 -15.72
CA LEU D 545 -19.58 62.93 -16.47
C LEU D 545 -20.07 61.49 -16.43
N MET D 546 -21.37 61.30 -16.21
CA MET D 546 -21.92 59.98 -15.97
C MET D 546 -22.73 59.41 -17.11
N GLU D 547 -23.32 60.26 -17.97
CA GLU D 547 -24.01 59.75 -19.14
C GLU D 547 -23.02 58.99 -20.01
N PRO D 548 -23.36 57.77 -20.47
CA PRO D 548 -22.34 56.94 -21.13
C PRO D 548 -21.70 57.61 -22.33
N ASP D 549 -22.48 58.28 -23.18
CA ASP D 549 -21.96 58.86 -24.42
C ASP D 549 -21.15 60.12 -24.13
N ALA D 550 -20.12 59.96 -23.31
CA ALA D 550 -19.20 61.05 -23.00
C ALA D 550 -17.85 60.47 -22.63
N GLY D 551 -16.80 61.23 -22.92
CA GLY D 551 -15.44 60.78 -22.69
C GLY D 551 -14.73 61.52 -21.58
N ASP D 552 -14.23 60.78 -20.58
CA ASP D 552 -13.59 61.35 -19.42
C ASP D 552 -12.73 60.28 -18.75
N PRO D 553 -11.41 60.48 -18.64
CA PRO D 553 -10.54 59.42 -18.14
C PRO D 553 -10.79 59.06 -16.69
N ARG D 554 -11.51 59.90 -15.94
CA ARG D 554 -11.86 59.59 -14.57
C ARG D 554 -12.96 58.57 -14.46
N ARG D 555 -13.99 58.67 -15.30
CA ARG D 555 -15.08 57.71 -15.26
C ARG D 555 -14.56 56.28 -15.36
N GLU D 556 -13.42 56.08 -16.01
CA GLU D 556 -12.86 54.75 -16.17
C GLU D 556 -12.34 54.19 -14.86
N VAL D 557 -11.71 55.05 -14.04
CA VAL D 557 -11.30 54.62 -12.71
C VAL D 557 -12.50 54.29 -11.85
N LEU D 558 -13.57 55.08 -11.95
CA LEU D 558 -14.78 54.78 -11.18
C LEU D 558 -15.40 53.47 -11.64
N LYS D 559 -15.42 53.21 -12.94
CA LYS D 559 -15.93 51.95 -13.44
C LYS D 559 -15.12 50.78 -12.93
N ARG D 560 -13.79 50.91 -12.89
CA ARG D 560 -13.01 49.81 -12.35
C ARG D 560 -13.22 49.64 -10.85
N ALA D 561 -13.34 50.75 -10.12
CA ALA D 561 -13.47 50.66 -8.68
C ALA D 561 -14.80 50.04 -8.27
N PHE D 562 -15.90 50.56 -8.81
CA PHE D 562 -17.23 50.12 -8.40
C PHE D 562 -17.64 48.82 -9.07
N ARG D 563 -16.78 48.24 -9.89
CA ARG D 563 -17.07 46.98 -10.57
C ARG D 563 -18.37 47.07 -11.35
N VAL D 564 -18.68 48.26 -11.83
CA VAL D 564 -19.86 48.49 -12.66
C VAL D 564 -19.40 48.86 -14.06
N ASP D 565 -20.22 48.52 -15.03
CA ASP D 565 -19.93 48.80 -16.42
C ASP D 565 -20.41 50.22 -16.75
N ASN D 566 -20.39 50.57 -18.03
CA ASN D 566 -20.69 51.96 -18.40
C ASN D 566 -22.11 52.34 -18.08
N THR D 567 -23.08 51.50 -18.42
CA THR D 567 -24.45 51.79 -18.02
C THR D 567 -24.63 51.62 -16.52
N GLY D 568 -23.87 50.71 -15.92
CA GLY D 568 -23.96 50.50 -14.49
C GLY D 568 -23.56 51.72 -13.69
N LEU D 569 -22.61 52.51 -14.20
CA LEU D 569 -22.21 53.71 -13.49
C LEU D 569 -23.34 54.74 -13.49
N TRP D 570 -23.94 54.96 -14.66
CA TRP D 570 -25.08 55.86 -14.72
C TRP D 570 -26.22 55.37 -13.84
N GLN D 571 -26.38 54.05 -13.74
CA GLN D 571 -27.46 53.51 -12.93
C GLN D 571 -27.17 53.70 -11.45
N LEU D 572 -25.91 53.56 -11.04
CA LEU D 572 -25.50 53.96 -9.69
C LEU D 572 -25.85 55.41 -9.43
N LEU D 573 -25.55 56.29 -10.37
CA LEU D 573 -25.89 57.69 -10.19
C LEU D 573 -27.39 57.89 -10.02
N VAL D 574 -28.19 57.18 -10.80
CA VAL D 574 -29.64 57.32 -10.70
C VAL D 574 -30.14 56.81 -9.35
N ILE D 575 -29.66 55.65 -8.93
CA ILE D 575 -30.06 55.12 -7.63
C ILE D 575 -29.67 56.08 -6.52
N THR D 576 -28.54 56.77 -6.67
CA THR D 576 -28.08 57.65 -5.61
C THR D 576 -29.11 58.71 -5.29
N ASN D 577 -29.77 59.25 -6.31
CA ASN D 577 -30.86 60.19 -6.09
C ASN D 577 -31.74 60.18 -7.32
N ARG D 578 -32.92 59.58 -7.21
CA ARG D 578 -33.87 59.62 -8.30
C ARG D 578 -34.60 60.95 -8.42
N GLU D 579 -34.43 61.84 -7.45
CA GLU D 579 -34.98 63.19 -7.58
C GLU D 579 -34.01 64.16 -8.24
N ASN D 580 -32.72 63.90 -8.16
CA ASN D 580 -31.70 64.70 -8.83
C ASN D 580 -31.47 64.12 -10.22
N LYS D 581 -31.77 64.90 -11.25
CA LYS D 581 -31.62 64.46 -12.63
C LYS D 581 -30.39 65.07 -13.30
N SER D 582 -29.41 65.49 -12.49
CA SER D 582 -28.17 66.01 -13.05
C SER D 582 -27.40 64.91 -13.75
N LYS D 583 -26.63 65.28 -14.76
CA LYS D 583 -25.88 64.29 -15.51
C LYS D 583 -24.48 64.10 -14.96
N THR D 584 -23.88 65.17 -14.41
CA THR D 584 -22.52 65.11 -13.91
C THR D 584 -22.52 65.01 -12.39
N ILE D 585 -21.35 64.65 -11.84
CA ILE D 585 -21.19 64.62 -10.39
C ILE D 585 -19.97 65.43 -10.01
N GLU D 586 -19.85 65.75 -8.73
CA GLU D 586 -18.65 66.36 -8.19
C GLU D 586 -17.64 65.27 -7.86
N ASN D 587 -16.37 65.65 -7.84
CA ASN D 587 -15.30 64.73 -7.50
C ASN D 587 -14.95 64.78 -6.02
N LYS D 588 -15.88 65.21 -5.17
CA LYS D 588 -15.67 65.18 -3.74
C LYS D 588 -15.61 63.74 -3.25
N THR D 589 -15.43 63.58 -1.93
CA THR D 589 -15.40 62.24 -1.38
C THR D 589 -16.77 61.77 -0.93
N GLU D 590 -17.69 62.67 -0.60
CA GLU D 590 -19.02 62.24 -0.21
C GLU D 590 -19.79 61.64 -1.37
N LYS D 591 -19.62 62.17 -2.58
CA LYS D 591 -20.31 61.60 -3.73
C LYS D 591 -19.79 60.19 -4.02
N LEU D 592 -18.47 60.00 -3.97
CA LEU D 592 -17.93 58.67 -4.15
C LEU D 592 -18.33 57.75 -3.01
N ARG D 593 -18.52 58.30 -1.81
CA ARG D 593 -19.04 57.50 -0.71
C ARG D 593 -20.45 57.02 -1.01
N GLY D 594 -21.30 57.90 -1.53
CA GLY D 594 -22.64 57.49 -1.90
C GLY D 594 -22.65 56.43 -2.98
N LEU D 595 -21.80 56.61 -4.00
CA LEU D 595 -21.73 55.61 -5.07
C LEU D 595 -21.22 54.28 -4.54
N LEU D 596 -20.22 54.30 -3.65
CA LEU D 596 -19.69 53.07 -3.11
C LEU D 596 -20.72 52.37 -2.24
N PHE D 597 -21.45 53.13 -1.43
CA PHE D 597 -22.50 52.54 -0.61
C PHE D 597 -23.57 51.90 -1.48
N VAL D 598 -23.99 52.60 -2.54
CA VAL D 598 -25.03 52.07 -3.41
C VAL D 598 -24.56 50.81 -4.12
N ARG D 599 -23.29 50.76 -4.52
CA ARG D 599 -22.77 49.55 -5.14
C ARG D 599 -22.65 48.41 -4.13
N LEU D 600 -22.27 48.72 -2.89
CA LEU D 600 -22.24 47.70 -1.86
C LEU D 600 -23.63 47.16 -1.55
N LEU D 601 -24.66 48.00 -1.68
CA LEU D 601 -26.02 47.52 -1.46
C LEU D 601 -26.32 46.32 -2.36
N ALA D 602 -25.86 46.37 -3.60
CA ALA D 602 -26.04 45.24 -4.50
C ALA D 602 -25.04 44.13 -4.24
N ASP D 603 -23.81 44.49 -3.89
CA ASP D 603 -22.78 43.46 -3.70
C ASP D 603 -23.05 42.61 -2.48
N VAL D 604 -23.72 43.16 -1.48
CA VAL D 604 -23.86 42.48 -0.20
C VAL D 604 -25.09 41.60 -0.18
N HIS D 605 -26.06 41.88 -1.04
CA HIS D 605 -27.28 41.11 -1.13
C HIS D 605 -27.28 40.13 -2.29
N ASN D 606 -26.13 39.91 -2.91
CA ASN D 606 -26.02 39.06 -4.10
C ASN D 606 -26.97 39.54 -5.19
N LEU D 607 -26.92 40.83 -5.45
CA LEU D 607 -27.73 41.46 -6.47
C LEU D 607 -26.82 42.17 -7.46
N THR D 608 -27.32 42.35 -8.66
CA THR D 608 -26.71 43.24 -9.63
C THR D 608 -27.19 44.66 -9.36
N VAL D 609 -26.54 45.65 -9.99
CA VAL D 609 -27.05 47.01 -9.86
C VAL D 609 -28.36 47.18 -10.60
N ALA D 610 -28.52 46.52 -11.74
CA ALA D 610 -29.82 46.53 -12.39
C ALA D 610 -30.89 45.97 -11.45
N GLN D 611 -30.58 44.88 -10.76
CA GLN D 611 -31.56 44.26 -9.87
C GLN D 611 -31.83 45.15 -8.67
N LEU D 612 -30.82 45.84 -8.15
CA LEU D 612 -31.06 46.77 -7.05
C LEU D 612 -31.93 47.93 -7.49
N ASP D 613 -31.66 48.49 -8.68
CA ASP D 613 -32.50 49.56 -9.18
C ASP D 613 -33.93 49.09 -9.38
N ALA D 614 -34.10 47.89 -9.93
CA ALA D 614 -35.44 47.36 -10.14
C ALA D 614 -36.14 47.08 -8.83
N LEU D 615 -35.38 46.72 -7.80
CA LEU D 615 -35.93 46.34 -6.51
C LEU D 615 -36.23 47.52 -5.62
N LEU D 616 -35.59 48.66 -5.85
CA LEU D 616 -35.87 49.85 -5.07
C LEU D 616 -37.09 50.60 -5.57
N GLN D 617 -37.59 50.27 -6.77
CA GLN D 617 -38.79 50.92 -7.26
C GLN D 617 -40.05 50.34 -6.63
N ILE D 618 -40.10 49.02 -6.46
CA ILE D 618 -41.21 48.41 -5.76
C ILE D 618 -41.17 48.73 -4.27
N SER D 619 -40.08 49.31 -3.80
CA SER D 619 -39.90 49.63 -2.41
C SER D 619 -40.54 50.96 -2.05
N PRO D 620 -40.72 51.24 -0.77
CA PRO D 620 -41.03 52.61 -0.37
C PRO D 620 -39.87 53.57 -0.55
N TYR D 621 -38.69 53.08 -0.89
CA TYR D 621 -37.52 53.93 -1.07
C TYR D 621 -37.29 54.28 -2.53
N ASN D 622 -38.31 54.80 -3.20
CA ASN D 622 -38.11 55.35 -4.52
C ASN D 622 -37.39 56.68 -4.44
N SER D 623 -38.02 57.67 -3.82
CA SER D 623 -37.44 58.98 -3.64
C SER D 623 -36.51 58.91 -2.44
N MET D 624 -35.30 58.44 -2.66
CA MET D 624 -34.31 58.35 -1.59
C MET D 624 -33.11 59.20 -1.96
N ASN D 625 -32.50 59.79 -0.94
CA ASN D 625 -31.31 60.59 -1.12
C ASN D 625 -30.25 60.05 -0.17
N VAL D 626 -29.23 59.41 -0.73
CA VAL D 626 -28.16 58.85 0.11
C VAL D 626 -27.42 59.93 0.88
N TYR D 627 -27.36 61.14 0.36
CA TYR D 627 -26.70 62.24 1.05
C TYR D 627 -27.60 62.92 2.06
N ALA D 628 -28.87 62.53 2.12
CA ALA D 628 -29.76 62.88 3.21
C ALA D 628 -30.37 61.64 3.85
N LEU D 629 -29.65 60.51 3.78
CA LEU D 629 -30.14 59.24 4.30
C LEU D 629 -29.72 59.10 5.75
N ASP D 630 -30.63 59.43 6.66
CA ASP D 630 -30.32 59.35 8.07
C ASP D 630 -30.22 57.89 8.52
N GLY D 631 -29.74 57.69 9.74
CA GLY D 631 -29.47 56.34 10.21
C GLY D 631 -30.70 55.48 10.33
N LYS D 632 -31.88 56.08 10.44
CA LYS D 632 -33.09 55.29 10.62
C LYS D 632 -33.60 54.71 9.31
N THR D 633 -33.78 55.56 8.29
CA THR D 633 -34.24 55.04 7.01
C THR D 633 -33.18 54.18 6.33
N ARG D 634 -31.90 54.42 6.60
CA ARG D 634 -30.87 53.56 6.03
C ARG D 634 -31.01 52.13 6.54
N GLN D 635 -31.15 51.97 7.84
CA GLN D 635 -31.29 50.63 8.39
C GLN D 635 -32.63 50.03 7.99
N LYS D 636 -33.66 50.85 7.86
CA LYS D 636 -34.94 50.32 7.39
C LYS D 636 -34.84 49.82 5.95
N MET D 637 -34.14 50.55 5.10
CA MET D 637 -33.93 50.11 3.73
C MET D 637 -33.10 48.84 3.67
N LEU D 638 -32.07 48.75 4.49
CA LEU D 638 -31.25 47.55 4.49
C LEU D 638 -32.05 46.34 4.97
N SER D 639 -32.89 46.55 5.97
CA SER D 639 -33.75 45.47 6.44
C SER D 639 -34.75 45.07 5.36
N PHE D 640 -35.30 46.05 4.64
CA PHE D 640 -36.21 45.75 3.55
C PHE D 640 -35.51 44.90 2.49
N LEU D 641 -34.32 45.32 2.09
CA LEU D 641 -33.59 44.59 1.06
C LEU D 641 -33.26 43.17 1.51
N SER D 642 -32.78 43.01 2.73
CA SER D 642 -32.46 41.68 3.22
C SER D 642 -33.72 40.82 3.29
N ARG D 643 -34.81 41.38 3.78
CA ARG D 643 -36.05 40.63 3.90
C ARG D 643 -36.55 40.19 2.53
N ILE D 644 -36.60 41.10 1.57
CA ILE D 644 -37.12 40.72 0.26
C ILE D 644 -36.18 39.77 -0.45
N THR D 645 -34.87 39.88 -0.21
CA THR D 645 -33.96 39.02 -0.93
C THR D 645 -34.00 37.60 -0.37
N GLN D 646 -34.06 37.46 0.96
CA GLN D 646 -34.23 36.13 1.51
C GLN D 646 -35.60 35.57 1.17
N TRP D 647 -36.63 36.41 1.06
CA TRP D 647 -37.93 35.92 0.64
C TRP D 647 -37.91 35.43 -0.80
N LEU D 648 -37.25 36.17 -1.69
CA LEU D 648 -37.12 35.72 -3.07
C LEU D 648 -36.31 34.44 -3.15
N ASN D 649 -35.33 34.27 -2.28
CA ASN D 649 -34.56 33.02 -2.31
C ASN D 649 -35.38 31.86 -1.77
N THR D 650 -36.27 32.12 -0.82
CA THR D 650 -37.13 31.07 -0.31
C THR D 650 -38.16 30.67 -1.36
N GLN D 651 -38.85 31.64 -1.94
CA GLN D 651 -39.90 31.36 -2.91
C GLN D 651 -39.36 30.94 -4.26
N ASN D 652 -38.04 30.86 -4.43
CA ASN D 652 -37.41 30.42 -5.66
C ASN D 652 -37.86 31.22 -6.87
N ILE D 653 -38.15 32.50 -6.69
CA ILE D 653 -38.43 33.40 -7.79
C ILE D 653 -37.36 34.47 -7.82
N THR D 654 -37.01 34.92 -9.02
CA THR D 654 -35.92 35.87 -9.16
C THR D 654 -36.46 37.28 -9.35
N VAL D 655 -35.55 38.24 -9.33
CA VAL D 655 -35.93 39.64 -9.33
C VAL D 655 -36.66 39.99 -10.62
N GLU D 656 -36.30 39.33 -11.73
CA GLU D 656 -36.99 39.62 -12.98
C GLU D 656 -38.44 39.18 -12.92
N GLN D 657 -38.72 37.99 -12.37
CA GLN D 657 -40.10 37.57 -12.23
C GLN D 657 -40.85 38.47 -11.26
N LEU D 658 -40.18 38.93 -10.20
CA LEU D 658 -40.84 39.84 -9.28
C LEU D 658 -41.20 41.14 -9.97
N MET D 659 -40.32 41.63 -10.84
CA MET D 659 -40.61 42.85 -11.58
C MET D 659 -41.74 42.62 -12.58
N LEU D 660 -41.83 41.42 -13.13
CA LEU D 660 -42.97 41.10 -13.97
C LEU D 660 -44.27 41.11 -13.18
N LEU D 661 -44.23 40.61 -11.94
CA LEU D 661 -45.43 40.59 -11.11
C LEU D 661 -45.80 41.98 -10.64
N LEU D 662 -44.83 42.87 -10.48
CA LEU D 662 -45.07 44.18 -9.90
C LEU D 662 -45.18 45.27 -10.95
N ASP D 663 -44.94 44.96 -12.21
CA ASP D 663 -44.84 46.01 -13.21
C ASP D 663 -46.20 46.58 -13.56
N LYS D 664 -46.23 47.86 -13.90
CA LYS D 664 -47.48 48.46 -14.36
C LYS D 664 -47.74 48.07 -15.81
N ILE D 665 -48.91 48.47 -16.30
CA ILE D 665 -49.34 48.04 -17.64
C ILE D 665 -48.71 48.92 -18.71
N SER D 666 -49.04 50.22 -18.71
CA SER D 666 -48.61 51.15 -19.73
C SER D 666 -48.97 50.59 -21.11
N PRO D 667 -50.24 50.66 -21.50
CA PRO D 667 -50.73 49.82 -22.60
C PRO D 667 -50.10 50.18 -23.95
N ALA D 668 -50.36 49.30 -24.91
CA ALA D 668 -49.79 49.40 -26.25
C ALA D 668 -50.80 48.81 -27.23
N ALA D 669 -50.33 48.46 -28.43
CA ALA D 669 -51.20 47.82 -29.40
C ALA D 669 -51.41 46.35 -29.02
N PRO D 670 -52.62 45.83 -29.20
CA PRO D 670 -52.86 44.40 -28.93
C PRO D 670 -52.14 43.53 -29.93
N THR D 671 -52.10 42.23 -29.62
CA THR D 671 -51.29 41.29 -30.37
C THR D 671 -52.14 40.48 -31.35
N LYS D 672 -51.49 39.59 -32.10
CA LYS D 672 -52.21 38.71 -33.03
C LYS D 672 -52.96 37.61 -32.30
N GLU D 673 -52.32 36.96 -31.33
CA GLU D 673 -53.05 36.09 -30.42
C GLU D 673 -54.19 36.84 -29.76
N MET D 674 -53.99 38.13 -29.48
CA MET D 674 -55.07 38.92 -28.91
C MET D 674 -56.21 39.06 -29.90
N GLN D 675 -55.89 39.30 -31.17
CA GLN D 675 -56.96 39.35 -32.17
C GLN D 675 -57.71 38.03 -32.25
N VAL D 676 -56.99 36.92 -32.08
CA VAL D 676 -57.64 35.61 -32.08
C VAL D 676 -58.62 35.50 -30.91
N LEU D 677 -58.15 35.86 -29.72
CA LEU D 677 -59.00 35.81 -28.54
C LEU D 677 -60.23 36.70 -28.69
N LEU D 678 -60.01 37.94 -29.14
CA LEU D 678 -61.12 38.84 -29.41
C LEU D 678 -62.09 38.24 -30.41
N ASP D 679 -61.61 37.59 -31.45
CA ASP D 679 -62.53 37.03 -32.43
C ASP D 679 -63.35 35.91 -31.82
N LEU D 680 -62.72 35.03 -31.05
CA LEU D 680 -63.43 33.92 -30.45
C LEU D 680 -64.46 34.39 -29.41
N LEU D 681 -64.21 35.54 -28.79
CA LEU D 681 -65.21 36.08 -27.87
C LEU D 681 -66.29 36.86 -28.61
N ARG D 682 -65.92 37.55 -29.68
CA ARG D 682 -66.87 38.36 -30.42
C ARG D 682 -67.92 37.48 -31.09
N ASN D 683 -67.48 36.47 -31.81
CA ASN D 683 -68.43 35.52 -32.37
C ASN D 683 -68.87 34.56 -31.26
N GLY D 684 -69.54 33.49 -31.64
CA GLY D 684 -70.00 32.57 -30.64
C GLY D 684 -71.17 33.15 -29.86
N GLY D 685 -71.47 32.48 -28.75
CA GLY D 685 -72.59 32.89 -27.93
C GLY D 685 -72.28 34.18 -27.19
N ILE D 686 -73.21 35.13 -27.31
CA ILE D 686 -73.06 36.41 -26.64
C ILE D 686 -73.04 36.18 -25.13
N ASP D 687 -71.93 36.55 -24.51
CA ASP D 687 -71.75 36.33 -23.09
C ASP D 687 -72.84 37.04 -22.31
N LYS D 688 -73.58 36.28 -21.50
CA LYS D 688 -74.82 36.77 -20.93
C LYS D 688 -74.56 37.92 -19.96
N THR D 689 -75.49 38.88 -19.96
CA THR D 689 -75.34 40.11 -19.17
C THR D 689 -75.41 39.86 -17.68
N ASN D 690 -76.20 38.90 -17.23
CA ASN D 690 -76.33 38.61 -15.81
C ASN D 690 -75.03 38.08 -15.24
N THR D 691 -74.70 38.49 -14.02
CA THR D 691 -73.44 38.10 -13.41
C THR D 691 -73.43 36.60 -13.10
N LYS D 692 -72.25 36.11 -12.72
CA LYS D 692 -72.00 34.72 -12.36
C LYS D 692 -72.19 33.80 -13.55
N THR D 693 -72.65 34.38 -14.66
CA THR D 693 -72.68 33.70 -15.95
C THR D 693 -71.73 34.33 -16.94
N LEU D 694 -71.43 35.62 -16.76
CA LEU D 694 -70.37 36.24 -17.55
C LEU D 694 -69.05 35.52 -17.35
N TYR D 695 -68.72 35.22 -16.10
CA TYR D 695 -67.50 34.48 -15.82
C TYR D 695 -67.54 33.10 -16.47
N THR D 696 -68.63 32.36 -16.27
CA THR D 696 -68.69 30.99 -16.75
C THR D 696 -68.76 30.90 -18.28
N THR D 697 -69.20 31.96 -18.95
CA THR D 697 -69.25 31.96 -20.40
C THR D 697 -67.99 32.54 -21.02
N MET D 698 -67.25 33.35 -20.27
CA MET D 698 -66.00 33.88 -20.80
C MET D 698 -64.80 33.05 -20.42
N ALA D 699 -64.92 32.21 -19.40
CA ALA D 699 -63.75 31.60 -18.79
C ALA D 699 -63.14 30.46 -19.59
N PRO D 700 -63.89 29.59 -20.28
CA PRO D 700 -63.20 28.53 -21.04
C PRO D 700 -62.22 29.05 -22.05
N VAL D 701 -62.60 30.04 -22.86
CA VAL D 701 -61.69 30.56 -23.86
C VAL D 701 -60.62 31.43 -23.23
N ILE D 702 -60.94 32.12 -22.12
CA ILE D 702 -59.91 32.88 -21.41
C ILE D 702 -58.83 31.93 -20.89
N THR D 703 -59.24 30.82 -20.27
CA THR D 703 -58.30 29.79 -19.84
C THR D 703 -57.52 29.20 -21.00
N ALA D 704 -58.17 28.93 -22.12
CA ALA D 704 -57.44 28.46 -23.29
C ALA D 704 -56.38 29.45 -23.72
N ALA D 705 -56.66 30.75 -23.61
CA ALA D 705 -55.67 31.75 -23.98
C ALA D 705 -54.60 31.94 -22.91
N MET D 706 -54.89 31.61 -21.66
CA MET D 706 -53.92 31.69 -20.58
C MET D 706 -53.34 30.35 -20.20
N GLN D 707 -53.78 29.26 -20.85
CA GLN D 707 -53.29 27.91 -20.57
C GLN D 707 -53.33 27.59 -19.09
N LEU D 708 -54.39 28.03 -18.43
CA LEU D 708 -54.64 27.63 -17.06
C LEU D 708 -54.98 26.14 -17.01
N ASP D 709 -55.11 25.61 -15.80
CA ASP D 709 -55.43 24.20 -15.65
C ASP D 709 -56.91 23.94 -15.88
N ILE D 710 -57.76 24.60 -15.11
CA ILE D 710 -59.18 24.30 -15.09
C ILE D 710 -59.96 25.51 -15.60
N THR D 711 -61.03 25.23 -16.35
CA THR D 711 -61.99 26.27 -16.69
C THR D 711 -62.55 26.92 -15.44
N GLU D 712 -62.61 26.18 -14.33
CA GLU D 712 -63.09 26.78 -13.09
C GLU D 712 -62.06 27.71 -12.47
N SER D 713 -60.77 27.38 -12.60
CA SER D 713 -59.74 28.34 -12.23
C SER D 713 -59.81 29.57 -13.10
N GLY D 714 -60.17 29.40 -14.38
CA GLY D 714 -60.41 30.57 -15.21
C GLY D 714 -61.60 31.39 -14.75
N GLU D 715 -62.68 30.74 -14.36
CA GLU D 715 -63.83 31.45 -13.80
C GLU D 715 -63.43 32.25 -12.59
N ALA D 716 -62.55 31.70 -11.76
CA ALA D 716 -62.17 32.39 -10.54
C ALA D 716 -61.13 33.47 -10.77
N LEU D 717 -60.30 33.34 -11.80
CA LEU D 717 -59.30 34.37 -12.06
C LEU D 717 -59.96 35.67 -12.50
N LEU D 718 -60.98 35.58 -13.33
CA LEU D 718 -61.70 36.78 -13.72
C LEU D 718 -62.35 37.45 -12.52
N ARG D 719 -62.91 36.65 -11.62
CA ARG D 719 -63.49 37.21 -10.41
C ARG D 719 -62.44 37.91 -9.56
N TRP D 720 -61.27 37.29 -9.42
CA TRP D 720 -60.18 37.91 -8.67
C TRP D 720 -59.76 39.23 -9.30
N LEU D 721 -59.46 39.24 -10.59
CA LEU D 721 -59.06 40.50 -11.22
C LEU D 721 -60.18 41.53 -11.22
N ASP D 722 -61.43 41.09 -11.18
CA ASP D 722 -62.54 42.01 -11.03
C ASP D 722 -62.52 42.67 -9.67
N ASN D 723 -62.25 41.88 -8.63
CA ASN D 723 -62.43 42.38 -7.26
C ASN D 723 -61.35 43.38 -6.88
N ASN D 724 -60.16 43.27 -7.48
CA ASN D 724 -59.10 44.21 -7.17
C ASN D 724 -58.11 44.24 -8.33
N HIS D 725 -57.88 45.45 -8.84
CA HIS D 725 -57.17 45.63 -10.09
C HIS D 725 -56.55 47.02 -10.12
N PRO D 726 -55.48 47.22 -10.87
CA PRO D 726 -54.93 48.57 -11.04
C PRO D 726 -55.96 49.48 -11.69
N ALA D 727 -55.88 50.77 -11.34
CA ALA D 727 -56.88 51.72 -11.78
C ALA D 727 -56.86 51.89 -13.29
N GLY D 728 -58.04 52.09 -13.87
CA GLY D 728 -58.19 52.26 -15.29
C GLY D 728 -58.33 50.98 -16.08
N ILE D 729 -58.27 49.83 -15.42
CA ILE D 729 -58.40 48.54 -16.09
C ILE D 729 -59.84 48.07 -15.97
N LEU D 730 -60.33 47.44 -17.03
CA LEU D 730 -61.75 47.24 -17.20
C LEU D 730 -62.29 46.13 -16.33
N THR D 731 -63.40 46.39 -15.66
CA THR D 731 -64.20 45.34 -15.06
C THR D 731 -64.60 44.36 -16.16
N THR D 732 -64.88 43.11 -15.78
CA THR D 732 -65.26 42.12 -16.78
C THR D 732 -66.53 42.52 -17.51
N SER D 733 -67.45 43.19 -16.82
CA SER D 733 -68.64 43.70 -17.50
C SER D 733 -68.26 44.69 -18.60
N GLU D 734 -67.37 45.63 -18.29
CA GLU D 734 -66.93 46.58 -19.31
C GLU D 734 -66.16 45.89 -20.42
N ALA D 735 -65.40 44.84 -20.09
CA ALA D 735 -64.68 44.10 -21.10
C ALA D 735 -65.64 43.42 -22.07
N ARG D 736 -66.73 42.88 -21.56
CA ARG D 736 -67.74 42.29 -22.45
C ARG D 736 -68.40 43.37 -23.29
N LYS D 737 -68.83 44.47 -22.67
CA LYS D 737 -69.47 45.54 -23.42
C LYS D 737 -68.51 46.15 -24.43
N LEU D 738 -67.20 45.97 -24.25
CA LEU D 738 -66.23 46.57 -25.16
C LEU D 738 -65.84 45.59 -26.26
N ILE D 739 -65.79 44.29 -25.98
CA ILE D 739 -65.58 43.30 -27.02
C ILE D 739 -66.78 43.20 -27.95
N ILE D 740 -67.98 43.32 -27.41
CA ILE D 740 -69.17 43.34 -28.25
C ILE D 740 -69.48 44.79 -28.58
N LYS D 741 -68.85 45.32 -29.62
CA LYS D 741 -69.08 46.68 -30.07
C LYS D 741 -69.20 46.68 -31.58
N LYS D 742 -69.91 47.68 -32.10
CA LYS D 742 -70.11 47.77 -33.53
C LYS D 742 -68.79 47.81 -34.28
N GLY D 743 -68.01 48.87 -34.05
CA GLY D 743 -66.66 48.92 -34.57
C GLY D 743 -65.69 49.33 -33.49
N GLN D 744 -64.78 48.42 -33.13
CA GLN D 744 -63.84 48.71 -32.06
C GLN D 744 -62.86 49.78 -32.50
N THR D 745 -62.94 50.94 -31.87
CA THR D 745 -62.19 52.11 -32.28
C THR D 745 -60.70 51.87 -32.12
N ALA D 746 -59.90 52.83 -32.60
CA ALA D 746 -58.46 52.79 -32.32
C ALA D 746 -58.22 52.81 -30.82
N GLY D 747 -58.87 53.72 -30.10
CA GLY D 747 -58.93 53.64 -28.67
C GLY D 747 -59.92 52.57 -28.23
N ASP D 748 -59.95 52.32 -26.93
CA ASP D 748 -60.79 51.28 -26.35
C ASP D 748 -60.51 49.93 -26.99
N LYS D 749 -59.33 49.79 -27.58
CA LYS D 749 -58.75 48.51 -27.94
C LYS D 749 -57.44 48.27 -27.23
N GLU D 750 -56.60 49.29 -27.09
CA GLU D 750 -55.48 49.22 -26.17
C GLU D 750 -55.95 49.12 -24.72
N LYS D 751 -57.14 49.66 -24.42
CA LYS D 751 -57.73 49.45 -23.10
C LYS D 751 -57.99 47.97 -22.87
N LEU D 752 -58.47 47.28 -23.90
CA LEU D 752 -58.72 45.86 -23.79
C LEU D 752 -57.43 45.07 -23.77
N ALA D 753 -56.42 45.52 -24.52
CA ALA D 753 -55.09 44.92 -24.42
C ALA D 753 -54.53 45.05 -23.01
N ALA D 754 -54.72 46.20 -22.38
CA ALA D 754 -54.30 46.39 -21.00
C ALA D 754 -55.06 45.49 -20.05
N TRP D 755 -56.36 45.29 -20.30
CA TRP D 755 -57.12 44.35 -19.48
C TRP D 755 -56.56 42.94 -19.60
N CYS D 756 -56.27 42.50 -20.82
CA CYS D 756 -55.74 41.15 -20.97
C CYS D 756 -54.31 41.05 -20.42
N GLN D 757 -53.56 42.15 -20.44
CA GLN D 757 -52.24 42.13 -19.83
C GLN D 757 -52.36 42.02 -18.32
N ALA D 758 -53.34 42.69 -17.72
CA ALA D 758 -53.58 42.49 -16.29
C ALA D 758 -53.95 41.04 -16.02
N LEU D 759 -54.78 40.46 -16.88
CA LEU D 759 -55.09 39.03 -16.74
C LEU D 759 -53.82 38.19 -16.74
N ALA D 760 -52.92 38.45 -17.68
CA ALA D 760 -51.69 37.67 -17.76
C ALA D 760 -50.81 37.88 -16.54
N GLN D 761 -50.77 39.10 -16.02
CA GLN D 761 -50.01 39.37 -14.81
C GLN D 761 -50.57 38.59 -13.63
N ARG D 762 -51.90 38.51 -13.54
CA ARG D 762 -52.51 37.73 -12.47
C ARG D 762 -52.23 36.24 -12.64
N VAL D 763 -52.27 35.74 -13.88
CA VAL D 763 -51.89 34.36 -14.12
C VAL D 763 -50.46 34.13 -13.67
N LEU D 764 -49.60 35.12 -13.88
CA LEU D 764 -48.22 35.01 -13.42
C LEU D 764 -48.14 34.94 -11.91
N VAL D 765 -48.93 35.75 -11.21
CA VAL D 765 -48.97 35.68 -9.75
C VAL D 765 -49.41 34.31 -9.31
N ILE D 766 -50.34 33.70 -10.05
CA ILE D 766 -50.81 32.37 -9.70
C ILE D 766 -49.73 31.33 -9.98
N ARG D 767 -48.99 31.50 -11.07
CA ARG D 767 -48.01 30.51 -11.50
C ARG D 767 -46.70 30.58 -10.74
N THR D 768 -46.32 31.74 -10.23
CA THR D 768 -45.11 31.85 -9.44
C THR D 768 -45.28 31.36 -8.02
N PHE D 769 -46.51 31.27 -7.52
CA PHE D 769 -46.78 30.66 -6.24
C PHE D 769 -47.34 29.27 -6.35
N THR D 770 -47.71 28.83 -7.56
CA THR D 770 -48.29 27.52 -7.81
C THR D 770 -49.43 27.24 -6.84
N LEU D 771 -50.30 28.23 -6.69
CA LEU D 771 -51.43 28.08 -5.80
C LEU D 771 -52.54 27.31 -6.49
N SER D 772 -53.19 26.43 -5.73
CA SER D 772 -54.12 25.45 -6.29
C SER D 772 -55.42 26.13 -6.66
N ASN D 773 -56.34 25.36 -7.23
CA ASN D 773 -57.63 25.92 -7.60
C ASN D 773 -58.41 26.38 -6.37
N ALA D 774 -58.28 25.68 -5.26
CA ALA D 774 -59.01 26.06 -4.06
C ALA D 774 -58.42 27.30 -3.42
N GLU D 775 -57.10 27.38 -3.34
CA GLU D 775 -56.46 28.61 -2.87
C GLU D 775 -56.86 29.78 -3.75
N LEU D 776 -56.86 29.55 -5.06
CA LEU D 776 -57.25 30.59 -6.00
C LEU D 776 -58.67 31.06 -5.74
N GLN D 777 -59.58 30.12 -5.54
CA GLN D 777 -60.97 30.47 -5.30
C GLN D 777 -61.14 31.19 -3.96
N THR D 778 -60.29 30.88 -2.97
CA THR D 778 -60.36 31.63 -1.72
C THR D 778 -59.88 33.06 -1.90
N LEU D 779 -58.76 33.25 -2.60
CA LEU D 779 -58.23 34.58 -2.83
C LEU D 779 -59.06 35.38 -3.82
N SER D 780 -59.95 34.74 -4.56
CA SER D 780 -60.69 35.46 -5.59
C SER D 780 -61.59 36.54 -5.00
N GLN D 781 -62.09 36.34 -3.79
CA GLN D 781 -63.02 37.30 -3.18
C GLN D 781 -62.25 38.39 -2.44
N GLY D 782 -61.33 39.02 -3.15
CA GLY D 782 -60.68 40.20 -2.61
C GLY D 782 -59.36 39.96 -1.91
N ALA D 783 -58.41 39.34 -2.58
CA ALA D 783 -57.05 39.29 -2.08
C ALA D 783 -56.22 40.35 -2.79
N PRO D 784 -55.90 41.47 -2.14
CA PRO D 784 -55.16 42.53 -2.83
C PRO D 784 -53.77 42.04 -3.23
N ALA D 785 -53.43 42.28 -4.49
CA ALA D 785 -52.14 41.90 -5.02
C ALA D 785 -51.66 42.99 -5.95
N GLY D 786 -50.37 43.29 -5.90
CA GLY D 786 -49.83 44.33 -6.75
C GLY D 786 -48.75 45.16 -6.10
N THR D 787 -48.50 44.93 -4.82
CA THR D 787 -47.32 45.45 -4.15
C THR D 787 -46.71 44.35 -3.30
N ILE D 788 -45.47 44.57 -2.88
CA ILE D 788 -44.72 43.53 -2.21
C ILE D 788 -45.31 43.28 -0.81
N THR D 789 -45.82 44.32 -0.17
CA THR D 789 -46.47 44.15 1.12
C THR D 789 -47.65 43.19 1.04
N GLU D 790 -48.20 42.99 -0.15
CA GLU D 790 -49.34 42.09 -0.31
C GLU D 790 -48.96 40.77 -0.94
N LEU D 791 -47.97 40.75 -1.83
CA LEU D 791 -47.43 39.47 -2.27
C LEU D 791 -46.86 38.69 -1.10
N TYR D 792 -46.37 39.39 -0.08
CA TYR D 792 -45.94 38.71 1.14
C TYR D 792 -47.08 37.92 1.76
N ASN D 793 -48.22 38.58 1.98
CA ASN D 793 -49.32 37.91 2.65
C ASN D 793 -49.91 36.81 1.79
N ILE D 794 -49.88 37.00 0.47
CA ILE D 794 -50.28 35.91 -0.41
C ILE D 794 -49.38 34.70 -0.20
N SER D 795 -48.06 34.92 -0.13
CA SER D 795 -47.15 33.80 0.07
C SER D 795 -47.35 33.16 1.43
N ASP D 796 -47.63 33.98 2.45
CA ASP D 796 -47.87 33.42 3.79
C ASP D 796 -49.11 32.56 3.83
N PHE D 797 -50.20 33.04 3.22
CA PHE D 797 -51.40 32.23 3.12
C PHE D 797 -51.12 30.94 2.37
N HIS D 798 -50.45 31.04 1.23
CA HIS D 798 -50.10 29.87 0.45
C HIS D 798 -49.28 28.88 1.27
N ASN D 799 -48.37 29.39 2.10
CA ASN D 799 -47.57 28.53 2.96
C ASN D 799 -48.45 27.79 3.96
N LEU D 800 -49.36 28.51 4.62
CA LEU D 800 -50.24 27.86 5.57
C LEU D 800 -51.10 26.79 4.91
N ILE D 801 -51.55 27.06 3.69
CA ILE D 801 -52.39 26.09 2.99
C ILE D 801 -51.60 24.85 2.62
N ASN D 802 -50.38 25.02 2.13
CA ASN D 802 -49.54 23.86 1.86
C ASN D 802 -49.25 23.08 3.14
N ARG D 803 -49.16 23.75 4.28
CA ARG D 803 -49.05 23.01 5.53
C ARG D 803 -50.29 22.18 5.78
N CYS D 804 -51.47 22.77 5.58
CA CYS D 804 -52.71 22.01 5.75
C CYS D 804 -52.68 20.74 4.89
N GLY D 805 -52.20 20.87 3.67
CA GLY D 805 -51.92 19.70 2.85
C GLY D 805 -53.13 18.94 2.34
N GLU D 806 -53.20 17.65 2.66
CA GLU D 806 -54.28 16.84 2.13
C GLU D 806 -55.63 17.26 2.67
N GLN D 807 -55.65 18.04 3.75
CA GLN D 807 -56.87 18.53 4.35
C GLN D 807 -57.11 20.01 4.07
N ALA D 808 -56.42 20.57 3.08
CA ALA D 808 -56.62 21.98 2.75
C ALA D 808 -57.97 22.22 2.10
N GLY D 809 -58.55 21.21 1.46
CA GLY D 809 -59.88 21.37 0.91
C GLY D 809 -60.90 21.72 1.98
N THR D 810 -60.86 21.03 3.11
CA THR D 810 -61.76 21.33 4.20
C THR D 810 -61.49 22.69 4.82
N VAL D 811 -60.21 23.05 5.01
CA VAL D 811 -59.89 24.35 5.56
C VAL D 811 -60.45 25.45 4.68
N LEU D 812 -60.17 25.38 3.38
CA LEU D 812 -60.65 26.43 2.48
C LEU D 812 -62.16 26.40 2.31
N ASP D 813 -62.80 25.24 2.43
CA ASP D 813 -64.26 25.22 2.37
C ASP D 813 -64.87 25.88 3.58
N ALA D 814 -64.45 25.49 4.79
CA ALA D 814 -64.99 26.10 5.99
C ALA D 814 -64.63 27.58 6.06
N LEU D 815 -63.57 27.99 5.38
CA LEU D 815 -63.27 29.41 5.27
C LEU D 815 -64.20 30.10 4.27
N GLN D 816 -64.56 29.41 3.19
CA GLN D 816 -65.50 29.97 2.25
C GLN D 816 -66.87 30.16 2.86
N SER D 817 -67.30 29.22 3.69
CA SER D 817 -68.45 29.43 4.54
C SER D 817 -67.99 30.21 5.77
N GLY D 818 -68.80 30.26 6.81
CA GLY D 818 -68.40 31.01 7.98
C GLY D 818 -68.13 30.13 9.19
N THR D 819 -67.59 28.93 8.98
CA THR D 819 -67.45 27.97 10.07
C THR D 819 -66.03 27.43 10.20
N LEU D 820 -65.03 28.18 9.81
CA LEU D 820 -63.64 27.77 10.07
C LEU D 820 -63.36 27.97 11.55
N THR D 821 -63.22 26.86 12.27
CA THR D 821 -62.96 26.89 13.69
C THR D 821 -61.55 26.38 13.99
N VAL D 822 -61.02 26.81 15.13
CA VAL D 822 -59.67 26.43 15.49
C VAL D 822 -59.55 24.93 15.66
N LYS D 823 -60.63 24.24 16.02
CA LYS D 823 -60.58 22.79 16.15
C LYS D 823 -60.24 22.14 14.82
N ILE D 824 -60.96 22.49 13.76
CA ILE D 824 -60.68 21.86 12.47
C ILE D 824 -59.37 22.37 11.90
N LEU D 825 -59.03 23.64 12.15
CA LEU D 825 -57.74 24.13 11.67
C LEU D 825 -56.57 23.40 12.34
N ALA D 826 -56.67 23.16 13.65
CA ALA D 826 -55.62 22.42 14.34
C ALA D 826 -55.58 20.98 13.90
N GLN D 827 -56.74 20.35 13.75
CA GLN D 827 -56.77 18.97 13.28
C GLN D 827 -56.20 18.86 11.86
N ALA D 828 -56.30 19.94 11.09
CA ALA D 828 -55.77 19.91 9.73
C ALA D 828 -54.27 20.19 9.71
N LEU D 829 -53.80 21.07 10.58
CA LEU D 829 -52.38 21.39 10.65
C LEU D 829 -51.58 20.38 11.45
N ASN D 830 -52.24 19.49 12.18
CA ASN D 830 -51.59 18.51 13.05
C ASN D 830 -50.81 19.20 14.17
N LEU D 831 -51.35 20.31 14.65
CA LEU D 831 -50.91 20.95 15.88
C LEU D 831 -52.07 20.98 16.87
N SER D 832 -51.83 21.60 18.03
CA SER D 832 -52.88 21.69 19.03
C SER D 832 -53.63 23.00 18.90
N GLU D 833 -54.88 22.97 19.38
CA GLU D 833 -55.65 24.20 19.54
C GLU D 833 -54.95 25.18 20.45
N GLU D 834 -54.25 24.68 21.46
CA GLU D 834 -53.63 25.54 22.44
C GLU D 834 -52.33 26.14 21.96
N VAL D 835 -51.95 25.92 20.70
CA VAL D 835 -50.89 26.67 20.03
C VAL D 835 -51.46 27.67 19.05
N ILE D 836 -52.58 27.32 18.40
CA ILE D 836 -53.12 28.21 17.39
C ILE D 836 -53.92 29.34 18.04
N THR D 837 -54.70 29.04 19.07
CA THR D 837 -55.38 30.13 19.76
C THR D 837 -54.40 31.12 20.37
N GLN D 838 -53.16 30.71 20.60
CA GLN D 838 -52.12 31.60 21.10
C GLN D 838 -51.42 32.34 19.96
N ALA D 839 -51.20 31.67 18.83
CA ALA D 839 -50.63 32.34 17.68
C ALA D 839 -51.58 33.39 17.11
N LEU D 840 -52.88 33.22 17.33
CA LEU D 840 -53.83 34.26 16.91
C LEU D 840 -53.73 35.49 17.77
N THR D 841 -53.44 35.32 19.07
CA THR D 841 -53.48 36.43 20.01
C THR D 841 -52.45 37.50 19.66
N LEU D 842 -51.30 37.11 19.12
CA LEU D 842 -50.37 38.09 18.59
C LEU D 842 -50.98 38.77 17.38
N ALA D 843 -51.28 40.06 17.50
CA ALA D 843 -52.16 40.79 16.60
C ALA D 843 -53.53 40.12 16.55
N GLY D 844 -54.13 40.06 17.72
CA GLY D 844 -55.27 39.22 18.03
C GLY D 844 -56.53 39.36 17.20
N GLN D 845 -56.96 38.25 16.59
CA GLN D 845 -58.30 38.09 16.05
C GLN D 845 -58.88 36.75 16.49
N LYS D 846 -58.73 36.42 17.77
CA LYS D 846 -58.79 35.02 18.21
C LYS D 846 -60.06 34.28 17.81
N PRO D 847 -61.26 34.71 18.18
CA PRO D 847 -62.41 33.81 18.06
C PRO D 847 -63.05 33.74 16.66
N GLU D 848 -62.94 34.80 15.86
CA GLU D 848 -63.59 34.81 14.55
C GLU D 848 -62.55 34.69 13.44
N LEU D 849 -62.35 33.45 12.99
CA LEU D 849 -61.53 33.17 11.83
C LEU D 849 -62.42 33.24 10.60
N THR D 850 -62.48 34.43 9.99
CA THR D 850 -63.42 34.68 8.92
C THR D 850 -62.78 34.87 7.56
N THR D 851 -61.59 35.46 7.50
CA THR D 851 -60.98 35.82 6.24
C THR D 851 -59.63 35.12 6.10
N TRP D 852 -59.20 34.95 4.85
CA TRP D 852 -57.89 34.37 4.61
C TRP D 852 -56.78 35.23 5.15
N ALA D 853 -56.98 36.54 5.27
CA ALA D 853 -55.96 37.41 5.83
C ALA D 853 -55.57 37.01 7.24
N GLN D 854 -56.51 36.46 8.01
CA GLN D 854 -56.21 35.98 9.35
C GLN D 854 -55.32 34.75 9.35
N LEU D 855 -55.31 33.98 8.27
CA LEU D 855 -54.50 32.78 8.18
C LEU D 855 -53.08 33.08 7.75
N ALA D 856 -52.85 34.15 6.99
CA ALA D 856 -51.49 34.53 6.63
C ALA D 856 -50.71 35.08 7.81
N VAL D 857 -51.37 35.31 8.95
CA VAL D 857 -50.66 35.72 10.15
C VAL D 857 -49.99 34.53 10.82
N LEU D 858 -50.56 33.33 10.66
CA LEU D 858 -50.03 32.16 11.35
C LEU D 858 -48.59 31.83 10.97
N PRO D 859 -48.25 31.61 9.70
CA PRO D 859 -46.94 30.99 9.38
C PRO D 859 -45.75 31.70 9.99
N PRO D 860 -45.70 33.03 10.03
CA PRO D 860 -44.55 33.65 10.72
C PRO D 860 -44.49 33.30 12.20
N ARG D 861 -45.62 33.40 12.90
CA ARG D 861 -45.63 33.08 14.33
C ARG D 861 -45.30 31.62 14.58
N LEU D 862 -45.83 30.73 13.75
CA LEU D 862 -45.55 29.32 13.91
C LEU D 862 -44.09 29.02 13.65
N ASP D 863 -43.50 29.62 12.61
CA ASP D 863 -42.09 29.39 12.35
C ASP D 863 -41.22 29.94 13.45
N LEU D 864 -41.60 31.09 14.03
CA LEU D 864 -40.84 31.61 15.17
C LEU D 864 -40.92 30.70 16.38
N ALA D 865 -42.13 30.30 16.77
CA ALA D 865 -42.29 29.40 17.89
C ALA D 865 -41.77 28.00 17.60
N ASP D 866 -41.41 27.70 16.37
CA ASP D 866 -40.73 26.44 16.08
C ASP D 866 -39.22 26.61 16.16
N THR D 867 -38.70 27.75 15.70
CA THR D 867 -37.26 27.95 15.73
C THR D 867 -36.77 28.28 17.14
N LEU D 868 -37.65 28.78 18.01
CA LEU D 868 -37.41 28.78 19.44
C LEU D 868 -38.40 27.81 20.06
N HIS D 869 -37.90 26.78 20.72
CA HIS D 869 -38.81 25.73 21.16
C HIS D 869 -39.70 26.24 22.28
N ILE D 870 -40.61 27.13 21.95
CA ILE D 870 -41.56 27.72 22.89
C ILE D 870 -42.90 27.85 22.19
N THR D 871 -43.92 28.10 22.98
CA THR D 871 -45.23 28.34 22.40
C THR D 871 -45.39 29.81 22.06
N PRO D 872 -46.25 30.15 21.10
CA PRO D 872 -46.42 31.56 20.73
C PRO D 872 -46.88 32.43 21.88
N LYS D 873 -47.55 31.87 22.89
CA LYS D 873 -47.81 32.63 24.10
C LYS D 873 -46.51 33.03 24.78
N ASP D 874 -45.46 32.23 24.61
CA ASP D 874 -44.15 32.54 25.16
C ASP D 874 -43.34 33.46 24.27
N ILE D 875 -43.83 33.74 23.06
CA ILE D 875 -43.19 34.72 22.18
C ILE D 875 -43.53 36.14 22.55
N THR D 876 -44.72 36.42 23.08
CA THR D 876 -45.03 37.78 23.49
C THR D 876 -44.12 38.25 24.60
N THR D 877 -43.70 37.34 25.48
CA THR D 877 -42.75 37.72 26.53
C THR D 877 -41.41 38.08 25.93
N LEU D 878 -40.91 37.26 25.01
CA LEU D 878 -39.67 37.59 24.32
C LEU D 878 -39.76 38.97 23.68
N LEU D 879 -40.90 39.28 23.07
CA LEU D 879 -41.01 40.59 22.42
C LEU D 879 -41.13 41.74 23.40
N THR D 880 -41.90 41.61 24.47
CA THR D 880 -42.03 42.76 25.35
C THR D 880 -40.78 43.01 26.16
N VAL D 881 -40.07 41.95 26.54
CA VAL D 881 -38.88 42.14 27.34
C VAL D 881 -37.69 42.50 26.48
N SER D 882 -37.52 41.83 25.33
CA SER D 882 -36.35 42.07 24.50
C SER D 882 -36.38 43.44 23.85
N GLU D 883 -37.52 44.11 23.84
CA GLU D 883 -37.66 45.46 23.31
C GLU D 883 -37.73 46.50 24.41
N ASN D 884 -37.96 46.09 25.64
CA ASN D 884 -37.94 47.02 26.73
C ASN D 884 -36.52 47.51 26.94
N VAL D 885 -36.39 48.71 27.50
CA VAL D 885 -35.08 49.31 27.67
C VAL D 885 -34.53 49.07 29.06
N ARG D 886 -35.37 49.12 30.10
CA ARG D 886 -34.99 48.85 31.48
C ARG D 886 -35.82 47.66 31.96
N PRO D 887 -35.57 46.47 31.46
CA PRO D 887 -36.40 45.33 31.85
C PRO D 887 -36.18 44.97 33.30
N PHE D 888 -37.25 44.51 33.94
CA PHE D 888 -37.12 44.07 35.32
C PHE D 888 -36.29 42.79 35.36
N TYR D 889 -35.55 42.64 36.46
CA TYR D 889 -34.75 41.44 36.62
C TYR D 889 -35.61 40.19 36.69
N THR D 890 -36.78 40.29 37.32
CA THR D 890 -37.66 39.14 37.39
C THR D 890 -38.16 38.74 36.00
N ASP D 891 -38.59 39.73 35.22
CA ASP D 891 -39.01 39.47 33.84
C ASP D 891 -37.89 38.86 33.02
N LEU D 892 -36.69 39.39 33.17
CA LEU D 892 -35.54 38.89 32.41
C LEU D 892 -35.21 37.46 32.80
N SER D 893 -35.32 37.14 34.08
CA SER D 893 -35.06 35.78 34.53
C SER D 893 -36.14 34.82 34.03
N ALA D 894 -37.40 35.27 34.04
CA ALA D 894 -38.48 34.46 33.52
C ALA D 894 -38.36 34.22 32.03
N LEU D 895 -37.80 35.16 31.29
CA LEU D 895 -37.56 34.91 29.88
C LEU D 895 -36.37 33.98 29.67
N ALA D 896 -35.32 34.15 30.47
CA ALA D 896 -34.14 33.29 30.34
C ALA D 896 -34.51 31.84 30.60
N GLY D 897 -35.16 31.58 31.72
CA GLY D 897 -35.58 30.22 31.99
C GLY D 897 -36.50 29.68 30.94
N LEU D 898 -37.36 30.53 30.38
CA LEU D 898 -38.23 30.11 29.30
C LEU D 898 -37.44 29.61 28.12
N LEU D 899 -36.49 30.42 27.64
CA LEU D 899 -35.69 30.04 26.49
C LEU D 899 -34.80 28.83 26.80
N GLN D 900 -34.43 28.65 28.06
CA GLN D 900 -33.51 27.58 28.40
C GLN D 900 -34.21 26.25 28.64
N ALA D 901 -35.48 26.28 29.03
CA ALA D 901 -36.19 25.03 29.23
C ALA D 901 -36.30 24.24 27.94
N GLY D 902 -36.43 24.92 26.80
CA GLY D 902 -36.60 24.24 25.54
C GLY D 902 -35.31 23.79 24.90
N LEU D 903 -34.20 23.80 25.62
CA LEU D 903 -32.93 23.44 25.02
C LEU D 903 -32.69 21.94 25.11
N ASN D 904 -31.86 21.46 24.20
CA ASN D 904 -31.35 20.10 24.21
C ASN D 904 -30.55 19.88 25.48
N GLU D 905 -30.28 18.62 25.81
CA GLU D 905 -29.48 18.34 27.00
C GLU D 905 -28.02 18.73 26.79
N GLN D 906 -27.42 18.29 25.70
CA GLN D 906 -26.06 18.72 25.43
C GLN D 906 -26.01 20.21 25.18
N GLN D 907 -27.13 20.78 24.72
CA GLN D 907 -27.19 22.23 24.52
C GLN D 907 -27.13 22.98 25.83
N THR D 908 -27.92 22.57 26.83
CA THR D 908 -27.79 23.25 28.09
C THR D 908 -26.44 23.00 28.74
N LYS D 909 -25.83 21.84 28.47
CA LYS D 909 -24.48 21.64 28.98
C LYS D 909 -23.48 22.60 28.33
N GLN D 910 -23.60 22.82 27.03
CA GLN D 910 -22.71 23.76 26.36
C GLN D 910 -22.96 25.19 26.84
N LEU D 911 -24.23 25.53 27.05
CA LEU D 911 -24.56 26.84 27.59
C LEU D 911 -23.91 27.04 28.96
N GLN D 912 -23.95 26.01 29.80
CA GLN D 912 -23.33 26.13 31.11
C GLN D 912 -21.81 26.23 31.00
N ASN D 913 -21.23 25.45 30.09
CA ASN D 913 -19.79 25.54 29.87
C ASN D 913 -19.38 26.92 29.41
N GLN D 914 -20.28 27.63 28.75
CA GLN D 914 -20.01 29.00 28.35
C GLN D 914 -20.28 30.01 29.44
N SER D 915 -21.24 29.73 30.31
CA SER D 915 -21.65 30.72 31.30
C SER D 915 -20.77 30.70 32.54
N GLU D 916 -20.28 29.53 32.94
CA GLU D 916 -19.52 29.43 34.18
C GLU D 916 -18.25 30.26 34.15
N PRO D 917 -17.46 30.24 33.07
CA PRO D 917 -16.29 31.14 33.01
C PRO D 917 -16.66 32.59 33.09
N ARG D 918 -17.76 33.00 32.46
CA ARG D 918 -18.14 34.41 32.50
C ARG D 918 -18.49 34.84 33.92
N ARG D 919 -19.25 34.04 34.65
CA ARG D 919 -19.56 34.43 36.00
C ARG D 919 -18.37 34.32 36.92
N ASN D 920 -17.42 33.43 36.63
CA ASN D 920 -16.18 33.48 37.41
C ASN D 920 -15.44 34.77 37.13
N GLU D 921 -15.40 35.20 35.88
CA GLU D 921 -14.73 36.44 35.55
C GLU D 921 -15.35 37.60 36.30
N ALA D 922 -16.67 37.68 36.29
CA ALA D 922 -17.34 38.78 36.99
C ALA D 922 -17.13 38.69 38.49
N LEU D 923 -17.28 37.49 39.06
CA LEU D 923 -17.05 37.33 40.48
C LEU D 923 -15.63 37.69 40.86
N SER D 924 -14.66 37.37 40.01
CA SER D 924 -13.27 37.68 40.32
C SER D 924 -13.03 39.16 40.28
N GLY D 925 -13.56 39.85 39.28
CA GLY D 925 -13.46 41.29 39.25
C GLY D 925 -14.02 41.91 40.51
N GLU D 926 -15.24 41.52 40.87
CA GLU D 926 -15.85 42.12 42.05
C GLU D 926 -15.14 41.70 43.33
N TYR D 927 -14.53 40.52 43.37
CA TYR D 927 -13.82 40.06 44.54
C TYR D 927 -12.64 40.97 44.81
N ARG D 928 -11.77 41.14 43.83
CA ARG D 928 -10.63 41.99 44.08
C ARG D 928 -11.02 43.46 44.17
N SER D 929 -12.21 43.83 43.72
CA SER D 929 -12.65 45.21 43.95
C SER D 929 -13.12 45.42 45.38
N LEU D 930 -13.85 44.47 45.94
CA LEU D 930 -14.48 44.63 47.25
C LEU D 930 -13.65 44.03 48.38
N VAL D 931 -13.35 42.75 48.32
CA VAL D 931 -12.60 42.08 49.38
C VAL D 931 -11.15 42.54 49.37
N MET D 932 -10.44 42.26 48.27
CA MET D 932 -9.01 42.59 48.23
C MET D 932 -8.76 44.09 48.21
N ASN D 933 -9.79 44.91 48.04
CA ASN D 933 -9.66 46.36 48.06
C ASN D 933 -8.61 46.86 47.09
N ASN D 934 -8.40 46.14 46.00
CA ASN D 934 -7.37 46.48 45.02
C ASN D 934 -7.88 46.17 43.62
N PRO D 935 -8.79 47.00 43.11
CA PRO D 935 -9.43 46.68 41.82
C PRO D 935 -8.47 46.55 40.67
N VAL D 936 -7.27 47.09 40.77
CA VAL D 936 -6.34 47.05 39.65
C VAL D 936 -5.55 45.75 39.65
N ALA D 937 -5.77 44.90 40.66
CA ALA D 937 -5.00 43.68 40.78
C ALA D 937 -5.23 42.76 39.59
N ASP D 938 -4.24 41.92 39.31
CA ASP D 938 -4.40 40.92 38.28
C ASP D 938 -5.30 39.81 38.79
N ARG D 939 -5.87 39.05 37.86
CA ARG D 939 -6.73 37.95 38.30
C ARG D 939 -5.93 36.80 38.84
N ASP D 940 -4.66 36.67 38.44
CA ASP D 940 -3.82 35.67 39.07
C ASP D 940 -3.52 35.98 40.52
N ASP D 941 -3.65 37.23 40.95
CA ASP D 941 -3.47 37.50 42.36
C ASP D 941 -4.58 36.87 43.17
N ILE D 942 -5.76 36.70 42.60
CA ILE D 942 -6.76 35.87 43.26
C ILE D 942 -6.29 34.44 43.38
N TRP D 943 -5.66 33.90 42.34
CA TRP D 943 -5.11 32.55 42.42
C TRP D 943 -4.07 32.43 43.51
N ARG D 944 -3.15 33.38 43.59
CA ARG D 944 -2.10 33.32 44.59
C ARG D 944 -2.62 33.57 45.98
N ASN D 945 -3.67 34.37 46.12
CA ASN D 945 -4.18 34.72 47.42
C ASN D 945 -5.20 33.74 47.95
N LEU D 946 -5.86 33.01 47.06
CA LEU D 946 -6.94 32.15 47.44
C LEU D 946 -6.67 30.69 47.12
N LEU D 947 -5.52 30.38 46.54
CA LEU D 947 -5.06 29.03 46.28
C LEU D 947 -6.02 28.25 45.41
N VAL D 948 -6.70 28.90 44.49
CA VAL D 948 -7.58 28.23 43.54
C VAL D 948 -7.49 28.96 42.21
N ASP D 949 -7.45 28.19 41.12
CA ASP D 949 -7.40 28.80 39.81
C ASP D 949 -8.79 29.01 39.26
N GLY D 950 -9.09 30.23 38.84
CA GLY D 950 -10.40 30.54 38.33
C GLY D 950 -10.44 30.55 36.82
N LYS D 951 -9.29 30.65 36.18
CA LYS D 951 -9.24 30.74 34.74
C LYS D 951 -9.39 29.39 34.06
N VAL D 952 -9.72 28.35 34.80
CA VAL D 952 -9.88 27.04 34.19
C VAL D 952 -11.15 27.04 33.34
N SER D 953 -11.22 26.12 32.39
CA SER D 953 -12.46 25.95 31.65
C SER D 953 -13.43 25.13 32.47
N ALA D 954 -14.67 25.06 32.01
CA ALA D 954 -15.70 24.38 32.77
C ALA D 954 -15.60 22.87 32.71
N GLU D 955 -14.66 22.33 31.94
CA GLU D 955 -14.51 20.89 31.82
C GLU D 955 -13.46 20.31 32.74
N ILE D 956 -12.58 21.14 33.29
CA ILE D 956 -11.53 20.65 34.16
C ILE D 956 -12.17 20.19 35.46
N THR D 957 -12.23 18.88 35.66
CA THR D 957 -12.80 18.29 36.86
C THR D 957 -11.72 17.70 37.73
N THR D 958 -11.83 17.93 39.03
CA THR D 958 -10.93 17.37 40.02
C THR D 958 -11.74 16.95 41.21
N THR D 959 -11.17 16.09 42.04
CA THR D 959 -11.86 15.79 43.28
C THR D 959 -11.73 16.98 44.24
N LEU D 960 -12.16 16.77 45.46
CA LEU D 960 -12.16 17.88 46.41
C LEU D 960 -10.95 17.84 47.31
N LEU D 961 -10.58 16.64 47.77
CA LEU D 961 -9.28 16.46 48.42
C LEU D 961 -8.15 16.87 47.49
N ALA D 962 -8.24 16.52 46.21
CA ALA D 962 -7.18 16.86 45.29
C ALA D 962 -7.05 18.37 45.12
N ASP D 963 -8.16 19.09 45.17
CA ASP D 963 -8.06 20.54 45.07
C ASP D 963 -7.49 21.13 46.35
N ALA D 964 -7.86 20.58 47.51
CA ALA D 964 -7.23 21.04 48.73
C ALA D 964 -5.73 20.79 48.70
N ILE D 965 -5.32 19.65 48.16
CA ILE D 965 -3.91 19.30 48.08
C ILE D 965 -3.19 20.26 47.17
N ALA D 966 -3.73 20.51 45.99
CA ALA D 966 -3.09 21.44 45.07
C ALA D 966 -3.01 22.83 45.68
N GLY D 967 -4.02 23.24 46.44
CA GLY D 967 -3.95 24.53 47.08
C GLY D 967 -2.85 24.62 48.11
N ILE D 968 -2.76 23.63 49.00
CA ILE D 968 -1.73 23.72 50.02
C ILE D 968 -0.35 23.56 49.41
N GLN D 969 -0.25 22.83 48.30
CA GLN D 969 1.05 22.72 47.64
C GLN D 969 1.46 24.04 47.04
N LEU D 970 0.56 24.72 46.35
CA LEU D 970 0.89 26.05 45.84
C LEU D 970 1.27 26.99 46.97
N TYR D 971 0.57 26.88 48.10
CA TYR D 971 0.89 27.74 49.23
C TYR D 971 2.27 27.46 49.75
N ILE D 972 2.65 26.20 49.86
CA ILE D 972 3.95 25.86 50.41
C ILE D 972 5.05 26.27 49.44
N ASN D 973 4.84 26.07 48.14
CA ASN D 973 5.83 26.53 47.18
C ASN D 973 6.02 28.04 47.26
N ARG D 974 4.93 28.79 47.29
CA ARG D 974 5.07 30.23 47.30
C ARG D 974 5.69 30.72 48.59
N THR D 975 5.40 30.09 49.72
CA THR D 975 6.02 30.53 50.96
C THR D 975 7.44 30.03 51.12
N ILE D 976 7.84 29.01 50.36
CA ILE D 976 9.20 28.52 50.43
C ILE D 976 10.09 29.24 49.42
N ALA D 977 9.49 29.86 48.40
CA ALA D 977 10.20 30.68 47.45
C ALA D 977 10.15 32.16 47.80
N GLY D 978 9.64 32.49 48.97
CA GLY D 978 9.66 33.85 49.46
C GLY D 978 8.55 34.74 48.98
N ASP D 979 7.67 34.24 48.12
CA ASP D 979 6.58 35.06 47.64
C ASP D 979 5.53 35.33 48.70
N GLU D 980 5.55 34.61 49.81
CA GLU D 980 4.66 34.86 50.93
C GLU D 980 5.50 35.29 52.11
N PRO D 981 5.86 36.56 52.20
CA PRO D 981 6.78 37.00 53.24
C PRO D 981 6.18 36.87 54.62
N GLY D 982 7.06 36.79 55.61
CA GLY D 982 6.65 36.63 56.97
C GLY D 982 6.58 35.21 57.47
N ALA D 983 7.03 34.25 56.66
CA ALA D 983 6.95 32.85 57.04
C ALA D 983 7.83 32.59 58.25
N ASP D 984 7.56 31.47 58.91
CA ASP D 984 8.41 31.02 60.01
C ASP D 984 9.63 30.34 59.42
N SER D 985 10.76 31.05 59.40
CA SER D 985 11.96 30.47 58.84
C SER D 985 12.39 29.24 59.63
N ASP D 986 12.17 29.24 60.93
CA ASP D 986 12.51 28.05 61.71
C ASP D 986 11.70 26.85 61.29
N ALA D 987 10.42 27.06 60.99
CA ALA D 987 9.60 25.97 60.48
C ALA D 987 9.99 25.57 59.07
N LEU D 988 10.40 26.51 58.24
CA LEU D 988 10.86 26.16 56.91
C LEU D 988 12.16 25.40 56.94
N GLU D 989 12.94 25.53 58.01
CA GLU D 989 14.17 24.77 58.15
C GLU D 989 13.92 23.44 58.86
N ARG D 990 12.93 22.72 58.39
CA ARG D 990 12.46 21.52 59.06
C ARG D 990 12.44 20.38 58.06
N GLN D 991 12.70 19.17 58.54
CA GLN D 991 12.94 18.04 57.64
C GLN D 991 11.87 17.90 56.57
N PHE D 992 10.61 18.14 56.90
CA PHE D 992 9.57 18.01 55.89
C PHE D 992 9.83 18.93 54.71
N PHE D 993 10.17 20.19 54.96
CA PHE D 993 10.44 21.13 53.90
C PHE D 993 11.87 21.04 53.38
N LYS D 994 12.77 20.47 54.15
CA LYS D 994 14.12 20.28 53.66
C LYS D 994 14.14 19.19 52.60
N ASP D 995 13.32 18.17 52.78
CA ASP D 995 13.10 17.13 51.78
C ASP D 995 11.91 17.47 50.91
N TRP D 996 11.64 18.77 50.72
CA TRP D 996 10.42 19.17 50.03
C TRP D 996 10.47 18.76 48.57
N ASP D 997 11.43 19.29 47.81
CA ASP D 997 11.43 19.04 46.39
C ASP D 997 11.71 17.59 46.07
N ALA D 998 12.59 16.95 46.84
CA ALA D 998 12.96 15.59 46.52
C ALA D 998 11.81 14.64 46.77
N CYS D 999 11.20 14.71 47.94
CA CYS D 999 10.22 13.72 48.36
C CYS D 999 8.82 14.28 48.55
N ASN D 1000 8.64 15.27 49.42
CA ASN D 1000 7.29 15.63 49.87
C ASN D 1000 6.56 16.58 48.95
N LYS D 1001 7.18 17.03 47.87
CA LYS D 1001 6.53 18.03 47.03
C LYS D 1001 5.36 17.46 46.26
N ARG D 1002 5.45 16.23 45.78
CA ARG D 1002 4.40 15.63 44.99
C ARG D 1002 3.89 14.39 45.68
N TYR D 1003 2.60 14.13 45.54
CA TYR D 1003 2.02 12.97 46.20
C TYR D 1003 2.69 11.69 45.74
N SER D 1004 3.08 11.64 44.47
CA SER D 1004 3.75 10.46 43.96
C SER D 1004 4.95 10.09 44.82
N THR D 1005 5.88 11.01 44.98
CA THR D 1005 7.10 10.70 45.70
C THR D 1005 6.92 10.73 47.20
N TRP D 1006 5.90 11.39 47.72
CA TRP D 1006 5.64 11.24 49.14
C TRP D 1006 5.15 9.83 49.46
N ALA D 1007 4.21 9.33 48.67
CA ALA D 1007 3.73 7.98 48.91
C ALA D 1007 4.82 6.96 48.66
N GLY D 1008 5.57 7.11 47.57
CA GLY D 1008 6.63 6.16 47.29
C GLY D 1008 7.72 6.12 48.33
N VAL D 1009 7.99 7.24 48.97
CA VAL D 1009 9.01 7.28 50.01
C VAL D 1009 8.46 6.77 51.33
N SER D 1010 7.20 7.05 51.62
CA SER D 1010 6.62 6.56 52.86
C SER D 1010 6.44 5.05 52.83
N GLN D 1011 6.14 4.50 51.65
CA GLN D 1011 6.00 3.05 51.59
C GLN D 1011 7.31 2.33 51.77
N LEU D 1012 8.42 3.04 51.72
CA LEU D 1012 9.70 2.36 51.71
C LEU D 1012 10.10 1.86 53.08
N VAL D 1013 9.50 2.37 54.14
CA VAL D 1013 9.79 1.83 55.45
C VAL D 1013 8.98 0.58 55.71
N TYR D 1014 7.83 0.46 55.06
CA TYR D 1014 6.92 -0.63 55.37
C TYR D 1014 7.03 -1.77 54.39
N TYR D 1015 7.22 -1.48 53.11
CA TYR D 1015 7.34 -2.50 52.08
C TYR D 1015 8.61 -2.27 51.31
N PRO D 1016 9.77 -2.50 51.92
CA PRO D 1016 11.01 -2.38 51.16
C PRO D 1016 11.14 -3.42 50.09
N GLU D 1017 10.53 -4.59 50.26
CA GLU D 1017 10.56 -5.61 49.24
C GLU D 1017 10.01 -5.12 47.91
N ASN D 1018 9.18 -4.08 47.93
CA ASN D 1018 8.71 -3.52 46.67
C ASN D 1018 9.83 -2.85 45.91
N PHE D 1019 10.87 -2.39 46.61
CA PHE D 1019 11.95 -1.64 45.99
C PHE D 1019 13.28 -2.37 46.05
N VAL D 1020 13.40 -3.40 46.87
CA VAL D 1020 14.64 -4.16 46.90
C VAL D 1020 14.86 -4.80 45.55
N ASP D 1021 16.02 -4.56 44.99
CA ASP D 1021 16.43 -5.22 43.77
C ASP D 1021 17.52 -6.21 44.14
N PRO D 1022 17.31 -7.50 43.89
CA PRO D 1022 18.28 -8.51 44.33
C PRO D 1022 19.62 -8.38 43.68
N THR D 1023 19.76 -7.58 42.64
CA THR D 1023 21.02 -7.49 41.93
C THR D 1023 21.82 -6.27 42.37
N LEU D 1024 21.17 -5.12 42.40
CA LEU D 1024 21.79 -3.86 42.77
C LEU D 1024 21.46 -3.53 44.21
N ARG D 1025 22.48 -3.43 45.04
CA ARG D 1025 22.33 -3.14 46.45
C ARG D 1025 23.40 -2.16 46.87
N THR D 1026 23.07 -1.25 47.77
CA THR D 1026 24.07 -0.34 48.28
C THR D 1026 25.04 -1.08 49.18
N GLY D 1027 26.32 -0.72 49.09
CA GLY D 1027 27.30 -1.42 49.89
C GLY D 1027 27.66 -2.78 49.38
N GLN D 1028 27.27 -3.10 48.16
CA GLN D 1028 27.61 -4.38 47.55
C GLN D 1028 29.12 -4.47 47.39
N THR D 1029 29.69 -5.56 47.86
CA THR D 1029 31.14 -5.72 47.81
C THR D 1029 31.61 -5.82 46.36
N GLY D 1030 32.91 -5.59 46.16
CA GLY D 1030 33.49 -5.76 44.85
C GLY D 1030 33.40 -7.18 44.35
N MET D 1031 33.45 -8.15 45.26
CA MET D 1031 33.29 -9.54 44.87
C MET D 1031 31.93 -9.77 44.23
N MET D 1032 30.88 -9.32 44.89
CA MET D 1032 29.55 -9.50 44.33
C MET D 1032 29.38 -8.71 43.06
N ASN D 1033 30.02 -7.54 42.99
CA ASN D 1033 29.97 -6.78 41.76
C ASN D 1033 30.57 -7.55 40.59
N THR D 1034 31.76 -8.11 40.77
CA THR D 1034 32.37 -8.85 39.68
C THR D 1034 31.65 -10.14 39.38
N MET D 1035 30.93 -10.71 40.33
CA MET D 1035 30.15 -11.89 40.00
C MET D 1035 28.93 -11.54 39.17
N LEU D 1036 28.24 -10.47 39.54
CA LEU D 1036 27.10 -9.99 38.75
C LEU D 1036 27.53 -9.58 37.36
N GLU D 1037 28.69 -8.96 37.26
CA GLU D 1037 29.31 -8.69 35.97
C GLU D 1037 29.39 -9.94 35.11
N GLN D 1038 29.80 -11.04 35.71
CA GLN D 1038 30.05 -12.25 34.92
C GLN D 1038 28.80 -13.07 34.71
N LEU D 1039 27.73 -12.79 35.44
CA LEU D 1039 26.44 -13.39 35.16
C LEU D 1039 25.56 -12.51 34.32
N SER D 1040 26.08 -11.40 33.80
CA SER D 1040 25.26 -10.46 33.07
C SER D 1040 25.12 -10.78 31.59
N GLN D 1041 25.60 -11.92 31.15
CA GLN D 1041 25.36 -12.34 29.79
C GLN D 1041 24.03 -13.08 29.70
N SER D 1042 23.72 -13.62 28.54
CA SER D 1042 22.43 -14.28 28.36
C SER D 1042 22.53 -15.80 28.51
N GLU D 1043 23.69 -16.37 28.21
CA GLU D 1043 23.84 -17.82 28.31
C GLU D 1043 24.39 -18.15 29.69
N LEU D 1044 23.50 -18.42 30.63
CA LEU D 1044 23.88 -18.84 31.97
C LEU D 1044 23.69 -20.35 32.08
N ASN D 1045 24.64 -21.11 31.58
CA ASN D 1045 24.56 -22.54 31.76
C ASN D 1045 25.29 -22.89 33.04
N LYS D 1046 25.19 -24.15 33.47
CA LYS D 1046 25.75 -24.54 34.75
C LYS D 1046 27.25 -24.29 34.78
N ASP D 1047 27.91 -24.36 33.64
CA ASP D 1047 29.35 -24.17 33.62
C ASP D 1047 29.73 -22.73 33.98
N THR D 1048 29.12 -21.73 33.35
CA THR D 1048 29.44 -20.36 33.72
C THR D 1048 28.90 -20.04 35.11
N LEU D 1049 27.77 -20.63 35.46
CA LEU D 1049 27.14 -20.37 36.74
C LEU D 1049 27.94 -20.93 37.90
N GLU D 1050 28.77 -21.94 37.64
CA GLU D 1050 29.66 -22.50 38.63
C GLU D 1050 31.02 -21.85 38.60
N ASN D 1051 31.50 -21.49 37.42
CA ASN D 1051 32.77 -20.77 37.37
C ASN D 1051 32.67 -19.43 38.07
N GLY D 1052 31.58 -18.71 37.85
CA GLY D 1052 31.37 -17.48 38.58
C GLY D 1052 31.37 -17.68 40.07
N PHE D 1053 30.78 -18.78 40.53
CA PHE D 1053 30.70 -18.97 41.97
C PHE D 1053 32.04 -19.41 42.55
N ARG D 1054 32.80 -20.20 41.82
CA ARG D 1054 34.14 -20.54 42.29
C ARG D 1054 35.02 -19.32 42.35
N GLN D 1055 34.86 -18.39 41.42
CA GLN D 1055 35.68 -17.18 41.48
C GLN D 1055 35.24 -16.27 42.61
N TYR D 1056 33.93 -16.08 42.77
CA TYR D 1056 33.44 -15.37 43.93
C TYR D 1056 33.97 -16.00 45.20
N LEU D 1057 34.02 -17.31 45.25
CA LEU D 1057 34.42 -17.98 46.47
C LEU D 1057 35.91 -17.84 46.72
N THR D 1058 36.71 -17.78 45.67
CA THR D 1058 38.13 -17.47 45.86
C THR D 1058 38.31 -16.09 46.48
N ALA D 1059 37.64 -15.09 45.92
CA ALA D 1059 37.75 -13.75 46.48
C ALA D 1059 37.22 -13.70 47.90
N PHE D 1060 36.13 -14.40 48.17
CA PHE D 1060 35.57 -14.45 49.51
C PHE D 1060 36.54 -15.08 50.47
N GLU D 1061 37.16 -16.18 50.08
CA GLU D 1061 38.14 -16.82 50.94
C GLU D 1061 39.26 -15.86 51.28
N GLN D 1062 39.72 -15.10 50.30
CA GLN D 1062 40.81 -14.18 50.58
C GLN D 1062 40.39 -13.10 51.56
N VAL D 1063 39.21 -12.53 51.39
CA VAL D 1063 38.78 -11.47 52.31
C VAL D 1063 38.35 -12.03 53.66
N ALA D 1064 38.12 -13.32 53.77
CA ALA D 1064 37.83 -13.90 55.07
C ALA D 1064 39.08 -14.32 55.82
N ASP D 1065 40.18 -14.57 55.13
CA ASP D 1065 41.40 -14.95 55.82
C ASP D 1065 42.15 -13.78 56.44
N LEU D 1066 41.68 -12.55 56.26
CA LEU D 1066 42.47 -11.39 56.67
C LEU D 1066 42.67 -11.40 58.17
N LYS D 1067 43.91 -11.28 58.60
CA LYS D 1067 44.23 -11.12 60.01
C LYS D 1067 44.60 -9.67 60.25
N VAL D 1068 44.17 -9.14 61.37
CA VAL D 1068 44.39 -7.73 61.68
C VAL D 1068 45.82 -7.56 62.18
N VAL D 1069 46.53 -6.62 61.58
CA VAL D 1069 47.91 -6.35 61.99
C VAL D 1069 47.94 -5.31 63.09
N SER D 1070 47.35 -4.15 62.84
CA SER D 1070 47.47 -3.03 63.76
C SER D 1070 46.26 -2.15 63.60
N GLY D 1071 46.04 -1.30 64.58
CA GLY D 1071 44.91 -0.40 64.56
C GLY D 1071 45.31 0.96 65.04
N TYR D 1072 44.39 1.90 64.94
CA TYR D 1072 44.58 3.24 65.46
C TYR D 1072 43.22 3.80 65.76
N HIS D 1073 43.02 4.27 66.98
CA HIS D 1073 41.73 4.77 67.36
C HIS D 1073 41.62 6.26 67.18
N ASP D 1074 40.54 6.68 66.54
CA ASP D 1074 40.36 8.05 66.10
C ASP D 1074 40.38 9.06 67.22
N THR D 1075 39.45 8.96 68.15
CA THR D 1075 39.36 9.89 69.26
C THR D 1075 40.21 9.42 70.43
N VAL D 1076 40.12 10.13 71.55
CA VAL D 1076 40.90 9.82 72.72
C VAL D 1076 40.09 9.01 73.74
N ASN D 1077 38.78 9.15 73.72
CA ASN D 1077 37.92 8.27 74.50
C ASN D 1077 37.53 7.08 73.65
N ILE D 1078 37.98 5.88 74.04
CA ILE D 1078 37.82 4.71 73.19
C ILE D 1078 36.37 4.26 73.04
N ASN D 1079 35.42 4.97 73.63
CA ASN D 1079 34.02 4.63 73.44
C ASN D 1079 33.38 5.43 72.31
N GLN D 1080 34.14 6.27 71.63
CA GLN D 1080 33.62 7.12 70.58
C GLN D 1080 34.56 7.09 69.39
N GLY D 1081 34.16 7.75 68.32
CA GLY D 1081 35.04 7.83 67.17
C GLY D 1081 35.14 6.51 66.45
N ASN D 1082 36.14 6.36 65.60
CA ASN D 1082 36.30 5.15 64.82
C ASN D 1082 37.63 4.49 65.15
N THR D 1083 37.75 3.22 64.82
CA THR D 1083 38.99 2.48 64.98
C THR D 1083 39.37 1.96 63.61
N TRP D 1084 40.44 2.49 63.05
CA TRP D 1084 40.94 1.98 61.78
C TRP D 1084 41.81 0.77 62.00
N PHE D 1085 41.58 -0.26 61.21
CA PHE D 1085 42.35 -1.48 61.30
C PHE D 1085 43.15 -1.66 60.03
N ILE D 1086 44.28 -2.33 60.15
CA ILE D 1086 45.07 -2.72 59.00
C ILE D 1086 45.14 -4.24 59.05
N GLY D 1087 44.60 -4.89 58.04
CA GLY D 1087 44.60 -6.33 57.95
C GLY D 1087 45.53 -6.75 56.82
N THR D 1088 46.18 -7.87 57.00
CA THR D 1088 47.03 -8.44 55.96
C THR D 1088 46.46 -9.78 55.52
N SER D 1089 46.88 -10.22 54.35
CA SER D 1089 46.35 -11.45 53.80
C SER D 1089 47.32 -12.59 54.04
N GLN D 1090 46.78 -13.79 54.03
CA GLN D 1090 47.59 -15.00 54.18
C GLN D 1090 48.12 -15.45 52.83
N THR D 1091 48.88 -14.57 52.18
CA THR D 1091 49.51 -14.89 50.92
C THR D 1091 50.98 -14.53 50.98
N GLU D 1092 51.66 -14.59 49.86
CA GLU D 1092 53.03 -14.13 49.78
C GLU D 1092 53.35 -13.62 48.38
N PRO D 1093 53.55 -12.33 48.18
CA PRO D 1093 53.61 -11.26 49.18
C PRO D 1093 52.27 -10.99 49.83
N LYS D 1094 52.26 -10.22 50.90
CA LYS D 1094 51.04 -9.94 51.62
C LYS D 1094 50.35 -8.74 50.99
N LYS D 1095 49.04 -8.73 51.06
CA LYS D 1095 48.22 -7.64 50.58
C LYS D 1095 47.57 -7.01 51.80
N TYR D 1096 47.68 -5.70 51.92
CA TYR D 1096 47.21 -5.02 53.11
C TYR D 1096 45.87 -4.37 52.84
N TYR D 1097 44.97 -4.47 53.80
CA TYR D 1097 43.62 -3.97 53.69
C TYR D 1097 43.34 -3.06 54.87
N TRP D 1098 42.25 -2.30 54.79
CA TRP D 1098 41.88 -1.48 55.93
C TRP D 1098 40.37 -1.47 56.11
N ARG D 1099 39.94 -1.44 57.35
CA ARG D 1099 38.55 -1.30 57.75
C ARG D 1099 38.40 -0.09 58.62
N LYS D 1100 37.26 -0.02 59.27
CA LYS D 1100 36.94 1.05 60.18
C LYS D 1100 35.76 0.57 61.02
N ALA D 1101 35.87 0.69 62.33
CA ALA D 1101 34.80 0.31 63.23
C ALA D 1101 34.25 1.56 63.87
N ASP D 1102 33.04 1.95 63.50
CA ASP D 1102 32.40 3.14 64.02
C ASP D 1102 31.88 2.86 65.42
N HIS D 1103 32.49 3.47 66.42
CA HIS D 1103 32.05 3.25 67.78
C HIS D 1103 30.78 3.98 68.12
N SER D 1104 30.33 4.91 67.28
CA SER D 1104 29.05 5.54 67.51
C SER D 1104 27.88 4.62 67.26
N LYS D 1105 28.14 3.40 66.80
CA LYS D 1105 27.16 2.35 66.70
C LYS D 1105 27.54 1.15 67.55
N CYS D 1106 27.92 1.40 68.79
CA CYS D 1106 28.48 0.39 69.68
C CYS D 1106 27.96 0.66 71.08
N GLN D 1107 26.90 -0.03 71.45
CA GLN D 1107 26.42 0.00 72.82
C GLN D 1107 26.66 -1.36 73.47
N ASN D 1108 26.93 -1.35 74.77
CA ASN D 1108 27.14 -2.58 75.53
C ASN D 1108 28.25 -3.43 74.94
N GLY D 1109 29.29 -2.79 74.42
CA GLY D 1109 30.40 -3.51 73.83
C GLY D 1109 30.04 -4.34 72.63
N ARG D 1110 28.91 -4.07 72.01
CA ARG D 1110 28.41 -4.85 70.90
C ARG D 1110 28.31 -3.92 69.71
N PHE D 1111 29.19 -4.10 68.74
CA PHE D 1111 29.13 -3.32 67.52
C PHE D 1111 27.93 -3.72 66.69
N ALA D 1112 27.15 -2.74 66.26
CA ALA D 1112 26.18 -3.03 65.23
C ALA D 1112 26.90 -3.55 64.00
N ALA D 1113 26.23 -4.43 63.27
CA ALA D 1113 26.89 -5.03 62.13
C ALA D 1113 27.25 -4.02 61.07
N ASN D 1114 26.58 -2.88 61.06
CA ASN D 1114 26.84 -1.82 60.09
C ASN D 1114 27.80 -0.78 60.62
N ALA D 1115 28.36 -0.98 61.80
CA ALA D 1115 29.41 -0.12 62.30
C ALA D 1115 30.75 -0.44 61.68
N TRP D 1116 30.82 -1.48 60.87
CA TRP D 1116 32.05 -1.94 60.27
C TRP D 1116 32.02 -1.61 58.80
N SER D 1117 33.14 -1.13 58.29
CA SER D 1117 33.21 -0.93 56.86
C SER D 1117 33.64 -2.22 56.18
N ASP D 1118 33.74 -2.16 54.86
CA ASP D 1118 34.26 -3.25 54.08
C ASP D 1118 35.78 -3.26 54.16
N TRP D 1119 36.37 -4.45 54.10
CA TRP D 1119 37.81 -4.51 53.92
C TRP D 1119 38.16 -3.92 52.57
N LYS D 1120 38.99 -2.89 52.58
CA LYS D 1120 39.34 -2.22 51.34
C LYS D 1120 40.83 -2.33 51.14
N GLU D 1121 41.26 -2.65 49.93
CA GLU D 1121 42.67 -2.95 49.72
C GLU D 1121 43.51 -1.69 49.66
N ILE D 1122 44.74 -1.80 50.18
CA ILE D 1122 45.75 -0.76 50.06
C ILE D 1122 46.59 -1.09 48.84
N THR D 1123 46.42 -0.34 47.76
CA THR D 1123 47.07 -0.67 46.52
C THR D 1123 48.54 -0.30 46.50
N CYS D 1124 49.01 0.56 47.39
CA CYS D 1124 50.42 0.86 47.38
C CYS D 1124 51.21 -0.39 47.74
N ALA D 1125 52.47 -0.40 47.35
CA ALA D 1125 53.35 -1.52 47.66
C ALA D 1125 53.95 -1.30 49.02
N VAL D 1126 53.32 -1.86 50.04
CA VAL D 1126 53.77 -1.73 51.42
C VAL D 1126 54.48 -3.02 51.79
N ASN D 1127 55.74 -2.90 52.18
CA ASN D 1127 56.61 -4.04 52.47
C ASN D 1127 57.27 -3.80 53.81
N PRO D 1128 56.53 -3.93 54.90
CA PRO D 1128 57.01 -3.53 56.21
C PRO D 1128 58.13 -4.44 56.67
N TYR D 1129 58.70 -4.09 57.81
CA TYR D 1129 59.77 -4.87 58.39
C TYR D 1129 59.36 -5.25 59.80
N GLY D 1130 59.38 -6.54 60.08
CA GLY D 1130 58.94 -6.96 61.39
C GLY D 1130 57.53 -6.57 61.73
N ASP D 1131 56.66 -6.51 60.73
CA ASP D 1131 55.23 -6.31 60.95
C ASP D 1131 54.96 -4.96 61.61
N MET D 1132 55.59 -3.92 61.10
CA MET D 1132 55.41 -2.58 61.59
C MET D 1132 54.64 -1.81 60.54
N VAL D 1133 53.32 -1.81 60.65
CA VAL D 1133 52.47 -0.96 59.83
C VAL D 1133 51.53 -0.24 60.77
N ARG D 1134 51.25 1.01 60.51
CA ARG D 1134 50.37 1.75 61.38
C ARG D 1134 49.45 2.62 60.55
N PRO D 1135 48.14 2.50 60.72
CA PRO D 1135 47.26 3.55 60.23
C PRO D 1135 47.30 4.73 61.18
N VAL D 1136 46.96 5.89 60.65
CA VAL D 1136 46.80 7.07 61.49
C VAL D 1136 45.96 8.05 60.73
N ILE D 1137 45.07 8.73 61.45
CA ILE D 1137 44.19 9.73 60.87
C ILE D 1137 44.80 11.08 61.13
N PHE D 1138 45.30 11.70 60.06
CA PHE D 1138 45.99 12.97 60.16
C PHE D 1138 45.21 13.97 59.32
N HIS D 1139 44.51 14.88 59.98
CA HIS D 1139 43.59 15.81 59.33
C HIS D 1139 42.50 15.05 58.60
N SER D 1140 41.82 14.20 59.36
CA SER D 1140 40.63 13.50 58.90
C SER D 1140 40.92 12.58 57.72
N ARG D 1141 42.18 12.36 57.40
CA ARG D 1141 42.56 11.56 56.25
C ARG D 1141 43.39 10.38 56.70
N LEU D 1142 43.05 9.19 56.23
CA LEU D 1142 43.78 8.00 56.62
C LEU D 1142 45.17 8.03 56.02
N TYR D 1143 46.18 7.87 56.87
CA TYR D 1143 47.56 7.73 56.47
C TYR D 1143 48.02 6.34 56.83
N LEU D 1144 48.78 5.71 55.96
CA LEU D 1144 49.44 4.46 56.30
C LEU D 1144 50.90 4.76 56.56
N LEU D 1145 51.58 3.82 57.20
CA LEU D 1145 52.89 4.13 57.73
C LEU D 1145 53.59 2.84 58.10
N TRP D 1146 54.80 2.64 57.58
CA TRP D 1146 55.51 1.42 57.85
C TRP D 1146 56.99 1.69 57.80
N ILE D 1147 57.77 0.75 58.30
CA ILE D 1147 59.22 0.86 58.33
C ILE D 1147 59.79 -0.21 57.44
N GLU D 1148 60.68 0.18 56.55
CA GLU D 1148 61.19 -0.70 55.51
C GLU D 1148 62.67 -0.94 55.74
N LYS D 1149 63.05 -2.20 55.92
CA LYS D 1149 64.45 -2.55 56.11
C LYS D 1149 65.04 -3.10 54.83
N GLN D 1150 66.22 -2.61 54.48
CA GLN D 1150 66.87 -2.94 53.22
C GLN D 1150 68.33 -3.27 53.49
N VAL D 1151 68.77 -4.44 53.05
CA VAL D 1151 70.10 -4.93 53.36
C VAL D 1151 71.11 -4.36 52.38
N GLN D 1152 72.24 -3.87 52.90
CA GLN D 1152 73.26 -3.25 52.07
C GLN D 1152 74.63 -3.82 52.38
N LYS D 1153 75.67 -3.15 51.89
CA LYS D 1153 77.05 -3.50 52.20
C LYS D 1153 77.92 -2.26 52.05
N ASP D 1154 78.79 -2.04 53.04
CA ASP D 1154 79.69 -0.91 53.00
C ASP D 1154 80.68 -1.05 51.86
N ASN D 1155 81.47 0.00 51.62
CA ASN D 1155 82.60 -0.13 50.73
C ASN D 1155 83.55 -1.20 51.24
N THR D 1156 83.75 -1.26 52.55
CA THR D 1156 84.53 -2.30 53.19
C THR D 1156 83.70 -3.58 53.22
N GLY D 1157 84.24 -4.66 53.81
CA GLY D 1157 83.53 -5.91 53.78
C GLY D 1157 82.27 -5.93 54.61
N LYS D 1158 82.13 -5.05 55.59
CA LYS D 1158 81.01 -5.06 56.51
C LYS D 1158 79.71 -4.80 55.77
N ASP D 1159 78.67 -5.53 56.18
CA ASP D 1159 77.38 -5.50 55.50
C ASP D 1159 76.32 -4.96 56.44
N THR D 1160 75.89 -3.75 56.19
CA THR D 1160 74.91 -3.08 57.01
C THR D 1160 73.50 -3.35 56.51
N ALA D 1161 72.56 -2.55 57.01
CA ALA D 1161 71.15 -2.67 56.71
C ALA D 1161 70.54 -1.31 56.96
N SER D 1162 69.95 -0.71 55.93
CA SER D 1162 69.41 0.64 56.01
C SER D 1162 67.90 0.57 56.26
N PHE D 1163 67.41 1.48 57.08
CA PHE D 1163 66.01 1.54 57.44
C PHE D 1163 65.37 2.80 56.89
N THR D 1164 64.12 2.68 56.46
CA THR D 1164 63.42 3.80 55.86
C THR D 1164 62.02 3.83 56.43
N LEU D 1165 61.56 5.02 56.80
CA LEU D 1165 60.17 5.19 57.18
C LEU D 1165 59.39 5.67 55.97
N LYS D 1166 58.31 4.99 55.67
CA LYS D 1166 57.50 5.32 54.51
C LYS D 1166 56.12 5.71 54.97
N LEU D 1167 55.51 6.62 54.22
CA LEU D 1167 54.27 7.26 54.68
C LEU D 1167 53.44 7.62 53.47
N THR D 1168 52.20 7.15 53.43
CA THR D 1168 51.31 7.40 52.32
C THR D 1168 49.91 7.68 52.84
N HIS D 1169 49.00 8.03 51.94
CA HIS D 1169 47.63 8.33 52.35
C HIS D 1169 46.69 8.08 51.20
N VAL D 1170 45.40 7.96 51.53
CA VAL D 1170 44.37 7.85 50.51
C VAL D 1170 44.09 9.22 49.92
N LYS D 1171 44.01 9.27 48.61
CA LYS D 1171 43.53 10.43 47.91
C LYS D 1171 42.01 10.38 47.88
N TYR D 1172 41.39 11.46 47.42
CA TYR D 1172 39.94 11.51 47.46
C TYR D 1172 39.30 10.42 46.62
N ASP D 1173 39.95 10.02 45.53
CA ASP D 1173 39.41 8.98 44.68
C ASP D 1173 39.83 7.60 45.13
N GLY D 1174 40.20 7.44 46.40
CA GLY D 1174 40.45 6.14 46.95
C GLY D 1174 41.74 5.49 46.54
N SER D 1175 42.51 6.13 45.66
CA SER D 1175 43.85 5.62 45.38
C SER D 1175 44.80 6.09 46.46
N TRP D 1176 45.98 5.50 46.48
CA TRP D 1176 46.94 5.76 47.52
C TRP D 1176 48.08 6.59 46.95
N ALA D 1177 48.50 7.59 47.70
CA ALA D 1177 49.55 8.44 47.20
C ALA D 1177 50.88 7.69 47.19
N SER D 1178 51.79 8.17 46.37
CA SER D 1178 53.12 7.61 46.33
C SER D 1178 53.84 7.93 47.63
N PRO D 1179 54.45 6.94 48.28
CA PRO D 1179 54.87 7.12 49.66
C PRO D 1179 56.07 8.03 49.77
N PHE D 1180 56.03 8.92 50.75
CA PHE D 1180 57.21 9.68 51.10
C PHE D 1180 58.17 8.75 51.81
N SER D 1181 59.42 9.16 51.97
CA SER D 1181 60.35 8.29 52.67
C SER D 1181 61.27 9.15 53.50
N TYR D 1182 61.67 8.62 54.64
CA TYR D 1182 62.57 9.31 55.55
C TYR D 1182 63.62 8.31 55.99
N ASP D 1183 64.89 8.65 55.81
CA ASP D 1183 65.93 7.76 56.25
C ASP D 1183 66.00 7.76 57.77
N ILE D 1184 66.01 6.58 58.34
CA ILE D 1184 65.80 6.39 59.76
C ILE D 1184 67.03 5.80 60.43
N THR D 1185 67.77 4.97 59.70
CA THR D 1185 68.89 4.26 60.29
C THR D 1185 69.89 5.22 60.90
N GLU D 1186 69.97 5.23 62.23
CA GLU D 1186 71.02 5.92 62.94
C GLU D 1186 71.55 5.02 64.04
N LYS D 1187 72.42 4.08 63.67
CA LYS D 1187 73.34 3.41 64.59
C LYS D 1187 72.66 2.72 65.75
N ASN D 1188 71.35 2.76 65.83
CA ASN D 1188 70.70 2.25 67.02
C ASN D 1188 69.50 1.37 66.72
N ILE D 1189 68.65 1.77 65.77
CA ILE D 1189 67.57 0.89 65.34
C ILE D 1189 68.14 -0.32 64.61
N SER D 1190 69.27 -0.16 63.93
CA SER D 1190 69.99 -1.32 63.44
C SER D 1190 70.36 -2.25 64.58
N GLY D 1191 70.60 -1.69 65.76
CA GLY D 1191 71.02 -2.45 66.90
C GLY D 1191 69.92 -3.01 67.76
N TRP D 1192 68.70 -2.51 67.63
CA TRP D 1192 67.61 -3.05 68.41
C TRP D 1192 67.28 -4.46 67.92
N LYS D 1193 66.29 -5.05 68.56
CA LYS D 1193 65.77 -6.35 68.15
C LYS D 1193 64.36 -6.40 68.67
N LYS D 1194 63.43 -6.84 67.83
CA LYS D 1194 62.02 -6.72 68.14
C LYS D 1194 61.65 -5.28 68.41
N THR D 1195 61.68 -4.42 67.40
CA THR D 1195 61.20 -3.07 67.58
C THR D 1195 59.74 -2.95 67.19
N GLY D 1196 59.16 -1.79 67.48
CA GLY D 1196 57.79 -1.50 67.09
C GLY D 1196 57.63 -0.01 66.96
N LEU D 1197 56.74 0.42 66.07
CA LEU D 1197 56.58 1.84 65.81
C LEU D 1197 55.26 2.33 66.34
N TYR D 1198 55.23 3.62 66.63
CA TYR D 1198 54.08 4.28 67.22
C TYR D 1198 53.72 5.45 66.33
N CYS D 1199 52.44 5.76 66.22
CA CYS D 1199 52.01 6.89 65.41
C CYS D 1199 50.70 7.41 65.92
N ALA D 1200 50.62 8.73 66.09
CA ALA D 1200 49.41 9.34 66.59
C ALA D 1200 49.39 10.79 66.15
N ALA D 1201 48.19 11.27 65.84
CA ALA D 1201 48.03 12.67 65.52
C ALA D 1201 48.04 13.48 66.80
N SER D 1202 48.04 14.81 66.65
CA SER D 1202 48.08 15.70 67.80
C SER D 1202 46.96 16.71 67.67
N GLN D 1203 46.19 16.88 68.74
CA GLN D 1203 45.16 17.91 68.74
C GLN D 1203 45.74 19.32 68.85
N GLU D 1204 46.95 19.44 69.36
CA GLU D 1204 47.69 20.69 69.40
C GLU D 1204 48.82 20.59 68.40
N ASP D 1205 49.10 21.68 67.68
CA ASP D 1205 50.20 21.69 66.71
C ASP D 1205 50.05 20.55 65.72
N ASN D 1206 49.01 20.67 64.89
CA ASN D 1206 48.66 19.59 63.98
C ASN D 1206 49.89 19.05 63.27
N SER D 1207 50.25 17.83 63.65
CA SER D 1207 51.44 17.17 63.15
C SER D 1207 51.26 15.69 63.42
N LEU D 1208 52.27 14.90 63.10
CA LEU D 1208 52.25 13.47 63.33
C LEU D 1208 53.42 13.13 64.23
N LEU D 1209 53.13 12.61 65.40
CA LEU D 1209 54.18 12.09 66.24
C LEU D 1209 54.42 10.64 65.84
N ILE D 1210 55.54 10.38 65.21
CA ILE D 1210 55.97 9.02 64.90
C ILE D 1210 57.10 8.66 65.84
N ALA D 1211 57.19 7.40 66.20
CA ALA D 1211 58.20 6.99 67.16
C ALA D 1211 58.40 5.49 67.04
N TRP D 1212 59.61 5.09 66.71
CA TRP D 1212 60.01 3.69 66.79
C TRP D 1212 60.74 3.49 68.09
N TYR D 1213 60.46 2.40 68.77
CA TYR D 1213 61.03 2.17 70.08
C TYR D 1213 61.46 0.72 70.18
N GLN D 1214 62.43 0.46 71.04
CA GLN D 1214 62.84 -0.91 71.28
C GLN D 1214 61.79 -1.62 72.13
N ILE D 1215 61.69 -2.92 71.93
CA ILE D 1215 60.81 -3.74 72.76
C ILE D 1215 61.67 -4.64 73.61
N GLU D 1216 61.27 -4.80 74.86
CA GLU D 1216 61.80 -5.84 75.74
C GLU D 1216 60.57 -6.40 76.46
N LYS D 1217 60.78 -7.09 77.58
CA LYS D 1217 59.65 -7.37 78.45
C LYS D 1217 58.85 -6.10 78.70
N GLU D 1218 59.54 -5.01 79.01
CA GLU D 1218 58.96 -3.69 79.16
C GLU D 1218 59.08 -2.93 77.85
N THR D 1219 58.26 -1.90 77.73
CA THR D 1219 58.25 -1.11 76.51
C THR D 1219 59.38 -0.09 76.54
N GLN D 1220 59.91 0.19 75.37
CA GLN D 1220 60.66 1.42 75.13
C GLN D 1220 61.84 1.61 76.07
N PRO D 1221 62.78 0.67 76.16
CA PRO D 1221 64.07 1.03 76.72
C PRO D 1221 64.68 2.21 75.99
N ASN D 1222 64.67 2.18 74.66
CA ASN D 1222 65.13 3.29 73.85
C ASN D 1222 64.07 3.58 72.80
N SER D 1223 63.97 4.85 72.43
CA SER D 1223 62.94 5.26 71.49
C SER D 1223 63.38 6.52 70.79
N PHE D 1224 63.20 6.53 69.47
CA PHE D 1224 63.49 7.69 68.66
C PHE D 1224 62.19 8.21 68.09
N GLY D 1225 62.03 9.53 68.07
CA GLY D 1225 60.81 10.16 67.63
C GLY D 1225 61.00 10.90 66.33
N LEU D 1226 59.93 11.56 65.91
CA LEU D 1226 59.89 12.27 64.65
C LEU D 1226 58.58 13.03 64.61
N HIS D 1227 58.61 14.26 64.15
CA HIS D 1227 57.41 15.02 63.92
C HIS D 1227 57.29 15.31 62.44
N ILE D 1228 56.05 15.37 61.95
CA ILE D 1228 55.83 15.56 60.53
C ILE D 1228 54.76 16.62 60.34
N GLN D 1229 55.12 17.72 59.72
CA GLN D 1229 54.19 18.78 59.42
C GLN D 1229 53.36 18.39 58.21
N PRO D 1230 52.19 19.00 58.02
CA PRO D 1230 51.36 18.61 56.88
C PRO D 1230 52.04 18.80 55.54
N ASP D 1231 53.08 19.62 55.45
CA ASP D 1231 53.89 19.64 54.25
C ASP D 1231 54.79 18.43 54.15
N MET D 1232 54.62 17.47 55.06
CA MET D 1232 55.40 16.24 55.09
C MET D 1232 56.90 16.53 55.11
N SER D 1233 57.33 17.25 56.13
CA SER D 1233 58.72 17.56 56.37
C SER D 1233 59.16 17.06 57.75
N CYS D 1234 60.22 16.27 57.74
CA CYS D 1234 60.80 15.73 58.97
C CYS D 1234 61.15 16.86 59.94
N LYS D 1235 60.91 16.60 61.21
CA LYS D 1235 61.37 17.50 62.27
C LYS D 1235 61.61 16.64 63.50
N LYS D 1236 62.85 16.27 63.74
CA LYS D 1236 63.17 15.29 64.76
C LYS D 1236 62.72 15.77 66.13
N GLU D 1237 61.85 15.01 66.76
CA GLU D 1237 61.49 15.26 68.14
C GLU D 1237 62.67 14.85 69.02
N PRO D 1238 63.31 15.78 69.72
CA PRO D 1238 64.55 15.43 70.41
C PRO D 1238 64.34 14.66 71.68
N ASN D 1239 63.22 14.87 72.37
CA ASN D 1239 62.97 14.22 73.66
C ASN D 1239 61.61 13.55 73.56
N ILE D 1240 61.57 12.35 73.00
CA ILE D 1240 60.32 11.61 72.87
C ILE D 1240 60.17 10.55 73.93
N ALA D 1241 61.26 10.03 74.48
CA ALA D 1241 61.13 9.11 75.60
C ALA D 1241 60.30 9.72 76.71
N GLY D 1242 60.20 11.05 76.75
CA GLY D 1242 59.27 11.71 77.64
C GLY D 1242 57.84 11.75 77.16
N ILE D 1243 57.63 11.73 75.84
CA ILE D 1243 56.28 11.72 75.32
C ILE D 1243 55.73 10.30 75.29
N LEU D 1244 56.55 9.35 74.87
CA LEU D 1244 56.15 7.95 74.98
C LEU D 1244 55.95 7.54 76.42
N ALA D 1245 56.51 8.28 77.37
CA ALA D 1245 56.32 7.94 78.77
C ALA D 1245 54.87 8.09 79.20
N THR D 1246 54.15 9.06 78.66
CA THR D 1246 52.77 9.26 79.04
C THR D 1246 51.83 8.26 78.38
N VAL D 1247 52.14 7.84 77.17
CA VAL D 1247 51.28 6.92 76.44
C VAL D 1247 51.83 5.51 76.40
N THR D 1248 52.58 5.09 77.41
CA THR D 1248 53.14 3.74 77.41
C THR D 1248 52.07 2.66 77.50
N HIS D 1249 50.83 3.01 77.78
CA HIS D 1249 49.80 1.99 77.78
C HIS D 1249 49.37 1.61 76.39
N GLN D 1250 49.70 2.41 75.39
CA GLN D 1250 49.36 2.13 74.00
C GLN D 1250 50.49 1.50 73.23
N LEU D 1251 51.61 1.25 73.86
CA LEU D 1251 52.78 0.79 73.15
C LEU D 1251 52.88 -0.73 73.21
N ASP D 1252 53.44 -1.31 72.16
CA ASP D 1252 53.56 -2.75 72.11
C ASP D 1252 54.54 -3.23 73.17
N THR D 1253 54.42 -4.50 73.52
CA THR D 1253 55.41 -5.20 74.31
C THR D 1253 55.80 -6.45 73.54
N GLU D 1254 56.61 -7.29 74.16
CA GLU D 1254 57.03 -8.50 73.47
C GLU D 1254 55.87 -9.45 73.21
N THR D 1255 54.75 -9.27 73.89
CA THR D 1255 53.66 -10.22 73.84
C THR D 1255 52.29 -9.62 73.54
N THR D 1256 52.14 -8.30 73.57
CA THR D 1256 50.85 -7.70 73.32
C THR D 1256 50.95 -6.74 72.15
N VAL D 1257 49.80 -6.45 71.55
CA VAL D 1257 49.68 -5.49 70.47
C VAL D 1257 48.53 -4.58 70.82
N ARG D 1258 48.80 -3.28 70.89
CA ARG D 1258 47.82 -2.31 71.38
C ARG D 1258 47.63 -1.24 70.32
N VAL D 1259 46.39 -0.80 70.13
CA VAL D 1259 46.12 0.21 69.13
C VAL D 1259 46.35 1.58 69.77
N ASN D 1260 46.79 2.52 68.97
CA ASN D 1260 47.07 3.86 69.47
C ASN D 1260 45.84 4.72 69.33
N THR D 1261 45.73 5.71 70.20
CA THR D 1261 44.70 6.73 70.08
C THR D 1261 45.39 8.05 69.85
N LEU D 1262 44.63 9.07 69.46
CA LEU D 1262 45.28 10.34 69.21
C LEU D 1262 45.84 10.91 70.50
N LEU D 1263 46.74 11.87 70.35
CA LEU D 1263 47.39 12.44 71.50
C LEU D 1263 46.44 13.35 72.26
N ASN D 1264 46.43 13.21 73.58
CA ASN D 1264 45.65 14.09 74.42
C ASN D 1264 46.14 15.51 74.31
N ARG D 1265 45.20 16.45 74.44
CA ARG D 1265 45.60 17.82 74.71
C ARG D 1265 46.24 17.88 76.09
N ILE D 1266 47.22 18.77 76.25
CA ILE D 1266 47.81 18.92 77.57
C ILE D 1266 46.86 19.60 78.53
N SER D 1267 45.93 20.42 78.02
CA SER D 1267 45.04 21.22 78.84
C SER D 1267 43.65 21.22 78.24
N SER D 1268 42.68 20.69 78.97
CA SER D 1268 41.31 20.60 78.52
C SER D 1268 40.55 21.86 78.88
N PHE D 1269 39.90 22.47 77.88
CA PHE D 1269 39.20 23.72 78.10
C PHE D 1269 37.75 23.43 78.47
N GLU D 1270 37.19 24.29 79.31
CA GLU D 1270 35.80 24.18 79.71
C GLU D 1270 35.21 25.59 79.73
N PHE D 1271 33.95 25.70 79.30
CA PHE D 1271 33.30 26.98 79.15
C PHE D 1271 31.97 26.97 79.87
N THR D 1272 31.90 27.60 81.03
CA THR D 1272 30.63 27.79 81.71
C THR D 1272 29.71 28.61 80.82
N LEU D 1273 28.48 28.14 80.65
CA LEU D 1273 27.60 28.67 79.63
C LEU D 1273 27.24 30.13 79.83
N GLU D 1274 27.34 30.64 81.05
CA GLU D 1274 26.94 32.01 81.32
C GLU D 1274 27.27 32.38 82.74
N LYS D 1275 27.45 33.67 82.98
CA LYS D 1275 27.37 34.22 84.32
C LYS D 1275 26.18 35.16 84.45
N GLN D 1276 26.05 36.13 83.54
CA GLN D 1276 24.88 37.00 83.46
C GLN D 1276 24.61 37.28 82.00
N GLU D 1277 23.37 37.58 81.64
CA GLU D 1277 23.05 37.81 80.23
C GLU D 1277 22.48 39.18 79.93
N GLY D 1278 22.23 40.01 80.92
CA GLY D 1278 21.73 41.35 80.65
C GLY D 1278 20.33 41.39 80.08
N ASN D 1279 20.18 42.09 78.94
CA ASN D 1279 18.88 42.25 78.29
C ASN D 1279 18.37 40.90 77.81
N LYS D 1280 17.29 40.42 78.42
CA LYS D 1280 16.75 39.09 78.14
C LYS D 1280 15.76 39.16 76.99
N GLU D 1281 16.19 39.79 75.92
CA GLU D 1281 15.42 39.76 74.67
C GLU D 1281 16.23 39.17 73.54
N ILE D 1282 17.52 39.50 73.47
CA ILE D 1282 18.45 38.91 72.53
C ILE D 1282 19.25 37.86 73.27
N ASP D 1283 19.18 36.61 72.79
CA ASP D 1283 19.80 35.51 73.51
C ASP D 1283 21.30 35.72 73.67
N LEU D 1284 21.96 36.25 72.64
CA LEU D 1284 23.35 36.70 72.69
C LEU D 1284 24.27 35.62 73.29
N VAL D 1285 24.29 34.47 72.63
CA VAL D 1285 25.13 33.35 73.04
C VAL D 1285 26.29 33.27 72.06
N ILE D 1286 27.47 32.92 72.57
CA ILE D 1286 28.65 32.78 71.77
C ILE D 1286 28.95 31.29 71.60
N SER D 1287 29.89 30.97 70.73
CA SER D 1287 30.37 29.60 70.62
C SER D 1287 31.83 29.62 70.21
N HIS D 1288 32.68 29.02 71.05
CA HIS D 1288 34.11 28.97 70.81
C HIS D 1288 34.39 27.88 69.79
N GLY D 1289 34.61 28.27 68.55
CA GLY D 1289 34.85 27.28 67.52
C GLY D 1289 36.07 26.43 67.81
N ASP D 1290 37.26 27.00 67.66
CA ASP D 1290 38.49 26.31 67.96
C ASP D 1290 39.13 26.96 69.18
N TYR D 1291 39.94 26.19 69.91
CA TYR D 1291 40.67 26.77 71.02
C TYR D 1291 41.91 25.93 71.30
N THR D 1292 43.01 26.59 71.58
CA THR D 1292 44.26 25.93 71.93
C THR D 1292 45.18 26.97 72.55
N VAL D 1293 46.36 26.53 72.96
CA VAL D 1293 47.37 27.44 73.46
C VAL D 1293 48.66 27.18 72.69
N LYS D 1294 49.26 28.26 72.23
CA LYS D 1294 50.52 28.17 71.51
C LYS D 1294 51.66 28.02 72.54
N THR D 1295 52.89 28.31 72.14
CA THR D 1295 53.99 28.26 73.10
C THR D 1295 53.77 29.20 74.29
N GLU D 1296 53.16 30.36 74.06
CA GLU D 1296 53.04 31.38 75.10
C GLU D 1296 51.69 32.08 75.15
N ASN D 1297 50.77 31.79 74.23
CA ASN D 1297 49.51 32.53 74.19
C ASN D 1297 48.38 31.62 73.74
N SER D 1298 47.17 31.95 74.18
CA SER D 1298 45.99 31.16 73.92
C SER D 1298 45.22 31.81 72.80
N ILE D 1299 45.01 31.07 71.71
CA ILE D 1299 44.24 31.55 70.59
C ILE D 1299 42.85 30.94 70.68
N SER D 1300 41.90 31.59 70.04
CA SER D 1300 40.52 31.15 70.06
C SER D 1300 39.80 31.68 68.84
N ALA D 1301 38.67 31.05 68.54
CA ALA D 1301 37.83 31.46 67.41
C ALA D 1301 36.41 31.57 67.94
N LEU D 1302 35.78 32.71 67.70
CA LEU D 1302 34.51 33.02 68.34
C LEU D 1302 33.47 33.40 67.29
N ILE D 1303 32.22 32.98 67.55
CA ILE D 1303 31.08 33.36 66.73
C ILE D 1303 29.93 33.74 67.65
N LEU D 1304 29.24 34.81 67.28
CA LEU D 1304 28.24 35.42 68.15
C LEU D 1304 26.90 35.45 67.44
N ASN D 1305 25.85 35.00 68.12
CA ASN D 1305 24.54 34.83 67.51
C ASN D 1305 23.45 35.55 68.30
N PRO D 1306 22.88 36.63 67.79
CA PRO D 1306 21.75 37.27 68.45
C PRO D 1306 20.41 36.75 67.91
N THR D 1307 19.32 37.24 68.51
CA THR D 1307 17.98 36.88 68.04
C THR D 1307 17.55 37.72 66.83
N ALA D 1308 17.32 39.02 67.05
CA ALA D 1308 16.92 39.97 66.00
C ALA D 1308 15.63 39.51 65.30
N TYR D 1309 14.55 39.53 66.06
CA TYR D 1309 13.24 39.09 65.58
C TYR D 1309 12.25 40.25 65.64
N ILE D 1310 10.97 39.93 65.43
CA ILE D 1310 9.90 40.92 65.29
C ILE D 1310 9.70 41.62 66.63
N ASN D 1311 8.85 42.65 66.62
CA ASN D 1311 8.39 43.42 67.78
C ASN D 1311 9.42 44.41 68.30
N ILE D 1312 10.37 44.80 67.46
CA ILE D 1312 11.20 45.96 67.78
C ILE D 1312 10.32 47.20 67.63
N THR D 1313 9.88 47.75 68.77
CA THR D 1313 8.96 48.85 69.04
C THR D 1313 9.71 50.19 68.99
N PRO D 1314 9.14 51.22 68.34
CA PRO D 1314 7.84 51.22 67.67
C PRO D 1314 7.85 50.56 66.30
N TYR D 1315 6.76 50.69 65.58
CA TYR D 1315 6.62 50.10 64.26
C TYR D 1315 6.54 51.20 63.22
N LYS D 1316 6.90 50.84 61.98
CA LYS D 1316 6.59 51.68 60.83
C LYS D 1316 5.57 51.03 59.90
N LEU D 1317 5.82 49.81 59.40
CA LEU D 1317 7.04 49.00 59.52
C LEU D 1317 7.65 48.82 58.14
N PHE D 1318 7.48 49.84 57.30
CA PHE D 1318 7.58 49.66 55.86
C PHE D 1318 8.95 49.12 55.46
N SER D 1319 9.99 49.90 55.67
CA SER D 1319 11.28 49.62 55.05
C SER D 1319 12.38 49.60 56.10
N ASP D 1320 13.34 48.70 55.88
CA ASP D 1320 14.57 48.65 56.65
C ASP D 1320 15.72 48.99 55.73
N ILE D 1321 16.42 50.08 56.04
CA ILE D 1321 17.62 50.46 55.32
C ILE D 1321 18.81 49.88 56.09
N PRO D 1322 19.57 48.96 55.52
CA PRO D 1322 20.71 48.35 56.19
C PRO D 1322 22.02 49.00 55.79
N ILE D 1447 10.31 58.61 68.10
CA ILE D 1447 11.71 58.46 68.52
C ILE D 1447 12.01 56.97 68.69
N ALA D 1448 13.12 56.51 68.13
CA ALA D 1448 13.41 55.08 68.11
C ALA D 1448 14.92 54.86 68.05
N GLN D 1449 15.31 53.64 67.70
CA GLN D 1449 16.68 53.16 67.75
C GLN D 1449 17.35 53.26 66.39
N VAL D 1450 18.47 52.55 66.23
CA VAL D 1450 19.28 52.58 65.01
C VAL D 1450 18.71 51.55 64.04
N LYS D 1451 17.98 52.02 63.03
CA LYS D 1451 17.60 51.17 61.91
C LYS D 1451 18.67 51.13 60.83
N THR D 1452 19.68 52.00 60.93
CA THR D 1452 20.78 52.12 59.98
C THR D 1452 21.99 51.28 60.42
N ILE D 1453 23.15 51.58 59.80
CA ILE D 1453 24.41 50.86 59.92
C ILE D 1453 24.68 50.34 61.34
N SER D 1454 25.23 49.13 61.42
CA SER D 1454 25.55 48.46 62.69
C SER D 1454 27.05 48.25 62.84
N SER D 1455 27.85 49.29 62.60
CA SER D 1455 29.30 49.20 62.62
C SER D 1455 29.86 49.05 64.03
N ASP D 1456 30.81 48.13 64.18
CA ASP D 1456 31.55 47.95 65.43
C ASP D 1456 30.63 47.71 66.61
N ASP D 1457 29.47 47.11 66.35
CA ASP D 1457 28.45 46.99 67.38
C ASP D 1457 28.76 45.88 68.36
N ILE D 1458 29.48 44.85 67.93
CA ILE D 1458 29.76 43.71 68.79
C ILE D 1458 31.24 43.73 69.12
N SER D 1459 31.59 43.14 70.26
CA SER D 1459 32.96 43.23 70.74
C SER D 1459 33.18 42.22 71.84
N MET D 1460 34.32 41.53 71.81
CA MET D 1460 34.72 40.63 72.87
C MET D 1460 35.77 41.30 73.74
N GLU D 1461 35.66 41.10 75.05
CA GLU D 1461 36.60 41.70 76.00
C GLU D 1461 37.02 40.60 76.98
N ILE D 1462 38.08 39.87 76.62
CA ILE D 1462 38.59 38.84 77.50
C ILE D 1462 39.24 39.47 78.72
N GLU D 1463 38.94 38.91 79.89
CA GLU D 1463 39.53 39.38 81.14
C GLU D 1463 40.62 38.40 81.56
N LEU D 1464 41.86 38.86 81.55
CA LEU D 1464 42.98 38.02 81.93
C LEU D 1464 43.08 37.98 83.45
N ASN D 1465 44.15 37.38 83.99
CA ASN D 1465 44.26 37.24 85.44
C ASN D 1465 44.08 38.57 86.15
N SER D 1466 44.68 39.64 85.63
CA SER D 1466 44.51 40.95 86.23
C SER D 1466 44.14 41.98 85.16
N THR D 1467 44.55 41.71 83.93
CA THR D 1467 44.39 42.65 82.82
C THR D 1467 43.19 42.26 81.99
N LYS D 1468 42.99 42.98 80.89
CA LYS D 1468 41.92 42.67 79.97
C LYS D 1468 42.28 43.24 78.62
N PHE D 1469 41.76 42.62 77.57
CA PHE D 1469 42.10 43.04 76.23
C PHE D 1469 40.85 43.00 75.37
N GLU D 1470 40.48 44.18 74.87
CA GLU D 1470 39.15 44.46 74.34
C GLU D 1470 39.24 44.64 72.82
N THR D 1471 38.71 43.68 72.09
CA THR D 1471 38.70 43.75 70.64
C THR D 1471 37.28 43.90 70.14
N ILE D 1472 37.10 44.77 69.13
CA ILE D 1472 35.77 45.06 68.62
C ILE D 1472 35.75 44.57 67.18
N THR D 1473 34.57 44.23 66.70
CA THR D 1473 34.47 43.65 65.37
C THR D 1473 34.79 44.65 64.27
N GLY D 1474 34.61 45.95 64.54
CA GLY D 1474 35.02 46.95 63.57
C GLY D 1474 36.51 46.87 63.28
N SER D 1475 37.25 46.18 64.15
CA SER D 1475 38.66 45.89 63.95
C SER D 1475 38.90 44.52 63.35
N ASP D 1476 37.86 43.75 63.06
CA ASP D 1476 38.03 42.45 62.42
C ASP D 1476 37.35 42.37 61.07
N VAL D 1477 36.05 42.60 60.97
CA VAL D 1477 35.25 42.18 59.81
C VAL D 1477 34.76 43.41 59.07
N GLY D 1478 34.79 43.32 57.74
CA GLY D 1478 34.05 44.23 56.90
C GLY D 1478 32.68 43.72 56.53
N LEU D 1479 32.42 42.45 56.85
CA LEU D 1479 31.11 41.85 56.63
C LEU D 1479 30.22 42.17 57.82
N ARG D 1480 29.04 42.69 57.54
CA ARG D 1480 28.08 43.08 58.57
C ARG D 1480 26.78 42.33 58.31
N PRO D 1481 26.27 41.58 59.27
CA PRO D 1481 24.97 40.94 59.10
C PRO D 1481 23.86 41.98 59.21
N PRO D 1482 23.10 42.19 58.15
CA PRO D 1482 22.07 43.23 58.18
C PRO D 1482 20.85 42.82 58.97
N LEU D 1483 20.20 43.82 59.57
CA LEU D 1483 18.95 43.55 60.29
C LEU D 1483 17.89 43.03 59.33
N TYR D 1484 17.91 43.51 58.09
CA TYR D 1484 17.22 42.85 56.98
C TYR D 1484 17.91 41.51 56.79
N PRO D 1485 17.19 40.39 56.63
CA PRO D 1485 15.78 40.08 56.35
C PRO D 1485 14.81 40.35 57.50
N THR D 1486 14.23 41.55 57.53
CA THR D 1486 13.33 41.99 58.60
C THR D 1486 12.32 40.94 59.02
N VAL D 1487 12.00 39.99 58.13
CA VAL D 1487 11.13 38.87 58.50
C VAL D 1487 11.62 38.24 59.79
N SER D 1488 10.68 37.83 60.63
CA SER D 1488 10.98 37.61 62.04
C SER D 1488 11.92 36.44 62.27
N ARG D 1489 12.50 36.40 63.47
CA ARG D 1489 13.21 35.28 64.07
C ARG D 1489 14.42 34.86 63.25
N GLU D 1490 14.83 35.66 62.29
CA GLU D 1490 16.13 35.48 61.64
C GLU D 1490 17.24 35.91 62.60
N THR D 1491 18.15 34.99 62.91
CA THR D 1491 19.32 35.27 63.73
C THR D 1491 20.53 35.56 62.84
N LEU D 1492 21.50 36.23 63.42
CA LEU D 1492 22.69 36.66 62.70
C LEU D 1492 23.93 36.02 63.30
N ALA D 1493 25.04 36.15 62.59
CA ALA D 1493 26.30 35.57 63.03
C ALA D 1493 27.39 36.61 62.89
N PHE D 1494 28.24 36.68 63.91
CA PHE D 1494 29.39 37.58 63.92
C PHE D 1494 30.63 36.71 64.09
N PRO D 1495 31.31 36.37 63.00
CA PRO D 1495 32.51 35.55 63.12
C PRO D 1495 33.75 36.37 63.40
N PHE D 1496 34.57 35.86 64.30
CA PHE D 1496 35.83 36.47 64.70
C PHE D 1496 36.98 35.61 64.19
N GLY D 1497 38.02 36.25 63.66
CA GLY D 1497 39.07 35.48 63.03
C GLY D 1497 40.28 35.17 63.86
N LYS D 1498 40.31 33.98 64.47
CA LYS D 1498 41.50 33.42 65.11
C LYS D 1498 42.12 34.42 66.08
N LEU D 1499 41.36 34.73 67.13
CA LEU D 1499 41.77 35.75 68.10
C LEU D 1499 42.95 35.24 68.89
N SER D 1500 44.16 35.54 68.43
CA SER D 1500 45.36 35.20 69.15
C SER D 1500 45.47 36.12 70.34
N ILE D 1501 44.84 35.74 71.44
CA ILE D 1501 44.68 36.60 72.61
C ILE D 1501 45.97 36.54 73.39
N THR D 1502 46.67 37.67 73.43
CA THR D 1502 47.94 37.80 74.11
C THR D 1502 47.79 38.73 75.31
N ILE D 1503 48.43 38.39 76.41
CA ILE D 1503 49.19 37.16 76.53
C ILE D 1503 49.10 36.69 77.98
N PRO D 1504 48.97 35.39 78.19
CA PRO D 1504 49.15 34.86 79.54
C PRO D 1504 50.61 34.96 79.95
N ALA D 1505 50.90 35.86 80.89
CA ALA D 1505 52.25 36.05 81.40
C ALA D 1505 52.20 36.00 82.92
N GLY D 1506 53.31 35.66 83.55
CA GLY D 1506 53.38 35.62 85.00
C GLY D 1506 52.42 34.63 85.64
N ALA D 1507 51.77 33.81 84.83
CA ALA D 1507 50.84 32.80 85.31
C ALA D 1507 51.49 31.43 85.19
N ASP D 1508 51.20 30.55 86.14
CA ASP D 1508 51.69 29.18 86.10
C ASP D 1508 50.97 28.43 84.99
N ILE D 1509 51.72 28.00 83.99
CA ILE D 1509 51.19 27.34 82.81
C ILE D 1509 51.54 25.86 82.88
N ASN D 1510 50.55 25.02 83.18
CA ASN D 1510 49.19 25.47 83.47
C ASN D 1510 48.75 24.91 84.81
N ASN D 1511 49.02 25.64 85.90
CA ASN D 1511 48.68 25.19 87.23
C ASN D 1511 47.51 25.96 87.83
N LEU D 1512 47.54 27.29 87.73
CA LEU D 1512 46.45 28.16 88.17
C LEU D 1512 46.04 29.05 87.01
N ASP D 1513 45.81 28.40 85.87
CA ASP D 1513 45.55 29.04 84.59
C ASP D 1513 44.08 29.33 84.33
N CYS D 1514 43.22 29.17 85.33
CA CYS D 1514 41.80 29.45 85.17
C CYS D 1514 41.62 30.96 85.14
N THR D 1515 41.64 31.54 83.94
CA THR D 1515 41.34 32.94 83.77
C THR D 1515 39.95 33.20 84.32
N ILE D 1516 39.75 34.40 84.85
CA ILE D 1516 38.48 34.71 85.52
C ILE D 1516 37.32 34.47 84.57
N LYS D 1517 37.29 35.19 83.44
CA LYS D 1517 36.18 35.04 82.51
C LYS D 1517 36.52 35.66 81.17
N VAL D 1518 35.66 35.36 80.20
CA VAL D 1518 35.68 35.94 78.85
C VAL D 1518 34.32 36.56 78.63
N ARG D 1519 34.28 37.88 78.45
CA ARG D 1519 33.04 38.63 78.43
C ARG D 1519 32.96 39.43 77.14
N PHE D 1520 31.80 39.43 76.51
CA PHE D 1520 31.58 40.24 75.32
C PHE D 1520 30.28 41.00 75.42
N LYS D 1521 30.12 41.99 74.54
CA LYS D 1521 29.06 42.99 74.67
C LYS D 1521 28.58 43.38 73.28
N ASN D 1522 27.36 43.00 72.93
CA ASN D 1522 26.72 43.59 71.75
C ASN D 1522 26.24 44.98 72.14
N THR D 1523 27.15 45.94 72.20
CA THR D 1523 26.81 47.28 72.65
C THR D 1523 26.08 47.95 71.49
N ASP D 1524 24.81 48.24 71.72
CA ASP D 1524 23.96 48.95 70.78
C ASP D 1524 22.74 49.38 71.56
N VAL D 1525 21.98 50.33 71.02
CA VAL D 1525 20.79 50.79 71.71
C VAL D 1525 19.81 49.62 71.82
N LEU D 1526 19.38 49.32 73.05
CA LEU D 1526 18.62 48.11 73.35
C LEU D 1526 19.39 46.85 72.94
N ALA D 1527 20.51 46.62 73.62
CA ALA D 1527 21.34 45.46 73.37
C ALA D 1527 22.23 45.23 74.59
N ALA D 1528 22.80 44.04 74.68
CA ALA D 1528 23.26 43.55 75.97
C ALA D 1528 24.62 42.89 75.87
N THR D 1529 24.98 42.19 76.95
CA THR D 1529 26.24 41.50 77.11
C THR D 1529 26.00 40.15 77.75
N THR D 1530 26.93 39.22 77.52
CA THR D 1530 27.00 37.97 78.24
C THR D 1530 28.47 37.65 78.47
N THR D 1531 28.73 36.77 79.43
CA THR D 1531 30.10 36.44 79.79
C THR D 1531 30.24 34.94 80.05
N TYR D 1532 31.43 34.44 79.73
CA TYR D 1532 31.77 33.03 79.89
C TYR D 1532 33.07 32.91 80.64
N LYS D 1533 33.24 31.81 81.34
CA LYS D 1533 34.41 31.57 82.17
C LYS D 1533 35.29 30.50 81.53
N LEU D 1534 36.58 30.77 81.42
CA LEU D 1534 37.52 29.83 80.84
C LEU D 1534 38.19 29.01 81.93
N VAL D 1535 38.04 27.70 81.85
CA VAL D 1535 38.31 26.81 82.98
C VAL D 1535 39.37 25.80 82.58
N ILE D 1536 40.33 26.24 81.76
CA ILE D 1536 41.43 25.37 81.34
C ILE D 1536 42.03 24.64 82.53
N LYS D 1537 42.28 23.34 82.35
CA LYS D 1537 42.80 22.54 83.44
C LYS D 1537 43.48 21.31 82.87
N LYS D 1538 44.72 21.08 83.30
CA LYS D 1538 45.49 19.95 82.79
C LYS D 1538 44.96 18.64 83.35
N THR D 1539 44.69 17.71 82.44
CA THR D 1539 44.05 16.44 82.78
C THR D 1539 44.91 15.30 82.24
N ASP D 1540 44.55 14.08 82.66
CA ASP D 1540 45.31 12.91 82.20
C ASP D 1540 44.50 11.63 82.33
N PRO D 1541 43.65 11.31 81.35
CA PRO D 1541 42.96 10.01 81.35
C PRO D 1541 43.94 8.87 81.11
N VAL D 1542 44.16 8.04 82.12
CA VAL D 1542 45.28 7.12 82.13
C VAL D 1542 44.79 5.70 81.83
N GLN D 1543 45.59 4.96 81.06
CA GLN D 1543 45.47 3.51 80.93
C GLN D 1543 44.07 3.08 80.50
N LYS D 1544 43.57 3.75 79.47
CA LYS D 1544 42.39 3.29 78.74
C LYS D 1544 42.91 2.53 77.52
N VAL D 1545 43.33 1.30 77.77
CA VAL D 1545 44.09 0.55 76.77
C VAL D 1545 43.15 -0.31 75.94
N ILE D 1546 43.42 -0.38 74.65
CA ILE D 1546 42.66 -1.16 73.70
C ILE D 1546 43.62 -1.97 72.86
N SER D 1547 43.53 -3.29 72.96
CA SER D 1547 44.59 -4.15 72.47
C SER D 1547 44.02 -5.20 71.55
N LEU D 1548 44.90 -5.81 70.77
CA LEU D 1548 44.53 -6.85 69.82
C LEU D 1548 45.17 -8.16 70.24
N TYR D 1549 44.42 -9.25 70.13
CA TYR D 1549 44.93 -10.55 70.53
C TYR D 1549 44.66 -11.55 69.43
N THR D 1550 45.29 -12.71 69.55
CA THR D 1550 45.07 -13.82 68.65
C THR D 1550 45.18 -15.11 69.44
N THR D 1551 44.06 -15.80 69.60
CA THR D 1551 44.07 -17.01 70.39
C THR D 1551 44.95 -18.05 69.72
N PRO D 1552 45.50 -19.00 70.48
CA PRO D 1552 46.36 -20.01 69.87
C PRO D 1552 45.67 -20.82 68.79
N ASP D 1553 44.35 -20.88 68.79
CA ASP D 1553 43.61 -21.65 67.79
C ASP D 1553 43.05 -20.78 66.69
N GLY D 1554 43.50 -19.54 66.56
CA GLY D 1554 43.23 -18.79 65.36
C GLY D 1554 42.42 -17.53 65.52
N ALA D 1555 41.55 -17.48 66.52
CA ALA D 1555 40.67 -16.35 66.66
C ALA D 1555 41.43 -15.09 67.04
N GLN D 1556 41.08 -13.98 66.40
CA GLN D 1556 41.53 -12.69 66.82
C GLN D 1556 40.40 -11.96 67.49
N TYR D 1557 40.74 -10.95 68.28
CA TYR D 1557 39.74 -10.11 68.87
C TYR D 1557 40.39 -8.83 69.35
N MET D 1558 39.68 -7.73 69.21
CA MET D 1558 40.07 -6.48 69.81
C MET D 1558 39.48 -6.42 71.20
N GLU D 1559 40.32 -6.31 72.20
CA GLU D 1559 39.87 -6.29 73.59
C GLU D 1559 39.98 -4.88 74.10
N TRP D 1560 38.84 -4.22 74.25
CA TRP D 1560 38.82 -2.86 74.77
C TRP D 1560 38.08 -2.88 76.08
N ASP D 1561 37.83 -1.70 76.67
CA ASP D 1561 37.82 -1.54 78.12
C ASP D 1561 37.42 -2.78 78.90
N GLY D 1562 36.25 -3.33 78.61
CA GLY D 1562 35.83 -4.48 79.37
C GLY D 1562 35.15 -5.51 78.50
N TYR D 1563 35.26 -5.36 77.19
CA TYR D 1563 34.61 -6.24 76.25
C TYR D 1563 35.64 -6.80 75.29
N ARG D 1564 35.18 -7.72 74.46
CA ARG D 1564 35.98 -8.27 73.38
C ARG D 1564 35.16 -8.33 72.12
N THR D 1565 35.76 -7.87 71.02
CA THR D 1565 35.10 -7.89 69.73
C THR D 1565 35.91 -8.77 68.81
N ARG D 1566 35.30 -9.83 68.30
CA ARG D 1566 35.98 -10.72 67.39
C ARG D 1566 36.24 -10.02 66.07
N LEU D 1567 37.49 -10.04 65.62
CA LEU D 1567 37.85 -9.31 64.41
C LEU D 1567 37.75 -10.19 63.17
N ASN D 1568 38.36 -11.36 63.20
CA ASN D 1568 38.39 -12.22 62.02
C ASN D 1568 37.38 -13.34 62.17
N THR D 1569 37.43 -14.31 61.26
CA THR D 1569 36.62 -15.52 61.37
C THR D 1569 37.40 -16.71 60.83
N LEU D 1570 37.20 -17.86 61.47
CA LEU D 1570 37.79 -19.10 61.02
C LEU D 1570 36.86 -19.88 60.11
N PHE D 1571 35.97 -19.20 59.40
CA PHE D 1571 35.02 -19.91 58.57
C PHE D 1571 35.71 -20.55 57.39
N THR D 1572 36.74 -19.93 56.86
CA THR D 1572 37.34 -20.42 55.64
C THR D 1572 38.20 -21.64 55.86
N ARG D 1573 38.65 -21.87 57.08
CA ARG D 1573 39.41 -23.07 57.36
C ARG D 1573 38.55 -24.30 57.41
N GLN D 1574 37.23 -24.14 57.45
CA GLN D 1574 36.30 -25.24 57.49
C GLN D 1574 35.44 -25.30 56.25
N LEU D 1575 35.18 -24.17 55.60
CA LEU D 1575 34.52 -24.15 54.30
C LEU D 1575 35.28 -24.96 53.27
N ILE D 1576 36.58 -25.13 53.47
CA ILE D 1576 37.44 -25.69 52.43
C ILE D 1576 37.07 -27.13 52.15
N GLU D 1577 36.55 -27.82 53.14
CA GLU D 1577 36.17 -29.22 53.02
C GLU D 1577 34.77 -29.39 52.48
N ARG D 1578 33.86 -28.50 52.87
CA ARG D 1578 32.54 -28.48 52.26
C ARG D 1578 32.62 -28.17 50.78
N ALA D 1579 33.53 -27.28 50.39
CA ALA D 1579 33.56 -26.76 49.03
C ALA D 1579 33.86 -27.81 47.98
N ASN D 1580 34.35 -28.98 48.36
CA ASN D 1580 34.64 -29.98 47.36
C ASN D 1580 33.39 -30.73 46.95
N ASN D 1581 32.37 -30.69 47.78
CA ASN D 1581 31.13 -31.36 47.43
C ASN D 1581 30.26 -30.50 46.52
N GLY D 1582 30.54 -29.22 46.40
CA GLY D 1582 29.88 -28.37 45.43
C GLY D 1582 29.11 -27.25 46.09
N ILE D 1583 28.44 -26.46 45.24
CA ILE D 1583 27.64 -25.35 45.73
C ILE D 1583 26.56 -25.84 46.67
N ASP D 1584 25.99 -27.02 46.38
CA ASP D 1584 24.90 -27.52 47.21
C ASP D 1584 25.36 -27.76 48.63
N ALA D 1585 26.63 -28.11 48.82
CA ALA D 1585 27.17 -28.32 50.15
C ALA D 1585 27.72 -27.05 50.76
N ILE D 1586 28.18 -26.11 49.94
CA ILE D 1586 28.65 -24.84 50.48
C ILE D 1586 27.49 -24.04 51.04
N LEU D 1587 26.34 -24.09 50.37
CA LEU D 1587 25.23 -23.23 50.72
C LEU D 1587 24.20 -23.89 51.62
N SER D 1588 24.47 -25.07 52.10
CA SER D 1588 23.50 -25.75 52.94
C SER D 1588 23.65 -25.28 54.39
N PRO D 1589 22.56 -25.30 55.18
CA PRO D 1589 22.60 -24.70 56.51
C PRO D 1589 23.67 -25.26 57.42
N GLU D 1590 24.11 -26.49 57.18
CA GLU D 1590 25.19 -27.03 57.99
C GLU D 1590 26.45 -26.21 57.83
N THR D 1591 26.64 -25.58 56.68
CA THR D 1591 27.76 -24.67 56.54
C THR D 1591 27.57 -23.43 57.37
N GLN D 1592 26.33 -23.03 57.60
CA GLN D 1592 26.07 -21.79 58.30
C GLN D 1592 26.08 -21.96 59.80
N TYR D 1593 26.03 -23.19 60.28
CA TYR D 1593 26.12 -23.42 61.72
C TYR D 1593 27.54 -23.73 62.16
N LEU D 1594 28.53 -23.41 61.38
CA LEU D 1594 29.87 -23.86 61.67
C LEU D 1594 30.41 -23.18 62.91
N PRO D 1595 31.08 -23.90 63.78
CA PRO D 1595 31.51 -23.32 65.06
C PRO D 1595 32.66 -22.35 64.92
N GLU D 1596 33.03 -21.73 66.01
CA GLU D 1596 34.05 -20.70 66.02
C GLU D 1596 34.68 -20.60 67.40
N PRO D 1597 36.00 -20.58 67.50
CA PRO D 1597 36.64 -20.61 68.81
C PRO D 1597 36.22 -19.41 69.63
N LYS D 1598 36.28 -19.56 70.93
CA LYS D 1598 35.77 -18.41 71.67
C LYS D 1598 36.86 -17.36 71.81
N PRO D 1599 36.49 -16.10 71.82
CA PRO D 1599 37.51 -15.05 71.82
C PRO D 1599 38.24 -14.96 73.13
N GLY D 1600 39.44 -15.51 73.17
CA GLY D 1600 40.23 -15.38 74.37
C GLY D 1600 39.74 -16.28 75.48
N GLN D 1601 40.00 -15.84 76.71
CA GLN D 1601 39.62 -16.58 77.89
C GLN D 1601 38.35 -16.02 78.50
N GLY D 1602 37.41 -16.90 78.77
CA GLY D 1602 36.12 -16.48 79.30
C GLY D 1602 35.14 -17.60 79.11
N THR D 1603 33.93 -17.35 79.55
CA THR D 1603 32.90 -18.37 79.51
C THR D 1603 31.66 -17.86 78.79
N TYR D 1604 31.01 -18.76 78.08
CA TYR D 1604 29.66 -18.50 77.61
C TYR D 1604 28.73 -18.73 78.78
N VAL D 1605 27.68 -17.94 78.86
CA VAL D 1605 26.71 -18.07 79.93
C VAL D 1605 25.34 -17.85 79.34
N THR D 1606 24.46 -18.82 79.50
CA THR D 1606 23.10 -18.72 79.00
C THR D 1606 22.17 -18.44 80.17
N LEU D 1607 21.87 -17.18 80.41
CA LEU D 1607 20.98 -16.77 81.48
C LEU D 1607 19.55 -16.92 81.00
N ILE D 1608 18.77 -17.71 81.73
CA ILE D 1608 17.33 -17.78 81.51
C ILE D 1608 16.65 -16.96 82.59
N LEU D 1609 15.63 -16.21 82.20
CA LEU D 1609 14.96 -15.29 83.10
C LEU D 1609 13.46 -15.53 83.09
N LYS D 1610 12.84 -15.29 84.24
CA LYS D 1610 11.41 -15.51 84.38
C LYS D 1610 10.63 -14.41 83.66
N PRO D 1611 9.34 -14.64 83.39
CA PRO D 1611 8.51 -13.57 82.82
C PRO D 1611 8.40 -12.38 83.75
N TYR D 1612 7.73 -11.34 83.25
CA TYR D 1612 7.63 -10.11 84.02
C TYR D 1612 6.69 -10.27 85.20
N ASP D 1613 7.21 -10.01 86.40
CA ASP D 1613 6.43 -9.88 87.62
C ASP D 1613 6.60 -8.48 88.17
N LYS D 1614 5.47 -7.82 88.45
CA LYS D 1614 5.51 -6.42 88.82
C LYS D 1614 6.25 -6.18 90.13
N ASN D 1615 6.46 -7.23 90.91
CA ASN D 1615 7.08 -7.05 92.22
C ASN D 1615 8.59 -7.10 92.13
N THR D 1616 9.12 -8.11 91.46
CA THR D 1616 10.56 -8.31 91.37
C THR D 1616 11.22 -7.42 90.33
N HIS D 1617 10.48 -6.96 89.32
CA HIS D 1617 11.06 -6.18 88.24
C HIS D 1617 10.75 -4.70 88.33
N GLY D 1618 9.99 -4.28 89.33
CA GLY D 1618 9.55 -2.91 89.27
C GLY D 1618 8.48 -2.76 88.21
N THR D 1619 8.33 -1.53 87.73
CA THR D 1619 7.29 -1.22 86.76
C THR D 1619 7.74 -1.38 85.32
N ASN D 1620 8.96 -0.97 84.99
CA ASN D 1620 9.43 -1.03 83.62
C ASN D 1620 9.83 -2.45 83.26
N ARG D 1621 9.50 -2.86 82.03
CA ARG D 1621 9.73 -4.24 81.62
C ARG D 1621 11.13 -4.47 81.05
N ALA D 1622 11.95 -3.44 80.98
CA ALA D 1622 13.30 -3.58 80.43
C ALA D 1622 14.28 -4.03 81.49
N PHE D 1623 15.35 -4.69 81.04
CA PHE D 1623 16.36 -5.21 81.95
C PHE D 1623 17.69 -5.19 81.23
N THR D 1624 18.74 -4.93 81.99
CA THR D 1624 20.10 -5.00 81.50
C THR D 1624 20.94 -5.78 82.51
N ILE D 1625 21.75 -6.70 82.02
CA ILE D 1625 22.48 -7.57 82.93
C ILE D 1625 23.97 -7.26 82.81
N TYR D 1626 24.64 -7.10 83.94
CA TYR D 1626 26.03 -6.67 83.96
C TYR D 1626 26.91 -7.85 84.31
N TYR D 1627 28.21 -7.57 84.33
CA TYR D 1627 29.17 -8.50 84.90
C TYR D 1627 30.29 -7.69 85.52
N SER D 1628 31.04 -8.31 86.42
CA SER D 1628 32.18 -7.65 87.00
C SER D 1628 33.17 -8.73 87.44
N ASN D 1629 34.27 -8.31 88.07
CA ASN D 1629 35.43 -9.19 88.19
C ASN D 1629 35.49 -10.05 89.46
N ASP D 1630 35.33 -9.50 90.66
CA ASP D 1630 34.84 -8.17 91.00
C ASP D 1630 35.40 -7.70 92.31
N ALA D 1631 36.26 -6.69 92.27
CA ALA D 1631 36.64 -5.98 93.47
C ALA D 1631 35.57 -4.94 93.77
N THR D 1632 34.50 -5.38 94.44
CA THR D 1632 33.22 -4.67 94.39
C THR D 1632 33.40 -3.19 94.68
N GLY D 1633 33.03 -2.37 93.70
CA GLY D 1633 33.52 -1.03 93.58
C GLY D 1633 34.50 -0.84 92.44
N SER D 1634 34.81 -1.89 91.69
CA SER D 1634 35.71 -1.83 90.55
C SER D 1634 34.98 -1.60 89.24
N GLY D 1635 33.73 -1.20 89.29
CA GLY D 1635 32.97 -0.95 88.08
C GLY D 1635 32.57 -2.23 87.37
N LYS D 1636 31.35 -2.23 86.84
CA LYS D 1636 30.86 -3.41 86.14
C LYS D 1636 30.42 -2.98 84.76
N PHE D 1637 30.52 -3.88 83.83
CA PHE D 1637 30.31 -3.52 82.44
C PHE D 1637 28.99 -4.06 81.96
N PRO D 1638 28.12 -3.22 81.40
CA PRO D 1638 26.86 -3.71 80.84
C PRO D 1638 27.13 -4.65 79.68
N VAL D 1639 26.65 -5.88 79.78
CA VAL D 1639 26.95 -6.87 78.76
C VAL D 1639 25.73 -7.24 77.93
N TYR D 1640 24.56 -6.77 78.30
CA TYR D 1640 23.35 -7.11 77.56
C TYR D 1640 22.22 -6.23 78.05
N SER D 1641 21.41 -5.77 77.12
CA SER D 1641 20.21 -5.04 77.47
C SER D 1641 19.06 -5.68 76.72
N GLY D 1642 17.86 -5.59 77.25
CA GLY D 1642 16.74 -6.18 76.56
C GLY D 1642 15.44 -5.87 77.25
N SER D 1643 14.37 -6.33 76.64
CA SER D 1643 13.03 -6.17 77.20
C SER D 1643 12.56 -7.53 77.69
N LEU D 1644 12.43 -7.65 79.00
CA LEU D 1644 12.04 -8.91 79.60
C LEU D 1644 10.60 -9.25 79.20
N SER D 1645 10.36 -10.52 78.96
CA SER D 1645 9.12 -10.96 78.33
C SER D 1645 8.03 -11.19 79.36
N VAL D 1646 6.81 -11.29 78.86
CA VAL D 1646 5.66 -11.60 79.69
C VAL D 1646 5.10 -12.95 79.30
N THR D 1647 4.71 -13.72 80.30
CA THR D 1647 4.18 -15.07 80.11
C THR D 1647 5.14 -15.93 79.31
N ASP D 1648 6.44 -15.77 79.53
CA ASP D 1648 7.44 -16.57 78.85
C ASP D 1648 8.80 -16.35 79.47
N ASN D 1649 9.59 -17.41 79.55
CA ASN D 1649 10.99 -17.26 79.91
C ASN D 1649 11.76 -16.61 78.77
N THR D 1650 12.61 -15.67 79.11
CA THR D 1650 13.53 -15.09 78.15
C THR D 1650 14.91 -15.63 78.45
N GLU D 1651 15.63 -15.97 77.39
CA GLU D 1651 16.93 -16.64 77.50
C GLU D 1651 17.97 -15.78 76.81
N VAL D 1652 18.88 -15.22 77.59
CA VAL D 1652 19.94 -14.35 77.08
C VAL D 1652 21.27 -15.07 77.23
N LYS D 1653 21.98 -15.24 76.12
CA LYS D 1653 23.27 -15.90 76.11
C LYS D 1653 24.37 -14.90 75.86
N LEU D 1654 25.48 -15.05 76.57
CA LEU D 1654 26.55 -14.08 76.53
C LEU D 1654 27.89 -14.79 76.42
N PHE D 1655 28.93 -13.98 76.31
CA PHE D 1655 30.30 -14.43 76.52
C PHE D 1655 30.93 -13.44 77.47
N ILE D 1656 31.26 -13.90 78.67
CA ILE D 1656 31.81 -13.04 79.71
C ILE D 1656 33.33 -13.15 79.64
N PRO D 1657 34.05 -12.13 79.23
CA PRO D 1657 35.49 -12.24 79.05
C PRO D 1657 36.23 -12.19 80.37
N LEU D 1658 37.42 -12.74 80.37
CA LEU D 1658 38.32 -12.74 81.52
C LEU D 1658 39.45 -11.79 81.23
N ILE D 1659 39.40 -10.59 81.81
CA ILE D 1659 40.30 -9.53 81.38
C ILE D 1659 41.28 -9.17 82.49
N LYS D 1660 40.89 -9.45 83.74
CA LYS D 1660 41.57 -9.05 84.97
C LYS D 1660 43.10 -9.10 84.89
N PRO D 1661 43.70 -10.10 84.21
CA PRO D 1661 45.15 -9.97 83.99
C PRO D 1661 45.54 -8.68 83.29
N GLN D 1674 41.50 -18.79 91.34
CA GLN D 1674 40.06 -18.67 91.22
C GLN D 1674 39.70 -17.43 90.43
N ASP D 1675 39.57 -17.58 89.11
CA ASP D 1675 39.24 -16.47 88.25
C ASP D 1675 37.77 -16.11 88.42
N THR D 1676 37.48 -15.11 89.26
CA THR D 1676 36.11 -14.80 89.59
C THR D 1676 35.44 -14.03 88.47
N LEU D 1677 34.11 -14.14 88.42
CA LEU D 1677 33.27 -13.31 87.56
C LEU D 1677 31.92 -13.17 88.24
N TYR D 1678 31.31 -11.99 88.12
CA TYR D 1678 30.11 -11.73 88.90
C TYR D 1678 29.06 -11.06 88.03
N LEU D 1679 27.95 -11.76 87.84
CA LEU D 1679 26.88 -11.29 86.98
C LEU D 1679 25.76 -10.70 87.82
N ASN D 1680 25.18 -9.61 87.32
CA ASN D 1680 24.11 -8.88 87.98
C ASN D 1680 22.90 -8.86 87.08
N ALA D 1681 21.98 -7.98 87.42
CA ALA D 1681 20.89 -7.57 86.54
C ALA D 1681 20.40 -6.25 87.06
N THR D 1682 19.76 -5.46 86.22
CA THR D 1682 19.20 -4.18 86.63
C THR D 1682 17.82 -4.04 86.02
N TYR D 1683 16.83 -3.83 86.88
CA TYR D 1683 15.44 -3.67 86.48
C TYR D 1683 14.98 -2.27 86.83
N GLN D 1684 13.69 -2.01 86.68
CA GLN D 1684 13.14 -0.77 87.21
C GLN D 1684 13.15 -0.74 88.72
N LYS D 1685 13.04 -1.90 89.37
CA LYS D 1685 13.02 -1.93 90.83
C LYS D 1685 14.39 -1.58 91.40
N GLU D 1686 15.38 -2.44 91.17
CA GLU D 1686 16.72 -2.21 91.71
C GLU D 1686 17.68 -3.19 91.03
N ALA D 1687 18.96 -3.00 91.29
CA ALA D 1687 20.01 -3.88 90.77
C ALA D 1687 20.21 -5.06 91.71
N THR D 1688 20.04 -6.26 91.18
CA THR D 1688 20.05 -7.45 92.01
C THR D 1688 21.47 -7.73 92.51
N LYS D 1689 21.61 -8.88 93.17
CA LYS D 1689 22.88 -9.25 93.77
C LYS D 1689 23.72 -10.05 92.78
N GLN D 1690 25.04 -9.98 92.96
CA GLN D 1690 25.98 -10.64 92.08
C GLN D 1690 25.81 -12.15 92.11
N ILE D 1691 26.54 -12.81 91.23
CA ILE D 1691 26.57 -14.27 91.14
C ILE D 1691 27.99 -14.66 90.80
N LEU D 1692 28.64 -15.39 91.70
CA LEU D 1692 30.01 -15.79 91.42
C LEU D 1692 30.03 -16.84 90.31
N LEU D 1693 31.00 -16.67 89.41
CA LEU D 1693 31.39 -17.69 88.45
C LEU D 1693 32.91 -17.75 88.54
N PHE D 1694 33.44 -18.90 88.90
CA PHE D 1694 34.86 -19.03 89.09
C PHE D 1694 35.31 -20.37 88.54
N ARG D 1695 36.61 -20.62 88.65
CA ARG D 1695 37.12 -21.93 88.29
C ARG D 1695 38.32 -22.25 89.15
N THR D 1696 38.54 -23.55 89.36
CA THR D 1696 39.67 -24.02 90.14
C THR D 1696 40.88 -24.35 89.29
N ASP D 1697 40.69 -24.88 88.10
CA ASP D 1697 41.78 -25.33 87.25
C ASP D 1697 41.99 -24.32 86.12
N ASN D 1698 42.93 -24.64 85.25
CA ASN D 1698 43.15 -23.89 84.02
C ASN D 1698 42.35 -24.46 82.86
N ASN D 1699 41.24 -25.12 83.12
CA ASN D 1699 40.40 -25.61 82.04
C ASN D 1699 39.84 -24.42 81.28
N PRO D 1700 39.83 -24.44 79.94
CA PRO D 1700 39.30 -23.30 79.20
C PRO D 1700 37.80 -23.19 79.29
N GLU D 1701 37.09 -24.33 79.25
CA GLU D 1701 35.63 -24.28 79.34
C GLU D 1701 35.15 -24.49 80.76
N GLY D 1702 36.05 -24.81 81.68
CA GLY D 1702 35.64 -25.05 83.04
C GLY D 1702 35.41 -23.78 83.81
N TRP D 1703 34.15 -23.43 84.05
CA TRP D 1703 33.79 -22.31 84.91
C TRP D 1703 32.68 -22.81 85.81
N THR D 1704 32.93 -22.81 87.12
CA THR D 1704 32.07 -23.45 88.09
C THR D 1704 30.63 -23.00 88.00
N LEU D 1705 29.76 -23.94 87.67
CA LEU D 1705 28.32 -23.78 87.86
C LEU D 1705 28.03 -23.61 89.34
N ASP D 1706 27.07 -22.75 89.67
CA ASP D 1706 26.51 -22.70 91.02
C ASP D 1706 27.63 -22.52 92.05
N LYS D 1707 28.24 -21.35 91.98
CA LYS D 1707 29.41 -21.06 92.78
C LYS D 1707 29.02 -20.97 94.25
N SER D 1708 29.92 -20.43 95.05
CA SER D 1708 29.96 -20.66 96.49
C SER D 1708 28.79 -20.00 97.20
N VAL D 1709 28.91 -19.86 98.52
CA VAL D 1709 27.81 -19.69 99.47
C VAL D 1709 26.69 -18.80 98.96
N ASN D 1710 27.00 -17.83 98.09
CA ASN D 1710 25.94 -17.02 97.50
C ASN D 1710 24.87 -17.90 96.86
N ASN D 1711 23.64 -17.41 96.88
CA ASN D 1711 22.50 -18.25 96.52
C ASN D 1711 22.58 -18.77 95.10
N GLY D 1712 23.22 -18.02 94.19
CA GLY D 1712 23.25 -18.41 92.80
C GLY D 1712 21.99 -18.07 92.03
N THR D 1713 21.44 -16.88 92.25
CA THR D 1713 20.21 -16.44 91.59
C THR D 1713 20.02 -14.95 91.82
N PHE D 1714 19.58 -14.23 90.79
CA PHE D 1714 19.25 -12.82 90.96
C PHE D 1714 17.89 -12.62 91.62
N ALA D 1715 17.09 -13.67 91.66
CA ALA D 1715 15.66 -13.62 91.93
C ALA D 1715 14.90 -13.24 90.66
N GLY D 1716 15.58 -13.10 89.53
CA GLY D 1716 14.90 -12.84 88.28
C GLY D 1716 14.94 -14.05 87.38
N LEU D 1717 15.83 -14.99 87.69
CA LEU D 1717 15.94 -16.23 86.94
C LEU D 1717 15.28 -17.40 87.64
N ALA D 1718 15.45 -17.44 88.98
CA ALA D 1718 14.70 -18.30 89.91
C ALA D 1718 14.39 -19.68 89.34
N GLU D 1719 15.34 -20.26 88.60
CA GLU D 1719 15.16 -21.57 88.04
C GLU D 1719 16.48 -22.31 88.09
N ASN D 1720 16.41 -23.60 87.82
CA ASN D 1720 17.62 -24.40 87.71
C ASN D 1720 18.35 -24.17 86.39
N GLY D 1721 17.90 -23.22 85.57
CA GLY D 1721 18.50 -22.98 84.28
C GLY D 1721 19.34 -21.72 84.25
N VAL D 1722 20.66 -21.91 84.34
CA VAL D 1722 21.62 -20.82 84.21
C VAL D 1722 22.72 -21.26 83.25
N THR D 1723 22.88 -22.56 83.08
CA THR D 1723 24.22 -23.07 82.83
C THR D 1723 24.87 -22.60 81.54
N GLY D 1724 24.51 -23.19 80.40
CA GLY D 1724 25.24 -22.95 79.16
C GLY D 1724 26.74 -22.75 79.31
N LEU D 1725 27.39 -23.42 80.26
CA LEU D 1725 28.71 -23.00 80.69
C LEU D 1725 29.83 -23.66 79.91
N LEU D 1726 29.54 -24.79 79.29
CA LEU D 1726 30.49 -25.48 78.43
C LEU D 1726 30.47 -24.85 77.04
N GLN D 1727 30.84 -25.62 76.01
CA GLN D 1727 30.84 -25.19 74.61
C GLN D 1727 31.90 -24.10 74.35
N SER D 1728 33.14 -24.55 74.30
CA SER D 1728 34.23 -23.64 73.93
C SER D 1728 33.98 -22.96 72.58
N GLY D 1729 33.00 -23.43 71.82
CA GLY D 1729 32.70 -22.80 70.54
C GLY D 1729 31.32 -22.20 70.37
N GLU D 1730 31.23 -21.03 69.75
CA GLU D 1730 29.95 -20.46 69.35
C GLU D 1730 29.75 -20.57 67.84
N PRO D 1731 28.52 -20.49 67.36
CA PRO D 1731 28.28 -20.56 65.93
C PRO D 1731 28.79 -19.33 65.20
N MET D 1732 28.80 -19.43 63.88
CA MET D 1732 29.22 -18.33 63.04
C MET D 1732 28.28 -17.15 63.19
N ASP D 1733 28.85 -15.95 63.27
CA ASP D 1733 28.09 -14.76 63.61
C ASP D 1733 27.66 -14.02 62.35
N PHE D 1734 26.37 -13.73 62.26
CA PHE D 1734 25.78 -13.08 61.10
C PHE D 1734 25.46 -11.62 61.38
N SER D 1735 25.88 -11.11 62.52
CA SER D 1735 25.72 -9.70 62.83
C SER D 1735 26.98 -9.10 63.44
N GLY D 1736 28.11 -9.77 63.28
CA GLY D 1736 29.37 -9.26 63.77
C GLY D 1736 30.14 -8.55 62.69
N ALA D 1737 31.47 -8.56 62.85
CA ALA D 1737 32.32 -7.80 61.95
C ALA D 1737 32.18 -8.27 60.52
N ASN D 1738 32.22 -9.58 60.29
CA ASN D 1738 32.14 -10.12 58.95
C ASN D 1738 30.72 -10.43 58.52
N ALA D 1739 29.74 -9.76 59.11
CA ALA D 1739 28.36 -10.05 58.75
C ALA D 1739 28.14 -9.87 57.27
N LEU D 1740 28.75 -8.85 56.68
CA LEU D 1740 28.47 -8.55 55.29
C LEU D 1740 28.90 -9.68 54.37
N TYR D 1741 30.04 -10.30 54.66
CA TYR D 1741 30.52 -11.34 53.78
C TYR D 1741 29.68 -12.61 53.91
N PHE D 1742 29.28 -12.94 55.14
CA PHE D 1742 28.43 -14.11 55.32
C PHE D 1742 27.08 -13.89 54.69
N TRP D 1743 26.51 -12.71 54.87
CA TRP D 1743 25.21 -12.44 54.29
C TRP D 1743 25.27 -12.48 52.79
N GLU D 1744 26.31 -11.89 52.20
CA GLU D 1744 26.46 -12.00 50.75
C GLU D 1744 26.52 -13.45 50.33
N LEU D 1745 27.49 -14.20 50.85
CA LEU D 1745 27.68 -15.58 50.42
C LEU D 1745 26.42 -16.41 50.57
N PHE D 1746 25.68 -16.23 51.66
CA PHE D 1746 24.62 -17.16 51.95
C PHE D 1746 23.24 -16.69 51.56
N TYR D 1747 23.01 -15.40 51.40
CA TYR D 1747 21.75 -14.91 50.92
C TYR D 1747 21.88 -14.10 49.65
N TYR D 1748 22.76 -13.11 49.62
CA TYR D 1748 22.69 -12.17 48.52
C TYR D 1748 23.20 -12.78 47.25
N THR D 1749 24.00 -13.82 47.35
CA THR D 1749 24.52 -14.43 46.15
C THR D 1749 23.46 -15.33 45.53
N PRO D 1750 22.83 -16.24 46.28
CA PRO D 1750 21.76 -17.01 45.67
C PRO D 1750 20.60 -16.15 45.19
N MET D 1751 20.23 -15.11 45.90
CA MET D 1751 19.15 -14.26 45.41
C MET D 1751 19.53 -13.57 44.12
N MET D 1752 20.79 -13.14 44.01
CA MET D 1752 21.23 -12.52 42.78
C MET D 1752 21.25 -13.51 41.64
N VAL D 1753 21.77 -14.71 41.87
CA VAL D 1753 21.83 -15.67 40.77
C VAL D 1753 20.43 -16.13 40.40
N ALA D 1754 19.52 -16.20 41.37
CA ALA D 1754 18.16 -16.60 41.07
C ALA D 1754 17.42 -15.53 40.30
N THR D 1755 17.54 -14.27 40.71
CA THR D 1755 16.91 -13.22 39.93
C THR D 1755 17.58 -13.04 38.59
N ARG D 1756 18.81 -13.48 38.45
CA ARG D 1756 19.56 -13.33 37.22
C ARG D 1756 19.28 -14.47 36.26
N LEU D 1757 18.85 -15.61 36.77
CA LEU D 1757 18.36 -16.70 35.95
C LEU D 1757 16.88 -16.59 35.64
N LEU D 1758 16.10 -15.99 36.52
CA LEU D 1758 14.71 -15.72 36.22
C LEU D 1758 14.60 -14.82 35.02
N GLN D 1759 15.20 -13.64 35.06
CA GLN D 1759 15.53 -12.96 33.82
C GLN D 1759 16.39 -13.89 32.99
N GLU D 1760 16.23 -13.83 31.68
CA GLU D 1760 16.78 -14.80 30.74
C GLU D 1760 16.10 -16.15 30.85
N GLN D 1761 15.05 -16.26 31.64
CA GLN D 1761 14.10 -17.37 31.57
C GLN D 1761 14.78 -18.73 31.69
N ASN D 1762 15.54 -18.92 32.77
CA ASN D 1762 16.02 -20.25 33.14
C ASN D 1762 15.28 -20.64 34.40
N PHE D 1763 14.09 -21.18 34.22
CA PHE D 1763 13.23 -21.39 35.38
C PHE D 1763 13.65 -22.60 36.18
N THR D 1764 14.02 -23.69 35.54
CA THR D 1764 14.37 -24.87 36.30
C THR D 1764 15.65 -24.69 37.09
N GLU D 1765 16.44 -23.68 36.79
CA GLU D 1765 17.65 -23.38 37.54
C GLU D 1765 17.47 -22.23 38.49
N ALA D 1766 16.65 -21.24 38.13
CA ALA D 1766 16.24 -20.24 39.09
C ALA D 1766 15.56 -20.89 40.28
N ASN D 1767 14.79 -21.95 40.05
CA ASN D 1767 14.17 -22.63 41.17
C ASN D 1767 15.21 -23.36 42.00
N ARG D 1768 16.19 -23.97 41.35
CA ARG D 1768 17.24 -24.63 42.10
C ARG D 1768 17.99 -23.65 42.98
N TRP D 1769 18.16 -22.42 42.51
CA TRP D 1769 18.94 -21.46 43.28
C TRP D 1769 18.11 -20.79 44.35
N LEU D 1770 16.82 -20.64 44.13
CA LEU D 1770 16.00 -20.17 45.23
C LEU D 1770 15.85 -21.21 46.31
N SER D 1771 15.87 -22.48 45.93
CA SER D 1771 15.80 -23.54 46.92
C SER D 1771 17.05 -23.66 47.74
N TYR D 1772 18.03 -22.77 47.55
CA TYR D 1772 19.12 -22.67 48.51
C TYR D 1772 18.74 -21.77 49.65
N ILE D 1773 17.68 -20.99 49.49
CA ILE D 1773 17.24 -20.06 50.51
C ILE D 1773 16.01 -20.61 51.20
N TRP D 1774 14.94 -20.79 50.45
CA TRP D 1774 13.69 -21.26 51.00
C TRP D 1774 13.29 -22.55 50.33
N GLN D 1775 12.69 -23.45 51.09
CA GLN D 1775 12.36 -24.69 50.56
C GLN D 1775 11.14 -25.11 51.33
N PRO D 1776 10.08 -25.54 50.67
CA PRO D 1776 8.83 -25.79 51.39
C PRO D 1776 8.96 -27.00 52.28
N ALA D 1777 8.39 -26.89 53.48
CA ALA D 1777 8.48 -27.97 54.45
C ALA D 1777 7.20 -28.78 54.45
N ALA D 1778 7.33 -30.05 54.83
CA ALA D 1778 6.16 -30.90 54.94
C ALA D 1778 5.18 -30.39 55.99
N SER D 1779 5.69 -29.79 57.07
CA SER D 1779 4.83 -29.10 58.01
C SER D 1779 4.27 -27.85 57.37
N GLY D 1780 3.50 -27.09 58.15
CA GLY D 1780 2.87 -25.91 57.60
C GLY D 1780 3.86 -24.89 57.09
N ALA D 1781 4.73 -24.39 57.96
CA ALA D 1781 5.59 -23.27 57.60
C ALA D 1781 6.71 -23.73 56.67
N GLY D 1782 7.25 -22.79 55.91
CA GLY D 1782 8.35 -23.10 55.04
C GLY D 1782 9.64 -23.33 55.80
N ASP D 1783 10.59 -23.93 55.12
CA ASP D 1783 11.89 -24.23 55.67
C ASP D 1783 12.90 -23.23 55.12
N TRP D 1784 13.23 -22.22 55.92
CA TRP D 1784 14.21 -21.22 55.51
C TRP D 1784 15.59 -21.82 55.69
N ARG D 1785 16.35 -21.87 54.60
CA ARG D 1785 17.66 -22.47 54.63
C ARG D 1785 18.77 -21.46 54.77
N VAL D 1786 18.46 -20.22 55.11
CA VAL D 1786 19.46 -19.23 55.43
C VAL D 1786 19.34 -18.96 56.92
N ARG D 1787 20.42 -19.20 57.66
CA ARG D 1787 20.36 -19.13 59.12
C ARG D 1787 19.87 -17.80 59.66
N PRO D 1788 20.38 -16.65 59.23
CA PRO D 1788 19.92 -15.39 59.80
C PRO D 1788 18.48 -15.05 59.48
N LEU D 1789 17.92 -15.61 58.43
CA LEU D 1789 16.48 -15.52 58.22
C LEU D 1789 15.73 -16.48 59.10
N LYS D 1790 16.21 -17.71 59.24
CA LYS D 1790 15.54 -18.67 60.09
C LYS D 1790 15.43 -18.16 61.51
N GLU D 1791 16.45 -17.47 62.00
CA GLU D 1791 16.43 -16.86 63.33
C GLU D 1791 16.65 -15.36 63.12
N ASP D 1792 15.57 -14.60 63.10
CA ASP D 1792 15.60 -13.26 62.55
C ASP D 1792 16.73 -12.44 63.16
N THR D 1793 17.75 -12.15 62.36
CA THR D 1793 18.97 -11.52 62.84
C THR D 1793 19.07 -10.13 62.25
N SER D 1794 18.78 -9.13 63.07
CA SER D 1794 18.94 -7.76 62.63
C SER D 1794 20.42 -7.43 62.52
N TRP D 1795 20.83 -6.86 61.39
CA TRP D 1795 22.21 -6.48 61.23
C TRP D 1795 22.36 -5.12 60.59
N ASN D 1796 21.49 -4.18 60.96
CA ASN D 1796 21.66 -2.79 60.59
C ASN D 1796 20.88 -1.98 61.61
N ALA D 1797 21.58 -1.42 62.58
CA ALA D 1797 20.89 -0.76 63.67
C ALA D 1797 20.32 0.60 63.28
N ASP D 1798 20.85 1.23 62.25
CA ASP D 1798 20.49 2.60 61.88
C ASP D 1798 20.06 2.63 60.42
N PRO D 1799 18.86 2.16 60.10
CA PRO D 1799 18.49 2.00 58.70
C PRO D 1799 17.78 3.18 58.07
N LEU D 1800 17.30 4.12 58.87
CA LEU D 1800 16.55 5.25 58.33
C LEU D 1800 17.40 6.48 58.10
N ASP D 1801 18.71 6.36 58.19
CA ASP D 1801 19.59 7.46 57.85
C ASP D 1801 19.86 7.55 56.35
N SER D 1802 19.10 6.80 55.55
CA SER D 1802 19.24 6.86 54.11
C SER D 1802 17.99 6.29 53.48
N VAL D 1803 17.70 6.74 52.27
CA VAL D 1803 16.54 6.27 51.53
C VAL D 1803 17.01 5.07 50.72
N ASP D 1804 17.05 3.90 51.37
CA ASP D 1804 17.38 2.69 50.66
C ASP D 1804 16.62 1.53 51.28
N PRO D 1805 16.05 0.63 50.49
CA PRO D 1805 15.28 -0.45 51.07
C PRO D 1805 16.12 -1.53 51.69
N ASP D 1806 17.36 -1.67 51.28
CA ASP D 1806 18.19 -2.75 51.78
C ASP D 1806 18.55 -2.51 53.23
N ALA D 1807 18.77 -1.27 53.62
CA ALA D 1807 19.03 -1.03 55.03
C ALA D 1807 17.85 -1.42 55.90
N VAL D 1808 16.63 -1.09 55.47
CA VAL D 1808 15.46 -1.47 56.23
C VAL D 1808 15.33 -2.98 56.29
N ALA D 1809 15.54 -3.65 55.17
CA ALA D 1809 15.36 -5.09 55.15
C ALA D 1809 16.47 -5.80 55.90
N GLN D 1810 17.63 -5.17 56.02
CA GLN D 1810 18.70 -5.72 56.85
C GLN D 1810 18.40 -5.52 58.32
N ASN D 1811 17.83 -4.38 58.66
CA ASN D 1811 17.41 -4.17 60.03
C ASN D 1811 16.33 -5.15 60.44
N ASP D 1812 15.49 -5.56 59.48
CA ASP D 1812 14.42 -6.50 59.74
C ASP D 1812 14.34 -7.55 58.65
N PRO D 1813 15.01 -8.69 58.81
CA PRO D 1813 15.09 -9.67 57.72
C PRO D 1813 13.78 -10.33 57.36
N MET D 1814 12.70 -10.06 58.08
CA MET D 1814 11.42 -10.54 57.58
C MET D 1814 11.13 -9.94 56.21
N HIS D 1815 11.65 -8.76 55.94
CA HIS D 1815 11.52 -8.23 54.60
C HIS D 1815 12.31 -9.02 53.59
N TYR D 1816 13.42 -9.63 53.99
CA TYR D 1816 14.12 -10.48 53.04
C TYR D 1816 13.35 -11.77 52.82
N LYS D 1817 12.67 -12.25 53.86
CA LYS D 1817 11.77 -13.37 53.66
C LYS D 1817 10.69 -13.04 52.64
N VAL D 1818 10.06 -11.88 52.79
CA VAL D 1818 8.99 -11.50 51.88
C VAL D 1818 9.52 -11.25 50.48
N SER D 1819 10.71 -10.67 50.37
CA SER D 1819 11.32 -10.49 49.06
C SER D 1819 11.61 -11.82 48.39
N THR D 1820 12.11 -12.79 49.14
CA THR D 1820 12.36 -14.09 48.57
C THR D 1820 11.08 -14.76 48.09
N LEU D 1821 10.04 -14.70 48.89
CA LEU D 1821 8.78 -15.28 48.46
C LEU D 1821 8.20 -14.53 47.28
N MET D 1822 8.44 -13.23 47.18
CA MET D 1822 7.97 -12.53 46.01
C MET D 1822 8.75 -12.92 44.77
N LYS D 1823 10.05 -13.17 44.89
CA LYS D 1823 10.79 -13.71 43.75
C LYS D 1823 10.28 -15.09 43.37
N LEU D 1824 9.91 -15.89 44.36
CA LEU D 1824 9.36 -17.19 44.04
C LEU D 1824 8.02 -17.08 43.35
N LEU D 1825 7.18 -16.15 43.78
CA LEU D 1825 5.92 -15.89 43.08
C LEU D 1825 6.18 -15.45 41.65
N ASP D 1826 7.12 -14.53 41.45
CA ASP D 1826 7.55 -14.17 40.11
C ASP D 1826 7.90 -15.41 39.29
N LEU D 1827 8.71 -16.30 39.87
CA LEU D 1827 9.18 -17.46 39.12
C LEU D 1827 8.03 -18.37 38.74
N LEU D 1828 7.14 -18.63 39.69
CA LEU D 1828 6.03 -19.53 39.41
C LEU D 1828 5.10 -18.95 38.38
N ILE D 1829 4.82 -17.65 38.48
CA ILE D 1829 3.96 -17.03 37.49
C ILE D 1829 4.62 -17.03 36.13
N ALA D 1830 5.94 -16.90 36.06
CA ALA D 1830 6.61 -16.91 34.77
C ALA D 1830 6.63 -18.30 34.16
N ARG D 1831 6.84 -19.32 34.97
CA ARG D 1831 6.73 -20.68 34.45
C ARG D 1831 5.31 -20.96 33.97
N GLY D 1832 4.32 -20.50 34.72
CA GLY D 1832 2.95 -20.64 34.30
C GLY D 1832 2.69 -19.96 32.97
N ASP D 1833 3.16 -18.74 32.81
CA ASP D 1833 2.94 -18.03 31.55
C ASP D 1833 3.66 -18.69 30.40
N LYS D 1834 4.88 -19.16 30.61
CA LYS D 1834 5.59 -19.84 29.54
C LYS D 1834 4.83 -21.08 29.10
N ALA D 1835 4.35 -21.88 30.05
CA ALA D 1835 3.61 -23.08 29.68
C ALA D 1835 2.24 -22.75 29.13
N TYR D 1836 1.73 -21.57 29.45
CA TYR D 1836 0.40 -21.17 29.02
C TYR D 1836 0.41 -20.59 27.61
N ARG D 1837 1.55 -20.06 27.17
CA ARG D 1837 1.65 -19.61 25.81
C ARG D 1837 1.87 -20.75 24.82
N MET D 1838 2.53 -21.82 25.22
CA MET D 1838 2.50 -23.05 24.43
C MET D 1838 1.10 -23.61 24.61
N GLN D 1839 0.20 -23.28 23.70
CA GLN D 1839 -1.22 -23.40 23.97
C GLN D 1839 -1.78 -24.81 23.87
N GLU D 1840 -0.95 -25.86 23.83
CA GLU D 1840 -1.56 -27.18 23.75
C GLU D 1840 -2.07 -27.64 25.12
N ARG D 1841 -2.80 -28.75 25.10
CA ARG D 1841 -3.65 -29.16 26.21
C ARG D 1841 -2.86 -29.49 27.46
N ASP D 1842 -1.87 -30.37 27.34
CA ASP D 1842 -1.06 -30.72 28.50
C ASP D 1842 -0.30 -29.52 29.06
N THR D 1843 0.18 -28.64 28.20
CA THR D 1843 0.84 -27.45 28.71
C THR D 1843 -0.13 -26.53 29.41
N LEU D 1844 -1.38 -26.51 28.99
CA LEU D 1844 -2.37 -25.72 29.71
C LEU D 1844 -2.62 -26.29 31.09
N ASN D 1845 -2.69 -27.61 31.20
CA ASN D 1845 -2.79 -28.22 32.52
C ASN D 1845 -1.57 -27.87 33.37
N GLU D 1846 -0.39 -27.90 32.79
CA GLU D 1846 0.81 -27.53 33.53
C GLU D 1846 0.78 -26.07 33.97
N ALA D 1847 0.27 -25.19 33.12
CA ALA D 1847 0.17 -23.79 33.50
C ALA D 1847 -0.78 -23.61 34.66
N LYS D 1848 -1.92 -24.29 34.62
CA LYS D 1848 -2.83 -24.24 35.75
C LYS D 1848 -2.15 -24.77 37.00
N MET D 1849 -1.27 -25.75 36.83
CA MET D 1849 -0.49 -26.26 37.95
C MET D 1849 0.37 -25.18 38.58
N TRP D 1850 1.13 -24.46 37.76
CA TRP D 1850 2.03 -23.44 38.29
C TRP D 1850 1.26 -22.32 38.95
N TYR D 1851 0.15 -21.90 38.33
CA TYR D 1851 -0.67 -20.87 38.96
C TYR D 1851 -1.28 -21.35 40.27
N MET D 1852 -1.70 -22.61 40.34
CA MET D 1852 -2.23 -23.11 41.59
C MET D 1852 -1.15 -23.16 42.66
N GLN D 1853 0.08 -23.47 42.27
CA GLN D 1853 1.17 -23.45 43.23
C GLN D 1853 1.40 -22.06 43.77
N ALA D 1854 1.40 -21.06 42.89
CA ALA D 1854 1.58 -19.69 43.36
C ALA D 1854 0.43 -19.26 44.27
N LEU D 1855 -0.79 -19.70 43.95
CA LEU D 1855 -1.92 -19.37 44.82
C LEU D 1855 -1.77 -20.00 46.19
N GLY D 1856 -1.39 -21.28 46.24
CA GLY D 1856 -1.18 -21.92 47.51
C GLY D 1856 -0.08 -21.25 48.31
N LEU D 1857 0.92 -20.70 47.62
CA LEU D 1857 1.96 -19.95 48.31
C LEU D 1857 1.42 -18.67 48.91
N LEU D 1858 0.61 -17.95 48.14
CA LEU D 1858 0.09 -16.67 48.60
C LEU D 1858 -0.86 -16.87 49.78
N GLY D 1859 -1.71 -17.88 49.70
CA GLY D 1859 -2.61 -18.17 50.79
C GLY D 1859 -4.05 -17.79 50.49
N ASP D 1860 -4.70 -17.12 51.43
CA ASP D 1860 -6.08 -16.71 51.28
C ASP D 1860 -6.13 -15.20 51.11
N LYS D 1861 -6.84 -14.75 50.10
CA LYS D 1861 -6.86 -13.33 49.78
C LYS D 1861 -7.39 -12.55 50.97
N PRO D 1862 -6.66 -11.54 51.45
CA PRO D 1862 -7.13 -10.79 52.62
C PRO D 1862 -8.33 -9.94 52.24
N VAL D 1863 -9.44 -10.12 52.97
CA VAL D 1863 -10.63 -9.34 52.71
C VAL D 1863 -10.39 -7.91 53.19
N SER D 1864 -10.85 -6.94 52.41
CA SER D 1864 -10.58 -5.54 52.70
C SER D 1864 -11.77 -4.91 53.42
N ILE D 1865 -11.59 -4.59 54.70
CA ILE D 1865 -12.68 -4.02 55.47
C ILE D 1865 -12.97 -2.60 54.99
N PHE D 1866 -14.26 -2.28 54.90
CA PHE D 1866 -14.72 -0.92 54.62
C PHE D 1866 -15.59 -0.36 55.73
N SER D 1867 -16.43 -1.19 56.34
CA SER D 1867 -17.10 -0.79 57.56
C SER D 1867 -16.11 -0.91 58.71
N ASN D 1868 -15.32 0.13 58.93
CA ASN D 1868 -14.26 0.10 59.92
C ASN D 1868 -14.39 1.33 60.80
N GLY D 1869 -13.58 1.35 61.86
CA GLY D 1869 -13.61 2.45 62.80
C GLY D 1869 -13.24 3.80 62.23
N TRP D 1870 -13.05 3.91 60.92
CA TRP D 1870 -12.69 5.18 60.31
C TRP D 1870 -13.92 6.07 60.26
N GLU D 1871 -14.01 6.99 61.21
CA GLU D 1871 -14.94 8.09 61.05
C GLU D 1871 -14.46 8.98 59.91
N ASN D 1872 -15.17 10.06 59.66
CA ASN D 1872 -14.71 10.95 58.62
C ASN D 1872 -14.25 12.24 59.24
N PRO D 1873 -13.06 12.29 59.82
CA PRO D 1873 -12.66 13.46 60.61
C PRO D 1873 -12.39 14.65 59.71
N SER D 1874 -12.48 15.83 60.30
CA SER D 1874 -12.13 17.04 59.57
C SER D 1874 -10.62 17.09 59.40
N LEU D 1875 -10.17 17.93 58.49
CA LEU D 1875 -8.74 18.09 58.29
C LEU D 1875 -8.05 18.59 59.55
N SER D 1876 -8.64 19.55 60.24
CA SER D 1876 -8.01 20.07 61.44
C SER D 1876 -8.01 19.03 62.56
N ASN D 1877 -9.04 18.20 62.62
CA ASN D 1877 -9.05 17.17 63.65
C ASN D 1877 -8.18 16.00 63.27
N ALA D 1878 -7.77 15.91 62.01
CA ALA D 1878 -6.89 14.85 61.58
C ALA D 1878 -5.43 15.26 61.62
N ALA D 1879 -5.17 16.56 61.61
CA ALA D 1879 -3.82 17.09 61.53
C ALA D 1879 -3.42 17.77 62.83
N ASP D 1880 -3.70 17.14 63.96
CA ASP D 1880 -3.30 17.72 65.23
C ASP D 1880 -1.89 17.31 65.60
N LYS D 1881 -1.22 18.20 66.33
CA LYS D 1881 0.08 17.87 66.90
C LYS D 1881 -0.05 17.00 68.13
N THR D 1882 -1.11 17.20 68.91
CA THR D 1882 -1.40 16.26 70.00
C THR D 1882 -1.64 14.87 69.45
N GLN D 1883 -2.24 14.78 68.27
CA GLN D 1883 -2.50 13.49 67.64
C GLN D 1883 -1.23 12.73 67.31
N ALA D 1884 -0.18 13.43 66.91
CA ALA D 1884 1.10 12.79 66.65
C ALA D 1884 1.89 12.55 67.92
N LYS D 1885 1.83 13.49 68.86
CA LYS D 1885 2.57 13.33 70.11
C LYS D 1885 2.05 12.15 70.91
N GLN D 1886 0.73 12.02 71.03
CA GLN D 1886 0.19 10.91 71.79
C GLN D 1886 0.58 9.58 71.17
N PHE D 1887 0.53 9.50 69.85
CA PHE D 1887 0.92 8.29 69.13
C PHE D 1887 2.37 7.92 69.41
N HIS D 1888 3.29 8.84 69.12
CA HIS D 1888 4.70 8.56 69.33
C HIS D 1888 5.03 8.35 70.79
N ASP D 1889 4.29 8.97 71.70
CA ASP D 1889 4.55 8.79 73.11
C ASP D 1889 4.17 7.40 73.56
N GLU D 1890 3.02 6.92 73.13
CA GLU D 1890 2.63 5.56 73.49
C GLU D 1890 3.59 4.55 72.87
N ILE D 1891 4.04 4.80 71.65
CA ILE D 1891 5.00 3.88 71.05
C ILE D 1891 6.31 3.87 71.82
N SER D 1892 6.84 5.05 72.13
CA SER D 1892 8.09 5.09 72.86
C SER D 1892 7.96 4.53 74.26
N ARG D 1893 6.77 4.56 74.82
CA ARG D 1893 6.53 3.92 76.11
C ARG D 1893 6.56 2.40 75.94
N ILE D 1894 5.76 1.87 75.02
CA ILE D 1894 5.66 0.44 74.82
C ILE D 1894 6.93 -0.15 74.22
N ARG D 1895 7.83 0.70 73.71
CA ARG D 1895 9.06 0.22 73.10
C ARG D 1895 10.16 0.04 74.13
N SER D 1896 10.29 0.98 75.05
CA SER D 1896 11.13 0.80 76.21
C SER D 1896 10.50 -0.10 77.26
N GLY D 1897 9.36 -0.71 76.94
CA GLY D 1897 8.67 -1.60 77.85
C GLY D 1897 8.31 -0.97 79.18
N GLY D 1898 7.93 0.31 79.17
CA GLY D 1898 7.63 1.00 80.42
C GLY D 1898 6.62 0.24 81.26
N LEU D 1899 5.61 -0.32 80.62
CA LEU D 1899 4.74 -1.35 81.18
C LEU D 1899 4.16 -2.13 80.00
N LEU D 1900 3.26 -3.04 80.30
CA LEU D 1900 2.57 -3.75 79.24
C LEU D 1900 1.58 -2.80 78.56
N PRO D 1901 1.12 -3.14 77.37
CA PRO D 1901 0.16 -2.28 76.67
C PRO D 1901 -1.15 -2.17 77.43
N ASP D 1902 -2.05 -1.34 76.88
CA ASP D 1902 -3.34 -1.13 77.52
C ASP D 1902 -4.20 -2.38 77.51
N VAL D 1903 -4.09 -3.21 76.46
CA VAL D 1903 -4.93 -4.40 76.23
C VAL D 1903 -6.36 -4.26 76.76
N ALA D 1906 -4.22 -2.06 73.18
CA ALA D 1906 -4.00 -3.06 72.14
C ALA D 1906 -4.87 -2.77 70.94
N ASN D 1907 -5.37 -1.54 70.87
CA ASN D 1907 -6.31 -1.11 69.84
C ASN D 1907 -5.64 -0.53 68.61
N THR D 1908 -4.82 0.50 68.78
CA THR D 1908 -4.26 1.27 67.67
C THR D 1908 -2.73 1.21 67.70
N LEU D 1909 -2.14 0.80 66.59
CA LEU D 1909 -0.70 0.69 66.44
C LEU D 1909 -0.10 1.81 65.61
N THR D 1910 -0.84 2.34 64.64
CA THR D 1910 -0.31 3.30 63.69
C THR D 1910 -1.01 4.64 63.71
N GLY D 1911 -1.82 4.93 64.72
CA GLY D 1911 -2.39 6.25 64.89
C GLY D 1911 -3.76 6.35 64.22
N LEU D 1912 -3.96 7.43 63.48
CA LEU D 1912 -5.27 7.71 62.90
C LEU D 1912 -5.51 6.97 61.61
N PHE D 1913 -4.51 6.89 60.74
CA PHE D 1913 -4.65 6.29 59.43
C PHE D 1913 -4.25 4.83 59.48
N ARG D 1914 -5.01 3.98 58.80
CA ARG D 1914 -4.79 2.56 58.89
C ARG D 1914 -3.63 2.12 57.99
N PRO D 1915 -3.00 1.00 58.29
CA PRO D 1915 -1.99 0.45 57.40
C PRO D 1915 -2.62 -0.09 56.13
N GLN D 1916 -1.88 -0.03 55.05
CA GLN D 1916 -2.36 -0.40 53.75
C GLN D 1916 -1.78 -1.75 53.34
N GLN D 1917 -2.54 -2.49 52.53
CA GLN D 1917 -2.04 -3.74 52.00
C GLN D 1917 -1.05 -3.49 50.86
N ASN D 1918 -0.12 -4.41 50.71
CA ASN D 1918 0.90 -4.27 49.69
C ASN D 1918 0.27 -4.38 48.31
N GLU D 1919 0.23 -3.27 47.59
CA GLU D 1919 -0.35 -3.28 46.26
C GLU D 1919 0.39 -4.24 45.34
N LYS D 1920 1.63 -4.57 45.64
CA LYS D 1920 2.32 -5.57 44.83
C LYS D 1920 1.75 -6.96 45.08
N LEU D 1921 1.48 -7.30 46.33
CA LEU D 1921 0.81 -8.56 46.61
C LEU D 1921 -0.57 -8.60 45.99
N LEU D 1922 -1.29 -7.47 46.01
CA LEU D 1922 -2.59 -7.49 45.39
C LEU D 1922 -2.47 -7.63 43.88
N GLY D 1923 -1.39 -7.13 43.30
CA GLY D 1923 -1.15 -7.40 41.90
C GLY D 1923 -0.94 -8.87 41.64
N TYR D 1924 -0.22 -9.55 42.52
CA TYR D 1924 -0.07 -11.00 42.37
C TYR D 1924 -1.42 -11.70 42.47
N TRP D 1925 -2.21 -11.34 43.47
CA TRP D 1925 -3.55 -11.92 43.63
C TRP D 1925 -4.36 -11.74 42.36
N GLN D 1926 -4.43 -10.51 41.87
CA GLN D 1926 -5.23 -10.22 40.70
C GLN D 1926 -4.70 -10.93 39.46
N MET D 1927 -3.39 -11.02 39.29
CA MET D 1927 -2.85 -11.71 38.13
C MET D 1927 -3.19 -13.19 38.19
N LEU D 1928 -3.09 -13.80 39.36
CA LEU D 1928 -3.42 -15.21 39.45
C LEU D 1928 -4.89 -15.44 39.21
N GLU D 1929 -5.76 -14.59 39.75
CA GLU D 1929 -7.18 -14.76 39.49
C GLU D 1929 -7.51 -14.58 38.03
N MET D 1930 -6.89 -13.61 37.38
CA MET D 1930 -7.13 -13.40 35.95
C MET D 1930 -6.68 -14.60 35.13
N ARG D 1931 -5.44 -15.06 35.35
CA ARG D 1931 -4.93 -16.18 34.57
C ARG D 1931 -5.73 -17.44 34.84
N LEU D 1932 -6.18 -17.62 36.07
CA LEU D 1932 -6.93 -18.82 36.37
C LEU D 1932 -8.32 -18.75 35.77
N PHE D 1933 -8.91 -17.57 35.73
CA PHE D 1933 -10.16 -17.38 35.00
C PHE D 1933 -10.00 -17.75 33.54
N ASN D 1934 -8.98 -17.22 32.87
CA ASN D 1934 -8.80 -17.54 31.47
C ASN D 1934 -8.52 -19.01 31.25
N LEU D 1935 -7.85 -19.67 32.19
CA LEU D 1935 -7.62 -21.11 32.05
C LEU D 1935 -8.90 -21.90 32.22
N ARG D 1936 -9.71 -21.54 33.21
CA ARG D 1936 -10.93 -22.29 33.45
C ARG D 1936 -11.92 -22.11 32.32
N ASN D 1937 -12.16 -20.88 31.91
CA ASN D 1937 -12.83 -20.68 30.64
C ASN D 1937 -11.85 -21.09 29.56
N ASN D 1938 -12.23 -20.99 28.30
CA ASN D 1938 -11.38 -21.56 27.26
C ASN D 1938 -10.64 -20.46 26.52
N LEU D 1939 -10.23 -19.44 27.24
CA LEU D 1939 -9.60 -18.26 26.67
C LEU D 1939 -8.08 -18.45 26.58
N SER D 1940 -7.43 -17.50 25.95
CA SER D 1940 -5.99 -17.50 25.83
C SER D 1940 -5.39 -16.72 26.99
N ILE D 1941 -4.07 -16.47 26.93
CA ILE D 1941 -3.43 -15.68 27.96
C ILE D 1941 -3.86 -14.22 27.93
N ASP D 1942 -4.35 -13.74 26.79
CA ASP D 1942 -4.82 -12.38 26.64
C ASP D 1942 -6.33 -12.26 26.78
N GLY D 1943 -7.01 -13.33 27.13
CA GLY D 1943 -8.45 -13.28 27.24
C GLY D 1943 -9.21 -13.43 25.95
N GLN D 1944 -8.51 -13.61 24.83
CA GLN D 1944 -9.20 -13.83 23.56
C GLN D 1944 -9.65 -15.28 23.47
N PRO D 1945 -10.85 -15.51 22.92
CA PRO D 1945 -11.43 -16.86 22.94
C PRO D 1945 -10.71 -17.79 21.98
N LEU D 1946 -10.42 -19.00 22.47
CA LEU D 1946 -9.80 -20.03 21.64
C LEU D 1946 -10.81 -20.83 20.84
N SER D 1947 -12.09 -20.63 21.08
CA SER D 1947 -13.12 -21.34 20.34
C SER D 1947 -13.64 -20.49 19.19
N LEU D 1948 -14.29 -21.15 18.24
CA LEU D 1948 -14.90 -20.43 17.13
C LEU D 1948 -16.24 -19.85 17.57
N PRO D 1949 -16.56 -18.64 17.15
CA PRO D 1949 -17.79 -17.99 17.63
C PRO D 1949 -19.05 -18.70 17.14
N VAL D 1950 -20.13 -18.45 17.86
CA VAL D 1950 -21.45 -18.97 17.51
C VAL D 1950 -21.93 -18.25 16.26
N PHE D 1951 -21.84 -18.91 15.12
CA PHE D 1951 -22.46 -18.35 13.93
C PHE D 1951 -23.91 -18.81 13.87
N ALA D 1952 -24.74 -18.00 13.19
CA ALA D 1952 -26.16 -18.29 13.08
C ALA D 1952 -26.59 -17.88 11.68
N ALA D 1953 -26.98 -18.85 10.88
CA ALA D 1953 -27.51 -18.54 9.55
C ALA D 1953 -28.72 -17.62 9.69
N PRO D 1954 -28.71 -16.46 9.05
CA PRO D 1954 -29.87 -15.56 9.13
C PRO D 1954 -31.06 -16.13 8.39
N ALA D 1955 -32.22 -15.55 8.67
CA ALA D 1955 -33.46 -16.03 8.05
C ALA D 1955 -33.62 -15.46 6.65
N ASP D 1956 -34.03 -16.32 5.73
CA ASP D 1956 -34.37 -15.89 4.39
C ASP D 1956 -35.61 -14.99 4.44
N PRO D 1957 -35.53 -13.80 3.86
CA PRO D 1957 -36.69 -12.88 3.91
C PRO D 1957 -37.91 -13.52 3.25
N ALA D 1958 -39.04 -13.44 3.96
CA ALA D 1958 -40.24 -14.14 3.53
C ALA D 1958 -40.76 -13.58 2.21
N ALA D 1959 -41.35 -14.46 1.40
CA ALA D 1959 -42.02 -14.03 0.18
C ALA D 1959 -43.39 -13.47 0.53
N LEU D 1960 -43.64 -12.23 0.15
CA LEU D 1960 -44.92 -11.61 0.44
C LEU D 1960 -46.04 -12.30 -0.34
N LEU D 1961 -47.21 -12.39 0.28
CA LEU D 1961 -48.34 -13.06 -0.33
C LEU D 1961 -49.62 -12.39 0.15
N SER D 1962 -50.44 -11.97 -0.80
CA SER D 1962 -51.69 -11.27 -0.51
C SER D 1962 -52.87 -12.09 -1.00
N ALA D 1963 -54.06 -11.69 -0.57
CA ALA D 1963 -55.28 -12.40 -0.93
C ALA D 1963 -55.76 -11.95 -2.29
N ALA D 1964 -56.10 -12.92 -3.15
CA ALA D 1964 -56.68 -12.66 -4.46
C ALA D 1964 -57.91 -13.53 -4.60
N ALA D 1965 -59.07 -12.91 -4.82
CA ALA D 1965 -60.34 -13.61 -4.87
C ALA D 1965 -61.11 -13.23 -6.12
N ALA D 1966 -61.88 -14.18 -6.65
CA ALA D 1966 -62.71 -13.90 -7.81
C ALA D 1966 -63.91 -13.05 -7.40
N ALA D 1967 -64.31 -12.15 -8.29
CA ALA D 1967 -65.51 -11.37 -8.05
C ALA D 1967 -66.74 -12.25 -8.20
N SER D 1968 -67.68 -12.11 -7.28
CA SER D 1968 -68.88 -12.92 -7.27
C SER D 1968 -70.11 -12.04 -7.36
N GLY D 1969 -71.12 -12.51 -8.09
CA GLY D 1969 -72.35 -11.76 -8.25
C GLY D 1969 -73.38 -12.52 -9.06
N GLY D 1970 -74.64 -12.40 -8.69
CA GLY D 1970 -75.68 -13.07 -9.42
C GLY D 1970 -76.22 -12.24 -10.57
N SER D 1971 -76.87 -12.92 -11.52
CA SER D 1971 -77.48 -12.24 -12.63
C SER D 1971 -78.70 -11.45 -12.17
N LYS D 1972 -79.40 -10.89 -13.12
CA LYS D 1972 -80.59 -10.14 -12.77
C LYS D 1972 -81.80 -10.76 -13.46
N PRO D 1973 -82.91 -10.93 -12.76
CA PRO D 1973 -84.09 -11.55 -13.38
C PRO D 1973 -84.78 -10.60 -14.33
N LEU D 1974 -85.39 -11.18 -15.35
CA LEU D 1974 -86.04 -10.38 -16.38
C LEU D 1974 -87.28 -9.70 -15.83
N PRO D 1975 -87.67 -8.56 -16.37
CA PRO D 1975 -88.88 -7.88 -15.89
C PRO D 1975 -90.13 -8.56 -16.40
N SER D 1976 -91.25 -8.17 -15.82
CA SER D 1976 -92.54 -8.70 -16.25
C SER D 1976 -92.83 -8.27 -17.68
N ALA D 1977 -93.54 -9.13 -18.39
CA ALA D 1977 -93.82 -8.95 -19.81
C ALA D 1977 -95.22 -8.39 -20.01
N ASP D 1978 -95.42 -7.76 -21.15
CA ASP D 1978 -96.70 -7.17 -21.49
C ASP D 1978 -96.74 -6.98 -23.00
N ILE D 1979 -97.92 -7.14 -23.57
CA ILE D 1979 -98.06 -6.94 -25.01
C ILE D 1979 -98.07 -5.43 -25.29
N PRO D 1980 -97.16 -4.95 -26.11
CA PRO D 1980 -97.06 -3.51 -26.33
C PRO D 1980 -98.18 -2.98 -27.21
N ALA D 1981 -98.10 -1.72 -27.59
CA ALA D 1981 -99.05 -1.14 -28.53
C ALA D 1981 -98.71 -1.44 -29.98
N MET D 1982 -97.43 -1.64 -30.28
CA MET D 1982 -96.98 -1.79 -31.65
C MET D 1982 -96.86 -3.27 -32.02
N ARG D 1983 -96.97 -3.55 -33.31
CA ARG D 1983 -96.76 -4.90 -33.79
C ARG D 1983 -95.30 -5.30 -33.58
N PHE D 1984 -94.99 -6.55 -33.90
CA PHE D 1984 -93.64 -7.03 -33.63
C PHE D 1984 -92.57 -6.36 -34.48
N PRO D 1985 -92.73 -6.17 -35.79
CA PRO D 1985 -91.64 -5.55 -36.56
C PRO D 1985 -91.29 -4.16 -36.10
N GLN D 1986 -92.15 -3.51 -35.32
CA GLN D 1986 -91.87 -2.18 -34.81
C GLN D 1986 -91.46 -2.18 -33.35
N ALA D 1987 -92.06 -3.04 -32.53
CA ALA D 1987 -91.54 -3.23 -31.18
C ALA D 1987 -90.10 -3.71 -31.21
N LEU D 1988 -89.78 -4.58 -32.15
CA LEU D 1988 -88.41 -5.06 -32.31
C LEU D 1988 -87.47 -3.93 -32.63
N ASP D 1989 -87.87 -3.03 -33.52
CA ASP D 1989 -87.00 -1.91 -33.86
C ASP D 1989 -86.83 -0.98 -32.68
N SER D 1990 -87.90 -0.73 -31.94
CA SER D 1990 -87.79 0.12 -30.77
C SER D 1990 -86.86 -0.48 -29.73
N ALA D 1991 -86.91 -1.78 -29.53
CA ALA D 1991 -85.99 -2.41 -28.58
C ALA D 1991 -84.57 -2.46 -29.12
N ARG D 1992 -84.41 -2.65 -30.43
CA ARG D 1992 -83.08 -2.69 -31.02
C ARG D 1992 -82.39 -1.34 -30.91
N SER D 1993 -83.15 -0.25 -31.02
CA SER D 1993 -82.56 1.07 -30.82
C SER D 1993 -82.06 1.25 -29.39
N LEU D 1994 -82.89 0.88 -28.41
CA LEU D 1994 -82.45 0.99 -27.03
C LEU D 1994 -81.28 0.07 -26.72
N THR D 1995 -81.23 -1.10 -27.34
CA THR D 1995 -80.09 -1.97 -27.12
C THR D 1995 -78.82 -1.40 -27.72
N GLY D 1996 -78.93 -0.74 -28.87
CA GLY D 1996 -77.77 -0.03 -29.39
C GLY D 1996 -77.30 1.05 -28.44
N GLN D 1997 -78.23 1.79 -27.86
CA GLN D 1997 -77.83 2.81 -26.90
C GLN D 1997 -77.22 2.19 -25.65
N LEU D 1998 -77.74 1.05 -25.22
CA LEU D 1998 -77.16 0.34 -24.08
C LEU D 1998 -75.75 -0.12 -24.39
N MET D 1999 -75.50 -0.58 -25.61
CA MET D 1999 -74.14 -0.93 -26.00
C MET D 1999 -73.22 0.27 -25.96
N GLN D 2000 -73.72 1.44 -26.40
CA GLN D 2000 -72.89 2.62 -26.31
C GLN D 2000 -72.55 2.96 -24.87
N PHE D 2001 -73.53 2.88 -23.99
CA PHE D 2001 -73.25 3.07 -22.56
C PHE D 2001 -72.23 2.07 -22.06
N GLY D 2002 -72.33 0.81 -22.50
CA GLY D 2002 -71.40 -0.19 -22.02
C GLY D 2002 -69.98 0.07 -22.49
N SER D 2003 -69.82 0.45 -23.74
CA SER D 2003 -68.50 0.81 -24.24
C SER D 2003 -67.93 1.97 -23.47
N THR D 2004 -68.71 3.04 -23.29
CA THR D 2004 -68.20 4.20 -22.56
C THR D 2004 -67.91 3.86 -21.13
N LEU D 2005 -68.68 2.95 -20.52
CA LEU D 2005 -68.46 2.61 -19.14
C LEU D 2005 -67.19 1.80 -18.98
N LEU D 2006 -66.95 0.84 -19.86
CA LEU D 2006 -65.69 0.11 -19.79
C LEU D 2006 -64.51 1.04 -20.01
N GLY D 2007 -64.64 1.97 -20.96
CA GLY D 2007 -63.59 2.96 -21.13
C GLY D 2007 -63.31 3.73 -19.87
N LEU D 2008 -64.37 4.23 -19.22
CA LEU D 2008 -64.18 5.03 -18.02
C LEU D 2008 -63.62 4.21 -16.88
N ILE D 2009 -64.04 2.96 -16.75
CA ILE D 2009 -63.52 2.11 -15.68
C ILE D 2009 -62.03 1.92 -15.86
N GLU D 2010 -61.62 1.48 -17.05
CA GLU D 2010 -60.20 1.22 -17.26
C GLU D 2010 -59.39 2.50 -17.21
N ARG D 2011 -59.99 3.62 -17.59
CA ARG D 2011 -59.27 4.89 -17.54
C ARG D 2011 -59.10 5.38 -16.12
N ARG D 2012 -60.11 5.19 -15.28
CA ARG D 2012 -59.97 5.53 -13.87
C ARG D 2012 -58.92 4.67 -13.21
N ASP D 2013 -58.90 3.39 -13.55
CA ASP D 2013 -57.89 2.51 -13.00
C ASP D 2013 -56.50 2.87 -13.50
N ALA D 2014 -56.40 3.44 -14.70
CA ALA D 2014 -55.12 3.95 -15.16
C ALA D 2014 -54.68 5.16 -14.38
N GLU D 2015 -55.59 6.09 -14.11
CA GLU D 2015 -55.21 7.25 -13.31
C GLU D 2015 -54.83 6.86 -11.89
N ALA D 2016 -55.56 5.91 -11.30
CA ALA D 2016 -55.22 5.47 -9.95
C ALA D 2016 -53.84 4.85 -9.90
N MET D 2017 -53.49 4.02 -10.90
CA MET D 2017 -52.15 3.48 -10.93
C MET D 2017 -51.11 4.54 -11.15
N SER D 2018 -51.35 5.48 -12.06
CA SER D 2018 -50.37 6.50 -12.32
C SER D 2018 -50.13 7.37 -11.09
N GLU D 2019 -51.14 7.52 -10.24
CA GLU D 2019 -50.94 8.26 -9.01
C GLU D 2019 -50.25 7.41 -7.95
N LEU D 2020 -50.57 6.12 -7.89
CA LEU D 2020 -49.86 5.23 -6.97
C LEU D 2020 -48.37 5.24 -7.26
N LEU D 2021 -48.00 5.15 -8.55
CA LEU D 2021 -46.60 5.17 -8.92
C LEU D 2021 -45.91 6.44 -8.47
N GLN D 2022 -46.59 7.58 -8.57
CA GLN D 2022 -45.98 8.82 -8.15
C GLN D 2022 -45.84 8.92 -6.64
N ASN D 2023 -46.84 8.49 -5.89
CA ASN D 2023 -46.71 8.47 -4.44
C ASN D 2023 -45.54 7.59 -4.03
N GLN D 2024 -45.38 6.45 -4.69
CA GLN D 2024 -44.26 5.59 -4.39
C GLN D 2024 -42.93 6.26 -4.74
N ALA D 2025 -42.87 6.91 -5.89
CA ALA D 2025 -41.64 7.59 -6.27
C ALA D 2025 -41.27 8.66 -5.26
N GLY D 2026 -42.27 9.33 -4.68
CA GLY D 2026 -41.98 10.33 -3.68
C GLY D 2026 -41.43 9.73 -2.40
N GLU D 2027 -42.12 8.72 -1.87
CA GLU D 2027 -41.60 8.11 -0.65
C GLU D 2027 -40.37 7.27 -0.90
N LEU D 2028 -39.93 7.15 -2.14
CA LEU D 2028 -38.67 6.52 -2.46
C LEU D 2028 -37.54 7.54 -2.61
N MET D 2029 -37.82 8.68 -3.23
CA MET D 2029 -36.85 9.76 -3.24
C MET D 2029 -36.57 10.26 -1.84
N LEU D 2030 -37.52 10.11 -0.91
CA LEU D 2030 -37.20 10.42 0.48
C LEU D 2030 -36.01 9.60 0.96
N SER D 2031 -36.05 8.29 0.78
CA SER D 2031 -34.93 7.46 1.22
C SER D 2031 -33.68 7.75 0.40
N SER D 2032 -33.84 8.07 -0.88
CA SER D 2032 -32.66 8.42 -1.67
C SER D 2032 -31.94 9.62 -1.11
N LEU D 2033 -32.67 10.69 -0.83
CA LEU D 2033 -32.07 11.86 -0.19
C LEU D 2033 -31.49 11.50 1.17
N ARG D 2034 -32.22 10.71 1.95
CA ARG D 2034 -31.75 10.30 3.26
C ARG D 2034 -30.45 9.53 3.17
N MET D 2035 -30.22 8.83 2.06
CA MET D 2035 -28.98 8.08 1.88
C MET D 2035 -27.88 8.95 1.33
N GLN D 2036 -28.22 10.03 0.66
CA GLN D 2036 -27.19 10.95 0.21
C GLN D 2036 -26.44 11.58 1.38
N GLU D 2037 -27.13 11.95 2.46
CA GLU D 2037 -26.43 12.48 3.62
C GLU D 2037 -25.48 11.47 4.22
N GLN D 2038 -25.81 10.19 4.23
CA GLN D 2038 -24.85 9.21 4.70
C GLN D 2038 -23.66 9.14 3.75
N ALA D 2039 -23.93 9.11 2.44
CA ALA D 2039 -22.84 9.10 1.48
C ALA D 2039 -21.96 10.32 1.60
N LEU D 2040 -22.45 11.37 2.24
CA LEU D 2040 -21.69 12.60 2.38
C LEU D 2040 -21.00 12.74 3.73
N THR D 2041 -21.52 12.11 4.78
CA THR D 2041 -20.72 12.01 5.99
C THR D 2041 -19.61 10.98 5.86
N GLU D 2042 -19.77 10.01 4.97
CA GLU D 2042 -18.66 9.11 4.71
C GLU D 2042 -17.43 9.86 4.22
N LEU D 2043 -17.64 10.98 3.53
CA LEU D 2043 -16.49 11.78 3.12
C LEU D 2043 -15.87 12.52 4.29
N ASP D 2044 -16.68 13.00 5.24
CA ASP D 2044 -16.12 13.58 6.45
C ASP D 2044 -15.38 12.54 7.27
N ALA D 2045 -15.66 11.27 7.06
CA ALA D 2045 -14.86 10.22 7.69
C ALA D 2045 -13.57 9.94 6.93
N GLU D 2046 -13.64 9.91 5.60
CA GLU D 2046 -12.41 9.77 4.82
C GLU D 2046 -11.44 10.89 5.10
N LYS D 2047 -11.95 12.10 5.32
CA LYS D 2047 -11.06 13.21 5.65
C LYS D 2047 -10.36 12.97 6.97
N LYS D 2048 -11.03 12.33 7.92
CA LYS D 2048 -10.38 12.04 9.19
C LYS D 2048 -9.29 10.99 9.00
N ILE D 2049 -9.54 9.97 8.19
CA ILE D 2049 -8.48 9.01 7.87
C ILE D 2049 -7.27 9.73 7.30
N LEU D 2050 -7.49 10.57 6.30
CA LEU D 2050 -6.38 11.24 5.66
C LEU D 2050 -5.71 12.23 6.58
N GLU D 2051 -6.44 12.80 7.54
CA GLU D 2051 -5.81 13.71 8.47
C GLU D 2051 -4.95 12.97 9.47
N GLN D 2052 -5.33 11.77 9.86
CA GLN D 2052 -4.42 10.98 10.68
C GLN D 2052 -3.17 10.58 9.90
N SER D 2053 -3.32 10.25 8.63
CA SER D 2053 -2.13 10.02 7.81
C SER D 2053 -1.25 11.25 7.78
N ARG D 2054 -1.85 12.42 7.56
CA ARG D 2054 -1.10 13.65 7.51
C ARG D 2054 -0.37 13.91 8.81
N ALA D 2055 -1.02 13.65 9.94
CA ALA D 2055 -0.40 13.93 11.22
C ALA D 2055 0.74 12.96 11.48
N GLY D 2056 0.58 11.70 11.12
CA GLY D 2056 1.68 10.76 11.23
C GLY D 2056 2.88 11.17 10.41
N ALA D 2057 2.66 11.52 9.14
CA ALA D 2057 3.78 11.92 8.31
C ALA D 2057 4.41 13.21 8.80
N GLN D 2058 3.62 14.13 9.34
CA GLN D 2058 4.19 15.36 9.86
C GLN D 2058 5.02 15.10 11.10
N SER D 2059 4.59 14.16 11.94
CA SER D 2059 5.42 13.80 13.08
C SER D 2059 6.74 13.18 12.61
N ARG D 2060 6.70 12.37 11.56
CA ARG D 2060 7.93 11.79 11.06
C ARG D 2060 8.86 12.87 10.51
N VAL D 2061 8.33 13.82 9.77
CA VAL D 2061 9.16 14.91 9.29
C VAL D 2061 9.76 15.68 10.45
N ASP D 2062 8.96 15.97 11.46
CA ASP D 2062 9.48 16.68 12.63
C ASP D 2062 10.59 15.92 13.31
N SER D 2063 10.50 14.59 13.38
CA SER D 2063 11.53 13.80 14.03
C SER D 2063 12.80 13.76 13.20
N TYR D 2064 12.68 13.46 11.92
CA TYR D 2064 13.87 13.36 11.10
C TYR D 2064 14.51 14.71 10.84
N ARG D 2065 13.75 15.79 10.82
CA ARG D 2065 14.39 17.10 10.71
C ARG D 2065 15.24 17.38 11.92
N ALA D 2066 14.74 17.06 13.11
CA ALA D 2066 15.54 17.26 14.30
C ALA D 2066 16.79 16.41 14.27
N LEU D 2067 16.67 15.16 13.88
CA LEU D 2067 17.84 14.30 13.76
C LEU D 2067 18.83 14.86 12.77
N TYR D 2068 18.39 15.18 11.57
CA TYR D 2068 19.29 15.64 10.54
C TYR D 2068 19.87 17.01 10.85
N ASP D 2069 19.19 17.81 11.66
CA ASP D 2069 19.69 19.14 11.97
C ASP D 2069 20.73 19.09 13.09
N GLU D 2070 20.42 18.40 14.18
CA GLU D 2070 21.45 18.12 15.16
C GLU D 2070 22.30 17.03 14.55
N ASN D 2071 23.30 17.44 13.76
CA ASN D 2071 24.01 16.47 12.94
C ASN D 2071 24.71 15.46 13.82
N VAL D 2072 25.72 15.88 14.56
CA VAL D 2072 26.34 15.03 15.57
C VAL D 2072 26.10 15.68 16.91
N SER D 2073 25.83 14.85 17.91
CA SER D 2073 25.51 15.37 19.22
C SER D 2073 26.68 16.17 19.77
N ALA D 2074 26.45 16.84 20.89
CA ALA D 2074 27.55 17.49 21.57
C ALA D 2074 28.57 16.50 22.06
N GLU D 2075 28.16 15.25 22.26
CA GLU D 2075 29.01 14.21 22.80
C GLU D 2075 29.67 13.37 21.74
N GLU D 2076 29.03 13.21 20.59
CA GLU D 2076 29.72 12.60 19.48
C GLU D 2076 30.90 13.44 19.02
N LYS D 2077 30.82 14.76 19.15
CA LYS D 2077 32.01 15.57 18.91
C LYS D 2077 33.04 15.36 20.00
N ARG D 2078 32.58 15.15 21.23
CA ARG D 2078 33.50 14.89 22.31
C ARG D 2078 34.27 13.61 22.08
N THR D 2079 33.62 12.61 21.52
CA THR D 2079 34.31 11.37 21.18
C THR D 2079 35.40 11.59 20.15
N MET D 2080 35.14 12.42 19.16
CA MET D 2080 36.15 12.66 18.14
C MET D 2080 37.32 13.44 18.70
N ASP D 2081 37.05 14.43 19.53
CA ASP D 2081 38.15 15.11 20.22
C ASP D 2081 38.92 14.15 21.10
N LEU D 2082 38.26 13.14 21.66
CA LEU D 2082 38.96 12.21 22.53
C LEU D 2082 39.85 11.27 21.75
N TYR D 2083 39.38 10.76 20.62
CA TYR D 2083 40.24 9.94 19.79
C TYR D 2083 41.42 10.73 19.28
N LEU D 2084 41.22 12.00 18.95
CA LEU D 2084 42.34 12.81 18.49
C LEU D 2084 43.34 13.05 19.59
N SER D 2085 42.87 13.39 20.80
CA SER D 2085 43.77 13.55 21.91
C SER D 2085 44.52 12.27 22.24
N SER D 2086 43.87 11.12 22.07
CA SER D 2086 44.53 9.86 22.33
C SER D 2086 45.65 9.61 21.34
N ALA D 2087 45.39 9.87 20.05
CA ALA D 2087 46.43 9.66 19.06
C ALA D 2087 47.59 10.61 19.27
N ILE D 2088 47.31 11.84 19.68
CA ILE D 2088 48.39 12.79 19.90
C ILE D 2088 49.21 12.39 21.12
N LEU D 2089 48.55 11.94 22.19
CA LEU D 2089 49.30 11.43 23.33
C LEU D 2089 50.15 10.25 22.93
N SER D 2090 49.63 9.39 22.07
CA SER D 2090 50.37 8.19 21.71
C SER D 2090 51.57 8.47 20.83
N THR D 2091 51.57 9.56 20.09
CA THR D 2091 52.78 9.91 19.37
C THR D 2091 53.70 10.87 20.10
N SER D 2092 53.23 11.50 21.18
CA SER D 2092 54.08 12.42 21.91
C SER D 2092 54.85 11.75 23.03
N ILE D 2093 55.04 10.44 22.93
CA ILE D 2093 55.75 9.68 23.96
C ILE D 2093 57.01 9.04 23.44
N GLY D 2094 57.22 8.94 22.14
CA GLY D 2094 58.49 8.50 21.63
C GLY D 2094 59.64 9.33 22.10
N VAL D 2095 59.44 10.64 22.30
CA VAL D 2095 60.51 11.49 22.79
C VAL D 2095 60.97 11.01 24.16
N LEU D 2096 60.03 10.72 25.04
CA LEU D 2096 60.37 10.25 26.37
C LEU D 2096 60.99 8.87 26.33
N ASP D 2097 60.46 8.01 25.48
CA ASP D 2097 60.97 6.65 25.39
C ASP D 2097 62.39 6.62 24.84
N MET D 2098 62.75 7.60 24.02
CA MET D 2098 64.10 7.66 23.50
C MET D 2098 65.03 8.38 24.46
N ALA D 2099 64.55 9.37 25.16
CA ALA D 2099 65.36 9.98 26.21
C ALA D 2099 65.69 8.98 27.28
N ALA D 2100 64.76 8.07 27.58
CA ALA D 2100 65.03 7.03 28.55
C ALA D 2100 66.15 6.12 28.09
N ALA D 2101 66.14 5.73 26.82
CA ALA D 2101 67.20 4.87 26.31
C ALA D 2101 68.53 5.60 26.26
N ALA D 2102 68.54 6.87 25.87
CA ALA D 2102 69.78 7.63 25.85
C ALA D 2102 70.34 7.79 27.24
N ALA D 2103 69.47 7.93 28.24
CA ALA D 2103 69.94 7.97 29.62
C ALA D 2103 70.45 6.62 30.07
N ASP D 2104 69.86 5.55 29.57
CA ASP D 2104 70.30 4.22 29.93
C ASP D 2104 71.61 3.84 29.27
N MET D 2105 72.01 4.52 28.20
CA MET D 2105 73.27 4.18 27.57
C MET D 2105 74.47 4.55 28.44
N ALA D 2106 74.28 5.33 29.49
CA ALA D 2106 75.39 5.70 30.34
C ALA D 2106 75.63 4.64 31.40
N PRO D 2107 76.88 4.33 31.73
CA PRO D 2107 77.15 3.28 32.70
C PRO D 2107 76.62 3.61 34.07
N ASN D 2108 76.06 2.60 34.73
CA ASN D 2108 75.54 2.79 36.07
C ASN D 2108 76.22 1.95 37.12
N ILE D 2109 77.14 1.07 36.76
CA ILE D 2109 77.93 0.32 37.72
C ILE D 2109 79.33 0.91 37.74
N PHE D 2110 79.77 1.39 38.90
CA PHE D 2110 81.07 2.01 39.05
C PHE D 2110 81.89 1.20 40.05
N GLY D 2111 83.17 1.52 40.13
CA GLY D 2111 84.05 0.81 41.02
C GLY D 2111 85.08 -0.03 40.29
N VAL D 2112 85.46 -1.17 40.86
CA VAL D 2112 86.45 -2.01 40.22
C VAL D 2112 85.89 -2.65 38.96
N ALA D 2113 84.59 -2.96 38.97
CA ALA D 2113 83.91 -3.34 37.74
C ALA D 2113 83.06 -2.18 37.26
N VAL D 2114 83.33 -1.68 36.07
CA VAL D 2114 82.59 -0.56 35.51
C VAL D 2114 81.71 -1.10 34.40
N GLY D 2115 80.61 -0.43 34.14
CA GLY D 2115 79.77 -0.83 33.04
C GLY D 2115 78.30 -0.59 33.31
N GLY D 2116 77.44 -1.42 32.75
CA GLY D 2116 76.03 -1.33 32.98
C GLY D 2116 75.25 -0.62 31.91
N SER D 2117 75.89 -0.17 30.84
CA SER D 2117 75.14 0.44 29.76
C SER D 2117 74.18 -0.57 29.16
N ARG D 2118 73.17 -0.07 28.48
CA ARG D 2118 72.20 -0.91 27.79
C ARG D 2118 72.42 -0.70 26.30
N TRP D 2119 73.09 -1.65 25.67
CA TRP D 2119 73.46 -1.49 24.28
C TRP D 2119 72.25 -1.46 23.36
N GLY D 2120 71.21 -2.20 23.67
CA GLY D 2120 70.08 -2.29 22.77
C GLY D 2120 68.99 -1.31 23.11
N GLY D 2121 69.29 -0.40 24.03
CA GLY D 2121 68.28 0.53 24.48
C GLY D 2121 67.75 1.39 23.36
N ILE D 2122 68.64 1.88 22.50
CA ILE D 2122 68.24 2.83 21.46
C ILE D 2122 67.50 2.14 20.33
N PRO D 2123 67.93 0.98 19.82
CA PRO D 2123 67.08 0.28 18.87
C PRO D 2123 65.74 -0.11 19.46
N LYS D 2124 65.73 -0.58 20.70
CA LYS D 2124 64.47 -0.93 21.33
C LYS D 2124 63.55 0.28 21.44
N ALA D 2125 64.11 1.45 21.72
CA ALA D 2125 63.27 2.63 21.87
C ALA D 2125 62.77 3.14 20.54
N ILE D 2126 63.58 3.03 19.49
CA ILE D 2126 63.08 3.35 18.16
C ILE D 2126 61.93 2.42 17.81
N GLY D 2127 62.06 1.15 18.12
CA GLY D 2127 60.96 0.24 17.87
C GLY D 2127 59.73 0.58 18.67
N ALA D 2128 59.90 0.95 19.93
CA ALA D 2128 58.74 1.33 20.75
C ALA D 2128 58.06 2.56 20.20
N GLY D 2129 58.84 3.51 19.71
CA GLY D 2129 58.25 4.66 19.05
C GLY D 2129 57.51 4.30 17.78
N MET D 2130 58.04 3.33 17.03
CA MET D 2130 57.33 2.86 15.85
C MET D 2130 56.01 2.22 16.23
N SER D 2131 56.01 1.43 17.29
CA SER D 2131 54.77 0.78 17.71
C SER D 2131 53.76 1.79 18.21
N LEU D 2132 54.23 2.85 18.83
CA LEU D 2132 53.29 3.91 19.23
C LEU D 2132 52.77 4.66 18.02
N ALA D 2133 53.59 4.89 17.00
CA ALA D 2133 53.06 5.50 15.79
C ALA D 2133 52.04 4.60 15.12
N ALA D 2134 52.27 3.30 15.11
CA ALA D 2134 51.29 2.39 14.52
C ALA D 2134 50.00 2.38 15.32
N SER D 2135 50.10 2.42 16.64
CA SER D 2135 48.90 2.48 17.46
C SER D 2135 48.12 3.77 17.22
N ALA D 2136 48.81 4.90 17.18
CA ALA D 2136 48.12 6.17 16.99
C ALA D 2136 47.57 6.27 15.58
N THR D 2137 48.22 5.66 14.61
CA THR D 2137 47.66 5.60 13.28
C THR D 2137 46.39 4.79 13.23
N LYS D 2138 46.33 3.66 13.91
CA LYS D 2138 45.06 2.93 13.96
C LYS D 2138 44.01 3.72 14.72
N ILE D 2139 44.41 4.47 15.75
CA ILE D 2139 43.44 5.26 16.49
C ILE D 2139 42.84 6.35 15.61
N THR D 2140 43.68 7.05 14.85
CA THR D 2140 43.13 8.08 13.98
C THR D 2140 42.35 7.48 12.82
N ALA D 2141 42.70 6.27 12.38
CA ALA D 2141 41.87 5.61 11.39
C ALA D 2141 40.49 5.31 11.96
N ASP D 2142 40.43 4.84 13.21
CA ASP D 2142 39.14 4.60 13.83
C ASP D 2142 38.36 5.88 14.01
N ASN D 2143 39.04 6.98 14.31
CA ASN D 2143 38.37 8.26 14.41
C ASN D 2143 37.71 8.65 13.09
N ILE D 2144 38.47 8.56 11.99
CA ILE D 2144 37.91 8.88 10.69
C ILE D 2144 36.76 7.95 10.36
N SER D 2145 36.90 6.66 10.66
CA SER D 2145 35.83 5.71 10.37
C SER D 2145 34.58 6.04 11.15
N GLN D 2146 34.73 6.44 12.39
CA GLN D 2146 33.60 6.85 13.20
C GLN D 2146 32.89 8.04 12.58
N SER D 2147 33.63 9.09 12.27
CA SER D 2147 33.00 10.28 11.72
C SER D 2147 32.33 9.96 10.39
N GLU D 2148 32.89 9.05 9.61
CA GLU D 2148 32.28 8.70 8.34
C GLU D 2148 31.01 7.89 8.56
N ALA D 2149 30.99 7.02 9.55
CA ALA D 2149 29.76 6.33 9.89
C ALA D 2149 28.68 7.31 10.27
N TRP D 2150 29.04 8.35 11.02
CA TRP D 2150 28.04 9.34 11.39
C TRP D 2150 27.58 10.14 10.19
N ARG D 2151 28.47 10.40 9.24
CA ARG D 2151 28.05 11.12 8.05
C ARG D 2151 27.11 10.30 7.20
N ARG D 2152 27.39 9.01 7.04
CA ARG D 2152 26.46 8.15 6.33
C ARG D 2152 25.15 8.03 7.06
N ARG D 2153 25.19 8.06 8.39
CA ARG D 2153 23.95 8.09 9.16
C ARG D 2153 23.15 9.33 8.84
N ARG D 2154 23.79 10.48 8.81
CA ARG D 2154 23.07 11.70 8.50
C ARG D 2154 22.53 11.69 7.09
N GLN D 2155 23.21 11.01 6.17
CA GLN D 2155 22.68 10.92 4.82
C GLN D 2155 21.45 10.03 4.76
N GLU D 2156 21.48 8.91 5.48
CA GLU D 2156 20.26 8.12 5.60
C GLU D 2156 19.13 8.95 6.19
N TRP D 2157 19.44 9.75 7.19
CA TRP D 2157 18.42 10.57 7.83
C TRP D 2157 17.87 11.59 6.86
N GLU D 2158 18.72 12.20 6.06
CA GLU D 2158 18.23 13.14 5.06
C GLU D 2158 17.31 12.45 4.07
N ILE D 2159 17.65 11.23 3.67
CA ILE D 2159 16.77 10.49 2.78
C ILE D 2159 15.45 10.21 3.44
N GLN D 2160 15.46 9.81 4.71
CA GLN D 2160 14.21 9.54 5.40
C GLN D 2160 13.39 10.82 5.57
N LYS D 2161 14.04 11.93 5.84
CA LYS D 2161 13.33 13.19 6.00
C LYS D 2161 12.69 13.61 4.70
N ASN D 2162 13.37 13.38 3.59
CA ASN D 2162 12.76 13.68 2.30
C ASN D 2162 11.62 12.73 1.98
N ASN D 2163 11.75 11.45 2.32
CA ASN D 2163 10.63 10.54 2.17
C ASN D 2163 9.40 11.09 2.87
N ALA D 2164 9.54 11.41 4.15
CA ALA D 2164 8.38 11.85 4.90
C ALA D 2164 7.89 13.21 4.45
N GLU D 2165 8.81 14.07 4.02
CA GLU D 2165 8.44 15.39 3.56
C GLU D 2165 7.69 15.35 2.25
N SER D 2166 8.00 14.38 1.39
CA SER D 2166 7.23 14.22 0.16
C SER D 2166 5.94 13.48 0.41
N GLU D 2167 5.93 12.57 1.38
CA GLU D 2167 4.68 11.94 1.75
C GLU D 2167 3.69 12.94 2.29
N ILE D 2168 4.17 13.97 2.98
CA ILE D 2168 3.27 15.04 3.42
C ILE D 2168 2.65 15.75 2.21
N ARG D 2169 3.45 16.09 1.22
CA ARG D 2169 2.90 16.75 0.05
C ARG D 2169 1.91 15.85 -0.66
N GLN D 2170 2.20 14.56 -0.73
CA GLN D 2170 1.28 13.63 -1.35
C GLN D 2170 -0.02 13.55 -0.57
N ILE D 2171 0.05 13.56 0.76
CA ILE D 2171 -1.18 13.47 1.54
C ILE D 2171 -1.96 14.77 1.48
N ASP D 2172 -1.28 15.89 1.29
CA ASP D 2172 -2.02 17.13 1.12
C ASP D 2172 -2.72 17.18 -0.24
N ALA D 2173 -2.03 16.76 -1.29
CA ALA D 2173 -2.72 16.66 -2.57
C ALA D 2173 -3.87 15.66 -2.49
N GLN D 2174 -3.73 14.65 -1.66
CA GLN D 2174 -4.81 13.68 -1.48
C GLN D 2174 -5.98 14.31 -0.75
N LEU D 2175 -5.73 15.16 0.24
CA LEU D 2175 -6.80 15.88 0.89
C LEU D 2175 -7.48 16.85 -0.06
N GLU D 2176 -6.73 17.43 -0.98
CA GLU D 2176 -7.36 18.31 -1.96
C GLU D 2176 -8.24 17.54 -2.92
N ALA D 2177 -7.77 16.38 -3.38
CA ALA D 2177 -8.63 15.52 -4.18
C ALA D 2177 -9.88 15.13 -3.42
N LEU D 2178 -9.76 14.89 -2.12
CA LEU D 2178 -10.95 14.58 -1.34
C LEU D 2178 -11.89 15.76 -1.21
N ALA D 2179 -11.35 16.97 -1.06
CA ALA D 2179 -12.23 18.13 -1.00
C ALA D 2179 -12.97 18.35 -2.31
N VAL D 2180 -12.31 18.07 -3.44
CA VAL D 2180 -13.00 18.12 -4.72
C VAL D 2180 -14.08 17.04 -4.79
N ARG D 2181 -13.76 15.83 -4.37
CA ARG D 2181 -14.77 14.79 -4.37
C ARG D 2181 -15.93 15.13 -3.45
N ARG D 2182 -15.68 15.88 -2.40
CA ARG D 2182 -16.77 16.28 -1.52
C ARG D 2182 -17.63 17.36 -2.15
N THR D 2183 -17.01 18.33 -2.82
CA THR D 2183 -17.86 19.29 -3.50
C THR D 2183 -18.59 18.67 -4.67
N ALA D 2184 -18.15 17.50 -5.15
CA ALA D 2184 -18.92 16.79 -6.17
C ALA D 2184 -20.04 15.98 -5.56
N THR D 2185 -19.83 15.42 -4.39
CA THR D 2185 -20.92 14.74 -3.69
C THR D 2185 -21.98 15.71 -3.19
N GLU D 2186 -21.61 16.92 -2.81
CA GLU D 2186 -22.62 17.91 -2.47
C GLU D 2186 -23.45 18.27 -3.70
N MET D 2187 -22.82 18.31 -4.86
CA MET D 2187 -23.58 18.56 -6.08
C MET D 2187 -24.46 17.39 -6.44
N GLN D 2188 -24.00 16.16 -6.21
CA GLN D 2188 -24.90 15.01 -6.36
C GLN D 2188 -26.09 15.13 -5.41
N ARG D 2189 -25.86 15.67 -4.22
CA ARG D 2189 -26.96 15.84 -3.27
C ARG D 2189 -27.95 16.90 -3.76
N GLU D 2190 -27.45 18.00 -4.30
CA GLU D 2190 -28.38 19.00 -4.82
C GLU D 2190 -29.12 18.49 -6.05
N HIS D 2191 -28.45 17.67 -6.85
CA HIS D 2191 -29.12 17.02 -7.97
C HIS D 2191 -30.25 16.12 -7.48
N MET D 2192 -30.00 15.32 -6.45
CA MET D 2192 -31.05 14.47 -5.91
C MET D 2192 -32.17 15.30 -5.31
N GLU D 2193 -31.84 16.43 -4.70
CA GLU D 2193 -32.88 17.31 -4.16
C GLU D 2193 -33.73 17.92 -5.27
N ILE D 2194 -33.11 18.28 -6.39
CA ILE D 2194 -33.90 18.80 -7.50
C ILE D 2194 -34.75 17.70 -8.09
N GLN D 2195 -34.28 16.46 -8.07
CA GLN D 2195 -35.12 15.35 -8.50
C GLN D 2195 -36.31 15.16 -7.57
N GLN D 2196 -36.10 15.34 -6.28
CA GLN D 2196 -37.21 15.22 -5.35
C GLN D 2196 -38.23 16.33 -5.59
N ALA D 2197 -37.76 17.55 -5.80
CA ALA D 2197 -38.67 18.64 -6.10
C ALA D 2197 -39.43 18.38 -7.39
N GLN D 2198 -38.80 17.72 -8.35
CA GLN D 2198 -39.48 17.45 -9.61
C GLN D 2198 -40.51 16.35 -9.48
N THR D 2199 -40.20 15.32 -8.69
CA THR D 2199 -41.22 14.32 -8.41
C THR D 2199 -42.41 14.95 -7.69
N GLN D 2200 -42.14 15.90 -6.79
CA GLN D 2200 -43.24 16.62 -6.18
C GLN D 2200 -44.03 17.42 -7.21
N ALA D 2201 -43.36 18.05 -8.16
CA ALA D 2201 -44.07 18.79 -9.19
C ALA D 2201 -44.92 17.87 -10.05
N GLN D 2202 -44.45 16.68 -10.33
CA GLN D 2202 -45.24 15.74 -11.12
C GLN D 2202 -46.45 15.26 -10.35
N LEU D 2203 -46.29 14.99 -9.06
CA LEU D 2203 -47.45 14.62 -8.25
C LEU D 2203 -48.45 15.76 -8.18
N GLU D 2204 -47.97 16.97 -7.97
CA GLU D 2204 -48.85 18.14 -7.98
C GLU D 2204 -49.59 18.25 -9.30
N PHE D 2205 -48.90 18.00 -10.41
CA PHE D 2205 -49.56 18.08 -11.71
C PHE D 2205 -50.63 17.01 -11.84
N LEU D 2206 -50.31 15.76 -11.47
CA LEU D 2206 -51.31 14.71 -11.55
C LEU D 2206 -52.49 14.96 -10.63
N GLN D 2207 -52.32 15.74 -9.59
CA GLN D 2207 -53.44 15.95 -8.69
C GLN D 2207 -54.24 17.19 -9.04
N ARG D 2208 -53.60 18.19 -9.65
CA ARG D 2208 -54.33 19.38 -10.08
C ARG D 2208 -54.96 19.22 -11.44
N LYS D 2209 -54.40 18.39 -12.30
CA LYS D 2209 -54.89 18.28 -13.66
C LYS D 2209 -56.36 17.90 -13.67
N PHE D 2210 -57.05 18.29 -14.73
CA PHE D 2210 -58.49 18.08 -14.74
C PHE D 2210 -58.84 16.60 -14.73
N SER D 2211 -58.25 15.83 -15.63
CA SER D 2211 -58.64 14.44 -15.81
C SER D 2211 -57.94 13.55 -14.79
N ASN D 2212 -58.12 13.88 -13.52
CA ASN D 2212 -57.47 13.15 -12.44
C ASN D 2212 -58.34 11.98 -12.02
N LYS D 2213 -57.87 11.24 -11.02
CA LYS D 2213 -58.60 10.06 -10.57
C LYS D 2213 -59.99 10.43 -10.07
N ALA D 2214 -60.12 11.61 -9.46
CA ALA D 2214 -61.41 12.00 -8.92
C ALA D 2214 -62.45 12.18 -10.03
N LEU D 2215 -62.07 12.84 -11.12
CA LEU D 2215 -62.97 13.02 -12.25
C LEU D 2215 -63.49 11.68 -12.75
N TYR D 2216 -62.56 10.78 -13.08
CA TYR D 2216 -62.97 9.50 -13.62
C TYR D 2216 -63.74 8.67 -12.61
N SER D 2217 -63.48 8.83 -11.32
CA SER D 2217 -64.28 8.11 -10.34
C SER D 2217 -65.71 8.62 -10.34
N TRP D 2218 -65.88 9.94 -10.37
CA TRP D 2218 -67.23 10.50 -10.44
C TRP D 2218 -67.95 10.05 -11.69
N LEU D 2219 -67.28 10.14 -12.84
CA LEU D 2219 -67.91 9.73 -14.08
C LEU D 2219 -68.24 8.25 -14.09
N ARG D 2220 -67.37 7.43 -13.50
CA ARG D 2220 -67.64 6.00 -13.46
C ARG D 2220 -68.84 5.69 -12.59
N GLY D 2221 -68.93 6.29 -11.41
CA GLY D 2221 -70.08 6.04 -10.57
C GLY D 2221 -71.37 6.56 -11.18
N ARG D 2222 -71.32 7.77 -11.74
CA ARG D 2222 -72.49 8.36 -12.36
C ARG D 2222 -72.98 7.54 -13.55
N LEU D 2223 -72.08 7.19 -14.46
CA LEU D 2223 -72.45 6.36 -15.59
C LEU D 2223 -72.85 4.96 -15.17
N ALA D 2224 -72.30 4.44 -14.07
CA ALA D 2224 -72.71 3.12 -13.62
C ALA D 2224 -74.14 3.14 -13.13
N SER D 2225 -74.53 4.21 -12.43
CA SER D 2225 -75.93 4.34 -12.04
C SER D 2225 -76.83 4.43 -13.27
N ILE D 2226 -76.47 5.29 -14.22
CA ILE D 2226 -77.27 5.43 -15.43
C ILE D 2226 -77.37 4.10 -16.17
N TYR D 2227 -76.25 3.40 -16.31
CA TYR D 2227 -76.23 2.14 -17.02
C TYR D 2227 -77.09 1.10 -16.34
N TYR D 2228 -77.01 1.02 -15.01
CA TYR D 2228 -77.79 0.03 -14.30
C TYR D 2228 -79.27 0.29 -14.46
N ARG D 2229 -79.70 1.54 -14.32
CA ARG D 2229 -81.12 1.81 -14.42
C ARG D 2229 -81.57 2.05 -15.86
N PHE D 2230 -80.67 1.94 -16.82
CA PHE D 2230 -81.00 1.91 -18.24
C PHE D 2230 -81.18 0.50 -18.75
N TYR D 2231 -80.40 -0.45 -18.23
CA TYR D 2231 -80.62 -1.85 -18.56
C TYR D 2231 -82.03 -2.27 -18.13
N ASP D 2232 -82.56 -1.65 -17.08
CA ASP D 2232 -83.93 -1.91 -16.68
C ASP D 2232 -84.93 -1.58 -17.77
N LEU D 2233 -84.73 -0.46 -18.47
CA LEU D 2233 -85.62 -0.14 -19.58
C LEU D 2233 -85.36 -1.06 -20.76
N THR D 2234 -84.10 -1.37 -21.03
CA THR D 2234 -83.79 -2.19 -22.18
C THR D 2234 -84.37 -3.60 -22.07
N ALA D 2235 -84.28 -4.22 -20.90
CA ALA D 2235 -84.85 -5.55 -20.74
C ALA D 2235 -86.37 -5.51 -20.87
N ALA D 2236 -87.00 -4.46 -20.35
CA ALA D 2236 -88.43 -4.32 -20.54
C ALA D 2236 -88.81 -4.14 -22.00
N ARG D 2237 -88.02 -3.41 -22.78
CA ARG D 2237 -88.30 -3.29 -24.20
C ARG D 2237 -88.15 -4.62 -24.92
N CYS D 2238 -87.10 -5.37 -24.58
CA CYS D 2238 -86.93 -6.66 -25.21
C CYS D 2238 -88.07 -7.60 -24.84
N MET D 2239 -88.59 -7.47 -23.63
CA MET D 2239 -89.73 -8.28 -23.24
C MET D 2239 -91.00 -7.85 -23.95
N MET D 2240 -91.19 -6.54 -24.13
CA MET D 2240 -92.29 -6.06 -24.95
C MET D 2240 -92.20 -6.62 -26.35
N ALA D 2241 -91.00 -6.63 -26.93
CA ALA D 2241 -90.84 -7.15 -28.27
C ALA D 2241 -91.12 -8.64 -28.31
N GLU D 2242 -90.72 -9.37 -27.28
CA GLU D 2242 -91.04 -10.80 -27.25
C GLU D 2242 -92.54 -11.03 -27.16
N LYS D 2243 -93.24 -10.20 -26.39
CA LYS D 2243 -94.67 -10.36 -26.29
C LYS D 2243 -95.36 -10.01 -27.61
N ALA D 2244 -94.92 -8.94 -28.27
CA ALA D 2244 -95.49 -8.63 -29.57
C ALA D 2244 -95.22 -9.74 -30.56
N TYR D 2245 -94.06 -10.41 -30.44
CA TYR D 2245 -93.79 -11.57 -31.26
C TYR D 2245 -94.76 -12.70 -30.95
N ALA D 2246 -95.00 -12.96 -29.67
CA ALA D 2246 -95.91 -14.04 -29.30
C ALA D 2246 -97.34 -13.74 -29.72
N TRP D 2247 -97.71 -12.47 -29.80
CA TRP D 2247 -99.09 -12.14 -30.19
C TRP D 2247 -99.25 -12.09 -31.69
N GLN D 2248 -98.20 -11.71 -32.42
CA GLN D 2248 -98.29 -11.68 -33.87
C GLN D 2248 -98.12 -13.07 -34.47
N THR D 2249 -97.37 -13.94 -33.81
CA THR D 2249 -97.30 -15.35 -34.18
C THR D 2249 -97.67 -16.16 -32.95
N ASN D 2250 -98.73 -16.96 -33.07
CA ASN D 2250 -99.22 -17.67 -31.90
C ASN D 2250 -98.27 -18.79 -31.49
N ASP D 2251 -97.04 -18.41 -31.09
CA ASP D 2251 -96.03 -19.35 -30.58
C ASP D 2251 -95.56 -18.78 -29.24
N THR D 2252 -96.28 -19.10 -28.18
CA THR D 2252 -95.94 -18.60 -26.85
C THR D 2252 -95.06 -19.56 -26.07
N ALA D 2253 -95.03 -20.84 -26.45
CA ALA D 2253 -94.16 -21.78 -25.77
C ALA D 2253 -92.69 -21.40 -25.95
N THR D 2254 -92.33 -20.89 -27.13
CA THR D 2254 -90.97 -20.48 -27.37
C THR D 2254 -90.70 -19.11 -26.76
N ARG D 2255 -89.45 -18.91 -26.35
CA ARG D 2255 -89.03 -17.64 -25.79
C ARG D 2255 -87.58 -17.39 -26.16
N TYR D 2256 -87.27 -16.14 -26.45
CA TYR D 2256 -85.97 -15.77 -26.98
C TYR D 2256 -85.20 -14.82 -26.08
N ILE D 2257 -85.86 -13.81 -25.51
CA ILE D 2257 -85.20 -12.91 -24.57
C ILE D 2257 -85.01 -13.69 -23.28
N LYS D 2258 -83.80 -14.17 -23.04
CA LYS D 2258 -83.51 -14.97 -21.86
C LYS D 2258 -82.65 -14.20 -20.87
N SER D 2259 -82.64 -14.69 -19.63
CA SER D 2259 -81.99 -14.02 -18.53
C SER D 2259 -80.48 -14.23 -18.61
N GLY D 2260 -79.75 -13.71 -17.63
CA GLY D 2260 -78.32 -13.76 -17.69
C GLY D 2260 -77.69 -12.74 -18.59
N ALA D 2261 -78.47 -11.80 -19.12
CA ALA D 2261 -77.89 -10.72 -19.92
C ALA D 2261 -77.07 -9.78 -19.05
N TRP D 2262 -77.47 -9.61 -17.80
CA TRP D 2262 -76.75 -8.78 -16.85
C TRP D 2262 -76.04 -9.68 -15.85
N GLN D 2263 -74.72 -9.53 -15.77
CA GLN D 2263 -73.92 -10.28 -14.81
C GLN D 2263 -73.27 -9.28 -13.87
N SER D 2264 -73.47 -9.47 -12.58
CA SER D 2264 -72.87 -8.55 -11.62
C SER D 2264 -71.37 -8.73 -11.47
N ASN D 2265 -70.83 -9.89 -11.87
CA ASN D 2265 -69.39 -10.02 -11.93
C ASN D 2265 -68.76 -8.95 -12.79
N ASN D 2266 -69.40 -8.61 -13.89
CA ASN D 2266 -68.88 -7.64 -14.84
C ASN D 2266 -69.55 -6.29 -14.72
N ALA D 2267 -70.19 -6.00 -13.58
CA ALA D 2267 -70.94 -4.76 -13.40
C ALA D 2267 -71.92 -4.53 -14.55
N GLY D 2268 -72.44 -5.62 -15.09
CA GLY D 2268 -73.42 -5.55 -16.15
C GLY D 2268 -72.87 -5.19 -17.50
N LEU D 2269 -71.57 -5.19 -17.67
CA LEU D 2269 -71.00 -4.90 -18.97
C LEU D 2269 -71.39 -5.98 -19.96
N MET D 2270 -71.53 -5.59 -21.22
CA MET D 2270 -71.95 -6.47 -22.30
C MET D 2270 -73.30 -7.12 -22.01
N ALA D 2271 -74.20 -6.34 -21.41
CA ALA D 2271 -75.61 -6.71 -21.39
C ALA D 2271 -76.26 -6.42 -22.73
N GLY D 2272 -75.87 -5.31 -23.36
CA GLY D 2272 -76.42 -4.98 -24.66
C GLY D 2272 -76.12 -6.02 -25.70
N GLU D 2273 -74.94 -6.60 -25.67
CA GLU D 2273 -74.59 -7.64 -26.63
C GLU D 2273 -75.50 -8.85 -26.50
N SER D 2274 -75.70 -9.33 -25.27
CA SER D 2274 -76.57 -10.48 -25.08
C SER D 2274 -78.00 -10.17 -25.48
N LEU D 2275 -78.53 -9.03 -25.04
CA LEU D 2275 -79.89 -8.68 -25.37
C LEU D 2275 -80.08 -8.54 -26.87
N LEU D 2276 -79.09 -8.00 -27.56
CA LEU D 2276 -79.26 -7.79 -28.98
C LEU D 2276 -79.06 -9.08 -29.75
N LEU D 2277 -78.22 -9.99 -29.28
CA LEU D 2277 -78.20 -11.33 -29.86
C LEU D 2277 -79.55 -12.00 -29.73
N ASN D 2278 -80.19 -11.85 -28.56
CA ASN D 2278 -81.53 -12.41 -28.41
C ASN D 2278 -82.53 -11.76 -29.36
N LEU D 2279 -82.47 -10.44 -29.49
CA LEU D 2279 -83.37 -9.77 -30.41
C LEU D 2279 -83.15 -10.22 -31.84
N ALA D 2280 -81.91 -10.50 -32.22
CA ALA D 2280 -81.67 -10.97 -33.58
C ALA D 2280 -82.14 -12.40 -33.76
N GLU D 2281 -81.98 -13.23 -32.74
CA GLU D 2281 -82.55 -14.58 -32.79
C GLU D 2281 -84.04 -14.51 -33.02
N MET D 2282 -84.72 -13.63 -32.28
CA MET D 2282 -86.16 -13.51 -32.42
C MET D 2282 -86.56 -12.93 -33.77
N GLU D 2283 -85.80 -11.96 -34.26
CA GLU D 2283 -86.10 -11.39 -35.57
C GLU D 2283 -85.94 -12.42 -36.67
N GLN D 2284 -84.94 -13.29 -36.57
CA GLN D 2284 -84.78 -14.26 -37.65
C GLN D 2284 -85.81 -15.38 -37.54
N ALA D 2285 -86.18 -15.77 -36.34
CA ALA D 2285 -87.34 -16.65 -36.21
C ALA D 2285 -88.56 -16.03 -36.88
N TRP D 2286 -88.77 -14.73 -36.69
CA TRP D 2286 -89.89 -14.06 -37.33
C TRP D 2286 -89.75 -14.05 -38.84
N LEU D 2287 -88.54 -13.81 -39.33
CA LEU D 2287 -88.35 -13.75 -40.78
C LEU D 2287 -88.55 -15.11 -41.43
N LYS D 2288 -88.34 -16.19 -40.69
CA LYS D 2288 -88.62 -17.51 -41.25
C LYS D 2288 -90.10 -17.85 -41.15
N ARG D 2289 -90.76 -17.44 -40.06
CA ARG D 2289 -92.17 -17.76 -39.89
C ARG D 2289 -93.06 -16.82 -40.68
N ASP D 2290 -92.53 -15.71 -41.18
CA ASP D 2290 -93.34 -14.74 -41.90
C ASP D 2290 -93.47 -15.16 -43.35
N SER D 2291 -94.64 -14.92 -43.93
CA SER D 2291 -94.91 -15.21 -45.32
C SER D 2291 -96.18 -14.48 -45.73
N ARG D 2292 -96.68 -14.79 -46.93
CA ARG D 2292 -98.02 -14.37 -47.26
C ARG D 2292 -99.01 -15.09 -46.36
N SER D 2293 -100.27 -14.67 -46.44
CA SER D 2293 -101.32 -15.36 -45.71
C SER D 2293 -102.63 -15.18 -46.44
N LEU D 2294 -103.42 -16.24 -46.48
CA LEU D 2294 -104.78 -16.11 -46.97
C LEU D 2294 -105.58 -15.24 -46.02
N GLU D 2295 -106.33 -14.30 -46.59
CA GLU D 2295 -107.14 -13.39 -45.79
C GLU D 2295 -108.53 -13.30 -46.42
N VAL D 2296 -109.55 -13.40 -45.58
CA VAL D 2296 -110.93 -13.50 -46.01
C VAL D 2296 -111.77 -12.51 -45.23
N THR D 2297 -112.80 -11.98 -45.88
CA THR D 2297 -113.87 -11.27 -45.20
C THR D 2297 -115.08 -12.19 -45.06
N ARG D 2298 -115.78 -12.06 -43.95
CA ARG D 2298 -117.04 -12.79 -43.79
C ARG D 2298 -118.13 -11.80 -43.42
N THR D 2299 -119.07 -11.61 -44.33
CA THR D 2299 -120.21 -10.72 -44.10
C THR D 2299 -121.25 -11.50 -43.32
N VAL D 2300 -121.47 -11.10 -42.07
CA VAL D 2300 -122.38 -11.81 -41.17
C VAL D 2300 -123.63 -10.97 -40.99
N SER D 2301 -124.65 -11.23 -41.79
CA SER D 2301 -125.95 -10.58 -41.62
C SER D 2301 -126.59 -11.19 -40.38
N LEU D 2302 -126.54 -10.46 -39.27
CA LEU D 2302 -126.99 -11.00 -37.99
C LEU D 2302 -128.47 -11.38 -37.99
N ALA D 2303 -129.26 -10.84 -38.92
CA ALA D 2303 -130.63 -11.30 -39.05
C ALA D 2303 -130.70 -12.80 -39.28
N ALA D 2304 -129.71 -13.36 -39.98
CA ALA D 2304 -129.68 -14.80 -40.22
C ALA D 2304 -129.44 -15.59 -38.94
N VAL D 2305 -128.36 -15.29 -38.22
CA VAL D 2305 -128.09 -15.98 -36.97
C VAL D 2305 -129.17 -15.72 -35.94
N TYR D 2306 -129.94 -14.64 -36.10
CA TYR D 2306 -131.12 -14.46 -35.27
C TYR D 2306 -132.28 -15.34 -35.72
N ARG D 2307 -132.44 -15.54 -37.03
CA ARG D 2307 -133.40 -16.51 -37.53
C ARG D 2307 -133.10 -17.91 -37.04
N THR D 2308 -131.82 -18.24 -36.82
CA THR D 2308 -131.51 -19.51 -36.16
C THR D 2308 -132.16 -19.60 -34.79
N ASP D 2309 -132.43 -18.46 -34.16
CA ASP D 2309 -133.16 -18.42 -32.90
C ASP D 2309 -134.65 -18.19 -33.09
N ASN D 2310 -135.12 -18.03 -34.32
CA ASN D 2310 -136.54 -17.88 -34.63
C ASN D 2310 -137.14 -16.63 -33.99
N VAL D 2311 -136.30 -15.77 -33.43
CA VAL D 2311 -136.70 -14.59 -32.66
C VAL D 2311 -136.09 -13.37 -33.37
N THR D 2312 -136.07 -13.45 -34.71
CA THR D 2312 -135.22 -12.64 -35.57
C THR D 2312 -135.29 -11.15 -35.24
N LEU D 2313 -134.24 -10.41 -35.62
CA LEU D 2313 -134.05 -9.05 -35.14
C LEU D 2313 -135.24 -8.16 -35.43
N ALA D 2314 -135.81 -8.29 -36.64
CA ALA D 2314 -136.86 -7.37 -37.09
C ALA D 2314 -137.96 -7.21 -36.04
N GLU D 2315 -138.43 -8.30 -35.45
CA GLU D 2315 -139.42 -8.23 -34.38
C GLU D 2315 -138.84 -8.49 -33.01
N GLY D 2316 -137.55 -8.78 -32.91
CA GLY D 2316 -136.94 -8.93 -31.60
C GLY D 2316 -136.44 -7.60 -31.06
N ILE D 2317 -136.39 -6.58 -31.91
CA ILE D 2317 -135.90 -5.28 -31.49
C ILE D 2317 -137.05 -4.35 -31.12
N ALA D 2318 -138.11 -4.33 -31.93
CA ALA D 2318 -139.20 -3.40 -31.70
C ALA D 2318 -139.97 -3.74 -30.44
N ASP D 2319 -140.20 -5.02 -30.18
CA ASP D 2319 -140.94 -5.44 -28.99
C ASP D 2319 -140.22 -5.08 -27.71
N LEU D 2320 -138.89 -4.94 -27.77
CA LEU D 2320 -138.13 -4.58 -26.58
C LEU D 2320 -138.42 -3.12 -26.24
N LEU D 2321 -139.39 -2.91 -25.35
CA LEU D 2321 -139.83 -1.56 -24.97
C LEU D 2321 -140.15 -1.62 -23.47
N LYS D 2322 -139.16 -1.30 -22.65
CA LYS D 2322 -139.31 -1.29 -21.20
C LYS D 2322 -138.07 -0.67 -20.60
N GLY D 2323 -138.25 -0.11 -19.40
CA GLY D 2323 -137.14 0.49 -18.69
C GLY D 2323 -136.52 -0.49 -17.72
N ASN D 2324 -136.41 -1.75 -18.13
CA ASN D 2324 -135.88 -2.79 -17.26
C ASN D 2324 -134.37 -2.64 -17.10
N GLY D 2325 -133.88 -2.92 -15.90
CA GLY D 2325 -132.46 -2.87 -15.62
C GLY D 2325 -131.89 -4.24 -15.29
N SER D 2326 -130.81 -4.61 -15.97
CA SER D 2326 -130.21 -5.94 -15.77
C SER D 2326 -128.78 -5.89 -16.30
N GLY D 2327 -127.81 -6.06 -15.40
CA GLY D 2327 -126.44 -6.27 -15.80
C GLY D 2327 -126.18 -7.70 -16.23
N ASN D 2328 -124.95 -7.96 -16.67
CA ASN D 2328 -124.52 -9.27 -17.16
C ASN D 2328 -125.43 -9.72 -18.31
N ILE D 2329 -125.30 -8.98 -19.41
CA ILE D 2329 -126.28 -9.01 -20.50
C ILE D 2329 -126.34 -10.36 -21.21
N PRO D 2330 -125.22 -10.96 -21.64
CA PRO D 2330 -125.42 -12.25 -22.31
C PRO D 2330 -125.61 -13.40 -21.33
N THR D 2338 -131.83 -3.23 -24.18
CA THR D 2338 -132.48 -2.70 -22.99
C THR D 2338 -132.11 -3.52 -21.76
N ALA D 2339 -130.82 -3.83 -21.63
CA ALA D 2339 -130.34 -4.56 -20.46
C ALA D 2339 -130.59 -3.74 -19.19
N ASP D 2340 -129.94 -2.58 -19.10
CA ASP D 2340 -130.23 -1.64 -18.01
C ASP D 2340 -130.83 -0.35 -18.55
N ASN D 2341 -130.13 0.35 -19.43
CA ASN D 2341 -130.70 1.45 -20.19
C ASN D 2341 -130.17 1.46 -21.62
N GLN D 2342 -129.52 0.39 -22.04
CA GLN D 2342 -128.83 0.33 -23.31
C GLN D 2342 -129.06 -1.05 -23.92
N LEU D 2343 -128.90 -1.12 -25.23
CA LEU D 2343 -129.08 -2.37 -25.96
C LEU D 2343 -127.75 -3.07 -26.09
N HIS D 2344 -127.78 -4.39 -26.20
CA HIS D 2344 -126.57 -5.18 -26.26
C HIS D 2344 -126.83 -6.49 -26.98
N ALA D 2345 -126.05 -6.73 -28.02
CA ALA D 2345 -126.05 -8.00 -28.73
C ALA D 2345 -124.85 -8.81 -28.26
N ALA D 2346 -124.91 -10.13 -28.48
CA ALA D 2346 -123.85 -11.02 -28.02
C ALA D 2346 -123.87 -12.27 -28.86
N PHE D 2347 -122.74 -12.63 -29.44
CA PHE D 2347 -122.69 -13.78 -30.32
C PHE D 2347 -121.36 -14.50 -30.20
N ASN D 2348 -121.42 -15.80 -30.03
CA ASN D 2348 -120.24 -16.63 -29.86
C ASN D 2348 -119.73 -17.04 -31.23
N LEU D 2349 -118.49 -16.69 -31.53
CA LEU D 2349 -117.91 -17.01 -32.83
C LEU D 2349 -117.82 -18.51 -33.07
N LYS D 2350 -117.85 -19.32 -32.02
CA LYS D 2350 -117.98 -20.76 -32.22
C LYS D 2350 -119.29 -21.09 -32.92
N ALA D 2351 -120.36 -20.37 -32.60
CA ALA D 2351 -121.62 -20.52 -33.29
C ALA D 2351 -121.61 -19.90 -34.68
N LEU D 2352 -120.53 -19.23 -35.06
CA LEU D 2352 -120.47 -18.61 -36.38
C LEU D 2352 -119.84 -19.51 -37.43
N ASN D 2353 -119.27 -20.64 -37.02
CA ASN D 2353 -118.83 -21.68 -37.94
C ASN D 2353 -117.84 -21.14 -38.97
N ILE D 2354 -116.79 -20.49 -38.48
CA ILE D 2354 -115.84 -19.87 -39.41
C ILE D 2354 -114.89 -20.91 -39.97
N LYS D 2355 -114.49 -21.90 -39.16
CA LYS D 2355 -113.60 -22.93 -39.66
C LYS D 2355 -114.25 -23.72 -40.80
N ASP D 2356 -115.56 -23.85 -40.79
CA ASP D 2356 -116.26 -24.58 -41.84
C ASP D 2356 -116.36 -23.80 -43.13
N ASP D 2357 -115.94 -22.53 -43.15
CA ASP D 2357 -116.02 -21.75 -44.36
C ASP D 2357 -114.98 -22.16 -45.38
N TYR D 2358 -113.84 -22.65 -44.91
CA TYR D 2358 -112.72 -23.01 -45.76
C TYR D 2358 -112.15 -24.36 -45.34
N PRO D 2359 -111.50 -25.07 -46.25
CA PRO D 2359 -110.95 -26.38 -45.91
C PRO D 2359 -109.83 -26.25 -44.90
N GLU D 2360 -109.59 -27.35 -44.17
CA GLU D 2360 -108.51 -27.35 -43.19
C GLU D 2360 -107.14 -27.50 -43.83
N ALA D 2361 -107.07 -28.03 -45.05
CA ALA D 2361 -105.78 -28.16 -45.72
C ALA D 2361 -105.17 -26.81 -46.08
N LEU D 2362 -105.95 -25.74 -46.05
CA LEU D 2362 -105.40 -24.42 -46.31
C LEU D 2362 -104.51 -23.96 -45.16
N GLY D 2363 -105.07 -23.91 -43.96
CA GLY D 2363 -104.34 -23.50 -42.79
C GLY D 2363 -104.99 -23.95 -41.51
N THR D 2364 -104.18 -24.20 -40.48
CA THR D 2364 -104.71 -24.69 -39.22
C THR D 2364 -105.14 -23.58 -38.28
N THR D 2365 -104.67 -22.35 -38.48
CA THR D 2365 -104.99 -21.24 -37.59
C THR D 2365 -105.70 -20.16 -38.37
N ARG D 2366 -106.63 -19.48 -37.70
CA ARG D 2366 -107.39 -18.39 -38.27
C ARG D 2366 -107.63 -17.34 -37.20
N ARG D 2367 -107.19 -16.12 -37.46
CA ARG D 2367 -107.25 -15.06 -36.47
C ARG D 2367 -107.85 -13.80 -37.07
N ILE D 2368 -108.62 -13.08 -36.26
CA ILE D 2368 -109.24 -11.85 -36.73
C ILE D 2368 -108.17 -10.84 -37.08
N LYS D 2369 -108.45 -10.00 -38.07
CA LYS D 2369 -107.56 -8.93 -38.46
C LYS D 2369 -108.19 -7.56 -38.28
N GLN D 2370 -109.44 -7.39 -38.70
CA GLN D 2370 -110.15 -6.13 -38.63
C GLN D 2370 -111.63 -6.42 -38.73
N ILE D 2371 -112.45 -5.60 -38.09
CA ILE D 2371 -113.89 -5.80 -38.05
C ILE D 2371 -114.59 -4.50 -38.41
N SER D 2372 -115.42 -4.54 -39.44
CA SER D 2372 -116.23 -3.39 -39.84
C SER D 2372 -117.71 -3.75 -39.75
N VAL D 2373 -118.52 -2.77 -39.34
CA VAL D 2373 -119.93 -2.98 -39.06
C VAL D 2373 -120.74 -2.07 -39.96
N THR D 2374 -121.92 -2.54 -40.37
CA THR D 2374 -122.84 -1.78 -41.19
C THR D 2374 -124.22 -1.82 -40.57
N LEU D 2375 -124.77 -0.65 -40.25
CA LEU D 2375 -126.09 -0.53 -39.64
C LEU D 2375 -126.99 0.28 -40.57
N PRO D 2376 -127.67 -0.37 -41.50
CA PRO D 2376 -128.51 0.35 -42.49
C PRO D 2376 -129.89 0.72 -41.93
N ALA D 2377 -129.93 1.83 -41.21
CA ALA D 2377 -131.13 2.27 -40.51
C ALA D 2377 -131.63 3.60 -41.06
N LEU D 2378 -132.91 3.88 -40.79
CA LEU D 2378 -133.47 5.20 -41.06
C LEU D 2378 -132.88 6.19 -40.07
N VAL D 2379 -131.91 6.99 -40.51
CA VAL D 2379 -131.22 7.94 -39.66
C VAL D 2379 -131.74 9.34 -39.97
N GLU D 2380 -131.82 10.17 -38.94
CA GLU D 2380 -132.15 11.57 -39.16
C GLU D 2380 -130.93 12.31 -39.69
N PRO D 2381 -131.12 13.35 -40.51
CA PRO D 2381 -129.97 14.05 -41.08
C PRO D 2381 -129.09 14.66 -40.02
N TYR D 2382 -127.78 14.62 -40.27
CA TYR D 2382 -126.76 15.20 -39.39
C TYR D 2382 -126.88 14.63 -37.96
N GLN D 2383 -126.90 13.30 -37.88
CA GLN D 2383 -127.04 12.63 -36.60
C GLN D 2383 -126.09 11.45 -36.54
N ASP D 2384 -125.27 11.42 -35.48
CA ASP D 2384 -124.41 10.29 -35.24
C ASP D 2384 -125.21 9.15 -34.60
N MET D 2385 -124.54 8.05 -34.29
CA MET D 2385 -125.17 6.93 -33.64
C MET D 2385 -124.19 6.28 -32.69
N ARG D 2386 -124.43 6.42 -31.39
CA ARG D 2386 -123.54 5.89 -30.37
C ARG D 2386 -123.67 4.38 -30.34
N ALA D 2387 -122.58 3.69 -30.60
CA ALA D 2387 -122.59 2.23 -30.58
C ALA D 2387 -121.21 1.72 -30.23
N ILE D 2388 -121.13 0.82 -29.27
CA ILE D 2388 -119.88 0.24 -28.81
C ILE D 2388 -119.87 -1.22 -29.20
N PHE D 2389 -118.78 -1.63 -29.84
CA PHE D 2389 -118.58 -3.02 -30.24
C PHE D 2389 -117.37 -3.54 -29.49
N ARG D 2390 -117.55 -4.61 -28.74
CA ARG D 2390 -116.60 -4.95 -27.68
C ARG D 2390 -116.35 -6.45 -27.65
N TYR D 2391 -115.15 -6.81 -27.19
CA TYR D 2391 -114.73 -8.21 -27.12
C TYR D 2391 -114.99 -8.77 -25.73
N GLY D 2392 -115.59 -9.95 -25.69
CA GLY D 2392 -115.93 -10.56 -24.42
C GLY D 2392 -114.73 -11.05 -23.65
N GLY D 2393 -113.86 -11.82 -24.31
CA GLY D 2393 -112.68 -12.35 -23.67
C GLY D 2393 -111.68 -11.25 -23.35
N ASN D 2394 -110.55 -11.67 -22.77
CA ASN D 2394 -109.50 -10.72 -22.38
C ASN D 2394 -108.15 -11.34 -22.72
N SER D 2395 -107.73 -11.19 -23.98
CA SER D 2395 -106.44 -11.67 -24.42
C SER D 2395 -105.73 -10.67 -25.32
N LEU D 2396 -106.27 -9.47 -25.49
CA LEU D 2396 -105.75 -8.48 -26.42
C LEU D 2396 -104.90 -7.46 -25.67
N PRO D 2397 -104.32 -6.50 -26.38
CA PRO D 2397 -103.79 -5.32 -25.68
C PRO D 2397 -104.88 -4.51 -24.99
N ALA D 2398 -104.50 -3.40 -24.39
CA ALA D 2398 -105.41 -2.65 -23.52
C ALA D 2398 -106.68 -2.25 -24.26
N GLY D 2399 -106.56 -1.45 -25.31
CA GLY D 2399 -107.71 -0.91 -26.00
C GLY D 2399 -108.18 -1.69 -27.20
N CYS D 2400 -107.45 -2.73 -27.61
CA CYS D 2400 -107.86 -3.50 -28.79
C CYS D 2400 -109.18 -4.21 -28.58
N LYS D 2401 -109.61 -4.36 -27.32
CA LYS D 2401 -110.79 -5.17 -27.03
C LYS D 2401 -112.09 -4.42 -27.24
N ALA D 2402 -112.04 -3.11 -27.45
CA ALA D 2402 -113.24 -2.30 -27.60
C ALA D 2402 -113.10 -1.41 -28.82
N ILE D 2403 -114.24 -1.07 -29.43
CA ILE D 2403 -114.27 -0.18 -30.57
C ILE D 2403 -115.56 0.64 -30.49
N ALA D 2404 -115.55 1.78 -31.18
CA ALA D 2404 -116.73 2.63 -31.23
C ALA D 2404 -117.28 2.62 -32.66
N LEU D 2405 -118.38 3.33 -32.88
CA LEU D 2405 -118.97 3.45 -34.20
C LEU D 2405 -119.59 4.84 -34.33
N SER D 2406 -119.71 5.31 -35.58
CA SER D 2406 -120.17 6.67 -35.83
C SER D 2406 -121.52 6.72 -36.53
N HIS D 2407 -121.64 6.14 -37.72
CA HIS D 2407 -122.86 6.36 -38.50
C HIS D 2407 -123.57 5.08 -38.91
N GLY D 2408 -122.82 4.01 -39.18
CA GLY D 2408 -123.41 2.74 -39.47
C GLY D 2408 -123.29 2.23 -40.90
N ILE D 2409 -122.34 2.73 -41.68
CA ILE D 2409 -122.10 2.17 -43.00
C ILE D 2409 -120.61 1.94 -43.22
N ASN D 2410 -120.18 0.68 -43.14
CA ASN D 2410 -118.82 0.27 -43.41
C ASN D 2410 -117.81 1.14 -42.65
N ASP D 2411 -118.22 1.57 -41.46
CA ASP D 2411 -117.41 2.49 -40.66
C ASP D 2411 -116.76 1.71 -39.52
N ASP D 2412 -115.46 1.51 -39.65
CA ASP D 2412 -114.67 1.02 -38.54
C ASP D 2412 -114.63 2.05 -37.43
N GLY D 2413 -114.28 1.60 -36.22
CA GLY D 2413 -114.19 2.51 -35.09
C GLY D 2413 -113.10 3.55 -35.23
N LEU D 2414 -112.29 3.45 -36.27
CA LEU D 2414 -111.21 4.39 -36.51
C LEU D 2414 -111.70 5.56 -37.36
N PHE D 2415 -110.83 6.56 -37.53
CA PHE D 2415 -111.04 7.62 -38.49
C PHE D 2415 -110.32 7.37 -39.81
N ARG D 2416 -109.01 7.12 -39.74
CA ARG D 2416 -108.24 6.64 -40.87
C ARG D 2416 -108.04 5.15 -40.73
N LEU D 2417 -108.17 4.43 -41.84
CA LEU D 2417 -108.02 2.98 -41.85
C LEU D 2417 -106.74 2.64 -42.59
N ASP D 2418 -105.66 2.48 -41.84
CA ASP D 2418 -104.34 2.25 -42.39
C ASP D 2418 -103.72 1.07 -41.66
N PHE D 2419 -103.35 0.03 -42.41
CA PHE D 2419 -102.71 -1.14 -41.82
C PHE D 2419 -101.24 -0.90 -41.51
N ASN D 2420 -100.60 0.05 -42.20
CA ASN D 2420 -99.18 0.32 -42.06
C ASN D 2420 -98.82 0.91 -40.70
N ASP D 2421 -99.79 1.45 -39.97
CA ASP D 2421 -99.53 1.93 -38.62
C ASP D 2421 -98.98 0.78 -37.79
N GLY D 2422 -97.97 1.07 -36.98
CA GLY D 2422 -97.39 0.03 -36.15
C GLY D 2422 -98.36 -0.55 -35.14
N ARG D 2423 -99.29 0.26 -34.64
CA ARG D 2423 -100.25 -0.22 -33.67
C ARG D 2423 -101.12 -1.31 -34.28
N TRP D 2424 -101.61 -2.22 -33.43
CA TRP D 2424 -102.56 -3.21 -33.90
C TRP D 2424 -103.90 -2.59 -34.23
N LEU D 2425 -104.67 -3.30 -35.04
CA LEU D 2425 -106.05 -2.93 -35.29
C LEU D 2425 -106.93 -3.46 -34.18
N PRO D 2426 -108.07 -2.82 -33.91
CA PRO D 2426 -108.98 -3.34 -32.89
C PRO D 2426 -109.47 -4.73 -33.27
N PHE D 2427 -109.52 -5.61 -32.27
CA PHE D 2427 -109.90 -7.01 -32.47
C PHE D 2427 -108.96 -7.68 -33.47
N GLU D 2428 -107.66 -7.59 -33.20
CA GLU D 2428 -106.66 -8.24 -34.03
C GLU D 2428 -106.10 -9.44 -33.28
N GLY D 2429 -105.75 -10.48 -34.02
CA GLY D 2429 -105.15 -11.66 -33.43
C GLY D 2429 -106.11 -12.61 -32.77
N ILE D 2430 -107.38 -12.21 -32.62
CA ILE D 2430 -108.40 -13.05 -31.99
C ILE D 2430 -108.60 -14.31 -32.82
N PRO D 2431 -108.43 -15.49 -32.24
CA PRO D 2431 -108.74 -16.70 -32.98
C PRO D 2431 -110.25 -16.83 -33.12
N VAL D 2432 -110.67 -17.43 -34.22
CA VAL D 2432 -112.08 -17.42 -34.58
C VAL D 2432 -112.83 -18.54 -33.86
N ASP D 2433 -112.19 -19.17 -32.88
CA ASP D 2433 -112.74 -20.40 -32.33
C ASP D 2433 -113.86 -20.12 -31.32
N ASP D 2434 -113.56 -19.39 -30.26
CA ASP D 2434 -114.55 -19.25 -29.18
C ASP D 2434 -114.16 -18.06 -28.31
N ASP D 2435 -114.75 -18.00 -27.11
CA ASP D 2435 -114.36 -17.08 -26.05
C ASP D 2435 -114.69 -15.63 -26.39
N ASN D 2436 -115.90 -15.39 -26.90
CA ASN D 2436 -116.36 -14.03 -27.09
C ASN D 2436 -117.87 -14.03 -27.23
N SER D 2437 -118.53 -13.32 -26.35
CA SER D 2437 -119.90 -12.88 -26.60
C SER D 2437 -119.79 -11.55 -27.34
N LEU D 2438 -120.21 -11.56 -28.60
CA LEU D 2438 -119.94 -10.43 -29.50
C LEU D 2438 -120.73 -9.22 -29.05
N THR D 2439 -120.13 -8.40 -28.19
CA THR D 2439 -120.85 -7.27 -27.61
C THR D 2439 -120.97 -6.17 -28.64
N LEU D 2440 -122.19 -5.78 -28.96
CA LEU D 2440 -122.47 -4.62 -29.79
C LEU D 2440 -123.45 -3.74 -29.02
N SER D 2441 -122.92 -2.91 -28.14
CA SER D 2441 -123.73 -2.11 -27.25
C SER D 2441 -124.34 -0.92 -27.96
N PHE D 2442 -125.47 -0.45 -27.42
CA PHE D 2442 -126.16 0.72 -27.94
C PHE D 2442 -126.62 1.55 -26.76
N PRO D 2443 -125.84 2.56 -26.38
CA PRO D 2443 -126.19 3.36 -25.19
C PRO D 2443 -127.47 4.15 -25.42
N ASP D 2444 -128.30 4.20 -24.38
CA ASP D 2444 -129.55 4.94 -24.38
C ASP D 2444 -130.49 4.44 -25.49
N ALA D 2445 -130.87 3.17 -25.35
CA ALA D 2445 -131.89 2.59 -26.20
C ALA D 2445 -133.31 2.92 -25.72
N THR D 2446 -133.47 3.94 -24.89
CA THR D 2446 -134.77 4.32 -24.38
C THR D 2446 -135.44 5.29 -25.34
N GLY D 2447 -136.61 5.81 -24.95
CA GLY D 2447 -137.35 6.73 -25.78
C GLY D 2447 -136.66 8.07 -25.96
N GLU D 2448 -136.14 8.30 -27.15
CA GLU D 2448 -135.44 9.52 -27.51
C GLU D 2448 -135.29 9.51 -29.03
N LYS D 2449 -134.44 10.40 -29.56
CA LYS D 2449 -134.13 10.38 -30.97
C LYS D 2449 -133.53 9.05 -31.41
N GLN D 2450 -132.88 8.32 -30.51
CA GLN D 2450 -132.29 7.04 -30.84
C GLN D 2450 -133.32 5.91 -31.00
N LYS D 2451 -134.45 6.02 -30.33
CA LYS D 2451 -135.43 4.94 -30.38
C LYS D 2451 -135.94 4.71 -31.80
N PRO D 2452 -136.33 5.74 -32.55
CA PRO D 2452 -136.76 5.48 -33.94
C PRO D 2452 -135.66 4.87 -34.78
N LEU D 2453 -134.40 5.28 -34.56
CA LEU D 2453 -133.29 4.70 -35.30
C LEU D 2453 -133.18 3.21 -35.00
N LEU D 2454 -133.12 2.85 -33.73
CA LEU D 2454 -132.96 1.45 -33.36
C LEU D 2454 -134.16 0.61 -33.76
N LEU D 2455 -135.35 1.19 -33.83
CA LEU D 2455 -136.49 0.43 -34.31
C LEU D 2455 -136.44 0.26 -35.83
N SER D 2456 -135.97 1.28 -36.55
CA SER D 2456 -135.87 1.22 -37.99
C SER D 2456 -134.69 0.41 -38.47
N LEU D 2457 -133.76 0.05 -37.58
CA LEU D 2457 -132.63 -0.80 -37.97
C LEU D 2457 -133.15 -2.19 -38.27
N THR D 2458 -133.31 -2.50 -39.55
CA THR D 2458 -133.86 -3.80 -39.94
C THR D 2458 -132.87 -4.94 -39.79
N ASP D 2459 -131.57 -4.65 -39.77
CA ASP D 2459 -130.57 -5.70 -39.67
C ASP D 2459 -129.24 -5.08 -39.30
N ILE D 2460 -128.40 -5.89 -38.67
CA ILE D 2460 -127.01 -5.54 -38.39
C ILE D 2460 -126.12 -6.43 -39.23
N ILE D 2461 -125.32 -5.81 -40.09
CA ILE D 2461 -124.43 -6.52 -41.00
C ILE D 2461 -123.00 -6.18 -40.63
N ILE D 2462 -122.19 -7.20 -40.39
CA ILE D 2462 -120.83 -7.01 -39.92
C ILE D 2462 -119.87 -7.74 -40.87
N HIS D 2463 -118.70 -7.15 -41.05
CA HIS D 2463 -117.68 -7.66 -41.97
C HIS D 2463 -116.43 -7.97 -41.17
N ILE D 2464 -116.19 -9.25 -40.92
CA ILE D 2464 -115.05 -9.70 -40.13
C ILE D 2464 -113.96 -10.10 -41.10
N ARG D 2465 -112.86 -9.35 -41.09
CA ARG D 2465 -111.68 -9.69 -41.87
C ARG D 2465 -110.75 -10.51 -41.00
N TYR D 2466 -110.49 -11.74 -41.41
CA TYR D 2466 -109.55 -12.58 -40.68
C TYR D 2466 -108.50 -13.10 -41.64
N THR D 2467 -107.55 -13.85 -41.09
CA THR D 2467 -106.38 -14.29 -41.82
C THR D 2467 -106.16 -15.78 -41.56
N ILE D 2468 -105.85 -16.53 -42.62
CA ILE D 2468 -105.60 -17.96 -42.53
C ILE D 2468 -104.14 -18.19 -42.88
N CYS D 2469 -103.31 -18.39 -41.86
CA CYS D 2469 -101.87 -18.54 -42.06
C CYS D 2469 -101.49 -19.97 -42.39
N VAL E 21 36.63 62.76 25.23
CA VAL E 21 36.90 64.00 24.54
C VAL E 21 37.98 63.77 23.52
N THR E 22 39.22 63.69 24.00
CA THR E 22 40.32 63.35 23.12
C THR E 22 40.22 61.90 22.67
N LEU E 23 40.26 60.97 23.61
CA LEU E 23 40.21 59.55 23.28
C LEU E 23 38.83 59.13 22.78
N ALA E 24 37.83 60.00 22.86
CA ALA E 24 36.52 59.65 22.33
C ALA E 24 36.43 59.93 20.84
N ASP E 25 37.22 60.87 20.33
CA ASP E 25 37.19 61.16 18.90
C ASP E 25 37.96 60.13 18.10
N PHE E 26 38.89 59.43 18.72
CA PHE E 26 39.69 58.44 18.04
C PHE E 26 39.16 57.02 18.20
N MET E 27 38.00 56.86 18.82
CA MET E 27 37.43 55.53 18.94
C MET E 27 37.02 54.96 17.59
N PRO E 28 36.32 55.67 16.71
CA PRO E 28 35.97 55.08 15.42
C PRO E 28 37.13 54.96 14.47
N MET E 29 38.16 55.79 14.62
CA MET E 29 39.23 55.83 13.65
C MET E 29 40.11 54.59 13.77
N SER E 30 40.82 54.29 12.69
CA SER E 30 41.76 53.20 12.67
C SER E 30 43.16 53.72 12.93
N LEU E 31 44.11 52.80 13.03
CA LEU E 31 45.49 53.22 13.25
C LEU E 31 46.00 54.03 12.07
N ALA E 32 45.65 53.64 10.85
CA ALA E 32 46.07 54.42 9.70
C ALA E 32 45.41 55.79 9.67
N GLU E 33 44.13 55.88 10.03
CA GLU E 33 43.49 57.20 10.08
C GLU E 33 44.17 58.09 11.11
N ILE E 34 44.47 57.55 12.29
CA ILE E 34 45.13 58.33 13.32
C ILE E 34 46.51 58.76 12.85
N ARG E 35 47.25 57.86 12.23
CA ARG E 35 48.56 58.19 11.71
C ARG E 35 48.47 59.21 10.59
N SER E 36 47.35 59.23 9.86
CA SER E 36 47.23 60.08 8.68
C SER E 36 46.70 61.46 9.02
N GLN E 37 46.04 61.61 10.16
CA GLN E 37 45.54 62.91 10.57
C GLN E 37 46.47 63.50 11.62
N ASN E 38 46.85 64.75 11.41
CA ASN E 38 47.96 65.37 12.10
C ASN E 38 49.22 64.54 11.91
N THR E 39 49.66 64.48 10.65
CA THR E 39 50.92 63.82 10.32
C THR E 39 52.09 64.57 10.95
N GLY E 40 51.94 65.88 11.11
CA GLY E 40 52.98 66.67 11.73
C GLY E 40 52.90 66.66 13.24
N ARG E 41 51.70 66.45 13.79
CA ARG E 41 51.55 66.55 15.24
C ARG E 41 51.85 65.21 15.92
N LEU E 42 51.14 64.16 15.57
CA LEU E 42 51.35 62.87 16.20
C LEU E 42 52.58 62.19 15.61
N SER E 43 53.37 61.59 16.49
CA SER E 43 54.49 60.77 16.06
C SER E 43 53.94 59.44 15.55
N ARG E 44 54.83 58.53 15.15
CA ARG E 44 54.38 57.23 14.69
C ARG E 44 54.24 56.24 15.83
N GLU E 45 54.75 56.59 17.01
CA GLU E 45 54.53 55.76 18.18
C GLU E 45 53.48 56.38 19.10
N GLU E 46 53.47 57.70 19.19
CA GLU E 46 52.39 58.38 19.90
C GLU E 46 51.05 58.03 19.29
N ALA E 47 50.98 57.93 17.97
CA ALA E 47 49.72 57.57 17.33
C ALA E 47 49.28 56.17 17.73
N GLN E 48 50.22 55.24 17.82
CA GLN E 48 49.86 53.87 18.17
C GLN E 48 49.41 53.79 19.62
N LEU E 49 50.12 54.49 20.52
CA LEU E 49 49.68 54.53 21.91
C LEU E 49 48.29 55.13 22.03
N LEU E 50 48.03 56.19 21.27
CA LEU E 50 46.71 56.81 21.31
C LEU E 50 45.64 55.88 20.78
N HIS E 51 45.95 55.13 19.72
CA HIS E 51 44.97 54.21 19.17
C HIS E 51 44.65 53.10 20.16
N ARG E 52 45.68 52.54 20.79
CA ARG E 52 45.43 51.53 21.82
C ARG E 52 44.59 52.08 22.95
N ALA E 53 44.92 53.29 23.41
CA ALA E 53 44.17 53.88 24.51
C ALA E 53 42.72 54.13 24.12
N ALA E 54 42.48 54.55 22.88
CA ALA E 54 41.13 54.77 22.42
C ALA E 54 40.34 53.47 22.38
N GLN E 55 40.94 52.41 21.84
CA GLN E 55 40.20 51.15 21.79
C GLN E 55 39.93 50.61 23.18
N LYS E 56 40.89 50.74 24.09
CA LYS E 56 40.67 50.24 25.44
C LYS E 56 39.59 51.04 26.14
N GLU E 57 39.55 52.35 25.95
CA GLU E 57 38.47 53.14 26.54
C GLU E 57 37.13 52.78 25.94
N LYS E 58 37.08 52.53 24.63
CA LYS E 58 35.84 52.11 24.01
C LYS E 58 35.33 50.81 24.61
N GLN E 59 36.22 49.84 24.77
CA GLN E 59 35.83 48.57 25.36
C GLN E 59 35.35 48.74 26.78
N ASN E 60 36.05 49.56 27.57
CA ASN E 60 35.63 49.75 28.95
C ASN E 60 34.30 50.46 29.04
N ASN E 61 34.03 51.42 28.14
CA ASN E 61 32.74 52.09 28.17
C ASN E 61 31.62 51.14 27.80
N ILE E 62 31.81 50.35 26.75
CA ILE E 62 30.80 49.36 26.41
C ILE E 62 30.56 48.38 27.55
N LEU E 63 31.62 47.93 28.23
CA LEU E 63 31.42 47.08 29.40
C LEU E 63 30.66 47.80 30.49
N TYR E 64 30.94 49.08 30.70
CA TYR E 64 30.24 49.82 31.73
C TYR E 64 28.75 49.86 31.46
N THR E 65 28.38 50.20 30.23
CA THR E 65 26.96 50.24 29.92
C THR E 65 26.31 48.87 30.01
N ALA E 66 26.99 47.84 29.52
CA ALA E 66 26.40 46.51 29.58
C ALA E 66 26.23 46.05 31.01
N ARG E 67 27.16 46.42 31.89
CA ARG E 67 27.05 46.03 33.29
C ARG E 67 25.91 46.77 33.96
N MET E 68 25.74 48.05 33.66
CA MET E 68 24.61 48.75 34.27
C MET E 68 23.28 48.29 33.70
N LEU E 69 23.27 47.81 32.46
CA LEU E 69 22.03 47.33 31.88
C LEU E 69 21.67 45.94 32.35
N THR E 70 22.65 45.10 32.66
CA THR E 70 22.31 43.77 33.17
C THR E 70 21.88 43.79 34.62
N ARG E 71 21.92 44.93 35.29
CA ARG E 71 21.28 45.02 36.60
C ARG E 71 19.77 45.02 36.47
N ALA E 72 19.24 45.46 35.35
CA ALA E 72 17.81 45.50 35.12
C ALA E 72 17.27 44.20 34.58
N ASN E 73 17.96 43.11 34.78
CA ASN E 73 17.47 41.83 34.28
C ASN E 73 16.25 41.41 35.07
N PRO E 74 15.15 41.03 34.42
CA PRO E 74 13.95 40.66 35.17
C PRO E 74 14.18 39.56 36.16
N LEU E 75 15.13 38.67 35.92
CA LEU E 75 15.43 37.62 36.86
C LEU E 75 16.11 38.13 38.12
N LEU E 76 16.79 39.25 38.04
CA LEU E 76 17.51 39.81 39.18
C LEU E 76 16.78 40.97 39.82
N LYS E 77 15.51 41.19 39.45
CA LYS E 77 14.78 42.27 40.09
C LYS E 77 14.52 41.99 41.54
N LYS E 78 14.61 40.74 41.97
CA LYS E 78 14.41 40.45 43.39
C LYS E 78 15.61 40.90 44.22
N GLU E 79 16.78 40.99 43.61
CA GLU E 79 17.99 41.38 44.32
C GLU E 79 18.39 42.82 44.08
N MET E 80 17.46 43.68 43.70
CA MET E 80 17.78 45.08 43.50
C MET E 80 16.82 45.94 44.31
N ARG E 100 19.75 50.87 34.78
CA ARG E 100 18.95 51.51 35.81
C ARG E 100 17.46 51.32 35.53
N ALA E 101 17.15 50.31 34.71
CA ALA E 101 15.78 49.97 34.33
C ALA E 101 15.06 51.16 33.70
N GLU E 102 15.76 51.85 32.80
CA GLU E 102 15.19 53.05 32.21
C GLU E 102 14.23 52.70 31.07
N LYS E 103 14.75 52.15 29.98
CA LYS E 103 13.91 51.82 28.82
C LYS E 103 14.41 50.49 28.26
N PHE E 104 13.53 49.50 28.16
CA PHE E 104 13.83 48.28 27.44
C PHE E 104 12.75 48.06 26.39
N VAL E 105 13.17 47.92 25.13
CA VAL E 105 12.23 47.81 24.03
C VAL E 105 12.13 46.37 23.61
N ALA E 106 10.97 46.00 23.12
CA ALA E 106 10.72 44.64 22.72
C ALA E 106 11.63 44.26 21.57
N PRO E 107 11.89 42.98 21.37
CA PRO E 107 12.60 42.54 20.18
C PRO E 107 11.80 42.85 18.94
N GLY E 108 12.49 43.23 17.87
CA GLY E 108 11.80 43.60 16.66
C GLY E 108 11.34 45.03 16.62
N ALA E 109 11.49 45.77 17.70
CA ALA E 109 11.22 47.19 17.67
C ALA E 109 12.32 47.90 16.92
N VAL E 110 11.94 48.95 16.19
CA VAL E 110 12.92 49.63 15.36
C VAL E 110 13.90 50.43 16.18
N SER E 111 13.55 50.77 17.41
CA SER E 111 14.44 51.52 18.28
C SER E 111 15.41 50.63 19.02
N SER E 112 15.29 49.32 18.87
CA SER E 112 16.20 48.40 19.55
C SER E 112 17.59 48.47 18.95
N MET E 113 18.58 48.49 19.82
CA MET E 113 19.95 48.62 19.35
C MET E 113 20.43 47.43 18.56
N PHE E 114 19.66 46.35 18.52
CA PHE E 114 19.99 45.17 17.73
C PHE E 114 19.08 45.00 16.53
N SER E 115 18.34 46.04 16.17
CA SER E 115 17.37 45.92 15.11
C SER E 115 18.02 46.25 13.78
N PRO E 116 17.37 45.89 12.67
CA PRO E 116 17.89 46.29 11.37
C PRO E 116 18.11 47.77 11.26
N ALA E 117 17.39 48.59 12.03
CA ALA E 117 17.65 50.02 12.01
C ALA E 117 19.00 50.35 12.63
N GLY E 118 19.35 49.70 13.74
CA GLY E 118 20.66 49.90 14.30
C GLY E 118 21.76 49.36 13.39
N TYR E 119 21.50 48.20 12.78
CA TYR E 119 22.45 47.66 11.83
C TYR E 119 22.67 48.60 10.66
N LEU E 120 21.59 49.18 10.15
CA LEU E 120 21.68 50.09 9.03
C LEU E 120 22.35 51.39 9.45
N THR E 121 22.11 51.85 10.67
CA THR E 121 22.83 53.03 11.14
C THR E 121 24.32 52.76 11.19
N GLU E 122 24.71 51.59 11.66
CA GLU E 122 26.13 51.26 11.70
C GLU E 122 26.71 51.17 10.30
N LEU E 123 26.03 50.46 9.41
CA LEU E 123 26.50 50.36 8.03
C LEU E 123 26.67 51.73 7.42
N TYR E 124 25.69 52.61 7.61
CA TYR E 124 25.77 53.92 6.97
C TYR E 124 26.86 54.76 7.58
N ARG E 125 26.98 54.76 8.90
CA ARG E 125 28.03 55.55 9.51
C ARG E 125 29.40 55.08 9.06
N GLU E 126 29.55 53.79 8.80
CA GLU E 126 30.86 53.31 8.41
C GLU E 126 31.10 53.41 6.91
N ALA E 127 30.04 53.46 6.10
CA ALA E 127 30.19 53.41 4.66
C ALA E 127 30.12 54.77 4.00
N ARG E 128 29.42 55.71 4.58
CA ARG E 128 29.29 57.00 3.94
C ARG E 128 30.57 57.71 3.79
N GLY E 129 31.63 57.29 4.47
CA GLY E 129 32.88 58.00 4.38
C GLY E 129 33.99 57.20 3.73
N LEU E 130 33.65 56.37 2.74
CA LEU E 130 34.68 55.58 2.10
C LEU E 130 35.25 56.28 0.88
N HIS E 131 34.42 57.00 0.16
CA HIS E 131 34.88 57.77 -0.97
C HIS E 131 34.71 59.25 -0.68
N PRO E 132 35.54 60.11 -1.29
CA PRO E 132 35.41 61.54 -1.02
C PRO E 132 34.07 62.07 -1.53
N LYS E 133 33.59 63.11 -0.86
CA LYS E 133 32.26 63.63 -1.20
C LYS E 133 32.17 64.11 -2.63
N ASP E 134 33.26 64.61 -3.20
CA ASP E 134 33.20 65.06 -4.58
C ASP E 134 33.30 63.89 -5.55
N SER E 135 33.75 62.73 -5.09
CA SER E 135 33.91 61.60 -5.98
C SER E 135 32.56 61.12 -6.50
N ASP E 136 32.59 60.54 -7.69
CA ASP E 136 31.37 60.09 -8.33
C ASP E 136 30.90 58.73 -7.83
N ARG E 137 31.63 58.13 -6.90
CA ARG E 137 31.23 56.86 -6.30
C ARG E 137 30.79 57.02 -4.86
N ASN E 138 30.72 58.25 -4.36
CA ASN E 138 30.32 58.45 -2.98
C ASN E 138 28.94 57.87 -2.75
N LEU E 139 28.75 57.32 -1.56
CA LEU E 139 27.48 56.65 -1.28
C LEU E 139 26.32 57.64 -1.28
N ASP E 140 26.48 58.77 -0.59
CA ASP E 140 25.44 59.78 -0.60
C ASP E 140 25.18 60.31 -1.99
N LYS E 141 26.21 60.63 -2.75
CA LYS E 141 26.03 61.20 -4.07
C LYS E 141 25.40 60.23 -5.03
N ARG E 142 25.66 58.93 -4.90
CA ARG E 142 25.08 57.96 -5.80
C ARG E 142 23.73 57.45 -5.33
N ARG E 143 23.37 57.66 -4.07
CA ARG E 143 22.04 57.35 -3.55
C ARG E 143 21.63 58.47 -2.61
N GLN E 144 20.98 59.50 -3.15
CA GLN E 144 20.66 60.68 -2.37
C GLN E 144 19.48 60.46 -1.45
N ASP E 145 18.75 59.37 -1.58
CA ASP E 145 17.61 59.10 -0.73
C ASP E 145 17.99 58.38 0.55
N LEU E 146 19.24 58.02 0.73
CA LEU E 146 19.62 57.31 1.95
C LEU E 146 19.69 58.24 3.14
N ALA E 147 20.38 59.38 2.98
CA ALA E 147 20.51 60.31 4.09
C ALA E 147 19.16 60.82 4.56
N LYS E 148 18.17 60.85 3.67
CA LYS E 148 16.84 61.30 4.05
C LYS E 148 15.96 60.17 4.56
N LEU E 149 16.49 58.96 4.67
CA LEU E 149 15.65 57.82 5.01
C LEU E 149 15.34 57.83 6.49
N VAL E 150 14.07 57.70 6.82
CA VAL E 150 13.58 57.82 8.19
C VAL E 150 13.43 56.43 8.77
N LEU E 151 14.11 56.19 9.88
CA LEU E 151 14.10 54.88 10.54
C LEU E 151 12.85 54.76 11.39
N SER E 152 11.74 54.38 10.79
CA SER E 152 10.49 54.30 11.52
C SER E 152 10.02 52.86 11.51
N GLN E 153 9.15 52.54 12.47
CA GLN E 153 8.64 51.18 12.53
C GLN E 153 7.88 50.82 11.27
N ASP E 154 7.21 51.78 10.65
CA ASP E 154 6.47 51.48 9.44
C ASP E 154 7.41 51.22 8.28
N ASN E 155 8.54 51.92 8.22
CA ASN E 155 9.54 51.59 7.22
C ASN E 155 10.11 50.21 7.46
N LEU E 156 10.40 49.87 8.71
CA LEU E 156 11.00 48.58 9.03
C LEU E 156 10.06 47.43 8.75
N ASP E 157 8.77 47.63 8.95
CA ASP E 157 7.80 46.54 8.88
C ASP E 157 7.11 46.43 7.53
N ASN E 158 6.60 47.53 7.00
CA ASN E 158 5.75 47.49 5.82
C ASN E 158 6.48 46.91 4.61
N GLU E 159 5.84 45.97 3.94
CA GLU E 159 6.41 45.34 2.75
C GLU E 159 6.01 46.11 1.51
N ILE E 160 7.00 46.37 0.65
CA ILE E 160 6.80 47.00 -0.63
C ILE E 160 7.39 46.11 -1.68
N SER E 161 7.04 46.36 -2.94
CA SER E 161 7.61 45.58 -4.02
C SER E 161 8.98 46.10 -4.36
N ALA E 162 9.95 45.20 -4.47
CA ALA E 162 11.31 45.63 -4.76
C ALA E 162 11.41 46.25 -6.15
N LEU E 163 10.66 45.73 -7.10
CA LEU E 163 10.70 46.28 -8.45
C LEU E 163 10.13 47.68 -8.48
N SER E 164 9.05 47.93 -7.74
CA SER E 164 8.53 49.27 -7.66
C SER E 164 9.59 50.23 -7.11
N LEU E 165 10.43 49.74 -6.20
CA LEU E 165 11.43 50.60 -5.60
C LEU E 165 12.56 50.89 -6.60
N ALA E 166 12.95 49.89 -7.37
CA ALA E 166 13.90 50.13 -8.45
C ALA E 166 13.36 51.16 -9.41
N ASN E 167 12.08 51.04 -9.77
CA ASN E 167 11.51 51.95 -10.75
C ASN E 167 11.41 53.36 -10.21
N GLU E 168 11.05 53.51 -8.94
CA GLU E 168 11.06 54.82 -8.34
C GLU E 168 12.46 55.42 -8.38
N GLN E 169 13.47 54.60 -8.07
CA GLN E 169 14.83 55.12 -8.08
C GLN E 169 15.23 55.61 -9.47
N LEU E 170 14.83 54.89 -10.51
CA LEU E 170 15.18 55.31 -11.87
C LEU E 170 14.40 56.55 -12.29
N GLU E 171 13.12 56.61 -11.93
CA GLU E 171 12.29 57.74 -12.32
C GLU E 171 12.78 59.03 -11.69
N THR E 172 13.09 59.01 -10.40
CA THR E 172 13.51 60.25 -9.77
C THR E 172 14.79 60.81 -10.37
N ALA E 173 15.56 60.00 -11.08
CA ALA E 173 16.74 60.50 -11.76
C ALA E 173 16.43 60.94 -13.18
N LEU E 174 15.62 60.16 -13.89
CA LEU E 174 15.30 60.50 -15.27
C LEU E 174 14.49 61.79 -15.36
N MET E 175 13.55 61.98 -14.44
CA MET E 175 12.79 63.22 -14.44
C MET E 175 13.64 64.39 -13.95
N ALA E 176 14.61 64.13 -13.07
CA ALA E 176 15.53 65.20 -12.71
C ALA E 176 16.36 65.62 -13.92
N GLN E 177 16.77 64.68 -14.75
CA GLN E 177 17.50 65.02 -15.96
C GLN E 177 16.63 65.82 -16.92
N THR E 178 15.48 65.26 -17.28
CA THR E 178 14.57 65.91 -18.22
C THR E 178 14.07 67.26 -17.71
N GLY E 179 14.01 67.45 -16.39
CA GLY E 179 13.46 68.65 -15.82
C GLY E 179 11.97 68.59 -15.54
N LYS E 180 11.25 67.68 -16.17
CA LYS E 180 9.82 67.58 -15.95
C LYS E 180 9.53 66.89 -14.63
N THR E 181 8.57 67.43 -13.89
CA THR E 181 8.16 66.80 -12.64
C THR E 181 6.93 65.91 -12.79
N ASP E 182 6.15 66.07 -13.85
CA ASP E 182 5.02 65.19 -14.05
C ASP E 182 5.48 63.83 -14.55
N LYS E 183 4.96 62.79 -13.91
CA LYS E 183 5.31 61.44 -14.33
C LYS E 183 4.66 61.09 -15.66
N ASN E 184 3.38 61.40 -15.81
CA ASN E 184 2.65 61.04 -17.02
C ASN E 184 3.14 61.82 -18.23
N LYS E 185 3.42 63.10 -18.07
CA LYS E 185 4.00 63.86 -19.18
C LYS E 185 5.35 63.29 -19.58
N TYR E 186 6.15 62.85 -18.60
CA TYR E 186 7.41 62.21 -18.91
C TYR E 186 7.23 60.93 -19.70
N TYR E 187 6.33 60.05 -19.26
CA TYR E 187 6.10 58.83 -20.04
C TYR E 187 5.55 59.13 -21.42
N GLU E 188 4.76 60.19 -21.56
CA GLU E 188 4.30 60.57 -22.89
C GLU E 188 5.48 60.93 -23.77
N THR E 189 6.44 61.70 -23.26
CA THR E 189 7.66 61.93 -24.04
C THR E 189 8.46 60.67 -24.24
N LEU E 190 8.32 59.70 -23.35
CA LEU E 190 9.00 58.42 -23.43
C LEU E 190 8.38 57.50 -24.46
N ALA E 191 7.17 57.81 -24.90
CA ALA E 191 6.41 56.92 -25.77
C ALA E 191 6.85 57.02 -27.22
N THR E 192 7.48 58.12 -27.59
CA THR E 192 7.92 58.33 -28.96
C THR E 192 9.43 58.33 -29.13
N SER E 193 10.19 58.33 -28.04
CA SER E 193 11.62 58.52 -28.14
C SER E 193 12.34 57.22 -28.45
N ARG E 194 13.42 57.33 -29.22
CA ARG E 194 14.18 56.18 -29.70
C ARG E 194 15.60 56.17 -29.17
N ARG E 195 15.83 56.70 -27.97
CA ARG E 195 17.18 56.88 -27.48
C ARG E 195 17.71 55.67 -26.74
N SER E 196 17.18 54.48 -26.97
CA SER E 196 17.84 53.23 -26.62
C SER E 196 17.08 52.08 -27.27
N GLY E 197 17.69 50.91 -27.26
CA GLY E 197 17.12 49.78 -27.94
C GLY E 197 15.90 49.19 -27.28
N VAL E 198 15.40 49.83 -26.24
CA VAL E 198 14.21 49.36 -25.54
C VAL E 198 13.19 50.47 -25.31
N THR E 199 13.47 51.69 -25.73
CA THR E 199 12.74 52.87 -25.32
C THR E 199 11.39 53.07 -26.00
N PRO E 200 11.25 52.87 -27.31
CA PRO E 200 9.97 53.21 -27.94
C PRO E 200 8.85 52.35 -27.40
N TYR E 201 8.38 52.65 -26.18
CA TYR E 201 7.29 51.89 -25.60
C TYR E 201 6.24 52.86 -25.07
N ASN E 202 4.98 52.45 -25.19
CA ASN E 202 3.85 53.23 -24.70
C ASN E 202 3.33 52.55 -23.45
N ALA E 203 3.23 53.29 -22.35
CA ALA E 203 2.44 52.77 -21.25
C ALA E 203 1.02 52.45 -21.68
N PRO E 204 0.29 53.35 -22.37
CA PRO E 204 -1.06 52.99 -22.79
C PRO E 204 -1.12 51.86 -23.77
N PHE E 205 -0.27 51.86 -24.80
CA PHE E 205 -0.38 50.78 -25.77
C PHE E 205 -0.03 49.45 -25.15
N GLU E 206 0.98 49.42 -24.28
CA GLU E 206 1.31 48.16 -23.62
C GLU E 206 0.16 47.70 -22.74
N GLY E 207 -0.53 48.63 -22.07
CA GLY E 207 -1.71 48.25 -21.35
C GLY E 207 -2.79 47.67 -22.26
N ILE E 208 -3.05 48.34 -23.38
CA ILE E 208 -4.01 47.83 -24.35
C ILE E 208 -3.64 46.41 -24.75
N HIS E 209 -2.39 46.22 -25.15
CA HIS E 209 -1.98 44.94 -25.69
C HIS E 209 -2.06 43.85 -24.65
N ASN E 210 -1.61 44.11 -23.42
CA ASN E 210 -1.65 43.09 -22.39
C ASN E 210 -3.09 42.76 -22.01
N ALA E 211 -3.90 43.79 -21.75
CA ALA E 211 -5.29 43.57 -21.40
C ALA E 211 -6.02 42.83 -22.49
N LEU E 212 -5.66 43.09 -23.74
CA LEU E 212 -6.35 42.53 -24.88
C LEU E 212 -5.93 41.10 -25.15
N ALA E 213 -4.65 40.79 -24.98
CA ALA E 213 -4.19 39.43 -25.06
C ALA E 213 -4.55 38.60 -23.84
N GLN E 214 -5.01 39.26 -22.77
CA GLN E 214 -5.54 38.49 -21.65
C GLN E 214 -6.95 38.01 -21.87
N ARG E 215 -7.71 38.66 -22.76
CA ARG E 215 -8.98 38.15 -23.22
C ARG E 215 -8.82 37.12 -24.33
N ASN E 216 -7.58 36.83 -24.71
CA ASN E 216 -7.28 35.97 -25.85
C ASN E 216 -7.94 36.50 -27.12
N PHE E 217 -7.94 37.82 -27.25
CA PHE E 217 -8.61 38.50 -28.35
C PHE E 217 -7.60 38.82 -29.45
N VAL E 218 -7.95 38.48 -30.69
CA VAL E 218 -7.06 38.64 -31.83
C VAL E 218 -7.60 39.76 -32.71
N LEU E 219 -6.87 40.88 -32.77
CA LEU E 219 -7.37 42.06 -33.45
C LEU E 219 -7.65 41.84 -34.93
N PRO E 220 -6.70 41.39 -35.75
CA PRO E 220 -6.96 41.29 -37.19
C PRO E 220 -7.87 40.14 -37.57
N ASP E 221 -8.47 39.44 -36.61
CA ASP E 221 -9.48 38.43 -36.88
C ASP E 221 -10.84 38.87 -36.35
N ASN E 222 -11.17 40.14 -36.49
CA ASN E 222 -12.48 40.65 -36.19
C ASN E 222 -13.34 40.71 -37.44
N ILE E 223 -14.59 40.30 -37.29
CA ILE E 223 -15.57 40.58 -38.33
C ILE E 223 -15.80 42.08 -38.43
N LEU E 224 -15.50 42.82 -37.37
CA LEU E 224 -15.77 44.25 -37.28
C LEU E 224 -14.44 44.99 -37.35
N SER E 225 -14.02 45.34 -38.55
CA SER E 225 -12.80 46.11 -38.74
C SER E 225 -12.82 46.70 -40.13
N ASN E 226 -11.71 47.31 -40.51
CA ASN E 226 -11.48 47.66 -41.90
C ASN E 226 -10.54 46.63 -42.49
N PRO E 227 -11.02 45.72 -43.34
CA PRO E 227 -10.10 44.77 -43.99
C PRO E 227 -9.02 45.46 -44.78
N ALA E 228 -9.14 46.75 -45.04
CA ALA E 228 -8.08 47.53 -45.68
C ALA E 228 -7.01 47.97 -44.69
N LYS E 229 -7.23 47.78 -43.40
CA LYS E 229 -6.24 48.08 -42.37
C LYS E 229 -5.80 46.82 -41.65
N PHE E 230 -5.54 45.77 -42.42
CA PHE E 230 -5.10 44.51 -41.85
C PHE E 230 -3.64 44.57 -41.45
N ALA E 231 -2.81 45.30 -42.19
CA ALA E 231 -1.39 45.37 -41.87
C ALA E 231 -1.17 45.96 -40.48
N ILE E 232 -1.70 47.17 -40.25
CA ILE E 232 -1.52 47.82 -38.97
C ILE E 232 -2.14 47.00 -37.86
N LEU E 233 -3.27 46.34 -38.14
CA LEU E 233 -3.95 45.58 -37.12
C LEU E 233 -3.13 44.36 -36.72
N ALA E 234 -2.55 43.67 -37.69
CA ALA E 234 -1.70 42.53 -37.35
C ALA E 234 -0.40 42.96 -36.71
N ALA E 235 0.08 44.17 -37.04
CA ALA E 235 1.24 44.68 -36.32
C ALA E 235 0.92 44.91 -34.86
N TYR E 236 -0.17 45.61 -34.57
CA TYR E 236 -0.60 45.78 -33.19
C TYR E 236 -0.87 44.44 -32.53
N ASP E 237 -1.29 43.45 -33.30
CA ASP E 237 -1.50 42.12 -32.74
C ASP E 237 -0.18 41.49 -32.30
N ALA E 238 0.83 41.53 -33.17
CA ALA E 238 2.15 41.09 -32.78
C ALA E 238 2.66 41.87 -31.59
N GLY E 239 2.21 43.11 -31.46
CA GLY E 239 2.52 43.95 -30.33
C GLY E 239 3.62 44.88 -30.74
N ILE E 240 3.27 46.05 -31.24
CA ILE E 240 4.26 46.96 -31.80
C ILE E 240 3.72 48.36 -31.59
N SER E 241 4.48 49.18 -30.86
CA SER E 241 4.04 50.53 -30.62
C SER E 241 3.90 51.26 -31.95
N PRO E 242 3.04 52.27 -32.01
CA PRO E 242 3.02 53.12 -33.20
C PRO E 242 4.37 53.69 -33.56
N LYS E 243 5.17 54.09 -32.58
CA LYS E 243 6.49 54.61 -32.91
C LYS E 243 7.41 53.51 -33.41
N LEU E 244 7.30 52.32 -32.84
CA LEU E 244 8.09 51.22 -33.36
C LEU E 244 7.69 50.86 -34.78
N TYR E 245 6.42 51.04 -35.11
CA TYR E 245 5.97 50.82 -36.48
C TYR E 245 6.56 51.88 -37.41
N ASN E 246 6.56 53.14 -36.97
CA ASN E 246 7.20 54.17 -37.77
C ASN E 246 8.67 53.88 -37.97
N ILE E 247 9.32 53.28 -36.98
CA ILE E 247 10.71 52.87 -37.13
C ILE E 247 10.85 51.79 -38.18
N LEU E 248 10.09 50.71 -38.04
CA LEU E 248 10.29 49.54 -38.89
C LEU E 248 9.71 49.70 -40.29
N THR E 249 8.98 50.79 -40.57
CA THR E 249 8.48 50.94 -41.93
C THR E 249 9.30 51.90 -42.78
N GLU E 250 10.29 52.57 -42.20
CA GLU E 250 11.15 53.42 -43.02
C GLU E 250 11.84 52.60 -44.10
N ASP E 251 12.20 53.26 -45.19
CA ASP E 251 12.90 52.60 -46.29
C ASP E 251 14.40 52.84 -46.15
N THR E 252 15.00 52.14 -45.18
CA THR E 252 16.43 52.30 -44.94
C THR E 252 17.26 51.69 -46.05
N GLU E 253 16.91 50.50 -46.52
CA GLU E 253 17.58 49.94 -47.67
C GLU E 253 17.39 50.84 -48.87
N SER E 254 18.48 51.07 -49.62
CA SER E 254 18.50 52.03 -50.72
C SER E 254 18.16 53.43 -50.21
N LEU E 255 18.99 53.90 -49.28
CA LEU E 255 18.88 55.24 -48.72
C LEU E 255 20.30 55.74 -48.48
N THR E 256 20.71 56.73 -49.25
CA THR E 256 22.10 57.17 -49.23
C THR E 256 22.15 58.70 -49.19
N GLY E 257 23.35 59.24 -49.12
CA GLY E 257 23.56 60.67 -49.09
C GLY E 257 23.42 61.23 -47.69
N SER E 258 23.16 62.54 -47.62
CA SER E 258 22.86 63.15 -46.34
C SER E 258 21.58 62.60 -45.73
N ASP E 259 20.74 61.95 -46.53
CA ASP E 259 19.54 61.33 -45.96
C ASP E 259 19.89 60.19 -45.03
N LEU E 260 20.93 59.42 -45.34
CA LEU E 260 21.37 58.37 -44.42
C LEU E 260 21.92 58.96 -43.14
N GLU E 261 22.62 60.09 -43.24
CA GLU E 261 23.06 60.78 -42.04
C GLU E 261 21.88 61.21 -41.19
N ASN E 262 20.86 61.80 -41.82
CA ASN E 262 19.64 62.15 -41.11
C ASN E 262 19.05 60.93 -40.42
N SER E 263 19.00 59.80 -41.11
CA SER E 263 18.33 58.63 -40.56
C SER E 263 19.12 58.03 -39.40
N LEU E 264 20.45 58.03 -39.48
CA LEU E 264 21.23 57.57 -38.34
C LEU E 264 21.11 58.52 -37.16
N LYS E 265 21.06 59.83 -37.42
CA LYS E 265 20.87 60.76 -36.31
C LYS E 265 19.48 60.61 -35.70
N ARG E 266 18.51 60.13 -36.49
CA ARG E 266 17.16 59.94 -35.95
C ARG E 266 17.07 58.64 -35.15
N ASN E 267 17.60 57.55 -35.70
CA ASN E 267 17.44 56.25 -35.06
C ASN E 267 18.50 55.95 -34.01
N PHE E 268 19.54 56.76 -33.88
CA PHE E 268 20.55 56.57 -32.85
C PHE E 268 20.92 57.91 -32.27
N PRO E 269 20.00 58.55 -31.58
CA PRO E 269 20.21 59.95 -31.19
C PRO E 269 21.26 60.10 -30.10
N LYS E 270 21.37 59.11 -29.22
CA LYS E 270 22.24 59.23 -28.06
C LYS E 270 23.48 58.34 -28.11
N VAL E 271 23.44 57.24 -28.85
CA VAL E 271 24.61 56.37 -28.93
C VAL E 271 25.50 56.81 -30.08
N LYS E 272 26.80 56.60 -29.91
CA LYS E 272 27.76 56.77 -31.00
C LYS E 272 27.89 55.44 -31.72
N ILE E 273 27.72 55.47 -33.04
CA ILE E 273 27.61 54.24 -33.81
C ILE E 273 28.89 53.42 -33.70
N LYS E 274 30.04 54.09 -33.67
CA LYS E 274 31.29 53.35 -33.52
C LYS E 274 31.40 52.70 -32.15
N ASP E 275 30.94 53.37 -31.10
CA ASP E 275 30.93 52.76 -29.78
C ASP E 275 29.88 51.67 -29.67
N LEU E 276 28.89 51.67 -30.55
CA LEU E 276 27.89 50.63 -30.57
C LEU E 276 28.31 49.41 -31.40
N MET E 277 29.27 49.60 -32.30
CA MET E 277 29.63 48.56 -33.26
C MET E 277 29.89 47.20 -32.60
N THR E 278 30.48 47.16 -31.42
CA THR E 278 30.92 45.88 -30.88
C THR E 278 29.73 45.02 -30.45
N LEU E 279 30.01 43.73 -30.29
CA LEU E 279 28.98 42.75 -30.03
C LEU E 279 28.36 42.90 -28.66
N ASP E 280 29.17 43.10 -27.62
CA ASP E 280 28.61 43.32 -26.29
C ASP E 280 27.77 44.59 -26.26
N ALA E 281 28.22 45.64 -26.95
CA ALA E 281 27.44 46.87 -26.99
C ALA E 281 26.11 46.64 -27.68
N LEU E 282 26.11 45.91 -28.78
CA LEU E 282 24.85 45.58 -29.45
C LEU E 282 23.96 44.73 -28.56
N ALA E 283 24.54 43.86 -27.74
CA ALA E 283 23.72 43.03 -26.87
C ALA E 283 23.14 43.83 -25.72
N ASN E 284 23.84 44.88 -25.29
CA ASN E 284 23.33 45.67 -24.18
C ASN E 284 22.41 46.79 -24.63
N TYR E 285 22.58 47.28 -25.85
CA TYR E 285 21.70 48.32 -26.34
C TYR E 285 20.29 47.78 -26.55
N TYR E 286 20.17 46.63 -27.21
CA TYR E 286 18.88 46.04 -27.51
C TYR E 286 18.43 45.03 -26.47
N GLU E 287 19.19 44.89 -25.38
CA GLU E 287 18.82 44.01 -24.28
C GLU E 287 18.50 42.60 -24.78
N LEU E 288 19.36 42.10 -25.65
CA LEU E 288 19.28 40.77 -26.20
C LEU E 288 20.57 40.03 -25.89
N PRO E 289 20.52 38.71 -25.82
CA PRO E 289 21.71 37.94 -25.47
C PRO E 289 22.82 38.09 -26.50
N ALA E 290 24.04 38.25 -25.99
CA ALA E 290 25.21 38.38 -26.84
C ALA E 290 25.40 37.20 -27.77
N ASP E 291 25.19 35.98 -27.27
CA ASP E 291 25.36 34.82 -28.14
C ASP E 291 24.23 34.73 -29.15
N ASP E 292 23.03 35.20 -28.80
CA ASP E 292 21.96 35.16 -29.78
C ASP E 292 22.13 36.18 -30.88
N ILE E 293 22.57 37.40 -30.58
CA ILE E 293 22.90 38.32 -31.65
C ILE E 293 24.14 37.87 -32.42
N GLN E 294 25.06 37.18 -31.75
CA GLN E 294 26.22 36.63 -32.45
C GLN E 294 25.80 35.53 -33.42
N ALA E 295 24.76 34.77 -33.09
CA ALA E 295 24.27 33.76 -34.02
C ALA E 295 23.74 34.42 -35.29
N LEU E 296 23.01 35.52 -35.14
CA LEU E 296 22.58 36.28 -36.30
C LEU E 296 23.76 36.77 -37.11
N ILE E 297 24.73 37.38 -36.45
CA ILE E 297 25.88 37.93 -37.18
C ILE E 297 26.63 36.82 -37.90
N ALA E 298 26.81 35.67 -37.25
CA ALA E 298 27.55 34.57 -37.85
C ALA E 298 26.81 33.97 -39.03
N ALA E 299 25.51 33.73 -38.87
CA ALA E 299 24.74 33.20 -39.99
C ALA E 299 24.61 34.22 -41.12
N GLU E 300 24.80 35.50 -40.83
CA GLU E 300 24.79 36.50 -41.89
C GLU E 300 26.14 36.60 -42.58
N ILE E 301 27.22 36.25 -41.87
CA ILE E 301 28.55 36.37 -42.46
C ILE E 301 28.93 35.11 -43.23
N THR E 302 28.51 33.94 -42.77
CA THR E 302 28.83 32.71 -43.48
C THR E 302 27.64 32.02 -44.13
N GLY E 303 26.48 32.05 -43.49
CA GLY E 303 25.33 31.29 -43.94
C GLY E 303 24.56 31.98 -45.05
N ARG E 304 23.23 31.87 -44.98
CA ARG E 304 22.34 32.48 -45.96
C ARG E 304 21.37 33.41 -45.23
N LEU E 305 21.82 34.64 -45.00
CA LEU E 305 21.07 35.71 -44.37
C LEU E 305 21.59 37.00 -44.98
N PRO E 306 20.70 37.94 -45.34
CA PRO E 306 19.25 37.92 -45.15
C PRO E 306 18.51 37.03 -46.14
N THR E 307 17.54 36.27 -45.63
CA THR E 307 16.78 35.37 -46.47
C THR E 307 15.82 36.15 -47.37
N PRO E 308 15.70 35.76 -48.65
CA PRO E 308 16.50 34.72 -49.28
C PRO E 308 17.69 35.25 -50.09
N ASP E 309 17.63 36.53 -50.49
CA ASP E 309 18.61 37.13 -51.37
C ASP E 309 19.28 38.31 -50.69
N VAL E 310 20.33 38.85 -51.33
CA VAL E 310 21.12 39.92 -50.76
C VAL E 310 21.55 40.78 -51.94
N TYR E 311 22.36 41.82 -51.69
CA TYR E 311 23.07 42.60 -52.68
C TYR E 311 22.19 43.63 -53.36
N ASN E 312 20.97 43.84 -52.87
CA ASN E 312 19.97 44.63 -53.58
C ASN E 312 20.02 46.11 -53.22
N ASP E 313 21.23 46.62 -52.97
CA ASP E 313 21.43 48.01 -52.60
C ASP E 313 22.41 48.65 -53.57
N ASP E 314 21.89 49.09 -54.72
CA ASP E 314 22.65 49.85 -55.71
C ASP E 314 23.93 49.11 -56.12
N ASN E 315 23.78 47.80 -56.33
CA ASN E 315 24.87 46.95 -56.83
C ASN E 315 26.10 47.02 -55.95
N LYS E 316 25.88 46.98 -54.64
CA LYS E 316 26.93 46.92 -53.64
C LYS E 316 26.63 45.76 -52.70
N LEU E 317 27.43 45.65 -51.65
CA LEU E 317 27.19 44.70 -50.59
C LEU E 317 28.13 45.03 -49.44
N VAL E 318 27.58 45.17 -48.25
CA VAL E 318 28.35 45.48 -47.06
C VAL E 318 28.17 44.34 -46.06
N ILE E 319 29.26 43.67 -45.74
CA ILE E 319 29.20 42.52 -44.84
C ILE E 319 30.15 42.77 -43.68
N PRO E 320 29.74 42.52 -42.44
CA PRO E 320 30.59 42.82 -41.30
C PRO E 320 31.76 41.84 -41.21
N ALA E 321 32.56 42.03 -40.16
CA ALA E 321 33.66 41.12 -39.88
C ALA E 321 34.06 41.33 -38.42
N ILE E 322 33.79 40.32 -37.59
CA ILE E 322 34.06 40.43 -36.17
C ILE E 322 35.43 39.82 -35.88
N ASN E 323 36.07 40.35 -34.84
CA ASN E 323 37.43 39.96 -34.52
C ASN E 323 37.74 40.39 -33.12
N THR E 324 38.72 39.71 -32.50
CA THR E 324 39.13 39.88 -31.10
C THR E 324 37.94 40.03 -30.15
N GLY E 325 36.80 39.44 -30.51
CA GLY E 325 35.62 39.44 -29.67
C GLY E 325 35.04 40.80 -29.33
N GLY E 326 35.69 41.89 -29.72
CA GLY E 326 35.28 43.18 -29.21
C GLY E 326 35.19 44.26 -30.27
N LYS E 327 34.92 43.86 -31.50
CA LYS E 327 34.76 44.84 -32.57
C LYS E 327 34.04 44.18 -33.73
N ILE E 328 33.46 45.01 -34.59
CA ILE E 328 32.80 44.58 -35.81
C ILE E 328 33.17 45.57 -36.90
N THR E 329 33.95 45.12 -37.87
CA THR E 329 34.41 45.98 -38.96
C THR E 329 33.66 45.63 -40.24
N PHE E 330 33.76 46.53 -41.21
CA PHE E 330 32.97 46.45 -42.43
C PHE E 330 33.87 46.46 -43.66
N SER E 331 33.37 45.83 -44.71
CA SER E 331 34.10 45.68 -45.97
C SER E 331 33.09 45.40 -47.07
N GLU E 332 33.05 46.27 -48.07
CA GLU E 332 31.98 46.26 -49.04
C GLU E 332 32.47 45.72 -50.39
N LEU E 333 31.50 45.41 -51.25
CA LEU E 333 31.74 44.88 -52.59
C LEU E 333 31.06 45.77 -53.62
N ALA E 334 31.44 45.61 -54.88
CA ALA E 334 30.81 46.36 -55.97
C ALA E 334 30.78 45.48 -57.21
N LYS E 335 30.26 46.05 -58.31
CA LYS E 335 30.13 45.30 -59.55
C LYS E 335 29.89 46.25 -60.71
N THR E 336 30.00 45.72 -61.92
CA THR E 336 29.76 46.49 -63.14
C THR E 336 28.33 46.35 -63.63
N GLN E 337 28.02 47.08 -64.70
CA GLN E 337 26.69 47.11 -65.31
C GLN E 337 26.71 46.13 -66.47
N SER E 338 26.62 44.85 -66.14
CA SER E 338 26.49 43.78 -67.12
C SER E 338 25.01 43.61 -67.46
N ASP E 339 24.64 42.46 -68.02
CA ASP E 339 23.26 42.09 -68.31
C ASP E 339 22.65 43.07 -69.34
N GLU E 340 23.24 43.01 -70.54
CA GLU E 340 22.94 43.93 -71.64
C GLU E 340 21.46 44.05 -71.94
N LYS E 341 20.81 42.98 -72.38
CA LYS E 341 19.35 42.99 -72.53
C LYS E 341 18.71 42.33 -71.31
N GLN E 342 18.93 41.04 -71.14
CA GLN E 342 18.54 40.33 -69.93
C GLN E 342 19.24 38.98 -69.92
N ALA E 343 20.13 38.77 -68.95
CA ALA E 343 20.82 37.49 -68.83
C ALA E 343 20.60 36.81 -67.49
N ASP E 344 20.89 37.48 -66.37
CA ASP E 344 20.86 36.88 -65.04
C ASP E 344 21.29 37.92 -64.02
N TYR E 345 21.31 37.51 -62.76
CA TYR E 345 21.99 38.25 -61.70
C TYR E 345 23.02 37.35 -61.02
N ILE E 346 24.23 37.87 -60.83
CA ILE E 346 25.31 37.12 -60.21
C ILE E 346 25.71 37.83 -58.92
N ASP E 347 26.03 37.04 -57.89
CA ASP E 347 26.35 37.56 -56.57
C ASP E 347 27.50 36.76 -55.98
N LEU E 348 28.48 37.46 -55.42
CA LEU E 348 29.55 36.82 -54.68
C LEU E 348 29.22 36.84 -53.20
N ILE E 349 29.02 35.67 -52.62
CA ILE E 349 28.63 35.58 -51.21
C ILE E 349 29.83 35.16 -50.38
N PRO E 350 30.49 36.09 -49.70
CA PRO E 350 31.73 35.75 -49.00
C PRO E 350 31.43 34.97 -47.74
N GLN E 351 31.68 33.66 -47.77
CA GLN E 351 31.58 32.87 -46.57
C GLN E 351 32.61 33.30 -45.54
N GLY E 352 33.80 33.67 -46.00
CA GLY E 352 34.87 34.06 -45.10
C GLY E 352 36.20 34.20 -45.80
N GLY E 353 37.27 33.77 -45.13
CA GLY E 353 38.58 33.80 -45.73
C GLY E 353 38.71 32.71 -46.77
N ASN E 354 38.96 33.10 -48.03
CA ASN E 354 39.21 32.15 -49.11
C ASN E 354 38.05 31.18 -49.31
N GLN E 355 36.85 31.54 -48.83
CA GLN E 355 35.64 30.78 -49.07
C GLN E 355 34.61 31.74 -49.68
N PHE E 356 33.96 31.32 -50.75
CA PHE E 356 32.98 32.17 -51.41
C PHE E 356 31.84 31.34 -51.96
N LEU E 357 30.92 32.03 -52.62
CA LEU E 357 29.72 31.43 -53.19
C LEU E 357 29.26 32.28 -54.37
N VAL E 358 28.66 31.63 -55.35
CA VAL E 358 28.10 32.32 -56.50
C VAL E 358 26.65 31.89 -56.64
N ASN E 359 25.75 32.85 -56.53
CA ASN E 359 24.33 32.64 -56.78
C ASN E 359 23.95 33.32 -58.07
N PHE E 360 23.00 32.71 -58.79
CA PHE E 360 22.65 33.20 -60.10
C PHE E 360 21.32 32.60 -60.53
N SER E 361 20.69 33.27 -61.50
CA SER E 361 19.46 32.76 -62.09
C SER E 361 19.48 33.21 -63.55
N VAL E 362 19.96 32.34 -64.43
CA VAL E 362 20.04 32.66 -65.84
C VAL E 362 18.63 32.67 -66.43
N LYS E 363 18.33 33.72 -67.20
CA LYS E 363 16.95 33.97 -67.61
C LYS E 363 16.48 32.95 -68.64
N LYS E 364 17.08 32.97 -69.82
CA LYS E 364 16.73 32.05 -70.90
C LYS E 364 17.68 30.86 -70.83
N THR E 365 17.13 29.66 -70.67
CA THR E 365 17.93 28.48 -70.44
C THR E 365 17.58 27.37 -71.41
N LYS E 366 17.35 27.73 -72.67
CA LYS E 366 16.78 26.80 -73.64
C LYS E 366 17.64 26.58 -74.87
N LYS E 367 18.75 27.31 -75.03
CA LYS E 367 19.52 27.18 -76.27
C LYS E 367 20.44 25.96 -76.28
N ASP E 368 21.53 26.01 -75.52
CA ASP E 368 22.57 24.99 -75.51
C ASP E 368 23.25 25.06 -74.15
N ALA E 369 23.37 23.91 -73.47
CA ALA E 369 23.95 23.92 -72.14
C ALA E 369 24.43 22.51 -71.79
N THR E 370 25.76 22.34 -71.67
CA THR E 370 26.35 21.06 -71.30
C THR E 370 27.61 21.36 -70.48
N HIS E 371 27.55 21.13 -69.17
CA HIS E 371 28.69 21.35 -68.27
C HIS E 371 29.17 22.80 -68.36
N PHE E 372 28.29 23.69 -67.91
CA PHE E 372 28.54 25.12 -67.96
C PHE E 372 29.79 25.48 -67.15
N SER E 373 30.35 26.65 -67.44
CA SER E 373 31.65 27.05 -66.94
C SER E 373 31.56 28.33 -66.13
N ILE E 374 32.59 28.59 -65.33
CA ILE E 374 32.71 29.80 -64.54
C ILE E 374 34.02 30.49 -64.93
N GLY E 375 33.93 31.73 -65.42
CA GLY E 375 35.10 32.45 -65.86
C GLY E 375 35.64 33.41 -64.82
N TYR E 376 36.86 33.89 -65.05
CA TYR E 376 37.58 34.69 -64.07
C TYR E 376 38.43 35.72 -64.78
N ASN E 377 38.42 36.95 -64.27
CA ASN E 377 39.12 38.09 -64.89
C ASN E 377 38.70 38.28 -66.35
N LYS E 378 37.51 37.76 -66.68
CA LYS E 378 36.87 37.92 -67.99
C LYS E 378 37.58 37.11 -69.07
N SER E 379 38.76 36.58 -68.77
CA SER E 379 39.50 35.85 -69.78
C SER E 379 40.26 34.64 -69.28
N PHE E 380 40.16 34.26 -68.02
CA PHE E 380 41.04 33.21 -67.50
C PHE E 380 40.29 32.32 -66.54
N ASN E 381 41.00 31.28 -66.07
CA ASN E 381 40.69 30.57 -64.84
C ASN E 381 39.25 30.03 -64.83
N ASN E 382 39.01 29.07 -65.70
CA ASN E 382 37.77 28.33 -65.58
C ASN E 382 37.69 27.72 -64.18
N LEU E 383 36.86 28.29 -63.32
CA LEU E 383 36.92 28.00 -61.88
C LEU E 383 36.38 26.62 -61.55
N ALA E 384 35.16 26.32 -61.98
CA ALA E 384 34.53 25.04 -61.70
C ALA E 384 33.73 24.62 -62.92
N ASP E 385 34.16 23.53 -63.55
CA ASP E 385 33.43 22.89 -64.64
C ASP E 385 33.16 21.46 -64.19
N LYS E 386 32.08 21.29 -63.42
CA LYS E 386 31.80 20.01 -62.79
C LYS E 386 30.33 19.63 -62.81
N ASN E 387 29.43 20.59 -63.06
CA ASN E 387 28.00 20.34 -63.02
C ASN E 387 27.52 19.82 -64.36
N GLY E 388 26.88 18.65 -64.36
CA GLY E 388 26.36 18.07 -65.57
C GLY E 388 24.90 18.41 -65.77
N PHE E 389 24.43 19.45 -65.08
CA PHE E 389 23.05 19.87 -65.11
C PHE E 389 22.95 21.17 -65.89
N VAL E 390 21.75 21.49 -66.34
CA VAL E 390 21.46 22.77 -66.99
C VAL E 390 20.78 23.68 -65.97
N PRO E 391 21.26 24.91 -65.77
CA PRO E 391 20.51 25.86 -64.95
C PRO E 391 19.18 26.21 -65.60
N LEU E 392 18.21 26.54 -64.77
CA LEU E 392 16.85 26.78 -65.25
C LEU E 392 16.47 28.24 -65.12
N ALA E 393 15.35 28.58 -65.73
CA ALA E 393 14.90 29.97 -65.80
C ALA E 393 14.45 30.45 -64.42
N GLY E 394 14.88 31.66 -64.07
CA GLY E 394 14.46 32.28 -62.83
C GLY E 394 14.68 31.42 -61.60
N GLU E 395 15.69 30.57 -61.61
CA GLU E 395 15.90 29.60 -60.55
C GLU E 395 17.14 29.99 -59.76
N HIS E 396 17.03 29.93 -58.43
CA HIS E 396 18.14 30.33 -57.58
C HIS E 396 19.10 29.16 -57.38
N TYR E 397 20.32 29.34 -57.85
CA TYR E 397 21.38 28.34 -57.72
C TYR E 397 22.45 28.89 -56.80
N SER E 398 23.37 28.02 -56.40
CA SER E 398 24.46 28.43 -55.51
C SER E 398 25.59 27.42 -55.63
N ILE E 399 26.75 27.89 -56.08
CA ILE E 399 27.89 27.01 -56.28
C ILE E 399 29.06 27.50 -55.43
N PRO E 400 29.55 26.68 -54.51
CA PRO E 400 30.70 27.10 -53.69
C PRO E 400 31.97 27.16 -54.52
N VAL E 401 32.75 28.21 -54.24
CA VAL E 401 33.98 28.48 -54.98
C VAL E 401 34.99 29.07 -54.00
N THR E 402 36.26 28.73 -54.20
CA THR E 402 37.34 29.22 -53.36
C THR E 402 38.16 30.24 -54.12
N LEU E 403 38.20 31.47 -53.61
CA LEU E 403 38.98 32.54 -54.21
C LEU E 403 39.99 33.07 -53.21
N ASP E 404 40.69 34.15 -53.55
CA ASP E 404 41.61 34.82 -52.64
C ASP E 404 41.24 36.29 -52.56
N ALA E 405 41.26 36.83 -51.34
CA ALA E 405 40.89 38.23 -51.16
C ALA E 405 41.85 39.18 -51.85
N LYS E 406 43.07 38.73 -52.16
CA LYS E 406 44.03 39.59 -52.83
C LYS E 406 43.51 40.07 -54.17
N ILE E 407 43.13 39.15 -55.05
CA ILE E 407 42.65 39.57 -56.36
C ILE E 407 41.34 40.34 -56.23
N LEU E 408 40.54 40.02 -55.21
CA LEU E 408 39.32 40.78 -54.98
C LEU E 408 39.59 42.21 -54.59
N GLU E 409 40.76 42.48 -53.98
CA GLU E 409 41.09 43.86 -53.64
C GLU E 409 41.05 44.77 -54.86
N LYS E 410 41.35 44.23 -56.04
CA LYS E 410 41.18 45.01 -57.25
C LYS E 410 40.03 44.48 -58.09
N LYS E 411 39.68 45.24 -59.12
CA LYS E 411 38.55 44.96 -59.99
C LYS E 411 38.77 43.62 -60.68
N THR E 412 37.93 42.63 -60.38
CA THR E 412 38.08 41.27 -60.89
C THR E 412 36.76 40.80 -61.50
N LYS E 413 36.73 40.68 -62.82
CA LYS E 413 35.52 40.30 -63.55
C LYS E 413 35.40 38.78 -63.56
N ILE E 414 34.51 38.25 -62.73
CA ILE E 414 34.20 36.83 -62.72
C ILE E 414 32.98 36.60 -63.60
N GLY E 415 33.03 35.56 -64.43
CA GLY E 415 31.97 35.24 -65.36
C GLY E 415 31.51 33.80 -65.26
N ILE E 416 30.39 33.53 -65.93
CA ILE E 416 29.82 32.20 -66.02
C ILE E 416 29.53 31.93 -67.49
N THR E 417 29.92 30.74 -67.96
CA THR E 417 29.80 30.37 -69.36
C THR E 417 28.97 29.09 -69.46
N ARG E 418 27.71 29.22 -69.85
CA ARG E 418 26.90 28.07 -70.18
C ARG E 418 27.48 27.43 -71.43
N LYS E 419 28.09 26.26 -71.27
CA LYS E 419 29.01 25.72 -72.27
C LYS E 419 28.23 25.22 -73.49
N LYS E 420 28.53 25.81 -74.65
CA LYS E 420 28.11 25.23 -75.92
C LYS E 420 28.73 23.84 -76.05
N PRO E 421 28.07 22.89 -76.74
CA PRO E 421 28.41 21.47 -76.53
C PRO E 421 29.87 21.09 -76.76
N GLU E 422 30.38 21.20 -78.00
CA GLU E 422 31.82 20.94 -78.15
C GLU E 422 32.68 22.18 -77.88
N PRO E 423 32.51 23.30 -78.62
CA PRO E 423 33.32 24.50 -78.31
C PRO E 423 32.60 25.51 -77.44
N ALA E 424 33.29 26.07 -76.43
CA ALA E 424 32.70 27.15 -75.65
C ALA E 424 33.78 27.93 -74.91
N SER E 425 34.13 29.11 -75.42
CA SER E 425 35.00 30.03 -74.69
C SER E 425 34.33 31.36 -74.39
N ASP E 426 33.75 32.03 -75.38
CA ASP E 426 32.98 33.24 -75.11
C ASP E 426 31.78 33.37 -76.04
N GLU E 427 31.67 32.46 -77.01
CA GLU E 427 30.76 32.64 -78.13
C GLU E 427 29.34 32.19 -77.82
N ASN E 428 29.10 31.72 -76.61
CA ASN E 428 27.74 31.49 -76.15
C ASN E 428 27.15 32.85 -75.75
N HIS E 429 25.95 32.85 -75.17
CA HIS E 429 25.46 34.09 -74.57
C HIS E 429 26.16 34.28 -73.24
N TYR E 430 27.31 34.94 -73.26
CA TYR E 430 28.19 35.02 -72.10
C TYR E 430 27.74 36.11 -71.14
N THR E 431 28.01 35.87 -69.85
CA THR E 431 27.70 36.82 -68.78
C THR E 431 28.86 36.86 -67.81
N SER E 432 29.10 38.03 -67.25
CA SER E 432 30.21 38.24 -66.32
C SER E 432 29.85 39.37 -65.38
N ALA E 433 30.70 39.60 -64.38
CA ALA E 433 30.51 40.66 -63.40
C ALA E 433 31.79 40.79 -62.60
N THR E 434 32.06 42.00 -62.13
CA THR E 434 33.26 42.26 -61.35
C THR E 434 32.91 42.36 -59.87
N PHE E 435 33.93 42.23 -59.03
CA PHE E 435 33.74 42.34 -57.59
C PHE E 435 35.00 42.93 -56.97
N THR E 436 34.89 44.17 -56.52
CA THR E 436 35.98 44.89 -55.87
C THR E 436 35.63 45.09 -54.41
N ILE E 437 36.60 44.87 -53.53
CA ILE E 437 36.42 45.01 -52.10
C ILE E 437 37.30 46.15 -51.60
N HIS E 438 36.75 46.96 -50.71
CA HIS E 438 37.57 47.99 -50.06
C HIS E 438 37.03 48.25 -48.66
N PRO E 439 37.71 47.76 -47.63
CA PRO E 439 37.14 47.78 -46.28
C PRO E 439 37.06 49.19 -45.71
N ASN E 440 36.48 49.25 -44.51
CA ASN E 440 36.31 50.48 -43.75
C ASN E 440 35.52 51.51 -44.57
N ALA E 441 34.28 51.15 -44.86
CA ALA E 441 33.40 52.04 -45.60
C ALA E 441 31.96 51.64 -45.36
N GLU E 442 31.08 52.63 -45.36
CA GLU E 442 29.64 52.47 -45.40
C GLU E 442 29.13 51.63 -44.24
N PRO E 443 29.18 52.15 -43.01
CA PRO E 443 28.73 51.38 -41.85
C PRO E 443 27.24 51.51 -41.57
N GLY E 444 26.57 52.52 -42.12
CA GLY E 444 25.27 52.92 -41.64
C GLY E 444 24.09 52.09 -42.09
N ILE E 445 24.00 51.79 -43.38
CA ILE E 445 22.78 51.20 -43.89
C ILE E 445 22.61 49.75 -43.44
N TRP E 446 23.70 49.04 -43.16
CA TRP E 446 23.57 47.70 -42.62
C TRP E 446 23.19 47.73 -41.16
N LEU E 447 23.78 48.64 -40.41
CA LEU E 447 23.40 48.79 -39.02
C LEU E 447 21.98 49.29 -38.85
N LEU E 448 21.43 50.01 -39.82
CA LEU E 448 20.03 50.39 -39.73
C LEU E 448 19.11 49.19 -39.88
N ARG E 449 19.36 48.35 -40.89
CA ARG E 449 18.59 47.13 -41.00
C ARG E 449 18.77 46.26 -39.77
N LEU E 450 19.97 46.28 -39.17
CA LEU E 450 20.17 45.54 -37.93
C LEU E 450 19.34 46.12 -36.80
N ASN E 451 19.27 47.45 -36.71
CA ASN E 451 18.41 48.09 -35.74
C ASN E 451 16.98 47.58 -35.89
N LYS E 452 16.49 47.57 -37.12
CA LYS E 452 15.12 47.10 -37.36
C LYS E 452 14.96 45.66 -36.91
N THR E 453 15.87 44.77 -37.33
CA THR E 453 15.68 43.36 -37.05
C THR E 453 15.87 43.04 -35.58
N LEU E 454 16.71 43.79 -34.88
CA LEU E 454 16.90 43.55 -33.45
C LEU E 454 15.72 44.06 -32.65
N ARG E 455 15.22 45.26 -32.96
CA ARG E 455 13.97 45.70 -32.35
C ARG E 455 12.88 44.66 -32.56
N LEU E 456 12.76 44.14 -33.78
CA LEU E 456 11.71 43.20 -34.09
C LEU E 456 11.88 41.89 -33.33
N ALA E 457 13.10 41.37 -33.25
CA ALA E 457 13.31 40.13 -32.51
C ALA E 457 12.99 40.32 -31.04
N LYS E 458 13.52 41.38 -30.43
CA LYS E 458 13.23 41.65 -29.03
C LYS E 458 11.75 41.78 -28.77
N VAL E 459 11.00 42.37 -29.70
CA VAL E 459 9.59 42.63 -29.45
C VAL E 459 8.75 41.39 -29.70
N SER E 460 9.00 40.70 -30.81
CA SER E 460 8.22 39.52 -31.15
C SER E 460 8.68 38.27 -30.42
N GLY E 461 9.71 38.37 -29.57
CA GLY E 461 10.08 37.26 -28.72
C GLY E 461 10.87 36.17 -29.38
N MET E 462 10.93 36.13 -30.70
CA MET E 462 11.75 35.15 -31.38
C MET E 462 13.20 35.60 -31.41
N THR E 463 14.10 34.64 -31.57
CA THR E 463 15.53 34.92 -31.55
C THR E 463 15.92 35.76 -32.76
N PRO E 464 17.00 36.54 -32.67
CA PRO E 464 17.38 37.40 -33.80
C PRO E 464 17.75 36.62 -35.05
N HIS E 465 18.24 35.39 -34.92
CA HIS E 465 18.53 34.59 -36.10
C HIS E 465 17.22 34.11 -36.73
N GLU E 466 16.26 33.70 -35.90
CA GLU E 466 14.95 33.36 -36.40
C GLU E 466 14.24 34.53 -37.07
N THR E 467 14.31 35.73 -36.49
CA THR E 467 13.59 36.86 -37.06
C THR E 467 14.18 37.30 -38.38
N GLN E 468 15.46 37.02 -38.60
CA GLN E 468 16.06 37.37 -39.88
C GLN E 468 15.82 36.29 -40.91
N HIS E 469 15.96 35.02 -40.53
CA HIS E 469 15.63 33.93 -41.43
C HIS E 469 14.16 33.94 -41.83
N ALA E 470 13.30 34.46 -40.97
CA ALA E 470 11.87 34.54 -41.24
C ALA E 470 11.49 35.89 -41.84
N LEU E 471 12.47 36.69 -42.23
CA LEU E 471 12.23 37.91 -42.97
C LEU E 471 12.46 37.65 -44.44
N ILE E 472 11.47 37.97 -45.25
CA ILE E 472 11.47 37.69 -46.68
C ILE E 472 11.86 38.97 -47.42
N HIS E 473 12.94 38.89 -48.20
CA HIS E 473 13.53 40.07 -48.83
C HIS E 473 13.56 39.88 -50.34
N VAL E 474 13.05 40.88 -51.06
CA VAL E 474 13.12 40.90 -52.51
C VAL E 474 13.76 42.22 -52.94
N ARG E 475 14.34 42.22 -54.14
CA ARG E 475 15.00 43.41 -54.66
C ARG E 475 14.07 44.61 -54.72
N ASN E 476 12.76 44.38 -54.90
CA ASN E 476 11.78 45.45 -54.87
C ASN E 476 10.94 45.42 -53.62
N ASP E 477 11.23 44.51 -52.69
CA ASP E 477 10.42 44.38 -51.49
C ASP E 477 10.57 45.63 -50.63
N SER E 478 9.48 46.39 -50.51
CA SER E 478 9.48 47.53 -49.62
C SER E 478 9.52 47.07 -48.17
N SER E 479 10.00 47.94 -47.29
CA SER E 479 10.03 47.61 -45.88
C SER E 479 8.63 47.44 -45.30
N GLU E 480 7.64 48.18 -45.81
CA GLU E 480 6.29 48.01 -45.32
C GLU E 480 5.76 46.61 -45.63
N TYR E 481 5.96 46.17 -46.87
CA TYR E 481 5.53 44.82 -47.24
C TYR E 481 6.34 43.77 -46.51
N GLU E 482 7.61 44.05 -46.23
CA GLU E 482 8.43 43.11 -45.48
C GLU E 482 7.90 42.92 -44.08
N LEU E 483 7.65 44.03 -43.37
CA LEU E 483 7.06 43.91 -42.04
C LEU E 483 5.68 43.29 -42.10
N ARG E 484 4.92 43.60 -43.15
CA ARG E 484 3.60 43.00 -43.27
C ARG E 484 3.71 41.49 -43.39
N ARG E 485 4.67 41.00 -44.16
CA ARG E 485 4.89 39.57 -44.27
C ARG E 485 5.29 38.98 -42.93
N PHE E 486 6.13 39.68 -42.18
CA PHE E 486 6.53 39.17 -40.88
C PHE E 486 5.35 39.09 -39.92
N THR E 487 4.56 40.15 -39.84
CA THR E 487 3.41 40.16 -38.96
C THR E 487 2.35 39.16 -39.39
N GLU E 488 2.13 39.00 -40.69
CA GLU E 488 1.25 37.95 -41.16
C GLU E 488 1.75 36.59 -40.74
N THR E 489 3.06 36.37 -40.82
CA THR E 489 3.61 35.10 -40.37
C THR E 489 3.32 34.86 -38.90
N LEU E 490 3.52 35.89 -38.07
CA LEU E 490 3.23 35.76 -36.65
C LEU E 490 1.75 35.47 -36.43
N LEU E 491 0.88 36.08 -37.21
CA LEU E 491 -0.55 35.86 -37.04
C LEU E 491 -0.94 34.44 -37.44
N TYR E 492 -0.50 33.99 -38.62
CA TYR E 492 -0.80 32.64 -39.06
C TYR E 492 -0.11 31.60 -38.21
N ARG E 493 0.86 32.01 -37.39
CA ARG E 493 1.40 31.10 -36.39
C ARG E 493 0.57 31.11 -35.13
N LYS E 494 0.00 32.26 -34.77
CA LYS E 494 -0.93 32.29 -33.63
C LYS E 494 -2.14 31.43 -33.92
N ARG E 495 -2.96 31.82 -34.89
CA ARG E 495 -4.02 30.90 -35.28
C ARG E 495 -3.43 29.79 -36.14
N TYR E 496 -4.13 28.66 -36.15
CA TYR E 496 -3.69 27.41 -36.75
C TYR E 496 -2.60 26.72 -35.95
N GLY E 497 -2.00 27.43 -35.00
CA GLY E 497 -0.91 26.90 -34.19
C GLY E 497 0.12 26.09 -34.96
N ILE E 498 0.84 26.70 -35.88
CA ILE E 498 1.73 25.97 -36.76
C ILE E 498 3.18 26.37 -36.49
N ASP E 499 4.09 25.76 -37.23
CA ASP E 499 5.50 26.10 -37.15
C ASP E 499 5.77 27.44 -37.83
N THR E 500 6.93 28.02 -37.53
CA THR E 500 7.32 29.22 -38.24
C THR E 500 7.56 28.92 -39.71
N GLU E 501 8.07 27.73 -40.03
CA GLU E 501 8.26 27.38 -41.43
C GLU E 501 6.94 27.19 -42.16
N THR E 502 5.96 26.54 -41.52
CA THR E 502 4.66 26.40 -42.16
C THR E 502 3.98 27.74 -42.32
N ALA E 503 4.09 28.60 -41.31
CA ALA E 503 3.54 29.94 -41.43
C ALA E 503 4.21 30.72 -42.55
N LEU E 504 5.52 30.55 -42.71
CA LEU E 504 6.21 31.23 -43.80
C LEU E 504 5.72 30.73 -45.14
N MET E 505 5.58 29.41 -45.28
CA MET E 505 5.05 28.89 -46.53
C MET E 505 3.64 29.39 -46.80
N LEU E 506 2.85 29.55 -45.74
CA LEU E 506 1.54 30.21 -45.88
C LEU E 506 1.67 31.67 -46.25
N CYS E 507 2.78 32.32 -45.95
CA CYS E 507 3.00 33.73 -46.29
C CYS E 507 3.64 33.90 -47.64
N ASN E 508 3.41 32.96 -48.57
CA ASN E 508 3.96 33.02 -49.92
C ASN E 508 5.49 33.08 -49.85
N ALA E 509 6.08 31.99 -49.38
CA ALA E 509 7.51 31.81 -49.38
C ALA E 509 7.86 30.58 -50.21
N GLY E 510 8.94 30.69 -50.97
CA GLY E 510 9.35 29.59 -51.82
C GLY E 510 9.91 28.43 -51.03
N ILE E 511 10.08 27.31 -51.73
CA ILE E 511 10.73 26.14 -51.13
C ILE E 511 12.23 26.39 -51.11
N SER E 512 12.85 26.18 -49.96
CA SER E 512 14.27 26.44 -49.79
C SER E 512 15.05 25.16 -50.04
N ARG E 513 15.86 25.17 -51.10
CA ARG E 513 16.71 24.01 -51.41
C ARG E 513 17.85 23.85 -50.42
N ILE E 514 18.27 24.93 -49.76
CA ILE E 514 19.48 24.93 -48.94
C ILE E 514 19.17 24.37 -47.57
N SER E 515 20.06 23.50 -47.07
CA SER E 515 19.89 22.91 -45.76
C SER E 515 20.05 23.97 -44.69
N TYR E 516 19.01 24.17 -43.89
CA TYR E 516 18.95 25.22 -42.89
C TYR E 516 19.23 24.62 -41.53
N ASP E 517 20.06 25.30 -40.74
CA ASP E 517 20.24 24.99 -39.32
C ASP E 517 20.83 23.59 -39.12
N GLY E 518 21.73 23.18 -40.00
CA GLY E 518 22.30 21.85 -39.90
C GLY E 518 21.26 20.74 -39.96
N GLN E 519 20.14 21.00 -40.63
CA GLN E 519 19.06 20.03 -40.74
C GLN E 519 18.76 19.72 -42.19
N LEU E 520 17.72 18.94 -42.43
CA LEU E 520 17.33 18.64 -43.80
C LEU E 520 16.61 19.85 -44.40
N SER E 521 16.94 20.18 -45.64
CA SER E 521 16.28 21.30 -46.28
C SER E 521 14.80 21.00 -46.45
N HIS E 522 14.01 22.05 -46.71
CA HIS E 522 12.59 21.83 -46.96
C HIS E 522 12.39 20.99 -48.20
N PHE E 523 13.08 21.33 -49.28
CA PHE E 523 12.96 20.58 -50.51
C PHE E 523 13.27 19.10 -50.29
N ASP E 524 14.28 18.81 -49.49
CA ASP E 524 14.69 17.41 -49.33
C ASP E 524 13.79 16.66 -48.36
N ARG E 525 13.48 17.26 -47.21
CA ARG E 525 12.53 16.60 -46.31
C ARG E 525 11.14 16.54 -46.90
N LEU E 526 10.91 17.22 -48.03
CA LEU E 526 9.66 17.18 -48.75
C LEU E 526 9.63 16.09 -49.81
N PHE E 527 10.65 16.03 -50.66
CA PHE E 527 10.66 15.12 -51.79
C PHE E 527 11.59 13.93 -51.63
N ASN E 528 12.78 14.13 -51.06
CA ASN E 528 13.83 13.12 -51.05
C ASN E 528 14.10 12.58 -49.65
N ASN E 529 13.06 12.34 -48.86
CA ASN E 529 13.21 11.84 -47.50
C ASN E 529 12.26 10.68 -47.25
N PRO E 530 12.65 9.45 -47.60
CA PRO E 530 13.82 9.09 -48.40
C PRO E 530 13.48 9.14 -49.88
N PRO E 531 14.48 9.37 -50.74
CA PRO E 531 14.19 9.53 -52.16
C PRO E 531 13.46 8.31 -52.70
N LEU E 532 12.32 8.54 -53.34
CA LEU E 532 11.49 7.45 -53.81
C LEU E 532 12.30 6.57 -54.76
N ASN E 533 12.42 5.29 -54.41
CA ASN E 533 13.17 4.34 -55.21
C ASN E 533 14.63 4.73 -55.33
N GLY E 534 15.12 5.48 -54.35
CA GLY E 534 16.49 5.96 -54.41
C GLY E 534 16.78 6.94 -55.50
N VAL E 535 15.76 7.41 -56.22
CA VAL E 535 15.92 8.37 -57.30
C VAL E 535 15.74 9.76 -56.72
N THR E 536 16.84 10.49 -56.55
CA THR E 536 16.76 11.83 -56.00
C THR E 536 16.01 12.73 -56.95
N TYR E 537 14.86 13.23 -56.50
CA TYR E 537 14.00 14.06 -57.34
C TYR E 537 14.71 15.38 -57.60
N THR E 538 15.25 15.53 -58.80
CA THR E 538 15.79 16.80 -59.23
C THR E 538 14.72 17.62 -59.91
N LEU E 539 15.02 18.90 -60.13
CA LEU E 539 14.11 19.77 -60.86
C LEU E 539 14.48 19.74 -62.35
N GLY E 540 14.30 18.55 -62.93
CA GLY E 540 14.75 18.33 -64.30
C GLY E 540 14.05 19.23 -65.30
N GLY E 541 12.74 19.35 -65.19
CA GLY E 541 12.02 20.27 -66.05
C GLY E 541 11.38 19.55 -67.23
N ASP E 542 10.32 20.18 -67.73
CA ASP E 542 9.67 19.84 -69.00
C ASP E 542 8.86 18.54 -68.93
N ASP E 543 8.88 17.84 -67.80
CA ASP E 543 8.22 16.52 -67.74
C ASP E 543 7.56 16.25 -66.39
N ILE E 544 6.34 16.74 -66.24
CA ILE E 544 5.42 16.29 -65.19
C ILE E 544 4.02 16.35 -65.77
N LEU E 545 3.25 15.28 -65.58
CA LEU E 545 1.90 15.19 -66.09
C LEU E 545 0.94 15.00 -64.93
N MET E 546 -0.18 15.72 -64.93
CA MET E 546 -1.07 15.77 -63.79
C MET E 546 -2.38 15.01 -63.98
N GLU E 547 -2.84 14.85 -65.21
CA GLU E 547 -4.03 14.03 -65.44
C GLU E 547 -3.76 12.61 -64.97
N PRO E 548 -4.66 12.01 -64.18
CA PRO E 548 -4.33 10.72 -63.55
C PRO E 548 -3.92 9.63 -64.54
N ASP E 549 -4.62 9.51 -65.65
CA ASP E 549 -4.38 8.43 -66.60
C ASP E 549 -3.10 8.70 -67.41
N ALA E 550 -2.00 8.85 -66.68
CA ALA E 550 -0.69 9.02 -67.30
C ALA E 550 0.39 8.53 -66.35
N GLY E 551 1.48 8.04 -66.92
CA GLY E 551 2.56 7.46 -66.15
C GLY E 551 3.82 8.27 -66.16
N ASP E 552 4.31 8.64 -64.96
CA ASP E 552 5.47 9.48 -64.81
C ASP E 552 6.03 9.31 -63.39
N PRO E 553 7.28 8.85 -63.26
CA PRO E 553 7.80 8.52 -61.92
C PRO E 553 7.93 9.72 -61.01
N ARG E 554 7.87 10.93 -61.56
CA ARG E 554 7.94 12.14 -60.74
C ARG E 554 6.62 12.43 -60.03
N ARG E 555 5.49 12.24 -60.71
CA ARG E 555 4.21 12.46 -60.09
C ARG E 555 4.08 11.69 -58.78
N GLU E 556 4.76 10.56 -58.66
CA GLU E 556 4.69 9.75 -57.46
C GLU E 556 5.38 10.41 -56.28
N VAL E 557 6.51 11.07 -56.52
CA VAL E 557 7.15 11.84 -55.47
C VAL E 557 6.28 13.01 -55.05
N LEU E 558 5.63 13.68 -55.99
CA LEU E 558 4.73 14.77 -55.65
C LEU E 558 3.54 14.27 -54.84
N LYS E 559 2.98 13.12 -55.20
CA LYS E 559 1.90 12.54 -54.43
C LYS E 559 2.34 12.22 -53.01
N ARG E 560 3.54 11.68 -52.83
CA ARG E 560 3.98 11.41 -51.47
C ARG E 560 4.24 12.70 -50.70
N ALA E 561 4.81 13.71 -51.37
CA ALA E 561 5.14 14.94 -50.67
C ALA E 561 3.90 15.69 -50.22
N PHE E 562 2.97 15.92 -51.14
CA PHE E 562 1.80 16.73 -50.85
C PHE E 562 0.72 15.96 -50.11
N ARG E 563 0.96 14.69 -49.79
CA ARG E 563 0.02 13.88 -49.05
C ARG E 563 -1.34 13.85 -49.75
N VAL E 564 -1.32 13.97 -51.08
CA VAL E 564 -2.53 13.90 -51.88
C VAL E 564 -2.45 12.64 -52.73
N ASP E 565 -3.62 12.12 -53.05
CA ASP E 565 -3.74 10.93 -53.86
C ASP E 565 -3.73 11.31 -55.33
N ASN E 566 -4.01 10.36 -56.21
CA ASN E 566 -3.86 10.63 -57.64
C ASN E 566 -4.84 11.67 -58.13
N THR E 567 -6.11 11.58 -57.75
CA THR E 567 -7.04 12.64 -58.10
C THR E 567 -6.77 13.90 -57.32
N GLY E 568 -6.24 13.76 -56.10
CA GLY E 568 -5.93 14.93 -55.30
C GLY E 568 -4.84 15.79 -55.93
N LEU E 569 -3.90 15.17 -56.64
CA LEU E 569 -2.86 15.96 -57.28
C LEU E 569 -3.44 16.80 -58.41
N TRP E 570 -4.27 16.19 -59.25
CA TRP E 570 -4.93 16.95 -60.29
C TRP E 570 -5.80 18.05 -59.70
N GLN E 571 -6.41 17.79 -58.55
CA GLN E 571 -7.27 18.79 -57.93
C GLN E 571 -6.45 19.94 -57.37
N LEU E 572 -5.27 19.66 -56.81
CA LEU E 572 -4.32 20.71 -56.48
C LEU E 572 -3.99 21.55 -57.69
N LEU E 573 -3.72 20.90 -58.82
CA LEU E 573 -3.41 21.66 -60.02
C LEU E 573 -4.57 22.55 -60.43
N VAL E 574 -5.80 22.05 -60.32
CA VAL E 574 -6.96 22.85 -60.71
C VAL E 574 -7.12 24.03 -59.77
N ILE E 575 -7.01 23.79 -58.45
CA ILE E 575 -7.11 24.89 -57.50
C ILE E 575 -6.05 25.92 -57.76
N THR E 576 -4.87 25.50 -58.18
CA THR E 576 -3.77 26.45 -58.39
C THR E 576 -4.15 27.53 -59.38
N ASN E 577 -4.87 27.15 -60.44
CA ASN E 577 -5.37 28.15 -61.38
C ASN E 577 -6.55 27.52 -62.11
N ARG E 578 -7.76 27.98 -61.78
CA ARG E 578 -8.93 27.52 -62.51
C ARG E 578 -9.10 28.18 -63.87
N GLU E 579 -8.29 29.19 -64.17
CA GLU E 579 -8.29 29.77 -65.51
C GLU E 579 -7.32 29.08 -66.45
N ASN E 580 -6.27 28.45 -65.92
CA ASN E 580 -5.31 27.69 -66.70
C ASN E 580 -5.80 26.25 -66.77
N LYS E 581 -6.12 25.78 -67.98
CA LYS E 581 -6.62 24.43 -68.19
C LYS E 581 -5.55 23.50 -68.76
N SER E 582 -4.28 23.85 -68.57
CA SER E 582 -3.20 22.98 -69.02
C SER E 582 -3.19 21.69 -68.21
N LYS E 583 -2.72 20.62 -68.83
CA LYS E 583 -2.70 19.34 -68.14
C LYS E 583 -1.37 19.08 -67.45
N THR E 584 -0.28 19.60 -68.01
CA THR E 584 1.04 19.37 -67.45
C THR E 584 1.53 20.59 -66.69
N ILE E 585 2.57 20.40 -65.89
CA ILE E 585 3.19 21.51 -65.17
C ILE E 585 4.68 21.52 -65.46
N GLU E 586 5.33 22.62 -65.12
CA GLU E 586 6.78 22.71 -65.17
C GLU E 586 7.35 22.16 -63.87
N ASN E 587 8.60 21.72 -63.93
CA ASN E 587 9.28 21.22 -62.76
C ASN E 587 10.11 22.30 -62.07
N LYS E 588 9.75 23.57 -62.25
CA LYS E 588 10.40 24.65 -61.53
C LYS E 588 10.07 24.58 -60.05
N THR E 589 10.62 25.52 -59.29
CA THR E 589 10.32 25.55 -57.87
C THR E 589 9.10 26.40 -57.54
N GLU E 590 8.77 27.38 -58.36
CA GLU E 590 7.59 28.18 -58.09
C GLU E 590 6.31 27.39 -58.25
N LYS E 591 6.25 26.48 -59.21
CA LYS E 591 5.05 25.66 -59.37
C LYS E 591 4.87 24.74 -58.18
N LEU E 592 5.95 24.11 -57.72
CA LEU E 592 5.86 23.29 -56.52
C LEU E 592 5.55 24.13 -55.30
N ARG E 593 6.00 25.38 -55.27
CA ARG E 593 5.61 26.28 -54.19
C ARG E 593 4.11 26.53 -54.19
N GLY E 594 3.54 26.77 -55.37
CA GLY E 594 2.10 26.95 -55.46
C GLY E 594 1.33 25.72 -55.03
N LEU E 595 1.78 24.55 -55.46
CA LEU E 595 1.11 23.31 -55.06
C LEU E 595 1.22 23.09 -53.56
N LEU E 596 2.39 23.37 -52.98
CA LEU E 596 2.57 23.18 -51.55
C LEU E 596 1.70 24.17 -50.77
N PHE E 597 1.64 25.41 -51.21
CA PHE E 597 0.78 26.39 -50.55
C PHE E 597 -0.67 25.96 -50.61
N VAL E 598 -1.12 25.50 -51.77
CA VAL E 598 -2.52 25.09 -51.91
C VAL E 598 -2.82 23.88 -51.04
N ARG E 599 -1.88 22.95 -50.92
CA ARG E 599 -2.10 21.81 -50.03
C ARG E 599 -2.10 22.24 -48.57
N LEU E 600 -1.23 23.18 -48.20
CA LEU E 600 -1.24 23.71 -46.85
C LEU E 600 -2.54 24.42 -46.52
N LEU E 601 -3.16 25.06 -47.52
CA LEU E 601 -4.44 25.72 -47.29
C LEU E 601 -5.44 24.74 -46.71
N ALA E 602 -5.45 23.50 -47.21
CA ALA E 602 -6.34 22.48 -46.68
C ALA E 602 -5.81 21.89 -45.39
N ASP E 603 -4.49 21.72 -45.28
CA ASP E 603 -3.94 21.08 -44.09
C ASP E 603 -4.08 21.96 -42.86
N VAL E 604 -4.11 23.27 -43.04
CA VAL E 604 -4.05 24.18 -41.90
C VAL E 604 -5.44 24.48 -41.37
N HIS E 605 -6.46 24.30 -42.21
CA HIS E 605 -7.85 24.54 -41.82
C HIS E 605 -8.59 23.26 -41.49
N ASN E 606 -7.90 22.15 -41.35
CA ASN E 606 -8.52 20.85 -41.11
C ASN E 606 -9.53 20.54 -42.22
N LEU E 607 -9.09 20.71 -43.45
CA LEU E 607 -9.88 20.44 -44.62
C LEU E 607 -9.16 19.42 -45.50
N THR E 608 -9.94 18.72 -46.30
CA THR E 608 -9.39 17.92 -47.38
C THR E 608 -9.19 18.81 -48.59
N VAL E 609 -8.47 18.30 -49.59
CA VAL E 609 -8.35 19.08 -50.81
C VAL E 609 -9.66 19.13 -51.58
N ALA E 610 -10.44 18.05 -51.55
CA ALA E 610 -11.77 18.12 -52.10
C ALA E 610 -12.58 19.20 -51.43
N GLN E 611 -12.50 19.29 -50.10
CA GLN E 611 -13.28 20.28 -49.38
C GLN E 611 -12.77 21.69 -49.66
N LEU E 612 -11.46 21.86 -49.82
CA LEU E 612 -10.95 23.18 -50.18
C LEU E 612 -11.41 23.59 -51.57
N ASP E 613 -11.36 22.66 -52.53
CA ASP E 613 -11.85 22.97 -53.86
C ASP E 613 -13.32 23.32 -53.84
N ALA E 614 -14.12 22.56 -53.08
CA ALA E 614 -15.55 22.84 -53.00
C ALA E 614 -15.81 24.16 -52.29
N LEU E 615 -14.94 24.55 -51.37
CA LEU E 615 -15.13 25.74 -50.57
C LEU E 615 -14.64 27.00 -51.26
N LEU E 616 -13.73 26.87 -52.23
CA LEU E 616 -13.26 28.03 -52.98
C LEU E 616 -14.21 28.42 -54.10
N GLN E 617 -15.15 27.55 -54.45
CA GLN E 617 -16.12 27.89 -55.49
C GLN E 617 -17.20 28.82 -54.96
N ILE E 618 -17.69 28.57 -53.75
CA ILE E 618 -18.65 29.47 -53.13
C ILE E 618 -17.99 30.78 -52.73
N SER E 619 -16.67 30.85 -52.81
CA SER E 619 -15.93 32.02 -52.41
C SER E 619 -15.85 33.03 -53.55
N PRO E 620 -15.46 34.27 -53.26
CA PRO E 620 -15.08 35.18 -54.33
C PRO E 620 -13.79 34.79 -55.01
N TYR E 621 -13.06 33.81 -54.48
CA TYR E 621 -11.79 33.40 -55.07
C TYR E 621 -11.95 32.19 -55.98
N ASN E 622 -12.87 32.28 -56.93
CA ASN E 622 -12.94 31.26 -57.98
C ASN E 622 -11.77 31.41 -58.93
N SER E 623 -11.74 32.54 -59.66
CA SER E 623 -10.68 32.83 -60.60
C SER E 623 -9.51 33.38 -59.80
N MET E 624 -8.70 32.47 -59.24
CA MET E 624 -7.54 32.88 -58.48
C MET E 624 -6.30 32.29 -59.14
N ASN E 625 -5.21 33.03 -59.06
CA ASN E 625 -3.94 32.59 -59.59
C ASN E 625 -2.91 32.72 -58.49
N VAL E 626 -2.45 31.58 -57.97
CA VAL E 626 -1.47 31.60 -56.89
C VAL E 626 -0.16 32.24 -57.33
N TYR E 627 0.18 32.16 -58.60
CA TYR E 627 1.38 32.77 -59.11
C TYR E 627 1.21 34.25 -59.45
N ALA E 628 -0.01 34.76 -59.33
CA ALA E 628 -0.28 36.19 -59.33
C ALA E 628 -1.05 36.60 -58.08
N LEU E 629 -0.88 35.86 -56.99
CA LEU E 629 -1.61 36.10 -55.76
C LEU E 629 -0.81 37.07 -54.90
N ASP E 630 -1.17 38.35 -54.96
CA ASP E 630 -0.46 39.36 -54.19
C ASP E 630 -0.78 39.22 -52.71
N GLY E 631 -0.02 39.94 -51.88
CA GLY E 631 -0.14 39.77 -50.44
C GLY E 631 -1.48 40.17 -49.89
N LYS E 632 -2.24 40.99 -50.60
CA LYS E 632 -3.52 41.46 -50.10
C LYS E 632 -4.63 40.42 -50.29
N THR E 633 -4.81 39.94 -51.52
CA THR E 633 -5.82 38.91 -51.72
C THR E 633 -5.46 37.60 -51.07
N ARG E 634 -4.18 37.30 -50.89
CA ARG E 634 -3.82 36.07 -50.19
C ARG E 634 -4.30 36.11 -48.75
N GLN E 635 -4.04 37.21 -48.04
CA GLN E 635 -4.49 37.30 -46.67
C GLN E 635 -6.01 37.39 -46.60
N LYS E 636 -6.63 38.02 -47.59
CA LYS E 636 -8.09 38.06 -47.61
C LYS E 636 -8.68 36.67 -47.79
N MET E 637 -8.08 35.86 -48.66
CA MET E 637 -8.54 34.50 -48.85
C MET E 637 -8.32 33.66 -47.60
N LEU E 638 -7.18 33.83 -46.95
CA LEU E 638 -6.93 33.07 -45.72
C LEU E 638 -7.92 33.46 -44.64
N SER E 639 -8.22 34.75 -44.53
CA SER E 639 -9.22 35.19 -43.56
C SER E 639 -10.59 34.63 -43.91
N PHE E 640 -10.93 34.59 -45.19
CA PHE E 640 -12.20 34.01 -45.61
C PHE E 640 -12.28 32.56 -45.21
N LEU E 641 -11.22 31.79 -45.49
CA LEU E 641 -11.22 30.38 -45.18
C LEU E 641 -11.32 30.14 -43.68
N SER E 642 -10.55 30.88 -42.89
CA SER E 642 -10.63 30.71 -41.44
C SER E 642 -12.00 31.08 -40.92
N ARG E 643 -12.58 32.18 -41.42
CA ARG E 643 -13.89 32.61 -40.97
C ARG E 643 -14.94 31.56 -41.30
N ILE E 644 -14.97 31.09 -42.54
CA ILE E 644 -16.00 30.13 -42.89
C ILE E 644 -15.79 28.80 -42.20
N THR E 645 -14.54 28.43 -41.93
CA THR E 645 -14.32 27.14 -41.29
C THR E 645 -14.70 27.17 -39.82
N GLN E 646 -14.35 28.25 -39.12
CA GLN E 646 -14.82 28.37 -37.75
C GLN E 646 -16.33 28.54 -37.69
N TRP E 647 -16.94 29.18 -38.69
CA TRP E 647 -18.39 29.28 -38.72
C TRP E 647 -19.04 27.93 -38.94
N LEU E 648 -18.48 27.13 -39.84
CA LEU E 648 -19.00 25.78 -40.05
C LEU E 648 -18.83 24.93 -38.80
N ASN E 649 -17.75 25.14 -38.05
CA ASN E 649 -17.57 24.37 -36.83
C ASN E 649 -18.53 24.83 -35.75
N THR E 650 -18.88 26.12 -35.73
CA THR E 650 -19.85 26.58 -34.76
C THR E 650 -21.24 26.08 -35.09
N GLN E 651 -21.67 26.22 -36.34
CA GLN E 651 -23.00 25.81 -36.75
C GLN E 651 -23.15 24.31 -36.88
N ASN E 652 -22.10 23.55 -36.62
CA ASN E 652 -22.14 22.09 -36.65
C ASN E 652 -22.63 21.55 -37.99
N ILE E 653 -22.34 22.24 -39.07
CA ILE E 653 -22.61 21.74 -40.41
C ILE E 653 -21.29 21.56 -41.13
N THR E 654 -21.22 20.55 -41.99
CA THR E 654 -19.98 20.22 -42.65
C THR E 654 -19.97 20.77 -44.07
N VAL E 655 -18.80 20.67 -44.71
CA VAL E 655 -18.61 21.29 -46.02
C VAL E 655 -19.54 20.67 -47.05
N GLU E 656 -19.86 19.38 -46.90
CA GLU E 656 -20.76 18.74 -47.84
C GLU E 656 -22.16 19.33 -47.73
N GLN E 657 -22.65 19.53 -46.52
CA GLN E 657 -23.97 20.16 -46.37
C GLN E 657 -23.94 21.60 -46.87
N LEU E 658 -22.84 22.30 -46.66
CA LEU E 658 -22.75 23.66 -47.17
C LEU E 658 -22.80 23.66 -48.70
N MET E 659 -22.16 22.70 -49.33
CA MET E 659 -22.19 22.61 -50.78
C MET E 659 -23.58 22.23 -51.26
N LEU E 660 -24.30 21.44 -50.48
CA LEU E 660 -25.69 21.15 -50.82
C LEU E 660 -26.54 22.42 -50.73
N LEU E 661 -26.27 23.27 -49.75
CA LEU E 661 -27.05 24.50 -49.60
C LEU E 661 -26.68 25.51 -50.69
N LEU E 662 -25.45 25.48 -51.17
CA LEU E 662 -24.96 26.48 -52.11
C LEU E 662 -25.00 26.01 -53.55
N ASP E 663 -25.33 24.76 -53.79
CA ASP E 663 -25.19 24.20 -55.13
C ASP E 663 -26.27 24.73 -56.05
N LYS E 664 -25.93 24.88 -57.33
CA LYS E 664 -26.92 25.26 -58.32
C LYS E 664 -27.78 24.06 -58.69
N ILE E 665 -28.81 24.31 -59.49
CA ILE E 665 -29.78 23.28 -59.81
C ILE E 665 -29.28 22.37 -60.92
N SER E 666 -29.07 22.94 -62.11
CA SER E 666 -28.70 22.18 -63.30
C SER E 666 -29.68 21.04 -63.51
N PRO E 667 -30.88 21.32 -64.00
CA PRO E 667 -31.99 20.36 -63.87
C PRO E 667 -31.76 19.08 -64.65
N ALA E 668 -32.64 18.12 -64.37
CA ALA E 668 -32.57 16.78 -64.95
C ALA E 668 -34.00 16.24 -65.08
N ALA E 669 -34.12 14.93 -65.22
CA ALA E 669 -35.45 14.32 -65.28
C ALA E 669 -36.06 14.27 -63.88
N PRO E 670 -37.36 14.52 -63.74
CA PRO E 670 -38.01 14.41 -62.44
C PRO E 670 -38.05 12.96 -61.97
N THR E 671 -38.41 12.78 -60.70
CA THR E 671 -38.31 11.49 -60.05
C THR E 671 -39.68 10.82 -59.96
N LYS E 672 -39.72 9.61 -59.38
CA LYS E 672 -40.98 8.90 -59.19
C LYS E 672 -41.80 9.50 -58.06
N GLU E 673 -41.17 9.79 -56.92
CA GLU E 673 -41.82 10.61 -55.92
C GLU E 673 -42.30 11.93 -56.50
N MET E 674 -41.54 12.48 -57.46
CA MET E 674 -41.98 13.69 -58.12
C MET E 674 -43.25 13.45 -58.92
N GLN E 675 -43.32 12.33 -59.62
CA GLN E 675 -44.54 12.00 -60.34
C GLN E 675 -45.71 11.86 -59.39
N VAL E 676 -45.46 11.33 -58.20
CA VAL E 676 -46.52 11.21 -57.19
C VAL E 676 -47.00 12.59 -56.77
N LEU E 677 -46.07 13.48 -56.46
CA LEU E 677 -46.43 14.84 -56.05
C LEU E 677 -47.18 15.56 -57.15
N LEU E 678 -46.69 15.48 -58.39
CA LEU E 678 -47.40 16.05 -59.52
C LEU E 678 -48.79 15.50 -59.65
N ASP E 679 -48.98 14.19 -59.45
CA ASP E 679 -50.32 13.64 -59.59
C ASP E 679 -51.24 14.16 -58.51
N LEU E 680 -50.76 14.22 -57.27
CA LEU E 680 -51.60 14.71 -56.18
C LEU E 680 -51.95 16.18 -56.35
N LEU E 681 -51.10 16.96 -57.01
CA LEU E 681 -51.45 18.34 -57.26
C LEU E 681 -52.33 18.48 -58.50
N ARG E 682 -52.11 17.63 -59.51
CA ARG E 682 -52.88 17.73 -60.74
C ARG E 682 -54.34 17.38 -60.50
N ASN E 683 -54.60 16.26 -59.84
CA ASN E 683 -55.95 15.93 -59.47
C ASN E 683 -56.32 16.74 -58.23
N GLY E 684 -57.43 16.40 -57.61
CA GLY E 684 -57.84 17.16 -56.45
C GLY E 684 -58.37 18.53 -56.85
N GLY E 685 -58.50 19.37 -55.83
CA GLY E 685 -59.04 20.69 -56.05
C GLY E 685 -58.04 21.57 -56.78
N ILE E 686 -58.52 22.21 -57.85
CA ILE E 686 -57.68 23.11 -58.63
C ILE E 686 -57.24 24.26 -57.75
N ASP E 687 -55.93 24.38 -57.57
CA ASP E 687 -55.38 25.41 -56.70
C ASP E 687 -55.80 26.79 -57.19
N LYS E 688 -56.44 27.56 -56.31
CA LYS E 688 -57.14 28.76 -56.74
C LYS E 688 -56.16 29.80 -57.26
N THR E 689 -56.58 30.53 -58.29
CA THR E 689 -55.73 31.51 -58.97
C THR E 689 -55.37 32.70 -58.10
N ASN E 690 -56.28 33.14 -57.23
CA ASN E 690 -56.02 34.28 -56.37
C ASN E 690 -54.90 33.97 -55.38
N THR E 691 -54.05 34.97 -55.13
CA THR E 691 -52.92 34.78 -54.24
C THR E 691 -53.37 34.54 -52.80
N LYS E 692 -52.40 34.15 -51.96
CA LYS E 692 -52.59 33.90 -50.54
C LYS E 692 -53.51 32.71 -50.31
N THR E 693 -54.06 32.17 -51.41
CA THR E 693 -54.78 30.92 -51.41
C THR E 693 -54.05 29.85 -52.19
N LEU E 694 -53.25 30.27 -53.17
CA LEU E 694 -52.37 29.33 -53.86
C LEU E 694 -51.44 28.65 -52.87
N TYR E 695 -50.83 29.44 -51.97
CA TYR E 695 -49.97 28.87 -50.95
C TYR E 695 -50.75 27.91 -50.05
N THR E 696 -51.90 28.35 -49.55
CA THR E 696 -52.63 27.54 -48.58
C THR E 696 -53.23 26.29 -49.20
N THR E 697 -53.45 26.27 -50.51
CA THR E 697 -53.98 25.09 -51.18
C THR E 697 -52.88 24.19 -51.71
N MET E 698 -51.67 24.71 -51.91
CA MET E 698 -50.58 23.87 -52.36
C MET E 698 -49.72 23.36 -51.22
N ALA E 699 -49.81 24.00 -50.05
CA ALA E 699 -48.83 23.77 -49.01
C ALA E 699 -49.00 22.46 -48.24
N PRO E 700 -50.21 21.96 -47.96
CA PRO E 700 -50.28 20.68 -47.22
C PRO E 700 -49.57 19.55 -47.93
N VAL E 701 -49.80 19.38 -49.23
CA VAL E 701 -49.16 18.30 -49.95
C VAL E 701 -47.68 18.60 -50.20
N ILE E 702 -47.33 19.87 -50.36
CA ILE E 702 -45.92 20.23 -50.49
C ILE E 702 -45.16 19.87 -49.23
N THR E 703 -45.73 20.21 -48.07
CA THR E 703 -45.17 19.81 -46.78
C THR E 703 -45.10 18.30 -46.63
N ALA E 704 -46.15 17.59 -47.03
CA ALA E 704 -46.09 16.13 -46.99
C ALA E 704 -44.94 15.59 -47.82
N ALA E 705 -44.66 16.24 -48.96
CA ALA E 705 -43.55 15.78 -49.80
C ALA E 705 -42.20 16.23 -49.26
N MET E 706 -42.16 17.30 -48.46
CA MET E 706 -40.92 17.78 -47.86
C MET E 706 -40.80 17.38 -46.39
N GLN E 707 -41.81 16.73 -45.84
CA GLN E 707 -41.80 16.28 -44.44
C GLN E 707 -41.46 17.43 -43.50
N LEU E 708 -41.98 18.62 -43.81
CA LEU E 708 -41.89 19.73 -42.88
C LEU E 708 -42.73 19.46 -41.65
N ASP E 709 -42.64 20.35 -40.66
CA ASP E 709 -43.40 20.18 -39.44
C ASP E 709 -44.84 20.59 -39.64
N ILE E 710 -45.07 21.83 -40.04
CA ILE E 710 -46.41 22.41 -40.06
C ILE E 710 -46.79 22.72 -41.50
N THR E 711 -48.06 22.51 -41.81
CA THR E 711 -48.60 23.00 -43.06
C THR E 711 -48.44 24.52 -43.18
N GLU E 712 -48.39 25.22 -42.05
CA GLU E 712 -48.16 26.66 -42.12
C GLU E 712 -46.71 26.99 -42.44
N SER E 713 -45.77 26.17 -41.95
CA SER E 713 -44.39 26.32 -42.40
C SER E 713 -44.29 26.01 -43.88
N GLY E 714 -45.09 25.07 -44.37
CA GLY E 714 -45.13 24.87 -45.81
C GLY E 714 -45.68 26.05 -46.57
N GLU E 715 -46.74 26.67 -46.05
CA GLU E 715 -47.27 27.89 -46.65
C GLU E 715 -46.21 28.96 -46.72
N ALA E 716 -45.39 29.07 -45.69
CA ALA E 716 -44.38 30.12 -45.66
C ALA E 716 -43.16 29.79 -46.50
N LEU E 717 -42.83 28.51 -46.67
CA LEU E 717 -41.67 28.17 -47.47
C LEU E 717 -41.89 28.52 -48.94
N LEU E 718 -43.10 28.28 -49.45
CA LEU E 718 -43.39 28.67 -50.82
C LEU E 718 -43.30 30.17 -50.98
N ARG E 719 -43.77 30.93 -50.00
CA ARG E 719 -43.66 32.37 -50.07
C ARG E 719 -42.21 32.80 -50.09
N TRP E 720 -41.37 32.19 -49.24
CA TRP E 720 -39.96 32.50 -49.23
C TRP E 720 -39.29 32.20 -50.56
N LEU E 721 -39.48 31.01 -51.10
CA LEU E 721 -38.86 30.70 -52.38
C LEU E 721 -39.43 31.53 -53.50
N ASP E 722 -40.66 32.00 -53.37
CA ASP E 722 -41.23 32.93 -54.33
C ASP E 722 -40.51 34.26 -54.29
N ASN E 723 -40.22 34.75 -53.08
CA ASN E 723 -39.73 36.12 -52.94
C ASN E 723 -38.29 36.25 -53.41
N ASN E 724 -37.51 35.18 -53.34
CA ASN E 724 -36.12 35.24 -53.81
C ASN E 724 -35.66 33.83 -54.14
N HIS E 725 -35.17 33.68 -55.37
CA HIS E 725 -34.92 32.38 -55.95
C HIS E 725 -33.87 32.51 -57.05
N PRO E 726 -33.12 31.45 -57.34
CA PRO E 726 -32.20 31.50 -58.47
C PRO E 726 -32.96 31.71 -59.78
N ALA E 727 -32.28 32.37 -60.71
CA ALA E 727 -32.93 32.78 -61.95
C ALA E 727 -33.36 31.56 -62.76
N GLY E 728 -34.49 31.70 -63.43
CA GLY E 728 -35.03 30.64 -64.25
C GLY E 728 -35.91 29.65 -63.52
N ILE E 729 -36.08 29.80 -62.21
CA ILE E 729 -36.90 28.91 -61.42
C ILE E 729 -38.28 29.52 -61.26
N LEU E 730 -39.29 28.67 -61.29
CA LEU E 730 -40.65 29.12 -61.48
C LEU E 730 -41.24 29.74 -60.23
N THR E 731 -41.87 30.90 -60.40
CA THR E 731 -42.77 31.42 -59.38
C THR E 731 -43.84 30.38 -59.09
N THR E 732 -44.44 30.43 -57.90
CA THR E 732 -45.48 29.47 -57.56
C THR E 732 -46.67 29.58 -58.50
N SER E 733 -46.98 30.78 -58.97
CA SER E 733 -48.03 30.93 -59.96
C SER E 733 -47.70 30.16 -61.24
N GLU E 734 -46.48 30.30 -61.73
CA GLU E 734 -46.08 29.56 -62.92
C GLU E 734 -46.05 28.06 -62.65
N ALA E 735 -45.68 27.67 -61.44
CA ALA E 735 -45.67 26.24 -61.10
C ALA E 735 -47.08 25.67 -61.14
N ARG E 736 -48.06 26.43 -60.66
CA ARG E 736 -49.44 25.98 -60.77
C ARG E 736 -49.90 25.92 -62.23
N LYS E 737 -49.64 26.99 -62.98
CA LYS E 737 -50.03 27.00 -64.39
C LYS E 737 -49.33 25.91 -65.18
N LEU E 738 -48.20 25.40 -64.66
CA LEU E 738 -47.45 24.39 -65.38
C LEU E 738 -47.84 22.98 -64.96
N ILE E 739 -48.20 22.79 -63.68
CA ILE E 739 -48.75 21.51 -63.25
C ILE E 739 -50.14 21.26 -63.82
N ILE E 740 -50.95 22.30 -63.94
CA ILE E 740 -52.24 22.16 -64.58
C ILE E 740 -52.07 22.50 -66.05
N LYS E 741 -51.69 21.51 -66.84
CA LYS E 741 -51.52 21.68 -68.27
C LYS E 741 -52.12 20.49 -68.97
N LYS E 742 -52.54 20.69 -70.23
CA LYS E 742 -53.17 19.63 -70.99
C LYS E 742 -52.25 18.42 -71.09
N GLY E 743 -51.10 18.58 -71.75
CA GLY E 743 -50.09 17.55 -71.75
C GLY E 743 -48.74 18.12 -71.41
N GLN E 744 -48.18 17.71 -70.27
CA GLN E 744 -46.90 18.25 -69.85
C GLN E 744 -45.79 17.76 -70.78
N THR E 745 -45.22 18.69 -71.52
CA THR E 745 -44.27 18.38 -72.57
C THR E 745 -43.01 17.74 -71.98
N ALA E 746 -42.13 17.28 -72.86
CA ALA E 746 -40.82 16.84 -72.41
C ALA E 746 -40.09 17.98 -71.70
N GLY E 747 -40.08 19.16 -72.30
CA GLY E 747 -39.67 20.35 -71.61
C GLY E 747 -40.77 20.82 -70.68
N ASP E 748 -40.45 21.84 -69.89
CA ASP E 748 -41.38 22.37 -68.90
C ASP E 748 -41.86 21.28 -67.95
N LYS E 749 -41.09 20.21 -67.86
CA LYS E 749 -41.20 19.25 -66.78
C LYS E 749 -39.92 19.14 -65.98
N GLU E 750 -38.77 19.20 -66.64
CA GLU E 750 -37.52 19.42 -65.93
C GLU E 750 -37.47 20.80 -65.30
N LYS E 751 -38.19 21.77 -65.87
CA LYS E 751 -38.33 23.07 -65.21
C LYS E 751 -39.05 22.91 -63.88
N LEU E 752 -40.06 22.07 -63.84
CA LEU E 752 -40.78 21.82 -62.61
C LEU E 752 -39.96 20.99 -61.65
N ALA E 753 -39.16 20.05 -62.17
CA ALA E 753 -38.22 19.32 -61.33
C ALA E 753 -37.21 20.27 -60.69
N ALA E 754 -36.72 21.25 -61.46
CA ALA E 754 -35.82 22.26 -60.91
C ALA E 754 -36.51 23.11 -59.86
N TRP E 755 -37.78 23.44 -60.06
CA TRP E 755 -38.52 24.18 -59.03
C TRP E 755 -38.62 23.38 -57.75
N CYS E 756 -38.93 22.09 -57.85
CA CYS E 756 -39.03 21.29 -56.63
C CYS E 756 -37.67 21.06 -56.00
N GLN E 757 -36.61 21.03 -56.81
CA GLN E 757 -35.27 20.93 -56.25
C GLN E 757 -34.90 22.20 -55.50
N ALA E 758 -35.30 23.36 -56.01
CA ALA E 758 -35.10 24.58 -55.26
C ALA E 758 -35.88 24.53 -53.95
N LEU E 759 -37.10 24.01 -53.99
CA LEU E 759 -37.86 23.81 -52.76
C LEU E 759 -37.07 22.97 -51.77
N ALA E 760 -36.53 21.85 -52.23
CA ALA E 760 -35.78 20.97 -51.33
C ALA E 760 -34.53 21.64 -50.79
N GLN E 761 -33.86 22.45 -51.60
CA GLN E 761 -32.69 23.18 -51.13
C GLN E 761 -33.09 24.17 -50.05
N ARG E 762 -34.23 24.83 -50.21
CA ARG E 762 -34.68 25.75 -49.18
C ARG E 762 -35.07 25.00 -47.91
N VAL E 763 -35.70 23.84 -48.03
CA VAL E 763 -35.98 23.03 -46.86
C VAL E 763 -34.68 22.66 -46.16
N LEU E 764 -33.63 22.40 -46.94
CA LEU E 764 -32.34 22.11 -46.36
C LEU E 764 -31.78 23.31 -45.60
N VAL E 765 -31.92 24.51 -46.17
CA VAL E 765 -31.49 25.71 -45.45
C VAL E 765 -32.25 25.85 -44.14
N ILE E 766 -33.52 25.48 -44.15
CA ILE E 766 -34.31 25.56 -42.92
C ILE E 766 -33.87 24.49 -41.93
N ARG E 767 -33.54 23.30 -42.41
CA ARG E 767 -33.22 22.19 -41.53
C ARG E 767 -31.80 22.22 -40.99
N THR E 768 -30.86 22.85 -41.69
CA THR E 768 -29.50 22.98 -41.18
C THR E 768 -29.37 24.08 -40.15
N PHE E 769 -30.29 25.03 -40.11
CA PHE E 769 -30.32 26.03 -39.07
C PHE E 769 -31.37 25.75 -38.01
N THR E 770 -32.26 24.77 -38.25
CA THR E 770 -33.34 24.42 -37.33
C THR E 770 -34.11 25.66 -36.91
N LEU E 771 -34.42 26.51 -37.87
CA LEU E 771 -35.16 27.72 -37.57
C LEU E 771 -36.65 27.42 -37.45
N SER E 772 -37.28 28.05 -36.47
CA SER E 772 -38.63 27.72 -36.06
C SER E 772 -39.62 28.23 -37.08
N ASN E 773 -40.90 27.94 -36.87
CA ASN E 773 -41.93 28.40 -37.79
C ASN E 773 -42.01 29.93 -37.80
N ALA E 774 -41.79 30.56 -36.65
CA ALA E 774 -41.88 32.02 -36.60
C ALA E 774 -40.68 32.67 -37.27
N GLU E 775 -39.48 32.15 -37.03
CA GLU E 775 -38.31 32.64 -37.76
C GLU E 775 -38.51 32.46 -39.25
N LEU E 776 -39.04 31.31 -39.65
CA LEU E 776 -39.30 31.03 -41.05
C LEU E 776 -40.25 32.05 -41.64
N GLN E 777 -41.33 32.35 -40.92
CA GLN E 777 -42.31 33.30 -41.40
C GLN E 777 -41.73 34.71 -41.46
N THR E 778 -40.79 35.05 -40.58
CA THR E 778 -40.13 36.34 -40.68
C THR E 778 -39.25 36.43 -41.92
N LEU E 779 -38.45 35.39 -42.15
CA LEU E 779 -37.57 35.37 -43.30
C LEU E 779 -38.31 35.20 -44.61
N SER E 780 -39.58 34.79 -44.57
CA SER E 780 -40.28 34.51 -45.82
C SER E 780 -40.45 35.76 -46.66
N GLN E 781 -40.55 36.93 -46.06
CA GLN E 781 -40.78 38.16 -46.82
C GLN E 781 -39.46 38.77 -47.26
N GLY E 782 -38.67 37.96 -47.95
CA GLY E 782 -37.48 38.48 -48.59
C GLY E 782 -36.19 38.37 -47.80
N ALA E 783 -35.84 37.17 -47.37
CA ALA E 783 -34.51 36.95 -46.82
C ALA E 783 -33.63 36.32 -47.89
N PRO E 784 -32.72 37.05 -48.50
CA PRO E 784 -31.91 36.48 -49.58
C PRO E 784 -31.04 35.36 -49.05
N ALA E 785 -31.07 34.23 -49.75
CA ALA E 785 -30.28 33.07 -49.39
C ALA E 785 -29.77 32.41 -50.67
N GLY E 786 -28.52 31.96 -50.63
CA GLY E 786 -27.95 31.34 -51.81
C GLY E 786 -26.49 31.65 -52.01
N THR E 787 -25.93 32.51 -51.17
CA THR E 787 -24.49 32.69 -51.10
C THR E 787 -24.09 32.76 -49.63
N ILE E 788 -22.79 32.60 -49.39
CA ILE E 788 -22.32 32.50 -48.01
C ILE E 788 -22.44 33.83 -47.29
N THR E 789 -22.29 34.94 -48.02
CA THR E 789 -22.47 36.25 -47.42
C THR E 789 -23.88 36.42 -46.87
N GLU E 790 -24.84 35.63 -47.34
CA GLU E 790 -26.21 35.73 -46.88
C GLU E 790 -26.60 34.62 -45.92
N LEU E 791 -26.04 33.42 -46.10
CA LEU E 791 -26.21 32.40 -45.07
C LEU E 791 -25.62 32.87 -43.75
N TYR E 792 -24.58 33.70 -43.80
CA TYR E 792 -24.07 34.28 -42.58
C TYR E 792 -25.14 35.08 -41.86
N ASN E 793 -25.80 36.01 -42.56
CA ASN E 793 -26.78 36.86 -41.90
C ASN E 793 -27.99 36.06 -41.46
N ILE E 794 -28.33 35.02 -42.21
CA ILE E 794 -29.39 34.12 -41.73
C ILE E 794 -29.00 33.49 -40.40
N SER E 795 -27.77 33.02 -40.29
CA SER E 795 -27.33 32.41 -39.04
C SER E 795 -27.28 33.43 -37.91
N ASP E 796 -26.88 34.67 -38.22
CA ASP E 796 -26.83 35.70 -37.19
C ASP E 796 -28.23 36.03 -36.68
N PHE E 797 -29.18 36.18 -37.59
CA PHE E 797 -30.56 36.40 -37.18
C PHE E 797 -31.07 35.25 -36.34
N HIS E 798 -30.82 34.02 -36.80
CA HIS E 798 -31.23 32.84 -36.05
C HIS E 798 -30.63 32.83 -34.66
N ASN E 799 -29.37 33.26 -34.55
CA ASN E 799 -28.72 33.33 -33.24
C ASN E 799 -29.41 34.33 -32.34
N LEU E 800 -29.71 35.51 -32.85
CA LEU E 800 -30.39 36.51 -32.03
C LEU E 800 -31.76 36.02 -31.59
N ILE E 801 -32.45 35.29 -32.46
CA ILE E 801 -33.78 34.81 -32.10
C ILE E 801 -33.69 33.75 -31.02
N ASN E 802 -32.73 32.82 -31.14
CA ASN E 802 -32.55 31.85 -30.08
C ASN E 802 -32.16 32.53 -28.77
N ARG E 803 -31.44 33.64 -28.82
CA ARG E 803 -31.21 34.39 -27.60
C ARG E 803 -32.50 34.91 -27.02
N CYS E 804 -33.37 35.48 -27.86
CA CYS E 804 -34.67 35.94 -27.38
C CYS E 804 -35.41 34.83 -26.67
N GLY E 805 -35.37 33.62 -27.23
CA GLY E 805 -35.83 32.44 -26.52
C GLY E 805 -37.33 32.34 -26.34
N GLU E 806 -37.78 32.23 -25.08
CA GLU E 806 -39.20 32.03 -24.82
C GLU E 806 -40.02 33.24 -25.23
N GLN E 807 -39.38 34.39 -25.43
CA GLN E 807 -40.05 35.61 -25.84
C GLN E 807 -39.79 35.96 -27.30
N ALA E 808 -39.31 35.00 -28.09
CA ALA E 808 -39.06 35.26 -29.51
C ALA E 808 -40.35 35.43 -30.29
N GLY E 809 -41.45 34.84 -29.82
CA GLY E 809 -42.72 35.05 -30.47
C GLY E 809 -43.10 36.52 -30.51
N THR E 810 -42.95 37.21 -29.39
CA THR E 810 -43.25 38.64 -29.35
C THR E 810 -42.29 39.45 -30.20
N VAL E 811 -41.00 39.13 -30.17
CA VAL E 811 -40.04 39.86 -30.99
C VAL E 811 -40.40 39.73 -32.46
N LEU E 812 -40.62 38.50 -32.93
CA LEU E 812 -40.95 38.31 -34.33
C LEU E 812 -42.31 38.86 -34.70
N ASP E 813 -43.27 38.89 -33.76
CA ASP E 813 -44.56 39.50 -34.07
C ASP E 813 -44.43 41.01 -34.23
N ALA E 814 -43.81 41.68 -33.26
CA ALA E 814 -43.63 43.12 -33.37
C ALA E 814 -42.74 43.48 -34.54
N LEU E 815 -41.90 42.54 -34.99
CA LEU E 815 -41.13 42.78 -36.22
C LEU E 815 -42.01 42.60 -37.45
N GLN E 816 -42.95 41.65 -37.41
CA GLN E 816 -43.87 41.48 -38.52
C GLN E 816 -44.77 42.68 -38.69
N SER E 817 -45.22 43.28 -37.59
CA SER E 817 -45.84 44.58 -37.63
C SER E 817 -44.73 45.62 -37.66
N GLY E 818 -45.07 46.88 -37.40
CA GLY E 818 -44.05 47.90 -37.45
C GLY E 818 -43.74 48.50 -36.09
N THR E 819 -43.80 47.69 -35.03
CA THR E 819 -43.67 48.23 -33.68
C THR E 819 -42.61 47.51 -32.85
N LEU E 820 -41.58 46.96 -33.48
CA LEU E 820 -40.46 46.41 -32.72
C LEU E 820 -39.64 47.56 -32.16
N THR E 821 -39.70 47.75 -30.85
CA THR E 821 -38.98 48.81 -30.18
C THR E 821 -37.86 48.24 -29.31
N VAL E 822 -36.87 49.08 -29.07
CA VAL E 822 -35.72 48.64 -28.30
C VAL E 822 -36.13 48.24 -26.89
N LYS E 823 -37.20 48.82 -26.36
CA LYS E 823 -37.65 48.45 -25.03
C LYS E 823 -38.05 46.97 -24.98
N ILE E 824 -38.90 46.54 -25.91
CA ILE E 824 -39.33 45.15 -25.89
C ILE E 824 -38.20 44.23 -26.31
N LEU E 825 -37.34 44.68 -27.23
CA LEU E 825 -36.21 43.85 -27.61
C LEU E 825 -35.26 43.63 -26.44
N ALA E 826 -34.98 44.68 -25.67
CA ALA E 826 -34.13 44.54 -24.49
C ALA E 826 -34.79 43.69 -23.43
N GLN E 827 -36.09 43.90 -23.18
CA GLN E 827 -36.79 43.09 -22.20
C GLN E 827 -36.81 41.62 -22.62
N ALA E 828 -36.75 41.36 -23.93
CA ALA E 828 -36.76 39.99 -24.42
C ALA E 828 -35.37 39.36 -24.35
N LEU E 829 -34.34 40.16 -24.63
CA LEU E 829 -32.97 39.66 -24.58
C LEU E 829 -32.39 39.62 -23.18
N ASN E 830 -33.06 40.26 -22.21
CA ASN E 830 -32.57 40.36 -20.84
C ASN E 830 -31.26 41.15 -20.77
N LEU E 831 -31.14 42.15 -21.64
CA LEU E 831 -30.10 43.16 -21.54
C LEU E 831 -30.76 44.52 -21.37
N SER E 832 -29.93 45.57 -21.34
CA SER E 832 -30.46 46.91 -21.19
C SER E 832 -30.67 47.58 -22.53
N GLU E 833 -31.59 48.55 -22.56
CA GLU E 833 -31.74 49.42 -23.71
C GLU E 833 -30.45 50.15 -24.01
N GLU E 834 -29.70 50.51 -22.98
CA GLU E 834 -28.50 51.31 -23.16
C GLU E 834 -27.32 50.49 -23.63
N VAL E 835 -27.51 49.20 -23.92
CA VAL E 835 -26.53 48.40 -24.65
C VAL E 835 -26.98 48.18 -26.09
N ILE E 836 -28.29 48.04 -26.30
CA ILE E 836 -28.76 47.75 -27.65
C ILE E 836 -28.80 49.00 -28.49
N THR E 837 -29.25 50.13 -27.93
CA THR E 837 -29.18 51.35 -28.72
C THR E 837 -27.76 51.72 -29.10
N GLN E 838 -26.76 51.20 -28.38
CA GLN E 838 -25.36 51.42 -28.73
C GLN E 838 -24.87 50.40 -29.73
N ALA E 839 -25.31 49.14 -29.61
CA ALA E 839 -24.95 48.14 -30.59
C ALA E 839 -25.56 48.44 -31.95
N LEU E 840 -26.68 49.17 -31.99
CA LEU E 840 -27.25 49.58 -33.27
C LEU E 840 -26.40 50.65 -33.93
N THR E 841 -25.79 51.54 -33.14
CA THR E 841 -25.08 52.68 -33.69
C THR E 841 -23.91 52.25 -34.57
N LEU E 842 -23.25 51.15 -34.23
CA LEU E 842 -22.24 50.61 -35.13
C LEU E 842 -22.92 50.09 -36.39
N ALA E 843 -22.65 50.74 -37.51
CA ALA E 843 -23.43 50.61 -38.74
C ALA E 843 -24.89 51.00 -38.46
N GLY E 844 -25.03 52.24 -38.01
CA GLY E 844 -26.23 52.75 -37.38
C GLY E 844 -27.55 52.69 -38.13
N GLN E 845 -28.54 52.03 -37.52
CA GLN E 845 -29.94 52.17 -37.90
C GLN E 845 -30.80 52.37 -36.67
N LYS E 846 -30.36 53.24 -35.76
CA LYS E 846 -30.80 53.20 -34.36
C LYS E 846 -32.31 53.21 -34.17
N PRO E 847 -33.05 54.23 -34.62
CA PRO E 847 -34.43 54.36 -34.13
C PRO E 847 -35.47 53.48 -34.83
N GLU E 848 -35.25 53.11 -36.09
CA GLU E 848 -36.25 52.32 -36.82
C GLU E 848 -35.77 50.88 -36.99
N LEU E 849 -36.22 50.04 -36.07
CA LEU E 849 -36.01 48.59 -36.18
C LEU E 849 -37.16 48.00 -36.99
N THR E 850 -36.96 47.92 -38.30
CA THR E 850 -38.05 47.54 -39.19
C THR E 850 -37.88 46.18 -39.83
N THR E 851 -36.65 45.76 -40.13
CA THR E 851 -36.41 44.54 -40.88
C THR E 851 -35.57 43.59 -40.06
N TRP E 852 -35.67 42.31 -40.38
CA TRP E 852 -34.85 41.31 -39.71
C TRP E 852 -33.38 41.52 -39.98
N ALA E 853 -33.02 42.14 -41.12
CA ALA E 853 -31.62 42.39 -41.41
C ALA E 853 -30.96 43.26 -40.35
N GLN E 854 -31.73 44.15 -39.72
CA GLN E 854 -31.19 44.97 -38.64
C GLN E 854 -30.90 44.17 -37.39
N LEU E 855 -31.54 43.03 -37.21
CA LEU E 855 -31.31 42.21 -36.03
C LEU E 855 -30.11 41.28 -36.19
N ALA E 856 -29.77 40.89 -37.41
CA ALA E 856 -28.59 40.07 -37.61
C ALA E 856 -27.30 40.87 -37.42
N VAL E 857 -27.40 42.19 -37.24
CA VAL E 857 -26.24 42.99 -36.91
C VAL E 857 -25.89 42.86 -35.44
N LEU E 858 -26.88 42.60 -34.58
CA LEU E 858 -26.63 42.56 -33.15
C LEU E 858 -25.65 41.47 -32.74
N PRO E 859 -25.86 40.19 -33.04
CA PRO E 859 -25.08 39.12 -32.38
C PRO E 859 -23.58 39.31 -32.47
N PRO E 860 -23.01 39.74 -33.61
CA PRO E 860 -21.56 39.98 -33.60
C PRO E 860 -21.13 41.06 -32.62
N ARG E 861 -21.84 42.19 -32.61
CA ARG E 861 -21.48 43.28 -31.71
C ARG E 861 -21.67 42.88 -30.25
N LEU E 862 -22.75 42.15 -29.97
CA LEU E 862 -22.98 41.70 -28.60
C LEU E 862 -21.91 40.71 -28.16
N ASP E 863 -21.54 39.78 -29.03
CA ASP E 863 -20.50 38.84 -28.65
C ASP E 863 -19.16 39.53 -28.46
N LEU E 864 -18.86 40.55 -29.27
CA LEU E 864 -17.63 41.29 -29.06
C LEU E 864 -17.64 42.05 -27.74
N ALA E 865 -18.70 42.80 -27.47
CA ALA E 865 -18.80 43.52 -26.21
C ALA E 865 -18.99 42.61 -25.02
N ASP E 866 -19.20 41.31 -25.24
CA ASP E 866 -19.18 40.37 -24.13
C ASP E 866 -17.79 39.78 -23.93
N THR E 867 -17.06 39.52 -25.02
CA THR E 867 -15.74 38.95 -24.89
C THR E 867 -14.72 40.00 -24.44
N LEU E 868 -15.00 41.27 -24.67
CA LEU E 868 -14.31 42.35 -23.97
C LEU E 868 -15.32 43.01 -23.06
N HIS E 869 -15.06 43.01 -21.76
CA HIS E 869 -16.09 43.46 -20.85
C HIS E 869 -16.28 44.95 -20.96
N ILE E 870 -16.85 45.38 -22.09
CA ILE E 870 -17.12 46.78 -22.36
C ILE E 870 -18.46 46.88 -23.07
N THR E 871 -18.99 48.07 -23.15
CA THR E 871 -20.22 48.28 -23.89
C THR E 871 -19.92 48.54 -25.35
N PRO E 872 -20.86 48.25 -26.25
CA PRO E 872 -20.59 48.48 -27.67
C PRO E 872 -20.27 49.91 -28.02
N LYS E 873 -20.72 50.88 -27.22
CA LYS E 873 -20.25 52.24 -27.39
C LYS E 873 -18.75 52.33 -27.16
N ASP E 874 -18.20 51.45 -26.33
CA ASP E 874 -16.77 51.40 -26.07
C ASP E 874 -16.02 50.57 -27.11
N ILE E 875 -16.75 49.89 -27.99
CA ILE E 875 -16.12 49.18 -29.10
C ILE E 875 -15.76 50.09 -30.26
N THR E 876 -16.50 51.18 -30.49
CA THR E 876 -16.12 52.08 -31.56
C THR E 876 -14.77 52.73 -31.28
N THR E 877 -14.46 52.97 -30.01
CA THR E 877 -13.15 53.53 -29.68
C THR E 877 -12.04 52.53 -29.98
N LEU E 878 -12.24 51.27 -29.58
CA LEU E 878 -11.28 50.24 -29.91
C LEU E 878 -11.05 50.18 -31.41
N LEU E 879 -12.11 50.30 -32.20
CA LEU E 879 -11.94 50.23 -33.65
C LEU E 879 -11.28 51.46 -34.25
N THR E 880 -11.63 52.66 -33.81
CA THR E 880 -11.01 53.81 -34.44
C THR E 880 -9.57 53.99 -34.03
N VAL E 881 -9.23 53.64 -32.79
CA VAL E 881 -7.85 53.80 -32.36
C VAL E 881 -6.99 52.65 -32.81
N SER E 882 -7.47 51.42 -32.70
CA SER E 882 -6.66 50.27 -33.05
C SER E 882 -6.38 50.18 -34.54
N GLU E 883 -7.12 50.91 -35.36
CA GLU E 883 -6.91 50.96 -36.79
C GLU E 883 -6.20 52.23 -37.23
N ASN E 884 -6.14 53.23 -36.37
CA ASN E 884 -5.41 54.43 -36.68
C ASN E 884 -3.92 54.09 -36.72
N VAL E 885 -3.18 54.87 -37.49
CA VAL E 885 -1.76 54.60 -37.66
C VAL E 885 -0.90 55.42 -36.71
N ARG E 886 -1.27 56.68 -36.48
CA ARG E 886 -0.58 57.55 -35.53
C ARG E 886 -1.58 57.98 -34.46
N PRO E 887 -1.99 57.07 -33.59
CA PRO E 887 -2.99 57.41 -32.60
C PRO E 887 -2.46 58.39 -31.59
N PHE E 888 -3.33 59.28 -31.13
CA PHE E 888 -2.93 60.21 -30.09
C PHE E 888 -2.67 59.46 -28.80
N TYR E 889 -1.73 59.98 -28.02
CA TYR E 889 -1.43 59.36 -26.74
C TYR E 889 -2.63 59.42 -25.80
N THR E 890 -3.38 60.52 -25.84
CA THR E 890 -4.56 60.61 -24.99
C THR E 890 -5.61 59.57 -25.37
N ASP E 891 -5.86 59.43 -26.67
CA ASP E 891 -6.79 58.41 -27.15
C ASP E 891 -6.34 57.02 -26.75
N LEU E 892 -5.04 56.75 -26.89
CA LEU E 892 -4.50 55.44 -26.57
C LEU E 892 -4.63 55.15 -25.08
N SER E 893 -4.41 56.16 -24.25
CA SER E 893 -4.55 55.97 -22.81
C SER E 893 -6.01 55.76 -22.43
N ALA E 894 -6.92 56.50 -23.06
CA ALA E 894 -8.34 56.31 -22.82
C ALA E 894 -8.83 54.94 -23.26
N LEU E 895 -8.24 54.37 -24.29
CA LEU E 895 -8.60 53.01 -24.66
C LEU E 895 -7.99 52.00 -23.70
N ALA E 896 -6.76 52.23 -23.27
CA ALA E 896 -6.11 51.30 -22.34
C ALA E 896 -6.88 51.22 -21.04
N GLY E 897 -7.17 52.36 -20.44
CA GLY E 897 -7.95 52.36 -19.22
C GLY E 897 -9.32 51.74 -19.42
N LEU E 898 -9.91 51.95 -20.59
CA LEU E 898 -11.19 51.32 -20.88
C LEU E 898 -11.09 49.81 -20.81
N LEU E 899 -10.14 49.24 -21.54
CA LEU E 899 -9.97 47.79 -21.55
C LEU E 899 -9.57 47.26 -20.19
N GLN E 900 -8.89 48.06 -19.38
CA GLN E 900 -8.38 47.58 -18.11
C GLN E 900 -9.40 47.69 -17.00
N ALA E 901 -10.36 48.60 -17.10
CA ALA E 901 -11.38 48.71 -16.08
C ALA E 901 -12.21 47.43 -16.00
N GLY E 902 -12.44 46.78 -17.12
CA GLY E 902 -13.27 45.59 -17.12
C GLY E 902 -12.55 44.31 -16.75
N LEU E 903 -11.34 44.41 -16.22
CA LEU E 903 -10.59 43.20 -15.92
C LEU E 903 -10.91 42.69 -14.52
N ASN E 904 -10.68 41.40 -14.34
CA ASN E 904 -10.76 40.76 -13.04
C ASN E 904 -9.72 41.35 -12.11
N GLU E 905 -9.85 41.11 -10.81
CA GLU E 905 -8.87 41.63 -9.87
C GLU E 905 -7.54 40.91 -10.01
N GLN E 906 -7.56 39.58 -9.99
CA GLN E 906 -6.30 38.88 -10.19
C GLN E 906 -5.79 39.12 -11.60
N GLN E 907 -6.69 39.44 -12.53
CA GLN E 907 -6.26 39.75 -13.89
C GLN E 907 -5.49 41.05 -13.94
N THR E 908 -5.99 42.11 -13.30
CA THR E 908 -5.19 43.32 -13.31
C THR E 908 -3.90 43.14 -12.52
N LYS E 909 -3.90 42.28 -11.51
CA LYS E 909 -2.64 42.01 -10.82
C LYS E 909 -1.64 41.32 -11.74
N GLN E 910 -2.10 40.36 -12.54
CA GLN E 910 -1.20 39.69 -13.47
C GLN E 910 -0.72 40.66 -14.56
N LEU E 911 -1.60 41.53 -15.02
CA LEU E 911 -1.21 42.54 -15.99
C LEU E 911 -0.12 43.44 -15.41
N GLN E 912 -0.26 43.83 -14.14
CA GLN E 912 0.77 44.67 -13.53
C GLN E 912 2.07 43.91 -13.35
N ASN E 913 1.98 42.63 -12.97
CA ASN E 913 3.18 41.81 -12.84
C ASN E 913 3.89 41.69 -14.17
N GLN E 914 3.17 41.77 -15.26
CA GLN E 914 3.78 41.74 -16.58
C GLN E 914 4.30 43.10 -17.03
N SER E 915 3.66 44.19 -16.59
CA SER E 915 4.02 45.50 -17.10
C SER E 915 5.19 46.11 -16.34
N GLU E 916 5.29 45.85 -15.04
CA GLU E 916 6.33 46.49 -14.24
C GLU E 916 7.73 46.14 -14.72
N PRO E 917 8.04 44.87 -15.02
CA PRO E 917 9.36 44.56 -15.58
C PRO E 917 9.62 45.25 -16.90
N ARG E 918 8.62 45.39 -17.75
CA ARG E 918 8.83 46.05 -19.03
C ARG E 918 9.18 47.52 -18.84
N ARG E 919 8.46 48.22 -17.98
CA ARG E 919 8.80 49.61 -17.78
C ARG E 919 10.09 49.78 -17.02
N ASN E 920 10.48 48.83 -16.18
CA ASN E 920 11.83 48.90 -15.63
C ASN E 920 12.86 48.75 -16.72
N GLU E 921 12.64 47.82 -17.64
CA GLU E 921 13.57 47.63 -18.74
C GLU E 921 13.74 48.91 -19.54
N ALA E 922 12.61 49.55 -19.89
CA ALA E 922 12.68 50.77 -20.66
C ALA E 922 13.34 51.89 -19.87
N LEU E 923 12.95 52.05 -18.61
CA LEU E 923 13.57 53.06 -17.77
C LEU E 923 15.06 52.84 -17.63
N SER E 924 15.49 51.59 -17.52
CA SER E 924 16.90 51.29 -17.37
C SER E 924 17.66 51.63 -18.64
N GLY E 925 17.12 51.25 -19.78
CA GLY E 925 17.75 51.65 -21.03
C GLY E 925 17.93 53.15 -21.12
N GLU E 926 16.85 53.89 -20.87
CA GLU E 926 16.95 55.33 -20.99
C GLU E 926 17.83 55.93 -19.91
N TYR E 927 17.92 55.31 -18.75
CA TYR E 927 18.75 55.81 -17.67
C TYR E 927 20.20 55.78 -18.09
N ARG E 928 20.68 54.62 -18.50
CA ARG E 928 22.07 54.56 -18.88
C ARG E 928 22.33 55.27 -20.20
N SER E 929 21.29 55.58 -20.97
CA SER E 929 21.52 56.40 -22.15
C SER E 929 21.67 57.88 -21.81
N LEU E 930 20.87 58.38 -20.87
CA LEU E 930 20.84 59.80 -20.55
C LEU E 930 21.69 60.17 -19.37
N VAL E 931 21.45 59.57 -18.21
CA VAL E 931 22.21 59.89 -17.00
C VAL E 931 23.63 59.35 -17.11
N MET E 932 23.77 58.03 -17.21
CA MET E 932 25.10 57.43 -17.22
C MET E 932 25.88 57.78 -18.47
N ASN E 933 25.24 58.37 -19.49
CA ASN E 933 25.91 58.79 -20.71
C ASN E 933 26.68 57.65 -21.36
N ASN E 934 26.22 56.42 -21.18
CA ASN E 934 26.91 55.25 -21.70
C ASN E 934 25.88 54.24 -22.16
N PRO E 935 25.24 54.48 -23.30
CA PRO E 935 24.13 53.62 -23.73
C PRO E 935 24.51 52.18 -23.94
N VAL E 936 25.79 51.88 -24.12
CA VAL E 936 26.20 50.51 -24.39
C VAL E 936 26.39 49.74 -23.09
N ALA E 937 26.22 50.40 -21.96
CA ALA E 937 26.46 49.75 -20.68
C ALA E 937 25.52 48.59 -20.46
N ASP E 938 25.96 47.64 -19.65
CA ASP E 938 25.10 46.54 -19.28
C ASP E 938 24.08 47.02 -18.26
N ARG E 939 22.98 46.27 -18.13
CA ARG E 939 21.97 46.70 -17.17
C ARG E 939 22.41 46.40 -15.75
N ASP E 940 23.31 45.45 -15.56
CA ASP E 940 23.88 45.25 -14.23
C ASP E 940 24.73 46.42 -13.79
N ASP E 941 25.24 47.23 -14.72
CA ASP E 941 25.97 48.40 -14.28
C ASP E 941 25.05 49.39 -13.59
N ILE E 942 23.78 49.41 -13.95
CA ILE E 942 22.83 50.15 -13.14
C ILE E 942 22.72 49.57 -11.75
N TRP E 943 22.72 48.25 -11.61
CA TRP E 943 22.71 47.64 -10.28
C TRP E 943 23.93 48.03 -9.48
N ARG E 944 25.11 47.96 -10.08
CA ARG E 944 26.33 48.28 -9.35
C ARG E 944 26.45 49.76 -9.07
N ASN E 945 25.89 50.61 -9.91
CA ASN E 945 26.03 52.04 -9.74
C ASN E 945 24.94 52.63 -8.87
N LEU E 946 23.81 51.97 -8.76
CA LEU E 946 22.67 52.51 -8.06
C LEU E 946 22.24 51.66 -6.88
N LEU E 947 22.93 50.55 -6.64
CA LEU E 947 22.72 49.70 -5.48
C LEU E 947 21.30 49.16 -5.38
N VAL E 948 20.65 48.94 -6.51
CA VAL E 948 19.32 48.35 -6.53
C VAL E 948 19.22 47.43 -7.74
N ASP E 949 18.60 46.27 -7.56
CA ASP E 949 18.44 45.34 -8.67
C ASP E 949 17.13 45.61 -9.37
N GLY E 950 17.19 45.78 -10.69
CA GLY E 950 16.01 46.06 -11.46
C GLY E 950 15.47 44.84 -12.16
N LYS E 951 16.29 43.81 -12.30
CA LYS E 951 15.88 42.62 -13.01
C LYS E 951 15.01 41.69 -12.18
N VAL E 952 14.58 42.13 -11.00
CA VAL E 952 13.73 41.29 -10.17
C VAL E 952 12.36 41.17 -10.81
N SER E 953 11.63 40.12 -10.45
CA SER E 953 10.26 40.02 -10.88
C SER E 953 9.37 40.91 -10.01
N ALA E 954 8.13 41.06 -10.41
CA ALA E 954 7.24 41.96 -9.70
C ALA E 954 6.74 41.38 -8.38
N GLU E 955 7.09 40.14 -8.06
CA GLU E 955 6.62 39.50 -6.84
C GLU E 955 7.63 39.60 -5.71
N ILE E 956 8.88 39.91 -5.99
CA ILE E 956 9.89 39.99 -4.96
C ILE E 956 9.61 41.22 -4.10
N THR E 957 9.12 41.00 -2.89
CA THR E 957 8.81 42.07 -1.96
C THR E 957 9.82 42.11 -0.83
N THR E 958 10.25 43.31 -0.48
CA THR E 958 11.15 43.52 0.64
C THR E 958 10.69 44.76 1.37
N THR E 959 11.14 44.91 2.61
CA THR E 959 10.84 46.16 3.28
C THR E 959 11.73 47.27 2.71
N LEU E 960 11.69 48.42 3.35
CA LEU E 960 12.41 49.56 2.81
C LEU E 960 13.76 49.72 3.50
N LEU E 961 13.78 49.56 4.82
CA LEU E 961 15.05 49.43 5.53
C LEU E 961 15.86 48.27 5.00
N ALA E 962 15.22 47.14 4.71
CA ALA E 962 15.96 46.00 4.22
C ALA E 962 16.58 46.28 2.86
N ASP E 963 15.92 47.06 2.03
CA ASP E 963 16.52 47.40 0.74
C ASP E 963 17.66 48.37 0.92
N ALA E 964 17.52 49.32 1.83
CA ALA E 964 18.66 50.20 2.12
C ALA E 964 19.84 49.40 2.63
N ILE E 965 19.58 48.40 3.47
CA ILE E 965 20.64 47.58 4.03
C ILE E 965 21.32 46.79 2.93
N ALA E 966 20.54 46.14 2.07
CA ALA E 966 21.15 45.38 0.99
C ALA E 966 21.95 46.27 0.06
N GLY E 967 21.49 47.50 -0.16
CA GLY E 967 22.26 48.42 -0.99
C GLY E 967 23.58 48.79 -0.37
N ILE E 968 23.58 49.18 0.90
CA ILE E 968 24.85 49.58 1.50
C ILE E 968 25.77 48.38 1.65
N GLN E 969 25.21 47.18 1.82
CA GLN E 969 26.06 46.00 1.88
C GLN E 969 26.72 45.72 0.54
N LEU E 970 25.96 45.80 -0.55
CA LEU E 970 26.58 45.64 -1.86
C LEU E 970 27.64 46.69 -2.09
N TYR E 971 27.38 47.92 -1.65
CA TYR E 971 28.35 48.98 -1.81
C TYR E 971 29.63 48.68 -1.05
N ILE E 972 29.50 48.20 0.18
CA ILE E 972 30.69 47.94 0.99
C ILE E 972 31.46 46.76 0.43
N ASN E 973 30.76 45.73 -0.04
CA ASN E 973 31.47 44.61 -0.66
C ASN E 973 32.22 45.07 -1.90
N ARG E 974 31.58 45.85 -2.76
CA ARG E 974 32.26 46.24 -3.98
C ARG E 974 33.41 47.18 -3.70
N THR E 975 33.30 48.05 -2.71
CA THR E 975 34.41 48.93 -2.40
C THR E 975 35.51 48.24 -1.61
N ILE E 976 35.22 47.11 -0.98
CA ILE E 976 36.23 46.38 -0.24
C ILE E 976 36.92 45.35 -1.14
N ALA E 977 36.30 44.99 -2.25
CA ALA E 977 36.90 44.13 -3.25
C ALA E 977 37.52 44.91 -4.38
N GLY E 978 37.61 46.23 -4.25
CA GLY E 978 38.31 47.05 -5.21
C GLY E 978 37.52 47.44 -6.43
N ASP E 979 36.30 46.98 -6.57
CA ASP E 979 35.49 47.34 -7.72
C ASP E 979 35.05 48.80 -7.70
N GLU E 980 35.18 49.48 -6.56
CA GLU E 980 34.87 50.90 -6.46
C GLU E 980 36.16 51.62 -6.13
N PRO E 981 36.98 51.94 -7.12
CA PRO E 981 38.30 52.50 -6.84
C PRO E 981 38.19 53.89 -6.24
N GLY E 982 39.25 54.27 -5.54
CA GLY E 982 39.30 55.55 -4.88
C GLY E 982 38.86 55.54 -3.44
N ALA E 983 38.61 54.36 -2.88
CA ALA E 983 38.14 54.27 -1.51
C ALA E 983 39.20 54.78 -0.55
N ASP E 984 38.78 55.10 0.67
CA ASP E 984 39.71 55.47 1.71
C ASP E 984 40.31 54.21 2.30
N SER E 985 41.54 53.89 1.90
CA SER E 985 42.18 52.68 2.41
C SER E 985 42.35 52.74 3.91
N ASP E 986 42.59 53.93 4.46
CA ASP E 986 42.70 54.04 5.90
C ASP E 986 41.40 53.68 6.59
N ALA E 987 40.27 54.09 6.02
CA ALA E 987 38.98 53.71 6.57
C ALA E 987 38.70 52.23 6.37
N LEU E 988 39.13 51.66 5.26
CA LEU E 988 38.94 50.23 5.06
C LEU E 988 39.79 49.41 6.01
N GLU E 989 40.86 49.98 6.54
CA GLU E 989 41.70 49.27 7.51
C GLU E 989 41.22 49.56 8.93
N ARG E 990 39.93 49.41 9.15
CA ARG E 990 39.29 49.80 10.40
C ARG E 990 38.51 48.62 10.94
N GLN E 991 38.44 48.51 12.26
CA GLN E 991 37.92 47.30 12.88
C GLN E 991 36.58 46.86 12.30
N PHE E 992 35.69 47.79 11.98
CA PHE E 992 34.40 47.39 11.43
C PHE E 992 34.57 46.59 10.15
N PHE E 993 35.43 47.04 9.24
CA PHE E 993 35.67 46.33 8.00
C PHE E 993 36.68 45.22 8.14
N LYS E 994 37.51 45.26 9.16
CA LYS E 994 38.43 44.17 9.40
C LYS E 994 37.69 42.93 9.87
N ASP E 995 36.65 43.14 10.67
CA ASP E 995 35.74 42.09 11.08
C ASP E 995 34.54 42.02 10.14
N TRP E 996 34.73 42.40 8.88
CA TRP E 996 33.61 42.51 7.96
C TRP E 996 33.00 41.15 7.69
N ASP E 997 33.77 40.26 7.09
CA ASP E 997 33.20 38.99 6.65
C ASP E 997 32.78 38.14 7.84
N ALA E 998 33.56 38.16 8.91
CA ALA E 998 33.26 37.30 10.03
C ALA E 998 31.99 37.73 10.75
N CYS E 999 31.89 39.02 11.07
CA CYS E 999 30.80 39.49 11.92
C CYS E 999 29.87 40.48 11.23
N ASN E 1000 30.38 41.60 10.72
CA ASN E 1000 29.52 42.71 10.33
C ASN E 1000 28.94 42.59 8.94
N LYS E 1001 29.27 41.55 8.19
CA LYS E 1001 28.81 41.47 6.82
C LYS E 1001 27.32 41.20 6.73
N ARG E 1002 26.78 40.36 7.59
CA ARG E 1002 25.37 40.01 7.54
C ARG E 1002 24.70 40.43 8.83
N TYR E 1003 23.44 40.82 8.73
CA TYR E 1003 22.72 41.27 9.91
C TYR E 1003 22.67 40.18 10.96
N SER E 1004 22.55 38.92 10.51
CA SER E 1004 22.52 37.81 11.45
C SER E 1004 23.69 37.86 12.41
N THR E 1005 24.90 37.84 11.86
CA THR E 1005 26.08 37.79 12.70
C THR E 1005 26.45 39.12 13.32
N TRP E 1006 25.99 40.23 12.77
CA TRP E 1006 26.18 41.48 13.48
C TRP E 1006 25.34 41.52 14.74
N ALA E 1007 24.07 41.14 14.64
CA ALA E 1007 23.22 41.13 15.82
C ALA E 1007 23.70 40.10 16.82
N GLY E 1008 24.04 38.90 16.35
CA GLY E 1008 24.49 37.87 17.26
C GLY E 1008 25.76 38.22 18.00
N VAL E 1009 26.64 38.99 17.37
CA VAL E 1009 27.89 39.39 18.01
C VAL E 1009 27.67 40.57 18.93
N SER E 1010 26.78 41.48 18.55
CA SER E 1010 26.52 42.62 19.42
C SER E 1010 25.78 42.20 20.68
N GLN E 1011 24.92 41.20 20.58
CA GLN E 1011 24.22 40.74 21.77
C GLN E 1011 25.13 40.06 22.75
N LEU E 1012 26.35 39.73 22.35
CA LEU E 1012 27.20 38.90 23.20
C LEU E 1012 27.82 39.70 24.32
N VAL E 1013 27.84 41.01 24.24
CA VAL E 1013 28.33 41.81 25.35
C VAL E 1013 27.24 42.00 26.39
N TYR E 1014 25.98 41.95 25.96
CA TYR E 1014 24.89 42.28 26.86
C TYR E 1014 24.22 41.05 27.44
N TYR E 1015 24.07 40.01 26.65
CA TYR E 1015 23.43 38.77 27.10
C TYR E 1015 24.37 37.61 26.82
N PRO E 1016 25.48 37.51 27.54
CA PRO E 1016 26.35 36.35 27.35
C PRO E 1016 25.70 35.08 27.80
N GLU E 1017 24.78 35.14 28.76
CA GLU E 1017 24.08 33.94 29.20
C GLU E 1017 23.35 33.25 28.06
N ASN E 1018 23.02 33.98 27.00
CA ASN E 1018 22.42 33.34 25.84
C ASN E 1018 23.38 32.39 25.16
N PHE E 1019 24.68 32.65 25.28
CA PHE E 1019 25.68 31.88 24.58
C PHE E 1019 26.58 31.07 25.51
N VAL E 1020 26.58 31.37 26.80
CA VAL E 1020 27.36 30.58 27.73
C VAL E 1020 26.86 29.16 27.73
N ASP E 1021 27.77 28.23 27.51
CA ASP E 1021 27.46 26.82 27.62
C ASP E 1021 28.14 26.31 28.87
N PRO E 1022 27.38 25.80 29.83
CA PRO E 1022 27.99 25.39 31.10
C PRO E 1022 28.98 24.27 30.99
N THR E 1023 29.06 23.60 29.84
CA THR E 1023 29.93 22.45 29.71
C THR E 1023 31.23 22.84 29.01
N LEU E 1024 31.11 23.53 27.89
CA LEU E 1024 32.25 23.94 27.08
C LEU E 1024 32.58 25.40 27.39
N ARG E 1025 33.78 25.64 27.88
CA ARG E 1025 34.22 26.98 28.23
C ARG E 1025 35.67 27.14 27.79
N THR E 1026 36.02 28.33 27.33
CA THR E 1026 37.41 28.57 26.97
C THR E 1026 38.26 28.64 28.23
N GLY E 1027 39.47 28.09 28.13
CA GLY E 1027 40.33 28.07 29.28
C GLY E 1027 39.94 27.05 30.32
N GLN E 1028 39.07 26.12 29.98
CA GLN E 1028 38.68 25.06 30.89
C GLN E 1028 39.89 24.20 31.21
N THR E 1029 40.15 23.96 32.48
CA THR E 1029 41.31 23.21 32.89
C THR E 1029 41.19 21.76 32.43
N GLY E 1030 42.33 21.07 32.42
CA GLY E 1030 42.32 19.66 32.10
C GLY E 1030 41.54 18.84 33.09
N MET E 1031 41.52 19.26 34.35
CA MET E 1031 40.72 18.57 35.35
C MET E 1031 39.25 18.59 34.96
N MET E 1032 38.73 19.77 34.67
CA MET E 1032 37.33 19.87 34.30
C MET E 1032 37.07 19.14 33.01
N ASN E 1033 38.03 19.15 32.09
CA ASN E 1033 37.87 18.41 30.86
C ASN E 1033 37.69 16.92 31.14
N THR E 1034 38.57 16.34 31.96
CA THR E 1034 38.45 14.91 32.24
C THR E 1034 37.23 14.59 33.07
N MET E 1035 36.72 15.53 33.84
CA MET E 1035 35.49 15.23 34.56
C MET E 1035 34.29 15.24 33.62
N LEU E 1036 34.23 16.20 32.72
CA LEU E 1036 33.16 16.22 31.72
C LEU E 1036 33.22 15.00 30.83
N GLU E 1037 34.43 14.58 30.48
CA GLU E 1037 34.63 13.31 29.79
C GLU E 1037 33.94 12.17 30.52
N GLN E 1038 34.07 12.11 31.83
CA GLN E 1038 33.55 10.97 32.57
C GLN E 1038 32.10 11.11 32.94
N LEU E 1039 31.53 12.29 32.80
CA LEU E 1039 30.10 12.48 32.93
C LEU E 1039 29.39 12.46 31.60
N SER E 1040 30.07 12.14 30.51
CA SER E 1040 29.48 12.22 29.19
C SER E 1040 28.75 10.96 28.79
N GLN E 1041 28.57 10.00 29.68
CA GLN E 1041 27.75 8.85 29.38
C GLN E 1041 26.30 9.18 29.72
N SER E 1042 25.43 8.17 29.60
CA SER E 1042 24.02 8.41 29.83
C SER E 1042 23.58 8.01 31.23
N GLU E 1043 24.25 7.05 31.84
CA GLU E 1043 23.88 6.60 33.18
C GLU E 1043 24.68 7.38 34.20
N LEU E 1044 24.14 8.49 34.67
CA LEU E 1044 24.76 9.29 35.71
C LEU E 1044 24.05 8.99 37.03
N ASN E 1045 24.42 7.90 37.66
CA ASN E 1045 23.86 7.63 38.97
C ASN E 1045 24.79 8.25 40.01
N LYS E 1046 24.37 8.24 41.27
CA LYS E 1046 25.15 8.92 42.29
C LYS E 1046 26.55 8.34 42.41
N ASP E 1047 26.71 7.07 42.10
CA ASP E 1047 28.01 6.44 42.21
C ASP E 1047 29.00 7.02 41.21
N THR E 1048 28.64 7.09 39.92
CA THR E 1048 29.56 7.69 38.96
C THR E 1048 29.68 9.18 39.20
N LEU E 1049 28.61 9.81 39.63
CA LEU E 1049 28.60 11.25 39.85
C LEU E 1049 29.47 11.65 41.02
N GLU E 1050 29.70 10.75 41.96
CA GLU E 1050 30.59 10.97 43.08
C GLU E 1050 32.00 10.52 42.78
N ASN E 1051 32.17 9.44 42.03
CA ASN E 1051 33.51 9.03 41.64
C ASN E 1051 34.16 10.08 40.78
N GLY E 1052 33.42 10.64 39.82
CA GLY E 1052 33.94 11.73 39.03
C GLY E 1052 34.38 12.90 39.88
N PHE E 1053 33.61 13.22 40.92
CA PHE E 1053 33.96 14.38 41.72
C PHE E 1053 35.13 14.10 42.63
N ARG E 1054 35.25 12.88 43.15
CA ARG E 1054 36.42 12.55 43.93
C ARG E 1054 37.67 12.59 43.08
N GLN E 1055 37.58 12.18 41.83
CA GLN E 1055 38.75 12.24 40.97
C GLN E 1055 39.11 13.66 40.59
N TYR E 1056 38.10 14.45 40.24
CA TYR E 1056 38.34 15.87 40.03
C TYR E 1056 38.98 16.49 41.24
N LEU E 1057 38.54 16.08 42.43
CA LEU E 1057 39.05 16.70 43.64
C LEU E 1057 40.47 16.25 43.93
N THR E 1058 40.84 15.04 43.57
CA THR E 1058 42.23 14.64 43.68
C THR E 1058 43.12 15.50 42.80
N ALA E 1059 42.73 15.66 41.54
CA ALA E 1059 43.52 16.51 40.65
C ALA E 1059 43.57 17.94 41.14
N PHE E 1060 42.44 18.45 41.63
CA PHE E 1060 42.39 19.80 42.16
C PHE E 1060 43.32 19.95 43.36
N GLU E 1061 43.31 18.99 44.26
CA GLU E 1061 44.20 19.04 45.40
C GLU E 1061 45.64 19.11 44.95
N GLN E 1062 46.00 18.33 43.94
CA GLN E 1062 47.38 18.35 43.49
C GLN E 1062 47.76 19.69 42.91
N VAL E 1063 46.90 20.28 42.08
CA VAL E 1063 47.23 21.58 41.50
C VAL E 1063 47.11 22.71 42.50
N ALA E 1064 46.45 22.50 43.63
CA ALA E 1064 46.43 23.54 44.65
C ALA E 1064 47.60 23.44 45.60
N ASP E 1065 48.22 22.29 45.74
CA ASP E 1065 49.37 22.17 46.63
C ASP E 1065 50.65 22.71 46.04
N LEU E 1066 50.66 23.17 44.80
CA LEU E 1066 51.91 23.51 44.14
C LEU E 1066 52.59 24.66 44.86
N LYS E 1067 53.85 24.47 45.21
CA LYS E 1067 54.65 25.54 45.77
C LYS E 1067 55.61 26.03 44.69
N VAL E 1068 55.83 27.33 44.64
CA VAL E 1068 56.65 27.93 43.60
C VAL E 1068 58.10 27.73 43.96
N VAL E 1069 58.88 27.20 43.03
CA VAL E 1069 60.30 26.99 43.27
C VAL E 1069 61.10 28.22 42.86
N SER E 1070 60.94 28.65 41.63
CA SER E 1070 61.77 29.72 41.09
C SER E 1070 61.02 30.42 40.00
N GLY E 1071 61.48 31.61 39.65
CA GLY E 1071 60.84 32.39 38.62
C GLY E 1071 61.87 33.05 37.74
N TYR E 1072 61.38 33.68 36.68
CA TYR E 1072 62.23 34.44 35.79
C TYR E 1072 61.37 35.51 35.16
N HIS E 1073 61.79 36.75 35.26
CA HIS E 1073 60.98 37.83 34.73
C HIS E 1073 61.41 38.19 33.32
N ASP E 1074 60.41 38.30 32.45
CA ASP E 1074 60.62 38.44 31.02
C ASP E 1074 61.41 39.70 30.66
N THR E 1075 60.88 40.87 30.97
CA THR E 1075 61.53 42.12 30.63
C THR E 1075 62.47 42.54 31.74
N VAL E 1076 63.04 43.74 31.61
CA VAL E 1076 64.00 44.25 32.57
C VAL E 1076 63.33 45.20 33.56
N ASN E 1077 62.25 45.84 33.16
CA ASN E 1077 61.44 46.61 34.09
C ASN E 1077 60.36 45.71 34.67
N ILE E 1078 60.43 45.44 35.98
CA ILE E 1078 59.55 44.44 36.58
C ILE E 1078 58.10 44.85 36.62
N ASN E 1079 57.74 45.99 36.06
CA ASN E 1079 56.34 46.38 35.97
C ASN E 1079 55.71 45.99 34.65
N GLN E 1080 56.46 45.35 33.77
CA GLN E 1080 55.98 44.99 32.45
C GLN E 1080 56.37 43.56 32.14
N GLY E 1081 55.92 43.06 31.01
CA GLY E 1081 56.31 41.73 30.59
C GLY E 1081 55.66 40.67 31.45
N ASN E 1082 56.18 39.45 31.41
CA ASN E 1082 55.60 38.35 32.13
C ASN E 1082 56.61 37.80 33.12
N THR E 1083 56.12 37.08 34.11
CA THR E 1083 56.96 36.40 35.08
C THR E 1083 56.64 34.92 35.00
N TRP E 1084 57.57 34.12 34.51
CA TRP E 1084 57.37 32.69 34.48
C TRP E 1084 57.73 32.09 35.82
N PHE E 1085 56.88 31.21 36.31
CA PHE E 1085 57.13 30.54 37.57
C PHE E 1085 57.31 29.06 37.32
N ILE E 1086 58.07 28.41 38.19
CA ILE E 1086 58.23 26.98 38.19
C ILE E 1086 57.73 26.51 39.53
N GLY E 1087 56.67 25.71 39.53
CA GLY E 1087 56.10 25.19 40.75
C GLY E 1087 56.36 23.69 40.80
N THR E 1088 56.56 23.18 41.99
CA THR E 1088 56.73 21.75 42.20
C THR E 1088 55.58 21.22 43.04
N SER E 1089 55.38 19.92 42.99
CA SER E 1089 54.27 19.31 43.71
C SER E 1089 54.76 18.71 45.01
N GLN E 1090 53.83 18.57 45.95
CA GLN E 1090 54.13 17.93 47.22
C GLN E 1090 53.96 16.42 47.11
N THR E 1091 54.73 15.82 46.21
CA THR E 1091 54.73 14.38 46.06
C THR E 1091 56.15 13.86 46.07
N GLU E 1092 56.34 12.59 45.76
CA GLU E 1092 57.67 12.06 45.62
C GLU E 1092 57.67 10.90 44.62
N PRO E 1093 58.26 11.06 43.44
CA PRO E 1093 59.05 12.20 42.97
C PRO E 1093 58.22 13.44 42.74
N LYS E 1094 58.87 14.58 42.56
CA LYS E 1094 58.16 15.82 42.38
C LYS E 1094 57.81 15.99 40.91
N LYS E 1095 56.70 16.67 40.68
CA LYS E 1095 56.24 17.00 39.33
C LYS E 1095 56.34 18.50 39.20
N TYR E 1096 56.97 18.97 38.14
CA TYR E 1096 57.22 20.39 37.99
C TYR E 1096 56.22 20.99 37.02
N TYR E 1097 55.73 22.17 37.35
CA TYR E 1097 54.72 22.86 36.59
C TYR E 1097 55.21 24.26 36.26
N TRP E 1098 54.54 24.93 35.34
CA TRP E 1098 54.91 26.31 35.06
C TRP E 1098 53.68 27.15 34.83
N ARG E 1099 53.73 28.40 35.27
CA ARG E 1099 52.72 29.41 35.04
C ARG E 1099 53.34 30.59 34.34
N LYS E 1100 52.60 31.68 34.34
CA LYS E 1100 53.04 32.93 33.75
C LYS E 1100 52.13 34.00 34.30
N ALA E 1101 52.70 35.08 34.81
CA ALA E 1101 51.93 36.19 35.32
C ALA E 1101 52.15 37.38 34.41
N ASP E 1102 51.13 37.75 33.65
CA ASP E 1102 51.21 38.86 32.71
C ASP E 1102 51.12 40.17 33.48
N HIS E 1103 52.22 40.90 33.53
CA HIS E 1103 52.22 42.17 34.23
C HIS E 1103 51.50 43.27 33.49
N SER E 1104 51.18 43.07 32.22
CA SER E 1104 50.41 44.06 31.50
C SER E 1104 48.96 44.09 31.96
N LYS E 1105 48.58 43.20 32.85
CA LYS E 1105 47.29 43.25 33.52
C LYS E 1105 47.45 43.40 35.02
N CYS E 1106 48.29 44.32 35.45
CA CYS E 1106 48.68 44.48 36.84
C CYS E 1106 48.82 45.97 37.13
N GLN E 1107 47.76 46.55 37.68
CA GLN E 1107 47.83 47.92 38.16
C GLN E 1107 47.73 47.91 39.68
N ASN E 1108 48.40 48.86 40.32
CA ASN E 1108 48.37 49.01 41.77
C ASN E 1108 48.82 47.73 42.47
N GLY E 1109 49.79 47.03 41.89
CA GLY E 1109 50.27 45.80 42.48
C GLY E 1109 49.24 44.71 42.60
N ARG E 1110 48.17 44.80 41.85
CA ARG E 1110 47.06 43.86 41.92
C ARG E 1110 46.91 43.22 40.57
N PHE E 1111 47.28 41.96 40.48
CA PHE E 1111 47.12 41.21 39.23
C PHE E 1111 45.65 40.96 38.97
N ALA E 1112 45.21 41.28 37.76
CA ALA E 1112 43.91 40.78 37.34
C ALA E 1112 43.91 39.26 37.38
N ALA E 1113 42.76 38.69 37.69
CA ALA E 1113 42.71 37.25 37.84
C ALA E 1113 43.06 36.52 36.56
N ASN E 1114 42.92 37.18 35.43
CA ASN E 1114 43.22 36.61 34.13
C ASN E 1114 44.61 36.93 33.65
N ALA E 1115 45.42 37.58 34.47
CA ALA E 1115 46.82 37.79 34.17
C ALA E 1115 47.64 36.55 34.44
N TRP E 1116 47.02 35.52 35.00
CA TRP E 1116 47.72 34.31 35.39
C TRP E 1116 47.33 33.21 34.43
N SER E 1117 48.29 32.41 34.02
CA SER E 1117 47.96 31.27 33.21
C SER E 1117 47.60 30.10 34.12
N ASP E 1118 47.28 28.98 33.50
CA ASP E 1118 47.05 27.73 34.22
C ASP E 1118 48.38 27.09 34.57
N TRP E 1119 48.41 26.41 35.69
CA TRP E 1119 49.57 25.56 35.96
C TRP E 1119 49.65 24.47 34.91
N LYS E 1120 50.76 24.43 34.20
CA LYS E 1120 50.89 23.44 33.13
C LYS E 1120 52.07 22.56 33.45
N GLU E 1121 51.91 21.25 33.28
CA GLU E 1121 52.94 20.33 33.73
C GLU E 1121 54.12 20.30 32.79
N ILE E 1122 55.31 20.12 33.36
CA ILE E 1122 56.55 19.89 32.60
C ILE E 1122 56.74 18.39 32.52
N THR E 1123 56.50 17.81 31.35
CA THR E 1123 56.52 16.36 31.22
C THR E 1123 57.92 15.80 31.19
N CYS E 1124 58.95 16.59 30.93
CA CYS E 1124 60.28 16.02 30.97
C CYS E 1124 60.60 15.57 32.38
N ALA E 1125 61.56 14.65 32.47
CA ALA E 1125 62.00 14.14 33.76
C ALA E 1125 63.06 15.07 34.31
N VAL E 1126 62.64 16.03 35.12
CA VAL E 1126 63.55 16.99 35.72
C VAL E 1126 63.80 16.57 37.15
N ASN E 1127 65.06 16.34 37.48
CA ASN E 1127 65.47 15.83 38.78
C ASN E 1127 66.59 16.71 39.31
N PRO E 1128 66.26 17.90 39.76
CA PRO E 1128 67.28 18.89 40.10
C PRO E 1128 68.06 18.47 41.33
N TYR E 1129 69.06 19.26 41.66
CA TYR E 1129 69.88 19.00 42.82
C TYR E 1129 69.86 20.23 43.69
N GLY E 1130 69.48 20.06 44.94
CA GLY E 1130 69.39 21.21 45.81
C GLY E 1130 68.43 22.25 45.33
N ASP E 1131 67.36 21.85 44.65
CA ASP E 1131 66.29 22.76 44.27
C ASP E 1131 66.78 23.86 43.34
N MET E 1132 67.55 23.47 42.33
CA MET E 1132 68.07 24.39 41.34
C MET E 1132 67.34 24.13 40.05
N VAL E 1133 66.24 24.83 39.82
CA VAL E 1133 65.56 24.80 38.54
C VAL E 1133 65.33 26.24 38.16
N ARG E 1134 65.47 26.56 36.88
CA ARG E 1134 65.28 27.92 36.46
C ARG E 1134 64.53 27.93 35.13
N PRO E 1135 63.43 28.64 35.04
CA PRO E 1135 62.89 28.98 33.73
C PRO E 1135 63.69 30.12 33.14
N VAL E 1136 63.66 30.20 31.82
CA VAL E 1136 64.26 31.34 31.14
C VAL E 1136 63.64 31.43 29.77
N ILE E 1137 63.39 32.63 29.32
CA ILE E 1137 62.80 32.90 28.02
C ILE E 1137 63.93 33.24 27.07
N PHE E 1138 64.24 32.33 26.17
CA PHE E 1138 65.34 32.49 25.24
C PHE E 1138 64.77 32.47 23.83
N HIS E 1139 64.73 33.63 23.20
CA HIS E 1139 64.07 33.81 21.92
C HIS E 1139 62.60 33.48 22.02
N SER E 1140 61.94 34.15 22.95
CA SER E 1140 60.50 34.09 23.12
C SER E 1140 60.01 32.70 23.44
N ARG E 1141 60.90 31.77 23.76
CA ARG E 1141 60.53 30.39 24.01
C ARG E 1141 60.96 30.01 25.41
N LEU E 1142 60.05 29.40 26.16
CA LEU E 1142 60.36 29.01 27.52
C LEU E 1142 61.38 27.89 27.51
N TYR E 1143 62.47 28.07 28.24
CA TYR E 1143 63.47 27.04 28.47
C TYR E 1143 63.47 26.70 29.95
N LEU E 1144 63.58 25.42 30.26
CA LEU E 1144 63.80 25.00 31.62
C LEU E 1144 65.26 24.63 31.78
N LEU E 1145 65.71 24.56 33.02
CA LEU E 1145 67.14 24.48 33.27
C LEU E 1145 67.37 24.07 34.71
N TRP E 1146 68.16 23.02 34.89
CA TRP E 1146 68.40 22.51 36.23
C TRP E 1146 69.76 21.87 36.26
N ILE E 1147 70.25 21.62 37.47
CA ILE E 1147 71.55 21.02 37.68
C ILE E 1147 71.33 19.68 38.34
N GLU E 1148 71.96 18.65 37.79
CA GLU E 1148 71.70 17.28 38.19
C GLU E 1148 72.97 16.70 38.80
N LYS E 1149 72.89 16.28 40.06
CA LYS E 1149 74.03 15.68 40.74
C LYS E 1149 73.89 14.17 40.77
N GLN E 1150 74.99 13.49 40.43
CA GLN E 1150 74.99 12.04 40.28
C GLN E 1150 76.21 11.49 40.98
N VAL E 1151 76.01 10.55 41.90
CA VAL E 1151 77.08 10.04 42.75
C VAL E 1151 77.83 8.94 42.01
N GLN E 1152 79.16 9.01 42.06
CA GLN E 1152 80.00 8.03 41.36
C GLN E 1152 81.07 7.48 42.27
N LYS E 1153 82.06 6.81 41.68
CA LYS E 1153 83.21 6.31 42.41
C LYS E 1153 84.38 6.18 41.46
N ASP E 1154 85.55 6.67 41.88
CA ASP E 1154 86.74 6.57 41.06
C ASP E 1154 87.16 5.12 40.87
N ASN E 1155 88.16 4.91 40.01
CA ASN E 1155 88.78 3.60 39.97
C ASN E 1155 89.37 3.25 41.33
N THR E 1156 89.97 4.22 42.00
CA THR E 1156 90.45 4.05 43.36
C THR E 1156 89.26 4.05 44.32
N GLY E 1157 89.52 3.96 45.62
CA GLY E 1157 88.42 3.87 46.56
C GLY E 1157 87.60 5.13 46.68
N LYS E 1158 88.15 6.28 46.33
CA LYS E 1158 87.50 7.56 46.52
C LYS E 1158 86.21 7.63 45.70
N ASP E 1159 85.18 8.22 46.30
CA ASP E 1159 83.86 8.25 45.70
C ASP E 1159 83.46 9.69 45.44
N THR E 1160 83.45 10.08 44.17
CA THR E 1160 83.15 11.43 43.76
C THR E 1160 81.66 11.58 43.48
N ALA E 1161 81.33 12.67 42.82
CA ALA E 1161 79.96 13.04 42.49
C ALA E 1161 80.03 13.96 41.29
N SER E 1162 79.40 13.56 40.19
CA SER E 1162 79.47 14.32 38.96
C SER E 1162 78.24 15.20 38.81
N PHE E 1163 78.43 16.39 38.28
CA PHE E 1163 77.36 17.36 38.10
C PHE E 1163 77.11 17.61 36.62
N THR E 1164 75.84 17.78 36.29
CA THR E 1164 75.45 17.96 34.90
C THR E 1164 74.45 19.10 34.83
N LEU E 1165 74.63 19.99 33.88
CA LEU E 1165 73.63 21.00 33.60
C LEU E 1165 72.72 20.52 32.48
N LYS E 1166 71.43 20.55 32.71
CA LYS E 1166 70.47 20.06 31.75
C LYS E 1166 69.57 21.20 31.32
N LEU E 1167 69.14 21.17 30.06
CA LEU E 1167 68.48 22.31 29.47
C LEU E 1167 67.48 21.82 28.43
N THR E 1168 66.23 22.19 28.58
CA THR E 1168 65.18 21.76 27.67
C THR E 1168 64.25 22.94 27.38
N HIS E 1169 63.30 22.73 26.48
CA HIS E 1169 62.38 23.80 26.11
C HIS E 1169 61.07 23.20 25.63
N VAL E 1170 60.03 24.03 25.62
CA VAL E 1170 58.76 23.63 25.03
C VAL E 1170 58.84 23.70 23.53
N LYS E 1171 58.34 22.67 22.88
CA LYS E 1171 58.14 22.68 21.46
C LYS E 1171 56.80 23.35 21.17
N TYR E 1172 56.51 23.59 19.90
CA TYR E 1172 55.30 24.32 19.58
C TYR E 1172 54.06 23.56 20.01
N ASP E 1173 54.09 22.24 20.00
CA ASP E 1173 52.95 21.45 20.42
C ASP E 1173 52.95 21.20 21.91
N GLY E 1174 53.62 22.02 22.69
CA GLY E 1174 53.52 21.95 24.12
C GLY E 1174 54.27 20.81 24.76
N SER E 1175 54.87 19.93 23.99
CA SER E 1175 55.74 18.91 24.56
C SER E 1175 57.10 19.52 24.85
N TRP E 1176 57.89 18.80 25.61
CA TRP E 1176 59.18 19.30 26.04
C TRP E 1176 60.28 18.56 25.31
N ALA E 1177 61.28 19.30 24.86
CA ALA E 1177 62.34 18.68 24.12
C ALA E 1177 63.19 17.82 25.03
N SER E 1178 63.88 16.87 24.43
CA SER E 1178 64.80 16.04 25.18
C SER E 1178 65.98 16.90 25.64
N PRO E 1179 66.35 16.83 26.91
CA PRO E 1179 67.25 17.84 27.45
C PRO E 1179 68.67 17.66 26.97
N PHE E 1180 69.30 18.76 26.62
CA PHE E 1180 70.72 18.77 26.37
C PHE E 1180 71.43 18.61 27.68
N SER E 1181 72.72 18.30 27.66
CA SER E 1181 73.43 18.16 28.91
C SER E 1181 74.84 18.70 28.73
N TYR E 1182 75.36 19.30 29.79
CA TYR E 1182 76.69 19.84 29.79
C TYR E 1182 77.38 19.42 31.07
N ASP E 1183 78.53 18.78 30.95
CA ASP E 1183 79.25 18.39 32.14
C ASP E 1183 79.81 19.61 32.84
N ILE E 1184 79.57 19.72 34.13
CA ILE E 1184 79.80 20.92 34.89
C ILE E 1184 80.86 20.72 35.95
N THR E 1185 80.94 19.50 36.49
CA THR E 1185 81.83 19.25 37.61
C THR E 1185 83.26 19.60 37.26
N GLU E 1186 83.77 20.66 37.86
CA GLU E 1186 85.20 20.98 37.78
C GLU E 1186 85.68 21.36 39.17
N LYS E 1187 85.95 20.36 40.00
CA LYS E 1187 86.80 20.48 41.19
C LYS E 1187 86.35 21.54 42.18
N ASN E 1188 85.25 22.22 41.89
CA ASN E 1188 84.90 23.35 42.75
C ASN E 1188 83.42 23.38 43.13
N ILE E 1189 82.53 23.10 42.18
CA ILE E 1189 81.13 22.96 42.53
C ILE E 1189 80.91 21.73 43.37
N SER E 1190 81.72 20.69 43.16
CA SER E 1190 81.73 19.58 44.09
C SER E 1190 82.09 20.06 45.49
N GLY E 1191 82.90 21.10 45.59
CA GLY E 1191 83.37 21.62 46.85
C GLY E 1191 82.49 22.65 47.49
N TRP E 1192 81.59 23.27 46.75
CA TRP E 1192 80.70 24.24 47.35
C TRP E 1192 79.72 23.55 48.26
N LYS E 1193 78.85 24.35 48.87
CA LYS E 1193 77.79 23.84 49.71
C LYS E 1193 76.71 24.91 49.69
N LYS E 1194 75.47 24.49 49.52
CA LYS E 1194 74.41 25.44 49.25
C LYS E 1194 74.72 26.29 48.04
N THR E 1195 74.73 25.72 46.85
CA THR E 1195 74.90 26.52 45.66
C THR E 1195 73.54 26.91 45.08
N GLY E 1196 73.58 27.78 44.08
CA GLY E 1196 72.37 28.18 43.36
C GLY E 1196 72.75 28.62 41.97
N LEU E 1197 71.84 28.44 41.03
CA LEU E 1197 72.17 28.74 39.64
C LEU E 1197 71.39 29.95 39.17
N TYR E 1198 71.95 30.61 38.18
CA TYR E 1198 71.41 31.84 37.64
C TYR E 1198 71.24 31.64 36.14
N CYS E 1199 70.22 32.24 35.57
CA CYS E 1199 70.00 32.12 34.13
C CYS E 1199 69.23 33.32 33.63
N ALA E 1200 69.73 33.92 32.55
CA ALA E 1200 69.09 35.09 31.99
C ALA E 1200 69.46 35.19 30.53
N ALA E 1201 68.51 35.64 29.72
CA ALA E 1201 68.80 35.89 28.32
C ALA E 1201 69.54 37.21 28.19
N SER E 1202 69.98 37.51 26.98
CA SER E 1202 70.75 38.72 26.72
C SER E 1202 70.12 39.45 25.56
N GLN E 1203 69.88 40.75 25.72
CA GLN E 1203 69.39 41.55 24.62
C GLN E 1203 70.45 41.82 23.57
N GLU E 1204 71.72 41.72 23.94
CA GLU E 1204 72.85 41.80 23.02
C GLU E 1204 73.44 40.42 22.90
N ASP E 1205 73.84 40.04 21.69
CA ASP E 1205 74.47 38.74 21.46
C ASP E 1205 73.58 37.61 21.99
N ASN E 1206 72.45 37.45 21.29
CA ASN E 1206 71.43 36.52 21.74
C ASN E 1206 72.05 35.19 22.16
N SER E 1207 72.04 34.95 23.46
CA SER E 1207 72.63 33.77 24.06
C SER E 1207 72.00 33.61 25.43
N LEU E 1208 72.49 32.63 26.18
CA LEU E 1208 72.00 32.37 27.52
C LEU E 1208 73.18 32.47 28.46
N LEU E 1209 73.12 33.41 29.38
CA LEU E 1209 74.12 33.45 30.43
C LEU E 1209 73.65 32.56 31.56
N ILE E 1210 74.30 31.43 31.73
CA ILE E 1210 74.05 30.56 32.86
C ILE E 1210 75.20 30.68 33.83
N ALA E 1211 74.93 30.55 35.11
CA ALA E 1211 75.96 30.75 36.10
C ALA E 1211 75.54 30.08 37.40
N TRP E 1212 76.31 29.12 37.85
CA TRP E 1212 76.14 28.56 39.18
C TRP E 1212 77.15 29.24 40.09
N TYR E 1213 76.72 29.58 41.29
CA TYR E 1213 77.56 30.33 42.20
C TYR E 1213 77.42 29.75 43.58
N GLN E 1214 78.45 29.93 44.40
CA GLN E 1214 78.36 29.52 45.78
C GLN E 1214 77.49 30.46 46.56
N ILE E 1215 76.82 29.94 47.58
CA ILE E 1215 76.05 30.78 48.48
C ILE E 1215 76.74 30.79 49.84
N GLU E 1216 76.76 31.96 50.45
CA GLU E 1216 77.11 32.13 51.84
C GLU E 1216 76.08 33.10 52.40
N LYS E 1217 76.37 33.71 53.55
CA LYS E 1217 75.59 34.86 53.95
C LYS E 1217 75.46 35.85 52.80
N GLU E 1218 76.58 36.13 52.13
CA GLU E 1218 76.62 36.95 50.93
C GLU E 1218 76.57 36.05 49.71
N THR E 1219 76.22 36.64 48.58
CA THR E 1219 76.09 35.89 47.35
C THR E 1219 77.46 35.72 46.71
N GLN E 1220 77.64 34.60 46.05
CA GLN E 1220 78.66 34.45 45.03
C GLN E 1220 80.07 34.74 45.52
N PRO E 1221 80.55 34.07 46.58
CA PRO E 1221 81.99 34.06 46.79
C PRO E 1221 82.72 33.54 45.56
N ASN E 1222 82.26 32.44 44.99
CA ASN E 1222 82.79 31.91 43.75
C ASN E 1222 81.64 31.62 42.80
N SER E 1223 81.90 31.76 41.52
CA SER E 1223 80.86 31.60 40.53
C SER E 1223 81.48 31.20 39.20
N PHE E 1224 80.89 30.21 38.57
CA PHE E 1224 81.30 29.76 37.25
C PHE E 1224 80.18 30.06 36.28
N GLY E 1225 80.54 30.54 35.10
CA GLY E 1225 79.58 30.93 34.10
C GLY E 1225 79.59 30.01 32.91
N LEU E 1226 78.77 30.36 31.93
CA LEU E 1226 78.57 29.57 30.73
C LEU E 1226 77.71 30.37 29.79
N HIS E 1227 78.06 30.36 28.51
CA HIS E 1227 77.23 30.98 27.50
C HIS E 1227 76.74 29.90 26.56
N ILE E 1228 75.53 30.08 26.04
CA ILE E 1228 74.92 29.08 25.19
C ILE E 1228 74.34 29.74 23.96
N GLN E 1229 74.87 29.41 22.80
CA GLN E 1229 74.36 29.93 21.55
C GLN E 1229 73.09 29.19 21.18
N PRO E 1230 72.25 29.76 20.33
CA PRO E 1230 71.00 29.08 19.97
C PRO E 1230 71.20 27.71 19.35
N ASP E 1231 72.38 27.42 18.81
CA ASP E 1231 72.69 26.06 18.42
C ASP E 1231 72.97 25.18 19.62
N MET E 1232 72.77 25.70 20.83
CA MET E 1232 72.98 24.97 22.07
C MET E 1232 74.39 24.39 22.13
N SER E 1233 75.37 25.28 22.06
CA SER E 1233 76.78 24.92 22.18
C SER E 1233 77.43 25.70 23.32
N CYS E 1234 78.05 24.95 24.23
CA CYS E 1234 78.75 25.52 25.36
C CYS E 1234 79.81 26.52 24.89
N LYS E 1235 79.94 27.61 25.64
CA LYS E 1235 81.03 28.57 25.43
C LYS E 1235 81.32 29.20 26.78
N LYS E 1236 82.33 28.70 27.46
CA LYS E 1236 82.59 29.09 28.84
C LYS E 1236 82.83 30.58 28.93
N GLU E 1237 82.01 31.27 29.70
CA GLU E 1237 82.26 32.66 30.03
C GLU E 1237 83.42 32.71 31.03
N PRO E 1238 84.56 33.29 30.66
CA PRO E 1238 85.74 33.18 31.53
C PRO E 1238 85.68 34.08 32.74
N ASN E 1239 85.04 35.24 32.63
CA ASN E 1239 85.00 36.21 33.71
C ASN E 1239 83.54 36.55 33.97
N ILE E 1240 82.87 35.72 34.76
CA ILE E 1240 81.47 35.96 35.08
C ILE E 1240 81.29 36.57 36.45
N ALA E 1241 82.22 36.35 37.38
CA ALA E 1241 82.14 37.05 38.66
C ALA E 1241 82.02 38.56 38.44
N GLY E 1242 82.45 39.05 37.28
CA GLY E 1242 82.20 40.43 36.91
C GLY E 1242 80.83 40.70 36.37
N ILE E 1243 80.20 39.71 35.75
CA ILE E 1243 78.84 39.89 35.25
C ILE E 1243 77.83 39.67 36.36
N LEU E 1244 78.03 38.64 37.17
CA LEU E 1244 77.20 38.47 38.35
C LEU E 1244 77.35 39.63 39.31
N ALA E 1245 78.43 40.38 39.21
CA ALA E 1245 78.61 41.53 40.09
C ALA E 1245 77.56 42.61 39.86
N THR E 1246 77.13 42.80 38.62
CA THR E 1246 76.13 43.81 38.33
C THR E 1246 74.73 43.39 38.71
N VAL E 1247 74.42 42.11 38.60
CA VAL E 1247 73.09 41.61 38.90
C VAL E 1247 73.02 40.87 40.22
N THR E 1248 73.85 41.23 41.19
CA THR E 1248 73.82 40.54 42.47
C THR E 1248 72.53 40.77 43.23
N HIS E 1249 71.69 41.69 42.80
CA HIS E 1249 70.41 41.84 43.47
C HIS E 1249 69.42 40.76 43.10
N GLN E 1250 69.68 40.03 42.01
CA GLN E 1250 68.81 38.96 41.57
C GLN E 1250 69.28 37.60 42.00
N LEU E 1251 70.37 37.52 42.74
CA LEU E 1251 70.96 36.24 43.06
C LEU E 1251 70.49 35.76 44.43
N ASP E 1252 70.40 34.45 44.58
CA ASP E 1252 69.95 33.89 45.84
C ASP E 1252 70.98 34.17 46.94
N THR E 1253 70.50 34.12 48.16
CA THR E 1253 71.36 34.09 49.33
C THR E 1253 70.96 32.89 50.16
N GLU E 1254 71.56 32.75 51.34
CA GLU E 1254 71.22 31.60 52.16
C GLU E 1254 69.78 31.62 52.63
N THR E 1255 69.11 32.77 52.54
CA THR E 1255 67.78 32.92 53.13
C THR E 1255 66.74 33.49 52.19
N THR E 1256 67.12 34.01 51.03
CA THR E 1256 66.15 34.58 50.13
C THR E 1256 66.21 33.88 48.78
N VAL E 1257 65.12 34.01 48.03
CA VAL E 1257 65.01 33.47 46.68
C VAL E 1257 64.48 34.59 45.80
N ARG E 1258 65.24 34.93 44.77
CA ARG E 1258 64.92 36.09 43.94
C ARG E 1258 64.80 35.64 42.50
N VAL E 1259 63.83 36.20 41.78
CA VAL E 1259 63.66 35.81 40.39
C VAL E 1259 64.58 36.67 39.54
N ASN E 1260 65.06 36.11 38.45
CA ASN E 1260 65.96 36.82 37.57
C ASN E 1260 65.18 37.54 36.49
N THR E 1261 65.76 38.62 36.00
CA THR E 1261 65.21 39.33 34.86
C THR E 1261 66.23 39.23 33.74
N LEU E 1262 65.82 39.59 32.53
CA LEU E 1262 66.78 39.48 31.45
C LEU E 1262 67.91 40.47 31.64
N LEU E 1263 69.00 40.24 30.93
CA LEU E 1263 70.17 41.07 31.09
C LEU E 1263 69.96 42.42 30.43
N ASN E 1264 70.33 43.47 31.14
CA ASN E 1264 70.26 44.81 30.59
C ASN E 1264 71.19 44.95 29.40
N ARG E 1265 70.80 45.78 28.46
CA ARG E 1265 71.73 46.27 27.47
C ARG E 1265 72.77 47.12 28.16
N ILE E 1266 74.01 47.09 27.67
CA ILE E 1266 75.03 47.95 28.25
C ILE E 1266 74.78 49.41 27.89
N SER E 1267 74.12 49.66 26.76
CA SER E 1267 73.94 51.01 26.26
C SER E 1267 72.54 51.16 25.69
N SER E 1268 71.74 52.05 26.28
CA SER E 1268 70.37 52.27 25.88
C SER E 1268 70.32 53.32 24.78
N PHE E 1269 69.66 53.00 23.67
CA PHE E 1269 69.59 53.90 22.54
C PHE E 1269 68.35 54.78 22.66
N GLU E 1270 68.49 56.01 22.18
CA GLU E 1270 67.38 56.94 22.14
C GLU E 1270 67.40 57.68 20.83
N PHE E 1271 66.22 57.94 20.28
CA PHE E 1271 66.09 58.53 18.95
C PHE E 1271 65.18 59.74 19.02
N THR E 1272 65.75 60.93 18.97
CA THR E 1272 64.96 62.14 18.84
C THR E 1272 64.18 62.09 17.55
N LEU E 1273 62.88 62.37 17.63
CA LEU E 1273 61.98 62.09 16.52
C LEU E 1273 62.29 62.90 15.27
N GLU E 1274 62.99 64.02 15.39
CA GLU E 1274 63.23 64.85 14.24
C GLU E 1274 64.15 66.00 14.62
N LYS E 1275 64.86 66.53 13.63
CA LYS E 1275 65.46 67.85 13.75
C LYS E 1275 64.83 68.80 12.73
N GLN E 1276 64.77 68.41 11.46
CA GLN E 1276 64.07 69.17 10.43
C GLN E 1276 63.46 68.17 9.47
N GLU E 1277 62.38 68.54 8.79
CA GLU E 1277 61.72 67.59 7.91
C GLU E 1277 61.64 68.03 6.45
N GLY E 1278 62.07 69.25 6.13
CA GLY E 1278 62.06 69.67 4.75
C GLY E 1278 60.68 69.86 4.14
N ASN E 1279 60.42 69.22 3.01
CA ASN E 1279 59.14 69.33 2.31
C ASN E 1279 58.03 68.73 3.16
N LYS E 1280 57.12 69.59 3.62
CA LYS E 1280 56.06 69.19 4.55
C LYS E 1280 54.85 68.70 3.77
N GLU E 1281 55.09 67.82 2.83
CA GLU E 1281 54.00 67.14 2.15
C GLU E 1281 54.09 65.64 2.31
N ILE E 1282 55.31 65.10 2.25
CA ILE E 1282 55.58 63.69 2.54
C ILE E 1282 56.12 63.60 3.95
N ASP E 1283 55.42 62.84 4.81
CA ASP E 1283 55.77 62.80 6.22
C ASP E 1283 57.20 62.31 6.42
N LEU E 1284 57.63 61.32 5.63
CA LEU E 1284 59.01 60.86 5.56
C LEU E 1284 59.60 60.59 6.94
N VAL E 1285 58.96 59.67 7.66
CA VAL E 1285 59.40 59.25 8.98
C VAL E 1285 60.04 57.90 8.85
N ILE E 1286 61.09 57.67 9.63
CA ILE E 1286 61.80 56.40 9.63
C ILE E 1286 61.43 55.65 10.92
N SER E 1287 61.82 54.39 11.00
CA SER E 1287 61.68 53.65 12.25
C SER E 1287 62.82 52.65 12.35
N HIS E 1288 63.59 52.75 13.41
CA HIS E 1288 64.74 51.89 13.65
C HIS E 1288 64.22 50.56 14.19
N GLY E 1289 64.14 49.55 13.34
CA GLY E 1289 63.63 48.28 13.79
C GLY E 1289 64.45 47.68 14.92
N ASP E 1290 65.64 47.19 14.60
CA ASP E 1290 66.56 46.65 15.59
C ASP E 1290 67.76 47.57 15.70
N TYR E 1291 68.40 47.55 16.86
CA TYR E 1291 69.63 48.32 17.01
C TYR E 1291 70.47 47.71 18.11
N THR E 1292 71.78 47.64 17.91
CA THR E 1292 72.71 47.15 18.89
C THR E 1292 74.11 47.56 18.46
N VAL E 1293 75.10 47.21 19.26
CA VAL E 1293 76.48 47.46 18.91
C VAL E 1293 77.24 46.14 19.05
N LYS E 1294 78.01 45.81 18.04
CA LYS E 1294 78.83 44.61 18.05
C LYS E 1294 80.08 44.90 18.87
N THR E 1295 81.13 44.09 18.70
CA THR E 1295 82.38 44.35 19.40
C THR E 1295 82.95 45.73 19.07
N GLU E 1296 82.79 46.20 17.82
CA GLU E 1296 83.41 47.43 17.38
C GLU E 1296 82.53 48.32 16.52
N ASN E 1297 81.32 47.90 16.17
CA ASN E 1297 80.50 48.68 15.24
C ASN E 1297 79.03 48.54 15.61
N SER E 1298 78.26 49.58 15.27
CA SER E 1298 76.85 49.66 15.60
C SER E 1298 76.06 49.28 14.37
N ILE E 1299 75.24 48.25 14.48
CA ILE E 1299 74.38 47.83 13.40
C ILE E 1299 72.97 48.35 13.69
N SER E 1300 72.18 48.46 12.63
CA SER E 1300 70.84 48.99 12.75
C SER E 1300 70.01 48.47 11.59
N ALA E 1301 68.69 48.55 11.76
CA ALA E 1301 67.75 48.13 10.73
C ALA E 1301 66.74 49.25 10.58
N LEU E 1302 66.55 49.72 9.34
CA LEU E 1302 65.79 50.92 9.10
C LEU E 1302 64.68 50.67 8.09
N ILE E 1303 63.53 51.32 8.31
CA ILE E 1303 62.41 51.29 7.39
C ILE E 1303 61.87 52.71 7.23
N LEU E 1304 61.56 53.06 5.98
CA LEU E 1304 61.21 54.43 5.63
C LEU E 1304 59.83 54.47 5.01
N ASN E 1305 58.99 55.39 5.49
CA ASN E 1305 57.59 55.43 5.10
C ASN E 1305 57.19 56.82 4.61
N PRO E 1306 56.94 57.00 3.32
CA PRO E 1306 56.42 58.28 2.82
C PRO E 1306 54.89 58.27 2.76
N THR E 1307 54.34 59.43 2.37
CA THR E 1307 52.89 59.54 2.20
C THR E 1307 52.43 59.02 0.84
N ALA E 1308 52.79 59.72 -0.25
CA ALA E 1308 52.45 59.33 -1.62
C ALA E 1308 50.94 59.20 -1.80
N TYR E 1309 50.26 60.34 -1.70
CA TYR E 1309 48.81 60.41 -1.81
C TYR E 1309 48.42 61.28 -2.99
N ILE E 1310 47.12 61.59 -3.08
CA ILE E 1310 46.52 62.29 -4.21
C ILE E 1310 47.06 63.72 -4.27
N ASN E 1311 46.73 64.43 -5.34
CA ASN E 1311 46.99 65.84 -5.58
C ASN E 1311 48.44 66.11 -5.99
N ILE E 1312 49.12 65.10 -6.53
CA ILE E 1312 50.38 65.34 -7.22
C ILE E 1312 50.05 66.02 -8.53
N THR E 1313 50.25 67.35 -8.60
CA THR E 1313 49.97 68.34 -9.63
C THR E 1313 51.10 68.38 -10.65
N PRO E 1314 50.79 68.43 -11.97
CA PRO E 1314 49.44 68.49 -12.53
C PRO E 1314 48.74 67.13 -12.56
N TYR E 1315 47.61 67.07 -13.24
CA TYR E 1315 46.82 65.86 -13.35
C TYR E 1315 46.81 65.39 -14.78
N LYS E 1316 46.57 64.09 -14.95
CA LYS E 1316 46.24 63.54 -16.25
C LYS E 1316 44.81 63.02 -16.31
N LEU E 1317 44.37 62.12 -15.43
CA LEU E 1317 45.17 61.40 -14.42
C LEU E 1317 45.16 59.91 -14.75
N PHE E 1318 45.12 59.62 -16.05
CA PHE E 1318 44.65 58.32 -16.53
C PHE E 1318 45.48 57.18 -15.95
N SER E 1319 46.76 57.12 -16.32
CA SER E 1319 47.55 55.94 -16.08
C SER E 1319 48.85 56.29 -15.37
N ASP E 1320 49.27 55.38 -14.50
CA ASP E 1320 50.56 55.43 -13.85
C ASP E 1320 51.37 54.24 -14.32
N ILE E 1321 52.48 54.52 -14.98
CA ILE E 1321 53.44 53.48 -15.38
C ILE E 1321 54.49 53.40 -14.29
N PRO E 1322 54.61 52.27 -13.59
CA PRO E 1322 55.59 52.11 -12.52
C PRO E 1322 56.83 51.38 -13.00
N ILE E 1447 54.52 70.03 -18.25
CA ILE E 1447 55.79 69.68 -17.65
C ILE E 1447 55.56 69.22 -16.21
N ALA E 1448 56.15 68.09 -15.83
CA ALA E 1448 55.85 67.49 -14.54
C ALA E 1448 57.05 66.67 -14.06
N GLN E 1449 56.80 65.82 -13.08
CA GLN E 1449 57.82 65.08 -12.35
C GLN E 1449 57.99 63.67 -12.92
N VAL E 1450 58.64 62.80 -12.15
CA VAL E 1450 58.92 61.42 -12.55
C VAL E 1450 57.71 60.55 -12.20
N LYS E 1451 56.94 60.19 -13.22
CA LYS E 1451 55.90 59.18 -13.06
C LYS E 1451 56.45 57.78 -13.29
N THR E 1452 57.68 57.67 -13.79
CA THR E 1452 58.34 56.41 -14.09
C THR E 1452 59.22 55.94 -12.92
N ILE E 1453 60.13 55.00 -13.21
CA ILE E 1453 60.98 54.29 -12.27
C ILE E 1453 61.51 55.16 -11.13
N SER E 1454 61.55 54.60 -9.92
CA SER E 1454 61.99 55.28 -8.71
C SER E 1454 63.26 54.65 -8.14
N SER E 1455 64.25 54.43 -9.00
CA SER E 1455 65.48 53.73 -8.61
C SER E 1455 66.37 54.60 -7.72
N ASP E 1456 66.91 53.99 -6.67
CA ASP E 1456 67.90 54.61 -5.80
C ASP E 1456 67.40 55.95 -5.25
N ASP E 1457 66.09 56.08 -5.08
CA ASP E 1457 65.52 57.37 -4.73
C ASP E 1457 65.69 57.69 -3.25
N ILE E 1458 65.78 56.67 -2.41
CA ILE E 1458 65.88 56.89 -0.98
C ILE E 1458 67.28 56.49 -0.53
N SER E 1459 67.74 57.08 0.57
CA SER E 1459 69.12 56.87 0.98
C SER E 1459 69.29 57.36 2.40
N MET E 1460 70.01 56.59 3.21
CA MET E 1460 70.36 57.00 4.56
C MET E 1460 71.81 57.45 4.57
N GLU E 1461 72.09 58.52 5.32
CA GLU E 1461 73.44 59.06 5.42
C GLU E 1461 73.72 59.32 6.90
N ILE E 1462 74.23 58.31 7.59
CA ILE E 1462 74.57 58.47 8.99
C ILE E 1462 75.78 59.38 9.13
N GLU E 1463 75.72 60.31 10.07
CA GLU E 1463 76.83 61.22 10.34
C GLU E 1463 77.53 60.76 11.61
N LEU E 1464 78.78 60.33 11.46
CA LEU E 1464 79.55 59.86 12.61
C LEU E 1464 80.13 61.05 13.34
N ASN E 1465 81.01 60.81 14.31
CA ASN E 1465 81.54 61.91 15.11
C ASN E 1465 82.13 63.01 14.23
N SER E 1466 82.88 62.65 13.20
CA SER E 1466 83.43 63.64 12.28
C SER E 1466 83.15 63.25 10.84
N THR E 1467 82.98 61.96 10.61
CA THR E 1467 82.82 61.41 9.26
C THR E 1467 81.35 61.14 8.99
N LYS E 1468 81.09 60.55 7.82
CA LYS E 1468 79.73 60.19 7.45
C LYS E 1468 79.81 59.09 6.43
N PHE E 1469 78.77 58.28 6.38
CA PHE E 1469 78.77 57.13 5.49
C PHE E 1469 77.39 56.98 4.88
N GLU E 1470 77.35 57.12 3.56
CA GLU E 1470 76.12 57.37 2.80
C GLU E 1470 75.77 56.14 1.99
N THR E 1471 74.70 55.47 2.38
CA THR E 1471 74.22 54.30 1.67
C THR E 1471 72.89 54.59 1.01
N ILE E 1472 72.73 54.12 -0.22
CA ILE E 1472 71.51 54.39 -0.97
C ILE E 1472 70.83 53.06 -1.21
N THR E 1473 69.51 53.10 -1.37
CA THR E 1473 68.77 51.85 -1.48
C THR E 1473 69.05 51.13 -2.78
N GLY E 1474 69.47 51.83 -3.83
CA GLY E 1474 69.89 51.16 -5.04
C GLY E 1474 71.04 50.21 -4.80
N SER E 1475 71.71 50.37 -3.66
CA SER E 1475 72.75 49.47 -3.20
C SER E 1475 72.24 48.41 -2.23
N ASP E 1476 70.94 48.41 -1.91
CA ASP E 1476 70.39 47.40 -1.02
C ASP E 1476 69.32 46.55 -1.70
N VAL E 1477 68.25 47.16 -2.22
CA VAL E 1477 67.02 46.44 -2.53
C VAL E 1477 66.80 46.43 -4.04
N GLY E 1478 66.34 45.30 -4.55
CA GLY E 1478 65.76 45.22 -5.87
C GLY E 1478 64.27 45.40 -5.87
N LEU E 1479 63.68 45.38 -4.68
CA LEU E 1479 62.26 45.61 -4.53
C LEU E 1479 62.00 47.10 -4.45
N ARG E 1480 61.08 47.58 -5.28
CA ARG E 1480 60.75 49.00 -5.36
C ARG E 1480 59.26 49.15 -5.09
N PRO E 1481 58.86 49.94 -4.11
CA PRO E 1481 57.44 50.20 -3.90
C PRO E 1481 56.91 51.13 -4.97
N PRO E 1482 55.98 50.67 -5.80
CA PRO E 1482 55.49 51.50 -6.90
C PRO E 1482 54.55 52.60 -6.44
N LEU E 1483 54.56 53.71 -7.17
CA LEU E 1483 53.64 54.79 -6.88
C LEU E 1483 52.20 54.33 -7.08
N TYR E 1484 51.97 53.44 -8.04
CA TYR E 1484 50.77 52.64 -8.10
C TYR E 1484 50.79 51.72 -6.89
N PRO E 1485 49.69 51.58 -6.13
CA PRO E 1485 48.26 51.90 -6.28
C PRO E 1485 47.91 53.38 -6.20
N THR E 1486 47.88 54.06 -7.35
CA THR E 1486 47.63 55.50 -7.44
C THR E 1486 46.50 55.99 -6.54
N VAL E 1487 45.56 55.09 -6.19
CA VAL E 1487 44.51 55.44 -5.23
C VAL E 1487 45.14 56.08 -4.00
N SER E 1488 44.46 57.09 -3.45
CA SER E 1488 45.12 58.05 -2.57
C SER E 1488 45.55 57.43 -1.25
N ARG E 1489 46.45 58.16 -0.57
CA ARG E 1489 46.82 57.97 0.83
C ARG E 1489 47.44 56.60 1.08
N GLU E 1490 47.77 55.86 0.03
CA GLU E 1490 48.61 54.67 0.18
C GLU E 1490 50.05 55.08 0.45
N THR E 1491 50.59 54.62 1.58
CA THR E 1491 51.98 54.85 1.93
C THR E 1491 52.84 53.65 1.55
N LEU E 1492 54.12 53.89 1.41
CA LEU E 1492 55.06 52.87 0.97
C LEU E 1492 56.09 52.60 2.05
N ALA E 1493 56.86 51.54 1.85
CA ALA E 1493 57.88 51.14 2.81
C ALA E 1493 59.17 50.84 2.07
N PHE E 1494 60.27 51.32 2.64
CA PHE E 1494 61.61 51.08 2.10
C PHE E 1494 62.40 50.38 3.18
N PRO E 1495 62.48 49.05 3.13
CA PRO E 1495 63.25 48.33 4.15
C PRO E 1495 64.73 48.25 3.82
N PHE E 1496 65.55 48.46 4.84
CA PHE E 1496 67.00 48.40 4.75
C PHE E 1496 67.48 47.18 5.50
N GLY E 1497 68.44 46.45 4.92
CA GLY E 1497 68.86 45.20 5.52
C GLY E 1497 70.07 45.23 6.42
N LYS E 1498 69.84 45.34 7.73
CA LYS E 1498 70.87 45.14 8.75
C LYS E 1498 72.11 45.99 8.45
N LEU E 1499 71.93 47.30 8.49
CA LEU E 1499 72.98 48.24 8.12
C LEU E 1499 74.09 48.19 9.16
N SER E 1500 75.08 47.33 8.94
CA SER E 1500 76.24 47.27 9.82
C SER E 1500 77.08 48.50 9.56
N ILE E 1501 76.76 49.58 10.26
CA ILE E 1501 77.34 50.89 10.00
C ILE E 1501 78.70 50.93 10.68
N THR E 1502 79.74 51.00 9.85
CA THR E 1502 81.12 51.01 10.30
C THR E 1502 81.73 52.37 10.00
N ILE E 1503 82.54 52.88 10.93
CA ILE E 1503 82.77 52.23 12.20
C ILE E 1503 83.01 53.33 13.25
N PRO E 1504 82.46 53.14 14.43
CA PRO E 1504 82.87 54.01 15.54
C PRO E 1504 84.30 53.72 15.94
N ALA E 1505 85.21 54.64 15.65
CA ALA E 1505 86.62 54.50 15.99
C ALA E 1505 87.06 55.77 16.70
N GLY E 1506 88.12 55.67 17.51
CA GLY E 1506 88.64 56.82 18.20
C GLY E 1506 87.67 57.48 19.15
N ALA E 1507 86.51 56.86 19.37
CA ALA E 1507 85.50 57.36 20.27
C ALA E 1507 85.51 56.53 21.54
N ASP E 1508 85.23 57.17 22.67
CA ASP E 1508 85.12 56.48 23.95
C ASP E 1508 83.84 55.65 23.95
N ILE E 1509 84.00 54.33 24.04
CA ILE E 1509 82.89 53.40 23.97
C ILE E 1509 82.66 52.83 25.36
N ASN E 1510 81.59 53.27 26.02
CA ASN E 1510 80.69 54.28 25.48
C ASN E 1510 80.54 55.41 26.48
N ASN E 1511 81.41 56.41 26.38
CA ASN E 1511 81.39 57.54 27.31
C ASN E 1511 80.88 58.82 26.67
N LEU E 1512 81.38 59.15 25.47
CA LEU E 1512 80.92 60.29 24.69
C LEU E 1512 80.51 59.80 23.31
N ASP E 1513 79.67 58.75 23.31
CA ASP E 1513 79.27 58.01 22.13
C ASP E 1513 78.02 58.58 21.46
N CYS E 1514 77.56 59.75 21.86
CA CYS E 1514 76.39 60.37 21.26
C CYS E 1514 76.79 60.90 19.89
N THR E 1515 76.61 60.08 18.86
CA THR E 1515 76.84 60.51 17.49
C THR E 1515 75.93 61.70 17.23
N ILE E 1516 76.39 62.62 16.38
CA ILE E 1516 75.63 63.85 16.16
C ILE E 1516 74.21 63.53 15.70
N LYS E 1517 74.08 62.84 14.57
CA LYS E 1517 72.76 62.53 14.05
C LYS E 1517 72.83 61.46 12.97
N VAL E 1518 71.65 60.96 12.62
CA VAL E 1518 71.43 60.03 11.53
C VAL E 1518 70.41 60.66 10.59
N ARG E 1519 70.83 60.95 9.37
CA ARG E 1519 70.04 61.74 8.44
C ARG E 1519 69.83 60.96 7.15
N PHE E 1520 68.61 60.98 6.64
CA PHE E 1520 68.33 60.35 5.35
C PHE E 1520 67.53 61.28 4.46
N LYS E 1521 67.48 60.93 3.17
CA LYS E 1521 66.99 61.86 2.15
C LYS E 1521 66.25 61.05 1.09
N ASN E 1522 64.93 61.19 1.01
CA ASN E 1522 64.21 60.71 -0.17
C ASN E 1522 64.46 61.70 -1.29
N THR E 1523 65.62 61.62 -1.93
CA THR E 1523 65.98 62.58 -2.95
C THR E 1523 65.22 62.17 -4.21
N ASP E 1524 64.30 63.03 -4.62
CA ASP E 1524 63.53 62.88 -5.84
C ASP E 1524 62.91 64.24 -6.11
N VAL E 1525 62.43 64.44 -7.33
CA VAL E 1525 61.81 65.70 -7.67
C VAL E 1525 60.56 65.87 -6.81
N LEU E 1526 60.49 66.99 -6.09
CA LEU E 1526 59.47 67.21 -5.05
C LEU E 1526 59.52 66.12 -3.99
N ALA E 1527 60.63 66.09 -3.26
CA ALA E 1527 60.83 65.13 -2.19
C ALA E 1527 61.91 65.66 -1.26
N ALA E 1528 61.99 65.09 -0.06
CA ALA E 1528 62.64 65.80 1.04
C ALA E 1528 63.53 64.86 1.85
N THR E 1529 63.93 65.37 3.01
CA THR E 1529 64.82 64.70 3.95
C THR E 1529 64.31 64.92 5.37
N THR E 1530 64.68 64.01 6.25
CA THR E 1530 64.51 64.17 7.69
C THR E 1530 65.73 63.58 8.37
N THR E 1531 65.94 63.98 9.62
CA THR E 1531 67.12 63.53 10.35
C THR E 1531 66.77 63.21 11.80
N TYR E 1532 67.50 62.24 12.34
CA TYR E 1532 67.30 61.76 13.71
C TYR E 1532 68.64 61.75 14.41
N LYS E 1533 68.60 61.90 15.73
CA LYS E 1533 69.81 61.96 16.54
C LYS E 1533 69.94 60.69 17.37
N LEU E 1534 71.12 60.09 17.34
CA LEU E 1534 71.38 58.87 18.10
C LEU E 1534 72.02 59.22 19.45
N VAL E 1535 71.36 58.80 20.53
CA VAL E 1535 71.64 59.33 21.85
C VAL E 1535 72.04 58.18 22.78
N ILE E 1536 72.75 57.20 22.22
CA ILE E 1536 73.23 56.07 23.01
C ILE E 1536 73.87 56.54 24.31
N LYS E 1537 73.54 55.87 25.41
CA LYS E 1537 74.06 56.28 26.70
C LYS E 1537 73.99 55.10 27.66
N LYS E 1538 75.12 54.81 28.30
CA LYS E 1538 75.18 53.68 29.21
C LYS E 1538 74.41 53.96 30.49
N THR E 1539 73.51 53.05 30.84
CA THR E 1539 72.60 53.21 31.96
C THR E 1539 72.74 52.02 32.90
N ASP E 1540 72.11 52.14 34.07
CA ASP E 1540 72.15 51.04 35.03
C ASP E 1540 71.01 51.11 36.05
N PRO E 1541 69.84 50.60 35.70
CA PRO E 1541 68.75 50.50 36.69
C PRO E 1541 69.07 49.49 37.78
N VAL E 1542 69.30 49.96 38.99
CA VAL E 1542 69.91 49.15 40.04
C VAL E 1542 68.85 48.69 41.03
N GLN E 1543 69.00 47.45 41.50
CA GLN E 1543 68.32 46.93 42.68
C GLN E 1543 66.80 47.09 42.57
N LYS E 1544 66.27 46.67 41.42
CA LYS E 1544 64.83 46.47 41.24
C LYS E 1544 64.58 44.99 41.48
N VAL E 1545 64.57 44.61 42.74
CA VAL E 1545 64.60 43.19 43.10
C VAL E 1545 63.19 42.67 43.28
N ILE E 1546 62.96 41.44 42.82
CA ILE E 1546 61.69 40.76 42.91
C ILE E 1546 61.93 39.37 43.44
N SER E 1547 61.38 39.07 44.61
CA SER E 1547 61.81 37.91 45.36
C SER E 1547 60.61 37.07 45.75
N LEU E 1548 60.87 35.82 46.11
CA LEU E 1548 59.84 34.89 46.51
C LEU E 1548 60.03 34.52 47.97
N TYR E 1549 58.95 34.43 48.71
CA TYR E 1549 59.02 34.11 50.13
C TYR E 1549 58.04 33.02 50.46
N THR E 1550 58.19 32.45 51.64
CA THR E 1550 57.27 31.45 52.17
C THR E 1550 57.14 31.66 53.65
N THR E 1551 55.97 32.08 54.10
CA THR E 1551 55.80 32.35 55.52
C THR E 1551 55.94 31.06 56.30
N PRO E 1552 56.30 31.13 57.57
CA PRO E 1552 56.45 29.90 58.36
C PRO E 1552 55.19 29.07 58.45
N ASP E 1553 54.03 29.66 58.22
CA ASP E 1553 52.77 28.94 58.29
C ASP E 1553 52.24 28.55 56.93
N GLY E 1554 53.06 28.63 55.88
CA GLY E 1554 52.70 28.00 54.63
C GLY E 1554 52.54 28.92 53.43
N ALA E 1555 52.14 30.16 53.67
CA ALA E 1555 51.85 31.04 52.55
C ALA E 1555 53.10 31.40 51.79
N GLN E 1556 53.01 31.38 50.48
CA GLN E 1556 54.04 31.93 49.62
C GLN E 1556 53.57 33.24 49.05
N TYR E 1557 54.51 34.06 48.61
CA TYR E 1557 54.16 35.28 47.94
C TYR E 1557 55.36 35.79 47.18
N MET E 1558 55.11 36.34 46.01
CA MET E 1558 56.13 37.05 45.26
C MET E 1558 56.11 38.50 45.72
N GLU E 1559 57.22 38.98 46.24
CA GLU E 1559 57.30 40.34 46.75
C GLU E 1559 58.09 41.16 45.77
N TRP E 1560 57.42 42.02 45.04
CA TRP E 1560 58.09 42.88 44.09
C TRP E 1560 57.89 44.31 44.54
N ASP E 1561 58.31 45.28 43.73
CA ASP E 1561 58.87 46.54 44.23
C ASP E 1561 58.31 46.98 45.57
N GLY E 1562 57.00 47.11 45.68
CA GLY E 1562 56.45 47.56 46.94
C GLY E 1562 55.18 46.83 47.30
N TYR E 1563 54.90 45.75 46.60
CA TYR E 1563 53.68 44.99 46.81
C TYR E 1563 54.03 43.54 47.09
N ARG E 1564 53.01 42.76 47.42
CA ARG E 1564 53.13 41.33 47.58
C ARG E 1564 51.98 40.65 46.89
N THR E 1565 52.29 39.61 46.12
CA THR E 1565 51.28 38.84 45.43
C THR E 1565 51.34 37.42 45.95
N ARG E 1566 50.24 36.95 46.51
CA ARG E 1566 50.20 35.60 47.03
C ARG E 1566 50.23 34.60 45.88
N LEU E 1567 51.15 33.65 45.95
CA LEU E 1567 51.33 32.71 44.85
C LEU E 1567 50.49 31.45 45.04
N ASN E 1568 50.58 30.82 46.19
CA ASN E 1568 49.89 29.56 46.41
C ASN E 1568 48.65 29.79 47.26
N THR E 1569 48.01 28.71 47.70
CA THR E 1569 46.89 28.79 48.62
C THR E 1569 46.93 27.61 49.58
N LEU E 1570 46.55 27.87 50.83
CA LEU E 1570 46.43 26.82 51.83
C LEU E 1570 45.03 26.26 51.91
N PHE E 1571 44.28 26.31 50.82
CA PHE E 1571 42.91 25.82 50.87
C PHE E 1571 42.86 24.32 51.03
N THR E 1572 43.81 23.61 50.47
CA THR E 1572 43.72 22.16 50.48
C THR E 1572 44.09 21.56 51.81
N ARG E 1573 44.80 22.28 52.65
CA ARG E 1573 45.11 21.79 53.98
C ARG E 1573 43.90 21.84 54.90
N GLN E 1574 42.84 22.53 54.49
CA GLN E 1574 41.63 22.65 55.28
C GLN E 1574 40.44 22.00 54.59
N LEU E 1575 40.43 21.95 53.27
CA LEU E 1575 39.44 21.18 52.54
C LEU E 1575 39.45 19.72 52.93
N ILE E 1576 40.57 19.23 53.45
CA ILE E 1576 40.74 17.79 53.64
C ILE E 1576 39.79 17.27 54.69
N GLU E 1577 39.41 18.11 55.63
CA GLU E 1577 38.52 17.74 56.72
C GLU E 1577 37.06 17.90 56.33
N ARG E 1578 36.74 18.91 55.53
CA ARG E 1578 35.42 19.03 54.98
C ARG E 1578 35.10 17.87 54.06
N ALA E 1579 36.08 17.40 53.30
CA ALA E 1579 35.85 16.43 52.24
C ALA E 1579 35.36 15.09 52.74
N ASN E 1580 35.47 14.80 54.03
CA ASN E 1580 35.00 13.52 54.52
C ASN E 1580 33.50 13.54 54.73
N ASN E 1581 32.91 14.71 54.86
CA ASN E 1581 31.48 14.77 55.03
C ASN E 1581 30.75 14.69 53.69
N GLY E 1582 31.43 14.87 52.58
CA GLY E 1582 30.85 14.64 51.27
C GLY E 1582 30.85 15.90 50.43
N ILE E 1583 30.28 15.75 49.23
CA ILE E 1583 30.16 16.88 48.32
C ILE E 1583 29.35 18.00 48.94
N ASP E 1584 28.33 17.65 49.71
CA ASP E 1584 27.49 18.69 50.30
C ASP E 1584 28.26 19.58 51.24
N ALA E 1585 29.28 19.03 51.90
CA ALA E 1585 30.12 19.81 52.78
C ALA E 1585 31.28 20.47 52.06
N ILE E 1586 31.76 19.88 50.97
CA ILE E 1586 32.83 20.51 50.21
C ILE E 1586 32.33 21.76 49.52
N LEU E 1587 31.09 21.73 49.03
CA LEU E 1587 30.56 22.80 48.21
C LEU E 1587 29.73 23.80 48.97
N SER E 1588 29.68 23.71 50.28
CA SER E 1588 28.87 24.64 51.05
C SER E 1588 29.67 25.92 51.32
N PRO E 1589 28.99 27.06 51.46
CA PRO E 1589 29.70 28.35 51.54
C PRO E 1589 30.71 28.43 52.66
N GLU E 1590 30.55 27.64 53.72
CA GLU E 1590 31.55 27.64 54.76
C GLU E 1590 32.89 27.18 54.25
N THR E 1591 32.91 26.34 53.22
CA THR E 1591 34.16 25.99 52.60
C THR E 1591 34.75 27.16 51.85
N GLN E 1592 33.91 28.05 51.34
CA GLN E 1592 34.39 29.14 50.53
C GLN E 1592 34.83 30.33 51.35
N TYR E 1593 34.49 30.36 52.63
CA TYR E 1593 34.97 31.43 53.49
C TYR E 1593 36.23 31.05 54.25
N LEU E 1594 36.93 30.05 53.82
CA LEU E 1594 38.02 29.52 54.63
C LEU E 1594 39.16 30.53 54.70
N PRO E 1595 39.77 30.70 55.86
CA PRO E 1595 40.78 31.74 56.02
C PRO E 1595 42.09 31.40 55.35
N GLU E 1596 43.01 32.33 55.37
CA GLU E 1596 44.28 32.19 54.68
C GLU E 1596 45.33 33.07 55.35
N PRO E 1597 46.51 32.55 55.66
CA PRO E 1597 47.49 33.34 56.40
C PRO E 1597 47.86 34.59 55.63
N LYS E 1598 48.29 35.58 56.35
CA LYS E 1598 48.54 36.79 55.58
C LYS E 1598 49.92 36.75 54.95
N PRO E 1599 50.09 37.32 53.79
CA PRO E 1599 51.36 37.18 53.09
C PRO E 1599 52.47 37.97 53.75
N GLY E 1600 53.31 37.27 54.50
CA GLY E 1600 54.43 37.94 55.09
C GLY E 1600 54.04 38.80 56.27
N GLN E 1601 54.86 39.84 56.48
CA GLN E 1601 54.65 40.75 57.58
C GLN E 1601 53.97 42.02 57.10
N GLY E 1602 52.91 42.41 57.79
CA GLY E 1602 52.14 43.56 57.40
C GLY E 1602 50.81 43.51 58.09
N THR E 1603 49.99 44.52 57.81
CA THR E 1603 48.71 44.63 58.48
C THR E 1603 47.60 44.77 57.46
N TYR E 1604 46.46 44.20 57.78
CA TYR E 1604 45.23 44.52 57.07
C TYR E 1604 44.74 45.84 57.60
N VAL E 1605 44.16 46.65 56.73
CA VAL E 1605 43.63 47.95 57.12
C VAL E 1605 42.33 48.15 56.38
N THR E 1606 41.26 48.38 57.11
CA THR E 1606 39.95 48.63 56.52
C THR E 1606 39.65 50.12 56.62
N LEU E 1607 39.96 50.85 55.56
CA LEU E 1607 39.71 52.28 55.51
C LEU E 1607 38.26 52.50 55.14
N ILE E 1608 37.53 53.22 55.98
CA ILE E 1608 36.19 53.67 55.65
C ILE E 1608 36.28 55.15 55.27
N LEU E 1609 35.55 55.54 54.23
CA LEU E 1609 35.63 56.88 53.70
C LEU E 1609 34.23 57.49 53.60
N LYS E 1610 34.17 58.81 53.78
CA LYS E 1610 32.90 59.51 53.74
C LYS E 1610 32.40 59.62 52.30
N PRO E 1611 31.12 59.92 52.11
CA PRO E 1611 30.61 60.17 50.75
C PRO E 1611 31.28 61.37 50.11
N TYR E 1612 30.93 61.60 48.85
CA TYR E 1612 31.57 62.67 48.09
C TYR E 1612 31.10 64.03 48.58
N ASP E 1613 32.05 64.87 48.99
CA ASP E 1613 31.83 66.28 49.26
C ASP E 1613 32.69 67.10 48.31
N LYS E 1614 32.06 68.07 47.65
CA LYS E 1614 32.76 68.79 46.59
C LYS E 1614 33.92 69.61 47.13
N ASN E 1615 33.97 69.83 48.44
CA ASN E 1615 35.00 70.69 48.99
C ASN E 1615 36.26 69.90 49.31
N THR E 1616 36.11 68.78 50.00
CA THR E 1616 37.25 67.97 50.42
C THR E 1616 37.81 67.09 49.33
N HIS E 1617 37.01 66.73 48.32
CA HIS E 1617 37.43 65.82 47.28
C HIS E 1617 37.76 66.52 45.97
N GLY E 1618 37.60 67.83 45.89
CA GLY E 1618 37.71 68.42 44.58
C GLY E 1618 36.49 68.08 43.76
N THR E 1619 36.66 68.14 42.44
CA THR E 1619 35.56 67.92 41.52
C THR E 1619 35.40 66.46 41.11
N ASN E 1620 36.49 65.76 40.85
CA ASN E 1620 36.43 64.38 40.39
C ASN E 1620 36.10 63.45 41.55
N ARG E 1621 35.26 62.46 41.29
CA ARG E 1621 34.80 61.57 42.34
C ARG E 1621 35.72 60.38 42.58
N ALA E 1622 36.80 60.27 41.83
CA ALA E 1622 37.71 59.15 41.97
C ALA E 1622 38.75 59.43 43.04
N PHE E 1623 39.27 58.36 43.64
CA PHE E 1623 40.25 58.47 44.70
C PHE E 1623 41.17 57.26 44.64
N THR E 1624 42.43 57.50 44.97
CA THR E 1624 43.41 56.44 45.10
C THR E 1624 44.17 56.64 46.39
N ILE E 1625 44.36 55.57 47.15
CA ILE E 1625 44.98 55.70 48.46
C ILE E 1625 46.33 55.02 48.44
N TYR E 1626 47.35 55.69 48.94
CA TYR E 1626 48.71 55.20 48.88
C TYR E 1626 49.16 54.72 50.24
N TYR E 1627 50.39 54.21 50.28
CA TYR E 1627 51.05 53.95 51.54
C TYR E 1627 52.53 54.20 51.33
N SER E 1628 53.24 54.40 52.43
CA SER E 1628 54.68 54.57 52.36
C SER E 1628 55.27 54.14 53.70
N ASN E 1629 56.59 54.27 53.84
CA ASN E 1629 57.29 53.57 54.90
C ASN E 1629 57.45 54.32 56.24
N ASP E 1630 57.93 55.56 56.25
CA ASP E 1630 58.11 56.48 55.15
C ASP E 1630 59.21 57.46 55.45
N ALA E 1631 60.33 57.34 54.73
CA ALA E 1631 61.33 58.39 54.74
C ALA E 1631 60.91 59.46 53.74
N THR E 1632 60.03 60.38 54.19
CA THR E 1632 59.19 61.15 53.30
C THR E 1632 60.00 61.78 52.18
N GLY E 1633 59.65 61.39 50.95
CA GLY E 1633 60.56 61.50 49.82
C GLY E 1633 61.08 60.16 49.35
N SER E 1634 60.70 59.06 50.00
CA SER E 1634 61.12 57.73 49.62
C SER E 1634 60.15 57.04 48.68
N GLY E 1635 59.21 57.79 48.10
CA GLY E 1635 58.27 57.21 47.17
C GLY E 1635 57.19 56.42 47.89
N LYS E 1636 55.96 56.53 47.41
CA LYS E 1636 54.85 55.82 48.01
C LYS E 1636 54.17 55.01 46.94
N PHE E 1637 53.60 53.91 47.32
CA PHE E 1637 53.10 52.96 46.34
C PHE E 1637 51.58 53.01 46.32
N PRO E 1638 50.96 53.21 45.15
CA PRO E 1638 49.51 53.18 45.08
C PRO E 1638 48.98 51.80 45.42
N VAL E 1639 48.14 51.70 46.44
CA VAL E 1639 47.69 50.41 46.90
C VAL E 1639 46.21 50.17 46.61
N TYR E 1640 45.49 51.17 46.12
CA TYR E 1640 44.09 51.00 45.83
C TYR E 1640 43.61 52.21 45.06
N SER E 1641 42.77 51.96 44.07
CA SER E 1641 42.13 53.03 43.34
C SER E 1641 40.65 52.74 43.33
N GLY E 1642 39.83 53.77 43.24
CA GLY E 1642 38.40 53.52 43.21
C GLY E 1642 37.63 54.80 42.99
N SER E 1643 36.32 54.65 42.88
CA SER E 1643 35.42 55.77 42.73
C SER E 1643 34.67 55.96 44.03
N LEU E 1644 34.94 57.08 44.70
CA LEU E 1644 34.33 57.35 45.98
C LEU E 1644 32.84 57.58 45.80
N SER E 1645 32.06 57.09 46.75
CA SER E 1645 30.62 57.01 46.59
C SER E 1645 29.94 58.29 47.03
N VAL E 1646 28.68 58.40 46.63
CA VAL E 1646 27.85 59.52 47.04
C VAL E 1646 26.72 59.03 47.92
N THR E 1647 26.43 59.80 48.97
CA THR E 1647 25.40 59.45 49.94
C THR E 1647 25.64 58.07 50.53
N ASP E 1648 26.90 57.71 50.75
CA ASP E 1648 27.22 56.43 51.35
C ASP E 1648 28.68 56.38 51.73
N ASN E 1649 28.99 55.74 52.85
CA ASN E 1649 30.38 55.44 53.17
C ASN E 1649 30.90 54.35 52.25
N THR E 1650 32.11 54.54 51.75
CA THR E 1650 32.80 53.50 51.01
C THR E 1650 33.88 52.94 51.91
N GLU E 1651 34.02 51.62 51.88
CA GLU E 1651 34.92 50.90 52.78
C GLU E 1651 35.91 50.13 51.93
N VAL E 1652 37.17 50.52 51.98
CA VAL E 1652 38.23 49.89 51.22
C VAL E 1652 39.16 49.17 52.18
N LYS E 1653 39.34 47.87 51.97
CA LYS E 1653 40.20 47.05 52.81
C LYS E 1653 41.45 46.65 52.05
N LEU E 1654 42.58 46.69 52.74
CA LEU E 1654 43.87 46.46 52.09
C LEU E 1654 44.71 45.53 52.94
N PHE E 1655 45.88 45.21 52.41
CA PHE E 1655 46.95 44.60 53.17
C PHE E 1655 48.19 45.42 52.86
N ILE E 1656 48.71 46.11 53.87
CA ILE E 1656 49.86 46.99 53.70
C ILE E 1656 51.10 46.20 54.09
N PRO E 1657 51.97 45.85 53.16
CA PRO E 1657 53.11 45.00 53.47
C PRO E 1657 54.22 45.77 54.17
N LEU E 1658 55.04 45.04 54.89
CA LEU E 1658 56.19 45.58 55.60
C LEU E 1658 57.44 45.12 54.87
N ILE E 1659 58.04 46.00 54.08
CA ILE E 1659 59.07 45.57 53.15
C ILE E 1659 60.43 46.15 53.54
N LYS E 1660 60.40 47.26 54.27
CA LYS E 1660 61.56 48.09 54.60
C LYS E 1660 62.83 47.31 54.92
N PRO E 1661 62.75 46.15 55.62
CA PRO E 1661 63.96 45.34 55.71
C PRO E 1661 64.56 44.99 54.35
N GLN E 1674 59.96 50.31 65.92
CA GLN E 1674 58.72 50.92 65.46
C GLN E 1674 58.61 50.83 63.96
N ASP E 1675 58.00 49.74 63.48
CA ASP E 1675 57.84 49.54 62.05
C ASP E 1675 56.77 50.48 61.50
N THR E 1676 57.18 51.61 60.96
CA THR E 1676 56.22 52.62 60.55
C THR E 1676 55.56 52.25 59.23
N LEU E 1677 54.36 52.79 59.04
CA LEU E 1677 53.66 52.73 57.76
C LEU E 1677 52.78 53.96 57.66
N TYR E 1678 52.65 54.52 56.46
CA TYR E 1678 51.99 55.80 56.33
C TYR E 1678 51.05 55.78 55.14
N LEU E 1679 49.76 55.91 55.43
CA LEU E 1679 48.72 55.84 54.42
C LEU E 1679 48.26 57.25 54.04
N ASN E 1680 48.01 57.44 52.76
CA ASN E 1680 47.58 58.72 52.20
C ASN E 1680 46.23 58.55 51.53
N ALA E 1681 45.89 59.53 50.72
CA ALA E 1681 44.82 59.42 49.76
C ALA E 1681 45.07 60.52 48.74
N THR E 1682 44.52 60.35 47.53
CA THR E 1682 44.67 61.35 46.50
C THR E 1682 43.32 61.55 45.82
N TYR E 1683 42.83 62.77 45.82
CA TYR E 1683 41.57 63.14 45.22
C TYR E 1683 41.83 64.09 44.05
N GLN E 1684 40.75 64.64 43.49
CA GLN E 1684 40.93 65.72 42.54
C GLN E 1684 41.46 66.98 43.19
N LYS E 1685 41.14 67.20 44.47
CA LYS E 1685 41.60 68.40 45.14
C LYS E 1685 43.11 68.36 45.38
N GLU E 1686 43.56 67.44 46.23
CA GLU E 1686 44.98 67.33 46.56
C GLU E 1686 45.22 66.02 47.30
N ALA E 1687 46.48 65.70 47.52
CA ALA E 1687 46.87 64.51 48.26
C ALA E 1687 46.92 64.82 49.74
N THR E 1688 46.14 64.08 50.51
CA THR E 1688 45.98 64.39 51.92
C THR E 1688 47.25 64.06 52.69
N LYS E 1689 47.17 64.17 54.01
CA LYS E 1689 48.32 63.96 54.87
C LYS E 1689 48.42 62.50 55.29
N GLN E 1690 49.64 62.07 55.58
CA GLN E 1690 49.90 60.69 55.95
C GLN E 1690 49.19 60.31 57.25
N ILE E 1691 49.28 59.04 57.58
CA ILE E 1691 48.72 58.49 58.81
C ILE E 1691 49.69 57.43 59.30
N LEU E 1692 50.28 57.64 60.47
CA LEU E 1692 51.21 56.65 60.97
C LEU E 1692 50.46 55.38 61.38
N LEU E 1693 51.06 54.25 61.05
CA LEU E 1693 50.68 52.95 61.59
C LEU E 1693 52.00 52.31 61.98
N PHE E 1694 52.14 51.99 63.24
CA PHE E 1694 53.38 51.45 63.74
C PHE E 1694 53.08 50.36 64.76
N ARG E 1695 54.14 49.77 65.29
CA ARG E 1695 53.96 48.82 66.37
C ARG E 1695 55.17 48.88 67.29
N THR E 1696 54.94 48.54 68.56
CA THR E 1696 55.99 48.51 69.55
C THR E 1696 56.64 47.14 69.71
N ASP E 1697 55.86 46.08 69.59
CA ASP E 1697 56.35 44.73 69.82
C ASP E 1697 56.53 44.02 68.49
N ASN E 1698 56.92 42.76 68.57
CA ASN E 1698 56.98 41.88 67.42
C ASN E 1698 55.70 41.10 67.22
N ASN E 1699 54.57 41.62 67.69
CA ASN E 1699 53.30 40.96 67.45
C ASN E 1699 53.01 40.97 65.96
N PRO E 1700 52.55 39.86 65.39
CA PRO E 1700 52.27 39.86 63.95
C PRO E 1700 51.04 40.65 63.59
N GLU E 1701 49.99 40.59 64.39
CA GLU E 1701 48.78 41.35 64.10
C GLU E 1701 48.76 42.69 64.82
N GLY E 1702 49.73 42.93 65.70
CA GLY E 1702 49.74 44.18 66.43
C GLY E 1702 50.29 45.32 65.62
N TRP E 1703 49.40 46.21 65.18
CA TRP E 1703 49.82 47.44 64.51
C TRP E 1703 48.96 48.55 65.12
N THR E 1704 49.63 49.51 65.75
CA THR E 1704 48.97 50.50 66.57
C THR E 1704 47.87 51.25 65.83
N LEU E 1705 46.65 51.08 66.33
CA LEU E 1705 45.53 51.94 65.97
C LEU E 1705 45.85 53.36 66.43
N ASP E 1706 45.45 54.35 65.63
CA ASP E 1706 45.45 55.74 66.08
C ASP E 1706 46.82 56.13 66.61
N LYS E 1707 47.77 56.17 65.69
CA LYS E 1707 49.17 56.37 66.04
C LYS E 1707 49.35 57.80 66.54
N SER E 1708 50.60 58.22 66.62
CA SER E 1708 51.03 59.33 67.46
C SER E 1708 50.51 60.68 66.97
N VAL E 1709 51.12 61.75 67.47
CA VAL E 1709 50.56 63.09 67.52
C VAL E 1709 49.75 63.47 66.28
N ASN E 1710 50.09 62.91 65.12
CA ASN E 1710 49.29 63.18 63.93
C ASN E 1710 47.82 62.86 64.19
N ASN E 1711 46.95 63.60 63.51
CA ASN E 1711 45.52 63.57 63.85
C ASN E 1711 44.91 62.19 63.68
N GLY E 1712 45.44 61.39 62.75
CA GLY E 1712 44.86 60.09 62.47
C GLY E 1712 43.65 60.14 61.57
N THR E 1713 43.69 60.96 60.52
CA THR E 1713 42.57 61.10 59.58
C THR E 1713 43.05 61.87 58.36
N PHE E 1714 42.60 61.44 57.17
CA PHE E 1714 42.90 62.19 55.95
C PHE E 1714 42.03 63.41 55.81
N ALA E 1715 40.95 63.50 56.56
CA ALA E 1715 39.82 64.39 56.35
C ALA E 1715 38.88 63.81 55.30
N GLY E 1716 39.15 62.61 54.80
CA GLY E 1716 38.24 61.97 53.88
C GLY E 1716 37.51 60.82 54.54
N LEU E 1717 38.03 60.37 55.68
CA LEU E 1717 37.40 59.30 56.44
C LEU E 1717 36.63 59.83 57.64
N ALA E 1718 37.21 60.83 58.31
CA ALA E 1718 36.55 61.68 59.32
C ALA E 1718 35.56 60.92 60.20
N GLU E 1719 35.92 59.69 60.56
CA GLU E 1719 35.07 58.89 61.42
C GLU E 1719 35.96 58.07 62.35
N ASN E 1720 35.32 57.48 63.34
CA ASN E 1720 36.03 56.57 64.24
C ASN E 1720 36.29 55.21 63.60
N GLY E 1721 35.99 55.04 62.31
CA GLY E 1721 36.16 53.78 61.65
C GLY E 1721 37.35 53.76 60.71
N VAL E 1722 38.44 53.17 61.19
CA VAL E 1722 39.64 52.96 60.39
C VAL E 1722 40.10 51.53 60.55
N THR E 1723 39.70 50.90 61.65
CA THR E 1723 40.57 49.90 62.26
C THR E 1723 40.87 48.68 61.40
N GLY E 1724 39.96 47.72 61.33
CA GLY E 1724 40.27 46.44 60.72
C GLY E 1724 41.69 45.93 60.91
N LEU E 1725 42.30 46.19 62.07
CA LEU E 1725 43.75 46.08 62.16
C LEU E 1725 44.20 44.71 62.62
N LEU E 1726 43.32 43.97 63.27
CA LEU E 1726 43.59 42.59 63.68
C LEU E 1726 43.34 41.65 62.50
N GLN E 1727 43.01 40.39 62.78
CA GLN E 1727 42.71 39.36 61.78
C GLN E 1727 43.95 39.01 60.94
N SER E 1728 44.83 38.24 61.56
CA SER E 1728 45.99 37.72 60.83
C SER E 1728 45.57 36.94 59.59
N GLY E 1729 44.30 36.61 59.44
CA GLY E 1729 43.86 35.89 58.26
C GLY E 1729 42.83 36.58 57.38
N GLU E 1730 42.98 36.48 56.06
CA GLU E 1730 41.96 36.92 55.13
C GLU E 1730 41.24 35.72 54.51
N PRO E 1731 40.05 35.93 53.96
CA PRO E 1731 39.33 34.82 53.33
C PRO E 1731 40.00 34.38 52.05
N MET E 1732 39.51 33.25 51.54
CA MET E 1732 40.01 32.70 50.30
C MET E 1732 39.71 33.65 49.14
N ASP E 1733 40.67 33.82 48.25
CA ASP E 1733 40.58 34.84 47.21
C ASP E 1733 40.07 34.23 45.92
N PHE E 1734 39.03 34.84 45.36
CA PHE E 1734 38.38 34.35 44.15
C PHE E 1734 38.75 35.20 42.94
N SER E 1735 39.70 36.12 43.10
CA SER E 1735 40.19 36.89 41.98
C SER E 1735 41.71 37.00 41.99
N GLY E 1736 42.38 36.14 42.73
CA GLY E 1736 43.82 36.11 42.77
C GLY E 1736 44.38 35.09 41.83
N ALA E 1737 45.58 34.61 42.18
CA ALA E 1737 46.29 33.71 41.30
C ALA E 1737 45.52 32.44 41.03
N ASN E 1738 44.98 31.82 42.07
CA ASN E 1738 44.26 30.57 41.92
C ASN E 1738 42.78 30.78 41.71
N ALA E 1739 42.39 31.93 41.19
CA ALA E 1739 40.96 32.18 41.00
C ALA E 1739 40.34 31.12 40.13
N LEU E 1740 41.06 30.66 39.10
CA LEU E 1740 40.46 29.74 38.16
C LEU E 1740 40.09 28.43 38.83
N TYR E 1741 40.94 27.93 39.72
CA TYR E 1741 40.65 26.65 40.34
C TYR E 1741 39.50 26.75 41.32
N PHE E 1742 39.44 27.84 42.08
CA PHE E 1742 38.33 28.02 43.00
C PHE E 1742 37.04 28.19 42.25
N TRP E 1743 37.05 28.98 41.20
CA TRP E 1743 35.83 29.19 40.42
C TRP E 1743 35.38 27.90 39.79
N GLU E 1744 36.29 27.11 39.23
CA GLU E 1744 35.89 25.82 38.71
C GLU E 1744 35.25 24.98 39.80
N LEU E 1745 35.98 24.72 40.88
CA LEU E 1745 35.49 23.85 41.93
C LEU E 1745 34.13 24.29 42.46
N PHE E 1746 33.92 25.58 42.64
CA PHE E 1746 32.75 26.02 43.37
C PHE E 1746 31.61 26.49 42.49
N TYR E 1747 31.86 26.87 41.25
CA TYR E 1747 30.78 27.22 40.35
C TYR E 1747 30.77 26.36 39.10
N TYR E 1748 31.89 26.24 38.41
CA TYR E 1748 31.82 25.66 37.08
C TYR E 1748 31.60 24.18 37.14
N THR E 1749 31.93 23.56 38.26
CA THR E 1749 31.75 22.13 38.36
C THR E 1749 30.29 21.83 38.65
N PRO E 1750 29.65 22.45 39.65
CA PRO E 1750 28.22 22.19 39.82
C PRO E 1750 27.39 22.60 38.63
N MET E 1751 27.71 23.69 37.95
CA MET E 1751 26.93 24.05 36.78
C MET E 1751 27.09 23.03 35.68
N MET E 1752 28.29 22.49 35.51
CA MET E 1752 28.50 21.47 34.50
C MET E 1752 27.76 20.20 34.86
N VAL E 1753 27.83 19.77 36.12
CA VAL E 1753 27.15 18.54 36.48
C VAL E 1753 25.64 18.72 36.41
N ALA E 1754 25.15 19.92 36.72
CA ALA E 1754 23.73 20.18 36.66
C ALA E 1754 23.23 20.22 35.23
N THR E 1755 23.95 20.91 34.35
CA THR E 1755 23.55 20.89 32.95
C THR E 1755 23.75 19.53 32.33
N ARG E 1756 24.59 18.70 32.91
CA ARG E 1756 24.87 17.38 32.38
C ARG E 1756 23.88 16.35 32.89
N LEU E 1757 23.25 16.61 34.01
CA LEU E 1757 22.14 15.81 34.49
C LEU E 1757 20.81 16.28 33.95
N LEU E 1758 20.66 17.57 33.67
CA LEU E 1758 19.46 18.04 33.01
C LEU E 1758 19.30 17.38 31.66
N GLN E 1759 20.28 17.51 30.78
CA GLN E 1759 20.40 16.55 29.70
C GLN E 1759 20.51 15.17 30.31
N GLU E 1760 19.95 14.17 29.64
CA GLU E 1760 19.75 12.84 30.18
C GLU E 1760 18.69 12.80 31.27
N GLN E 1761 18.00 13.92 31.49
CA GLN E 1761 16.75 13.95 32.23
C GLN E 1761 16.85 13.30 33.61
N ASN E 1762 17.80 13.78 34.41
CA ASN E 1762 17.84 13.44 35.83
C ASN E 1762 17.47 14.70 36.60
N PHE E 1763 16.18 14.94 36.74
CA PHE E 1763 15.76 16.23 37.26
C PHE E 1763 15.94 16.32 38.76
N THR E 1764 15.61 15.27 39.49
CA THR E 1764 15.73 15.36 40.93
C THR E 1764 17.16 15.48 41.40
N GLU E 1765 18.13 15.19 40.54
CA GLU E 1765 19.53 15.34 40.87
C GLU E 1765 20.14 16.58 40.25
N ALA E 1766 19.69 16.97 39.07
CA ALA E 1766 20.03 18.28 38.54
C ALA E 1766 19.61 19.37 39.50
N ASN E 1767 18.45 19.20 40.15
CA ASN E 1767 18.05 20.20 41.13
C ASN E 1767 18.95 20.17 42.34
N ARG E 1768 19.34 18.99 42.79
CA ARG E 1768 20.25 18.90 43.92
C ARG E 1768 21.56 19.60 43.62
N TRP E 1769 22.02 19.52 42.37
CA TRP E 1769 23.32 20.11 42.04
C TRP E 1769 23.22 21.58 41.76
N LEU E 1770 22.08 22.06 41.28
CA LEU E 1770 21.93 23.49 41.18
C LEU E 1770 21.77 24.12 42.54
N SER E 1771 21.16 23.41 43.49
CA SER E 1771 21.03 23.92 44.83
C SER E 1771 22.35 23.98 45.56
N TYR E 1772 23.46 23.66 44.90
CA TYR E 1772 24.77 23.97 45.47
C TYR E 1772 25.17 25.38 45.12
N ILE E 1773 24.49 25.98 44.16
CA ILE E 1773 24.81 27.33 43.71
C ILE E 1773 23.77 28.29 44.24
N TRP E 1774 22.53 28.11 43.85
CA TRP E 1774 21.46 29.00 44.24
C TRP E 1774 20.40 28.21 44.99
N GLN E 1775 19.80 28.84 45.97
CA GLN E 1775 18.88 28.15 46.75
C GLN E 1775 17.92 29.24 47.20
N PRO E 1776 16.61 29.04 47.07
CA PRO E 1776 15.68 30.12 47.36
C PRO E 1776 15.63 30.42 48.84
N ALA E 1777 15.59 31.70 49.16
CA ALA E 1777 15.60 32.13 50.55
C ALA E 1777 14.18 32.47 50.98
N ALA E 1778 13.94 32.32 52.28
CA ALA E 1778 12.64 32.68 52.84
C ALA E 1778 12.36 34.16 52.66
N SER E 1779 13.38 35.01 52.73
CA SER E 1779 13.21 36.40 52.38
C SER E 1779 12.98 36.54 50.88
N GLY E 1780 12.87 37.78 50.42
CA GLY E 1780 12.59 37.99 49.01
C GLY E 1780 13.66 37.42 48.10
N ALA E 1781 14.89 37.91 48.23
CA ALA E 1781 15.94 37.56 47.28
C ALA E 1781 16.41 36.13 47.49
N GLY E 1782 16.97 35.56 46.44
CA GLY E 1782 17.52 34.22 46.55
C GLY E 1782 18.80 34.19 47.35
N ASP E 1783 19.16 32.98 47.76
CA ASP E 1783 20.36 32.75 48.56
C ASP E 1783 21.42 32.15 47.64
N TRP E 1784 22.35 32.97 47.19
CA TRP E 1784 23.44 32.51 46.35
C TRP E 1784 24.46 31.81 47.21
N ARG E 1785 24.73 30.55 46.93
CA ARG E 1785 25.65 29.78 47.74
C ARG E 1785 27.03 29.70 47.15
N VAL E 1786 27.34 30.52 46.17
CA VAL E 1786 28.70 30.63 45.66
C VAL E 1786 29.20 32.01 46.06
N ARG E 1787 30.28 32.05 46.82
CA ARG E 1787 30.75 33.30 47.40
C ARG E 1787 31.02 34.39 46.39
N PRO E 1788 31.75 34.17 45.30
CA PRO E 1788 32.02 35.27 44.37
C PRO E 1788 30.80 35.77 43.63
N LEU E 1789 29.74 34.98 43.53
CA LEU E 1789 28.47 35.50 43.06
C LEU E 1789 27.75 36.26 44.14
N LYS E 1790 27.75 35.77 45.36
CA LYS E 1790 27.10 36.49 46.44
C LYS E 1790 27.67 37.88 46.63
N GLU E 1791 28.98 38.03 46.45
CA GLU E 1791 29.64 39.33 46.51
C GLU E 1791 30.32 39.52 45.16
N ASP E 1792 29.67 40.26 44.27
CA ASP E 1792 30.03 40.21 42.85
C ASP E 1792 31.51 40.44 42.64
N THR E 1793 32.22 39.41 42.24
CA THR E 1793 33.68 39.44 42.17
C THR E 1793 34.09 39.35 40.71
N SER E 1794 34.50 40.48 40.15
CA SER E 1794 35.01 40.47 38.79
C SER E 1794 36.37 39.80 38.76
N TRP E 1795 36.55 38.87 37.85
CA TRP E 1795 37.84 38.21 37.73
C TRP E 1795 38.27 38.04 36.29
N ASN E 1796 38.00 39.04 35.47
CA ASN E 1796 38.54 39.10 34.12
C ASN E 1796 38.52 40.56 33.71
N ALA E 1797 39.67 41.23 33.80
CA ALA E 1797 39.69 42.66 33.58
C ALA E 1797 39.58 43.03 32.11
N ASP E 1798 39.93 42.13 31.20
CA ASP E 1798 40.01 42.42 29.77
C ASP E 1798 39.16 41.42 29.00
N PRO E 1799 37.84 41.56 29.02
CA PRO E 1799 36.98 40.52 28.45
C PRO E 1799 36.61 40.71 27.00
N LEU E 1800 36.83 41.89 26.44
CA LEU E 1800 36.42 42.14 25.06
C LEU E 1800 37.54 41.95 24.07
N ASP E 1801 38.66 41.38 24.48
CA ASP E 1801 39.72 41.04 23.55
C ASP E 1801 39.47 39.71 22.86
N SER E 1802 38.28 39.15 23.00
CA SER E 1802 37.93 37.91 22.33
C SER E 1802 36.42 37.79 22.28
N VAL E 1803 35.93 37.06 21.29
CA VAL E 1803 34.51 36.84 21.12
C VAL E 1803 34.19 35.57 21.90
N ASP E 1804 34.00 35.72 23.22
CA ASP E 1804 33.59 34.59 24.03
C ASP E 1804 32.70 35.10 25.15
N PRO E 1805 31.60 34.42 25.46
CA PRO E 1805 30.72 34.91 26.50
C PRO E 1805 31.25 34.70 27.89
N ASP E 1806 32.13 33.73 28.08
CA ASP E 1806 32.59 33.43 29.42
C ASP E 1806 33.49 34.53 29.95
N ALA E 1807 34.28 35.15 29.08
CA ALA E 1807 35.08 36.28 29.55
C ALA E 1807 34.20 37.41 30.04
N VAL E 1808 33.13 37.72 29.31
CA VAL E 1808 32.23 38.78 29.74
C VAL E 1808 31.56 38.41 31.05
N ALA E 1809 31.12 37.17 31.17
CA ALA E 1809 30.41 36.78 32.39
C ALA E 1809 31.36 36.65 33.57
N GLN E 1810 32.64 36.42 33.31
CA GLN E 1810 33.62 36.45 34.38
C GLN E 1810 33.93 37.86 34.80
N ASN E 1811 34.00 38.77 33.85
CA ASN E 1811 34.17 40.17 34.19
C ASN E 1811 33.00 40.69 35.00
N ASP E 1812 31.81 40.16 34.77
CA ASP E 1812 30.61 40.58 35.47
C ASP E 1812 29.78 39.37 35.88
N PRO E 1813 29.99 38.83 37.08
CA PRO E 1813 29.32 37.58 37.46
C PRO E 1813 27.81 37.69 37.61
N MET E 1814 27.22 38.87 37.47
CA MET E 1814 25.77 38.89 37.40
C MET E 1814 25.29 38.08 36.21
N HIS E 1815 26.09 37.99 35.16
CA HIS E 1815 25.73 37.11 34.07
C HIS E 1815 25.77 35.66 34.47
N TYR E 1816 26.63 35.28 35.41
CA TYR E 1816 26.59 33.90 35.88
C TYR E 1816 25.37 33.68 36.73
N LYS E 1817 24.95 34.68 37.47
CA LYS E 1817 23.68 34.59 38.18
C LYS E 1817 22.54 34.34 37.20
N VAL E 1818 22.48 35.13 36.14
CA VAL E 1818 21.39 34.98 35.17
C VAL E 1818 21.48 33.67 34.44
N SER E 1819 22.68 33.20 34.14
CA SER E 1819 22.84 31.89 33.52
C SER E 1819 22.36 30.78 34.43
N THR E 1820 22.68 30.87 35.71
CA THR E 1820 22.21 29.86 36.65
C THR E 1820 20.69 29.85 36.74
N LEU E 1821 20.09 31.02 36.83
CA LEU E 1821 18.64 31.05 36.89
C LEU E 1821 18.02 30.59 35.59
N MET E 1822 18.69 30.80 34.47
CA MET E 1822 18.15 30.27 33.22
C MET E 1822 18.26 28.76 33.17
N LYS E 1823 19.32 28.18 33.72
CA LYS E 1823 19.37 26.72 33.82
C LYS E 1823 18.29 26.21 34.75
N LEU E 1824 18.00 26.94 35.81
CA LEU E 1824 16.92 26.53 36.69
C LEU E 1824 15.57 26.60 36.00
N LEU E 1825 15.35 27.64 35.21
CA LEU E 1825 14.12 27.72 34.42
C LEU E 1825 14.03 26.56 33.45
N ASP E 1826 15.13 26.26 32.76
CA ASP E 1826 15.18 25.06 31.93
C ASP E 1826 14.73 23.83 32.71
N LEU E 1827 15.28 23.65 33.91
CA LEU E 1827 15.01 22.45 34.67
C LEU E 1827 13.54 22.38 35.07
N LEU E 1828 12.99 23.49 35.53
CA LEU E 1828 11.60 23.49 35.96
C LEU E 1828 10.67 23.25 34.80
N ILE E 1829 10.96 23.86 33.66
CA ILE E 1829 10.12 23.64 32.50
C ILE E 1829 10.23 22.21 32.02
N ALA E 1830 11.40 21.59 32.15
CA ALA E 1830 11.54 20.21 31.72
C ALA E 1830 10.82 19.26 32.66
N ARG E 1831 10.88 19.50 33.96
CA ARG E 1831 10.09 18.69 34.88
C ARG E 1831 8.61 18.86 34.61
N GLY E 1832 8.19 20.10 34.35
CA GLY E 1832 6.80 20.32 34.00
C GLY E 1832 6.39 19.56 32.76
N ASP E 1833 7.21 19.60 31.72
CA ASP E 1833 6.86 18.89 30.49
C ASP E 1833 6.84 17.39 30.70
N LYS E 1834 7.80 16.85 31.47
CA LYS E 1834 7.78 15.42 31.72
C LYS E 1834 6.52 15.01 32.44
N ALA E 1835 6.11 15.77 33.46
CA ALA E 1835 4.89 15.42 34.19
C ALA E 1835 3.66 15.70 33.36
N TYR E 1836 3.77 16.58 32.38
CA TYR E 1836 2.63 16.97 31.57
C TYR E 1836 2.39 15.98 30.44
N ARG E 1837 3.42 15.27 30.02
CA ARG E 1837 3.22 14.22 29.03
C ARG E 1837 2.64 12.94 29.62
N MET E 1838 2.95 12.63 30.88
CA MET E 1838 2.18 11.59 31.57
C MET E 1838 0.82 12.22 31.86
N GLN E 1839 -0.14 11.98 30.97
CA GLN E 1839 -1.32 12.83 30.90
C GLN E 1839 -2.35 12.55 31.98
N GLU E 1840 -2.06 11.81 33.04
CA GLU E 1840 -3.11 11.60 34.03
C GLU E 1840 -3.26 12.82 34.92
N ARG E 1841 -4.31 12.80 35.75
CA ARG E 1841 -4.84 13.98 36.42
C ARG E 1841 -3.85 14.54 37.43
N ASP E 1842 -3.37 13.72 38.34
CA ASP E 1842 -2.41 14.19 39.34
C ASP E 1842 -1.12 14.68 38.71
N THR E 1843 -0.66 14.03 37.64
CA THR E 1843 0.53 14.51 36.98
C THR E 1843 0.28 15.83 36.29
N LEU E 1844 -0.94 16.08 35.83
CA LEU E 1844 -1.25 17.38 35.26
C LEU E 1844 -1.20 18.46 36.32
N ASN E 1845 -1.73 18.16 37.51
CA ASN E 1845 -1.60 19.11 38.60
C ASN E 1845 -0.15 19.37 38.94
N GLU E 1846 0.67 18.32 38.93
CA GLU E 1846 2.10 18.49 39.20
C GLU E 1846 2.77 19.34 38.12
N ALA E 1847 2.37 19.15 36.87
CA ALA E 1847 2.95 19.95 35.80
C ALA E 1847 2.59 21.41 35.98
N LYS E 1848 1.34 21.68 36.31
CA LYS E 1848 0.96 23.06 36.59
C LYS E 1848 1.75 23.61 37.75
N MET E 1849 2.09 22.75 38.71
CA MET E 1849 2.94 23.16 39.82
C MET E 1849 4.31 23.62 39.34
N TRP E 1850 4.96 22.82 38.50
CA TRP E 1850 6.30 23.17 38.03
C TRP E 1850 6.28 24.42 37.19
N TYR E 1851 5.27 24.56 36.33
CA TYR E 1851 5.17 25.79 35.55
C TYR E 1851 4.91 27.00 36.42
N MET E 1852 4.09 26.86 37.46
CA MET E 1852 3.86 27.98 38.35
C MET E 1852 5.12 28.35 39.09
N GLN E 1853 5.95 27.35 39.44
CA GLN E 1853 7.21 27.66 40.08
C GLN E 1853 8.13 28.44 39.16
N ALA E 1854 8.21 28.03 37.89
CA ALA E 1854 9.03 28.77 36.94
C ALA E 1854 8.51 30.18 36.75
N LEU E 1855 7.20 30.35 36.73
CA LEU E 1855 6.64 31.69 36.61
C LEU E 1855 6.98 32.55 37.79
N GLY E 1856 6.84 32.01 39.01
CA GLY E 1856 7.22 32.77 40.18
C GLY E 1856 8.68 33.13 40.18
N LEU E 1857 9.52 32.28 39.61
CA LEU E 1857 10.93 32.60 39.48
C LEU E 1857 11.15 33.75 38.52
N LEU E 1858 10.46 33.72 37.38
CA LEU E 1858 10.66 34.75 36.37
C LEU E 1858 10.16 36.10 36.87
N GLY E 1859 9.02 36.11 37.54
CA GLY E 1859 8.50 37.34 38.10
C GLY E 1859 7.31 37.87 37.34
N ASP E 1860 7.31 39.16 37.04
CA ASP E 1860 6.23 39.82 36.33
C ASP E 1860 6.70 40.16 34.93
N LYS E 1861 5.91 39.80 33.94
CA LYS E 1861 6.32 40.00 32.56
C LYS E 1861 6.57 41.47 32.30
N PRO E 1862 7.74 41.86 31.79
CA PRO E 1862 8.01 43.28 31.55
C PRO E 1862 7.17 43.79 30.40
N VAL E 1863 6.39 44.85 30.66
CA VAL E 1863 5.57 45.44 29.61
C VAL E 1863 6.48 46.17 28.64
N SER E 1864 6.19 46.05 27.35
CA SER E 1864 7.05 46.61 26.32
C SER E 1864 6.50 47.95 25.85
N ILE E 1865 7.22 49.03 26.19
CA ILE E 1865 6.74 50.36 25.80
C ILE E 1865 6.87 50.54 24.29
N PHE E 1866 5.86 51.17 23.71
CA PHE E 1866 5.87 51.57 22.31
C PHE E 1866 5.72 53.07 22.14
N SER E 1867 4.87 53.71 22.96
CA SER E 1867 4.86 55.16 23.03
C SER E 1867 6.06 55.61 23.85
N ASN E 1868 7.20 55.75 23.20
CA ASN E 1868 8.44 56.09 23.89
C ASN E 1868 9.09 57.25 23.19
N GLY E 1869 10.15 57.77 23.81
CA GLY E 1869 10.86 58.91 23.27
C GLY E 1869 11.49 58.69 21.92
N TRP E 1870 11.26 57.55 21.28
CA TRP E 1870 11.84 57.28 19.97
C TRP E 1870 11.11 58.09 18.92
N GLU E 1871 11.70 59.22 18.53
CA GLU E 1871 11.26 59.86 17.31
C GLU E 1871 11.63 58.99 16.13
N ASN E 1872 11.33 59.44 14.93
CA ASN E 1872 11.72 58.64 13.79
C ASN E 1872 12.82 59.36 13.04
N PRO E 1873 14.05 59.30 13.48
CA PRO E 1873 15.10 60.14 12.90
C PRO E 1873 15.50 59.65 11.53
N SER E 1874 16.05 60.55 10.75
CA SER E 1874 16.57 60.17 9.45
C SER E 1874 17.83 59.35 9.64
N LEU E 1875 18.23 58.65 8.58
CA LEU E 1875 19.46 57.87 8.66
C LEU E 1875 20.66 58.76 8.92
N SER E 1876 20.74 59.90 8.28
CA SER E 1876 21.89 60.77 8.50
C SER E 1876 21.87 61.37 9.89
N ASN E 1877 20.69 61.64 10.44
CA ASN E 1877 20.65 62.17 11.80
C ASN E 1877 20.82 61.08 12.83
N ALA E 1878 20.73 59.81 12.41
CA ALA E 1878 20.94 58.71 13.34
C ALA E 1878 22.36 58.21 13.28
N ALA E 1879 23.08 58.49 12.21
CA ALA E 1879 24.41 57.96 11.99
C ALA E 1879 25.45 59.07 12.06
N ASP E 1880 25.35 59.93 13.06
CA ASP E 1880 26.34 60.99 13.21
C ASP E 1880 27.53 60.52 14.03
N LYS E 1881 28.69 61.09 13.72
CA LYS E 1881 29.88 60.85 14.52
C LYS E 1881 29.84 61.66 15.81
N THR E 1882 29.27 62.86 15.76
CA THR E 1882 29.03 63.59 17.00
C THR E 1882 28.12 62.82 17.92
N GLN E 1883 27.17 62.08 17.36
CA GLN E 1883 26.24 61.28 18.14
C GLN E 1883 26.94 60.18 18.91
N ALA E 1884 27.98 59.58 18.34
CA ALA E 1884 28.75 58.57 19.04
C ALA E 1884 29.77 59.18 19.98
N LYS E 1885 30.39 60.29 19.58
CA LYS E 1885 31.39 60.93 20.42
C LYS E 1885 30.77 61.45 21.70
N GLN E 1886 29.62 62.12 21.59
CA GLN E 1886 28.98 62.65 22.79
C GLN E 1886 28.62 61.53 23.76
N PHE E 1887 28.09 60.43 23.22
CA PHE E 1887 27.73 59.28 24.02
C PHE E 1887 28.93 58.73 24.77
N HIS E 1888 29.98 58.35 24.04
CA HIS E 1888 31.16 57.79 24.67
C HIS E 1888 31.85 58.78 25.57
N ASP E 1889 31.76 60.06 25.29
CA ASP E 1889 32.40 61.05 26.13
C ASP E 1889 31.70 61.15 27.46
N GLU E 1890 30.36 61.18 27.45
CA GLU E 1890 29.65 61.23 28.71
C GLU E 1890 29.88 59.96 29.51
N ILE E 1891 29.94 58.81 28.84
CA ILE E 1891 30.22 57.58 29.57
C ILE E 1891 31.61 57.61 30.19
N SER E 1892 32.61 58.00 29.42
CA SER E 1892 33.96 58.02 29.97
C SER E 1892 34.11 59.07 31.06
N ARG E 1893 33.27 60.11 31.03
CA ARG E 1893 33.26 61.07 32.12
C ARG E 1893 32.67 60.45 33.38
N ILE E 1894 31.46 59.88 33.25
CA ILE E 1894 30.76 59.30 34.39
C ILE E 1894 31.44 58.03 34.89
N ARG E 1895 32.36 57.47 34.12
CA ARG E 1895 33.03 56.24 34.51
C ARG E 1895 34.26 56.53 35.35
N SER E 1896 35.04 57.54 34.98
CA SER E 1896 36.09 58.04 35.84
C SER E 1896 35.56 58.92 36.95
N GLY E 1897 34.23 58.99 37.10
CA GLY E 1897 33.61 59.78 38.15
C GLY E 1897 33.98 61.24 38.11
N GLY E 1898 34.13 61.82 36.91
CA GLY E 1898 34.56 63.21 36.82
C GLY E 1898 33.69 64.14 37.65
N LEU E 1899 32.38 63.89 37.64
CA LEU E 1899 31.43 64.43 38.60
C LEU E 1899 30.25 63.47 38.64
N LEU E 1900 29.22 63.85 39.37
CA LEU E 1900 28.00 63.08 39.38
C LEU E 1900 27.28 63.27 38.04
N PRO E 1901 26.35 62.38 37.71
CA PRO E 1901 25.61 62.52 36.45
C PRO E 1901 24.77 63.79 36.42
N ASP E 1902 24.14 64.01 35.27
CA ASP E 1902 23.32 65.20 35.10
C ASP E 1902 22.09 65.19 36.01
N VAL E 1903 21.53 64.01 36.28
CA VAL E 1903 20.28 63.84 37.04
C VAL E 1903 19.28 64.98 36.86
N ALA E 1906 20.74 61.73 33.79
CA ALA E 1906 20.20 60.45 34.24
C ALA E 1906 19.16 59.95 33.26
N ASN E 1907 19.18 60.51 32.06
CA ASN E 1907 18.17 60.23 31.03
C ASN E 1907 18.56 59.09 30.12
N THR E 1908 19.72 59.16 29.46
CA THR E 1908 20.12 58.23 28.41
C THR E 1908 21.42 57.55 28.80
N LEU E 1909 21.39 56.21 28.78
CA LEU E 1909 22.56 55.39 29.10
C LEU E 1909 23.21 54.78 27.87
N THR E 1910 22.44 54.48 26.83
CA THR E 1910 22.95 53.76 25.68
C THR E 1910 22.87 54.52 24.37
N GLY E 1911 22.61 55.82 24.41
CA GLY E 1911 22.68 56.64 23.22
C GLY E 1911 21.31 56.76 22.55
N LEU E 1912 21.29 56.59 21.23
CA LEU E 1912 20.08 56.80 20.46
C LEU E 1912 19.15 55.60 20.48
N PHE E 1913 19.69 54.40 20.37
CA PHE E 1913 18.90 53.18 20.27
C PHE E 1913 18.71 52.58 21.65
N ARG E 1914 17.50 52.09 21.92
CA ARG E 1914 17.19 51.62 23.25
C ARG E 1914 17.72 50.20 23.47
N PRO E 1915 17.94 49.80 24.71
CA PRO E 1915 18.30 48.42 24.99
C PRO E 1915 17.12 47.51 24.76
N GLN E 1916 17.43 46.28 24.37
CA GLN E 1916 16.43 45.30 24.01
C GLN E 1916 16.29 44.28 25.12
N GLN E 1917 15.09 43.71 25.25
CA GLN E 1917 14.86 42.65 26.21
C GLN E 1917 15.42 41.32 25.69
N ASN E 1918 15.82 40.48 26.61
CA ASN E 1918 16.41 39.20 26.24
C ASN E 1918 15.36 38.32 25.59
N GLU E 1919 15.52 38.09 24.28
CA GLU E 1919 14.55 37.26 23.58
C GLU E 1919 14.52 35.85 24.15
N LYS E 1920 15.56 35.41 24.83
CA LYS E 1920 15.51 34.12 25.48
C LYS E 1920 14.58 34.14 26.68
N LEU E 1921 14.64 35.20 27.49
CA LEU E 1921 13.68 35.34 28.57
C LEU E 1921 12.26 35.45 28.04
N LEU E 1922 12.08 36.16 26.92
CA LEU E 1922 10.74 36.24 26.39
C LEU E 1922 10.28 34.90 25.86
N GLY E 1923 11.21 34.07 25.39
CA GLY E 1923 10.84 32.71 25.05
C GLY E 1923 10.37 31.93 26.25
N TYR E 1924 11.04 32.11 27.39
CA TYR E 1924 10.57 31.47 28.61
C TYR E 1924 9.18 31.95 28.98
N TRP E 1925 8.97 33.26 28.96
CA TRP E 1925 7.65 33.81 29.26
C TRP E 1925 6.59 33.21 28.36
N GLN E 1926 6.83 33.21 27.06
CA GLN E 1926 5.85 32.71 26.12
C GLN E 1926 5.62 31.22 26.28
N MET E 1927 6.66 30.44 26.56
CA MET E 1927 6.48 29.02 26.76
C MET E 1927 5.64 28.75 27.99
N LEU E 1928 5.89 29.47 29.06
CA LEU E 1928 5.10 29.26 30.27
C LEU E 1928 3.66 29.66 30.06
N GLU E 1929 3.42 30.78 29.38
CA GLU E 1929 2.05 31.18 29.12
C GLU E 1929 1.34 30.17 28.24
N MET E 1930 2.02 29.66 27.23
CA MET E 1930 1.41 28.66 26.36
C MET E 1930 1.08 27.38 27.13
N ARG E 1931 2.04 26.85 27.88
CA ARG E 1931 1.79 25.61 28.62
C ARG E 1931 0.71 25.80 29.67
N LEU E 1932 0.67 26.97 30.28
CA LEU E 1932 -0.33 27.19 31.30
C LEU E 1932 -1.70 27.36 30.70
N PHE E 1933 -1.77 27.96 29.52
CA PHE E 1933 -3.02 28.00 28.77
C PHE E 1933 -3.53 26.60 28.47
N ASN E 1934 -2.67 25.76 27.92
CA ASN E 1934 -3.10 24.40 27.61
C ASN E 1934 -3.50 23.62 28.85
N LEU E 1935 -2.85 23.88 29.98
CA LEU E 1935 -3.24 23.21 31.22
C LEU E 1935 -4.58 23.68 31.72
N ARG E 1936 -4.81 24.99 31.68
CA ARG E 1936 -6.07 25.53 32.19
C ARG E 1936 -7.24 25.11 31.33
N ASN E 1937 -7.12 25.25 30.02
CA ASN E 1937 -8.04 24.58 29.14
C ASN E 1937 -7.72 23.10 29.21
N ASN E 1938 -8.44 22.27 28.48
CA ASN E 1938 -8.26 20.84 28.68
C ASN E 1938 -7.46 20.23 27.55
N LEU E 1939 -6.47 20.96 27.06
CA LEU E 1939 -5.67 20.56 25.92
C LEU E 1939 -4.48 19.73 26.36
N SER E 1940 -3.77 19.21 25.38
CA SER E 1940 -2.57 18.44 25.63
C SER E 1940 -1.35 19.38 25.59
N ILE E 1941 -0.16 18.80 25.62
CA ILE E 1941 1.05 19.61 25.53
C ILE E 1941 1.21 20.23 24.16
N ASP E 1942 0.59 19.66 23.13
CA ASP E 1942 0.66 20.20 21.78
C ASP E 1942 -0.55 21.05 21.42
N GLY E 1943 -1.43 21.32 22.37
CA GLY E 1943 -2.62 22.09 22.09
C GLY E 1943 -3.76 21.32 21.47
N GLN E 1944 -3.61 20.01 21.28
CA GLN E 1944 -4.71 19.21 20.76
C GLN E 1944 -5.69 18.89 21.87
N PRO E 1945 -6.99 18.91 21.59
CA PRO E 1945 -7.99 18.77 22.65
C PRO E 1945 -8.05 17.35 23.18
N LEU E 1946 -8.08 17.23 24.51
CA LEU E 1946 -8.21 15.94 25.15
C LEU E 1946 -9.66 15.48 25.29
N SER E 1947 -10.62 16.34 24.96
CA SER E 1947 -12.02 15.98 25.03
C SER E 1947 -12.53 15.53 23.67
N LEU E 1948 -13.66 14.84 23.68
CA LEU E 1948 -14.29 14.42 22.43
C LEU E 1948 -15.07 15.59 21.85
N PRO E 1949 -15.04 15.78 20.53
CA PRO E 1949 -15.69 16.95 19.93
C PRO E 1949 -17.21 16.90 20.07
N VAL E 1950 -17.80 18.08 19.96
CA VAL E 1950 -19.25 18.23 19.99
C VAL E 1950 -19.81 17.65 18.70
N PHE E 1951 -20.37 16.46 18.78
CA PHE E 1951 -21.10 15.94 17.63
C PHE E 1951 -22.55 16.41 17.70
N ALA E 1952 -23.17 16.49 16.53
CA ALA E 1952 -24.54 16.96 16.44
C ALA E 1952 -25.23 16.13 15.36
N ALA E 1953 -26.21 15.34 15.76
CA ALA E 1953 -26.99 14.59 14.79
C ALA E 1953 -27.65 15.54 13.80
N PRO E 1954 -27.42 15.39 12.50
CA PRO E 1954 -28.05 16.27 11.52
C PRO E 1954 -29.54 16.03 11.45
N ALA E 1955 -30.23 16.98 10.82
CA ALA E 1955 -31.68 16.89 10.71
C ALA E 1955 -32.08 15.98 9.55
N ASP E 1956 -33.07 15.14 9.80
CA ASP E 1956 -33.65 14.32 8.75
C ASP E 1956 -34.35 15.23 7.75
N PRO E 1957 -34.04 15.08 6.45
CA PRO E 1957 -34.67 15.94 5.45
C PRO E 1957 -36.18 15.77 5.46
N ALA E 1958 -36.89 16.90 5.47
CA ALA E 1958 -38.34 16.88 5.64
C ALA E 1958 -39.02 16.20 4.46
N ALA E 1959 -40.13 15.53 4.74
CA ALA E 1959 -40.96 14.97 3.67
C ALA E 1959 -41.81 16.06 3.07
N LEU E 1960 -41.69 16.25 1.76
CA LEU E 1960 -42.46 17.29 1.08
C LEU E 1960 -43.94 16.94 1.10
N LEU E 1961 -44.78 17.96 1.22
CA LEU E 1961 -46.22 17.77 1.30
C LEU E 1961 -46.91 18.97 0.66
N SER E 1962 -47.78 18.70 -0.30
CA SER E 1962 -48.48 19.74 -1.03
C SER E 1962 -49.98 19.62 -0.79
N ALA E 1963 -50.71 20.66 -1.18
CA ALA E 1963 -52.14 20.69 -0.98
C ALA E 1963 -52.85 19.93 -2.09
N ALA E 1964 -53.80 19.08 -1.69
CA ALA E 1964 -54.64 18.34 -2.63
C ALA E 1964 -56.09 18.51 -2.18
N ALA E 1965 -56.93 19.06 -3.06
CA ALA E 1965 -58.30 19.39 -2.73
C ALA E 1965 -59.24 18.83 -3.78
N ALA E 1966 -60.44 18.45 -3.36
CA ALA E 1966 -61.44 17.96 -4.29
C ALA E 1966 -62.02 19.12 -5.09
N ALA E 1967 -62.32 18.85 -6.36
CA ALA E 1967 -62.98 19.86 -7.18
C ALA E 1967 -64.42 20.01 -6.74
N SER E 1968 -64.88 21.26 -6.64
CA SER E 1968 -66.22 21.57 -6.17
C SER E 1968 -66.96 22.34 -7.25
N GLY E 1969 -68.26 22.06 -7.35
CA GLY E 1969 -69.09 22.72 -8.34
C GLY E 1969 -70.53 22.29 -8.26
N GLY E 1970 -71.46 23.22 -8.46
CA GLY E 1970 -72.86 22.88 -8.41
C GLY E 1970 -73.39 22.44 -9.76
N SER E 1971 -74.52 21.75 -9.72
CA SER E 1971 -75.18 21.32 -10.95
C SER E 1971 -75.78 22.53 -11.67
N LYS E 1972 -76.48 22.24 -12.73
CA LYS E 1972 -77.11 23.31 -13.48
C LYS E 1972 -78.62 23.11 -13.50
N PRO E 1973 -79.40 24.14 -13.27
CA PRO E 1973 -80.86 23.97 -13.25
C PRO E 1973 -81.42 23.81 -14.65
N LEU E 1974 -82.51 23.06 -14.73
CA LEU E 1974 -83.12 22.77 -16.01
C LEU E 1974 -83.74 24.02 -16.61
N PRO E 1975 -83.83 24.10 -17.93
CA PRO E 1975 -84.44 25.28 -18.55
C PRO E 1975 -85.96 25.22 -18.45
N SER E 1976 -86.58 26.34 -18.76
CA SER E 1976 -88.04 26.41 -18.76
C SER E 1976 -88.61 25.49 -19.84
N ALA E 1977 -89.79 24.97 -19.55
CA ALA E 1977 -90.43 23.98 -20.40
C ALA E 1977 -91.50 24.63 -21.26
N ASP E 1978 -91.82 23.99 -22.37
CA ASP E 1978 -92.82 24.48 -23.30
C ASP E 1978 -93.28 23.32 -24.15
N ILE E 1979 -94.56 23.33 -24.51
CA ILE E 1979 -95.09 22.27 -25.36
C ILE E 1979 -94.61 22.51 -26.79
N PRO E 1980 -93.93 21.57 -27.39
CA PRO E 1980 -93.37 21.80 -28.72
C PRO E 1980 -94.43 21.76 -29.81
N ALA E 1981 -94.01 21.80 -31.07
CA ALA E 1981 -94.92 21.65 -32.18
C ALA E 1981 -95.23 20.20 -32.50
N MET E 1982 -94.31 19.29 -32.21
CA MET E 1982 -94.44 17.89 -32.58
C MET E 1982 -95.01 17.07 -31.44
N ARG E 1983 -95.66 15.97 -31.80
CA ARG E 1983 -96.14 15.05 -30.79
C ARG E 1983 -94.98 14.42 -30.05
N PHE E 1984 -95.28 13.61 -29.05
CA PHE E 1984 -94.21 13.06 -28.23
C PHE E 1984 -93.33 12.07 -28.97
N PRO E 1985 -93.83 11.12 -29.75
CA PRO E 1985 -92.91 10.17 -30.41
C PRO E 1985 -91.93 10.84 -31.35
N GLN E 1986 -92.16 12.08 -31.73
CA GLN E 1986 -91.24 12.81 -32.62
C GLN E 1986 -90.39 13.82 -31.87
N ALA E 1987 -90.96 14.51 -30.88
CA ALA E 1987 -90.14 15.33 -30.01
C ALA E 1987 -89.09 14.48 -29.30
N LEU E 1988 -89.45 13.27 -28.91
CA LEU E 1988 -88.51 12.37 -28.27
C LEU E 1988 -87.37 12.01 -29.21
N ASP E 1989 -87.69 11.75 -30.48
CA ASP E 1989 -86.63 11.42 -31.41
C ASP E 1989 -85.73 12.61 -31.66
N SER E 1990 -86.31 13.81 -31.77
CA SER E 1990 -85.50 14.99 -31.96
C SER E 1990 -84.57 15.24 -30.79
N ALA E 1991 -85.04 15.00 -29.56
CA ALA E 1991 -84.17 15.17 -28.41
C ALA E 1991 -83.15 14.04 -28.31
N ARG E 1992 -83.51 12.83 -28.70
CA ARG E 1992 -82.57 11.72 -28.66
C ARG E 1992 -81.44 11.93 -29.64
N SER E 1993 -81.71 12.52 -30.79
CA SER E 1993 -80.65 12.83 -31.73
C SER E 1993 -79.67 13.85 -31.14
N LEU E 1994 -80.19 14.91 -30.55
CA LEU E 1994 -79.30 15.89 -29.93
C LEU E 1994 -78.55 15.32 -28.76
N THR E 1995 -79.15 14.40 -28.00
CA THR E 1995 -78.41 13.79 -26.91
C THR E 1995 -77.31 12.87 -27.41
N GLY E 1996 -77.54 12.19 -28.53
CA GLY E 1996 -76.45 11.45 -29.14
C GLY E 1996 -75.31 12.35 -29.55
N GLN E 1997 -75.64 13.51 -30.12
CA GLN E 1997 -74.59 14.44 -30.50
C GLN E 1997 -73.87 15.00 -29.28
N LEU E 1998 -74.61 15.23 -28.19
CA LEU E 1998 -73.99 15.68 -26.96
C LEU E 1998 -73.05 14.62 -26.41
N MET E 1999 -73.42 13.36 -26.50
CA MET E 1999 -72.52 12.29 -26.08
C MET E 1999 -71.26 12.29 -26.93
N GLN E 2000 -71.39 12.52 -28.23
CA GLN E 2000 -70.19 12.58 -29.06
C GLN E 2000 -69.30 13.72 -28.63
N PHE E 2001 -69.87 14.89 -28.37
CA PHE E 2001 -69.08 15.99 -27.84
C PHE E 2001 -68.41 15.62 -26.53
N GLY E 2002 -69.12 14.91 -25.66
CA GLY E 2002 -68.54 14.56 -24.38
C GLY E 2002 -67.37 13.59 -24.52
N SER E 2003 -67.51 12.60 -25.38
CA SER E 2003 -66.41 11.69 -25.64
C SER E 2003 -65.20 12.44 -26.19
N THR E 2004 -65.43 13.28 -27.20
CA THR E 2004 -64.31 14.01 -27.79
C THR E 2004 -63.68 14.97 -26.78
N LEU E 2005 -64.50 15.53 -25.88
CA LEU E 2005 -63.97 16.47 -24.91
C LEU E 2005 -63.12 15.76 -23.88
N LEU E 2006 -63.58 14.61 -23.39
CA LEU E 2006 -62.75 13.85 -22.47
C LEU E 2006 -61.46 13.43 -23.13
N GLY E 2007 -61.53 12.99 -24.38
CA GLY E 2007 -60.32 12.67 -25.11
C GLY E 2007 -59.36 13.84 -25.16
N LEU E 2008 -59.85 15.03 -25.51
CA LEU E 2008 -58.98 16.18 -25.64
C LEU E 2008 -58.42 16.61 -24.30
N ILE E 2009 -59.22 16.52 -23.24
CA ILE E 2009 -58.74 16.88 -21.91
C ILE E 2009 -57.58 15.99 -21.51
N GLU E 2010 -57.80 14.68 -21.58
CA GLU E 2010 -56.75 13.77 -21.16
C GLU E 2010 -55.54 13.84 -22.08
N ARG E 2011 -55.75 14.15 -23.35
CA ARG E 2011 -54.64 14.26 -24.29
C ARG E 2011 -53.83 15.52 -24.04
N ARG E 2012 -54.49 16.63 -23.71
CA ARG E 2012 -53.77 17.83 -23.35
C ARG E 2012 -52.97 17.63 -22.08
N ASP E 2013 -53.55 16.93 -21.11
CA ASP E 2013 -52.82 16.64 -19.89
C ASP E 2013 -51.67 15.69 -20.15
N ALA E 2014 -51.77 14.84 -21.16
CA ALA E 2014 -50.63 14.02 -21.55
C ALA E 2014 -49.51 14.86 -22.16
N GLU E 2015 -49.86 15.79 -23.03
CA GLU E 2015 -48.82 16.64 -23.60
C GLU E 2015 -48.17 17.52 -22.55
N ALA E 2016 -48.95 18.04 -21.61
CA ALA E 2016 -48.38 18.87 -20.56
C ALA E 2016 -47.41 18.07 -19.70
N MET E 2017 -47.75 16.83 -19.37
CA MET E 2017 -46.81 16.00 -18.63
C MET E 2017 -45.58 15.67 -19.44
N SER E 2018 -45.76 15.33 -20.71
CA SER E 2018 -44.59 14.98 -21.52
C SER E 2018 -43.66 16.17 -21.66
N GLU E 2019 -44.19 17.39 -21.62
CA GLU E 2019 -43.31 18.55 -21.67
C GLU E 2019 -42.68 18.83 -20.32
N LEU E 2020 -43.42 18.62 -19.24
CA LEU E 2020 -42.84 18.77 -17.91
C LEU E 2020 -41.66 17.85 -17.74
N LEU E 2021 -41.80 16.59 -18.15
CA LEU E 2021 -40.71 15.63 -18.04
C LEU E 2021 -39.49 16.10 -18.80
N GLN E 2022 -39.67 16.68 -19.99
CA GLN E 2022 -38.53 17.14 -20.75
C GLN E 2022 -37.87 18.36 -20.13
N ASN E 2023 -38.65 19.31 -19.63
CA ASN E 2023 -38.04 20.45 -18.93
C ASN E 2023 -37.23 19.97 -17.74
N GLN E 2024 -37.75 18.98 -17.02
CA GLN E 2024 -37.00 18.44 -15.90
C GLN E 2024 -35.73 17.75 -16.37
N ALA E 2025 -35.81 16.97 -17.44
CA ALA E 2025 -34.62 16.30 -17.94
C ALA E 2025 -33.57 17.30 -18.36
N GLY E 2026 -33.98 18.46 -18.87
CA GLY E 2026 -33.01 19.48 -19.24
C GLY E 2026 -32.33 20.08 -18.02
N GLU E 2027 -33.13 20.54 -17.05
CA GLU E 2027 -32.51 21.11 -15.87
C GLU E 2027 -31.84 20.06 -14.99
N LEU E 2028 -31.93 18.79 -15.36
CA LEU E 2028 -31.19 17.74 -14.69
C LEU E 2028 -29.89 17.42 -15.41
N MET E 2029 -29.90 17.39 -16.74
CA MET E 2029 -28.65 17.29 -17.48
C MET E 2029 -27.75 18.48 -17.23
N LEU E 2030 -28.32 19.63 -16.88
CA LEU E 2030 -27.46 20.73 -16.46
C LEU E 2030 -26.57 20.32 -15.29
N SER E 2031 -27.16 19.77 -14.24
CA SER E 2031 -26.37 19.37 -13.09
C SER E 2031 -25.46 18.19 -13.45
N SER E 2032 -25.90 17.31 -14.34
CA SER E 2032 -25.03 16.22 -14.75
C SER E 2032 -23.76 16.73 -15.40
N LEU E 2033 -23.89 17.65 -16.36
CA LEU E 2033 -22.71 18.27 -16.96
C LEU E 2033 -21.89 19.00 -15.92
N ARG E 2034 -22.56 19.75 -15.03
CA ARG E 2034 -21.87 20.48 -13.98
C ARG E 2034 -21.05 19.56 -13.09
N MET E 2035 -21.50 18.32 -12.93
CA MET E 2035 -20.78 17.36 -12.11
C MET E 2035 -19.68 16.66 -12.87
N GLN E 2036 -19.80 16.61 -14.19
CA GLN E 2036 -18.71 16.06 -14.98
C GLN E 2036 -17.43 16.88 -14.85
N GLU E 2037 -17.53 18.20 -14.82
CA GLU E 2037 -16.34 19.01 -14.63
C GLU E 2037 -15.69 18.73 -13.28
N GLN E 2038 -16.47 18.50 -12.23
CA GLN E 2038 -15.83 18.13 -10.97
C GLN E 2038 -15.17 16.77 -11.08
N ALA E 2039 -15.84 15.81 -11.70
CA ALA E 2039 -15.24 14.50 -11.90
C ALA E 2039 -13.98 14.59 -12.73
N LEU E 2040 -13.79 15.67 -13.45
CA LEU E 2040 -12.61 15.82 -14.30
C LEU E 2040 -11.52 16.66 -13.67
N THR E 2041 -11.85 17.58 -12.76
CA THR E 2041 -10.78 18.18 -11.97
C THR E 2041 -10.27 17.23 -10.90
N GLU E 2042 -11.07 16.25 -10.50
CA GLU E 2042 -10.53 15.25 -9.59
C GLU E 2042 -9.36 14.51 -10.23
N LEU E 2043 -9.35 14.39 -11.55
CA LEU E 2043 -8.19 13.78 -12.19
C LEU E 2043 -6.98 14.70 -12.18
N ASP E 2044 -7.18 16.00 -12.33
CA ASP E 2044 -6.07 16.92 -12.17
C ASP E 2044 -5.55 16.94 -10.76
N ALA E 2045 -6.34 16.49 -9.79
CA ALA E 2045 -5.83 16.31 -8.44
C ALA E 2045 -5.09 15.00 -8.28
N GLU E 2046 -5.60 13.92 -8.86
CA GLU E 2046 -4.87 12.66 -8.84
C GLU E 2046 -3.50 12.79 -9.48
N LYS E 2047 -3.41 13.60 -10.54
CA LYS E 2047 -2.12 13.82 -11.17
C LYS E 2047 -1.16 14.51 -10.23
N LYS E 2048 -1.67 15.40 -9.38
CA LYS E 2048 -0.78 16.05 -8.43
C LYS E 2048 -0.30 15.06 -7.38
N ILE E 2049 -1.18 14.19 -6.91
CA ILE E 2049 -0.74 13.13 -5.99
C ILE E 2049 0.39 12.32 -6.62
N LEU E 2050 0.17 11.86 -7.85
CA LEU E 2050 1.18 11.04 -8.49
C LEU E 2050 2.44 11.81 -8.80
N GLU E 2051 2.34 13.11 -9.01
CA GLU E 2051 3.54 13.89 -9.26
C GLU E 2051 4.36 14.07 -7.99
N GLN E 2052 3.70 14.20 -6.85
CA GLN E 2052 4.46 14.20 -5.62
C GLN E 2052 5.12 12.86 -5.36
N SER E 2053 4.43 11.76 -5.68
CA SER E 2053 5.11 10.46 -5.58
C SER E 2053 6.32 10.41 -6.49
N ARG E 2054 6.16 10.89 -7.73
CA ARG E 2054 7.26 10.89 -8.67
C ARG E 2054 8.43 11.71 -8.16
N ALA E 2055 8.15 12.86 -7.57
CA ALA E 2055 9.22 13.72 -7.10
C ALA E 2055 9.93 13.11 -5.91
N GLY E 2056 9.19 12.47 -5.01
CA GLY E 2056 9.82 11.77 -3.91
C GLY E 2056 10.73 10.66 -4.39
N ALA E 2057 10.25 9.83 -5.31
CA ALA E 2057 11.09 8.75 -5.80
C ALA E 2057 12.28 9.28 -6.57
N GLN E 2058 12.13 10.38 -7.29
CA GLN E 2058 13.27 10.92 -8.01
C GLN E 2058 14.29 11.49 -7.06
N SER E 2059 13.86 12.09 -5.96
CA SER E 2059 14.81 12.53 -4.96
C SER E 2059 15.56 11.34 -4.36
N ARG E 2060 14.86 10.23 -4.13
CA ARG E 2060 15.55 9.05 -3.60
C ARG E 2060 16.57 8.52 -4.58
N VAL E 2061 16.22 8.46 -5.87
CA VAL E 2061 17.19 8.01 -6.85
C VAL E 2061 18.38 8.94 -6.88
N ASP E 2062 18.14 10.25 -6.84
CA ASP E 2062 19.25 11.19 -6.83
C ASP E 2062 20.15 10.99 -5.63
N SER E 2063 19.59 10.68 -4.47
CA SER E 2063 20.40 10.49 -3.27
C SER E 2063 21.21 9.21 -3.35
N TYR E 2064 20.56 8.11 -3.67
CA TYR E 2064 21.28 6.84 -3.73
C TYR E 2064 22.25 6.76 -4.87
N ARG E 2065 22.01 7.43 -5.99
CA ARG E 2065 23.00 7.46 -7.04
C ARG E 2065 24.25 8.17 -6.56
N ALA E 2066 24.10 9.28 -5.85
CA ALA E 2066 25.27 9.97 -5.33
C ALA E 2066 26.02 9.09 -4.35
N LEU E 2067 25.30 8.42 -3.46
CA LEU E 2067 25.94 7.52 -2.53
C LEU E 2067 26.69 6.41 -3.25
N TYR E 2068 26.02 5.73 -4.16
CA TYR E 2068 26.62 4.59 -4.84
C TYR E 2068 27.74 5.02 -5.76
N ASP E 2069 27.73 6.27 -6.24
CA ASP E 2069 28.77 6.72 -7.15
C ASP E 2069 30.02 7.13 -6.39
N GLU E 2070 29.86 7.96 -5.37
CA GLU E 2070 30.98 8.22 -4.47
C GLU E 2070 31.10 6.96 -3.63
N ASN E 2071 31.84 5.98 -4.13
CA ASN E 2071 31.82 4.67 -3.50
C ASN E 2071 32.32 4.75 -2.07
N VAL E 2072 33.60 5.03 -1.90
CA VAL E 2072 34.16 5.30 -0.59
C VAL E 2072 34.66 6.74 -0.61
N SER E 2073 34.45 7.43 0.50
CA SER E 2073 34.80 8.83 0.57
C SER E 2073 36.29 8.99 0.37
N ALA E 2074 36.73 10.23 0.25
CA ALA E 2074 38.16 10.49 0.21
C ALA E 2074 38.83 10.12 1.51
N GLU E 2075 38.07 10.08 2.59
CA GLU E 2075 38.60 9.80 3.92
C GLU E 2075 38.48 8.35 4.30
N GLU E 2076 37.48 7.65 3.80
CA GLU E 2076 37.48 6.21 3.97
C GLU E 2076 38.65 5.56 3.27
N LYS E 2077 39.14 6.12 2.17
CA LYS E 2077 40.38 5.62 1.60
C LYS E 2077 41.56 5.98 2.48
N ARG E 2078 41.48 7.14 3.13
CA ARG E 2078 42.56 7.54 4.03
C ARG E 2078 42.65 6.59 5.20
N THR E 2079 41.52 6.10 5.68
CA THR E 2079 41.54 5.12 6.75
C THR E 2079 42.21 3.82 6.32
N MET E 2080 41.97 3.38 5.10
CA MET E 2080 42.58 2.14 4.64
C MET E 2080 44.08 2.32 4.47
N ASP E 2081 44.51 3.45 3.91
CA ASP E 2081 45.93 3.72 3.86
C ASP E 2081 46.54 3.79 5.26
N LEU E 2082 45.78 4.23 6.24
CA LEU E 2082 46.32 4.34 7.59
C LEU E 2082 46.48 2.98 8.24
N TYR E 2083 45.49 2.11 8.08
CA TYR E 2083 45.64 0.76 8.60
C TYR E 2083 46.80 0.04 7.93
N LEU E 2084 46.98 0.26 6.63
CA LEU E 2084 48.10 -0.38 5.95
C LEU E 2084 49.43 0.15 6.44
N SER E 2085 49.55 1.47 6.59
CA SER E 2085 50.77 2.04 7.14
C SER E 2085 51.04 1.55 8.55
N SER E 2086 49.98 1.35 9.34
CA SER E 2086 50.16 0.86 10.69
C SER E 2086 50.70 -0.56 10.69
N ALA E 2087 50.14 -1.42 9.85
CA ALA E 2087 50.63 -2.79 9.78
C ALA E 2087 52.06 -2.86 9.30
N ILE E 2088 52.42 -2.00 8.35
CA ILE E 2088 53.78 -2.01 7.85
C ILE E 2088 54.75 -1.51 8.92
N LEU E 2089 54.38 -0.46 9.65
CA LEU E 2089 55.21 -0.03 10.76
C LEU E 2089 55.37 -1.13 11.79
N SER E 2090 54.29 -1.88 12.04
CA SER E 2090 54.36 -2.90 13.08
C SER E 2090 55.21 -4.08 12.68
N THR E 2091 55.37 -4.35 11.40
CA THR E 2091 56.30 -5.41 11.02
C THR E 2091 57.70 -4.90 10.70
N SER E 2092 57.90 -3.60 10.54
CA SER E 2092 59.23 -3.09 10.24
C SER E 2092 60.02 -2.74 11.49
N ILE E 2093 59.65 -3.32 12.62
CA ILE E 2093 60.32 -3.04 13.89
C ILE E 2093 60.99 -4.25 14.48
N GLY E 2094 60.69 -5.46 14.02
CA GLY E 2094 61.45 -6.61 14.43
C GLY E 2094 62.93 -6.49 14.16
N VAL E 2095 63.31 -5.82 13.08
CA VAL E 2095 64.73 -5.63 12.78
C VAL E 2095 65.40 -4.87 13.91
N LEU E 2096 64.77 -3.79 14.35
CA LEU E 2096 65.33 -2.99 15.43
C LEU E 2096 65.34 -3.76 16.73
N ASP E 2097 64.27 -4.49 17.00
CA ASP E 2097 64.17 -5.23 18.25
C ASP E 2097 65.18 -6.35 18.32
N MET E 2098 65.60 -6.89 17.18
CA MET E 2098 66.60 -7.92 17.17
C MET E 2098 68.00 -7.34 17.17
N ALA E 2099 68.20 -6.21 16.51
CA ALA E 2099 69.48 -5.53 16.63
C ALA E 2099 69.75 -5.11 18.05
N ALA E 2100 68.71 -4.72 18.78
CA ALA E 2100 68.86 -4.37 20.17
C ALA E 2100 69.34 -5.56 20.99
N ALA E 2101 68.75 -6.73 20.76
CA ALA E 2101 69.16 -7.91 21.49
C ALA E 2101 70.57 -8.34 21.12
N ALA E 2102 70.93 -8.27 19.84
CA ALA E 2102 72.28 -8.61 19.43
C ALA E 2102 73.30 -7.67 20.03
N ALA E 2103 72.95 -6.40 20.17
CA ALA E 2103 73.82 -5.46 20.85
C ALA E 2103 73.90 -5.75 22.33
N ASP E 2104 72.81 -6.23 22.92
CA ASP E 2104 72.81 -6.55 24.33
C ASP E 2104 73.58 -7.83 24.63
N MET E 2105 73.81 -8.68 23.64
CA MET E 2105 74.57 -9.89 23.91
C MET E 2105 76.03 -9.61 24.23
N ALA E 2106 76.52 -8.41 23.98
CA ALA E 2106 77.90 -8.11 24.27
C ALA E 2106 78.06 -7.67 25.72
N PRO E 2107 79.14 -8.07 26.39
CA PRO E 2107 79.29 -7.74 27.80
C PRO E 2107 79.43 -6.24 28.01
N ASN E 2108 78.78 -5.76 29.07
CA ASN E 2108 78.86 -4.35 29.40
C ASN E 2108 79.47 -4.06 30.74
N ILE E 2109 79.82 -5.07 31.54
CA ILE E 2109 80.54 -4.86 32.79
C ILE E 2109 81.97 -5.31 32.57
N PHE E 2110 82.92 -4.41 32.76
CA PHE E 2110 84.33 -4.68 32.56
C PHE E 2110 85.07 -4.49 33.87
N GLY E 2111 86.33 -4.92 33.89
CA GLY E 2111 87.11 -4.82 35.10
C GLY E 2111 87.44 -6.17 35.71
N VAL E 2112 87.53 -6.22 37.03
CA VAL E 2112 87.85 -7.49 37.69
C VAL E 2112 86.70 -8.47 37.56
N ALA E 2113 85.47 -7.97 37.58
CA ALA E 2113 84.33 -8.78 37.21
C ALA E 2113 83.87 -8.41 35.81
N VAL E 2114 83.89 -9.37 34.90
CA VAL E 2114 83.49 -9.13 33.52
C VAL E 2114 82.15 -9.82 33.31
N GLY E 2115 81.36 -9.32 32.38
CA GLY E 2115 80.11 -9.96 32.05
C GLY E 2115 79.03 -8.97 31.68
N GLY E 2116 77.79 -9.32 31.98
CA GLY E 2116 76.69 -8.44 31.70
C GLY E 2116 75.92 -8.74 30.44
N SER E 2117 76.28 -9.78 29.70
CA SER E 2117 75.50 -10.12 28.53
C SER E 2117 74.09 -10.50 28.95
N ARG E 2118 73.18 -10.45 28.00
CA ARG E 2118 71.80 -10.83 28.21
C ARG E 2118 71.55 -12.10 27.41
N TRP E 2119 71.57 -13.23 28.10
CA TRP E 2119 71.47 -14.50 27.41
C TRP E 2119 70.14 -14.70 26.73
N GLY E 2120 69.06 -14.19 27.29
CA GLY E 2120 67.76 -14.45 26.72
C GLY E 2120 67.30 -13.34 25.81
N GLY E 2121 68.20 -12.44 25.49
CA GLY E 2121 67.84 -11.31 24.67
C GLY E 2121 67.33 -11.71 23.31
N ILE E 2122 68.00 -12.68 22.68
CA ILE E 2122 67.66 -13.06 21.32
C ILE E 2122 66.38 -13.87 21.25
N PRO E 2123 66.14 -14.86 22.12
CA PRO E 2123 64.82 -15.47 22.13
C PRO E 2123 63.73 -14.50 22.45
N LYS E 2124 63.95 -13.61 23.42
CA LYS E 2124 62.95 -12.61 23.74
C LYS E 2124 62.65 -11.71 22.55
N ALA E 2125 63.67 -11.37 21.77
CA ALA E 2125 63.44 -10.47 20.64
C ALA E 2125 62.74 -11.20 19.50
N ILE E 2126 63.06 -12.48 19.29
CA ILE E 2126 62.30 -13.24 18.32
C ILE E 2126 60.84 -13.29 18.72
N GLY E 2127 60.57 -13.50 20.00
CA GLY E 2127 59.19 -13.49 20.45
C GLY E 2127 58.52 -12.14 20.25
N ALA E 2128 59.24 -11.06 20.53
CA ALA E 2128 58.66 -9.73 20.34
C ALA E 2128 58.36 -9.47 18.88
N GLY E 2129 59.23 -9.94 17.99
CA GLY E 2129 58.92 -9.85 16.57
C GLY E 2129 57.73 -10.68 16.17
N MET E 2130 57.57 -11.85 16.78
CA MET E 2130 56.38 -12.65 16.52
C MET E 2130 55.13 -11.92 16.96
N SER E 2131 55.18 -11.29 18.13
CA SER E 2131 54.02 -10.58 18.63
C SER E 2131 53.69 -9.38 17.77
N LEU E 2132 54.70 -8.75 17.21
CA LEU E 2132 54.43 -7.65 16.28
C LEU E 2132 53.85 -8.17 14.98
N ALA E 2133 54.30 -9.32 14.49
CA ALA E 2133 53.67 -9.89 13.31
C ALA E 2133 52.23 -10.26 13.57
N ALA E 2134 51.92 -10.78 14.76
CA ALA E 2134 50.54 -11.11 15.08
C ALA E 2134 49.69 -9.85 15.18
N SER E 2135 50.24 -8.79 15.77
CA SER E 2135 49.51 -7.54 15.83
C SER E 2135 49.25 -6.97 14.45
N ALA E 2136 50.25 -6.96 13.59
CA ALA E 2136 50.07 -6.40 12.25
C ALA E 2136 49.16 -7.27 11.41
N THR E 2137 49.15 -8.57 11.65
CA THR E 2137 48.21 -9.44 10.99
C THR E 2137 46.78 -9.14 11.40
N LYS E 2138 46.54 -8.92 12.68
CA LYS E 2138 45.19 -8.52 13.07
C LYS E 2138 44.83 -7.15 12.52
N ILE E 2139 45.81 -6.25 12.41
CA ILE E 2139 45.51 -4.94 11.85
C ILE E 2139 45.13 -5.04 10.39
N THR E 2140 45.85 -5.83 9.61
CA THR E 2140 45.47 -5.97 8.21
C THR E 2140 44.19 -6.76 8.05
N ALA E 2141 43.88 -7.68 8.97
CA ALA E 2141 42.57 -8.32 8.94
C ALA E 2141 41.47 -7.30 9.16
N ASP E 2142 41.66 -6.39 10.12
CA ASP E 2142 40.67 -5.36 10.34
C ASP E 2142 40.54 -4.43 9.15
N ASN E 2143 41.64 -4.16 8.46
CA ASN E 2143 41.58 -3.35 7.25
C ASN E 2143 40.73 -4.03 6.19
N ILE E 2144 40.97 -5.31 5.94
CA ILE E 2144 40.17 -6.03 4.96
C ILE E 2144 38.71 -6.07 5.38
N SER E 2145 38.45 -6.30 6.67
CA SER E 2145 37.07 -6.34 7.14
C SER E 2145 36.38 -5.01 6.94
N GLN E 2146 37.08 -3.92 7.18
CA GLN E 2146 36.52 -2.60 6.96
C GLN E 2146 36.15 -2.41 5.50
N SER E 2147 37.10 -2.68 4.60
CA SER E 2147 36.81 -2.47 3.19
C SER E 2147 35.66 -3.36 2.73
N GLU E 2148 35.55 -4.55 3.29
CA GLU E 2148 34.45 -5.43 2.90
C GLU E 2148 33.12 -4.92 3.43
N ALA E 2149 33.12 -4.37 4.64
CA ALA E 2149 31.91 -3.74 5.13
C ALA E 2149 31.47 -2.60 4.23
N TRP E 2150 32.43 -1.82 3.74
CA TRP E 2150 32.07 -0.75 2.84
C TRP E 2150 31.57 -1.28 1.51
N ARG E 2151 32.12 -2.39 1.04
CA ARG E 2151 31.63 -2.95 -0.22
C ARG E 2151 30.21 -3.48 -0.07
N ARG E 2152 29.92 -4.14 1.03
CA ARG E 2152 28.55 -4.58 1.28
C ARG E 2152 27.62 -3.39 1.43
N ARG E 2153 28.11 -2.31 2.01
CA ARG E 2153 27.32 -1.10 2.08
C ARG E 2153 26.99 -0.59 0.69
N ARG E 2154 27.97 -0.55 -0.19
CA ARG E 2154 27.70 -0.08 -1.54
C ARG E 2154 26.76 -1.02 -2.28
N GLN E 2155 26.77 -2.30 -1.95
CA GLN E 2155 25.83 -3.20 -2.60
C GLN E 2155 24.42 -2.96 -2.09
N GLU E 2156 24.25 -2.74 -0.80
CA GLU E 2156 22.95 -2.32 -0.31
C GLU E 2156 22.48 -1.05 -0.99
N TRP E 2157 23.40 -0.11 -1.18
CA TRP E 2157 23.03 1.14 -1.82
C TRP E 2157 22.62 0.92 -3.26
N GLU E 2158 23.32 0.05 -3.97
CA GLU E 2158 22.91 -0.24 -5.34
C GLU E 2158 21.53 -0.86 -5.36
N ILE E 2159 21.22 -1.72 -4.41
CA ILE E 2159 19.89 -2.30 -4.35
C ILE E 2159 18.86 -1.23 -4.08
N GLN E 2160 19.15 -0.30 -3.17
CA GLN E 2160 18.20 0.76 -2.88
C GLN E 2160 18.03 1.68 -4.09
N LYS E 2161 19.11 1.96 -4.79
CA LYS E 2161 19.03 2.81 -5.96
C LYS E 2161 18.20 2.17 -7.04
N ASN E 2162 18.32 0.86 -7.21
CA ASN E 2162 17.48 0.17 -8.17
C ASN E 2162 16.02 0.14 -7.73
N ASN E 2163 15.76 -0.05 -6.43
CA ASN E 2163 14.41 0.06 -5.94
C ASN E 2163 13.79 1.38 -6.35
N ALA E 2164 14.46 2.47 -6.03
CA ALA E 2164 13.87 3.77 -6.32
C ALA E 2164 13.82 4.05 -7.81
N GLU E 2165 14.79 3.55 -8.55
CA GLU E 2165 14.82 3.76 -9.99
C GLU E 2165 13.71 3.00 -10.69
N SER E 2166 13.32 1.84 -10.18
CA SER E 2166 12.19 1.13 -10.74
C SER E 2166 10.88 1.70 -10.25
N GLU E 2167 10.85 2.21 -9.04
CA GLU E 2167 9.66 2.90 -8.57
C GLU E 2167 9.37 4.13 -9.41
N ILE E 2168 10.41 4.80 -9.90
CA ILE E 2168 10.18 5.91 -10.82
C ILE E 2168 9.51 5.43 -12.08
N ARG E 2169 10.00 4.34 -12.67
CA ARG E 2169 9.38 3.84 -13.88
C ARG E 2169 7.94 3.43 -13.63
N GLN E 2170 7.69 2.82 -12.48
CA GLN E 2170 6.33 2.44 -12.13
C GLN E 2170 5.43 3.66 -11.98
N ILE E 2171 5.95 4.74 -11.38
CA ILE E 2171 5.12 5.92 -11.20
C ILE E 2171 4.92 6.65 -12.52
N ASP E 2172 5.86 6.53 -13.44
CA ASP E 2172 5.64 7.12 -14.76
C ASP E 2172 4.60 6.34 -15.55
N ALA E 2173 4.67 5.01 -15.52
CA ALA E 2173 3.61 4.24 -16.13
C ALA E 2173 2.27 4.53 -15.48
N GLN E 2174 2.28 4.82 -14.19
CA GLN E 2174 1.06 5.18 -13.49
C GLN E 2174 0.51 6.51 -13.96
N LEU E 2175 1.39 7.48 -14.20
CA LEU E 2175 0.97 8.76 -14.75
C LEU E 2175 0.43 8.59 -16.16
N GLU E 2176 0.97 7.65 -16.92
CA GLU E 2176 0.45 7.41 -18.26
C GLU E 2176 -0.93 6.78 -18.20
N ALA E 2177 -1.12 5.82 -17.30
CA ALA E 2177 -2.46 5.28 -17.09
C ALA E 2177 -3.43 6.37 -16.67
N LEU E 2178 -2.98 7.31 -15.85
CA LEU E 2178 -3.86 8.40 -15.47
C LEU E 2178 -4.17 9.32 -16.64
N ALA E 2179 -3.21 9.58 -17.52
CA ALA E 2179 -3.50 10.41 -18.68
C ALA E 2179 -4.50 9.72 -19.61
N VAL E 2180 -4.41 8.41 -19.73
CA VAL E 2180 -5.43 7.68 -20.50
C VAL E 2180 -6.78 7.78 -19.81
N ARG E 2181 -6.82 7.59 -18.49
CA ARG E 2181 -8.09 7.72 -17.81
C ARG E 2181 -8.66 9.14 -17.94
N ARG E 2182 -7.80 10.14 -18.07
CA ARG E 2182 -8.29 11.49 -18.24
C ARG E 2182 -8.83 11.71 -19.64
N THR E 2183 -8.17 11.18 -20.65
CA THR E 2183 -8.76 11.31 -21.97
C THR E 2183 -10.03 10.48 -22.10
N ALA E 2184 -10.24 9.51 -21.22
CA ALA E 2184 -11.51 8.79 -21.21
C ALA E 2184 -12.59 9.56 -20.46
N THR E 2185 -12.22 10.27 -19.40
CA THR E 2185 -13.19 11.12 -18.73
C THR E 2185 -13.57 12.33 -19.57
N GLU E 2186 -12.66 12.86 -20.37
CA GLU E 2186 -13.04 13.92 -21.29
C GLU E 2186 -14.02 13.41 -22.32
N MET E 2187 -13.88 12.16 -22.75
CA MET E 2187 -14.84 11.58 -23.67
C MET E 2187 -16.17 11.32 -23.00
N GLN E 2188 -16.16 10.91 -21.73
CA GLN E 2188 -17.41 10.84 -20.99
C GLN E 2188 -18.07 12.21 -20.91
N ARG E 2189 -17.28 13.26 -20.79
CA ARG E 2189 -17.85 14.61 -20.75
C ARG E 2189 -18.45 15.00 -22.08
N GLU E 2190 -17.79 14.67 -23.19
CA GLU E 2190 -18.38 14.99 -24.48
C GLU E 2190 -19.62 14.14 -24.74
N HIS E 2191 -19.63 12.91 -24.25
CA HIS E 2191 -20.84 12.09 -24.32
C HIS E 2191 -21.99 12.75 -23.56
N MET E 2192 -21.72 13.22 -22.34
CA MET E 2192 -22.77 13.89 -21.59
C MET E 2192 -23.22 15.17 -22.26
N GLU E 2193 -22.30 15.87 -22.91
CA GLU E 2193 -22.69 17.08 -23.64
C GLU E 2193 -23.56 16.75 -24.83
N ILE E 2194 -23.27 15.65 -25.53
CA ILE E 2194 -24.12 15.26 -26.64
C ILE E 2194 -25.48 14.82 -26.13
N GLN E 2195 -25.54 14.22 -24.95
CA GLN E 2195 -26.82 13.90 -24.35
C GLN E 2195 -27.60 15.16 -24.02
N GLN E 2196 -26.93 16.19 -23.55
CA GLN E 2196 -27.61 17.44 -23.26
C GLN E 2196 -28.16 18.06 -24.54
N ALA E 2197 -27.35 18.06 -25.59
CA ALA E 2197 -27.82 18.57 -26.87
C ALA E 2197 -29.03 17.78 -27.37
N GLN E 2198 -29.05 16.48 -27.10
CA GLN E 2198 -30.16 15.66 -27.58
C GLN E 2198 -31.42 15.90 -26.76
N THR E 2199 -31.28 16.08 -25.45
CA THR E 2199 -32.44 16.48 -24.67
C THR E 2199 -32.98 17.81 -25.14
N GLN E 2200 -32.09 18.73 -25.51
CA GLN E 2200 -32.57 19.97 -26.09
C GLN E 2200 -33.28 19.74 -27.41
N ALA E 2201 -32.78 18.84 -28.24
CA ALA E 2201 -33.46 18.56 -29.49
C ALA E 2201 -34.84 17.95 -29.26
N GLN E 2202 -34.97 17.11 -28.24
CA GLN E 2202 -36.28 16.53 -27.95
C GLN E 2202 -37.25 17.59 -27.43
N LEU E 2203 -36.78 18.50 -26.59
CA LEU E 2203 -37.64 19.58 -26.15
C LEU E 2203 -38.06 20.46 -27.31
N GLU E 2204 -37.11 20.79 -28.18
CA GLU E 2204 -37.42 21.56 -29.38
C GLU E 2204 -38.48 20.85 -30.21
N PHE E 2205 -38.35 19.53 -30.35
CA PHE E 2205 -39.32 18.79 -31.14
C PHE E 2205 -40.69 18.83 -30.49
N LEU E 2206 -40.77 18.60 -29.18
CA LEU E 2206 -42.04 18.66 -28.50
C LEU E 2206 -42.67 20.04 -28.55
N GLN E 2207 -41.87 21.08 -28.73
CA GLN E 2207 -42.45 22.41 -28.73
C GLN E 2207 -42.79 22.87 -30.14
N ARG E 2208 -42.08 22.39 -31.15
CA ARG E 2208 -42.38 22.75 -32.53
C ARG E 2208 -43.45 21.87 -33.14
N LYS E 2209 -43.58 20.63 -32.68
CA LYS E 2209 -44.50 19.69 -33.30
C LYS E 2209 -45.91 20.24 -33.26
N PHE E 2210 -46.71 19.81 -34.22
CA PHE E 2210 -48.03 20.41 -34.34
C PHE E 2210 -48.89 20.11 -33.13
N SER E 2211 -48.99 18.85 -32.74
CA SER E 2211 -49.90 18.44 -31.69
C SER E 2211 -49.29 18.68 -30.31
N ASN E 2212 -48.90 19.92 -30.07
CA ASN E 2212 -48.25 20.28 -28.82
C ASN E 2212 -49.30 20.66 -27.79
N LYS E 2213 -48.85 21.03 -26.60
CA LYS E 2213 -49.76 21.37 -25.52
C LYS E 2213 -50.65 22.55 -25.90
N ALA E 2214 -50.13 23.47 -26.69
CA ALA E 2214 -50.90 24.65 -27.06
C ALA E 2214 -52.09 24.26 -27.92
N LEU E 2215 -51.88 23.39 -28.90
CA LEU E 2215 -52.97 22.94 -29.75
C LEU E 2215 -54.08 22.34 -28.92
N TYR E 2216 -53.76 21.36 -28.09
CA TYR E 2216 -54.77 20.68 -27.31
C TYR E 2216 -55.41 21.61 -26.29
N SER E 2217 -54.70 22.61 -25.79
CA SER E 2217 -55.33 23.57 -24.90
C SER E 2217 -56.36 24.39 -25.63
N TRP E 2218 -56.02 24.85 -26.83
CA TRP E 2218 -57.00 25.60 -27.62
C TRP E 2218 -58.21 24.75 -27.94
N LEU E 2219 -57.99 23.52 -28.40
CA LEU E 2219 -59.11 22.66 -28.73
C LEU E 2219 -59.94 22.34 -27.51
N ARG E 2220 -59.31 22.17 -26.36
CA ARG E 2220 -60.07 21.86 -25.15
C ARG E 2220 -60.94 23.05 -24.74
N GLY E 2221 -60.38 24.25 -24.76
CA GLY E 2221 -61.18 25.41 -24.40
C GLY E 2221 -62.30 25.65 -25.39
N ARG E 2222 -62.00 25.55 -26.67
CA ARG E 2222 -62.98 25.77 -27.71
C ARG E 2222 -64.11 24.75 -27.63
N LEU E 2223 -63.78 23.47 -27.54
CA LEU E 2223 -64.80 22.44 -27.42
C LEU E 2223 -65.52 22.54 -26.09
N ALA E 2224 -64.89 23.02 -25.03
CA ALA E 2224 -65.58 23.16 -23.77
C ALA E 2224 -66.64 24.24 -23.86
N SER E 2225 -66.33 25.33 -24.55
CA SER E 2225 -67.36 26.35 -24.79
C SER E 2225 -68.52 25.77 -25.60
N ILE E 2226 -68.20 25.10 -26.70
CA ILE E 2226 -69.25 24.51 -27.52
C ILE E 2226 -70.08 23.52 -26.73
N TYR E 2227 -69.44 22.67 -25.95
CA TYR E 2227 -70.13 21.66 -25.17
C TYR E 2227 -71.04 22.30 -24.13
N TYR E 2228 -70.55 23.33 -23.45
CA TYR E 2228 -71.36 23.98 -22.42
C TYR E 2228 -72.59 24.61 -23.03
N ARG E 2229 -72.44 25.31 -24.15
CA ARG E 2229 -73.61 25.97 -24.72
C ARG E 2229 -74.38 25.08 -25.66
N PHE E 2230 -73.97 23.82 -25.82
CA PHE E 2230 -74.75 22.79 -26.50
C PHE E 2230 -75.61 22.00 -25.53
N TYR E 2231 -75.12 21.78 -24.32
CA TYR E 2231 -75.95 21.17 -23.29
C TYR E 2231 -77.17 22.03 -23.02
N ASP E 2232 -77.04 23.34 -23.21
CA ASP E 2232 -78.19 24.22 -23.07
C ASP E 2232 -79.30 23.89 -24.06
N LEU E 2233 -78.94 23.57 -25.30
CA LEU E 2233 -79.96 23.16 -26.26
C LEU E 2233 -80.48 21.78 -25.95
N THR E 2234 -79.59 20.87 -25.53
CA THR E 2234 -80.04 19.52 -25.28
C THR E 2234 -81.03 19.43 -24.12
N ALA E 2235 -80.78 20.17 -23.03
CA ALA E 2235 -81.73 20.14 -21.92
C ALA E 2235 -83.06 20.74 -22.33
N ALA E 2236 -83.05 21.80 -23.14
CA ALA E 2236 -84.28 22.35 -23.65
C ALA E 2236 -85.03 21.37 -24.53
N ARG E 2237 -84.33 20.59 -25.35
CA ARG E 2237 -85.02 19.58 -26.16
C ARG E 2237 -85.63 18.50 -25.28
N CYS E 2238 -84.89 18.05 -24.28
CA CYS E 2238 -85.44 17.04 -23.39
C CYS E 2238 -86.66 17.58 -22.64
N MET E 2239 -86.65 18.87 -22.32
CA MET E 2239 -87.81 19.47 -21.67
C MET E 2239 -88.98 19.59 -22.64
N MET E 2240 -88.71 19.96 -23.89
CA MET E 2240 -89.75 19.93 -24.90
C MET E 2240 -90.37 18.55 -25.03
N ALA E 2241 -89.53 17.51 -25.03
CA ALA E 2241 -90.04 16.16 -25.14
C ALA E 2241 -90.86 15.78 -23.92
N GLU E 2242 -90.45 16.23 -22.74
CA GLU E 2242 -91.24 15.94 -21.55
C GLU E 2242 -92.59 16.63 -21.62
N LYS E 2243 -92.61 17.87 -22.14
CA LYS E 2243 -93.89 18.55 -22.26
C LYS E 2243 -94.79 17.89 -23.29
N ALA E 2244 -94.24 17.48 -24.42
CA ALA E 2244 -95.04 16.77 -25.40
C ALA E 2244 -95.56 15.47 -24.82
N TYR E 2245 -94.78 14.83 -23.95
CA TYR E 2245 -95.25 13.65 -23.25
C TYR E 2245 -96.42 13.99 -22.33
N ALA E 2246 -96.29 15.08 -21.58
CA ALA E 2246 -97.36 15.47 -20.66
C ALA E 2246 -98.62 15.88 -21.40
N TRP E 2247 -98.49 16.38 -22.63
CA TRP E 2247 -99.68 16.81 -23.35
C TRP E 2247 -100.30 15.65 -24.12
N GLN E 2248 -99.49 14.68 -24.56
CA GLN E 2248 -100.06 13.54 -25.25
C GLN E 2248 -100.64 12.52 -24.28
N THR E 2249 -100.10 12.44 -23.07
CA THR E 2249 -100.69 11.66 -22.00
C THR E 2249 -100.91 12.59 -20.82
N ASN E 2250 -102.16 12.73 -20.39
CA ASN E 2250 -102.47 13.70 -19.35
C ASN E 2250 -101.92 13.24 -18.00
N ASP E 2251 -100.59 13.13 -17.89
CA ASP E 2251 -99.91 12.79 -16.65
C ASP E 2251 -98.83 13.85 -16.43
N THR E 2252 -99.22 14.97 -15.83
CA THR E 2252 -98.29 16.07 -15.61
C THR E 2252 -97.63 16.00 -14.23
N ALA E 2253 -98.21 15.27 -13.29
CA ALA E 2253 -97.59 15.12 -11.98
C ALA E 2253 -96.24 14.43 -12.09
N THR E 2254 -96.14 13.45 -12.99
CA THR E 2254 -94.88 12.74 -13.16
C THR E 2254 -93.92 13.56 -14.02
N ARG E 2255 -92.63 13.38 -13.77
CA ARG E 2255 -91.60 14.05 -14.53
C ARG E 2255 -90.39 13.15 -14.61
N TYR E 2256 -89.74 13.17 -15.77
CA TYR E 2256 -88.65 12.25 -16.07
C TYR E 2256 -87.34 12.94 -16.33
N ILE E 2257 -87.32 14.03 -17.08
CA ILE E 2257 -86.10 14.79 -17.31
C ILE E 2257 -85.80 15.53 -16.02
N LYS E 2258 -84.85 15.02 -15.23
CA LYS E 2258 -84.51 15.60 -13.95
C LYS E 2258 -83.15 16.27 -14.01
N SER E 2259 -82.91 17.13 -13.01
CA SER E 2259 -81.72 17.96 -12.97
C SER E 2259 -80.53 17.13 -12.52
N GLY E 2260 -79.37 17.77 -12.39
CA GLY E 2260 -78.17 17.04 -12.07
C GLY E 2260 -77.54 16.32 -13.23
N ALA E 2261 -78.04 16.54 -14.44
CA ALA E 2261 -77.40 15.95 -15.62
C ALA E 2261 -76.05 16.60 -15.88
N TRP E 2262 -75.92 17.88 -15.55
CA TRP E 2262 -74.66 18.59 -15.69
C TRP E 2262 -74.04 18.81 -14.33
N GLN E 2263 -72.82 18.31 -14.14
CA GLN E 2263 -72.09 18.49 -12.89
C GLN E 2263 -70.84 19.29 -13.21
N SER E 2264 -70.64 20.40 -12.50
CA SER E 2264 -69.46 21.20 -12.76
C SER E 2264 -68.19 20.57 -12.22
N ASN E 2265 -68.29 19.62 -11.29
CA ASN E 2265 -67.12 18.86 -10.89
C ASN E 2265 -66.46 18.21 -12.09
N ASN E 2266 -67.26 17.70 -13.01
CA ASN E 2266 -66.76 16.97 -14.16
C ASN E 2266 -66.79 17.81 -15.42
N ALA E 2267 -66.84 19.13 -15.30
CA ALA E 2267 -66.97 20.03 -16.45
C ALA E 2267 -68.10 19.60 -17.37
N GLY E 2268 -69.15 19.06 -16.77
CA GLY E 2268 -70.33 18.66 -17.51
C GLY E 2268 -70.18 17.39 -18.31
N LEU E 2269 -69.10 16.66 -18.12
CA LEU E 2269 -68.94 15.41 -18.83
C LEU E 2269 -70.02 14.42 -18.41
N MET E 2270 -70.41 13.57 -19.35
CA MET E 2270 -71.48 12.59 -19.15
C MET E 2270 -72.79 13.25 -18.75
N ALA E 2271 -73.07 14.41 -19.33
CA ALA E 2271 -74.41 14.96 -19.30
C ALA E 2271 -75.32 14.24 -20.28
N GLY E 2272 -74.78 13.89 -21.45
CA GLY E 2272 -75.56 13.17 -22.43
C GLY E 2272 -76.06 11.84 -21.94
N GLU E 2273 -75.24 11.14 -21.17
CA GLU E 2273 -75.65 9.85 -20.63
C GLU E 2273 -76.85 9.99 -19.70
N SER E 2274 -76.80 10.95 -18.78
CA SER E 2274 -77.91 11.14 -17.86
C SER E 2274 -79.16 11.58 -18.61
N LEU E 2275 -79.03 12.55 -19.52
CA LEU E 2275 -80.19 13.02 -20.25
C LEU E 2275 -80.81 11.91 -21.08
N LEU E 2276 -79.99 11.05 -21.66
CA LEU E 2276 -80.53 10.02 -22.52
C LEU E 2276 -81.11 8.88 -21.70
N LEU E 2277 -80.57 8.60 -20.52
CA LEU E 2277 -81.24 7.68 -19.61
C LEU E 2277 -82.62 8.20 -19.26
N ASN E 2278 -82.73 9.51 -19.00
CA ASN E 2278 -84.04 10.08 -18.71
C ASN E 2278 -84.98 9.96 -19.90
N LEU E 2279 -84.48 10.24 -21.10
CA LEU E 2279 -85.31 10.11 -22.29
C LEU E 2279 -85.77 8.68 -22.49
N ALA E 2280 -84.93 7.70 -22.17
CA ALA E 2280 -85.36 6.31 -22.31
C ALA E 2280 -86.37 5.94 -21.24
N GLU E 2281 -86.20 6.44 -20.02
CA GLU E 2281 -87.22 6.24 -19.00
C GLU E 2281 -88.56 6.75 -19.47
N MET E 2282 -88.56 7.96 -20.03
CA MET E 2282 -89.81 8.55 -20.50
C MET E 2282 -90.38 7.79 -21.69
N GLU E 2283 -89.52 7.34 -22.60
CA GLU E 2283 -90.02 6.58 -23.75
C GLU E 2283 -90.63 5.27 -23.31
N GLN E 2284 -90.07 4.62 -22.31
CA GLN E 2284 -90.65 3.34 -21.91
C GLN E 2284 -91.93 3.54 -21.11
N ALA E 2285 -91.99 4.60 -20.30
CA ALA E 2285 -93.28 4.97 -19.72
C ALA E 2285 -94.32 5.16 -20.80
N TRP E 2286 -93.95 5.82 -21.90
CA TRP E 2286 -94.87 6.03 -23.00
C TRP E 2286 -95.26 4.72 -23.66
N LEU E 2287 -94.30 3.82 -23.83
CA LEU E 2287 -94.60 2.55 -24.49
C LEU E 2287 -95.49 1.69 -23.64
N LYS E 2288 -95.48 1.86 -22.32
CA LYS E 2288 -96.41 1.11 -21.49
C LYS E 2288 -97.78 1.77 -21.45
N ARG E 2289 -97.82 3.10 -21.46
CA ARG E 2289 -99.10 3.79 -21.40
C ARG E 2289 -99.79 3.86 -22.76
N ASP E 2290 -99.07 3.54 -23.83
CA ASP E 2290 -99.65 3.63 -25.16
C ASP E 2290 -100.42 2.35 -25.48
N SER E 2291 -101.52 2.50 -26.20
CA SER E 2291 -102.33 1.36 -26.62
C SER E 2291 -103.28 1.85 -27.69
N ARG E 2292 -104.24 1.00 -28.07
CA ARG E 2292 -105.35 1.47 -28.85
C ARG E 2292 -106.18 2.45 -28.03
N SER E 2293 -107.12 3.10 -28.69
CA SER E 2293 -108.04 3.97 -27.98
C SER E 2293 -109.36 4.02 -28.75
N LEU E 2294 -110.45 4.03 -28.00
CA LEU E 2294 -111.74 4.28 -28.61
C LEU E 2294 -111.78 5.71 -29.10
N GLU E 2295 -112.26 5.89 -30.33
CA GLU E 2295 -112.36 7.22 -30.93
C GLU E 2295 -113.72 7.37 -31.58
N VAL E 2296 -114.36 8.50 -31.33
CA VAL E 2296 -115.74 8.75 -31.72
C VAL E 2296 -115.82 10.10 -32.40
N THR E 2297 -116.73 10.21 -33.37
CA THR E 2297 -117.16 11.49 -33.91
C THR E 2297 -118.49 11.87 -33.28
N ARG E 2298 -118.68 13.16 -33.04
CA ARG E 2298 -119.98 13.64 -32.61
C ARG E 2298 -120.42 14.76 -33.53
N THR E 2299 -121.48 14.51 -34.30
CA THR E 2299 -122.04 15.51 -35.19
C THR E 2299 -122.97 16.39 -34.38
N VAL E 2300 -122.58 17.65 -34.20
CA VAL E 2300 -123.33 18.59 -33.39
C VAL E 2300 -124.03 19.59 -34.30
N SER E 2301 -125.28 19.30 -34.64
CA SER E 2301 -126.10 20.25 -35.39
C SER E 2301 -126.46 21.38 -34.43
N LEU E 2302 -125.78 22.52 -34.57
CA LEU E 2302 -125.93 23.61 -33.62
C LEU E 2302 -127.35 24.18 -33.59
N ALA E 2303 -128.14 23.94 -34.63
CA ALA E 2303 -129.54 24.33 -34.58
C ALA E 2303 -130.24 23.69 -33.39
N ALA E 2304 -129.84 22.47 -33.02
CA ALA E 2304 -130.45 21.81 -31.86
C ALA E 2304 -130.10 22.50 -30.56
N VAL E 2305 -128.82 22.69 -30.27
CA VAL E 2305 -128.42 23.38 -29.05
C VAL E 2305 -128.90 24.83 -29.04
N TYR E 2306 -129.22 25.39 -30.21
CA TYR E 2306 -129.88 26.68 -30.23
C TYR E 2306 -131.37 26.56 -29.92
N ARG E 2307 -132.02 25.48 -30.36
CA ARG E 2307 -133.40 25.20 -29.94
C ARG E 2307 -133.50 25.03 -28.43
N THR E 2308 -132.45 24.52 -27.79
CA THR E 2308 -132.43 24.52 -26.33
C THR E 2308 -132.56 25.93 -25.77
N ASP E 2309 -132.15 26.94 -26.53
CA ASP E 2309 -132.34 28.32 -26.16
C ASP E 2309 -133.60 28.94 -26.74
N ASN E 2310 -134.37 28.18 -27.53
CA ASN E 2310 -135.64 28.63 -28.09
C ASN E 2310 -135.47 29.84 -29.03
N VAL E 2311 -134.22 30.18 -29.35
CA VAL E 2311 -133.87 31.37 -30.10
C VAL E 2311 -133.13 30.89 -31.35
N THR E 2312 -133.58 29.76 -31.89
CA THR E 2312 -132.83 28.90 -32.80
C THR E 2312 -132.22 29.68 -33.97
N LEU E 2313 -131.16 29.12 -34.56
CA LEU E 2313 -130.32 29.86 -35.49
C LEU E 2313 -131.12 30.44 -36.64
N ALA E 2314 -132.06 29.67 -37.20
CA ALA E 2314 -132.77 30.07 -38.40
C ALA E 2314 -133.30 31.51 -38.30
N GLU E 2315 -133.93 31.86 -37.18
CA GLU E 2315 -134.39 33.22 -36.97
C GLU E 2315 -133.53 34.02 -36.01
N GLY E 2316 -132.49 33.40 -35.44
CA GLY E 2316 -131.57 34.16 -34.61
C GLY E 2316 -130.46 34.81 -35.42
N ILE E 2317 -130.33 34.39 -36.68
CA ILE E 2317 -129.27 34.93 -37.52
C ILE E 2317 -129.79 36.06 -38.39
N ALA E 2318 -130.97 35.88 -39.00
CA ALA E 2318 -131.48 36.88 -39.93
C ALA E 2318 -131.84 38.18 -39.22
N ASP E 2319 -132.44 38.08 -38.04
CA ASP E 2319 -132.83 39.27 -37.30
C ASP E 2319 -131.64 40.11 -36.88
N LEU E 2320 -130.47 39.50 -36.76
CA LEU E 2320 -129.28 40.25 -36.39
C LEU E 2320 -128.86 41.12 -37.56
N LEU E 2321 -129.32 42.38 -37.54
CA LEU E 2321 -129.05 43.32 -38.63
C LEU E 2321 -128.85 44.69 -37.98
N LYS E 2322 -127.60 45.01 -37.69
CA LYS E 2322 -127.24 46.28 -37.08
C LYS E 2322 -125.73 46.41 -37.09
N GLY E 2323 -125.26 47.66 -37.08
CA GLY E 2323 -123.85 47.92 -37.05
C GLY E 2323 -123.35 48.13 -35.64
N ASN E 2324 -123.88 47.34 -34.70
CA ASN E 2324 -123.51 47.49 -33.30
C ASN E 2324 -122.11 46.96 -33.04
N GLY E 2325 -121.39 47.65 -32.17
CA GLY E 2325 -120.05 47.25 -31.79
C GLY E 2325 -119.96 46.82 -30.34
N SER E 2326 -119.40 45.63 -30.09
CA SER E 2326 -119.32 45.10 -28.72
C SER E 2326 -118.24 44.01 -28.69
N GLY E 2327 -117.17 44.26 -27.94
CA GLY E 2327 -116.19 43.23 -27.67
C GLY E 2327 -116.66 42.30 -26.56
N ASN E 2328 -115.85 41.28 -26.28
CA ASN E 2328 -116.15 40.27 -25.28
C ASN E 2328 -117.48 39.59 -25.59
N ILE E 2329 -117.47 38.85 -26.69
CA ILE E 2329 -118.68 38.40 -27.36
C ILE E 2329 -119.48 37.41 -26.52
N PRO E 2330 -118.88 36.34 -25.94
CA PRO E 2330 -119.77 35.47 -25.18
C PRO E 2330 -120.04 36.01 -23.77
N THR E 2338 -122.52 39.75 -35.18
CA THR E 2338 -122.47 41.20 -35.24
C THR E 2338 -122.05 41.78 -33.90
N ALA E 2339 -121.02 41.21 -33.29
CA ALA E 2339 -120.48 41.72 -32.05
C ALA E 2339 -119.96 43.14 -32.24
N ASP E 2340 -118.93 43.29 -33.07
CA ASP E 2340 -118.46 44.62 -33.48
C ASP E 2340 -118.67 44.85 -34.96
N ASN E 2341 -118.09 44.03 -35.83
CA ASN E 2341 -118.43 44.02 -37.23
C ASN E 2341 -118.46 42.60 -37.76
N GLN E 2342 -118.43 41.60 -36.88
CA GLN E 2342 -118.30 40.21 -37.26
C GLN E 2342 -119.21 39.38 -36.39
N LEU E 2343 -119.55 38.19 -36.88
CA LEU E 2343 -120.42 37.28 -36.16
C LEU E 2343 -119.58 36.33 -35.34
N HIS E 2344 -120.15 35.84 -34.25
CA HIS E 2344 -119.42 34.98 -33.33
C HIS E 2344 -120.38 34.09 -32.57
N ALA E 2345 -120.16 32.78 -32.67
CA ALA E 2345 -120.87 31.80 -31.87
C ALA E 2345 -119.99 31.37 -30.70
N ALA E 2346 -120.61 30.80 -29.68
CA ALA E 2346 -119.88 30.41 -28.49
C ALA E 2346 -120.66 29.33 -27.77
N PHE E 2347 -120.00 28.20 -27.48
CA PHE E 2347 -120.70 27.09 -26.86
C PHE E 2347 -119.77 26.35 -25.92
N ASN E 2348 -120.27 26.10 -24.72
CA ASN E 2348 -119.50 25.43 -23.68
C ASN E 2348 -119.68 23.93 -23.83
N LEU E 2349 -118.58 23.23 -24.02
CA LEU E 2349 -118.64 21.78 -24.20
C LEU E 2349 -119.21 21.06 -22.98
N LYS E 2350 -119.19 21.68 -21.80
CA LYS E 2350 -119.92 21.12 -20.68
C LYS E 2350 -121.41 21.05 -20.98
N ALA E 2351 -121.94 22.04 -21.68
CA ALA E 2351 -123.33 21.99 -22.11
C ALA E 2351 -123.54 21.05 -23.28
N LEU E 2352 -122.49 20.44 -23.82
CA LEU E 2352 -122.66 19.52 -24.93
C LEU E 2352 -122.80 18.07 -24.49
N ASN E 2353 -122.59 17.79 -23.19
CA ASN E 2353 -122.92 16.49 -22.61
C ASN E 2353 -122.21 15.36 -23.34
N ILE E 2354 -120.90 15.48 -23.47
CA ILE E 2354 -120.16 14.48 -24.23
C ILE E 2354 -119.91 13.23 -23.39
N LYS E 2355 -119.67 13.41 -22.09
CA LYS E 2355 -119.47 12.25 -21.22
C LYS E 2355 -120.71 11.36 -21.18
N ASP E 2356 -121.89 11.94 -21.34
CA ASP E 2356 -123.12 11.16 -21.32
C ASP E 2356 -123.34 10.38 -22.59
N ASP E 2357 -122.51 10.58 -23.61
CA ASP E 2357 -122.69 9.86 -24.86
C ASP E 2357 -122.28 8.40 -24.74
N TYR E 2358 -121.33 8.10 -23.87
CA TYR E 2358 -120.79 6.76 -23.70
C TYR E 2358 -120.67 6.43 -22.23
N PRO E 2359 -120.69 5.15 -21.88
CA PRO E 2359 -120.58 4.76 -20.47
C PRO E 2359 -119.23 5.12 -19.90
N GLU E 2360 -119.19 5.27 -18.58
CA GLU E 2360 -117.93 5.58 -17.91
C GLU E 2360 -117.02 4.37 -17.79
N ALA E 2361 -117.57 3.15 -17.86
CA ALA E 2361 -116.74 1.97 -17.77
C ALA E 2361 -115.83 1.81 -18.98
N LEU E 2362 -116.08 2.53 -20.06
CA LEU E 2362 -115.20 2.48 -21.22
C LEU E 2362 -113.87 3.17 -20.92
N GLY E 2363 -113.93 4.45 -20.53
CA GLY E 2363 -112.74 5.20 -20.22
C GLY E 2363 -113.06 6.41 -19.38
N THR E 2364 -112.10 6.82 -18.53
CA THR E 2364 -112.33 7.95 -17.66
C THR E 2364 -111.95 9.28 -18.29
N THR E 2365 -111.15 9.28 -19.35
CA THR E 2365 -110.71 10.52 -19.99
C THR E 2365 -111.17 10.55 -21.42
N ARG E 2366 -111.48 11.76 -21.90
CA ARG E 2366 -111.92 11.97 -23.28
C ARG E 2366 -111.37 13.30 -23.74
N ARG E 2367 -110.62 13.27 -24.84
CA ARG E 2367 -109.93 14.46 -25.32
C ARG E 2367 -110.17 14.63 -26.82
N ILE E 2368 -110.30 15.89 -27.24
CA ILE E 2368 -110.53 16.19 -28.64
C ILE E 2368 -109.34 15.72 -29.46
N LYS E 2369 -109.60 15.30 -30.69
CA LYS E 2369 -108.56 14.90 -31.62
C LYS E 2369 -108.52 15.76 -32.86
N GLN E 2370 -109.68 16.06 -33.44
CA GLN E 2370 -109.79 16.85 -34.66
C GLN E 2370 -111.21 17.35 -34.76
N ILE E 2371 -111.39 18.52 -35.35
CA ILE E 2371 -112.70 19.15 -35.45
C ILE E 2371 -112.93 19.60 -36.90
N SER E 2372 -114.01 19.12 -37.50
CA SER E 2372 -114.41 19.51 -38.84
C SER E 2372 -115.78 20.16 -38.79
N VAL E 2373 -115.97 21.18 -39.62
CA VAL E 2373 -117.18 22.00 -39.61
C VAL E 2373 -117.84 21.93 -40.97
N THR E 2374 -119.17 21.98 -40.99
CA THR E 2374 -119.95 21.96 -42.22
C THR E 2374 -120.94 23.10 -42.18
N LEU E 2375 -120.87 24.00 -43.18
CA LEU E 2375 -121.76 25.15 -43.28
C LEU E 2375 -122.54 25.05 -44.58
N PRO E 2376 -123.69 24.40 -44.58
CA PRO E 2376 -124.47 24.20 -45.81
C PRO E 2376 -125.33 25.41 -46.17
N ALA E 2377 -124.70 26.38 -46.83
CA ALA E 2377 -125.34 27.65 -47.15
C ALA E 2377 -125.45 27.84 -48.65
N LEU E 2378 -126.35 28.75 -49.03
CA LEU E 2378 -126.43 29.20 -50.42
C LEU E 2378 -125.21 30.07 -50.71
N VAL E 2379 -124.23 29.50 -51.40
CA VAL E 2379 -122.98 30.19 -51.71
C VAL E 2379 -123.00 30.62 -53.17
N GLU E 2380 -122.41 31.77 -53.46
CA GLU E 2380 -122.25 32.19 -54.84
C GLU E 2380 -121.09 31.41 -55.46
N PRO E 2381 -121.14 31.16 -56.77
CA PRO E 2381 -120.08 30.37 -57.40
C PRO E 2381 -118.71 31.03 -57.27
N TYR E 2382 -117.69 30.21 -57.07
CA TYR E 2382 -116.29 30.66 -56.97
C TYR E 2382 -116.14 31.70 -55.87
N GLN E 2383 -116.62 31.36 -54.69
CA GLN E 2383 -116.58 32.28 -53.56
C GLN E 2383 -116.17 31.51 -52.30
N ASP E 2384 -115.14 32.00 -51.64
CA ASP E 2384 -114.73 31.45 -50.36
C ASP E 2384 -115.64 31.99 -49.26
N MET E 2385 -115.37 31.58 -48.03
CA MET E 2385 -116.13 32.06 -46.88
C MET E 2385 -115.19 32.18 -45.69
N ARG E 2386 -114.92 33.41 -45.29
CA ARG E 2386 -114.00 33.69 -44.18
C ARG E 2386 -114.67 33.29 -42.87
N ALA E 2387 -114.08 32.34 -42.16
CA ALA E 2387 -114.64 31.91 -40.89
C ALA E 2387 -113.52 31.39 -40.01
N ILE E 2388 -113.48 31.88 -38.78
CA ILE E 2388 -112.46 31.49 -37.81
C ILE E 2388 -113.14 30.69 -36.70
N PHE E 2389 -112.57 29.53 -36.41
CA PHE E 2389 -113.05 28.67 -35.35
C PHE E 2389 -111.95 28.57 -34.31
N ARG E 2390 -112.26 28.94 -33.07
CA ARG E 2390 -111.22 29.26 -32.11
C ARG E 2390 -111.55 28.70 -30.74
N TYR E 2391 -110.51 28.40 -29.97
CA TYR E 2391 -110.64 27.82 -28.64
C TYR E 2391 -110.61 28.92 -27.58
N GLY E 2392 -111.56 28.86 -26.66
CA GLY E 2392 -111.66 29.88 -25.64
C GLY E 2392 -110.56 29.80 -24.61
N GLY E 2393 -110.31 28.61 -24.07
CA GLY E 2393 -109.28 28.43 -23.07
C GLY E 2393 -107.89 28.58 -23.67
N ASN E 2394 -106.89 28.39 -22.82
CA ASN E 2394 -105.50 28.53 -23.25
C ASN E 2394 -104.67 27.44 -22.58
N SER E 2395 -104.68 26.26 -23.19
CA SER E 2395 -103.89 25.13 -22.71
C SER E 2395 -103.20 24.37 -23.84
N LEU E 2396 -103.28 24.86 -25.07
CA LEU E 2396 -102.77 24.18 -26.23
C LEU E 2396 -101.40 24.72 -26.60
N PRO E 2397 -100.77 24.17 -27.64
CA PRO E 2397 -99.63 24.87 -28.25
C PRO E 2397 -100.04 26.20 -28.87
N ALA E 2398 -99.08 26.88 -29.48
CA ALA E 2398 -99.30 28.26 -29.94
C ALA E 2398 -100.50 28.36 -30.88
N GLY E 2399 -100.43 27.70 -32.02
CA GLY E 2399 -101.46 27.83 -33.03
C GLY E 2399 -102.57 26.80 -32.99
N CYS E 2400 -102.46 25.79 -32.12
CA CYS E 2400 -103.50 24.76 -32.06
C CYS E 2400 -104.85 25.33 -31.62
N LYS E 2401 -104.85 26.51 -31.01
CA LYS E 2401 -106.07 27.04 -30.43
C LYS E 2401 -106.98 27.71 -31.45
N ALA E 2402 -106.51 27.93 -32.67
CA ALA E 2402 -107.29 28.61 -33.68
C ALA E 2402 -107.24 27.83 -34.98
N ILE E 2403 -108.30 27.95 -35.78
CA ILE E 2403 -108.38 27.30 -37.08
C ILE E 2403 -109.15 28.22 -38.01
N ALA E 2404 -108.94 28.01 -39.31
CA ALA E 2404 -109.65 28.77 -40.33
C ALA E 2404 -110.61 27.85 -41.06
N LEU E 2405 -111.37 28.41 -42.01
CA LEU E 2405 -112.28 27.62 -42.84
C LEU E 2405 -112.33 28.24 -44.22
N SER E 2406 -112.67 27.41 -45.21
CA SER E 2406 -112.64 27.86 -46.60
C SER E 2406 -114.03 27.91 -47.24
N HIS E 2407 -114.75 26.79 -47.29
CA HIS E 2407 -115.98 26.78 -48.09
C HIS E 2407 -117.21 26.36 -47.31
N GLY E 2408 -117.06 25.46 -46.35
CA GLY E 2408 -118.16 25.09 -45.48
C GLY E 2408 -118.72 23.69 -45.66
N ILE E 2409 -117.98 22.76 -46.25
CA ILE E 2409 -118.42 21.38 -46.31
C ILE E 2409 -117.30 20.43 -45.90
N ASN E 2410 -117.39 19.91 -44.68
CA ASN E 2410 -116.45 18.92 -44.15
C ASN E 2410 -115.01 19.36 -44.37
N ASP E 2411 -114.79 20.67 -44.29
CA ASP E 2411 -113.48 21.24 -44.56
C ASP E 2411 -112.83 21.64 -43.24
N ASP E 2412 -111.81 20.87 -42.86
CA ASP E 2412 -110.95 21.27 -41.76
C ASP E 2412 -110.15 22.51 -42.16
N GLY E 2413 -109.62 23.19 -41.15
CA GLY E 2413 -108.82 24.38 -41.42
C GLY E 2413 -107.53 24.08 -42.16
N LEU E 2414 -107.21 22.81 -42.38
CA LEU E 2414 -106.01 22.42 -43.08
C LEU E 2414 -106.28 22.32 -44.58
N PHE E 2415 -105.21 22.10 -45.34
CA PHE E 2415 -105.31 21.71 -46.74
C PHE E 2415 -105.22 20.23 -46.96
N ARG E 2416 -104.17 19.59 -46.45
CA ARG E 2416 -104.07 18.14 -46.39
C ARG E 2416 -104.41 17.70 -44.98
N LEU E 2417 -105.16 16.61 -44.87
CA LEU E 2417 -105.59 16.08 -43.58
C LEU E 2417 -104.87 14.77 -43.35
N ASP E 2418 -103.74 14.84 -42.65
CA ASP E 2418 -102.87 13.69 -42.42
C ASP E 2418 -102.54 13.64 -40.95
N PHE E 2419 -102.86 12.52 -40.31
CA PHE E 2419 -102.55 12.34 -38.90
C PHE E 2419 -101.09 12.00 -38.67
N ASN E 2420 -100.42 11.42 -39.66
CA ASN E 2420 -99.04 10.98 -39.54
C ASN E 2420 -98.05 12.12 -39.38
N ASP E 2421 -98.44 13.34 -39.71
CA ASP E 2421 -97.57 14.49 -39.47
C ASP E 2421 -97.25 14.56 -37.99
N GLY E 2422 -96.00 14.85 -37.67
CA GLY E 2422 -95.62 14.95 -36.27
C GLY E 2422 -96.34 16.04 -35.52
N ARG E 2423 -96.66 17.15 -36.18
CA ARG E 2423 -97.34 18.24 -35.52
C ARG E 2423 -98.71 17.80 -35.03
N TRP E 2424 -99.20 18.43 -33.97
CA TRP E 2424 -100.55 18.16 -33.51
C TRP E 2424 -101.58 18.72 -34.48
N LEU E 2425 -102.79 18.17 -34.38
CA LEU E 2425 -103.91 18.72 -35.10
C LEU E 2425 -104.50 19.89 -34.32
N PRO E 2426 -105.15 20.83 -35.00
CA PRO E 2426 -105.79 21.93 -34.27
C PRO E 2426 -106.86 21.40 -33.33
N PHE E 2427 -106.91 21.98 -32.13
CA PHE E 2427 -107.82 21.54 -31.08
C PHE E 2427 -107.61 20.08 -30.74
N GLU E 2428 -106.37 19.72 -30.45
CA GLU E 2428 -106.02 18.36 -30.04
C GLU E 2428 -105.75 18.35 -28.54
N GLY E 2429 -106.09 17.23 -27.90
CA GLY E 2429 -105.82 17.07 -26.49
C GLY E 2429 -106.78 17.78 -25.57
N ILE E 2430 -107.68 18.60 -26.10
CA ILE E 2430 -108.66 19.33 -25.31
C ILE E 2430 -109.59 18.34 -24.63
N PRO E 2431 -109.69 18.36 -23.30
CA PRO E 2431 -110.67 17.51 -22.65
C PRO E 2431 -112.06 18.06 -22.90
N VAL E 2432 -113.03 17.15 -22.96
CA VAL E 2432 -114.37 17.51 -23.42
C VAL E 2432 -115.19 18.10 -22.29
N ASP E 2433 -114.54 18.40 -21.16
CA ASP E 2433 -115.30 18.73 -19.96
C ASP E 2433 -115.82 20.17 -19.98
N ASP E 2434 -114.94 21.15 -20.08
CA ASP E 2434 -115.36 22.54 -19.92
C ASP E 2434 -114.28 23.46 -20.49
N ASP E 2435 -114.37 24.74 -20.13
CA ASP E 2435 -113.32 25.74 -20.37
C ASP E 2435 -113.18 26.06 -21.85
N ASN E 2436 -114.30 26.27 -22.53
CA ASN E 2436 -114.24 26.76 -23.90
C ASN E 2436 -115.59 27.34 -24.27
N SER E 2437 -115.60 28.61 -24.64
CA SER E 2437 -116.69 29.17 -25.41
C SER E 2437 -116.35 28.92 -26.87
N LEU E 2438 -117.13 28.07 -27.53
CA LEU E 2438 -116.79 27.56 -28.84
C LEU E 2438 -116.85 28.68 -29.86
N THR E 2439 -115.74 29.38 -30.07
CA THR E 2439 -115.73 30.55 -30.93
C THR E 2439 -115.76 30.10 -32.38
N LEU E 2440 -116.78 30.52 -33.12
CA LEU E 2440 -116.86 30.32 -34.56
C LEU E 2440 -117.11 31.70 -35.17
N SER E 2441 -116.05 32.44 -35.39
CA SER E 2441 -116.15 33.81 -35.85
C SER E 2441 -116.46 33.88 -37.34
N PHE E 2442 -117.07 35.00 -37.74
CA PHE E 2442 -117.41 35.27 -39.13
C PHE E 2442 -117.09 36.72 -39.42
N PRO E 2443 -115.90 36.99 -39.96
CA PRO E 2443 -115.51 38.38 -40.20
C PRO E 2443 -116.38 39.04 -41.25
N ASP E 2444 -116.73 40.30 -41.00
CA ASP E 2444 -117.54 41.11 -41.91
C ASP E 2444 -118.90 40.48 -42.16
N ALA E 2445 -119.66 40.36 -41.07
CA ALA E 2445 -121.06 39.95 -41.16
C ALA E 2445 -121.98 41.10 -41.52
N THR E 2446 -121.46 42.19 -42.07
CA THR E 2446 -122.27 43.34 -42.44
C THR E 2446 -122.80 43.15 -43.86
N GLY E 2447 -123.48 44.19 -44.37
CA GLY E 2447 -124.05 44.14 -45.70
C GLY E 2447 -123.01 44.09 -46.80
N GLU E 2448 -122.88 42.94 -47.43
CA GLU E 2448 -121.93 42.70 -48.52
C GLU E 2448 -122.31 41.37 -49.14
N LYS E 2449 -121.43 40.84 -49.99
CA LYS E 2449 -121.65 39.50 -50.54
C LYS E 2449 -121.78 38.44 -49.46
N GLN E 2450 -121.20 38.66 -48.28
CA GLN E 2450 -121.28 37.70 -47.18
C GLN E 2450 -122.64 37.69 -46.51
N LYS E 2451 -123.36 38.80 -46.53
CA LYS E 2451 -124.62 38.87 -45.81
C LYS E 2451 -125.62 37.86 -46.35
N PRO E 2452 -125.83 37.74 -47.66
CA PRO E 2452 -126.76 36.70 -48.15
C PRO E 2452 -126.32 35.31 -47.77
N LEU E 2453 -125.01 35.04 -47.77
CA LEU E 2453 -124.52 33.74 -47.36
C LEU E 2453 -124.89 33.44 -45.91
N LEU E 2454 -124.55 34.37 -45.02
CA LEU E 2454 -124.81 34.15 -43.60
C LEU E 2454 -126.30 34.11 -43.29
N LEU E 2455 -127.13 34.79 -44.08
CA LEU E 2455 -128.57 34.68 -43.87
C LEU E 2455 -129.09 33.35 -44.40
N SER E 2456 -128.54 32.86 -45.50
CA SER E 2456 -128.97 31.60 -46.08
C SER E 2456 -128.41 30.38 -45.34
N LEU E 2457 -127.46 30.58 -44.44
CA LEU E 2457 -126.93 29.47 -43.65
C LEU E 2457 -128.02 29.02 -42.67
N THR E 2458 -128.70 27.93 -43.00
CA THR E 2458 -129.80 27.45 -42.18
C THR E 2458 -129.32 26.76 -40.91
N ASP E 2459 -128.08 26.27 -40.88
CA ASP E 2459 -127.58 25.55 -39.72
C ASP E 2459 -126.07 25.45 -39.81
N ILE E 2460 -125.45 25.32 -38.65
CA ILE E 2460 -124.02 25.03 -38.54
C ILE E 2460 -123.87 23.63 -37.97
N ILE E 2461 -123.23 22.75 -38.73
CA ILE E 2461 -123.04 21.36 -38.33
C ILE E 2461 -121.55 21.11 -38.17
N ILE E 2462 -121.17 20.61 -37.00
CA ILE E 2462 -119.77 20.42 -36.67
C ILE E 2462 -119.53 18.97 -36.27
N HIS E 2463 -118.35 18.47 -36.63
CA HIS E 2463 -117.99 17.08 -36.38
C HIS E 2463 -116.75 17.06 -35.50
N ILE E 2464 -116.95 16.75 -34.22
CA ILE E 2464 -115.87 16.73 -33.24
C ILE E 2464 -115.41 15.30 -33.10
N ARG E 2465 -114.18 15.04 -33.53
CA ARG E 2465 -113.55 13.74 -33.34
C ARG E 2465 -112.76 13.76 -32.04
N TYR E 2466 -113.14 12.92 -31.09
CA TYR E 2466 -112.40 12.82 -29.85
C TYR E 2466 -112.01 11.37 -29.61
N THR E 2467 -111.31 11.14 -28.51
CA THR E 2467 -110.70 9.86 -28.21
C THR E 2467 -110.99 9.51 -26.76
N ILE E 2468 -111.36 8.26 -26.52
CA ILE E 2468 -111.66 7.76 -25.18
C ILE E 2468 -110.60 6.72 -24.83
N CYS E 2469 -109.61 7.12 -24.04
CA CYS E 2469 -108.50 6.23 -23.70
C CYS E 2469 -108.83 5.32 -22.52
#